data_6ZLO
#
_entry.id   6ZLO
#
_cell.length_a   1.00
_cell.length_b   1.00
_cell.length_c   1.00
_cell.angle_alpha   90.00
_cell.angle_beta   90.00
_cell.angle_gamma   90.00
#
_symmetry.space_group_name_H-M   'P 1'
#
_entity_poly.entity_id   1
_entity_poly.type   'polypeptide(L)'
_entity_poly.pdbx_seq_one_letter_code
;MRGSHHHHHHGMASMTGGQQMGRDLYDDDDKDRWGSLVPRGSHMAAYTDVPISGMRKTIAARLKESVTENPHFFVSTNLS
VSKLLKLRQALNSSADGRYKLSVNDFLIKAMGIASKRVPTVNSSWRDGVIRQFETVDVSVAVATPNGLITPIVKGVEGKG
LESISAAVKELAKKARDGKLKPEEYQGGSISISNMGMNPAVQSFTAIINPPQAAILAVGAPQKVAVPVENEDGTTGVSWD
EQIIVTASFDHKVVDGAVGAEWIRELKKVIENPLELLL
;
_entity_poly.pdbx_strand_id   A,B,C,D,E,F,G,H,I,J,K,L,M,N,O,P,Q,R,S,T,V,W,X,Y,Z,AA,BA,CA,DA,EA,FA,GA,HA,IA,JA,KA,LA,MA,NA,OA,PA,QA,RA,SA,TA,UA,VA,WA,XA,YA,ZA,AB,BB,CB,DB,EB,FB,GB,HB,IB
#
# COMPACT_ATOMS: atom_id res chain seq x y z
N TYR A 47 -84.96 -41.97 62.84
CA TYR A 47 -85.80 -40.78 62.88
C TYR A 47 -86.93 -40.92 61.88
N THR A 48 -86.63 -40.67 60.61
CA THR A 48 -87.61 -40.87 59.55
C THR A 48 -87.59 -42.33 59.12
N ASP A 49 -88.76 -42.96 59.17
CA ASP A 49 -88.93 -44.40 59.07
C ASP A 49 -89.94 -44.75 57.99
N VAL A 50 -89.69 -44.26 56.76
CA VAL A 50 -90.47 -44.64 55.58
C VAL A 50 -90.33 -46.16 55.40
N PRO A 51 -91.42 -46.85 55.05
CA PRO A 51 -91.36 -48.31 54.96
C PRO A 51 -90.81 -48.77 53.61
N ILE A 52 -90.47 -50.05 53.55
CA ILE A 52 -89.99 -50.67 52.32
C ILE A 52 -91.15 -50.80 51.35
N SER A 53 -90.87 -50.60 50.06
CA SER A 53 -91.92 -50.58 49.05
C SER A 53 -92.57 -51.95 48.84
N GLY A 54 -91.87 -53.02 49.19
CA GLY A 54 -92.38 -54.36 48.96
C GLY A 54 -91.81 -54.94 47.67
N MET A 55 -91.66 -54.08 46.66
CA MET A 55 -90.94 -54.45 45.45
C MET A 55 -89.45 -54.62 45.73
N ARG A 56 -88.89 -53.82 46.64
CA ARG A 56 -87.50 -53.95 47.06
C ARG A 56 -87.22 -55.25 47.81
N LYS A 57 -88.25 -55.83 48.45
CA LYS A 57 -88.05 -57.04 49.23
C LYS A 57 -87.73 -58.24 48.33
N THR A 58 -88.36 -58.30 47.16
CA THR A 58 -88.08 -59.37 46.21
C THR A 58 -86.68 -59.25 45.63
N ILE A 59 -86.22 -58.03 45.33
CA ILE A 59 -84.87 -57.83 44.82
C ILE A 59 -83.84 -58.12 45.90
N ALA A 60 -84.16 -57.80 47.16
CA ALA A 60 -83.26 -58.10 48.27
C ALA A 60 -83.14 -59.61 48.48
N ALA A 61 -84.26 -60.32 48.40
CA ALA A 61 -84.23 -61.78 48.50
C ALA A 61 -83.50 -62.41 47.32
N ARG A 62 -83.64 -61.82 46.13
CA ARG A 62 -82.97 -62.35 44.94
C ARG A 62 -81.45 -62.15 45.03
N LEU A 63 -81.01 -60.98 45.49
CA LEU A 63 -79.58 -60.75 45.67
C LEU A 63 -79.03 -61.60 46.81
N LYS A 64 -79.86 -61.87 47.82
CA LYS A 64 -79.47 -62.82 48.87
C LYS A 64 -79.26 -64.22 48.31
N GLU A 65 -80.18 -64.68 47.45
CA GLU A 65 -80.05 -65.97 46.77
C GLU A 65 -78.78 -66.01 45.93
N SER A 66 -78.48 -64.91 45.24
CA SER A 66 -77.31 -64.84 44.38
C SER A 66 -76.01 -64.95 45.19
N VAL A 67 -75.91 -64.19 46.28
CA VAL A 67 -74.67 -64.21 47.06
C VAL A 67 -74.56 -65.46 47.92
N THR A 68 -75.69 -66.15 48.17
CA THR A 68 -75.58 -67.32 49.04
C THR A 68 -75.47 -68.62 48.25
N GLU A 69 -75.81 -68.59 46.95
CA GLU A 69 -75.72 -69.83 46.19
C GLU A 69 -74.63 -69.74 45.13
N ASN A 70 -74.19 -68.53 44.81
CA ASN A 70 -73.13 -68.33 43.83
C ASN A 70 -71.87 -67.86 44.52
N PRO A 71 -70.84 -68.69 44.67
CA PRO A 71 -69.54 -68.19 45.15
C PRO A 71 -68.84 -67.36 44.08
N HIS A 72 -68.89 -66.04 44.24
CA HIS A 72 -68.38 -65.14 43.21
C HIS A 72 -66.86 -65.05 43.28
N PHE A 73 -66.25 -64.85 42.12
CA PHE A 73 -64.86 -64.40 42.07
C PHE A 73 -64.71 -63.44 40.90
N PHE A 74 -63.90 -62.40 41.12
CA PHE A 74 -63.76 -61.31 40.18
C PHE A 74 -62.46 -61.43 39.40
N VAL A 75 -62.51 -61.08 38.13
CA VAL A 75 -61.34 -60.98 37.26
C VAL A 75 -61.33 -59.59 36.65
N SER A 76 -60.27 -58.83 36.89
CA SER A 76 -60.18 -57.45 36.42
C SER A 76 -59.17 -57.35 35.28
N THR A 77 -59.43 -56.41 34.38
CA THR A 77 -58.54 -56.15 33.26
C THR A 77 -58.68 -54.69 32.86
N ASN A 78 -57.74 -54.23 32.03
CA ASN A 78 -57.77 -52.88 31.49
C ASN A 78 -57.81 -52.96 29.96
N LEU A 79 -58.91 -52.53 29.37
CA LEU A 79 -59.08 -52.54 27.93
C LEU A 79 -58.66 -51.19 27.37
N SER A 80 -57.83 -51.21 26.33
CA SER A 80 -57.48 -49.99 25.60
C SER A 80 -58.51 -49.74 24.52
N VAL A 81 -59.12 -48.56 24.57
CA VAL A 81 -60.23 -48.22 23.68
C VAL A 81 -59.87 -47.05 22.75
N SER A 82 -58.58 -46.79 22.57
CA SER A 82 -58.16 -45.67 21.73
C SER A 82 -58.43 -45.93 20.26
N LYS A 83 -58.44 -47.20 19.83
CA LYS A 83 -58.82 -47.54 18.48
C LYS A 83 -60.33 -47.72 18.34
N LEU A 84 -60.98 -48.18 19.42
CA LEU A 84 -62.43 -48.34 19.42
C LEU A 84 -63.13 -46.99 19.31
N LEU A 85 -62.58 -45.97 19.98
CA LEU A 85 -63.16 -44.63 19.87
C LEU A 85 -62.95 -44.03 18.48
N LYS A 86 -61.82 -44.34 17.84
CA LYS A 86 -61.60 -43.87 16.46
C LYS A 86 -62.55 -44.56 15.49
N LEU A 87 -62.78 -45.87 15.68
CA LEU A 87 -63.73 -46.59 14.83
C LEU A 87 -65.16 -46.08 15.04
N ARG A 88 -65.52 -45.76 16.29
CA ARG A 88 -66.85 -45.22 16.57
C ARG A 88 -67.00 -43.83 15.98
N GLN A 89 -65.94 -43.01 16.03
CA GLN A 89 -65.99 -41.68 15.45
C GLN A 89 -66.14 -41.73 13.94
N ALA A 90 -65.42 -42.66 13.30
CA ALA A 90 -65.53 -42.81 11.84
C ALA A 90 -66.91 -43.32 11.43
N LEU A 91 -67.44 -44.29 12.18
CA LEU A 91 -68.75 -44.85 11.84
C LEU A 91 -69.88 -43.86 12.13
N ASN A 92 -69.67 -42.96 13.10
CA ASN A 92 -70.67 -41.93 13.38
C ASN A 92 -70.58 -40.79 12.38
N SER A 93 -69.36 -40.47 11.92
CA SER A 93 -69.21 -39.38 10.96
C SER A 93 -69.67 -39.79 9.57
N SER A 94 -69.56 -41.08 9.23
CA SER A 94 -70.05 -41.58 7.94
C SER A 94 -71.52 -42.00 8.04
N ALA A 95 -72.38 -41.03 8.36
CA ALA A 95 -73.80 -41.28 8.51
C ALA A 95 -74.56 -39.99 8.21
N ASP A 96 -75.87 -40.14 8.02
CA ASP A 96 -76.77 -39.02 7.78
C ASP A 96 -77.80 -38.90 8.89
N GLY A 97 -77.41 -39.22 10.11
CA GLY A 97 -78.36 -39.27 11.21
C GLY A 97 -79.19 -40.54 11.28
N ARG A 98 -78.77 -41.59 10.57
CA ARG A 98 -79.51 -42.85 10.62
C ARG A 98 -79.28 -43.59 11.93
N TYR A 99 -78.09 -43.46 12.52
CA TYR A 99 -77.76 -44.18 13.74
C TYR A 99 -76.81 -43.33 14.57
N LYS A 100 -76.60 -43.77 15.81
CA LYS A 100 -75.64 -43.15 16.71
C LYS A 100 -75.03 -44.26 17.56
N LEU A 101 -73.71 -44.45 17.43
CA LEU A 101 -73.04 -45.57 18.07
C LEU A 101 -72.42 -45.14 19.40
N SER A 102 -72.40 -46.07 20.35
CA SER A 102 -71.80 -45.87 21.65
C SER A 102 -70.81 -47.00 21.93
N VAL A 103 -70.12 -46.89 23.07
CA VAL A 103 -69.13 -47.90 23.45
C VAL A 103 -69.83 -49.18 23.90
N ASN A 104 -71.06 -49.07 24.39
CA ASN A 104 -71.80 -50.22 24.86
C ASN A 104 -72.18 -51.17 23.73
N ASP A 105 -72.32 -50.65 22.50
CA ASP A 105 -72.60 -51.50 21.35
C ASP A 105 -71.40 -52.40 21.03
N PHE A 106 -70.20 -51.82 21.00
CA PHE A 106 -68.99 -52.60 20.79
C PHE A 106 -68.75 -53.57 21.94
N LEU A 107 -69.11 -53.17 23.16
CA LEU A 107 -68.93 -54.06 24.31
C LEU A 107 -69.89 -55.25 24.26
N ILE A 108 -71.14 -55.01 23.84
CA ILE A 108 -72.12 -56.09 23.73
C ILE A 108 -71.75 -57.05 22.60
N LYS A 109 -71.27 -56.50 21.47
CA LYS A 109 -70.82 -57.36 20.37
C LYS A 109 -69.59 -58.17 20.75
N ALA A 110 -68.65 -57.56 21.49
CA ALA A 110 -67.45 -58.28 21.91
C ALA A 110 -67.79 -59.33 22.97
N MET A 111 -68.80 -59.06 23.80
CA MET A 111 -69.26 -60.07 24.75
C MET A 111 -69.91 -61.25 24.04
N GLY A 112 -70.64 -60.98 22.96
CA GLY A 112 -71.20 -62.06 22.16
C GLY A 112 -70.14 -62.91 21.49
N ILE A 113 -69.10 -62.25 20.94
CA ILE A 113 -68.01 -62.96 20.29
C ILE A 113 -67.22 -63.80 21.30
N ALA A 114 -66.96 -63.23 22.48
CA ALA A 114 -66.22 -63.96 23.51
C ALA A 114 -67.02 -65.10 24.11
N SER A 115 -68.34 -64.93 24.26
CA SER A 115 -69.17 -66.03 24.76
C SER A 115 -69.37 -67.11 23.71
N LYS A 116 -69.29 -66.77 22.43
CA LYS A 116 -69.31 -67.80 21.41
C LYS A 116 -67.99 -68.55 21.35
N ARG A 117 -66.86 -67.86 21.58
CA ARG A 117 -65.57 -68.55 21.57
C ARG A 117 -65.34 -69.39 22.82
N VAL A 118 -65.78 -68.93 23.99
CA VAL A 118 -65.70 -69.71 25.21
C VAL A 118 -67.13 -70.02 25.67
N PRO A 119 -67.70 -71.16 25.27
CA PRO A 119 -69.12 -71.41 25.59
C PRO A 119 -69.38 -71.88 27.01
N THR A 120 -68.34 -72.07 27.83
CA THR A 120 -68.55 -72.50 29.21
C THR A 120 -69.12 -71.37 30.06
N VAL A 121 -68.76 -70.12 29.74
CA VAL A 121 -69.29 -68.97 30.48
C VAL A 121 -70.76 -68.74 30.15
N ASN A 122 -71.18 -69.09 28.94
CA ASN A 122 -72.58 -68.94 28.52
C ASN A 122 -73.37 -70.16 28.98
N SER A 123 -73.62 -70.22 30.29
CA SER A 123 -74.30 -71.36 30.88
C SER A 123 -75.06 -70.90 32.12
N SER A 124 -75.58 -71.87 32.88
CA SER A 124 -76.37 -71.62 34.08
C SER A 124 -76.15 -72.77 35.05
N TRP A 125 -77.04 -72.90 36.02
CA TRP A 125 -76.98 -73.96 37.02
C TRP A 125 -78.39 -74.40 37.34
N ARG A 126 -78.72 -75.65 37.01
CA ARG A 126 -80.09 -76.16 37.04
C ARG A 126 -80.16 -77.44 37.88
N ASP A 127 -81.27 -78.17 37.78
CA ASP A 127 -81.52 -79.35 38.60
C ASP A 127 -80.57 -80.47 38.22
N GLY A 128 -79.40 -80.50 38.87
CA GLY A 128 -78.39 -81.51 38.62
C GLY A 128 -77.77 -81.45 37.24
N VAL A 129 -77.85 -80.31 36.57
CA VAL A 129 -77.54 -80.23 35.15
C VAL A 129 -77.11 -78.80 34.81
N ILE A 130 -76.22 -78.68 33.83
CA ILE A 130 -75.72 -77.41 33.32
C ILE A 130 -76.44 -77.12 32.02
N ARG A 131 -77.15 -76.00 31.96
CA ARG A 131 -77.87 -75.63 30.74
C ARG A 131 -77.02 -74.69 29.91
N GLN A 132 -76.61 -75.14 28.73
CA GLN A 132 -75.71 -74.41 27.85
C GLN A 132 -76.47 -73.96 26.60
N PHE A 133 -76.48 -72.66 26.35
CA PHE A 133 -77.17 -72.06 25.23
C PHE A 133 -76.23 -71.89 24.04
N GLU A 134 -76.84 -71.70 22.85
CA GLU A 134 -76.08 -71.35 21.65
C GLU A 134 -75.95 -69.84 21.48
N THR A 135 -77.06 -69.12 21.46
CA THR A 135 -77.06 -67.69 21.23
C THR A 135 -76.72 -66.95 22.52
N VAL A 136 -76.15 -65.75 22.35
CA VAL A 136 -75.80 -64.88 23.47
C VAL A 136 -76.92 -63.87 23.62
N ASP A 137 -77.67 -63.97 24.72
CA ASP A 137 -78.71 -63.01 25.05
C ASP A 137 -78.18 -62.13 26.18
N VAL A 138 -78.00 -60.84 25.89
CA VAL A 138 -77.28 -59.94 26.79
C VAL A 138 -78.29 -59.05 27.51
N SER A 139 -78.31 -59.13 28.83
CA SER A 139 -79.16 -58.29 29.66
C SER A 139 -78.41 -56.99 29.98
N VAL A 140 -79.00 -55.85 29.62
CA VAL A 140 -78.38 -54.55 29.83
C VAL A 140 -79.11 -53.84 30.94
N ALA A 141 -78.36 -53.35 31.93
CA ALA A 141 -78.96 -52.68 33.07
C ALA A 141 -79.31 -51.24 32.72
N VAL A 142 -80.55 -50.86 33.00
CA VAL A 142 -81.04 -49.50 32.76
C VAL A 142 -81.41 -48.89 34.11
N ALA A 143 -80.87 -47.70 34.38
CA ALA A 143 -81.09 -47.02 35.66
C ALA A 143 -82.33 -46.15 35.55
N THR A 144 -83.42 -46.61 36.16
CA THR A 144 -84.69 -45.91 36.27
C THR A 144 -84.86 -45.37 37.69
N PRO A 145 -85.68 -44.33 37.89
CA PRO A 145 -85.90 -43.82 39.26
C PRO A 145 -86.62 -44.81 40.18
N ASN A 146 -87.25 -45.85 39.63
CA ASN A 146 -87.78 -46.97 40.39
C ASN A 146 -86.78 -48.11 40.52
N GLY A 147 -85.48 -47.82 40.46
CA GLY A 147 -84.48 -48.82 40.76
C GLY A 147 -83.68 -49.33 39.57
N LEU A 148 -83.79 -50.63 39.28
CA LEU A 148 -82.98 -51.26 38.26
C LEU A 148 -83.81 -52.27 37.50
N ILE A 149 -83.62 -52.29 36.18
CA ILE A 149 -84.27 -53.26 35.31
C ILE A 149 -83.23 -53.71 34.28
N THR A 150 -83.37 -54.94 33.78
CA THR A 150 -82.43 -55.52 32.82
C THR A 150 -83.20 -56.05 31.61
N PRO A 151 -83.50 -55.20 30.63
CA PRO A 151 -84.02 -55.70 29.35
C PRO A 151 -82.94 -56.44 28.56
N ILE A 152 -83.39 -57.38 27.74
CA ILE A 152 -82.52 -58.34 27.08
C ILE A 152 -82.46 -58.05 25.60
N VAL A 153 -81.24 -58.02 25.06
CA VAL A 153 -81.00 -58.01 23.62
C VAL A 153 -80.77 -59.46 23.21
N LYS A 154 -81.65 -59.97 22.36
CA LYS A 154 -81.62 -61.38 21.97
C LYS A 154 -80.85 -61.57 20.68
N GLY A 155 -80.06 -62.65 20.63
CA GLY A 155 -79.28 -63.00 19.46
C GLY A 155 -78.21 -61.98 19.12
N VAL A 156 -77.25 -61.80 20.01
CA VAL A 156 -76.28 -60.73 19.88
C VAL A 156 -75.28 -61.03 18.77
N GLU A 157 -74.74 -62.25 18.74
CA GLU A 157 -73.80 -62.62 17.70
C GLU A 157 -74.54 -62.74 16.36
N GLY A 158 -73.95 -62.17 15.32
CA GLY A 158 -74.60 -62.07 14.03
C GLY A 158 -75.85 -61.22 14.01
N LYS A 159 -75.77 -60.02 14.57
CA LYS A 159 -76.93 -59.12 14.60
C LYS A 159 -76.68 -57.78 13.93
N GLY A 160 -75.52 -57.18 14.16
CA GLY A 160 -75.25 -55.87 13.59
C GLY A 160 -75.27 -54.78 14.63
N LEU A 161 -74.35 -53.83 14.48
CA LEU A 161 -74.18 -52.78 15.48
C LEU A 161 -75.33 -51.78 15.47
N GLU A 162 -75.90 -51.52 14.29
CA GLU A 162 -77.04 -50.62 14.20
C GLU A 162 -78.30 -51.26 14.80
N SER A 163 -78.45 -52.57 14.61
CA SER A 163 -79.57 -53.29 15.22
C SER A 163 -79.42 -53.34 16.73
N ILE A 164 -78.18 -53.50 17.21
CA ILE A 164 -77.91 -53.52 18.66
C ILE A 164 -78.20 -52.14 19.26
N SER A 165 -77.77 -51.07 18.58
CA SER A 165 -78.01 -49.71 19.05
C SER A 165 -79.51 -49.38 19.07
N ALA A 166 -80.23 -49.82 18.03
CA ALA A 166 -81.67 -49.59 17.96
C ALA A 166 -82.40 -50.33 19.06
N ALA A 167 -82.03 -51.59 19.31
CA ALA A 167 -82.70 -52.37 20.35
C ALA A 167 -82.39 -51.83 21.74
N VAL A 168 -81.15 -51.38 21.96
CA VAL A 168 -80.77 -50.80 23.25
C VAL A 168 -81.51 -49.48 23.49
N LYS A 169 -81.66 -48.66 22.44
CA LYS A 169 -82.38 -47.40 22.60
C LYS A 169 -83.88 -47.63 22.84
N GLU A 170 -84.47 -48.57 22.09
CA GLU A 170 -85.87 -48.96 22.29
C GLU A 170 -86.11 -49.45 23.72
N LEU A 171 -85.29 -50.38 24.20
CA LEU A 171 -85.50 -50.96 25.52
C LEU A 171 -85.21 -49.95 26.63
N ALA A 172 -84.26 -49.04 26.41
CA ALA A 172 -83.96 -48.03 27.43
C ALA A 172 -85.07 -47.00 27.54
N LYS A 173 -85.62 -46.54 26.41
CA LYS A 173 -86.70 -45.55 26.48
C LYS A 173 -87.99 -46.21 26.99
N LYS A 174 -88.19 -47.49 26.69
CA LYS A 174 -89.35 -48.18 27.25
C LYS A 174 -89.15 -48.51 28.71
N ALA A 175 -87.91 -48.62 29.17
CA ALA A 175 -87.65 -48.79 30.60
C ALA A 175 -87.88 -47.49 31.35
N ARG A 176 -87.57 -46.36 30.71
CA ARG A 176 -87.85 -45.06 31.32
C ARG A 176 -89.34 -44.77 31.34
N ASP A 177 -90.09 -45.23 30.33
CA ASP A 177 -91.54 -45.08 30.34
C ASP A 177 -92.27 -46.17 31.13
N GLY A 178 -91.58 -47.26 31.49
CA GLY A 178 -92.16 -48.32 32.29
C GLY A 178 -93.21 -49.14 31.56
N LYS A 179 -92.88 -49.63 30.36
CA LYS A 179 -93.85 -50.29 29.49
C LYS A 179 -93.31 -51.62 28.99
N LEU A 180 -92.85 -52.48 29.89
CA LEU A 180 -92.21 -53.74 29.51
C LEU A 180 -93.11 -54.93 29.79
N LYS A 181 -92.92 -55.99 29.01
CA LYS A 181 -93.44 -57.34 29.17
C LYS A 181 -92.44 -58.17 29.98
N PRO A 182 -92.91 -59.16 30.74
CA PRO A 182 -91.98 -59.97 31.56
C PRO A 182 -91.03 -60.82 30.73
N GLU A 183 -91.38 -61.15 29.49
CA GLU A 183 -90.48 -61.86 28.59
C GLU A 183 -89.37 -60.97 28.05
N GLU A 184 -89.43 -59.66 28.27
CA GLU A 184 -88.38 -58.76 27.84
C GLU A 184 -87.31 -58.53 28.90
N TYR A 185 -87.58 -58.87 30.17
CA TYR A 185 -86.58 -58.71 31.21
C TYR A 185 -86.45 -59.95 32.09
N GLN A 186 -87.03 -61.07 31.67
CA GLN A 186 -86.90 -62.33 32.40
C GLN A 186 -86.23 -63.34 31.47
N GLY A 187 -84.97 -63.64 31.74
CA GLY A 187 -84.21 -64.57 30.93
C GLY A 187 -82.76 -64.15 30.79
N GLY A 188 -82.20 -64.28 29.59
CA GLY A 188 -80.84 -63.88 29.33
C GLY A 188 -79.80 -64.90 29.76
N SER A 189 -78.63 -64.85 29.15
CA SER A 189 -77.53 -65.74 29.50
C SER A 189 -76.34 -65.04 30.12
N ILE A 190 -76.20 -63.72 29.92
CA ILE A 190 -75.10 -62.95 30.49
C ILE A 190 -75.57 -61.51 30.63
N SER A 191 -74.96 -60.79 31.56
CA SER A 191 -75.36 -59.43 31.90
C SER A 191 -74.19 -58.47 31.75
N ILE A 192 -74.49 -57.17 31.77
CA ILE A 192 -73.48 -56.13 31.74
C ILE A 192 -74.01 -54.91 32.47
N SER A 193 -73.18 -54.35 33.35
CA SER A 193 -73.51 -53.12 34.09
C SER A 193 -72.57 -52.02 33.62
N ASN A 194 -73.15 -50.88 33.25
CA ASN A 194 -72.42 -49.80 32.61
C ASN A 194 -72.45 -48.58 33.51
N MET A 195 -71.28 -48.02 33.80
CA MET A 195 -71.16 -46.81 34.61
C MET A 195 -70.15 -45.84 33.99
N GLY A 196 -70.19 -45.69 32.67
CA GLY A 196 -69.28 -44.77 32.01
C GLY A 196 -69.71 -43.32 32.07
N MET A 197 -70.98 -43.05 32.38
CA MET A 197 -71.45 -41.67 32.47
C MET A 197 -70.95 -41.00 33.74
N ASN A 198 -70.61 -41.78 34.76
CA ASN A 198 -70.03 -41.25 35.98
C ASN A 198 -68.52 -41.32 35.87
N PRO A 199 -67.83 -40.18 35.81
CA PRO A 199 -66.36 -40.20 35.66
C PRO A 199 -65.62 -40.53 36.94
N ALA A 200 -66.31 -40.65 38.08
CA ALA A 200 -65.63 -40.95 39.33
C ALA A 200 -65.37 -42.44 39.49
N VAL A 201 -66.24 -43.28 38.93
CA VAL A 201 -66.16 -44.73 39.13
C VAL A 201 -65.02 -45.28 38.28
N GLN A 202 -63.87 -45.50 38.92
CA GLN A 202 -62.76 -46.14 38.22
C GLN A 202 -62.99 -47.63 38.04
N SER A 203 -63.55 -48.28 39.07
CA SER A 203 -63.79 -49.72 39.04
C SER A 203 -64.91 -50.03 40.02
N PHE A 204 -65.71 -51.03 39.68
CA PHE A 204 -66.74 -51.52 40.59
C PHE A 204 -67.05 -52.96 40.25
N THR A 205 -67.64 -53.66 41.21
CA THR A 205 -68.11 -55.02 41.04
C THR A 205 -69.63 -55.05 41.03
N ALA A 206 -70.18 -56.14 40.49
CA ALA A 206 -71.62 -56.30 40.40
C ALA A 206 -72.00 -57.68 40.94
N ILE A 207 -73.28 -57.83 41.24
CA ILE A 207 -73.83 -59.09 41.73
C ILE A 207 -74.49 -59.81 40.57
N ILE A 208 -74.20 -61.11 40.44
CA ILE A 208 -74.70 -61.90 39.33
C ILE A 208 -76.21 -62.11 39.48
N ASN A 209 -76.95 -61.77 38.43
CA ASN A 209 -78.39 -62.03 38.41
C ASN A 209 -78.63 -63.51 38.21
N PRO A 210 -79.35 -64.17 39.12
CA PRO A 210 -79.61 -65.60 38.94
C PRO A 210 -80.64 -65.81 37.86
N PRO A 211 -80.56 -66.94 37.13
CA PRO A 211 -79.59 -68.02 37.27
C PRO A 211 -78.40 -67.94 36.31
N GLN A 212 -77.96 -66.72 35.96
CA GLN A 212 -76.84 -66.60 35.04
C GLN A 212 -75.53 -66.91 35.74
N ALA A 213 -74.46 -66.98 34.94
CA ALA A 213 -73.15 -67.41 35.45
C ALA A 213 -72.12 -66.31 35.54
N ALA A 214 -72.31 -65.19 34.85
CA ALA A 214 -71.31 -64.13 34.85
C ALA A 214 -71.99 -62.79 34.70
N ILE A 215 -71.29 -61.73 35.13
CA ILE A 215 -71.76 -60.37 34.93
C ILE A 215 -70.55 -59.48 34.67
N LEU A 216 -70.70 -58.51 33.79
CA LEU A 216 -69.62 -57.58 33.46
C LEU A 216 -69.87 -56.25 34.15
N ALA A 217 -68.78 -55.53 34.43
CA ALA A 217 -68.86 -54.20 35.06
C ALA A 217 -67.80 -53.32 34.42
N VAL A 218 -68.21 -52.18 33.90
CA VAL A 218 -67.35 -51.33 33.08
C VAL A 218 -67.20 -49.97 33.75
N GLY A 219 -65.95 -49.58 34.03
CA GLY A 219 -65.69 -48.32 34.71
C GLY A 219 -65.40 -47.20 33.73
N ALA A 220 -65.29 -45.99 34.30
CA ALA A 220 -65.05 -44.80 33.51
C ALA A 220 -63.66 -44.84 32.88
N PRO A 221 -63.52 -44.31 31.68
CA PRO A 221 -62.20 -44.25 31.04
C PRO A 221 -61.31 -43.20 31.67
N GLN A 222 -60.01 -43.50 31.71
CA GLN A 222 -59.00 -42.62 32.27
C GLN A 222 -57.75 -42.65 31.41
N LYS A 223 -56.92 -41.62 31.52
CA LYS A 223 -55.66 -41.55 30.77
C LYS A 223 -54.56 -42.24 31.56
N VAL A 224 -53.96 -43.27 30.96
CA VAL A 224 -52.88 -44.03 31.57
C VAL A 224 -51.63 -43.88 30.72
N ALA A 225 -50.49 -43.63 31.37
CA ALA A 225 -49.22 -43.50 30.66
C ALA A 225 -48.75 -44.86 30.16
N VAL A 226 -48.49 -44.93 28.86
CA VAL A 226 -48.11 -46.18 28.19
C VAL A 226 -46.83 -45.93 27.41
N PRO A 227 -45.81 -46.79 27.51
CA PRO A 227 -44.55 -46.54 26.82
C PRO A 227 -44.67 -46.71 25.31
N VAL A 228 -43.84 -45.96 24.59
CA VAL A 228 -43.82 -45.97 23.14
C VAL A 228 -42.39 -45.79 22.67
N GLU A 229 -42.02 -46.51 21.61
CA GLU A 229 -40.75 -46.29 20.95
C GLU A 229 -40.92 -45.22 19.90
N ASN A 230 -39.96 -44.31 19.80
CA ASN A 230 -39.88 -43.43 18.66
C ASN A 230 -39.10 -44.15 17.56
N GLU A 231 -38.76 -43.44 16.48
CA GLU A 231 -37.98 -44.05 15.42
C GLU A 231 -36.48 -44.09 15.73
N ASP A 232 -36.08 -43.66 16.92
CA ASP A 232 -34.75 -43.92 17.46
C ASP A 232 -34.86 -44.88 18.65
N GLY A 233 -33.73 -45.13 19.32
CA GLY A 233 -33.66 -46.19 20.30
C GLY A 233 -34.36 -45.92 21.63
N THR A 234 -34.64 -44.66 21.95
CA THR A 234 -35.14 -44.33 23.28
C THR A 234 -36.63 -44.61 23.39
N THR A 235 -37.11 -44.72 24.63
CA THR A 235 -38.53 -44.89 24.90
C THR A 235 -39.18 -43.54 25.22
N GLY A 236 -40.51 -43.51 25.14
CA GLY A 236 -41.25 -42.29 25.34
C GLY A 236 -42.47 -42.51 26.23
N VAL A 237 -43.26 -41.45 26.36
CA VAL A 237 -44.52 -41.49 27.11
C VAL A 237 -45.64 -41.19 26.15
N SER A 238 -46.55 -42.15 25.98
CA SER A 238 -47.78 -41.95 25.25
C SER A 238 -48.95 -42.08 26.20
N TRP A 239 -50.04 -41.38 25.90
CA TRP A 239 -51.22 -41.35 26.76
C TRP A 239 -52.31 -42.18 26.10
N ASP A 240 -52.69 -43.27 26.76
CA ASP A 240 -53.66 -44.23 26.25
C ASP A 240 -54.95 -44.14 27.06
N GLU A 241 -56.08 -44.27 26.37
CA GLU A 241 -57.39 -44.28 27.02
C GLU A 241 -57.69 -45.71 27.46
N GLN A 242 -57.71 -45.94 28.76
CA GLN A 242 -57.95 -47.28 29.30
C GLN A 242 -59.24 -47.31 30.11
N ILE A 243 -59.88 -48.49 30.11
CA ILE A 243 -61.14 -48.73 30.81
C ILE A 243 -60.96 -49.97 31.67
N ILE A 244 -61.25 -49.85 32.97
CA ILE A 244 -61.15 -50.98 33.88
C ILE A 244 -62.45 -51.78 33.80
N VAL A 245 -62.31 -53.06 33.44
CA VAL A 245 -63.43 -53.97 33.25
C VAL A 245 -63.30 -55.10 34.26
N THR A 246 -64.31 -55.28 35.11
CA THR A 246 -64.32 -56.33 36.12
C THR A 246 -65.44 -57.32 35.79
N ALA A 247 -65.10 -58.57 35.63
CA ALA A 247 -66.06 -59.63 35.35
C ALA A 247 -66.20 -60.51 36.57
N SER A 248 -67.43 -60.64 37.08
CA SER A 248 -67.72 -61.49 38.23
C SER A 248 -68.29 -62.81 37.73
N PHE A 249 -67.63 -63.90 38.11
CA PHE A 249 -68.02 -65.24 37.69
C PHE A 249 -68.49 -66.06 38.89
N ASP A 250 -69.31 -67.06 38.59
CA ASP A 250 -69.75 -68.06 39.55
C ASP A 250 -68.83 -69.26 39.45
N HIS A 251 -68.28 -69.69 40.59
CA HIS A 251 -67.25 -70.72 40.58
C HIS A 251 -67.81 -72.13 40.43
N LYS A 252 -69.13 -72.30 40.51
CA LYS A 252 -69.70 -73.62 40.28
C LYS A 252 -69.68 -74.00 38.81
N VAL A 253 -69.73 -73.01 37.92
CA VAL A 253 -69.76 -73.23 36.48
C VAL A 253 -68.43 -72.86 35.84
N VAL A 254 -67.90 -71.68 36.16
CA VAL A 254 -66.71 -71.14 35.51
C VAL A 254 -65.55 -71.20 36.48
N ASP A 255 -64.44 -71.79 36.04
CA ASP A 255 -63.21 -71.74 36.83
C ASP A 255 -62.39 -70.52 36.44
N GLY A 256 -61.25 -70.36 37.14
CA GLY A 256 -60.43 -69.18 36.94
C GLY A 256 -59.75 -69.15 35.60
N ALA A 257 -59.32 -70.32 35.10
CA ALA A 257 -58.71 -70.39 33.78
C ALA A 257 -59.72 -70.12 32.67
N VAL A 258 -60.96 -70.57 32.85
CA VAL A 258 -62.01 -70.31 31.86
C VAL A 258 -62.37 -68.84 31.85
N GLY A 259 -62.45 -68.22 33.04
CA GLY A 259 -62.71 -66.79 33.12
C GLY A 259 -61.57 -65.96 32.56
N ALA A 260 -60.33 -66.44 32.74
CA ALA A 260 -59.18 -65.74 32.18
C ALA A 260 -59.13 -65.86 30.67
N GLU A 261 -59.52 -67.01 30.12
CA GLU A 261 -59.63 -67.15 28.66
C GLU A 261 -60.73 -66.27 28.09
N TRP A 262 -61.87 -66.18 28.78
CA TRP A 262 -62.96 -65.30 28.35
C TRP A 262 -62.52 -63.83 28.37
N ILE A 263 -61.82 -63.42 29.43
CA ILE A 263 -61.30 -62.06 29.55
C ILE A 263 -60.26 -61.78 28.48
N ARG A 264 -59.42 -62.78 28.15
CA ARG A 264 -58.39 -62.60 27.13
C ARG A 264 -59.01 -62.45 25.74
N GLU A 265 -60.05 -63.24 25.44
CA GLU A 265 -60.70 -63.11 24.14
C GLU A 265 -61.47 -61.80 24.03
N LEU A 266 -62.09 -61.36 25.13
CA LEU A 266 -62.76 -60.07 25.13
C LEU A 266 -61.78 -58.92 24.94
N LYS A 267 -60.62 -59.00 25.60
CA LYS A 267 -59.58 -57.99 25.44
C LYS A 267 -58.99 -57.99 24.04
N LYS A 268 -58.88 -59.17 23.42
CA LYS A 268 -58.38 -59.26 22.05
C LYS A 268 -59.34 -58.62 21.07
N VAL A 269 -60.63 -58.93 21.19
CA VAL A 269 -61.64 -58.38 20.29
C VAL A 269 -61.81 -56.86 20.52
N ILE A 270 -61.62 -56.39 21.75
CA ILE A 270 -61.75 -54.95 22.01
C ILE A 270 -60.53 -54.19 21.49
N GLU A 271 -59.31 -54.68 21.79
CA GLU A 271 -58.11 -53.97 21.39
C GLU A 271 -57.75 -54.16 19.93
N ASN A 272 -58.38 -55.11 19.23
CA ASN A 272 -58.29 -55.21 17.78
C ASN A 272 -59.71 -55.09 17.23
N PRO A 273 -60.14 -53.87 16.92
CA PRO A 273 -61.56 -53.68 16.57
C PRO A 273 -61.95 -54.21 15.21
N LEU A 274 -60.99 -54.58 14.37
CA LEU A 274 -61.31 -55.21 13.08
C LEU A 274 -61.74 -56.66 13.24
N GLU A 275 -61.54 -57.26 14.42
CA GLU A 275 -61.96 -58.63 14.66
C GLU A 275 -63.45 -58.74 14.96
N LEU A 276 -64.18 -57.62 15.04
CA LEU A 276 -65.62 -57.66 15.20
C LEU A 276 -66.33 -58.10 13.92
N LEU A 277 -65.64 -58.04 12.78
CA LEU A 277 -66.17 -58.57 11.54
C LEU A 277 -66.28 -60.09 11.59
N LEU A 278 -65.23 -60.73 12.10
CA LEU A 278 -65.18 -62.19 12.20
C LEU A 278 -66.01 -62.67 13.39
N TYR B 47 -94.36 23.38 58.98
CA TYR B 47 -95.26 23.59 57.87
C TYR B 47 -96.12 22.35 57.65
N THR B 48 -95.54 21.34 57.00
CA THR B 48 -96.23 20.06 56.83
C THR B 48 -96.01 19.20 58.06
N ASP B 49 -97.12 18.77 58.66
CA ASP B 49 -97.17 18.17 60.00
C ASP B 49 -97.87 16.83 59.94
N VAL B 50 -97.38 15.93 59.09
CA VAL B 50 -97.83 14.53 59.06
C VAL B 50 -97.56 13.91 60.43
N PRO B 51 -98.48 13.11 60.95
CA PRO B 51 -98.30 12.56 62.30
C PRO B 51 -97.42 11.32 62.30
N ILE B 52 -96.99 10.93 63.50
CA ILE B 52 -96.20 9.72 63.68
C ILE B 52 -97.08 8.51 63.47
N SER B 53 -96.52 7.46 62.86
CA SER B 53 -97.31 6.28 62.50
C SER B 53 -97.78 5.50 63.71
N GLY B 54 -97.13 5.65 64.86
CA GLY B 54 -97.48 4.88 66.03
C GLY B 54 -96.58 3.67 66.17
N MET B 55 -96.26 3.04 65.03
CA MET B 55 -95.24 1.99 65.00
C MET B 55 -93.85 2.56 65.27
N ARG B 56 -93.58 3.79 64.82
CA ARG B 56 -92.32 4.46 65.10
C ARG B 56 -92.14 4.80 66.57
N LYS B 57 -93.25 4.95 67.32
CA LYS B 57 -93.16 5.32 68.73
C LYS B 57 -92.56 4.20 69.56
N THR B 58 -92.89 2.95 69.23
CA THR B 58 -92.33 1.80 69.93
C THR B 58 -90.84 1.65 69.65
N ILE B 59 -90.41 1.88 68.41
CA ILE B 59 -88.99 1.81 68.08
C ILE B 59 -88.23 2.96 68.72
N ALA B 60 -88.86 4.14 68.81
CA ALA B 60 -88.22 5.27 69.47
C ALA B 60 -88.05 5.01 70.98
N ALA B 61 -89.08 4.43 71.61
CA ALA B 61 -88.97 4.08 73.02
C ALA B 61 -87.95 2.96 73.24
N ARG B 62 -87.84 2.03 72.29
CA ARG B 62 -86.88 0.94 72.41
C ARG B 62 -85.45 1.44 72.27
N LEU B 63 -85.20 2.34 71.32
CA LEU B 63 -83.87 2.94 71.18
C LEU B 63 -83.54 3.84 72.37
N LYS B 64 -84.57 4.48 72.95
CA LYS B 64 -84.37 5.23 74.18
C LYS B 64 -83.95 4.31 75.33
N GLU B 65 -84.62 3.16 75.47
CA GLU B 65 -84.23 2.16 76.47
C GLU B 65 -82.80 1.69 76.26
N SER B 66 -82.43 1.48 74.99
CA SER B 66 -81.09 1.01 74.66
C SER B 66 -80.02 2.01 75.05
N VAL B 67 -80.22 3.29 74.70
CA VAL B 67 -79.20 4.29 74.98
C VAL B 67 -79.23 4.71 76.44
N THR B 68 -80.32 4.45 77.16
CA THR B 68 -80.35 4.90 78.55
C THR B 68 -79.97 3.77 79.51
N GLU B 69 -79.99 2.51 79.08
CA GLU B 69 -79.64 1.44 80.00
C GLU B 69 -78.34 0.76 79.57
N ASN B 70 -77.92 0.97 78.33
CA ASN B 70 -76.68 0.39 77.84
C ASN B 70 -75.65 1.49 77.64
N PRO B 71 -74.63 1.60 78.49
CA PRO B 71 -73.52 2.52 78.19
C PRO B 71 -72.65 1.97 77.07
N HIS B 72 -72.81 2.53 75.87
CA HIS B 72 -72.14 2.01 74.69
C HIS B 72 -70.69 2.47 74.65
N PHE B 73 -69.83 1.62 74.09
CA PHE B 73 -68.51 2.05 73.67
C PHE B 73 -68.15 1.33 72.38
N PHE B 74 -67.48 2.06 71.49
CA PHE B 74 -67.20 1.58 70.14
C PHE B 74 -65.75 1.15 70.03
N VAL B 75 -65.53 0.08 69.27
CA VAL B 75 -64.18 -0.39 68.92
C VAL B 75 -64.13 -0.50 67.40
N SER B 76 -63.21 0.22 66.77
CA SER B 76 -63.10 0.26 65.32
C SER B 76 -61.87 -0.51 64.86
N THR B 77 -61.97 -1.10 63.68
CA THR B 77 -60.85 -1.82 63.08
C THR B 77 -60.99 -1.76 61.57
N ASN B 78 -59.92 -2.15 60.88
CA ASN B 78 -59.91 -2.21 59.42
C ASN B 78 -59.57 -3.63 59.01
N LEU B 79 -60.54 -4.31 58.39
CA LEU B 79 -60.36 -5.68 57.92
C LEU B 79 -59.91 -5.66 56.46
N SER B 80 -58.87 -6.42 56.15
CA SER B 80 -58.44 -6.59 54.78
C SER B 80 -59.20 -7.76 54.16
N VAL B 81 -59.88 -7.49 53.05
CA VAL B 81 -60.77 -8.46 52.43
C VAL B 81 -60.30 -8.84 51.03
N SER B 82 -59.00 -8.61 50.74
CA SER B 82 -58.48 -8.92 49.42
C SER B 82 -58.38 -10.42 49.17
N LYS B 83 -58.20 -11.21 50.23
CA LYS B 83 -58.23 -12.66 50.10
C LYS B 83 -59.65 -13.22 50.21
N LEU B 84 -60.50 -12.52 50.98
CA LEU B 84 -61.90 -12.93 51.11
C LEU B 84 -62.64 -12.76 49.80
N LEU B 85 -62.34 -11.70 49.05
CA LEU B 85 -62.96 -11.51 47.75
C LEU B 85 -62.47 -12.54 46.73
N LYS B 86 -61.20 -12.95 46.83
CA LYS B 86 -60.69 -14.00 45.95
C LYS B 86 -61.34 -15.35 46.26
N LEU B 87 -61.52 -15.65 47.55
CA LEU B 87 -62.20 -16.89 47.94
C LEU B 87 -63.66 -16.88 47.51
N ARG B 88 -64.33 -15.73 47.61
CA ARG B 88 -65.71 -15.61 47.18
C ARG B 88 -65.82 -15.74 45.66
N GLN B 89 -64.86 -15.18 44.93
CA GLN B 89 -64.86 -15.29 43.47
C GLN B 89 -64.64 -16.73 43.02
N ALA B 90 -63.74 -17.44 43.71
CA ALA B 90 -63.50 -18.85 43.37
C ALA B 90 -64.70 -19.72 43.69
N LEU B 91 -65.33 -19.49 44.86
CA LEU B 91 -66.49 -20.29 45.24
C LEU B 91 -67.71 -19.98 44.39
N ASN B 92 -67.79 -18.75 43.86
CA ASN B 92 -68.90 -18.42 42.96
C ASN B 92 -68.65 -18.94 41.56
N SER B 93 -67.39 -18.96 41.12
CA SER B 93 -67.08 -19.45 39.78
C SER B 93 -67.18 -20.97 39.71
N SER B 94 -66.91 -21.67 40.82
CA SER B 94 -67.04 -23.12 40.86
C SER B 94 -68.47 -23.53 41.27
N ALA B 95 -69.43 -23.13 40.44
CA ALA B 95 -70.83 -23.43 40.71
C ALA B 95 -71.58 -23.46 39.38
N ASP B 96 -72.80 -24.01 39.44
CA ASP B 96 -73.69 -24.09 38.29
C ASP B 96 -74.97 -23.29 38.52
N GLY B 97 -74.85 -22.16 39.24
CA GLY B 97 -76.02 -21.41 39.63
C GLY B 97 -76.76 -21.97 40.83
N ARG B 98 -76.12 -22.84 41.61
CA ARG B 98 -76.77 -23.38 42.80
C ARG B 98 -76.80 -22.36 43.93
N TYR B 99 -75.80 -21.50 44.02
CA TYR B 99 -75.71 -20.53 45.10
C TYR B 99 -75.04 -19.27 44.59
N LYS B 100 -75.10 -18.22 45.41
CA LYS B 100 -74.41 -16.96 45.14
C LYS B 100 -73.95 -16.40 46.47
N LEU B 101 -72.64 -16.25 46.63
CA LEU B 101 -72.05 -15.85 47.90
C LEU B 101 -71.80 -14.37 47.95
N SER B 102 -71.94 -13.79 49.13
CA SER B 102 -71.66 -12.38 49.38
C SER B 102 -70.70 -12.24 50.55
N VAL B 103 -70.31 -11.00 50.82
CA VAL B 103 -69.37 -10.73 51.92
C VAL B 103 -70.06 -10.91 53.27
N ASN B 104 -71.39 -10.72 53.30
CA ASN B 104 -72.15 -10.84 54.54
C ASN B 104 -72.18 -12.26 55.06
N ASP B 105 -72.07 -13.25 54.17
CA ASP B 105 -72.00 -14.65 54.59
C ASP B 105 -70.71 -14.94 55.35
N PHE B 106 -69.58 -14.49 54.80
CA PHE B 106 -68.30 -14.64 55.49
C PHE B 106 -68.28 -13.85 56.79
N LEU B 107 -68.93 -12.68 56.81
CA LEU B 107 -68.97 -11.87 58.03
C LEU B 107 -69.81 -12.54 59.11
N ILE B 108 -70.94 -13.15 58.74
CA ILE B 108 -71.79 -13.82 59.71
C ILE B 108 -71.11 -15.08 60.25
N LYS B 109 -70.41 -15.82 59.38
CA LYS B 109 -69.67 -17.00 59.83
C LYS B 109 -68.50 -16.61 60.74
N ALA B 110 -67.80 -15.52 60.41
CA ALA B 110 -66.71 -15.06 61.26
C ALA B 110 -67.21 -14.52 62.58
N MET B 111 -68.40 -13.91 62.59
CA MET B 111 -69.01 -13.48 63.84
C MET B 111 -69.37 -14.67 64.71
N GLY B 112 -69.85 -15.76 64.09
CA GLY B 112 -70.15 -16.96 64.85
C GLY B 112 -68.89 -17.60 65.44
N ILE B 113 -67.81 -17.62 64.66
CA ILE B 113 -66.54 -18.18 65.13
C ILE B 113 -65.97 -17.33 66.27
N ALA B 114 -66.03 -16.01 66.13
CA ALA B 114 -65.50 -15.12 67.15
C ALA B 114 -66.34 -15.14 68.41
N SER B 115 -67.67 -15.26 68.29
CA SER B 115 -68.52 -15.36 69.48
C SER B 115 -68.39 -16.71 70.16
N LYS B 116 -68.03 -17.76 69.40
CA LYS B 116 -67.75 -19.03 70.05
C LYS B 116 -66.40 -19.01 70.76
N ARG B 117 -65.42 -18.30 70.20
CA ARG B 117 -64.11 -18.22 70.87
C ARG B 117 -64.13 -17.29 72.08
N VAL B 118 -64.85 -16.17 72.01
CA VAL B 118 -65.02 -15.29 73.16
C VAL B 118 -66.48 -15.32 73.58
N PRO B 119 -66.87 -16.17 74.52
CA PRO B 119 -68.31 -16.33 74.84
C PRO B 119 -68.86 -15.23 75.73
N THR B 120 -68.03 -14.29 76.20
CA THR B 120 -68.53 -13.21 77.05
C THR B 120 -69.36 -12.22 76.25
N VAL B 121 -69.02 -12.02 74.98
CA VAL B 121 -69.78 -11.10 74.13
C VAL B 121 -71.14 -11.68 73.78
N ASN B 122 -71.25 -13.01 73.71
CA ASN B 122 -72.51 -13.68 73.41
C ASN B 122 -73.30 -13.84 74.70
N SER B 123 -73.85 -12.73 75.19
CA SER B 123 -74.57 -12.71 76.45
C SER B 123 -75.63 -11.62 76.41
N SER B 124 -76.25 -11.36 77.56
CA SER B 124 -77.31 -10.37 77.70
C SER B 124 -77.26 -9.81 79.11
N TRP B 125 -78.34 -9.17 79.54
CA TRP B 125 -78.44 -8.59 80.88
C TRP B 125 -79.86 -8.77 81.38
N ARG B 126 -80.01 -9.57 82.43
CA ARG B 126 -81.32 -10.03 82.91
C ARG B 126 -81.51 -9.69 84.39
N ASP B 127 -82.50 -10.30 85.04
CA ASP B 127 -82.85 -9.97 86.41
C ASP B 127 -81.76 -10.45 87.36
N GLY B 128 -80.79 -9.57 87.62
CA GLY B 128 -79.69 -9.89 88.50
C GLY B 128 -78.76 -10.97 88.01
N VAL B 129 -78.75 -11.25 86.71
CA VAL B 129 -78.13 -12.45 86.17
C VAL B 129 -77.73 -12.19 84.72
N ILE B 130 -76.65 -12.84 84.30
CA ILE B 130 -76.13 -12.77 82.95
C ILE B 130 -76.53 -14.05 82.23
N ARG B 131 -77.28 -13.91 81.14
CA ARG B 131 -77.72 -15.08 80.38
C ARG B 131 -76.76 -15.33 79.23
N GLN B 132 -76.06 -16.46 79.28
CA GLN B 132 -75.03 -16.81 78.31
C GLN B 132 -75.50 -17.99 77.47
N PHE B 133 -75.54 -17.81 76.16
CA PHE B 133 -75.99 -18.81 75.21
C PHE B 133 -74.81 -19.63 74.68
N GLU B 134 -75.13 -20.78 74.09
CA GLU B 134 -74.14 -21.59 73.39
C GLU B 134 -74.07 -21.23 71.91
N THR B 135 -75.19 -21.30 71.21
CA THR B 135 -75.22 -21.05 69.78
C THR B 135 -75.25 -19.55 69.50
N VAL B 136 -74.75 -19.17 68.32
CA VAL B 136 -74.72 -17.79 67.87
C VAL B 136 -75.91 -17.59 66.95
N ASP B 137 -76.88 -16.81 67.39
CA ASP B 137 -78.04 -16.44 66.57
C ASP B 137 -77.85 -15.01 66.12
N VAL B 138 -77.69 -14.81 64.82
CA VAL B 138 -77.26 -13.52 64.26
C VAL B 138 -78.47 -12.83 63.66
N SER B 139 -78.78 -11.64 64.15
CA SER B 139 -79.86 -10.82 63.62
C SER B 139 -79.30 -9.93 62.51
N VAL B 140 -79.86 -10.05 61.31
CA VAL B 140 -79.39 -9.29 60.16
C VAL B 140 -80.42 -8.21 59.84
N ALA B 141 -79.95 -6.97 59.71
CA ALA B 141 -80.85 -5.84 59.45
C ALA B 141 -81.20 -5.79 57.97
N VAL B 142 -82.49 -5.72 57.67
CA VAL B 142 -83.01 -5.62 56.31
C VAL B 142 -83.72 -4.29 56.17
N ALA B 143 -83.34 -3.52 55.14
CA ALA B 143 -83.89 -2.19 54.92
C ALA B 143 -85.13 -2.30 54.04
N THR B 144 -86.30 -2.17 54.65
CA THR B 144 -87.61 -2.15 54.01
C THR B 144 -88.15 -0.72 53.96
N PRO B 145 -89.05 -0.40 53.03
CA PRO B 145 -89.62 0.97 53.00
C PRO B 145 -90.47 1.32 54.22
N ASN B 146 -90.88 0.32 55.01
CA ASN B 146 -91.50 0.54 56.31
C ASN B 146 -90.48 0.53 57.45
N GLY B 147 -89.23 0.88 57.17
CA GLY B 147 -88.25 1.08 58.24
C GLY B 147 -87.18 0.02 58.34
N LEU B 148 -87.13 -0.68 59.47
CA LEU B 148 -86.06 -1.62 59.74
C LEU B 148 -86.62 -2.85 60.43
N ILE B 149 -86.12 -4.02 60.02
CA ILE B 149 -86.48 -5.29 60.65
C ILE B 149 -85.20 -6.12 60.75
N THR B 150 -85.15 -7.00 61.75
CA THR B 150 -83.97 -7.84 61.99
C THR B 150 -84.39 -9.31 62.09
N PRO B 151 -84.50 -10.00 60.95
CA PRO B 151 -84.67 -11.45 61.01
C PRO B 151 -83.40 -12.15 61.45
N ILE B 152 -83.58 -13.32 62.08
CA ILE B 152 -82.51 -14.01 62.79
C ILE B 152 -82.13 -15.28 62.03
N VAL B 153 -80.83 -15.47 61.83
CA VAL B 153 -80.25 -16.71 61.35
C VAL B 153 -79.84 -17.50 62.60
N LYS B 154 -80.46 -18.65 62.80
CA LYS B 154 -80.25 -19.45 64.00
C LYS B 154 -79.18 -20.50 63.76
N GLY B 155 -78.33 -20.70 64.77
CA GLY B 155 -77.28 -21.71 64.74
C GLY B 155 -76.23 -21.43 63.68
N VAL B 156 -75.52 -20.32 63.81
CA VAL B 156 -74.61 -19.87 62.77
C VAL B 156 -73.36 -20.72 62.71
N GLU B 157 -72.76 -21.02 63.86
CA GLU B 157 -71.57 -21.86 63.88
C GLU B 157 -71.97 -23.30 63.55
N GLY B 158 -71.19 -23.93 62.68
CA GLY B 158 -71.52 -25.23 62.16
C GLY B 158 -72.79 -25.27 61.31
N LYS B 159 -72.92 -24.37 60.37
CA LYS B 159 -74.11 -24.34 59.51
C LYS B 159 -73.80 -24.45 58.03
N GLY B 160 -72.78 -23.77 57.56
CA GLY B 160 -72.47 -23.81 56.14
C GLY B 160 -72.80 -22.50 55.45
N LEU B 161 -71.94 -22.11 54.51
CA LEU B 161 -72.08 -20.81 53.85
C LEU B 161 -73.26 -20.80 52.89
N GLU B 162 -73.54 -21.92 52.24
CA GLU B 162 -74.70 -22.00 51.35
C GLU B 162 -76.00 -21.96 52.13
N SER B 163 -76.03 -22.60 53.31
CA SER B 163 -77.20 -22.54 54.17
C SER B 163 -77.41 -21.13 54.71
N ILE B 164 -76.31 -20.44 55.05
CA ILE B 164 -76.40 -19.06 55.53
C ILE B 164 -76.90 -18.14 54.43
N SER B 165 -76.39 -18.32 53.20
CA SER B 165 -76.83 -17.51 52.06
C SER B 165 -78.30 -17.75 51.74
N ALA B 166 -78.74 -19.02 51.80
CA ALA B 166 -80.13 -19.35 51.54
C ALA B 166 -81.05 -18.76 52.58
N ALA B 167 -80.66 -18.85 53.87
CA ALA B 167 -81.49 -18.31 54.93
C ALA B 167 -81.57 -16.79 54.88
N VAL B 168 -80.45 -16.14 54.54
CA VAL B 168 -80.43 -14.69 54.43
C VAL B 168 -81.28 -14.22 53.25
N LYS B 169 -81.24 -14.95 52.13
CA LYS B 169 -82.06 -14.58 50.98
C LYS B 169 -83.55 -14.80 51.25
N GLU B 170 -83.89 -15.93 51.89
CA GLU B 170 -85.26 -16.21 52.31
C GLU B 170 -85.81 -15.12 53.22
N LEU B 171 -85.05 -14.78 54.27
CA LEU B 171 -85.53 -13.80 55.25
C LEU B 171 -85.57 -12.39 54.67
N ALA B 172 -84.66 -12.07 53.74
CA ALA B 172 -84.68 -10.75 53.14
C ALA B 172 -85.86 -10.58 52.18
N LYS B 173 -86.15 -11.61 51.36
CA LYS B 173 -87.28 -11.49 50.44
C LYS B 173 -88.60 -11.54 51.20
N LYS B 174 -88.64 -12.27 52.32
CA LYS B 174 -89.85 -12.27 53.13
C LYS B 174 -89.99 -10.98 53.92
N ALA B 175 -88.87 -10.30 54.20
CA ALA B 175 -88.96 -8.98 54.83
C ALA B 175 -89.44 -7.93 53.84
N ARG B 176 -89.05 -8.08 52.57
CA ARG B 176 -89.56 -7.18 51.55
C ARG B 176 -91.04 -7.43 51.24
N ASP B 177 -91.49 -8.68 51.34
CA ASP B 177 -92.91 -8.97 51.18
C ASP B 177 -93.72 -8.78 52.47
N GLY B 178 -93.08 -8.64 53.62
CA GLY B 178 -93.76 -8.39 54.88
C GLY B 178 -94.55 -9.57 55.40
N LYS B 179 -93.92 -10.74 55.47
CA LYS B 179 -94.61 -11.99 55.80
C LYS B 179 -93.88 -12.75 56.90
N LEU B 180 -93.58 -12.08 58.01
CA LEU B 180 -92.79 -12.67 59.09
C LEU B 180 -93.65 -13.01 60.29
N LYS B 181 -93.21 -14.02 61.03
CA LYS B 181 -93.66 -14.45 62.36
C LYS B 181 -92.83 -13.73 63.42
N PRO B 182 -93.41 -13.46 64.60
CA PRO B 182 -92.63 -12.75 65.64
C PRO B 182 -91.46 -13.54 66.19
N GLU B 183 -91.49 -14.87 66.09
CA GLU B 183 -90.37 -15.70 66.48
C GLU B 183 -89.21 -15.63 65.49
N GLU B 184 -89.42 -15.04 64.32
CA GLU B 184 -88.35 -14.89 63.34
C GLU B 184 -87.58 -13.58 63.49
N TYR B 185 -88.11 -12.60 64.22
CA TYR B 185 -87.39 -11.35 64.43
C TYR B 185 -87.41 -10.91 65.88
N GLN B 186 -87.79 -11.79 66.79
CA GLN B 186 -87.75 -11.50 68.23
C GLN B 186 -86.82 -12.51 68.90
N GLY B 187 -85.63 -12.05 69.28
CA GLY B 187 -84.65 -12.91 69.90
C GLY B 187 -83.24 -12.54 69.47
N GLY B 188 -82.40 -13.56 69.22
CA GLY B 188 -81.05 -13.32 68.77
C GLY B 188 -80.08 -13.00 69.90
N SER B 189 -78.79 -13.26 69.66
CA SER B 189 -77.75 -12.97 70.64
C SER B 189 -76.79 -11.88 70.19
N ILE B 190 -76.70 -11.61 68.89
CA ILE B 190 -75.81 -10.57 68.36
C ILE B 190 -76.40 -10.10 67.03
N SER B 191 -76.07 -8.86 66.66
CA SER B 191 -76.64 -8.21 65.49
C SER B 191 -75.52 -7.76 64.56
N ILE B 192 -75.91 -7.39 63.33
CA ILE B 192 -74.99 -6.85 62.34
C ILE B 192 -75.76 -5.91 61.42
N SER B 193 -75.20 -4.73 61.19
CA SER B 193 -75.77 -3.75 60.28
C SER B 193 -74.82 -3.59 59.10
N ASN B 194 -75.37 -3.71 57.90
CA ASN B 194 -74.59 -3.76 56.67
C ASN B 194 -74.90 -2.55 55.81
N MET B 195 -73.87 -1.82 55.39
CA MET B 195 -74.02 -0.66 54.51
C MET B 195 -72.98 -0.67 53.42
N GLY B 196 -72.71 -1.83 52.83
CA GLY B 196 -71.73 -1.93 51.76
C GLY B 196 -72.26 -1.52 50.40
N MET B 197 -73.58 -1.45 50.24
CA MET B 197 -74.15 -1.05 48.96
C MET B 197 -74.01 0.45 48.74
N ASN B 198 -73.87 1.22 49.82
CA ASN B 198 -73.63 2.65 49.74
C ASN B 198 -72.13 2.90 49.78
N PRO B 199 -71.53 3.38 48.69
CA PRO B 199 -70.06 3.59 48.69
C PRO B 199 -69.62 4.84 49.43
N ALA B 200 -70.55 5.67 49.91
CA ALA B 200 -70.16 6.88 50.61
C ALA B 200 -69.86 6.61 52.08
N VAL B 201 -70.51 5.62 52.68
CA VAL B 201 -70.38 5.35 54.10
C VAL B 201 -69.04 4.68 54.36
N GLN B 202 -68.05 5.48 54.80
CA GLN B 202 -66.77 4.91 55.19
C GLN B 202 -66.86 4.21 56.53
N SER B 203 -67.60 4.80 57.48
CA SER B 203 -67.73 4.25 58.82
C SER B 203 -69.01 4.78 59.42
N PHE B 204 -69.65 3.95 60.24
CA PHE B 204 -70.83 4.38 60.99
C PHE B 204 -70.96 3.52 62.23
N THR B 205 -71.71 4.05 63.20
CA THR B 205 -72.03 3.34 64.43
C THR B 205 -73.50 2.94 64.42
N ALA B 206 -73.84 1.97 65.26
CA ALA B 206 -75.20 1.48 65.38
C ALA B 206 -75.61 1.44 66.84
N ILE B 207 -76.91 1.35 67.07
CA ILE B 207 -77.47 1.27 68.41
C ILE B 207 -77.80 -0.19 68.70
N ILE B 208 -77.41 -0.65 69.89
CA ILE B 208 -77.58 -2.04 70.27
C ILE B 208 -79.05 -2.35 70.49
N ASN B 209 -79.56 -3.38 69.81
CA ASN B 209 -80.92 -3.82 70.03
C ASN B 209 -81.01 -4.54 71.37
N PRO B 210 -81.88 -4.10 72.28
CA PRO B 210 -82.00 -4.78 73.56
C PRO B 210 -82.73 -6.09 73.39
N PRO B 211 -82.41 -7.10 74.22
CA PRO B 211 -81.42 -7.09 75.31
C PRO B 211 -80.06 -7.64 74.93
N GLN B 212 -79.63 -7.47 73.68
CA GLN B 212 -78.34 -8.00 73.26
C GLN B 212 -77.20 -7.14 73.81
N ALA B 213 -75.97 -7.63 73.64
CA ALA B 213 -74.80 -6.99 74.23
C ALA B 213 -73.89 -6.30 73.23
N ALA B 214 -73.98 -6.62 71.94
CA ALA B 214 -73.08 -6.05 70.96
C ALA B 214 -73.80 -5.91 69.62
N ILE B 215 -73.30 -5.01 68.79
CA ILE B 215 -73.78 -4.87 67.42
C ILE B 215 -72.61 -4.52 66.52
N LEU B 216 -72.62 -5.06 65.30
CA LEU B 216 -71.56 -4.81 64.34
C LEU B 216 -72.04 -3.80 63.30
N ALA B 217 -71.11 -3.05 62.73
CA ALA B 217 -71.42 -2.06 61.69
C ALA B 217 -70.30 -2.11 60.66
N VAL B 218 -70.65 -2.33 59.40
CA VAL B 218 -69.68 -2.59 58.34
C VAL B 218 -69.77 -1.51 57.28
N GLY B 219 -68.66 -0.82 57.02
CA GLY B 219 -68.65 0.27 56.06
C GLY B 219 -68.22 -0.19 54.68
N ALA B 220 -68.32 0.74 53.73
CA ALA B 220 -67.98 0.47 52.34
C ALA B 220 -66.48 0.22 52.19
N PRO B 221 -66.10 -0.69 51.30
CA PRO B 221 -64.67 -0.93 51.06
C PRO B 221 -64.03 0.20 50.29
N GLN B 222 -62.77 0.46 50.61
CA GLN B 222 -61.98 1.50 49.98
C GLN B 222 -60.55 1.00 49.73
N LYS B 223 -59.84 1.64 48.81
CA LYS B 223 -58.45 1.28 48.51
C LYS B 223 -57.52 2.05 49.45
N VAL B 224 -56.73 1.32 50.22
CA VAL B 224 -55.78 1.91 51.16
C VAL B 224 -54.37 1.47 50.75
N ALA B 225 -53.44 2.42 50.74
CA ALA B 225 -52.05 2.13 50.42
C ALA B 225 -51.39 1.35 51.54
N VAL B 226 -50.82 0.20 51.20
CA VAL B 226 -50.21 -0.72 52.16
C VAL B 226 -48.79 -1.05 51.67
N PRO B 227 -47.79 -0.98 52.55
CA PRO B 227 -46.41 -1.22 52.10
C PRO B 227 -46.16 -2.69 51.77
N VAL B 228 -45.24 -2.90 50.83
CA VAL B 228 -44.89 -4.24 50.37
C VAL B 228 -43.39 -4.26 50.07
N GLU B 229 -42.75 -5.38 50.40
CA GLU B 229 -41.37 -5.60 50.00
C GLU B 229 -41.35 -6.26 48.63
N ASN B 230 -40.46 -5.82 47.77
CA ASN B 230 -40.18 -6.56 46.56
C ASN B 230 -39.12 -7.61 46.89
N GLU B 231 -38.59 -8.28 45.87
CA GLU B 231 -37.53 -9.27 46.11
C GLU B 231 -36.15 -8.63 46.27
N ASP B 232 -36.07 -7.29 46.27
CA ASP B 232 -34.88 -6.57 46.71
C ASP B 232 -35.22 -5.82 48.00
N GLY B 233 -34.26 -5.01 48.47
CA GLY B 233 -34.36 -4.43 49.80
C GLY B 233 -35.35 -3.31 49.97
N THR B 234 -35.78 -2.67 48.87
CA THR B 234 -36.60 -1.47 49.00
C THR B 234 -38.06 -1.82 49.27
N THR B 235 -38.80 -0.84 49.77
CA THR B 235 -40.24 -0.98 50.00
C THR B 235 -41.03 -0.42 48.83
N GLY B 236 -42.30 -0.81 48.74
CA GLY B 236 -43.15 -0.41 47.65
C GLY B 236 -44.53 0.04 48.14
N VAL B 237 -45.40 0.30 47.17
CA VAL B 237 -46.78 0.67 47.43
C VAL B 237 -47.68 -0.39 46.81
N SER B 238 -48.45 -1.07 47.65
CA SER B 238 -49.48 -1.99 47.20
C SER B 238 -50.84 -1.44 47.62
N TRP B 239 -51.87 -1.75 46.84
CA TRP B 239 -53.21 -1.24 47.08
C TRP B 239 -54.07 -2.37 47.63
N ASP B 240 -54.51 -2.20 48.87
CA ASP B 240 -55.27 -3.22 49.59
C ASP B 240 -56.71 -2.77 49.76
N GLU B 241 -57.64 -3.72 49.64
CA GLU B 241 -59.06 -3.44 49.84
C GLU B 241 -59.36 -3.57 51.33
N GLN B 242 -59.68 -2.46 51.99
CA GLN B 242 -59.95 -2.46 53.41
C GLN B 242 -61.39 -2.05 53.69
N ILE B 243 -61.92 -2.58 54.79
CA ILE B 243 -63.29 -2.31 55.23
C ILE B 243 -63.24 -1.88 56.69
N ILE B 244 -63.83 -0.74 57.00
CA ILE B 244 -63.87 -0.23 58.36
C ILE B 244 -65.05 -0.89 59.08
N VAL B 245 -64.76 -1.58 60.17
CA VAL B 245 -65.75 -2.32 60.95
C VAL B 245 -65.77 -1.73 62.36
N THR B 246 -66.94 -1.27 62.79
CA THR B 246 -67.13 -0.68 64.11
C THR B 246 -68.07 -1.56 64.91
N ALA B 247 -67.60 -2.03 66.06
CA ALA B 247 -68.42 -2.86 66.94
C ALA B 247 -68.78 -2.05 68.18
N SER B 248 -70.07 -1.93 68.45
CA SER B 248 -70.57 -1.22 69.62
C SER B 248 -70.91 -2.24 70.69
N PHE B 249 -70.31 -2.09 71.86
CA PHE B 249 -70.49 -2.99 72.98
C PHE B 249 -71.17 -2.27 74.14
N ASP B 250 -71.83 -3.07 74.98
CA ASP B 250 -72.42 -2.61 76.23
C ASP B 250 -71.41 -2.86 77.35
N HIS B 251 -71.14 -1.82 78.14
CA HIS B 251 -70.06 -1.92 79.12
C HIS B 251 -70.47 -2.64 80.39
N LYS B 252 -71.76 -2.95 80.57
CA LYS B 252 -72.18 -3.72 81.73
C LYS B 252 -71.78 -5.19 81.59
N VAL B 253 -71.69 -5.69 80.37
CA VAL B 253 -71.37 -7.09 80.11
C VAL B 253 -69.94 -7.23 79.57
N VAL B 254 -69.58 -6.43 78.57
CA VAL B 254 -68.32 -6.57 77.87
C VAL B 254 -67.41 -5.41 78.26
N ASP B 255 -66.19 -5.73 78.68
CA ASP B 255 -65.20 -4.70 78.91
C ASP B 255 -64.38 -4.46 77.64
N GLY B 256 -63.46 -3.49 77.74
CA GLY B 256 -62.70 -3.09 76.58
C GLY B 256 -61.70 -4.15 76.11
N ALA B 257 -61.11 -4.87 77.06
CA ALA B 257 -60.20 -5.96 76.70
C ALA B 257 -60.93 -7.13 76.07
N VAL B 258 -62.15 -7.42 76.54
CA VAL B 258 -62.95 -8.49 75.96
C VAL B 258 -63.40 -8.11 74.54
N GLY B 259 -63.80 -6.85 74.36
CA GLY B 259 -64.16 -6.38 73.04
C GLY B 259 -62.98 -6.35 72.08
N ALA B 260 -61.79 -6.04 72.60
CA ALA B 260 -60.58 -6.04 71.78
C ALA B 260 -60.18 -7.46 71.39
N GLU B 261 -60.36 -8.42 72.30
CA GLU B 261 -60.11 -9.83 71.96
C GLU B 261 -61.10 -10.34 70.91
N TRP B 262 -62.37 -9.96 71.05
CA TRP B 262 -63.37 -10.33 70.05
C TRP B 262 -63.07 -9.73 68.68
N ILE B 263 -62.66 -8.45 68.66
CA ILE B 263 -62.27 -7.79 67.41
C ILE B 263 -61.02 -8.42 66.81
N ARG B 264 -60.07 -8.84 67.66
CA ARG B 264 -58.85 -9.47 67.18
C ARG B 264 -59.12 -10.84 66.57
N GLU B 265 -60.01 -11.63 67.20
CA GLU B 265 -60.35 -12.93 66.65
C GLU B 265 -61.15 -12.80 65.36
N LEU B 266 -62.04 -11.80 65.29
CA LEU B 266 -62.79 -11.55 64.06
C LEU B 266 -61.86 -11.12 62.93
N LYS B 267 -60.89 -10.25 63.25
CA LYS B 267 -59.91 -9.82 62.25
C LYS B 267 -59.01 -10.97 61.79
N LYS B 268 -58.67 -11.88 62.71
CA LYS B 268 -57.86 -13.04 62.35
C LYS B 268 -58.61 -13.96 61.41
N VAL B 269 -59.87 -14.27 61.73
CA VAL B 269 -60.67 -15.16 60.90
C VAL B 269 -60.99 -14.51 59.54
N ILE B 270 -61.13 -13.19 59.49
CA ILE B 270 -61.40 -12.52 58.22
C ILE B 270 -60.15 -12.45 57.35
N GLU B 271 -59.02 -12.04 57.93
CA GLU B 271 -57.80 -11.88 57.15
C GLU B 271 -57.10 -13.20 56.85
N ASN B 272 -57.48 -14.29 57.51
CA ASN B 272 -57.04 -15.63 57.13
C ASN B 272 -58.30 -16.43 56.82
N PRO B 273 -58.74 -16.44 55.56
CA PRO B 273 -60.04 -17.04 55.23
C PRO B 273 -60.06 -18.56 55.29
N LEU B 274 -58.90 -19.22 55.38
CA LEU B 274 -58.88 -20.66 55.54
C LEU B 274 -59.22 -21.09 56.97
N GLU B 275 -59.27 -20.15 57.92
CA GLU B 275 -59.66 -20.47 59.28
C GLU B 275 -61.16 -20.60 59.47
N LEU B 276 -61.95 -20.34 58.42
CA LEU B 276 -63.39 -20.56 58.50
C LEU B 276 -63.74 -22.05 58.48
N LEU B 277 -62.80 -22.90 58.05
CA LEU B 277 -63.00 -24.35 58.14
C LEU B 277 -63.01 -24.80 59.59
N LEU B 278 -62.08 -24.30 60.39
CA LEU B 278 -61.96 -24.67 61.80
C LEU B 278 -63.00 -23.93 62.63
N TYR C 47 -106.90 38.52 -4.15
CA TYR C 47 -107.53 37.35 -4.74
C TYR C 47 -108.23 36.54 -3.65
N THR C 48 -107.44 35.76 -2.89
CA THR C 48 -107.99 35.03 -1.76
C THR C 48 -108.02 35.94 -0.54
N ASP C 49 -109.20 36.07 0.05
CA ASP C 49 -109.52 37.09 1.05
C ASP C 49 -110.09 36.45 2.30
N VAL C 50 -109.37 35.49 2.87
CA VAL C 50 -109.70 34.90 4.17
C VAL C 50 -109.71 36.02 5.21
N PRO C 51 -110.67 36.03 6.13
CA PRO C 51 -110.78 37.13 7.09
C PRO C 51 -109.85 36.94 8.28
N ILE C 52 -109.69 38.02 9.04
CA ILE C 52 -108.88 37.99 10.25
C ILE C 52 -109.61 37.19 11.31
N SER C 53 -108.86 36.44 12.12
CA SER C 53 -109.46 35.53 13.10
C SER C 53 -110.15 36.28 14.23
N GLY C 54 -109.79 37.53 14.48
CA GLY C 54 -110.35 38.28 15.58
C GLY C 54 -109.44 38.23 16.78
N MET C 55 -108.82 37.07 17.01
CA MET C 55 -107.75 36.95 18.00
C MET C 55 -106.50 37.72 17.58
N ARG C 56 -106.22 37.76 16.28
CA ARG C 56 -105.10 38.54 15.75
C ARG C 56 -105.31 40.04 15.91
N LYS C 57 -106.56 40.51 16.00
CA LYS C 57 -106.84 41.94 16.10
C LYS C 57 -106.37 42.49 17.46
N THR C 58 -106.53 41.70 18.53
CA THR C 58 -106.07 42.11 19.84
C THR C 58 -104.55 42.17 19.91
N ILE C 59 -103.86 41.20 19.29
CA ILE C 59 -102.40 41.22 19.27
C ILE C 59 -101.89 42.37 18.41
N ALA C 60 -102.59 42.68 17.32
CA ALA C 60 -102.21 43.80 16.47
C ALA C 60 -102.38 45.14 17.21
N ALA C 61 -103.48 45.29 17.95
CA ALA C 61 -103.69 46.49 18.76
C ALA C 61 -102.67 46.59 19.89
N ARG C 62 -102.29 45.43 20.46
CA ARG C 62 -101.31 45.43 21.54
C ARG C 62 -99.92 45.81 21.05
N LEU C 63 -99.52 45.29 19.88
CA LEU C 63 -98.24 45.68 19.30
C LEU C 63 -98.26 47.13 18.84
N LYS C 64 -99.43 47.62 18.41
CA LYS C 64 -99.58 49.04 18.11
C LYS C 64 -99.38 49.90 19.35
N GLU C 65 -99.98 49.49 20.49
CA GLU C 65 -99.78 50.18 21.76
C GLU C 65 -98.31 50.19 22.17
N SER C 66 -97.64 49.05 21.95
CA SER C 66 -96.23 48.92 22.31
C SER C 66 -95.34 49.86 21.50
N VAL C 67 -95.55 49.89 20.17
CA VAL C 67 -94.69 50.73 19.33
C VAL C 67 -95.08 52.20 19.43
N THR C 68 -96.30 52.50 19.89
CA THR C 68 -96.68 53.91 19.92
C THR C 68 -96.47 54.52 21.30
N GLU C 69 -96.30 53.71 22.34
CA GLU C 69 -96.11 54.29 23.66
C GLU C 69 -94.70 54.01 24.19
N ASN C 70 -94.01 53.04 23.58
CA ASN C 70 -92.66 52.70 23.98
C ASN C 70 -91.68 53.12 22.90
N PRO C 71 -90.90 54.19 23.09
CA PRO C 71 -89.81 54.48 22.15
C PRO C 71 -88.67 53.49 22.31
N HIS C 72 -88.58 52.53 21.38
CA HIS C 72 -87.62 51.45 21.50
C HIS C 72 -86.24 51.91 21.07
N PHE C 73 -85.21 51.34 21.71
CA PHE C 73 -83.86 51.41 21.18
C PHE C 73 -83.17 50.09 21.43
N PHE C 74 -82.36 49.66 20.47
CA PHE C 74 -81.74 48.35 20.49
C PHE C 74 -80.27 48.46 20.88
N VAL C 75 -79.81 47.47 21.64
CA VAL C 75 -78.40 47.33 21.99
C VAL C 75 -77.97 45.92 21.60
N SER C 76 -76.99 45.80 20.72
CA SER C 76 -76.54 44.52 20.23
C SER C 76 -75.18 44.15 20.81
N THR C 77 -74.97 42.85 20.98
CA THR C 77 -73.70 42.34 21.49
C THR C 77 -73.48 40.94 20.93
N ASN C 78 -72.26 40.44 21.08
CA ASN C 78 -71.90 39.10 20.67
C ASN C 78 -71.38 38.34 21.88
N LEU C 79 -72.13 37.32 22.31
CA LEU C 79 -71.75 36.51 23.44
C LEU C 79 -70.98 35.29 22.95
N SER C 80 -69.85 35.01 23.59
CA SER C 80 -69.09 33.80 23.31
C SER C 80 -69.60 32.67 24.20
N VAL C 81 -70.03 31.57 23.57
CA VAL C 81 -70.68 30.48 24.27
C VAL C 81 -69.86 29.20 24.18
N SER C 82 -68.57 29.31 23.89
CA SER C 82 -67.71 28.13 23.75
C SER C 82 -67.47 27.45 25.09
N LYS C 83 -67.49 28.21 26.19
CA LYS C 83 -67.39 27.62 27.52
C LYS C 83 -68.75 27.20 28.05
N LEU C 84 -69.81 27.92 27.65
CA LEU C 84 -71.17 27.57 28.04
C LEU C 84 -71.59 26.24 27.45
N LEU C 85 -71.19 25.97 26.20
CA LEU C 85 -71.50 24.69 25.58
C LEU C 85 -70.72 23.55 26.23
N LYS C 86 -69.48 23.81 26.67
CA LYS C 86 -68.72 22.79 27.38
C LYS C 86 -69.33 22.48 28.75
N LEU C 87 -69.78 23.52 29.45
CA LEU C 87 -70.45 23.32 30.73
C LEU C 87 -71.77 22.57 30.57
N ARG C 88 -72.51 22.88 29.51
CA ARG C 88 -73.77 22.17 29.24
C ARG C 88 -73.51 20.72 28.86
N GLN C 89 -72.44 20.46 28.10
CA GLN C 89 -72.09 19.10 27.73
C GLN C 89 -71.68 18.28 28.94
N ALA C 90 -70.91 18.88 29.86
CA ALA C 90 -70.51 18.19 31.08
C ALA C 90 -71.69 17.91 31.99
N LEU C 91 -72.59 18.89 32.14
CA LEU C 91 -73.75 18.71 33.01
C LEU C 91 -74.75 17.74 32.41
N ASN C 92 -74.80 17.62 31.08
CA ASN C 92 -75.67 16.65 30.46
C ASN C 92 -75.06 15.25 30.49
N SER C 93 -73.74 15.15 30.39
CA SER C 93 -73.10 13.84 30.43
C SER C 93 -73.07 13.27 31.83
N SER C 94 -73.04 14.12 32.86
CA SER C 94 -73.08 13.65 34.24
C SER C 94 -74.52 13.56 34.74
N ALA C 95 -75.29 12.69 34.07
CA ALA C 95 -76.69 12.50 34.43
C ALA C 95 -77.11 11.10 34.01
N ASP C 96 -78.26 10.68 34.53
CA ASP C 96 -78.86 9.38 34.22
C ASP C 96 -80.20 9.55 33.52
N GLY C 97 -80.33 10.57 32.69
CA GLY C 97 -81.61 10.89 32.10
C GLY C 97 -82.56 11.64 33.00
N ARG C 98 -82.07 12.23 34.10
CA ARG C 98 -82.94 12.99 34.99
C ARG C 98 -83.31 14.34 34.39
N TYR C 99 -82.41 14.94 33.61
CA TYR C 99 -82.64 16.27 33.05
C TYR C 99 -81.96 16.36 31.70
N LYS C 100 -82.28 17.44 30.98
CA LYS C 100 -81.64 17.76 29.71
C LYS C 100 -81.54 19.28 29.62
N LEU C 101 -80.31 19.78 29.56
CA LEU C 101 -80.07 21.22 29.62
C LEU C 101 -79.93 21.80 28.21
N SER C 102 -80.38 23.03 28.05
CA SER C 102 -80.27 23.78 26.81
C SER C 102 -79.61 25.13 27.08
N VAL C 103 -79.38 25.88 26.00
CA VAL C 103 -78.76 27.19 26.12
C VAL C 103 -79.73 28.20 26.72
N ASN C 104 -81.04 27.97 26.53
CA ASN C 104 -82.05 28.88 27.04
C ASN C 104 -82.11 28.89 28.56
N ASP C 105 -81.72 27.78 29.20
CA ASP C 105 -81.66 27.73 30.66
C ASP C 105 -80.58 28.66 31.20
N PHE C 106 -79.38 28.58 30.62
CA PHE C 106 -78.29 29.47 31.00
C PHE C 106 -78.62 30.91 30.68
N LEU C 107 -79.34 31.15 29.58
CA LEU C 107 -79.71 32.51 29.21
C LEU C 107 -80.74 33.09 30.18
N ILE C 108 -81.71 32.27 30.62
CA ILE C 108 -82.72 32.74 31.56
C ILE C 108 -82.10 33.00 32.93
N LYS C 109 -81.17 32.13 33.36
CA LYS C 109 -80.48 32.34 34.63
C LYS C 109 -79.58 33.58 34.58
N ALA C 110 -78.91 33.81 33.44
CA ALA C 110 -78.06 34.99 33.31
C ALA C 110 -78.90 36.26 33.23
N MET C 111 -80.09 36.17 32.64
CA MET C 111 -81.01 37.31 32.62
C MET C 111 -81.49 37.64 34.03
N GLY C 112 -81.74 36.61 34.84
CA GLY C 112 -82.11 36.85 36.23
C GLY C 112 -81.00 37.49 37.04
N ILE C 113 -79.76 37.02 36.82
CA ILE C 113 -78.61 37.59 37.53
C ILE C 113 -78.38 39.04 37.11
N ALA C 114 -78.50 39.32 35.80
CA ALA C 114 -78.28 40.67 35.30
C ALA C 114 -79.39 41.61 35.73
N SER C 115 -80.63 41.14 35.79
CA SER C 115 -81.73 41.98 36.25
C SER C 115 -81.68 42.20 37.75
N LYS C 116 -81.09 41.27 38.50
CA LYS C 116 -80.87 41.52 39.93
C LYS C 116 -79.73 42.51 40.16
N ARG C 117 -78.70 42.46 39.32
CA ARG C 117 -77.59 43.41 39.47
C ARG C 117 -77.95 44.81 39.00
N VAL C 118 -78.72 44.94 37.91
CA VAL C 118 -79.21 46.24 37.45
C VAL C 118 -80.72 46.24 37.58
N PRO C 119 -81.27 46.73 38.70
CA PRO C 119 -82.72 46.63 38.92
C PRO C 119 -83.54 47.67 38.17
N THR C 120 -82.91 48.60 37.45
CA THR C 120 -83.67 49.60 36.71
C THR C 120 -84.35 48.99 35.49
N VAL C 121 -83.73 47.97 34.89
CA VAL C 121 -84.32 47.31 33.74
C VAL C 121 -85.54 46.47 34.15
N ASN C 122 -85.54 45.95 35.37
CA ASN C 122 -86.64 45.14 35.90
C ASN C 122 -87.70 46.09 36.46
N SER C 123 -88.42 46.75 35.57
CA SER C 123 -89.41 47.74 35.95
C SER C 123 -90.51 47.80 34.89
N SER C 124 -91.40 48.78 35.02
CA SER C 124 -92.52 48.97 34.11
C SER C 124 -92.84 50.46 34.03
N TRP C 125 -94.04 50.79 33.56
CA TRP C 125 -94.48 52.17 33.45
C TRP C 125 -95.97 52.23 33.76
N ARG C 126 -96.31 52.91 34.85
CA ARG C 126 -97.65 52.88 35.42
C ARG C 126 -98.20 54.29 35.59
N ASP C 127 -99.29 54.44 36.35
CA ASP C 127 -99.98 55.73 36.49
C ASP C 127 -99.10 56.70 37.27
N GLY C 128 -98.27 57.46 36.55
CA GLY C 128 -97.39 58.44 37.15
C GLY C 128 -96.31 57.86 38.03
N VAL C 129 -95.97 56.58 37.87
CA VAL C 129 -95.17 55.85 38.83
C VAL C 129 -94.46 54.71 38.12
N ILE C 130 -93.26 54.39 38.61
CA ILE C 130 -92.44 53.29 38.10
C ILE C 130 -92.59 52.12 39.08
N ARG C 131 -93.07 50.99 38.58
CA ARG C 131 -93.24 49.81 39.43
C ARG C 131 -92.02 48.91 39.30
N GLN C 132 -91.28 48.76 40.39
CA GLN C 132 -90.03 48.02 40.42
C GLN C 132 -90.20 46.76 41.26
N PHE C 133 -89.94 45.61 40.65
CA PHE C 133 -90.09 44.31 41.29
C PHE C 133 -88.77 43.84 41.90
N GLU C 134 -88.86 42.87 42.80
CA GLU C 134 -87.68 42.20 43.34
C GLU C 134 -87.30 40.97 42.52
N THR C 135 -88.22 40.04 42.34
CA THR C 135 -87.93 38.80 41.62
C THR C 135 -87.98 39.02 40.12
N VAL C 136 -87.25 38.19 39.39
CA VAL C 136 -87.21 38.23 37.93
C VAL C 136 -88.16 37.16 37.44
N ASP C 137 -89.26 37.57 36.82
CA ASP C 137 -90.21 36.66 36.19
C ASP C 137 -90.02 36.75 34.68
N VAL C 138 -89.57 35.66 34.08
CA VAL C 138 -89.12 35.68 32.69
C VAL C 138 -90.19 35.04 31.81
N SER C 139 -90.69 35.81 30.85
CA SER C 139 -91.66 35.31 29.88
C SER C 139 -90.92 34.73 28.69
N VAL C 140 -91.17 33.46 28.39
CA VAL C 140 -90.50 32.76 27.30
C VAL C 140 -91.49 32.56 26.17
N ALA C 141 -91.09 32.96 24.96
CA ALA C 141 -91.96 32.86 23.81
C ALA C 141 -91.97 31.43 23.26
N VAL C 142 -93.16 30.87 23.08
CA VAL C 142 -93.34 29.53 22.53
C VAL C 142 -94.08 29.66 21.22
N ALA C 143 -93.53 29.05 20.16
CA ALA C 143 -94.10 29.14 18.81
C ALA C 143 -95.09 28.00 18.63
N THR C 144 -96.37 28.32 18.67
CA THR C 144 -97.49 27.42 18.43
C THR C 144 -98.09 27.71 17.05
N PRO C 145 -98.78 26.74 16.43
CA PRO C 145 -99.42 27.01 15.13
C PRO C 145 -100.55 28.03 15.18
N ASN C 146 -101.07 28.34 16.38
CA ASN C 146 -101.99 29.45 16.60
C ASN C 146 -101.26 30.73 16.99
N GLY C 147 -100.01 30.89 16.58
CA GLY C 147 -99.33 32.16 16.75
C GLY C 147 -98.24 32.19 17.81
N LEU C 148 -98.40 33.01 18.84
CA LEU C 148 -97.37 33.21 19.84
C LEU C 148 -98.00 33.31 21.22
N ILE C 149 -97.34 32.68 22.19
CA ILE C 149 -97.75 32.77 23.59
C ILE C 149 -96.48 32.90 24.42
N THR C 150 -96.60 33.55 25.59
CA THR C 150 -95.47 33.79 26.48
C THR C 150 -95.79 33.30 27.89
N PRO C 151 -95.59 32.01 28.17
CA PRO C 151 -95.68 31.56 29.55
C PRO C 151 -94.50 32.05 30.38
N ILE C 152 -94.74 32.20 31.68
CA ILE C 152 -93.82 32.89 32.58
C ILE C 152 -93.18 31.87 33.54
N VAL C 153 -91.87 31.96 33.66
CA VAL C 153 -91.12 31.26 34.71
C VAL C 153 -90.95 32.25 35.85
N LYS C 154 -91.53 31.90 37.00
CA LYS C 154 -91.55 32.79 38.16
C LYS C 154 -90.39 32.51 39.10
N GLY C 155 -89.79 33.58 39.62
CA GLY C 155 -88.70 33.47 40.56
C GLY C 155 -87.44 32.85 39.97
N VAL C 156 -86.87 33.50 38.98
CA VAL C 156 -85.77 32.92 38.22
C VAL C 156 -84.49 32.89 39.03
N GLU C 157 -84.16 34.00 39.70
CA GLU C 157 -82.95 34.03 40.52
C GLU C 157 -83.16 33.17 41.76
N GLY C 158 -82.17 32.36 42.09
CA GLY C 158 -82.28 31.38 43.15
C GLY C 158 -83.30 30.29 42.89
N LYS C 159 -83.27 29.68 41.72
CA LYS C 159 -84.22 28.62 41.39
C LYS C 159 -83.57 27.30 41.02
N GLY C 160 -82.51 27.33 40.24
CA GLY C 160 -81.88 26.11 39.81
C GLY C 160 -82.13 25.81 38.34
N LEU C 161 -81.10 25.29 37.68
CA LEU C 161 -81.15 25.07 36.24
C LEU C 161 -82.08 23.91 35.89
N GLU C 162 -82.13 22.88 36.75
CA GLU C 162 -83.03 21.76 36.50
C GLU C 162 -84.48 22.17 36.70
N SER C 163 -84.74 23.04 37.69
CA SER C 163 -86.09 23.56 37.89
C SER C 163 -86.51 24.46 36.74
N ILE C 164 -85.57 25.25 36.22
CA ILE C 164 -85.86 26.11 35.07
C ILE C 164 -86.16 25.28 33.82
N SER C 165 -85.36 24.22 33.60
CA SER C 165 -85.57 23.33 32.46
C SER C 165 -86.91 22.60 32.57
N ALA C 166 -87.25 22.14 33.77
CA ALA C 166 -88.51 21.46 33.99
C ALA C 166 -89.70 22.38 33.75
N ALA C 167 -89.62 23.62 34.26
CA ALA C 167 -90.72 24.56 34.10
C ALA C 167 -90.87 24.99 32.63
N VAL C 168 -89.75 25.16 31.93
CA VAL C 168 -89.80 25.53 30.52
C VAL C 168 -90.38 24.40 29.68
N LYS C 169 -90.03 23.14 30.00
CA LYS C 169 -90.58 22.00 29.26
C LYS C 169 -92.07 21.82 29.53
N GLU C 170 -92.48 21.96 30.81
CA GLU C 170 -93.89 21.92 31.19
C GLU C 170 -94.71 22.98 30.46
N LEU C 171 -94.24 24.23 30.49
CA LEU C 171 -94.99 25.32 29.88
C LEU C 171 -95.00 25.22 28.36
N ALA C 172 -93.92 24.71 27.76
CA ALA C 172 -93.88 24.57 26.31
C ALA C 172 -94.81 23.46 25.82
N LYS C 173 -94.83 22.32 26.52
CA LYS C 173 -95.71 21.24 26.09
C LYS C 173 -97.17 21.59 26.37
N LYS C 174 -97.42 22.37 27.43
CA LYS C 174 -98.79 22.82 27.67
C LYS C 174 -99.20 23.93 26.71
N ALA C 175 -98.22 24.67 26.17
CA ALA C 175 -98.55 25.65 25.14
C ALA C 175 -98.85 24.96 23.82
N ARG C 176 -98.16 23.84 23.55
CA ARG C 176 -98.48 23.07 22.35
C ARG C 176 -99.82 22.36 22.47
N ASP C 177 -100.20 21.94 23.68
CA ASP C 177 -101.53 21.36 23.87
C ASP C 177 -102.63 22.39 24.10
N GLY C 178 -102.28 23.65 24.35
CA GLY C 178 -103.25 24.71 24.52
C GLY C 178 -104.06 24.62 25.79
N LYS C 179 -103.39 24.47 26.94
CA LYS C 179 -104.05 24.20 28.21
C LYS C 179 -103.54 25.14 29.30
N LEU C 180 -103.57 26.45 29.04
CA LEU C 180 -103.02 27.43 29.96
C LEU C 180 -104.11 28.21 30.67
N LYS C 181 -103.79 28.68 31.87
CA LYS C 181 -104.51 29.64 32.69
C LYS C 181 -104.01 31.05 32.37
N PRO C 182 -104.85 32.08 32.50
CA PRO C 182 -104.39 33.45 32.18
C PRO C 182 -103.33 33.98 33.12
N GLU C 183 -103.26 33.45 34.35
CA GLU C 183 -102.19 33.82 35.27
C GLU C 183 -100.85 33.21 34.91
N GLU C 184 -100.81 32.27 33.95
CA GLU C 184 -99.55 31.69 33.51
C GLU C 184 -98.93 32.44 32.33
N TYR C 185 -99.69 33.29 31.64
CA TYR C 185 -99.11 34.05 30.53
C TYR C 185 -99.50 35.53 30.59
N GLN C 186 -100.03 35.98 31.73
CA GLN C 186 -100.35 37.40 31.92
C GLN C 186 -99.53 37.91 33.10
N GLY C 187 -98.50 38.69 32.81
CA GLY C 187 -97.63 39.24 33.84
C GLY C 187 -96.20 39.31 33.38
N GLY C 188 -95.26 38.95 34.26
CA GLY C 188 -93.85 38.94 33.91
C GLY C 188 -93.20 40.31 33.99
N SER C 189 -91.88 40.32 34.19
CA SER C 189 -91.12 41.57 34.24
C SER C 189 -90.15 41.75 33.09
N ILE C 190 -89.78 40.66 32.40
CA ILE C 190 -88.87 40.72 31.26
C ILE C 190 -89.16 39.52 30.36
N SER C 191 -88.83 39.65 29.08
CA SER C 191 -89.15 38.65 28.08
C SER C 191 -87.87 38.21 27.36
N ILE C 192 -87.99 37.12 26.61
CA ILE C 192 -86.90 36.62 25.78
C ILE C 192 -87.50 35.89 24.59
N SER C 193 -86.98 36.19 23.39
CA SER C 193 -87.38 35.53 22.16
C SER C 193 -86.20 34.73 21.65
N ASN C 194 -86.43 33.45 21.35
CA ASN C 194 -85.39 32.50 21.01
C ASN C 194 -85.57 32.03 19.58
N MET C 195 -84.52 32.13 18.78
CA MET C 195 -84.54 31.66 17.39
C MET C 195 -83.26 30.92 17.05
N GLY C 196 -82.80 30.07 17.97
CA GLY C 196 -81.58 29.30 17.72
C GLY C 196 -81.81 28.06 16.88
N MET C 197 -83.06 27.61 16.75
CA MET C 197 -83.33 26.42 15.94
C MET C 197 -83.24 26.74 14.45
N ASN C 198 -83.41 28.01 14.08
CA ASN C 198 -83.25 28.44 12.70
C ASN C 198 -81.82 28.94 12.50
N PRO C 199 -81.01 28.24 11.71
CA PRO C 199 -79.62 28.67 11.53
C PRO C 199 -79.44 29.86 10.60
N ALA C 200 -80.51 30.32 9.95
CA ALA C 200 -80.38 31.45 9.04
C ALA C 200 -80.40 32.78 9.78
N VAL C 201 -81.11 32.85 10.91
CA VAL C 201 -81.30 34.11 11.62
C VAL C 201 -80.02 34.45 12.36
N GLN C 202 -79.22 35.36 11.77
CA GLN C 202 -78.03 35.83 12.46
C GLN C 202 -78.39 36.82 13.56
N SER C 203 -79.36 37.69 13.30
CA SER C 203 -79.77 38.72 14.24
C SER C 203 -81.19 39.13 13.92
N PHE C 204 -81.95 39.46 14.98
CA PHE C 204 -83.29 39.99 14.80
C PHE C 204 -83.66 40.82 16.01
N THR C 205 -84.65 41.68 15.82
CA THR C 205 -85.19 42.50 16.89
C THR C 205 -86.61 42.02 17.23
N ALA C 206 -87.05 42.40 18.43
CA ALA C 206 -88.38 42.00 18.90
C ALA C 206 -89.10 43.23 19.41
N ILE C 207 -90.42 43.10 19.55
CA ILE C 207 -91.27 44.16 20.06
C ILE C 207 -91.55 43.88 21.54
N ILE C 208 -91.43 44.92 22.36
CA ILE C 208 -91.59 44.78 23.80
C ILE C 208 -93.05 44.53 24.14
N ASN C 209 -93.31 43.45 24.88
CA ASN C 209 -94.66 43.17 25.36
C ASN C 209 -95.01 44.14 26.47
N PRO C 210 -96.10 44.91 26.34
CA PRO C 210 -96.47 45.84 27.40
C PRO C 210 -97.05 45.09 28.58
N PRO C 211 -96.87 45.59 29.80
CA PRO C 211 -96.17 46.83 30.16
C PRO C 211 -94.71 46.64 30.58
N GLN C 212 -94.02 45.65 30.02
CA GLN C 212 -92.63 45.42 30.40
C GLN C 212 -91.72 46.48 29.78
N ALA C 213 -90.45 46.46 30.21
CA ALA C 213 -89.50 47.49 29.81
C ALA C 213 -88.43 47.02 28.85
N ALA C 214 -88.19 45.71 28.73
CA ALA C 214 -87.13 45.22 27.87
C ALA C 214 -87.53 43.87 27.29
N ILE C 215 -86.89 43.51 26.18
CA ILE C 215 -87.05 42.19 25.59
C ILE C 215 -85.72 41.75 24.98
N LEU C 216 -85.41 40.47 25.09
CA LEU C 216 -84.18 39.93 24.56
C LEU C 216 -84.47 39.19 23.25
N ALA C 217 -83.48 39.12 22.37
CA ALA C 217 -83.60 38.42 21.10
C ALA C 217 -82.27 37.73 20.82
N VAL C 218 -82.30 36.42 20.61
CA VAL C 218 -81.09 35.61 20.53
C VAL C 218 -81.01 34.96 19.16
N GLY C 219 -79.90 35.21 18.44
CA GLY C 219 -79.75 34.68 17.09
C GLY C 219 -78.98 33.38 17.08
N ALA C 220 -78.91 32.79 15.89
CA ALA C 220 -78.24 31.52 15.70
C ALA C 220 -76.74 31.65 15.90
N PRO C 221 -76.10 30.64 16.48
CA PRO C 221 -74.64 30.70 16.65
C PRO C 221 -73.90 30.50 15.33
N GLN C 222 -72.78 31.19 15.21
CA GLN C 222 -71.93 31.14 14.03
C GLN C 222 -70.46 31.10 14.45
N LYS C 223 -69.59 30.63 13.56
CA LYS C 223 -68.15 30.59 13.82
C LYS C 223 -67.52 31.91 13.41
N VAL C 224 -66.89 32.58 14.36
CA VAL C 224 -66.22 33.86 14.14
C VAL C 224 -64.74 33.70 14.44
N ALA C 225 -63.90 34.21 13.55
CA ALA C 225 -62.45 34.16 13.73
C ALA C 225 -62.02 35.10 14.85
N VAL C 226 -61.32 34.55 15.83
CA VAL C 226 -60.88 35.28 17.02
C VAL C 226 -59.38 35.09 17.20
N PRO C 227 -58.61 36.15 17.43
CA PRO C 227 -57.15 35.99 17.53
C PRO C 227 -56.74 35.28 18.81
N VAL C 228 -55.61 34.58 18.72
CA VAL C 228 -55.07 33.82 19.84
C VAL C 228 -53.54 33.89 19.79
N GLU C 229 -52.93 34.00 20.96
CA GLU C 229 -51.48 33.89 21.05
C GLU C 229 -51.11 32.44 21.23
N ASN C 230 -50.06 32.01 20.54
CA ASN C 230 -49.45 30.73 20.85
C ASN C 230 -48.43 30.95 21.97
N GLU C 231 -47.64 29.94 22.28
CA GLU C 231 -46.60 30.09 23.30
C GLU C 231 -45.34 30.79 22.77
N ASP C 232 -45.35 31.23 21.52
CA ASP C 232 -44.36 32.16 20.99
C ASP C 232 -45.03 33.49 20.69
N GLY C 233 -44.27 34.42 20.10
CA GLY C 233 -44.70 35.80 19.99
C GLY C 233 -45.79 36.06 18.96
N THR C 234 -45.99 35.17 18.00
CA THR C 234 -46.89 35.47 16.90
C THR C 234 -48.35 35.25 17.29
N THR C 235 -49.26 35.85 16.52
CA THR C 235 -50.69 35.65 16.71
C THR C 235 -51.22 34.56 15.78
N GLY C 236 -52.41 34.06 16.11
CA GLY C 236 -53.01 32.98 15.36
C GLY C 236 -54.48 33.23 15.08
N VAL C 237 -55.11 32.22 14.49
CA VAL C 237 -56.54 32.24 14.22
C VAL C 237 -57.20 31.12 15.00
N SER C 238 -58.10 31.47 15.90
CA SER C 238 -58.93 30.53 16.60
C SER C 238 -60.38 30.76 16.21
N TRP C 239 -61.17 29.70 16.23
CA TRP C 239 -62.57 29.74 15.81
C TRP C 239 -63.46 29.68 17.04
N ASP C 240 -64.19 30.76 17.29
CA ASP C 240 -65.02 30.90 18.48
C ASP C 240 -66.49 30.85 18.08
N GLU C 241 -67.31 30.21 18.93
CA GLU C 241 -68.75 30.14 18.71
C GLU C 241 -69.38 31.39 19.31
N GLN C 242 -69.91 32.26 18.47
CA GLN C 242 -70.51 33.51 18.93
C GLN C 242 -72.00 33.54 18.62
N ILE C 243 -72.74 34.25 19.47
CA ILE C 243 -74.18 34.40 19.34
C ILE C 243 -74.50 35.89 19.41
N ILE C 244 -75.23 36.40 18.42
CA ILE C 244 -75.62 37.80 18.40
C ILE C 244 -76.90 37.95 19.22
N VAL C 245 -76.82 38.80 20.25
CA VAL C 245 -77.91 39.04 21.18
C VAL C 245 -78.30 40.51 21.08
N THR C 246 -79.57 40.76 20.77
CA THR C 246 -80.10 42.12 20.64
C THR C 246 -81.14 42.34 21.73
N ALA C 247 -80.93 43.36 22.55
CA ALA C 247 -81.87 43.70 23.62
C ALA C 247 -82.56 45.01 23.26
N SER C 248 -83.89 44.97 23.21
CA SER C 248 -84.69 46.15 22.91
C SER C 248 -85.21 46.73 24.22
N PHE C 249 -84.90 47.99 24.47
CA PHE C 249 -85.29 48.68 25.69
C PHE C 249 -86.27 49.81 25.38
N ASP C 250 -87.06 50.16 26.40
CA ASP C 250 -87.95 51.30 26.37
C ASP C 250 -87.22 52.49 26.99
N HIS C 251 -87.20 53.62 26.27
CA HIS C 251 -86.37 54.75 26.68
C HIS C 251 -87.03 55.58 27.78
N LYS C 252 -88.30 55.33 28.11
CA LYS C 252 -88.93 56.04 29.21
C LYS C 252 -88.41 55.55 30.55
N VAL C 253 -88.01 54.29 30.63
CA VAL C 253 -87.54 53.68 31.87
C VAL C 253 -86.03 53.48 31.86
N VAL C 254 -85.49 52.92 30.78
CA VAL C 254 -84.09 52.53 30.70
C VAL C 254 -83.38 53.48 29.75
N ASP C 255 -82.28 54.07 30.20
CA ASP C 255 -81.43 54.85 29.32
C ASP C 255 -80.36 53.96 28.69
N GLY C 256 -79.56 54.59 27.82
CA GLY C 256 -78.57 53.84 27.08
C GLY C 256 -77.43 53.31 27.94
N ALA C 257 -77.03 54.09 28.94
CA ALA C 257 -75.98 53.65 29.86
C ALA C 257 -76.48 52.51 30.75
N VAL C 258 -77.74 52.55 31.16
CA VAL C 258 -78.31 51.47 31.97
C VAL C 258 -78.44 50.20 31.14
N GLY C 259 -78.87 50.34 29.88
CA GLY C 259 -78.93 49.18 28.99
C GLY C 259 -77.57 48.61 28.67
N ALA C 260 -76.56 49.47 28.57
CA ALA C 260 -75.20 49.01 28.32
C ALA C 260 -74.62 48.30 29.54
N GLU C 261 -74.95 48.78 30.75
CA GLU C 261 -74.52 48.07 31.96
C GLU C 261 -75.21 46.72 32.09
N TRP C 262 -76.50 46.65 31.75
CA TRP C 262 -77.22 45.37 31.76
C TRP C 262 -76.63 44.40 30.76
N ILE C 263 -76.31 44.88 29.55
CA ILE C 263 -75.70 44.05 28.52
C ILE C 263 -74.30 43.60 28.93
N ARG C 264 -73.55 44.47 29.62
CA ARG C 264 -72.21 44.12 30.08
C ARG C 264 -72.24 43.06 31.17
N GLU C 265 -73.19 43.17 32.10
CA GLU C 265 -73.30 42.16 33.15
C GLU C 265 -73.79 40.82 32.59
N LEU C 266 -74.71 40.87 31.62
CA LEU C 266 -75.16 39.64 30.97
C LEU C 266 -74.02 38.97 30.20
N LYS C 267 -73.21 39.78 29.50
CA LYS C 267 -72.06 39.24 28.78
C LYS C 267 -71.00 38.68 29.73
N LYS C 268 -70.82 39.31 30.89
CA LYS C 268 -69.88 38.80 31.88
C LYS C 268 -70.33 37.46 32.44
N VAL C 269 -71.61 37.35 32.82
CA VAL C 269 -72.13 36.10 33.37
C VAL C 269 -72.17 34.99 32.31
N ILE C 270 -72.37 35.34 31.04
CA ILE C 270 -72.38 34.33 29.99
C ILE C 270 -70.97 33.86 29.67
N GLU C 271 -70.03 34.80 29.48
CA GLU C 271 -68.68 34.43 29.08
C GLU C 271 -67.83 33.90 30.24
N ASN C 272 -68.29 34.06 31.49
CA ASN C 272 -67.68 33.39 32.64
C ASN C 272 -68.78 32.55 33.27
N PRO C 273 -68.91 31.28 32.86
CA PRO C 273 -70.05 30.47 33.31
C PRO C 273 -69.99 30.04 34.76
N LEU C 274 -68.84 30.19 35.42
CA LEU C 274 -68.76 29.88 36.85
C LEU C 274 -69.40 30.95 37.71
N GLU C 275 -69.73 32.12 37.13
CA GLU C 275 -70.40 33.17 37.88
C GLU C 275 -71.90 32.94 38.04
N LEU C 276 -72.44 31.86 37.44
CA LEU C 276 -73.84 31.51 37.65
C LEU C 276 -74.08 30.93 39.04
N LEU C 277 -73.02 30.50 39.72
CA LEU C 277 -73.12 30.07 41.12
C LEU C 277 -73.45 31.25 42.03
N LEU C 278 -72.77 32.36 41.82
CA LEU C 278 -72.96 33.57 42.63
C LEU C 278 -74.21 34.31 42.19
N TYR D 47 -105.25 -17.47 -39.32
CA TYR D 47 -105.64 -18.53 -38.41
C TYR D 47 -106.52 -17.96 -37.29
N THR D 48 -105.90 -17.34 -36.31
CA THR D 48 -106.64 -16.66 -35.25
C THR D 48 -107.01 -15.26 -35.71
N ASP D 49 -108.30 -14.96 -35.66
CA ASP D 49 -108.92 -13.80 -36.31
C ASP D 49 -109.72 -13.00 -35.30
N VAL D 50 -109.09 -12.61 -34.19
CA VAL D 50 -109.68 -11.68 -33.22
C VAL D 50 -110.01 -10.37 -33.93
N PRO D 51 -111.17 -9.77 -33.65
CA PRO D 51 -111.56 -8.57 -34.37
C PRO D 51 -110.92 -7.31 -33.79
N ILE D 52 -111.02 -6.23 -34.57
CA ILE D 52 -110.51 -4.93 -34.13
C ILE D 52 -111.42 -4.39 -33.04
N SER D 53 -110.83 -3.71 -32.05
CA SER D 53 -111.58 -3.26 -30.89
C SER D 53 -112.57 -2.14 -31.23
N GLY D 54 -112.36 -1.43 -32.33
CA GLY D 54 -113.22 -0.32 -32.68
C GLY D 54 -112.61 1.00 -32.23
N MET D 55 -111.98 0.98 -31.04
CA MET D 55 -111.18 2.10 -30.60
C MET D 55 -109.92 2.26 -31.43
N ARG D 56 -109.34 1.16 -31.90
CA ARG D 56 -108.18 1.19 -32.80
C ARG D 56 -108.51 1.78 -34.17
N LYS D 57 -109.78 1.70 -34.59
CA LYS D 57 -110.17 2.19 -35.91
C LYS D 57 -110.07 3.72 -35.98
N THR D 58 -110.43 4.40 -34.89
CA THR D 58 -110.32 5.85 -34.85
C THR D 58 -108.86 6.30 -34.86
N ILE D 59 -107.98 5.59 -34.14
CA ILE D 59 -106.56 5.95 -34.14
C ILE D 59 -105.94 5.65 -35.49
N ALA D 60 -106.39 4.58 -36.16
CA ALA D 60 -105.90 4.26 -37.49
C ALA D 60 -106.32 5.31 -38.51
N ALA D 61 -107.57 5.77 -38.42
CA ALA D 61 -108.04 6.84 -39.30
C ALA D 61 -107.33 8.16 -39.00
N ARG D 62 -107.01 8.41 -37.72
CA ARG D 62 -106.32 9.64 -37.36
C ARG D 62 -104.88 9.64 -37.86
N LEU D 63 -104.18 8.51 -37.74
CA LEU D 63 -102.84 8.40 -38.28
C LEU D 63 -102.83 8.45 -39.80
N LYS D 64 -103.91 7.93 -40.42
CA LYS D 64 -104.08 8.07 -41.86
C LYS D 64 -104.23 9.54 -42.26
N GLU D 65 -105.05 10.30 -41.52
CA GLU D 65 -105.20 11.74 -41.75
C GLU D 65 -103.87 12.46 -41.60
N SER D 66 -103.09 12.07 -40.58
CA SER D 66 -101.80 12.69 -40.33
C SER D 66 -100.82 12.46 -41.47
N VAL D 67 -100.70 11.22 -41.94
CA VAL D 67 -99.73 10.92 -42.98
C VAL D 67 -100.23 11.38 -44.35
N THR D 68 -101.53 11.61 -44.50
CA THR D 68 -102.01 12.00 -45.83
C THR D 68 -102.17 13.51 -45.96
N GLU D 69 -102.20 14.24 -44.85
CA GLU D 69 -102.36 15.69 -44.96
C GLU D 69 -101.10 16.41 -44.49
N ASN D 70 -100.23 15.72 -43.76
CA ASN D 70 -98.99 16.30 -43.30
C ASN D 70 -97.81 15.69 -44.03
N PRO D 71 -97.17 16.40 -44.97
CA PRO D 71 -95.92 15.88 -45.53
C PRO D 71 -94.78 15.99 -44.53
N HIS D 72 -94.42 14.87 -43.92
CA HIS D 72 -93.42 14.86 -42.85
C HIS D 72 -92.02 14.95 -43.41
N PHE D 73 -91.14 15.59 -42.64
CA PHE D 73 -89.71 15.46 -42.87
C PHE D 73 -89.00 15.45 -41.53
N PHE D 74 -87.96 14.63 -41.43
CA PHE D 74 -87.28 14.37 -40.17
C PHE D 74 -85.96 15.12 -40.13
N VAL D 75 -85.62 15.61 -38.94
CA VAL D 75 -84.32 16.23 -38.67
C VAL D 75 -83.74 15.53 -37.45
N SER D 76 -82.57 14.93 -37.62
CA SER D 76 -81.93 14.16 -36.56
C SER D 76 -80.73 14.92 -36.00
N THR D 77 -80.47 14.71 -34.72
CA THR D 77 -79.33 15.31 -34.04
C THR D 77 -78.88 14.40 -32.91
N ASN D 78 -77.71 14.68 -32.37
CA ASN D 78 -77.17 13.96 -31.23
C ASN D 78 -76.91 14.95 -30.11
N LEU D 79 -77.65 14.84 -29.01
CA LEU D 79 -77.51 15.70 -27.86
C LEU D 79 -76.57 15.05 -26.86
N SER D 80 -75.59 15.82 -26.38
CA SER D 80 -74.71 15.36 -25.32
C SER D 80 -75.35 15.68 -23.97
N VAL D 81 -75.54 14.66 -23.14
CA VAL D 81 -76.26 14.78 -21.89
C VAL D 81 -75.36 14.49 -20.69
N SER D 82 -74.04 14.57 -20.88
CA SER D 82 -73.11 14.28 -19.80
C SER D 82 -73.14 15.35 -18.71
N LYS D 83 -73.47 16.59 -19.07
CA LYS D 83 -73.65 17.64 -18.07
C LYS D 83 -75.07 17.66 -17.53
N LEU D 84 -76.04 17.26 -18.35
CA LEU D 84 -77.43 17.19 -17.91
C LEU D 84 -77.61 16.11 -16.85
N LEU D 85 -76.92 14.99 -17.00
CA LEU D 85 -76.98 13.93 -16.00
C LEU D 85 -76.30 14.35 -14.69
N LYS D 86 -75.22 15.14 -14.78
CA LYS D 86 -74.58 15.66 -13.57
C LYS D 86 -75.47 16.65 -12.84
N LEU D 87 -76.15 17.52 -13.61
CA LEU D 87 -77.09 18.46 -13.00
C LEU D 87 -78.28 17.75 -12.37
N ARG D 88 -78.77 16.70 -13.02
CA ARG D 88 -79.87 15.91 -12.46
C ARG D 88 -79.44 15.17 -11.20
N GLN D 89 -78.20 14.65 -11.19
CA GLN D 89 -77.68 13.96 -10.02
C GLN D 89 -77.52 14.91 -8.84
N ALA D 90 -77.03 16.13 -9.11
CA ALA D 90 -76.88 17.12 -8.04
C ALA D 90 -78.22 17.57 -7.50
N LEU D 91 -79.19 17.81 -8.39
CA LEU D 91 -80.51 18.27 -7.95
C LEU D 91 -81.28 17.16 -7.24
N ASN D 92 -81.00 15.90 -7.57
CA ASN D 92 -81.65 14.80 -6.86
C ASN D 92 -80.97 14.53 -5.53
N SER D 93 -79.65 14.73 -5.45
CA SER D 93 -78.96 14.50 -4.19
C SER D 93 -79.22 15.60 -3.19
N SER D 94 -79.48 16.83 -3.66
CA SER D 94 -79.81 17.93 -2.76
C SER D 94 -81.32 18.00 -2.53
N ALA D 95 -81.86 16.93 -1.94
CA ALA D 95 -83.28 16.85 -1.66
C ALA D 95 -83.50 15.92 -0.47
N ASP D 96 -84.71 15.98 0.06
CA ASP D 96 -85.12 15.14 1.18
C ASP D 96 -86.27 14.22 0.78
N GLY D 97 -86.28 13.76 -0.47
CA GLY D 97 -87.40 13.01 -0.98
C GLY D 97 -88.59 13.84 -1.41
N ARG D 98 -88.40 15.15 -1.59
CA ARG D 98 -89.50 16.00 -2.04
C ARG D 98 -89.81 15.80 -3.52
N TYR D 99 -88.80 15.49 -4.31
CA TYR D 99 -88.98 15.36 -5.76
C TYR D 99 -88.01 14.32 -6.28
N LYS D 100 -88.22 13.93 -7.54
CA LYS D 100 -87.32 13.02 -8.24
C LYS D 100 -87.31 13.44 -9.70
N LEU D 101 -86.13 13.85 -10.19
CA LEU D 101 -86.01 14.42 -11.52
C LEU D 101 -85.58 13.36 -12.53
N SER D 102 -86.06 13.50 -13.76
CA SER D 102 -85.71 12.63 -14.87
C SER D 102 -85.24 13.47 -16.04
N VAL D 103 -84.80 12.78 -17.10
CA VAL D 103 -84.31 13.46 -18.30
C VAL D 103 -85.47 14.10 -19.06
N ASN D 104 -86.67 13.54 -18.93
CA ASN D 104 -87.83 14.04 -19.64
C ASN D 104 -88.24 15.43 -19.15
N ASP D 105 -87.95 15.75 -17.89
CA ASP D 105 -88.23 17.08 -17.36
C ASP D 105 -87.37 18.15 -18.04
N PHE D 106 -86.06 17.87 -18.15
CA PHE D 106 -85.15 18.77 -18.84
C PHE D 106 -85.51 18.86 -20.32
N LEU D 107 -85.95 17.75 -20.91
CA LEU D 107 -86.32 17.76 -22.32
C LEU D 107 -87.58 18.59 -22.56
N ILE D 108 -88.56 18.49 -21.67
CA ILE D 108 -89.80 19.25 -21.81
C ILE D 108 -89.54 20.74 -21.60
N LYS D 109 -88.67 21.08 -20.62
CA LYS D 109 -88.32 22.48 -20.40
C LYS D 109 -87.52 23.05 -21.58
N ALA D 110 -86.61 22.25 -22.15
CA ALA D 110 -85.84 22.71 -23.30
C ALA D 110 -86.72 22.84 -24.54
N MET D 111 -87.73 21.98 -24.67
CA MET D 111 -88.69 22.11 -25.76
C MET D 111 -89.51 23.38 -25.61
N GLY D 112 -89.88 23.73 -24.38
CA GLY D 112 -90.58 24.99 -24.15
C GLY D 112 -89.73 26.21 -24.48
N ILE D 113 -88.45 26.17 -24.09
CA ILE D 113 -87.53 27.27 -24.38
C ILE D 113 -87.31 27.42 -25.88
N ALA D 114 -87.13 26.28 -26.58
CA ALA D 114 -86.90 26.31 -28.02
C ALA D 114 -88.14 26.74 -28.79
N SER D 115 -89.33 26.32 -28.34
CA SER D 115 -90.56 26.76 -28.99
C SER D 115 -90.88 28.22 -28.71
N LYS D 116 -90.41 28.74 -27.58
CA LYS D 116 -90.56 30.18 -27.35
C LYS D 116 -89.56 30.98 -28.18
N ARG D 117 -88.36 30.46 -28.40
CA ARG D 117 -87.40 31.17 -29.23
C ARG D 117 -87.73 31.10 -30.71
N VAL D 118 -88.21 29.96 -31.20
CA VAL D 118 -88.66 29.83 -32.58
C VAL D 118 -90.18 29.59 -32.57
N PRO D 119 -90.99 30.64 -32.68
CA PRO D 119 -92.45 30.45 -32.52
C PRO D 119 -93.14 29.90 -33.77
N THR D 120 -92.42 29.69 -34.87
CA THR D 120 -93.05 29.15 -36.07
C THR D 120 -93.38 27.67 -35.91
N VAL D 121 -92.57 26.94 -35.12
CA VAL D 121 -92.84 25.52 -34.88
C VAL D 121 -94.05 25.35 -33.98
N ASN D 122 -94.30 26.30 -33.08
CA ASN D 122 -95.44 26.25 -32.17
C ASN D 122 -96.67 26.81 -32.89
N SER D 123 -97.19 26.03 -33.83
CA SER D 123 -98.32 26.46 -34.65
C SER D 123 -99.13 25.23 -35.06
N SER D 124 -100.09 25.45 -35.96
CA SER D 124 -100.98 24.41 -36.46
C SER D 124 -101.36 24.75 -37.89
N TRP D 125 -102.44 24.12 -38.37
CA TRP D 125 -102.93 24.36 -39.73
C TRP D 125 -104.45 24.30 -39.70
N ARG D 126 -105.09 25.43 -40.00
CA ARG D 126 -106.53 25.62 -39.79
C ARG D 126 -107.19 26.09 -41.08
N ASP D 127 -108.43 26.57 -40.99
CA ASP D 127 -109.21 26.95 -42.18
C ASP D 127 -108.62 28.19 -42.82
N GLY D 128 -107.69 27.97 -43.77
CA GLY D 128 -107.04 29.04 -44.48
C GLY D 128 -106.16 29.93 -43.63
N VAL D 129 -105.71 29.45 -42.47
CA VAL D 129 -105.11 30.29 -41.46
C VAL D 129 -104.18 29.45 -40.59
N ILE D 130 -103.11 30.09 -40.11
CA ILE D 130 -102.13 29.47 -39.24
C ILE D 130 -102.42 29.95 -37.81
N ARG D 131 -102.69 29.01 -36.90
CA ARG D 131 -102.98 29.38 -35.52
C ARG D 131 -101.70 29.27 -34.69
N GLN D 132 -101.24 30.40 -34.19
CA GLN D 132 -99.98 30.50 -33.46
C GLN D 132 -100.27 30.81 -32.00
N PHE D 133 -99.79 29.95 -31.10
CA PHE D 133 -100.01 30.08 -29.67
C PHE D 133 -98.84 30.81 -29.01
N GLU D 134 -99.07 31.29 -27.79
CA GLU D 134 -98.01 31.86 -26.97
C GLU D 134 -97.36 30.82 -26.08
N THR D 135 -98.15 30.12 -25.27
CA THR D 135 -97.62 29.14 -24.33
C THR D 135 -97.33 27.83 -25.03
N VAL D 136 -96.39 27.07 -24.46
CA VAL D 136 -96.01 25.76 -24.97
C VAL D 136 -96.75 24.72 -24.14
N ASP D 137 -97.70 24.02 -24.75
CA ASP D 137 -98.42 22.93 -24.11
C ASP D 137 -97.88 21.62 -24.69
N VAL D 138 -97.22 20.83 -23.85
CA VAL D 138 -96.46 19.67 -24.32
C VAL D 138 -97.25 18.41 -24.02
N SER D 139 -97.57 17.65 -25.07
CA SER D 139 -98.25 16.37 -24.93
C SER D 139 -97.22 15.27 -24.75
N VAL D 140 -97.30 14.53 -23.65
CA VAL D 140 -96.35 13.47 -23.33
C VAL D 140 -97.02 12.13 -23.54
N ALA D 141 -96.38 11.24 -24.30
CA ALA D 141 -96.96 9.94 -24.59
C ALA D 141 -96.73 8.99 -23.43
N VAL D 142 -97.81 8.36 -22.98
CA VAL D 142 -97.77 7.38 -21.89
C VAL D 142 -98.19 6.03 -22.45
N ALA D 143 -97.36 5.01 -22.22
CA ALA D 143 -97.61 3.67 -22.75
C ALA D 143 -98.45 2.88 -21.75
N THR D 144 -99.72 2.72 -22.05
CA THR D 144 -100.69 1.94 -21.30
C THR D 144 -100.98 0.63 -22.03
N PRO D 145 -101.42 -0.42 -21.33
CA PRO D 145 -101.75 -1.69 -22.02
C PRO D 145 -102.94 -1.58 -22.99
N ASN D 146 -103.73 -0.52 -22.89
CA ASN D 146 -104.75 -0.19 -23.88
C ASN D 146 -104.23 0.75 -24.96
N GLY D 147 -102.93 0.74 -25.23
CA GLY D 147 -102.40 1.48 -26.36
C GLY D 147 -101.58 2.71 -26.01
N LEU D 148 -102.05 3.88 -26.46
CA LEU D 148 -101.28 5.11 -26.31
C LEU D 148 -102.22 6.25 -25.96
N ILE D 149 -101.78 7.10 -25.04
CA ILE D 149 -102.51 8.31 -24.67
C ILE D 149 -101.48 9.42 -24.50
N THR D 150 -101.91 10.67 -24.72
CA THR D 150 -101.04 11.84 -24.65
C THR D 150 -101.65 12.89 -23.73
N PRO D 151 -101.44 12.78 -22.42
CA PRO D 151 -101.82 13.89 -21.53
C PRO D 151 -100.91 15.09 -21.72
N ILE D 152 -101.44 16.27 -21.44
CA ILE D 152 -100.82 17.54 -21.77
C ILE D 152 -100.36 18.24 -20.51
N VAL D 153 -99.12 18.70 -20.51
CA VAL D 153 -98.59 19.62 -19.51
C VAL D 153 -98.77 21.02 -20.06
N LYS D 154 -99.56 21.82 -19.37
CA LYS D 154 -99.92 23.17 -19.83
C LYS D 154 -98.99 24.20 -19.24
N GLY D 155 -98.61 25.18 -20.07
CA GLY D 155 -97.76 26.28 -19.64
C GLY D 155 -96.37 25.85 -19.23
N VAL D 156 -95.61 25.28 -20.18
CA VAL D 156 -94.33 24.67 -19.85
C VAL D 156 -93.28 25.72 -19.53
N GLU D 157 -93.19 26.76 -20.35
CA GLU D 157 -92.22 27.82 -20.10
C GLU D 157 -92.66 28.62 -18.89
N GLY D 158 -91.70 28.91 -18.01
CA GLY D 158 -92.00 29.53 -16.74
C GLY D 158 -92.86 28.70 -15.80
N LYS D 159 -92.52 27.44 -15.60
CA LYS D 159 -93.29 26.58 -14.73
C LYS D 159 -92.49 25.97 -13.59
N GLY D 160 -91.27 25.52 -13.86
CA GLY D 160 -90.48 24.89 -12.83
C GLY D 160 -90.35 23.39 -13.03
N LEU D 161 -89.16 22.86 -12.74
CA LEU D 161 -88.87 21.46 -13.01
C LEU D 161 -89.61 20.54 -12.04
N GLU D 162 -89.79 20.99 -10.80
CA GLU D 162 -90.53 20.18 -9.82
C GLU D 162 -92.01 20.14 -10.18
N SER D 163 -92.56 21.26 -10.67
CA SER D 163 -93.94 21.29 -11.12
C SER D 163 -94.14 20.42 -12.34
N ILE D 164 -93.16 20.42 -13.26
CA ILE D 164 -93.23 19.58 -14.45
C ILE D 164 -93.17 18.10 -14.07
N SER D 165 -92.27 17.75 -13.13
CA SER D 165 -92.15 16.37 -12.67
C SER D 165 -93.42 15.90 -11.97
N ALA D 166 -94.01 16.78 -11.14
CA ALA D 166 -95.24 16.45 -10.44
C ALA D 166 -96.40 16.24 -11.42
N ALA D 167 -96.52 17.13 -12.42
CA ALA D 167 -97.61 17.00 -13.38
C ALA D 167 -97.44 15.77 -14.27
N VAL D 168 -96.20 15.45 -14.64
CA VAL D 168 -95.94 14.27 -15.45
C VAL D 168 -96.24 13.00 -14.65
N LYS D 169 -95.88 12.96 -13.36
CA LYS D 169 -96.17 11.79 -12.54
C LYS D 169 -97.67 11.62 -12.30
N GLU D 170 -98.37 12.73 -12.01
CA GLU D 170 -99.83 12.72 -11.87
C GLU D 170 -100.52 12.19 -13.13
N LEU D 171 -100.15 12.74 -14.29
CA LEU D 171 -100.82 12.35 -15.53
C LEU D 171 -100.46 10.93 -15.94
N ALA D 172 -99.23 10.48 -15.63
CA ALA D 172 -98.84 9.11 -15.98
C ALA D 172 -99.56 8.09 -15.10
N LYS D 173 -99.67 8.35 -13.80
CA LYS D 173 -100.36 7.39 -12.93
C LYS D 173 -101.86 7.40 -13.19
N LYS D 174 -102.41 8.57 -13.59
CA LYS D 174 -103.81 8.60 -13.94
C LYS D 174 -104.06 7.98 -15.31
N ALA D 175 -103.04 7.95 -16.18
CA ALA D 175 -103.17 7.25 -17.45
C ALA D 175 -103.11 5.74 -17.24
N ARG D 176 -102.31 5.30 -16.26
CA ARG D 176 -102.28 3.89 -15.92
C ARG D 176 -103.56 3.44 -15.24
N ASP D 177 -104.18 4.31 -14.45
CA ASP D 177 -105.48 3.99 -13.85
C ASP D 177 -106.66 4.26 -14.76
N GLY D 178 -106.47 4.98 -15.87
CA GLY D 178 -107.53 5.23 -16.84
C GLY D 178 -108.61 6.18 -16.34
N LYS D 179 -108.21 7.34 -15.81
CA LYS D 179 -109.14 8.26 -15.15
C LYS D 179 -108.96 9.68 -15.68
N LEU D 180 -109.01 9.86 -16.99
CA LEU D 180 -108.76 11.14 -17.62
C LEU D 180 -110.04 11.79 -18.14
N LYS D 181 -110.04 13.11 -18.18
CA LYS D 181 -110.99 14.00 -18.83
C LYS D 181 -110.52 14.28 -20.26
N PRO D 182 -111.43 14.51 -21.20
CA PRO D 182 -111.02 14.77 -22.60
C PRO D 182 -110.24 16.08 -22.77
N GLU D 183 -110.42 17.04 -21.88
CA GLU D 183 -109.63 18.27 -21.90
C GLU D 183 -108.19 18.06 -21.42
N GLU D 184 -107.87 16.90 -20.85
CA GLU D 184 -106.52 16.61 -20.43
C GLU D 184 -105.69 15.92 -21.50
N TYR D 185 -106.31 15.37 -22.56
CA TYR D 185 -105.55 14.74 -23.63
C TYR D 185 -106.03 15.18 -25.01
N GLN D 186 -106.85 16.23 -25.08
CA GLN D 186 -107.29 16.78 -26.35
C GLN D 186 -106.81 18.24 -26.44
N GLY D 187 -105.80 18.47 -27.26
CA GLY D 187 -105.23 19.80 -27.41
C GLY D 187 -103.73 19.76 -27.61
N GLY D 188 -103.00 20.67 -26.98
CA GLY D 188 -101.56 20.69 -27.07
C GLY D 188 -101.04 21.36 -28.32
N SER D 189 -99.80 21.86 -28.26
CA SER D 189 -99.17 22.49 -29.40
C SER D 189 -97.96 21.73 -29.93
N ILE D 190 -97.37 20.85 -29.13
CA ILE D 190 -96.22 20.06 -29.54
C ILE D 190 -96.21 18.77 -28.70
N SER D 191 -95.61 17.72 -29.24
CA SER D 191 -95.61 16.40 -28.63
C SER D 191 -94.18 15.91 -28.44
N ILE D 192 -94.04 14.84 -27.64
CA ILE D 192 -92.75 14.20 -27.43
C ILE D 192 -93.01 12.71 -27.14
N SER D 193 -92.24 11.86 -27.81
CA SER D 193 -92.30 10.41 -27.60
C SER D 193 -90.98 9.97 -26.99
N ASN D 194 -91.05 9.24 -25.88
CA ASN D 194 -89.89 8.88 -25.08
C ASN D 194 -89.70 7.37 -25.10
N MET D 195 -88.51 6.92 -25.45
CA MET D 195 -88.16 5.51 -25.46
C MET D 195 -86.80 5.25 -24.84
N GLY D 196 -86.51 5.94 -23.74
CA GLY D 196 -85.22 5.76 -23.07
C GLY D 196 -85.16 4.54 -22.19
N MET D 197 -86.31 3.96 -21.82
CA MET D 197 -86.31 2.79 -20.97
C MET D 197 -85.89 1.54 -21.76
N ASN D 198 -86.05 1.57 -23.08
CA ASN D 198 -85.60 0.48 -23.94
C ASN D 198 -84.21 0.81 -24.45
N PRO D 199 -83.19 0.06 -24.04
CA PRO D 199 -81.82 0.37 -24.48
C PRO D 199 -81.51 -0.06 -25.90
N ALA D 200 -82.43 -0.76 -26.57
CA ALA D 200 -82.16 -1.20 -27.94
C ALA D 200 -82.45 -0.10 -28.95
N VAL D 201 -83.40 0.77 -28.65
CA VAL D 201 -83.84 1.79 -29.61
C VAL D 201 -82.79 2.89 -29.68
N GLN D 202 -81.94 2.84 -30.70
CA GLN D 202 -80.97 3.91 -30.92
C GLN D 202 -81.65 5.15 -31.50
N SER D 203 -82.59 4.95 -32.42
CA SER D 203 -83.28 6.05 -33.08
C SER D 203 -84.60 5.54 -33.59
N PHE D 204 -85.61 6.42 -33.57
CA PHE D 204 -86.90 6.09 -34.16
C PHE D 204 -87.59 7.38 -34.55
N THR D 205 -88.57 7.25 -35.45
CA THR D 205 -89.41 8.35 -35.88
C THR D 205 -90.81 8.18 -35.33
N ALA D 206 -91.56 9.28 -35.30
CA ALA D 206 -92.92 9.27 -34.79
C ALA D 206 -93.84 9.95 -35.80
N ILE D 207 -95.13 9.72 -35.65
CA ILE D 207 -96.15 10.32 -36.49
C ILE D 207 -96.75 11.50 -35.75
N ILE D 208 -96.89 12.63 -36.46
CA ILE D 208 -97.38 13.86 -35.85
C ILE D 208 -98.86 13.74 -35.53
N ASN D 209 -99.22 14.00 -34.28
CA ASN D 209 -100.62 14.02 -33.87
C ASN D 209 -101.28 15.26 -34.43
N PRO D 210 -102.35 15.12 -35.22
CA PRO D 210 -103.03 16.30 -35.75
C PRO D 210 -103.82 16.99 -34.67
N PRO D 211 -103.96 18.33 -34.74
CA PRO D 211 -103.44 19.22 -35.78
C PRO D 211 -102.12 19.90 -35.44
N GLN D 212 -101.25 19.24 -34.68
CA GLN D 212 -99.98 19.85 -34.31
C GLN D 212 -99.02 19.84 -35.51
N ALA D 213 -97.89 20.54 -35.33
CA ALA D 213 -96.94 20.74 -36.42
C ALA D 213 -95.64 19.96 -36.28
N ALA D 214 -95.31 19.49 -35.08
CA ALA D 214 -94.04 18.81 -34.88
C ALA D 214 -94.20 17.75 -33.79
N ILE D 215 -93.30 16.78 -33.81
CA ILE D 215 -93.23 15.77 -32.75
C ILE D 215 -91.77 15.40 -32.52
N LEU D 216 -91.40 15.16 -31.28
CA LEU D 216 -90.05 14.79 -30.92
C LEU D 216 -89.98 13.30 -30.65
N ALA D 217 -88.79 12.71 -30.86
CA ALA D 217 -88.57 11.29 -30.61
C ALA D 217 -87.17 11.13 -30.03
N VAL D 218 -87.07 10.51 -28.87
CA VAL D 218 -85.83 10.48 -28.11
C VAL D 218 -85.38 9.03 -27.95
N GLY D 219 -84.16 8.71 -28.41
CA GLY D 219 -83.65 7.37 -28.35
C GLY D 219 -82.82 7.12 -27.10
N ALA D 220 -82.43 5.86 -26.93
CA ALA D 220 -81.65 5.43 -25.78
C ALA D 220 -80.25 6.04 -25.83
N PRO D 221 -79.70 6.40 -24.67
CA PRO D 221 -78.33 6.92 -24.65
C PRO D 221 -77.30 5.83 -24.89
N GLN D 222 -76.22 6.21 -25.55
CA GLN D 222 -75.12 5.32 -25.87
C GLN D 222 -73.79 6.05 -25.68
N LYS D 223 -72.70 5.29 -25.52
CA LYS D 223 -71.37 5.87 -25.38
C LYS D 223 -70.74 6.08 -26.75
N VAL D 224 -70.40 7.32 -27.07
CA VAL D 224 -69.79 7.68 -28.33
C VAL D 224 -68.41 8.26 -28.06
N ALA D 225 -67.41 7.82 -28.83
CA ALA D 225 -66.05 8.33 -28.69
C ALA D 225 -65.96 9.76 -29.22
N VAL D 226 -65.47 10.65 -28.36
CA VAL D 226 -65.39 12.08 -28.65
C VAL D 226 -63.96 12.54 -28.39
N PRO D 227 -63.33 13.29 -29.31
CA PRO D 227 -61.93 13.68 -29.10
C PRO D 227 -61.78 14.73 -28.01
N VAL D 228 -60.62 14.69 -27.36
CA VAL D 228 -60.30 15.60 -26.26
C VAL D 228 -58.82 15.95 -26.33
N GLU D 229 -58.50 17.21 -26.04
CA GLU D 229 -57.11 17.61 -25.89
C GLU D 229 -56.69 17.40 -24.44
N ASN D 230 -55.49 16.88 -24.25
CA ASN D 230 -54.89 16.90 -22.93
C ASN D 230 -54.18 18.25 -22.76
N GLU D 231 -53.41 18.41 -21.68
CA GLU D 231 -52.66 19.64 -21.48
C GLU D 231 -51.36 19.68 -22.29
N ASP D 232 -51.11 18.67 -23.13
CA ASP D 232 -50.07 18.74 -24.15
C ASP D 232 -50.75 18.72 -25.53
N GLY D 233 -49.93 18.67 -26.58
CA GLY D 233 -50.42 18.90 -27.94
C GLY D 233 -51.25 17.78 -28.53
N THR D 234 -51.16 16.57 -28.01
CA THR D 234 -51.79 15.42 -28.66
C THR D 234 -53.28 15.37 -28.35
N THR D 235 -54.02 14.63 -29.18
CA THR D 235 -55.44 14.40 -28.95
C THR D 235 -55.67 13.07 -28.24
N GLY D 236 -56.87 12.91 -27.67
CA GLY D 236 -57.19 11.73 -26.90
C GLY D 236 -58.58 11.20 -27.26
N VAL D 237 -58.99 10.19 -26.49
CA VAL D 237 -60.31 9.59 -26.64
C VAL D 237 -61.05 9.79 -25.32
N SER D 238 -62.17 10.52 -25.39
CA SER D 238 -63.08 10.65 -24.27
C SER D 238 -64.40 10.01 -24.64
N TRP D 239 -65.10 9.50 -23.63
CA TRP D 239 -66.36 8.79 -23.84
C TRP D 239 -67.51 9.68 -23.38
N ASP D 240 -68.35 10.07 -24.33
CA ASP D 240 -69.45 11.00 -24.11
C ASP D 240 -70.78 10.26 -24.20
N GLU D 241 -71.71 10.63 -23.33
CA GLU D 241 -73.06 10.05 -23.36
C GLU D 241 -73.90 10.86 -24.35
N GLN D 242 -74.28 10.24 -25.46
CA GLN D 242 -75.05 10.92 -26.50
C GLN D 242 -76.41 10.28 -26.66
N ILE D 243 -77.38 11.10 -27.06
CA ILE D 243 -78.76 10.69 -27.25
C ILE D 243 -79.19 11.14 -28.64
N ILE D 244 -79.70 10.23 -29.45
CA ILE D 244 -80.16 10.56 -30.79
C ILE D 244 -81.60 11.05 -30.69
N VAL D 245 -81.83 12.28 -31.16
CA VAL D 245 -83.12 12.95 -31.09
C VAL D 245 -83.57 13.23 -32.52
N THR D 246 -84.74 12.73 -32.88
CA THR D 246 -85.32 12.91 -34.21
C THR D 246 -86.60 13.72 -34.08
N ALA D 247 -86.66 14.86 -34.77
CA ALA D 247 -87.84 15.71 -34.76
C ALA D 247 -88.51 15.63 -36.12
N SER D 248 -89.78 15.25 -36.12
CA SER D 248 -90.58 15.16 -37.35
C SER D 248 -91.42 16.42 -37.46
N PHE D 249 -91.26 17.13 -38.57
CA PHE D 249 -91.97 18.37 -38.83
C PHE D 249 -92.93 18.21 -40.01
N ASP D 250 -93.95 19.07 -40.02
CA ASP D 250 -94.88 19.19 -41.13
C ASP D 250 -94.40 20.31 -42.04
N HIS D 251 -94.28 20.02 -43.34
CA HIS D 251 -93.66 20.97 -44.26
C HIS D 251 -94.61 22.08 -44.69
N LYS D 252 -95.90 21.99 -44.37
CA LYS D 252 -96.81 23.08 -44.68
C LYS D 252 -96.60 24.27 -43.77
N VAL D 253 -96.14 24.05 -42.55
CA VAL D 253 -95.94 25.09 -41.57
C VAL D 253 -94.45 25.38 -41.37
N VAL D 254 -93.64 24.34 -41.17
CA VAL D 254 -92.24 24.48 -40.81
C VAL D 254 -91.39 24.09 -42.02
N ASP D 255 -90.46 24.97 -42.40
CA ASP D 255 -89.49 24.61 -43.42
C ASP D 255 -88.25 24.01 -42.78
N GLY D 256 -87.30 23.62 -43.63
CA GLY D 256 -86.11 22.93 -43.15
C GLY D 256 -85.18 23.83 -42.37
N ALA D 257 -85.08 25.10 -42.76
CA ALA D 257 -84.26 26.05 -42.02
C ALA D 257 -84.86 26.37 -40.66
N VAL D 258 -86.19 26.46 -40.58
CA VAL D 258 -86.86 26.72 -39.32
C VAL D 258 -86.72 25.51 -38.38
N GLY D 259 -86.84 24.30 -38.93
CA GLY D 259 -86.62 23.10 -38.13
C GLY D 259 -85.18 22.96 -37.68
N ALA D 260 -84.23 23.39 -38.52
CA ALA D 260 -82.82 23.34 -38.14
C ALA D 260 -82.50 24.37 -37.06
N GLU D 261 -83.13 25.55 -37.11
CA GLU D 261 -82.96 26.53 -36.05
C GLU D 261 -83.57 26.05 -34.74
N TRP D 262 -84.73 25.41 -34.80
CA TRP D 262 -85.35 24.84 -33.60
C TRP D 262 -84.48 23.74 -32.99
N ILE D 263 -83.93 22.87 -33.84
CA ILE D 263 -83.03 21.81 -33.39
C ILE D 263 -81.74 22.39 -32.81
N ARG D 264 -81.23 23.48 -33.40
CA ARG D 264 -80.01 24.11 -32.90
C ARG D 264 -80.23 24.76 -31.54
N GLU D 265 -81.38 25.42 -31.35
CA GLU D 265 -81.67 26.03 -30.06
C GLU D 265 -81.92 24.97 -28.99
N LEU D 266 -82.58 23.87 -29.36
CA LEU D 266 -82.79 22.77 -28.42
C LEU D 266 -81.46 22.13 -28.02
N LYS D 267 -80.56 21.95 -28.99
CA LYS D 267 -79.24 21.39 -28.71
C LYS D 267 -78.40 22.34 -27.85
N LYS D 268 -78.55 23.64 -28.06
CA LYS D 268 -77.83 24.63 -27.25
C LYS D 268 -78.30 24.60 -25.80
N VAL D 269 -79.62 24.59 -25.60
CA VAL D 269 -80.17 24.57 -24.24
C VAL D 269 -79.89 23.24 -23.54
N ILE D 270 -79.81 22.14 -24.29
CA ILE D 270 -79.51 20.85 -23.68
C ILE D 270 -78.03 20.74 -23.32
N GLU D 271 -77.14 21.10 -24.26
CA GLU D 271 -75.71 20.95 -24.01
C GLU D 271 -75.14 22.05 -23.13
N ASN D 272 -75.87 23.13 -22.88
CA ASN D 272 -75.51 24.11 -21.86
C ASN D 272 -76.67 24.15 -20.86
N PRO D 273 -76.61 23.34 -19.80
CA PRO D 273 -77.78 23.21 -18.91
C PRO D 273 -78.03 24.41 -18.03
N LEU D 274 -77.08 25.35 -17.94
CA LEU D 274 -77.31 26.57 -17.18
C LEU D 274 -78.22 27.55 -17.92
N GLU D 275 -78.48 27.33 -19.21
CA GLU D 275 -79.37 28.17 -19.98
C GLU D 275 -80.84 27.88 -19.72
N LEU D 276 -81.15 26.86 -18.92
CA LEU D 276 -82.53 26.60 -18.52
C LEU D 276 -83.05 27.63 -17.53
N LEU D 277 -82.16 28.38 -16.89
CA LEU D 277 -82.56 29.48 -16.02
C LEU D 277 -83.16 30.61 -16.85
N LEU D 278 -82.52 30.94 -17.96
CA LEU D 278 -82.98 32.02 -18.83
C LEU D 278 -84.14 31.56 -19.70
N TYR E 47 -91.69 -67.21 2.08
CA TYR E 47 -92.21 -66.81 3.39
C TYR E 47 -93.37 -65.83 3.20
N THR E 48 -93.03 -64.57 2.95
CA THR E 48 -94.04 -63.57 2.64
C THR E 48 -94.39 -63.63 1.16
N ASP E 49 -95.67 -63.81 0.88
CA ASP E 49 -96.20 -64.16 -0.44
C ASP E 49 -97.27 -63.19 -0.88
N VAL E 50 -96.93 -61.89 -0.88
CA VAL E 50 -97.80 -60.84 -1.44
C VAL E 50 -98.04 -61.16 -2.91
N PRO E 51 -99.27 -60.99 -3.41
CA PRO E 51 -99.57 -61.36 -4.80
C PRO E 51 -99.16 -60.28 -5.78
N ILE E 52 -99.14 -60.66 -7.05
CA ILE E 52 -98.85 -59.73 -8.13
C ILE E 52 -100.02 -58.77 -8.30
N SER E 53 -99.72 -57.51 -8.61
CA SER E 53 -100.74 -56.47 -8.66
C SER E 53 -101.70 -56.67 -9.84
N GLY E 54 -101.29 -57.40 -10.87
CA GLY E 54 -102.10 -57.57 -12.05
C GLY E 54 -101.71 -56.58 -13.14
N MET E 55 -101.38 -55.36 -12.72
CA MET E 55 -100.78 -54.38 -13.63
C MET E 55 -99.38 -54.80 -14.04
N ARG E 56 -98.62 -55.44 -13.13
CA ARG E 56 -97.30 -55.97 -13.44
C ARG E 56 -97.33 -57.11 -14.45
N LYS E 57 -98.46 -57.84 -14.54
CA LYS E 57 -98.55 -58.98 -15.44
C LYS E 57 -98.55 -58.53 -16.90
N THR E 58 -99.20 -57.41 -17.19
CA THR E 58 -99.20 -56.87 -18.55
C THR E 58 -97.82 -56.37 -18.96
N ILE E 59 -97.09 -55.73 -18.04
CA ILE E 59 -95.74 -55.27 -18.35
C ILE E 59 -94.79 -56.47 -18.50
N ALA E 60 -95.00 -57.52 -17.72
CA ALA E 60 -94.18 -58.73 -17.84
C ALA E 60 -94.43 -59.42 -19.18
N ALA E 61 -95.69 -59.49 -19.60
CA ALA E 61 -96.02 -60.07 -20.91
C ALA E 61 -95.48 -59.20 -22.05
N ARG E 62 -95.49 -57.88 -21.86
CA ARG E 62 -94.99 -56.97 -22.89
C ARG E 62 -93.47 -57.08 -23.04
N LEU E 63 -92.75 -57.17 -21.92
CA LEU E 63 -91.30 -57.37 -21.98
C LEU E 63 -90.95 -58.75 -22.52
N LYS E 64 -91.81 -59.74 -22.25
CA LYS E 64 -91.65 -61.05 -22.85
C LYS E 64 -91.80 -60.99 -24.36
N GLU E 65 -92.82 -60.27 -24.85
CA GLU E 65 -93.00 -60.05 -26.29
C GLU E 65 -91.80 -59.36 -26.90
N SER E 66 -91.26 -58.36 -26.19
CA SER E 66 -90.11 -57.62 -26.68
C SER E 66 -88.87 -58.50 -26.82
N VAL E 67 -88.57 -59.29 -25.80
CA VAL E 67 -87.36 -60.11 -25.85
C VAL E 67 -87.55 -61.33 -26.74
N THR E 68 -88.81 -61.72 -27.02
CA THR E 68 -88.97 -62.92 -27.82
C THR E 68 -89.20 -62.60 -29.30
N GLU E 69 -89.53 -61.35 -29.63
CA GLU E 69 -89.76 -61.03 -31.03
C GLU E 69 -88.70 -60.06 -31.55
N ASN E 70 -87.98 -59.41 -30.64
CA ASN E 70 -86.92 -58.49 -31.03
C ASN E 70 -85.57 -59.07 -30.67
N PRO E 71 -84.77 -59.55 -31.63
CA PRO E 71 -83.38 -59.92 -31.32
C PRO E 71 -82.53 -58.70 -31.07
N HIS E 72 -82.24 -58.41 -29.81
CA HIS E 72 -81.54 -57.20 -29.44
C HIS E 72 -80.04 -57.33 -29.69
N PHE E 73 -79.41 -56.21 -30.02
CA PHE E 73 -77.97 -56.11 -29.96
C PHE E 73 -77.59 -54.72 -29.49
N PHE E 74 -76.56 -54.63 -28.66
CA PHE E 74 -76.17 -53.41 -28.00
C PHE E 74 -74.96 -52.80 -28.67
N VAL E 75 -74.93 -51.46 -28.75
CA VAL E 75 -73.78 -50.70 -29.22
C VAL E 75 -73.45 -49.68 -28.16
N SER E 76 -72.23 -49.73 -27.62
CA SER E 76 -71.81 -48.86 -26.54
C SER E 76 -70.83 -47.82 -27.06
N THR E 77 -70.87 -46.64 -26.43
CA THR E 77 -69.96 -45.56 -26.77
C THR E 77 -69.73 -44.70 -25.53
N ASN E 78 -68.74 -43.83 -25.60
CA ASN E 78 -68.44 -42.88 -24.54
C ASN E 78 -68.51 -41.48 -25.10
N LEU E 79 -69.49 -40.70 -24.64
CA LEU E 79 -69.67 -39.33 -25.08
C LEU E 79 -68.95 -38.39 -24.14
N SER E 80 -68.17 -37.47 -24.69
CA SER E 80 -67.54 -36.42 -23.90
C SER E 80 -68.49 -35.25 -23.76
N VAL E 81 -68.80 -34.87 -22.53
CA VAL E 81 -69.80 -33.85 -22.25
C VAL E 81 -69.19 -32.63 -21.57
N SER E 82 -67.87 -32.45 -21.68
CA SER E 82 -67.20 -31.33 -21.04
C SER E 82 -67.55 -30.00 -21.70
N LYS E 83 -67.87 -30.01 -22.99
CA LYS E 83 -68.35 -28.81 -23.67
C LYS E 83 -69.86 -28.65 -23.52
N LEU E 84 -70.58 -29.77 -23.43
CA LEU E 84 -72.03 -29.72 -23.24
C LEU E 84 -72.38 -29.15 -21.88
N LEU E 85 -71.59 -29.47 -20.85
CA LEU E 85 -71.83 -28.91 -19.53
C LEU E 85 -71.50 -27.42 -19.48
N LYS E 86 -70.49 -26.97 -20.24
CA LYS E 86 -70.18 -25.55 -20.32
C LYS E 86 -71.28 -24.79 -21.04
N LEU E 87 -71.82 -25.37 -22.12
CA LEU E 87 -72.93 -24.73 -22.83
C LEU E 87 -74.18 -24.67 -21.96
N ARG E 88 -74.44 -25.74 -21.18
CA ARG E 88 -75.59 -25.74 -20.28
C ARG E 88 -75.42 -24.73 -19.16
N GLN E 89 -74.19 -24.57 -18.65
CA GLN E 89 -73.92 -23.61 -17.60
C GLN E 89 -74.10 -22.18 -18.11
N ALA E 90 -73.64 -21.91 -19.34
CA ALA E 90 -73.80 -20.58 -19.93
C ALA E 90 -75.27 -20.27 -20.20
N LEU E 91 -76.02 -21.24 -20.73
CA LEU E 91 -77.43 -21.01 -21.04
C LEU E 91 -78.26 -20.90 -19.77
N ASN E 92 -77.83 -21.54 -18.68
CA ASN E 92 -78.55 -21.41 -17.43
C ASN E 92 -78.19 -20.10 -16.72
N SER E 93 -76.94 -19.65 -16.86
CA SER E 93 -76.55 -18.40 -16.22
C SER E 93 -77.12 -17.19 -16.95
N SER E 94 -77.34 -17.29 -18.25
CA SER E 94 -77.95 -16.21 -19.02
C SER E 94 -79.47 -16.33 -19.03
N ALA E 95 -80.05 -16.27 -17.83
CA ALA E 95 -81.50 -16.39 -17.68
C ALA E 95 -81.92 -15.65 -16.42
N ASP E 96 -83.24 -15.43 -16.31
CA ASP E 96 -83.84 -14.77 -15.15
C ASP E 96 -84.79 -15.72 -14.43
N GLY E 97 -84.48 -17.02 -14.42
CA GLY E 97 -85.40 -18.00 -13.88
C GLY E 97 -86.50 -18.40 -14.83
N ARG E 98 -86.36 -18.11 -16.13
CA ARG E 98 -87.39 -18.51 -17.09
C ARG E 98 -87.32 -20.00 -17.39
N TYR E 99 -86.13 -20.59 -17.35
CA TYR E 99 -85.97 -22.00 -17.69
C TYR E 99 -84.83 -22.58 -16.87
N LYS E 100 -84.71 -23.90 -16.92
CA LYS E 100 -83.61 -24.62 -16.28
C LYS E 100 -83.28 -25.82 -17.16
N LEU E 101 -82.06 -25.84 -17.68
CA LEU E 101 -81.66 -26.85 -18.66
C LEU E 101 -80.94 -28.01 -17.97
N SER E 102 -81.13 -29.21 -18.52
CA SER E 102 -80.48 -30.42 -18.06
C SER E 102 -79.79 -31.10 -19.23
N VAL E 103 -79.09 -32.19 -18.92
CA VAL E 103 -78.36 -32.94 -19.94
C VAL E 103 -79.34 -33.73 -20.81
N ASN E 104 -80.50 -34.08 -20.25
CA ASN E 104 -81.50 -34.85 -20.98
C ASN E 104 -82.11 -34.06 -22.13
N ASP E 105 -82.14 -32.72 -22.02
CA ASP E 105 -82.63 -31.88 -23.12
C ASP E 105 -81.70 -31.95 -24.32
N PHE E 106 -80.40 -31.82 -24.08
CA PHE E 106 -79.41 -31.95 -25.15
C PHE E 106 -79.41 -33.35 -25.72
N LEU E 107 -79.63 -34.36 -24.87
CA LEU E 107 -79.66 -35.74 -25.36
C LEU E 107 -80.88 -36.01 -26.23
N ILE E 108 -82.03 -35.46 -25.85
CA ILE E 108 -83.25 -35.65 -26.64
C ILE E 108 -83.14 -34.91 -27.97
N LYS E 109 -82.56 -33.70 -27.96
CA LYS E 109 -82.35 -32.95 -29.21
C LYS E 109 -81.34 -33.65 -30.12
N ALA E 110 -80.27 -34.22 -29.55
CA ALA E 110 -79.28 -34.94 -30.34
C ALA E 110 -79.85 -36.24 -30.88
N MET E 111 -80.75 -36.88 -30.13
CA MET E 111 -81.44 -38.06 -30.62
C MET E 111 -82.36 -37.72 -31.79
N GLY E 112 -83.01 -36.57 -31.72
CA GLY E 112 -83.83 -36.13 -32.84
C GLY E 112 -83.02 -35.83 -34.09
N ILE E 113 -81.87 -35.18 -33.91
CA ILE E 113 -80.98 -34.87 -35.03
C ILE E 113 -80.42 -36.15 -35.64
N ALA E 114 -80.01 -37.09 -34.80
CA ALA E 114 -79.45 -38.34 -35.30
C ALA E 114 -80.49 -39.22 -35.97
N SER E 115 -81.73 -39.23 -35.46
CA SER E 115 -82.79 -39.99 -36.10
C SER E 115 -83.26 -39.34 -37.38
N LYS E 116 -83.12 -38.02 -37.51
CA LYS E 116 -83.41 -37.38 -38.79
C LYS E 116 -82.31 -37.66 -39.81
N ARG E 117 -81.05 -37.73 -39.37
CA ARG E 117 -79.96 -38.03 -40.29
C ARG E 117 -79.93 -39.49 -40.72
N VAL E 118 -80.22 -40.42 -39.81
CA VAL E 118 -80.32 -41.83 -40.15
C VAL E 118 -81.77 -42.27 -39.94
N PRO E 119 -82.62 -42.22 -40.97
CA PRO E 119 -84.05 -42.50 -40.77
C PRO E 119 -84.39 -43.98 -40.66
N THR E 120 -83.41 -44.89 -40.82
CA THR E 120 -83.70 -46.31 -40.71
C THR E 120 -83.97 -46.72 -39.26
N VAL E 121 -83.32 -46.04 -38.30
CA VAL E 121 -83.54 -46.34 -36.89
C VAL E 121 -84.92 -45.85 -36.45
N ASN E 122 -85.44 -44.79 -37.06
CA ASN E 122 -86.75 -44.26 -36.73
C ASN E 122 -87.80 -45.03 -37.51
N SER E 123 -88.05 -46.26 -37.08
CA SER E 123 -88.98 -47.16 -37.78
C SER E 123 -89.58 -48.12 -36.77
N SER E 124 -90.31 -49.11 -37.28
CA SER E 124 -91.00 -50.11 -36.47
C SER E 124 -91.05 -51.41 -37.26
N TRP E 125 -91.94 -52.32 -36.85
CA TRP E 125 -92.12 -53.60 -37.52
C TRP E 125 -93.60 -53.95 -37.48
N ARG E 126 -94.22 -54.02 -38.66
CA ARG E 126 -95.67 -54.12 -38.79
C ARG E 126 -96.04 -55.32 -39.67
N ASP E 127 -97.30 -55.39 -40.12
CA ASP E 127 -97.81 -56.54 -40.87
C ASP E 127 -97.16 -56.58 -42.23
N GLY E 128 -96.03 -57.29 -42.32
CA GLY E 128 -95.30 -57.45 -43.56
C GLY E 128 -94.71 -56.17 -44.11
N VAL E 129 -94.50 -55.16 -43.27
CA VAL E 129 -94.22 -53.80 -43.73
C VAL E 129 -93.46 -53.06 -42.63
N ILE E 130 -92.58 -52.15 -43.06
CA ILE E 130 -91.80 -51.31 -42.18
C ILE E 130 -92.44 -49.93 -42.17
N ARG E 131 -92.86 -49.46 -41.00
CA ARG E 131 -93.49 -48.15 -40.88
C ARG E 131 -92.43 -47.12 -40.50
N GLN E 132 -92.18 -46.17 -41.39
CA GLN E 132 -91.13 -45.17 -41.22
C GLN E 132 -91.78 -43.80 -41.05
N PHE E 133 -91.47 -43.14 -39.93
CA PHE E 133 -92.02 -41.84 -39.59
C PHE E 133 -91.09 -40.73 -40.05
N GLU E 134 -91.63 -39.51 -40.11
CA GLU E 134 -90.83 -38.31 -40.36
C GLU E 134 -90.34 -37.67 -39.07
N THR E 135 -91.25 -37.34 -38.16
CA THR E 135 -90.90 -36.67 -36.93
C THR E 135 -90.37 -37.66 -35.90
N VAL E 136 -89.54 -37.17 -34.98
CA VAL E 136 -88.96 -37.97 -33.92
C VAL E 136 -89.80 -37.71 -32.67
N ASP E 137 -90.54 -38.72 -32.23
CA ASP E 137 -91.31 -38.67 -31.00
C ASP E 137 -90.56 -39.48 -29.95
N VAL E 138 -90.08 -38.81 -28.91
CA VAL E 138 -89.15 -39.41 -27.95
C VAL E 138 -89.91 -39.75 -26.67
N SER E 139 -89.92 -41.02 -26.30
CA SER E 139 -90.52 -41.47 -25.06
C SER E 139 -89.48 -41.41 -23.95
N VAL E 140 -89.78 -40.67 -22.89
CA VAL E 140 -88.85 -40.48 -21.77
C VAL E 140 -89.38 -41.27 -20.58
N ALA E 141 -88.51 -42.09 -19.99
CA ALA E 141 -88.92 -42.92 -18.86
C ALA E 141 -88.92 -42.10 -17.57
N VAL E 142 -90.02 -42.15 -16.84
CA VAL E 142 -90.16 -41.46 -15.57
C VAL E 142 -90.35 -42.51 -14.48
N ALA E 143 -89.55 -42.42 -13.43
CA ALA E 143 -89.56 -43.40 -12.34
C ALA E 143 -90.56 -42.93 -11.29
N THR E 144 -91.73 -43.58 -11.25
CA THR E 144 -92.78 -43.39 -10.28
C THR E 144 -92.81 -44.54 -9.28
N PRO E 145 -93.33 -44.34 -8.06
CA PRO E 145 -93.41 -45.47 -7.10
C PRO E 145 -94.33 -46.59 -7.53
N ASN E 146 -95.20 -46.37 -8.52
CA ASN E 146 -95.98 -47.42 -9.17
C ASN E 146 -95.28 -47.97 -10.41
N GLY E 147 -93.95 -47.91 -10.46
CA GLY E 147 -93.21 -48.57 -11.52
C GLY E 147 -92.59 -47.67 -12.56
N LEU E 148 -93.02 -47.81 -13.82
CA LEU E 148 -92.39 -47.10 -14.92
C LEU E 148 -93.46 -46.64 -15.90
N ILE E 149 -93.30 -45.41 -16.40
CA ILE E 149 -94.17 -44.86 -17.43
C ILE E 149 -93.30 -44.11 -18.41
N THR E 150 -93.74 -44.02 -19.66
CA THR E 150 -92.98 -43.36 -20.73
C THR E 150 -93.87 -42.33 -21.43
N PRO E 151 -93.96 -41.11 -20.90
CA PRO E 151 -94.61 -40.03 -21.66
C PRO E 151 -93.76 -39.60 -22.84
N ILE E 152 -94.44 -39.10 -23.87
CA ILE E 152 -93.83 -38.84 -25.17
C ILE E 152 -93.73 -37.35 -25.40
N VAL E 153 -92.55 -36.89 -25.83
CA VAL E 153 -92.33 -35.56 -26.36
C VAL E 153 -92.47 -35.65 -27.87
N LYS E 154 -93.46 -34.96 -28.42
CA LYS E 154 -93.78 -35.04 -29.84
C LYS E 154 -93.09 -33.94 -30.62
N GLY E 155 -92.59 -34.29 -31.80
CA GLY E 155 -91.94 -33.34 -32.69
C GLY E 155 -90.67 -32.76 -32.12
N VAL E 156 -89.67 -33.62 -31.89
CA VAL E 156 -88.46 -33.21 -31.17
C VAL E 156 -87.58 -32.33 -32.06
N GLU E 157 -87.37 -32.73 -33.31
CA GLU E 157 -86.56 -31.93 -34.20
C GLU E 157 -87.33 -30.66 -34.58
N GLY E 158 -86.63 -29.52 -34.55
CA GLY E 158 -87.25 -28.23 -34.73
C GLY E 158 -88.25 -27.85 -33.65
N LYS E 159 -87.87 -28.00 -32.38
CA LYS E 159 -88.79 -27.66 -31.29
C LYS E 159 -88.23 -26.61 -30.33
N GLY E 160 -86.96 -26.72 -29.99
CA GLY E 160 -86.38 -25.77 -29.03
C GLY E 160 -86.13 -26.42 -27.68
N LEU E 161 -85.00 -26.03 -27.08
CA LEU E 161 -84.56 -26.65 -25.83
C LEU E 161 -85.44 -26.23 -24.66
N GLU E 162 -85.94 -25.00 -24.66
CA GLU E 162 -86.83 -24.55 -23.61
C GLU E 162 -88.19 -25.24 -23.70
N SER E 163 -88.67 -25.47 -24.93
CA SER E 163 -89.91 -26.20 -25.12
C SER E 163 -89.75 -27.66 -24.71
N ILE E 164 -88.59 -28.25 -25.00
CA ILE E 164 -88.32 -29.63 -24.59
C ILE E 164 -88.26 -29.74 -23.07
N SER E 165 -87.58 -28.79 -22.42
CA SER E 165 -87.49 -28.77 -20.95
C SER E 165 -88.84 -28.58 -20.30
N ALA E 166 -89.67 -27.70 -20.88
CA ALA E 166 -91.01 -27.47 -20.35
C ALA E 166 -91.88 -28.69 -20.49
N ALA E 167 -91.83 -29.35 -21.65
CA ALA E 167 -92.65 -30.54 -21.87
C ALA E 167 -92.20 -31.71 -20.99
N VAL E 168 -90.89 -31.85 -20.80
CA VAL E 168 -90.37 -32.91 -19.93
C VAL E 168 -90.76 -32.66 -18.48
N LYS E 169 -90.71 -31.41 -18.02
CA LYS E 169 -91.11 -31.10 -16.65
C LYS E 169 -92.61 -31.30 -16.44
N GLU E 170 -93.42 -30.85 -17.40
CA GLU E 170 -94.88 -31.09 -17.37
C GLU E 170 -95.21 -32.56 -17.29
N LEU E 171 -94.63 -33.37 -18.18
CA LEU E 171 -94.94 -34.79 -18.22
C LEU E 171 -94.41 -35.53 -17.01
N ALA E 172 -93.26 -35.10 -16.47
CA ALA E 172 -92.72 -35.76 -15.29
C ALA E 172 -93.55 -35.46 -14.04
N LYS E 173 -93.98 -34.21 -13.86
CA LYS E 173 -94.78 -33.89 -12.68
C LYS E 173 -96.18 -34.49 -12.81
N LYS E 174 -96.69 -34.61 -14.04
CA LYS E 174 -97.98 -35.28 -14.21
C LYS E 174 -97.85 -36.78 -14.08
N ALA E 175 -96.66 -37.34 -14.32
CA ALA E 175 -96.44 -38.76 -14.07
C ALA E 175 -96.33 -39.03 -12.58
N ARG E 176 -95.76 -38.08 -11.83
CA ARG E 176 -95.71 -38.23 -10.38
C ARG E 176 -97.09 -38.05 -9.75
N ASP E 177 -97.94 -37.19 -10.32
CA ASP E 177 -99.31 -37.07 -9.85
C ASP E 177 -100.27 -38.11 -10.42
N GLY E 178 -99.86 -38.84 -11.46
CA GLY E 178 -100.68 -39.90 -12.03
C GLY E 178 -101.90 -39.41 -12.77
N LYS E 179 -101.71 -38.46 -13.69
CA LYS E 179 -102.83 -37.78 -14.36
C LYS E 179 -102.63 -37.76 -15.87
N LEU E 180 -102.39 -38.93 -16.46
CA LEU E 180 -102.08 -39.02 -17.88
C LEU E 180 -103.24 -39.60 -18.67
N LYS E 181 -103.32 -39.22 -19.95
CA LYS E 181 -104.15 -39.76 -21.01
C LYS E 181 -103.37 -40.86 -21.74
N PRO E 182 -104.06 -41.87 -22.28
CA PRO E 182 -103.34 -42.96 -22.97
C PRO E 182 -102.63 -42.52 -24.25
N GLU E 183 -103.08 -41.43 -24.87
CA GLU E 183 -102.39 -40.86 -26.03
C GLU E 183 -101.10 -40.15 -25.65
N GLU E 184 -100.84 -39.93 -24.37
CA GLU E 184 -99.60 -39.30 -23.93
C GLU E 184 -98.50 -40.30 -23.63
N TYR E 185 -98.82 -41.59 -23.47
CA TYR E 185 -97.80 -42.58 -23.21
C TYR E 185 -97.96 -43.82 -24.08
N GLN E 186 -98.81 -43.74 -25.11
CA GLN E 186 -98.98 -44.85 -26.06
C GLN E 186 -98.59 -44.35 -27.44
N GLY E 187 -97.43 -44.78 -27.92
CA GLY E 187 -96.93 -44.36 -29.22
C GLY E 187 -95.43 -44.19 -29.22
N GLY E 188 -94.94 -43.13 -29.86
CA GLY E 188 -93.51 -42.85 -29.90
C GLY E 188 -92.75 -43.66 -30.93
N SER E 189 -91.61 -43.14 -31.37
CA SER E 189 -90.76 -43.83 -32.33
C SER E 189 -89.43 -44.27 -31.76
N ILE E 190 -88.98 -43.66 -30.66
CA ILE E 190 -87.71 -44.02 -30.02
C ILE E 190 -87.82 -43.67 -28.54
N SER E 191 -87.03 -44.36 -27.71
CA SER E 191 -87.09 -44.21 -26.27
C SER E 191 -85.72 -43.84 -25.72
N ILE E 192 -85.70 -43.43 -24.45
CA ILE E 192 -84.46 -43.13 -23.75
C ILE E 192 -84.67 -43.40 -22.26
N SER E 193 -83.72 -44.09 -21.65
CA SER E 193 -83.73 -44.37 -20.22
C SER E 193 -82.56 -43.64 -19.58
N ASN E 194 -82.84 -42.89 -18.53
CA ASN E 194 -81.89 -41.99 -17.91
C ASN E 194 -81.60 -42.45 -16.49
N MET E 195 -80.32 -42.61 -16.16
CA MET E 195 -79.90 -43.00 -14.82
C MET E 195 -78.70 -42.18 -14.37
N GLY E 196 -78.72 -40.87 -14.65
CA GLY E 196 -77.62 -40.01 -14.24
C GLY E 196 -77.68 -39.57 -12.80
N MET E 197 -78.84 -39.70 -12.16
CA MET E 197 -78.97 -39.30 -10.76
C MET E 197 -78.29 -40.32 -9.83
N ASN E 198 -78.14 -41.56 -10.30
CA ASN E 198 -77.44 -42.59 -9.55
C ASN E 198 -75.98 -42.61 -10.00
N PRO E 199 -75.04 -42.23 -9.13
CA PRO E 199 -73.63 -42.20 -9.56
C PRO E 199 -72.97 -43.57 -9.62
N ALA E 200 -73.64 -44.62 -9.18
CA ALA E 200 -73.04 -45.96 -9.21
C ALA E 200 -73.16 -46.59 -10.58
N VAL E 201 -74.21 -46.28 -11.34
CA VAL E 201 -74.48 -46.93 -12.61
C VAL E 201 -73.51 -46.39 -13.66
N GLN E 202 -72.45 -47.13 -13.93
CA GLN E 202 -71.53 -46.75 -14.99
C GLN E 202 -72.13 -47.05 -16.36
N SER E 203 -72.81 -48.19 -16.49
CA SER E 203 -73.40 -48.60 -17.75
C SER E 203 -74.53 -49.56 -17.46
N PHE E 204 -75.57 -49.50 -18.30
CA PHE E 204 -76.67 -50.46 -18.20
C PHE E 204 -77.33 -50.58 -19.57
N THR E 205 -78.06 -51.68 -19.75
CA THR E 205 -78.85 -51.91 -20.95
C THR E 205 -80.33 -51.81 -20.62
N ALA E 206 -81.13 -51.62 -21.66
CA ALA E 206 -82.57 -51.49 -21.50
C ALA E 206 -83.26 -52.42 -22.50
N ILE E 207 -84.54 -52.65 -22.23
CA ILE E 207 -85.38 -53.49 -23.10
C ILE E 207 -86.21 -52.58 -23.98
N ILE E 208 -86.25 -52.91 -25.28
CA ILE E 208 -86.94 -52.07 -26.25
C ILE E 208 -88.45 -52.17 -26.05
N ASN E 209 -89.11 -51.03 -25.90
CA ASN E 209 -90.55 -50.99 -25.80
C ASN E 209 -91.15 -51.27 -27.17
N PRO E 210 -92.00 -52.30 -27.31
CA PRO E 210 -92.61 -52.56 -28.61
C PRO E 210 -93.68 -51.54 -28.92
N PRO E 211 -93.89 -51.22 -30.21
CA PRO E 211 -93.20 -51.76 -31.39
C PRO E 211 -92.04 -50.91 -31.89
N GLN E 212 -91.33 -50.21 -31.00
CA GLN E 212 -90.23 -49.38 -31.45
C GLN E 212 -89.01 -50.23 -31.82
N ALA E 213 -88.01 -49.57 -32.40
CA ALA E 213 -86.85 -50.27 -32.93
C ALA E 213 -85.56 -50.07 -32.13
N ALA E 214 -85.49 -49.05 -31.29
CA ALA E 214 -84.27 -48.77 -30.57
C ALA E 214 -84.60 -48.16 -29.21
N ILE E 215 -83.65 -48.27 -28.28
CA ILE E 215 -83.78 -47.61 -26.98
C ILE E 215 -82.38 -47.17 -26.54
N LEU E 216 -82.31 -46.00 -25.90
CA LEU E 216 -81.06 -45.47 -25.42
C LEU E 216 -80.95 -45.69 -23.91
N ALA E 217 -79.72 -45.78 -23.41
CA ALA E 217 -79.46 -45.95 -21.98
C ALA E 217 -78.23 -45.14 -21.63
N VAL E 218 -78.36 -44.24 -20.65
CA VAL E 218 -77.34 -43.25 -20.35
C VAL E 218 -76.84 -43.46 -18.93
N GLY E 219 -75.53 -43.68 -18.76
CA GLY E 219 -74.96 -43.94 -17.46
C GLY E 219 -74.43 -42.68 -16.81
N ALA E 220 -74.01 -42.83 -15.55
CA ALA E 220 -73.50 -41.73 -14.77
C ALA E 220 -72.17 -41.24 -15.34
N PRO E 221 -71.93 -39.93 -15.29
CA PRO E 221 -70.64 -39.40 -15.76
C PRO E 221 -69.51 -39.72 -14.78
N GLN E 222 -68.33 -39.94 -15.35
CA GLN E 222 -67.13 -40.25 -14.60
C GLN E 222 -65.93 -39.53 -15.21
N LYS E 223 -64.88 -39.35 -14.42
CA LYS E 223 -63.65 -38.71 -14.89
C LYS E 223 -62.74 -39.75 -15.53
N VAL E 224 -62.41 -39.56 -16.81
CA VAL E 224 -61.54 -40.46 -17.56
C VAL E 224 -60.30 -39.68 -17.99
N ALA E 225 -59.13 -40.29 -17.82
CA ALA E 225 -57.88 -39.67 -18.22
C ALA E 225 -57.76 -39.66 -19.75
N VAL E 226 -57.54 -38.47 -20.30
CA VAL E 226 -57.49 -38.26 -21.75
C VAL E 226 -56.19 -37.52 -22.08
N PRO E 227 -55.42 -37.98 -23.07
CA PRO E 227 -54.14 -37.32 -23.36
C PRO E 227 -54.32 -35.94 -23.98
N VAL E 228 -53.34 -35.08 -23.73
CA VAL E 228 -53.36 -33.70 -24.22
C VAL E 228 -51.93 -33.30 -24.54
N GLU E 229 -51.77 -32.55 -25.63
CA GLU E 229 -50.48 -31.94 -25.96
C GLU E 229 -50.40 -30.59 -25.27
N ASN E 230 -49.25 -30.28 -24.70
CA ASN E 230 -48.97 -28.92 -24.28
C ASN E 230 -48.41 -28.17 -25.48
N GLU E 231 -47.93 -26.94 -25.27
CA GLU E 231 -47.33 -26.17 -26.36
C GLU E 231 -45.89 -26.59 -26.64
N ASP E 232 -45.37 -27.61 -25.96
CA ASP E 232 -44.14 -28.28 -26.34
C ASP E 232 -44.47 -29.71 -26.79
N GLY E 233 -43.43 -30.49 -27.07
CA GLY E 233 -43.60 -31.77 -27.74
C GLY E 233 -44.18 -32.89 -26.89
N THR E 234 -44.14 -32.77 -25.57
CA THR E 234 -44.53 -33.89 -24.71
C THR E 234 -46.04 -33.99 -24.58
N THR E 235 -46.52 -35.16 -24.16
CA THR E 235 -47.93 -35.38 -23.89
C THR E 235 -48.22 -35.20 -22.41
N GLY E 236 -49.51 -35.02 -22.09
CA GLY E 236 -49.94 -34.78 -20.73
C GLY E 236 -51.16 -35.60 -20.36
N VAL E 237 -51.66 -35.34 -19.16
CA VAL E 237 -52.87 -35.98 -18.66
C VAL E 237 -53.92 -34.89 -18.43
N SER E 238 -55.03 -34.99 -19.15
CA SER E 238 -56.19 -34.14 -18.93
C SER E 238 -57.34 -35.01 -18.46
N TRP E 239 -58.22 -34.42 -17.66
CA TRP E 239 -59.34 -35.15 -17.08
C TRP E 239 -60.62 -34.72 -17.79
N ASP E 240 -61.24 -35.68 -18.48
CA ASP E 240 -62.42 -35.44 -19.29
C ASP E 240 -63.64 -36.09 -18.66
N GLU E 241 -64.78 -35.41 -18.74
CA GLU E 241 -66.03 -35.94 -18.21
C GLU E 241 -66.67 -36.79 -19.31
N GLN E 242 -66.73 -38.09 -19.09
CA GLN E 242 -67.29 -39.01 -20.09
C GLN E 242 -68.53 -39.70 -19.56
N ILE E 243 -69.43 -40.04 -20.47
CA ILE E 243 -70.70 -40.69 -20.16
C ILE E 243 -70.82 -41.91 -21.06
N ILE E 244 -71.06 -43.08 -20.47
CA ILE E 244 -71.21 -44.31 -21.23
C ILE E 244 -72.68 -44.40 -21.68
N VAL E 245 -72.85 -44.49 -22.99
CA VAL E 245 -74.17 -44.53 -23.63
C VAL E 245 -74.30 -45.85 -24.37
N THR E 246 -75.31 -46.64 -24.02
CA THR E 246 -75.57 -47.94 -24.64
C THR E 246 -76.90 -47.87 -25.38
N ALA E 247 -76.87 -48.15 -26.68
CA ALA E 247 -78.08 -48.15 -27.50
C ALA E 247 -78.40 -49.59 -27.89
N SER E 248 -79.61 -50.02 -27.55
CA SER E 248 -80.09 -51.36 -27.87
C SER E 248 -80.96 -51.27 -29.11
N PHE E 249 -80.59 -52.02 -30.15
CA PHE E 249 -81.31 -52.04 -31.42
C PHE E 249 -81.94 -53.39 -31.66
N ASP E 250 -82.98 -53.38 -32.48
CA ASP E 250 -83.64 -54.58 -32.98
C ASP E 250 -83.03 -54.94 -34.33
N HIS E 251 -82.59 -56.19 -34.48
CA HIS E 251 -81.85 -56.57 -35.67
C HIS E 251 -82.73 -56.85 -36.87
N LYS E 252 -84.05 -56.89 -36.69
CA LYS E 252 -84.93 -57.06 -37.84
C LYS E 252 -85.02 -55.79 -38.67
N VAL E 253 -84.85 -54.63 -38.05
CA VAL E 253 -84.95 -53.34 -38.71
C VAL E 253 -83.58 -52.70 -38.90
N VAL E 254 -82.77 -52.66 -37.85
CA VAL E 254 -81.50 -51.95 -37.83
C VAL E 254 -80.37 -52.96 -37.85
N ASP E 255 -79.44 -52.82 -38.79
CA ASP E 255 -78.24 -53.62 -38.77
C ASP E 255 -77.13 -52.92 -37.98
N GLY E 256 -76.00 -53.61 -37.87
CA GLY E 256 -74.91 -53.10 -37.04
C GLY E 256 -74.25 -51.86 -37.63
N ALA E 257 -74.14 -51.80 -38.95
CA ALA E 257 -73.58 -50.61 -39.60
C ALA E 257 -74.50 -49.41 -39.47
N VAL E 258 -75.82 -49.63 -39.54
CA VAL E 258 -76.78 -48.54 -39.38
C VAL E 258 -76.78 -48.04 -37.94
N GLY E 259 -76.69 -48.97 -36.97
CA GLY E 259 -76.59 -48.57 -35.58
C GLY E 259 -75.29 -47.85 -35.27
N ALA E 260 -74.20 -48.25 -35.94
CA ALA E 260 -72.92 -47.58 -35.75
C ALA E 260 -72.93 -46.19 -36.36
N GLU E 261 -73.60 -46.01 -37.51
CA GLU E 261 -73.76 -44.67 -38.08
C GLU E 261 -74.62 -43.77 -37.20
N TRP E 262 -75.70 -44.32 -36.63
CA TRP E 262 -76.53 -43.56 -35.72
C TRP E 262 -75.76 -43.14 -34.47
N ILE E 263 -74.96 -44.07 -33.91
CA ILE E 263 -74.13 -43.77 -32.74
C ILE E 263 -73.06 -42.74 -33.09
N ARG E 264 -72.50 -42.81 -34.30
CA ARG E 264 -71.48 -41.85 -34.72
C ARG E 264 -72.05 -40.45 -34.89
N GLU E 265 -73.25 -40.34 -35.47
CA GLU E 265 -73.88 -39.03 -35.62
C GLU E 265 -74.30 -38.46 -34.28
N LEU E 266 -74.78 -39.31 -33.37
CA LEU E 266 -75.13 -38.86 -32.02
C LEU E 266 -73.90 -38.37 -31.27
N LYS E 267 -72.77 -39.10 -31.40
CA LYS E 267 -71.53 -38.70 -30.77
C LYS E 267 -70.98 -37.41 -31.37
N LYS E 268 -71.16 -37.21 -32.67
CA LYS E 268 -70.72 -35.98 -33.33
C LYS E 268 -71.51 -34.78 -32.83
N VAL E 269 -72.84 -34.91 -32.78
CA VAL E 269 -73.69 -33.81 -32.33
C VAL E 269 -73.49 -33.53 -30.83
N ILE E 270 -73.18 -34.56 -30.03
CA ILE E 270 -72.94 -34.33 -28.61
C ILE E 270 -71.58 -33.68 -28.37
N GLU E 271 -70.52 -34.20 -29.00
CA GLU E 271 -69.18 -33.68 -28.76
C GLU E 271 -68.90 -32.38 -29.50
N ASN E 272 -69.75 -31.98 -30.44
CA ASN E 272 -69.71 -30.64 -31.04
C ASN E 272 -71.06 -30.00 -30.77
N PRO E 273 -71.20 -29.28 -29.66
CA PRO E 273 -72.53 -28.80 -29.25
C PRO E 273 -73.06 -27.66 -30.10
N LEU E 274 -72.23 -27.04 -30.95
CA LEU E 274 -72.71 -26.01 -31.86
C LEU E 274 -73.47 -26.59 -33.04
N GLU E 275 -73.41 -27.91 -33.25
CA GLU E 275 -74.16 -28.56 -34.32
C GLU E 275 -75.62 -28.78 -33.98
N LEU E 276 -76.04 -28.44 -32.76
CA LEU E 276 -77.46 -28.51 -32.40
C LEU E 276 -78.26 -27.40 -33.05
N LEU E 277 -77.59 -26.34 -33.54
CA LEU E 277 -78.26 -25.30 -34.30
C LEU E 277 -78.73 -25.84 -35.66
N LEU E 278 -77.88 -26.59 -36.32
CA LEU E 278 -78.18 -27.15 -37.64
C LEU E 278 -79.08 -28.38 -37.50
N TYR F 47 -66.88 -83.71 -38.03
CA TYR F 47 -65.88 -84.78 -38.10
C TYR F 47 -66.01 -85.69 -36.88
N THR F 48 -65.48 -85.24 -35.75
CA THR F 48 -65.63 -85.98 -34.51
C THR F 48 -66.96 -85.61 -33.86
N ASP F 49 -67.78 -86.62 -33.59
CA ASP F 49 -69.18 -86.48 -33.23
C ASP F 49 -69.48 -87.21 -31.94
N VAL F 50 -68.73 -86.89 -30.89
CA VAL F 50 -69.00 -87.37 -29.53
C VAL F 50 -70.41 -86.91 -29.13
N PRO F 51 -71.20 -87.77 -28.48
CA PRO F 51 -72.58 -87.40 -28.17
C PRO F 51 -72.68 -86.57 -26.89
N ILE F 52 -73.85 -85.97 -26.70
CA ILE F 52 -74.13 -85.19 -25.51
C ILE F 52 -74.27 -86.14 -24.32
N SER F 53 -73.77 -85.70 -23.16
CA SER F 53 -73.74 -86.57 -21.98
C SER F 53 -75.13 -86.87 -21.43
N GLY F 54 -76.12 -86.04 -21.74
CA GLY F 54 -77.46 -86.23 -21.19
C GLY F 54 -77.68 -85.37 -19.98
N MET F 55 -76.63 -85.23 -19.16
CA MET F 55 -76.64 -84.27 -18.07
C MET F 55 -76.60 -82.83 -18.59
N ARG F 56 -75.91 -82.60 -19.71
CA ARG F 56 -75.88 -81.29 -20.36
C ARG F 56 -77.23 -80.89 -20.93
N LYS F 57 -78.09 -81.86 -21.27
CA LYS F 57 -79.38 -81.55 -21.88
C LYS F 57 -80.31 -80.86 -20.88
N THR F 58 -80.25 -81.28 -19.60
CA THR F 58 -81.06 -80.64 -18.57
C THR F 58 -80.59 -79.22 -18.30
N ILE F 59 -79.28 -78.97 -18.29
CA ILE F 59 -78.76 -77.62 -18.08
C ILE F 59 -79.08 -76.74 -19.28
N ALA F 60 -79.06 -77.32 -20.49
CA ALA F 60 -79.41 -76.56 -21.69
C ALA F 60 -80.89 -76.17 -21.68
N ALA F 61 -81.76 -77.10 -21.27
CA ALA F 61 -83.18 -76.80 -21.15
C ALA F 61 -83.44 -75.78 -20.05
N ARG F 62 -82.67 -75.85 -18.96
CA ARG F 62 -82.84 -74.90 -17.85
C ARG F 62 -82.41 -73.49 -18.25
N LEU F 63 -81.29 -73.37 -18.97
CA LEU F 63 -80.86 -72.06 -19.46
C LEU F 63 -81.80 -71.54 -20.53
N LYS F 64 -82.40 -72.44 -21.31
CA LYS F 64 -83.45 -72.04 -22.25
C LYS F 64 -84.66 -71.48 -21.53
N GLU F 65 -85.09 -72.15 -20.44
CA GLU F 65 -86.20 -71.64 -19.61
C GLU F 65 -85.86 -70.28 -19.03
N SER F 66 -84.62 -70.10 -18.59
CA SER F 66 -84.19 -68.84 -17.99
C SER F 66 -84.23 -67.70 -19.01
N VAL F 67 -83.69 -67.92 -20.20
CA VAL F 67 -83.65 -66.84 -21.19
C VAL F 67 -85.00 -66.63 -21.84
N THR F 68 -85.90 -67.61 -21.77
CA THR F 68 -87.18 -67.42 -22.45
C THR F 68 -88.27 -66.93 -21.49
N GLU F 69 -88.05 -67.05 -20.18
CA GLU F 69 -89.09 -66.60 -19.25
C GLU F 69 -88.62 -65.40 -18.46
N ASN F 70 -87.31 -65.16 -18.42
CA ASN F 70 -86.75 -64.03 -17.71
C ASN F 70 -86.22 -63.00 -18.69
N PRO F 71 -86.88 -61.86 -18.90
CA PRO F 71 -86.26 -60.79 -19.69
C PRO F 71 -85.14 -60.11 -18.91
N HIS F 72 -83.90 -60.44 -19.27
CA HIS F 72 -82.75 -59.97 -18.52
C HIS F 72 -82.42 -58.53 -18.89
N PHE F 73 -81.90 -57.79 -17.91
CA PHE F 73 -81.23 -56.53 -18.20
C PHE F 73 -80.05 -56.39 -17.25
N PHE F 74 -78.95 -55.84 -17.78
CA PHE F 74 -77.69 -55.79 -17.07
C PHE F 74 -77.44 -54.38 -16.54
N VAL F 75 -76.86 -54.30 -15.35
CA VAL F 75 -76.40 -53.04 -14.75
C VAL F 75 -74.94 -53.22 -14.38
N SER F 76 -74.07 -52.38 -14.94
CA SER F 76 -72.64 -52.50 -14.72
C SER F 76 -72.15 -51.36 -13.82
N THR F 77 -71.11 -51.65 -13.05
CA THR F 77 -70.50 -50.67 -12.17
C THR F 77 -69.03 -51.03 -11.99
N ASN F 78 -68.27 -50.08 -11.43
CA ASN F 78 -66.87 -50.30 -11.12
C ASN F 78 -66.67 -50.07 -9.62
N LEU F 79 -66.32 -51.14 -8.91
CA LEU F 79 -66.08 -51.07 -7.48
C LEU F 79 -64.61 -50.84 -7.23
N SER F 80 -64.28 -49.87 -6.37
CA SER F 80 -62.91 -49.66 -5.94
C SER F 80 -62.63 -50.54 -4.73
N VAL F 81 -61.60 -51.38 -4.84
CA VAL F 81 -61.29 -52.37 -3.82
C VAL F 81 -59.92 -52.11 -3.19
N SER F 82 -59.41 -50.89 -3.30
CA SER F 82 -58.10 -50.57 -2.73
C SER F 82 -58.12 -50.55 -1.21
N LYS F 83 -59.26 -50.24 -0.60
CA LYS F 83 -59.39 -50.33 0.85
C LYS F 83 -59.80 -51.72 1.29
N LEU F 84 -60.56 -52.43 0.44
CA LEU F 84 -60.96 -53.80 0.74
C LEU F 84 -59.75 -54.73 0.77
N LEU F 85 -58.80 -54.51 -0.14
CA LEU F 85 -57.59 -55.32 -0.15
C LEU F 85 -56.70 -55.02 1.07
N LYS F 86 -56.69 -53.76 1.53
CA LYS F 86 -55.94 -53.42 2.74
C LYS F 86 -56.57 -54.05 3.98
N LEU F 87 -57.91 -54.04 4.04
CA LEU F 87 -58.61 -54.68 5.16
C LEU F 87 -58.40 -56.20 5.15
N ARG F 88 -58.39 -56.81 3.96
CA ARG F 88 -58.14 -58.25 3.85
C ARG F 88 -56.71 -58.58 4.24
N GLN F 89 -55.75 -57.72 3.86
CA GLN F 89 -54.36 -57.94 4.21
C GLN F 89 -54.15 -57.84 5.71
N ALA F 90 -54.80 -56.86 6.35
CA ALA F 90 -54.69 -56.71 7.80
C ALA F 90 -55.33 -57.87 8.54
N LEU F 91 -56.51 -58.31 8.08
CA LEU F 91 -57.20 -59.42 8.74
C LEU F 91 -56.49 -60.75 8.52
N ASN F 92 -55.77 -60.88 7.39
CA ASN F 92 -54.99 -62.10 7.16
C ASN F 92 -53.68 -62.07 7.92
N SER F 93 -53.08 -60.89 8.09
CA SER F 93 -51.82 -60.81 8.82
C SER F 93 -52.03 -60.95 10.32
N SER F 94 -53.20 -60.54 10.83
CA SER F 94 -53.52 -60.71 12.25
C SER F 94 -54.19 -62.06 12.50
N ALA F 95 -53.45 -63.13 12.20
CA ALA F 95 -53.96 -64.48 12.37
C ALA F 95 -52.79 -65.43 12.59
N ASP F 96 -53.11 -66.63 13.06
CA ASP F 96 -52.14 -67.69 13.29
C ASP F 96 -52.40 -68.89 12.39
N GLY F 97 -52.88 -68.64 11.18
CA GLY F 97 -53.31 -69.72 10.31
C GLY F 97 -54.68 -70.28 10.60
N ARG F 98 -55.50 -69.55 11.37
CA ARG F 98 -56.85 -70.03 11.66
C ARG F 98 -57.77 -69.86 10.47
N TYR F 99 -57.55 -68.84 9.64
CA TYR F 99 -58.43 -68.56 8.52
C TYR F 99 -57.61 -67.94 7.40
N LYS F 100 -58.24 -67.84 6.22
CA LYS F 100 -57.65 -67.18 5.06
C LYS F 100 -58.78 -66.51 4.30
N LEU F 101 -58.72 -65.18 4.21
CA LEU F 101 -59.81 -64.40 3.63
C LEU F 101 -59.54 -64.10 2.17
N SER F 102 -60.62 -64.04 1.39
CA SER F 102 -60.58 -63.71 -0.03
C SER F 102 -61.55 -62.57 -0.31
N VAL F 103 -61.55 -62.11 -1.55
CA VAL F 103 -62.43 -61.01 -1.96
C VAL F 103 -63.88 -61.50 -2.05
N ASN F 104 -64.07 -62.79 -2.31
CA ASN F 104 -65.40 -63.35 -2.44
C ASN F 104 -66.16 -63.35 -1.12
N ASP F 105 -65.45 -63.40 0.01
CA ASP F 105 -66.09 -63.31 1.31
C ASP F 105 -66.70 -61.93 1.54
N PHE F 106 -65.93 -60.87 1.25
CA PHE F 106 -66.44 -59.51 1.34
C PHE F 106 -67.56 -59.27 0.34
N LEU F 107 -67.47 -59.89 -0.85
CA LEU F 107 -68.52 -59.72 -1.85
C LEU F 107 -69.82 -60.40 -1.43
N ILE F 108 -69.72 -61.59 -0.82
CA ILE F 108 -70.91 -62.31 -0.36
C ILE F 108 -71.55 -61.58 0.81
N LYS F 109 -70.73 -61.05 1.72
CA LYS F 109 -71.27 -60.27 2.85
C LYS F 109 -71.93 -58.97 2.38
N ALA F 110 -71.32 -58.31 1.39
CA ALA F 110 -71.89 -57.07 0.86
C ALA F 110 -73.17 -57.36 0.07
N MET F 111 -73.24 -58.51 -0.59
CA MET F 111 -74.46 -58.92 -1.26
C MET F 111 -75.58 -59.19 -0.27
N GLY F 112 -75.24 -59.78 0.88
CA GLY F 112 -76.23 -59.98 1.93
C GLY F 112 -76.74 -58.68 2.51
N ILE F 113 -75.82 -57.72 2.74
CA ILE F 113 -76.20 -56.42 3.27
C ILE F 113 -77.07 -55.65 2.27
N ALA F 114 -76.70 -55.71 0.99
CA ALA F 114 -77.47 -55.01 -0.03
C ALA F 114 -78.83 -55.64 -0.28
N SER F 115 -78.92 -56.98 -0.20
CA SER F 115 -80.22 -57.64 -0.35
C SER F 115 -81.10 -57.45 0.87
N LYS F 116 -80.51 -57.24 2.04
CA LYS F 116 -81.32 -56.89 3.21
C LYS F 116 -81.81 -55.45 3.13
N ARG F 117 -80.99 -54.54 2.58
CA ARG F 117 -81.44 -53.15 2.46
C ARG F 117 -82.45 -52.96 1.33
N VAL F 118 -82.31 -53.65 0.22
CA VAL F 118 -83.29 -53.61 -0.86
C VAL F 118 -83.91 -55.01 -0.99
N PRO F 119 -85.03 -55.28 -0.31
CA PRO F 119 -85.57 -56.65 -0.31
C PRO F 119 -86.34 -57.03 -1.56
N THR F 120 -86.51 -56.11 -2.52
CA THR F 120 -87.22 -56.45 -3.74
C THR F 120 -86.38 -57.36 -4.65
N VAL F 121 -85.06 -57.21 -4.61
CA VAL F 121 -84.18 -58.07 -5.41
C VAL F 121 -84.14 -59.49 -4.84
N ASN F 122 -84.32 -59.63 -3.53
CA ASN F 122 -84.32 -60.95 -2.88
C ASN F 122 -85.73 -61.54 -2.98
N SER F 123 -86.07 -61.97 -4.19
CA SER F 123 -87.41 -62.50 -4.47
C SER F 123 -87.33 -63.53 -5.58
N SER F 124 -88.50 -63.95 -6.07
CA SER F 124 -88.61 -64.95 -7.12
C SER F 124 -89.88 -64.67 -7.92
N TRP F 125 -90.33 -65.66 -8.67
CA TRP F 125 -91.55 -65.54 -9.48
C TRP F 125 -92.27 -66.88 -9.46
N ARG F 126 -93.47 -66.89 -8.87
CA ARG F 126 -94.20 -68.11 -8.56
C ARG F 126 -95.61 -68.07 -9.16
N ASP F 127 -96.48 -68.98 -8.73
CA ASP F 127 -97.83 -69.11 -9.31
C ASP F 127 -98.67 -67.91 -8.93
N GLY F 128 -98.63 -66.88 -9.78
CA GLY F 128 -99.38 -65.65 -9.57
C GLY F 128 -98.96 -64.85 -8.37
N VAL F 129 -97.74 -65.04 -7.88
CA VAL F 129 -97.34 -64.54 -6.57
C VAL F 129 -95.83 -64.36 -6.55
N ILE F 130 -95.38 -63.36 -5.79
CA ILE F 130 -93.96 -63.06 -5.60
C ILE F 130 -93.55 -63.61 -4.24
N ARG F 131 -92.58 -64.51 -4.22
CA ARG F 131 -92.11 -65.08 -2.97
C ARG F 131 -90.90 -64.31 -2.48
N GLN F 132 -91.04 -63.64 -1.33
CA GLN F 132 -90.01 -62.78 -0.77
C GLN F 132 -89.47 -63.40 0.51
N PHE F 133 -88.17 -63.63 0.55
CA PHE F 133 -87.48 -64.25 1.68
C PHE F 133 -86.94 -63.18 2.64
N GLU F 134 -86.63 -63.62 3.86
CA GLU F 134 -85.93 -62.77 4.82
C GLU F 134 -84.42 -62.91 4.72
N THR F 135 -83.91 -64.13 4.84
CA THR F 135 -82.48 -64.38 4.84
C THR F 135 -81.95 -64.40 3.41
N VAL F 136 -80.66 -64.07 3.28
CA VAL F 136 -79.98 -64.07 1.99
C VAL F 136 -79.22 -65.39 1.89
N ASP F 137 -79.65 -66.26 0.99
CA ASP F 137 -78.96 -67.52 0.72
C ASP F 137 -78.24 -67.36 -0.62
N VAL F 138 -76.91 -67.39 -0.58
CA VAL F 138 -76.08 -67.02 -1.73
C VAL F 138 -75.53 -68.28 -2.37
N SER F 139 -75.86 -68.50 -3.64
CA SER F 139 -75.35 -69.62 -4.41
C SER F 139 -74.03 -69.20 -5.07
N VAL F 140 -72.96 -69.94 -4.79
CA VAL F 140 -71.64 -69.63 -5.31
C VAL F 140 -71.28 -70.66 -6.37
N ALA F 141 -70.87 -70.19 -7.54
CA ALA F 141 -70.55 -71.08 -8.64
C ALA F 141 -69.14 -71.65 -8.47
N VAL F 142 -69.03 -72.97 -8.56
CA VAL F 142 -67.76 -73.68 -8.44
C VAL F 142 -67.49 -74.37 -9.78
N ALA F 143 -66.30 -74.13 -10.33
CA ALA F 143 -65.93 -74.68 -11.63
C ALA F 143 -65.27 -76.03 -11.43
N THR F 144 -66.01 -77.09 -11.74
CA THR F 144 -65.57 -78.47 -11.72
C THR F 144 -65.35 -78.98 -13.15
N PRO F 145 -64.52 -80.01 -13.35
CA PRO F 145 -64.33 -80.53 -14.71
C PRO F 145 -65.58 -81.18 -15.31
N ASN F 146 -66.58 -81.50 -14.49
CA ASN F 146 -67.91 -81.90 -14.95
C ASN F 146 -68.86 -80.73 -15.09
N GLY F 147 -68.35 -79.53 -15.33
CA GLY F 147 -69.21 -78.40 -15.64
C GLY F 147 -69.34 -77.34 -14.56
N LEU F 148 -70.56 -77.15 -14.06
CA LEU F 148 -70.84 -76.07 -13.13
C LEU F 148 -71.81 -76.55 -12.06
N ILE F 149 -71.54 -76.16 -10.82
CA ILE F 149 -72.43 -76.45 -9.70
C ILE F 149 -72.49 -75.19 -8.84
N THR F 150 -73.61 -75.01 -8.13
CA THR F 150 -73.83 -73.83 -7.29
C THR F 150 -74.23 -74.27 -5.88
N PRO F 151 -73.27 -74.58 -5.01
CA PRO F 151 -73.61 -74.78 -3.60
C PRO F 151 -73.98 -73.47 -2.92
N ILE F 152 -74.82 -73.58 -1.89
CA ILE F 152 -75.48 -72.44 -1.27
C ILE F 152 -74.90 -72.21 0.12
N VAL F 153 -74.56 -70.96 0.41
CA VAL F 153 -74.24 -70.50 1.75
C VAL F 153 -75.53 -69.92 2.32
N LYS F 154 -76.01 -70.54 3.40
CA LYS F 154 -77.29 -70.17 3.99
C LYS F 154 -77.10 -69.18 5.12
N GLY F 155 -77.99 -68.19 5.19
CA GLY F 155 -77.98 -67.18 6.24
C GLY F 155 -76.75 -66.30 6.20
N VAL F 156 -76.58 -65.55 5.12
CA VAL F 156 -75.36 -64.80 4.90
C VAL F 156 -75.28 -63.59 5.83
N GLU F 157 -76.36 -62.83 5.95
CA GLU F 157 -76.36 -61.67 6.84
C GLU F 157 -76.34 -62.16 8.29
N GLY F 158 -75.49 -61.54 9.10
CA GLY F 158 -75.26 -61.98 10.45
C GLY F 158 -74.64 -63.36 10.58
N LYS F 159 -73.57 -63.61 9.83
CA LYS F 159 -72.90 -64.91 9.88
C LYS F 159 -71.44 -64.83 10.27
N GLY F 160 -70.70 -63.87 9.73
CA GLY F 160 -69.29 -63.78 10.03
C GLY F 160 -68.43 -64.18 8.85
N LEU F 161 -67.33 -63.46 8.67
CA LEU F 161 -66.48 -63.66 7.50
C LEU F 161 -65.71 -64.97 7.58
N GLU F 162 -65.32 -65.38 8.79
CA GLU F 162 -64.63 -66.65 8.95
C GLU F 162 -65.57 -67.83 8.71
N SER F 163 -66.83 -67.69 9.14
CA SER F 163 -67.83 -68.72 8.87
C SER F 163 -68.14 -68.81 7.38
N ILE F 164 -68.18 -67.65 6.70
CA ILE F 164 -68.42 -67.63 5.25
C ILE F 164 -67.26 -68.27 4.51
N SER F 165 -66.03 -67.95 4.92
CA SER F 165 -64.84 -68.54 4.29
C SER F 165 -64.77 -70.05 4.51
N ALA F 166 -65.12 -70.50 5.72
CA ALA F 166 -65.12 -71.93 6.03
C ALA F 166 -66.18 -72.66 5.22
N ALA F 167 -67.38 -72.09 5.11
CA ALA F 167 -68.45 -72.74 4.35
C ALA F 167 -68.14 -72.78 2.86
N VAL F 168 -67.53 -71.70 2.34
CA VAL F 168 -67.16 -71.66 0.93
C VAL F 168 -66.06 -72.67 0.63
N LYS F 169 -65.08 -72.82 1.54
CA LYS F 169 -64.01 -73.79 1.32
C LYS F 169 -64.53 -75.23 1.41
N GLU F 170 -65.40 -75.50 2.40
CA GLU F 170 -66.05 -76.80 2.53
C GLU F 170 -66.84 -77.16 1.27
N LEU F 171 -67.69 -76.25 0.80
CA LEU F 171 -68.54 -76.55 -0.35
C LEU F 171 -67.72 -76.65 -1.64
N ALA F 172 -66.64 -75.88 -1.76
CA ALA F 172 -65.81 -75.95 -2.96
C ALA F 172 -65.02 -77.25 -3.02
N LYS F 173 -64.46 -77.69 -1.89
CA LYS F 173 -63.69 -78.95 -1.91
C LYS F 173 -64.64 -80.14 -2.05
N LYS F 174 -65.86 -80.03 -1.52
CA LYS F 174 -66.83 -81.10 -1.73
C LYS F 174 -67.38 -81.09 -3.13
N ALA F 175 -67.38 -79.93 -3.80
CA ALA F 175 -67.77 -79.88 -5.20
C ALA F 175 -66.69 -80.47 -6.10
N ARG F 176 -65.43 -80.29 -5.71
CA ARG F 176 -64.33 -80.92 -6.45
C ARG F 176 -64.31 -82.43 -6.23
N ASP F 177 -64.69 -82.90 -5.03
CA ASP F 177 -64.79 -84.33 -4.80
C ASP F 177 -66.12 -84.94 -5.25
N GLY F 178 -67.13 -84.12 -5.55
CA GLY F 178 -68.40 -84.60 -6.05
C GLY F 178 -69.23 -85.33 -5.02
N LYS F 179 -69.42 -84.72 -3.84
CA LYS F 179 -70.06 -85.39 -2.71
C LYS F 179 -71.16 -84.53 -2.11
N LEU F 180 -72.08 -84.05 -2.94
CA LEU F 180 -73.12 -83.12 -2.51
C LEU F 180 -74.48 -83.80 -2.41
N LYS F 181 -75.31 -83.28 -1.53
CA LYS F 181 -76.74 -83.53 -1.36
C LYS F 181 -77.54 -82.53 -2.21
N PRO F 182 -78.72 -82.91 -2.70
CA PRO F 182 -79.50 -81.98 -3.54
C PRO F 182 -80.00 -80.76 -2.79
N GLU F 183 -80.14 -80.84 -1.47
CA GLU F 183 -80.50 -79.69 -0.66
C GLU F 183 -79.36 -78.70 -0.49
N GLU F 184 -78.14 -79.06 -0.89
CA GLU F 184 -77.01 -78.15 -0.81
C GLU F 184 -76.81 -77.33 -2.09
N TYR F 185 -77.43 -77.72 -3.21
CA TYR F 185 -77.30 -76.95 -4.43
C TYR F 185 -78.65 -76.72 -5.12
N GLN F 186 -79.75 -76.99 -4.42
CA GLN F 186 -81.09 -76.73 -4.95
C GLN F 186 -81.77 -75.73 -4.02
N GLY F 187 -81.90 -74.50 -4.47
CA GLY F 187 -82.51 -73.45 -3.69
C GLY F 187 -81.84 -72.10 -3.89
N GLY F 188 -81.65 -71.35 -2.82
CA GLY F 188 -80.98 -70.07 -2.89
C GLY F 188 -81.87 -68.94 -3.35
N SER F 189 -81.51 -67.71 -2.99
CA SER F 189 -82.25 -66.52 -3.39
C SER F 189 -81.49 -65.61 -4.33
N ILE F 190 -80.16 -65.71 -4.37
CA ILE F 190 -79.34 -64.89 -5.25
C ILE F 190 -78.05 -65.66 -5.53
N SER F 191 -77.42 -65.36 -6.66
CA SER F 191 -76.24 -66.07 -7.12
C SER F 191 -75.09 -65.10 -7.36
N ILE F 192 -73.89 -65.66 -7.53
CA ILE F 192 -72.70 -64.88 -7.85
C ILE F 192 -71.75 -65.76 -8.65
N SER F 193 -71.23 -65.21 -9.75
CA SER F 193 -70.25 -65.88 -10.60
C SER F 193 -68.94 -65.12 -10.49
N ASN F 194 -67.87 -65.84 -10.19
CA ASN F 194 -66.57 -65.26 -9.90
C ASN F 194 -65.56 -65.67 -10.95
N MET F 195 -64.89 -64.70 -11.55
CA MET F 195 -63.85 -64.95 -12.55
C MET F 195 -62.62 -64.07 -12.30
N GLY F 196 -62.23 -63.93 -11.04
CA GLY F 196 -61.06 -63.13 -10.71
C GLY F 196 -59.74 -63.85 -10.91
N MET F 197 -59.76 -65.17 -11.02
CA MET F 197 -58.52 -65.92 -11.23
C MET F 197 -58.03 -65.77 -12.66
N ASN F 198 -58.92 -65.45 -13.58
CA ASN F 198 -58.55 -65.19 -14.97
C ASN F 198 -58.34 -63.69 -15.15
N PRO F 199 -57.10 -63.24 -15.40
CA PRO F 199 -56.85 -61.80 -15.52
C PRO F 199 -57.30 -61.21 -16.86
N ALA F 200 -57.74 -62.03 -17.81
CA ALA F 200 -58.16 -61.51 -19.11
C ALA F 200 -59.59 -61.00 -19.07
N VAL F 201 -60.44 -61.57 -18.22
CA VAL F 201 -61.86 -61.24 -18.20
C VAL F 201 -62.04 -59.89 -17.53
N GLN F 202 -62.18 -58.84 -18.32
CA GLN F 202 -62.48 -57.53 -17.76
C GLN F 202 -63.93 -57.43 -17.30
N SER F 203 -64.84 -58.00 -18.09
CA SER F 203 -66.26 -57.94 -17.79
C SER F 203 -66.95 -59.11 -18.48
N PHE F 204 -67.98 -59.64 -17.83
CA PHE F 204 -68.80 -60.68 -18.44
C PHE F 204 -70.18 -60.64 -17.82
N THR F 205 -71.14 -61.22 -18.54
CA THR F 205 -72.51 -61.38 -18.07
C THR F 205 -72.78 -62.84 -17.75
N ALA F 206 -73.83 -63.07 -16.96
CA ALA F 206 -74.21 -64.41 -16.57
C ALA F 206 -75.71 -64.59 -16.81
N ILE F 207 -76.13 -65.85 -16.82
CA ILE F 207 -77.53 -66.20 -17.00
C ILE F 207 -78.12 -66.52 -15.63
N ILE F 208 -79.31 -65.96 -15.36
CA ILE F 208 -79.94 -66.11 -14.06
C ILE F 208 -80.43 -67.54 -13.88
N ASN F 209 -80.02 -68.17 -12.78
CA ASN F 209 -80.51 -69.50 -12.45
C ASN F 209 -81.95 -69.41 -11.97
N PRO F 210 -82.88 -70.12 -12.61
CA PRO F 210 -84.27 -70.06 -12.17
C PRO F 210 -84.44 -70.85 -10.88
N PRO F 211 -85.38 -70.43 -10.02
CA PRO F 211 -86.29 -69.30 -10.16
C PRO F 211 -85.82 -68.01 -9.47
N GLN F 212 -84.51 -67.77 -9.41
CA GLN F 212 -84.02 -66.58 -8.76
C GLN F 212 -84.24 -65.34 -9.64
N ALA F 213 -83.98 -64.17 -9.06
CA ALA F 213 -84.27 -62.90 -9.72
C ALA F 213 -83.04 -62.14 -10.19
N ALA F 214 -81.86 -62.43 -9.66
CA ALA F 214 -80.67 -61.68 -10.00
C ALA F 214 -79.45 -62.59 -9.95
N ILE F 215 -78.40 -62.18 -10.67
CA ILE F 215 -77.12 -62.88 -10.60
C ILE F 215 -76.01 -61.84 -10.72
N LEU F 216 -74.92 -62.04 -9.99
CA LEU F 216 -73.79 -61.14 -10.03
C LEU F 216 -72.67 -61.75 -10.86
N ALA F 217 -71.84 -60.89 -11.45
CA ALA F 217 -70.70 -61.32 -12.26
C ALA F 217 -69.55 -60.37 -11.98
N VAL F 218 -68.41 -60.92 -11.57
CA VAL F 218 -67.29 -60.12 -11.08
C VAL F 218 -66.08 -60.35 -11.97
N GLY F 219 -65.54 -59.26 -12.54
CA GLY F 219 -64.41 -59.37 -13.44
C GLY F 219 -63.09 -59.17 -12.74
N ALA F 220 -62.01 -59.39 -13.50
CA ALA F 220 -60.67 -59.27 -12.98
C ALA F 220 -60.35 -57.82 -12.62
N PRO F 221 -59.59 -57.60 -11.56
CA PRO F 221 -59.19 -56.23 -11.21
C PRO F 221 -58.13 -55.68 -12.15
N GLN F 222 -58.22 -54.37 -12.39
CA GLN F 222 -57.31 -53.66 -13.26
C GLN F 222 -56.95 -52.31 -12.67
N LYS F 223 -55.84 -51.73 -13.09
CA LYS F 223 -55.42 -50.40 -12.62
C LYS F 223 -56.05 -49.32 -13.48
N VAL F 224 -56.83 -48.45 -12.85
CA VAL F 224 -57.50 -47.34 -13.55
C VAL F 224 -56.98 -46.04 -12.97
N ALA F 225 -56.67 -45.09 -13.86
CA ALA F 225 -56.20 -43.77 -13.43
C ALA F 225 -57.35 -42.97 -12.82
N VAL F 226 -57.12 -42.49 -11.60
CA VAL F 226 -58.14 -41.77 -10.83
C VAL F 226 -57.53 -40.46 -10.36
N PRO F 227 -58.21 -39.32 -10.51
CA PRO F 227 -57.62 -38.04 -10.13
C PRO F 227 -57.52 -37.88 -8.62
N VAL F 228 -56.51 -37.11 -8.19
CA VAL F 228 -56.25 -36.87 -6.78
C VAL F 228 -55.75 -35.44 -6.63
N GLU F 229 -56.17 -34.78 -5.56
CA GLU F 229 -55.63 -33.49 -5.20
C GLU F 229 -54.41 -33.70 -4.31
N ASN F 230 -53.36 -32.94 -4.55
CA ASN F 230 -52.27 -32.85 -3.61
C ASN F 230 -52.63 -31.78 -2.57
N GLU F 231 -51.68 -31.43 -1.70
CA GLU F 231 -51.93 -30.38 -0.73
C GLU F 231 -51.78 -28.98 -1.31
N ASP F 232 -51.53 -28.85 -2.61
CA ASP F 232 -51.66 -27.61 -3.34
C ASP F 232 -52.83 -27.71 -4.32
N GLY F 233 -53.00 -26.68 -5.14
CA GLY F 233 -54.21 -26.55 -5.94
C GLY F 233 -54.31 -27.49 -7.14
N THR F 234 -53.21 -28.06 -7.60
CA THR F 234 -53.23 -28.82 -8.84
C THR F 234 -53.77 -30.22 -8.62
N THR F 235 -54.20 -30.86 -9.72
CA THR F 235 -54.65 -32.24 -9.68
C THR F 235 -53.52 -33.19 -10.07
N GLY F 236 -53.69 -34.47 -9.75
CA GLY F 236 -52.68 -35.47 -9.99
C GLY F 236 -53.27 -36.74 -10.59
N VAL F 237 -52.40 -37.74 -10.73
CA VAL F 237 -52.80 -39.05 -11.21
C VAL F 237 -52.51 -40.05 -10.11
N SER F 238 -53.55 -40.72 -9.62
CA SER F 238 -53.43 -41.83 -8.71
C SER F 238 -53.94 -43.09 -9.39
N TRP F 239 -53.38 -44.23 -9.00
CA TRP F 239 -53.72 -45.51 -9.61
C TRP F 239 -54.58 -46.30 -8.64
N ASP F 240 -55.82 -46.55 -9.04
CA ASP F 240 -56.81 -47.22 -8.20
C ASP F 240 -57.10 -48.61 -8.75
N GLU F 241 -57.28 -49.57 -7.85
CA GLU F 241 -57.64 -50.94 -8.23
C GLU F 241 -59.15 -51.02 -8.37
N GLN F 242 -59.63 -51.20 -9.59
CA GLN F 242 -61.07 -51.24 -9.86
C GLN F 242 -61.47 -52.61 -10.38
N ILE F 243 -62.72 -52.99 -10.08
CA ILE F 243 -63.29 -54.27 -10.48
C ILE F 243 -64.63 -53.99 -11.15
N ILE F 244 -64.81 -54.50 -12.36
CA ILE F 244 -66.06 -54.32 -13.09
C ILE F 244 -67.04 -55.40 -12.64
N VAL F 245 -68.18 -54.96 -12.12
CA VAL F 245 -69.22 -55.83 -11.58
C VAL F 245 -70.49 -55.63 -12.40
N THR F 246 -70.98 -56.71 -12.99
CA THR F 246 -72.19 -56.68 -13.81
C THR F 246 -73.27 -57.52 -13.13
N ALA F 247 -74.40 -56.90 -12.83
CA ALA F 247 -75.53 -57.58 -12.21
C ALA F 247 -76.64 -57.73 -13.23
N SER F 248 -77.07 -58.97 -13.47
CA SER F 248 -78.15 -59.27 -14.40
C SER F 248 -79.43 -59.48 -13.60
N PHE F 249 -80.45 -58.68 -13.91
CA PHE F 249 -81.73 -58.72 -13.22
C PHE F 249 -82.83 -59.22 -14.16
N ASP F 250 -83.88 -59.76 -13.55
CA ASP F 250 -85.11 -60.13 -14.24
C ASP F 250 -86.09 -58.98 -14.13
N HIS F 251 -86.64 -58.55 -15.28
CA HIS F 251 -87.45 -57.34 -15.30
C HIS F 251 -88.88 -57.58 -14.83
N LYS F 252 -89.29 -58.84 -14.62
CA LYS F 252 -90.61 -59.09 -14.09
C LYS F 252 -90.69 -58.76 -12.60
N VAL F 253 -89.58 -58.87 -11.89
CA VAL F 253 -89.52 -58.62 -10.46
C VAL F 253 -88.82 -57.30 -10.14
N VAL F 254 -87.65 -57.08 -10.74
CA VAL F 254 -86.80 -55.94 -10.42
C VAL F 254 -86.85 -54.96 -11.58
N ASP F 255 -87.15 -53.69 -11.27
CA ASP F 255 -87.04 -52.64 -12.27
C ASP F 255 -85.65 -52.03 -12.25
N GLY F 256 -85.44 -51.07 -13.17
CA GLY F 256 -84.12 -50.48 -13.32
C GLY F 256 -83.72 -49.61 -12.16
N ALA F 257 -84.68 -48.89 -11.57
CA ALA F 257 -84.40 -48.07 -10.39
C ALA F 257 -84.09 -48.93 -9.17
N VAL F 258 -84.77 -50.07 -9.03
CA VAL F 258 -84.51 -50.98 -7.92
C VAL F 258 -83.15 -51.63 -8.07
N GLY F 259 -82.79 -52.01 -9.31
CA GLY F 259 -81.47 -52.55 -9.57
C GLY F 259 -80.36 -51.53 -9.37
N ALA F 260 -80.65 -50.27 -9.70
CA ALA F 260 -79.68 -49.20 -9.50
C ALA F 260 -79.49 -48.90 -8.01
N GLU F 261 -80.57 -48.96 -7.23
CA GLU F 261 -80.45 -48.80 -5.78
C GLU F 261 -79.67 -49.95 -5.14
N TRP F 262 -79.91 -51.18 -5.61
CA TRP F 262 -79.15 -52.34 -5.13
C TRP F 262 -77.67 -52.21 -5.46
N ILE F 263 -77.36 -51.78 -6.70
CA ILE F 263 -75.98 -51.58 -7.12
C ILE F 263 -75.32 -50.45 -6.32
N ARG F 264 -76.09 -49.39 -6.01
CA ARG F 264 -75.54 -48.27 -5.24
C ARG F 264 -75.24 -48.68 -3.81
N GLU F 265 -76.12 -49.48 -3.19
CA GLU F 265 -75.86 -49.93 -1.82
C GLU F 265 -74.70 -50.92 -1.78
N LEU F 266 -74.58 -51.78 -2.79
CA LEU F 266 -73.45 -52.69 -2.88
C LEU F 266 -72.14 -51.93 -3.06
N LYS F 267 -72.15 -50.91 -3.91
CA LYS F 267 -70.96 -50.07 -4.11
C LYS F 267 -70.60 -49.29 -2.86
N LYS F 268 -71.60 -48.84 -2.10
CA LYS F 268 -71.34 -48.12 -0.86
C LYS F 268 -70.70 -49.02 0.18
N VAL F 269 -71.24 -50.23 0.35
CA VAL F 269 -70.70 -51.18 1.33
C VAL F 269 -69.31 -51.68 0.91
N ILE F 270 -69.05 -51.78 -0.39
CA ILE F 270 -67.74 -52.23 -0.85
C ILE F 270 -66.70 -51.12 -0.70
N GLU F 271 -67.02 -49.90 -1.15
CA GLU F 271 -66.05 -48.82 -1.10
C GLU F 271 -65.90 -48.20 0.27
N ASN F 272 -66.79 -48.51 1.22
CA ASN F 272 -66.59 -48.17 2.63
C ASN F 272 -66.61 -49.48 3.41
N PRO F 273 -65.45 -50.09 3.60
CA PRO F 273 -65.42 -51.46 4.18
C PRO F 273 -65.76 -51.51 5.66
N LEU F 274 -65.79 -50.36 6.36
CA LEU F 274 -66.20 -50.35 7.76
C LEU F 274 -67.71 -50.50 7.92
N GLU F 275 -68.48 -50.37 6.83
CA GLU F 275 -69.92 -50.55 6.89
C GLU F 275 -70.34 -52.01 6.90
N LEU F 276 -69.39 -52.95 6.79
CA LEU F 276 -69.70 -54.36 6.91
C LEU F 276 -70.00 -54.76 8.36
N LEU F 277 -69.61 -53.92 9.32
CA LEU F 277 -69.98 -54.13 10.71
C LEU F 277 -71.47 -53.95 10.92
N LEU F 278 -72.02 -52.88 10.33
CA LEU F 278 -73.44 -52.57 10.45
C LEU F 278 -74.27 -53.45 9.54
N TYR G 47 -4.53 -105.22 -42.82
CA TYR G 47 -4.26 -105.98 -41.60
C TYR G 47 -5.56 -106.52 -41.03
N THR G 48 -6.32 -105.66 -40.36
CA THR G 48 -7.64 -106.04 -39.85
C THR G 48 -8.67 -105.85 -40.96
N ASP G 49 -9.39 -106.94 -41.26
CA ASP G 49 -10.23 -107.07 -42.45
C ASP G 49 -11.64 -107.48 -42.05
N VAL G 50 -12.26 -106.69 -41.17
CA VAL G 50 -13.68 -106.84 -40.84
C VAL G 50 -14.51 -106.66 -42.12
N PRO G 51 -15.52 -107.48 -42.32
CA PRO G 51 -16.29 -107.41 -43.58
C PRO G 51 -17.34 -106.32 -43.55
N ILE G 52 -17.87 -106.01 -44.73
CA ILE G 52 -18.94 -105.03 -44.87
C ILE G 52 -20.21 -105.62 -44.30
N SER G 53 -21.03 -104.76 -43.65
CA SER G 53 -22.23 -105.23 -42.97
C SER G 53 -23.30 -105.73 -43.93
N GLY G 54 -23.26 -105.31 -45.19
CA GLY G 54 -24.29 -105.68 -46.13
C GLY G 54 -25.33 -104.59 -46.25
N MET G 55 -25.67 -103.98 -45.10
CA MET G 55 -26.51 -102.78 -45.10
C MET G 55 -25.78 -101.59 -45.73
N ARG G 56 -24.45 -101.50 -45.53
CA ARG G 56 -23.65 -100.46 -46.15
C ARG G 56 -23.56 -100.59 -47.66
N LYS G 57 -23.75 -101.80 -48.20
CA LYS G 57 -23.65 -102.02 -49.64
C LYS G 57 -24.79 -101.34 -50.38
N THR G 58 -26.00 -101.36 -49.80
CA THR G 58 -27.14 -100.70 -50.41
C THR G 58 -26.98 -99.18 -50.40
N ILE G 59 -26.45 -98.62 -49.31
CA ILE G 59 -26.22 -97.18 -49.25
C ILE G 59 -25.10 -96.78 -50.20
N ALA G 60 -24.09 -97.63 -50.36
CA ALA G 60 -23.01 -97.35 -51.30
C ALA G 60 -23.52 -97.37 -52.75
N ALA G 61 -24.37 -98.35 -53.07
CA ALA G 61 -24.97 -98.39 -54.40
C ALA G 61 -25.91 -97.22 -54.64
N ARG G 62 -26.62 -96.78 -53.58
CA ARG G 62 -27.53 -95.65 -53.72
C ARG G 62 -26.78 -94.34 -53.93
N LEU G 63 -25.68 -94.13 -53.20
CA LEU G 63 -24.86 -92.94 -53.41
C LEU G 63 -24.16 -93.00 -54.77
N LYS G 64 -23.82 -94.21 -55.24
CA LYS G 64 -23.30 -94.36 -56.59
C LYS G 64 -24.33 -93.95 -57.63
N GLU G 65 -25.59 -94.39 -57.47
CA GLU G 65 -26.68 -93.97 -58.35
C GLU G 65 -26.86 -92.46 -58.34
N SER G 66 -26.75 -91.86 -57.15
CA SER G 66 -26.92 -90.42 -57.01
C SER G 66 -25.84 -89.65 -57.75
N VAL G 67 -24.58 -90.04 -57.57
CA VAL G 67 -23.49 -89.30 -58.20
C VAL G 67 -23.37 -89.64 -59.68
N THR G 68 -23.94 -90.76 -60.13
CA THR G 68 -23.78 -91.09 -61.53
C THR G 68 -24.98 -90.65 -62.37
N GLU G 69 -26.12 -90.35 -61.74
CA GLU G 69 -27.28 -89.95 -62.53
C GLU G 69 -27.63 -88.49 -62.26
N ASN G 70 -27.12 -87.93 -61.17
CA ASN G 70 -27.38 -86.54 -60.83
C ASN G 70 -26.11 -85.72 -61.01
N PRO G 71 -25.99 -84.90 -62.05
CA PRO G 71 -24.86 -83.95 -62.11
C PRO G 71 -25.03 -82.83 -61.11
N HIS G 72 -24.29 -82.91 -60.00
CA HIS G 72 -24.45 -81.97 -58.91
C HIS G 72 -23.76 -80.65 -59.22
N PHE G 73 -24.33 -79.57 -58.71
CA PHE G 73 -23.60 -78.30 -58.62
C PHE G 73 -23.99 -77.61 -57.32
N PHE G 74 -23.01 -76.97 -56.70
CA PHE G 74 -23.17 -76.39 -55.38
C PHE G 74 -23.32 -74.88 -55.48
N VAL G 75 -24.17 -74.33 -54.61
CA VAL G 75 -24.34 -72.88 -54.46
C VAL G 75 -24.14 -72.57 -52.98
N SER G 76 -23.17 -71.73 -52.66
CA SER G 76 -22.84 -71.39 -51.28
C SER G 76 -23.29 -69.98 -50.96
N THR G 77 -23.65 -69.77 -49.69
CA THR G 77 -24.04 -68.46 -49.21
C THR G 77 -23.71 -68.36 -47.73
N ASN G 78 -23.78 -67.14 -47.20
CA ASN G 78 -23.56 -66.89 -45.78
C ASN G 78 -24.80 -66.21 -45.22
N LEU G 79 -25.50 -66.91 -44.33
CA LEU G 79 -26.70 -66.39 -43.69
C LEU G 79 -26.33 -65.73 -42.37
N SER G 80 -26.83 -64.53 -42.16
CA SER G 80 -26.67 -63.85 -40.87
C SER G 80 -27.81 -64.26 -39.95
N VAL G 81 -27.44 -64.80 -38.78
CA VAL G 81 -28.42 -65.37 -37.85
C VAL G 81 -28.44 -64.61 -36.53
N SER G 82 -27.94 -63.36 -36.52
CA SER G 82 -27.90 -62.58 -35.30
C SER G 82 -29.29 -62.15 -34.84
N LYS G 83 -30.23 -61.99 -35.78
CA LYS G 83 -31.61 -61.70 -35.42
C LYS G 83 -32.40 -62.99 -35.18
N LEU G 84 -32.02 -64.07 -35.87
CA LEU G 84 -32.68 -65.36 -35.66
C LEU G 84 -32.39 -65.90 -34.27
N LEU G 85 -31.16 -65.71 -33.78
CA LEU G 85 -30.84 -66.13 -32.42
C LEU G 85 -31.55 -65.30 -31.37
N LYS G 86 -31.76 -64.01 -31.64
CA LYS G 86 -32.52 -63.16 -30.72
C LYS G 86 -33.99 -63.57 -30.68
N LEU G 87 -34.56 -63.89 -31.84
CA LEU G 87 -35.95 -64.36 -31.91
C LEU G 87 -36.11 -65.71 -31.21
N ARG G 88 -35.12 -66.60 -31.36
CA ARG G 88 -35.16 -67.89 -30.70
C ARG G 88 -35.01 -67.74 -29.19
N GLN G 89 -34.17 -66.80 -28.75
CA GLN G 89 -33.99 -66.55 -27.31
C GLN G 89 -35.26 -65.98 -26.69
N ALA G 90 -35.93 -65.07 -27.42
CA ALA G 90 -37.19 -64.50 -26.91
C ALA G 90 -38.30 -65.54 -26.86
N LEU G 91 -38.40 -66.38 -27.91
CA LEU G 91 -39.44 -67.40 -27.93
C LEU G 91 -39.19 -68.51 -26.92
N ASN G 92 -37.91 -68.75 -26.59
CA ASN G 92 -37.61 -69.75 -25.56
C ASN G 92 -37.80 -69.18 -24.17
N SER G 93 -37.52 -67.89 -23.98
CA SER G 93 -37.69 -67.28 -22.66
C SER G 93 -39.16 -67.06 -22.34
N SER G 94 -40.00 -66.83 -23.35
CA SER G 94 -41.43 -66.69 -23.13
C SER G 94 -42.15 -68.04 -23.19
N ALA G 95 -41.77 -68.92 -22.27
CA ALA G 95 -42.34 -70.26 -22.21
C ALA G 95 -42.25 -70.77 -20.78
N ASP G 96 -42.99 -71.84 -20.52
CA ASP G 96 -43.00 -72.51 -19.23
C ASP G 96 -42.49 -73.94 -19.33
N GLY G 97 -41.52 -74.17 -20.22
CA GLY G 97 -41.07 -75.51 -20.50
C GLY G 97 -41.95 -76.30 -21.44
N ARG G 98 -42.84 -75.63 -22.18
CA ARG G 98 -43.70 -76.34 -23.12
C ARG G 98 -42.94 -76.75 -24.37
N TYR G 99 -41.94 -75.97 -24.77
CA TYR G 99 -41.20 -76.25 -26.00
C TYR G 99 -39.77 -75.77 -25.83
N LYS G 100 -38.92 -76.17 -26.78
CA LYS G 100 -37.54 -75.71 -26.84
C LYS G 100 -37.17 -75.59 -28.31
N LEU G 101 -36.84 -74.37 -28.74
CA LEU G 101 -36.60 -74.09 -30.15
C LEU G 101 -35.12 -74.15 -30.47
N SER G 102 -34.82 -74.58 -31.68
CA SER G 102 -33.46 -74.64 -32.21
C SER G 102 -33.38 -73.92 -33.54
N VAL G 103 -32.17 -73.83 -34.09
CA VAL G 103 -31.96 -73.15 -35.36
C VAL G 103 -32.50 -74.00 -36.51
N ASN G 104 -32.55 -75.33 -36.31
CA ASN G 104 -33.03 -76.23 -37.35
C ASN G 104 -34.52 -76.06 -37.63
N ASP G 105 -35.28 -75.61 -36.63
CA ASP G 105 -36.71 -75.34 -36.83
C ASP G 105 -36.92 -74.15 -37.76
N PHE G 106 -36.18 -73.06 -37.53
CA PHE G 106 -36.24 -71.90 -38.41
C PHE G 106 -35.72 -72.25 -39.80
N LEU G 107 -34.71 -73.11 -39.88
CA LEU G 107 -34.16 -73.50 -41.18
C LEU G 107 -35.15 -74.35 -41.96
N ILE G 108 -35.86 -75.26 -41.29
CA ILE G 108 -36.85 -76.10 -41.96
C ILE G 108 -38.05 -75.28 -42.41
N LYS G 109 -38.48 -74.32 -41.58
CA LYS G 109 -39.58 -73.44 -41.97
C LYS G 109 -39.19 -72.53 -43.14
N ALA G 110 -37.94 -72.02 -43.13
CA ALA G 110 -37.48 -71.19 -44.23
C ALA G 110 -37.30 -71.99 -45.51
N MET G 111 -36.91 -73.26 -45.38
CA MET G 111 -36.83 -74.14 -46.55
C MET G 111 -38.21 -74.39 -47.14
N GLY G 112 -39.22 -74.54 -46.27
CA GLY G 112 -40.58 -74.70 -46.76
C GLY G 112 -41.10 -73.46 -47.47
N ILE G 113 -40.80 -72.28 -46.92
CA ILE G 113 -41.21 -71.02 -47.52
C ILE G 113 -40.51 -70.81 -48.87
N ALA G 114 -39.21 -71.11 -48.93
CA ALA G 114 -38.46 -70.94 -50.16
C ALA G 114 -38.87 -71.95 -51.22
N SER G 115 -39.18 -73.19 -50.83
CA SER G 115 -39.65 -74.18 -51.80
C SER G 115 -41.06 -73.89 -52.27
N LYS G 116 -41.87 -73.22 -51.45
CA LYS G 116 -43.18 -72.78 -51.92
C LYS G 116 -43.06 -71.60 -52.87
N ARG G 117 -42.10 -70.71 -52.63
CA ARG G 117 -41.93 -69.56 -53.54
C ARG G 117 -41.27 -69.96 -54.86
N VAL G 118 -40.30 -70.86 -54.83
CA VAL G 118 -39.69 -71.39 -56.05
C VAL G 118 -40.04 -72.87 -56.17
N PRO G 119 -41.12 -73.22 -56.87
CA PRO G 119 -41.57 -74.63 -56.89
C PRO G 119 -40.77 -75.52 -57.81
N THR G 120 -39.81 -74.98 -58.58
CA THR G 120 -39.02 -75.82 -59.48
C THR G 120 -38.04 -76.69 -58.70
N VAL G 121 -37.55 -76.20 -57.57
CA VAL G 121 -36.62 -76.98 -56.74
C VAL G 121 -37.35 -78.13 -56.06
N ASN G 122 -38.64 -77.96 -55.76
CA ASN G 122 -39.44 -79.00 -55.11
C ASN G 122 -39.98 -79.93 -56.19
N SER G 123 -39.09 -80.77 -56.73
CA SER G 123 -39.43 -81.66 -57.82
C SER G 123 -38.55 -82.90 -57.75
N SER G 124 -38.62 -83.73 -58.79
CA SER G 124 -37.87 -84.97 -58.88
C SER G 124 -37.58 -85.26 -60.35
N TRP G 125 -37.24 -86.50 -60.65
CA TRP G 125 -36.95 -86.93 -62.02
C TRP G 125 -37.45 -88.34 -62.21
N ARG G 126 -38.45 -88.50 -63.08
CA ARG G 126 -39.21 -89.75 -63.22
C ARG G 126 -39.19 -90.23 -64.67
N ASP G 127 -40.07 -91.17 -65.01
CA ASP G 127 -40.07 -91.79 -66.33
C ASP G 127 -40.54 -90.79 -67.37
N GLY G 128 -39.58 -90.07 -67.95
CA GLY G 128 -39.86 -89.07 -68.97
C GLY G 128 -40.66 -87.89 -68.49
N VAL G 129 -40.68 -87.61 -67.19
CA VAL G 129 -41.63 -86.69 -66.60
C VAL G 129 -41.04 -86.13 -65.31
N ILE G 130 -41.41 -84.88 -65.01
CA ILE G 130 -40.99 -84.18 -63.81
C ILE G 130 -42.16 -84.21 -62.83
N ARG G 131 -41.95 -84.78 -61.65
CA ARG G 131 -43.01 -84.86 -60.66
C ARG G 131 -42.87 -83.69 -59.68
N GLN G 132 -43.85 -82.81 -59.68
CA GLN G 132 -43.83 -81.58 -58.89
C GLN G 132 -44.89 -81.67 -57.80
N PHE G 133 -44.47 -81.53 -56.55
CA PHE G 133 -45.34 -81.62 -55.39
C PHE G 133 -45.83 -80.23 -54.97
N GLU G 134 -46.89 -80.21 -54.16
CA GLU G 134 -47.37 -78.99 -53.53
C GLU G 134 -46.72 -78.75 -52.17
N THR G 135 -46.85 -79.72 -51.27
CA THR G 135 -46.33 -79.57 -49.92
C THR G 135 -44.83 -79.86 -49.88
N VAL G 136 -44.16 -79.26 -48.89
CA VAL G 136 -42.74 -79.43 -48.68
C VAL G 136 -42.57 -80.48 -47.59
N ASP G 137 -42.06 -81.65 -47.95
CA ASP G 137 -41.74 -82.71 -47.00
C ASP G 137 -40.23 -82.74 -46.82
N VAL G 138 -39.77 -82.42 -45.62
CA VAL G 138 -38.34 -82.18 -45.38
C VAL G 138 -37.76 -83.39 -44.67
N SER G 139 -36.76 -84.01 -45.28
CA SER G 139 -36.05 -85.13 -44.68
C SER G 139 -34.88 -84.59 -43.85
N VAL G 140 -34.86 -84.92 -42.56
CA VAL G 140 -33.83 -84.43 -41.66
C VAL G 140 -32.89 -85.58 -41.32
N ALA G 141 -31.59 -85.37 -41.49
CA ALA G 141 -30.61 -86.41 -41.23
C ALA G 141 -30.33 -86.53 -39.75
N VAL G 142 -30.42 -87.75 -39.22
CA VAL G 142 -30.15 -88.05 -37.82
C VAL G 142 -28.95 -88.98 -37.76
N ALA G 143 -27.95 -88.61 -36.96
CA ALA G 143 -26.72 -89.37 -36.85
C ALA G 143 -26.87 -90.41 -35.74
N THR G 144 -27.05 -91.67 -36.13
CA THR G 144 -27.13 -92.83 -35.26
C THR G 144 -25.82 -93.63 -35.34
N PRO G 145 -25.49 -94.42 -34.32
CA PRO G 145 -24.26 -95.24 -34.40
C PRO G 145 -24.30 -96.32 -35.47
N ASN G 146 -25.48 -96.64 -36.00
CA ASN G 146 -25.63 -97.49 -37.18
C ASN G 146 -25.67 -96.69 -38.47
N GLY G 147 -25.07 -95.50 -38.50
CA GLY G 147 -24.92 -94.77 -39.73
C GLY G 147 -25.78 -93.53 -39.88
N LEU G 148 -26.67 -93.53 -40.88
CA LEU G 148 -27.45 -92.34 -41.20
C LEU G 148 -28.87 -92.75 -41.56
N ILE G 149 -29.84 -91.97 -41.07
CA ILE G 149 -31.24 -92.16 -41.41
C ILE G 149 -31.85 -90.78 -41.62
N THR G 150 -32.89 -90.71 -42.46
CA THR G 150 -33.54 -89.44 -42.80
C THR G 150 -35.05 -89.57 -42.57
N PRO G 151 -35.52 -89.36 -41.34
CA PRO G 151 -36.97 -89.24 -41.13
C PRO G 151 -37.51 -87.94 -41.70
N ILE G 152 -38.79 -87.99 -42.08
CA ILE G 152 -39.42 -86.92 -42.86
C ILE G 152 -40.43 -86.18 -41.99
N VAL G 153 -40.35 -84.86 -42.03
CA VAL G 153 -41.37 -83.97 -41.48
C VAL G 153 -42.30 -83.61 -42.64
N LYS G 154 -43.57 -84.01 -42.53
CA LYS G 154 -44.53 -83.84 -43.61
C LYS G 154 -45.32 -82.56 -43.42
N GLY G 155 -45.56 -81.86 -44.53
CA GLY G 155 -46.35 -80.64 -44.53
C GLY G 155 -45.71 -79.50 -43.76
N VAL G 156 -44.53 -79.07 -44.19
CA VAL G 156 -43.74 -78.12 -43.43
C VAL G 156 -44.35 -76.72 -43.47
N GLU G 157 -44.76 -76.26 -44.66
CA GLU G 157 -45.38 -74.95 -44.76
C GLU G 157 -46.77 -75.00 -44.15
N GLY G 158 -47.09 -73.98 -43.35
CA GLY G 158 -48.30 -73.96 -42.58
C GLY G 158 -48.40 -75.03 -41.51
N LYS G 159 -47.36 -75.20 -40.71
CA LYS G 159 -47.36 -76.22 -39.66
C LYS G 159 -47.14 -75.66 -38.27
N GLY G 160 -46.22 -74.74 -38.11
CA GLY G 160 -45.94 -74.20 -36.80
C GLY G 160 -44.60 -74.68 -36.27
N LEU G 161 -43.89 -73.78 -35.58
CA LEU G 161 -42.53 -74.07 -35.13
C LEU G 161 -42.53 -75.05 -33.98
N GLU G 162 -43.55 -75.01 -33.12
CA GLU G 162 -43.65 -75.96 -32.01
C GLU G 162 -43.98 -77.36 -32.53
N SER G 163 -44.82 -77.44 -33.56
CA SER G 163 -45.13 -78.73 -34.18
C SER G 163 -43.90 -79.29 -34.89
N ILE G 164 -43.11 -78.43 -35.54
CA ILE G 164 -41.88 -78.86 -36.20
C ILE G 164 -40.87 -79.36 -35.19
N SER G 165 -40.72 -78.63 -34.06
CA SER G 165 -39.80 -79.04 -33.00
C SER G 165 -40.22 -80.36 -32.37
N ALA G 166 -41.53 -80.54 -32.15
CA ALA G 166 -42.03 -81.78 -31.58
C ALA G 166 -41.82 -82.95 -32.51
N ALA G 167 -42.08 -82.76 -33.81
CA ALA G 167 -41.91 -83.84 -34.77
C ALA G 167 -40.44 -84.21 -34.94
N VAL G 168 -39.56 -83.20 -34.94
CA VAL G 168 -38.13 -83.45 -35.06
C VAL G 168 -37.59 -84.19 -33.83
N LYS G 169 -38.07 -83.83 -32.63
CA LYS G 169 -37.64 -84.51 -31.42
C LYS G 169 -38.15 -85.95 -31.36
N GLU G 170 -39.42 -86.15 -31.74
CA GLU G 170 -40.00 -87.49 -31.84
C GLU G 170 -39.22 -88.38 -32.80
N LEU G 171 -38.96 -87.88 -34.01
CA LEU G 171 -38.29 -88.69 -35.02
C LEU G 171 -36.82 -88.92 -34.67
N ALA G 172 -36.18 -87.96 -34.00
CA ALA G 172 -34.78 -88.14 -33.62
C ALA G 172 -34.64 -89.16 -32.49
N LYS G 173 -35.52 -89.11 -31.48
CA LYS G 173 -35.42 -90.08 -30.40
C LYS G 173 -35.84 -91.47 -30.87
N LYS G 174 -36.77 -91.54 -31.83
CA LYS G 174 -37.12 -92.85 -32.37
C LYS G 174 -36.05 -93.36 -33.33
N ALA G 175 -35.26 -92.46 -33.91
CA ALA G 175 -34.12 -92.90 -34.72
C ALA G 175 -33.00 -93.42 -33.84
N ARG G 176 -32.84 -92.82 -32.65
CA ARG G 176 -31.85 -93.33 -31.71
C ARG G 176 -32.29 -94.66 -31.09
N ASP G 177 -33.59 -94.87 -30.91
CA ASP G 177 -34.08 -96.15 -30.43
C ASP G 177 -34.28 -97.18 -31.55
N GLY G 178 -34.25 -96.76 -32.81
CA GLY G 178 -34.36 -97.67 -33.94
C GLY G 178 -35.74 -98.29 -34.11
N LYS G 179 -36.78 -97.45 -34.13
CA LYS G 179 -38.16 -97.92 -34.11
C LYS G 179 -38.99 -97.23 -35.19
N LEU G 180 -38.50 -97.26 -36.43
CA LEU G 180 -39.14 -96.54 -37.53
C LEU G 180 -39.85 -97.50 -38.48
N LYS G 181 -40.89 -96.99 -39.12
CA LYS G 181 -41.63 -97.55 -40.25
C LYS G 181 -41.00 -97.05 -41.55
N PRO G 182 -41.06 -97.86 -42.63
CA PRO G 182 -40.44 -97.42 -43.89
C PRO G 182 -41.12 -96.20 -44.54
N GLU G 183 -42.39 -95.96 -44.21
CA GLU G 183 -43.08 -94.77 -44.68
C GLU G 183 -42.63 -93.50 -43.95
N GLU G 184 -41.86 -93.64 -42.86
CA GLU G 184 -41.35 -92.48 -42.15
C GLU G 184 -39.99 -92.02 -42.65
N TYR G 185 -39.27 -92.84 -43.41
CA TYR G 185 -37.98 -92.43 -43.94
C TYR G 185 -37.83 -92.76 -45.42
N GLN G 186 -38.93 -93.10 -46.10
CA GLN G 186 -38.91 -93.35 -47.53
C GLN G 186 -39.85 -92.35 -48.20
N GLY G 187 -39.29 -91.35 -48.87
CA GLY G 187 -40.07 -90.33 -49.52
C GLY G 187 -39.40 -88.97 -49.44
N GLY G 188 -40.19 -87.93 -49.19
CA GLY G 188 -39.65 -86.59 -49.05
C GLY G 188 -39.39 -85.90 -50.38
N SER G 189 -39.38 -84.56 -50.35
CA SER G 189 -39.11 -83.77 -51.55
C SER G 189 -37.81 -82.98 -51.47
N ILE G 190 -37.29 -82.74 -50.27
CA ILE G 190 -36.03 -82.01 -50.09
C ILE G 190 -35.41 -82.46 -48.76
N SER G 191 -34.09 -82.33 -48.66
CA SER G 191 -33.34 -82.83 -47.52
C SER G 191 -32.53 -81.69 -46.90
N ILE G 192 -32.01 -81.94 -45.70
CA ILE G 192 -31.14 -81.01 -45.00
C ILE G 192 -30.19 -81.79 -44.11
N SER G 193 -28.91 -81.45 -44.18
CA SER G 193 -27.88 -82.06 -43.34
C SER G 193 -27.34 -80.98 -42.40
N ASN G 194 -27.32 -81.30 -41.12
CA ASN G 194 -27.00 -80.34 -40.07
C ASN G 194 -25.72 -80.75 -39.36
N MET G 195 -24.77 -79.83 -39.28
CA MET G 195 -23.50 -80.07 -38.58
C MET G 195 -23.12 -78.88 -37.71
N GLY G 196 -24.09 -78.30 -37.01
CA GLY G 196 -23.82 -77.17 -36.15
C GLY G 196 -23.25 -77.54 -34.80
N MET G 197 -23.37 -78.81 -34.40
CA MET G 197 -22.84 -79.24 -33.11
C MET G 197 -21.32 -79.37 -33.16
N ASN G 198 -20.76 -79.55 -34.36
CA ASN G 198 -19.32 -79.59 -34.55
C ASN G 198 -18.83 -78.20 -34.92
N PRO G 199 -18.06 -77.54 -34.05
CA PRO G 199 -17.62 -76.17 -34.36
C PRO G 199 -16.47 -76.10 -35.36
N ALA G 200 -15.91 -77.24 -35.78
CA ALA G 200 -14.81 -77.22 -36.72
C ALA G 200 -15.30 -77.11 -38.16
N VAL G 201 -16.49 -77.62 -38.46
CA VAL G 201 -16.99 -77.68 -39.83
C VAL G 201 -17.46 -76.29 -40.23
N GLN G 202 -16.61 -75.57 -40.97
CA GLN G 202 -17.03 -74.27 -41.50
C GLN G 202 -17.97 -74.43 -42.68
N SER G 203 -17.71 -75.42 -43.54
CA SER G 203 -18.51 -75.64 -44.72
C SER G 203 -18.33 -77.09 -45.16
N PHE G 204 -19.40 -77.67 -45.69
CA PHE G 204 -19.32 -79.01 -46.26
C PHE G 204 -20.41 -79.16 -47.30
N THR G 205 -20.21 -80.15 -48.18
CA THR G 205 -21.19 -80.51 -49.20
C THR G 205 -21.82 -81.85 -48.85
N ALA G 206 -22.98 -82.12 -49.44
CA ALA G 206 -23.70 -83.35 -49.22
C ALA G 206 -24.09 -83.97 -50.55
N ILE G 207 -24.43 -85.25 -50.51
CA ILE G 207 -24.86 -85.99 -51.69
C ILE G 207 -26.39 -86.05 -51.68
N ILE G 208 -26.99 -85.77 -52.83
CA ILE G 208 -28.45 -85.71 -52.94
C ILE G 208 -29.03 -87.12 -52.83
N ASN G 209 -29.98 -87.30 -51.91
CA ASN G 209 -30.68 -88.56 -51.79
C ASN G 209 -31.65 -88.71 -52.96
N PRO G 210 -31.54 -89.79 -53.74
CA PRO G 210 -32.46 -89.97 -54.86
C PRO G 210 -33.82 -90.40 -54.35
N PRO G 211 -34.90 -90.01 -55.05
CA PRO G 211 -34.93 -89.23 -56.29
C PRO G 211 -35.16 -87.74 -56.10
N GLN G 212 -34.69 -87.16 -54.99
CA GLN G 212 -34.90 -85.74 -54.76
C GLN G 212 -33.98 -84.90 -55.64
N ALA G 213 -34.22 -83.58 -55.63
CA ALA G 213 -33.52 -82.67 -56.53
C ALA G 213 -32.50 -81.77 -55.84
N ALA G 214 -32.59 -81.60 -54.53
CA ALA G 214 -31.69 -80.68 -53.84
C ALA G 214 -31.42 -81.20 -52.43
N ILE G 215 -30.31 -80.75 -51.86
CA ILE G 215 -29.99 -81.04 -50.47
C ILE G 215 -29.28 -79.83 -49.87
N LEU G 216 -29.58 -79.54 -48.60
CA LEU G 216 -28.97 -78.42 -47.92
C LEU G 216 -27.88 -78.92 -46.98
N ALA G 217 -26.88 -78.08 -46.71
CA ALA G 217 -25.78 -78.40 -45.80
C ALA G 217 -25.45 -77.15 -45.01
N VAL G 218 -25.48 -77.25 -43.69
CA VAL G 218 -25.36 -76.09 -42.81
C VAL G 218 -24.13 -76.23 -41.93
N GLY G 219 -23.23 -75.24 -42.01
CA GLY G 219 -22.00 -75.30 -41.25
C GLY G 219 -22.10 -74.58 -39.92
N ALA G 220 -21.04 -74.71 -39.13
CA ALA G 220 -20.98 -74.11 -37.81
C ALA G 220 -20.93 -72.59 -37.91
N PRO G 221 -21.58 -71.89 -36.99
CA PRO G 221 -21.52 -70.43 -36.98
C PRO G 221 -20.18 -69.91 -36.52
N GLN G 222 -19.77 -68.79 -37.12
CA GLN G 222 -18.52 -68.13 -36.82
C GLN G 222 -18.71 -66.61 -36.78
N LYS G 223 -17.80 -65.91 -36.12
CA LYS G 223 -17.85 -64.45 -36.05
C LYS G 223 -17.14 -63.85 -37.25
N VAL G 224 -17.85 -63.06 -38.04
CA VAL G 224 -17.30 -62.41 -39.22
C VAL G 224 -17.41 -60.89 -39.03
N ALA G 225 -16.33 -60.19 -39.34
CA ALA G 225 -16.32 -58.73 -39.25
C ALA G 225 -17.18 -58.11 -40.34
N VAL G 226 -18.13 -57.28 -39.93
CA VAL G 226 -19.11 -56.66 -40.83
C VAL G 226 -19.08 -55.15 -40.58
N PRO G 227 -19.02 -54.32 -41.62
CA PRO G 227 -18.94 -52.87 -41.42
C PRO G 227 -20.25 -52.29 -40.91
N VAL G 228 -20.12 -51.20 -40.15
CA VAL G 228 -21.27 -50.52 -39.56
C VAL G 228 -20.98 -49.02 -39.55
N GLU G 229 -22.02 -48.23 -39.82
CA GLU G 229 -21.92 -46.79 -39.66
C GLU G 229 -22.30 -46.43 -38.23
N ASN G 230 -21.55 -45.52 -37.63
CA ASN G 230 -21.99 -44.90 -36.39
C ASN G 230 -22.90 -43.72 -36.75
N GLU G 231 -23.26 -42.91 -35.77
CA GLU G 231 -24.09 -41.73 -36.04
C GLU G 231 -23.26 -40.56 -36.57
N ASP G 232 -21.95 -40.74 -36.78
CA ASP G 232 -21.14 -39.81 -37.56
C ASP G 232 -20.71 -40.48 -38.86
N GLY G 233 -19.86 -39.80 -39.62
CA GLY G 233 -19.58 -40.20 -40.99
C GLY G 233 -18.68 -41.43 -41.14
N THR G 234 -17.93 -41.79 -40.10
CA THR G 234 -16.93 -42.85 -40.25
C THR G 234 -17.57 -44.23 -40.18
N THR G 235 -16.84 -45.22 -40.68
CA THR G 235 -17.26 -46.62 -40.61
C THR G 235 -16.63 -47.31 -39.41
N GLY G 236 -17.21 -48.45 -39.02
CA GLY G 236 -16.76 -49.18 -37.86
C GLY G 236 -16.65 -50.67 -38.14
N VAL G 237 -16.36 -51.42 -37.08
CA VAL G 237 -16.28 -52.87 -37.13
C VAL G 237 -17.34 -53.42 -36.19
N SER G 238 -18.28 -54.18 -36.75
CA SER G 238 -19.26 -54.91 -35.97
C SER G 238 -19.03 -56.40 -36.21
N TRP G 239 -19.37 -57.21 -35.20
CA TRP G 239 -19.14 -58.65 -35.26
C TRP G 239 -20.48 -59.34 -35.45
N ASP G 240 -20.64 -59.99 -36.59
CA ASP G 240 -21.88 -60.64 -36.99
C ASP G 240 -21.72 -62.16 -36.95
N GLU G 241 -22.77 -62.85 -36.50
CA GLU G 241 -22.78 -64.30 -36.47
C GLU G 241 -23.24 -64.81 -37.83
N GLN G 242 -22.34 -65.44 -38.58
CA GLN G 242 -22.66 -65.92 -39.91
C GLN G 242 -22.56 -67.44 -39.98
N ILE G 243 -23.37 -68.03 -40.86
CA ILE G 243 -23.43 -69.47 -41.06
C ILE G 243 -23.28 -69.74 -42.55
N ILE G 244 -22.33 -70.59 -42.92
CA ILE G 244 -22.11 -70.94 -44.31
C ILE G 244 -23.08 -72.07 -44.67
N VAL G 245 -23.91 -71.82 -45.68
CA VAL G 245 -24.94 -72.76 -46.13
C VAL G 245 -24.64 -73.12 -47.58
N THR G 246 -24.47 -74.42 -47.85
CA THR G 246 -24.19 -74.92 -49.19
C THR G 246 -25.35 -75.78 -49.65
N ALA G 247 -25.94 -75.41 -50.77
CA ALA G 247 -27.05 -76.18 -51.34
C ALA G 247 -26.57 -76.88 -52.60
N SER G 248 -26.72 -78.19 -52.63
CA SER G 248 -26.34 -79.01 -53.78
C SER G 248 -27.59 -79.30 -54.60
N PHE G 249 -27.57 -78.93 -55.87
CA PHE G 249 -28.68 -79.11 -56.78
C PHE G 249 -28.32 -80.09 -57.89
N ASP G 250 -29.36 -80.70 -58.45
CA ASP G 250 -29.26 -81.56 -59.61
C ASP G 250 -29.55 -80.71 -60.85
N HIS G 251 -28.65 -80.77 -61.83
CA HIS G 251 -28.75 -79.87 -62.98
C HIS G 251 -29.76 -80.32 -64.02
N LYS G 252 -30.30 -81.54 -63.88
CA LYS G 252 -31.34 -81.97 -64.81
C LYS G 252 -32.67 -81.28 -64.53
N VAL G 253 -32.91 -80.90 -63.28
CA VAL G 253 -34.15 -80.26 -62.87
C VAL G 253 -33.95 -78.77 -62.60
N VAL G 254 -32.92 -78.42 -61.83
CA VAL G 254 -32.71 -77.06 -61.36
C VAL G 254 -31.52 -76.48 -62.09
N ASP G 255 -31.70 -75.30 -62.69
CA ASP G 255 -30.58 -74.58 -63.26
C ASP G 255 -29.97 -73.64 -62.23
N GLY G 256 -28.89 -72.96 -62.65
CA GLY G 256 -28.16 -72.12 -61.72
C GLY G 256 -28.92 -70.87 -61.30
N ALA G 257 -29.70 -70.30 -62.23
CA ALA G 257 -30.54 -69.15 -61.88
C ALA G 257 -31.66 -69.53 -60.93
N VAL G 258 -32.24 -70.72 -61.11
CA VAL G 258 -33.30 -71.19 -60.23
C VAL G 258 -32.74 -71.48 -58.83
N GLY G 259 -31.55 -72.09 -58.78
CA GLY G 259 -30.91 -72.31 -57.50
C GLY G 259 -30.49 -71.03 -56.81
N ALA G 260 -30.10 -70.02 -57.59
CA ALA G 260 -29.74 -68.73 -57.02
C ALA G 260 -30.97 -67.99 -56.50
N GLU G 261 -32.10 -68.12 -57.19
CA GLU G 261 -33.35 -67.54 -56.69
C GLU G 261 -33.81 -68.23 -55.41
N TRP G 262 -33.68 -69.56 -55.34
CA TRP G 262 -34.03 -70.30 -54.13
C TRP G 262 -33.13 -69.90 -52.96
N ILE G 263 -31.82 -69.76 -53.22
CA ILE G 263 -30.88 -69.32 -52.19
C ILE G 263 -31.16 -67.90 -51.75
N ARG G 264 -31.57 -67.02 -52.68
CA ARG G 264 -31.88 -65.64 -52.35
C ARG G 264 -33.14 -65.53 -51.49
N GLU G 265 -34.17 -66.33 -51.81
CA GLU G 265 -35.39 -66.31 -51.01
C GLU G 265 -35.15 -66.92 -49.62
N LEU G 266 -34.32 -67.96 -49.54
CA LEU G 266 -33.97 -68.55 -48.25
C LEU G 266 -33.17 -67.55 -47.40
N LYS G 267 -32.23 -66.83 -48.03
CA LYS G 267 -31.46 -65.81 -47.32
C LYS G 267 -32.33 -64.65 -46.87
N LYS G 268 -33.33 -64.28 -47.67
CA LYS G 268 -34.25 -63.21 -47.31
C LYS G 268 -35.09 -63.60 -46.10
N VAL G 269 -35.66 -64.81 -46.12
CA VAL G 269 -36.50 -65.27 -45.02
C VAL G 269 -35.66 -65.50 -43.75
N ILE G 270 -34.39 -65.88 -43.88
CA ILE G 270 -33.55 -66.08 -42.71
C ILE G 270 -33.11 -64.75 -42.11
N GLU G 271 -32.63 -63.83 -42.96
CA GLU G 271 -32.12 -62.56 -42.45
C GLU G 271 -33.22 -61.57 -42.09
N ASN G 272 -34.47 -61.82 -42.48
CA ASN G 272 -35.62 -61.08 -41.99
C ASN G 272 -36.55 -62.08 -41.33
N PRO G 273 -36.39 -62.30 -40.02
CA PRO G 273 -37.12 -63.39 -39.36
C PRO G 273 -38.61 -63.12 -39.17
N LEU G 274 -39.07 -61.88 -39.37
CA LEU G 274 -40.50 -61.59 -39.31
C LEU G 274 -41.24 -62.07 -40.55
N GLU G 275 -40.52 -62.45 -41.62
CA GLU G 275 -41.15 -62.98 -42.81
C GLU G 275 -41.56 -64.43 -42.69
N LEU G 276 -41.25 -65.08 -41.56
CA LEU G 276 -41.72 -66.44 -41.32
C LEU G 276 -43.21 -66.49 -41.00
N LEU G 277 -43.80 -65.34 -40.64
CA LEU G 277 -45.24 -65.25 -40.45
C LEU G 277 -45.96 -65.40 -41.78
N LEU G 278 -45.47 -64.73 -42.82
CA LEU G 278 -46.08 -64.77 -44.15
C LEU G 278 -45.70 -66.05 -44.87
N TYR H 47 20.06 -110.40 18.34
CA TYR H 47 18.93 -110.69 19.21
C TYR H 47 17.83 -111.37 18.42
N THR H 48 17.06 -110.58 17.66
CA THR H 48 16.05 -111.15 16.78
C THR H 48 16.69 -111.55 15.46
N ASP H 49 16.50 -112.80 15.10
CA ASP H 49 17.24 -113.48 14.03
C ASP H 49 16.28 -114.10 13.03
N VAL H 50 15.37 -113.29 12.49
CA VAL H 50 14.50 -113.71 11.38
C VAL H 50 15.38 -114.11 10.20
N PRO H 51 15.05 -115.19 9.49
CA PRO H 51 15.91 -115.66 8.41
C PRO H 51 15.66 -114.91 7.11
N ILE H 52 16.59 -115.10 6.17
CA ILE H 52 16.47 -114.50 4.85
C ILE H 52 15.36 -115.21 4.09
N SER H 53 14.61 -114.46 3.28
CA SER H 53 13.45 -115.01 2.59
C SER H 53 13.83 -116.01 1.51
N GLY H 54 15.07 -115.95 1.00
CA GLY H 54 15.48 -116.82 -0.08
C GLY H 54 15.35 -116.11 -1.41
N MET H 55 14.29 -115.32 -1.57
CA MET H 55 14.17 -114.42 -2.71
C MET H 55 15.20 -113.30 -2.66
N ARG H 56 15.54 -112.83 -1.46
CA ARG H 56 16.58 -111.82 -1.28
C ARG H 56 17.97 -112.35 -1.64
N LYS H 57 18.19 -113.66 -1.56
CA LYS H 57 19.51 -114.23 -1.84
C LYS H 57 19.85 -114.10 -3.32
N THR H 58 18.87 -114.27 -4.20
CA THR H 58 19.09 -114.11 -5.63
C THR H 58 19.39 -112.66 -5.99
N ILE H 59 18.69 -111.71 -5.38
CA ILE H 59 18.96 -110.30 -5.64
C ILE H 59 20.32 -109.89 -5.08
N ALA H 60 20.71 -110.47 -3.94
CA ALA H 60 22.02 -110.18 -3.38
C ALA H 60 23.14 -110.73 -4.26
N ALA H 61 22.96 -111.94 -4.79
CA ALA H 61 23.93 -112.52 -5.72
C ALA H 61 23.98 -111.72 -7.03
N ARG H 62 22.82 -111.22 -7.47
CA ARG H 62 22.77 -110.44 -8.71
C ARG H 62 23.48 -109.09 -8.56
N LEU H 63 23.26 -108.42 -7.42
CA LEU H 63 23.96 -107.16 -7.16
C LEU H 63 25.45 -107.40 -6.94
N LYS H 64 25.81 -108.56 -6.38
CA LYS H 64 27.22 -108.94 -6.28
C LYS H 64 27.84 -109.11 -7.66
N GLU H 65 27.13 -109.80 -8.58
CA GLU H 65 27.58 -109.94 -9.97
C GLU H 65 27.76 -108.58 -10.64
N SER H 66 26.82 -107.67 -10.38
CA SER H 66 26.86 -106.34 -10.98
C SER H 66 28.07 -105.55 -10.50
N VAL H 67 28.32 -105.54 -9.19
CA VAL H 67 29.43 -104.74 -8.67
C VAL H 67 30.77 -105.43 -8.92
N THR H 68 30.77 -106.75 -9.18
CA THR H 68 32.07 -107.40 -9.37
C THR H 68 32.43 -107.53 -10.84
N GLU H 69 31.47 -107.37 -11.75
CA GLU H 69 31.82 -107.51 -13.16
C GLU H 69 31.68 -106.18 -13.89
N ASN H 70 30.98 -105.23 -13.29
CA ASN H 70 30.79 -103.91 -13.88
C ASN H 70 31.58 -102.87 -13.08
N PRO H 71 32.71 -102.37 -13.58
CA PRO H 71 33.35 -101.22 -12.92
C PRO H 71 32.56 -99.95 -13.14
N HIS H 72 31.81 -99.52 -12.11
CA HIS H 72 30.91 -98.40 -12.24
C HIS H 72 31.67 -97.08 -12.15
N PHE H 73 31.16 -96.08 -12.88
CA PHE H 73 31.57 -94.70 -12.63
C PHE H 73 30.36 -93.81 -12.81
N PHE H 74 30.26 -92.79 -11.96
CA PHE H 74 29.10 -91.93 -11.88
C PHE H 74 29.37 -90.59 -12.55
N VAL H 75 28.35 -90.07 -13.23
CA VAL H 75 28.38 -88.73 -13.82
C VAL H 75 27.17 -87.98 -13.30
N SER H 76 27.39 -86.86 -12.62
CA SER H 76 26.31 -86.09 -12.02
C SER H 76 26.08 -84.81 -12.79
N THR H 77 24.82 -84.36 -12.79
CA THR H 77 24.45 -83.11 -13.44
C THR H 77 23.24 -82.53 -12.72
N ASN H 78 22.93 -81.28 -13.02
CA ASN H 78 21.77 -80.60 -12.47
C ASN H 78 20.89 -80.14 -13.63
N LEU H 79 19.70 -80.72 -13.74
CA LEU H 79 18.75 -80.37 -14.78
C LEU H 79 17.80 -79.31 -14.26
N SER H 80 17.60 -78.26 -15.05
CA SER H 80 16.62 -77.24 -14.73
C SER H 80 15.27 -77.66 -15.32
N VAL H 81 14.25 -77.75 -14.46
CA VAL H 81 12.95 -78.27 -14.84
C VAL H 81 11.87 -77.21 -14.71
N SER H 82 12.25 -75.93 -14.69
CA SER H 82 11.28 -74.85 -14.53
C SER H 82 10.40 -74.68 -15.77
N LYS H 83 10.93 -75.03 -16.94
CA LYS H 83 10.12 -75.03 -18.16
C LYS H 83 9.38 -76.35 -18.34
N LEU H 84 9.98 -77.45 -17.86
CA LEU H 84 9.34 -78.75 -17.94
C LEU H 84 8.09 -78.80 -17.07
N LEU H 85 8.14 -78.17 -15.90
CA LEU H 85 6.96 -78.11 -15.04
C LEU H 85 5.86 -77.23 -15.63
N LYS H 86 6.25 -76.16 -16.34
CA LYS H 86 5.25 -75.33 -17.01
C LYS H 86 4.59 -76.07 -18.17
N LEU H 87 5.38 -76.83 -18.93
CA LEU H 87 4.83 -77.64 -20.01
C LEU H 87 3.91 -78.74 -19.48
N ARG H 88 4.29 -79.35 -18.36
CA ARG H 88 3.45 -80.38 -17.75
C ARG H 88 2.16 -79.78 -17.20
N GLN H 89 2.23 -78.57 -16.63
CA GLN H 89 1.05 -77.91 -16.12
C GLN H 89 0.09 -77.54 -17.24
N ALA H 90 0.63 -77.06 -18.38
CA ALA H 90 -0.20 -76.72 -19.52
C ALA H 90 -0.85 -77.97 -20.14
N LEU H 91 -0.08 -79.05 -20.26
CA LEU H 91 -0.62 -80.27 -20.86
C LEU H 91 -1.61 -80.95 -19.93
N ASN H 92 -1.47 -80.77 -18.62
CA ASN H 92 -2.45 -81.32 -17.70
C ASN H 92 -3.70 -80.46 -17.62
N SER H 93 -3.56 -79.14 -17.76
CA SER H 93 -4.72 -78.26 -17.71
C SER H 93 -5.54 -78.34 -18.98
N SER H 94 -4.90 -78.64 -20.12
CA SER H 94 -5.63 -78.81 -21.38
C SER H 94 -6.06 -80.26 -21.57
N ALA H 95 -6.90 -80.73 -20.64
CA ALA H 95 -7.38 -82.10 -20.69
C ALA H 95 -8.73 -82.16 -19.99
N ASP H 96 -9.43 -83.27 -20.20
CA ASP H 96 -10.73 -83.54 -19.59
C ASP H 96 -10.66 -84.76 -18.67
N GLY H 97 -9.53 -84.96 -18.01
CA GLY H 97 -9.33 -86.17 -17.24
C GLY H 97 -8.93 -87.38 -18.05
N ARG H 98 -8.48 -87.19 -19.29
CA ARG H 98 -8.07 -88.32 -20.11
C ARG H 98 -6.71 -88.86 -19.69
N TYR H 99 -5.83 -87.99 -19.19
CA TYR H 99 -4.48 -88.39 -18.82
C TYR H 99 -4.02 -87.53 -17.65
N LYS H 100 -2.89 -87.95 -17.06
CA LYS H 100 -2.23 -87.19 -16.01
C LYS H 100 -0.73 -87.38 -16.18
N LEU H 101 -0.03 -86.28 -16.43
CA LEU H 101 1.39 -86.34 -16.76
C LEU H 101 2.25 -86.10 -15.51
N SER H 102 3.40 -86.76 -15.47
CA SER H 102 4.38 -86.61 -14.41
C SER H 102 5.74 -86.28 -15.01
N VAL H 103 6.71 -86.04 -14.13
CA VAL H 103 8.06 -85.71 -14.57
C VAL H 103 8.76 -86.95 -15.12
N ASN H 104 8.35 -88.14 -14.66
CA ASN H 104 8.97 -89.38 -15.10
C ASN H 104 8.67 -89.68 -16.56
N ASP H 105 7.54 -89.19 -17.08
CA ASP H 105 7.22 -89.35 -18.50
C ASP H 105 8.19 -88.56 -19.38
N PHE H 106 8.44 -87.31 -19.03
CA PHE H 106 9.41 -86.49 -19.74
C PHE H 106 10.82 -87.05 -19.61
N LEU H 107 11.13 -87.61 -18.43
CA LEU H 107 12.45 -88.19 -18.22
C LEU H 107 12.66 -89.45 -19.05
N ILE H 108 11.62 -90.29 -19.17
CA ILE H 108 11.72 -91.51 -19.96
C ILE H 108 11.81 -91.18 -21.44
N LYS H 109 11.04 -90.18 -21.90
CA LYS H 109 11.13 -89.75 -23.30
C LYS H 109 12.49 -89.12 -23.61
N ALA H 110 13.04 -88.34 -22.68
CA ALA H 110 14.35 -87.73 -22.90
C ALA H 110 15.45 -88.79 -22.86
N MET H 111 15.28 -89.83 -22.05
CA MET H 111 16.23 -90.94 -22.04
C MET H 111 16.19 -91.70 -23.36
N GLY H 112 15.00 -91.85 -23.93
CA GLY H 112 14.90 -92.49 -25.25
C GLY H 112 15.55 -91.67 -26.35
N ILE H 113 15.35 -90.34 -26.30
CA ILE H 113 15.96 -89.45 -27.29
C ILE H 113 17.48 -89.45 -27.16
N ALA H 114 17.98 -89.41 -25.91
CA ALA H 114 19.42 -89.40 -25.69
C ALA H 114 20.07 -90.72 -26.04
N SER H 115 19.38 -91.84 -25.78
CA SER H 115 19.93 -93.14 -26.15
C SER H 115 19.86 -93.37 -27.65
N LYS H 116 18.92 -92.73 -28.35
CA LYS H 116 18.92 -92.80 -29.81
C LYS H 116 20.03 -91.93 -30.40
N ARG H 117 20.32 -90.79 -29.78
CA ARG H 117 21.39 -89.93 -30.29
C ARG H 117 22.77 -90.49 -29.98
N VAL H 118 22.97 -91.08 -28.80
CA VAL H 118 24.24 -91.74 -28.47
C VAL H 118 23.97 -93.23 -28.31
N PRO H 119 24.13 -94.03 -29.36
CA PRO H 119 23.75 -95.45 -29.29
C PRO H 119 24.76 -96.33 -28.57
N THR H 120 25.90 -95.80 -28.14
CA THR H 120 26.88 -96.61 -27.43
C THR H 120 26.41 -96.95 -26.03
N VAL H 121 25.65 -96.06 -25.40
CA VAL H 121 25.12 -96.31 -24.05
C VAL H 121 24.03 -97.39 -24.10
N ASN H 122 23.29 -97.47 -25.21
CA ASN H 122 22.23 -98.46 -25.36
C ASN H 122 22.86 -99.76 -25.86
N SER H 123 23.55 -100.45 -24.96
CA SER H 123 24.27 -101.67 -25.30
C SER H 123 24.34 -102.58 -24.07
N SER H 124 25.12 -103.65 -24.19
CA SER H 124 25.28 -104.63 -23.12
C SER H 124 26.68 -105.22 -23.22
N TRP H 125 26.89 -106.37 -22.59
CA TRP H 125 28.17 -107.06 -22.61
C TRP H 125 27.92 -108.56 -22.64
N ARG H 126 28.31 -109.20 -23.74
CA ARG H 126 27.95 -110.58 -24.03
C ARG H 126 29.19 -111.42 -24.31
N ASP H 127 29.01 -112.63 -24.87
CA ASP H 127 30.11 -113.57 -25.08
C ASP H 127 31.05 -113.04 -26.15
N GLY H 128 32.06 -112.27 -25.73
CA GLY H 128 33.04 -111.71 -26.63
C GLY H 128 32.49 -110.69 -27.60
N VAL H 129 31.34 -110.08 -27.31
CA VAL H 129 30.59 -109.32 -28.28
C VAL H 129 29.74 -108.28 -27.55
N ILE H 130 29.54 -107.14 -28.20
CA ILE H 130 28.71 -106.04 -27.69
C ILE H 130 27.37 -106.12 -28.41
N ARG H 131 26.29 -106.27 -27.66
CA ARG H 131 24.96 -106.34 -28.27
C ARG H 131 24.32 -104.96 -28.24
N GLN H 132 24.09 -104.39 -29.41
CA GLN H 132 23.58 -103.03 -29.57
C GLN H 132 22.17 -103.08 -30.14
N PHE H 133 21.22 -102.50 -29.42
CA PHE H 133 19.81 -102.49 -29.81
C PHE H 133 19.47 -101.22 -30.57
N GLU H 134 18.34 -101.25 -31.28
CA GLU H 134 17.78 -100.06 -31.92
C GLU H 134 16.82 -99.31 -31.00
N THR H 135 15.80 -99.99 -30.50
CA THR H 135 14.79 -99.35 -29.67
C THR H 135 15.27 -99.21 -28.23
N VAL H 136 14.73 -98.22 -27.54
CA VAL H 136 15.06 -97.96 -26.15
C VAL H 136 13.95 -98.59 -25.31
N ASP H 137 14.29 -99.64 -24.57
CA ASP H 137 13.37 -100.27 -23.64
C ASP H 137 13.78 -99.87 -22.23
N VAL H 138 12.91 -99.12 -21.55
CA VAL H 138 13.27 -98.47 -20.30
C VAL H 138 12.64 -99.23 -19.14
N SER H 139 13.49 -99.73 -18.23
CA SER H 139 13.02 -100.41 -17.03
C SER H 139 12.81 -99.39 -15.93
N VAL H 140 11.60 -99.33 -15.39
CA VAL H 140 11.24 -98.37 -14.35
C VAL H 140 11.10 -99.10 -13.03
N ALA H 141 11.78 -98.61 -12.00
CA ALA H 141 11.76 -99.25 -10.70
C ALA H 141 10.48 -98.88 -9.95
N VAL H 142 9.77 -99.89 -9.45
CA VAL H 142 8.55 -99.72 -8.68
C VAL H 142 8.80 -100.25 -7.28
N ALA H 143 8.51 -99.43 -6.27
CA ALA H 143 8.76 -99.79 -4.87
C ALA H 143 7.52 -100.49 -4.32
N THR H 144 7.61 -101.80 -4.18
CA THR H 144 6.60 -102.66 -3.58
C THR H 144 7.03 -103.08 -2.18
N PRO H 145 6.10 -103.46 -1.29
CA PRO H 145 6.51 -103.92 0.05
C PRO H 145 7.29 -105.23 0.05
N ASN H 146 7.27 -105.98 -1.05
CA ASN H 146 8.15 -107.12 -1.25
C ASN H 146 9.44 -106.74 -1.97
N GLY H 147 9.88 -105.50 -1.85
CA GLY H 147 11.19 -105.12 -2.35
C GLY H 147 11.20 -104.24 -3.58
N LEU H 148 11.77 -104.73 -4.69
CA LEU H 148 11.95 -103.92 -5.88
C LEU H 148 11.68 -104.77 -7.11
N ILE H 149 10.99 -104.16 -8.08
CA ILE H 149 10.74 -104.79 -9.37
C ILE H 149 10.93 -103.72 -10.44
N THR H 150 11.31 -104.15 -11.65
CA THR H 150 11.56 -103.25 -12.77
C THR H 150 10.76 -103.69 -13.99
N PRO H 151 9.50 -103.28 -14.10
CA PRO H 151 8.78 -103.49 -15.36
C PRO H 151 9.30 -102.58 -16.46
N ILE H 152 9.15 -103.05 -17.69
CA ILE H 152 9.80 -102.44 -18.85
C ILE H 152 8.75 -101.78 -19.73
N VAL H 153 9.02 -100.54 -20.13
CA VAL H 153 8.28 -99.85 -21.16
C VAL H 153 9.04 -100.06 -22.47
N LYS H 154 8.39 -100.72 -23.43
CA LYS H 154 9.02 -101.11 -24.67
C LYS H 154 8.77 -100.08 -25.75
N GLY H 155 9.80 -99.79 -26.55
CA GLY H 155 9.70 -98.87 -27.65
C GLY H 155 9.43 -97.44 -27.23
N VAL H 156 10.35 -96.85 -26.47
CA VAL H 156 10.11 -95.55 -25.86
C VAL H 156 10.14 -94.44 -26.89
N GLU H 157 11.14 -94.44 -27.77
CA GLU H 157 11.22 -93.41 -28.79
C GLU H 157 10.11 -93.64 -29.83
N GLY H 158 9.44 -92.57 -30.20
CA GLY H 158 8.27 -92.65 -31.06
C GLY H 158 7.09 -93.38 -30.44
N LYS H 159 6.73 -93.04 -29.21
CA LYS H 159 5.61 -93.71 -28.55
C LYS H 159 4.51 -92.75 -28.11
N GLY H 160 4.87 -91.60 -27.55
CA GLY H 160 3.87 -90.68 -27.07
C GLY H 160 3.82 -90.63 -25.55
N LEU H 161 3.62 -89.43 -25.02
CA LEU H 161 3.67 -89.21 -23.58
C LEU H 161 2.46 -89.82 -22.88
N GLU H 162 1.30 -89.79 -23.53
CA GLU H 162 0.11 -90.41 -22.95
C GLU H 162 0.22 -91.92 -22.93
N SER H 163 0.82 -92.50 -23.98
CA SER H 163 1.07 -93.94 -24.00
C SER H 163 2.09 -94.34 -22.94
N ILE H 164 3.10 -93.51 -22.75
CA ILE H 164 4.11 -93.79 -21.71
C ILE H 164 3.49 -93.71 -20.32
N SER H 165 2.65 -92.69 -20.09
CA SER H 165 1.97 -92.53 -18.80
C SER H 165 1.02 -93.70 -18.53
N ALA H 166 0.29 -94.13 -19.56
CA ALA H 166 -0.63 -95.25 -19.42
C ALA H 166 0.11 -96.54 -19.12
N ALA H 167 1.22 -96.79 -19.82
CA ALA H 167 1.98 -98.02 -19.60
C ALA H 167 2.65 -98.02 -18.22
N VAL H 168 3.14 -96.86 -17.78
CA VAL H 168 3.75 -96.76 -16.46
C VAL H 168 2.72 -96.97 -15.36
N LYS H 169 1.51 -96.42 -15.54
CA LYS H 169 0.45 -96.61 -14.53
C LYS H 169 -0.03 -98.06 -14.49
N GLU H 170 -0.20 -98.68 -15.67
CA GLU H 170 -0.56 -100.10 -15.76
C GLU H 170 0.47 -100.99 -15.06
N LEU H 171 1.76 -100.79 -15.37
CA LEU H 171 2.80 -101.64 -14.81
C LEU H 171 2.99 -101.38 -13.32
N ALA H 172 2.80 -100.14 -12.87
CA ALA H 172 2.94 -99.85 -11.45
C ALA H 172 1.81 -100.45 -10.63
N LYS H 173 0.56 -100.35 -11.12
CA LYS H 173 -0.54 -100.92 -10.36
C LYS H 173 -0.50 -102.45 -10.41
N LYS H 174 0.01 -103.01 -11.51
CA LYS H 174 0.16 -104.46 -11.56
C LYS H 174 1.35 -104.92 -10.72
N ALA H 175 2.34 -104.05 -10.50
CA ALA H 175 3.43 -104.39 -9.60
C ALA H 175 2.96 -104.33 -8.15
N ARG H 176 2.05 -103.42 -7.84
CA ARG H 176 1.48 -103.37 -6.50
C ARG H 176 0.54 -104.55 -6.25
N ASP H 177 -0.16 -105.02 -7.28
CA ASP H 177 -0.99 -106.21 -7.12
C ASP H 177 -0.21 -107.52 -7.30
N GLY H 178 1.01 -107.48 -7.81
CA GLY H 178 1.85 -108.66 -7.95
C GLY H 178 1.37 -109.62 -9.01
N LYS H 179 1.13 -109.12 -10.23
CA LYS H 179 0.51 -109.91 -11.29
C LYS H 179 1.30 -109.78 -12.59
N LEU H 180 2.61 -110.02 -12.55
CA LEU H 180 3.48 -109.83 -13.70
C LEU H 180 3.91 -111.16 -14.30
N LYS H 181 4.19 -111.13 -15.59
CA LYS H 181 4.84 -112.14 -16.41
C LYS H 181 6.34 -111.89 -16.42
N PRO H 182 7.18 -112.93 -16.54
CA PRO H 182 8.64 -112.71 -16.53
C PRO H 182 9.15 -111.94 -17.73
N GLU H 183 8.42 -111.96 -18.86
CA GLU H 183 8.78 -111.15 -20.01
C GLU H 183 8.48 -109.67 -19.81
N GLU H 184 7.77 -109.30 -18.75
CA GLU H 184 7.50 -107.89 -18.47
C GLU H 184 8.55 -107.26 -17.56
N TYR H 185 9.38 -108.05 -16.88
CA TYR H 185 10.43 -107.47 -16.04
C TYR H 185 11.78 -108.14 -16.26
N GLN H 186 11.91 -108.93 -17.33
CA GLN H 186 13.19 -109.55 -17.68
C GLN H 186 13.60 -109.05 -19.06
N GLY H 187 14.58 -108.16 -19.10
CA GLY H 187 15.06 -107.59 -20.35
C GLY H 187 15.46 -106.15 -20.19
N GLY H 188 15.10 -105.30 -21.16
CA GLY H 188 15.40 -103.90 -21.09
C GLY H 188 16.81 -103.54 -21.51
N SER H 189 17.01 -102.30 -21.96
CA SER H 189 18.33 -101.83 -22.35
C SER H 189 18.89 -100.74 -21.44
N ILE H 190 18.03 -100.06 -20.68
CA ILE H 190 18.46 -99.01 -19.76
C ILE H 190 17.42 -98.90 -18.64
N SER H 191 17.85 -98.41 -17.48
CA SER H 191 17.01 -98.36 -16.29
C SER H 191 16.95 -96.92 -15.77
N ILE H 192 16.01 -96.70 -14.85
CA ILE H 192 15.87 -95.42 -14.17
C ILE H 192 15.29 -95.66 -12.79
N SER H 193 15.90 -95.03 -11.78
CA SER H 193 15.43 -95.09 -10.40
C SER H 193 14.95 -93.70 -10.00
N ASN H 194 13.73 -93.63 -9.48
CA ASN H 194 13.06 -92.38 -9.20
C ASN H 194 12.84 -92.23 -7.70
N MET H 195 13.27 -91.11 -7.14
CA MET H 195 13.08 -90.82 -5.71
C MET H 195 12.64 -89.38 -5.51
N GLY H 196 11.72 -88.91 -6.36
CA GLY H 196 11.22 -87.54 -6.22
C GLY H 196 10.15 -87.38 -5.17
N MET H 197 9.53 -88.48 -4.73
CA MET H 197 8.49 -88.37 -3.71
C MET H 197 9.09 -88.12 -2.33
N ASN H 198 10.36 -88.48 -2.15
CA ASN H 198 11.08 -88.20 -0.91
C ASN H 198 11.83 -86.88 -1.07
N PRO H 199 11.45 -85.83 -0.34
CA PRO H 199 12.13 -84.53 -0.50
C PRO H 199 13.48 -84.46 0.18
N ALA H 200 13.88 -85.48 0.94
CA ALA H 200 15.17 -85.43 1.62
C ALA H 200 16.31 -85.84 0.69
N VAL H 201 16.04 -86.71 -0.28
CA VAL H 201 17.09 -87.26 -1.13
C VAL H 201 17.50 -86.21 -2.14
N GLN H 202 18.61 -85.52 -1.87
CA GLN H 202 19.15 -84.58 -2.84
C GLN H 202 19.83 -85.30 -3.99
N SER H 203 20.56 -86.37 -3.69
CA SER H 203 21.30 -87.12 -4.69
C SER H 203 21.52 -88.53 -4.17
N PHE H 204 21.51 -89.49 -5.10
CA PHE H 204 21.83 -90.87 -4.75
C PHE H 204 22.34 -91.57 -5.99
N THR H 205 23.05 -92.68 -5.76
CA THR H 205 23.55 -93.54 -6.82
C THR H 205 22.77 -94.86 -6.80
N ALA H 206 22.84 -95.55 -7.93
CA ALA H 206 22.14 -96.83 -8.08
C ALA H 206 23.12 -97.87 -8.63
N ILE H 207 22.73 -99.13 -8.49
CA ILE H 207 23.52 -100.24 -8.99
C ILE H 207 22.92 -100.69 -10.32
N ILE H 208 23.79 -100.91 -11.31
CA ILE H 208 23.35 -101.26 -12.66
C ILE H 208 22.80 -102.69 -12.66
N ASN H 209 21.57 -102.83 -13.16
CA ASN H 209 20.98 -104.16 -13.32
C ASN H 209 21.65 -104.87 -14.49
N PRO H 210 22.24 -106.05 -14.27
CA PRO H 210 22.86 -106.77 -15.37
C PRO H 210 21.82 -107.37 -16.28
N PRO H 211 22.11 -107.48 -17.59
CA PRO H 211 23.35 -107.11 -18.26
C PRO H 211 23.33 -105.73 -18.92
N GLN H 212 22.60 -104.77 -18.35
CA GLN H 212 22.54 -103.45 -18.94
C GLN H 212 23.83 -102.67 -18.69
N ALA H 213 23.94 -101.51 -19.34
CA ALA H 213 25.18 -100.74 -19.30
C ALA H 213 25.09 -99.46 -18.50
N ALA H 214 23.89 -98.95 -18.22
CA ALA H 214 23.75 -97.68 -17.52
C ALA H 214 22.49 -97.71 -16.67
N ILE H 215 22.46 -96.85 -15.65
CA ILE H 215 21.27 -96.65 -14.84
C ILE H 215 21.19 -95.18 -14.44
N LEU H 216 19.97 -94.64 -14.41
CA LEU H 216 19.77 -93.25 -14.03
C LEU H 216 19.25 -93.18 -12.60
N ALA H 217 19.52 -92.07 -11.92
CA ALA H 217 19.06 -91.84 -10.55
C ALA H 217 18.67 -90.38 -10.43
N VAL H 218 17.44 -90.11 -10.01
CA VAL H 218 16.87 -88.76 -10.04
C VAL H 218 16.52 -88.34 -8.61
N GLY H 219 17.10 -87.22 -8.16
CA GLY H 219 16.86 -86.74 -6.82
C GLY H 219 15.73 -85.74 -6.74
N ALA H 220 15.40 -85.36 -5.52
CA ALA H 220 14.32 -84.44 -5.25
C ALA H 220 14.67 -83.05 -5.76
N PRO H 221 13.69 -82.31 -6.28
CA PRO H 221 13.95 -80.93 -6.74
C PRO H 221 14.14 -79.98 -5.57
N GLN H 222 15.01 -79.00 -5.77
CA GLN H 222 15.32 -77.98 -4.78
C GLN H 222 15.46 -76.63 -5.46
N LYS H 223 15.33 -75.55 -4.69
CA LYS H 223 15.48 -74.20 -5.21
C LYS H 223 16.94 -73.78 -5.14
N VAL H 224 17.51 -73.45 -6.30
CA VAL H 224 18.91 -73.03 -6.41
C VAL H 224 18.94 -71.61 -6.95
N ALA H 225 19.75 -70.76 -6.33
CA ALA H 225 19.91 -69.38 -6.78
C ALA H 225 20.68 -69.33 -8.09
N VAL H 226 20.08 -68.69 -9.10
CA VAL H 226 20.62 -68.61 -10.44
C VAL H 226 20.66 -67.14 -10.87
N PRO H 227 21.77 -66.64 -11.42
CA PRO H 227 21.84 -65.22 -11.77
C PRO H 227 20.98 -64.88 -12.97
N VAL H 228 20.51 -63.63 -12.99
CA VAL H 228 19.65 -63.14 -14.05
C VAL H 228 19.99 -61.67 -14.30
N GLU H 229 19.97 -61.28 -15.57
CA GLU H 229 20.10 -59.87 -15.92
C GLU H 229 18.72 -59.25 -15.94
N ASN H 230 18.61 -58.05 -15.40
CA ASN H 230 17.41 -57.25 -15.62
C ASN H 230 17.59 -56.48 -16.93
N GLU H 231 16.68 -55.56 -17.23
CA GLU H 231 16.81 -54.75 -18.43
C GLU H 231 17.80 -53.59 -18.27
N ASP H 232 18.47 -53.49 -17.12
CA ASP H 232 19.63 -52.63 -16.95
C ASP H 232 20.86 -53.50 -16.74
N GLY H 233 22.00 -52.86 -16.46
CA GLY H 233 23.29 -53.53 -16.49
C GLY H 233 23.55 -54.48 -15.33
N THR H 234 22.84 -54.34 -14.22
CA THR H 234 23.18 -55.09 -13.02
C THR H 234 22.65 -56.52 -13.09
N THR H 235 23.23 -57.40 -12.27
CA THR H 235 22.76 -58.77 -12.15
C THR H 235 21.79 -58.92 -10.98
N GLY H 236 21.04 -60.02 -10.98
CA GLY H 236 20.04 -60.27 -9.97
C GLY H 236 20.09 -61.70 -9.46
N VAL H 237 19.12 -62.02 -8.61
CA VAL H 237 18.95 -63.36 -8.07
C VAL H 237 17.61 -63.89 -8.53
N SER H 238 17.63 -64.98 -9.29
CA SER H 238 16.44 -65.70 -9.66
C SER H 238 16.49 -67.09 -9.04
N TRP H 239 15.33 -67.64 -8.74
CA TRP H 239 15.21 -68.94 -8.07
C TRP H 239 14.77 -69.98 -9.10
N ASP H 240 15.64 -70.94 -9.36
CA ASP H 240 15.42 -71.96 -10.37
C ASP H 240 15.19 -73.31 -9.70
N GLU H 241 14.28 -74.11 -10.26
CA GLU H 241 14.01 -75.45 -9.75
C GLU H 241 14.99 -76.41 -10.42
N GLN H 242 15.91 -76.97 -9.64
CA GLN H 242 16.93 -77.86 -10.17
C GLN H 242 16.77 -79.26 -9.60
N ILE H 243 17.17 -80.25 -10.39
CA ILE H 243 17.09 -81.66 -10.01
C ILE H 243 18.46 -82.27 -10.26
N ILE H 244 19.02 -82.92 -9.24
CA ILE H 244 20.32 -83.58 -9.36
C ILE H 244 20.09 -84.97 -9.94
N VAL H 245 20.73 -85.23 -11.08
CA VAL H 245 20.61 -86.48 -11.82
C VAL H 245 21.98 -87.14 -11.88
N THR H 246 22.07 -88.36 -11.37
CA THR H 246 23.32 -89.13 -11.36
C THR H 246 23.15 -90.35 -12.25
N ALA H 247 24.01 -90.48 -13.25
CA ALA H 247 23.98 -91.62 -14.15
C ALA H 247 25.19 -92.49 -13.89
N SER H 248 24.95 -93.77 -13.58
CA SER H 248 26.01 -94.73 -13.32
C SER H 248 26.23 -95.56 -14.58
N PHE H 249 27.46 -95.54 -15.08
CA PHE H 249 27.83 -96.25 -16.30
C PHE H 249 28.81 -97.37 -15.99
N ASP H 250 28.82 -98.37 -16.88
CA ASP H 250 29.78 -99.45 -16.87
C ASP H 250 30.94 -99.08 -17.79
N HIS H 251 32.17 -99.18 -17.28
CA HIS H 251 33.32 -98.67 -18.02
C HIS H 251 33.80 -99.64 -19.08
N LYS H 252 33.28 -100.87 -19.12
CA LYS H 252 33.66 -101.80 -20.18
C LYS H 252 33.02 -101.41 -21.50
N VAL H 253 31.85 -100.78 -21.47
CA VAL H 253 31.10 -100.40 -22.65
C VAL H 253 31.17 -98.90 -22.90
N VAL H 254 30.92 -98.09 -21.87
CA VAL H 254 30.79 -96.65 -21.99
C VAL H 254 32.01 -96.00 -21.35
N ASP H 255 32.68 -95.13 -22.10
CA ASP H 255 33.74 -94.32 -21.53
C ASP H 255 33.19 -93.01 -20.98
N GLY H 256 34.10 -92.22 -20.40
CA GLY H 256 33.67 -91.00 -19.74
C GLY H 256 33.20 -89.93 -20.71
N ALA H 257 33.83 -89.85 -21.88
CA ALA H 257 33.40 -88.90 -22.90
C ALA H 257 32.04 -89.29 -23.49
N VAL H 258 31.79 -90.59 -23.65
CA VAL H 258 30.49 -91.05 -24.16
C VAL H 258 29.40 -90.79 -23.12
N GLY H 259 29.71 -91.03 -21.85
CA GLY H 259 28.75 -90.72 -20.79
C GLY H 259 28.49 -89.24 -20.65
N ALA H 260 29.51 -88.42 -20.88
CA ALA H 260 29.34 -86.98 -20.82
C ALA H 260 28.52 -86.47 -22.00
N GLU H 261 28.69 -87.07 -23.19
CA GLU H 261 27.85 -86.71 -24.34
C GLU H 261 26.40 -87.12 -24.12
N TRP H 262 26.18 -88.31 -23.53
CA TRP H 262 24.82 -88.75 -23.21
C TRP H 262 24.17 -87.82 -22.18
N ILE H 263 24.92 -87.42 -21.15
CA ILE H 263 24.42 -86.50 -20.13
C ILE H 263 24.14 -85.12 -20.74
N ARG H 264 24.97 -84.68 -21.69
CA ARG H 264 24.77 -83.38 -22.33
C ARG H 264 23.54 -83.37 -23.21
N GLU H 265 23.31 -84.46 -23.95
CA GLU H 265 22.11 -84.54 -24.79
C GLU H 265 20.85 -84.66 -23.94
N LEU H 266 20.92 -85.40 -22.83
CA LEU H 266 19.79 -85.49 -21.92
C LEU H 266 19.47 -84.13 -21.28
N LYS H 267 20.52 -83.39 -20.90
CA LYS H 267 20.33 -82.06 -20.33
C LYS H 267 19.78 -81.08 -21.36
N LYS H 268 20.20 -81.21 -22.62
CA LYS H 268 19.68 -80.36 -23.68
C LYS H 268 18.20 -80.61 -23.92
N VAL H 269 17.80 -81.89 -24.02
CA VAL H 269 16.41 -82.23 -24.27
C VAL H 269 15.53 -81.88 -23.06
N ILE H 270 16.07 -81.94 -21.84
CA ILE H 270 15.29 -81.59 -20.66
C ILE H 270 15.14 -80.07 -20.55
N GLU H 271 16.24 -79.32 -20.69
CA GLU H 271 16.19 -77.88 -20.51
C GLU H 271 15.61 -77.15 -21.71
N ASN H 272 15.43 -77.81 -22.85
CA ASN H 272 14.67 -77.27 -23.98
C ASN H 272 13.55 -78.27 -24.25
N PRO H 273 12.38 -78.07 -23.63
CA PRO H 273 11.33 -79.09 -23.71
C PRO H 273 10.64 -79.17 -25.06
N LEU H 274 10.85 -78.19 -25.95
CA LEU H 274 10.30 -78.28 -27.30
C LEU H 274 11.06 -79.25 -28.18
N GLU H 275 12.24 -79.71 -27.75
CA GLU H 275 13.00 -80.69 -28.50
C GLU H 275 12.50 -82.11 -28.33
N LEU H 276 11.48 -82.33 -27.48
CA LEU H 276 10.86 -83.64 -27.36
C LEU H 276 10.00 -83.98 -28.57
N LEU H 277 9.63 -82.97 -29.36
CA LEU H 277 8.93 -83.22 -30.63
C LEU H 277 9.85 -83.91 -31.63
N LEU H 278 11.07 -83.43 -31.74
CA LEU H 278 12.05 -83.99 -32.67
C LEU H 278 12.64 -85.28 -32.13
N TYR I 47 -27.09 -92.09 60.94
CA TYR I 47 -28.37 -92.40 60.30
C TYR I 47 -28.17 -93.54 59.31
N THR I 48 -27.65 -93.22 58.13
CA THR I 48 -27.32 -94.24 57.14
C THR I 48 -25.94 -94.80 57.43
N ASP I 49 -25.88 -96.12 57.59
CA ASP I 49 -24.74 -96.84 58.15
C ASP I 49 -24.30 -97.94 57.20
N VAL I 50 -24.02 -97.58 55.94
CA VAL I 50 -23.41 -98.49 54.97
C VAL I 50 -22.06 -98.95 55.51
N PRO I 51 -21.73 -100.24 55.37
CA PRO I 51 -20.49 -100.75 55.95
C PRO I 51 -19.28 -100.47 55.07
N ILE I 52 -18.10 -100.66 55.67
CA ILE I 52 -16.85 -100.50 54.95
C ILE I 52 -16.69 -101.66 53.97
N SER I 53 -16.12 -101.37 52.79
CA SER I 53 -16.03 -102.38 51.74
C SER I 53 -15.05 -103.50 52.09
N GLY I 54 -14.12 -103.26 53.00
CA GLY I 54 -13.12 -104.26 53.32
C GLY I 54 -11.83 -104.01 52.56
N MET I 55 -11.97 -103.58 51.30
CA MET I 55 -10.83 -103.10 50.53
C MET I 55 -10.30 -101.78 51.08
N ARG I 56 -11.19 -100.93 51.60
CA ARG I 56 -10.79 -99.67 52.24
C ARG I 56 -10.02 -99.89 53.53
N LYS I 57 -10.22 -101.04 54.20
CA LYS I 57 -9.56 -101.31 55.48
C LYS I 57 -8.06 -101.50 55.29
N THR I 58 -7.67 -102.16 54.19
CA THR I 58 -6.25 -102.35 53.90
C THR I 58 -5.57 -101.03 53.55
N ILE I 59 -6.25 -100.15 52.80
CA ILE I 59 -5.66 -98.85 52.48
C ILE I 59 -5.59 -97.97 53.71
N ALA I 60 -6.57 -98.08 54.62
CA ALA I 60 -6.55 -97.33 55.86
C ALA I 60 -5.40 -97.80 56.77
N ALA I 61 -5.19 -99.11 56.85
CA ALA I 61 -4.06 -99.64 57.62
C ALA I 61 -2.73 -99.26 56.98
N ARG I 62 -2.67 -99.21 55.64
CA ARG I 62 -1.44 -98.84 54.96
C ARG I 62 -1.10 -97.37 55.18
N LEU I 63 -2.10 -96.49 55.10
CA LEU I 63 -1.87 -95.08 55.39
C LEU I 63 -1.54 -94.84 56.85
N LYS I 64 -2.10 -95.68 57.74
CA LYS I 64 -1.72 -95.64 59.15
C LYS I 64 -0.25 -96.02 59.33
N GLU I 65 0.21 -97.09 58.65
CA GLU I 65 1.62 -97.48 58.68
C GLU I 65 2.51 -96.36 58.16
N SER I 66 2.07 -95.69 57.09
CA SER I 66 2.84 -94.61 56.50
C SER I 66 3.00 -93.43 57.45
N VAL I 67 1.91 -93.00 58.08
CA VAL I 67 1.99 -91.83 58.95
C VAL I 67 2.60 -92.20 60.30
N THR I 68 2.64 -93.47 60.66
CA THR I 68 3.19 -93.80 61.98
C THR I 68 4.65 -94.24 61.90
N GLU I 69 5.14 -94.59 60.71
CA GLU I 69 6.53 -95.02 60.61
C GLU I 69 7.35 -94.01 59.81
N ASN I 70 6.69 -93.15 59.04
CA ASN I 70 7.38 -92.14 58.26
C ASN I 70 7.12 -90.76 58.85
N PRO I 71 8.10 -90.13 59.52
CA PRO I 71 7.92 -88.73 59.91
C PRO I 71 8.02 -87.81 58.70
N HIS I 72 6.88 -87.33 58.23
CA HIS I 72 6.84 -86.55 57.00
C HIS I 72 7.26 -85.12 57.26
N PHE I 73 7.88 -84.52 56.25
CA PHE I 73 8.04 -83.07 56.22
C PHE I 73 7.89 -82.59 54.78
N PHE I 74 7.25 -81.44 54.61
CA PHE I 74 6.88 -80.93 53.31
C PHE I 74 7.82 -79.80 52.89
N VAL I 75 8.12 -79.76 51.61
CA VAL I 75 8.89 -78.68 51.00
C VAL I 75 8.07 -78.16 49.82
N SER I 76 7.73 -76.88 49.85
CA SER I 76 6.89 -76.28 48.82
C SER I 76 7.71 -75.36 47.93
N THR I 77 7.31 -75.27 46.66
CA THR I 77 7.96 -74.39 45.71
C THR I 77 6.93 -73.96 44.66
N ASN I 78 7.30 -72.96 43.88
CA ASN I 78 6.47 -72.48 42.78
C ASN I 78 7.27 -72.60 41.49
N LEU I 79 6.82 -73.47 40.59
CA LEU I 79 7.46 -73.69 39.31
C LEU I 79 6.80 -72.80 38.26
N SER I 80 7.62 -72.09 37.49
CA SER I 80 7.12 -71.31 36.36
C SER I 80 7.07 -72.21 35.13
N VAL I 81 5.89 -72.32 34.52
CA VAL I 81 5.64 -73.24 33.42
C VAL I 81 5.29 -72.50 32.14
N SER I 82 5.62 -71.21 32.06
CA SER I 82 5.29 -70.42 30.88
C SER I 82 6.11 -70.83 29.67
N LYS I 83 7.33 -71.34 29.88
CA LYS I 83 8.12 -71.88 28.78
C LYS I 83 7.79 -73.35 28.52
N LEU I 84 7.40 -74.08 29.57
CA LEU I 84 7.02 -75.48 29.41
C LEU I 84 5.74 -75.61 28.59
N LEU I 85 4.80 -74.69 28.78
CA LEU I 85 3.58 -74.69 27.99
C LEU I 85 3.85 -74.33 26.54
N LYS I 86 4.80 -73.43 26.28
CA LYS I 86 5.18 -73.09 24.92
C LYS I 86 5.85 -74.27 24.22
N LEU I 87 6.73 -74.99 24.95
CA LEU I 87 7.37 -76.18 24.39
C LEU I 87 6.35 -77.28 24.12
N ARG I 88 5.38 -77.45 25.01
CA ARG I 88 4.33 -78.45 24.80
C ARG I 88 3.44 -78.08 23.62
N GLN I 89 3.15 -76.78 23.45
CA GLN I 89 2.34 -76.32 22.33
C GLN I 89 3.06 -76.54 21.01
N ALA I 90 4.37 -76.27 20.98
CA ALA I 90 5.16 -76.49 19.76
C ALA I 90 5.26 -77.97 19.42
N LEU I 91 5.51 -78.82 20.43
CA LEU I 91 5.64 -80.25 20.18
C LEU I 91 4.30 -80.89 19.82
N ASN I 92 3.20 -80.31 20.29
CA ASN I 92 1.89 -80.83 19.89
C ASN I 92 1.48 -80.33 18.51
N SER I 93 1.88 -79.11 18.16
CA SER I 93 1.53 -78.59 16.84
C SER I 93 2.37 -79.22 15.75
N SER I 94 3.60 -79.64 16.06
CA SER I 94 4.44 -80.33 15.08
C SER I 94 4.21 -81.84 15.13
N ALA I 95 2.97 -82.24 14.83
CA ALA I 95 2.60 -83.63 14.85
C ALA I 95 1.44 -83.86 13.88
N ASP I 96 1.19 -85.12 13.57
CA ASP I 96 0.09 -85.53 12.71
C ASP I 96 -0.92 -86.39 13.46
N GLY I 97 -1.12 -86.11 14.75
CA GLY I 97 -1.94 -86.97 15.58
C GLY I 97 -1.25 -88.21 16.09
N ARG I 98 0.08 -88.26 16.03
CA ARG I 98 0.80 -89.42 16.53
C ARG I 98 0.84 -89.45 18.05
N TYR I 99 0.87 -88.29 18.68
CA TYR I 99 0.98 -88.20 20.13
C TYR I 99 0.24 -86.97 20.63
N LYS I 100 0.07 -86.90 21.95
CA LYS I 100 -0.52 -85.74 22.60
C LYS I 100 0.16 -85.58 23.94
N LEU I 101 0.85 -84.45 24.13
CA LEU I 101 1.68 -84.23 25.30
C LEU I 101 0.91 -83.44 26.36
N SER I 102 1.21 -83.75 27.62
CA SER I 102 0.63 -83.06 28.77
C SER I 102 1.75 -82.59 29.68
N VAL I 103 1.36 -81.86 30.74
CA VAL I 103 2.33 -81.33 31.69
C VAL I 103 2.89 -82.45 32.56
N ASN I 104 2.12 -83.52 32.74
CA ASN I 104 2.55 -84.64 33.58
C ASN I 104 3.73 -85.39 32.96
N ASP I 105 3.85 -85.37 31.63
CA ASP I 105 4.99 -85.99 30.96
C ASP I 105 6.29 -85.26 31.29
N PHE I 106 6.27 -83.92 31.18
CA PHE I 106 7.43 -83.12 31.54
C PHE I 106 7.73 -83.24 33.03
N LEU I 107 6.69 -83.36 33.86
CA LEU I 107 6.91 -83.50 35.30
C LEU I 107 7.55 -84.84 35.64
N ILE I 108 7.12 -85.91 34.98
CA ILE I 108 7.67 -87.24 35.23
C ILE I 108 9.12 -87.31 34.74
N LYS I 109 9.40 -86.70 33.58
CA LYS I 109 10.78 -86.67 33.07
C LYS I 109 11.68 -85.82 33.97
N ALA I 110 11.18 -84.70 34.48
CA ALA I 110 11.97 -83.87 35.37
C ALA I 110 12.18 -84.54 36.72
N MET I 111 11.21 -85.32 37.18
CA MET I 111 11.38 -86.11 38.39
C MET I 111 12.44 -87.18 38.21
N GLY I 112 12.48 -87.80 37.02
CA GLY I 112 13.54 -88.77 36.74
C GLY I 112 14.93 -88.14 36.70
N ILE I 113 15.02 -86.96 36.09
CA ILE I 113 16.30 -86.24 36.02
C ILE I 113 16.77 -85.81 37.41
N ALA I 114 15.82 -85.30 38.22
CA ALA I 114 16.17 -84.85 39.57
C ALA I 114 16.53 -86.02 40.49
N SER I 115 15.84 -87.16 40.34
CA SER I 115 16.18 -88.33 41.15
C SER I 115 17.48 -88.98 40.70
N LYS I 116 17.85 -88.81 39.43
CA LYS I 116 19.17 -89.28 39.01
C LYS I 116 20.27 -88.34 39.50
N ARG I 117 20.01 -87.04 39.57
CA ARG I 117 21.01 -86.12 40.08
C ARG I 117 21.17 -86.19 41.59
N VAL I 118 20.09 -86.36 42.33
CA VAL I 118 20.15 -86.54 43.78
C VAL I 118 19.66 -87.96 44.09
N PRO I 119 20.56 -88.95 44.18
CA PRO I 119 20.10 -90.34 44.36
C PRO I 119 19.69 -90.70 45.77
N THR I 120 19.82 -89.79 46.74
CA THR I 120 19.42 -90.10 48.10
C THR I 120 17.90 -90.15 48.24
N VAL I 121 17.18 -89.35 47.44
CA VAL I 121 15.72 -89.36 47.48
C VAL I 121 15.18 -90.64 46.87
N ASN I 122 15.89 -91.21 45.90
CA ASN I 122 15.47 -92.45 45.24
C ASN I 122 15.94 -93.63 46.08
N SER I 123 15.28 -93.84 47.21
CA SER I 123 15.66 -94.89 48.16
C SER I 123 14.42 -95.37 48.90
N SER I 124 14.64 -96.19 49.93
CA SER I 124 13.58 -96.77 50.74
C SER I 124 14.11 -96.97 52.15
N TRP I 125 13.42 -97.82 52.92
CA TRP I 125 13.82 -98.13 54.29
C TRP I 125 13.50 -99.59 54.55
N ARG I 126 14.55 -100.38 54.79
CA ARG I 126 14.45 -101.84 54.84
C ARG I 126 15.03 -102.37 56.14
N ASP I 127 15.28 -103.68 56.21
CA ASP I 127 15.74 -104.33 57.44
C ASP I 127 17.16 -103.90 57.76
N GLY I 128 17.28 -102.81 58.54
CA GLY I 128 18.57 -102.28 58.94
C GLY I 128 19.41 -101.74 57.80
N VAL I 129 18.80 -101.39 56.67
CA VAL I 129 19.52 -101.14 55.43
C VAL I 129 18.70 -100.21 54.56
N ILE I 130 19.41 -99.38 53.79
CA ILE I 130 18.80 -98.44 52.84
C ILE I 130 18.95 -99.05 51.45
N ARG I 131 17.82 -99.27 50.77
CA ARG I 131 17.87 -99.83 49.43
C ARG I 131 17.82 -98.71 48.40
N GLN I 132 18.89 -98.57 47.63
CA GLN I 132 19.06 -97.48 46.68
C GLN I 132 19.04 -98.05 45.27
N PHE I 133 18.11 -97.57 44.44
CA PHE I 133 17.92 -98.03 43.08
C PHE I 133 18.71 -97.14 42.10
N GLU I 134 18.90 -97.66 40.89
CA GLU I 134 19.47 -96.88 39.80
C GLU I 134 18.41 -96.18 38.98
N THR I 135 17.44 -96.93 38.45
CA THR I 135 16.40 -96.37 37.60
C THR I 135 15.31 -95.73 38.42
N VAL I 136 14.63 -94.76 37.82
CA VAL I 136 13.53 -94.04 38.46
C VAL I 136 12.24 -94.68 37.94
N ASP I 137 11.52 -95.36 38.83
CA ASP I 137 10.22 -95.94 38.52
C ASP I 137 9.16 -95.06 39.19
N VAL I 138 8.34 -94.41 38.37
CA VAL I 138 7.44 -93.37 38.85
C VAL I 138 6.03 -93.93 38.92
N SER I 139 5.44 -93.91 40.12
CA SER I 139 4.06 -94.34 40.32
C SER I 139 3.13 -93.15 40.12
N VAL I 140 2.19 -93.26 39.19
CA VAL I 140 1.27 -92.18 38.87
C VAL I 140 -0.10 -92.53 39.41
N ALA I 141 -0.70 -91.61 40.16
CA ALA I 141 -2.00 -91.86 40.76
C ALA I 141 -3.11 -91.64 39.74
N VAL I 142 -3.99 -92.63 39.61
CA VAL I 142 -5.14 -92.56 38.71
C VAL I 142 -6.41 -92.61 39.54
N ALA I 143 -7.30 -91.65 39.33
CA ALA I 143 -8.53 -91.54 40.09
C ALA I 143 -9.62 -92.34 39.41
N THR I 144 -9.93 -93.50 39.97
CA THR I 144 -11.00 -94.40 39.55
C THR I 144 -12.18 -94.30 40.52
N PRO I 145 -13.40 -94.63 40.09
CA PRO I 145 -14.55 -94.60 41.02
C PRO I 145 -14.46 -95.60 42.16
N ASN I 146 -13.58 -96.60 42.06
CA ASN I 146 -13.25 -97.49 43.16
C ASN I 146 -12.05 -97.01 43.96
N GLY I 147 -11.79 -95.70 43.97
CA GLY I 147 -10.76 -95.16 44.85
C GLY I 147 -9.50 -94.67 44.16
N LEU I 148 -8.37 -95.29 44.50
CA LEU I 148 -7.08 -94.81 44.02
C LEU I 148 -6.20 -96.00 43.68
N ILE I 149 -5.48 -95.89 42.56
CA ILE I 149 -4.50 -96.90 42.15
C ILE I 149 -3.29 -96.15 41.62
N THR I 150 -2.11 -96.78 41.72
CA THR I 150 -0.84 -96.18 41.30
C THR I 150 -0.11 -97.12 40.36
N PRO I 151 -0.42 -97.11 39.07
CA PRO I 151 0.41 -97.83 38.10
C PRO I 151 1.76 -97.16 37.92
N ILE I 152 2.76 -97.96 37.57
CA ILE I 152 4.16 -97.56 37.57
C ILE I 152 4.67 -97.45 36.14
N VAL I 153 5.32 -96.34 35.84
CA VAL I 153 6.11 -96.17 34.62
C VAL I 153 7.54 -96.54 34.97
N LYS I 154 8.06 -97.59 34.32
CA LYS I 154 9.38 -98.11 34.64
C LYS I 154 10.43 -97.52 33.71
N GLY I 155 11.59 -97.22 34.29
CA GLY I 155 12.72 -96.68 33.55
C GLY I 155 12.45 -95.31 32.94
N VAL I 156 12.22 -94.32 33.80
CA VAL I 156 11.77 -93.01 33.34
C VAL I 156 12.91 -92.25 32.66
N GLU I 157 14.08 -92.24 33.28
CA GLU I 157 15.22 -91.55 32.68
C GLU I 157 15.69 -92.33 31.46
N GLY I 158 15.96 -91.60 30.38
CA GLY I 158 16.28 -92.22 29.11
C GLY I 158 15.15 -93.03 28.50
N LYS I 159 13.95 -92.48 28.44
CA LYS I 159 12.81 -93.20 27.88
C LYS I 159 12.15 -92.48 26.73
N GLY I 160 11.97 -91.16 26.82
CA GLY I 160 11.30 -90.43 25.77
C GLY I 160 9.90 -89.98 26.18
N LEU I 161 9.54 -88.77 25.75
CA LEU I 161 8.29 -88.17 26.17
C LEU I 161 7.08 -88.86 25.52
N GLU I 162 7.25 -89.31 24.28
CA GLU I 162 6.16 -90.03 23.61
C GLU I 162 5.94 -91.39 24.23
N SER I 163 7.02 -92.07 24.64
CA SER I 163 6.91 -93.34 25.34
C SER I 163 6.27 -93.17 26.70
N ILE I 164 6.60 -92.08 27.40
CA ILE I 164 6.01 -91.78 28.70
C ILE I 164 4.51 -91.49 28.55
N SER I 165 4.15 -90.70 27.53
CA SER I 165 2.75 -90.38 27.28
C SER I 165 1.95 -91.62 26.91
N ALA I 166 2.54 -92.50 26.09
CA ALA I 166 1.87 -93.73 25.70
C ALA I 166 1.67 -94.66 26.89
N ALA I 167 2.69 -94.79 27.75
CA ALA I 167 2.57 -95.67 28.91
C ALA I 167 1.58 -95.12 29.93
N VAL I 168 1.55 -93.80 30.10
CA VAL I 168 0.60 -93.19 31.02
C VAL I 168 -0.83 -93.35 30.51
N LYS I 169 -1.04 -93.20 29.20
CA LYS I 169 -2.38 -93.37 28.64
C LYS I 169 -2.85 -94.83 28.72
N GLU I 170 -1.94 -95.78 28.41
CA GLU I 170 -2.23 -97.20 28.55
C GLU I 170 -2.61 -97.57 29.98
N LEU I 171 -1.80 -97.14 30.95
CA LEU I 171 -2.05 -97.51 32.34
C LEU I 171 -3.29 -96.81 32.90
N ALA I 172 -3.58 -95.59 32.44
CA ALA I 172 -4.77 -94.88 32.91
C ALA I 172 -6.05 -95.51 32.36
N LYS I 173 -6.06 -95.87 31.07
CA LYS I 173 -7.27 -96.48 30.52
C LYS I 173 -7.46 -97.91 31.05
N LYS I 174 -6.35 -98.60 31.35
CA LYS I 174 -6.48 -99.91 31.97
C LYS I 174 -6.87 -99.81 33.44
N ALA I 175 -6.56 -98.68 34.09
CA ALA I 175 -7.01 -98.46 35.45
C ALA I 175 -8.50 -98.14 35.47
N ARG I 176 -8.98 -97.43 34.45
CA ARG I 176 -10.41 -97.17 34.34
C ARG I 176 -11.19 -98.43 33.99
N ASP I 177 -10.60 -99.33 33.20
CA ASP I 177 -11.24 -100.61 32.92
C ASP I 177 -11.01 -101.67 33.99
N GLY I 178 -10.07 -101.45 34.91
CA GLY I 178 -9.82 -102.37 36.01
C GLY I 178 -9.18 -103.69 35.58
N LYS I 179 -8.09 -103.61 34.81
CA LYS I 179 -7.48 -104.80 34.20
C LYS I 179 -5.98 -104.83 34.46
N LEU I 180 -5.57 -104.71 35.71
CA LEU I 180 -4.16 -104.62 36.07
C LEU I 180 -3.65 -105.90 36.72
N LYS I 181 -2.37 -106.16 36.55
CA LYS I 181 -1.54 -107.15 37.22
C LYS I 181 -0.92 -106.52 38.47
N PRO I 182 -0.67 -107.31 39.52
CA PRO I 182 -0.08 -106.74 40.75
C PRO I 182 1.34 -106.21 40.57
N GLU I 183 2.07 -106.72 39.58
CA GLU I 183 3.40 -106.21 39.26
C GLU I 183 3.35 -104.85 38.56
N GLU I 184 2.18 -104.40 38.13
CA GLU I 184 2.04 -103.09 37.50
C GLU I 184 1.71 -101.98 38.49
N TYR I 185 1.29 -102.32 39.72
CA TYR I 185 1.01 -101.28 40.71
C TYR I 185 1.61 -101.62 42.07
N GLN I 186 2.51 -102.61 42.12
CA GLN I 186 3.21 -102.94 43.36
C GLN I 186 4.72 -102.75 43.12
N GLY I 187 5.27 -101.69 43.69
CA GLY I 187 6.67 -101.39 43.52
C GLY I 187 6.93 -99.89 43.43
N GLY I 188 7.81 -99.47 42.54
CA GLY I 188 8.09 -98.07 42.34
C GLY I 188 9.07 -97.50 43.35
N SER I 189 9.74 -96.41 42.97
CA SER I 189 10.68 -95.74 43.86
C SER I 189 10.24 -94.34 44.26
N ILE I 190 9.34 -93.72 43.51
CA ILE I 190 8.84 -92.38 43.81
C ILE I 190 7.45 -92.25 43.21
N SER I 191 6.63 -91.37 43.78
CA SER I 191 5.24 -91.21 43.40
C SER I 191 4.97 -89.76 43.01
N ILE I 192 3.81 -89.54 42.39
CA ILE I 192 3.36 -88.20 42.03
C ILE I 192 1.83 -88.19 42.04
N SER I 193 1.26 -87.17 42.67
CA SER I 193 -0.19 -86.98 42.70
C SER I 193 -0.51 -85.71 41.94
N ASN I 194 -1.44 -85.81 41.00
CA ASN I 194 -1.75 -84.74 40.05
C ASN I 194 -3.18 -84.25 40.27
N MET I 195 -3.34 -82.95 40.46
CA MET I 195 -4.65 -82.34 40.63
C MET I 195 -4.78 -81.06 39.81
N GLY I 196 -4.28 -81.09 38.57
CA GLY I 196 -4.37 -79.92 37.71
C GLY I 196 -5.70 -79.75 37.02
N MET I 197 -6.52 -80.81 36.98
CA MET I 197 -7.82 -80.71 36.35
C MET I 197 -8.81 -79.93 37.23
N ASN I 198 -8.55 -79.88 38.53
CA ASN I 198 -9.37 -79.10 39.45
C ASN I 198 -8.71 -77.74 39.64
N PRO I 199 -9.35 -76.66 39.16
CA PRO I 199 -8.74 -75.33 39.28
C PRO I 199 -8.83 -74.72 40.66
N ALA I 200 -9.53 -75.36 41.60
CA ALA I 200 -9.65 -74.79 42.94
C ALA I 200 -8.44 -75.14 43.80
N VAL I 201 -7.81 -76.29 43.56
CA VAL I 201 -6.73 -76.76 44.41
C VAL I 201 -5.47 -75.95 44.10
N GLN I 202 -5.19 -74.95 44.94
CA GLN I 202 -3.94 -74.20 44.80
C GLN I 202 -2.75 -75.01 45.29
N SER I 203 -2.92 -75.73 46.39
CA SER I 203 -1.86 -76.50 46.99
C SER I 203 -2.47 -77.61 47.82
N PHE I 204 -1.79 -78.77 47.85
CA PHE I 204 -2.21 -79.86 48.72
C PHE I 204 -1.00 -80.72 49.03
N THR I 205 -1.12 -81.50 50.10
CA THR I 205 -0.12 -82.46 50.51
C THR I 205 -0.63 -83.87 50.26
N ALA I 206 0.31 -84.82 50.21
CA ALA I 206 -0.03 -86.22 49.98
C ALA I 206 0.67 -87.08 51.02
N ILE I 207 0.19 -88.31 51.16
CA ILE I 207 0.77 -89.28 52.07
C ILE I 207 1.67 -90.21 51.29
N ILE I 208 2.87 -90.46 51.83
CA ILE I 208 3.86 -91.28 51.13
C ILE I 208 3.43 -92.73 51.12
N ASN I 209 3.39 -93.33 49.93
CA ASN I 209 3.09 -94.75 49.80
C ASN I 209 4.29 -95.55 50.28
N PRO I 210 4.12 -96.43 51.27
CA PRO I 210 5.26 -97.24 51.72
C PRO I 210 5.58 -98.32 50.72
N PRO I 211 6.87 -98.70 50.61
CA PRO I 211 8.02 -98.22 51.37
C PRO I 211 8.83 -97.13 50.68
N GLN I 212 8.19 -96.27 49.89
CA GLN I 212 8.92 -95.22 49.19
C GLN I 212 9.31 -94.11 50.17
N ALA I 213 10.13 -93.18 49.67
CA ALA I 213 10.70 -92.13 50.51
C ALA I 213 10.13 -90.74 50.25
N ALA I 214 9.51 -90.52 49.10
CA ALA I 214 9.02 -89.18 48.77
C ALA I 214 7.77 -89.30 47.91
N ILE I 215 6.98 -88.23 47.92
CA ILE I 215 5.81 -88.13 47.04
C ILE I 215 5.66 -86.68 46.59
N LEU I 216 5.25 -86.48 45.34
CA LEU I 216 5.06 -85.15 44.80
C LEU I 216 3.57 -84.83 44.77
N ALA I 217 3.24 -83.53 44.84
CA ALA I 217 1.86 -83.07 44.78
C ALA I 217 1.83 -81.78 43.98
N VAL I 218 1.03 -81.74 42.93
CA VAL I 218 1.06 -80.65 41.96
C VAL I 218 -0.30 -79.95 41.95
N GLY I 219 -0.31 -78.64 42.21
CA GLY I 219 -1.54 -77.89 42.26
C GLY I 219 -1.88 -77.23 40.94
N ALA I 220 -3.06 -76.63 40.90
CA ALA I 220 -3.56 -75.98 39.71
C ALA I 220 -2.73 -74.73 39.39
N PRO I 221 -2.51 -74.45 38.11
CA PRO I 221 -1.78 -73.24 37.74
C PRO I 221 -2.62 -71.98 37.94
N GLN I 222 -1.94 -70.91 38.32
CA GLN I 222 -2.55 -69.62 38.56
C GLN I 222 -1.66 -68.50 38.01
N LYS I 223 -2.24 -67.33 37.77
CA LYS I 223 -1.49 -66.18 37.28
C LYS I 223 -0.92 -65.40 38.46
N VAL I 224 0.41 -65.27 38.50
CA VAL I 224 1.10 -64.55 39.57
C VAL I 224 1.83 -63.36 38.94
N ALA I 225 1.73 -62.19 39.56
CA ALA I 225 2.42 -61.00 39.09
C ALA I 225 3.92 -61.12 39.34
N VAL I 226 4.69 -60.96 38.29
CA VAL I 226 6.15 -61.12 38.33
C VAL I 226 6.79 -59.87 37.73
N PRO I 227 7.79 -59.26 38.38
CA PRO I 227 8.37 -58.03 37.85
C PRO I 227 9.20 -58.26 36.60
N VAL I 228 9.23 -57.23 35.75
CA VAL I 228 9.95 -57.28 34.49
C VAL I 228 10.55 -55.91 34.21
N GLU I 229 11.77 -55.89 33.67
CA GLU I 229 12.37 -54.65 33.20
C GLU I 229 11.95 -54.44 31.75
N ASN I 230 11.62 -53.20 31.42
CA ASN I 230 11.49 -52.83 30.02
C ASN I 230 12.88 -52.44 29.51
N GLU I 231 12.95 -51.90 28.29
CA GLU I 231 14.23 -51.45 27.77
C GLU I 231 14.64 -50.07 28.29
N ASP I 232 13.87 -49.49 29.22
CA ASP I 232 14.31 -48.35 30.01
C ASP I 232 14.45 -48.78 31.46
N GLY I 233 14.73 -47.81 32.33
CA GLY I 233 15.13 -48.12 33.71
C GLY I 233 14.02 -48.60 34.62
N THR I 234 12.76 -48.35 34.28
CA THR I 234 11.67 -48.64 35.21
C THR I 234 11.31 -50.11 35.21
N THR I 235 10.63 -50.55 36.27
CA THR I 235 10.12 -51.92 36.36
C THR I 235 8.67 -51.98 35.92
N GLY I 236 8.20 -53.20 35.62
CA GLY I 236 6.86 -53.40 35.12
C GLY I 236 6.18 -54.58 35.82
N VAL I 237 4.99 -54.90 35.32
CA VAL I 237 4.21 -56.03 35.80
C VAL I 237 4.03 -56.99 34.64
N SER I 238 4.56 -58.21 34.80
CA SER I 238 4.32 -59.29 33.86
C SER I 238 3.55 -60.38 34.58
N TRP I 239 2.74 -61.12 33.82
CA TRP I 239 1.88 -62.16 34.38
C TRP I 239 2.47 -63.52 34.02
N ASP I 240 2.88 -64.26 35.03
CA ASP I 240 3.55 -65.55 34.87
C ASP I 240 2.64 -66.67 35.34
N GLU I 241 2.67 -67.79 34.63
CA GLU I 241 1.89 -68.97 34.99
C GLU I 241 2.71 -69.78 35.98
N GLN I 242 2.27 -69.85 37.23
CA GLN I 242 2.99 -70.57 38.27
C GLN I 242 2.17 -71.74 38.79
N ILE I 243 2.88 -72.77 39.23
CA ILE I 243 2.29 -74.00 39.75
C ILE I 243 2.92 -74.28 41.10
N ILE I 244 2.11 -74.46 42.13
CA ILE I 244 2.60 -74.76 43.47
C ILE I 244 2.82 -76.27 43.57
N VAL I 245 4.05 -76.66 43.86
CA VAL I 245 4.47 -78.05 43.94
C VAL I 245 4.94 -78.32 45.36
N THR I 246 4.32 -79.30 46.02
CA THR I 246 4.66 -79.68 47.39
C THR I 246 5.21 -81.10 47.38
N ALA I 247 6.42 -81.27 47.88
CA ALA I 247 7.05 -82.59 47.96
C ALA I 247 7.12 -83.01 49.42
N SER I 248 6.54 -84.16 49.72
CA SER I 248 6.55 -84.72 51.08
C SER I 248 7.64 -85.77 51.15
N PHE I 249 8.58 -85.57 52.08
CA PHE I 249 9.71 -86.47 52.27
C PHE I 249 9.61 -87.18 53.63
N ASP I 250 10.27 -88.33 53.69
CA ASP I 250 10.45 -89.09 54.93
C ASP I 250 11.78 -88.70 55.54
N HIS I 251 11.77 -88.32 56.82
CA HIS I 251 12.97 -87.77 57.44
C HIS I 251 13.96 -88.84 57.87
N LYS I 252 13.60 -90.11 57.81
CA LYS I 252 14.56 -91.17 58.12
C LYS I 252 15.57 -91.35 57.01
N VAL I 253 15.20 -91.04 55.78
CA VAL I 253 16.06 -91.22 54.62
C VAL I 253 16.55 -89.87 54.10
N VAL I 254 15.65 -88.92 53.92
CA VAL I 254 15.94 -87.63 53.27
C VAL I 254 15.94 -86.55 54.34
N ASP I 255 17.02 -85.77 54.40
CA ASP I 255 17.03 -84.59 55.26
C ASP I 255 16.54 -83.37 54.49
N GLY I 256 16.48 -82.24 55.21
CA GLY I 256 15.92 -81.03 54.62
C GLY I 256 16.80 -80.44 53.54
N ALA I 257 18.12 -80.53 53.70
CA ALA I 257 19.03 -80.04 52.68
C ALA I 257 18.99 -80.90 51.43
N VAL I 258 18.83 -82.22 51.59
CA VAL I 258 18.73 -83.11 50.45
C VAL I 258 17.41 -82.88 49.71
N GLY I 259 16.32 -82.67 50.46
CA GLY I 259 15.05 -82.35 49.83
C GLY I 259 15.06 -81.00 49.13
N ALA I 260 15.80 -80.04 49.69
CA ALA I 260 15.92 -78.73 49.07
C ALA I 260 16.76 -78.79 47.80
N GLU I 261 17.81 -79.62 47.79
CA GLU I 261 18.58 -79.83 46.57
C GLU I 261 17.77 -80.53 45.49
N TRP I 262 16.96 -81.51 45.87
CA TRP I 262 16.07 -82.18 44.92
C TRP I 262 15.04 -81.22 44.34
N ILE I 263 14.45 -80.38 45.19
CA ILE I 263 13.49 -79.37 44.75
C ILE I 263 14.16 -78.33 43.85
N ARG I 264 15.41 -77.96 44.15
CA ARG I 264 16.13 -76.99 43.33
C ARG I 264 16.46 -77.55 41.96
N GLU I 265 16.88 -78.82 41.89
CA GLU I 265 17.17 -79.43 40.60
C GLU I 265 15.90 -79.62 39.77
N LEU I 266 14.79 -79.99 40.43
CA LEU I 266 13.52 -80.11 39.74
C LEU I 266 13.04 -78.77 39.20
N LYS I 267 13.21 -77.70 40.00
CA LYS I 267 12.84 -76.36 39.56
C LYS I 267 13.73 -75.87 38.42
N LYS I 268 15.01 -76.24 38.45
CA LYS I 268 15.92 -75.87 37.36
C LYS I 268 15.54 -76.55 36.05
N VAL I 269 15.27 -77.86 36.10
CA VAL I 269 14.90 -78.60 34.91
C VAL I 269 13.53 -78.17 34.39
N ILE I 270 12.62 -77.76 35.27
CA ILE I 270 11.31 -77.31 34.82
C ILE I 270 11.38 -75.91 34.21
N GLU I 271 12.05 -74.98 34.89
CA GLU I 271 12.10 -73.60 34.40
C GLU I 271 13.09 -73.41 33.26
N ASN I 272 13.97 -74.37 32.99
CA ASN I 272 14.78 -74.38 31.78
C ASN I 272 14.44 -75.67 31.03
N PRO I 273 13.47 -75.62 30.12
CA PRO I 273 12.97 -76.86 29.51
C PRO I 273 13.92 -77.48 28.50
N LEU I 274 14.97 -76.77 28.09
CA LEU I 274 15.97 -77.35 27.20
C LEU I 274 16.90 -78.30 27.93
N GLU I 275 16.89 -78.31 29.27
CA GLU I 275 17.71 -79.22 30.05
C GLU I 275 17.13 -80.62 30.13
N LEU I 276 15.94 -80.84 29.57
CA LEU I 276 15.38 -82.19 29.50
C LEU I 276 16.10 -83.06 28.47
N LEU I 277 16.84 -82.44 27.56
CA LEU I 277 17.68 -83.19 26.62
C LEU I 277 18.83 -83.87 27.36
N LEU I 278 19.47 -83.14 28.26
CA LEU I 278 20.60 -83.66 29.02
C LEU I 278 20.12 -84.55 30.15
N TYR J 47 -80.82 -75.60 26.10
CA TYR J 47 -80.77 -76.39 24.88
C TYR J 47 -79.98 -77.67 25.12
N THR J 48 -78.65 -77.56 25.11
CA THR J 48 -77.80 -78.68 25.43
C THR J 48 -77.64 -78.78 26.95
N ASP J 49 -77.97 -79.94 27.49
CA ASP J 49 -78.15 -80.16 28.92
C ASP J 49 -77.30 -81.33 29.40
N VAL J 50 -76.00 -81.26 29.14
CA VAL J 50 -75.02 -82.22 29.68
C VAL J 50 -75.09 -82.16 31.20
N PRO J 51 -75.04 -83.30 31.89
CA PRO J 51 -75.19 -83.28 33.35
C PRO J 51 -73.87 -82.96 34.06
N ILE J 52 -74.00 -82.67 35.34
CA ILE J 52 -72.84 -82.40 36.19
C ILE J 52 -72.08 -83.70 36.42
N SER J 53 -70.75 -83.61 36.46
CA SER J 53 -69.90 -84.80 36.55
C SER J 53 -70.04 -85.49 37.90
N GLY J 54 -70.48 -84.79 38.94
CA GLY J 54 -70.55 -85.36 40.26
C GLY J 54 -69.32 -85.00 41.08
N MET J 55 -68.17 -84.99 40.42
CA MET J 55 -66.95 -84.46 41.03
C MET J 55 -67.04 -82.96 41.23
N ARG J 56 -67.70 -82.24 40.31
CA ARG J 56 -67.94 -80.81 40.44
C ARG J 56 -68.85 -80.46 41.60
N LYS J 57 -69.73 -81.39 42.02
CA LYS J 57 -70.67 -81.11 43.09
C LYS J 57 -69.96 -80.96 44.43
N THR J 58 -68.92 -81.78 44.66
CA THR J 58 -68.15 -81.66 45.89
C THR J 58 -67.36 -80.36 45.95
N ILE J 59 -66.79 -79.93 44.82
CA ILE J 59 -66.07 -78.66 44.78
C ILE J 59 -67.02 -77.48 44.94
N ALA J 60 -68.23 -77.61 44.38
CA ALA J 60 -69.23 -76.55 44.55
C ALA J 60 -69.69 -76.44 46.00
N ALA J 61 -69.90 -77.58 46.66
CA ALA J 61 -70.26 -77.57 48.08
C ALA J 61 -69.11 -77.05 48.94
N ARG J 62 -67.87 -77.35 48.55
CA ARG J 62 -66.71 -76.88 49.31
C ARG J 62 -66.53 -75.36 49.18
N LEU J 63 -66.71 -74.84 47.97
CA LEU J 63 -66.65 -73.38 47.78
C LEU J 63 -67.82 -72.69 48.46
N LYS J 64 -68.98 -73.36 48.52
CA LYS J 64 -70.10 -72.85 49.28
C LYS J 64 -69.77 -72.76 50.76
N GLU J 65 -69.16 -73.82 51.32
CA GLU J 65 -68.70 -73.81 52.71
C GLU J 65 -67.72 -72.69 52.97
N SER J 66 -66.80 -72.47 52.01
CA SER J 66 -65.79 -71.44 52.15
C SER J 66 -66.40 -70.04 52.19
N VAL J 67 -67.31 -69.75 51.27
CA VAL J 67 -67.90 -68.41 51.22
C VAL J 67 -68.94 -68.21 52.31
N THR J 68 -69.48 -69.30 52.88
CA THR J 68 -70.51 -69.09 53.88
C THR J 68 -69.96 -69.15 55.30
N GLU J 69 -68.74 -69.66 55.49
CA GLU J 69 -68.20 -69.73 56.84
C GLU J 69 -66.99 -68.81 56.99
N ASN J 70 -66.40 -68.39 55.87
CA ASN J 70 -65.26 -67.49 55.89
C ASN J 70 -65.67 -66.12 55.38
N PRO J 71 -65.81 -65.10 56.24
CA PRO J 71 -66.00 -63.74 55.73
C PRO J 71 -64.72 -63.19 55.13
N HIS J 72 -64.64 -63.17 53.81
CA HIS J 72 -63.42 -62.79 53.12
C HIS J 72 -63.25 -61.28 53.10
N PHE J 73 -61.99 -60.85 53.13
CA PHE J 73 -61.67 -59.48 52.77
C PHE J 73 -60.34 -59.47 52.03
N PHE J 74 -60.24 -58.62 51.02
CA PHE J 74 -59.12 -58.59 50.11
C PHE J 74 -58.20 -57.42 50.43
N VAL J 75 -56.89 -57.66 50.29
CA VAL J 75 -55.87 -56.62 50.42
C VAL J 75 -55.03 -56.67 49.14
N SER J 76 -54.97 -55.57 48.41
CA SER J 76 -54.26 -55.51 47.14
C SER J 76 -53.00 -54.69 47.29
N THR J 77 -51.98 -55.06 46.50
CA THR J 77 -50.72 -54.34 46.49
C THR J 77 -50.09 -54.49 45.11
N ASN J 78 -49.07 -53.68 44.85
CA ASN J 78 -48.30 -53.75 43.61
C ASN J 78 -46.85 -54.02 43.95
N LEU J 79 -46.35 -55.19 43.57
CA LEU J 79 -44.97 -55.57 43.82
C LEU J 79 -44.12 -55.21 42.61
N SER J 80 -42.99 -54.55 42.85
CA SER J 80 -42.03 -54.28 41.79
C SER J 80 -41.07 -55.45 41.67
N VAL J 81 -40.99 -56.02 40.47
CA VAL J 81 -40.24 -57.24 40.23
C VAL J 81 -39.08 -57.00 39.26
N SER J 82 -38.67 -55.74 39.09
CA SER J 82 -37.59 -55.42 38.16
C SER J 82 -36.24 -55.92 38.65
N LYS J 83 -36.05 -56.02 39.97
CA LYS J 83 -34.84 -56.62 40.52
C LYS J 83 -34.97 -58.13 40.65
N LEU J 84 -36.19 -58.62 40.88
CA LEU J 84 -36.42 -60.06 40.96
C LEU J 84 -36.19 -60.74 39.62
N LEU J 85 -36.57 -60.07 38.52
CA LEU J 85 -36.32 -60.61 37.20
C LEU J 85 -34.83 -60.60 36.86
N LYS J 86 -34.08 -59.59 37.33
CA LYS J 86 -32.64 -59.57 37.12
C LYS J 86 -31.95 -60.66 37.91
N LEU J 87 -32.40 -60.90 39.15
CA LEU J 87 -31.83 -61.99 39.95
C LEU J 87 -32.15 -63.35 39.34
N ARG J 88 -33.36 -63.52 38.80
CA ARG J 88 -33.73 -64.77 38.15
C ARG J 88 -32.94 -64.98 36.87
N GLN J 89 -32.69 -63.89 36.11
CA GLN J 89 -31.91 -63.99 34.89
C GLN J 89 -30.46 -64.37 35.20
N ALA J 90 -29.89 -63.79 36.26
CA ALA J 90 -28.52 -64.12 36.65
C ALA J 90 -28.41 -65.56 37.14
N LEU J 91 -29.38 -66.00 37.95
CA LEU J 91 -29.33 -67.36 38.48
C LEU J 91 -29.61 -68.39 37.40
N ASN J 92 -30.36 -68.02 36.36
CA ASN J 92 -30.59 -68.94 35.25
C ASN J 92 -29.41 -68.96 34.30
N SER J 93 -28.73 -67.83 34.12
CA SER J 93 -27.58 -67.80 33.23
C SER J 93 -26.37 -68.47 33.85
N SER J 94 -26.25 -68.46 35.19
CA SER J 94 -25.16 -69.14 35.86
C SER J 94 -25.53 -70.59 36.18
N ALA J 95 -25.80 -71.35 35.13
CA ALA J 95 -26.19 -72.76 35.28
C ALA J 95 -25.78 -73.51 34.02
N ASP J 96 -25.81 -74.84 34.13
CA ASP J 96 -25.50 -75.74 33.02
C ASP J 96 -26.71 -76.59 32.65
N GLY J 97 -27.92 -76.03 32.78
CA GLY J 97 -29.12 -76.80 32.60
C GLY J 97 -29.52 -77.64 33.79
N ARG J 98 -28.97 -77.36 34.97
CA ARG J 98 -29.34 -78.12 36.17
C ARG J 98 -30.71 -77.71 36.68
N TYR J 99 -31.09 -76.45 36.51
CA TYR J 99 -32.36 -75.96 37.02
C TYR J 99 -32.89 -74.87 36.10
N LYS J 100 -34.13 -74.49 36.33
CA LYS J 100 -34.77 -73.38 35.62
C LYS J 100 -35.71 -72.68 36.60
N LEU J 101 -35.43 -71.41 36.88
CA LEU J 101 -36.15 -70.67 37.90
C LEU J 101 -37.28 -69.85 37.29
N SER J 102 -38.36 -69.71 38.05
CA SER J 102 -39.51 -68.91 37.66
C SER J 102 -39.83 -67.92 38.78
N VAL J 103 -40.83 -67.07 38.51
CA VAL J 103 -41.23 -66.06 39.48
C VAL J 103 -41.99 -66.72 40.63
N ASN J 104 -42.64 -67.86 40.37
CA ASN J 104 -43.41 -68.56 41.39
C ASN J 104 -42.53 -69.12 42.50
N ASP J 105 -41.26 -69.43 42.18
CA ASP J 105 -40.32 -69.90 43.21
C ASP J 105 -40.00 -68.80 44.20
N PHE J 106 -39.70 -67.60 43.70
CA PHE J 106 -39.46 -66.45 44.57
C PHE J 106 -40.71 -66.08 45.35
N LEU J 107 -41.88 -66.22 44.72
CA LEU J 107 -43.14 -65.90 45.41
C LEU J 107 -43.43 -66.88 46.54
N ILE J 108 -43.16 -68.17 46.32
CA ILE J 108 -43.39 -69.19 47.33
C ILE J 108 -42.40 -69.02 48.49
N LYS J 109 -41.14 -68.71 48.18
CA LYS J 109 -40.15 -68.45 49.23
C LYS J 109 -40.48 -67.19 50.03
N ALA J 110 -40.96 -66.14 49.35
CA ALA J 110 -41.33 -64.92 50.05
C ALA J 110 -42.58 -65.12 50.89
N MET J 111 -43.51 -65.98 50.43
CA MET J 111 -44.67 -66.33 51.23
C MET J 111 -44.27 -67.10 52.48
N GLY J 112 -43.28 -67.97 52.36
CA GLY J 112 -42.78 -68.68 53.53
C GLY J 112 -42.11 -67.75 54.54
N ILE J 113 -41.32 -66.80 54.04
CA ILE J 113 -40.66 -65.83 54.90
C ILE J 113 -41.68 -64.93 55.59
N ALA J 114 -42.69 -64.48 54.85
CA ALA J 114 -43.72 -63.60 55.42
C ALA J 114 -44.61 -64.34 56.41
N SER J 115 -44.92 -65.61 56.15
CA SER J 115 -45.72 -66.38 57.09
C SER J 115 -44.92 -66.77 58.33
N LYS J 116 -43.60 -66.87 58.22
CA LYS J 116 -42.78 -67.08 59.41
C LYS J 116 -42.67 -65.80 60.23
N ARG J 117 -42.61 -64.64 59.57
CA ARG J 117 -42.54 -63.38 60.31
C ARG J 117 -43.87 -62.99 60.95
N VAL J 118 -44.98 -63.23 60.27
CA VAL J 118 -46.31 -62.99 60.84
C VAL J 118 -47.01 -64.34 60.98
N PRO J 119 -46.91 -65.00 62.14
CA PRO J 119 -47.46 -66.35 62.26
C PRO J 119 -48.96 -66.41 62.45
N THR J 120 -49.65 -65.26 62.56
CA THR J 120 -51.10 -65.28 62.73
C THR J 120 -51.81 -65.69 61.45
N VAL J 121 -51.24 -65.35 60.29
CA VAL J 121 -51.83 -65.72 59.01
C VAL J 121 -51.68 -67.22 58.76
N ASN J 122 -50.62 -67.84 59.30
CA ASN J 122 -50.39 -69.27 59.14
C ASN J 122 -51.16 -70.01 60.22
N SER J 123 -52.47 -70.06 60.04
CA SER J 123 -53.36 -70.67 61.04
C SER J 123 -54.59 -71.23 60.33
N SER J 124 -55.57 -71.65 61.12
CA SER J 124 -56.81 -72.25 60.62
C SER J 124 -57.93 -71.91 61.60
N TRP J 125 -59.03 -72.66 61.52
CA TRP J 125 -60.17 -72.47 62.40
C TRP J 125 -60.78 -73.83 62.70
N ARG J 126 -60.71 -74.24 63.97
CA ARG J 126 -61.03 -75.60 64.40
C ARG J 126 -62.09 -75.58 65.51
N ASP J 127 -62.28 -76.72 66.19
CA ASP J 127 -63.33 -76.86 67.20
C ASP J 127 -63.01 -76.00 68.41
N GLY J 128 -63.49 -74.76 68.39
CA GLY J 128 -63.27 -73.82 69.47
C GLY J 128 -61.83 -73.42 69.69
N VAL J 129 -60.98 -73.56 68.68
CA VAL J 129 -59.54 -73.48 68.85
C VAL J 129 -58.90 -73.06 67.53
N ILE J 130 -57.80 -72.33 67.63
CA ILE J 130 -57.01 -71.88 66.50
C ILE J 130 -55.79 -72.77 66.39
N ARG J 131 -55.63 -73.46 65.26
CA ARG J 131 -54.50 -74.34 65.06
C ARG J 131 -53.39 -73.59 64.32
N GLN J 132 -52.26 -73.39 64.99
CA GLN J 132 -51.15 -72.61 64.47
C GLN J 132 -49.97 -73.53 64.21
N PHE J 133 -49.49 -73.55 62.96
CA PHE J 133 -48.38 -74.39 62.53
C PHE J 133 -47.07 -73.64 62.62
N GLU J 134 -45.97 -74.40 62.59
CA GLU J 134 -44.63 -73.83 62.49
C GLU J 134 -44.17 -73.68 61.05
N THR J 135 -44.18 -74.77 60.30
CA THR J 135 -43.71 -74.76 58.92
C THR J 135 -44.77 -74.21 57.99
N VAL J 136 -44.33 -73.65 56.86
CA VAL J 136 -45.21 -73.10 55.84
C VAL J 136 -45.34 -74.16 54.75
N ASP J 137 -46.53 -74.74 54.63
CA ASP J 137 -46.84 -75.70 53.57
C ASP J 137 -47.70 -74.97 52.54
N VAL J 138 -47.17 -74.80 51.34
CA VAL J 138 -47.78 -73.94 50.33
C VAL J 138 -48.48 -74.80 49.28
N SER J 139 -49.78 -74.62 49.13
CA SER J 139 -50.55 -75.31 48.11
C SER J 139 -50.53 -74.49 46.83
N VAL J 140 -50.07 -75.10 45.74
CA VAL J 140 -49.94 -74.41 44.45
C VAL J 140 -51.02 -74.95 43.52
N ALA J 141 -51.78 -74.05 42.91
CA ALA J 141 -52.87 -74.45 42.03
C ALA J 141 -52.32 -74.82 40.65
N VAL J 142 -52.70 -75.99 40.16
CA VAL J 142 -52.30 -76.47 38.84
C VAL J 142 -53.55 -76.61 38.00
N ALA J 143 -53.53 -76.01 36.81
CA ALA J 143 -54.69 -76.01 35.91
C ALA J 143 -54.60 -77.24 35.01
N THR J 144 -55.44 -78.23 35.29
CA THR J 144 -55.60 -79.46 34.53
C THR J 144 -56.92 -79.40 33.74
N PRO J 145 -57.05 -80.14 32.64
CA PRO J 145 -58.33 -80.14 31.90
C PRO J 145 -59.49 -80.74 32.67
N ASN J 146 -59.23 -81.47 33.75
CA ASN J 146 -60.26 -81.91 34.69
C ASN J 146 -60.44 -80.93 35.85
N GLY J 147 -60.14 -79.65 35.64
CA GLY J 147 -60.46 -78.63 36.63
C GLY J 147 -59.28 -78.05 37.38
N LEU J 148 -59.25 -78.24 38.70
CA LEU J 148 -58.25 -77.60 39.54
C LEU J 148 -57.79 -78.57 40.61
N ILE J 149 -56.48 -78.58 40.86
CA ILE J 149 -55.90 -79.37 41.95
C ILE J 149 -54.84 -78.52 42.61
N THR J 150 -54.59 -78.77 43.90
CA THR J 150 -53.62 -78.01 44.68
C THR J 150 -52.64 -78.95 45.37
N PRO J 151 -51.57 -79.37 44.68
CA PRO J 151 -50.50 -80.09 45.37
C PRO J 151 -49.71 -79.17 46.29
N ILE J 152 -49.14 -79.76 47.34
CA ILE J 152 -48.54 -79.01 48.44
C ILE J 152 -47.04 -79.18 48.41
N VAL J 153 -46.32 -78.06 48.52
CA VAL J 153 -44.89 -78.03 48.78
C VAL J 153 -44.72 -77.91 50.28
N LYS J 154 -44.11 -78.92 50.90
CA LYS J 154 -43.97 -78.99 52.35
C LYS J 154 -42.64 -78.41 52.79
N GLY J 155 -42.67 -77.68 53.90
CA GLY J 155 -41.47 -77.10 54.49
C GLY J 155 -40.81 -76.07 53.60
N VAL J 156 -41.51 -74.97 53.32
CA VAL J 156 -41.05 -74.00 52.34
C VAL J 156 -39.88 -73.19 52.88
N GLU J 157 -39.99 -72.70 54.12
CA GLU J 157 -38.91 -71.93 54.70
C GLU J 157 -37.74 -72.87 55.01
N GLY J 158 -36.53 -72.43 54.67
CA GLY J 158 -35.35 -73.26 54.76
C GLY J 158 -35.36 -74.47 53.85
N LYS J 159 -35.68 -74.28 52.57
CA LYS J 159 -35.71 -75.41 51.63
C LYS J 159 -34.80 -75.21 50.43
N GLY J 160 -34.75 -74.03 49.86
CA GLY J 160 -33.92 -73.81 48.69
C GLY J 160 -34.75 -73.65 47.43
N LEU J 161 -34.31 -72.73 46.57
CA LEU J 161 -35.07 -72.38 45.38
C LEU J 161 -35.04 -73.50 44.35
N GLU J 162 -33.93 -74.22 44.26
CA GLU J 162 -33.85 -75.35 43.33
C GLU J 162 -34.72 -76.51 43.78
N SER J 163 -34.79 -76.74 45.10
CA SER J 163 -35.67 -77.76 45.64
C SER J 163 -37.13 -77.38 45.44
N ILE J 164 -37.46 -76.09 45.59
CA ILE J 164 -38.82 -75.62 45.37
C ILE J 164 -39.22 -75.77 43.90
N SER J 165 -38.29 -75.42 42.99
CA SER J 165 -38.55 -75.55 41.55
C SER J 165 -38.72 -77.01 41.14
N ALA J 166 -37.89 -77.90 41.72
CA ALA J 166 -37.99 -79.32 41.43
C ALA J 166 -39.30 -79.90 41.93
N ALA J 167 -39.71 -79.52 43.14
CA ALA J 167 -40.95 -80.05 43.70
C ALA J 167 -42.17 -79.53 42.95
N VAL J 168 -42.13 -78.26 42.53
CA VAL J 168 -43.23 -77.68 41.76
C VAL J 168 -43.33 -78.33 40.39
N LYS J 169 -42.19 -78.62 39.74
CA LYS J 169 -42.23 -79.28 38.44
C LYS J 169 -42.71 -80.72 38.55
N GLU J 170 -42.23 -81.45 39.57
CA GLU J 170 -42.71 -82.81 39.85
C GLU J 170 -44.21 -82.85 40.07
N LEU J 171 -44.72 -81.98 40.95
CA LEU J 171 -46.14 -82.00 41.28
C LEU J 171 -47.00 -81.52 40.12
N ALA J 172 -46.49 -80.59 39.31
CA ALA J 172 -47.27 -80.12 38.16
C ALA J 172 -47.36 -81.18 37.06
N LYS J 173 -46.25 -81.87 36.77
CA LYS J 173 -46.30 -82.91 35.73
C LYS J 173 -47.09 -84.11 36.22
N LYS J 174 -47.06 -84.39 37.53
CA LYS J 174 -47.89 -85.48 38.05
C LYS J 174 -49.35 -85.07 38.13
N ALA J 175 -49.64 -83.77 38.22
CA ALA J 175 -51.02 -83.31 38.16
C ALA J 175 -51.56 -83.39 36.74
N ARG J 176 -50.69 -83.13 35.76
CA ARG J 176 -51.09 -83.30 34.36
C ARG J 176 -51.27 -84.77 33.99
N ASP J 177 -50.47 -85.66 34.57
CA ASP J 177 -50.67 -87.09 34.36
C ASP J 177 -51.74 -87.72 35.25
N GLY J 178 -52.17 -87.02 36.30
CA GLY J 178 -53.23 -87.51 37.18
C GLY J 178 -52.82 -88.67 38.05
N LYS J 179 -51.69 -88.54 38.76
CA LYS J 179 -51.10 -89.64 39.51
C LYS J 179 -50.76 -89.22 40.93
N LEU J 180 -51.73 -88.66 41.65
CA LEU J 180 -51.50 -88.11 42.99
C LEU J 180 -52.11 -89.00 44.06
N LYS J 181 -51.50 -88.95 45.25
CA LYS J 181 -51.96 -89.47 46.52
C LYS J 181 -52.75 -88.39 47.25
N PRO J 182 -53.75 -88.76 48.07
CA PRO J 182 -54.55 -87.74 48.77
C PRO J 182 -53.76 -86.94 49.81
N GLU J 183 -52.66 -87.50 50.32
CA GLU J 183 -51.78 -86.76 51.22
C GLU J 183 -50.94 -85.71 50.50
N GLU J 184 -50.93 -85.71 49.17
CA GLU J 184 -50.20 -84.71 48.41
C GLU J 184 -51.04 -83.49 48.06
N TYR J 185 -52.36 -83.57 48.17
CA TYR J 185 -53.21 -82.42 47.88
C TYR J 185 -54.26 -82.19 48.96
N GLN J 186 -54.14 -82.86 50.10
CA GLN J 186 -55.06 -82.66 51.23
C GLN J 186 -54.23 -82.17 52.41
N GLY J 187 -54.37 -80.88 52.73
CA GLY J 187 -53.63 -80.28 53.82
C GLY J 187 -53.21 -78.85 53.50
N GLY J 188 -51.98 -78.50 53.87
CA GLY J 188 -51.47 -77.17 53.59
C GLY J 188 -51.92 -76.11 54.57
N SER J 189 -51.15 -75.03 54.69
CA SER J 189 -51.48 -73.93 55.57
C SER J 189 -51.80 -72.63 54.84
N ILE J 190 -51.35 -72.49 53.59
CA ILE J 190 -51.60 -71.30 52.78
C ILE J 190 -51.56 -71.71 51.31
N SER J 191 -52.25 -70.94 50.47
CA SER J 191 -52.40 -71.25 49.05
C SER J 191 -51.91 -70.09 48.21
N ILE J 192 -51.75 -70.35 46.91
CA ILE J 192 -51.38 -69.33 45.94
C ILE J 192 -51.97 -69.71 44.58
N SER J 193 -52.60 -68.75 43.93
CA SER J 193 -53.14 -68.92 42.59
C SER J 193 -52.36 -68.05 41.63
N ASN J 194 -51.88 -68.63 40.54
CA ASN J 194 -50.96 -67.99 39.62
C ASN J 194 -51.63 -67.84 38.26
N MET J 195 -51.64 -66.63 37.72
CA MET J 195 -52.20 -66.35 36.40
C MET J 195 -51.29 -65.43 35.61
N GLY J 196 -49.97 -65.66 35.67
CA GLY J 196 -49.04 -64.83 34.93
C GLY J 196 -48.90 -65.21 33.48
N MET J 197 -49.34 -66.41 33.10
CA MET J 197 -49.25 -66.83 31.71
C MET J 197 -50.29 -66.12 30.84
N ASN J 198 -51.37 -65.66 31.46
CA ASN J 198 -52.40 -64.89 30.76
C ASN J 198 -52.08 -63.40 30.93
N PRO J 199 -51.72 -62.71 29.85
CA PRO J 199 -51.37 -61.28 29.98
C PRO J 199 -52.57 -60.36 30.12
N ALA J 200 -53.79 -60.87 30.01
CA ALA J 200 -54.97 -60.02 30.13
C ALA J 200 -55.35 -59.78 31.58
N VAL J 201 -55.08 -60.75 32.46
CA VAL J 201 -55.51 -60.67 33.85
C VAL J 201 -54.62 -59.69 34.59
N GLN J 202 -55.11 -58.46 34.77
CA GLN J 202 -54.39 -57.48 35.57
C GLN J 202 -54.51 -57.78 37.06
N SER J 203 -55.71 -58.20 37.49
CA SER J 203 -55.97 -58.48 38.89
C SER J 203 -57.14 -59.44 38.98
N PHE J 204 -57.09 -60.32 39.98
CA PHE J 204 -58.22 -61.21 40.25
C PHE J 204 -58.19 -61.61 41.71
N THR J 205 -59.34 -62.06 42.20
CA THR J 205 -59.47 -62.59 43.55
C THR J 205 -59.69 -64.09 43.50
N ALA J 206 -59.43 -64.75 44.63
CA ALA J 206 -59.59 -66.19 44.73
C ALA J 206 -60.41 -66.51 45.97
N ILE J 207 -60.90 -67.74 46.00
CA ILE J 207 -61.69 -68.25 47.13
C ILE J 207 -60.77 -69.10 48.01
N ILE J 208 -60.86 -68.87 49.32
CA ILE J 208 -59.97 -69.55 50.25
C ILE J 208 -60.36 -71.01 50.37
N ASN J 209 -59.39 -71.90 50.17
CA ASN J 209 -59.63 -73.33 50.34
C ASN J 209 -59.73 -73.64 51.83
N PRO J 210 -60.83 -74.23 52.28
CA PRO J 210 -60.95 -74.55 53.70
C PRO J 210 -60.08 -75.74 54.05
N PRO J 211 -59.56 -75.81 55.28
CA PRO J 211 -59.74 -74.85 56.38
C PRO J 211 -58.63 -73.82 56.51
N GLN J 212 -58.01 -73.41 55.41
CA GLN J 212 -56.93 -72.44 55.49
C GLN J 212 -57.48 -71.04 55.75
N ALA J 213 -56.57 -70.10 56.02
CA ALA J 213 -56.94 -68.76 56.42
C ALA J 213 -56.69 -67.68 55.38
N ALA J 214 -55.84 -67.95 54.39
CA ALA J 214 -55.51 -66.94 53.40
C ALA J 214 -55.23 -67.60 52.06
N ILE J 215 -55.36 -66.80 51.00
CA ILE J 215 -54.99 -67.26 49.66
C ILE J 215 -54.40 -66.08 48.89
N LEU J 216 -53.39 -66.34 48.07
CA LEU J 216 -52.75 -65.30 47.28
C LEU J 216 -53.24 -65.40 45.83
N ALA J 217 -53.22 -64.27 45.13
CA ALA J 217 -53.61 -64.21 43.72
C ALA J 217 -52.69 -63.24 43.02
N VAL J 218 -52.03 -63.69 41.96
CA VAL J 218 -50.96 -62.95 41.32
C VAL J 218 -51.35 -62.65 39.87
N GLY J 219 -51.37 -61.36 39.51
CA GLY J 219 -51.77 -60.97 38.17
C GLY J 219 -50.59 -60.82 37.24
N ALA J 220 -50.90 -60.57 35.96
CA ALA J 220 -49.90 -60.42 34.93
C ALA J 220 -49.09 -59.14 35.15
N PRO J 221 -47.81 -59.18 34.86
CA PRO J 221 -46.98 -57.97 34.98
C PRO J 221 -47.28 -56.97 33.88
N GLN J 222 -47.19 -55.69 34.23
CA GLN J 222 -47.44 -54.59 33.32
C GLN J 222 -46.42 -53.48 33.56
N LYS J 223 -46.22 -52.61 32.57
CA LYS J 223 -45.31 -51.48 32.70
C LYS J 223 -46.03 -50.29 33.30
N VAL J 224 -45.55 -49.81 34.45
CA VAL J 224 -46.13 -48.67 35.15
C VAL J 224 -45.09 -47.56 35.21
N ALA J 225 -45.51 -46.34 34.91
CA ALA J 225 -44.62 -45.19 34.97
C ALA J 225 -44.30 -44.83 36.42
N VAL J 226 -43.01 -44.77 36.73
CA VAL J 226 -42.52 -44.53 38.09
C VAL J 226 -41.53 -43.37 38.04
N PRO J 227 -41.65 -42.37 38.93
CA PRO J 227 -40.74 -41.22 38.86
C PRO J 227 -39.32 -41.57 39.28
N VAL J 228 -38.37 -40.84 38.71
CA VAL J 228 -36.95 -41.05 38.97
C VAL J 228 -36.25 -39.70 38.95
N GLU J 229 -35.30 -39.52 39.86
CA GLU J 229 -34.43 -38.35 39.83
C GLU J 229 -33.24 -38.65 38.94
N ASN J 230 -32.86 -37.68 38.12
CA ASN J 230 -31.57 -37.75 37.44
C ASN J 230 -30.52 -37.18 38.38
N GLU J 231 -29.29 -36.99 37.88
CA GLU J 231 -28.24 -36.38 38.70
C GLU J 231 -28.35 -34.87 38.77
N ASP J 232 -29.38 -34.27 38.17
CA ASP J 232 -29.76 -32.87 38.42
C ASP J 232 -31.10 -32.84 39.14
N GLY J 233 -31.63 -31.64 39.33
CA GLY J 233 -32.77 -31.44 40.21
C GLY J 233 -34.11 -31.92 39.68
N THR J 234 -34.24 -32.11 38.37
CA THR J 234 -35.55 -32.40 37.79
C THR J 234 -35.92 -33.86 37.97
N THR J 235 -37.22 -34.15 37.84
CA THR J 235 -37.72 -35.52 37.89
C THR J 235 -37.88 -36.07 36.48
N GLY J 236 -37.98 -37.41 36.39
CA GLY J 236 -38.08 -38.08 35.11
C GLY J 236 -39.16 -39.15 35.12
N VAL J 237 -39.21 -39.89 34.01
CA VAL J 237 -40.13 -41.00 33.86
C VAL J 237 -39.30 -42.27 33.66
N SER J 238 -39.44 -43.21 34.58
CA SER J 238 -38.86 -44.53 34.46
C SER J 238 -39.98 -45.55 34.36
N TRP J 239 -39.72 -46.65 33.66
CA TRP J 239 -40.72 -47.68 33.43
C TRP J 239 -40.39 -48.89 34.29
N ASP J 240 -41.28 -49.19 35.23
CA ASP J 240 -41.09 -50.25 36.21
C ASP J 240 -42.05 -51.40 35.92
N GLU J 241 -41.57 -52.62 36.10
CA GLU J 241 -42.39 -53.81 35.93
C GLU J 241 -43.11 -54.09 37.25
N GLN J 242 -44.42 -53.92 37.26
CA GLN J 242 -45.22 -54.12 38.46
C GLN J 242 -46.19 -55.27 38.29
N ILE J 243 -46.49 -55.93 39.42
CA ILE J 243 -47.40 -57.07 39.46
C ILE J 243 -48.43 -56.80 40.55
N ILE J 244 -49.71 -56.90 40.20
CA ILE J 244 -50.78 -56.68 41.16
C ILE J 244 -51.03 -58.00 41.90
N VAL J 245 -50.90 -57.95 43.21
CA VAL J 245 -51.04 -59.11 44.08
C VAL J 245 -52.19 -58.86 45.04
N THR J 246 -53.19 -59.74 45.02
CA THR J 246 -54.37 -59.63 45.88
C THR J 246 -54.39 -60.81 46.84
N ALA J 247 -54.40 -60.52 48.13
CA ALA J 247 -54.45 -61.56 49.16
C ALA J 247 -55.82 -61.53 49.82
N SER J 248 -56.51 -62.66 49.79
CA SER J 248 -57.83 -62.80 50.40
C SER J 248 -57.65 -63.47 51.76
N PHE J 249 -58.12 -62.79 52.81
CA PHE J 249 -58.01 -63.29 54.18
C PHE J 249 -59.38 -63.59 54.76
N ASP J 250 -59.39 -64.47 55.75
CA ASP J 250 -60.56 -64.79 56.54
C ASP J 250 -60.55 -63.92 57.79
N HIS J 251 -61.66 -63.22 58.05
CA HIS J 251 -61.67 -62.23 59.12
C HIS J 251 -61.86 -62.84 60.50
N LYS J 252 -62.15 -64.14 60.58
CA LYS J 252 -62.25 -64.78 61.89
C LYS J 252 -60.88 -64.99 62.51
N VAL J 253 -59.84 -65.15 61.69
CA VAL J 253 -58.49 -65.40 62.15
C VAL J 253 -57.60 -64.17 61.97
N VAL J 254 -57.63 -63.56 60.79
CA VAL J 254 -56.73 -62.48 60.42
C VAL J 254 -57.52 -61.18 60.38
N ASP J 255 -57.04 -60.17 61.09
CA ASP J 255 -57.62 -58.84 60.97
C ASP J 255 -56.91 -58.04 59.88
N GLY J 256 -57.40 -56.82 59.67
CA GLY J 256 -56.88 -56.00 58.58
C GLY J 256 -55.46 -55.52 58.82
N ALA J 257 -55.13 -55.21 60.07
CA ALA J 257 -53.76 -54.81 60.41
C ALA J 257 -52.78 -55.96 60.27
N VAL J 258 -53.21 -57.18 60.63
CA VAL J 258 -52.36 -58.34 60.48
C VAL J 258 -52.14 -58.68 59.00
N GLY J 259 -53.21 -58.56 58.20
CA GLY J 259 -53.06 -58.76 56.76
C GLY J 259 -52.21 -57.69 56.10
N ALA J 260 -52.29 -56.46 56.60
CA ALA J 260 -51.46 -55.38 56.07
C ALA J 260 -50.00 -55.57 56.45
N GLU J 261 -49.72 -56.08 57.66
CA GLU J 261 -48.34 -56.40 58.03
C GLU J 261 -47.79 -57.56 57.20
N TRP J 262 -48.61 -58.58 56.94
CA TRP J 262 -48.18 -59.68 56.10
C TRP J 262 -47.89 -59.21 54.67
N ILE J 263 -48.76 -58.35 54.13
CA ILE J 263 -48.55 -57.79 52.79
C ILE J 263 -47.31 -56.90 52.76
N ARG J 264 -47.05 -56.16 53.83
CA ARG J 264 -45.87 -55.29 53.89
C ARG J 264 -44.58 -56.10 53.95
N GLU J 265 -44.57 -57.19 54.72
CA GLU J 265 -43.38 -58.03 54.78
C GLU J 265 -43.15 -58.77 53.47
N LEU J 266 -44.23 -59.21 52.82
CA LEU J 266 -44.11 -59.85 51.50
C LEU J 266 -43.57 -58.87 50.46
N LYS J 267 -44.07 -57.62 50.49
CA LYS J 267 -43.59 -56.59 49.57
C LYS J 267 -42.13 -56.23 49.85
N LYS J 268 -41.72 -56.23 51.12
CA LYS J 268 -40.33 -55.95 51.47
C LYS J 268 -39.40 -57.04 50.95
N VAL J 269 -39.76 -58.30 51.18
CA VAL J 269 -38.93 -59.42 50.73
C VAL J 269 -38.91 -59.51 49.19
N ILE J 270 -40.00 -59.13 48.53
CA ILE J 270 -40.01 -59.17 47.07
C ILE J 270 -39.20 -58.02 46.47
N GLU J 271 -39.40 -56.79 46.96
CA GLU J 271 -38.72 -55.65 46.39
C GLU J 271 -37.27 -55.51 46.85
N ASN J 272 -36.85 -56.26 47.87
CA ASN J 272 -35.44 -56.40 48.22
C ASN J 272 -35.10 -57.88 48.12
N PRO J 273 -34.64 -58.33 46.95
CA PRO J 273 -34.47 -59.78 46.74
C PRO J 273 -33.30 -60.38 47.48
N LEU J 274 -32.40 -59.57 48.04
CA LEU J 274 -31.31 -60.10 48.85
C LEU J 274 -31.77 -60.53 50.24
N GLU J 275 -33.00 -60.17 50.64
CA GLU J 275 -33.55 -60.59 51.92
C GLU J 275 -34.07 -62.02 51.90
N LEU J 276 -34.04 -62.69 50.75
CA LEU J 276 -34.42 -64.10 50.68
C LEU J 276 -33.35 -65.00 51.29
N LEU J 277 -32.13 -64.49 51.46
CA LEU J 277 -31.09 -65.22 52.17
C LEU J 277 -31.43 -65.35 53.66
N LEU J 278 -31.89 -64.27 54.25
CA LEU J 278 -32.22 -64.25 55.68
C LEU J 278 -33.59 -64.89 55.91
N TYR K 47 51.00 84.14 -56.97
CA TYR K 47 50.04 85.20 -56.71
C TYR K 47 50.56 86.10 -55.59
N THR K 48 50.42 85.65 -54.36
CA THR K 48 50.97 86.37 -53.23
C THR K 48 52.44 85.99 -53.05
N ASP K 49 53.30 87.01 -53.05
CA ASP K 49 54.74 86.87 -53.17
C ASP K 49 55.45 87.59 -52.03
N VAL K 50 55.08 87.25 -50.80
CA VAL K 50 55.78 87.73 -49.60
C VAL K 50 57.24 87.26 -49.68
N PRO K 51 58.20 88.11 -49.32
CA PRO K 51 59.61 87.74 -49.47
C PRO K 51 60.11 86.90 -48.30
N ILE K 52 61.28 86.31 -48.51
CA ILE K 52 61.93 85.52 -47.48
C ILE K 52 62.45 86.45 -46.40
N SER K 53 62.36 86.00 -45.14
CA SER K 53 62.72 86.85 -44.01
C SER K 53 64.21 87.17 -43.94
N GLY K 54 65.04 86.34 -44.56
CA GLY K 54 66.48 86.53 -44.47
C GLY K 54 67.08 85.64 -43.40
N MET K 55 66.36 85.51 -42.29
CA MET K 55 66.72 84.53 -41.27
C MET K 55 66.52 83.10 -41.77
N ARG K 56 65.49 82.88 -42.60
CA ARG K 56 65.25 81.58 -43.22
C ARG K 56 66.35 81.18 -44.20
N LYS K 57 67.04 82.15 -44.79
CA LYS K 57 68.07 81.85 -45.78
C LYS K 57 69.27 81.16 -45.15
N THR K 58 69.64 81.56 -43.92
CA THR K 58 70.73 80.92 -43.21
C THR K 58 70.38 79.49 -42.82
N ILE K 59 69.14 79.24 -42.39
CA ILE K 59 68.72 77.89 -42.03
C ILE K 59 68.62 77.02 -43.27
N ALA K 60 68.21 77.61 -44.41
CA ALA K 60 68.16 76.86 -45.66
C ALA K 60 69.56 76.48 -46.14
N ALA K 61 70.51 77.41 -46.02
CA ALA K 61 71.90 77.10 -46.37
C ALA K 61 72.50 76.07 -45.42
N ARG K 62 72.12 76.13 -44.14
CA ARG K 62 72.64 75.17 -43.16
C ARG K 62 72.10 73.77 -43.41
N LEU K 63 70.81 73.65 -43.72
CA LEU K 63 70.24 72.35 -44.06
C LEU K 63 70.79 71.84 -45.39
N LYS K 64 71.10 72.75 -46.31
CA LYS K 64 71.79 72.36 -47.54
C LYS K 64 73.17 71.79 -47.26
N GLU K 65 73.94 72.44 -46.37
CA GLU K 65 75.24 71.93 -45.94
C GLU K 65 75.11 70.57 -45.30
N SER K 66 74.08 70.38 -44.48
CA SER K 66 73.86 69.12 -43.79
C SER K 66 73.58 67.99 -44.77
N VAL K 67 72.67 68.22 -45.72
CA VAL K 67 72.31 67.14 -46.65
C VAL K 67 73.38 66.94 -47.71
N THR K 68 74.25 67.93 -47.92
CA THR K 68 75.24 67.74 -48.98
C THR K 68 76.58 67.24 -48.44
N GLU K 69 76.81 67.35 -47.13
CA GLU K 69 78.09 66.89 -46.59
C GLU K 69 77.90 65.68 -45.69
N ASN K 70 76.67 65.44 -45.24
CA ASN K 70 76.38 64.30 -44.39
C ASN K 70 75.55 63.29 -45.16
N PRO K 71 76.10 62.16 -45.58
CA PRO K 71 75.27 61.08 -46.14
C PRO K 71 74.46 60.39 -45.04
N HIS K 72 73.17 60.73 -44.98
CA HIS K 72 72.32 60.24 -43.89
C HIS K 72 71.88 58.81 -44.15
N PHE K 73 71.71 58.06 -43.06
CA PHE K 73 70.98 56.80 -43.13
C PHE K 73 70.17 56.65 -41.85
N PHE K 74 68.96 56.11 -41.99
CA PHE K 74 68.00 56.04 -40.91
C PHE K 74 67.93 54.63 -40.35
N VAL K 75 67.77 54.54 -39.03
CA VAL K 75 67.53 53.28 -38.33
C VAL K 75 66.27 53.45 -37.50
N SER K 76 65.27 52.62 -37.75
CA SER K 76 63.98 52.73 -37.08
C SER K 76 63.81 51.58 -36.08
N THR K 77 63.08 51.87 -35.01
CA THR K 77 62.78 50.88 -33.99
C THR K 77 61.46 51.23 -33.34
N ASN K 78 60.92 50.28 -32.57
CA ASN K 78 59.69 50.49 -31.82
C ASN K 78 59.99 50.25 -30.34
N LEU K 79 59.89 51.30 -29.54
CA LEU K 79 60.14 51.22 -28.11
C LEU K 79 58.81 51.00 -27.39
N SER K 80 58.79 50.02 -26.49
CA SER K 80 57.63 49.81 -25.64
C SER K 80 57.75 50.66 -24.39
N VAL K 81 56.76 51.50 -24.16
CA VAL K 81 56.79 52.50 -23.08
C VAL K 81 55.71 52.23 -22.04
N SER K 82 55.19 51.00 -21.99
CA SER K 82 54.13 50.68 -21.04
C SER K 82 54.64 50.64 -19.60
N LYS K 83 55.92 50.32 -19.40
CA LYS K 83 56.52 50.40 -18.07
C LYS K 83 57.05 51.80 -17.78
N LEU K 84 57.49 52.51 -18.82
CA LEU K 84 57.96 53.88 -18.65
C LEU K 84 56.83 54.81 -18.22
N LEU K 85 55.64 54.60 -18.78
CA LEU K 85 54.49 55.40 -18.38
C LEU K 85 54.05 55.09 -16.95
N LYS K 86 54.18 53.83 -16.52
CA LYS K 86 53.87 53.48 -15.13
C LYS K 86 54.87 54.10 -14.16
N LEU K 87 56.15 54.09 -14.54
CA LEU K 87 57.18 54.72 -13.70
C LEU K 87 56.98 56.24 -13.63
N ARG K 88 56.59 56.85 -14.75
CA ARG K 88 56.31 58.29 -14.76
C ARG K 88 55.09 58.62 -13.92
N GLN K 89 54.06 57.77 -13.98
CA GLN K 89 52.86 57.99 -13.19
C GLN K 89 53.14 57.87 -11.70
N ALA K 90 53.97 56.88 -11.32
CA ALA K 90 54.34 56.72 -9.91
C ALA K 90 55.19 57.88 -9.41
N LEU K 91 56.15 58.32 -10.23
CA LEU K 91 57.02 59.42 -9.81
C LEU K 91 56.28 60.75 -9.78
N ASN K 92 55.23 60.89 -10.61
CA ASN K 92 54.42 62.11 -10.57
C ASN K 92 53.43 62.08 -9.42
N SER K 93 52.91 60.89 -9.08
CA SER K 93 51.96 60.80 -7.98
C SER K 93 52.65 60.94 -6.63
N SER K 94 53.91 60.52 -6.53
CA SER K 94 54.68 60.68 -5.29
C SER K 94 55.40 62.03 -5.26
N ALA K 95 54.61 63.10 -5.29
CA ALA K 95 55.14 64.45 -5.29
C ALA K 95 54.11 65.39 -4.68
N ASP K 96 54.57 66.59 -4.34
CA ASP K 96 53.72 67.64 -3.80
C ASP K 96 53.68 68.85 -4.72
N GLY K 97 53.74 68.62 -6.03
CA GLY K 97 53.86 69.71 -6.98
C GLY K 97 55.26 70.26 -7.15
N ARG K 98 56.28 69.53 -6.69
CA ARG K 98 57.65 70.01 -6.85
C ARG K 98 58.14 69.85 -8.28
N TYR K 99 57.66 68.83 -8.99
CA TYR K 99 58.13 68.57 -10.34
C TYR K 99 56.98 67.96 -11.14
N LYS K 100 57.20 67.87 -12.46
CA LYS K 100 56.26 67.22 -13.37
C LYS K 100 57.08 66.55 -14.46
N LEU K 101 56.99 65.22 -14.54
CA LEU K 101 57.84 64.45 -15.45
C LEU K 101 57.11 64.16 -16.75
N SER K 102 57.87 64.11 -17.84
CA SER K 102 57.37 63.79 -19.17
C SER K 102 58.20 62.66 -19.76
N VAL K 103 57.79 62.21 -20.94
CA VAL K 103 58.49 61.11 -21.62
C VAL K 103 59.83 61.60 -22.17
N ASN K 104 59.92 62.90 -22.47
CA ASN K 104 61.14 63.47 -23.02
C ASN K 104 62.29 63.45 -22.02
N ASP K 105 61.99 63.49 -20.72
CA ASP K 105 63.02 63.39 -19.70
C ASP K 105 63.68 62.01 -19.69
N PHE K 106 62.84 60.96 -19.73
CA PHE K 106 63.35 59.60 -19.82
C PHE K 106 64.09 59.36 -21.13
N LEU K 107 63.62 59.99 -22.21
CA LEU K 107 64.28 59.84 -23.50
C LEU K 107 65.65 60.52 -23.53
N ILE K 108 65.75 61.70 -22.91
CA ILE K 108 67.03 62.41 -22.85
C ILE K 108 68.02 61.68 -21.96
N LYS K 109 67.54 61.13 -20.84
CA LYS K 109 68.42 60.35 -19.95
C LYS K 109 68.88 59.06 -20.62
N ALA K 110 67.98 58.40 -21.37
CA ALA K 110 68.36 57.17 -22.07
C ALA K 110 69.30 57.46 -23.23
N MET K 111 69.15 58.63 -23.86
CA MET K 111 70.10 59.03 -24.89
C MET K 111 71.48 59.30 -24.31
N GLY K 112 71.53 59.88 -23.11
CA GLY K 112 72.80 60.08 -22.44
C GLY K 112 73.47 58.77 -22.06
N ILE K 113 72.68 57.80 -21.56
CA ILE K 113 73.21 56.50 -21.19
C ILE K 113 73.71 55.74 -22.43
N ALA K 114 72.95 55.80 -23.52
CA ALA K 114 73.34 55.11 -24.74
C ALA K 114 74.54 55.76 -25.41
N SER K 115 74.65 57.09 -25.35
CA SER K 115 75.83 57.75 -25.91
C SER K 115 77.06 57.56 -25.05
N LYS K 116 76.88 57.33 -23.74
CA LYS K 116 78.02 56.97 -22.91
C LYS K 116 78.46 55.54 -23.15
N ARG K 117 77.51 54.63 -23.41
CA ARG K 117 77.89 53.24 -23.69
C ARG K 117 78.49 53.06 -25.08
N VAL K 118 77.99 53.77 -26.08
CA VAL K 118 78.56 53.75 -27.43
C VAL K 118 79.11 55.14 -27.73
N PRO K 119 80.39 55.40 -27.46
CA PRO K 119 80.90 56.77 -27.62
C PRO K 119 81.22 57.16 -29.05
N THR K 120 81.07 56.26 -30.02
CA THR K 120 81.35 56.61 -31.41
C THR K 120 80.26 57.52 -31.98
N VAL K 121 79.02 57.37 -31.51
CA VAL K 121 77.93 58.24 -31.97
C VAL K 121 78.08 59.65 -31.42
N ASN K 122 78.68 59.78 -30.24
CA ASN K 122 78.89 61.10 -29.61
C ASN K 122 80.19 61.69 -30.16
N SER K 123 80.12 62.13 -31.41
CA SER K 123 81.30 62.66 -32.10
C SER K 123 80.86 63.70 -33.12
N SER K 124 81.81 64.13 -33.96
CA SER K 124 81.58 65.14 -34.98
C SER K 124 82.51 64.86 -36.15
N TRP K 125 82.70 65.86 -37.00
CA TRP K 125 83.59 65.75 -38.16
C TRP K 125 84.28 67.09 -38.36
N ARG K 126 85.61 67.10 -38.20
CA ARG K 126 86.40 68.32 -38.13
C ARG K 126 87.53 68.28 -39.15
N ASP K 127 88.51 69.20 -39.03
CA ASP K 127 89.59 69.33 -40.01
C ASP K 127 90.51 68.12 -39.93
N GLY K 128 90.19 67.10 -40.74
CA GLY K 128 90.97 65.88 -40.79
C GLY K 128 90.96 65.06 -39.53
N VAL K 129 89.97 65.25 -38.66
CA VAL K 129 90.01 64.74 -37.30
C VAL K 129 88.59 64.55 -36.79
N ILE K 130 88.40 63.55 -35.93
CA ILE K 130 87.13 63.24 -35.29
C ILE K 130 87.19 63.77 -33.87
N ARG K 131 86.27 64.68 -33.53
CA ARG K 131 86.23 65.24 -32.19
C ARG K 131 85.25 64.46 -31.33
N GLN K 132 85.75 63.79 -30.31
CA GLN K 132 84.96 62.92 -29.45
C GLN K 132 84.87 63.53 -28.05
N PHE K 133 83.65 63.75 -27.59
CA PHE K 133 83.37 64.36 -26.30
C PHE K 133 83.17 63.28 -25.22
N GLU K 134 83.27 63.71 -23.96
CA GLU K 134 82.92 62.85 -22.83
C GLU K 134 81.46 62.99 -22.43
N THR K 135 81.02 64.21 -22.14
CA THR K 135 79.66 64.45 -21.68
C THR K 135 78.70 64.48 -22.86
N VAL K 136 77.44 64.15 -22.57
CA VAL K 136 76.37 64.17 -23.57
C VAL K 136 75.63 65.48 -23.40
N ASP K 137 75.74 66.37 -24.38
CA ASP K 137 75.00 67.62 -24.41
C ASP K 137 73.88 67.47 -25.44
N VAL K 138 72.64 67.50 -24.97
CA VAL K 138 71.48 67.14 -25.79
C VAL K 138 70.76 68.41 -26.21
N SER K 139 70.65 68.64 -27.51
CA SER K 139 69.92 69.76 -28.06
C SER K 139 68.46 69.35 -28.26
N VAL K 140 67.54 70.08 -27.64
CA VAL K 140 66.12 69.78 -27.71
C VAL K 140 65.44 70.81 -28.58
N ALA K 141 64.67 70.35 -29.56
CA ALA K 141 64.01 71.25 -30.49
C ALA K 141 62.74 71.82 -29.86
N VAL K 142 62.61 73.14 -29.91
CA VAL K 142 61.44 73.85 -29.37
C VAL K 142 60.75 74.55 -30.54
N ALA K 143 59.45 74.31 -30.68
CA ALA K 143 58.67 74.87 -31.78
C ALA K 143 58.11 76.23 -31.37
N THR K 144 58.72 77.29 -31.89
CA THR K 144 58.31 78.67 -31.72
C THR K 144 57.64 79.18 -32.99
N PRO K 145 56.79 80.21 -32.91
CA PRO K 145 56.16 80.76 -34.13
C PRO K 145 57.16 81.41 -35.09
N ASN K 146 58.37 81.72 -34.64
CA ASN K 146 59.47 82.13 -35.51
C ASN K 146 60.33 80.96 -35.96
N GLY K 147 59.77 79.76 -36.02
CA GLY K 147 60.47 78.63 -36.61
C GLY K 147 60.95 77.57 -35.64
N LEU K 148 62.27 77.36 -35.57
CA LEU K 148 62.83 76.29 -34.78
C LEU K 148 64.10 76.76 -34.08
N ILE K 149 64.25 76.35 -32.83
CA ILE K 149 65.45 76.63 -32.06
C ILE K 149 65.78 75.37 -31.27
N THR K 150 67.08 75.18 -30.97
CA THR K 150 67.56 74.00 -30.25
C THR K 150 68.39 74.43 -29.05
N PRO K 151 67.77 74.73 -27.91
CA PRO K 151 68.55 74.92 -26.68
C PRO K 151 69.12 73.60 -26.18
N ILE K 152 70.25 73.71 -25.47
CA ILE K 152 71.07 72.56 -25.11
C ILE K 152 70.98 72.32 -23.61
N VAL K 153 70.75 71.06 -23.23
CA VAL K 153 70.88 70.59 -21.87
C VAL K 153 72.28 70.01 -21.75
N LYS K 154 73.08 70.61 -20.88
CA LYS K 154 74.49 70.24 -20.74
C LYS K 154 74.68 69.24 -19.62
N GLY K 155 75.55 68.25 -19.85
CA GLY K 155 75.87 67.24 -18.87
C GLY K 155 74.70 66.35 -18.51
N VAL K 156 74.18 65.61 -19.48
CA VAL K 156 72.95 64.86 -19.30
C VAL K 156 73.17 63.65 -18.41
N GLU K 157 74.23 62.89 -18.65
CA GLU K 157 74.52 61.72 -17.82
C GLU K 157 74.98 62.20 -16.44
N GLY K 158 74.44 61.57 -15.41
CA GLY K 158 74.66 62.00 -14.04
C GLY K 158 74.11 63.37 -13.71
N LYS K 159 72.86 63.63 -14.07
CA LYS K 159 72.26 64.93 -13.79
C LYS K 159 70.99 64.84 -12.95
N GLY K 160 70.12 63.88 -13.23
CA GLY K 160 68.88 63.79 -12.49
C GLY K 160 67.69 64.20 -13.32
N LEU K 161 66.58 63.48 -13.14
CA LEU K 161 65.40 63.68 -13.97
C LEU K 161 64.70 65.00 -13.63
N GLU K 162 64.73 65.40 -12.36
CA GLU K 162 64.12 66.67 -11.97
C GLU K 162 64.94 67.85 -12.49
N SER K 163 66.27 67.70 -12.49
CA SER K 163 67.12 68.74 -13.07
C SER K 163 66.93 68.84 -14.58
N ILE K 164 66.76 67.69 -15.24
CA ILE K 164 66.52 67.68 -16.69
C ILE K 164 65.17 68.33 -17.01
N SER K 165 64.13 68.01 -16.22
CA SER K 165 62.81 68.59 -16.42
C SER K 165 62.82 70.11 -16.19
N ALA K 166 63.55 70.54 -15.15
CA ALA K 166 63.65 71.97 -14.85
C ALA K 166 64.38 72.71 -15.95
N ALA K 167 65.48 72.14 -16.45
CA ALA K 167 66.25 72.80 -17.51
C ALA K 167 65.47 72.85 -18.82
N VAL K 168 64.73 71.78 -19.12
CA VAL K 168 63.92 71.74 -20.34
C VAL K 168 62.77 72.76 -20.25
N LYS K 169 62.15 72.90 -19.07
CA LYS K 169 61.08 73.87 -18.92
C LYS K 169 61.59 75.30 -18.99
N GLU K 170 62.74 75.57 -18.34
CA GLU K 170 63.40 76.87 -18.41
C GLU K 170 63.73 77.25 -19.85
N LEU K 171 64.39 76.34 -20.59
CA LEU K 171 64.81 76.65 -21.94
C LEU K 171 63.62 76.76 -22.90
N ALA K 172 62.56 75.99 -22.67
CA ALA K 172 61.39 76.07 -23.53
C ALA K 172 60.62 77.37 -23.32
N LYS K 173 60.45 77.80 -22.06
CA LYS K 173 59.73 79.05 -21.82
C LYS K 173 60.58 80.25 -22.25
N LYS K 174 61.90 80.14 -22.15
CA LYS K 174 62.75 81.21 -22.65
C LYS K 174 62.83 81.20 -24.17
N ALA K 175 62.60 80.06 -24.80
CA ALA K 175 62.51 80.01 -26.26
C ALA K 175 61.20 80.61 -26.75
N ARG K 176 60.13 80.43 -25.97
CA ARG K 176 58.86 81.07 -26.31
C ARG K 176 58.91 82.57 -26.08
N ASP K 177 59.66 83.04 -25.07
CA ASP K 177 59.84 84.47 -24.87
C ASP K 177 60.94 85.07 -25.72
N GLY K 178 61.80 84.26 -26.34
CA GLY K 178 62.84 84.74 -27.22
C GLY K 178 63.96 85.47 -26.51
N LYS K 179 64.52 84.85 -25.47
CA LYS K 179 65.50 85.51 -24.59
C LYS K 179 66.73 84.65 -24.40
N LEU K 180 67.33 84.17 -25.49
CA LEU K 180 68.45 83.24 -25.42
C LEU K 180 69.77 83.93 -25.76
N LYS K 181 70.85 83.40 -25.20
CA LYS K 181 72.25 83.65 -25.51
C LYS K 181 72.73 82.66 -26.58
N PRO K 182 73.68 83.05 -27.42
CA PRO K 182 74.15 82.12 -28.48
C PRO K 182 74.87 80.89 -27.94
N GLU K 183 75.44 80.97 -26.74
CA GLU K 183 76.03 79.81 -26.11
C GLU K 183 75.00 78.81 -25.58
N GLU K 184 73.72 79.18 -25.56
CA GLU K 184 72.68 78.26 -25.13
C GLU K 184 72.07 77.46 -26.28
N TYR K 185 72.29 77.86 -27.53
CA TYR K 185 71.77 77.10 -28.65
C TYR K 185 72.82 76.88 -29.74
N GLN K 186 74.09 77.15 -29.43
CA GLN K 186 75.18 76.89 -30.38
C GLN K 186 76.14 75.89 -29.73
N GLY K 187 76.11 74.65 -30.21
CA GLY K 187 76.94 73.60 -29.67
C GLY K 187 76.23 72.25 -29.66
N GLY K 188 76.39 71.50 -28.59
CA GLY K 188 75.74 70.21 -28.45
C GLY K 188 76.44 69.08 -29.18
N SER K 189 76.21 67.85 -28.73
CA SER K 189 76.78 66.67 -29.37
C SER K 189 75.75 65.76 -30.02
N ILE K 190 74.48 65.86 -29.62
CA ILE K 190 73.41 65.04 -30.20
C ILE K 190 72.11 65.82 -30.03
N SER K 191 71.15 65.52 -30.90
CA SER K 191 69.88 66.24 -30.95
C SER K 191 68.71 65.27 -30.81
N ILE K 192 67.52 65.83 -30.58
CA ILE K 192 66.29 65.05 -30.50
C ILE K 192 65.14 65.93 -30.94
N SER K 193 64.29 65.39 -31.81
CA SER K 193 63.09 66.07 -32.29
C SER K 193 61.88 65.31 -31.76
N ASN K 194 60.95 66.03 -31.13
CA ASN K 194 59.83 65.44 -30.44
C ASN K 194 58.54 65.86 -31.10
N MET K 195 57.70 64.89 -31.45
CA MET K 195 56.39 65.15 -32.06
C MET K 195 55.31 64.27 -31.43
N GLY K 196 55.35 64.12 -30.11
CA GLY K 196 54.35 63.31 -29.43
C GLY K 196 53.04 64.02 -29.19
N MET K 197 53.02 65.35 -29.28
CA MET K 197 51.79 66.10 -29.07
C MET K 197 50.85 65.96 -30.26
N ASN K 198 51.40 65.65 -31.43
CA ASN K 198 50.59 65.40 -32.63
C ASN K 198 50.34 63.90 -32.74
N PRO K 199 49.09 63.46 -32.58
CA PRO K 199 48.81 62.01 -32.63
C PRO K 199 48.79 61.44 -34.04
N ALA K 200 48.90 62.27 -35.07
CA ALA K 200 48.87 61.77 -36.44
C ALA K 200 50.24 61.25 -36.87
N VAL K 201 51.31 61.82 -36.34
CA VAL K 201 52.67 61.49 -36.79
C VAL K 201 53.06 60.13 -36.23
N GLN K 202 52.93 59.09 -37.03
CA GLN K 202 53.39 57.77 -36.60
C GLN K 202 54.91 57.67 -36.65
N SER K 203 55.52 58.25 -37.68
CA SER K 203 56.97 58.19 -37.86
C SER K 203 57.38 59.37 -38.73
N PHE K 204 58.58 59.89 -38.45
CA PHE K 204 59.16 60.94 -39.28
C PHE K 204 60.67 60.89 -39.15
N THR K 205 61.34 61.48 -40.13
CA THR K 205 62.78 61.64 -40.12
C THR K 205 63.15 63.10 -39.91
N ALA K 206 64.39 63.32 -39.49
CA ALA K 206 64.88 64.66 -39.24
C ALA K 206 66.22 64.84 -39.94
N ILE K 207 66.62 66.10 -40.09
CA ILE K 207 67.89 66.46 -40.70
C ILE K 207 68.89 66.77 -39.60
N ILE K 208 70.10 66.21 -39.74
CA ILE K 208 71.12 66.35 -38.71
C ILE K 208 71.64 67.78 -38.69
N ASN K 209 71.61 68.40 -37.50
CA ASN K 209 72.19 69.73 -37.34
C ASN K 209 73.70 69.63 -37.36
N PRO K 210 74.38 70.35 -38.26
CA PRO K 210 75.83 70.29 -38.29
C PRO K 210 76.42 71.06 -37.13
N PRO K 211 77.58 70.64 -36.62
CA PRO K 211 78.40 69.51 -37.06
C PRO K 211 78.18 68.22 -36.27
N GLN K 212 76.95 67.98 -35.78
CA GLN K 212 76.71 66.77 -35.02
C GLN K 212 76.62 65.55 -35.93
N ALA K 213 76.56 64.37 -35.31
CA ALA K 213 76.62 63.11 -36.04
C ALA K 213 75.31 62.34 -36.09
N ALA K 214 74.37 62.63 -35.20
CA ALA K 214 73.12 61.88 -35.15
C ALA K 214 72.00 62.79 -34.69
N ILE K 215 70.77 62.39 -35.04
CA ILE K 215 69.58 63.08 -34.55
C ILE K 215 68.49 62.04 -34.31
N LEU K 216 67.70 62.24 -33.27
CA LEU K 216 66.61 61.33 -32.94
C LEU K 216 65.28 61.95 -33.36
N ALA K 217 64.31 61.09 -33.66
CA ALA K 217 62.96 61.53 -34.04
C ALA K 217 61.96 60.57 -33.41
N VAL K 218 61.02 61.12 -32.65
CA VAL K 218 60.12 60.31 -31.83
C VAL K 218 58.68 60.55 -32.28
N GLY K 219 57.99 59.46 -32.65
CA GLY K 219 56.62 59.58 -33.13
C GLY K 219 55.60 59.37 -32.04
N ALA K 220 54.34 59.59 -32.41
CA ALA K 220 53.24 59.46 -31.48
C ALA K 220 53.05 58.02 -31.05
N PRO K 221 52.67 57.79 -29.80
CA PRO K 221 52.42 56.42 -29.35
C PRO K 221 51.11 55.87 -29.91
N GLN K 222 51.11 54.56 -30.18
CA GLN K 222 49.96 53.85 -30.71
C GLN K 222 49.82 52.50 -30.04
N LYS K 223 48.63 51.92 -30.09
CA LYS K 223 48.38 50.59 -29.51
C LYS K 223 48.69 49.52 -30.55
N VAL K 224 49.63 48.64 -30.21
CA VAL K 224 50.04 47.54 -31.09
C VAL K 224 49.74 46.23 -30.39
N ALA K 225 49.16 45.29 -31.14
CA ALA K 225 48.85 43.97 -30.60
C ALA K 225 50.12 43.16 -30.40
N VAL K 226 50.31 42.67 -29.17
CA VAL K 226 51.52 41.95 -28.78
C VAL K 226 51.08 40.62 -28.15
N PRO K 227 51.68 39.49 -28.52
CA PRO K 227 51.25 38.21 -27.98
C PRO K 227 51.65 38.04 -26.52
N VAL K 228 50.83 37.27 -25.80
CA VAL K 228 51.04 37.01 -24.38
C VAL K 228 50.61 35.58 -24.08
N GLU K 229 51.36 34.91 -23.22
CA GLU K 229 50.96 33.61 -22.71
C GLU K 229 50.10 33.81 -21.47
N ASN K 230 49.03 33.05 -21.37
CA ASN K 230 48.30 32.96 -20.12
C ASN K 230 48.98 31.88 -19.27
N GLU K 231 48.37 31.52 -18.14
CA GLU K 231 48.92 30.46 -17.30
C GLU K 231 48.58 29.06 -17.82
N ASP K 232 47.92 28.95 -18.97
CA ASP K 232 47.81 27.71 -19.72
C ASP K 232 48.59 27.83 -21.02
N GLY K 233 48.50 26.80 -21.86
CA GLY K 233 49.37 26.68 -23.01
C GLY K 233 49.08 27.63 -24.17
N THR K 234 47.89 28.20 -24.24
CA THR K 234 47.51 28.97 -25.41
C THR K 234 48.09 30.38 -25.37
N THR K 235 48.14 31.02 -26.54
CA THR K 235 48.58 32.41 -26.64
C THR K 235 47.38 33.35 -26.64
N GLY K 236 47.66 34.64 -26.37
CA GLY K 236 46.62 35.63 -26.27
C GLY K 236 46.98 36.91 -27.01
N VAL K 237 46.12 37.90 -26.85
CA VAL K 237 46.34 39.23 -27.43
C VAL K 237 46.43 40.22 -26.28
N SER K 238 47.57 40.88 -26.16
CA SER K 238 47.75 41.98 -25.24
C SER K 238 48.02 43.25 -26.04
N TRP K 239 47.62 44.39 -25.48
CA TRP K 239 47.74 45.67 -26.15
C TRP K 239 48.87 46.46 -25.51
N ASP K 240 49.92 46.71 -26.29
CA ASP K 240 51.13 47.37 -25.81
C ASP K 240 51.22 48.77 -26.42
N GLU K 241 51.69 49.72 -25.61
CA GLU K 241 51.90 51.09 -26.08
C GLU K 241 53.29 51.17 -26.70
N GLN K 242 53.35 51.36 -28.01
CA GLN K 242 54.62 51.41 -28.73
C GLN K 242 54.84 52.80 -29.35
N ILE K 243 56.11 53.17 -29.46
CA ILE K 243 56.52 54.46 -30.02
C ILE K 243 57.57 54.18 -31.08
N ILE K 244 57.35 54.70 -32.28
CA ILE K 244 58.29 54.53 -33.38
C ILE K 244 59.37 55.61 -33.26
N VAL K 245 60.62 55.17 -33.15
CA VAL K 245 61.77 56.03 -32.97
C VAL K 245 62.70 55.85 -34.16
N THR K 246 62.99 56.93 -34.87
CA THR K 246 63.86 56.90 -36.04
C THR K 246 65.11 57.73 -35.74
N ALA K 247 66.27 57.12 -35.83
CA ALA K 247 67.54 57.80 -35.60
C ALA K 247 68.26 57.96 -36.93
N SER K 248 68.59 59.20 -37.28
CA SER K 248 69.31 59.50 -38.51
C SER K 248 70.78 59.71 -38.16
N PHE K 249 71.65 58.92 -38.80
CA PHE K 249 73.08 58.95 -38.56
C PHE K 249 73.82 59.45 -39.81
N ASP K 250 75.00 59.99 -39.57
CA ASP K 250 75.94 60.38 -40.62
C ASP K 250 76.91 59.23 -40.84
N HIS K 251 77.05 58.81 -42.11
CA HIS K 251 77.81 57.60 -42.40
C HIS K 251 79.32 57.84 -42.42
N LYS K 252 79.77 59.09 -42.35
CA LYS K 252 81.20 59.34 -42.27
C LYS K 252 81.75 59.00 -40.89
N VAL K 253 80.93 59.10 -39.85
CA VAL K 253 81.34 58.84 -38.48
C VAL K 253 80.77 57.52 -37.97
N VAL K 254 79.48 57.30 -38.16
CA VAL K 254 78.78 56.15 -37.59
C VAL K 254 78.44 55.18 -38.70
N ASP K 255 78.83 53.92 -38.52
CA ASP K 255 78.40 52.88 -39.45
C ASP K 255 77.09 52.26 -38.98
N GLY K 256 76.59 51.31 -39.79
CA GLY K 256 75.30 50.72 -39.51
C GLY K 256 75.30 49.84 -38.28
N ALA K 257 76.40 49.12 -38.05
CA ALA K 257 76.50 48.29 -36.85
C ALA K 257 76.61 49.13 -35.59
N VAL K 258 77.31 50.27 -35.67
CA VAL K 258 77.42 51.17 -34.52
C VAL K 258 76.08 51.81 -34.22
N GLY K 259 75.34 52.21 -35.27
CA GLY K 259 74.01 52.76 -35.07
C GLY K 259 73.02 51.73 -34.54
N ALA K 260 73.19 50.47 -34.96
CA ALA K 260 72.33 49.40 -34.46
C ALA K 260 72.64 49.08 -33.00
N GLU K 261 73.91 49.14 -32.60
CA GLU K 261 74.27 48.97 -31.19
C GLU K 261 73.74 50.11 -30.33
N TRP K 262 73.81 51.34 -30.84
CA TRP K 262 73.26 52.50 -30.12
C TRP K 262 71.75 52.37 -29.96
N ILE K 263 71.05 51.96 -31.04
CA ILE K 263 69.61 51.75 -30.99
C ILE K 263 69.25 50.62 -30.03
N ARG K 264 70.07 49.55 -29.99
CA ARG K 264 69.80 48.43 -29.10
C ARG K 264 69.99 48.82 -27.64
N GLU K 265 71.02 49.61 -27.33
CA GLU K 265 71.22 50.06 -25.95
C GLU K 265 70.13 51.04 -25.52
N LEU K 266 69.70 51.91 -26.44
CA LEU K 266 68.60 52.82 -26.14
C LEU K 266 67.30 52.06 -25.90
N LYS K 267 67.03 51.04 -26.71
CA LYS K 267 65.84 50.21 -26.52
C LYS K 267 65.90 49.41 -25.23
N LYS K 268 67.10 48.96 -24.84
CA LYS K 268 67.25 48.23 -23.58
C LYS K 268 66.98 49.12 -22.39
N VAL K 269 67.55 50.33 -22.39
CA VAL K 269 67.37 51.27 -21.28
C VAL K 269 65.91 51.77 -21.23
N ILE K 270 65.25 51.88 -22.37
CA ILE K 270 63.86 52.34 -22.37
C ILE K 270 62.92 51.22 -21.90
N GLU K 271 63.08 50.00 -22.44
CA GLU K 271 62.18 48.92 -22.09
C GLU K 271 62.47 48.29 -20.75
N ASN K 272 63.63 48.59 -20.14
CA ASN K 272 63.90 48.24 -18.75
C ASN K 272 64.17 49.54 -18.00
N PRO K 273 63.14 50.16 -17.43
CA PRO K 273 63.31 51.51 -16.87
C PRO K 273 64.10 51.55 -15.58
N LEU K 274 64.36 50.40 -14.94
CA LEU K 274 65.20 50.37 -13.75
C LEU K 274 66.68 50.53 -14.09
N GLU K 275 67.05 50.41 -15.37
CA GLU K 275 68.43 50.59 -15.78
C GLU K 275 68.84 52.05 -15.89
N LEU K 276 67.90 52.99 -15.68
CA LEU K 276 68.24 54.40 -15.65
C LEU K 276 69.00 54.78 -14.38
N LEU K 277 68.94 53.94 -13.35
CA LEU K 277 69.74 54.14 -12.15
C LEU K 277 71.21 53.95 -12.44
N LEU K 278 71.54 52.90 -13.19
CA LEU K 278 72.93 52.58 -13.53
C LEU K 278 73.41 53.47 -14.66
N TYR L 47 -9.49 105.61 -41.05
CA TYR L 47 -9.34 106.34 -39.81
C TYR L 47 -7.93 106.88 -39.69
N THR L 48 -6.99 106.02 -39.30
CA THR L 48 -5.58 106.40 -39.25
C THR L 48 -4.97 106.22 -40.63
N ASP L 49 -4.38 107.31 -41.14
CA ASP L 49 -3.97 107.45 -42.53
C ASP L 49 -2.51 107.85 -42.61
N VAL L 50 -1.64 107.06 -41.99
CA VAL L 50 -0.18 107.21 -42.13
C VAL L 50 0.17 107.05 -43.61
N PRO L 51 1.08 107.87 -44.14
CA PRO L 51 1.39 107.81 -45.57
C PRO L 51 2.40 106.72 -45.89
N ILE L 52 2.51 106.42 -47.19
CA ILE L 52 3.47 105.44 -47.67
C ILE L 52 4.87 106.02 -47.55
N SER L 53 5.84 105.17 -47.21
CA SER L 53 7.20 105.63 -46.94
C SER L 53 7.90 106.14 -48.19
N GLY L 54 7.46 105.73 -49.38
CA GLY L 54 8.12 106.11 -50.60
C GLY L 54 9.07 105.03 -51.06
N MET L 55 9.76 104.40 -50.09
CA MET L 55 10.55 103.20 -50.37
C MET L 55 9.66 102.02 -50.74
N ARG L 56 8.47 101.93 -50.12
CA ARG L 56 7.51 100.89 -50.45
C ARG L 56 6.94 101.03 -51.86
N LYS L 57 6.93 102.25 -52.42
CA LYS L 57 6.38 102.48 -53.74
C LYS L 57 7.21 101.81 -54.82
N THR L 58 8.54 101.83 -54.67
CA THR L 58 9.42 101.18 -55.62
C THR L 58 9.28 99.66 -55.57
N ILE L 59 9.12 99.08 -54.37
CA ILE L 59 8.92 97.64 -54.25
C ILE L 59 7.55 97.25 -54.79
N ALA L 60 6.55 98.10 -54.60
CA ALA L 60 5.23 97.82 -55.14
C ALA L 60 5.23 97.86 -56.68
N ALA L 61 5.93 98.84 -57.26
CA ALA L 61 6.06 98.90 -58.71
C ALA L 61 6.89 97.73 -59.24
N ARG L 62 7.89 97.28 -58.48
CA ARG L 62 8.71 96.15 -58.92
C ARG L 62 7.93 94.85 -58.88
N LEU L 63 7.13 94.63 -57.84
CA LEU L 63 6.27 93.45 -57.78
C LEU L 63 5.17 93.50 -58.84
N LYS L 64 4.70 94.72 -59.16
CA LYS L 64 3.77 94.88 -60.27
C LYS L 64 4.41 94.48 -61.59
N GLU L 65 5.65 94.93 -61.84
CA GLU L 65 6.40 94.52 -63.03
C GLU L 65 6.56 93.01 -63.10
N SER L 66 6.85 92.39 -61.94
CA SER L 66 7.06 90.95 -61.88
C SER L 66 5.80 90.19 -62.23
N VAL L 67 4.66 90.57 -61.65
CA VAL L 67 3.42 89.83 -61.89
C VAL L 67 2.83 90.19 -63.25
N THR L 68 3.22 91.31 -63.85
CA THR L 68 2.61 91.66 -65.13
C THR L 68 3.49 91.24 -66.31
N GLU L 69 4.76 90.93 -66.09
CA GLU L 69 5.60 90.53 -67.21
C GLU L 69 6.02 89.07 -67.09
N ASN L 70 5.89 88.49 -65.89
CA ASN L 70 6.24 87.10 -65.67
C ASN L 70 4.98 86.29 -65.44
N PRO L 71 4.53 85.47 -66.39
CA PRO L 71 3.44 84.53 -66.09
C PRO L 71 3.92 83.40 -65.20
N HIS L 72 3.58 83.46 -63.92
CA HIS L 72 4.09 82.51 -62.94
C HIS L 72 3.33 81.20 -63.02
N PHE L 73 4.03 80.11 -62.73
CA PHE L 73 3.38 78.84 -62.42
C PHE L 73 4.17 78.14 -61.33
N PHE L 74 3.44 77.49 -60.43
CA PHE L 74 4.02 76.90 -59.23
C PHE L 74 4.13 75.39 -59.39
N VAL L 75 5.21 74.84 -58.85
CA VAL L 75 5.42 73.39 -58.77
C VAL L 75 5.71 73.06 -57.31
N SER L 76 4.89 72.22 -56.70
CA SER L 76 5.03 71.87 -55.30
C SER L 76 5.56 70.46 -55.15
N THR L 77 6.31 70.24 -54.07
CA THR L 77 6.84 68.92 -53.76
C THR L 77 7.01 68.80 -52.25
N ASN L 78 7.24 67.59 -51.78
CA ASN L 78 7.49 67.32 -50.37
C ASN L 78 8.85 66.64 -50.25
N LEU L 79 9.80 67.33 -49.63
CA LEU L 79 11.15 66.81 -49.42
C LEU L 79 11.22 66.14 -48.06
N SER L 80 11.76 64.93 -48.03
CA SER L 80 12.02 64.25 -46.77
C SER L 80 13.40 64.65 -46.26
N VAL L 81 13.44 65.18 -45.03
CA VAL L 81 14.66 65.74 -44.47
C VAL L 81 15.11 64.97 -43.23
N SER L 82 14.64 63.72 -43.07
CA SER L 82 15.00 62.93 -41.91
C SER L 82 16.46 62.49 -41.93
N LYS L 83 17.04 62.34 -43.12
CA LYS L 83 18.46 62.05 -43.23
C LYS L 83 19.30 63.33 -43.25
N LEU L 84 18.72 64.42 -43.77
CA LEU L 84 19.40 65.71 -43.78
C LEU L 84 19.58 66.24 -42.37
N LEU L 85 18.58 66.04 -41.50
CA LEU L 85 18.72 66.46 -40.11
C LEU L 85 19.74 65.61 -39.35
N LYS L 86 19.84 64.33 -39.69
CA LYS L 86 20.86 63.47 -39.07
C LYS L 86 22.26 63.89 -39.51
N LEU L 87 22.42 64.22 -40.79
CA LEU L 87 23.72 64.69 -41.30
C LEU L 87 24.10 66.03 -40.68
N ARG L 88 23.11 66.92 -40.50
CA ARG L 88 23.37 68.21 -39.87
C ARG L 88 23.72 68.03 -38.40
N GLN L 89 23.07 67.10 -37.71
CA GLN L 89 23.36 66.83 -36.30
C GLN L 89 24.77 66.26 -36.13
N ALA L 90 25.16 65.36 -37.05
CA ALA L 90 26.51 64.79 -36.98
C ALA L 90 27.58 65.83 -37.28
N LEU L 91 27.34 66.68 -38.30
CA LEU L 91 28.32 67.70 -38.65
C LEU L 91 28.40 68.80 -37.60
N ASN L 92 27.30 69.04 -36.87
CA ASN L 92 27.36 70.03 -35.79
C ASN L 92 27.99 69.44 -34.54
N SER L 93 27.78 68.15 -34.29
CA SER L 93 28.37 67.53 -33.10
C SER L 93 29.87 67.31 -33.27
N SER L 94 30.33 67.09 -34.51
CA SER L 94 31.77 66.94 -34.77
C SER L 94 32.42 68.30 -35.04
N ALA L 95 32.36 69.18 -34.04
CA ALA L 95 32.92 70.51 -34.16
C ALA L 95 33.30 71.01 -32.77
N ASP L 96 34.10 72.09 -32.76
CA ASP L 96 34.53 72.74 -31.53
C ASP L 96 34.00 74.17 -31.45
N GLY L 97 32.79 74.40 -31.97
CA GLY L 97 32.28 75.75 -32.08
C GLY L 97 32.81 76.55 -33.25
N ARG L 98 33.41 75.88 -34.24
CA ARG L 98 33.92 76.60 -35.41
C ARG L 98 32.79 77.02 -36.33
N TYR L 99 31.72 76.25 -36.40
CA TYR L 99 30.62 76.53 -37.32
C TYR L 99 29.32 76.05 -36.70
N LYS L 100 28.21 76.45 -37.31
CA LYS L 100 26.88 76.00 -36.93
C LYS L 100 26.06 75.89 -38.20
N LEU L 101 25.60 74.67 -38.51
CA LEU L 101 24.92 74.40 -39.76
C LEU L 101 23.41 74.47 -39.58
N SER L 102 22.73 74.91 -40.63
CA SER L 102 21.28 74.97 -40.68
C SER L 102 20.78 74.26 -41.93
N VAL L 103 19.44 74.17 -42.05
CA VAL L 103 18.83 73.50 -43.19
C VAL L 103 18.98 74.36 -44.45
N ASN L 104 19.08 75.69 -44.27
CA ASN L 104 19.20 76.60 -45.40
C ASN L 104 20.52 76.43 -46.15
N ASP L 105 21.57 75.98 -45.45
CA ASP L 105 22.85 75.71 -46.10
C ASP L 105 22.75 74.53 -47.06
N PHE L 106 22.12 73.44 -46.62
CA PHE L 106 21.89 72.28 -47.48
C PHE L 106 20.95 72.64 -48.62
N LEU L 107 19.96 73.50 -48.36
CA LEU L 107 19.03 73.90 -49.41
C LEU L 107 19.71 74.77 -50.46
N ILE L 108 20.60 75.67 -50.05
CA ILE L 108 21.31 76.52 -50.99
C ILE L 108 22.30 75.70 -51.82
N LYS L 109 22.98 74.74 -51.19
CA LYS L 109 23.89 73.86 -51.92
C LYS L 109 23.14 72.96 -52.91
N ALA L 110 21.96 72.45 -52.50
CA ALA L 110 21.17 71.62 -53.39
C ALA L 110 20.58 72.43 -54.54
N MET L 111 20.25 73.71 -54.28
CA MET L 111 19.80 74.59 -55.35
C MET L 111 20.92 74.85 -56.35
N GLY L 112 22.16 75.00 -55.86
CA GLY L 112 23.29 75.16 -56.76
C GLY L 112 23.54 73.93 -57.61
N ILE L 113 23.43 72.74 -57.00
CA ILE L 113 23.62 71.49 -57.72
C ILE L 113 22.52 71.29 -58.77
N ALA L 114 21.28 71.59 -58.40
CA ALA L 114 20.16 71.43 -59.32
C ALA L 114 20.21 72.45 -60.45
N SER L 115 20.63 73.68 -60.17
CA SER L 115 20.76 74.68 -61.23
C SER L 115 21.94 74.40 -62.14
N LYS L 116 22.97 73.73 -61.62
CA LYS L 116 24.06 73.30 -62.51
C LYS L 116 23.64 72.12 -63.38
N ARG L 117 22.81 71.22 -62.84
CA ARG L 117 22.35 70.09 -63.66
C ARG L 117 21.29 70.49 -64.68
N VAL L 118 20.39 71.40 -64.34
CA VAL L 118 19.42 71.93 -65.29
C VAL L 118 19.71 73.41 -65.50
N PRO L 119 20.50 73.77 -66.51
CA PRO L 119 20.92 75.18 -66.66
C PRO L 119 19.87 76.08 -67.27
N THR L 120 18.71 75.55 -67.69
CA THR L 120 17.67 76.39 -68.27
C THR L 120 17.00 77.25 -67.21
N VAL L 121 16.90 76.76 -65.98
CA VAL L 121 16.30 77.53 -64.89
C VAL L 121 17.21 78.67 -64.47
N ASN L 122 18.53 78.49 -64.61
CA ASN L 122 19.49 79.53 -64.25
C ASN L 122 19.66 80.47 -65.44
N SER L 123 18.64 81.31 -65.65
CA SER L 123 18.61 82.22 -66.79
C SER L 123 17.80 83.46 -66.42
N SER L 124 17.53 84.29 -67.42
CA SER L 124 16.79 85.54 -67.25
C SER L 124 16.05 85.84 -68.54
N TRP L 125 15.62 87.08 -68.71
CA TRP L 125 14.90 87.52 -69.91
C TRP L 125 15.32 88.94 -70.23
N ARG L 126 15.98 89.10 -71.38
CA ARG L 126 16.65 90.35 -71.75
C ARG L 126 16.17 90.84 -73.11
N ASP L 127 16.89 91.79 -73.71
CA ASP L 127 16.47 92.42 -74.95
C ASP L 127 16.56 91.43 -76.10
N GLY L 128 15.46 90.71 -76.34
CA GLY L 128 15.41 89.73 -77.40
C GLY L 128 16.32 88.54 -77.23
N VAL L 129 16.75 88.25 -76.00
CA VAL L 129 17.84 87.33 -75.76
C VAL L 129 17.70 86.75 -74.35
N ILE L 130 18.14 85.51 -74.20
CA ILE L 130 18.14 84.78 -72.93
C ILE L 130 19.56 84.81 -72.39
N ARG L 131 19.75 85.38 -71.20
CA ARG L 131 21.07 85.44 -70.60
C ARG L 131 21.26 84.27 -69.64
N GLN L 132 22.18 83.39 -69.98
CA GLN L 132 22.42 82.16 -69.23
C GLN L 132 23.78 82.23 -68.54
N PHE L 133 23.79 82.09 -67.23
CA PHE L 133 24.99 82.16 -66.40
C PHE L 133 25.58 80.78 -66.19
N GLU L 134 26.85 80.75 -65.76
CA GLU L 134 27.50 79.52 -65.34
C GLU L 134 27.33 79.28 -63.84
N THR L 135 27.75 80.23 -63.02
CA THR L 135 27.70 80.07 -61.57
C THR L 135 26.30 80.35 -61.05
N VAL L 136 25.98 79.75 -59.90
CA VAL L 136 24.70 79.92 -59.24
C VAL L 136 24.90 80.96 -58.14
N ASP L 137 24.30 82.12 -58.31
CA ASP L 137 24.31 83.18 -57.29
C ASP L 137 22.95 83.20 -56.64
N VAL L 138 22.90 82.87 -55.36
CA VAL L 138 21.62 82.63 -54.67
C VAL L 138 21.31 83.83 -53.79
N SER L 139 20.17 84.46 -54.04
CA SER L 139 19.69 85.57 -53.23
C SER L 139 18.85 85.02 -52.07
N VAL L 140 19.25 85.33 -50.84
CA VAL L 140 18.57 84.84 -49.66
C VAL L 140 17.80 85.99 -49.02
N ALA L 141 16.51 85.77 -48.76
CA ALA L 141 15.66 86.81 -48.19
C ALA L 141 15.88 86.92 -46.69
N VAL L 142 16.14 88.13 -46.21
CA VAL L 142 16.35 88.42 -44.80
C VAL L 142 15.23 89.35 -44.34
N ALA L 143 14.55 88.97 -43.27
CA ALA L 143 13.41 89.73 -42.75
C ALA L 143 13.92 90.76 -41.75
N THR L 144 13.97 92.02 -42.16
CA THR L 144 14.32 93.17 -41.36
C THR L 144 13.07 93.97 -41.00
N PRO L 145 13.08 94.75 -39.91
CA PRO L 145 11.90 95.57 -39.59
C PRO L 145 11.59 96.66 -40.60
N ASN L 146 12.53 96.99 -41.49
CA ASN L 146 12.28 97.85 -42.64
C ASN L 146 11.91 97.06 -43.89
N GLY L 147 11.34 95.87 -43.72
CA GLY L 147 10.78 95.15 -44.85
C GLY L 147 11.55 93.91 -45.28
N LEU L 148 12.07 93.92 -46.51
CA LEU L 148 12.70 92.74 -47.08
C LEU L 148 13.92 93.15 -47.88
N ILE L 149 15.00 92.37 -47.74
CA ILE L 149 16.21 92.56 -48.52
C ILE L 149 16.72 91.18 -48.92
N THR L 150 17.43 91.12 -50.06
CA THR L 150 17.94 89.86 -50.60
C THR L 150 19.44 89.98 -50.87
N PRO L 151 20.28 89.76 -49.86
CA PRO L 151 21.72 89.65 -50.14
C PRO L 151 22.05 88.36 -50.86
N ILE L 152 23.12 88.40 -51.64
CA ILE L 152 23.47 87.35 -52.59
C ILE L 152 24.71 86.60 -52.10
N VAL L 153 24.63 85.27 -52.13
CA VAL L 153 25.76 84.39 -51.94
C VAL L 153 26.26 84.05 -53.35
N LYS L 154 27.49 84.45 -53.65
CA LYS L 154 28.05 84.28 -54.98
C LYS L 154 28.86 83.00 -55.07
N GLY L 155 28.73 82.31 -56.21
CA GLY L 155 29.47 81.09 -56.47
C GLY L 155 29.11 79.96 -55.55
N VAL L 156 27.86 79.51 -55.58
CA VAL L 156 27.36 78.55 -54.61
C VAL L 156 27.92 77.16 -54.86
N GLU L 157 27.92 76.71 -56.12
CA GLU L 157 28.47 75.40 -56.43
C GLU L 157 29.99 75.44 -56.30
N GLY L 158 30.54 74.42 -55.66
CA GLY L 158 31.94 74.39 -55.32
C GLY L 158 32.38 75.47 -54.34
N LYS L 159 31.65 75.63 -53.24
CA LYS L 159 32.01 76.63 -52.24
C LYS L 159 32.25 76.06 -50.86
N GLY L 160 31.43 75.13 -50.42
CA GLY L 160 31.58 74.59 -49.09
C GLY L 160 30.49 75.05 -48.14
N LEU L 161 30.05 74.15 -47.27
CA LEU L 161 28.91 74.43 -46.40
C LEU L 161 29.29 75.41 -45.30
N GLU L 162 30.53 75.36 -44.82
CA GLU L 162 30.98 76.30 -43.80
C GLU L 162 31.12 77.70 -44.38
N SER L 163 31.59 77.80 -45.64
CA SER L 163 31.68 79.09 -46.31
C SER L 163 30.29 79.66 -46.58
N ILE L 164 29.33 78.79 -46.94
CA ILE L 164 27.95 79.23 -47.16
C ILE L 164 27.33 79.72 -45.87
N SER L 165 27.55 78.99 -44.77
CA SER L 165 27.02 79.38 -43.46
C SER L 165 27.63 80.70 -42.99
N ALA L 166 28.93 80.87 -43.20
CA ALA L 166 29.60 82.11 -42.81
C ALA L 166 29.10 83.29 -43.62
N ALA L 167 28.92 83.11 -44.94
CA ALA L 167 28.45 84.20 -45.77
C ALA L 167 27.00 84.57 -45.46
N VAL L 168 26.17 83.56 -45.17
CA VAL L 168 24.78 83.81 -44.83
C VAL L 168 24.67 84.53 -43.48
N LYS L 169 25.51 84.16 -42.51
CA LYS L 169 25.49 84.83 -41.21
C LYS L 169 26.00 86.27 -41.31
N GLU L 170 27.09 86.48 -42.08
CA GLU L 170 27.61 87.82 -42.35
C GLU L 170 26.55 88.72 -42.99
N LEU L 171 25.92 88.23 -44.07
CA LEU L 171 24.95 89.05 -44.79
C LEU L 171 23.68 89.28 -43.98
N ALA L 172 23.28 88.31 -43.15
CA ALA L 172 22.09 88.48 -42.33
C ALA L 172 22.33 89.49 -41.21
N LYS L 173 23.49 89.44 -40.54
CA LYS L 173 23.75 90.40 -39.48
C LYS L 173 23.99 91.79 -40.05
N LYS L 174 24.56 91.86 -41.26
CA LYS L 174 24.72 93.18 -41.88
C LYS L 174 23.39 93.70 -42.42
N ALA L 175 22.45 92.80 -42.73
CA ALA L 175 21.11 93.25 -43.12
C ALA L 175 20.34 93.76 -41.91
N ARG L 176 20.57 93.14 -40.75
CA ARG L 176 19.95 93.65 -39.53
C ARG L 176 20.56 94.97 -39.07
N ASP L 177 21.85 95.18 -39.32
CA ASP L 177 22.47 96.46 -39.02
C ASP L 177 22.30 97.50 -40.13
N GLY L 178 21.86 97.09 -41.32
CA GLY L 178 21.60 98.02 -42.42
C GLY L 178 22.85 98.63 -43.02
N LYS L 179 23.83 97.80 -43.38
CA LYS L 179 25.14 98.27 -43.81
C LYS L 179 25.57 97.59 -45.11
N LEU L 180 24.71 97.64 -46.12
CA LEU L 180 24.96 96.92 -47.37
C LEU L 180 25.32 97.89 -48.49
N LYS L 181 26.10 97.38 -49.45
CA LYS L 181 26.42 97.95 -50.75
C LYS L 181 25.40 97.47 -51.78
N PRO L 182 25.11 98.28 -52.81
CA PRO L 182 24.12 97.85 -53.81
C PRO L 182 24.54 96.65 -54.65
N GLU L 183 25.86 96.40 -54.76
CA GLU L 183 26.35 95.21 -55.43
C GLU L 183 26.16 93.94 -54.60
N GLU L 184 25.79 94.07 -53.33
CA GLU L 184 25.54 92.90 -52.50
C GLU L 184 24.09 92.45 -52.53
N TYR L 185 23.15 93.28 -53.01
CA TYR L 185 21.76 92.86 -53.09
C TYR L 185 21.14 93.21 -54.44
N GLN L 186 21.96 93.56 -55.44
CA GLN L 186 21.48 93.82 -56.78
C GLN L 186 22.15 92.83 -57.73
N GLY L 187 21.40 91.83 -58.19
CA GLY L 187 21.92 90.82 -59.07
C GLY L 187 21.32 89.46 -58.78
N GLY L 188 22.14 88.41 -58.81
CA GLY L 188 21.67 87.07 -58.52
C GLY L 188 21.00 86.39 -59.70
N SER L 189 21.00 85.05 -59.68
CA SER L 189 20.34 84.27 -60.73
C SER L 189 19.14 83.48 -60.24
N ILE L 190 19.04 83.23 -58.94
CA ILE L 190 17.91 82.50 -58.37
C ILE L 190 17.76 82.94 -56.91
N SER L 191 16.55 82.81 -56.38
CA SER L 191 16.20 83.29 -55.06
C SER L 191 15.63 82.14 -54.22
N ILE L 192 15.54 82.39 -52.91
CA ILE L 192 14.94 81.44 -51.97
C ILE L 192 14.32 82.22 -50.81
N SER L 193 13.09 81.88 -50.47
CA SER L 193 12.38 82.47 -49.33
C SER L 193 12.19 81.39 -48.28
N ASN L 194 12.59 81.69 -47.06
CA ASN L 194 12.62 80.72 -45.97
C ASN L 194 11.65 81.12 -44.88
N MET L 195 10.77 80.21 -44.50
CA MET L 195 9.80 80.44 -43.42
C MET L 195 9.72 79.24 -42.49
N GLY L 196 10.86 78.65 -42.15
CA GLY L 196 10.88 77.51 -41.26
C GLY L 196 10.78 77.87 -39.79
N MET L 197 11.04 79.14 -39.44
CA MET L 197 10.95 79.56 -38.04
C MET L 197 9.49 79.68 -37.60
N ASN L 198 8.58 79.88 -38.55
CA ASN L 198 7.16 79.92 -38.26
C ASN L 198 6.57 78.53 -38.46
N PRO L 199 6.12 77.86 -37.40
CA PRO L 199 5.60 76.49 -37.56
C PRO L 199 4.19 76.43 -38.14
N ALA L 200 3.52 77.57 -38.33
CA ALA L 200 2.18 77.56 -38.87
C ALA L 200 2.17 77.46 -40.39
N VAL L 201 3.20 77.99 -41.05
CA VAL L 201 3.23 78.05 -42.51
C VAL L 201 3.55 76.66 -43.06
N GLN L 202 2.50 75.94 -43.48
CA GLN L 202 2.72 74.66 -44.13
C GLN L 202 3.23 74.83 -45.56
N SER L 203 2.70 75.82 -46.27
CA SER L 203 3.08 76.05 -47.65
C SER L 203 2.76 77.50 -47.99
N PHE L 204 3.60 78.09 -48.84
CA PHE L 204 3.35 79.44 -49.34
C PHE L 204 4.04 79.60 -50.68
N THR L 205 3.57 80.59 -51.44
CA THR L 205 4.16 80.97 -52.71
C THR L 205 4.87 82.30 -52.58
N ALA L 206 5.77 82.58 -53.51
CA ALA L 206 6.53 83.81 -53.52
C ALA L 206 6.46 84.44 -54.90
N ILE L 207 6.81 85.72 -54.97
CA ILE L 207 6.83 86.47 -56.21
C ILE L 207 8.28 86.54 -56.70
N ILE L 208 8.48 86.27 -57.99
CA ILE L 208 9.81 86.22 -58.57
C ILE L 208 10.41 87.62 -58.64
N ASN L 209 11.60 87.79 -58.08
CA ASN L 209 12.30 89.05 -58.18
C ASN L 209 12.84 89.22 -59.60
N PRO L 210 12.48 90.30 -60.29
CA PRO L 210 12.99 90.49 -61.65
C PRO L 210 14.44 90.91 -61.60
N PRO L 211 15.24 90.54 -62.62
CA PRO L 211 14.86 89.77 -63.81
C PRO L 211 15.14 88.27 -63.72
N GLN L 212 15.05 87.69 -62.52
CA GLN L 212 15.33 86.26 -62.38
C GLN L 212 14.17 85.43 -62.93
N ALA L 213 14.40 84.11 -63.00
CA ALA L 213 13.44 83.21 -63.64
C ALA L 213 12.70 82.30 -62.66
N ALA L 214 13.21 82.11 -61.45
CA ALA L 214 12.58 81.19 -60.51
C ALA L 214 12.79 81.69 -59.09
N ILE L 215 11.92 81.24 -58.19
CA ILE L 215 12.08 81.52 -56.77
C ILE L 215 11.60 80.30 -55.98
N LEU L 216 12.28 80.01 -54.88
CA LEU L 216 11.93 78.86 -54.05
C LEU L 216 11.21 79.36 -52.80
N ALA L 217 10.35 78.52 -52.23
CA ALA L 217 9.61 78.84 -51.01
C ALA L 217 9.54 77.58 -50.17
N VAL L 218 10.00 77.66 -48.93
CA VAL L 218 10.18 76.50 -48.07
C VAL L 218 9.30 76.62 -46.83
N GLY L 219 8.42 75.64 -46.62
CA GLY L 219 7.50 75.69 -45.50
C GLY L 219 8.03 74.95 -44.29
N ALA L 220 7.28 75.08 -43.19
CA ALA L 220 7.66 74.47 -41.93
C ALA L 220 7.58 72.94 -42.02
N PRO L 221 8.49 72.24 -41.37
CA PRO L 221 8.43 70.78 -41.35
C PRO L 221 7.31 70.25 -40.49
N GLN L 222 6.73 69.14 -40.93
CA GLN L 222 5.64 68.48 -40.25
C GLN L 222 5.83 66.96 -40.29
N LYS L 223 5.18 66.24 -39.37
CA LYS L 223 5.26 64.79 -39.33
C LYS L 223 4.19 64.19 -40.24
N VAL L 224 4.61 63.42 -41.22
CA VAL L 224 3.70 62.77 -42.17
C VAL L 224 3.87 61.26 -42.04
N ALA L 225 2.74 60.55 -41.99
CA ALA L 225 2.76 59.09 -41.91
C ALA L 225 3.22 58.48 -43.22
N VAL L 226 4.25 57.65 -43.16
CA VAL L 226 4.88 57.04 -44.33
C VAL L 226 4.94 55.52 -44.10
N PRO L 227 4.54 54.71 -45.07
CA PRO L 227 4.52 53.26 -44.86
C PRO L 227 5.93 52.67 -44.82
N VAL L 228 6.05 51.58 -44.06
CA VAL L 228 7.33 50.89 -43.88
C VAL L 228 7.05 49.39 -43.79
N GLU L 229 7.95 48.61 -44.39
CA GLU L 229 7.90 47.17 -44.22
C GLU L 229 8.72 46.79 -43.00
N ASN L 230 8.21 45.87 -42.20
CA ASN L 230 9.03 45.25 -41.17
C ASN L 230 9.77 44.07 -41.82
N GLU L 231 10.43 43.26 -41.01
CA GLU L 231 11.12 42.08 -41.55
C GLU L 231 10.17 40.91 -41.79
N ASP L 232 8.86 41.09 -41.57
CA ASP L 232 7.84 40.16 -42.04
C ASP L 232 7.01 40.85 -43.13
N GLY L 233 5.96 40.17 -43.58
CA GLY L 233 5.24 40.59 -44.78
C GLY L 233 4.35 41.81 -44.61
N THR L 234 3.98 42.17 -43.38
CA THR L 234 2.99 43.21 -43.19
C THR L 234 3.62 44.60 -43.32
N THR L 235 2.76 45.60 -43.55
CA THR L 235 3.19 47.00 -43.61
C THR L 235 2.98 47.67 -42.26
N GLY L 236 3.66 48.81 -42.07
CA GLY L 236 3.61 49.53 -40.82
C GLY L 236 3.42 51.03 -41.04
N VAL L 237 3.49 51.76 -39.93
CA VAL L 237 3.40 53.21 -39.94
C VAL L 237 4.70 53.76 -39.40
N SER L 238 5.42 54.52 -40.22
CA SER L 238 6.60 55.25 -39.80
C SER L 238 6.31 56.74 -39.94
N TRP L 239 6.95 57.54 -39.09
CA TRP L 239 6.72 58.98 -39.05
C TRP L 239 7.93 59.68 -39.67
N ASP L 240 7.71 60.35 -40.79
CA ASP L 240 8.76 60.99 -41.56
C ASP L 240 8.62 62.51 -41.46
N GLU L 241 9.76 63.20 -41.38
CA GLU L 241 9.78 64.65 -41.33
C GLU L 241 9.77 65.17 -42.77
N GLN L 242 8.68 65.81 -43.18
CA GLN L 242 8.55 66.30 -44.54
C GLN L 242 8.43 67.82 -44.55
N ILE L 243 8.92 68.42 -45.64
CA ILE L 243 8.91 69.86 -45.84
C ILE L 243 8.29 70.14 -47.20
N ILE L 244 7.27 70.99 -47.23
CA ILE L 244 6.62 71.36 -48.48
C ILE L 244 7.41 72.49 -49.12
N VAL L 245 7.86 72.25 -50.35
CA VAL L 245 8.69 73.19 -51.10
C VAL L 245 7.94 73.56 -52.37
N THR L 246 7.69 74.85 -52.56
CA THR L 246 6.99 75.38 -53.72
C THR L 246 7.94 76.24 -54.53
N ALA L 247 8.14 75.89 -55.79
CA ALA L 247 9.00 76.66 -56.68
C ALA L 247 8.14 77.37 -57.71
N SER L 248 8.27 78.69 -57.78
CA SER L 248 7.54 79.51 -58.74
C SER L 248 8.45 79.82 -59.91
N PHE L 249 8.02 79.45 -61.11
CA PHE L 249 8.78 79.64 -62.33
C PHE L 249 8.08 80.64 -63.25
N ASP L 250 8.88 81.25 -64.11
CA ASP L 250 8.41 82.11 -65.18
C ASP L 250 8.28 81.28 -66.45
N HIS L 251 7.11 81.35 -67.08
CA HIS L 251 6.83 80.46 -68.20
C HIS L 251 7.45 80.92 -69.51
N LYS L 252 8.01 82.14 -69.55
CA LYS L 252 8.68 82.58 -70.77
C LYS L 252 10.03 81.88 -70.93
N VAL L 253 10.67 81.49 -69.83
CA VAL L 253 11.97 80.86 -69.85
C VAL L 253 11.87 79.36 -69.55
N VAL L 254 11.15 79.01 -68.49
CA VAL L 254 11.09 77.64 -67.99
C VAL L 254 9.73 77.06 -68.30
N ASP L 255 9.71 75.89 -68.93
CA ASP L 255 8.46 75.17 -69.12
C ASP L 255 8.21 74.22 -67.95
N GLY L 256 7.06 73.54 -68.00
CA GLY L 256 6.66 72.70 -66.89
C GLY L 256 7.53 71.45 -66.76
N ALA L 257 7.97 70.89 -67.89
CA ALA L 257 8.86 69.73 -67.84
C ALA L 257 10.24 70.10 -67.31
N VAL L 258 10.72 71.29 -67.66
CA VAL L 258 12.01 71.76 -67.16
C VAL L 258 11.94 72.03 -65.66
N GLY L 259 10.83 72.64 -65.22
CA GLY L 259 10.64 72.85 -63.79
C GLY L 259 10.47 71.57 -63.01
N ALA L 260 9.84 70.56 -63.63
CA ALA L 260 9.68 69.26 -62.99
C ALA L 260 11.01 68.53 -62.90
N GLU L 261 11.87 68.66 -63.93
CA GLU L 261 13.21 68.08 -63.86
C GLU L 261 14.06 68.76 -62.79
N TRP L 262 13.96 70.08 -62.68
CA TRP L 262 14.68 70.81 -61.64
C TRP L 262 14.21 70.41 -60.25
N ILE L 263 12.89 70.27 -60.07
CA ILE L 263 12.33 69.82 -58.79
C ILE L 263 12.74 68.39 -58.48
N ARG L 264 12.82 67.52 -59.50
CA ARG L 264 13.23 66.14 -59.30
C ARG L 264 14.70 66.03 -58.90
N GLU L 265 15.57 66.83 -59.53
CA GLU L 265 16.97 66.81 -59.16
C GLU L 265 17.20 67.40 -57.77
N LEU L 266 16.44 68.44 -57.41
CA LEU L 266 16.53 69.01 -56.08
C LEU L 266 16.06 68.01 -55.02
N LYS L 267 14.96 67.29 -55.32
CA LYS L 267 14.46 66.27 -54.40
C LYS L 267 15.43 65.10 -54.27
N LYS L 268 16.12 64.74 -55.36
CA LYS L 268 17.10 63.67 -55.32
C LYS L 268 18.29 64.05 -54.45
N VAL L 269 18.82 65.26 -54.64
CA VAL L 269 19.97 65.72 -53.87
C VAL L 269 19.59 65.93 -52.40
N ILE L 270 18.36 66.31 -52.11
CA ILE L 270 17.94 66.50 -50.72
C ILE L 270 17.71 65.16 -50.03
N GLU L 271 16.99 64.25 -50.68
CA GLU L 271 16.67 62.97 -50.04
C GLU L 271 17.82 61.98 -50.07
N ASN L 272 18.87 62.24 -50.84
CA ASN L 272 20.12 61.49 -50.76
C ASN L 272 21.22 62.49 -50.42
N PRO L 273 21.49 62.70 -49.13
CA PRO L 273 22.40 63.78 -48.74
C PRO L 273 23.86 63.52 -49.04
N LEU L 274 24.23 62.28 -49.40
CA LEU L 274 25.60 62.00 -49.80
C LEU L 274 25.91 62.48 -51.22
N GLU L 275 24.88 62.87 -51.98
CA GLU L 275 25.09 63.41 -53.32
C GLU L 275 25.52 64.86 -53.32
N LEU L 276 25.59 65.50 -52.14
CA LEU L 276 26.11 66.86 -52.06
C LEU L 276 27.63 66.90 -52.24
N LEU L 277 28.30 65.76 -52.10
CA LEU L 277 29.73 65.67 -52.40
C LEU L 277 29.98 65.83 -53.89
N LEU L 278 29.17 65.17 -54.71
CA LEU L 278 29.32 65.22 -56.16
C LEU L 278 28.72 66.51 -56.72
N TYR M 47 -12.85 110.21 24.82
CA TYR M 47 -11.49 110.49 25.29
C TYR M 47 -10.71 111.18 24.19
N THR M 48 -10.23 110.40 23.21
CA THR M 48 -9.56 110.97 22.06
C THR M 48 -10.59 111.38 21.01
N ASP M 49 -10.53 112.64 20.63
CA ASP M 49 -11.58 113.33 19.86
C ASP M 49 -11.00 113.96 18.61
N VAL M 50 -10.31 113.16 17.79
CA VAL M 50 -9.85 113.58 16.47
C VAL M 50 -11.07 113.99 15.64
N PRO M 51 -10.98 115.08 14.87
CA PRO M 51 -12.15 115.55 14.13
C PRO M 51 -12.33 114.82 12.81
N ILE M 52 -13.51 115.01 12.23
CA ILE M 52 -13.83 114.43 10.93
C ILE M 52 -13.03 115.15 9.86
N SER M 53 -12.58 114.40 8.85
CA SER M 53 -11.71 114.96 7.82
C SER M 53 -12.42 115.97 6.93
N GLY M 54 -13.75 115.91 6.85
CA GLY M 54 -14.49 116.79 5.97
C GLY M 54 -14.81 116.10 4.67
N MET M 55 -13.86 115.30 4.17
CA MET M 55 -14.11 114.42 3.04
C MET M 55 -15.07 113.29 3.41
N ARG M 56 -15.01 112.81 4.65
CA ARG M 56 -15.94 111.80 5.15
C ARG M 56 -17.36 112.33 5.27
N LYS M 57 -17.55 113.64 5.43
CA LYS M 57 -18.88 114.21 5.59
C LYS M 57 -19.69 114.10 4.31
N THR M 58 -19.04 114.28 3.15
CA THR M 58 -19.72 114.13 1.88
C THR M 58 -20.12 112.68 1.62
N ILE M 59 -19.26 111.72 1.96
CA ILE M 59 -19.60 110.31 1.79
C ILE M 59 -20.71 109.90 2.76
N ALA M 60 -20.70 110.47 3.96
CA ALA M 60 -21.76 110.18 4.92
C ALA M 60 -23.11 110.73 4.46
N ALA M 61 -23.11 111.95 3.91
CA ALA M 61 -24.33 112.53 3.35
C ALA M 61 -24.80 111.75 2.12
N ARG M 62 -23.85 111.25 1.32
CA ARG M 62 -24.21 110.48 0.13
C ARG M 62 -24.82 109.13 0.49
N LEU M 63 -24.25 108.44 1.49
CA LEU M 63 -24.83 107.19 1.95
C LEU M 63 -26.17 107.42 2.64
N LYS M 64 -26.33 108.58 3.30
CA LYS M 64 -27.61 108.96 3.85
C LYS M 64 -28.66 109.14 2.75
N GLU M 65 -28.29 109.83 1.66
CA GLU M 65 -29.17 109.98 0.50
C GLU M 65 -29.55 108.64 -0.09
N SER M 66 -28.58 107.72 -0.16
CA SER M 66 -28.82 106.39 -0.72
C SER M 66 -29.81 105.59 0.12
N VAL M 67 -29.62 105.58 1.44
CA VAL M 67 -30.50 104.77 2.28
C VAL M 67 -31.85 105.46 2.49
N THR M 68 -31.93 106.78 2.25
CA THR M 68 -33.21 107.43 2.50
C THR M 68 -34.04 107.57 1.23
N GLU M 69 -33.43 107.43 0.05
CA GLU M 69 -34.21 107.58 -1.16
C GLU M 69 -34.32 106.25 -1.91
N ASN M 70 -33.46 105.29 -1.58
CA ASN M 70 -33.48 103.98 -2.21
C ASN M 70 -33.96 102.94 -1.21
N PRO M 71 -35.19 102.43 -1.32
CA PRO M 71 -35.59 101.28 -0.49
C PRO M 71 -34.91 100.01 -0.97
N HIS M 72 -33.88 99.58 -0.24
CA HIS M 72 -33.07 98.46 -0.66
C HIS M 72 -33.76 97.14 -0.35
N PHE M 73 -33.52 96.14 -1.21
CA PHE M 73 -33.82 94.76 -0.86
C PHE M 73 -32.74 93.87 -1.43
N PHE M 74 -32.37 92.84 -0.66
CA PHE M 74 -31.24 91.99 -0.98
C PHE M 74 -31.73 90.66 -1.53
N VAL M 75 -30.98 90.14 -2.51
CA VAL M 75 -31.21 88.81 -3.07
C VAL M 75 -29.88 88.05 -2.98
N SER M 76 -29.87 86.93 -2.27
CA SER M 76 -28.66 86.16 -2.06
C SER M 76 -28.69 84.87 -2.88
N THR M 77 -27.50 84.43 -3.29
CA THR M 77 -27.37 83.19 -4.04
C THR M 77 -25.99 82.61 -3.75
N ASN M 78 -25.80 81.35 -4.15
CA ASN M 78 -24.52 80.67 -4.02
C ASN M 78 -24.07 80.22 -5.40
N LEU M 79 -22.98 80.81 -5.89
CA LEU M 79 -22.43 80.47 -7.18
C LEU M 79 -21.35 79.40 -7.01
N SER M 80 -21.43 78.36 -7.83
CA SER M 80 -20.39 77.34 -7.86
C SER M 80 -19.30 77.76 -8.85
N VAL M 81 -18.07 77.85 -8.36
CA VAL M 81 -16.96 78.37 -9.14
C VAL M 81 -15.89 77.31 -9.38
N SER M 82 -16.25 76.04 -9.24
CA SER M 82 -15.28 74.96 -9.42
C SER M 82 -14.86 74.80 -10.88
N LYS M 83 -15.73 75.16 -11.82
CA LYS M 83 -15.36 75.17 -13.23
C LYS M 83 -14.73 76.49 -13.63
N LEU M 84 -15.13 77.58 -12.97
CA LEU M 84 -14.55 78.89 -13.25
C LEU M 84 -13.09 78.94 -12.83
N LEU M 85 -12.75 78.29 -11.71
CA LEU M 85 -11.36 78.23 -11.28
C LEU M 85 -10.52 77.36 -12.20
N LYS M 86 -11.11 76.29 -12.76
CA LYS M 86 -10.39 75.47 -13.72
C LYS M 86 -10.14 76.22 -15.03
N LEU M 87 -11.13 76.98 -15.48
CA LEU M 87 -10.96 77.80 -16.68
C LEU M 87 -9.92 78.90 -16.46
N ARG M 88 -9.91 79.50 -15.27
CA ARG M 88 -8.92 80.53 -14.96
C ARG M 88 -7.52 79.93 -14.87
N GLN M 89 -7.40 78.71 -14.32
CA GLN M 89 -6.11 78.05 -14.22
C GLN M 89 -5.58 77.68 -15.60
N ALA M 90 -6.46 77.22 -16.50
CA ALA M 90 -6.04 76.89 -17.86
C ALA M 90 -5.63 78.13 -18.64
N LEU M 91 -6.40 79.22 -18.50
CA LEU M 91 -6.08 80.45 -19.23
C LEU M 91 -4.84 81.12 -18.67
N ASN M 92 -4.54 80.92 -17.38
CA ASN M 92 -3.32 81.47 -16.82
C ASN M 92 -2.11 80.61 -17.16
N SER M 93 -2.29 79.30 -17.26
CA SER M 93 -1.18 78.42 -17.60
C SER M 93 -0.82 78.51 -19.07
N SER M 94 -1.79 78.82 -19.94
CA SER M 94 -1.51 79.00 -21.36
C SER M 94 -1.16 80.46 -21.67
N ALA M 95 -0.07 80.92 -21.06
CA ALA M 95 0.38 82.28 -21.25
C ALA M 95 1.88 82.34 -21.02
N ASP M 96 2.47 83.46 -21.44
CA ASP M 96 3.90 83.72 -21.29
C ASP M 96 4.13 84.93 -20.39
N GLY M 97 3.28 85.13 -19.39
CA GLY M 97 3.34 86.33 -18.58
C GLY M 97 2.71 87.55 -19.21
N ARG M 98 1.88 87.37 -20.24
CA ARG M 98 1.22 88.51 -20.88
C ARG M 98 0.07 89.04 -20.02
N TYR M 99 -0.60 88.16 -19.28
CA TYR M 99 -1.75 88.56 -18.48
C TYR M 99 -1.82 87.68 -17.24
N LYS M 100 -2.69 88.10 -16.31
CA LYS M 100 -2.97 87.33 -15.10
C LYS M 100 -4.44 87.51 -14.77
N LEU M 101 -5.20 86.42 -14.79
CA LEU M 101 -6.64 86.49 -14.64
C LEU M 101 -7.05 86.23 -13.20
N SER M 102 -8.12 86.88 -12.77
CA SER M 102 -8.70 86.72 -11.45
C SER M 102 -10.18 86.40 -11.58
N VAL M 103 -10.81 86.14 -10.43
CA VAL M 103 -12.24 85.82 -10.41
C VAL M 103 -13.07 87.06 -10.70
N ASN M 104 -12.53 88.25 -10.38
CA ASN M 104 -13.26 89.49 -10.59
C ASN M 104 -13.46 89.81 -12.06
N ASP M 105 -12.56 89.32 -12.92
CA ASP M 105 -12.72 89.50 -14.37
C ASP M 105 -13.93 88.73 -14.89
N PHE M 106 -14.04 87.46 -14.49
CA PHE M 106 -15.19 86.64 -14.86
C PHE M 106 -16.47 87.20 -14.27
N LEU M 107 -16.39 87.75 -13.05
CA LEU M 107 -17.57 88.33 -12.41
C LEU M 107 -18.03 89.59 -13.12
N ILE M 108 -17.09 90.44 -13.56
CA ILE M 108 -17.44 91.66 -14.27
C ILE M 108 -18.01 91.34 -15.64
N LYS M 109 -17.43 90.35 -16.33
CA LYS M 109 -17.97 89.94 -17.63
C LYS M 109 -19.36 89.30 -17.50
N ALA M 110 -19.58 88.51 -16.44
CA ALA M 110 -20.89 87.91 -16.22
C ALA M 110 -21.91 88.96 -15.82
N MET M 111 -21.49 89.99 -15.10
CA MET M 111 -22.38 91.10 -14.77
C MET M 111 -22.78 91.87 -16.03
N GLY M 112 -21.83 92.04 -16.96
CA GLY M 112 -22.16 92.69 -18.23
C GLY M 112 -23.14 91.87 -19.06
N ILE M 113 -22.93 90.54 -19.09
CA ILE M 113 -23.83 89.66 -19.84
C ILE M 113 -25.23 89.65 -19.22
N ALA M 114 -25.30 89.61 -17.88
CA ALA M 114 -26.58 89.59 -17.20
C ALA M 114 -27.31 90.92 -17.31
N SER M 115 -26.58 92.03 -17.28
CA SER M 115 -27.21 93.34 -17.44
C SER M 115 -27.64 93.58 -18.88
N LYS M 116 -26.97 92.95 -19.85
CA LYS M 116 -27.45 93.03 -21.23
C LYS M 116 -28.69 92.16 -21.44
N ARG M 117 -28.76 91.01 -20.76
CA ARG M 117 -29.94 90.16 -20.90
C ARG M 117 -31.15 90.71 -20.16
N VAL M 118 -30.96 91.30 -18.97
CA VAL M 118 -32.04 91.95 -18.24
C VAL M 118 -31.73 93.43 -18.17
N PRO M 119 -32.23 94.24 -19.10
CA PRO M 119 -31.84 95.66 -19.14
C PRO M 119 -32.56 96.54 -18.13
N THR M 120 -33.50 96.00 -17.35
CA THR M 120 -34.20 96.81 -16.36
C THR M 120 -33.30 97.14 -15.18
N VAL M 121 -32.37 96.24 -14.84
CA VAL M 121 -31.44 96.48 -13.74
C VAL M 121 -30.42 97.56 -14.13
N ASN M 122 -30.08 97.66 -15.42
CA ASN M 122 -29.12 98.65 -15.90
C ASN M 122 -29.88 99.95 -16.16
N SER M 123 -30.24 100.63 -15.07
CA SER M 123 -31.03 101.85 -15.15
C SER M 123 -30.69 102.75 -13.96
N SER M 124 -31.47 103.82 -13.81
CA SER M 124 -31.27 104.79 -12.74
C SER M 124 -32.63 105.38 -12.37
N TRP M 125 -32.61 106.53 -11.69
CA TRP M 125 -33.84 107.22 -11.29
C TRP M 125 -33.60 108.71 -11.39
N ARG M 126 -34.33 109.36 -12.30
CA ARG M 126 -34.08 110.75 -12.68
C ARG M 126 -35.34 111.59 -12.53
N ASP M 127 -35.35 112.80 -13.11
CA ASP M 127 -36.46 113.74 -12.94
C ASP M 127 -37.70 113.22 -13.65
N GLY M 128 -38.52 112.45 -12.93
CA GLY M 128 -39.74 111.89 -13.47
C GLY M 128 -39.54 110.88 -14.57
N VAL M 129 -38.36 110.27 -14.67
CA VAL M 129 -37.97 109.51 -15.85
C VAL M 129 -36.92 108.47 -15.44
N ILE M 130 -36.94 107.34 -16.13
CA ILE M 130 -36.00 106.24 -15.93
C ILE M 130 -34.97 106.32 -17.04
N ARG M 131 -33.70 106.47 -16.69
CA ARG M 131 -32.64 106.54 -17.69
C ARG M 131 -32.03 105.16 -17.88
N GLN M 132 -32.19 104.60 -19.07
CA GLN M 132 -31.76 103.25 -19.40
C GLN M 132 -30.61 103.31 -20.40
N PHE M 133 -29.47 102.73 -20.03
CA PHE M 133 -28.28 102.72 -20.85
C PHE M 133 -28.20 101.45 -21.70
N GLU M 134 -27.36 101.49 -22.73
CA GLU M 134 -27.05 100.31 -23.53
C GLU M 134 -25.84 99.56 -22.99
N THR M 135 -24.71 100.23 -22.84
CA THR M 135 -23.49 99.58 -22.39
C THR M 135 -23.48 99.43 -20.87
N VAL M 136 -22.74 98.43 -20.40
CA VAL M 136 -22.60 98.16 -18.98
C VAL M 136 -21.27 98.78 -18.54
N ASP M 137 -21.35 99.82 -17.72
CA ASP M 137 -20.18 100.45 -17.14
C ASP M 137 -20.11 100.04 -15.67
N VAL M 138 -19.07 99.28 -15.32
CA VAL M 138 -19.00 98.62 -14.02
C VAL M 138 -18.03 99.38 -13.13
N SER M 139 -18.54 99.86 -11.99
CA SER M 139 -17.70 100.54 -11.00
C SER M 139 -17.15 99.51 -10.03
N VAL M 140 -15.83 99.45 -9.92
CA VAL M 140 -15.15 98.47 -9.06
C VAL M 140 -14.59 99.20 -7.86
N ALA M 141 -14.90 98.69 -6.66
CA ALA M 141 -14.45 99.32 -5.43
C ALA M 141 -13.00 98.95 -5.14
N VAL M 142 -12.17 99.96 -4.89
CA VAL M 142 -10.76 99.78 -4.56
C VAL M 142 -10.55 100.30 -3.15
N ALA M 143 -9.94 99.47 -2.29
CA ALA M 143 -9.72 99.81 -0.89
C ALA M 143 -8.37 100.51 -0.77
N THR M 144 -8.41 101.82 -0.59
CA THR M 144 -7.25 102.68 -0.35
C THR M 144 -7.21 103.09 1.12
N PRO M 145 -6.04 103.45 1.66
CA PRO M 145 -5.99 103.91 3.07
C PRO M 145 -6.73 105.21 3.33
N ASN M 146 -7.07 105.97 2.29
CA ASN M 146 -7.96 107.12 2.40
C ASN M 146 -9.42 106.74 2.13
N GLY M 147 -9.80 105.50 2.38
CA GLY M 147 -11.20 105.12 2.33
C GLY M 147 -11.61 104.25 1.16
N LEU M 148 -12.50 104.75 0.31
CA LEU M 148 -13.06 103.95 -0.77
C LEU M 148 -13.20 104.81 -2.02
N ILE M 149 -12.87 104.21 -3.16
CA ILE M 149 -13.05 104.86 -4.46
C ILE M 149 -13.58 103.80 -5.42
N THR M 150 -14.33 104.23 -6.44
CA THR M 150 -14.94 103.34 -7.41
C THR M 150 -14.57 103.79 -8.83
N PRO M 151 -13.42 103.38 -9.35
CA PRO M 151 -13.14 103.61 -10.77
C PRO M 151 -14.00 102.71 -11.65
N ILE M 152 -14.26 103.18 -12.86
CA ILE M 152 -15.25 102.59 -13.75
C ILE M 152 -14.54 101.93 -14.93
N VAL M 153 -14.93 100.70 -15.22
CA VAL M 153 -14.56 100.01 -16.45
C VAL M 153 -15.71 100.24 -17.44
N LYS M 154 -15.40 100.91 -18.55
CA LYS M 154 -16.41 101.30 -19.52
C LYS M 154 -16.52 100.29 -20.63
N GLY M 155 -17.76 100.01 -21.05
CA GLY M 155 -18.02 99.09 -22.14
C GLY M 155 -17.62 97.65 -21.83
N VAL M 156 -18.25 97.06 -20.83
CA VAL M 156 -17.83 95.76 -20.34
C VAL M 156 -18.19 94.65 -21.31
N GLU M 157 -19.42 94.66 -21.82
CA GLU M 157 -19.83 93.64 -22.77
C GLU M 157 -19.12 93.88 -24.10
N GLY M 158 -18.61 92.81 -24.68
CA GLY M 158 -17.78 92.91 -25.87
C GLY M 158 -16.46 93.63 -25.66
N LYS M 159 -15.73 93.28 -24.62
CA LYS M 159 -14.45 93.94 -24.36
C LYS M 159 -13.27 92.98 -24.31
N GLY M 160 -13.43 91.83 -23.68
CA GLY M 160 -12.33 90.90 -23.55
C GLY M 160 -11.79 90.85 -22.13
N LEU M 161 -11.43 89.63 -21.71
CA LEU M 161 -11.01 89.40 -20.33
C LEU M 161 -9.63 90.01 -20.06
N GLU M 162 -8.75 89.99 -21.05
CA GLU M 162 -7.43 90.60 -20.88
C GLU M 162 -7.53 92.12 -20.82
N SER M 163 -8.44 92.71 -21.61
CA SER M 163 -8.68 94.15 -21.53
C SER M 163 -9.29 94.54 -20.20
N ILE M 164 -10.19 93.70 -19.69
CA ILE M 164 -10.81 93.96 -18.37
C ILE M 164 -9.77 93.87 -17.26
N SER M 165 -8.90 92.85 -17.33
CA SER M 165 -7.84 92.69 -16.33
C SER M 165 -6.85 93.86 -16.38
N ALA M 166 -6.50 94.30 -17.58
CA ALA M 166 -5.58 95.42 -17.74
C ALA M 166 -6.18 96.71 -17.20
N ALA M 167 -7.46 96.96 -17.50
CA ALA M 167 -8.10 98.18 -17.03
C ALA M 167 -8.29 98.17 -15.51
N VAL M 168 -8.61 97.01 -14.95
CA VAL M 168 -8.76 96.89 -13.50
C VAL M 168 -7.42 97.09 -12.79
N LYS M 169 -6.34 96.55 -13.36
CA LYS M 169 -5.01 96.73 -12.75
C LYS M 169 -4.54 98.18 -12.85
N GLU M 170 -4.76 98.81 -14.02
CA GLU M 170 -4.45 100.24 -14.21
C GLU M 170 -5.20 101.11 -13.21
N LEU M 171 -6.52 100.91 -13.09
CA LEU M 171 -7.32 101.76 -12.21
C LEU M 171 -7.01 101.49 -10.74
N ALA M 172 -6.69 100.24 -10.39
CA ALA M 172 -6.36 99.94 -9.00
C ALA M 172 -5.02 100.53 -8.59
N LYS M 173 -4.00 100.44 -9.46
CA LYS M 173 -2.71 101.01 -9.09
C LYS M 173 -2.76 102.53 -9.12
N LYS M 174 -3.60 103.11 -9.99
CA LYS M 174 -3.76 104.56 -9.97
C LYS M 174 -4.61 105.01 -8.79
N ALA M 175 -5.47 104.13 -8.26
CA ALA M 175 -6.21 104.47 -7.05
C ALA M 175 -5.30 104.40 -5.84
N ARG M 176 -4.33 103.47 -5.85
CA ARG M 176 -3.36 103.42 -4.77
C ARG M 176 -2.39 104.59 -4.82
N ASP M 177 -2.06 105.08 -6.02
CA ASP M 177 -1.23 106.28 -6.13
C ASP M 177 -2.01 107.58 -6.04
N GLY M 178 -3.35 107.53 -6.12
CA GLY M 178 -4.17 108.72 -5.97
C GLY M 178 -4.07 109.70 -7.12
N LYS M 179 -4.23 109.21 -8.35
CA LYS M 179 -3.99 110.01 -9.56
C LYS M 179 -5.16 109.88 -10.53
N LEU M 180 -6.39 110.13 -10.06
CA LEU M 180 -7.58 109.94 -10.86
C LEU M 180 -8.19 111.27 -11.28
N LYS M 181 -8.87 111.26 -12.42
CA LYS M 181 -9.75 112.27 -12.97
C LYS M 181 -11.18 112.02 -12.50
N PRO M 182 -12.00 113.06 -12.32
CA PRO M 182 -13.38 112.84 -11.84
C PRO M 182 -14.26 112.07 -12.82
N GLU M 183 -13.93 112.10 -14.12
CA GLU M 183 -14.65 111.30 -15.10
C GLU M 183 -14.31 109.82 -15.02
N GLU M 184 -13.28 109.44 -14.25
CA GLU M 184 -12.94 108.04 -14.08
C GLU M 184 -13.64 107.39 -12.89
N TYR M 185 -14.20 108.18 -11.98
CA TYR M 185 -14.92 107.59 -10.85
C TYR M 185 -16.27 108.27 -10.61
N GLN M 186 -16.74 109.06 -11.57
CA GLN M 186 -18.06 109.68 -11.48
C GLN M 186 -18.90 109.19 -12.66
N GLY M 187 -19.84 108.30 -12.38
CA GLY M 187 -20.70 107.74 -13.41
C GLY M 187 -21.03 106.29 -13.15
N GLY M 188 -21.01 105.46 -14.19
CA GLY M 188 -21.26 104.05 -14.04
C GLY M 188 -22.74 103.70 -13.98
N SER M 189 -23.08 102.46 -14.34
CA SER M 189 -24.45 101.99 -14.29
C SER M 189 -24.69 100.90 -13.26
N ILE M 190 -23.63 100.20 -12.82
CA ILE M 190 -23.74 99.15 -11.82
C ILE M 190 -22.39 99.04 -11.10
N SER M 191 -22.42 98.53 -9.88
CA SER M 191 -21.24 98.47 -9.02
C SER M 191 -21.01 97.03 -8.56
N ILE M 192 -19.83 96.81 -7.99
CA ILE M 192 -19.47 95.51 -7.41
C ILE M 192 -18.48 95.75 -6.29
N SER M 193 -18.73 95.10 -5.14
CA SER M 193 -17.84 95.16 -4.00
C SER M 193 -17.26 93.77 -3.78
N ASN M 194 -15.93 93.69 -3.68
CA ASN M 194 -15.20 92.44 -3.65
C ASN M 194 -14.51 92.28 -2.30
N MET M 195 -14.74 91.15 -1.64
CA MET M 195 -14.09 90.85 -0.36
C MET M 195 -13.62 89.41 -0.33
N GLY M 196 -13.02 88.94 -1.43
CA GLY M 196 -12.51 87.58 -1.47
C GLY M 196 -11.15 87.41 -0.83
N MET M 197 -10.42 88.50 -0.60
CA MET M 197 -9.11 88.39 0.02
C MET M 197 -9.23 88.12 1.52
N ASN M 198 -10.37 88.48 2.11
CA ASN M 198 -10.64 88.18 3.51
C ASN M 198 -11.41 86.87 3.59
N PRO M 199 -10.81 85.81 4.15
CA PRO M 199 -11.51 84.52 4.21
C PRO M 199 -12.57 84.43 5.29
N ALA M 200 -12.70 85.45 6.14
CA ALA M 200 -13.69 85.39 7.20
C ALA M 200 -15.07 85.81 6.70
N VAL M 201 -15.13 86.69 5.70
CA VAL M 201 -16.40 87.24 5.25
C VAL M 201 -17.12 86.20 4.41
N GLN M 202 -18.09 85.51 5.03
CA GLN M 202 -18.91 84.57 4.28
C GLN M 202 -19.93 85.30 3.42
N SER M 203 -20.52 86.37 3.95
CA SER M 203 -21.54 87.12 3.25
C SER M 203 -21.58 88.53 3.82
N PHE M 204 -21.87 89.50 2.95
CA PHE M 204 -22.06 90.87 3.39
C PHE M 204 -22.94 91.59 2.40
N THR M 205 -23.53 92.69 2.86
CA THR M 205 -24.35 93.56 2.02
C THR M 205 -23.61 94.88 1.79
N ALA M 206 -24.04 95.59 0.75
CA ALA M 206 -23.42 96.86 0.40
C ALA M 206 -24.52 97.90 0.21
N ILE M 207 -24.11 99.16 0.22
CA ILE M 207 -25.02 100.28 0.02
C ILE M 207 -24.89 100.75 -1.43
N ILE M 208 -26.03 100.97 -2.08
CA ILE M 208 -26.05 101.34 -3.50
C ILE M 208 -25.53 102.76 -3.67
N ASN M 209 -24.53 102.91 -4.54
CA ASN M 209 -24.02 104.24 -4.87
C ASN M 209 -25.03 104.96 -5.75
N PRO M 210 -25.51 106.14 -5.34
CA PRO M 210 -26.46 106.87 -6.17
C PRO M 210 -25.77 107.47 -7.37
N PRO M 211 -26.47 107.60 -8.51
CA PRO M 211 -27.86 107.23 -8.74
C PRO M 211 -28.06 105.86 -9.39
N GLN M 212 -27.19 104.89 -9.09
CA GLN M 212 -27.32 103.58 -9.68
C GLN M 212 -28.46 102.80 -9.03
N ALA M 213 -28.78 101.64 -9.62
CA ALA M 213 -29.94 100.87 -9.19
C ALA M 213 -29.59 99.58 -8.47
N ALA M 214 -28.37 99.07 -8.61
CA ALA M 214 -28.01 97.80 -7.99
C ALA M 214 -26.54 97.82 -7.60
N ILE M 215 -26.19 96.94 -6.66
CA ILE M 215 -24.80 96.74 -6.28
C ILE M 215 -24.59 95.27 -5.94
N LEU M 216 -23.43 94.73 -6.31
CA LEU M 216 -23.12 93.34 -6.03
C LEU M 216 -22.16 93.26 -4.84
N ALA M 217 -22.20 92.14 -4.12
CA ALA M 217 -21.31 91.91 -2.98
C ALA M 217 -20.91 90.44 -3.01
N VAL M 218 -19.62 90.17 -3.01
CA VAL M 218 -19.09 88.82 -3.24
C VAL M 218 -18.30 88.38 -2.00
N GLY M 219 -18.68 87.26 -1.40
CA GLY M 219 -18.04 86.77 -0.22
C GLY M 219 -16.94 85.77 -0.52
N ALA M 220 -16.23 85.39 0.53
CA ALA M 220 -15.13 84.46 0.42
C ALA M 220 -15.62 83.07 0.04
N PRO M 221 -14.87 82.34 -0.78
CA PRO M 221 -15.27 80.97 -1.13
C PRO M 221 -15.06 80.00 0.03
N GLN M 222 -15.96 79.03 0.11
CA GLN M 222 -15.94 78.01 1.14
C GLN M 222 -16.29 76.65 0.53
N LYS M 223 -15.91 75.57 1.20
CA LYS M 223 -16.23 74.22 0.75
C LYS M 223 -17.58 73.80 1.29
N VAL M 224 -18.50 73.48 0.38
CA VAL M 224 -19.86 73.05 0.72
C VAL M 224 -20.07 71.64 0.21
N ALA M 225 -20.63 70.78 1.05
CA ALA M 225 -20.93 69.41 0.67
C ALA M 225 -22.08 69.37 -0.33
N VAL M 226 -21.84 68.74 -1.48
CA VAL M 226 -22.80 68.66 -2.58
C VAL M 226 -22.97 67.20 -2.98
N PRO M 227 -24.20 66.71 -3.14
CA PRO M 227 -24.39 65.29 -3.46
C PRO M 227 -23.97 64.96 -4.88
N VAL M 228 -23.53 63.71 -5.06
CA VAL M 228 -23.06 63.23 -6.35
C VAL M 228 -23.47 61.76 -6.49
N GLU M 229 -23.86 61.38 -7.70
CA GLU M 229 -24.10 59.98 -8.00
C GLU M 229 -22.80 59.36 -8.48
N ASN M 230 -22.52 58.15 -8.01
CA ASN M 230 -21.46 57.36 -8.61
C ASN M 230 -22.05 56.60 -9.80
N GLU M 231 -21.30 55.68 -10.39
CA GLU M 231 -21.81 54.88 -11.49
C GLU M 231 -22.69 53.72 -11.02
N ASP M 232 -22.95 53.61 -9.72
CA ASP M 232 -24.00 52.75 -9.19
C ASP M 232 -25.10 53.61 -8.58
N GLY M 233 -26.08 52.96 -7.96
CA GLY M 233 -27.31 53.64 -7.56
C GLY M 233 -27.18 54.57 -6.37
N THR M 234 -26.14 54.43 -5.55
CA THR M 234 -26.08 55.17 -4.30
C THR M 234 -25.60 56.60 -4.52
N THR M 235 -25.87 57.47 -3.55
CA THR M 235 -25.39 58.84 -3.58
C THR M 235 -24.10 58.98 -2.79
N GLY M 236 -23.39 60.09 -3.02
CA GLY M 236 -22.11 60.32 -2.39
C GLY M 236 -21.98 61.75 -1.88
N VAL M 237 -20.79 62.06 -1.39
CA VAL M 237 -20.46 63.40 -0.92
C VAL M 237 -19.33 63.93 -1.79
N SER M 238 -19.59 65.03 -2.49
CA SER M 238 -18.59 65.76 -3.22
C SER M 238 -18.44 67.14 -2.60
N TRP M 239 -17.24 67.69 -2.70
CA TRP M 239 -16.91 68.98 -2.09
C TRP M 239 -16.82 70.03 -3.19
N ASP M 240 -17.73 71.00 -3.15
CA ASP M 240 -17.85 72.03 -4.17
C ASP M 240 -17.41 73.37 -3.60
N GLU M 241 -16.73 74.18 -4.42
CA GLU M 241 -16.31 75.52 -4.01
C GLU M 241 -17.46 76.47 -4.31
N GLN M 242 -18.07 77.02 -3.28
CA GLN M 242 -19.21 77.92 -3.44
C GLN M 242 -18.87 79.32 -2.93
N ILE M 243 -19.50 80.31 -3.54
CA ILE M 243 -19.30 81.72 -3.20
C ILE M 243 -20.68 82.33 -2.98
N ILE M 244 -20.87 82.97 -1.83
CA ILE M 244 -22.14 83.63 -1.51
C ILE M 244 -22.11 85.02 -2.13
N VAL M 245 -23.09 85.29 -3.00
CA VAL M 245 -23.20 86.55 -3.73
C VAL M 245 -24.52 87.21 -3.33
N THR M 246 -24.44 88.43 -2.81
CA THR M 246 -25.61 89.19 -2.39
C THR M 246 -25.74 90.42 -3.27
N ALA M 247 -26.88 90.55 -3.93
CA ALA M 247 -27.15 91.71 -4.79
C ALA M 247 -28.21 92.57 -4.14
N SER M 248 -27.87 93.84 -3.92
CA SER M 248 -28.79 94.80 -3.31
C SER M 248 -29.40 95.64 -4.43
N PHE M 249 -30.73 95.63 -4.51
CA PHE M 249 -31.48 96.35 -5.53
C PHE M 249 -32.30 97.47 -4.90
N ASP M 250 -32.60 98.47 -5.74
CA ASP M 250 -33.51 99.55 -5.40
C ASP M 250 -34.89 99.19 -5.90
N HIS M 251 -35.90 99.28 -5.01
CA HIS M 251 -37.22 98.77 -5.35
C HIS M 251 -38.03 99.75 -6.19
N LYS M 252 -37.54 100.98 -6.38
CA LYS M 252 -38.24 101.92 -7.26
C LYS M 252 -38.06 101.55 -8.72
N VAL M 253 -36.95 100.92 -9.07
CA VAL M 253 -36.63 100.55 -10.43
C VAL M 253 -36.77 99.05 -10.66
N VAL M 254 -36.21 98.24 -9.77
CA VAL M 254 -36.13 96.79 -9.95
C VAL M 254 -37.07 96.14 -8.95
N ASP M 255 -37.95 95.27 -9.44
CA ASP M 255 -38.77 94.46 -8.57
C ASP M 255 -38.07 93.14 -8.24
N GLY M 256 -38.74 92.35 -7.40
CA GLY M 256 -38.13 91.12 -6.93
C GLY M 256 -38.00 90.06 -8.01
N ALA M 257 -38.98 89.99 -8.91
CA ALA M 257 -38.90 89.05 -10.02
C ALA M 257 -37.81 89.44 -11.02
N VAL M 258 -37.62 90.74 -11.24
CA VAL M 258 -36.56 91.21 -12.14
C VAL M 258 -35.19 90.95 -11.52
N GLY M 259 -35.06 91.18 -10.21
CA GLY M 259 -33.82 90.86 -9.53
C GLY M 259 -33.52 89.37 -9.49
N ALA M 260 -34.57 88.56 -9.38
CA ALA M 260 -34.39 87.11 -9.40
C ALA M 260 -34.00 86.61 -10.78
N GLU M 261 -34.55 87.22 -11.84
CA GLU M 261 -34.13 86.87 -13.20
C GLU M 261 -32.68 87.29 -13.46
N TRP M 262 -32.28 88.47 -12.97
CA TRP M 262 -30.89 88.91 -13.11
C TRP M 262 -29.94 87.98 -12.36
N ILE M 263 -30.31 87.57 -11.14
CA ILE M 263 -29.51 86.64 -10.35
C ILE M 263 -29.44 85.27 -11.02
N ARG M 264 -30.54 84.83 -11.65
CA ARG M 264 -30.57 83.54 -12.33
C ARG M 264 -29.69 83.54 -13.57
N GLU M 265 -29.71 84.63 -14.34
CA GLU M 265 -28.85 84.72 -15.51
C GLU M 265 -27.37 84.83 -15.12
N LEU M 266 -27.08 85.56 -14.04
CA LEU M 266 -25.71 85.64 -13.55
C LEU M 266 -25.21 84.28 -13.06
N LYS M 267 -26.07 83.54 -12.36
CA LYS M 267 -25.72 82.20 -11.90
C LYS M 267 -25.53 81.23 -13.06
N LYS M 268 -26.34 81.38 -14.11
CA LYS M 268 -26.20 80.53 -15.30
C LYS M 268 -24.88 80.79 -16.00
N VAL M 269 -24.53 82.07 -16.22
CA VAL M 269 -23.29 82.41 -16.90
C VAL M 269 -22.07 82.04 -16.04
N ILE M 270 -22.18 82.11 -14.71
CA ILE M 270 -21.06 81.74 -13.86
C ILE M 270 -20.88 80.22 -13.81
N GLU M 271 -21.97 79.48 -13.59
CA GLU M 271 -21.86 78.03 -13.46
C GLU M 271 -21.70 77.30 -14.79
N ASN M 272 -21.91 77.98 -15.91
CA ASN M 272 -21.56 77.46 -17.23
C ASN M 272 -20.59 78.45 -17.85
N PRO M 273 -19.28 78.25 -17.64
CA PRO M 273 -18.30 79.28 -18.05
C PRO M 273 -18.09 79.37 -19.55
N LEU M 274 -18.58 78.40 -20.33
CA LEU M 274 -18.50 78.50 -21.78
C LEU M 274 -19.50 79.48 -22.36
N GLU M 275 -20.48 79.93 -21.57
CA GLU M 275 -21.45 80.91 -22.02
C GLU M 275 -20.91 82.34 -22.01
N LEU M 276 -19.67 82.55 -21.54
CA LEU M 276 -19.05 83.86 -21.62
C LEU M 276 -18.62 84.21 -23.03
N LEU M 277 -18.53 83.21 -23.92
CA LEU M 277 -18.28 83.46 -25.34
C LEU M 277 -19.47 84.16 -25.98
N LEU M 278 -20.67 83.69 -25.69
CA LEU M 278 -21.89 84.25 -26.25
C LEU M 278 -22.28 85.54 -25.53
N TYR N 47 45.57 91.59 49.62
CA TYR N 47 46.56 91.91 48.61
C TYR N 47 46.06 93.06 47.74
N THR N 48 45.19 92.75 46.79
CA THR N 48 44.55 93.77 45.97
C THR N 48 43.34 94.34 46.70
N ASP N 49 43.33 95.65 46.88
CA ASP N 49 42.44 96.37 47.78
C ASP N 49 41.72 97.48 47.04
N VAL N 50 41.04 97.12 45.94
CA VAL N 50 40.15 98.04 45.22
C VAL N 50 39.05 98.50 46.18
N PRO N 51 38.69 99.79 46.16
CA PRO N 51 37.72 100.29 47.12
C PRO N 51 36.28 100.02 46.68
N ILE N 52 35.36 100.19 47.64
CA ILE N 52 33.94 100.04 47.36
C ILE N 52 33.48 101.21 46.50
N SER N 53 32.56 100.93 45.56
CA SER N 53 32.12 101.95 44.61
C SER N 53 31.32 103.06 45.26
N GLY N 54 30.73 102.82 46.42
CA GLY N 54 29.90 103.81 47.06
C GLY N 54 28.43 103.56 46.76
N MET N 55 28.15 103.15 45.52
CA MET N 55 26.82 102.67 45.16
C MET N 55 26.50 101.35 45.84
N ARG N 56 27.50 100.49 46.03
CA ARG N 56 27.33 99.23 46.76
C ARG N 56 27.02 99.44 48.24
N LYS N 57 27.44 100.58 48.81
CA LYS N 57 27.23 100.83 50.24
C LYS N 57 25.74 101.03 50.54
N THR N 58 25.02 101.70 49.64
CA THR N 58 23.58 101.88 49.82
C THR N 58 22.82 100.57 49.70
N ILE N 59 23.22 99.70 48.77
CA ILE N 59 22.56 98.40 48.64
C ILE N 59 22.89 97.50 49.83
N ALA N 60 24.12 97.62 50.36
CA ALA N 60 24.49 96.86 51.55
C ALA N 60 23.70 97.31 52.77
N ALA N 61 23.53 98.62 52.93
CA ALA N 61 22.72 99.14 54.03
C ALA N 61 21.25 98.77 53.86
N ARG N 62 20.76 98.72 52.61
CA ARG N 62 19.38 98.36 52.37
C ARG N 62 19.12 96.89 52.67
N LEU N 63 20.04 96.01 52.27
CA LEU N 63 19.91 94.59 52.60
C LEU N 63 20.07 94.35 54.09
N LYS N 64 20.90 95.18 54.75
CA LYS N 64 20.99 95.13 56.21
C LYS N 64 19.66 95.50 56.86
N GLU N 65 19.01 96.57 56.37
CA GLU N 65 17.69 96.96 56.86
C GLU N 65 16.67 95.85 56.65
N SER N 66 16.74 95.19 55.49
CA SER N 66 15.82 94.11 55.17
C SER N 66 15.97 92.92 56.12
N VAL N 67 17.21 92.49 56.35
CA VAL N 67 17.42 91.31 57.19
C VAL N 67 17.28 91.66 58.67
N THR N 68 17.37 92.94 59.04
CA THR N 68 17.27 93.26 60.46
C THR N 68 15.87 93.69 60.86
N GLU N 69 15.02 94.05 59.90
CA GLU N 69 13.67 94.48 60.27
C GLU N 69 12.63 93.48 59.77
N ASN N 70 13.00 92.62 58.82
CA ASN N 70 12.10 91.62 58.30
C ASN N 70 12.53 90.24 58.76
N PRO N 71 11.83 89.60 59.70
CA PRO N 71 12.12 88.19 60.00
C PRO N 71 11.63 87.29 58.88
N HIS N 72 12.56 86.81 58.06
CA HIS N 72 12.21 86.04 56.88
C HIS N 72 11.87 84.60 57.25
N PHE N 73 10.95 84.01 56.49
CA PHE N 73 10.79 82.56 56.50
C PHE N 73 10.47 82.10 55.09
N PHE N 74 11.01 80.95 54.71
CA PHE N 74 10.94 80.45 53.35
C PHE N 74 9.92 79.33 53.25
N VAL N 75 9.21 79.30 52.14
CA VAL N 75 8.29 78.22 51.80
C VAL N 75 8.67 77.71 50.41
N SER N 76 9.01 76.43 50.32
CA SER N 76 9.47 75.84 49.07
C SER N 76 8.40 74.93 48.49
N THR N 77 8.37 74.85 47.17
CA THR N 77 7.44 73.98 46.46
C THR N 77 8.07 73.56 45.13
N ASN N 78 7.47 72.57 44.50
CA ASN N 78 7.89 72.09 43.19
C ASN N 78 6.72 72.23 42.23
N LEU N 79 6.86 73.11 41.24
CA LEU N 79 5.84 73.33 40.24
C LEU N 79 6.11 72.46 39.03
N SER N 80 5.09 71.75 38.56
CA SER N 80 5.20 70.99 37.32
C SER N 80 4.84 71.89 36.14
N VAL N 81 5.76 72.01 35.19
CA VAL N 81 5.64 72.94 34.08
C VAL N 81 5.55 72.21 32.74
N SER N 82 5.21 70.92 32.76
CA SER N 82 5.14 70.15 31.53
C SER N 82 3.97 70.56 30.66
N LYS N 83 2.89 71.07 31.25
CA LYS N 83 1.79 71.62 30.48
C LYS N 83 2.01 73.09 30.14
N LEU N 84 2.72 73.81 31.01
CA LEU N 84 3.03 75.21 30.75
C LEU N 84 3.98 75.35 29.56
N LEU N 85 4.93 74.43 29.43
CA LEU N 85 5.83 74.44 28.28
C LEU N 85 5.10 74.09 27.00
N LYS N 86 4.11 73.19 27.06
CA LYS N 86 3.31 72.87 25.88
C LYS N 86 2.45 74.05 25.45
N LEU N 87 1.86 74.76 26.43
CA LEU N 87 1.07 75.95 26.13
C LEU N 87 1.94 77.07 25.55
N ARG N 88 3.15 77.22 26.08
CA ARG N 88 4.08 78.22 25.54
C ARG N 88 4.54 77.87 24.14
N GLN N 89 4.76 76.57 23.87
CA GLN N 89 5.17 76.13 22.54
C GLN N 89 4.05 76.35 21.52
N ALA N 90 2.80 76.09 21.92
CA ALA N 90 1.66 76.31 21.03
C ALA N 90 1.45 77.79 20.76
N LEU N 91 1.56 78.62 21.80
CA LEU N 91 1.34 80.06 21.62
C LEU N 91 2.49 80.71 20.84
N ASN N 92 3.69 80.12 20.92
CA ASN N 92 4.80 80.65 20.13
C ASN N 92 4.73 80.16 18.69
N SER N 93 4.24 78.94 18.47
CA SER N 93 4.14 78.43 17.11
C SER N 93 3.00 79.08 16.35
N SER N 94 1.93 79.49 17.05
CA SER N 94 0.82 80.19 16.40
C SER N 94 1.06 81.70 16.39
N ALA N 95 2.13 82.10 15.71
CA ALA N 95 2.49 83.50 15.61
C ALA N 95 3.27 83.72 14.33
N ASP N 96 3.41 85.00 13.96
CA ASP N 96 4.17 85.41 12.79
C ASP N 96 5.37 86.27 13.19
N GLY N 97 5.97 85.98 14.33
CA GLY N 97 7.03 86.83 14.86
C GLY N 97 6.54 88.07 15.57
N ARG N 98 5.26 88.12 15.95
CA ARG N 98 4.75 89.28 16.67
C ARG N 98 5.21 89.29 18.12
N TYR N 99 5.38 88.12 18.72
CA TYR N 99 5.75 88.02 20.13
C TYR N 99 6.61 86.79 20.34
N LYS N 100 7.20 86.71 21.53
CA LYS N 100 7.97 85.54 21.94
C LYS N 100 7.75 85.37 23.44
N LEU N 101 7.16 84.23 23.83
CA LEU N 101 6.76 84.01 25.20
C LEU N 101 7.83 83.21 25.95
N SER N 102 7.96 83.50 27.24
CA SER N 102 8.88 82.81 28.14
C SER N 102 8.12 82.32 29.36
N VAL N 103 8.83 81.59 30.22
CA VAL N 103 8.22 81.04 31.43
C VAL N 103 7.96 82.15 32.44
N ASN N 104 8.76 83.23 32.38
CA ASN N 104 8.63 84.34 33.32
C ASN N 104 7.32 85.09 33.12
N ASP N 105 6.77 85.09 31.91
CA ASP N 105 5.47 85.71 31.65
C ASP N 105 4.35 84.97 32.37
N PHE N 106 4.33 83.64 32.26
CA PHE N 106 3.35 82.83 32.96
C PHE N 106 3.55 82.94 34.47
N LEU N 107 4.80 83.05 34.92
CA LEU N 107 5.06 83.18 36.35
C LEU N 107 4.57 84.52 36.89
N ILE N 108 4.77 85.60 36.14
CA ILE N 108 4.33 86.92 36.57
C ILE N 108 2.80 86.99 36.57
N LYS N 109 2.15 86.39 35.56
CA LYS N 109 0.69 86.37 35.53
C LYS N 109 0.12 85.51 36.67
N ALA N 110 0.76 84.38 36.97
CA ALA N 110 0.30 83.54 38.07
C ALA N 110 0.54 84.20 39.42
N MET N 111 1.61 84.98 39.54
CA MET N 111 1.85 85.76 40.75
C MET N 111 0.78 86.83 40.93
N GLY N 112 0.36 87.46 39.83
CA GLY N 112 -0.73 88.43 39.92
C GLY N 112 -2.05 87.79 40.33
N ILE N 113 -2.35 86.62 39.77
CA ILE N 113 -3.58 85.90 40.11
C ILE N 113 -3.57 85.46 41.57
N ALA N 114 -2.41 84.94 42.04
CA ALA N 114 -2.31 84.49 43.42
C ALA N 114 -2.33 85.65 44.41
N SER N 115 -1.73 86.79 44.05
CA SER N 115 -1.79 87.95 44.94
C SER N 115 -3.16 88.60 44.95
N LYS N 116 -3.93 88.44 43.86
CA LYS N 116 -5.32 88.90 43.90
C LYS N 116 -6.20 87.97 44.71
N ARG N 117 -5.93 86.67 44.68
CA ARG N 117 -6.73 85.73 45.48
C ARG N 117 -6.38 85.79 46.96
N VAL N 118 -5.11 85.95 47.31
CA VAL N 118 -4.70 86.13 48.70
C VAL N 118 -4.13 87.55 48.86
N PRO N 119 -4.95 88.53 49.24
CA PRO N 119 -4.46 89.92 49.27
C PRO N 119 -3.61 90.27 50.47
N THR N 120 -3.42 89.35 51.42
CA THR N 120 -2.59 89.65 52.58
C THR N 120 -1.11 89.70 52.22
N VAL N 121 -0.70 88.91 51.23
CA VAL N 121 0.70 88.92 50.79
C VAL N 121 1.02 90.21 50.05
N ASN N 122 0.03 90.79 49.36
CA ASN N 122 0.21 92.03 48.62
C ASN N 122 0.04 93.21 49.57
N SER N 123 1.04 93.40 50.43
CA SER N 123 0.99 94.43 51.46
C SER N 123 2.40 94.91 51.76
N SER N 124 2.53 95.73 52.81
CA SER N 124 3.80 96.30 53.24
C SER N 124 3.75 96.49 54.75
N TRP N 125 4.66 97.33 55.26
CA TRP N 125 4.73 97.63 56.69
C TRP N 125 5.11 99.09 56.84
N ARG N 126 4.20 99.88 57.41
CA ARG N 126 4.32 101.34 57.44
C ARG N 126 4.18 101.86 58.87
N ASP N 127 3.98 103.17 59.03
CA ASP N 127 3.94 103.80 60.34
C ASP N 127 2.70 103.37 61.11
N GLY N 128 2.84 102.27 61.87
CA GLY N 128 1.75 101.74 62.66
C GLY N 128 0.58 101.21 61.86
N VAL N 129 0.80 100.87 60.58
CA VAL N 129 -0.29 100.63 59.65
C VAL N 129 0.20 99.70 58.55
N ILE N 130 -0.72 98.88 58.04
CA ILE N 130 -0.46 97.95 56.94
C ILE N 130 -1.05 98.57 55.68
N ARG N 131 -0.21 98.79 54.67
CA ARG N 131 -0.68 99.37 53.42
C ARG N 131 -0.97 98.26 52.42
N GLN N 132 -2.24 98.12 52.04
CA GLN N 132 -2.70 97.05 51.18
C GLN N 132 -3.14 97.63 49.85
N PHE N 133 -2.53 97.15 48.76
CA PHE N 133 -2.80 97.62 47.42
C PHE N 133 -3.86 96.75 46.74
N GLU N 134 -4.44 97.27 45.66
CA GLU N 134 -5.34 96.50 44.81
C GLU N 134 -4.59 95.81 43.68
N THR N 135 -3.85 96.57 42.88
CA THR N 135 -3.15 96.02 41.72
C THR N 135 -1.85 95.37 42.14
N VAL N 136 -1.40 94.40 41.34
CA VAL N 136 -0.15 93.68 41.59
C VAL N 136 0.90 94.33 40.68
N ASP N 137 1.87 95.00 41.30
CA ASP N 137 3.00 95.59 40.58
C ASP N 137 4.22 94.71 40.86
N VAL N 138 4.73 94.06 39.82
CA VAL N 138 5.73 93.02 39.97
C VAL N 138 7.10 93.57 39.59
N SER N 139 8.04 93.55 40.52
CA SER N 139 9.41 93.98 40.27
C SER N 139 10.22 92.79 39.77
N VAL N 140 10.80 92.91 38.59
CA VAL N 140 11.57 91.83 37.97
C VAL N 140 13.04 92.18 38.04
N ALA N 141 13.85 91.26 38.55
CA ALA N 141 15.28 91.51 38.69
C ALA N 141 16.00 91.30 37.37
N VAL N 142 16.79 92.29 36.97
CA VAL N 142 17.58 92.23 35.74
C VAL N 142 19.04 92.27 36.11
N ALA N 143 19.82 91.31 35.61
CA ALA N 143 21.24 91.20 35.93
C ALA N 143 22.05 92.01 34.94
N THR N 144 22.53 93.16 35.38
CA THR N 144 23.40 94.07 34.64
C THR N 144 24.83 93.96 35.17
N PRO N 145 25.85 94.30 34.38
CA PRO N 145 27.24 94.25 34.88
C PRO N 145 27.52 95.25 36.00
N ASN N 146 26.66 96.25 36.20
CA ASN N 146 26.71 97.13 37.36
C ASN N 146 25.82 96.64 38.50
N GLY N 147 25.58 95.33 38.58
CA GLY N 147 24.90 94.78 39.74
C GLY N 147 23.48 94.29 39.50
N LEU N 148 22.52 94.91 40.19
CA LEU N 148 21.14 94.43 40.15
C LEU N 148 20.20 95.63 40.12
N ILE N 149 19.16 95.52 39.30
CA ILE N 149 18.11 96.53 39.24
C ILE N 149 16.78 95.79 39.12
N THR N 150 15.70 96.41 39.61
CA THR N 150 14.36 95.82 39.62
C THR N 150 13.37 96.77 38.98
N PRO N 151 13.24 96.76 37.65
CA PRO N 151 12.14 97.50 37.02
C PRO N 151 10.80 96.83 37.28
N ILE N 152 9.75 97.63 37.27
CA ILE N 152 8.43 97.23 37.73
C ILE N 152 7.47 97.13 36.54
N VAL N 153 6.76 96.02 36.46
CA VAL N 153 5.62 95.86 35.56
C VAL N 153 4.38 96.22 36.36
N LYS N 154 3.69 97.27 35.92
CA LYS N 154 2.53 97.79 36.66
C LYS N 154 1.24 97.21 36.12
N GLY N 155 0.32 96.89 37.04
CA GLY N 155 -0.98 96.37 36.70
C GLY N 155 -0.93 95.01 36.02
N VAL N 156 -0.42 94.01 36.76
CA VAL N 156 -0.16 92.70 36.16
C VAL N 156 -1.45 91.94 35.89
N GLU N 157 -2.37 91.93 36.85
CA GLU N 157 -3.64 91.24 36.65
C GLU N 157 -4.48 92.03 35.65
N GLY N 158 -5.08 91.31 34.72
CA GLY N 158 -5.79 91.94 33.62
C GLY N 158 -4.92 92.76 32.69
N LYS N 159 -3.81 92.21 32.24
CA LYS N 159 -2.91 92.94 31.34
C LYS N 159 -2.66 92.22 30.03
N GLY N 160 -2.46 90.91 30.05
CA GLY N 160 -2.17 90.19 28.83
C GLY N 160 -0.72 89.74 28.76
N LEU N 161 -0.52 88.53 28.22
CA LEU N 161 0.80 87.93 28.21
C LEU N 161 1.73 88.62 27.21
N GLU N 162 1.17 89.09 26.10
CA GLU N 162 1.99 89.81 25.11
C GLU N 162 2.39 91.17 25.64
N SER N 163 1.51 91.84 26.39
CA SER N 163 1.84 93.10 27.02
C SER N 163 2.89 92.92 28.10
N ILE N 164 2.80 91.82 28.86
CA ILE N 164 3.78 91.52 29.89
C ILE N 164 5.15 91.23 29.26
N SER N 165 5.16 90.45 28.17
CA SER N 165 6.41 90.13 27.48
C SER N 165 7.04 91.38 26.88
N ALA N 166 6.21 92.27 26.30
CA ALA N 166 6.72 93.50 25.73
C ALA N 166 7.30 94.42 26.79
N ALA N 167 6.61 94.54 27.94
CA ALA N 167 7.10 95.41 29.01
C ALA N 167 8.37 94.86 29.64
N VAL N 168 8.45 93.54 29.79
CA VAL N 168 9.65 92.91 30.34
C VAL N 168 10.84 93.08 29.40
N LYS N 169 10.62 92.94 28.08
CA LYS N 169 11.70 93.12 27.12
C LYS N 169 12.17 94.58 27.06
N GLU N 170 11.21 95.53 27.06
CA GLU N 170 11.53 96.95 27.12
C GLU N 170 12.36 97.31 28.35
N LEU N 171 11.91 96.87 29.53
CA LEU N 171 12.60 97.23 30.76
C LEU N 171 13.94 96.53 30.88
N ALA N 172 14.07 95.31 30.35
CA ALA N 172 15.34 94.60 30.39
C ALA N 172 16.38 95.23 29.46
N LYS N 173 15.97 95.61 28.25
CA LYS N 173 16.94 96.22 27.34
C LYS N 173 17.29 97.64 27.79
N LYS N 174 16.34 98.33 28.44
CA LYS N 174 16.68 99.63 28.99
C LYS N 174 17.51 99.52 30.26
N ALA N 175 17.43 98.39 30.97
CA ALA N 175 18.30 98.16 32.10
C ALA N 175 19.71 97.83 31.64
N ARG N 176 19.83 97.13 30.51
CA ARG N 176 21.15 96.88 29.93
C ARG N 176 21.77 98.15 29.36
N ASP N 177 20.96 99.05 28.82
CA ASP N 177 21.48 100.34 28.35
C ASP N 177 21.61 101.38 29.45
N GLY N 178 21.02 101.16 30.62
CA GLY N 178 21.13 102.06 31.75
C GLY N 178 20.39 103.38 31.57
N LYS N 179 19.11 103.32 31.19
CA LYS N 179 18.34 104.51 30.82
C LYS N 179 17.01 104.53 31.55
N LEU N 180 17.03 104.40 32.87
CA LEU N 180 15.81 104.30 33.66
C LEU N 180 15.55 105.58 34.45
N LYS N 181 14.28 105.84 34.72
CA LYS N 181 13.72 106.83 35.63
C LYS N 181 13.53 106.19 37.01
N PRO N 182 13.64 106.96 38.09
CA PRO N 182 13.47 106.37 39.44
C PRO N 182 12.07 105.86 39.72
N GLU N 183 11.06 106.37 39.03
CA GLU N 183 9.70 105.86 39.15
C GLU N 183 9.52 104.50 38.47
N GLU N 184 10.49 104.06 37.68
CA GLU N 184 10.41 102.76 37.02
C GLU N 184 11.03 101.64 37.85
N TYR N 185 11.85 101.96 38.87
CA TYR N 185 12.43 100.92 39.71
C TYR N 185 12.30 101.24 41.19
N GLN N 186 11.47 102.23 41.54
CA GLN N 186 11.21 102.55 42.94
C GLN N 186 9.72 102.37 43.20
N GLY N 187 9.37 101.30 43.91
CA GLY N 187 7.99 100.99 44.20
C GLY N 187 7.72 99.50 44.19
N GLY N 188 6.59 99.09 43.63
CA GLY N 188 6.26 97.68 43.52
C GLY N 188 5.66 97.11 44.79
N SER N 189 4.90 96.02 44.64
CA SER N 189 4.30 95.34 45.78
C SER N 189 4.84 93.94 46.01
N ILE N 190 5.45 93.33 45.00
CA ILE N 190 6.02 91.99 45.11
C ILE N 190 7.14 91.86 44.08
N SER N 191 8.10 90.98 44.35
CA SER N 191 9.29 90.82 43.54
C SER N 191 9.41 89.37 43.07
N ILE N 192 10.31 89.16 42.10
CA ILE N 192 10.62 87.82 41.61
C ILE N 192 12.07 87.82 41.11
N SER N 193 12.81 86.80 41.52
CA SER N 193 14.19 86.60 41.07
C SER N 193 14.25 85.35 40.24
N ASN N 194 14.82 85.45 39.05
CA ASN N 194 14.80 84.39 38.04
C ASN N 194 16.22 83.90 37.78
N MET N 195 16.44 82.60 37.89
CA MET N 195 17.73 81.99 37.63
C MET N 195 17.58 80.72 36.79
N GLY N 196 16.70 80.76 35.79
CA GLY N 196 16.51 79.60 34.94
C GLY N 196 17.55 79.44 33.85
N MET N 197 18.31 80.49 33.56
CA MET N 197 19.33 80.40 32.53
C MET N 197 20.55 79.62 33.04
N ASN N 198 20.73 79.56 34.35
CA ASN N 198 21.80 78.77 34.95
C ASN N 198 21.24 77.40 35.32
N PRO N 199 21.69 76.33 34.66
CA PRO N 199 21.14 75.00 34.95
C PRO N 199 21.68 74.38 36.23
N ALA N 200 22.65 75.01 36.89
CA ALA N 200 23.19 74.44 38.12
C ALA N 200 22.33 74.77 39.33
N VAL N 201 21.66 75.91 39.31
CA VAL N 201 20.91 76.38 40.47
C VAL N 201 19.62 75.57 40.59
N GLN N 202 19.61 74.57 41.46
CA GLN N 202 18.40 73.81 41.72
C GLN N 202 17.43 74.62 42.59
N SER N 203 17.96 75.33 43.58
CA SER N 203 17.14 76.10 44.50
C SER N 203 17.99 77.20 45.09
N PHE N 204 17.37 78.35 45.35
CA PHE N 204 18.05 79.44 46.05
C PHE N 204 17.01 80.29 46.74
N THR N 205 17.47 81.06 47.72
CA THR N 205 16.65 82.02 48.44
C THR N 205 17.06 83.43 48.06
N ALA N 206 16.16 84.38 48.32
CA ALA N 206 16.40 85.78 48.00
C ALA N 206 16.08 86.63 49.23
N ILE N 207 16.58 87.86 49.21
CA ILE N 207 16.33 88.82 50.27
C ILE N 207 15.22 89.76 49.83
N ILE N 208 14.27 90.00 50.73
CA ILE N 208 13.10 90.82 50.40
C ILE N 208 13.51 92.28 50.27
N ASN N 209 13.16 92.88 49.13
CA ASN N 209 13.40 94.31 48.93
C ASN N 209 12.42 95.10 49.77
N PRO N 210 12.91 95.98 50.66
CA PRO N 210 11.99 96.78 51.46
C PRO N 210 11.35 97.87 50.63
N PRO N 211 10.10 98.25 50.95
CA PRO N 211 9.26 97.76 52.04
C PRO N 211 8.27 96.67 51.64
N GLN N 212 8.61 95.82 50.68
CA GLN N 212 7.69 94.78 50.25
C GLN N 212 7.64 93.65 51.28
N ALA N 213 6.70 92.73 51.07
CA ALA N 213 6.44 91.67 52.05
C ALA N 213 6.88 90.29 51.60
N ALA N 214 7.10 90.07 50.31
CA ALA N 214 7.45 88.74 49.83
C ALA N 214 8.36 88.87 48.61
N ILE N 215 9.11 87.80 48.35
CA ILE N 215 9.92 87.71 47.14
C ILE N 215 9.92 86.26 46.65
N LEU N 216 9.90 86.07 45.34
CA LEU N 216 9.91 84.75 44.75
C LEU N 216 11.30 84.43 44.24
N ALA N 217 11.63 83.13 44.18
CA ALA N 217 12.92 82.68 43.67
C ALA N 217 12.68 81.39 42.90
N VAL N 218 13.10 81.36 41.64
CA VAL N 218 12.76 80.28 40.73
C VAL N 218 14.04 79.58 40.27
N GLY N 219 14.13 78.27 40.50
CA GLY N 219 15.31 77.52 40.14
C GLY N 219 15.20 76.87 38.77
N ALA N 220 16.30 76.28 38.34
CA ALA N 220 16.39 75.63 37.05
C ALA N 220 15.50 74.39 37.01
N PRO N 221 14.87 74.12 35.87
CA PRO N 221 14.06 72.91 35.74
C PRO N 221 14.91 71.66 35.66
N GLN N 222 14.39 70.58 36.22
CA GLN N 222 15.04 69.28 36.24
C GLN N 222 14.03 68.17 36.00
N LYS N 223 14.50 67.01 35.57
CA LYS N 223 13.63 65.86 35.35
C LYS N 223 13.47 65.06 36.64
N VAL N 224 12.23 64.93 37.11
CA VAL N 224 11.92 64.20 38.33
C VAL N 224 11.01 63.03 37.97
N ALA N 225 11.32 61.84 38.51
CA ALA N 225 10.51 60.66 38.28
C ALA N 225 9.18 60.77 39.01
N VAL N 226 8.10 60.61 38.27
CA VAL N 226 6.73 60.77 38.78
C VAL N 226 5.94 59.52 38.41
N PRO N 227 5.19 58.91 39.34
CA PRO N 227 4.48 57.67 39.02
C PRO N 227 3.29 57.92 38.11
N VAL N 228 2.98 56.91 37.30
CA VAL N 228 1.88 56.96 36.35
C VAL N 228 1.23 55.59 36.28
N GLU N 229 -0.10 55.58 36.16
CA GLU N 229 -0.82 54.34 35.90
C GLU N 229 -0.90 54.14 34.39
N ASN N 230 -0.70 52.91 33.95
CA ASN N 230 -1.03 52.55 32.59
C ASN N 230 -2.51 52.16 32.55
N GLU N 231 -2.97 51.63 31.42
CA GLU N 231 -4.36 51.19 31.33
C GLU N 231 -4.58 49.80 31.95
N ASP N 232 -3.55 49.22 32.57
CA ASP N 232 -3.70 48.06 33.45
C ASP N 232 -3.36 48.48 34.87
N GLY N 233 -3.35 47.51 35.78
CA GLY N 233 -3.28 47.80 37.21
C GLY N 233 -1.93 48.28 37.72
N THR N 234 -0.85 48.03 36.99
CA THR N 234 0.48 48.31 37.52
C THR N 234 0.82 49.79 37.41
N THR N 235 1.82 50.22 38.20
CA THR N 235 2.32 51.58 38.13
C THR N 235 3.56 51.65 37.24
N GLY N 236 3.90 52.88 36.81
CA GLY N 236 5.01 53.08 35.91
C GLY N 236 5.88 54.25 36.36
N VAL N 237 6.85 54.58 35.50
CA VAL N 237 7.74 55.71 35.71
C VAL N 237 7.53 56.68 34.56
N SER N 238 7.09 57.90 34.89
CA SER N 238 7.01 58.99 33.94
C SER N 238 7.98 60.07 34.38
N TRP N 239 8.49 60.82 33.41
CA TRP N 239 9.49 61.85 33.66
C TRP N 239 8.82 63.22 33.52
N ASP N 240 8.76 63.95 34.62
CA ASP N 240 8.07 65.24 34.70
C ASP N 240 9.09 66.36 34.85
N GLU N 241 8.83 67.48 34.20
CA GLU N 241 9.69 68.66 34.31
C GLU N 241 9.23 69.46 35.51
N GLN N 242 10.06 69.52 36.55
CA GLN N 242 9.72 70.23 37.77
C GLN N 242 10.66 71.39 38.01
N ILE N 243 10.14 72.43 38.67
CA ILE N 243 10.87 73.64 38.98
C ILE N 243 10.71 73.92 40.46
N ILE N 244 11.81 74.09 41.17
CA ILE N 244 11.78 74.38 42.60
C ILE N 244 11.61 75.88 42.78
N VAL N 245 10.54 76.27 43.46
CA VAL N 245 10.17 77.66 43.68
C VAL N 245 10.19 77.92 45.18
N THR N 246 10.99 78.89 45.61
CA THR N 246 11.11 79.25 47.02
C THR N 246 10.60 80.68 47.20
N ALA N 247 9.61 80.85 48.07
CA ALA N 247 9.04 82.16 48.36
C ALA N 247 9.46 82.57 49.77
N SER N 248 10.10 83.72 49.88
CA SER N 248 10.53 84.26 51.17
C SER N 248 9.53 85.31 51.60
N PHE N 249 8.95 85.11 52.78
CA PHE N 249 7.94 86.00 53.34
C PHE N 249 8.48 86.70 54.59
N ASP N 250 7.87 87.85 54.88
CA ASP N 250 8.11 88.59 56.11
C ASP N 250 7.04 88.20 57.12
N HIS N 251 7.47 87.81 58.32
CA HIS N 251 6.54 87.25 59.30
C HIS N 251 5.74 88.31 60.04
N LYS N 252 6.07 89.59 59.87
CA LYS N 252 5.26 90.64 60.49
C LYS N 252 3.94 90.82 59.77
N VAL N 253 3.89 90.54 58.48
CA VAL N 253 2.71 90.71 57.66
C VAL N 253 2.06 89.37 57.32
N VAL N 254 2.87 88.41 56.85
CA VAL N 254 2.37 87.14 56.32
C VAL N 254 2.72 86.05 57.33
N ASP N 255 1.72 85.26 57.72
CA ASP N 255 1.98 84.08 58.53
C ASP N 255 2.20 82.87 57.63
N GLY N 256 2.48 81.73 58.28
CA GLY N 256 2.82 80.53 57.53
C GLY N 256 1.64 79.94 56.79
N ALA N 257 0.44 80.04 57.38
CA ALA N 257 -0.76 79.55 56.70
C ALA N 257 -1.12 80.42 55.51
N VAL N 258 -0.92 81.74 55.62
CA VAL N 258 -1.19 82.64 54.52
C VAL N 258 -0.18 82.42 53.38
N GLY N 259 1.09 82.21 53.74
CA GLY N 259 2.09 81.89 52.73
C GLY N 259 1.85 80.55 52.06
N ALA N 260 1.33 79.58 52.82
CA ALA N 260 1.01 78.27 52.26
C ALA N 260 -0.19 78.35 51.34
N GLU N 261 -1.19 79.18 51.67
CA GLU N 261 -2.32 79.39 50.78
C GLU N 261 -1.89 80.10 49.49
N TRP N 262 -1.00 81.09 49.60
CA TRP N 262 -0.48 81.77 48.42
C TRP N 262 0.31 80.80 47.53
N ILE N 263 1.14 79.96 48.13
CA ILE N 263 1.90 78.96 47.39
C ILE N 263 0.98 77.93 46.75
N ARG N 264 -0.11 77.55 47.44
CA ARG N 264 -1.05 76.58 46.89
C ARG N 264 -1.81 77.16 45.70
N GLU N 265 -2.22 78.43 45.79
CA GLU N 265 -2.92 79.04 44.66
C GLU N 265 -1.99 79.25 43.47
N LEU N 266 -0.73 79.61 43.74
CA LEU N 266 0.26 79.75 42.67
C LEU N 266 0.52 78.40 41.99
N LYS N 267 0.63 77.33 42.79
CA LYS N 267 0.83 76.00 42.25
C LYS N 267 -0.38 75.52 41.45
N LYS N 268 -1.58 75.88 41.90
CA LYS N 268 -2.80 75.52 41.17
C LYS N 268 -2.86 76.21 39.81
N VAL N 269 -2.59 77.52 39.78
CA VAL N 269 -2.63 78.27 38.54
C VAL N 269 -1.50 77.85 37.60
N ILE N 270 -0.35 77.43 38.13
CA ILE N 270 0.74 76.99 37.28
C ILE N 270 0.47 75.59 36.71
N GLU N 271 0.05 74.65 37.56
CA GLU N 271 -0.16 73.28 37.11
C GLU N 271 -1.46 73.10 36.35
N ASN N 272 -2.37 74.06 36.39
CA ASN N 272 -3.54 74.08 35.51
C ASN N 272 -3.46 75.37 34.70
N PRO N 273 -2.83 75.33 33.52
CA PRO N 273 -2.56 76.58 32.79
C PRO N 273 -3.78 77.21 32.15
N LEU N 274 -4.92 76.50 32.10
CA LEU N 274 -6.15 77.09 31.59
C LEU N 274 -6.79 78.03 32.59
N GLU N 275 -6.34 78.02 33.85
CA GLU N 275 -6.86 78.93 34.87
C GLU N 275 -6.28 80.33 34.77
N LEU N 276 -5.33 80.57 33.85
CA LEU N 276 -4.83 81.91 33.61
C LEU N 276 -5.85 82.78 32.88
N LEU N 277 -6.85 82.18 32.25
CA LEU N 277 -7.94 82.93 31.65
C LEU N 277 -8.79 83.60 32.72
N LEU N 278 -9.10 82.86 33.78
CA LEU N 278 -9.93 83.38 34.87
C LEU N 278 -9.10 84.26 35.79
N TYR O 47 85.03 75.48 -0.93
CA TYR O 47 84.58 76.29 -2.07
C TYR O 47 83.92 77.57 -1.57
N THR O 48 82.66 77.45 -1.15
CA THR O 48 81.96 78.57 -0.56
C THR O 48 82.29 78.65 0.93
N ASP O 49 82.79 79.81 1.35
CA ASP O 49 83.43 80.02 2.64
C ASP O 49 82.78 81.19 3.38
N VAL O 50 81.46 81.11 3.55
CA VAL O 50 80.71 82.06 4.39
C VAL O 50 81.27 81.99 5.81
N PRO O 51 81.45 83.12 6.48
CA PRO O 51 82.05 83.10 7.82
C PRO O 51 81.05 82.77 8.91
N ILE O 52 81.59 82.47 10.09
CA ILE O 52 80.76 82.18 11.26
C ILE O 52 80.13 83.48 11.73
N SER O 53 78.88 83.39 12.20
CA SER O 53 78.11 84.58 12.57
C SER O 53 78.68 85.26 13.82
N GLY O 54 79.43 84.55 14.65
CA GLY O 54 79.93 85.10 15.88
C GLY O 54 79.05 84.75 17.05
N MET O 55 77.73 84.74 16.80
CA MET O 55 76.78 84.20 17.77
C MET O 55 76.92 82.69 17.91
N ARG O 56 77.25 81.99 16.82
CA ARG O 56 77.51 80.55 16.86
C ARG O 56 78.76 80.20 17.65
N LYS O 57 79.72 81.12 17.77
CA LYS O 57 80.97 80.84 18.47
C LYS O 57 80.72 80.68 19.98
N THR O 58 79.82 81.48 20.53
CA THR O 58 79.48 81.36 21.95
C THR O 58 78.75 80.06 22.25
N ILE O 59 77.85 79.63 21.36
CA ILE O 59 77.15 78.37 21.56
C ILE O 59 78.11 77.19 21.38
N ALA O 60 79.07 77.32 20.46
CA ALA O 60 80.07 76.26 20.29
C ALA O 60 80.97 76.14 21.50
N ALA O 61 81.38 77.27 22.07
CA ALA O 61 82.19 77.25 23.29
C ALA O 61 81.37 76.71 24.48
N ARG O 62 80.08 77.02 24.52
CA ARG O 62 79.22 76.55 25.61
C ARG O 62 79.01 75.03 25.53
N LEU O 63 78.79 74.51 24.33
CA LEU O 63 78.67 73.06 24.16
C LEU O 63 79.99 72.36 24.41
N LYS O 64 81.11 73.03 24.09
CA LYS O 64 82.42 72.52 24.44
C LYS O 64 82.59 72.42 25.95
N GLU O 65 82.20 73.47 26.68
CA GLU O 65 82.22 73.45 28.15
C GLU O 65 81.37 72.33 28.70
N SER O 66 80.18 72.12 28.10
CA SER O 66 79.27 71.08 28.55
C SER O 66 79.87 69.68 28.37
N VAL O 67 80.43 69.40 27.20
CA VAL O 67 80.96 68.06 26.96
C VAL O 67 82.30 67.85 27.64
N THR O 68 83.00 68.94 28.02
CA THR O 68 84.29 68.73 28.63
C THR O 68 84.24 68.77 30.15
N GLU O 69 83.15 69.28 30.73
CA GLU O 69 83.08 69.33 32.18
C GLU O 69 81.98 68.41 32.71
N ASN O 70 81.06 68.00 31.84
CA ASN O 70 79.99 67.10 32.22
C ASN O 70 80.20 65.73 31.59
N PRO O 71 80.62 64.71 32.35
CA PRO O 71 80.63 63.35 31.80
C PRO O 71 79.22 62.80 31.64
N HIS O 72 78.71 62.80 30.42
CA HIS O 72 77.33 62.42 30.16
C HIS O 72 77.16 60.91 30.18
N PHE O 73 75.99 60.47 30.61
CA PHE O 73 75.56 59.10 30.37
C PHE O 73 74.07 59.10 30.10
N PHE O 74 73.64 58.26 29.17
CA PHE O 74 72.28 58.24 28.68
C PHE O 74 71.51 57.07 29.27
N VAL O 75 70.23 57.30 29.56
CA VAL O 75 69.31 56.26 30.01
C VAL O 75 68.10 56.32 29.07
N SER O 76 67.81 55.23 28.39
CA SER O 76 66.72 55.18 27.42
C SER O 76 65.57 54.35 27.97
N THR O 77 64.36 54.72 27.55
CA THR O 77 63.16 54.00 27.94
C THR O 77 62.12 54.17 26.85
N ASN O 78 61.06 53.37 26.93
CA ASN O 78 59.93 53.44 26.00
C ASN O 78 58.67 53.70 26.80
N LEU O 79 58.08 54.87 26.61
CA LEU O 79 56.85 55.25 27.30
C LEU O 79 55.66 54.90 26.43
N SER O 80 54.66 54.24 27.02
CA SER O 80 53.41 53.97 26.33
C SER O 80 52.47 55.15 26.53
N VAL O 81 52.01 55.73 25.43
CA VAL O 81 51.21 56.95 25.46
C VAL O 81 49.80 56.71 24.91
N SER O 82 49.36 55.45 24.88
CA SER O 82 48.03 55.13 24.35
C SER O 82 46.92 55.63 25.26
N LYS O 83 47.17 55.72 26.56
CA LYS O 83 46.21 56.31 27.48
C LYS O 83 46.37 57.83 27.58
N LEU O 84 47.60 58.31 27.40
CA LEU O 84 47.85 59.75 27.41
C LEU O 84 47.19 60.43 26.23
N LEU O 85 47.19 59.78 25.06
CA LEU O 85 46.52 60.33 23.90
C LEU O 85 45.00 60.33 24.06
N LYS O 86 44.46 59.32 24.73
CA LYS O 86 43.02 59.29 25.00
C LYS O 86 42.62 60.38 25.99
N LEU O 87 43.45 60.61 27.02
CA LEU O 87 43.18 61.69 27.97
C LEU O 87 43.28 63.05 27.30
N ARG O 88 44.26 63.22 26.39
CA ARG O 88 44.40 64.47 25.67
C ARG O 88 43.23 64.70 24.72
N GLN O 89 42.74 63.63 24.08
CA GLN O 89 41.61 63.74 23.18
C GLN O 89 40.34 64.11 23.94
N ALA O 90 40.15 63.51 25.13
CA ALA O 90 38.98 63.84 25.94
C ALA O 90 39.04 65.28 26.46
N LEU O 91 40.22 65.71 26.91
CA LEU O 91 40.34 67.07 27.44
C LEU O 91 40.26 68.11 26.34
N ASN O 92 40.63 67.74 25.11
CA ASN O 92 40.49 68.68 23.99
C ASN O 92 39.06 68.71 23.48
N SER O 93 38.36 67.57 23.52
CA SER O 93 36.98 67.54 23.05
C SER O 93 36.03 68.22 24.03
N SER O 94 36.36 68.18 25.34
CA SER O 94 35.55 68.86 26.34
C SER O 94 36.01 70.31 26.53
N ALA O 95 35.92 71.08 25.45
CA ALA O 95 36.34 72.49 25.48
C ALA O 95 35.55 73.25 24.43
N ASP O 96 35.62 74.58 24.53
CA ASP O 96 34.96 75.49 23.59
C ASP O 96 35.99 76.34 22.86
N GLY O 97 37.17 75.78 22.59
CA GLY O 97 38.25 76.56 22.02
C GLY O 97 39.01 77.38 23.03
N ARG O 98 38.88 77.09 24.33
CA ARG O 98 39.62 77.85 25.34
C ARG O 98 41.09 77.44 25.38
N TYR O 99 41.38 76.18 25.08
CA TYR O 99 42.75 75.68 25.15
C TYR O 99 42.95 74.60 24.10
N LYS O 100 44.21 74.21 23.91
CA LYS O 100 44.57 73.12 23.02
C LYS O 100 45.77 72.41 23.63
N LEU O 101 45.59 71.14 23.98
CA LEU O 101 46.61 70.39 24.71
C LEU O 101 47.48 69.58 23.75
N SER O 102 48.75 69.43 24.11
CA SER O 102 49.71 68.64 23.37
C SER O 102 50.38 67.64 24.31
N VAL O 103 51.23 66.79 23.73
CA VAL O 103 51.93 65.77 24.51
C VAL O 103 53.02 66.42 25.35
N ASN O 104 53.54 67.56 24.90
CA ASN O 104 54.61 68.26 25.62
C ASN O 104 54.13 68.81 26.96
N ASP O 105 52.84 69.12 27.08
CA ASP O 105 52.28 69.58 28.36
C ASP O 105 52.30 68.47 29.39
N PHE O 106 51.85 67.27 29.01
CA PHE O 106 51.90 66.11 29.90
C PHE O 106 53.33 65.74 30.22
N LEU O 107 54.24 65.89 29.25
CA LEU O 107 55.64 65.57 29.49
C LEU O 107 56.29 66.55 30.47
N ILE O 108 55.97 67.83 30.36
CA ILE O 108 56.53 68.84 31.26
C ILE O 108 55.97 68.65 32.67
N LYS O 109 54.67 68.34 32.78
CA LYS O 109 54.07 68.08 34.10
C LYS O 109 54.65 66.81 34.73
N ALA O 110 54.87 65.77 33.93
CA ALA O 110 55.46 64.53 34.46
C ALA O 110 56.91 64.73 34.84
N MET O 111 57.63 65.60 34.12
CA MET O 111 58.99 65.94 34.50
C MET O 111 59.03 66.70 35.82
N GLY O 112 58.05 67.58 36.03
CA GLY O 112 57.96 68.27 37.31
C GLY O 112 57.65 67.33 38.47
N ILE O 113 56.74 66.39 38.24
CA ILE O 113 56.39 65.41 39.27
C ILE O 113 57.59 64.50 39.59
N ALA O 114 58.30 64.06 38.55
CA ALA O 114 59.45 63.19 38.75
C ALA O 114 60.62 63.91 39.40
N SER O 115 60.83 65.19 39.07
CA SER O 115 61.89 65.95 39.70
C SER O 115 61.54 66.32 41.13
N LYS O 116 60.25 66.43 41.46
CA LYS O 116 59.86 66.62 42.85
C LYS O 116 60.03 65.33 43.65
N ARG O 117 59.76 64.18 43.04
CA ARG O 117 59.92 62.91 43.75
C ARG O 117 61.39 62.52 43.92
N VAL O 118 62.23 62.77 42.92
CA VAL O 118 63.66 62.52 43.02
C VAL O 118 64.38 63.87 42.94
N PRO O 119 64.66 64.53 44.07
CA PRO O 119 65.22 65.88 44.02
C PRO O 119 66.71 65.94 43.72
N THR O 120 67.39 64.79 43.59
CA THR O 120 68.81 64.80 43.28
C THR O 120 69.07 65.22 41.84
N VAL O 121 68.15 64.89 40.92
CA VAL O 121 68.29 65.28 39.52
C VAL O 121 68.07 66.78 39.35
N ASN O 122 67.25 67.39 40.20
CA ASN O 122 66.98 68.82 40.14
C ASN O 122 68.07 69.56 40.92
N SER O 123 69.24 69.62 40.33
CA SER O 123 70.41 70.22 40.99
C SER O 123 71.34 70.78 39.92
N SER O 124 72.53 71.20 40.35
CA SER O 124 73.54 71.80 39.49
C SER O 124 74.92 71.46 40.05
N TRP O 125 75.93 72.21 39.62
CA TRP O 125 77.29 72.01 40.08
C TRP O 125 77.96 73.37 40.17
N ARG O 126 78.32 73.77 41.40
CA ARG O 126 78.77 75.13 41.71
C ARG O 126 80.12 75.10 42.42
N ASP O 127 80.53 76.22 43.01
CA ASP O 127 81.85 76.36 43.62
C ASP O 127 81.93 75.49 44.86
N GLY O 128 82.38 74.25 44.68
CA GLY O 128 82.53 73.31 45.77
C GLY O 128 81.24 72.90 46.44
N VAL O 129 80.10 73.04 45.76
CA VAL O 129 78.80 72.96 46.39
C VAL O 129 77.76 72.56 45.35
N ILE O 130 76.75 71.82 45.79
CA ILE O 130 75.64 71.38 44.97
C ILE O 130 74.45 72.28 45.28
N ARG O 131 73.93 72.97 44.26
CA ARG O 131 72.79 73.86 44.46
C ARG O 131 71.51 73.11 44.10
N GLN O 132 70.65 72.90 45.10
CA GLN O 132 69.43 72.12 44.97
C GLN O 132 68.23 73.04 45.11
N PHE O 133 67.38 73.07 44.09
CA PHE O 133 66.19 73.91 44.05
C PHE O 133 64.98 73.16 44.56
N GLU O 134 63.93 73.92 44.89
CA GLU O 134 62.63 73.34 45.23
C GLU O 134 61.73 73.21 44.01
N THR O 135 61.50 74.31 43.30
CA THR O 135 60.60 74.31 42.16
C THR O 135 61.30 73.77 40.92
N VAL O 136 60.51 73.22 40.00
CA VAL O 136 61.02 72.68 38.74
C VAL O 136 60.79 73.75 37.68
N ASP O 137 61.87 74.33 37.18
CA ASP O 137 61.82 75.30 36.09
C ASP O 137 62.30 74.58 34.83
N VAL O 138 61.41 74.42 33.86
CA VAL O 138 61.65 73.56 32.70
C VAL O 138 61.97 74.44 31.50
N SER O 139 63.16 74.26 30.92
CA SER O 139 63.56 74.97 29.72
C SER O 139 63.12 74.16 28.50
N VAL O 140 62.32 74.77 27.63
CA VAL O 140 61.79 74.09 26.44
C VAL O 140 62.51 74.65 25.22
N ALA O 141 63.03 73.75 24.39
CA ALA O 141 63.76 74.15 23.21
C ALA O 141 62.81 74.53 22.08
N VAL O 142 63.00 75.72 21.50
CA VAL O 142 62.20 76.20 20.39
C VAL O 142 63.11 76.36 19.19
N ALA O 143 62.70 75.77 18.07
CA ALA O 143 63.50 75.77 16.84
C ALA O 143 63.13 77.01 16.02
N THR O 144 64.01 78.01 16.03
CA THR O 144 63.93 79.23 15.26
C THR O 144 64.91 79.19 14.09
N PRO O 145 64.68 79.94 13.01
CA PRO O 145 65.64 79.94 11.90
C PRO O 145 67.00 80.54 12.25
N ASN O 146 67.11 81.26 13.37
CA ASN O 146 68.38 81.69 13.93
C ASN O 146 68.93 80.70 14.96
N GLY O 147 68.58 79.43 14.84
CA GLY O 147 69.19 78.40 15.67
C GLY O 147 68.33 77.81 16.75
N LEU O 148 68.72 77.98 18.01
CA LEU O 148 68.05 77.34 19.13
C LEU O 148 67.97 78.30 20.30
N ILE O 149 66.81 78.31 20.96
CA ILE O 149 66.62 79.09 22.18
C ILE O 149 65.83 78.23 23.15
N THR O 150 66.01 78.46 24.45
CA THR O 150 65.35 77.68 25.50
C THR O 150 64.64 78.63 26.47
N PRO O 151 63.41 79.05 26.18
CA PRO O 151 62.62 79.76 27.18
C PRO O 151 62.17 78.83 28.30
N ILE O 152 61.98 79.41 29.48
CA ILE O 152 61.77 78.66 30.71
C ILE O 152 60.33 78.82 31.17
N VAL O 153 59.69 77.71 31.51
CA VAL O 153 58.42 77.67 32.21
C VAL O 153 58.75 77.53 33.69
N LYS O 154 58.37 78.54 34.48
CA LYS O 154 58.72 78.60 35.89
C LYS O 154 57.61 78.02 36.74
N GLY O 155 57.99 77.27 37.77
CA GLY O 155 57.05 76.68 38.72
C GLY O 155 56.13 75.66 38.08
N VAL O 156 56.70 74.57 37.58
CA VAL O 156 55.94 73.60 36.79
C VAL O 156 55.02 72.78 37.68
N GLU O 157 55.52 72.28 38.81
CA GLU O 157 54.68 71.51 39.71
C GLU O 157 53.68 72.45 40.38
N GLY O 158 52.42 72.00 40.45
CA GLY O 158 51.34 72.84 40.93
C GLY O 158 51.06 74.05 40.07
N LYS O 159 50.94 73.87 38.76
CA LYS O 159 50.67 75.00 37.87
C LYS O 159 49.41 74.83 37.03
N GLY O 160 49.18 73.64 36.50
CA GLY O 160 48.01 73.43 35.66
C GLY O 160 48.39 73.28 34.20
N LEU O 161 47.69 72.37 33.52
CA LEU O 161 48.02 72.03 32.14
C LEU O 161 47.66 73.16 31.18
N GLU O 162 46.58 73.89 31.47
CA GLU O 162 46.21 75.01 30.62
C GLU O 162 47.18 76.18 30.78
N SER O 163 47.67 76.39 32.01
CA SER O 163 48.69 77.41 32.24
C SER O 163 50.00 77.03 31.57
N ILE O 164 50.36 75.74 31.60
CA ILE O 164 51.57 75.28 30.94
C ILE O 164 51.46 75.45 29.42
N SER O 165 50.30 75.09 28.86
CA SER O 165 50.07 75.25 27.42
C SER O 165 50.10 76.71 26.99
N ALA O 166 49.51 77.58 27.81
CA ALA O 166 49.51 79.01 27.52
C ALA O 166 50.91 79.59 27.57
N ALA O 167 51.69 79.21 28.58
CA ALA O 167 53.05 79.73 28.71
C ALA O 167 53.96 79.21 27.59
N VAL O 168 53.78 77.95 27.20
CA VAL O 168 54.57 77.38 26.11
C VAL O 168 54.22 78.04 24.79
N LYS O 169 52.94 78.32 24.55
CA LYS O 169 52.54 79.00 23.31
C LYS O 169 53.04 80.44 23.27
N GLU O 170 52.92 81.16 24.40
CA GLU O 170 53.46 82.51 24.52
C GLU O 170 54.96 82.56 24.24
N LEU O 171 55.72 81.69 24.90
CA LEU O 171 57.17 81.70 24.75
C LEU O 171 57.61 81.24 23.36
N ALA O 172 56.86 80.31 22.75
CA ALA O 172 57.22 79.85 21.41
C ALA O 172 56.95 80.92 20.36
N LYS O 173 55.81 81.62 20.45
CA LYS O 173 55.53 82.65 19.46
C LYS O 173 56.43 83.86 19.67
N LYS O 174 56.82 84.12 20.92
CA LYS O 174 57.78 85.21 21.15
C LYS O 174 59.19 84.81 20.75
N ALA O 175 59.49 83.51 20.74
CA ALA O 175 60.78 83.05 20.23
C ALA O 175 60.82 83.14 18.71
N ARG O 176 59.67 82.90 18.06
CA ARG O 176 59.61 83.07 16.61
C ARG O 176 59.66 84.54 16.21
N ASP O 177 59.09 85.43 17.03
CA ASP O 177 59.22 86.86 16.77
C ASP O 177 60.51 87.48 17.28
N GLY O 178 61.27 86.78 18.12
CA GLY O 178 62.55 87.26 18.61
C GLY O 178 62.45 88.41 19.59
N LYS O 179 61.61 88.27 20.62
CA LYS O 179 61.29 89.37 21.53
C LYS O 179 61.44 88.94 22.98
N LEU O 180 62.59 88.37 23.33
CA LEU O 180 62.80 87.81 24.67
C LEU O 180 63.73 88.68 25.50
N LYS O 181 63.55 88.63 26.81
CA LYS O 181 64.40 89.14 27.87
C LYS O 181 65.38 88.05 28.30
N PRO O 182 66.59 88.42 28.75
CA PRO O 182 67.57 87.39 29.15
C PRO O 182 67.16 86.58 30.38
N GLU O 183 66.29 87.13 31.23
CA GLU O 183 65.74 86.38 32.36
C GLU O 183 64.72 85.34 31.94
N GLU O 184 64.27 85.35 30.68
CA GLU O 184 63.33 84.35 30.20
C GLU O 184 64.01 83.14 29.58
N TYR O 185 65.31 83.23 29.25
CA TYR O 185 66.00 82.08 28.70
C TYR O 185 67.35 81.84 29.37
N GLN O 186 67.60 82.51 30.50
CA GLN O 186 68.84 82.29 31.27
C GLN O 186 68.45 81.78 32.65
N GLY O 187 68.68 80.50 32.89
CA GLY O 187 68.33 79.89 34.16
C GLY O 187 67.83 78.46 33.98
N GLY O 188 66.79 78.10 34.72
CA GLY O 188 66.21 76.77 34.61
C GLY O 188 66.96 75.70 35.38
N SER O 189 66.26 74.63 35.74
CA SER O 189 66.86 73.52 36.45
C SER O 189 66.92 72.23 35.65
N ILE O 190 66.08 72.10 34.61
CA ILE O 190 66.06 70.91 33.76
C ILE O 190 65.55 71.33 32.39
N SER O 191 65.92 70.58 31.36
CA SER O 191 65.60 70.90 29.97
C SER O 191 64.87 69.74 29.32
N ILE O 192 64.29 70.02 28.15
CA ILE O 192 63.63 68.99 27.34
C ILE O 192 63.74 69.40 25.87
N SER O 193 64.12 68.44 25.04
CA SER O 193 64.20 68.63 23.59
C SER O 193 63.15 67.76 22.93
N ASN O 194 62.34 68.35 22.07
CA ASN O 194 61.17 67.71 21.49
C ASN O 194 61.36 67.58 19.99
N MET O 195 61.19 66.37 19.46
CA MET O 195 61.29 66.11 18.03
C MET O 195 60.17 65.19 17.57
N GLY O 196 58.95 65.42 18.06
CA GLY O 196 57.82 64.60 17.66
C GLY O 196 57.22 64.99 16.33
N MET O 197 57.52 66.19 15.84
CA MET O 197 56.97 66.63 14.55
C MET O 197 57.68 65.92 13.39
N ASN O 198 58.90 65.45 13.62
CA ASN O 198 59.65 64.69 12.62
C ASN O 198 59.41 63.21 12.86
N PRO O 199 58.71 62.52 11.95
CA PRO O 199 58.42 61.09 12.18
C PRO O 199 59.60 60.17 11.92
N ALA O 200 60.71 60.68 11.42
CA ALA O 200 61.87 59.83 11.14
C ALA O 200 62.70 59.59 12.39
N VAL O 201 62.73 60.54 13.32
CA VAL O 201 63.59 60.46 14.48
C VAL O 201 62.99 59.46 15.47
N GLN O 202 63.51 58.24 15.47
CA GLN O 202 63.08 57.25 16.45
C GLN O 202 63.68 57.54 17.82
N SER O 203 64.96 57.95 17.84
CA SER O 203 65.65 58.22 19.09
C SER O 203 66.79 59.18 18.80
N PHE O 204 67.08 60.05 19.77
CA PHE O 204 68.23 60.94 19.66
C PHE O 204 68.68 61.33 21.06
N THR O 205 69.93 61.78 21.16
CA THR O 205 70.49 62.29 22.39
C THR O 205 70.68 63.80 22.29
N ALA O 206 70.81 64.44 23.44
CA ALA O 206 70.99 65.88 23.50
C ALA O 206 72.17 66.20 24.41
N ILE O 207 72.65 67.43 24.29
CA ILE O 207 73.76 67.93 25.11
C ILE O 207 73.18 68.76 26.24
N ILE O 208 73.68 68.52 27.45
CA ILE O 208 73.15 69.19 28.63
C ILE O 208 73.57 70.67 28.63
N ASN O 209 72.58 71.55 28.76
CA ASN O 209 72.86 72.97 28.86
C ASN O 209 73.45 73.27 30.23
N PRO O 210 74.64 73.86 30.31
CA PRO O 210 75.21 74.17 31.61
C PRO O 210 74.50 75.36 32.24
N PRO O 211 74.41 75.41 33.57
CA PRO O 211 74.94 74.45 34.54
C PRO O 211 73.92 73.41 35.02
N GLN O 212 72.98 73.01 34.17
CA GLN O 212 71.98 72.04 34.60
C GLN O 212 72.59 70.63 34.65
N ALA O 213 71.81 69.69 35.19
CA ALA O 213 72.30 68.35 35.44
C ALA O 213 71.71 67.28 34.53
N ALA O 214 70.59 67.55 33.87
CA ALA O 214 69.95 66.55 33.04
C ALA O 214 69.25 67.22 31.86
N ILE O 215 69.03 66.44 30.81
CA ILE O 215 68.24 66.91 29.66
C ILE O 215 67.44 65.72 29.12
N LEU O 216 66.22 65.99 28.68
CA LEU O 216 65.36 64.97 28.13
C LEU O 216 65.34 65.08 26.60
N ALA O 217 65.09 63.95 25.93
CA ALA O 217 65.01 63.90 24.47
C ALA O 217 63.91 62.94 24.10
N VAL O 218 62.93 63.40 23.32
CA VAL O 218 61.71 62.66 23.05
C VAL O 218 61.61 62.37 21.56
N GLY O 219 61.51 61.09 21.19
CA GLY O 219 61.46 60.71 19.79
C GLY O 219 60.04 60.56 19.30
N ALA O 220 59.93 60.34 17.99
CA ALA O 220 58.63 60.19 17.33
C ALA O 220 57.94 58.91 17.79
N PRO O 221 56.62 58.95 17.93
CA PRO O 221 55.89 57.73 18.30
C PRO O 221 55.81 56.74 17.16
N GLN O 222 55.84 55.46 17.51
CA GLN O 222 55.77 54.36 16.56
C GLN O 222 54.88 53.25 17.11
N LYS O 223 54.38 52.39 16.23
CA LYS O 223 53.55 51.26 16.64
C LYS O 223 54.43 50.07 16.96
N VAL O 224 54.35 49.58 18.20
CA VAL O 224 55.12 48.43 18.66
C VAL O 224 54.16 47.32 19.05
N ALA O 225 54.46 46.10 18.62
CA ALA O 225 53.63 44.95 18.96
C ALA O 225 53.80 44.57 20.43
N VAL O 226 52.68 44.51 21.14
CA VAL O 226 52.66 44.26 22.58
C VAL O 226 51.70 43.10 22.85
N PRO O 227 52.10 42.09 23.64
CA PRO O 227 51.22 40.94 23.87
C PRO O 227 50.02 41.29 24.73
N VAL O 228 48.93 40.56 24.49
CA VAL O 228 47.67 40.77 25.20
C VAL O 228 47.00 39.41 25.40
N GLU O 229 46.39 39.22 26.56
CA GLU O 229 45.57 38.05 26.80
C GLU O 229 44.15 38.35 26.35
N ASN O 230 43.51 37.40 25.70
CA ASN O 230 42.08 37.47 25.47
C ASN O 230 41.39 36.89 26.70
N GLU O 231 40.07 36.70 26.62
CA GLU O 231 39.35 36.09 27.73
C GLU O 231 39.47 34.57 27.75
N ASP O 232 40.25 33.98 26.84
CA ASP O 232 40.67 32.59 26.94
C ASP O 232 42.19 32.55 27.18
N GLY O 233 42.74 31.34 27.19
CA GLY O 233 44.11 31.14 27.65
C GLY O 233 45.21 31.62 26.71
N THR O 234 44.90 31.83 25.43
CA THR O 234 45.95 32.12 24.46
C THR O 234 46.36 33.58 24.52
N THR O 235 47.55 33.88 23.98
CA THR O 235 48.04 35.24 23.87
C THR O 235 47.74 35.81 22.50
N GLY O 236 47.80 37.14 22.39
CA GLY O 236 47.48 37.83 21.15
C GLY O 236 48.50 38.90 20.82
N VAL O 237 48.20 39.65 19.76
CA VAL O 237 49.02 40.77 19.32
C VAL O 237 48.17 42.03 19.42
N SER O 238 48.60 42.96 20.26
CA SER O 238 48.02 44.29 20.34
C SER O 238 49.05 45.31 19.89
N TRP O 239 48.57 46.41 19.32
CA TRP O 239 49.44 47.45 18.79
C TRP O 239 49.41 48.65 19.72
N ASP O 240 50.56 48.94 20.32
CA ASP O 240 50.70 50.00 21.32
C ASP O 240 51.52 51.14 20.75
N GLU O 241 51.12 52.37 21.08
CA GLU O 241 51.84 53.56 20.66
C GLU O 241 52.96 53.83 21.68
N GLN O 242 54.20 53.66 21.26
CA GLN O 242 55.34 53.85 22.14
C GLN O 242 56.21 55.00 21.68
N ILE O 243 56.86 55.65 22.64
CA ILE O 243 57.73 56.80 22.40
C ILE O 243 59.06 56.52 23.09
N ILE O 244 60.16 56.62 22.35
CA ILE O 244 61.49 56.39 22.91
C ILE O 244 61.96 57.70 23.54
N VAL O 245 62.27 57.64 24.82
CA VAL O 245 62.68 58.80 25.61
C VAL O 245 64.08 58.54 26.13
N THR O 246 65.03 59.42 25.80
CA THR O 246 66.42 59.31 26.22
C THR O 246 66.75 60.48 27.14
N ALA O 247 67.18 60.18 28.35
CA ALA O 247 67.56 61.21 29.32
C ALA O 247 69.08 61.17 29.50
N SER O 248 69.72 62.30 29.25
CA SER O 248 71.16 62.45 29.41
C SER O 248 71.44 63.10 30.76
N PHE O 249 72.21 62.42 31.60
CA PHE O 249 72.56 62.90 32.93
C PHE O 249 74.05 63.20 33.03
N ASP O 250 74.38 64.07 33.97
CA ASP O 250 75.75 64.39 34.34
C ASP O 250 76.14 63.50 35.52
N HIS O 251 77.27 62.80 35.40
CA HIS O 251 77.63 61.81 36.40
C HIS O 251 78.25 62.41 37.64
N LYS O 252 78.57 63.70 37.64
CA LYS O 252 79.09 64.33 38.85
C LYS O 252 77.99 64.53 39.89
N VAL O 253 76.74 64.70 39.45
CA VAL O 253 75.61 64.94 40.33
C VAL O 253 74.71 63.71 40.43
N VAL O 254 74.35 63.11 39.30
CA VAL O 254 73.38 62.03 39.24
C VAL O 254 74.11 60.74 38.93
N ASP O 255 73.89 59.71 39.75
CA ASP O 255 74.39 58.39 39.44
C ASP O 255 73.37 57.60 38.63
N GLY O 256 73.76 56.38 38.25
CA GLY O 256 72.92 55.57 37.39
C GLY O 256 71.66 55.08 38.07
N ALA O 257 71.75 54.77 39.37
CA ALA O 257 70.56 54.36 40.12
C ALA O 257 69.59 55.51 40.32
N VAL O 258 70.11 56.72 40.53
CA VAL O 258 69.25 57.90 40.68
C VAL O 258 68.57 58.24 39.35
N GLY O 259 69.32 58.13 38.24
CA GLY O 259 68.72 58.34 36.94
C GLY O 259 67.69 57.28 36.58
N ALA O 260 67.93 56.04 37.02
CA ALA O 260 66.97 54.97 36.78
C ALA O 260 65.71 55.15 37.61
N GLU O 261 65.85 55.65 38.84
CA GLU O 261 64.67 55.97 39.65
C GLU O 261 63.87 57.12 39.06
N TRP O 262 64.56 58.15 38.55
CA TRP O 262 63.89 59.26 37.90
C TRP O 262 63.15 58.80 36.64
N ILE O 263 63.79 57.95 35.84
CA ILE O 263 63.16 57.40 34.64
C ILE O 263 61.97 56.51 35.00
N ARG O 264 62.08 55.75 36.10
CA ARG O 264 60.98 54.89 36.53
C ARG O 264 59.78 55.69 37.01
N GLU O 265 60.02 56.78 37.75
CA GLU O 265 58.92 57.62 38.21
C GLU O 265 58.28 58.36 37.05
N LEU O 266 59.09 58.81 36.09
CA LEU O 266 58.55 59.46 34.88
C LEU O 266 57.70 58.49 34.06
N LYS O 267 58.17 57.24 33.92
CA LYS O 267 57.42 56.22 33.20
C LYS O 267 56.13 55.85 33.93
N LYS O 268 56.16 55.85 35.26
CA LYS O 268 54.96 55.56 36.05
C LYS O 268 53.91 56.65 35.87
N VAL O 269 54.33 57.91 35.97
CA VAL O 269 53.39 59.03 35.83
C VAL O 269 52.87 59.13 34.39
N ILE O 270 53.69 58.76 33.40
CA ILE O 270 53.22 58.81 32.02
C ILE O 270 52.26 57.67 31.70
N GLU O 271 52.62 56.45 32.09
CA GLU O 271 51.78 55.30 31.77
C GLU O 271 50.56 55.16 32.67
N ASN O 272 50.50 55.90 33.78
CA ASN O 272 49.27 56.03 34.57
C ASN O 272 48.92 57.51 34.59
N PRO O 273 48.11 57.97 33.65
CA PRO O 273 47.88 59.42 33.51
C PRO O 273 47.01 60.02 34.60
N LEU O 274 46.35 59.20 35.42
CA LEU O 274 45.58 59.71 36.54
C LEU O 274 46.47 60.14 37.70
N GLU O 275 47.76 59.77 37.68
CA GLU O 275 48.69 60.18 38.72
C GLU O 275 49.18 61.62 38.54
N LEU O 276 48.79 62.30 37.47
CA LEU O 276 49.12 63.71 37.30
C LEU O 276 48.31 64.60 38.23
N LEU O 277 47.21 64.08 38.78
CA LEU O 277 46.46 64.81 39.79
C LEU O 277 47.26 64.93 41.09
N LEU O 278 47.89 63.84 41.50
CA LEU O 278 48.67 63.81 42.73
C LEU O 278 50.04 64.45 42.51
N TYR P 47 100.82 41.55 32.17
CA TYR P 47 101.64 40.36 31.92
C TYR P 47 102.39 40.51 30.61
N THR P 48 101.69 40.27 29.50
CA THR P 48 102.27 40.48 28.19
C THR P 48 102.11 41.94 27.80
N ASP P 49 103.24 42.57 27.47
CA ASP P 49 103.37 44.02 27.33
C ASP P 49 103.97 44.37 25.99
N VAL P 50 103.34 43.89 24.90
CA VAL P 50 103.69 44.29 23.54
C VAL P 50 103.50 45.80 23.42
N PRO P 51 104.42 46.51 22.75
CA PRO P 51 104.33 47.96 22.69
C PRO P 51 103.37 48.43 21.59
N ILE P 52 103.04 49.72 21.66
CA ILE P 52 102.19 50.34 20.66
C ILE P 52 102.97 50.48 19.37
N SER P 53 102.28 50.29 18.23
CA SER P 53 102.95 50.28 16.94
C SER P 53 103.49 51.65 16.54
N GLY P 54 102.94 52.73 17.11
CA GLY P 54 103.36 54.07 16.73
C GLY P 54 102.39 54.65 15.71
N MET P 55 101.93 53.81 14.79
CA MET P 55 100.85 54.18 13.89
C MET P 55 99.53 54.35 14.64
N ARG P 56 99.30 53.54 15.67
CA ARG P 56 98.12 53.66 16.52
C ARG P 56 98.11 54.96 17.33
N LYS P 57 99.28 55.53 17.61
CA LYS P 57 99.35 56.74 18.43
C LYS P 57 98.76 57.94 17.69
N THR P 58 98.98 58.02 16.38
CA THR P 58 98.40 59.10 15.58
C THR P 58 96.89 58.98 15.48
N ILE P 59 96.36 57.75 15.34
CA ILE P 59 94.91 57.56 15.29
C ILE P 59 94.29 57.84 16.65
N ALA P 60 95.01 57.51 17.74
CA ALA P 60 94.51 57.80 19.08
C ALA P 60 94.47 59.31 19.34
N ALA P 61 95.50 60.03 18.90
CA ALA P 61 95.51 61.48 19.02
C ALA P 61 94.44 62.12 18.15
N ARG P 62 94.19 61.54 16.97
CA ARG P 62 93.16 62.08 16.07
C ARG P 62 91.76 61.88 16.64
N LEU P 63 91.49 60.70 17.20
CA LEU P 63 90.20 60.46 17.85
C LEU P 63 90.05 61.30 19.11
N LYS P 64 91.16 61.57 19.80
CA LYS P 64 91.13 62.50 20.92
C LYS P 64 90.76 63.91 20.47
N GLU P 65 91.35 64.37 19.36
CA GLU P 65 90.99 65.68 18.78
C GLU P 65 89.53 65.72 18.40
N SER P 66 89.02 64.63 17.83
CA SER P 66 87.63 64.57 17.40
C SER P 66 86.68 64.67 18.58
N VAL P 67 86.92 63.90 19.64
CA VAL P 67 86.00 63.91 20.78
C VAL P 67 86.19 65.15 21.64
N THR P 68 87.33 65.83 21.52
CA THR P 68 87.52 67.00 22.39
C THR P 68 87.16 68.30 21.68
N GLU P 69 87.06 68.29 20.35
CA GLU P 69 86.72 69.54 19.67
C GLU P 69 85.35 69.46 19.02
N ASN P 70 84.82 68.24 18.85
CA ASN P 70 83.51 68.05 18.27
C ASN P 70 82.54 67.57 19.33
N PRO P 71 81.61 68.41 19.81
CA PRO P 71 80.54 67.90 20.68
C PRO P 71 79.53 67.08 19.89
N HIS P 72 79.63 65.75 20.01
CA HIS P 72 78.81 64.86 19.20
C HIS P 72 77.39 64.77 19.76
N PHE P 73 76.44 64.57 18.85
CA PHE P 73 75.11 64.13 19.26
C PHE P 73 74.58 63.17 18.20
N PHE P 74 73.88 62.14 18.65
CA PHE P 74 73.45 61.05 17.80
C PHE P 74 71.96 61.17 17.49
N VAL P 75 71.60 60.83 16.26
CA VAL P 75 70.21 60.74 15.82
C VAL P 75 70.00 59.35 15.23
N SER P 76 69.07 58.59 15.80
CA SER P 76 68.83 57.22 15.38
C SER P 76 67.51 57.12 14.63
N THR P 77 67.46 56.19 13.68
CA THR P 77 66.26 55.94 12.90
C THR P 77 66.25 54.49 12.47
N ASN P 78 65.09 54.03 11.98
CA ASN P 78 64.95 52.68 11.45
C ASN P 78 64.48 52.79 10.00
N LEU P 79 65.33 52.35 9.08
CA LEU P 79 65.02 52.38 7.66
C LEU P 79 64.44 51.04 7.25
N SER P 80 63.32 51.07 6.54
CA SER P 80 62.75 49.86 5.96
C SER P 80 63.37 49.60 4.60
N VAL P 81 63.97 48.43 4.43
CA VAL P 81 64.73 48.10 3.23
C VAL P 81 64.09 46.94 2.46
N SER P 82 62.80 46.67 2.70
CA SER P 82 62.13 45.57 2.04
C SER P 82 61.91 45.84 0.56
N LYS P 83 61.78 47.11 0.17
CA LYS P 83 61.70 47.46 -1.24
C LYS P 83 63.08 47.65 -1.85
N LEU P 84 64.05 48.09 -1.04
CA LEU P 84 65.42 48.26 -1.51
C LEU P 84 66.05 46.91 -1.85
N LEU P 85 65.74 45.88 -1.06
CA LEU P 85 66.25 44.55 -1.35
C LEU P 85 65.61 43.96 -2.60
N LYS P 86 64.33 44.27 -2.85
CA LYS P 86 63.67 43.82 -4.08
C LYS P 86 64.25 44.51 -5.30
N LEU P 87 64.53 45.81 -5.18
CA LEU P 87 65.15 46.55 -6.29
C LEU P 87 66.58 46.04 -6.56
N ARG P 88 67.32 45.72 -5.50
CA ARG P 88 68.66 45.17 -5.66
C ARG P 88 68.62 43.79 -6.29
N GLN P 89 67.63 42.96 -5.91
CA GLN P 89 67.49 41.64 -6.48
C GLN P 89 67.14 41.70 -7.96
N ALA P 90 66.25 42.64 -8.32
CA ALA P 90 65.89 42.80 -9.73
C ALA P 90 67.05 43.31 -10.56
N LEU P 91 67.80 44.28 -10.03
CA LEU P 91 68.93 44.84 -10.77
C LEU P 91 70.09 43.85 -10.87
N ASN P 92 70.21 42.94 -9.89
CA ASN P 92 71.24 41.91 -9.96
C ASN P 92 70.83 40.78 -10.88
N SER P 93 69.52 40.46 -10.93
CA SER P 93 69.07 39.39 -11.79
C SER P 93 69.05 39.81 -13.26
N SER P 94 68.84 41.10 -13.53
CA SER P 94 68.89 41.61 -14.90
C SER P 94 70.31 42.03 -15.28
N ALA P 95 71.22 41.06 -15.27
CA ALA P 95 72.61 41.31 -15.59
C ALA P 95 73.24 40.03 -16.12
N ASP P 96 74.41 40.18 -16.74
CA ASP P 96 75.18 39.06 -17.26
C ASP P 96 76.52 38.93 -16.55
N GLY P 97 76.55 39.24 -15.26
CA GLY P 97 77.81 39.29 -14.54
C GLY P 97 78.61 40.56 -14.73
N ARG P 98 77.99 41.62 -15.25
CA ARG P 98 78.71 42.88 -15.43
C ARG P 98 78.91 43.60 -14.12
N TYR P 99 77.99 43.45 -13.17
CA TYR P 99 78.07 44.17 -11.91
C TYR P 99 77.44 43.32 -10.82
N LYS P 100 77.64 43.74 -9.57
CA LYS P 100 77.03 43.12 -8.41
C LYS P 100 76.73 44.22 -7.40
N LEU P 101 75.44 44.41 -7.10
CA LEU P 101 75.01 45.52 -6.26
C LEU P 101 74.86 45.08 -4.80
N SER P 102 75.15 46.00 -3.90
CA SER P 102 75.00 45.79 -2.47
C SER P 102 74.16 46.91 -1.87
N VAL P 103 73.88 46.79 -0.58
CA VAL P 103 73.07 47.80 0.12
C VAL P 103 73.88 49.08 0.33
N ASN P 104 75.20 48.96 0.39
CA ASN P 104 76.06 50.11 0.60
C ASN P 104 76.05 51.06 -0.58
N ASP P 105 75.78 50.56 -1.79
CA ASP P 105 75.67 51.41 -2.96
C ASP P 105 74.45 52.32 -2.87
N PHE P 106 73.29 51.74 -2.52
CA PHE P 106 72.08 52.51 -2.31
C PHE P 106 72.23 53.48 -1.14
N LEU P 107 72.96 53.07 -0.10
CA LEU P 107 73.17 53.94 1.04
C LEU P 107 74.06 55.14 0.70
N ILE P 108 75.10 54.90 -0.11
CA ILE P 108 76.00 55.99 -0.52
C ILE P 108 75.28 56.95 -1.46
N LYS P 109 74.46 56.42 -2.38
CA LYS P 109 73.69 57.29 -3.27
C LYS P 109 72.64 58.09 -2.50
N ALA P 110 71.99 57.47 -1.50
CA ALA P 110 71.00 58.19 -0.71
C ALA P 110 71.66 59.23 0.19
N MET P 111 72.88 58.96 0.66
CA MET P 111 73.64 59.94 1.41
C MET P 111 74.01 61.14 0.54
N GLY P 112 74.36 60.88 -0.73
CA GLY P 112 74.63 61.97 -1.65
C GLY P 112 73.41 62.82 -1.94
N ILE P 113 72.24 62.16 -2.12
CA ILE P 113 71.00 62.88 -2.38
C ILE P 113 70.59 63.71 -1.16
N ALA P 114 70.73 63.12 0.04
CA ALA P 114 70.37 63.84 1.26
C ALA P 114 71.31 64.98 1.57
N SER P 115 72.61 64.81 1.29
CA SER P 115 73.56 65.91 1.50
C SER P 115 73.41 67.00 0.45
N LYS P 116 72.92 66.67 -0.73
CA LYS P 116 72.60 67.71 -1.70
C LYS P 116 71.34 68.46 -1.32
N ARG P 117 70.35 67.77 -0.75
CA ARG P 117 69.12 68.45 -0.32
C ARG P 117 69.31 69.28 0.93
N VAL P 118 70.10 68.82 1.90
CA VAL P 118 70.42 69.60 3.08
C VAL P 118 71.93 69.89 3.06
N PRO P 119 72.35 71.03 2.50
CA PRO P 119 73.79 71.28 2.35
C PRO P 119 74.49 71.74 3.61
N THR P 120 73.78 71.92 4.72
CA THR P 120 74.43 72.34 5.96
C THR P 120 75.24 71.20 6.57
N VAL P 121 74.80 69.96 6.38
CA VAL P 121 75.54 68.80 6.90
C VAL P 121 76.82 68.58 6.10
N ASN P 122 76.82 68.94 4.83
CA ASN P 122 78.01 68.79 3.97
C ASN P 122 78.90 70.01 4.16
N SER P 123 79.56 70.06 5.32
CA SER P 123 80.40 71.20 5.67
C SER P 123 81.53 70.73 6.58
N SER P 124 82.26 71.69 7.15
CA SER P 124 83.40 71.43 8.02
C SER P 124 83.51 72.57 9.02
N TRP P 125 84.67 72.69 9.65
CA TRP P 125 84.94 73.75 10.62
C TRP P 125 86.38 74.19 10.47
N ARG P 126 86.59 75.44 10.06
CA ARG P 126 87.89 75.95 9.65
C ARG P 126 88.24 77.22 10.43
N ASP P 127 89.26 77.96 9.98
CA ASP P 127 89.76 79.13 10.69
C ASP P 127 88.73 80.25 10.65
N GLY P 128 87.84 80.27 11.65
CA GLY P 128 86.80 81.28 11.74
C GLY P 128 85.77 81.24 10.64
N VAL P 129 85.62 80.10 9.97
CA VAL P 129 84.87 80.03 8.72
C VAL P 129 84.36 78.61 8.53
N ILE P 130 83.19 78.50 7.89
CA ILE P 130 82.55 77.23 7.57
C ILE P 130 82.81 76.94 6.09
N ARG P 131 83.46 75.83 5.80
CA ARG P 131 83.74 75.47 4.41
C ARG P 131 82.67 74.53 3.90
N GLN P 132 81.90 75.00 2.91
CA GLN P 132 80.76 74.27 2.37
C GLN P 132 81.07 73.84 0.94
N PHE P 133 81.00 72.54 0.69
CA PHE P 133 81.29 71.95 -0.61
C PHE P 133 80.01 71.79 -1.43
N GLU P 134 80.19 71.61 -2.75
CA GLU P 134 79.09 71.27 -3.64
C GLU P 134 78.91 69.76 -3.77
N THR P 135 79.96 69.04 -4.16
CA THR P 135 79.87 67.61 -4.39
C THR P 135 79.97 66.86 -3.07
N VAL P 136 79.38 65.66 -3.05
CA VAL P 136 79.40 64.78 -1.89
C VAL P 136 80.52 63.77 -2.12
N ASP P 137 81.58 63.86 -1.32
CA ASP P 137 82.67 62.90 -1.36
C ASP P 137 82.54 62.01 -0.12
N VAL P 138 82.27 60.73 -0.35
CA VAL P 138 81.88 59.81 0.73
C VAL P 138 83.06 58.92 1.07
N SER P 139 83.52 58.99 2.32
CA SER P 139 84.59 58.14 2.81
C SER P 139 83.98 56.84 3.36
N VAL P 140 84.42 55.70 2.81
CA VAL P 140 83.89 54.40 3.20
C VAL P 140 84.95 53.68 4.01
N ALA P 141 84.56 53.18 5.18
CA ALA P 141 85.50 52.51 6.06
C ALA P 141 85.72 51.07 5.60
N VAL P 142 86.98 50.68 5.46
CA VAL P 142 87.36 49.33 5.06
C VAL P 142 88.15 48.71 6.21
N ALA P 143 87.72 47.52 6.63
CA ALA P 143 88.35 46.83 7.76
C ALA P 143 89.48 45.96 7.25
N THR P 144 90.71 46.41 7.48
CA THR P 144 91.94 45.72 7.17
C THR P 144 92.57 45.16 8.45
N PRO P 145 93.41 44.12 8.36
CA PRO P 145 94.06 43.61 9.58
C PRO P 145 95.04 44.58 10.22
N ASN P 146 95.46 45.63 9.51
CA ASN P 146 96.21 46.75 10.07
C ASN P 146 95.31 47.88 10.53
N GLY P 147 94.06 47.59 10.89
CA GLY P 147 93.21 48.58 11.50
C GLY P 147 92.07 49.11 10.64
N LEU P 148 92.09 50.40 10.35
CA LEU P 148 90.98 51.05 9.65
C LEU P 148 91.53 52.07 8.66
N ILE P 149 90.92 52.09 7.48
CA ILE P 149 91.24 53.08 6.45
C ILE P 149 89.93 53.53 5.82
N THR P 150 89.91 54.77 5.32
CA THR P 150 88.71 55.36 4.72
C THR P 150 89.03 55.89 3.33
N PRO P 151 89.00 55.05 2.30
CA PRO P 151 89.07 55.57 0.93
C PRO P 151 87.80 56.30 0.54
N ILE P 152 87.96 57.26 -0.38
CA ILE P 152 86.92 58.23 -0.71
C ILE P 152 86.39 57.95 -2.10
N VAL P 153 85.06 57.92 -2.21
CA VAL P 153 84.36 57.92 -3.50
C VAL P 153 84.02 59.37 -3.80
N LYS P 154 84.57 59.89 -4.88
CA LYS P 154 84.42 61.31 -5.22
C LYS P 154 83.27 61.51 -6.20
N GLY P 155 82.51 62.58 -5.97
CA GLY P 155 81.39 62.94 -6.83
C GLY P 155 80.27 61.93 -6.81
N VAL P 156 79.65 61.74 -5.65
CA VAL P 156 78.68 60.66 -5.48
C VAL P 156 77.37 60.98 -6.19
N GLU P 157 76.87 62.19 -6.04
CA GLU P 157 75.63 62.57 -6.71
C GLU P 157 75.90 62.70 -8.22
N GLY P 158 75.01 62.14 -9.01
CA GLY P 158 75.20 62.06 -10.44
C GLY P 158 76.37 61.20 -10.88
N LYS P 159 76.48 60.00 -10.33
CA LYS P 159 77.59 59.11 -10.69
C LYS P 159 77.13 57.77 -11.25
N GLY P 160 76.10 57.16 -10.67
CA GLY P 160 75.66 55.86 -11.13
C GLY P 160 76.01 54.76 -10.16
N LEU P 161 75.10 53.81 -10.01
CA LEU P 161 75.26 52.75 -9.01
C LEU P 161 76.34 51.76 -9.41
N GLU P 162 76.50 51.51 -10.72
CA GLU P 162 77.54 50.61 -11.18
C GLU P 162 78.93 51.24 -11.01
N SER P 163 79.01 52.56 -11.23
CA SER P 163 80.26 53.27 -11.01
C SER P 163 80.62 53.30 -9.53
N ILE P 164 79.60 53.47 -8.67
CA ILE P 164 79.83 53.46 -7.22
C ILE P 164 80.29 52.08 -6.76
N SER P 165 79.65 51.03 -7.27
CA SER P 165 80.04 49.66 -6.92
C SER P 165 81.46 49.33 -7.39
N ALA P 166 81.81 49.78 -8.60
CA ALA P 166 83.14 49.55 -9.14
C ALA P 166 84.19 50.28 -8.33
N ALA P 167 83.92 51.54 -7.96
CA ALA P 167 84.90 52.32 -7.19
C ALA P 167 85.06 51.76 -5.78
N VAL P 168 83.96 51.30 -5.17
CA VAL P 168 84.02 50.72 -3.84
C VAL P 168 84.79 49.40 -3.86
N LYS P 169 84.59 48.58 -4.90
CA LYS P 169 85.33 47.32 -5.00
C LYS P 169 86.81 47.55 -5.26
N GLU P 170 87.14 48.50 -6.15
CA GLU P 170 88.52 48.89 -6.41
C GLU P 170 89.22 49.36 -5.14
N LEU P 171 88.59 50.29 -4.41
CA LEU P 171 89.22 50.86 -3.22
C LEU P 171 89.31 49.84 -2.09
N ALA P 172 88.34 48.93 -1.99
CA ALA P 172 88.38 47.91 -0.94
C ALA P 172 89.47 46.88 -1.21
N LYS P 173 89.62 46.43 -2.46
CA LYS P 173 90.67 45.45 -2.75
C LYS P 173 92.05 46.10 -2.68
N LYS P 174 92.14 47.38 -3.02
CA LYS P 174 93.42 48.07 -2.86
C LYS P 174 93.72 48.38 -1.41
N ALA P 175 92.69 48.49 -0.57
CA ALA P 175 92.92 48.64 0.86
C ALA P 175 93.37 47.33 1.49
N ARG P 176 92.86 46.22 0.97
CA ARG P 176 93.33 44.91 1.45
C ARG P 176 94.74 44.62 0.98
N ASP P 177 95.13 45.09 -0.21
CA ASP P 177 96.50 44.95 -0.68
C ASP P 177 97.44 46.03 -0.16
N GLY P 178 96.92 47.12 0.41
CA GLY P 178 97.72 48.17 0.99
C GLY P 178 98.48 49.00 -0.04
N LYS P 179 97.78 49.50 -1.05
CA LYS P 179 98.41 50.17 -2.19
C LYS P 179 97.74 51.51 -2.48
N LEU P 180 97.60 52.36 -1.46
CA LEU P 180 96.87 53.62 -1.60
C LEU P 180 97.82 54.81 -1.62
N LYS P 181 97.39 55.87 -2.29
CA LYS P 181 97.92 57.22 -2.30
C LYS P 181 97.25 58.05 -1.20
N PRO P 182 97.94 59.03 -0.62
CA PRO P 182 97.33 59.83 0.46
C PRO P 182 96.16 60.68 0.00
N GLU P 183 96.10 61.02 -1.29
CA GLU P 183 94.95 61.74 -1.84
C GLU P 183 93.72 60.86 -2.00
N GLU P 184 93.85 59.54 -1.82
CA GLU P 184 92.71 58.65 -1.90
C GLU P 184 92.05 58.40 -0.55
N TYR P 185 92.72 58.73 0.57
CA TYR P 185 92.10 58.56 1.87
C TYR P 185 92.28 59.79 2.76
N GLN P 186 92.69 60.92 2.18
CA GLN P 186 92.81 62.17 2.93
C GLN P 186 91.88 63.20 2.28
N GLY P 187 90.77 63.49 2.94
CA GLY P 187 89.78 64.42 2.43
C GLY P 187 88.36 64.00 2.77
N GLY P 188 87.45 64.15 1.82
CA GLY P 188 86.08 63.74 2.01
C GLY P 188 85.24 64.75 2.76
N SER P 189 83.93 64.71 2.57
CA SER P 189 83.00 65.60 3.26
C SER P 189 82.07 64.88 4.23
N ILE P 190 81.88 63.57 4.07
CA ILE P 190 81.02 62.79 4.96
C ILE P 190 81.52 61.35 4.93
N SER P 191 81.24 60.62 6.00
CA SER P 191 81.73 59.26 6.18
C SER P 191 80.57 58.30 6.42
N ILE P 192 80.86 57.00 6.32
CA ILE P 192 79.88 55.96 6.61
C ILE P 192 80.63 54.73 7.12
N SER P 193 80.13 54.15 8.21
CA SER P 193 80.68 52.93 8.80
C SER P 193 79.64 51.83 8.65
N ASN P 194 80.05 50.71 8.10
CA ASN P 194 79.16 49.62 7.73
C ASN P 194 79.48 48.39 8.55
N MET P 195 78.46 47.83 9.20
CA MET P 195 78.61 46.61 10.01
C MET P 195 77.46 45.64 9.74
N GLY P 196 77.07 45.50 8.48
CA GLY P 196 75.99 44.59 8.13
C GLY P 196 76.41 43.14 8.04
N MET P 197 77.71 42.87 7.92
CA MET P 197 78.19 41.49 7.83
C MET P 197 78.13 40.81 9.19
N ASN P 198 78.14 41.58 10.28
CA ASN P 198 77.99 41.04 11.62
C ASN P 198 76.52 41.11 12.00
N PRO P 199 75.84 39.96 12.16
CA PRO P 199 74.41 39.99 12.49
C PRO P 199 74.12 40.31 13.95
N ALA P 200 75.14 40.41 14.81
CA ALA P 200 74.91 40.71 16.22
C ALA P 200 74.72 42.19 16.46
N VAL P 201 75.35 43.05 15.65
CA VAL P 201 75.35 44.48 15.88
C VAL P 201 74.00 45.04 15.45
N GLN P 202 73.12 45.26 16.43
CA GLN P 202 71.83 45.89 16.14
C GLN P 202 72.01 47.39 15.91
N SER P 203 72.87 48.03 16.70
CA SER P 203 73.08 49.47 16.61
C SER P 203 74.45 49.78 17.18
N PHE P 204 75.11 50.78 16.60
CA PHE P 204 76.38 51.26 17.13
C PHE P 204 76.57 52.71 16.72
N THR P 205 77.44 53.40 17.45
CA THR P 205 77.83 54.76 17.15
C THR P 205 79.27 54.79 16.64
N ALA P 206 79.61 55.88 15.96
CA ALA P 206 80.94 56.05 15.41
C ALA P 206 81.47 57.42 15.81
N ILE P 207 82.79 57.58 15.67
CA ILE P 207 83.47 58.83 15.97
C ILE P 207 83.72 59.57 14.67
N ILE P 208 83.41 60.87 14.65
CA ILE P 208 83.52 61.67 13.44
C ILE P 208 84.98 61.89 13.10
N ASN P 209 85.35 61.54 11.86
CA ASN P 209 86.71 61.81 11.38
C ASN P 209 86.87 63.29 11.12
N PRO P 210 87.85 63.94 11.75
CA PRO P 210 88.04 65.37 11.52
C PRO P 210 88.67 65.60 10.15
N PRO P 211 88.36 66.73 9.50
CA PRO P 211 87.48 67.81 9.96
C PRO P 211 86.05 67.73 9.44
N GLN P 212 85.52 66.52 9.24
CA GLN P 212 84.17 66.39 8.73
C GLN P 212 83.14 66.71 9.83
N ALA P 213 81.87 66.79 9.42
CA ALA P 213 80.81 67.21 10.33
C ALA P 213 79.85 66.10 10.74
N ALA P 214 79.80 64.99 10.01
CA ALA P 214 78.86 63.93 10.33
C ALA P 214 79.46 62.59 9.96
N ILE P 215 78.93 61.53 10.58
CA ILE P 215 79.30 60.17 10.22
C ILE P 215 78.07 59.28 10.37
N LEU P 216 77.93 58.31 9.47
CA LEU P 216 76.80 57.39 9.50
C LEU P 216 77.26 56.05 10.07
N ALA P 217 76.32 55.33 10.68
CA ALA P 217 76.60 54.00 11.24
C ALA P 217 75.38 53.12 10.97
N VAL P 218 75.60 51.98 10.33
CA VAL P 218 74.52 51.14 9.83
C VAL P 218 74.59 49.77 10.50
N GLY P 219 73.50 49.38 11.17
CA GLY P 219 73.47 48.11 11.89
C GLY P 219 72.89 47.00 11.05
N ALA P 220 72.96 45.79 11.61
CA ALA P 220 72.47 44.60 10.93
C ALA P 220 70.96 44.64 10.79
N PRO P 221 70.44 44.13 9.69
CA PRO P 221 68.98 44.08 9.52
C PRO P 221 68.33 43.01 10.39
N GLN P 222 67.13 43.31 10.86
CA GLN P 222 66.35 42.43 11.70
C GLN P 222 64.89 42.46 11.30
N LYS P 223 64.13 41.43 11.66
CA LYS P 223 62.70 41.36 11.36
C LYS P 223 61.91 42.04 12.47
N VAL P 224 61.16 43.07 12.11
CA VAL P 224 60.33 43.83 13.05
C VAL P 224 58.88 43.68 12.64
N ALA P 225 58.02 43.42 13.63
CA ALA P 225 56.58 43.30 13.37
C ALA P 225 55.97 44.67 13.06
N VAL P 226 55.30 44.75 11.92
CA VAL P 226 54.73 46.00 11.42
C VAL P 226 53.25 45.75 11.10
N PRO P 227 52.33 46.61 11.53
CA PRO P 227 50.91 46.37 11.29
C PRO P 227 50.54 46.55 9.82
N VAL P 228 49.52 45.80 9.40
CA VAL P 228 49.03 45.84 8.03
C VAL P 228 47.52 45.66 8.05
N GLU P 229 46.83 46.38 7.17
CA GLU P 229 45.41 46.17 6.96
C GLU P 229 45.23 45.10 5.91
N ASN P 230 44.29 44.20 6.12
CA ASN P 230 43.84 43.32 5.06
C ASN P 230 42.75 44.05 4.28
N GLU P 231 42.08 43.35 3.36
CA GLU P 231 40.99 43.97 2.61
C GLU P 231 39.68 44.00 3.40
N ASP P 232 39.68 43.57 4.66
CA ASP P 232 38.60 43.82 5.60
C ASP P 232 39.10 44.77 6.69
N GLY P 233 38.25 45.01 7.69
CA GLY P 233 38.50 46.07 8.66
C GLY P 233 39.59 45.78 9.68
N THR P 234 39.96 44.52 9.89
CA THR P 234 40.86 44.18 10.98
C THR P 234 42.31 44.46 10.60
N THR P 235 43.16 44.56 11.61
CA THR P 235 44.60 44.73 11.41
C THR P 235 45.31 43.38 11.49
N GLY P 236 46.55 43.35 10.98
CA GLY P 236 47.31 42.13 10.92
C GLY P 236 48.75 42.34 11.37
N VAL P 237 49.54 41.28 11.22
CA VAL P 237 50.97 41.33 11.53
C VAL P 237 51.72 41.03 10.25
N SER P 238 52.53 41.99 9.80
CA SER P 238 53.45 41.80 8.70
C SER P 238 54.87 41.93 9.23
N TRP P 239 55.80 41.23 8.58
CA TRP P 239 57.20 41.19 9.01
C TRP P 239 58.02 42.03 8.04
N ASP P 240 58.59 43.12 8.55
CA ASP P 240 59.34 44.08 7.76
C ASP P 240 60.82 43.98 8.11
N GLU P 241 61.67 44.12 7.09
CA GLU P 241 63.12 44.12 7.28
C GLU P 241 63.55 45.55 7.61
N GLN P 242 64.00 45.78 8.84
CA GLN P 242 64.40 47.11 9.28
C GLN P 242 65.89 47.14 9.62
N ILE P 243 66.48 48.31 9.43
CA ILE P 243 67.90 48.54 9.69
C ILE P 243 68.02 49.78 10.56
N ILE P 244 68.71 49.65 11.69
CA ILE P 244 68.91 50.77 12.60
C ILE P 244 70.11 51.59 12.11
N VAL P 245 69.88 52.86 11.83
CA VAL P 245 70.88 53.77 11.29
C VAL P 245 71.07 54.90 12.30
N THR P 246 72.31 55.07 12.77
CA THR P 246 72.65 56.11 13.73
C THR P 246 73.61 57.10 13.07
N ALA P 247 73.23 58.36 13.04
CA ALA P 247 74.05 59.41 12.47
C ALA P 247 74.58 60.29 13.59
N SER P 248 75.91 60.41 13.67
CA SER P 248 76.56 61.25 14.67
C SER P 248 76.94 62.57 14.03
N PHE P 249 76.44 63.67 14.60
CA PHE P 249 76.67 65.01 14.09
C PHE P 249 77.52 65.81 15.08
N ASP P 250 78.19 66.82 14.54
CA ASP P 250 78.92 67.81 15.31
C ASP P 250 78.01 69.02 15.53
N HIS P 251 77.87 69.44 16.79
CA HIS P 251 76.89 70.46 17.12
C HIS P 251 77.37 71.88 16.81
N LYS P 252 78.65 72.05 16.46
CA LYS P 252 79.12 73.37 16.07
C LYS P 252 78.62 73.76 14.69
N VAL P 253 78.38 72.78 13.82
CA VAL P 253 77.94 73.01 12.46
C VAL P 253 76.46 72.65 12.28
N VAL P 254 76.07 71.47 12.74
CA VAL P 254 74.73 70.93 12.51
C VAL P 254 73.95 70.97 13.80
N ASP P 255 72.76 71.57 13.75
CA ASP P 255 71.86 71.51 14.90
C ASP P 255 70.95 70.29 14.79
N GLY P 256 70.10 70.12 15.82
CA GLY P 256 69.26 68.94 15.89
C GLY P 256 68.18 68.93 14.84
N ALA P 257 67.62 70.10 14.51
CA ALA P 257 66.60 70.18 13.47
C ALA P 257 67.20 69.92 12.09
N VAL P 258 68.43 70.37 11.85
CA VAL P 258 69.10 70.12 10.58
C VAL P 258 69.44 68.65 10.44
N GLY P 259 69.90 68.02 11.54
CA GLY P 259 70.16 66.60 11.52
C GLY P 259 68.90 65.76 11.35
N ALA P 260 67.79 66.24 11.92
CA ALA P 260 66.52 65.54 11.77
C ALA P 260 65.99 65.67 10.35
N GLU P 261 66.18 66.83 9.71
CA GLU P 261 65.81 66.99 8.30
C GLU P 261 66.66 66.11 7.40
N TRP P 262 67.96 66.02 7.68
CA TRP P 262 68.85 65.14 6.90
C TRP P 262 68.44 63.67 7.06
N ILE P 263 68.12 63.26 8.29
CA ILE P 263 67.67 61.89 8.56
C ILE P 263 66.33 61.62 7.88
N ARG P 264 65.44 62.62 7.85
CA ARG P 264 64.13 62.44 7.21
C ARG P 264 64.27 62.31 5.70
N GLU P 265 65.15 63.11 5.08
CA GLU P 265 65.34 63.00 3.64
C GLU P 265 66.03 61.68 3.27
N LEU P 266 66.97 61.23 4.11
CA LEU P 266 67.61 59.94 3.88
C LEU P 266 66.62 58.79 4.02
N LYS P 267 65.74 58.87 5.01
CA LYS P 267 64.70 57.85 5.19
C LYS P 267 63.69 57.87 4.05
N LYS P 268 63.38 59.05 3.52
CA LYS P 268 62.46 59.15 2.39
C LYS P 268 63.05 58.52 1.14
N VAL P 269 64.32 58.83 0.84
CA VAL P 269 64.98 58.29 -0.35
C VAL P 269 65.21 56.77 -0.20
N ILE P 270 65.43 56.29 1.02
CA ILE P 270 65.63 54.85 1.21
C ILE P 270 64.30 54.09 1.12
N GLU P 271 63.26 54.58 1.80
CA GLU P 271 61.99 53.86 1.81
C GLU P 271 61.17 54.07 0.54
N ASN P 272 61.54 55.03 -0.31
CA ASN P 272 60.98 55.14 -1.66
C ASN P 272 62.15 55.02 -2.64
N PRO P 273 62.46 53.81 -3.09
CA PRO P 273 63.69 53.61 -3.88
C PRO P 273 63.61 54.17 -5.29
N LEU P 274 62.42 54.55 -5.77
CA LEU P 274 62.31 55.18 -7.08
C LEU P 274 62.77 56.63 -7.06
N GLU P 275 62.97 57.22 -5.88
CA GLU P 275 63.45 58.59 -5.77
C GLU P 275 64.96 58.70 -5.97
N LEU P 276 65.66 57.58 -6.14
CA LEU P 276 67.08 57.62 -6.46
C LEU P 276 67.33 58.07 -7.90
N LEU P 277 66.31 58.02 -8.75
CA LEU P 277 66.41 58.56 -10.10
C LEU P 277 66.53 60.07 -10.07
N LEU P 278 65.71 60.72 -9.24
CA LEU P 278 65.70 62.17 -9.12
C LEU P 278 66.86 62.65 -8.26
N TYR Q 47 108.37 -23.74 24.90
CA TYR Q 47 108.87 -23.95 23.54
C TYR Q 47 109.61 -22.71 23.07
N THR Q 48 108.85 -21.70 22.65
CA THR Q 48 109.45 -20.42 22.28
C THR Q 48 109.64 -19.57 23.53
N ASP Q 49 110.89 -19.14 23.73
CA ASP Q 49 111.37 -18.55 24.99
C ASP Q 49 112.02 -17.20 24.72
N VAL Q 50 111.28 -16.30 24.08
CA VAL Q 50 111.69 -14.90 23.91
C VAL Q 50 111.87 -14.29 25.31
N PRO Q 51 112.92 -13.50 25.51
CA PRO Q 51 113.19 -12.95 26.85
C PRO Q 51 112.37 -11.72 27.14
N ILE Q 52 112.35 -11.34 28.42
CA ILE Q 52 111.66 -10.14 28.86
C ILE Q 52 112.44 -8.93 28.38
N SER Q 53 111.70 -7.87 28.00
CA SER Q 53 112.33 -6.68 27.41
C SER Q 53 113.17 -5.91 28.41
N GLY Q 54 112.93 -6.07 29.71
CA GLY Q 54 113.64 -5.31 30.71
C GLY Q 54 112.84 -4.10 31.14
N MET Q 55 112.17 -3.46 30.17
CA MET Q 55 111.20 -2.42 30.48
C MET Q 55 109.97 -2.99 31.19
N ARG Q 56 109.57 -4.22 30.84
CA ARG Q 56 108.47 -4.89 31.50
C ARG Q 56 108.78 -5.25 32.95
N LYS Q 57 110.06 -5.40 33.30
CA LYS Q 57 110.44 -5.78 34.66
C LYS Q 57 110.14 -4.67 35.64
N THR Q 58 110.35 -3.41 35.24
CA THR Q 58 110.05 -2.28 36.10
C THR Q 58 108.55 -2.12 36.32
N ILE Q 59 107.74 -2.35 35.28
CA ILE Q 59 106.28 -2.27 35.43
C ILE Q 59 105.77 -3.43 36.27
N ALA Q 60 106.40 -4.60 36.15
CA ALA Q 60 106.01 -5.74 36.97
C ALA Q 60 106.34 -5.50 38.45
N ALA Q 61 107.52 -4.93 38.72
CA ALA Q 61 107.87 -4.58 40.09
C ALA Q 61 106.98 -3.47 40.64
N ARG Q 62 106.57 -2.53 39.78
CA ARG Q 62 105.70 -1.44 40.22
C ARG Q 62 104.30 -1.95 40.55
N LEU Q 63 103.75 -2.84 39.72
CA LEU Q 63 102.46 -3.45 40.02
C LEU Q 63 102.53 -4.35 41.24
N LYS Q 64 103.69 -4.99 41.45
CA LYS Q 64 103.90 -5.75 42.67
C LYS Q 64 103.87 -4.85 43.90
N GLU Q 65 104.56 -3.69 43.83
CA GLU Q 65 104.51 -2.70 44.91
C GLU Q 65 103.09 -2.23 45.18
N SER Q 66 102.33 -2.01 44.10
CA SER Q 66 100.96 -1.53 44.23
C SER Q 66 100.07 -2.55 44.94
N VAL Q 67 100.14 -3.82 44.53
CA VAL Q 67 99.27 -4.83 45.12
C VAL Q 67 99.77 -5.26 46.49
N THR Q 68 101.04 -5.00 46.82
CA THR Q 68 101.51 -5.46 48.11
C THR Q 68 101.48 -4.34 49.16
N GLU Q 69 101.35 -3.09 48.75
CA GLU Q 69 101.32 -2.02 49.74
C GLU Q 69 99.96 -1.34 49.77
N ASN Q 70 99.15 -1.54 48.73
CA ASN Q 70 97.82 -0.96 48.67
C ASN Q 70 96.77 -2.05 48.81
N PRO Q 71 96.09 -2.18 49.95
CA PRO Q 71 94.94 -3.09 50.01
C PRO Q 71 93.76 -2.54 49.24
N HIS Q 72 93.52 -3.08 48.05
CA HIS Q 72 92.50 -2.55 47.16
C HIS Q 72 91.12 -3.01 47.59
N PHE Q 73 90.13 -2.16 47.34
CA PHE Q 73 88.73 -2.59 47.37
C PHE Q 73 87.97 -1.86 46.28
N PHE Q 74 87.05 -2.58 45.65
CA PHE Q 74 86.35 -2.09 44.47
C PHE Q 74 84.94 -1.66 44.84
N VAL Q 75 84.49 -0.59 44.20
CA VAL Q 75 83.10 -0.11 44.31
C VAL Q 75 82.56 0.01 42.89
N SER Q 76 81.49 -0.71 42.59
CA SER Q 76 80.91 -0.73 41.26
C SER Q 76 79.60 0.04 41.23
N THR Q 77 79.31 0.63 40.08
CA THR Q 77 78.06 1.36 39.89
C THR Q 77 77.69 1.31 38.41
N ASN Q 78 76.46 1.71 38.11
CA ASN Q 78 75.98 1.78 36.73
C ASN Q 78 75.53 3.21 36.47
N LEU Q 79 76.24 3.89 35.57
CA LEU Q 79 75.92 5.26 35.19
C LEU Q 79 75.02 5.25 33.96
N SER Q 80 73.94 6.02 34.02
CA SER Q 80 73.08 6.21 32.86
C SER Q 80 73.61 7.38 32.04
N VAL Q 81 73.89 7.11 30.76
CA VAL Q 81 74.53 8.10 29.89
C VAL Q 81 73.62 8.48 28.73
N SER Q 82 72.31 8.26 28.86
CA SER Q 82 71.38 8.58 27.79
C SER Q 82 71.21 10.08 27.61
N LYS Q 83 71.39 10.86 28.67
CA LYS Q 83 71.37 12.31 28.55
C LYS Q 83 72.76 12.86 28.20
N LEU Q 84 73.81 12.17 28.65
CA LEU Q 84 75.17 12.57 28.32
C LEU Q 84 75.45 12.42 26.84
N LEU Q 85 74.92 11.36 26.22
CA LEU Q 85 75.08 11.18 24.78
C LEU Q 85 74.29 12.22 23.99
N LYS Q 86 73.12 12.63 24.50
CA LYS Q 86 72.35 13.69 23.84
C LYS Q 86 73.07 15.03 23.93
N LEU Q 87 73.66 15.32 25.10
CA LEU Q 87 74.43 16.56 25.26
C LEU Q 87 75.67 16.56 24.37
N ARG Q 88 76.33 15.41 24.25
CA ARG Q 88 77.50 15.29 23.38
C ARG Q 88 77.12 15.43 21.92
N GLN Q 89 75.97 14.88 21.53
CA GLN Q 89 75.49 15.00 20.15
C GLN Q 89 75.14 16.45 19.81
N ALA Q 90 74.51 17.15 20.76
CA ALA Q 90 74.17 18.56 20.53
C ALA Q 90 75.42 19.43 20.46
N LEU Q 91 76.39 19.19 21.35
CA LEU Q 91 77.61 19.99 21.34
C LEU Q 91 78.49 19.69 20.14
N ASN Q 92 78.40 18.46 19.60
CA ASN Q 92 79.15 18.14 18.39
C ASN Q 92 78.46 18.67 17.15
N SER Q 93 77.12 18.70 17.14
CA SER Q 93 76.40 19.20 15.98
C SER Q 93 76.47 20.72 15.90
N SER Q 94 76.57 21.41 17.04
CA SER Q 94 76.72 22.86 17.04
C SER Q 94 78.20 23.27 16.97
N ALA Q 95 78.84 22.88 15.87
CA ALA Q 95 80.25 23.18 15.67
C ALA Q 95 80.53 23.22 14.17
N ASP Q 96 81.71 23.77 13.84
CA ASP Q 96 82.18 23.87 12.46
C ASP Q 96 83.45 23.06 12.26
N GLY Q 97 83.58 21.93 12.96
CA GLY Q 97 84.81 21.18 12.94
C GLY Q 97 85.89 21.72 13.85
N ARG Q 98 85.54 22.59 14.80
CA ARG Q 98 86.55 23.12 15.72
C ARG Q 98 86.94 22.09 16.77
N TYR Q 99 86.02 21.22 17.17
CA TYR Q 99 86.29 20.24 18.22
C TYR Q 99 85.49 18.99 17.94
N LYS Q 100 85.80 17.93 18.68
CA LYS Q 100 85.07 16.67 18.64
C LYS Q 100 85.07 16.10 20.04
N LEU Q 101 83.87 15.95 20.62
CA LEU Q 101 83.73 15.54 22.01
C LEU Q 101 83.51 14.04 22.12
N SER Q 102 84.02 13.47 23.19
CA SER Q 102 83.84 12.05 23.51
C SER Q 102 83.32 11.91 24.92
N VAL Q 103 83.03 10.66 25.30
CA VAL Q 103 82.50 10.38 26.63
C VAL Q 103 83.59 10.54 27.69
N ASN Q 104 84.86 10.36 27.28
CA ASN Q 104 85.98 10.47 28.21
C ASN Q 104 86.18 11.89 28.70
N ASP Q 105 85.78 12.89 27.91
CA ASP Q 105 85.86 14.28 28.34
C ASP Q 105 84.89 14.57 29.48
N PHE Q 106 83.64 14.11 29.33
CA PHE Q 106 82.65 14.25 30.40
C PHE Q 106 83.06 13.45 31.62
N LEU Q 107 83.67 12.29 31.42
CA LEU Q 107 84.10 11.47 32.55
C LEU Q 107 85.26 12.12 33.31
N ILE Q 108 86.20 12.74 32.60
CA ILE Q 108 87.32 13.41 33.24
C ILE Q 108 86.85 14.66 33.99
N LYS Q 109 85.92 15.41 33.40
CA LYS Q 109 85.36 16.58 34.07
C LYS Q 109 84.55 16.18 35.31
N ALA Q 110 83.78 15.09 35.22
CA ALA Q 110 83.02 14.62 36.37
C ALA Q 110 83.92 14.07 37.45
N MET Q 111 85.05 13.46 37.07
CA MET Q 111 86.03 13.02 38.05
C MET Q 111 86.66 14.20 38.77
N GLY Q 112 86.92 15.30 38.03
CA GLY Q 112 87.44 16.50 38.67
C GLY Q 112 86.45 17.13 39.64
N ILE Q 113 85.17 17.16 39.26
CA ILE Q 113 84.13 17.71 40.11
C ILE Q 113 83.96 16.85 41.37
N ALA Q 114 83.96 15.53 41.20
CA ALA Q 114 83.80 14.63 42.33
C ALA Q 114 85.00 14.64 43.26
N SER Q 115 86.21 14.77 42.71
CA SER Q 115 87.40 14.86 43.56
C SER Q 115 87.51 16.20 44.25
N LYS Q 116 86.93 17.25 43.67
CA LYS Q 116 86.86 18.53 44.38
C LYS Q 116 85.82 18.49 45.49
N ARG Q 117 84.71 17.78 45.28
CA ARG Q 117 83.69 17.69 46.33
C ARG Q 117 84.10 16.75 47.46
N VAL Q 118 84.76 15.65 47.16
CA VAL Q 118 85.29 14.75 48.18
C VAL Q 118 86.81 14.77 48.10
N PRO Q 119 87.49 15.62 48.87
CA PRO Q 119 88.95 15.77 48.71
C PRO Q 119 89.76 14.67 49.36
N THR Q 120 89.13 13.73 50.07
CA THR Q 120 89.88 12.64 50.70
C THR Q 120 90.40 11.65 49.66
N VAL Q 121 89.67 11.46 48.57
CA VAL Q 121 90.10 10.55 47.51
C VAL Q 121 91.28 11.14 46.74
N ASN Q 122 91.36 12.47 46.66
CA ASN Q 122 92.46 13.14 45.96
C ASN Q 122 93.62 13.30 46.93
N SER Q 123 94.30 12.18 47.20
CA SER Q 123 95.39 12.15 48.16
C SER Q 123 96.38 11.07 47.77
N SER Q 124 97.34 10.80 48.65
CA SER Q 124 98.38 9.81 48.43
C SER Q 124 98.80 9.23 49.78
N TRP Q 125 99.96 8.59 49.83
CA TRP Q 125 100.49 8.00 51.05
C TRP Q 125 101.99 8.18 51.06
N ARG Q 126 102.48 8.97 52.02
CA ARG Q 126 103.87 9.42 52.05
C ARG Q 126 104.53 9.07 53.38
N ASP Q 127 105.68 9.67 53.68
CA ASP Q 127 106.46 9.33 54.87
C ASP Q 127 105.74 9.81 56.11
N GLY Q 128 104.90 8.92 56.68
CA GLY Q 128 104.14 9.23 57.87
C GLY Q 128 103.11 10.32 57.71
N VAL Q 129 102.68 10.61 56.49
CA VAL Q 129 101.92 11.81 56.19
C VAL Q 129 101.07 11.57 54.95
N ILE Q 130 99.91 12.22 54.91
CA ILE Q 130 98.97 12.15 53.80
C ILE Q 130 99.13 13.44 53.00
N ARG Q 131 99.48 13.32 51.72
CA ARG Q 131 99.65 14.49 50.88
C ARG Q 131 98.37 14.76 50.10
N GLN Q 132 97.73 15.88 50.38
CA GLN Q 132 96.44 16.24 49.81
C GLN Q 132 96.61 17.42 48.87
N PHE Q 133 96.22 17.26 47.62
CA PHE Q 133 96.34 18.27 46.58
C PHE Q 133 95.05 19.09 46.46
N GLU Q 134 95.16 20.25 45.82
CA GLU Q 134 94.00 21.06 45.48
C GLU Q 134 93.45 20.72 44.10
N THR Q 135 94.29 20.79 43.08
CA THR Q 135 93.85 20.55 41.71
C THR Q 135 93.79 19.05 41.42
N VAL Q 136 92.93 18.69 40.47
CA VAL Q 136 92.75 17.31 40.05
C VAL Q 136 93.57 17.13 38.78
N ASP Q 137 94.64 16.33 38.88
CA ASP Q 137 95.47 15.97 37.72
C ASP Q 137 95.14 14.55 37.35
N VAL Q 138 94.56 14.36 36.16
CA VAL Q 138 93.98 13.07 35.77
C VAL Q 138 94.92 12.39 34.80
N SER Q 139 95.39 11.20 35.15
CA SER Q 139 96.22 10.38 34.29
C SER Q 139 95.33 9.50 33.42
N VAL Q 140 95.47 9.63 32.10
CA VAL Q 140 94.65 8.88 31.16
C VAL Q 140 95.52 7.81 30.51
N ALA Q 141 95.03 6.56 30.53
CA ALA Q 141 95.78 5.45 29.99
C ALA Q 141 95.64 5.40 28.47
N VAL Q 142 96.77 5.34 27.76
CA VAL Q 142 96.81 5.25 26.31
C VAL Q 142 97.44 3.92 25.93
N ALA Q 143 96.75 3.16 25.08
CA ALA Q 143 97.19 1.83 24.68
C ALA Q 143 98.08 1.96 23.44
N THR Q 144 99.39 1.82 23.64
CA THR Q 144 100.41 1.81 22.61
C THR Q 144 100.90 0.37 22.38
N PRO Q 145 101.45 0.06 21.20
CA PRO Q 145 101.98 -1.30 20.97
C PRO Q 145 103.18 -1.66 21.85
N ASN Q 146 103.82 -0.67 22.47
CA ASN Q 146 104.83 -0.89 23.50
C ASN Q 146 104.24 -0.90 24.91
N GLY Q 147 102.97 -1.25 25.05
CA GLY Q 147 102.39 -1.46 26.37
C GLY Q 147 101.41 -0.40 26.82
N LEU Q 148 101.73 0.29 27.92
CA LEU Q 148 100.81 1.23 28.53
C LEU Q 148 101.56 2.45 29.01
N ILE Q 149 100.96 3.62 28.79
CA ILE Q 149 101.50 4.88 29.28
C ILE Q 149 100.33 5.72 29.80
N THR Q 150 100.61 6.59 30.77
CA THR Q 150 99.58 7.42 31.39
C THR Q 150 100.00 8.89 31.36
N PRO Q 151 99.74 9.59 30.25
CA PRO Q 151 99.93 11.04 30.26
C PRO Q 151 98.87 11.74 31.10
N ILE Q 152 99.24 12.89 31.64
CA ILE Q 152 98.46 13.59 32.67
C ILE Q 152 97.85 14.86 32.09
N VAL Q 153 96.56 15.04 32.32
CA VAL Q 153 95.86 16.29 32.07
C VAL Q 153 95.88 17.07 33.39
N LYS Q 154 96.53 18.23 33.39
CA LYS Q 154 96.72 19.01 34.60
C LYS Q 154 95.64 20.06 34.73
N GLY Q 155 95.16 20.25 35.97
CA GLY Q 155 94.16 21.25 36.27
C GLY Q 155 92.82 20.98 35.62
N VAL Q 156 92.19 19.87 35.97
CA VAL Q 156 91.00 19.42 35.27
C VAL Q 156 89.79 20.28 35.63
N GLU Q 157 89.60 20.57 36.92
CA GLU Q 157 88.48 21.41 37.33
C GLU Q 157 88.75 22.85 36.90
N GLY Q 158 87.74 23.49 36.33
CA GLY Q 158 87.88 24.80 35.74
C GLY Q 158 88.80 24.85 34.54
N LYS Q 159 88.62 23.95 33.59
CA LYS Q 159 89.47 23.92 32.39
C LYS Q 159 88.69 24.05 31.09
N GLY Q 160 87.57 23.38 30.97
CA GLY Q 160 86.81 23.43 29.73
C GLY Q 160 86.90 22.13 28.96
N LEU Q 161 85.79 21.74 28.34
CA LEU Q 161 85.70 20.45 27.67
C LEU Q 161 86.50 20.44 26.37
N GLU Q 162 86.57 21.58 25.68
CA GLU Q 162 87.36 21.66 24.46
C GLU Q 162 88.85 21.62 24.78
N SER Q 163 89.26 22.24 25.89
CA SER Q 163 90.65 22.18 26.32
C SER Q 163 91.02 20.76 26.76
N ILE Q 164 90.10 20.07 27.42
CA ILE Q 164 90.33 18.68 27.84
C ILE Q 164 90.45 17.78 26.63
N SER Q 165 89.57 17.97 25.63
CA SER Q 165 89.61 17.16 24.40
C SER Q 165 90.90 17.42 23.62
N ALA Q 166 91.32 18.67 23.55
CA ALA Q 166 92.56 19.02 22.85
C ALA Q 166 93.77 18.42 23.54
N ALA Q 167 93.82 18.50 24.88
CA ALA Q 167 94.95 17.95 25.61
C ALA Q 167 95.01 16.43 25.52
N VAL Q 168 93.84 15.78 25.56
CA VAL Q 168 93.78 14.33 25.45
C VAL Q 168 94.20 13.87 24.05
N LYS Q 169 93.79 14.60 23.01
CA LYS Q 169 94.19 14.25 21.66
C LYS Q 169 95.69 14.47 21.43
N GLU Q 170 96.23 15.59 21.93
CA GLU Q 170 97.66 15.87 21.88
C GLU Q 170 98.47 14.78 22.56
N LEU Q 171 98.09 14.43 23.80
CA LEU Q 171 98.86 13.45 24.56
C LEU Q 171 98.72 12.04 23.98
N ALA Q 172 97.55 11.72 23.40
CA ALA Q 172 97.37 10.41 22.81
C ALA Q 172 98.17 10.25 21.52
N LYS Q 173 98.18 11.29 20.66
CA LYS Q 173 98.95 11.17 19.43
C LYS Q 173 100.45 11.23 19.71
N LYS Q 174 100.85 11.94 20.77
CA LYS Q 174 102.26 11.94 21.14
C LYS Q 174 102.65 10.64 21.83
N ALA Q 175 101.68 9.96 22.45
CA ALA Q 175 101.97 8.63 23.01
C ALA Q 175 102.09 7.60 21.91
N ARG Q 176 101.32 7.76 20.83
CA ARG Q 176 101.47 6.86 19.69
C ARG Q 176 102.76 7.12 18.92
N ASP Q 177 103.23 8.36 18.88
CA ASP Q 177 104.52 8.66 18.27
C ASP Q 177 105.70 8.46 19.22
N GLY Q 178 105.46 8.31 20.52
CA GLY Q 178 106.52 8.05 21.48
C GLY Q 178 107.44 9.23 21.73
N LYS Q 179 106.86 10.39 22.01
CA LYS Q 179 107.63 11.64 22.12
C LYS Q 179 107.29 12.39 23.40
N LEU Q 180 107.39 11.71 24.54
CA LEU Q 180 106.98 12.29 25.82
C LEU Q 180 108.18 12.63 26.68
N LYS Q 181 108.01 13.62 27.54
CA LYS Q 181 108.86 14.03 28.64
C LYS Q 181 108.42 13.31 29.91
N PRO Q 182 109.35 13.03 30.84
CA PRO Q 182 108.96 12.31 32.06
C PRO Q 182 108.03 13.10 32.97
N GLU Q 183 108.03 14.43 32.88
CA GLU Q 183 107.09 15.25 33.63
C GLU Q 183 105.68 15.19 33.06
N GLU Q 184 105.50 14.61 31.88
CA GLU Q 184 104.16 14.46 31.31
C GLU Q 184 103.49 13.16 31.69
N TYR Q 185 104.22 12.17 32.20
CA TYR Q 185 103.60 10.91 32.61
C TYR Q 185 104.09 10.46 33.98
N GLN Q 186 104.75 11.34 34.72
CA GLN Q 186 105.18 11.03 36.09
C GLN Q 186 104.52 12.03 37.03
N GLY Q 187 103.52 11.57 37.78
CA GLY Q 187 102.79 12.42 38.69
C GLY Q 187 101.32 12.06 38.74
N GLY Q 188 100.45 13.07 38.78
CA GLY Q 188 99.02 12.84 38.80
C GLY Q 188 98.47 12.51 40.18
N SER Q 189 97.18 12.77 40.37
CA SER Q 189 96.51 12.46 41.64
C SER Q 189 95.45 11.38 41.52
N ILE Q 190 94.95 11.13 40.31
CA ILE Q 190 93.94 10.09 40.09
C ILE Q 190 94.06 9.62 38.64
N SER Q 191 93.63 8.40 38.38
CA SER Q 191 93.78 7.76 37.09
C SER Q 191 92.42 7.30 36.56
N ILE Q 192 92.39 6.96 35.28
CA ILE Q 192 91.19 6.41 34.63
C ILE Q 192 91.62 5.48 33.50
N SER Q 193 91.02 4.31 33.46
CA SER Q 193 91.25 3.33 32.40
C SER Q 193 89.98 3.19 31.59
N ASN Q 194 90.10 3.31 30.28
CA ASN Q 194 88.96 3.37 29.37
C ASN Q 194 88.98 2.18 28.44
N MET Q 195 87.87 1.45 28.37
CA MET Q 195 87.73 0.29 27.49
C MET Q 195 86.38 0.31 26.79
N GLY Q 196 85.94 1.48 26.33
CA GLY Q 196 84.67 1.58 25.64
C GLY Q 196 84.72 1.18 24.18
N MET Q 197 85.92 1.12 23.60
CA MET Q 197 86.04 0.73 22.20
C MET Q 197 85.83 -0.77 22.02
N ASN Q 198 86.05 -1.54 23.09
CA ASN Q 198 85.80 -2.97 23.07
C ASN Q 198 84.40 -3.23 23.60
N PRO Q 199 83.46 -3.70 22.76
CA PRO Q 199 82.08 -3.91 23.23
C PRO Q 199 81.90 -5.17 24.07
N ALA Q 200 82.93 -6.01 24.21
CA ALA Q 200 82.79 -7.22 24.98
C ALA Q 200 82.98 -6.96 26.47
N VAL Q 201 83.79 -5.97 26.84
CA VAL Q 201 84.14 -5.72 28.23
C VAL Q 201 82.95 -5.05 28.92
N GLN Q 202 82.16 -5.86 29.65
CA GLN Q 202 81.08 -5.29 30.44
C GLN Q 202 81.60 -4.60 31.68
N SER Q 203 82.61 -5.20 32.33
CA SER Q 203 83.17 -4.66 33.56
C SER Q 203 84.58 -5.20 33.71
N PHE Q 204 85.45 -4.37 34.29
CA PHE Q 204 86.81 -4.81 34.61
C PHE Q 204 87.34 -3.96 35.75
N THR Q 205 88.36 -4.49 36.42
CA THR Q 205 89.06 -3.79 37.48
C THR Q 205 90.45 -3.40 36.99
N ALA Q 206 91.05 -2.43 37.69
CA ALA Q 206 92.37 -1.94 37.36
C ALA Q 206 93.23 -1.91 38.61
N ILE Q 207 94.54 -1.83 38.41
CA ILE Q 207 95.50 -1.75 39.49
C ILE Q 207 95.91 -0.29 39.68
N ILE Q 208 95.92 0.15 40.93
CA ILE Q 208 96.21 1.55 41.25
C ILE Q 208 97.68 1.86 40.98
N ASN Q 209 97.94 2.89 40.18
CA ASN Q 209 99.30 3.33 39.95
C ASN Q 209 99.82 4.04 41.19
N PRO Q 210 100.94 3.59 41.76
CA PRO Q 210 101.47 4.26 42.94
C PRO Q 210 102.11 5.57 42.56
N PRO Q 211 102.08 6.58 43.45
CA PRO Q 211 101.49 6.55 44.80
C PRO Q 211 100.08 7.11 44.89
N GLN Q 212 99.27 6.95 43.85
CA GLN Q 212 97.91 7.48 43.88
C GLN Q 212 97.02 6.61 44.76
N ALA Q 213 95.80 7.10 45.00
CA ALA Q 213 94.88 6.45 45.94
C ALA Q 213 93.69 5.77 45.28
N ALA Q 214 93.36 6.11 44.03
CA ALA Q 214 92.19 5.53 43.39
C ALA Q 214 92.44 5.41 41.89
N ILE Q 215 91.68 4.52 41.26
CA ILE Q 215 91.71 4.39 39.81
C ILE Q 215 90.30 4.05 39.33
N LEU Q 216 89.92 4.60 38.18
CA LEU Q 216 88.59 4.34 37.62
C LEU Q 216 88.72 3.35 36.47
N ALA Q 217 87.65 2.60 36.22
CA ALA Q 217 87.59 1.63 35.13
C ALA Q 217 86.21 1.68 34.52
N VAL Q 218 86.13 1.91 33.22
CA VAL Q 218 84.87 2.18 32.54
C VAL Q 218 84.60 1.11 31.49
N GLY Q 219 83.47 0.42 31.61
CA GLY Q 219 83.15 -0.65 30.69
C GLY Q 219 82.29 -0.18 29.53
N ALA Q 220 82.08 -1.11 28.59
CA ALA Q 220 81.31 -0.82 27.39
C ALA Q 220 79.84 -0.58 27.74
N PRO Q 221 79.19 0.34 27.03
CA PRO Q 221 77.76 0.58 27.27
C PRO Q 221 76.90 -0.55 26.74
N GLN Q 222 75.81 -0.81 27.45
CA GLN Q 222 74.85 -1.84 27.10
C GLN Q 222 73.42 -1.35 27.34
N LYS Q 223 72.45 -1.98 26.69
CA LYS Q 223 71.05 -1.62 26.86
C LYS Q 223 70.47 -2.39 28.04
N VAL Q 224 69.98 -1.67 29.04
CA VAL Q 224 69.38 -2.27 30.23
C VAL Q 224 67.91 -1.83 30.30
N ALA Q 225 67.03 -2.79 30.59
CA ALA Q 225 65.61 -2.49 30.74
C ALA Q 225 65.35 -1.72 32.02
N VAL Q 226 64.71 -0.57 31.89
CA VAL Q 226 64.44 0.34 33.00
C VAL Q 226 62.95 0.66 33.01
N PRO Q 227 62.28 0.60 34.17
CA PRO Q 227 60.82 0.84 34.19
C PRO Q 227 60.49 2.31 33.97
N VAL Q 228 59.31 2.53 33.38
CA VAL Q 228 58.83 3.87 33.07
C VAL Q 228 57.32 3.89 33.28
N GLU Q 229 56.82 5.00 33.81
CA GLU Q 229 55.38 5.22 33.88
C GLU Q 229 54.93 5.90 32.60
N ASN Q 230 53.80 5.46 32.07
CA ASN Q 230 53.14 6.21 31.02
C ASN Q 230 52.25 7.26 31.68
N GLU Q 231 51.42 7.94 30.90
CA GLU Q 231 50.50 8.93 31.48
C GLU Q 231 49.25 8.28 32.08
N ASP Q 232 49.16 6.94 32.09
CA ASP Q 232 48.18 6.21 32.89
C ASP Q 232 48.92 5.45 33.99
N GLY Q 233 48.17 4.64 34.74
CA GLY Q 233 48.68 4.05 35.97
C GLY Q 233 49.68 2.92 35.78
N THR Q 234 49.73 2.30 34.61
CA THR Q 234 50.55 1.09 34.45
C THR Q 234 52.01 1.45 34.23
N THR Q 235 52.88 0.46 34.46
CA THR Q 235 54.31 0.61 34.21
C THR Q 235 54.67 0.05 32.84
N GLY Q 236 55.85 0.45 32.35
CA GLY Q 236 56.30 0.06 31.04
C GLY Q 236 57.76 -0.39 31.04
N VAL Q 237 58.27 -0.64 29.84
CA VAL Q 237 59.66 -1.02 29.64
C VAL Q 237 60.30 0.05 28.77
N SER Q 238 61.32 0.73 29.32
CA SER Q 238 62.14 1.65 28.57
C SER Q 238 63.56 1.10 28.52
N TRP Q 239 64.28 1.42 27.45
CA TRP Q 239 65.62 0.91 27.23
C TRP Q 239 66.62 2.03 27.49
N ASP Q 240 67.44 1.87 28.51
CA ASP Q 240 68.39 2.87 28.96
C ASP Q 240 69.81 2.42 28.64
N GLU Q 241 70.66 3.37 28.24
CA GLU Q 241 72.06 3.09 27.96
C GLU Q 241 72.83 3.21 29.27
N GLN Q 242 73.34 2.09 29.78
CA GLN Q 242 74.06 2.08 31.04
C GLN Q 242 75.51 1.68 30.83
N ILE Q 243 76.38 2.19 31.71
CA ILE Q 243 77.81 1.93 31.67
C ILE Q 243 78.24 1.49 33.06
N ILE Q 244 78.89 0.34 33.15
CA ILE Q 244 79.38 -0.17 34.43
C ILE Q 244 80.73 0.47 34.72
N VAL Q 245 80.81 1.15 35.86
CA VAL Q 245 82.00 1.88 36.28
C VAL Q 245 82.47 1.28 37.60
N THR Q 246 83.72 0.81 37.62
CA THR Q 246 84.33 0.22 38.80
C THR Q 246 85.47 1.09 39.27
N ALA Q 247 85.41 1.55 40.50
CA ALA Q 247 86.47 2.37 41.08
C ALA Q 247 87.21 1.56 42.13
N SER Q 248 88.52 1.43 41.96
CA SER Q 248 89.37 0.71 42.90
C SER Q 248 90.05 1.72 43.81
N PHE Q 249 89.85 1.57 45.12
CA PHE Q 249 90.39 2.46 46.12
C PHE Q 249 91.41 1.73 46.98
N ASP Q 250 92.31 2.52 47.58
CA ASP Q 250 93.27 2.06 48.56
C ASP Q 250 92.68 2.30 49.95
N HIS Q 251 92.67 1.25 50.78
CA HIS Q 251 91.98 1.33 52.06
C HIS Q 251 92.78 2.05 53.13
N LYS Q 252 94.06 2.35 52.87
CA LYS Q 252 94.83 3.11 53.85
C LYS Q 252 94.42 4.58 53.87
N VAL Q 253 93.93 5.10 52.74
CA VAL Q 253 93.54 6.49 52.61
C VAL Q 253 92.02 6.64 52.57
N VAL Q 254 91.36 5.85 51.74
CA VAL Q 254 89.93 5.99 51.48
C VAL Q 254 89.20 4.83 52.13
N ASP Q 255 88.18 5.14 52.93
CA ASP Q 255 87.32 4.11 53.47
C ASP Q 255 86.13 3.88 52.53
N GLY Q 256 85.29 2.91 52.91
CA GLY Q 256 84.19 2.52 52.06
C GLY Q 256 83.11 3.58 51.95
N ALA Q 257 82.86 4.30 53.05
CA ALA Q 257 81.87 5.38 53.02
C ALA Q 257 82.37 6.55 52.19
N VAL Q 258 83.67 6.84 52.24
CA VAL Q 258 84.24 7.92 51.44
C VAL Q 258 84.21 7.56 49.95
N GLY Q 259 84.52 6.29 49.64
CA GLY Q 259 84.42 5.84 48.26
C GLY Q 259 83.00 5.81 47.74
N ALA Q 260 82.04 5.50 48.62
CA ALA Q 260 80.64 5.51 48.23
C ALA Q 260 80.13 6.92 48.01
N GLU Q 261 80.60 7.88 48.82
CA GLU Q 261 80.25 9.29 48.59
C GLU Q 261 80.85 9.81 47.29
N TRP Q 262 82.10 9.42 46.99
CA TRP Q 262 82.72 9.81 45.73
C TRP Q 262 81.98 9.22 44.53
N ILE Q 263 81.59 7.95 44.63
CA ILE Q 263 80.82 7.29 43.57
C ILE Q 263 79.44 7.93 43.42
N ARG Q 264 78.81 8.34 44.53
CA ARG Q 264 77.51 8.97 44.47
C ARG Q 264 77.57 10.35 43.82
N GLU Q 265 78.61 11.13 44.14
CA GLU Q 265 78.76 12.44 43.52
C GLU Q 265 79.10 12.32 42.03
N LEU Q 266 79.92 11.32 41.67
CA LEU Q 266 80.23 11.08 40.27
C LEU Q 266 78.97 10.66 39.49
N LYS Q 267 78.16 9.79 40.10
CA LYS Q 267 76.91 9.36 39.48
C LYS Q 267 75.91 10.52 39.34
N LYS Q 268 75.89 11.42 40.32
CA LYS Q 268 75.01 12.58 40.26
C LYS Q 268 75.41 13.51 39.14
N VAL Q 269 76.71 13.82 39.03
CA VAL Q 269 77.20 14.72 37.99
C VAL Q 269 77.06 14.08 36.60
N ILE Q 270 77.16 12.76 36.50
CA ILE Q 270 77.01 12.10 35.20
C ILE Q 270 75.54 12.04 34.79
N GLU Q 271 74.67 11.62 35.69
CA GLU Q 271 73.26 11.47 35.35
C GLU Q 271 72.50 12.78 35.31
N ASN Q 272 73.07 13.87 35.82
CA ASN Q 272 72.54 15.22 35.62
C ASN Q 272 73.63 16.02 34.92
N PRO Q 273 73.63 16.04 33.58
CA PRO Q 273 74.75 16.64 32.85
C PRO Q 273 74.80 18.16 32.92
N LEU Q 274 73.73 18.82 33.39
CA LEU Q 274 73.76 20.27 33.56
C LEU Q 274 74.56 20.69 34.80
N GLU Q 275 74.91 19.73 35.68
CA GLU Q 275 75.72 20.04 36.84
C GLU Q 275 77.20 20.17 36.54
N LEU Q 276 77.61 19.92 35.28
CA LEU Q 276 78.99 20.15 34.89
C LEU Q 276 79.32 21.63 34.77
N LEU Q 277 78.30 22.49 34.68
CA LEU Q 277 78.51 23.93 34.71
C LEU Q 277 78.99 24.38 36.08
N LEU Q 278 78.38 23.86 37.14
CA LEU Q 278 78.72 24.22 38.51
C LEU Q 278 79.98 23.47 38.96
N TYR R 47 99.68 -38.33 -39.01
CA TYR R 47 100.09 -37.15 -39.76
C TYR R 47 101.11 -36.35 -38.96
N THR R 48 100.61 -35.58 -37.98
CA THR R 48 101.50 -34.86 -37.08
C THR R 48 101.92 -35.78 -35.94
N ASP R 49 103.23 -35.91 -35.77
CA ASP R 49 103.86 -36.94 -34.94
C ASP R 49 104.81 -36.30 -33.94
N VAL R 50 104.30 -35.35 -33.15
CA VAL R 50 105.04 -34.78 -32.02
C VAL R 50 105.39 -35.91 -31.05
N PRO R 51 106.60 -35.92 -30.50
CA PRO R 51 107.01 -37.03 -29.64
C PRO R 51 106.52 -36.85 -28.20
N ILE R 52 106.62 -37.94 -27.45
CA ILE R 52 106.25 -37.92 -26.03
C ILE R 52 107.28 -37.13 -25.26
N SER R 53 106.83 -36.38 -24.25
CA SER R 53 107.72 -35.49 -23.51
C SER R 53 108.74 -36.24 -22.67
N GLY R 54 108.48 -37.50 -22.33
CA GLY R 54 109.37 -38.25 -21.48
C GLY R 54 108.89 -38.21 -20.04
N MET R 55 108.38 -37.06 -19.61
CA MET R 55 107.70 -36.94 -18.33
C MET R 55 106.38 -37.71 -18.33
N ARG R 56 105.68 -37.75 -19.47
CA ARG R 56 104.46 -38.52 -19.61
C ARG R 56 104.70 -40.03 -19.54
N LYS R 57 105.91 -40.49 -19.87
CA LYS R 57 106.21 -41.92 -19.87
C LYS R 57 106.20 -42.47 -18.44
N THR R 58 106.72 -41.70 -17.48
CA THR R 58 106.70 -42.13 -16.09
C THR R 58 105.28 -42.19 -15.53
N ILE R 59 104.43 -41.22 -15.88
CA ILE R 59 103.04 -41.24 -15.43
C ILE R 59 102.28 -42.39 -16.08
N ALA R 60 102.59 -42.68 -17.34
CA ALA R 60 101.95 -43.80 -18.03
C ALA R 60 102.35 -45.14 -17.41
N ALA R 61 103.63 -45.29 -17.06
CA ALA R 61 104.09 -46.50 -16.37
C ALA R 61 103.49 -46.60 -14.98
N ARG R 62 103.32 -45.46 -14.30
CA ARG R 62 102.74 -45.46 -12.96
C ARG R 62 101.27 -45.85 -12.98
N LEU R 63 100.51 -45.32 -13.95
CA LEU R 63 99.11 -45.70 -14.09
C LEU R 63 98.98 -47.15 -14.54
N LYS R 64 99.94 -47.64 -15.33
CA LYS R 64 99.99 -49.05 -15.68
C LYS R 64 100.20 -49.92 -14.44
N GLU R 65 101.14 -49.53 -13.56
CA GLU R 65 101.36 -50.22 -12.30
C GLU R 65 100.11 -50.23 -11.44
N SER R 66 99.40 -49.10 -11.41
CA SER R 66 98.18 -48.97 -10.61
C SER R 66 97.08 -49.91 -11.10
N VAL R 67 96.84 -49.93 -12.42
CA VAL R 67 95.76 -50.76 -12.94
C VAL R 67 96.15 -52.22 -13.00
N THR R 68 97.46 -52.53 -12.96
CA THR R 68 97.83 -53.94 -13.06
C THR R 68 98.07 -54.57 -11.69
N GLU R 69 98.26 -53.76 -10.65
CA GLU R 69 98.50 -54.35 -9.34
C GLU R 69 97.34 -54.08 -8.39
N ASN R 70 96.50 -53.11 -8.73
CA ASN R 70 95.34 -52.77 -7.90
C ASN R 70 94.07 -53.18 -8.62
N PRO R 71 93.39 -54.26 -8.19
CA PRO R 71 92.06 -54.54 -8.73
C PRO R 71 91.03 -53.56 -8.20
N HIS R 72 90.65 -52.58 -9.04
CA HIS R 72 89.78 -51.51 -8.60
C HIS R 72 88.33 -51.96 -8.56
N PHE R 73 87.57 -51.40 -7.62
CA PHE R 73 86.12 -51.47 -7.69
C PHE R 73 85.55 -50.15 -7.21
N PHE R 74 84.47 -49.72 -7.85
CA PHE R 74 83.89 -48.41 -7.62
C PHE R 74 82.63 -48.52 -6.77
N VAL R 75 82.44 -47.55 -5.90
CA VAL R 75 81.22 -47.41 -5.11
C VAL R 75 80.69 -45.99 -5.33
N SER R 76 79.48 -45.87 -5.83
CA SER R 76 78.89 -44.58 -6.14
C SER R 76 77.81 -44.22 -5.15
N THR R 77 77.66 -42.92 -4.91
CA THR R 77 76.62 -42.42 -4.01
C THR R 77 76.23 -41.02 -4.46
N ASN R 78 75.13 -40.52 -3.91
CA ASN R 78 74.66 -39.17 -4.17
C ASN R 78 74.56 -38.43 -2.85
N LEU R 79 75.41 -37.41 -2.68
CA LEU R 79 75.42 -36.60 -1.48
C LEU R 79 74.53 -35.38 -1.68
N SER R 80 73.67 -35.11 -0.71
CA SER R 80 72.86 -33.90 -0.72
C SER R 80 73.65 -32.79 -0.03
N VAL R 81 73.84 -31.68 -0.75
CA VAL R 81 74.68 -30.59 -0.30
C VAL R 81 73.88 -29.31 -0.10
N SER R 82 72.56 -29.42 0.04
CA SER R 82 71.72 -28.24 0.20
C SER R 82 71.92 -27.57 1.56
N LYS R 83 72.29 -28.34 2.58
CA LYS R 83 72.64 -27.76 3.87
C LYS R 83 74.10 -27.34 3.93
N LEU R 84 74.96 -28.06 3.21
CA LEU R 84 76.38 -27.71 3.14
C LEU R 84 76.59 -26.38 2.45
N LEU R 85 75.80 -26.10 1.40
CA LEU R 85 75.90 -24.81 0.73
C LEU R 85 75.37 -23.67 1.61
N LYS R 86 74.34 -23.94 2.42
CA LYS R 86 73.85 -22.93 3.35
C LYS R 86 74.87 -22.63 4.45
N LEU R 87 75.53 -23.67 4.96
CA LEU R 87 76.58 -23.48 5.96
C LEU R 87 77.77 -22.73 5.38
N ARG R 88 78.13 -23.03 4.13
CA ARG R 88 79.23 -22.32 3.47
C ARG R 88 78.87 -20.86 3.21
N GLN R 89 77.61 -20.60 2.85
CA GLN R 89 77.16 -19.23 2.61
C GLN R 89 77.17 -18.43 3.90
N ALA R 90 76.74 -19.04 5.02
CA ALA R 90 76.75 -18.36 6.31
C ALA R 90 78.18 -18.09 6.79
N LEU R 91 79.07 -19.07 6.62
CA LEU R 91 80.45 -18.89 7.08
C LEU R 91 81.20 -17.91 6.19
N ASN R 92 80.81 -17.78 4.92
CA ASN R 92 81.44 -16.80 4.06
C ASN R 92 80.88 -15.41 4.29
N SER R 93 79.59 -15.31 4.63
CA SER R 93 79.00 -14.00 4.88
C SER R 93 79.43 -13.44 6.22
N SER R 94 79.73 -14.30 7.20
CA SER R 94 80.22 -13.84 8.50
C SER R 94 81.75 -13.75 8.50
N ALA R 95 82.26 -12.88 7.63
CA ALA R 95 83.70 -12.69 7.51
C ALA R 95 83.96 -11.28 7.00
N ASP R 96 85.22 -10.86 7.11
CA ASP R 96 85.68 -9.56 6.64
C ASP R 96 86.72 -9.72 5.54
N GLY R 97 86.58 -10.74 4.71
CA GLY R 97 87.60 -11.05 3.73
C GLY R 97 88.79 -11.80 4.26
N ARG R 98 88.68 -12.41 5.46
CA ARG R 98 89.79 -13.17 6.01
C ARG R 98 89.94 -14.52 5.31
N TYR R 99 88.84 -15.11 4.86
CA TYR R 99 88.88 -16.43 4.25
C TYR R 99 87.78 -16.52 3.19
N LYS R 100 87.86 -17.59 2.40
CA LYS R 100 86.84 -17.90 1.40
C LYS R 100 86.71 -19.41 1.33
N LEU R 101 85.52 -19.92 1.67
CA LEU R 101 85.31 -21.35 1.79
C LEU R 101 84.73 -21.93 0.50
N SER R 102 85.10 -23.16 0.20
CA SER R 102 84.59 -23.90 -0.95
C SER R 102 84.06 -25.25 -0.49
N VAL R 103 83.48 -25.99 -1.44
CA VAL R 103 82.92 -27.31 -1.14
C VAL R 103 84.04 -28.31 -0.90
N ASN R 104 85.22 -28.08 -1.50
CA ASN R 104 86.34 -29.00 -1.36
C ASN R 104 86.89 -29.02 0.06
N ASP R 105 86.74 -27.92 0.80
CA ASP R 105 87.16 -27.88 2.20
C ASP R 105 86.30 -28.80 3.06
N PHE R 106 84.98 -28.73 2.90
CA PHE R 106 84.07 -29.63 3.60
C PHE R 106 84.29 -31.07 3.19
N LEU R 107 84.60 -31.29 1.91
CA LEU R 107 84.83 -32.65 1.42
C LEU R 107 86.11 -33.23 2.00
N ILE R 108 87.17 -32.42 2.11
CA ILE R 108 88.44 -32.89 2.67
C ILE R 108 88.29 -33.16 4.16
N LYS R 109 87.56 -32.30 4.87
CA LYS R 109 87.32 -32.53 6.30
C LYS R 109 86.44 -33.77 6.53
N ALA R 110 85.44 -33.99 5.68
CA ALA R 110 84.60 -35.17 5.81
C ALA R 110 85.36 -36.43 5.45
N MET R 111 86.30 -36.34 4.51
CA MET R 111 87.16 -37.48 4.19
C MET R 111 88.08 -37.82 5.36
N GLY R 112 88.57 -36.79 6.05
CA GLY R 112 89.39 -37.04 7.24
C GLY R 112 88.59 -37.69 8.37
N ILE R 113 87.35 -37.22 8.57
CA ILE R 113 86.49 -37.80 9.60
C ILE R 113 86.13 -39.24 9.27
N ALA R 114 85.81 -39.51 7.99
CA ALA R 114 85.45 -40.86 7.58
C ALA R 114 86.63 -41.81 7.61
N SER R 115 87.83 -41.33 7.27
CA SER R 115 89.01 -42.18 7.34
C SER R 115 89.45 -42.41 8.78
N LYS R 116 89.14 -41.49 9.69
CA LYS R 116 89.40 -41.74 11.10
C LYS R 116 88.39 -42.74 11.68
N ARG R 117 87.14 -42.69 11.22
CA ARG R 117 86.15 -43.64 11.72
C ARG R 117 86.33 -45.03 11.15
N VAL R 118 86.71 -45.15 9.87
CA VAL R 118 87.01 -46.45 9.26
C VAL R 118 88.49 -46.46 8.89
N PRO R 119 89.37 -46.95 9.77
CA PRO R 119 90.82 -46.85 9.51
C PRO R 119 91.35 -47.88 8.52
N THR R 120 90.52 -48.80 8.04
CA THR R 120 90.99 -49.80 7.08
C THR R 120 91.23 -49.18 5.71
N VAL R 121 90.46 -48.15 5.35
CA VAL R 121 90.64 -47.48 4.08
C VAL R 121 91.92 -46.64 4.08
N ASN R 122 92.32 -46.13 5.24
CA ASN R 122 93.54 -45.33 5.39
C ASN R 122 94.72 -46.27 5.56
N SER R 123 95.11 -46.93 4.48
CA SER R 123 96.17 -47.93 4.51
C SER R 123 96.86 -47.97 3.15
N SER R 124 97.74 -48.95 2.98
CA SER R 124 98.51 -49.13 1.75
C SER R 124 98.78 -50.62 1.56
N TRP R 125 99.76 -50.94 0.72
CA TRP R 125 100.15 -52.32 0.46
C TRP R 125 101.65 -52.38 0.27
N ARG R 126 102.33 -53.07 1.19
CA ARG R 126 103.80 -53.04 1.29
C ARG R 126 104.36 -54.46 1.26
N ASP R 127 105.64 -54.61 1.62
CA ASP R 127 106.33 -55.90 1.52
C ASP R 127 105.75 -56.88 2.53
N GLY R 128 104.73 -57.63 2.11
CA GLY R 128 104.09 -58.62 2.96
C GLY R 128 103.36 -58.05 4.15
N VAL R 129 102.99 -56.77 4.11
CA VAL R 129 102.54 -56.06 5.30
C VAL R 129 101.64 -54.90 4.86
N ILE R 130 100.67 -54.59 5.72
CA ILE R 130 99.72 -53.49 5.51
C ILE R 130 100.19 -52.33 6.39
N ARG R 131 100.48 -51.18 5.78
CA ARG R 131 100.92 -50.02 6.54
C ARG R 131 99.73 -49.12 6.82
N GLN R 132 99.38 -48.98 8.09
CA GLN R 132 98.21 -48.24 8.54
C GLN R 132 98.65 -46.98 9.28
N PHE R 133 98.21 -45.82 8.80
CA PHE R 133 98.56 -44.54 9.37
C PHE R 133 97.51 -44.08 10.38
N GLU R 134 97.89 -43.11 11.21
CA GLU R 134 96.95 -42.44 12.11
C GLU R 134 96.32 -41.21 11.47
N THR R 135 97.14 -40.28 11.00
CA THR R 135 96.63 -39.04 10.44
C THR R 135 96.19 -39.24 9.00
N VAL R 136 95.26 -38.40 8.55
CA VAL R 136 94.75 -38.43 7.18
C VAL R 136 95.49 -37.35 6.41
N ASP R 137 96.33 -37.76 5.47
CA ASP R 137 97.02 -36.84 4.58
C ASP R 137 96.35 -36.92 3.21
N VAL R 138 95.73 -35.83 2.79
CA VAL R 138 94.85 -35.83 1.63
C VAL R 138 95.58 -35.19 0.46
N SER R 139 95.74 -35.95 -0.63
CA SER R 139 96.35 -35.43 -1.85
C SER R 139 95.26 -34.85 -2.73
N VAL R 140 95.40 -33.57 -3.08
CA VAL R 140 94.41 -32.86 -3.89
C VAL R 140 94.98 -32.65 -5.28
N ALA R 141 94.20 -33.04 -6.30
CA ALA R 141 94.66 -32.93 -7.67
C ALA R 141 94.49 -31.50 -8.17
N VAL R 142 95.55 -30.93 -8.73
CA VAL R 142 95.55 -29.59 -9.30
C VAL R 142 95.83 -29.71 -10.78
N ALA R 143 94.96 -29.09 -11.60
CA ALA R 143 95.06 -29.17 -13.05
C ALA R 143 95.94 -28.02 -13.54
N THR R 144 97.17 -28.34 -13.92
CA THR R 144 98.14 -27.44 -14.50
C THR R 144 98.27 -27.71 -16.01
N PRO R 145 98.72 -26.74 -16.81
CA PRO R 145 98.89 -27.00 -18.25
C PRO R 145 99.98 -28.01 -18.58
N ASN R 146 100.86 -28.33 -17.62
CA ASN R 146 101.80 -29.44 -17.72
C ASN R 146 101.24 -30.73 -17.13
N GLY R 147 99.92 -30.89 -17.11
CA GLY R 147 99.33 -32.16 -16.73
C GLY R 147 98.64 -32.20 -15.38
N LEU R 148 99.14 -33.03 -14.46
CA LEU R 148 98.48 -33.24 -13.19
C LEU R 148 99.52 -33.35 -12.09
N ILE R 149 99.22 -32.74 -10.95
CA ILE R 149 100.06 -32.83 -9.76
C ILE R 149 99.13 -32.97 -8.56
N THR R 150 99.62 -33.63 -7.50
CA THR R 150 98.84 -33.88 -6.30
C THR R 150 99.61 -33.40 -5.06
N PRO R 151 99.51 -32.12 -4.72
CA PRO R 151 100.04 -31.67 -3.43
C PRO R 151 99.20 -32.18 -2.27
N ILE R 152 99.84 -32.34 -1.12
CA ILE R 152 99.27 -33.03 0.02
C ILE R 152 98.98 -32.04 1.14
N VAL R 153 97.78 -32.12 1.69
CA VAL R 153 97.41 -31.43 2.93
C VAL R 153 97.62 -32.43 4.05
N LYS R 154 98.54 -32.09 4.96
CA LYS R 154 98.94 -32.99 6.03
C LYS R 154 98.15 -32.72 7.30
N GLY R 155 97.75 -33.79 7.98
CA GLY R 155 97.02 -33.70 9.23
C GLY R 155 95.65 -33.08 9.08
N VAL R 156 94.77 -33.72 8.33
CA VAL R 156 93.49 -33.12 7.97
C VAL R 156 92.54 -33.11 9.16
N GLU R 157 92.44 -34.22 9.89
CA GLU R 157 91.57 -34.26 11.05
C GLU R 157 92.17 -33.41 12.17
N GLY R 158 91.34 -32.61 12.81
CA GLY R 158 91.80 -31.64 13.78
C GLY R 158 92.68 -30.54 13.21
N LYS R 159 92.26 -29.92 12.12
CA LYS R 159 93.07 -28.87 11.51
C LYS R 159 92.33 -27.54 11.39
N GLY R 160 91.07 -27.56 10.99
CA GLY R 160 90.33 -26.33 10.80
C GLY R 160 90.10 -26.02 9.33
N LEU R 161 88.90 -25.50 9.05
CA LEU R 161 88.49 -25.26 7.67
C LEU R 161 89.26 -24.10 7.05
N GLU R 162 89.58 -23.08 7.85
CA GLU R 162 90.36 -21.96 7.33
C GLU R 162 91.80 -22.36 7.05
N SER R 163 92.36 -23.24 7.89
CA SER R 163 93.70 -23.77 7.64
C SER R 163 93.72 -24.65 6.40
N ILE R 164 92.66 -25.44 6.21
CA ILE R 164 92.56 -26.29 5.02
C ILE R 164 92.44 -25.44 3.75
N SER R 165 91.61 -24.39 3.82
CA SER R 165 91.44 -23.49 2.67
C SER R 165 92.74 -22.76 2.35
N ALA R 166 93.46 -22.31 3.38
CA ALA R 166 94.72 -21.62 3.18
C ALA R 166 95.77 -22.54 2.56
N ALA R 167 95.85 -23.78 3.06
CA ALA R 167 96.84 -24.73 2.54
C ALA R 167 96.50 -25.14 1.10
N VAL R 168 95.22 -25.31 0.80
CA VAL R 168 94.80 -25.66 -0.56
C VAL R 168 95.09 -24.52 -1.53
N LYS R 169 94.86 -23.27 -1.10
CA LYS R 169 95.14 -22.12 -1.97
C LYS R 169 96.64 -21.94 -2.19
N GLU R 170 97.44 -22.10 -1.12
CA GLU R 170 98.90 -22.05 -1.22
C GLU R 170 99.43 -23.10 -2.19
N LEU R 171 98.99 -24.36 -2.02
CA LEU R 171 99.51 -25.44 -2.85
C LEU R 171 99.02 -25.33 -4.29
N ALA R 172 97.80 -24.82 -4.50
CA ALA R 172 97.30 -24.66 -5.85
C ALA R 172 98.02 -23.55 -6.61
N LYS R 173 98.27 -22.41 -5.95
CA LYS R 173 98.96 -21.33 -6.64
C LYS R 173 100.43 -21.68 -6.84
N LYS R 174 101.02 -22.47 -5.93
CA LYS R 174 102.38 -22.92 -6.15
C LYS R 174 102.46 -24.02 -7.20
N ALA R 175 101.36 -24.75 -7.41
CA ALA R 175 101.33 -25.72 -8.49
C ALA R 175 101.18 -25.02 -9.83
N ARG R 176 100.46 -23.91 -9.86
CA ARG R 176 100.36 -23.12 -11.08
C ARG R 176 101.67 -22.41 -11.40
N ASP R 177 102.42 -22.00 -10.38
CA ASP R 177 103.73 -21.41 -10.62
C ASP R 177 104.86 -22.45 -10.77
N GLY R 178 104.60 -23.71 -10.43
CA GLY R 178 105.58 -24.77 -10.59
C GLY R 178 106.76 -24.69 -9.66
N LYS R 179 106.49 -24.55 -8.35
CA LYS R 179 107.54 -24.29 -7.36
C LYS R 179 107.41 -25.24 -6.18
N LEU R 180 107.35 -26.55 -6.44
CA LEU R 180 107.12 -27.54 -5.40
C LEU R 180 108.39 -28.33 -5.09
N LYS R 181 108.47 -28.81 -3.86
CA LYS R 181 109.41 -29.77 -3.32
C LYS R 181 108.83 -31.17 -3.47
N PRO R 182 109.67 -32.21 -3.64
CA PRO R 182 109.13 -33.58 -3.80
C PRO R 182 108.43 -34.12 -2.57
N GLU R 183 108.76 -33.60 -1.38
CA GLU R 183 108.06 -33.98 -0.16
C GLU R 183 106.67 -33.37 -0.07
N GLU R 184 106.33 -32.42 -0.95
CA GLU R 184 104.99 -31.84 -0.96
C GLU R 184 104.02 -32.57 -1.87
N TYR R 185 104.51 -33.42 -2.78
CA TYR R 185 103.61 -34.17 -3.65
C TYR R 185 103.99 -35.65 -3.73
N GLN R 186 104.86 -36.11 -2.83
CA GLN R 186 105.22 -37.53 -2.76
C GLN R 186 104.83 -38.05 -1.38
N GLY R 187 103.76 -38.84 -1.33
CA GLY R 187 103.27 -39.39 -0.09
C GLY R 187 101.77 -39.46 -0.05
N GLY R 188 101.16 -39.11 1.09
CA GLY R 188 99.73 -39.10 1.22
C GLY R 188 99.13 -40.47 1.49
N SER R 189 97.94 -40.49 2.11
CA SER R 189 97.24 -41.73 2.39
C SER R 189 95.95 -41.90 1.61
N ILE R 190 95.38 -40.81 1.10
CA ILE R 190 94.15 -40.87 0.32
C ILE R 190 94.13 -39.65 -0.62
N SER R 191 93.40 -39.77 -1.72
CA SER R 191 93.38 -38.76 -2.77
C SER R 191 91.94 -38.32 -3.03
N ILE R 192 91.81 -37.22 -3.77
CA ILE R 192 90.51 -36.71 -4.20
C ILE R 192 90.69 -35.97 -5.51
N SER R 193 89.80 -36.26 -6.47
CA SER R 193 89.79 -35.60 -7.76
C SER R 193 88.50 -34.79 -7.86
N ASN R 194 88.63 -33.51 -8.20
CA ASN R 194 87.53 -32.56 -8.17
C ASN R 194 87.24 -32.07 -9.58
N MET R 195 85.98 -32.17 -10.00
CA MET R 195 85.55 -31.69 -11.32
C MET R 195 84.23 -30.95 -11.21
N GLY R 196 84.10 -30.10 -10.18
CA GLY R 196 82.87 -29.33 -10.02
C GLY R 196 82.81 -28.09 -10.88
N MET R 197 83.95 -27.64 -11.40
CA MET R 197 83.94 -26.44 -12.25
C MET R 197 83.38 -26.74 -13.64
N ASN R 198 83.42 -28.01 -14.04
CA ASN R 198 82.83 -28.44 -15.31
C ASN R 198 81.40 -28.93 -15.03
N PRO R 199 80.38 -28.23 -15.51
CA PRO R 199 79.00 -28.65 -15.23
C PRO R 199 78.53 -29.83 -16.06
N ALA R 200 79.33 -30.29 -17.03
CA ALA R 200 78.90 -31.41 -17.86
C ALA R 200 79.17 -32.75 -17.18
N VAL R 201 80.20 -32.82 -16.34
CA VAL R 201 80.61 -34.09 -15.74
C VAL R 201 79.64 -34.44 -14.63
N GLN R 202 78.69 -35.33 -14.93
CA GLN R 202 77.79 -35.83 -13.90
C GLN R 202 78.49 -36.83 -12.99
N SER R 203 79.32 -37.69 -13.55
CA SER R 203 80.01 -38.72 -12.80
C SER R 203 81.25 -39.13 -13.57
N PHE R 204 82.31 -39.47 -12.83
CA PHE R 204 83.52 -39.99 -13.44
C PHE R 204 84.26 -40.84 -12.42
N THR R 205 85.13 -41.70 -12.92
CA THR R 205 86.00 -42.53 -12.10
C THR R 205 87.44 -42.04 -12.22
N ALA R 206 88.25 -42.43 -11.25
CA ALA R 206 89.66 -42.04 -11.23
C ALA R 206 90.51 -43.27 -10.99
N ILE R 207 91.80 -43.13 -11.28
CA ILE R 207 92.77 -44.20 -11.09
C ILE R 207 93.52 -43.93 -9.78
N ILE R 208 93.67 -44.98 -8.97
CA ILE R 208 94.28 -44.85 -7.66
C ILE R 208 95.78 -44.60 -7.81
N ASN R 209 96.26 -43.53 -7.19
CA ASN R 209 97.70 -43.25 -7.17
C ASN R 209 98.39 -44.24 -6.25
N PRO R 210 99.37 -45.00 -6.73
CA PRO R 210 100.08 -45.93 -5.86
C PRO R 210 101.01 -45.19 -4.92
N PRO R 211 101.23 -45.71 -3.71
CA PRO R 211 100.68 -46.95 -3.15
C PRO R 211 99.44 -46.77 -2.28
N GLN R 212 98.60 -45.77 -2.58
CA GLN R 212 97.42 -45.55 -1.76
C GLN R 212 96.35 -46.60 -2.06
N ALA R 213 95.29 -46.59 -1.25
CA ALA R 213 94.26 -47.62 -1.32
C ALA R 213 92.94 -47.14 -1.88
N ALA R 214 92.68 -45.83 -1.90
CA ALA R 214 91.39 -45.33 -2.36
C ALA R 214 91.58 -43.97 -3.03
N ILE R 215 90.62 -43.61 -3.87
CA ILE R 215 90.58 -42.28 -4.47
C ILE R 215 89.13 -41.85 -4.61
N LEU R 216 88.87 -40.56 -4.40
CA LEU R 216 87.53 -40.02 -4.49
C LEU R 216 87.39 -39.27 -5.82
N ALA R 217 86.16 -39.20 -6.33
CA ALA R 217 85.86 -38.47 -7.56
C ALA R 217 84.52 -37.79 -7.39
N VAL R 218 84.47 -36.48 -7.59
CA VAL R 218 83.31 -35.67 -7.26
C VAL R 218 82.78 -35.01 -8.52
N GLY R 219 81.52 -35.26 -8.85
CA GLY R 219 80.92 -34.72 -10.07
C GLY R 219 80.20 -33.41 -9.82
N ALA R 220 79.74 -32.81 -10.92
CA ALA R 220 79.05 -31.54 -10.87
C ALA R 220 77.70 -31.69 -10.19
N PRO R 221 77.28 -30.68 -9.42
CA PRO R 221 75.95 -30.74 -8.78
C PRO R 221 74.83 -30.53 -9.79
N GLN R 222 73.72 -31.21 -9.55
CA GLN R 222 72.54 -31.14 -10.38
C GLN R 222 71.29 -31.12 -9.52
N LYS R 223 70.17 -30.65 -10.07
CA LYS R 223 68.90 -30.61 -9.36
C LYS R 223 68.16 -31.93 -9.55
N VAL R 224 67.88 -32.61 -8.45
CA VAL R 224 67.17 -33.89 -8.46
C VAL R 224 65.86 -33.73 -7.69
N ALA R 225 64.78 -34.24 -8.26
CA ALA R 225 63.47 -34.19 -7.62
C ALA R 225 63.43 -35.14 -6.43
N VAL R 226 63.08 -34.60 -5.26
CA VAL R 226 63.06 -35.33 -4.00
C VAL R 226 61.69 -35.15 -3.35
N PRO R 227 61.04 -36.21 -2.89
CA PRO R 227 59.69 -36.06 -2.32
C PRO R 227 59.72 -35.36 -0.96
N VAL R 228 58.62 -34.66 -0.67
CA VAL R 228 58.48 -33.91 0.56
C VAL R 228 57.02 -33.99 1.01
N GLU R 229 56.82 -34.10 2.32
CA GLU R 229 55.48 -34.00 2.88
C GLU R 229 55.19 -32.55 3.17
N ASN R 230 53.98 -32.11 2.87
CA ASN R 230 53.50 -30.83 3.37
C ASN R 230 52.90 -31.07 4.76
N GLU R 231 52.25 -30.06 5.32
CA GLU R 231 51.60 -30.22 6.62
C GLU R 231 50.24 -30.92 6.52
N ASP R 232 49.84 -31.35 5.33
CA ASP R 232 48.73 -32.27 5.15
C ASP R 232 49.26 -33.61 4.64
N GLY R 233 48.35 -34.53 4.32
CA GLY R 233 48.72 -35.91 4.06
C GLY R 233 49.42 -36.16 2.72
N THR R 234 49.30 -35.26 1.76
CA THR R 234 49.79 -35.54 0.42
C THR R 234 51.29 -35.33 0.33
N THR R 235 51.90 -35.92 -0.70
CA THR R 235 53.31 -35.72 -0.99
C THR R 235 53.52 -34.63 -2.03
N GLY R 236 54.75 -34.12 -2.10
CA GLY R 236 55.08 -33.03 -2.99
C GLY R 236 56.37 -33.28 -3.74
N VAL R 237 56.78 -32.26 -4.49
CA VAL R 237 58.04 -32.28 -5.22
C VAL R 237 58.92 -31.16 -4.68
N SER R 238 60.07 -31.53 -4.13
CA SER R 238 61.08 -30.59 -3.72
C SER R 238 62.32 -30.81 -4.57
N TRP R 239 63.08 -29.75 -4.79
CA TRP R 239 64.27 -29.78 -5.65
C TRP R 239 65.51 -29.73 -4.77
N ASP R 240 66.28 -30.81 -4.79
CA ASP R 240 67.45 -30.97 -3.94
C ASP R 240 68.71 -30.91 -4.79
N GLU R 241 69.76 -30.28 -4.25
CA GLU R 241 71.05 -30.20 -4.92
C GLU R 241 71.84 -31.45 -4.57
N GLN R 242 72.07 -32.32 -5.55
CA GLN R 242 72.78 -33.57 -5.32
C GLN R 242 74.09 -33.60 -6.09
N ILE R 243 75.06 -34.32 -5.54
CA ILE R 243 76.39 -34.46 -6.13
C ILE R 243 76.71 -35.95 -6.18
N ILE R 244 77.08 -36.44 -7.35
CA ILE R 244 77.44 -37.85 -7.51
C ILE R 244 78.91 -38.00 -7.15
N VAL R 245 79.17 -38.86 -6.16
CA VAL R 245 80.51 -39.11 -5.64
C VAL R 245 80.85 -40.58 -5.87
N THR R 246 81.94 -40.82 -6.59
CA THR R 246 82.40 -42.18 -6.89
C THR R 246 83.74 -42.41 -6.20
N ALA R 247 83.80 -43.43 -5.37
CA ALA R 247 85.03 -43.78 -4.66
C ALA R 247 85.57 -45.09 -5.23
N SER R 248 86.81 -45.05 -5.71
CA SER R 248 87.47 -46.23 -6.28
C SER R 248 88.39 -46.81 -5.21
N PHE R 249 88.17 -48.08 -4.88
CA PHE R 249 88.94 -48.78 -3.86
C PHE R 249 89.76 -49.90 -4.49
N ASP R 250 90.84 -50.26 -3.77
CA ASP R 250 91.67 -51.40 -4.10
C ASP R 250 91.18 -52.60 -3.29
N HIS R 251 90.93 -53.72 -3.98
CA HIS R 251 90.28 -54.85 -3.33
C HIS R 251 91.25 -55.69 -2.51
N LYS R 252 92.56 -55.44 -2.60
CA LYS R 252 93.52 -56.17 -1.77
C LYS R 252 93.47 -55.68 -0.33
N VAL R 253 93.11 -54.43 -0.12
CA VAL R 253 93.07 -53.83 1.21
C VAL R 253 91.63 -53.63 1.69
N VAL R 254 90.77 -53.06 0.86
CA VAL R 254 89.43 -52.67 1.24
C VAL R 254 88.45 -53.61 0.55
N ASP R 255 87.55 -54.21 1.34
CA ASP R 255 86.46 -54.98 0.78
C ASP R 255 85.24 -54.09 0.53
N GLY R 256 84.20 -54.71 -0.03
CA GLY R 256 83.03 -53.95 -0.41
C GLY R 256 82.23 -53.44 0.78
N ALA R 257 82.17 -54.23 1.85
CA ALA R 257 81.48 -53.79 3.07
C ALA R 257 82.24 -52.66 3.75
N VAL R 258 83.57 -52.71 3.73
CA VAL R 258 84.37 -51.63 4.33
C VAL R 258 84.23 -50.35 3.50
N GLY R 259 84.22 -50.48 2.18
CA GLY R 259 84.00 -49.32 1.33
C GLY R 259 82.60 -48.74 1.47
N ALA R 260 81.62 -49.61 1.69
CA ALA R 260 80.25 -49.15 1.90
C ALA R 260 80.10 -48.45 3.25
N GLU R 261 80.80 -48.93 4.29
CA GLU R 261 80.79 -48.24 5.58
C GLU R 261 81.49 -46.88 5.49
N TRP R 262 82.60 -46.81 4.74
CA TRP R 262 83.29 -45.53 4.53
C TRP R 262 82.40 -44.54 3.79
N ILE R 263 81.71 -45.01 2.74
CA ILE R 263 80.80 -44.19 1.98
C ILE R 263 79.61 -43.74 2.83
N ARG R 264 79.12 -44.62 3.71
CA ARG R 264 78.00 -44.27 4.58
C ARG R 264 78.39 -43.23 5.62
N GLU R 265 79.59 -43.35 6.19
CA GLU R 265 80.04 -42.34 7.15
C GLU R 265 80.33 -41.01 6.47
N LEU R 266 80.87 -41.03 5.25
CA LEU R 266 81.09 -39.81 4.50
C LEU R 266 79.76 -39.12 4.15
N LYS R 267 78.76 -39.92 3.75
CA LYS R 267 77.44 -39.38 3.45
C LYS R 267 76.76 -38.83 4.69
N LYS R 268 76.96 -39.47 5.84
CA LYS R 268 76.39 -38.98 7.09
C LYS R 268 77.00 -37.64 7.49
N VAL R 269 78.33 -37.53 7.43
CA VAL R 269 79.01 -36.29 7.80
C VAL R 269 78.69 -35.17 6.79
N ILE R 270 78.48 -35.50 5.51
CA ILE R 270 78.15 -34.48 4.53
C ILE R 270 76.71 -34.01 4.69
N GLU R 271 75.76 -34.95 4.81
CA GLU R 271 74.35 -34.58 4.87
C GLU R 271 73.94 -34.07 6.25
N ASN R 272 74.77 -34.23 7.28
CA ASN R 272 74.57 -33.58 8.57
C ASN R 272 75.81 -32.74 8.82
N PRO R 273 75.80 -31.46 8.40
CA PRO R 273 77.03 -30.66 8.45
C PRO R 273 77.45 -30.24 9.86
N LEU R 274 76.57 -30.39 10.85
CA LEU R 274 76.96 -30.10 12.23
C LEU R 274 77.85 -31.18 12.83
N GLU R 275 77.96 -32.34 12.16
CA GLU R 275 78.84 -33.40 12.64
C GLU R 275 80.31 -33.17 12.31
N LEU R 276 80.63 -32.08 11.58
CA LEU R 276 82.02 -31.73 11.33
C LEU R 276 82.70 -31.16 12.56
N LEU R 277 81.92 -30.74 13.56
CA LEU R 277 82.48 -30.32 14.85
C LEU R 277 83.08 -31.51 15.59
N LEU R 278 82.36 -32.62 15.61
CA LEU R 278 82.81 -33.83 16.30
C LEU R 278 83.85 -34.57 15.47
N TYR S 47 86.77 17.96 -71.25
CA TYR S 47 87.45 19.02 -70.50
C TYR S 47 88.64 18.44 -69.74
N THR S 48 88.37 17.81 -68.61
CA THR S 48 89.41 17.12 -67.86
C THR S 48 89.61 15.72 -68.43
N ASP S 49 90.84 15.42 -68.81
CA ASP S 49 91.22 14.27 -69.62
C ASP S 49 92.31 13.47 -68.94
N VAL S 50 92.06 13.06 -67.69
CA VAL S 50 92.94 12.13 -66.97
C VAL S 50 93.01 10.83 -67.76
N PRO S 51 94.20 10.22 -67.88
CA PRO S 51 94.34 9.03 -68.70
C PRO S 51 93.92 7.76 -67.96
N ILE S 52 93.75 6.69 -68.73
CA ILE S 52 93.42 5.39 -68.17
C ILE S 52 94.63 4.84 -67.43
N SER S 53 94.39 4.15 -66.31
CA SER S 53 95.48 3.69 -65.46
C SER S 53 96.30 2.58 -66.12
N GLY S 54 95.74 1.88 -67.09
CA GLY S 54 96.44 0.77 -67.71
C GLY S 54 96.01 -0.55 -67.09
N MET S 55 95.80 -0.54 -65.77
CA MET S 55 95.19 -1.67 -65.10
C MET S 55 93.72 -1.83 -65.48
N ARG S 56 93.03 -0.72 -65.72
CA ARG S 56 91.64 -0.75 -66.20
C ARG S 56 91.50 -1.32 -67.60
N LYS S 57 92.57 -1.24 -68.42
CA LYS S 57 92.51 -1.72 -69.80
C LYS S 57 92.39 -3.24 -69.85
N THR S 58 93.08 -3.93 -68.93
CA THR S 58 92.99 -5.39 -68.87
C THR S 58 91.61 -5.84 -68.41
N ILE S 59 91.01 -5.14 -67.44
CA ILE S 59 89.67 -5.49 -66.98
C ILE S 59 88.63 -5.18 -68.05
N ALA S 60 88.85 -4.10 -68.82
CA ALA S 60 87.95 -3.77 -69.92
C ALA S 60 88.02 -4.82 -71.03
N ALA S 61 89.23 -5.28 -71.36
CA ALA S 61 89.39 -6.34 -72.35
C ALA S 61 88.81 -7.66 -71.84
N ARG S 62 88.93 -7.92 -70.54
CA ARG S 62 88.39 -9.16 -69.98
C ARG S 62 86.86 -9.16 -69.98
N LEU S 63 86.24 -8.03 -69.63
CA LEU S 63 84.78 -7.92 -69.70
C LEU S 63 84.30 -7.95 -71.14
N LYS S 64 85.11 -7.42 -72.08
CA LYS S 64 84.80 -7.55 -73.50
C LYS S 64 84.81 -9.02 -73.93
N GLU S 65 85.83 -9.78 -73.51
CA GLU S 65 85.89 -11.22 -73.78
C GLU S 65 84.69 -11.94 -73.21
N SER S 66 84.28 -11.56 -72.00
CA SER S 66 83.14 -12.19 -71.34
C SER S 66 81.84 -11.95 -72.10
N VAL S 67 81.58 -10.71 -72.50
CA VAL S 67 80.32 -10.41 -73.16
C VAL S 67 80.35 -10.85 -74.62
N THR S 68 81.53 -11.07 -75.20
CA THR S 68 81.55 -11.45 -76.61
C THR S 68 81.65 -12.96 -76.80
N GLU S 69 82.05 -13.70 -75.76
CA GLU S 69 82.16 -15.15 -75.93
C GLU S 69 81.12 -15.87 -75.09
N ASN S 70 80.53 -15.19 -74.10
CA ASN S 70 79.51 -15.78 -73.27
C ASN S 70 78.16 -15.16 -73.58
N PRO S 71 77.24 -15.87 -74.26
CA PRO S 71 75.88 -15.35 -74.38
C PRO S 71 75.13 -15.46 -73.06
N HIS S 72 74.99 -14.35 -72.36
CA HIS S 72 74.40 -14.34 -71.03
C HIS S 72 72.89 -14.44 -71.10
N PHE S 73 72.31 -15.09 -70.09
CA PHE S 73 70.88 -14.96 -69.84
C PHE S 73 70.64 -14.96 -68.34
N PHE S 74 69.69 -14.14 -67.90
CA PHE S 74 69.46 -13.89 -66.49
C PHE S 74 68.22 -14.64 -66.02
N VAL S 75 68.29 -15.15 -64.80
CA VAL S 75 67.15 -15.77 -64.12
C VAL S 75 66.99 -15.08 -62.78
N SER S 76 65.83 -14.48 -62.55
CA SER S 76 65.57 -13.72 -61.33
C SER S 76 64.62 -14.48 -60.42
N THR S 77 64.79 -14.29 -59.12
CA THR S 77 63.93 -14.90 -58.12
C THR S 77 63.88 -14.00 -56.89
N ASN S 78 62.94 -14.28 -56.00
CA ASN S 78 62.81 -13.57 -54.74
C ASN S 78 62.92 -14.58 -53.61
N LEU S 79 63.99 -14.46 -52.81
CA LEU S 79 64.22 -15.34 -51.68
C LEU S 79 63.65 -14.71 -50.43
N SER S 80 62.88 -15.48 -49.66
CA SER S 80 62.41 -15.03 -48.36
C SER S 80 63.44 -15.36 -47.30
N VAL S 81 63.89 -14.35 -46.57
CA VAL S 81 64.98 -14.48 -45.62
C VAL S 81 64.52 -14.20 -44.19
N SER S 82 63.21 -14.28 -43.94
CA SER S 82 62.68 -14.00 -42.62
C SER S 82 63.06 -15.08 -41.61
N LYS S 83 63.25 -16.32 -42.06
CA LYS S 83 63.74 -17.37 -41.19
C LYS S 83 65.26 -17.40 -41.14
N LEU S 84 65.91 -16.99 -42.23
CA LEU S 84 67.37 -16.93 -42.26
C LEU S 84 67.89 -15.85 -41.30
N LEU S 85 67.19 -14.73 -41.21
CA LEU S 85 67.57 -13.68 -40.28
C LEU S 85 67.36 -14.11 -38.82
N LYS S 86 66.31 -14.90 -38.56
CA LYS S 86 66.09 -15.42 -37.22
C LYS S 86 67.17 -16.43 -36.83
N LEU S 87 67.57 -17.29 -37.78
CA LEU S 87 68.64 -18.24 -37.52
C LEU S 87 69.97 -17.52 -37.30
N ARG S 88 70.23 -16.47 -38.07
CA ARG S 88 71.46 -15.69 -37.89
C ARG S 88 71.46 -14.96 -36.55
N GLN S 89 70.29 -14.44 -36.13
CA GLN S 89 70.19 -13.75 -34.86
C GLN S 89 70.41 -14.72 -33.69
N ALA S 90 69.86 -15.93 -33.80
CA ALA S 90 70.06 -16.94 -32.75
C ALA S 90 71.51 -17.39 -32.68
N LEU S 91 72.14 -17.63 -33.84
CA LEU S 91 73.53 -18.09 -33.85
C LEU S 91 74.49 -16.98 -33.42
N ASN S 92 74.11 -15.72 -33.63
CA ASN S 92 74.96 -14.62 -33.16
C ASN S 92 74.75 -14.36 -31.68
N SER S 93 73.53 -14.56 -31.18
CA SER S 93 73.28 -14.34 -29.76
C SER S 93 73.86 -15.46 -28.91
N SER S 94 73.95 -16.68 -29.44
CA SER S 94 74.55 -17.79 -28.72
C SER S 94 76.06 -17.86 -28.99
N ALA S 95 76.76 -16.79 -28.60
CA ALA S 95 78.19 -16.71 -28.79
C ALA S 95 78.78 -15.80 -27.73
N ASP S 96 80.11 -15.86 -27.62
CA ASP S 96 80.86 -15.02 -26.69
C ASP S 96 81.82 -14.10 -27.43
N GLY S 97 81.42 -13.64 -28.61
CA GLY S 97 82.32 -12.87 -29.46
C GLY S 97 83.30 -13.70 -30.25
N ARG S 98 83.06 -15.01 -30.38
CA ARG S 98 83.95 -15.85 -31.16
C ARG S 98 83.77 -15.63 -32.66
N TYR S 99 82.55 -15.33 -33.09
CA TYR S 99 82.25 -15.18 -34.51
C TYR S 99 81.16 -14.13 -34.67
N LYS S 100 80.96 -13.74 -35.94
CA LYS S 100 79.88 -12.82 -36.30
C LYS S 100 79.39 -13.23 -37.68
N LEU S 101 78.12 -13.64 -37.76
CA LEU S 101 77.57 -14.20 -38.98
C LEU S 101 76.84 -13.12 -39.79
N SER S 102 76.90 -13.27 -41.10
CA SER S 102 76.20 -12.38 -42.04
C SER S 102 75.37 -13.21 -43.00
N VAL S 103 74.62 -12.51 -43.85
CA VAL S 103 73.76 -13.18 -44.83
C VAL S 103 74.60 -13.81 -45.93
N ASN S 104 75.78 -13.24 -46.19
CA ASN S 104 76.65 -13.74 -47.25
C ASN S 104 77.20 -15.13 -46.93
N ASP S 105 77.34 -15.47 -45.65
CA ASP S 105 77.77 -16.80 -45.25
C ASP S 105 76.73 -17.86 -45.62
N PHE S 106 75.46 -17.59 -45.29
CA PHE S 106 74.37 -18.49 -45.66
C PHE S 106 74.23 -18.56 -47.18
N LEU S 107 74.46 -17.44 -47.87
CA LEU S 107 74.35 -17.44 -49.33
C LEU S 107 75.46 -18.26 -49.97
N ILE S 108 76.68 -18.17 -49.45
CA ILE S 108 77.80 -18.93 -49.99
C ILE S 108 77.62 -20.42 -49.71
N LYS S 109 77.12 -20.77 -48.52
CA LYS S 109 76.86 -22.18 -48.20
C LYS S 109 75.71 -22.73 -49.06
N ALA S 110 74.67 -21.94 -49.30
CA ALA S 110 73.57 -22.38 -50.14
C ALA S 110 73.99 -22.50 -51.60
N MET S 111 74.91 -21.64 -52.04
CA MET S 111 75.47 -21.76 -53.38
C MET S 111 76.29 -23.03 -53.53
N GLY S 112 77.03 -23.39 -52.48
CA GLY S 112 77.77 -24.65 -52.51
C GLY S 112 76.86 -25.87 -52.55
N ILE S 113 75.78 -25.83 -51.76
CA ILE S 113 74.81 -26.93 -51.75
C ILE S 113 74.11 -27.06 -53.10
N ALA S 114 73.72 -25.92 -53.69
CA ALA S 114 73.03 -25.93 -54.97
C ALA S 114 73.96 -26.35 -56.11
N SER S 115 75.23 -25.95 -56.07
CA SER S 115 76.17 -26.37 -57.09
C SER S 115 76.57 -27.83 -56.94
N LYS S 116 76.49 -28.37 -55.72
CA LYS S 116 76.70 -29.81 -55.56
C LYS S 116 75.49 -30.61 -56.03
N ARG S 117 74.29 -30.08 -55.85
CA ARG S 117 73.10 -30.79 -56.32
C ARG S 117 72.93 -30.70 -57.84
N VAL S 118 73.24 -29.56 -58.44
CA VAL S 118 73.21 -29.42 -59.89
C VAL S 118 74.64 -29.18 -60.38
N PRO S 119 75.38 -30.22 -60.75
CA PRO S 119 76.81 -30.03 -61.08
C PRO S 119 77.06 -29.47 -62.47
N THR S 120 76.01 -29.26 -63.28
CA THR S 120 76.22 -28.70 -64.61
C THR S 120 76.59 -27.22 -64.56
N VAL S 121 76.09 -26.50 -63.55
CA VAL S 121 76.41 -25.08 -63.39
C VAL S 121 77.86 -24.92 -62.93
N ASN S 122 78.38 -25.88 -62.17
CA ASN S 122 79.76 -25.83 -61.68
C ASN S 122 80.68 -26.38 -62.76
N SER S 123 80.88 -25.59 -63.82
CA SER S 123 81.68 -26.01 -64.97
C SER S 123 82.31 -24.79 -65.60
N SER S 124 82.92 -24.99 -66.77
CA SER S 124 83.61 -23.95 -67.52
C SER S 124 83.50 -24.27 -69.00
N TRP S 125 84.37 -23.64 -69.80
CA TRP S 125 84.39 -23.86 -71.25
C TRP S 125 85.84 -23.80 -71.71
N ARG S 126 86.34 -24.93 -72.21
CA ARG S 126 87.76 -25.11 -72.49
C ARG S 126 87.97 -25.57 -73.92
N ASP S 127 89.17 -26.06 -74.25
CA ASP S 127 89.53 -26.42 -75.63
C ASP S 127 88.75 -27.66 -76.05
N GLY S 128 87.57 -27.43 -76.64
CA GLY S 128 86.72 -28.50 -77.11
C GLY S 128 86.16 -29.40 -76.03
N VAL S 129 86.12 -28.92 -74.78
CA VAL S 129 85.88 -29.78 -73.64
C VAL S 129 85.28 -28.95 -72.51
N ILE S 130 84.42 -29.59 -71.72
CA ILE S 130 83.78 -28.98 -70.56
C ILE S 130 84.52 -29.47 -69.32
N ARG S 131 85.07 -28.54 -68.53
CA ARG S 131 85.79 -28.92 -67.33
C ARG S 131 84.86 -28.82 -66.13
N GLN S 132 84.58 -29.96 -65.51
CA GLN S 132 83.63 -30.06 -64.41
C GLN S 132 84.37 -30.39 -63.12
N PHE S 133 84.22 -29.53 -62.11
CA PHE S 133 84.89 -29.67 -60.83
C PHE S 133 83.99 -30.42 -59.84
N GLU S 134 84.61 -30.91 -58.77
CA GLU S 134 83.87 -31.49 -57.64
C GLU S 134 83.55 -30.45 -56.58
N THR S 135 84.56 -29.76 -56.06
CA THR S 135 84.36 -28.79 -54.99
C THR S 135 83.87 -27.47 -55.55
N VAL S 136 83.17 -26.72 -54.70
CA VAL S 136 82.64 -25.40 -55.05
C VAL S 136 83.61 -24.37 -54.49
N ASP S 137 84.31 -23.66 -55.38
CA ASP S 137 85.20 -22.58 -54.99
C ASP S 137 84.50 -21.27 -55.36
N VAL S 138 84.16 -20.48 -54.34
CA VAL S 138 83.29 -19.32 -54.53
C VAL S 138 84.14 -18.06 -54.49
N SER S 139 84.09 -17.29 -55.58
CA SER S 139 84.78 -16.01 -55.66
C SER S 139 83.87 -14.91 -55.14
N VAL S 140 84.30 -14.18 -54.13
CA VAL S 140 83.51 -13.13 -53.50
C VAL S 140 84.08 -11.78 -53.91
N ALA S 141 83.22 -10.89 -54.41
CA ALA S 141 83.68 -9.59 -54.86
C ALA S 141 83.85 -8.64 -53.68
N VAL S 142 85.02 -8.01 -53.60
CA VAL S 142 85.33 -7.04 -52.55
C VAL S 142 85.54 -5.69 -53.20
N ALA S 143 84.84 -4.67 -52.71
CA ALA S 143 84.91 -3.33 -53.28
C ALA S 143 86.02 -2.55 -52.60
N THR S 144 87.13 -2.39 -53.30
CA THR S 144 88.30 -1.61 -52.89
C THR S 144 88.33 -0.29 -53.66
N PRO S 145 88.98 0.76 -53.14
CA PRO S 145 89.08 2.02 -53.89
C PRO S 145 89.87 1.93 -55.19
N ASN S 146 90.66 0.87 -55.37
CA ASN S 146 91.30 0.55 -56.64
C ASN S 146 90.45 -0.38 -57.50
N GLY S 147 89.14 -0.37 -57.33
CA GLY S 147 88.26 -1.10 -58.23
C GLY S 147 87.60 -2.35 -57.65
N LEU S 148 87.90 -3.50 -58.23
CA LEU S 148 87.22 -4.73 -57.86
C LEU S 148 88.22 -5.88 -57.84
N ILE S 149 88.10 -6.73 -56.83
CA ILE S 149 88.91 -7.94 -56.72
C ILE S 149 87.99 -9.06 -56.24
N THR S 150 88.32 -10.31 -56.61
CA THR S 150 87.52 -11.48 -56.26
C THR S 150 88.39 -12.53 -55.60
N PRO S 151 88.62 -12.44 -54.29
CA PRO S 151 89.27 -13.56 -53.59
C PRO S 151 88.34 -14.76 -53.48
N ILE S 152 88.94 -15.94 -53.40
CA ILE S 152 88.24 -17.20 -53.52
C ILE S 152 88.21 -17.92 -52.18
N VAL S 153 87.04 -18.38 -51.78
CA VAL S 153 86.86 -19.31 -50.67
C VAL S 153 86.85 -20.70 -51.27
N LYS S 154 87.83 -21.52 -50.88
CA LYS S 154 88.01 -22.85 -51.44
C LYS S 154 87.32 -23.89 -50.59
N GLY S 155 86.68 -24.87 -51.26
CA GLY S 155 86.03 -25.97 -50.59
C GLY S 155 84.85 -25.54 -49.74
N VAL S 156 83.82 -24.97 -50.38
CA VAL S 156 82.72 -24.36 -49.65
C VAL S 156 81.82 -25.41 -49.02
N GLU S 157 81.47 -26.44 -49.77
CA GLU S 157 80.63 -27.51 -49.23
C GLU S 157 81.44 -28.32 -48.24
N GLY S 158 80.82 -28.61 -47.09
CA GLY S 158 81.52 -29.25 -45.99
C GLY S 158 82.64 -28.43 -45.38
N LYS S 159 82.38 -27.17 -45.07
CA LYS S 159 83.41 -26.30 -44.49
C LYS S 159 83.01 -25.71 -43.14
N GLY S 160 81.77 -25.26 -43.01
CA GLY S 160 81.35 -24.64 -41.77
C GLY S 160 81.17 -23.14 -41.90
N LEU S 161 80.14 -22.62 -41.23
CA LEU S 161 79.78 -21.22 -41.38
C LEU S 161 80.80 -20.30 -40.69
N GLU S 162 81.37 -20.76 -39.58
CA GLU S 162 82.40 -19.97 -38.90
C GLU S 162 83.68 -19.92 -39.71
N SER S 163 84.03 -21.03 -40.36
CA SER S 163 85.19 -21.06 -41.24
C SER S 163 84.99 -20.18 -42.46
N ILE S 164 83.76 -20.17 -43.00
CA ILE S 164 83.44 -19.32 -44.14
C ILE S 164 83.51 -17.84 -43.75
N SER S 165 82.96 -17.50 -42.57
CA SER S 165 83.00 -16.13 -42.09
C SER S 165 84.43 -15.66 -41.83
N ALA S 166 85.26 -16.55 -41.25
CA ALA S 166 86.65 -16.22 -40.98
C ALA S 166 87.42 -16.00 -42.28
N ALA S 167 87.21 -16.88 -43.27
CA ALA S 167 87.93 -16.74 -44.53
C ALA S 167 87.48 -15.51 -45.31
N VAL S 168 86.19 -15.19 -45.25
CA VAL S 168 85.68 -13.99 -45.92
C VAL S 168 86.23 -12.73 -45.26
N LYS S 169 86.31 -12.71 -43.92
CA LYS S 169 86.85 -11.54 -43.23
C LYS S 169 88.35 -11.37 -43.49
N GLU S 170 89.11 -12.48 -43.46
CA GLU S 170 90.52 -12.47 -43.79
C GLU S 170 90.77 -11.93 -45.20
N LEU S 171 90.05 -12.47 -46.19
CA LEU S 171 90.27 -12.07 -47.57
C LEU S 171 89.80 -10.65 -47.83
N ALA S 172 88.74 -10.20 -47.14
CA ALA S 172 88.26 -8.83 -47.32
C ALA S 172 89.23 -7.81 -46.72
N LYS S 173 89.76 -8.08 -45.52
CA LYS S 173 90.69 -7.13 -44.92
C LYS S 173 92.03 -7.15 -45.65
N LYS S 174 92.41 -8.30 -46.22
CA LYS S 174 93.63 -8.33 -47.01
C LYS S 174 93.42 -7.70 -48.38
N ALA S 175 92.17 -7.66 -48.87
CA ALA S 175 91.88 -6.95 -50.11
C ALA S 175 91.89 -5.45 -49.87
N ARG S 176 91.45 -5.02 -48.68
CA ARG S 176 91.54 -3.60 -48.34
C ARG S 176 92.98 -3.16 -48.11
N ASP S 177 93.82 -4.04 -47.57
CA ASP S 177 95.24 -3.72 -47.42
C ASP S 177 96.06 -3.98 -48.68
N GLY S 178 95.52 -4.69 -49.66
CA GLY S 178 96.20 -4.94 -50.92
C GLY S 178 97.38 -5.88 -50.81
N LYS S 179 97.18 -7.05 -50.19
CA LYS S 179 98.27 -7.97 -49.88
C LYS S 179 97.93 -9.38 -50.34
N LEU S 180 97.55 -9.55 -51.60
CA LEU S 180 97.10 -10.83 -52.12
C LEU S 180 98.15 -11.47 -53.03
N LYS S 181 98.13 -12.79 -53.09
CA LYS S 181 98.82 -13.67 -54.02
C LYS S 181 97.90 -13.94 -55.21
N PRO S 182 98.47 -14.16 -56.40
CA PRO S 182 97.61 -14.42 -57.59
C PRO S 182 96.82 -15.71 -57.51
N GLU S 183 97.28 -16.68 -56.73
CA GLU S 183 96.53 -17.91 -56.51
C GLU S 183 95.33 -17.72 -55.59
N GLU S 184 95.21 -16.56 -54.94
CA GLU S 184 94.06 -16.27 -54.09
C GLU S 184 92.92 -15.58 -54.83
N TYR S 185 93.18 -15.02 -56.03
CA TYR S 185 92.11 -14.38 -56.79
C TYR S 185 92.12 -14.81 -58.25
N GLN S 186 92.87 -15.86 -58.60
CA GLN S 186 92.87 -16.40 -59.95
C GLN S 186 92.39 -17.85 -59.89
N GLY S 187 91.16 -18.08 -60.34
CA GLY S 187 90.58 -19.40 -60.31
C GLY S 187 89.09 -19.37 -60.01
N GLY S 188 88.61 -20.28 -59.18
CA GLY S 188 87.21 -20.31 -58.80
C GLY S 188 86.31 -20.97 -59.82
N SER S 189 85.16 -21.47 -59.36
CA SER S 189 84.19 -22.09 -60.24
C SER S 189 82.88 -21.32 -60.34
N ILE S 190 82.58 -20.45 -59.38
CA ILE S 190 81.37 -19.65 -59.39
C ILE S 190 81.62 -18.38 -58.59
N SER S 191 80.88 -17.32 -58.89
CA SER S 191 81.08 -16.01 -58.30
C SER S 191 79.79 -15.53 -57.65
N ILE S 192 79.92 -14.47 -56.84
CA ILE S 192 78.77 -13.82 -56.21
C ILE S 192 79.11 -12.34 -56.01
N SER S 193 78.17 -11.48 -56.39
CA SER S 193 78.30 -10.04 -56.20
C SER S 193 77.25 -9.60 -55.19
N ASN S 194 77.68 -8.89 -54.15
CA ASN S 194 76.84 -8.53 -53.02
C ASN S 194 76.66 -7.02 -52.96
N MET S 195 75.42 -6.57 -52.90
CA MET S 195 75.09 -5.16 -52.79
C MET S 195 74.00 -4.91 -51.76
N GLY S 196 74.08 -5.61 -50.63
CA GLY S 196 73.08 -5.43 -49.58
C GLY S 196 73.31 -4.22 -48.71
N MET S 197 74.52 -3.65 -48.72
CA MET S 197 74.80 -2.48 -47.91
C MET S 197 74.15 -1.23 -48.51
N ASN S 198 73.87 -1.24 -49.81
CA ASN S 198 73.17 -0.15 -50.47
C ASN S 198 71.68 -0.48 -50.51
N PRO S 199 70.85 0.27 -49.78
CA PRO S 199 69.41 -0.04 -49.75
C PRO S 199 68.66 0.41 -50.99
N ALA S 200 69.31 1.11 -51.92
CA ALA S 200 68.61 1.57 -53.12
C ALA S 200 68.56 0.47 -54.18
N VAL S 201 69.55 -0.41 -54.22
CA VAL S 201 69.66 -1.41 -55.27
C VAL S 201 68.64 -2.51 -55.01
N GLN S 202 67.49 -2.45 -55.70
CA GLN S 202 66.51 -3.52 -55.60
C GLN S 202 66.96 -4.76 -56.38
N SER S 203 67.55 -4.54 -57.55
CA SER S 203 67.98 -5.63 -58.41
C SER S 203 69.08 -5.12 -59.32
N PHE S 204 70.04 -6.00 -59.64
CA PHE S 204 71.07 -5.67 -60.61
C PHE S 204 71.59 -6.96 -61.22
N THR S 205 72.23 -6.81 -62.38
CA THR S 205 72.88 -7.91 -63.07
C THR S 205 74.38 -7.74 -63.01
N ALA S 206 75.10 -8.84 -63.23
CA ALA S 206 76.55 -8.83 -63.19
C ALA S 206 77.09 -9.51 -64.45
N ILE S 207 78.36 -9.27 -64.72
CA ILE S 207 79.05 -9.86 -65.85
C ILE S 207 79.85 -11.05 -65.36
N ILE S 208 79.76 -12.17 -66.09
CA ILE S 208 80.42 -13.41 -65.68
C ILE S 208 81.92 -13.28 -65.86
N ASN S 209 82.66 -13.56 -64.79
CA ASN S 209 84.12 -13.58 -64.86
C ASN S 209 84.56 -14.82 -65.62
N PRO S 210 85.32 -14.66 -66.71
CA PRO S 210 85.79 -15.84 -67.44
C PRO S 210 86.89 -16.54 -66.69
N PRO S 211 86.99 -17.87 -66.81
CA PRO S 211 86.16 -18.76 -67.63
C PRO S 211 85.02 -19.45 -66.88
N GLN S 212 84.44 -18.79 -65.88
CA GLN S 212 83.36 -19.40 -65.13
C GLN S 212 82.07 -19.39 -65.94
N ALA S 213 81.05 -20.09 -65.41
CA ALA S 213 79.80 -20.28 -66.14
C ALA S 213 78.62 -19.50 -65.57
N ALA S 214 78.70 -19.05 -64.32
CA ALA S 214 77.56 -18.37 -63.72
C ALA S 214 78.07 -17.32 -62.73
N ILE S 215 77.21 -16.35 -62.45
CA ILE S 215 77.49 -15.34 -61.42
C ILE S 215 76.19 -14.98 -60.72
N LEU S 216 76.25 -14.75 -59.42
CA LEU S 216 75.08 -14.39 -58.64
C LEU S 216 75.11 -12.90 -58.35
N ALA S 217 73.92 -12.31 -58.16
CA ALA S 217 73.79 -10.89 -57.84
C ALA S 217 72.66 -10.75 -56.84
N VAL S 218 72.94 -10.14 -55.70
CA VAL S 218 72.01 -10.11 -54.58
C VAL S 218 71.64 -8.66 -54.27
N GLY S 219 70.34 -8.34 -54.30
CA GLY S 219 69.88 -7.00 -54.07
C GLY S 219 69.50 -6.76 -52.61
N ALA S 220 69.19 -5.50 -52.31
CA ALA S 220 68.83 -5.09 -50.97
C ALA S 220 67.49 -5.70 -50.57
N PRO S 221 67.34 -6.07 -49.30
CA PRO S 221 66.05 -6.59 -48.83
C PRO S 221 65.00 -5.50 -48.71
N GLN S 222 63.76 -5.88 -49.00
CA GLN S 222 62.61 -5.00 -48.93
C GLN S 222 61.42 -5.72 -48.33
N LYS S 223 60.45 -4.97 -47.82
CA LYS S 223 59.24 -5.54 -47.25
C LYS S 223 58.19 -5.74 -48.35
N VAL S 224 57.76 -6.99 -48.55
CA VAL S 224 56.78 -7.33 -49.55
C VAL S 224 55.55 -7.91 -48.85
N ALA S 225 54.36 -7.47 -49.25
CA ALA S 225 53.12 -7.98 -48.68
C ALA S 225 52.87 -9.41 -49.16
N VAL S 226 52.68 -10.30 -48.20
CA VAL S 226 52.50 -11.74 -48.46
C VAL S 226 51.23 -12.20 -47.75
N PRO S 227 50.34 -12.94 -48.42
CA PRO S 227 49.09 -13.34 -47.77
C PRO S 227 49.30 -14.40 -46.70
N VAL S 228 48.41 -14.37 -45.71
CA VAL S 228 48.47 -15.28 -44.58
C VAL S 228 47.05 -15.63 -44.16
N GLU S 229 46.83 -16.90 -43.79
CA GLU S 229 45.56 -17.31 -43.21
C GLU S 229 45.64 -17.10 -41.70
N ASN S 230 44.57 -16.59 -41.12
CA ASN S 230 44.42 -16.62 -39.68
C ASN S 230 43.81 -17.97 -39.30
N GLU S 231 43.43 -18.14 -38.03
CA GLU S 231 42.79 -19.38 -37.60
C GLU S 231 41.29 -19.41 -37.95
N ASP S 232 40.78 -18.39 -38.65
CA ASP S 232 39.48 -18.45 -39.29
C ASP S 232 39.67 -18.43 -40.81
N GLY S 233 38.55 -18.37 -41.53
CA GLY S 233 38.57 -18.59 -42.98
C GLY S 233 39.17 -17.45 -43.80
N THR S 234 39.25 -16.25 -43.26
CA THR S 234 39.64 -15.10 -44.07
C THR S 234 41.15 -15.04 -44.26
N THR S 235 41.58 -14.30 -45.29
CA THR S 235 43.00 -14.06 -45.53
C THR S 235 43.44 -12.74 -44.92
N GLY S 236 44.77 -12.59 -44.77
CA GLY S 236 45.32 -11.42 -44.13
C GLY S 236 46.52 -10.88 -44.92
N VAL S 237 47.16 -9.87 -44.32
CA VAL S 237 48.36 -9.27 -44.89
C VAL S 237 49.49 -9.48 -43.88
N SER S 238 50.52 -10.20 -44.31
CA SER S 238 51.74 -10.35 -43.55
C SER S 238 52.88 -9.70 -44.32
N TRP S 239 53.87 -9.19 -43.60
CA TRP S 239 54.99 -8.48 -44.20
C TRP S 239 56.23 -9.38 -44.14
N ASP S 240 56.71 -9.76 -45.32
CA ASP S 240 57.82 -10.69 -45.47
C ASP S 240 59.05 -9.95 -45.99
N GLU S 241 60.22 -10.32 -45.47
CA GLU S 241 61.48 -9.74 -45.93
C GLU S 241 61.95 -10.54 -47.14
N GLN S 242 61.95 -9.91 -48.32
CA GLN S 242 62.34 -10.58 -49.55
C GLN S 242 63.58 -9.93 -50.14
N ILE S 243 64.37 -10.75 -50.84
CA ILE S 243 65.61 -10.34 -51.47
C ILE S 243 65.56 -10.78 -52.93
N ILE S 244 65.78 -9.86 -53.85
CA ILE S 244 65.78 -10.17 -55.27
C ILE S 244 67.17 -10.67 -55.65
N VAL S 245 67.23 -11.89 -56.17
CA VAL S 245 68.47 -12.56 -56.53
C VAL S 245 68.44 -12.83 -58.04
N THR S 246 69.43 -12.32 -58.75
CA THR S 246 69.54 -12.49 -60.20
C THR S 246 70.80 -13.30 -60.50
N ALA S 247 70.62 -14.43 -61.18
CA ALA S 247 71.74 -15.28 -61.56
C ALA S 247 71.94 -15.19 -63.07
N SER S 248 73.14 -14.81 -63.48
CA SER S 248 73.49 -14.70 -64.90
C SER S 248 74.25 -15.96 -65.29
N PHE S 249 73.74 -16.66 -66.29
CA PHE S 249 74.32 -17.90 -66.78
C PHE S 249 74.85 -17.72 -68.21
N ASP S 250 75.80 -18.58 -68.55
CA ASP S 250 76.33 -18.69 -69.91
C ASP S 250 75.58 -19.81 -70.62
N HIS S 251 75.04 -19.50 -71.81
CA HIS S 251 74.15 -20.45 -72.48
C HIS S 251 74.91 -21.55 -73.21
N LYS S 252 76.23 -21.46 -73.32
CA LYS S 252 76.99 -22.55 -73.93
C LYS S 252 77.09 -23.75 -73.01
N VAL S 253 77.04 -23.53 -71.70
CA VAL S 253 77.18 -24.59 -70.72
C VAL S 253 75.83 -24.89 -70.05
N VAL S 254 75.14 -23.85 -69.59
CA VAL S 254 73.92 -23.99 -68.79
C VAL S 254 72.73 -23.59 -69.65
N ASP S 255 71.73 -24.46 -69.72
CA ASP S 255 70.48 -24.10 -70.36
C ASP S 255 69.51 -23.51 -69.35
N GLY S 256 68.34 -23.11 -69.85
CA GLY S 256 67.37 -22.43 -69.00
C GLY S 256 66.75 -23.33 -67.96
N ALA S 257 66.52 -24.60 -68.32
CA ALA S 257 65.98 -25.56 -67.36
C ALA S 257 66.99 -25.89 -66.27
N VAL S 258 68.28 -25.98 -66.63
CA VAL S 258 69.32 -26.25 -65.65
C VAL S 258 69.49 -25.05 -64.71
N GLY S 259 69.43 -23.84 -65.26
CA GLY S 259 69.48 -22.65 -64.42
C GLY S 259 68.27 -22.51 -63.52
N ALA S 260 67.10 -22.93 -64.02
CA ALA S 260 65.89 -22.89 -63.20
C ALA S 260 65.94 -23.93 -62.08
N GLU S 261 66.51 -25.11 -62.35
CA GLU S 261 66.69 -26.10 -61.30
C GLU S 261 67.70 -25.63 -60.25
N TRP S 262 68.78 -24.98 -60.68
CA TRP S 262 69.75 -24.42 -59.74
C TRP S 262 69.12 -23.33 -58.87
N ILE S 263 68.33 -22.45 -59.48
CA ILE S 263 67.63 -21.40 -58.75
C ILE S 263 66.60 -21.99 -57.79
N ARG S 264 65.93 -23.07 -58.19
CA ARG S 264 64.93 -23.70 -57.33
C ARG S 264 65.59 -24.36 -56.12
N GLU S 265 66.73 -25.03 -56.33
CA GLU S 265 67.43 -25.65 -55.20
C GLU S 265 68.01 -24.60 -54.26
N LEU S 266 68.52 -23.49 -54.82
CA LEU S 266 69.02 -22.40 -53.99
C LEU S 266 67.89 -21.77 -53.17
N LYS S 267 66.72 -21.58 -53.80
CA LYS S 267 65.57 -21.03 -53.10
C LYS S 267 65.05 -21.98 -52.02
N LYS S 268 65.12 -23.28 -52.28
CA LYS S 268 64.71 -24.27 -51.28
C LYS S 268 65.62 -24.26 -50.07
N VAL S 269 66.94 -24.25 -50.31
CA VAL S 269 67.90 -24.24 -49.20
C VAL S 269 67.86 -22.92 -48.44
N ILE S 270 67.55 -21.81 -49.11
CA ILE S 270 67.46 -20.53 -48.42
C ILE S 270 66.18 -20.42 -47.60
N GLU S 271 65.03 -20.77 -48.20
CA GLU S 271 63.76 -20.63 -47.50
C GLU S 271 63.51 -21.74 -46.49
N ASN S 272 64.28 -22.82 -46.50
CA ASN S 272 64.27 -23.81 -45.43
C ASN S 272 65.69 -23.86 -44.87
N PRO S 273 65.98 -23.06 -43.84
CA PRO S 273 67.37 -22.93 -43.37
C PRO S 273 67.89 -24.14 -42.63
N LEU S 274 67.02 -25.08 -42.25
CA LEU S 274 67.49 -26.31 -41.61
C LEU S 274 68.10 -27.28 -42.62
N GLU S 275 67.93 -27.04 -43.92
CA GLU S 275 68.52 -27.88 -44.94
C GLU S 275 69.99 -27.59 -45.18
N LEU S 276 70.56 -26.57 -44.50
CA LEU S 276 71.98 -26.32 -44.58
C LEU S 276 72.80 -27.36 -43.82
N LEU S 277 72.16 -28.11 -42.92
CA LEU S 277 72.83 -29.22 -42.25
C LEU S 277 73.12 -30.34 -43.24
N LEU S 278 72.16 -30.67 -44.08
CA LEU S 278 72.31 -31.74 -45.06
C LEU S 278 73.12 -31.27 -46.26
N TYR T 47 87.48 67.32 -27.25
CA TYR T 47 88.40 66.91 -26.19
C TYR T 47 89.44 65.93 -26.76
N THR T 48 89.03 64.67 -26.90
CA THR T 48 89.88 63.68 -27.52
C THR T 48 89.73 63.75 -29.04
N ASP T 49 90.85 63.94 -29.72
CA ASP T 49 90.92 64.30 -31.14
C ASP T 49 91.79 63.33 -31.91
N VAL T 50 91.47 62.04 -31.81
CA VAL T 50 92.10 61.00 -32.63
C VAL T 50 91.86 61.32 -34.10
N PRO T 51 92.85 61.16 -34.96
CA PRO T 51 92.67 61.55 -36.37
C PRO T 51 91.98 60.47 -37.18
N ILE T 52 91.55 60.86 -38.38
CA ILE T 52 90.91 59.93 -39.31
C ILE T 52 91.98 58.98 -39.85
N SER T 53 91.58 57.72 -40.06
CA SER T 53 92.54 56.69 -40.45
C SER T 53 93.05 56.90 -41.88
N GLY T 54 92.34 57.64 -42.71
CA GLY T 54 92.72 57.82 -44.09
C GLY T 54 92.00 56.85 -45.00
N MET T 55 91.82 55.61 -44.51
CA MET T 55 90.95 54.65 -45.18
C MET T 55 89.49 55.06 -45.10
N ARG T 56 89.07 55.70 -44.00
CA ARG T 56 87.73 56.23 -43.86
C ARG T 56 87.44 57.38 -44.81
N LYS T 57 88.47 58.11 -45.25
CA LYS T 57 88.27 59.25 -46.13
C LYS T 57 87.79 58.82 -47.51
N THR T 58 88.31 57.69 -48.01
CA THR T 58 87.86 57.17 -49.29
C THR T 58 86.42 56.68 -49.24
N ILE T 59 86.03 56.03 -48.14
CA ILE T 59 84.65 55.58 -47.99
C ILE T 59 83.71 56.76 -47.82
N ALA T 60 84.17 57.81 -47.14
CA ALA T 60 83.35 59.02 -46.98
C ALA T 60 83.15 59.73 -48.32
N ALA T 61 84.21 59.80 -49.13
CA ALA T 61 84.09 60.39 -50.46
C ALA T 61 83.21 59.53 -51.37
N ARG T 62 83.28 58.21 -51.21
CA ARG T 62 82.47 57.30 -52.03
C ARG T 62 80.98 57.41 -51.68
N LEU T 63 80.67 57.49 -50.38
CA LEU T 63 79.28 57.69 -49.97
C LEU T 63 78.78 59.07 -50.35
N LYS T 64 79.68 60.07 -50.37
CA LYS T 64 79.33 61.38 -50.87
C LYS T 64 78.98 61.33 -52.35
N GLU T 65 79.79 60.62 -53.15
CA GLU T 65 79.49 60.41 -54.57
C GLU T 65 78.16 59.73 -54.77
N SER T 66 77.87 58.72 -53.92
CA SER T 66 76.62 57.98 -54.02
C SER T 66 75.41 58.86 -53.74
N VAL T 67 75.46 59.64 -52.67
CA VAL T 67 74.30 60.46 -52.33
C VAL T 67 74.19 61.69 -53.21
N THR T 68 75.29 62.09 -53.88
CA THR T 68 75.18 63.30 -54.69
C THR T 68 74.92 62.98 -56.16
N GLU T 69 75.12 61.73 -56.59
CA GLU T 69 74.88 61.43 -57.99
C GLU T 69 73.71 60.46 -58.15
N ASN T 70 73.33 59.80 -57.06
CA ASN T 70 72.20 58.88 -57.09
C ASN T 70 71.03 59.46 -56.31
N PRO T 71 69.96 59.94 -56.96
CA PRO T 71 68.76 60.32 -56.21
C PRO T 71 68.03 59.09 -55.70
N HIS T 72 68.17 58.79 -54.42
CA HIS T 72 67.62 57.57 -53.85
C HIS T 72 66.13 57.70 -53.60
N PHE T 73 65.42 56.59 -53.72
CA PHE T 73 64.07 56.49 -53.19
C PHE T 73 63.87 55.08 -52.63
N PHE T 74 63.16 54.99 -51.52
CA PHE T 74 63.01 53.76 -50.78
C PHE T 74 61.63 53.16 -51.02
N VAL T 75 61.59 51.82 -51.10
CA VAL T 75 60.35 51.06 -51.18
C VAL T 75 60.38 50.03 -50.08
N SER T 76 59.40 50.07 -49.17
CA SER T 76 59.35 49.19 -48.02
C SER T 76 58.26 48.15 -48.20
N THR T 77 58.49 46.97 -47.62
CA THR T 77 57.52 45.90 -47.66
C THR T 77 57.71 45.02 -46.43
N ASN T 78 56.74 44.16 -46.18
CA ASN T 78 56.80 43.19 -45.08
C ASN T 78 56.69 41.80 -45.65
N LEU T 79 57.76 41.02 -45.54
CA LEU T 79 57.79 39.65 -46.03
C LEU T 79 57.41 38.70 -44.91
N SER T 80 56.49 37.78 -45.18
CA SER T 80 56.15 36.73 -44.24
C SER T 80 57.10 35.55 -44.43
N VAL T 81 57.79 35.16 -43.37
CA VAL T 81 58.83 34.15 -43.44
C VAL T 81 58.47 32.91 -42.60
N SER T 82 57.18 32.74 -42.29
CA SER T 82 56.75 31.61 -41.47
C SER T 82 56.87 30.29 -42.22
N LYS T 83 56.75 30.31 -43.55
CA LYS T 83 56.99 29.11 -44.35
C LYS T 83 58.46 28.95 -44.71
N LEU T 84 59.17 30.07 -44.84
CA LEU T 84 60.60 30.03 -45.13
C LEU T 84 61.39 29.44 -43.97
N LEU T 85 60.97 29.76 -42.73
CA LEU T 85 61.61 29.18 -41.56
C LEU T 85 61.32 27.69 -41.43
N LYS T 86 60.13 27.26 -41.82
CA LYS T 86 59.80 25.83 -41.81
C LYS T 86 60.60 25.07 -42.85
N LEU T 87 60.76 25.67 -44.04
CA LEU T 87 61.59 25.04 -45.09
C LEU T 87 63.05 24.97 -44.67
N ARG T 88 63.55 26.02 -44.01
CA ARG T 88 64.93 26.02 -43.53
C ARG T 88 65.13 25.00 -42.42
N GLN T 89 64.13 24.85 -41.54
CA GLN T 89 64.21 23.87 -40.47
C GLN T 89 64.21 22.44 -41.03
N ALA T 90 63.38 22.19 -42.04
CA ALA T 90 63.34 20.86 -42.66
C ALA T 90 64.65 20.55 -43.40
N LEU T 91 65.18 21.53 -44.13
CA LEU T 91 66.41 21.30 -44.89
C LEU T 91 67.61 21.19 -43.96
N ASN T 92 67.56 21.82 -42.78
CA ASN T 92 68.65 21.67 -41.83
C ASN T 92 68.53 20.36 -41.06
N SER T 93 67.31 19.91 -40.78
CA SER T 93 67.14 18.65 -40.06
C SER T 93 67.45 17.44 -40.95
N SER T 94 67.22 17.56 -42.25
CA SER T 94 67.55 16.48 -43.18
C SER T 94 68.99 16.61 -43.68
N ALA T 95 69.93 16.54 -42.75
CA ALA T 95 71.35 16.66 -43.08
C ALA T 95 72.15 15.91 -42.03
N ASP T 96 73.43 15.69 -42.35
CA ASP T 96 74.38 15.03 -41.46
C ASP T 96 75.52 15.97 -41.08
N GLY T 97 75.23 17.26 -40.95
CA GLY T 97 76.27 18.24 -40.74
C GLY T 97 77.00 18.66 -41.98
N ARG T 98 76.45 18.38 -43.17
CA ARG T 98 77.11 18.79 -44.41
C ARG T 98 76.96 20.29 -44.67
N TYR T 99 75.84 20.86 -44.23
CA TYR T 99 75.58 22.27 -44.49
C TYR T 99 74.77 22.84 -43.34
N LYS T 100 74.65 24.16 -43.33
CA LYS T 100 73.81 24.89 -42.37
C LYS T 100 73.21 26.09 -43.08
N LEU T 101 71.89 26.12 -43.17
CA LEU T 101 71.20 27.13 -43.96
C LEU T 101 70.74 28.28 -43.06
N SER T 102 70.74 29.48 -43.64
CA SER T 102 70.28 30.69 -42.98
C SER T 102 69.25 31.39 -43.85
N VAL T 103 68.69 32.47 -43.32
CA VAL T 103 67.67 33.23 -44.05
C VAL T 103 68.32 34.02 -45.18
N ASN T 104 69.60 34.37 -45.02
CA ASN T 104 70.31 35.15 -46.03
C ASN T 104 70.51 34.37 -47.33
N ASP T 105 70.57 33.03 -47.24
CA ASP T 105 70.67 32.20 -48.45
C ASP T 105 69.40 32.28 -49.28
N PHE T 106 68.25 32.15 -48.63
CA PHE T 106 66.96 32.28 -49.32
C PHE T 106 66.78 33.69 -49.85
N LEU T 107 67.27 34.69 -49.11
CA LEU T 107 67.14 36.08 -49.56
C LEU T 107 68.01 36.36 -50.78
N ILE T 108 69.22 35.80 -50.81
CA ILE T 108 70.12 36.00 -51.95
C ILE T 108 69.58 35.27 -53.18
N LYS T 109 69.04 34.06 -52.99
CA LYS T 109 68.43 33.33 -54.11
C LYS T 109 67.18 34.03 -54.64
N ALA T 110 66.36 34.59 -53.74
CA ALA T 110 65.17 35.31 -54.17
C ALA T 110 65.53 36.62 -54.85
N MET T 111 66.62 37.26 -54.42
CA MET T 111 67.11 38.45 -55.11
C MET T 111 67.60 38.12 -56.51
N GLY T 112 68.24 36.97 -56.67
CA GLY T 112 68.65 36.54 -58.00
C GLY T 112 67.47 36.25 -58.92
N ILE T 113 66.45 35.59 -58.37
CA ILE T 113 65.25 35.29 -59.15
C ILE T 113 64.51 36.57 -59.54
N ALA T 114 64.40 37.51 -58.60
CA ALA T 114 63.70 38.77 -58.87
C ALA T 114 64.49 39.65 -59.84
N SER T 115 65.82 39.66 -59.76
CA SER T 115 66.62 40.43 -60.70
C SER T 115 66.64 39.79 -62.08
N LYS T 116 66.47 38.47 -62.17
CA LYS T 116 66.32 37.84 -63.47
C LYS T 116 64.95 38.12 -64.07
N ARG T 117 63.91 38.19 -63.25
CA ARG T 117 62.57 38.49 -63.77
C ARG T 117 62.41 39.96 -64.15
N VAL T 118 62.98 40.88 -63.38
CA VAL T 118 62.97 42.30 -63.71
C VAL T 118 64.41 42.73 -63.98
N PRO T 119 64.87 42.70 -65.24
CA PRO T 119 66.28 42.98 -65.51
C PRO T 119 66.65 44.45 -65.50
N THR T 120 65.67 45.36 -65.33
CA THR T 120 65.99 46.79 -65.30
C THR T 120 66.71 47.18 -64.02
N VAL T 121 66.41 46.50 -62.91
CA VAL T 121 67.08 46.78 -61.64
C VAL T 121 68.52 46.29 -61.67
N ASN T 122 68.81 45.24 -62.44
CA ASN T 122 70.16 44.70 -62.55
C ASN T 122 70.91 45.48 -63.63
N SER T 123 71.28 46.71 -63.29
CA SER T 123 71.93 47.61 -64.24
C SER T 123 72.83 48.57 -63.48
N SER T 124 73.36 49.57 -64.19
CA SER T 124 74.27 50.56 -63.64
C SER T 124 74.07 51.87 -64.39
N TRP T 125 75.04 52.77 -64.29
CA TRP T 125 75.00 54.05 -64.96
C TRP T 125 76.40 54.42 -65.41
N ARG T 126 76.61 54.49 -66.72
CA ARG T 126 77.94 54.60 -67.32
C ARG T 126 78.01 55.80 -68.25
N ASP T 127 79.06 55.87 -69.09
CA ASP T 127 79.29 57.03 -69.95
C ASP T 127 78.23 57.09 -71.03
N GLY T 128 77.14 57.80 -70.75
CA GLY T 128 76.04 57.96 -71.68
C GLY T 128 75.30 56.69 -72.02
N VAL T 129 75.38 55.67 -71.16
CA VAL T 129 74.96 54.32 -71.51
C VAL T 129 74.59 53.56 -70.24
N ILE T 130 73.63 52.66 -70.37
CA ILE T 130 73.17 51.80 -69.29
C ILE T 130 73.78 50.43 -69.50
N ARG T 131 74.56 49.95 -68.53
CA ARG T 131 75.18 48.65 -68.64
C ARG T 131 74.31 47.61 -67.94
N GLN T 132 73.78 46.66 -68.70
CA GLN T 132 72.84 45.66 -68.22
C GLN T 132 73.51 44.29 -68.27
N PHE T 133 73.58 43.62 -67.12
CA PHE T 133 74.21 42.31 -66.99
C PHE T 133 73.18 41.20 -67.13
N GLU T 134 73.67 39.99 -67.38
CA GLU T 134 72.83 38.79 -67.36
C GLU T 134 72.79 38.14 -65.99
N THR T 135 73.95 37.81 -65.43
CA THR T 135 74.01 37.12 -64.15
C THR T 135 73.84 38.10 -63.00
N VAL T 136 73.36 37.60 -61.87
CA VAL T 136 73.16 38.39 -60.67
C VAL T 136 74.36 38.12 -59.76
N ASP T 137 75.20 39.13 -59.58
CA ASP T 137 76.33 39.07 -58.66
C ASP T 137 75.96 39.87 -57.42
N VAL T 138 75.84 39.19 -56.29
CA VAL T 138 75.27 39.78 -55.07
C VAL T 138 76.41 40.11 -54.11
N SER T 139 76.54 41.38 -53.75
CA SER T 139 77.53 41.82 -52.77
C SER T 139 76.89 41.75 -51.38
N VAL T 140 77.52 41.00 -50.48
CA VAL T 140 77.00 40.80 -49.12
C VAL T 140 77.89 41.58 -48.16
N ALA T 141 77.27 42.39 -47.32
CA ALA T 141 78.01 43.21 -46.37
C ALA T 141 78.43 42.38 -45.16
N VAL T 142 79.72 42.43 -44.83
CA VAL T 142 80.27 41.73 -43.67
C VAL T 142 80.80 42.77 -42.70
N ALA T 143 80.37 42.67 -41.45
CA ALA T 143 80.75 43.64 -40.41
C ALA T 143 82.04 43.16 -39.74
N THR T 144 83.14 43.82 -40.08
CA THR T 144 84.47 43.60 -39.51
C THR T 144 84.81 44.75 -38.56
N PRO T 145 85.70 44.55 -37.58
CA PRO T 145 86.08 45.66 -36.69
C PRO T 145 86.82 46.79 -37.38
N ASN T 146 87.32 46.58 -38.61
CA ASN T 146 87.85 47.64 -39.46
C ASN T 146 86.79 48.20 -40.40
N GLY T 147 85.52 48.13 -40.02
CA GLY T 147 84.47 48.80 -40.77
C GLY T 147 83.55 47.91 -41.57
N LEU T 148 83.54 48.06 -42.89
CA LEU T 148 82.59 47.36 -43.74
C LEU T 148 83.28 46.91 -45.01
N ILE T 149 82.97 45.69 -45.44
CA ILE T 149 83.46 45.15 -46.70
C ILE T 149 82.31 44.40 -47.36
N THR T 150 82.32 44.32 -48.69
CA THR T 150 81.26 43.67 -49.46
C THR T 150 81.87 42.65 -50.41
N PRO T 151 82.12 41.42 -49.96
CA PRO T 151 82.48 40.36 -50.89
C PRO T 151 81.30 39.93 -51.74
N ILE T 152 81.60 39.44 -52.94
CA ILE T 152 80.60 39.19 -53.97
C ILE T 152 80.43 37.70 -54.17
N VAL T 153 79.18 37.25 -54.20
CA VAL T 153 78.79 35.92 -54.64
C VAL T 153 78.44 36.03 -56.11
N LYS T 154 79.20 35.34 -56.96
CA LYS T 154 79.04 35.44 -58.40
C LYS T 154 78.13 34.34 -58.92
N GLY T 155 77.27 34.70 -59.87
CA GLY T 155 76.36 33.76 -60.51
C GLY T 155 75.35 33.17 -59.57
N VAL T 156 74.48 34.02 -59.01
CA VAL T 156 73.57 33.61 -57.95
C VAL T 156 72.45 32.73 -58.51
N GLU T 157 71.84 33.14 -59.62
CA GLU T 157 70.78 32.35 -60.21
C GLU T 157 71.38 31.09 -60.82
N GLY T 158 70.73 29.95 -60.57
CA GLY T 158 71.26 28.66 -60.96
C GLY T 158 72.56 28.27 -60.27
N LYS T 159 72.61 28.41 -58.95
CA LYS T 159 73.83 28.06 -58.21
C LYS T 159 73.60 27.01 -57.13
N GLY T 160 72.53 27.10 -56.40
CA GLY T 160 72.29 26.15 -55.32
C GLY T 160 72.49 26.78 -53.95
N LEU T 161 71.61 26.39 -53.01
CA LEU T 161 71.60 27.00 -51.69
C LEU T 161 72.82 26.57 -50.87
N GLU T 162 73.29 25.34 -51.05
CA GLU T 162 74.47 24.88 -50.34
C GLU T 162 75.73 25.57 -50.86
N SER T 163 75.79 25.81 -52.18
CA SER T 163 76.90 26.55 -52.76
C SER T 163 76.88 28.00 -52.30
N ILE T 164 75.69 28.60 -52.19
CA ILE T 164 75.57 29.97 -51.71
C ILE T 164 76.00 30.08 -50.25
N SER T 165 75.58 29.11 -49.42
CA SER T 165 75.96 29.09 -48.01
C SER T 165 77.46 28.89 -47.83
N ALA T 166 78.05 28.01 -48.66
CA ALA T 166 79.49 27.77 -48.59
C ALA T 166 80.27 29.00 -49.00
N ALA T 167 79.84 29.68 -50.07
CA ALA T 167 80.55 30.86 -50.54
C ALA T 167 80.42 32.03 -49.55
N VAL T 168 79.24 32.16 -48.94
CA VAL T 168 79.03 33.21 -47.94
C VAL T 168 79.86 32.95 -46.70
N LYS T 169 79.97 31.69 -46.26
CA LYS T 169 80.79 31.37 -45.09
C LYS T 169 82.28 31.58 -45.38
N GLU T 170 82.74 31.14 -46.56
CA GLU T 170 84.11 31.37 -47.00
C GLU T 170 84.46 32.85 -47.02
N LEU T 171 83.62 33.66 -47.67
CA LEU T 171 83.91 35.09 -47.80
C LEU T 171 83.80 35.82 -46.47
N ALA T 172 82.89 35.38 -45.59
CA ALA T 172 82.77 36.03 -44.29
C ALA T 172 83.94 35.71 -43.38
N LYS T 173 84.42 34.46 -43.36
CA LYS T 173 85.56 34.13 -42.51
C LYS T 173 86.84 34.74 -43.08
N LYS T 174 86.92 34.87 -44.41
CA LYS T 174 88.09 35.54 -44.99
C LYS T 174 88.01 37.04 -44.81
N ALA T 175 86.81 37.60 -44.64
CA ALA T 175 86.68 39.02 -44.32
C ALA T 175 87.07 39.28 -42.87
N ARG T 176 86.76 38.33 -41.98
CA ARG T 176 87.20 38.45 -40.60
C ARG T 176 88.70 38.27 -40.45
N ASP T 177 89.31 37.42 -41.28
CA ASP T 177 90.76 37.30 -41.28
C ASP T 177 91.49 38.34 -42.12
N GLY T 178 90.77 39.09 -42.97
CA GLY T 178 91.36 40.15 -43.76
C GLY T 178 92.27 39.67 -44.87
N LYS T 179 91.80 38.72 -45.68
CA LYS T 179 92.63 38.05 -46.68
C LYS T 179 91.96 38.05 -48.05
N LEU T 180 91.53 39.22 -48.52
CA LEU T 180 90.78 39.32 -49.76
C LEU T 180 91.62 39.91 -50.88
N LYS T 181 91.28 39.54 -52.11
CA LYS T 181 91.72 40.09 -53.38
C LYS T 181 90.75 41.19 -53.81
N PRO T 182 91.22 42.22 -54.53
CA PRO T 182 90.32 43.31 -54.95
C PRO T 182 89.23 42.88 -55.93
N GLU T 183 89.46 41.79 -56.68
CA GLU T 183 88.43 41.24 -57.55
C GLU T 183 87.33 40.52 -56.78
N GLU T 184 87.50 40.28 -55.48
CA GLU T 184 86.47 39.65 -54.67
C GLU T 184 85.53 40.65 -54.02
N TYR T 185 85.90 41.93 -53.96
CA TYR T 185 85.00 42.93 -53.37
C TYR T 185 84.88 44.17 -54.24
N GLN T 186 85.34 44.11 -55.49
CA GLN T 186 85.19 45.22 -56.43
C GLN T 186 84.38 44.72 -57.62
N GLY T 187 83.13 45.16 -57.69
CA GLY T 187 82.23 44.75 -58.76
C GLY T 187 80.81 44.58 -58.27
N GLY T 188 80.14 43.52 -58.73
CA GLY T 188 78.78 43.25 -58.30
C GLY T 188 77.72 44.06 -59.02
N SER T 189 76.49 43.54 -59.07
CA SER T 189 75.39 44.24 -59.70
C SER T 189 74.31 44.68 -58.72
N ILE T 190 74.24 44.06 -57.54
CA ILE T 190 73.25 44.41 -56.52
C ILE T 190 73.83 44.04 -55.16
N SER T 191 73.36 44.72 -54.11
CA SER T 191 73.88 44.57 -52.77
C SER T 191 72.76 44.19 -51.81
N ILE T 192 73.16 43.76 -50.61
CA ILE T 192 72.22 43.45 -49.54
C ILE T 192 72.90 43.71 -48.20
N SER T 193 72.20 44.40 -47.31
CA SER T 193 72.67 44.67 -45.96
C SER T 193 71.78 43.93 -44.98
N ASN T 194 72.37 43.17 -44.08
CA ASN T 194 71.67 42.26 -43.20
C ASN T 194 71.87 42.71 -41.76
N MET T 195 70.77 42.87 -41.03
CA MET T 195 70.80 43.24 -39.62
C MET T 195 69.82 42.41 -38.81
N GLY T 196 69.74 41.11 -39.09
CA GLY T 196 68.83 40.25 -38.35
C GLY T 196 69.36 39.80 -37.01
N MET T 197 70.66 39.92 -36.78
CA MET T 197 71.24 39.51 -35.50
C MET T 197 70.90 40.52 -34.40
N ASN T 198 70.61 41.76 -34.78
CA ASN T 198 70.19 42.79 -33.83
C ASN T 198 68.67 42.81 -33.79
N PRO T 199 68.06 42.42 -32.67
CA PRO T 199 66.59 42.39 -32.61
C PRO T 199 65.94 43.75 -32.44
N ALA T 200 66.72 44.81 -32.24
CA ALA T 200 66.15 46.14 -32.06
C ALA T 200 65.81 46.79 -33.39
N VAL T 201 66.56 46.48 -34.45
CA VAL T 201 66.40 47.15 -35.73
C VAL T 201 65.15 46.61 -36.41
N GLN T 202 64.05 47.36 -36.31
CA GLN T 202 62.84 46.99 -37.03
C GLN T 202 62.96 47.30 -38.51
N SER T 203 63.57 48.44 -38.84
CA SER T 203 63.71 48.86 -40.23
C SER T 203 64.88 49.82 -40.32
N PHE T 204 65.59 49.77 -41.45
CA PHE T 204 66.66 50.72 -41.70
C PHE T 204 66.84 50.86 -43.20
N THR T 205 67.47 51.96 -43.61
CA THR T 205 67.83 52.21 -44.99
C THR T 205 69.34 52.11 -45.17
N ALA T 206 69.76 51.92 -46.41
CA ALA T 206 71.17 51.80 -46.73
C ALA T 206 71.50 52.73 -47.89
N ILE T 207 72.80 52.97 -48.05
CA ILE T 207 73.31 53.81 -49.14
C ILE T 207 73.81 52.91 -50.25
N ILE T 208 73.42 53.25 -51.49
CA ILE T 208 73.76 52.42 -52.64
C ILE T 208 75.26 52.53 -52.94
N ASN T 209 75.92 51.38 -53.02
CA ASN T 209 77.32 51.35 -53.40
C ASN T 209 77.45 51.64 -54.89
N PRO T 210 78.20 52.66 -55.28
CA PRO T 210 78.35 52.95 -56.71
C PRO T 210 79.26 51.92 -57.36
N PRO T 211 79.04 51.62 -58.64
CA PRO T 211 78.01 52.16 -59.53
C PRO T 211 76.75 51.32 -59.64
N GLN T 212 76.36 50.61 -58.57
CA GLN T 212 75.17 49.78 -58.64
C GLN T 212 73.91 50.64 -58.59
N ALA T 213 72.76 49.98 -58.82
CA ALA T 213 71.50 50.68 -58.94
C ALA T 213 70.54 50.47 -57.76
N ALA T 214 70.74 49.44 -56.96
CA ALA T 214 69.82 49.15 -55.88
C ALA T 214 70.58 48.53 -54.71
N ILE T 215 69.98 48.63 -53.52
CA ILE T 215 70.52 47.96 -52.34
C ILE T 215 69.35 47.51 -51.48
N LEU T 216 69.49 46.34 -50.85
CA LEU T 216 68.45 45.80 -49.99
C LEU T 216 68.85 46.01 -48.53
N ALA T 217 67.84 46.10 -47.66
CA ALA T 217 68.07 46.26 -46.22
C ALA T 217 67.02 45.44 -45.50
N VAL T 218 67.45 44.53 -44.62
CA VAL T 218 66.58 43.54 -44.01
C VAL T 218 66.57 43.74 -42.50
N GLY T 219 65.39 43.96 -41.92
CA GLY T 219 65.28 44.20 -40.50
C GLY T 219 64.99 42.93 -39.73
N ALA T 220 65.00 43.08 -38.40
CA ALA T 220 64.76 41.96 -37.50
C ALA T 220 63.32 41.47 -37.61
N PRO T 221 63.11 40.17 -37.50
CA PRO T 221 61.74 39.63 -37.52
C PRO T 221 60.99 39.95 -36.23
N GLN T 222 59.69 40.17 -36.39
CA GLN T 222 58.79 40.48 -35.28
C GLN T 222 57.46 39.75 -35.47
N LYS T 223 56.72 39.57 -34.38
CA LYS T 223 55.41 38.93 -34.44
C LYS T 223 54.34 39.98 -34.73
N VAL T 224 53.62 39.79 -35.84
CA VAL T 224 52.55 40.70 -36.26
C VAL T 224 51.24 39.93 -36.27
N ALA T 225 50.19 40.53 -35.72
CA ALA T 225 48.87 39.91 -35.71
C ALA T 225 48.26 39.91 -37.11
N VAL T 226 47.87 38.73 -37.57
CA VAL T 226 47.35 38.53 -38.93
C VAL T 226 46.02 37.80 -38.82
N PRO T 227 44.96 38.25 -39.50
CA PRO T 227 43.66 37.60 -39.37
C PRO T 227 43.62 36.23 -40.03
N VAL T 228 42.78 35.36 -39.48
CA VAL T 228 42.64 33.99 -39.95
C VAL T 228 41.17 33.58 -39.80
N GLU T 229 40.66 32.84 -40.79
CA GLU T 229 39.34 32.24 -40.68
C GLU T 229 39.50 30.88 -40.02
N ASN T 230 38.59 30.56 -39.11
CA ASN T 230 38.46 29.20 -38.63
C ASN T 230 37.54 28.46 -39.59
N GLU T 231 37.15 27.23 -39.24
CA GLU T 231 36.23 26.47 -40.08
C GLU T 231 34.77 26.89 -39.88
N ASP T 232 34.51 27.91 -39.06
CA ASP T 232 33.21 28.58 -39.01
C ASP T 232 33.39 30.01 -39.53
N GLY T 233 32.31 30.79 -39.45
CA GLY T 233 32.26 32.08 -40.12
C GLY T 233 33.09 33.19 -39.51
N THR T 234 33.48 33.06 -38.25
CA THR T 234 34.13 34.17 -37.55
C THR T 234 35.60 34.27 -37.91
N THR T 235 36.18 35.44 -37.66
CA THR T 235 37.61 35.66 -37.87
C THR T 235 38.37 35.47 -36.57
N GLY T 236 39.69 35.28 -36.68
CA GLY T 236 40.54 35.03 -35.53
C GLY T 236 41.80 35.86 -35.58
N VAL T 237 42.68 35.58 -34.61
CA VAL T 237 43.99 36.22 -34.52
C VAL T 237 45.04 35.13 -34.65
N SER T 238 45.86 35.23 -35.69
CA SER T 238 47.03 34.39 -35.87
C SER T 238 48.28 35.25 -35.79
N TRP T 239 49.37 34.66 -35.33
CA TRP T 239 50.62 35.38 -35.14
C TRP T 239 51.60 34.97 -36.23
N ASP T 240 51.96 35.93 -37.07
CA ASP T 240 52.81 35.69 -38.23
C ASP T 240 54.17 36.34 -38.02
N GLU T 241 55.22 35.66 -38.47
CA GLU T 241 56.58 36.19 -38.38
C GLU T 241 56.83 37.05 -39.61
N GLN T 242 56.96 38.36 -39.42
CA GLN T 242 57.16 39.28 -40.53
C GLN T 242 58.51 39.97 -40.43
N ILE T 243 59.06 40.31 -41.59
CA ILE T 243 60.36 40.96 -41.70
C ILE T 243 60.18 42.19 -42.58
N ILE T 244 60.61 43.36 -42.08
CA ILE T 244 60.51 44.60 -42.84
C ILE T 244 61.73 44.69 -43.75
N VAL T 245 61.49 44.80 -45.04
CA VAL T 245 62.52 44.85 -46.07
C VAL T 245 62.40 46.17 -46.80
N THR T 246 63.48 46.96 -46.80
CA THR T 246 63.52 48.26 -47.46
C THR T 246 64.54 48.20 -48.59
N ALA T 247 64.09 48.49 -49.80
CA ALA T 247 64.96 48.50 -50.97
C ALA T 247 65.15 49.94 -51.43
N SER T 248 66.40 50.38 -51.50
CA SER T 248 66.74 51.72 -51.94
C SER T 248 67.17 51.64 -53.40
N PHE T 249 66.48 52.40 -54.26
CA PHE T 249 66.75 52.43 -55.69
C PHE T 249 67.27 53.79 -56.12
N ASP T 250 67.99 53.78 -57.23
CA ASP T 250 68.46 54.99 -57.90
C ASP T 250 67.44 55.35 -58.98
N HIS T 251 66.98 56.61 -58.97
CA HIS T 251 65.89 57.00 -59.85
C HIS T 251 66.33 57.28 -61.27
N LYS T 252 67.64 57.33 -61.53
CA LYS T 252 68.10 57.51 -62.90
C LYS T 252 67.91 56.25 -63.73
N VAL T 253 67.95 55.08 -63.09
CA VAL T 253 67.83 53.80 -63.76
C VAL T 253 66.47 53.16 -63.50
N VAL T 254 66.05 53.11 -62.24
CA VAL T 254 64.85 52.39 -61.82
C VAL T 254 63.78 53.41 -61.46
N ASP T 255 62.60 53.26 -62.05
CA ASP T 255 61.45 54.07 -61.63
C ASP T 255 60.67 53.36 -60.53
N GLY T 256 59.63 54.05 -60.05
CA GLY T 256 58.88 53.52 -58.92
C GLY T 256 58.06 52.29 -59.27
N ALA T 257 57.52 52.24 -60.49
CA ALA T 257 56.78 51.06 -60.93
C ALA T 257 57.69 49.86 -61.12
N VAL T 258 58.92 50.08 -61.61
CA VAL T 258 59.87 49.00 -61.78
C VAL T 258 60.34 48.48 -60.42
N GLY T 259 60.58 49.40 -59.47
CA GLY T 259 60.93 48.99 -58.12
C GLY T 259 59.80 48.26 -57.41
N ALA T 260 58.56 48.67 -57.69
CA ALA T 260 57.41 47.99 -57.10
C ALA T 260 57.22 46.61 -57.69
N GLU T 261 57.48 46.44 -59.00
CA GLU T 261 57.43 45.11 -59.60
C GLU T 261 58.54 44.20 -59.06
N TRP T 262 59.74 44.75 -58.86
CA TRP T 262 60.83 43.98 -58.28
C TRP T 262 60.50 43.55 -56.85
N ILE T 263 59.93 44.47 -56.06
CA ILE T 263 59.52 44.16 -54.68
C ILE T 263 58.39 43.13 -54.67
N ARG T 264 57.47 43.21 -55.63
CA ARG T 264 56.37 42.25 -55.70
C ARG T 264 56.85 40.86 -56.07
N GLU T 265 57.80 40.76 -57.01
CA GLU T 265 58.34 39.45 -57.37
C GLU T 265 59.18 38.87 -56.24
N LEU T 266 59.93 39.71 -55.53
CA LEU T 266 60.70 39.25 -54.36
C LEU T 266 59.77 38.75 -53.26
N LYS T 267 58.67 39.48 -53.01
CA LYS T 267 57.69 39.07 -52.02
C LYS T 267 56.98 37.78 -52.41
N LYS T 268 56.73 37.60 -53.71
CA LYS T 268 56.09 36.37 -54.20
C LYS T 268 57.01 35.17 -53.99
N VAL T 269 58.28 35.30 -54.37
CA VAL T 269 59.23 34.20 -54.23
C VAL T 269 59.52 33.91 -52.75
N ILE T 270 59.49 34.92 -51.89
CA ILE T 270 59.72 34.68 -50.47
C ILE T 270 58.51 34.03 -49.81
N GLU T 271 57.32 34.56 -50.05
CA GLU T 271 56.12 34.02 -49.40
C GLU T 271 55.61 32.73 -50.02
N ASN T 272 56.11 32.35 -51.19
CA ASN T 272 55.88 31.01 -51.75
C ASN T 272 57.24 30.37 -51.94
N PRO T 273 57.73 29.64 -50.94
CA PRO T 273 59.12 29.16 -50.99
C PRO T 273 59.35 28.03 -51.98
N LEU T 274 58.29 27.42 -52.51
CA LEU T 274 58.44 26.39 -53.54
C LEU T 274 58.79 26.99 -54.90
N GLU T 275 58.65 28.31 -55.06
CA GLU T 275 59.00 28.96 -56.32
C GLU T 275 60.51 29.19 -56.47
N LEU T 276 61.30 28.83 -55.46
CA LEU T 276 62.76 28.90 -55.58
C LEU T 276 63.30 27.80 -56.46
N LEU T 277 62.51 26.74 -56.71
CA LEU T 277 62.90 25.71 -57.66
C LEU T 277 62.90 26.26 -59.09
N LEU T 278 61.88 27.02 -59.43
CA LEU T 278 61.74 27.59 -60.78
C LEU T 278 62.63 28.82 -60.92
N TYR U 47 -34.47 19.63 106.56
CA TYR U 47 -35.53 18.64 106.63
C TYR U 47 -35.03 17.41 107.38
N THR U 48 -34.27 16.56 106.69
CA THR U 48 -33.66 15.42 107.34
C THR U 48 -32.35 15.84 107.99
N ASP U 49 -32.24 15.57 109.29
CA ASP U 49 -31.22 16.11 110.16
C ASP U 49 -30.49 15.01 110.90
N VAL U 50 -29.95 14.05 110.15
CA VAL U 50 -29.07 13.00 110.69
C VAL U 50 -27.86 13.68 111.34
N PRO U 51 -27.42 13.22 112.51
CA PRO U 51 -26.32 13.90 113.20
C PRO U 51 -24.95 13.47 112.67
N ILE U 52 -23.95 14.24 113.06
CA ILE U 52 -22.57 13.94 112.69
C ILE U 52 -22.11 12.72 113.47
N SER U 53 -21.30 11.87 112.82
CA SER U 53 -20.89 10.61 113.42
C SER U 53 -19.96 10.79 114.62
N GLY U 54 -19.28 11.93 114.70
CA GLY U 54 -18.32 12.15 115.77
C GLY U 54 -16.91 11.85 115.30
N MET U 55 -16.78 10.80 114.48
CA MET U 55 -15.53 10.52 113.79
C MET U 55 -15.23 11.58 112.73
N ARG U 56 -16.26 12.12 112.08
CA ARG U 56 -16.11 13.20 111.11
C ARG U 56 -15.65 14.51 111.76
N LYS U 57 -15.94 14.70 113.06
CA LYS U 57 -15.58 15.94 113.72
C LYS U 57 -14.06 16.07 113.88
N THR U 58 -13.37 14.95 114.14
CA THR U 58 -11.92 14.97 114.24
C THR U 58 -11.27 15.24 112.90
N ILE U 59 -11.80 14.68 111.81
CA ILE U 59 -11.25 14.93 110.48
C ILE U 59 -11.53 16.37 110.06
N ALA U 60 -12.69 16.92 110.46
CA ALA U 60 -13.00 18.31 110.15
C ALA U 60 -12.07 19.26 110.90
N ALA U 61 -11.79 18.96 112.17
CA ALA U 61 -10.85 19.77 112.94
C ALA U 61 -9.43 19.64 112.39
N ARG U 62 -9.07 18.45 111.91
CA ARG U 62 -7.73 18.24 111.35
C ARG U 62 -7.55 18.99 110.03
N LEU U 63 -8.57 18.97 109.17
CA LEU U 63 -8.50 19.73 107.93
C LEU U 63 -8.55 21.23 108.20
N LYS U 64 -9.24 21.64 109.26
CA LYS U 64 -9.20 23.03 109.70
C LYS U 64 -7.80 23.44 110.14
N GLU U 65 -7.13 22.58 110.92
CA GLU U 65 -5.74 22.82 111.33
C GLU U 65 -4.83 22.92 110.11
N SER U 66 -5.04 22.05 109.12
CA SER U 66 -4.22 22.04 107.92
C SER U 66 -4.38 23.33 107.13
N VAL U 67 -5.61 23.78 106.90
CA VAL U 67 -5.82 24.98 106.09
C VAL U 67 -5.50 26.24 106.88
N THR U 68 -5.48 26.17 108.21
CA THR U 68 -5.23 27.40 108.95
C THR U 68 -3.77 27.54 109.36
N GLU U 69 -2.99 26.46 109.32
CA GLU U 69 -1.59 26.58 109.70
C GLU U 69 -0.67 26.37 108.51
N ASN U 70 -1.19 25.78 107.43
CA ASN U 70 -0.40 25.56 106.23
C ASN U 70 -0.88 26.48 105.12
N PRO U 71 -0.14 27.54 104.76
CA PRO U 71 -0.50 28.30 103.55
C PRO U 71 -0.17 27.51 102.29
N HIS U 72 -1.21 26.95 101.67
CA HIS U 72 -1.02 26.07 100.53
C HIS U 72 -0.75 26.87 99.26
N PHE U 73 0.05 26.28 98.37
CA PHE U 73 0.12 26.76 97.00
C PHE U 73 0.28 25.55 96.08
N PHE U 74 -0.38 25.63 94.92
CA PHE U 74 -0.47 24.50 94.01
C PHE U 74 0.46 24.71 92.82
N VAL U 75 1.06 23.62 92.37
CA VAL U 75 1.87 23.59 91.15
C VAL U 75 1.32 22.48 90.27
N SER U 76 0.90 22.83 89.06
CA SER U 76 0.28 21.88 88.15
C SER U 76 1.23 21.57 86.99
N THR U 77 1.13 20.34 86.49
CA THR U 77 1.92 19.90 85.36
C THR U 77 1.15 18.84 84.60
N ASN U 78 1.63 18.53 83.39
CA ASN U 78 1.04 17.47 82.58
C ASN U 78 2.13 16.44 82.28
N LEU U 79 1.95 15.23 82.80
CA LEU U 79 2.90 14.15 82.60
C LEU U 79 2.45 13.32 81.41
N SER U 80 3.37 13.04 80.49
CA SER U 80 3.10 12.13 79.39
C SER U 80 3.40 10.70 79.83
N VAL U 81 2.40 9.83 79.72
CA VAL U 81 2.49 8.47 80.22
C VAL U 81 2.39 7.45 79.09
N SER U 82 2.65 7.87 77.85
CA SER U 82 2.55 6.95 76.72
C SER U 82 3.67 5.91 76.72
N LYS U 83 4.82 6.23 77.29
CA LYS U 83 5.89 5.25 77.45
C LYS U 83 5.73 4.46 78.74
N LEU U 84 5.15 5.10 79.77
CA LEU U 84 4.91 4.41 81.04
C LEU U 84 3.87 3.30 80.87
N LEU U 85 2.85 3.55 80.05
CA LEU U 85 1.85 2.53 79.79
C LEU U 85 2.43 1.37 78.97
N LYS U 86 3.35 1.67 78.05
CA LYS U 86 4.02 0.60 77.30
C LYS U 86 4.92 -0.25 78.19
N LEU U 87 5.64 0.41 79.12
CA LEU U 87 6.48 -0.32 80.06
C LEU U 87 5.63 -1.18 81.01
N ARG U 88 4.48 -0.65 81.43
CA ARG U 88 3.58 -1.42 82.30
C ARG U 88 2.98 -2.60 81.54
N GLN U 89 2.64 -2.41 80.26
CA GLN U 89 2.09 -3.49 79.46
C GLN U 89 3.11 -4.59 79.24
N ALA U 90 4.38 -4.20 78.99
CA ALA U 90 5.43 -5.20 78.81
C ALA U 90 5.72 -5.96 80.10
N LEU U 91 5.76 -5.25 81.23
CA LEU U 91 6.05 -5.90 82.51
C LEU U 91 4.89 -6.77 82.97
N ASN U 92 3.66 -6.43 82.56
CA ASN U 92 2.51 -7.27 82.90
C ASN U 92 2.41 -8.47 81.98
N SER U 93 2.81 -8.31 80.70
CA SER U 93 2.75 -9.43 79.78
C SER U 93 3.86 -10.44 80.03
N SER U 94 5.00 -9.98 80.54
CA SER U 94 6.10 -10.89 80.89
C SER U 94 5.96 -11.39 82.33
N ALA U 95 4.86 -12.09 82.60
CA ALA U 95 4.58 -12.61 83.92
C ALA U 95 3.70 -13.85 83.79
N ASP U 96 3.61 -14.60 84.88
CA ASP U 96 2.77 -15.79 84.97
C ASP U 96 1.68 -15.62 86.01
N GLY U 97 1.17 -14.41 86.16
CA GLY U 97 0.23 -14.12 87.23
C GLY U 97 0.86 -13.88 88.59
N ARG U 98 2.17 -13.64 88.64
CA ARG U 98 2.83 -13.37 89.92
C ARG U 98 2.51 -11.98 90.43
N TYR U 99 2.30 -11.02 89.54
CA TYR U 99 2.07 -9.65 89.95
C TYR U 99 1.16 -8.98 88.93
N LYS U 100 0.68 -7.79 89.29
CA LYS U 100 -0.13 -6.96 88.40
C LYS U 100 0.22 -5.50 88.69
N LEU U 101 0.76 -4.81 87.69
CA LEU U 101 1.27 -3.46 87.89
C LEU U 101 0.24 -2.43 87.48
N SER U 102 0.24 -1.30 88.18
CA SER U 102 -0.64 -0.17 87.91
C SER U 102 0.20 1.10 87.76
N VAL U 103 -0.47 2.19 87.42
CA VAL U 103 0.22 3.48 87.24
C VAL U 103 0.63 4.05 88.60
N ASN U 104 -0.09 3.69 89.66
CA ASN U 104 0.21 4.19 90.99
C ASN U 104 1.54 3.67 91.51
N ASP U 105 1.97 2.49 91.06
CA ASP U 105 3.27 1.96 91.45
C ASP U 105 4.42 2.80 90.88
N PHE U 106 4.33 3.13 89.59
CA PHE U 106 5.31 4.01 88.96
C PHE U 106 5.27 5.40 89.56
N LEU U 107 4.07 5.87 89.94
CA LEU U 107 3.96 7.19 90.54
C LEU U 107 4.58 7.24 91.94
N ILE U 108 4.39 6.18 92.72
CA ILE U 108 4.97 6.12 94.07
C ILE U 108 6.48 6.00 93.99
N LYS U 109 6.98 5.20 93.05
CA LYS U 109 8.44 5.08 92.86
C LYS U 109 9.06 6.39 92.38
N ALA U 110 8.36 7.10 91.47
CA ALA U 110 8.87 8.38 90.98
C ALA U 110 8.80 9.45 92.07
N MET U 111 7.81 9.38 92.95
CA MET U 111 7.74 10.28 94.09
C MET U 111 8.88 10.03 95.06
N GLY U 112 9.25 8.76 95.26
CA GLY U 112 10.39 8.44 96.09
C GLY U 112 11.70 8.94 95.51
N ILE U 113 11.87 8.79 94.18
CA ILE U 113 13.07 9.25 93.51
C ILE U 113 13.16 10.79 93.56
N ALA U 114 12.04 11.47 93.33
CA ALA U 114 12.02 12.92 93.36
C ALA U 114 12.22 13.48 94.76
N SER U 115 11.67 12.80 95.78
CA SER U 115 11.89 13.25 97.16
C SER U 115 13.30 12.96 97.64
N LYS U 116 13.95 11.94 97.08
CA LYS U 116 15.35 11.72 97.39
C LYS U 116 16.24 12.74 96.70
N ARG U 117 15.89 13.15 95.48
CA ARG U 117 16.69 14.16 94.78
C ARG U 117 16.48 15.57 95.35
N VAL U 118 15.28 15.92 95.74
CA VAL U 118 15.01 17.20 96.39
C VAL U 118 14.55 16.92 97.82
N PRO U 119 15.46 16.90 98.80
CA PRO U 119 15.07 16.50 100.16
C PRO U 119 14.37 17.58 100.96
N THR U 120 14.21 18.79 100.41
CA THR U 120 13.53 19.84 101.15
C THR U 120 12.02 19.59 101.22
N VAL U 121 11.46 18.94 100.20
CA VAL U 121 10.03 18.62 100.20
C VAL U 121 9.73 17.50 101.20
N ASN U 122 10.69 16.61 101.43
CA ASN U 122 10.52 15.50 102.39
C ASN U 122 10.86 16.01 103.78
N SER U 123 9.95 16.82 104.33
CA SER U 123 10.17 17.45 105.64
C SER U 123 8.83 17.67 106.32
N SER U 124 8.86 18.40 107.43
CA SER U 124 7.68 18.69 108.23
C SER U 124 7.87 20.05 108.89
N TRP U 125 7.08 20.32 109.93
CA TRP U 125 7.16 21.57 110.68
C TRP U 125 6.90 21.27 112.14
N ARG U 126 7.91 21.47 112.99
CA ARG U 126 7.90 21.03 114.38
C ARG U 126 8.20 22.20 115.31
N ASP U 127 8.50 21.90 116.58
CA ASP U 127 8.70 22.94 117.61
C ASP U 127 9.97 23.71 117.33
N GLY U 128 9.84 24.79 116.55
CA GLY U 128 10.96 25.64 116.20
C GLY U 128 12.00 24.99 115.33
N VAL U 129 11.65 23.91 114.62
CA VAL U 129 12.63 23.04 113.99
C VAL U 129 11.98 22.34 112.81
N ILE U 130 12.78 22.06 111.78
CA ILE U 130 12.36 21.35 110.58
C ILE U 130 12.86 19.92 110.69
N ARG U 131 11.95 18.96 110.67
CA ARG U 131 12.35 17.55 110.76
C ARG U 131 12.46 16.96 109.37
N GLN U 132 13.68 16.58 108.99
CA GLN U 132 13.99 16.08 107.66
C GLN U 132 14.34 14.60 107.74
N PHE U 133 13.60 13.78 106.99
CA PHE U 133 13.77 12.33 106.97
C PHE U 133 14.70 11.91 105.83
N GLU U 134 15.22 10.68 105.93
CA GLU U 134 15.97 10.08 104.84
C GLU U 134 15.07 9.29 103.89
N THR U 135 14.31 8.33 104.42
CA THR U 135 13.47 7.48 103.60
C THR U 135 12.18 8.18 103.24
N VAL U 136 11.60 7.77 102.11
CA VAL U 136 10.33 8.31 101.64
C VAL U 136 9.25 7.33 102.06
N ASP U 137 8.38 7.75 102.98
CA ASP U 137 7.24 6.96 103.40
C ASP U 137 5.99 7.60 102.78
N VAL U 138 5.34 6.86 101.88
CA VAL U 138 4.28 7.42 101.04
C VAL U 138 2.93 6.96 101.57
N SER U 139 2.09 7.90 101.95
CA SER U 139 0.73 7.61 102.39
C SER U 139 -0.20 7.60 101.18
N VAL U 140 -0.89 6.48 100.97
CA VAL U 140 -1.77 6.31 99.83
C VAL U 140 -3.21 6.35 100.32
N ALA U 141 -4.03 7.19 99.69
CA ALA U 141 -5.41 7.35 100.10
C ALA U 141 -6.26 6.21 99.54
N VAL U 142 -7.03 5.57 100.42
CA VAL U 142 -7.92 4.47 100.04
C VAL U 142 -9.35 4.92 100.35
N ALA U 143 -10.22 4.81 99.35
CA ALA U 143 -11.61 5.24 99.48
C ALA U 143 -12.46 4.09 100.00
N THR U 144 -12.82 4.17 101.28
CA THR U 144 -13.69 3.24 101.97
C THR U 144 -15.07 3.87 102.17
N PRO U 145 -16.13 3.07 102.33
CA PRO U 145 -17.46 3.66 102.58
C PRO U 145 -17.58 4.40 103.91
N ASN U 146 -16.64 4.19 104.84
CA ASN U 146 -16.51 5.00 106.04
C ASN U 146 -15.56 6.17 105.86
N GLY U 147 -15.40 6.67 104.64
CA GLY U 147 -14.66 7.89 104.42
C GLY U 147 -13.30 7.73 103.76
N LEU U 148 -12.24 8.11 104.46
CA LEU U 148 -10.90 8.15 103.88
C LEU U 148 -9.89 7.66 104.91
N ILE U 149 -8.94 6.86 104.44
CA ILE U 149 -7.84 6.39 105.27
C ILE U 149 -6.58 6.44 104.41
N THR U 150 -5.42 6.63 105.06
CA THR U 150 -4.13 6.74 104.37
C THR U 150 -3.14 5.75 104.97
N PRO U 151 -3.14 4.49 104.53
CA PRO U 151 -2.05 3.59 104.91
C PRO U 151 -0.74 3.96 104.23
N ILE U 152 0.36 3.62 104.89
CA ILE U 152 1.68 4.09 104.53
C ILE U 152 2.50 2.94 103.97
N VAL U 153 3.15 3.18 102.83
CA VAL U 153 4.17 2.31 102.28
C VAL U 153 5.51 2.87 102.76
N LYS U 154 6.22 2.06 103.54
CA LYS U 154 7.47 2.50 104.17
C LYS U 154 8.66 2.10 103.33
N GLY U 155 9.64 3.01 103.24
CA GLY U 155 10.87 2.77 102.50
C GLY U 155 10.66 2.60 101.02
N VAL U 156 10.17 3.64 100.35
CA VAL U 156 9.76 3.53 98.96
C VAL U 156 10.97 3.44 98.04
N GLU U 157 11.96 4.29 98.24
CA GLU U 157 13.16 4.25 97.41
C GLU U 157 13.96 2.98 97.76
N GLY U 158 14.42 2.29 96.73
CA GLY U 158 15.06 1.01 96.89
C GLY U 158 14.17 -0.08 97.45
N LYS U 159 12.98 -0.24 96.89
CA LYS U 159 12.05 -1.27 97.36
C LYS U 159 11.64 -2.26 96.29
N GLY U 160 11.35 -1.79 95.08
CA GLY U 160 10.90 -2.68 94.04
C GLY U 160 9.43 -2.50 93.73
N LEU U 161 9.10 -2.59 92.44
CA LEU U 161 7.74 -2.32 91.99
C LEU U 161 6.77 -3.43 92.40
N GLU U 162 7.25 -4.67 92.44
CA GLU U 162 6.40 -5.78 92.87
C GLU U 162 6.13 -5.70 94.38
N SER U 163 7.14 -5.28 95.14
CA SER U 163 6.94 -5.09 96.58
C SER U 163 5.98 -3.93 96.85
N ILE U 164 6.08 -2.86 96.05
CA ILE U 164 5.18 -1.71 96.20
C ILE U 164 3.74 -2.12 95.85
N SER U 165 3.58 -2.89 94.76
CA SER U 165 2.25 -3.36 94.36
C SER U 165 1.64 -4.30 95.41
N ALA U 166 2.47 -5.18 95.97
CA ALA U 166 2.00 -6.10 97.00
C ALA U 166 1.58 -5.36 98.26
N ALA U 167 2.38 -4.37 98.68
CA ALA U 167 2.06 -3.62 99.89
C ALA U 167 0.82 -2.75 99.70
N VAL U 168 0.66 -2.17 98.50
CA VAL U 168 -0.52 -1.36 98.20
C VAL U 168 -1.77 -2.22 98.17
N LYS U 169 -1.68 -3.44 97.60
CA LYS U 169 -2.84 -4.33 97.55
C LYS U 169 -3.21 -4.83 98.95
N GLU U 170 -2.20 -5.20 99.75
CA GLU U 170 -2.41 -5.61 101.15
C GLU U 170 -3.10 -4.50 101.95
N LEU U 171 -2.57 -3.28 101.88
CA LEU U 171 -3.12 -2.19 102.68
C LEU U 171 -4.50 -1.76 102.18
N ALA U 172 -4.75 -1.86 100.87
CA ALA U 172 -6.06 -1.48 100.35
C ALA U 172 -7.13 -2.50 100.73
N LYS U 173 -6.81 -3.80 100.66
CA LYS U 173 -7.82 -4.80 101.04
C LYS U 173 -8.02 -4.81 102.55
N LYS U 174 -6.98 -4.49 103.33
CA LYS U 174 -7.17 -4.37 104.77
C LYS U 174 -7.88 -3.09 105.13
N ALA U 175 -7.81 -2.06 104.30
CA ALA U 175 -8.60 -0.86 104.52
C ALA U 175 -10.06 -1.09 104.20
N ARG U 176 -10.33 -1.92 103.20
CA ARG U 176 -11.72 -2.29 102.89
C ARG U 176 -12.30 -3.20 103.96
N ASP U 177 -11.48 -4.07 104.57
CA ASP U 177 -11.96 -4.89 105.67
C ASP U 177 -11.91 -4.19 107.02
N GLY U 178 -11.23 -3.05 107.13
CA GLY U 178 -11.18 -2.28 108.36
C GLY U 178 -10.38 -2.94 109.47
N LYS U 179 -9.14 -3.35 109.17
CA LYS U 179 -8.34 -4.14 110.09
C LYS U 179 -6.94 -3.56 110.24
N LEU U 180 -6.84 -2.26 110.53
CA LEU U 180 -5.56 -1.56 110.58
C LEU U 180 -5.14 -1.27 112.01
N LYS U 181 -3.84 -1.19 112.22
CA LYS U 181 -3.13 -0.69 113.39
C LYS U 181 -2.85 0.81 113.22
N PRO U 182 -2.80 1.57 114.31
CA PRO U 182 -2.56 3.03 114.18
C PRO U 182 -1.18 3.37 113.65
N GLU U 183 -0.20 2.48 113.81
CA GLU U 183 1.12 2.68 113.24
C GLU U 183 1.15 2.46 111.73
N GLU U 184 0.08 1.93 111.15
CA GLU U 184 0.01 1.74 109.71
C GLU U 184 -0.61 2.93 108.97
N TYR U 185 -1.29 3.83 109.68
CA TYR U 185 -1.86 5.00 109.03
C TYR U 185 -1.57 6.29 109.80
N GLN U 186 -0.65 6.24 110.76
CA GLN U 186 -0.24 7.44 111.50
C GLN U 186 1.26 7.64 111.26
N GLY U 187 1.60 8.63 110.46
CA GLY U 187 2.98 8.93 110.13
C GLY U 187 3.14 9.39 108.69
N GLY U 188 4.19 8.91 108.02
CA GLY U 188 4.41 9.25 106.63
C GLY U 188 5.09 10.60 106.43
N SER U 189 5.76 10.76 105.30
CA SER U 189 6.41 12.02 104.96
C SER U 189 5.80 12.73 103.77
N ILE U 190 5.06 12.02 102.92
CA ILE U 190 4.42 12.62 101.75
C ILE U 190 3.20 11.76 101.41
N SER U 191 2.22 12.37 100.76
CA SER U 191 0.95 11.72 100.45
C SER U 191 0.68 11.78 98.95
N ILE U 192 -0.32 11.00 98.52
CA ILE U 192 -0.76 10.99 97.13
C ILE U 192 -2.24 10.62 97.10
N SER U 193 -3.02 11.38 96.35
CA SER U 193 -4.44 11.13 96.15
C SER U 193 -4.65 10.75 94.69
N ASN U 194 -5.32 9.64 94.46
CA ASN U 194 -5.48 9.05 93.15
C ASN U 194 -6.94 9.05 92.74
N MET U 195 -7.23 9.60 91.57
CA MET U 195 -8.59 9.63 91.02
C MET U 195 -8.60 9.26 89.54
N GLY U 196 -7.82 8.24 89.18
CA GLY U 196 -7.78 7.81 87.79
C GLY U 196 -8.94 6.91 87.39
N MET U 197 -9.65 6.33 88.36
CA MET U 197 -10.78 5.47 88.03
C MET U 197 -11.98 6.28 87.58
N ASN U 198 -12.04 7.55 87.96
CA ASN U 198 -13.10 8.45 87.51
C ASN U 198 -12.60 9.21 86.29
N PRO U 199 -13.18 8.96 85.11
CA PRO U 199 -12.69 9.64 83.89
C PRO U 199 -13.14 11.09 83.77
N ALA U 200 -14.01 11.57 84.67
CA ALA U 200 -14.47 12.95 84.58
C ALA U 200 -13.49 13.92 85.20
N VAL U 201 -12.73 13.49 86.21
CA VAL U 201 -11.85 14.38 86.96
C VAL U 201 -10.62 14.67 86.11
N GLN U 202 -10.61 15.82 85.45
CA GLN U 202 -9.42 16.23 84.70
C GLN U 202 -8.32 16.71 85.65
N SER U 203 -8.70 17.45 86.69
CA SER U 203 -7.75 18.01 87.64
C SER U 203 -8.46 18.27 88.95
N PHE U 204 -7.74 18.09 90.05
CA PHE U 204 -8.28 18.42 91.37
C PHE U 204 -7.12 18.73 92.30
N THR U 205 -7.44 19.44 93.38
CA THR U 205 -6.49 19.74 94.44
C THR U 205 -6.84 18.94 95.69
N ALA U 206 -5.86 18.81 96.58
CA ALA U 206 -6.04 18.07 97.81
C ALA U 206 -5.55 18.92 98.98
N ILE U 207 -5.96 18.53 100.17
CA ILE U 207 -5.55 19.20 101.41
C ILE U 207 -4.43 18.40 102.05
N ILE U 208 -3.38 19.10 102.47
CA ILE U 208 -2.20 18.45 103.02
C ILE U 208 -2.52 17.88 104.39
N ASN U 209 -2.24 16.58 104.56
CA ASN U 209 -2.40 15.94 105.87
C ASN U 209 -1.30 16.41 106.80
N PRO U 210 -1.64 16.98 107.95
CA PRO U 210 -0.59 17.42 108.87
C PRO U 210 0.03 16.23 109.57
N PRO U 211 1.33 16.32 109.92
CA PRO U 211 2.23 17.45 109.73
C PRO U 211 3.11 17.37 108.49
N GLN U 212 2.62 16.76 107.40
CA GLN U 212 3.43 16.65 106.20
C GLN U 212 3.50 17.98 105.47
N ALA U 213 4.35 18.03 104.44
CA ALA U 213 4.63 19.27 103.73
C ALA U 213 4.06 19.34 102.33
N ALA U 214 3.71 18.21 101.72
CA ALA U 214 3.22 18.20 100.35
C ALA U 214 2.22 17.09 100.16
N ILE U 215 1.37 17.25 99.14
CA ILE U 215 0.44 16.19 98.75
C ILE U 215 0.31 16.21 97.23
N LEU U 216 0.19 15.04 96.63
CA LEU U 216 0.03 14.92 95.18
C LEU U 216 -1.42 14.62 94.85
N ALA U 217 -1.84 15.03 93.65
CA ALA U 217 -3.20 14.78 93.17
C ALA U 217 -3.11 14.46 91.68
N VAL U 218 -3.66 13.32 91.29
CA VAL U 218 -3.48 12.79 89.94
C VAL U 218 -4.83 12.66 89.26
N GLY U 219 -4.98 13.33 88.11
CA GLY U 219 -6.25 13.31 87.39
C GLY U 219 -6.31 12.24 86.33
N ALA U 220 -7.49 12.10 85.74
CA ALA U 220 -7.74 11.10 84.72
C ALA U 220 -6.94 11.40 83.47
N PRO U 221 -6.45 10.38 82.78
CA PRO U 221 -5.73 10.61 81.52
C PRO U 221 -6.67 10.99 80.39
N GLN U 222 -6.16 11.85 79.51
CA GLN U 222 -6.90 12.34 78.35
C GLN U 222 -5.99 12.41 77.14
N LYS U 223 -6.57 12.42 75.95
CA LYS U 223 -5.80 12.53 74.70
C LYS U 223 -5.58 13.99 74.36
N VAL U 224 -4.32 14.39 74.27
CA VAL U 224 -3.94 15.77 73.94
C VAL U 224 -3.15 15.75 72.64
N ALA U 225 -3.49 16.67 71.74
CA ALA U 225 -2.78 16.79 70.47
C ALA U 225 -1.38 17.36 70.68
N VAL U 226 -0.38 16.63 70.19
CA VAL U 226 1.02 16.97 70.38
C VAL U 226 1.70 16.98 69.01
N PRO U 227 2.48 18.01 68.66
CA PRO U 227 3.08 18.07 67.33
C PRO U 227 4.19 17.04 67.15
N VAL U 228 4.37 16.60 65.91
CA VAL U 228 5.36 15.61 65.55
C VAL U 228 5.92 15.95 64.17
N GLU U 229 7.22 15.75 64.00
CA GLU U 229 7.83 15.86 62.69
C GLU U 229 7.75 14.50 61.99
N ASN U 230 7.43 14.51 60.72
CA ASN U 230 7.60 13.33 59.91
C ASN U 230 9.04 13.32 59.39
N GLU U 231 9.36 12.40 58.48
CA GLU U 231 10.70 12.37 57.90
C GLU U 231 10.88 13.39 56.78
N ASP U 232 9.89 14.23 56.52
CA ASP U 232 10.03 15.43 55.71
C ASP U 232 9.86 16.66 56.59
N GLY U 233 9.86 17.84 55.97
CA GLY U 233 9.95 19.09 56.71
C GLY U 233 8.69 19.51 57.45
N THR U 234 7.53 18.97 57.09
CA THR U 234 6.29 19.46 57.65
C THR U 234 6.03 18.90 59.04
N THR U 235 5.15 19.57 59.79
CA THR U 235 4.73 19.09 61.10
C THR U 235 3.42 18.31 60.99
N GLY U 236 3.12 17.53 62.04
CA GLY U 236 1.95 16.68 62.05
C GLY U 236 1.21 16.77 63.37
N VAL U 237 0.19 15.93 63.49
CA VAL U 237 -0.61 15.81 64.72
C VAL U 237 -0.44 14.40 65.24
N SER U 238 0.11 14.28 66.44
CA SER U 238 0.17 13.02 67.16
C SER U 238 -0.68 13.14 68.42
N TRP U 239 -1.23 12.01 68.86
CA TRP U 239 -2.12 11.97 70.01
C TRP U 239 -1.38 11.35 71.18
N ASP U 240 -1.16 12.15 72.22
CA ASP U 240 -0.39 11.75 73.39
C ASP U 240 -1.32 11.59 74.59
N GLU U 241 -1.04 10.58 75.41
CA GLU U 241 -1.80 10.35 76.64
C GLU U 241 -1.18 11.20 77.75
N GLN U 242 -1.91 12.21 78.21
CA GLN U 242 -1.40 13.11 79.23
C GLN U 242 -2.25 13.01 80.50
N ILE U 243 -1.58 13.25 81.64
CA ILE U 243 -2.21 13.20 82.96
C ILE U 243 -1.89 14.50 83.68
N ILE U 244 -2.91 15.18 84.17
CA ILE U 244 -2.72 16.43 84.90
C ILE U 244 -2.43 16.09 86.36
N VAL U 245 -1.28 16.54 86.84
CA VAL U 245 -0.79 16.26 88.19
C VAL U 245 -0.66 17.59 88.92
N THR U 246 -1.35 17.73 90.04
CA THR U 246 -1.32 18.94 90.85
C THR U 246 -0.69 18.61 92.21
N ALA U 247 0.38 19.30 92.55
CA ALA U 247 1.06 19.11 93.82
C ALA U 247 0.81 20.32 94.70
N SER U 248 0.25 20.10 95.89
CA SER U 248 -0.01 21.16 96.85
C SER U 248 1.10 21.16 97.89
N PHE U 249 1.77 22.30 98.03
CA PHE U 249 2.88 22.46 98.95
C PHE U 249 2.51 23.45 100.06
N ASP U 250 3.21 23.30 101.18
CA ASP U 250 3.15 24.23 102.30
C ASP U 250 4.28 25.24 102.15
N HIS U 251 3.94 26.53 102.22
CA HIS U 251 4.92 27.56 101.92
C HIS U 251 5.86 27.86 103.08
N LYS U 252 5.59 27.30 104.27
CA LYS U 252 6.52 27.50 105.37
C LYS U 252 7.78 26.66 105.19
N VAL U 253 7.69 25.53 104.50
CA VAL U 253 8.81 24.63 104.28
C VAL U 253 9.32 24.70 102.85
N VAL U 254 8.42 24.63 101.88
CA VAL U 254 8.78 24.53 100.47
C VAL U 254 8.44 25.84 99.79
N ASP U 255 9.43 26.41 99.09
CA ASP U 255 9.16 27.58 98.26
C ASP U 255 8.78 27.14 96.85
N GLY U 256 8.48 28.15 96.01
CA GLY U 256 8.00 27.86 94.67
C GLY U 256 9.06 27.28 93.77
N ALA U 257 10.31 27.72 93.92
CA ALA U 257 11.40 27.16 93.13
C ALA U 257 11.72 25.73 93.54
N VAL U 258 11.61 25.42 94.84
CA VAL U 258 11.83 24.05 95.31
C VAL U 258 10.72 23.14 94.83
N GLY U 259 9.47 23.62 94.86
CA GLY U 259 8.37 22.85 94.33
C GLY U 259 8.45 22.64 92.83
N ALA U 260 8.97 23.65 92.12
CA ALA U 260 9.14 23.53 90.68
C ALA U 260 10.26 22.55 90.33
N GLU U 261 11.34 22.53 91.13
CA GLU U 261 12.39 21.54 90.94
C GLU U 261 11.90 20.12 91.23
N TRP U 262 11.09 19.96 92.27
CA TRP U 262 10.49 18.65 92.59
C TRP U 262 9.57 18.19 91.46
N ILE U 263 8.74 19.10 90.94
CA ILE U 263 7.85 18.78 89.83
C ILE U 263 8.64 18.44 88.57
N ARG U 264 9.76 19.14 88.33
CA ARG U 264 10.58 18.88 87.15
C ARG U 264 11.26 17.52 87.24
N GLU U 265 11.76 17.15 88.43
CA GLU U 265 12.39 15.84 88.58
C GLU U 265 11.36 14.72 88.48
N LEU U 266 10.16 14.94 89.02
CA LEU U 266 9.09 13.96 88.89
C LEU U 266 8.67 13.78 87.44
N LYS U 267 8.57 14.89 86.70
CA LYS U 267 8.23 14.83 85.28
C LYS U 267 9.33 14.16 84.46
N LYS U 268 10.59 14.37 84.84
CA LYS U 268 11.70 13.73 84.14
C LYS U 268 11.69 12.22 84.35
N VAL U 269 11.50 11.78 85.60
CA VAL U 269 11.47 10.35 85.91
C VAL U 269 10.23 9.68 85.30
N ILE U 270 9.12 10.40 85.20
CA ILE U 270 7.91 9.81 84.61
C ILE U 270 8.04 9.72 83.08
N GLU U 271 8.47 10.81 82.43
CA GLU U 271 8.55 10.81 80.98
C GLU U 271 9.76 10.08 80.43
N ASN U 272 10.74 9.73 81.28
CA ASN U 272 11.81 8.81 80.90
C ASN U 272 11.74 7.63 81.86
N PRO U 273 11.00 6.58 81.49
CA PRO U 273 10.75 5.49 82.46
C PRO U 273 11.95 4.61 82.73
N LEU U 274 13.02 4.71 81.94
CA LEU U 274 14.24 3.96 82.22
C LEU U 274 15.03 4.56 83.37
N GLU U 275 14.70 5.77 83.81
CA GLU U 275 15.37 6.40 84.94
C GLU U 275 14.88 5.88 86.28
N LEU U 276 13.87 5.00 86.30
CA LEU U 276 13.43 4.37 87.53
C LEU U 276 14.43 3.32 88.03
N LEU U 277 15.34 2.87 87.16
CA LEU U 277 16.41 1.98 87.57
C LEU U 277 17.40 2.70 88.47
N LEU U 278 17.76 3.93 88.09
CA LEU U 278 18.71 4.73 88.84
C LEU U 278 18.04 5.37 90.05
N TYR V 47 -79.49 -20.04 78.78
CA TYR V 47 -79.12 -21.40 79.14
C TYR V 47 -78.32 -21.40 80.43
N THR V 48 -77.04 -21.05 80.34
CA THR V 48 -76.21 -20.90 81.53
C THR V 48 -76.39 -19.51 82.11
N ASP V 49 -76.77 -19.46 83.39
CA ASP V 49 -77.27 -18.26 84.07
C ASP V 49 -76.48 -18.01 85.33
N VAL V 50 -75.15 -17.91 85.20
CA VAL V 50 -74.27 -17.48 86.29
C VAL V 50 -74.70 -16.07 86.74
N PRO V 51 -74.73 -15.81 88.03
CA PRO V 51 -75.21 -14.50 88.50
C PRO V 51 -74.14 -13.44 88.45
N ILE V 52 -74.58 -12.18 88.59
CA ILE V 52 -73.67 -11.05 88.63
C ILE V 52 -72.91 -11.07 89.94
N SER V 53 -71.62 -10.68 89.89
CA SER V 53 -70.75 -10.77 91.06
C SER V 53 -71.15 -9.79 92.15
N GLY V 54 -71.87 -8.72 91.82
CA GLY V 54 -72.21 -7.71 92.80
C GLY V 54 -71.25 -6.55 92.74
N MET V 55 -69.96 -6.87 92.54
CA MET V 55 -68.97 -5.85 92.25
C MET V 55 -69.19 -5.19 90.88
N ARG V 56 -69.67 -5.98 89.91
CA ARG V 56 -70.01 -5.45 88.60
C ARG V 56 -71.20 -4.50 88.63
N LYS V 57 -72.09 -4.63 89.63
CA LYS V 57 -73.27 -3.78 89.71
C LYS V 57 -72.91 -2.35 90.01
N THR V 58 -71.90 -2.13 90.86
CA THR V 58 -71.45 -0.79 91.18
C THR V 58 -70.78 -0.12 89.98
N ILE V 59 -69.99 -0.88 89.20
CA ILE V 59 -69.37 -0.32 88.01
C ILE V 59 -70.41 -0.05 86.93
N ALA V 60 -71.45 -0.88 86.85
CA ALA V 60 -72.52 -0.64 85.89
C ALA V 60 -73.32 0.61 86.26
N ALA V 61 -73.60 0.80 87.55
CA ALA V 61 -74.27 2.02 87.99
C ALA V 61 -73.40 3.25 87.80
N ARG V 62 -72.08 3.10 87.98
CA ARG V 62 -71.18 4.23 87.80
C ARG V 62 -71.07 4.63 86.34
N LEU V 63 -70.99 3.66 85.43
CA LEU V 63 -70.98 3.97 84.00
C LEU V 63 -72.33 4.52 83.54
N LYS V 64 -73.42 4.07 84.18
CA LYS V 64 -74.73 4.67 83.93
C LYS V 64 -74.76 6.13 84.34
N GLU V 65 -74.23 6.45 85.53
CA GLU V 65 -74.11 7.84 85.99
C GLU V 65 -73.29 8.67 85.02
N SER V 66 -72.19 8.09 84.52
CA SER V 66 -71.31 8.80 83.60
C SER V 66 -72.00 9.13 82.29
N VAL V 67 -72.70 8.16 81.70
CA VAL V 67 -73.33 8.40 80.40
C VAL V 67 -74.62 9.20 80.56
N THR V 68 -75.20 9.25 81.76
CA THR V 68 -76.45 9.98 81.88
C THR V 68 -76.23 11.40 82.40
N GLU V 69 -75.07 11.71 82.98
CA GLU V 69 -74.86 13.06 83.49
C GLU V 69 -73.78 13.78 82.68
N ASN V 70 -72.98 13.03 81.93
CA ASN V 70 -71.94 13.62 81.11
C ASN V 70 -72.31 13.49 79.64
N PRO V 71 -72.71 14.56 78.96
CA PRO V 71 -72.86 14.49 77.49
C PRO V 71 -71.52 14.43 76.80
N HIS V 72 -71.13 13.24 76.35
CA HIS V 72 -69.80 13.03 75.79
C HIS V 72 -69.74 13.54 74.36
N PHE V 73 -68.56 14.01 73.97
CA PHE V 73 -68.24 14.21 72.56
C PHE V 73 -66.78 13.85 72.34
N PHE V 74 -66.52 13.23 71.20
CA PHE V 74 -65.21 12.67 70.89
C PHE V 74 -64.47 13.57 69.91
N VAL V 75 -63.16 13.68 70.11
CA VAL V 75 -62.26 14.38 69.18
C VAL V 75 -61.15 13.40 68.83
N SER V 76 -61.00 13.09 67.55
CA SER V 76 -60.01 12.13 67.08
C SER V 76 -58.87 12.84 66.38
N THR V 77 -57.68 12.24 66.48
CA THR V 77 -56.50 12.77 65.81
C THR V 77 -55.55 11.61 65.51
N ASN V 78 -54.55 11.89 64.69
CA ASN V 78 -53.52 10.91 64.36
C ASN V 78 -52.17 11.50 64.73
N LEU V 79 -51.52 10.89 65.73
CA LEU V 79 -50.21 11.33 66.19
C LEU V 79 -49.13 10.54 65.46
N SER V 80 -48.14 11.26 64.94
CA SER V 80 -46.98 10.61 64.35
C SER V 80 -45.94 10.35 65.43
N VAL V 81 -45.54 9.09 65.57
CA VAL V 81 -44.66 8.66 66.66
C VAL V 81 -43.34 8.13 66.13
N SER V 82 -42.98 8.49 64.89
CA SER V 82 -41.74 8.00 64.30
C SER V 82 -40.51 8.62 64.95
N LYS V 83 -40.63 9.84 65.49
CA LYS V 83 -39.54 10.44 66.24
C LYS V 83 -39.60 10.05 67.72
N LEU V 84 -40.80 9.79 68.23
CA LEU V 84 -40.96 9.35 69.61
C LEU V 84 -40.37 7.97 69.81
N LEU V 85 -40.53 7.08 68.82
CA LEU V 85 -39.93 5.76 68.91
C LEU V 85 -38.41 5.81 68.81
N LYS V 86 -37.87 6.75 68.02
CA LYS V 86 -36.42 6.92 67.94
C LYS V 86 -35.86 7.45 69.26
N LEU V 87 -36.56 8.40 69.88
CA LEU V 87 -36.14 8.93 71.18
C LEU V 87 -36.21 7.86 72.26
N ARG V 88 -37.25 7.01 72.22
CA ARG V 88 -37.38 5.92 73.18
C ARG V 88 -36.30 4.87 72.97
N GLN V 89 -35.95 4.60 71.72
CA GLN V 89 -34.88 3.63 71.41
C GLN V 89 -33.53 4.14 71.89
N ALA V 90 -33.27 5.44 71.70
CA ALA V 90 -32.01 6.03 72.16
C ALA V 90 -31.92 6.05 73.68
N LEU V 91 -33.03 6.41 74.35
CA LEU V 91 -33.02 6.46 75.81
C LEU V 91 -32.96 5.08 76.43
N ASN V 92 -33.48 4.06 75.72
CA ASN V 92 -33.37 2.70 76.24
C ASN V 92 -32.00 2.11 75.96
N SER V 93 -31.38 2.48 74.84
CA SER V 93 -30.05 1.95 74.52
C SER V 93 -28.98 2.59 75.39
N SER V 94 -29.18 3.85 75.80
CA SER V 94 -28.23 4.51 76.69
C SER V 94 -28.57 4.25 78.17
N ALA V 95 -28.53 2.98 78.54
CA ALA V 95 -28.85 2.57 79.90
C ALA V 95 -28.12 1.27 80.21
N ASP V 96 -28.08 0.94 81.51
CA ASP V 96 -27.47 -0.28 81.99
C ASP V 96 -28.49 -1.19 82.66
N GLY V 97 -29.73 -1.19 82.15
CA GLY V 97 -30.80 -1.89 82.80
C GLY V 97 -31.42 -1.17 83.98
N ARG V 98 -31.18 0.14 84.11
CA ARG V 98 -31.77 0.89 85.22
C ARG V 98 -33.25 1.16 84.98
N TYR V 99 -33.66 1.31 83.73
CA TYR V 99 -35.04 1.64 83.40
C TYR V 99 -35.40 1.02 82.07
N LYS V 100 -36.70 1.04 81.76
CA LYS V 100 -37.22 0.60 80.48
C LYS V 100 -38.40 1.49 80.13
N LEU V 101 -38.28 2.22 79.02
CA LEU V 101 -39.27 3.22 78.64
C LEU V 101 -40.26 2.64 77.66
N SER V 102 -41.50 3.12 77.76
CA SER V 102 -42.59 2.74 76.85
C SER V 102 -43.23 4.00 76.28
N VAL V 103 -44.19 3.79 75.37
CA VAL V 103 -44.88 4.90 74.73
C VAL V 103 -45.84 5.56 75.72
N ASN V 104 -46.32 4.79 76.71
CA ASN V 104 -47.26 5.32 77.69
C ASN V 104 -46.64 6.37 78.59
N ASP V 105 -45.32 6.29 78.81
CA ASP V 105 -44.62 7.30 79.59
C ASP V 105 -44.61 8.65 78.88
N PHE V 106 -44.28 8.65 77.59
CA PHE V 106 -44.32 9.87 76.79
C PHE V 106 -45.74 10.39 76.67
N LEU V 107 -46.73 9.49 76.59
CA LEU V 107 -48.12 9.92 76.49
C LEU V 107 -48.60 10.56 77.79
N ILE V 108 -48.21 10.01 78.94
CA ILE V 108 -48.60 10.57 80.22
C ILE V 108 -47.93 11.92 80.46
N LYS V 109 -46.65 12.04 80.08
CA LYS V 109 -45.95 13.32 80.20
C LYS V 109 -46.55 14.38 79.27
N ALA V 110 -46.92 13.98 78.04
CA ALA V 110 -47.53 14.92 77.12
C ALA V 110 -48.93 15.32 77.55
N MET V 111 -49.65 14.39 78.21
CA MET V 111 -50.96 14.74 78.78
C MET V 111 -50.81 15.73 79.92
N GLY V 112 -49.75 15.58 80.73
CA GLY V 112 -49.50 16.55 81.79
C GLY V 112 -49.15 17.92 81.25
N ILE V 113 -48.33 17.97 80.19
CA ILE V 113 -47.95 19.23 79.57
C ILE V 113 -49.17 19.91 78.93
N ALA V 114 -50.01 19.12 78.25
CA ALA V 114 -51.18 19.68 77.59
C ALA V 114 -52.23 20.13 78.60
N SER V 115 -52.39 19.40 79.71
CA SER V 115 -53.33 19.83 80.74
C SER V 115 -52.83 21.03 81.52
N LYS V 116 -51.51 21.21 81.60
CA LYS V 116 -50.99 22.43 82.20
C LYS V 116 -51.15 23.63 81.26
N ARG V 117 -51.02 23.40 79.95
CA ARG V 117 -51.20 24.51 79.00
C ARG V 117 -52.67 24.89 78.82
N VAL V 118 -53.57 23.92 78.80
CA VAL V 118 -55.01 24.19 78.75
C VAL V 118 -55.64 23.73 80.06
N PRO V 119 -55.78 24.60 81.06
CA PRO V 119 -56.24 24.14 82.38
C PRO V 119 -57.74 23.93 82.47
N THR V 120 -58.51 24.24 81.41
CA THR V 120 -59.95 24.03 81.46
C THR V 120 -60.31 22.55 81.41
N VAL V 121 -59.50 21.75 80.73
CA VAL V 121 -59.75 20.31 80.65
C VAL V 121 -59.45 19.64 81.99
N ASN V 122 -58.51 20.19 82.75
CA ASN V 122 -58.15 19.63 84.06
C ASN V 122 -59.11 20.21 85.11
N SER V 123 -60.34 19.70 85.09
CA SER V 123 -61.39 20.20 85.96
C SER V 123 -62.38 19.08 86.25
N SER V 124 -63.49 19.42 86.89
CA SER V 124 -64.54 18.48 87.26
C SER V 124 -65.87 19.21 87.27
N TRP V 125 -66.87 18.63 87.92
CA TRP V 125 -68.20 19.22 88.02
C TRP V 125 -68.77 18.91 89.39
N ARG V 126 -68.97 19.95 90.19
CA ARG V 126 -69.30 19.83 91.61
C ARG V 126 -70.58 20.59 91.94
N ASP V 127 -70.84 20.81 93.23
CA ASP V 127 -72.09 21.42 93.68
C ASP V 127 -72.12 22.89 93.27
N GLY V 128 -72.67 23.15 92.09
CA GLY V 128 -72.77 24.50 91.56
C GLY V 128 -71.45 25.18 91.27
N VAL V 129 -70.38 24.41 91.08
CA VAL V 129 -69.04 24.95 91.08
C VAL V 129 -68.13 24.03 90.27
N ILE V 130 -67.12 24.63 89.63
CA ILE V 130 -66.13 23.92 88.83
C ILE V 130 -64.86 23.84 89.67
N ARG V 131 -64.40 22.62 89.94
CA ARG V 131 -63.19 22.44 90.74
C ARG V 131 -61.99 22.26 89.80
N GLN V 132 -61.08 23.22 89.85
CA GLN V 132 -59.92 23.26 88.96
C GLN V 132 -58.65 23.01 89.76
N PHE V 133 -57.90 21.99 89.37
CA PHE V 133 -56.67 21.59 90.04
C PHE V 133 -55.46 22.24 89.38
N GLU V 134 -54.33 22.23 90.11
CA GLU V 134 -53.05 22.65 89.56
C GLU V 134 -52.29 21.48 88.95
N THR V 135 -52.05 20.44 89.74
CA THR V 135 -51.26 19.31 89.28
C THR V 135 -52.12 18.36 88.44
N VAL V 136 -51.45 17.62 87.55
CA VAL V 136 -52.10 16.65 86.69
C VAL V 136 -51.90 15.29 87.33
N ASP V 137 -52.99 14.69 87.81
CA ASP V 137 -52.98 13.34 88.36
C ASP V 137 -53.62 12.42 87.34
N VAL V 138 -52.83 11.50 86.79
CA VAL V 138 -53.26 10.71 85.63
C VAL V 138 -53.62 9.31 86.10
N SER V 139 -54.86 8.92 85.85
CA SER V 139 -55.33 7.57 86.17
C SER V 139 -55.06 6.66 84.97
N VAL V 140 -54.31 5.58 85.19
CA VAL V 140 -53.93 4.66 84.13
C VAL V 140 -54.72 3.37 84.32
N ALA V 141 -55.38 2.92 83.25
CA ALA V 141 -56.19 1.71 83.32
C ALA V 141 -55.33 0.47 83.22
N VAL V 142 -55.49 -0.45 84.17
CA VAL V 142 -54.77 -1.72 84.20
C VAL V 142 -55.77 -2.84 84.04
N ALA V 143 -55.52 -3.73 83.08
CA ALA V 143 -56.43 -4.83 82.77
C ALA V 143 -56.06 -6.04 83.63
N THR V 144 -56.86 -6.29 84.66
CA THR V 144 -56.76 -7.44 85.55
C THR V 144 -57.86 -8.45 85.22
N PRO V 145 -57.67 -9.73 85.56
CA PRO V 145 -58.75 -10.72 85.30
C PRO V 145 -60.02 -10.49 86.10
N ASN V 146 -59.96 -9.67 87.15
CA ASN V 146 -61.14 -9.19 87.86
C ASN V 146 -61.66 -7.87 87.31
N GLY V 147 -61.41 -7.58 86.04
CA GLY V 147 -62.02 -6.43 85.40
C GLY V 147 -61.09 -5.27 85.11
N LEU V 148 -61.36 -4.11 85.72
CA LEU V 148 -60.62 -2.89 85.41
C LEU V 148 -60.37 -2.11 86.68
N ILE V 149 -59.16 -1.56 86.79
CA ILE V 149 -58.80 -0.69 87.90
C ILE V 149 -57.97 0.46 87.33
N THR V 150 -58.02 1.62 87.99
CA THR V 150 -57.33 2.82 87.54
C THR V 150 -56.47 3.38 88.67
N PRO V 151 -55.24 2.87 88.85
CA PRO V 151 -54.32 3.54 89.78
C PRO V 151 -53.82 4.86 89.21
N ILE V 152 -53.48 5.77 90.13
CA ILE V 152 -53.21 7.16 89.80
C ILE V 152 -51.72 7.45 89.97
N VAL V 153 -51.15 8.09 88.96
CA VAL V 153 -49.81 8.68 89.04
C VAL V 153 -50.01 10.14 89.42
N LYS V 154 -49.49 10.53 90.58
CA LYS V 154 -49.70 11.86 91.12
C LYS V 154 -48.54 12.78 90.75
N GLY V 155 -48.89 14.02 90.41
CA GLY V 155 -47.89 15.04 90.07
C GLY V 155 -47.12 14.72 88.82
N VAL V 156 -47.80 14.64 87.68
CA VAL V 156 -47.18 14.17 86.45
C VAL V 156 -46.24 15.21 85.87
N GLU V 157 -46.67 16.47 85.82
CA GLU V 157 -45.80 17.52 85.30
C GLU V 157 -44.68 17.79 86.30
N GLY V 158 -43.45 17.90 85.79
CA GLY V 158 -42.28 18.01 86.63
C GLY V 158 -41.99 16.78 87.47
N LYS V 159 -42.02 15.60 86.87
CA LYS V 159 -41.76 14.36 87.61
C LYS V 159 -40.59 13.56 87.06
N GLY V 160 -40.49 13.43 85.76
CA GLY V 160 -39.44 12.63 85.18
C GLY V 160 -39.95 11.33 84.59
N LEU V 161 -39.38 10.93 83.46
CA LEU V 161 -39.87 9.77 82.73
C LEU V 161 -39.52 8.48 83.44
N GLU V 162 -38.38 8.43 84.11
CA GLU V 162 -38.00 7.24 84.88
C GLU V 162 -38.88 7.08 86.11
N SER V 163 -39.24 8.20 86.75
CA SER V 163 -40.15 8.14 87.89
C SER V 163 -41.55 7.72 87.44
N ILE V 164 -41.99 8.19 86.27
CA ILE V 164 -43.29 7.81 85.72
C ILE V 164 -43.31 6.33 85.38
N SER V 165 -42.22 5.83 84.76
CA SER V 165 -42.12 4.40 84.42
C SER V 165 -42.10 3.53 85.67
N ALA V 166 -41.38 3.97 86.69
CA ALA V 166 -41.31 3.21 87.95
C ALA V 166 -42.65 3.17 88.64
N ALA V 167 -43.36 4.31 88.68
CA ALA V 167 -44.66 4.35 89.33
C ALA V 167 -45.70 3.53 88.58
N VAL V 168 -45.65 3.56 87.24
CA VAL V 168 -46.58 2.79 86.43
C VAL V 168 -46.31 1.28 86.59
N LYS V 169 -45.04 0.88 86.67
CA LYS V 169 -44.72 -0.53 86.87
C LYS V 169 -45.12 -1.02 88.25
N GLU V 170 -44.86 -0.20 89.28
CA GLU V 170 -45.28 -0.49 90.65
C GLU V 170 -46.79 -0.67 90.74
N LEU V 171 -47.55 0.29 90.20
CA LEU V 171 -49.00 0.24 90.31
C LEU V 171 -49.60 -0.88 89.47
N ALA V 172 -48.97 -1.20 88.32
CA ALA V 172 -49.48 -2.28 87.49
C ALA V 172 -49.24 -3.65 88.14
N LYS V 173 -48.05 -3.87 88.72
CA LYS V 173 -47.79 -5.16 89.35
C LYS V 173 -48.59 -5.30 90.64
N LYS V 174 -48.85 -4.18 91.32
CA LYS V 174 -49.70 -4.27 92.51
C LYS V 174 -51.17 -4.42 92.14
N ALA V 175 -51.55 -3.98 90.93
CA ALA V 175 -52.92 -4.22 90.46
C ALA V 175 -53.09 -5.67 90.06
N ARG V 176 -52.03 -6.28 89.51
CA ARG V 176 -52.09 -7.71 89.20
C ARG V 176 -52.08 -8.57 90.46
N ASP V 177 -51.39 -8.13 91.52
CA ASP V 177 -51.43 -8.84 92.79
C ASP V 177 -52.63 -8.47 93.66
N GLY V 178 -53.35 -7.40 93.34
CA GLY V 178 -54.55 -7.01 94.07
C GLY V 178 -54.28 -6.48 95.46
N LYS V 179 -53.36 -5.51 95.58
CA LYS V 179 -52.89 -5.04 96.88
C LYS V 179 -52.92 -3.52 96.95
N LEU V 180 -54.07 -2.92 96.63
CA LEU V 180 -54.19 -1.47 96.56
C LEU V 180 -54.98 -0.91 97.73
N LYS V 181 -54.68 0.33 98.09
CA LYS V 181 -55.38 1.22 99.00
C LYS V 181 -56.39 2.04 98.20
N PRO V 182 -57.52 2.43 98.81
CA PRO V 182 -58.53 3.21 98.06
C PRO V 182 -58.06 4.61 97.66
N GLU V 183 -57.08 5.16 98.37
CA GLU V 183 -56.49 6.43 97.98
C GLU V 183 -55.58 6.32 96.76
N GLU V 184 -55.25 5.10 96.34
CA GLU V 184 -54.43 4.91 95.14
C GLU V 184 -55.24 4.78 93.87
N TYR V 185 -56.55 4.53 93.96
CA TYR V 185 -57.37 4.43 92.77
C TYR V 185 -58.67 5.22 92.89
N GLN V 186 -58.77 6.09 93.90
CA GLN V 186 -59.93 6.96 94.06
C GLN V 186 -59.46 8.41 93.99
N GLY V 187 -59.74 9.08 92.88
CA GLY V 187 -59.32 10.45 92.68
C GLY V 187 -58.93 10.71 91.24
N GLY V 188 -57.85 11.47 91.03
CA GLY V 188 -57.38 11.75 89.70
C GLY V 188 -58.12 12.89 89.01
N SER V 189 -57.46 13.53 88.04
CA SER V 189 -58.08 14.61 87.28
C SER V 189 -58.28 14.28 85.81
N ILE V 190 -57.57 13.29 85.28
CA ILE V 190 -57.71 12.87 83.89
C ILE V 190 -57.29 11.41 83.79
N SER V 191 -57.81 10.72 82.78
CA SER V 191 -57.61 9.29 82.62
C SER V 191 -57.02 9.00 81.24
N ILE V 192 -56.54 7.77 81.06
CA ILE V 192 -56.01 7.29 79.79
C ILE V 192 -56.23 5.79 79.69
N SER V 193 -56.76 5.34 78.56
CA SER V 193 -56.96 3.92 78.29
C SER V 193 -56.03 3.53 77.15
N ASN V 194 -55.28 2.46 77.36
CA ASN V 194 -54.22 2.05 76.45
C ASN V 194 -54.54 0.68 75.86
N MET V 195 -54.52 0.58 74.54
CA MET V 195 -54.77 -0.68 73.83
C MET V 195 -53.76 -0.89 72.72
N GLY V 196 -52.49 -0.58 72.99
CA GLY V 196 -51.46 -0.76 71.97
C GLY V 196 -50.95 -2.19 71.85
N MET V 197 -51.22 -3.03 72.86
CA MET V 197 -50.77 -4.42 72.79
C MET V 197 -51.63 -5.23 71.83
N ASN V 198 -52.86 -4.78 71.58
CA ASN V 198 -53.73 -5.41 70.61
C ASN V 198 -53.57 -4.72 69.27
N PRO V 199 -53.01 -5.39 68.26
CA PRO V 199 -52.79 -4.73 66.96
C PRO V 199 -54.05 -4.59 66.11
N ALA V 200 -55.18 -5.16 66.54
CA ALA V 200 -56.40 -5.06 65.76
C ALA V 200 -57.13 -3.75 66.01
N VAL V 201 -57.00 -3.18 67.21
CA VAL V 201 -57.76 -2.00 67.60
C VAL V 201 -57.14 -0.78 66.92
N GLN V 202 -57.74 -0.35 65.81
CA GLN V 202 -57.29 0.87 65.16
C GLN V 202 -57.74 2.11 65.93
N SER V 203 -58.97 2.08 66.45
CA SER V 203 -59.53 3.21 67.16
C SER V 203 -60.63 2.70 68.09
N PHE V 204 -60.76 3.34 69.24
CA PHE V 204 -61.86 3.03 70.15
C PHE V 204 -62.13 4.25 71.01
N THR V 205 -63.34 4.27 71.58
CA THR V 205 -63.76 5.30 72.51
C THR V 205 -63.85 4.72 73.92
N ALA V 206 -63.82 5.60 74.91
CA ALA V 206 -63.90 5.20 76.30
C ALA V 206 -64.96 6.03 77.01
N ILE V 207 -65.38 5.55 78.17
CA ILE V 207 -66.37 6.22 79.00
C ILE V 207 -65.63 6.97 80.10
N ILE V 208 -66.02 8.23 80.32
CA ILE V 208 -65.34 9.09 81.28
C ILE V 208 -65.65 8.62 82.70
N ASN V 209 -64.61 8.38 83.49
CA ASN V 209 -64.78 8.03 84.88
C ASN V 209 -65.21 9.27 85.66
N PRO V 210 -66.35 9.23 86.36
CA PRO V 210 -66.78 10.39 87.12
C PRO V 210 -65.94 10.53 88.37
N PRO V 211 -65.71 11.77 88.85
CA PRO V 211 -66.21 13.04 88.30
C PRO V 211 -65.23 13.77 87.39
N GLN V 212 -64.40 13.04 86.65
CA GLN V 212 -63.43 13.69 85.77
C GLN V 212 -64.12 14.25 84.53
N ALA V 213 -63.35 15.01 83.74
CA ALA V 213 -63.91 15.73 82.59
C ALA V 213 -63.48 15.17 81.24
N ALA V 214 -62.41 14.38 81.18
CA ALA V 214 -61.93 13.89 79.90
C ALA V 214 -61.30 12.52 80.09
N ILE V 215 -61.23 11.76 79.00
CA ILE V 215 -60.53 10.49 79.00
C ILE V 215 -59.87 10.30 77.63
N LEU V 216 -58.67 9.72 77.64
CA LEU V 216 -57.94 9.48 76.41
C LEU V 216 -58.05 8.01 76.01
N ALA V 217 -57.95 7.73 74.72
CA ALA V 217 -58.00 6.37 74.19
C ALA V 217 -57.00 6.26 73.06
N VAL V 218 -56.08 5.31 73.16
CA VAL V 218 -54.95 5.21 72.25
C VAL V 218 -55.00 3.89 71.49
N GLY V 219 -55.03 3.96 70.16
CA GLY V 219 -55.13 2.77 69.35
C GLY V 219 -53.77 2.26 68.90
N ALA V 220 -53.79 1.09 68.26
CA ALA V 220 -52.58 0.44 67.80
C ALA V 220 -51.94 1.24 66.67
N PRO V 221 -50.62 1.28 66.62
CA PRO V 221 -49.93 1.97 65.53
C PRO V 221 -50.03 1.21 64.22
N GLN V 222 -50.12 1.97 63.13
CA GLN V 222 -50.21 1.44 61.79
C GLN V 222 -49.35 2.27 60.83
N LYS V 223 -48.99 1.68 59.69
CA LYS V 223 -48.20 2.38 58.68
C LYS V 223 -49.13 3.14 57.74
N VAL V 224 -48.96 4.45 57.67
CA VAL V 224 -49.76 5.32 56.81
C VAL V 224 -48.84 6.00 55.80
N ALA V 225 -49.26 6.00 54.54
CA ALA V 225 -48.49 6.65 53.48
C ALA V 225 -48.54 8.17 53.63
N VAL V 226 -47.37 8.79 53.69
CA VAL V 226 -47.23 10.23 53.92
C VAL V 226 -46.33 10.80 52.82
N PRO V 227 -46.71 11.89 52.17
CA PRO V 227 -45.90 12.43 51.07
C PRO V 227 -44.60 13.05 51.56
N VAL V 228 -43.59 12.99 50.70
CA VAL V 228 -42.26 13.51 51.00
C VAL V 228 -41.67 14.10 49.72
N GLU V 229 -40.96 15.21 49.87
CA GLU V 229 -40.20 15.76 48.76
C GLU V 229 -38.81 15.15 48.77
N ASN V 230 -38.31 14.80 47.60
CA ASN V 230 -36.90 14.47 47.47
C ASN V 230 -36.14 15.77 47.24
N GLU V 231 -34.85 15.68 46.92
CA GLU V 231 -34.06 16.88 46.64
C GLU V 231 -34.29 17.40 45.22
N ASP V 232 -35.18 16.79 44.44
CA ASP V 232 -35.69 17.36 43.20
C ASP V 232 -37.17 17.71 43.39
N GLY V 233 -37.81 18.15 42.30
CA GLY V 233 -39.13 18.75 42.39
C GLY V 233 -40.28 17.78 42.65
N THR V 234 -40.08 16.48 42.40
CA THR V 234 -41.21 15.55 42.46
C THR V 234 -41.50 15.15 43.90
N THR V 235 -42.71 14.62 44.11
CA THR V 235 -43.12 14.10 45.41
C THR V 235 -42.91 12.59 45.47
N GLY V 236 -42.90 12.06 46.69
CA GLY V 236 -42.65 10.66 46.91
C GLY V 236 -43.63 10.05 47.91
N VAL V 237 -43.37 8.79 48.25
CA VAL V 237 -44.15 8.06 49.24
C VAL V 237 -43.22 7.69 50.38
N SER V 238 -43.51 8.19 51.57
CA SER V 238 -42.82 7.79 52.78
C SER V 238 -43.82 7.10 53.70
N TRP V 239 -43.33 6.17 54.51
CA TRP V 239 -44.18 5.38 55.39
C TRP V 239 -43.98 5.87 56.82
N ASP V 240 -45.05 6.41 57.40
CA ASP V 240 -45.02 7.02 58.72
C ASP V 240 -45.80 6.15 59.70
N GLU V 241 -45.29 6.05 60.94
CA GLU V 241 -45.97 5.30 61.99
C GLU V 241 -46.96 6.24 62.67
N GLN V 242 -48.26 5.99 62.50
CA GLN V 242 -49.29 6.84 63.06
C GLN V 242 -50.12 6.08 64.08
N ILE V 243 -50.63 6.82 65.07
CA ILE V 243 -51.44 6.27 66.14
C ILE V 243 -52.72 7.10 66.23
N ILE V 244 -53.87 6.44 66.18
CA ILE V 244 -55.15 7.13 66.28
C ILE V 244 -55.48 7.32 67.76
N VAL V 245 -55.66 8.57 68.15
CA VAL V 245 -55.93 8.96 69.54
C VAL V 245 -57.29 9.63 69.59
N THR V 246 -58.20 9.09 70.41
CA THR V 246 -59.54 9.62 70.56
C THR V 246 -59.71 10.12 71.98
N ALA V 247 -60.04 11.39 72.14
CA ALA V 247 -60.26 11.98 73.45
C ALA V 247 -61.75 12.26 73.62
N SER V 248 -62.34 11.71 74.67
CA SER V 248 -63.75 11.91 74.99
C SER V 248 -63.85 12.98 76.06
N PHE V 249 -64.59 14.04 75.77
CA PHE V 249 -64.78 15.16 76.67
C PHE V 249 -66.23 15.26 77.13
N ASP V 250 -66.40 15.88 78.30
CA ASP V 250 -67.71 16.22 78.83
C ASP V 250 -68.04 17.65 78.42
N HIS V 251 -69.22 17.84 77.83
CA HIS V 251 -69.56 19.13 77.25
C HIS V 251 -70.02 20.15 78.27
N LYS V 252 -70.24 19.74 79.52
CA LYS V 252 -70.61 20.71 80.55
C LYS V 252 -69.40 21.55 80.97
N VAL V 253 -68.20 20.99 80.87
CA VAL V 253 -66.97 21.66 81.28
C VAL V 253 -66.16 22.11 80.07
N VAL V 254 -65.95 21.21 79.11
CA VAL V 254 -65.06 21.45 77.97
C VAL V 254 -65.90 21.64 76.73
N ASP V 255 -65.66 22.73 76.00
CA ASP V 255 -66.29 22.91 74.71
C ASP V 255 -65.39 22.34 73.60
N GLY V 256 -65.90 22.41 72.37
CA GLY V 256 -65.20 21.80 71.26
C GLY V 256 -63.91 22.52 70.89
N ALA V 257 -63.91 23.85 71.02
CA ALA V 257 -62.68 24.62 70.77
C ALA V 257 -61.62 24.35 71.83
N VAL V 258 -62.04 24.19 73.08
CA VAL V 258 -61.11 23.89 74.16
C VAL V 258 -60.52 22.48 73.99
N GLY V 259 -61.38 21.53 73.60
CA GLY V 259 -60.89 20.19 73.32
C GLY V 259 -59.97 20.13 72.11
N ALA V 260 -60.25 20.96 71.11
CA ALA V 260 -59.39 21.03 69.93
C ALA V 260 -58.05 21.67 70.25
N GLU V 261 -58.03 22.68 71.13
CA GLU V 261 -56.77 23.26 71.58
C GLU V 261 -55.95 22.26 72.40
N TRP V 262 -56.62 21.49 73.27
CA TRP V 262 -55.93 20.46 74.04
C TRP V 262 -55.35 19.38 73.14
N ILE V 263 -56.12 18.95 72.13
CA ILE V 263 -55.64 17.96 71.16
C ILE V 263 -54.49 18.51 70.34
N ARG V 264 -54.53 19.80 69.98
CA ARG V 264 -53.47 20.42 69.21
C ARG V 264 -52.17 20.53 70.01
N GLU V 265 -52.27 20.89 71.29
CA GLU V 265 -51.09 20.96 72.13
C GLU V 265 -50.50 19.58 72.40
N LEU V 266 -51.36 18.57 72.58
CA LEU V 266 -50.90 17.21 72.76
C LEU V 266 -50.20 16.69 71.50
N LYS V 267 -50.77 17.00 70.33
CA LYS V 267 -50.16 16.61 69.06
C LYS V 267 -48.83 17.33 68.83
N LYS V 268 -48.73 18.59 69.25
CA LYS V 268 -47.49 19.34 69.12
C LYS V 268 -46.39 18.74 69.99
N VAL V 269 -46.71 18.45 71.25
CA VAL V 269 -45.72 17.89 72.17
C VAL V 269 -45.34 16.46 71.76
N ILE V 270 -46.25 15.71 71.16
CA ILE V 270 -45.92 14.35 70.72
C ILE V 270 -45.08 14.37 69.45
N GLU V 271 -45.48 15.17 68.46
CA GLU V 271 -44.75 15.18 67.19
C GLU V 271 -43.46 15.99 67.24
N ASN V 272 -43.24 16.78 68.29
CA ASN V 272 -41.95 17.41 68.55
C ASN V 272 -41.50 16.93 69.92
N PRO V 273 -40.75 15.82 69.97
CA PRO V 273 -40.43 15.21 71.27
C PRO V 273 -39.43 15.98 72.11
N LEU V 274 -38.74 16.98 71.53
CA LEU V 274 -37.84 17.81 72.31
C LEU V 274 -38.59 18.83 73.17
N GLU V 275 -39.90 19.01 72.94
CA GLU V 275 -40.70 19.91 73.75
C GLU V 275 -41.11 19.31 75.09
N LEU V 276 -40.77 18.04 75.34
CA LEU V 276 -41.03 17.45 76.65
C LEU V 276 -40.07 17.98 77.72
N LEU V 277 -38.96 18.59 77.30
CA LEU V 277 -38.07 19.26 78.24
C LEU V 277 -38.73 20.48 78.84
N LEU V 278 -39.40 21.28 78.01
CA LEU V 278 -40.06 22.50 78.46
C LEU V 278 -41.40 22.18 79.11
N TYR W 47 -50.39 -77.95 65.67
CA TYR W 47 -49.33 -78.12 66.66
C TYR W 47 -49.68 -77.33 67.92
N THR W 48 -49.46 -76.01 67.88
CA THR W 48 -49.86 -75.16 68.98
C THR W 48 -51.32 -74.76 68.82
N ASP W 49 -52.10 -75.04 69.85
CA ASP W 49 -53.57 -75.02 69.82
C ASP W 49 -54.10 -74.13 70.93
N VAL W 50 -53.64 -72.88 70.98
CA VAL W 50 -54.20 -71.86 71.88
C VAL W 50 -55.69 -71.70 71.55
N PRO W 51 -56.55 -71.56 72.56
CA PRO W 51 -57.99 -71.49 72.29
C PRO W 51 -58.43 -70.08 71.93
N ILE W 52 -59.66 -70.01 71.41
CA ILE W 52 -60.26 -68.72 71.06
C ILE W 52 -60.60 -67.98 72.34
N SER W 53 -60.44 -66.65 72.32
CA SER W 53 -60.62 -65.84 73.52
C SER W 53 -62.08 -65.78 73.96
N GLY W 54 -63.03 -66.04 73.07
CA GLY W 54 -64.43 -65.93 73.40
C GLY W 54 -64.98 -64.59 72.97
N MET W 55 -64.18 -63.54 73.14
CA MET W 55 -64.50 -62.23 72.57
C MET W 55 -64.44 -62.24 71.05
N ARG W 56 -63.52 -63.02 70.47
CA ARG W 56 -63.42 -63.19 69.03
C ARG W 56 -64.63 -63.92 68.45
N LYS W 57 -65.32 -64.74 69.24
CA LYS W 57 -66.45 -65.51 68.73
C LYS W 57 -67.62 -64.59 68.40
N THR W 58 -67.85 -63.56 69.20
CA THR W 58 -68.91 -62.60 68.92
C THR W 58 -68.62 -61.78 67.67
N ILE W 59 -67.36 -61.38 67.47
CA ILE W 59 -67.00 -60.63 66.27
C ILE W 59 -67.09 -61.53 65.04
N ALA W 60 -66.74 -62.80 65.18
CA ALA W 60 -66.85 -63.74 64.07
C ALA W 60 -68.31 -63.98 63.69
N ALA W 61 -69.19 -64.11 64.69
CA ALA W 61 -70.62 -64.26 64.42
C ALA W 61 -71.19 -62.97 63.81
N ARG W 62 -70.69 -61.81 64.25
CA ARG W 62 -71.18 -60.54 63.72
C ARG W 62 -70.77 -60.35 62.26
N LEU W 63 -69.52 -60.69 61.93
CA LEU W 63 -69.07 -60.61 60.54
C LEU W 63 -69.78 -61.66 59.67
N LYS W 64 -70.11 -62.81 60.26
CA LYS W 64 -70.93 -63.80 59.56
C LYS W 64 -72.32 -63.24 59.25
N GLU W 65 -72.96 -62.58 60.23
CA GLU W 65 -74.24 -61.92 60.01
C GLU W 65 -74.15 -60.87 58.91
N SER W 66 -73.05 -60.11 58.91
CA SER W 66 -72.86 -59.05 57.92
C SER W 66 -72.74 -59.62 56.51
N VAL W 67 -71.92 -60.66 56.34
CA VAL W 67 -71.72 -61.20 54.99
C VAL W 67 -72.90 -62.06 54.56
N THR W 68 -73.72 -62.54 55.50
CA THR W 68 -74.82 -63.40 55.08
C THR W 68 -76.12 -62.63 54.91
N GLU W 69 -76.22 -61.42 55.46
CA GLU W 69 -77.47 -60.68 55.32
C GLU W 69 -77.28 -59.44 54.45
N ASN W 70 -76.04 -59.02 54.25
CA ASN W 70 -75.73 -57.86 53.43
C ASN W 70 -75.04 -58.32 52.14
N PRO W 71 -75.72 -58.30 50.99
CA PRO W 71 -75.02 -58.53 49.73
C PRO W 71 -74.16 -57.33 49.35
N HIS W 72 -72.84 -57.45 49.57
CA HIS W 72 -71.94 -56.34 49.38
C HIS W 72 -71.62 -56.13 47.91
N PHE W 73 -71.40 -54.87 47.54
CA PHE W 73 -70.76 -54.57 46.26
C PHE W 73 -69.85 -53.37 46.46
N PHE W 74 -68.69 -53.41 45.79
CA PHE W 74 -67.64 -52.43 45.99
C PHE W 74 -67.61 -51.44 44.83
N VAL W 75 -67.33 -50.18 45.15
CA VAL W 75 -67.12 -49.13 44.17
C VAL W 75 -65.78 -48.48 44.48
N SER W 76 -64.86 -48.52 43.52
CA SER W 76 -63.52 -47.99 43.72
C SER W 76 -63.33 -46.70 42.95
N THR W 77 -62.48 -45.83 43.50
CA THR W 77 -62.16 -44.56 42.85
C THR W 77 -60.76 -44.15 43.28
N ASN W 78 -60.21 -43.16 42.59
CA ASN W 78 -58.91 -42.60 42.91
C ASN W 78 -59.08 -41.10 43.18
N LEU W 79 -58.84 -40.70 44.43
CA LEU W 79 -58.94 -39.31 44.83
C LEU W 79 -57.58 -38.65 44.72
N SER W 80 -57.54 -37.48 44.10
CA SER W 80 -56.33 -36.69 44.05
C SER W 80 -56.28 -35.79 45.29
N VAL W 81 -55.20 -35.90 46.06
CA VAL W 81 -55.07 -35.21 47.34
C VAL W 81 -53.92 -34.22 47.32
N SER W 82 -53.48 -33.80 46.14
CA SER W 82 -52.35 -32.87 46.03
C SER W 82 -52.73 -31.47 46.52
N LYS W 83 -54.00 -31.10 46.40
CA LYS W 83 -54.47 -29.84 46.96
C LYS W 83 -54.87 -29.98 48.41
N LEU W 84 -55.36 -31.17 48.79
CA LEU W 84 -55.73 -31.43 50.18
C LEU W 84 -54.51 -31.41 51.08
N LEU W 85 -53.38 -31.93 50.60
CA LEU W 85 -52.15 -31.90 51.38
C LEU W 85 -51.60 -30.48 51.50
N LYS W 86 -51.77 -29.65 50.46
CA LYS W 86 -51.36 -28.25 50.55
C LYS W 86 -52.22 -27.47 51.54
N LEU W 87 -53.52 -27.73 51.53
CA LEU W 87 -54.42 -27.09 52.50
C LEU W 87 -54.11 -27.53 53.92
N ARG W 88 -53.79 -28.81 54.11
CA ARG W 88 -53.44 -29.32 55.44
C ARG W 88 -52.11 -28.73 55.91
N GLN W 89 -51.15 -28.56 54.99
CA GLN W 89 -49.86 -27.98 55.33
C GLN W 89 -50.02 -26.51 55.72
N ALA W 90 -50.87 -25.77 55.00
CA ALA W 90 -51.11 -24.37 55.33
C ALA W 90 -51.84 -24.22 56.67
N LEU W 91 -52.83 -25.07 56.92
CA LEU W 91 -53.58 -24.98 58.17
C LEU W 91 -52.75 -25.45 59.35
N ASN W 92 -51.78 -26.34 59.13
CA ASN W 92 -50.90 -26.75 60.21
C ASN W 92 -49.80 -25.73 60.45
N SER W 93 -49.34 -25.06 59.40
CA SER W 93 -48.30 -24.05 59.58
C SER W 93 -48.84 -22.78 60.20
N SER W 94 -50.12 -22.46 59.97
CA SER W 94 -50.74 -21.29 60.59
C SER W 94 -51.37 -21.66 61.94
N ALA W 95 -50.51 -22.11 62.86
CA ALA W 95 -50.96 -22.50 64.18
C ALA W 95 -49.82 -22.32 65.16
N ASP W 96 -50.16 -22.36 66.45
CA ASP W 96 -49.20 -22.24 67.55
C ASP W 96 -49.17 -23.52 68.38
N GLY W 97 -49.36 -24.67 67.74
CA GLY W 97 -49.49 -25.91 68.47
C GLY W 97 -50.86 -26.15 69.06
N ARG W 98 -51.88 -25.43 68.62
CA ARG W 98 -53.23 -25.63 69.15
C ARG W 98 -53.86 -26.90 68.59
N TYR W 99 -53.52 -27.27 67.35
CA TYR W 99 -54.12 -28.43 66.71
C TYR W 99 -53.10 -29.05 65.77
N LYS W 100 -53.44 -30.25 65.29
CA LYS W 100 -52.65 -30.96 64.29
C LYS W 100 -53.61 -31.71 63.38
N LEU W 101 -53.61 -31.36 62.11
CA LEU W 101 -54.58 -31.89 61.16
C LEU W 101 -54.00 -33.09 60.40
N SER W 102 -54.87 -34.03 60.08
CA SER W 102 -54.52 -35.21 59.29
C SER W 102 -55.47 -35.33 58.11
N VAL W 103 -55.21 -36.33 57.26
CA VAL W 103 -56.04 -36.57 56.09
C VAL W 103 -57.39 -37.15 56.50
N ASN W 104 -57.43 -37.86 57.64
CA ASN W 104 -58.65 -38.48 58.10
C ASN W 104 -59.70 -37.46 58.52
N ASP W 105 -59.27 -36.27 58.95
CA ASP W 105 -60.21 -35.20 59.28
C ASP W 105 -60.94 -34.70 58.04
N PHE W 106 -60.20 -34.45 56.96
CA PHE W 106 -60.81 -34.05 55.69
C PHE W 106 -61.69 -35.15 55.13
N LEU W 107 -61.27 -36.41 55.31
CA LEU W 107 -62.06 -37.53 54.81
C LEU W 107 -63.37 -37.68 55.58
N ILE W 108 -63.34 -37.48 56.90
CA ILE W 108 -64.55 -37.59 57.71
C ILE W 108 -65.50 -36.44 57.40
N LYS W 109 -64.96 -35.23 57.21
CA LYS W 109 -65.80 -34.08 56.84
C LYS W 109 -66.40 -34.25 55.44
N ALA W 110 -65.62 -34.80 54.50
CA ALA W 110 -66.14 -35.03 53.15
C ALA W 110 -67.18 -36.15 53.15
N MET W 111 -67.01 -37.14 54.02
CA MET W 111 -68.02 -38.19 54.16
C MET W 111 -69.32 -37.63 54.73
N GLY W 112 -69.21 -36.69 55.67
CA GLY W 112 -70.41 -36.04 56.18
C GLY W 112 -71.13 -35.20 55.14
N ILE W 113 -70.35 -34.47 54.33
CA ILE W 113 -70.93 -33.66 53.26
C ILE W 113 -71.60 -34.54 52.20
N ALA W 114 -70.93 -35.65 51.83
CA ALA W 114 -71.48 -36.54 50.83
C ALA W 114 -72.71 -37.29 51.33
N SER W 115 -72.72 -37.67 52.61
CA SER W 115 -73.89 -38.34 53.17
C SER W 115 -75.05 -37.38 53.37
N LYS W 116 -74.76 -36.09 53.57
CA LYS W 116 -75.84 -35.11 53.61
C LYS W 116 -76.40 -34.83 52.21
N ARG W 117 -75.54 -34.85 51.19
CA ARG W 117 -76.03 -34.63 49.83
C ARG W 117 -76.77 -35.83 49.27
N VAL W 118 -76.32 -37.05 49.56
CA VAL W 118 -77.03 -38.27 49.16
C VAL W 118 -77.50 -38.98 50.42
N PRO W 119 -78.72 -38.72 50.88
CA PRO W 119 -79.17 -39.29 52.17
C PRO W 119 -79.58 -40.75 52.11
N THR W 120 -79.58 -41.37 50.93
CA THR W 120 -79.97 -42.78 50.84
C THR W 120 -78.89 -43.68 51.41
N VAL W 121 -77.62 -43.28 51.30
CA VAL W 121 -76.52 -44.07 51.86
C VAL W 121 -76.52 -44.00 53.39
N ASN W 122 -77.00 -42.89 53.96
CA ASN W 122 -77.05 -42.72 55.41
C ASN W 122 -78.35 -43.35 55.91
N SER W 123 -78.38 -44.68 55.93
CA SER W 123 -79.58 -45.42 56.31
C SER W 123 -79.17 -46.76 56.91
N SER W 124 -80.17 -47.61 57.14
CA SER W 124 -79.96 -48.93 57.74
C SER W 124 -81.02 -49.88 57.20
N TRP W 125 -81.22 -51.00 57.88
CA TRP W 125 -82.22 -51.99 57.49
C TRP W 125 -82.83 -52.58 58.74
N ARG W 126 -84.13 -52.33 58.93
CA ARG W 126 -84.83 -52.63 60.17
C ARG W 126 -86.06 -53.49 59.92
N ASP W 127 -86.95 -53.61 60.91
CA ASP W 127 -88.11 -54.51 60.82
C ASP W 127 -89.09 -53.98 59.78
N GLY W 128 -88.92 -54.42 58.54
CA GLY W 128 -89.78 -54.02 57.45
C GLY W 128 -89.72 -52.56 57.09
N VAL W 129 -88.64 -51.87 57.45
CA VAL W 129 -88.59 -50.41 57.41
C VAL W 129 -87.13 -49.97 57.26
N ILE W 130 -86.94 -48.85 56.58
CA ILE W 130 -85.63 -48.23 56.36
C ILE W 130 -85.52 -47.07 57.34
N ARG W 131 -84.51 -47.10 58.21
CA ARG W 131 -84.32 -46.02 59.17
C ARG W 131 -83.31 -45.03 58.62
N GLN W 132 -83.76 -43.81 58.37
CA GLN W 132 -82.96 -42.76 57.74
C GLN W 132 -82.69 -41.66 58.76
N PHE W 133 -81.41 -41.38 59.01
CA PHE W 133 -80.99 -40.38 59.97
C PHE W 133 -80.75 -39.03 59.29
N GLU W 134 -80.70 -37.97 60.11
CA GLU W 134 -80.31 -36.65 59.62
C GLU W 134 -78.81 -36.41 59.76
N THR W 135 -78.27 -36.57 60.95
CA THR W 135 -76.86 -36.30 61.19
C THR W 135 -76.00 -37.49 60.76
N VAL W 136 -74.75 -37.20 60.42
CA VAL W 136 -73.78 -38.21 60.01
C VAL W 136 -72.94 -38.53 61.24
N ASP W 137 -73.08 -39.74 61.76
CA ASP W 137 -72.26 -40.23 62.86
C ASP W 137 -71.26 -41.22 62.29
N VAL W 138 -69.98 -40.87 62.36
CA VAL W 138 -68.94 -41.60 61.64
C VAL W 138 -68.17 -42.46 62.64
N SER W 139 -68.18 -43.78 62.41
CA SER W 139 -67.41 -44.71 63.23
C SER W 139 -66.02 -44.87 62.64
N VAL W 140 -65.00 -44.58 63.44
CA VAL W 140 -63.61 -44.64 63.00
C VAL W 140 -62.95 -45.85 63.63
N ALA W 141 -62.31 -46.68 62.80
CA ALA W 141 -61.68 -47.89 63.29
C ALA W 141 -60.32 -47.57 63.92
N VAL W 142 -60.10 -48.05 65.13
CA VAL W 142 -58.85 -47.87 65.86
C VAL W 142 -58.23 -49.24 66.07
N ALA W 143 -56.96 -49.38 65.69
CA ALA W 143 -56.25 -50.66 65.78
C ALA W 143 -55.58 -50.75 67.15
N THR W 144 -56.15 -51.55 68.03
CA THR W 144 -55.64 -51.87 69.35
C THR W 144 -55.06 -53.27 69.36
N PRO W 145 -54.13 -53.60 70.28
CA PRO W 145 -53.60 -54.97 70.33
C PRO W 145 -54.63 -56.02 70.73
N ASN W 146 -55.77 -55.62 71.28
CA ASN W 146 -56.91 -56.51 71.50
C ASN W 146 -57.89 -56.48 70.32
N GLY W 147 -57.42 -56.18 69.12
CA GLY W 147 -58.25 -56.33 67.94
C GLY W 147 -58.71 -55.03 67.29
N LEU W 148 -60.02 -54.80 67.25
CA LEU W 148 -60.58 -53.67 66.54
C LEU W 148 -61.74 -53.09 67.33
N ILE W 149 -61.80 -51.76 67.37
CA ILE W 149 -62.90 -51.04 67.99
C ILE W 149 -63.24 -49.86 67.09
N THR W 150 -64.51 -49.43 67.13
CA THR W 150 -65.00 -48.34 66.30
C THR W 150 -65.69 -47.28 67.17
N PRO W 151 -64.94 -46.35 67.75
CA PRO W 151 -65.59 -45.20 68.40
C PRO W 151 -66.20 -44.26 67.38
N ILE W 152 -67.24 -43.55 67.81
CA ILE W 152 -68.10 -42.78 66.92
C ILE W 152 -67.88 -41.29 67.16
N VAL W 153 -67.70 -40.55 66.08
CA VAL W 153 -67.74 -39.10 66.10
C VAL W 153 -69.16 -38.69 65.72
N LYS W 154 -69.84 -38.01 66.65
CA LYS W 154 -71.24 -37.67 66.47
C LYS W 154 -71.39 -36.27 65.91
N GLY W 155 -72.34 -36.11 64.98
CA GLY W 155 -72.63 -34.83 64.38
C GLY W 155 -71.50 -34.28 63.54
N VAL W 156 -71.13 -34.99 62.48
CA VAL W 156 -69.94 -34.64 61.72
C VAL W 156 -70.15 -33.40 60.89
N GLU W 157 -71.29 -33.30 60.20
CA GLU W 157 -71.56 -32.12 59.40
C GLU W 157 -71.86 -30.94 60.32
N GLY W 158 -71.27 -29.80 60.02
CA GLY W 158 -71.35 -28.64 60.89
C GLY W 158 -70.66 -28.82 62.23
N LYS W 159 -69.44 -29.32 62.24
CA LYS W 159 -68.73 -29.53 63.50
C LYS W 159 -67.40 -28.79 63.57
N GLY W 160 -66.62 -28.79 62.50
CA GLY W 160 -65.33 -28.15 62.53
C GLY W 160 -64.19 -29.16 62.54
N LEU W 161 -63.13 -28.82 61.81
CA LEU W 161 -62.01 -29.75 61.62
C LEU W 161 -61.20 -29.90 62.91
N GLU W 162 -61.08 -28.84 63.69
CA GLU W 162 -60.36 -28.93 64.96
C GLU W 162 -61.14 -29.75 65.98
N SER W 163 -62.47 -29.63 65.97
CA SER W 163 -63.31 -30.46 66.83
C SER W 163 -63.25 -31.92 66.42
N ILE W 164 -63.22 -32.17 65.12
CA ILE W 164 -63.11 -33.55 64.62
C ILE W 164 -61.76 -34.16 65.00
N SER W 165 -60.68 -33.37 64.85
CA SER W 165 -59.34 -33.84 65.21
C SER W 165 -59.24 -34.11 66.72
N ALA W 166 -59.82 -33.23 67.53
CA ALA W 166 -59.81 -33.41 68.97
C ALA W 166 -60.58 -34.65 69.39
N ALA W 167 -61.76 -34.86 68.80
CA ALA W 167 -62.58 -36.01 69.15
C ALA W 167 -61.93 -37.32 68.69
N VAL W 168 -61.29 -37.31 67.52
CA VAL W 168 -60.60 -38.49 67.03
C VAL W 168 -59.40 -38.83 67.90
N LYS W 169 -58.65 -37.80 68.35
CA LYS W 169 -57.49 -38.05 69.22
C LYS W 169 -57.93 -38.55 70.59
N GLU W 170 -58.99 -37.95 71.16
CA GLU W 170 -59.57 -38.41 72.43
C GLU W 170 -60.01 -39.86 72.35
N LEU W 171 -60.78 -40.21 71.32
CA LEU W 171 -61.31 -41.57 71.21
C LEU W 171 -60.21 -42.58 70.90
N ALA W 172 -59.19 -42.18 70.14
CA ALA W 172 -58.10 -43.09 69.83
C ALA W 172 -57.23 -43.38 71.05
N LYS W 173 -56.92 -42.34 71.85
CA LYS W 173 -56.09 -42.58 73.03
C LYS W 173 -56.89 -43.32 74.10
N LYS W 174 -58.21 -43.10 74.15
CA LYS W 174 -59.02 -43.87 75.08
C LYS W 174 -59.24 -45.29 74.60
N ALA W 175 -59.15 -45.53 73.28
CA ALA W 175 -59.21 -46.89 72.78
C ALA W 175 -57.91 -47.63 73.06
N ARG W 176 -56.79 -46.91 73.03
CA ARG W 176 -55.52 -47.53 73.41
C ARG W 176 -55.44 -47.80 74.90
N ASP W 177 -56.06 -46.96 75.73
CA ASP W 177 -56.11 -47.22 77.16
C ASP W 177 -57.26 -48.16 77.57
N GLY W 178 -58.22 -48.41 76.68
CA GLY W 178 -59.31 -49.33 76.95
C GLY W 178 -60.31 -48.83 77.97
N LYS W 179 -60.81 -47.61 77.78
CA LYS W 179 -61.65 -46.93 78.77
C LYS W 179 -62.91 -46.38 78.12
N LEU W 180 -63.65 -47.21 77.39
CA LEU W 180 -64.82 -46.76 76.65
C LEU W 180 -66.11 -47.22 77.30
N LYS W 181 -67.17 -46.45 77.08
CA LYS W 181 -68.57 -46.73 77.35
C LYS W 181 -69.21 -47.37 76.13
N PRO W 182 -70.21 -48.24 76.30
CA PRO W 182 -70.83 -48.90 75.13
C PRO W 182 -71.58 -47.94 74.21
N GLU W 183 -72.03 -46.78 74.73
CA GLU W 183 -72.64 -45.77 73.89
C GLU W 183 -71.63 -45.02 73.03
N GLU W 184 -70.33 -45.20 73.26
CA GLU W 184 -69.32 -44.57 72.44
C GLU W 184 -68.88 -45.42 71.26
N TYR W 185 -69.19 -46.72 71.25
CA TYR W 185 -68.83 -47.56 70.11
C TYR W 185 -69.99 -48.44 69.66
N GLN W 186 -71.21 -48.16 70.13
CA GLN W 186 -72.39 -48.88 69.69
C GLN W 186 -73.35 -47.89 69.04
N GLY W 187 -73.44 -47.93 67.72
CA GLY W 187 -74.29 -47.02 66.97
C GLY W 187 -73.68 -46.62 65.66
N GLY W 188 -73.79 -45.34 65.30
CA GLY W 188 -73.21 -44.85 64.08
C GLY W 188 -74.04 -45.11 62.83
N SER W 189 -73.86 -44.29 61.80
CA SER W 189 -74.57 -44.47 60.54
C SER W 189 -73.67 -44.85 59.38
N ILE W 190 -72.36 -44.60 59.48
CA ILE W 190 -71.41 -44.94 58.43
C ILE W 190 -70.04 -45.13 59.08
N SER W 191 -69.18 -45.91 58.44
CA SER W 191 -67.88 -46.28 58.98
C SER W 191 -66.78 -45.90 58.00
N ILE W 192 -65.55 -45.95 58.49
CA ILE W 192 -64.36 -45.71 57.67
C ILE W 192 -63.20 -46.49 58.25
N SER W 193 -62.47 -47.19 57.37
CA SER W 193 -61.28 -47.94 57.75
C SER W 193 -60.08 -47.28 57.08
N ASN W 194 -59.06 -46.98 57.88
CA ASN W 194 -57.91 -46.21 57.45
C ASN W 194 -56.66 -47.06 57.50
N MET W 195 -55.93 -47.12 56.39
CA MET W 195 -54.67 -47.87 56.32
C MET W 195 -53.61 -47.06 55.60
N GLY W 196 -53.53 -45.76 55.88
CA GLY W 196 -52.52 -44.92 55.24
C GLY W 196 -51.15 -45.02 55.88
N MET W 197 -51.05 -45.55 57.09
CA MET W 197 -49.75 -45.67 57.75
C MET W 197 -48.94 -46.82 57.15
N ASN W 198 -49.62 -47.78 56.53
CA ASN W 198 -48.95 -48.88 55.84
C ASN W 198 -48.80 -48.50 54.36
N PRO W 199 -47.58 -48.29 53.88
CA PRO W 199 -47.41 -47.89 52.47
C PRO W 199 -47.56 -49.02 51.48
N ALA W 200 -47.71 -50.26 51.94
CA ALA W 200 -47.84 -51.38 51.02
C ALA W 200 -49.27 -51.53 50.51
N VAL W 201 -50.26 -51.15 51.33
CA VAL W 201 -51.65 -51.37 50.99
C VAL W 201 -52.08 -50.36 49.94
N GLN W 202 -52.10 -50.78 48.68
CA GLN W 202 -52.61 -49.92 47.62
C GLN W 202 -54.13 -49.83 47.66
N SER W 203 -54.80 -50.95 47.93
CA SER W 203 -56.25 -51.01 47.95
C SER W 203 -56.67 -52.18 48.82
N PHE W 204 -57.80 -52.01 49.51
CA PHE W 204 -58.38 -53.10 50.29
C PHE W 204 -59.86 -52.85 50.43
N THR W 205 -60.58 -53.93 50.74
CA THR W 205 -62.01 -53.88 51.01
C THR W 205 -62.26 -54.14 52.50
N ALA W 206 -63.44 -53.73 52.95
CA ALA W 206 -63.81 -53.90 54.35
C ALA W 206 -65.19 -54.53 54.42
N ILE W 207 -65.51 -55.06 55.60
CA ILE W 207 -66.81 -55.68 55.85
C ILE W 207 -67.68 -54.66 56.59
N ILE W 208 -68.94 -54.53 56.14
CA ILE W 208 -69.85 -53.54 56.69
C ILE W 208 -70.27 -53.96 58.10
N ASN W 209 -70.08 -53.05 59.05
CA ASN W 209 -70.55 -53.29 60.42
C ASN W 209 -72.06 -53.17 60.46
N PRO W 210 -72.77 -54.22 60.91
CA PRO W 210 -74.22 -54.13 60.99
C PRO W 210 -74.65 -53.25 62.14
N PRO W 211 -75.78 -52.55 62.02
CA PRO W 211 -76.71 -52.54 60.88
C PRO W 211 -76.50 -51.39 59.90
N GLN W 212 -75.26 -50.93 59.72
CA GLN W 212 -75.01 -49.83 58.81
C GLN W 212 -75.10 -50.29 57.35
N ALA W 213 -75.06 -49.32 56.44
CA ALA W 213 -75.28 -49.61 55.02
C ALA W 213 -74.02 -49.47 54.16
N ALA W 214 -72.99 -48.80 54.63
CA ALA W 214 -71.80 -48.59 53.82
C ALA W 214 -70.56 -48.53 54.71
N ILE W 215 -69.42 -48.80 54.12
CA ILE W 215 -68.14 -48.65 54.81
C ILE W 215 -67.10 -48.16 53.80
N LEU W 216 -66.20 -47.28 54.26
CA LEU W 216 -65.16 -46.75 53.40
C LEU W 216 -63.84 -47.45 53.72
N ALA W 217 -62.95 -47.51 52.73
CA ALA W 217 -61.63 -48.11 52.89
C ALA W 217 -60.63 -47.26 52.10
N VAL W 218 -59.59 -46.78 52.77
CA VAL W 218 -58.67 -45.80 52.19
C VAL W 218 -57.27 -46.41 52.14
N GLY W 219 -56.69 -46.46 50.93
CA GLY W 219 -55.38 -47.03 50.75
C GLY W 219 -54.27 -46.00 50.82
N ALA W 220 -53.04 -46.50 50.78
CA ALA W 220 -51.86 -45.66 50.86
C ALA W 220 -51.73 -44.80 49.62
N PRO W 221 -51.26 -43.56 49.77
CA PRO W 221 -51.05 -42.70 48.59
C PRO W 221 -49.84 -43.14 47.78
N GLN W 222 -49.95 -42.97 46.47
CA GLN W 222 -48.90 -43.31 45.52
C GLN W 222 -48.80 -42.24 44.44
N LYS W 223 -47.66 -42.17 43.77
CA LYS W 223 -47.45 -41.21 42.68
C LYS W 223 -47.92 -41.82 41.37
N VAL W 224 -48.88 -41.14 40.73
CA VAL W 224 -49.45 -41.58 39.46
C VAL W 224 -49.17 -40.51 38.41
N ALA W 225 -48.72 -40.94 37.24
CA ALA W 225 -48.45 -40.03 36.13
C ALA W 225 -49.75 -39.49 35.56
N VAL W 226 -49.87 -38.16 35.52
CA VAL W 226 -51.06 -37.46 35.07
C VAL W 226 -50.67 -36.46 34.00
N PRO W 227 -51.39 -36.41 32.86
CA PRO W 227 -50.98 -35.49 31.78
C PRO W 227 -51.25 -34.04 32.13
N VAL W 228 -50.42 -33.17 31.56
CA VAL W 228 -50.52 -31.74 31.79
C VAL W 228 -50.16 -31.01 30.50
N GLU W 229 -50.87 -29.92 30.23
CA GLU W 229 -50.50 -29.04 29.12
C GLU W 229 -49.53 -28.00 29.63
N ASN W 230 -48.50 -27.73 28.85
CA ASN W 230 -47.67 -26.56 29.10
C ASN W 230 -48.33 -25.36 28.42
N GLU W 231 -47.64 -24.22 28.38
CA GLU W 231 -48.17 -23.05 27.71
C GLU W 231 -47.99 -23.10 26.19
N ASP W 232 -47.45 -24.20 25.66
CA ASP W 232 -47.49 -24.49 24.23
C ASP W 232 -48.38 -25.71 24.00
N GLY W 233 -48.44 -26.17 22.75
CA GLY W 233 -49.43 -27.16 22.34
C GLY W 233 -49.19 -28.57 22.84
N THR W 234 -47.96 -28.91 23.25
CA THR W 234 -47.64 -30.29 23.55
C THR W 234 -48.12 -30.68 24.95
N THR W 235 -48.24 -31.98 25.18
CA THR W 235 -48.59 -32.51 26.50
C THR W 235 -47.34 -32.89 27.28
N GLY W 236 -47.50 -33.05 28.59
CA GLY W 236 -46.40 -33.35 29.46
C GLY W 236 -46.74 -34.44 30.47
N VAL W 237 -45.80 -34.69 31.38
CA VAL W 237 -45.98 -35.64 32.46
C VAL W 237 -45.90 -34.89 33.77
N SER W 238 -46.98 -34.92 34.53
CA SER W 238 -47.00 -34.40 35.89
C SER W 238 -47.26 -35.55 36.85
N TRP W 239 -46.73 -35.42 38.06
CA TRP W 239 -46.82 -36.48 39.06
C TRP W 239 -47.84 -36.05 40.12
N ASP W 240 -48.93 -36.80 40.21
CA ASP W 240 -50.04 -36.48 41.10
C ASP W 240 -50.10 -37.50 42.23
N GLU W 241 -50.43 -37.03 43.43
CA GLU W 241 -50.58 -37.91 44.59
C GLU W 241 -52.02 -38.43 44.59
N GLN W 242 -52.19 -39.73 44.36
CA GLN W 242 -53.52 -40.33 44.30
C GLN W 242 -53.70 -41.34 45.42
N ILE W 243 -54.94 -41.49 45.85
CA ILE W 243 -55.32 -42.41 46.92
C ILE W 243 -56.48 -43.26 46.41
N ILE W 244 -56.34 -44.58 46.50
CA ILE W 244 -57.39 -45.49 46.07
C ILE W 244 -58.38 -45.66 47.23
N VAL W 245 -59.64 -45.32 46.96
CA VAL W 245 -60.71 -45.37 47.95
C VAL W 245 -61.76 -46.36 47.47
N THR W 246 -62.03 -47.37 48.30
CA THR W 246 -63.02 -48.40 47.98
C THR W 246 -64.17 -48.31 48.97
N ALA W 247 -65.37 -48.12 48.47
CA ALA W 247 -66.56 -48.05 49.30
C ALA W 247 -67.40 -49.29 49.09
N SER W 248 -67.68 -50.01 50.18
CA SER W 248 -68.49 -51.22 50.14
C SER W 248 -69.90 -50.86 50.58
N PHE W 249 -70.87 -51.14 49.72
CA PHE W 249 -72.27 -50.84 49.96
C PHE W 249 -73.08 -52.13 50.09
N ASP W 250 -74.21 -52.00 50.80
CA ASP W 250 -75.21 -53.05 50.91
C ASP W 250 -76.27 -52.82 49.84
N HIS W 251 -76.56 -53.87 49.05
CA HIS W 251 -77.42 -53.69 47.89
C HIS W 251 -78.90 -53.68 48.25
N LYS W 252 -79.26 -54.00 49.49
CA LYS W 252 -80.66 -53.91 49.90
C LYS W 252 -81.10 -52.47 50.07
N VAL W 253 -80.18 -51.57 50.42
CA VAL W 253 -80.48 -50.18 50.66
C VAL W 253 -79.96 -49.29 49.53
N VAL W 254 -78.70 -49.48 49.14
CA VAL W 254 -78.03 -48.61 48.18
C VAL W 254 -77.87 -49.37 46.87
N ASP W 255 -78.31 -48.76 45.77
CA ASP W 255 -78.05 -49.31 44.45
C ASP W 255 -76.74 -48.76 43.89
N GLY W 256 -76.39 -49.24 42.70
CA GLY W 256 -75.12 -48.87 42.11
C GLY W 256 -75.06 -47.42 41.67
N ALA W 257 -76.18 -46.89 41.17
CA ALA W 257 -76.23 -45.49 40.78
C ALA W 257 -76.16 -44.57 42.00
N VAL W 258 -76.79 -44.97 43.11
CA VAL W 258 -76.72 -44.17 44.34
C VAL W 258 -75.31 -44.20 44.91
N GLY W 259 -74.66 -45.37 44.88
CA GLY W 259 -73.28 -45.45 45.33
C GLY W 259 -72.32 -44.67 44.44
N ALA W 260 -72.60 -44.64 43.14
CA ALA W 260 -71.78 -43.87 42.21
C ALA W 260 -71.97 -42.37 42.41
N GLU W 261 -73.20 -41.94 42.71
CA GLU W 261 -73.42 -40.52 43.04
C GLU W 261 -72.74 -40.13 44.35
N TRP W 262 -72.78 -41.01 45.36
CA TRP W 262 -72.09 -40.75 46.62
C TRP W 262 -70.58 -40.66 46.41
N ILE W 263 -70.02 -41.57 45.60
CA ILE W 263 -68.59 -41.57 45.29
C ILE W 263 -68.22 -40.32 44.49
N ARG W 264 -69.10 -39.87 43.59
CA ARG W 264 -68.83 -38.68 42.79
C ARG W 264 -68.85 -37.41 43.65
N GLU W 265 -69.79 -37.32 44.58
CA GLU W 265 -69.83 -36.16 45.46
C GLU W 265 -68.65 -36.15 46.43
N LEU W 266 -68.24 -37.33 46.91
CA LEU W 266 -67.06 -37.41 47.77
C LEU W 266 -65.79 -37.02 47.01
N LYS W 267 -65.68 -37.47 45.76
CA LYS W 267 -64.54 -37.10 44.93
C LYS W 267 -64.53 -35.62 44.60
N LYS W 268 -65.70 -35.02 44.40
CA LYS W 268 -65.80 -33.59 44.14
C LYS W 268 -65.35 -32.78 45.35
N VAL W 269 -65.84 -33.14 46.54
CA VAL W 269 -65.49 -32.41 47.75
C VAL W 269 -64.01 -32.63 48.11
N ILE W 270 -63.44 -33.79 47.79
CA ILE W 270 -62.03 -34.03 48.08
C ILE W 270 -61.14 -33.27 47.09
N GLU W 271 -61.42 -33.37 45.79
CA GLU W 271 -60.57 -32.75 44.79
C GLU W 271 -60.78 -31.26 44.67
N ASN W 272 -61.84 -30.70 45.26
CA ASN W 272 -62.01 -29.26 45.39
C ASN W 272 -62.13 -28.98 46.88
N PRO W 273 -61.00 -28.71 47.56
CA PRO W 273 -61.02 -28.61 49.02
C PRO W 273 -61.69 -27.35 49.55
N LEU W 274 -61.96 -26.36 48.70
CA LEU W 274 -62.69 -25.18 49.14
C LEU W 274 -64.18 -25.44 49.31
N GLU W 275 -64.67 -26.57 48.83
CA GLU W 275 -66.08 -26.94 48.99
C GLU W 275 -66.39 -27.50 50.37
N LEU W 276 -65.38 -27.67 51.23
CA LEU W 276 -65.62 -28.08 52.61
C LEU W 276 -66.22 -26.96 53.45
N LEU W 277 -66.12 -25.72 52.98
CA LEU W 277 -66.80 -24.60 53.63
C LEU W 277 -68.30 -24.72 53.49
N LEU W 278 -68.76 -25.04 52.30
CA LEU W 278 -70.19 -25.17 52.02
C LEU W 278 -70.73 -26.50 52.54
N TYR X 47 12.64 -74.07 85.34
CA TYR X 47 12.66 -73.12 86.44
C TYR X 47 11.30 -73.09 87.13
N THR X 48 10.35 -72.38 86.53
CA THR X 48 8.98 -72.37 87.03
C THR X 48 8.22 -73.57 86.48
N ASP X 49 7.67 -74.36 87.38
CA ASP X 49 7.15 -75.70 87.12
C ASP X 49 5.71 -75.81 87.60
N VAL X 50 4.85 -74.91 87.14
CA VAL X 50 3.40 -74.99 87.37
C VAL X 50 2.89 -76.30 86.77
N PRO X 51 2.00 -77.01 87.47
CA PRO X 51 1.55 -78.31 86.98
C PRO X 51 0.45 -78.19 85.94
N ILE X 52 0.20 -79.31 85.25
CA ILE X 52 -0.87 -79.38 84.27
C ILE X 52 -2.21 -79.36 84.99
N SER X 53 -3.20 -78.69 84.39
CA SER X 53 -4.49 -78.50 85.04
C SER X 53 -5.27 -79.81 85.17
N GLY X 54 -4.97 -80.81 84.36
CA GLY X 54 -5.72 -82.05 84.39
C GLY X 54 -6.79 -82.06 83.31
N MET X 55 -7.42 -80.90 83.09
CA MET X 55 -8.30 -80.72 81.95
C MET X 55 -7.54 -80.72 80.64
N ARG X 56 -6.31 -80.20 80.64
CA ARG X 56 -5.44 -80.23 79.46
C ARG X 56 -5.00 -81.64 79.09
N LYS X 57 -4.98 -82.57 80.06
CA LYS X 57 -4.52 -83.93 79.80
C LYS X 57 -5.50 -84.68 78.89
N THR X 58 -6.80 -84.44 79.09
CA THR X 58 -7.81 -85.06 78.24
C THR X 58 -7.77 -84.52 76.82
N ILE X 59 -7.54 -83.21 76.65
CA ILE X 59 -7.43 -82.64 75.31
C ILE X 59 -6.15 -83.11 74.63
N ALA X 60 -5.07 -83.28 75.40
CA ALA X 60 -3.82 -83.79 74.84
C ALA X 60 -3.97 -85.25 74.39
N ALA X 61 -4.66 -86.06 75.19
CA ALA X 61 -4.92 -87.45 74.79
C ALA X 61 -5.86 -87.50 73.59
N ARG X 62 -6.82 -86.58 73.51
CA ARG X 62 -7.75 -86.56 72.39
C ARG X 62 -7.06 -86.16 71.09
N LEU X 63 -6.18 -85.15 71.15
CA LEU X 63 -5.41 -84.77 69.97
C LEU X 63 -4.41 -85.84 69.58
N LYS X 64 -3.89 -86.59 70.58
CA LYS X 64 -3.06 -87.75 70.29
C LYS X 64 -3.85 -88.82 69.54
N GLU X 65 -5.08 -89.11 69.99
CA GLU X 65 -5.95 -90.06 69.29
C GLU X 65 -6.23 -89.61 67.87
N SER X 66 -6.45 -88.30 67.69
CA SER X 66 -6.74 -87.75 66.37
C SER X 66 -5.56 -87.91 65.41
N VAL X 67 -4.36 -87.57 65.86
CA VAL X 67 -3.20 -87.64 64.97
C VAL X 67 -2.72 -89.08 64.81
N THR X 68 -3.09 -89.98 65.72
CA THR X 68 -2.59 -91.35 65.57
C THR X 68 -3.58 -92.26 64.87
N GLU X 69 -4.85 -91.86 64.78
CA GLU X 69 -5.83 -92.73 64.12
C GLU X 69 -6.32 -92.10 62.83
N ASN X 70 -6.12 -90.80 62.66
CA ASN X 70 -6.54 -90.11 61.45
C ASN X 70 -5.32 -89.70 60.64
N PRO X 71 -5.02 -90.36 59.51
CA PRO X 71 -3.97 -89.85 58.63
C PRO X 71 -4.44 -88.60 57.89
N HIS X 72 -3.98 -87.44 58.34
CA HIS X 72 -4.46 -86.17 57.80
C HIS X 72 -3.80 -85.87 56.47
N PHE X 73 -4.54 -85.18 55.60
CA PHE X 73 -3.94 -84.53 54.44
C PHE X 73 -4.66 -83.21 54.20
N PHE X 74 -3.91 -82.19 53.82
CA PHE X 74 -4.41 -80.84 53.71
C PHE X 74 -4.63 -80.48 52.24
N VAL X 75 -5.69 -79.72 52.00
CA VAL X 75 -5.98 -79.15 50.68
C VAL X 75 -6.17 -77.65 50.87
N SER X 76 -5.36 -76.86 50.19
CA SER X 76 -5.39 -75.41 50.33
C SER X 76 -5.99 -74.77 49.10
N THR X 77 -6.65 -73.62 49.31
CA THR X 77 -7.24 -72.86 48.22
C THR X 77 -7.27 -71.39 48.62
N ASN X 78 -7.53 -70.54 47.64
CA ASN X 78 -7.67 -69.10 47.86
C ASN X 78 -9.05 -68.68 47.40
N LEU X 79 -9.90 -68.25 48.33
CA LEU X 79 -11.23 -67.80 48.04
C LEU X 79 -11.23 -66.29 47.85
N SER X 80 -11.85 -65.82 46.77
CA SER X 80 -12.03 -64.39 46.56
C SER X 80 -13.32 -63.95 47.23
N VAL X 81 -13.23 -62.97 48.13
CA VAL X 81 -14.34 -62.54 48.96
C VAL X 81 -14.72 -61.09 48.66
N SER X 82 -14.32 -60.57 47.50
CA SER X 82 -14.62 -59.18 47.16
C SER X 82 -16.10 -58.97 46.89
N LYS X 83 -16.81 -60.00 46.41
CA LYS X 83 -18.25 -59.91 46.25
C LYS X 83 -18.98 -60.29 47.52
N LEU X 84 -18.39 -61.18 48.32
CA LEU X 84 -18.99 -61.57 49.60
C LEU X 84 -19.00 -60.40 50.58
N LEU X 85 -17.95 -59.59 50.57
CA LEU X 85 -17.91 -58.41 51.42
C LEU X 85 -18.91 -57.35 50.96
N LYS X 86 -19.14 -57.22 49.65
CA LYS X 86 -20.14 -56.30 49.14
C LYS X 86 -21.55 -56.75 49.52
N LEU X 87 -21.81 -58.07 49.43
CA LEU X 87 -23.11 -58.60 49.84
C LEU X 87 -23.33 -58.43 51.34
N ARG X 88 -22.29 -58.63 52.14
CA ARG X 88 -22.40 -58.43 53.59
C ARG X 88 -22.62 -56.97 53.94
N GLN X 89 -21.97 -56.06 53.20
CA GLN X 89 -22.14 -54.63 53.43
C GLN X 89 -23.56 -54.19 53.08
N ALA X 90 -24.10 -54.72 51.97
CA ALA X 90 -25.48 -54.38 51.58
C ALA X 90 -26.49 -54.94 52.57
N LEU X 91 -26.30 -56.19 53.02
CA LEU X 91 -27.24 -56.79 53.96
C LEU X 91 -27.15 -56.16 55.34
N ASN X 92 -25.97 -55.63 55.70
CA ASN X 92 -25.85 -54.93 56.98
C ASN X 92 -26.40 -53.52 56.89
N SER X 93 -26.26 -52.87 55.74
CA SER X 93 -26.78 -51.51 55.60
C SER X 93 -28.29 -51.50 55.47
N SER X 94 -28.89 -52.56 54.92
CA SER X 94 -30.34 -52.66 54.83
C SER X 94 -30.92 -53.32 56.08
N ALA X 95 -30.71 -52.67 57.22
CA ALA X 95 -31.19 -53.18 58.49
C ALA X 95 -31.41 -52.02 59.45
N ASP X 96 -32.12 -52.30 60.54
CA ASP X 96 -32.39 -51.33 61.58
C ASP X 96 -31.76 -51.76 62.91
N GLY X 97 -30.61 -52.41 62.84
CA GLY X 97 -30.01 -52.99 64.04
C GLY X 97 -30.60 -54.32 64.46
N ARG X 98 -31.33 -54.99 63.57
CA ARG X 98 -31.89 -56.29 63.91
C ARG X 98 -30.83 -57.39 63.91
N TYR X 99 -29.83 -57.26 63.06
CA TYR X 99 -28.80 -58.29 62.92
C TYR X 99 -27.48 -57.64 62.55
N LYS X 100 -26.42 -58.43 62.62
CA LYS X 100 -25.09 -58.00 62.20
C LYS X 100 -24.39 -59.22 61.61
N LEU X 101 -24.05 -59.14 60.32
CA LEU X 101 -23.52 -60.27 59.60
C LEU X 101 -21.99 -60.23 59.56
N SER X 102 -21.39 -61.41 59.58
CA SER X 102 -19.93 -61.57 59.49
C SER X 102 -19.61 -62.55 58.37
N VAL X 103 -18.31 -62.72 58.13
CA VAL X 103 -17.85 -63.62 57.07
C VAL X 103 -18.05 -65.08 57.50
N ASN X 104 -18.05 -65.33 58.80
CA ASN X 104 -18.21 -66.69 59.31
C ASN X 104 -19.60 -67.25 59.03
N ASP X 105 -20.61 -66.38 58.93
CA ASP X 105 -21.96 -66.81 58.59
C ASP X 105 -22.02 -67.35 57.16
N PHE X 106 -21.44 -66.60 56.21
CA PHE X 106 -21.37 -67.05 54.83
C PHE X 106 -20.52 -68.31 54.71
N LEU X 107 -19.45 -68.41 55.51
CA LEU X 107 -18.60 -69.59 55.47
C LEU X 107 -19.32 -70.82 56.00
N ILE X 108 -20.10 -70.67 57.06
CA ILE X 108 -20.84 -71.80 57.64
C ILE X 108 -21.95 -72.24 56.69
N LYS X 109 -22.63 -71.27 56.04
CA LYS X 109 -23.67 -71.62 55.07
C LYS X 109 -23.07 -72.29 53.83
N ALA X 110 -21.91 -71.83 53.37
CA ALA X 110 -21.25 -72.45 52.23
C ALA X 110 -20.72 -73.83 52.57
N MET X 111 -20.28 -74.03 53.81
CA MET X 111 -19.88 -75.36 54.27
C MET X 111 -21.06 -76.31 54.30
N GLY X 112 -22.23 -75.81 54.71
CA GLY X 112 -23.43 -76.65 54.67
C GLY X 112 -23.85 -77.03 53.26
N ILE X 113 -23.76 -76.07 52.34
CA ILE X 113 -24.11 -76.32 50.93
C ILE X 113 -23.13 -77.32 50.31
N ALA X 114 -21.83 -77.14 50.60
CA ALA X 114 -20.81 -78.04 50.04
C ALA X 114 -20.90 -79.44 50.64
N SER X 115 -21.22 -79.55 51.94
CA SER X 115 -21.37 -80.87 52.55
C SER X 115 -22.66 -81.55 52.11
N LYS X 116 -23.68 -80.77 51.72
CA LYS X 116 -24.86 -81.40 51.14
C LYS X 116 -24.61 -81.85 49.72
N ARG X 117 -23.80 -81.11 48.95
CA ARG X 117 -23.49 -81.53 47.58
C ARG X 117 -22.52 -82.70 47.54
N VAL X 118 -21.52 -82.73 48.41
CA VAL X 118 -20.61 -83.87 48.51
C VAL X 118 -20.82 -84.54 49.87
N PRO X 119 -21.68 -85.56 49.96
CA PRO X 119 -22.01 -86.13 51.28
C PRO X 119 -20.96 -87.08 51.83
N THR X 120 -19.89 -87.37 51.08
CA THR X 120 -18.86 -88.26 51.60
C THR X 120 -18.03 -87.60 52.69
N VAL X 121 -17.85 -86.28 52.60
CA VAL X 121 -17.10 -85.55 53.62
C VAL X 121 -17.89 -85.48 54.92
N ASN X 122 -19.22 -85.45 54.84
CA ASN X 122 -20.08 -85.39 56.02
C ASN X 122 -20.29 -86.81 56.54
N SER X 123 -19.24 -87.35 57.16
CA SER X 123 -19.26 -88.73 57.65
C SER X 123 -18.34 -88.85 58.86
N SER X 124 -18.11 -90.08 59.30
CA SER X 124 -17.28 -90.38 60.46
C SER X 124 -16.63 -91.74 60.24
N TRP X 125 -16.15 -92.34 61.33
CA TRP X 125 -15.51 -93.65 61.28
C TRP X 125 -15.88 -94.40 62.56
N ARG X 126 -16.61 -95.50 62.40
CA ARG X 126 -17.23 -96.21 63.53
C ARG X 126 -16.85 -97.68 63.51
N ASP X 127 -17.56 -98.51 64.28
CA ASP X 127 -17.22 -99.92 64.43
C ASP X 127 -17.49 -100.67 63.13
N GLY X 128 -16.46 -100.73 62.27
CA GLY X 128 -16.57 -101.41 61.00
C GLY X 128 -17.54 -100.79 60.02
N VAL X 129 -17.88 -99.51 60.19
CA VAL X 129 -19.00 -98.91 59.50
C VAL X 129 -18.77 -97.41 59.40
N ILE X 130 -19.27 -96.83 58.31
CA ILE X 130 -19.20 -95.39 58.05
C ILE X 130 -20.56 -94.80 58.38
N ARG X 131 -20.59 -93.85 59.31
CA ARG X 131 -21.85 -93.22 59.69
C ARG X 131 -22.02 -91.92 58.91
N GLN X 132 -23.04 -91.87 58.06
CA GLN X 132 -23.28 -90.75 57.16
C GLN X 132 -24.56 -90.04 57.59
N PHE X 133 -24.45 -88.74 57.87
CA PHE X 133 -25.56 -87.93 58.32
C PHE X 133 -26.23 -87.22 57.14
N GLU X 134 -27.44 -86.73 57.38
CA GLU X 134 -28.14 -85.88 56.41
C GLU X 134 -27.85 -84.40 56.64
N THR X 135 -28.11 -83.91 57.85
CA THR X 135 -27.94 -82.50 58.17
C THR X 135 -26.48 -82.19 58.46
N VAL X 136 -26.11 -80.93 58.23
CA VAL X 136 -24.75 -80.46 58.48
C VAL X 136 -24.79 -79.75 59.84
N ASP X 137 -24.12 -80.33 60.83
CA ASP X 137 -23.97 -79.72 62.15
C ASP X 137 -22.54 -79.20 62.26
N VAL X 138 -22.40 -77.89 62.35
CA VAL X 138 -21.10 -77.24 62.23
C VAL X 138 -20.62 -76.83 63.61
N SER X 139 -19.45 -77.35 64.01
CA SER X 139 -18.83 -76.98 65.28
C SER X 139 -17.93 -75.78 65.06
N VAL X 140 -18.18 -74.70 65.79
CA VAL X 140 -17.43 -73.45 65.65
C VAL X 140 -16.52 -73.29 66.86
N ALA X 141 -15.24 -73.05 66.61
CA ALA X 141 -14.28 -72.92 67.70
C ALA X 141 -14.35 -71.53 68.30
N VAL X 142 -14.48 -71.47 69.62
CA VAL X 142 -14.53 -70.21 70.37
C VAL X 142 -13.32 -70.16 71.28
N ALA X 143 -12.56 -69.07 71.21
CA ALA X 143 -11.34 -68.90 71.99
C ALA X 143 -11.68 -68.26 73.33
N THR X 144 -11.68 -69.07 74.38
CA THR X 144 -11.89 -68.67 75.76
C THR X 144 -10.55 -68.68 76.51
N PRO X 145 -10.41 -67.91 77.60
CA PRO X 145 -9.15 -67.95 78.37
C PRO X 145 -8.86 -69.28 79.04
N ASN X 146 -9.86 -70.16 79.15
CA ASN X 146 -9.66 -71.55 79.57
C ASN X 146 -9.46 -72.49 78.38
N GLY X 147 -8.95 -71.98 77.26
CA GLY X 147 -8.56 -72.85 76.16
C GLY X 147 -9.46 -72.79 74.93
N LEU X 148 -10.07 -73.92 74.60
CA LEU X 148 -10.83 -74.02 73.35
C LEU X 148 -12.10 -74.83 73.60
N ILE X 149 -13.20 -74.37 73.02
CA ILE X 149 -14.47 -75.09 73.06
C ILE X 149 -15.10 -74.98 71.68
N THR X 150 -15.92 -75.97 71.31
CA THR X 150 -16.57 -76.04 70.00
C THR X 150 -18.06 -76.23 70.17
N PRO X 151 -18.83 -75.16 70.37
CA PRO X 151 -20.29 -75.28 70.31
C PRO X 151 -20.77 -75.52 68.89
N ILE X 152 -21.91 -76.19 68.78
CA ILE X 152 -22.41 -76.72 67.52
C ILE X 152 -23.65 -75.93 67.08
N VAL X 153 -23.65 -75.51 65.83
CA VAL X 153 -24.83 -74.99 65.15
C VAL X 153 -25.48 -76.16 64.42
N LYS X 154 -26.70 -76.49 64.82
CA LYS X 154 -27.40 -77.66 64.28
C LYS X 154 -28.29 -77.26 63.13
N GLY X 155 -28.31 -78.12 62.09
CA GLY X 155 -29.15 -77.92 60.93
C GLY X 155 -28.79 -76.68 60.13
N VAL X 156 -27.57 -76.67 59.58
CA VAL X 156 -27.05 -75.46 58.94
C VAL X 156 -27.73 -75.21 57.61
N GLU X 157 -27.87 -76.24 56.78
CA GLU X 157 -28.53 -76.08 55.50
C GLU X 157 -30.03 -75.85 55.73
N GLY X 158 -30.58 -74.88 55.01
CA GLY X 158 -31.95 -74.47 55.23
C GLY X 158 -32.22 -73.86 56.60
N LYS X 159 -31.39 -72.92 57.03
CA LYS X 159 -31.58 -72.30 58.33
C LYS X 159 -31.72 -70.79 58.27
N GLY X 160 -30.93 -70.11 57.45
CA GLY X 160 -30.99 -68.67 57.39
C GLY X 160 -29.79 -68.01 58.03
N LEU X 161 -29.33 -66.93 57.41
CA LEU X 161 -28.10 -66.27 57.85
C LEU X 161 -28.30 -65.53 59.18
N GLU X 162 -29.49 -64.98 59.39
CA GLU X 162 -29.78 -64.30 60.65
C GLU X 162 -29.89 -65.30 61.79
N SER X 163 -30.46 -66.48 61.53
CA SER X 163 -30.52 -67.53 62.53
C SER X 163 -29.14 -68.07 62.85
N ILE X 164 -28.27 -68.19 61.84
CA ILE X 164 -26.90 -68.63 62.04
C ILE X 164 -26.12 -67.61 62.87
N SER X 165 -26.28 -66.32 62.55
CA SER X 165 -25.61 -65.26 63.29
C SER X 165 -26.08 -65.21 64.74
N ALA X 166 -27.39 -65.38 64.96
CA ALA X 166 -27.94 -65.37 66.30
C ALA X 166 -27.43 -66.55 67.12
N ALA X 167 -27.39 -67.75 66.51
CA ALA X 167 -26.92 -68.93 67.22
C ALA X 167 -25.43 -68.86 67.52
N VAL X 168 -24.65 -68.31 66.59
CA VAL X 168 -23.21 -68.15 66.81
C VAL X 168 -22.95 -67.13 67.92
N LYS X 169 -23.71 -66.03 67.96
CA LYS X 169 -23.52 -65.03 69.00
C LYS X 169 -23.94 -65.57 70.38
N GLU X 170 -25.07 -66.29 70.43
CA GLU X 170 -25.52 -66.95 71.66
C GLU X 170 -24.48 -67.93 72.19
N LEU X 171 -23.98 -68.81 71.32
CA LEU X 171 -23.04 -69.83 71.77
C LEU X 171 -21.68 -69.23 72.13
N ALA X 172 -21.27 -68.16 71.44
CA ALA X 172 -20.00 -67.51 71.76
C ALA X 172 -20.06 -66.78 73.10
N LYS X 173 -21.15 -66.06 73.37
CA LYS X 173 -21.24 -65.35 74.64
C LYS X 173 -21.46 -66.33 75.80
N LYS X 174 -22.13 -67.45 75.53
CA LYS X 174 -22.26 -68.47 76.57
C LYS X 174 -20.96 -69.24 76.77
N ALA X 175 -20.10 -69.30 75.74
CA ALA X 175 -18.79 -69.89 75.91
C ALA X 175 -17.87 -68.98 76.71
N ARG X 176 -18.02 -67.67 76.53
CA ARG X 176 -17.26 -66.72 77.33
C ARG X 176 -17.74 -66.69 78.78
N ASP X 177 -19.03 -66.90 79.01
CA ASP X 177 -19.53 -67.01 80.38
C ASP X 177 -19.39 -68.40 80.98
N GLY X 178 -19.10 -69.42 80.18
CA GLY X 178 -18.88 -70.77 80.67
C GLY X 178 -20.14 -71.46 81.18
N LYS X 179 -21.21 -71.45 80.36
CA LYS X 179 -22.52 -71.93 80.79
C LYS X 179 -23.10 -72.90 79.78
N LEU X 180 -22.35 -73.93 79.40
CA LEU X 180 -22.76 -74.86 78.36
C LEU X 180 -23.16 -76.21 78.94
N LYS X 181 -24.05 -76.89 78.24
CA LYS X 181 -24.46 -78.28 78.38
C LYS X 181 -23.58 -79.16 77.50
N PRO X 182 -23.33 -80.41 77.90
CA PRO X 182 -22.46 -81.29 77.07
C PRO X 182 -23.05 -81.64 75.71
N GLU X 183 -24.37 -81.58 75.57
CA GLU X 183 -25.01 -81.79 74.28
C GLU X 183 -24.83 -80.61 73.33
N GLU X 184 -24.33 -79.48 73.82
CA GLU X 184 -24.08 -78.32 72.97
C GLU X 184 -22.67 -78.29 72.40
N TYR X 185 -21.74 -79.09 72.94
CA TYR X 185 -20.39 -79.12 72.39
C TYR X 185 -19.88 -80.55 72.22
N GLN X 186 -20.77 -81.54 72.31
CA GLN X 186 -20.39 -82.93 72.07
C GLN X 186 -21.22 -83.45 70.89
N GLY X 187 -20.57 -83.61 69.75
CA GLY X 187 -21.25 -84.06 68.55
C GLY X 187 -20.72 -83.39 67.30
N GLY X 188 -21.60 -83.02 66.38
CA GLY X 188 -21.20 -82.33 65.17
C GLY X 188 -20.69 -83.26 64.09
N SER X 189 -20.78 -82.81 62.84
CA SER X 189 -20.28 -83.58 61.71
C SER X 189 -19.09 -82.94 61.01
N ILE X 190 -18.87 -81.64 61.18
CA ILE X 190 -17.76 -80.93 60.56
C ILE X 190 -17.43 -79.72 61.43
N SER X 191 -16.19 -79.26 61.37
CA SER X 191 -15.69 -78.19 62.21
C SER X 191 -15.13 -77.06 61.35
N ILE X 192 -14.89 -75.91 62.00
CA ILE X 192 -14.27 -74.77 61.34
C ILE X 192 -13.50 -73.97 62.40
N SER X 193 -12.27 -73.62 62.07
CA SER X 193 -11.42 -72.79 62.93
C SER X 193 -11.20 -71.46 62.23
N ASN X 194 -11.46 -70.37 62.95
CA ASN X 194 -11.46 -69.02 62.39
C ASN X 194 -10.35 -68.19 63.03
N MET X 195 -9.51 -67.59 62.21
CA MET X 195 -8.43 -66.73 62.67
C MET X 195 -8.34 -65.45 61.84
N GLY X 196 -9.49 -64.87 61.51
CA GLY X 196 -9.50 -63.65 60.73
C GLY X 196 -9.24 -62.39 61.53
N MET X 197 -9.37 -62.46 62.86
CA MET X 197 -9.13 -61.29 63.69
C MET X 197 -7.63 -61.01 63.81
N ASN X 198 -6.79 -62.03 63.62
CA ASN X 198 -5.36 -61.86 63.61
C ASN X 198 -4.89 -61.65 62.17
N PRO X 199 -4.39 -60.45 61.84
CA PRO X 199 -3.97 -60.19 60.46
C PRO X 199 -2.63 -60.80 60.09
N ALA X 200 -1.92 -61.41 61.04
CA ALA X 200 -0.62 -62.00 60.72
C ALA X 200 -0.77 -63.40 60.13
N VAL X 201 -1.82 -64.13 60.52
CA VAL X 201 -1.98 -65.52 60.11
C VAL X 201 -2.44 -65.55 58.66
N GLN X 202 -1.49 -65.79 57.75
CA GLN X 202 -1.85 -65.96 56.34
C GLN X 202 -2.49 -67.33 56.09
N SER X 203 -1.96 -68.36 56.74
CA SER X 203 -2.44 -69.71 56.56
C SER X 203 -2.07 -70.52 57.78
N PHE X 204 -2.95 -71.47 58.15
CA PHE X 204 -2.64 -72.40 59.23
C PHE X 204 -3.44 -73.67 59.01
N THR X 205 -2.99 -74.74 59.66
CA THR X 205 -3.67 -76.02 59.66
C THR X 205 -4.27 -76.28 61.02
N ALA X 206 -5.23 -77.20 61.06
CA ALA X 206 -5.91 -77.56 62.30
C ALA X 206 -5.93 -79.08 62.43
N ILE X 207 -6.19 -79.53 63.65
CA ILE X 207 -6.29 -80.95 63.96
C ILE X 207 -7.76 -81.33 64.00
N ILE X 208 -8.10 -82.46 63.35
CA ILE X 208 -9.48 -82.89 63.24
C ILE X 208 -9.98 -83.39 64.59
N ASN X 209 -11.10 -82.83 65.04
CA ASN X 209 -11.73 -83.29 66.27
C ASN X 209 -12.38 -84.64 66.02
N PRO X 210 -12.02 -85.68 66.78
CA PRO X 210 -12.64 -86.98 66.58
C PRO X 210 -14.05 -86.99 67.12
N PRO X 211 -14.96 -87.77 66.51
CA PRO X 211 -14.75 -88.66 65.37
C PRO X 211 -15.13 -88.06 64.01
N GLN X 212 -14.96 -86.75 63.84
CA GLN X 212 -15.32 -86.12 62.57
C GLN X 212 -14.27 -86.45 61.50
N ALA X 213 -14.59 -86.07 60.26
CA ALA X 213 -13.76 -86.43 59.12
C ALA X 213 -12.99 -85.26 58.51
N ALA X 214 -13.40 -84.03 58.77
CA ALA X 214 -12.75 -82.88 58.14
C ALA X 214 -12.79 -81.69 59.10
N ILE X 215 -11.87 -80.76 58.88
CA ILE X 215 -11.87 -79.49 59.61
C ILE X 215 -11.41 -78.38 58.67
N LEU X 216 -12.01 -77.21 58.80
CA LEU X 216 -11.65 -76.07 57.98
C LEU X 216 -10.78 -75.11 58.78
N ALA X 217 -9.93 -74.35 58.07
CA ALA X 217 -9.06 -73.36 58.70
C ALA X 217 -9.00 -72.15 57.79
N VAL X 218 -9.33 -70.98 58.31
CA VAL X 218 -9.51 -69.78 57.51
C VAL X 218 -8.50 -68.72 57.94
N GLY X 219 -7.67 -68.25 57.00
CA GLY X 219 -6.66 -67.27 57.32
C GLY X 219 -7.12 -65.85 57.07
N ALA X 220 -6.27 -64.91 57.46
CA ALA X 220 -6.56 -63.49 57.34
C ALA X 220 -6.59 -63.09 55.86
N PRO X 221 -7.49 -62.17 55.50
CA PRO X 221 -7.53 -61.69 54.12
C PRO X 221 -6.36 -60.78 53.80
N GLN X 222 -5.91 -60.86 52.55
CA GLN X 222 -4.80 -60.07 52.05
C GLN X 222 -5.10 -59.59 50.63
N LYS X 223 -4.42 -58.54 50.19
CA LYS X 223 -4.58 -58.02 48.84
C LYS X 223 -3.64 -58.75 47.88
N VAL X 224 -4.21 -59.40 46.86
CA VAL X 224 -3.44 -60.14 45.87
C VAL X 224 -3.69 -59.50 44.50
N ALA X 225 -2.62 -59.30 43.74
CA ALA X 225 -2.73 -58.74 42.40
C ALA X 225 -3.35 -59.75 41.45
N VAL X 226 -4.41 -59.34 40.78
CA VAL X 226 -5.19 -60.20 39.89
C VAL X 226 -5.33 -59.50 38.54
N PRO X 227 -5.08 -60.17 37.41
CA PRO X 227 -5.15 -59.49 36.12
C PRO X 227 -6.57 -59.16 35.71
N VAL X 228 -6.70 -58.07 34.95
CA VAL X 228 -7.99 -57.59 34.47
C VAL X 228 -7.82 -57.03 33.07
N GLU X 229 -8.81 -57.28 32.21
CA GLU X 229 -8.84 -56.65 30.90
C GLU X 229 -9.57 -55.32 31.03
N ASN X 230 -9.05 -54.30 30.37
CA ASN X 230 -9.80 -53.07 30.18
C ASN X 230 -10.68 -53.24 28.94
N GLU X 231 -11.33 -52.17 28.50
CA GLU X 231 -12.13 -52.24 27.28
C GLU X 231 -11.29 -52.14 26.01
N ASP X 232 -9.96 -52.09 26.13
CA ASP X 232 -9.05 -52.30 25.00
C ASP X 232 -8.28 -53.60 25.22
N GLY X 233 -7.33 -53.88 24.33
CA GLY X 233 -6.70 -55.19 24.28
C GLY X 233 -5.72 -55.49 25.41
N THR X 234 -5.21 -54.48 26.10
CA THR X 234 -4.14 -54.70 27.06
C THR X 234 -4.68 -55.24 28.38
N THR X 235 -3.79 -55.85 29.17
CA THR X 235 -4.13 -56.32 30.50
C THR X 235 -3.75 -55.30 31.56
N GLY X 236 -4.33 -55.45 32.76
CA GLY X 236 -4.11 -54.51 33.83
C GLY X 236 -3.84 -55.22 35.15
N VAL X 237 -3.76 -54.42 36.20
CA VAL X 237 -3.57 -54.91 37.56
C VAL X 237 -4.78 -54.49 38.37
N SER X 238 -5.52 -55.47 38.89
CA SER X 238 -6.60 -55.23 39.83
C SER X 238 -6.23 -55.88 41.15
N TRP X 239 -6.73 -55.30 42.24
CA TRP X 239 -6.40 -55.75 43.59
C TRP X 239 -7.61 -56.48 44.16
N ASP X 240 -7.45 -57.77 44.41
CA ASP X 240 -8.52 -58.64 44.87
C ASP X 240 -8.28 -59.05 46.32
N GLU X 241 -9.35 -59.12 47.09
CA GLU X 241 -9.26 -59.56 48.49
C GLU X 241 -9.37 -61.08 48.51
N GLN X 242 -8.28 -61.75 48.87
CA GLN X 242 -8.24 -63.21 48.89
C GLN X 242 -8.02 -63.72 50.30
N ILE X 243 -8.56 -64.92 50.56
CA ILE X 243 -8.49 -65.58 51.85
C ILE X 243 -7.97 -66.99 51.62
N ILE X 244 -6.91 -67.37 52.32
CA ILE X 244 -6.35 -68.71 52.20
C ILE X 244 -7.12 -69.64 53.13
N VAL X 245 -7.71 -70.68 52.56
CA VAL X 245 -8.54 -71.64 53.27
C VAL X 245 -7.88 -73.00 53.14
N THR X 246 -7.58 -73.63 54.28
CA THR X 246 -6.95 -74.95 54.33
C THR X 246 -7.91 -75.93 54.97
N ALA X 247 -8.25 -76.99 54.25
CA ALA X 247 -9.14 -78.03 54.76
C ALA X 247 -8.33 -79.28 55.03
N SER X 248 -8.38 -79.77 56.26
CA SER X 248 -7.69 -80.99 56.65
C SER X 248 -8.69 -82.13 56.66
N PHE X 249 -8.39 -83.17 55.87
CA PHE X 249 -9.25 -84.33 55.74
C PHE X 249 -8.58 -85.58 56.32
N ASP X 250 -9.42 -86.54 56.69
CA ASP X 250 -8.99 -87.86 57.12
C ASP X 250 -9.03 -88.79 55.91
N HIS X 251 -7.92 -89.49 55.65
CA HIS X 251 -7.80 -90.27 54.42
C HIS X 251 -8.51 -91.61 54.50
N LYS X 252 -8.99 -92.02 55.68
CA LYS X 252 -9.76 -93.25 55.77
C LYS X 252 -11.15 -93.09 55.19
N VAL X 253 -11.70 -91.89 55.23
CA VAL X 253 -13.04 -91.61 54.76
C VAL X 253 -13.01 -90.84 53.44
N VAL X 254 -12.23 -89.77 53.38
CA VAL X 254 -12.22 -88.84 52.25
C VAL X 254 -10.92 -89.05 51.47
N ASP X 255 -11.04 -89.26 50.16
CA ASP X 255 -9.86 -89.28 49.31
C ASP X 255 -9.57 -87.88 48.77
N GLY X 256 -8.48 -87.79 48.01
CA GLY X 256 -8.04 -86.49 47.51
C GLY X 256 -8.96 -85.90 46.47
N ALA X 257 -9.55 -86.75 45.63
CA ALA X 257 -10.50 -86.26 44.63
C ALA X 257 -11.80 -85.79 45.28
N VAL X 258 -12.24 -86.48 46.34
CA VAL X 258 -13.45 -86.08 47.05
C VAL X 258 -13.21 -84.76 47.80
N GLY X 259 -12.03 -84.62 48.40
CA GLY X 259 -11.68 -83.36 49.05
C GLY X 259 -11.53 -82.21 48.07
N ALA X 260 -11.03 -82.50 46.87
CA ALA X 260 -10.90 -81.48 45.83
C ALA X 260 -12.26 -81.07 45.29
N GLU X 261 -13.20 -82.02 45.16
CA GLU X 261 -14.56 -81.67 44.76
C GLU X 261 -15.27 -80.84 45.84
N TRP X 262 -15.07 -81.18 47.11
CA TRP X 262 -15.63 -80.39 48.20
C TRP X 262 -15.07 -78.97 48.22
N ILE X 263 -13.75 -78.84 48.03
CA ILE X 263 -13.10 -77.53 47.96
C ILE X 263 -13.58 -76.74 46.75
N ARG X 264 -13.81 -77.41 45.62
CA ARG X 264 -14.28 -76.74 44.41
C ARG X 264 -15.71 -76.23 44.58
N GLU X 265 -16.58 -77.03 45.21
CA GLU X 265 -17.95 -76.58 45.44
C GLU X 265 -18.00 -75.44 46.46
N LEU X 266 -17.15 -75.51 47.49
CA LEU X 266 -17.07 -74.43 48.47
C LEU X 266 -16.57 -73.14 47.82
N LYS X 267 -15.56 -73.25 46.94
CA LYS X 267 -15.04 -72.09 46.23
C LYS X 267 -16.07 -71.51 45.26
N LYS X 268 -16.87 -72.38 44.64
CA LYS X 268 -17.92 -71.92 43.74
C LYS X 268 -19.00 -71.15 44.49
N VAL X 269 -19.47 -71.69 45.62
CA VAL X 269 -20.50 -71.03 46.40
C VAL X 269 -19.98 -69.74 47.04
N ILE X 270 -18.69 -69.68 47.38
CA ILE X 270 -18.14 -68.47 47.96
C ILE X 270 -17.94 -67.38 46.90
N GLU X 271 -17.33 -67.74 45.76
CA GLU X 271 -17.04 -66.75 44.74
C GLU X 271 -18.26 -66.37 43.91
N ASN X 272 -19.36 -67.11 44.00
CA ASN X 272 -20.64 -66.70 43.43
C ASN X 272 -21.63 -66.64 44.59
N PRO X 273 -21.77 -65.47 45.23
CA PRO X 273 -22.57 -65.41 46.47
C PRO X 273 -24.06 -65.51 46.25
N LEU X 274 -24.54 -65.41 45.00
CA LEU X 274 -25.96 -65.60 44.73
C LEU X 274 -26.36 -67.07 44.77
N GLU X 275 -25.40 -67.99 44.79
CA GLU X 275 -25.68 -69.41 44.88
C GLU X 275 -26.02 -69.87 46.29
N LEU X 276 -25.94 -68.97 47.28
CA LEU X 276 -26.36 -69.29 48.63
C LEU X 276 -27.88 -69.38 48.77
N LEU X 277 -28.61 -68.83 47.80
CA LEU X 277 -30.06 -68.98 47.75
C LEU X 277 -30.43 -70.43 47.44
N LEU X 278 -29.75 -71.03 46.48
CA LEU X 278 -30.03 -72.40 46.07
C LEU X 278 -29.41 -73.38 47.05
N TYR Y 47 22.47 -13.76 110.61
CA TYR Y 47 21.18 -13.32 111.14
C TYR Y 47 20.34 -14.54 111.52
N THR Y 48 19.73 -15.17 110.51
CA THR Y 48 18.98 -16.39 110.73
C THR Y 48 19.94 -17.58 110.69
N ASP Y 49 19.94 -18.36 111.76
CA ASP Y 49 20.95 -19.37 112.06
C ASP Y 49 20.30 -20.73 112.31
N VAL Y 50 19.49 -21.18 111.35
CA VAL Y 50 18.93 -22.54 111.36
C VAL Y 50 20.08 -23.54 111.37
N PRO Y 51 20.00 -24.61 112.16
CA PRO Y 51 21.12 -25.55 112.26
C PRO Y 51 21.14 -26.55 111.12
N ILE Y 52 22.27 -27.24 111.00
CA ILE Y 52 22.42 -28.29 110.00
C ILE Y 52 21.58 -29.50 110.41
N SER Y 53 20.99 -30.17 109.43
CA SER Y 53 20.05 -31.26 109.70
C SER Y 53 20.76 -32.48 110.30
N GLY Y 54 22.06 -32.63 110.10
CA GLY Y 54 22.77 -33.79 110.56
C GLY Y 54 22.92 -34.82 109.47
N MET Y 55 21.87 -34.96 108.65
CA MET Y 55 21.96 -35.75 107.42
C MET Y 55 22.87 -35.09 106.40
N ARG Y 56 22.89 -33.75 106.34
CA ARG Y 56 23.80 -33.01 105.48
C ARG Y 56 25.26 -33.17 105.86
N LYS Y 57 25.54 -33.47 107.14
CA LYS Y 57 26.92 -33.58 107.60
C LYS Y 57 27.60 -34.82 107.00
N THR Y 58 26.85 -35.92 106.87
CA THR Y 58 27.40 -37.12 106.25
C THR Y 58 27.68 -36.92 104.77
N ILE Y 59 26.79 -36.22 104.06
CA ILE Y 59 27.02 -35.94 102.64
C ILE Y 59 28.18 -34.97 102.46
N ALA Y 60 28.33 -34.01 103.39
CA ALA Y 60 29.46 -33.09 103.32
C ALA Y 60 30.78 -33.80 103.56
N ALA Y 61 30.80 -34.72 104.53
CA ALA Y 61 32.01 -35.51 104.78
C ALA Y 61 32.31 -36.45 103.60
N ARG Y 62 31.26 -36.98 102.96
CA ARG Y 62 31.45 -37.88 101.82
C ARG Y 62 32.00 -37.12 100.61
N LEU Y 63 31.48 -35.93 100.35
CA LEU Y 63 32.03 -35.11 99.26
C LEU Y 63 33.43 -34.63 99.58
N LYS Y 64 33.73 -34.40 100.86
CA LYS Y 64 35.08 -34.09 101.27
C LYS Y 64 36.03 -35.25 101.00
N GLU Y 65 35.61 -36.48 101.33
CA GLU Y 65 36.38 -37.68 101.01
C GLU Y 65 36.61 -37.82 99.52
N SER Y 66 35.57 -37.52 98.72
CA SER Y 66 35.67 -37.63 97.28
C SER Y 66 36.69 -36.64 96.70
N VAL Y 67 36.62 -35.39 97.12
CA VAL Y 67 37.53 -34.38 96.55
C VAL Y 67 38.93 -34.50 97.14
N THR Y 68 39.07 -35.16 98.30
CA THR Y 68 40.42 -35.22 98.87
C THR Y 68 41.13 -36.52 98.53
N GLU Y 69 40.40 -37.55 98.06
CA GLU Y 69 41.07 -38.80 97.74
C GLU Y 69 41.02 -39.07 96.23
N ASN Y 70 40.12 -38.39 95.53
CA ASN Y 70 40.01 -38.55 94.08
C ASN Y 70 40.51 -37.30 93.38
N PRO Y 71 41.69 -37.32 92.74
CA PRO Y 71 42.08 -36.19 91.89
C PRO Y 71 41.28 -36.17 90.61
N HIS Y 72 40.30 -35.28 90.53
CA HIS Y 72 39.38 -35.25 89.41
C HIS Y 72 40.01 -34.57 88.20
N PHE Y 73 39.61 -35.02 87.02
CA PHE Y 73 39.86 -34.27 85.80
C PHE Y 73 38.66 -34.43 84.88
N PHE Y 74 38.31 -33.35 84.19
CA PHE Y 74 37.10 -33.29 83.39
C PHE Y 74 37.44 -33.42 81.91
N VAL Y 75 36.57 -34.11 81.17
CA VAL Y 75 36.65 -34.22 79.72
C VAL Y 75 35.29 -33.79 79.17
N SER Y 76 35.27 -32.76 78.33
CA SER Y 76 34.04 -32.22 77.79
C SER Y 76 33.91 -32.57 76.32
N THR Y 77 32.66 -32.73 75.88
CA THR Y 77 32.37 -33.01 74.49
C THR Y 77 30.99 -32.46 74.15
N ASN Y 78 30.69 -32.41 72.87
CA ASN Y 78 29.38 -31.98 72.38
C ASN Y 78 28.77 -33.10 71.56
N LEU Y 79 27.68 -33.68 72.06
CA LEU Y 79 26.98 -34.75 71.38
C LEU Y 79 25.87 -34.17 70.52
N SER Y 80 25.79 -34.60 69.26
CA SER Y 80 24.68 -34.22 68.40
C SER Y 80 23.55 -35.22 68.58
N VAL Y 81 22.37 -34.71 68.93
CA VAL Y 81 21.23 -35.54 69.28
C VAL Y 81 20.07 -35.34 68.30
N SER Y 82 20.36 -34.82 67.11
CA SER Y 82 19.31 -34.57 66.13
C SER Y 82 18.74 -35.86 65.55
N LYS Y 83 19.55 -36.92 65.50
CA LYS Y 83 19.04 -38.23 65.09
C LYS Y 83 18.47 -39.01 66.27
N LEU Y 84 19.00 -38.77 67.47
CA LEU Y 84 18.48 -39.42 68.67
C LEU Y 84 17.08 -38.94 68.99
N LEU Y 85 16.80 -37.65 68.77
CA LEU Y 85 15.46 -37.13 68.98
C LEU Y 85 14.48 -37.66 67.94
N LYS Y 86 14.93 -37.87 66.69
CA LYS Y 86 14.07 -38.46 65.68
C LYS Y 86 13.76 -39.92 65.99
N LEU Y 87 14.76 -40.67 66.48
CA LEU Y 87 14.53 -42.06 66.88
C LEU Y 87 13.59 -42.14 68.07
N ARG Y 88 13.73 -41.22 69.03
CA ARG Y 88 12.83 -41.20 70.18
C ARG Y 88 11.42 -40.82 69.78
N GLN Y 89 11.28 -39.89 68.83
CA GLN Y 89 9.96 -39.50 68.35
C GLN Y 89 9.28 -40.64 67.62
N ALA Y 90 10.04 -41.39 66.81
CA ALA Y 90 9.47 -42.54 66.10
C ALA Y 90 9.07 -43.65 67.06
N LEU Y 91 9.92 -43.93 68.05
CA LEU Y 91 9.62 -45.00 69.00
C LEU Y 91 8.48 -44.62 69.93
N ASN Y 92 8.29 -43.32 70.18
CA ASN Y 92 7.16 -42.88 71.00
C ASN Y 92 5.88 -42.85 70.19
N SER Y 93 5.96 -42.51 68.90
CA SER Y 93 4.76 -42.47 68.08
C SER Y 93 4.27 -43.86 67.73
N SER Y 94 5.18 -44.85 67.64
CA SER Y 94 4.79 -46.23 67.38
C SER Y 94 4.51 -46.97 68.68
N ALA Y 95 3.51 -46.48 69.42
CA ALA Y 95 3.13 -47.08 70.69
C ALA Y 95 1.66 -46.79 70.95
N ASP Y 96 1.11 -47.51 71.93
CA ASP Y 96 -0.28 -47.34 72.36
C ASP Y 96 -0.35 -46.88 73.81
N GLY Y 97 0.62 -46.07 74.24
CA GLY Y 97 0.71 -45.70 75.64
C GLY Y 97 1.36 -46.73 76.52
N ARG Y 98 2.07 -47.70 75.94
CA ARG Y 98 2.75 -48.72 76.75
C ARG Y 98 4.00 -48.16 77.41
N TYR Y 99 4.67 -47.22 76.76
CA TYR Y 99 5.92 -46.68 77.29
C TYR Y 99 6.05 -45.23 76.87
N LYS Y 100 7.02 -44.55 77.46
CA LYS Y 100 7.37 -43.17 77.10
C LYS Y 100 8.87 -43.02 77.24
N LEU Y 101 9.55 -42.73 76.14
CA LEU Y 101 11.01 -42.70 76.11
C LEU Y 101 11.52 -41.28 76.30
N SER Y 102 12.68 -41.18 76.95
CA SER Y 102 13.37 -39.92 77.18
C SER Y 102 14.81 -40.04 76.69
N VAL Y 103 15.53 -38.91 76.77
CA VAL Y 103 16.92 -38.88 76.32
C VAL Y 103 17.80 -39.61 77.33
N ASN Y 104 17.38 -39.66 78.60
CA ASN Y 104 18.16 -40.31 79.64
C ASN Y 104 18.24 -41.82 79.44
N ASP Y 105 17.23 -42.41 78.78
CA ASP Y 105 17.27 -43.85 78.47
C ASP Y 105 18.36 -44.16 77.46
N PHE Y 106 18.44 -43.37 76.39
CA PHE Y 106 19.49 -43.53 75.39
C PHE Y 106 20.85 -43.24 75.99
N LEU Y 107 20.92 -42.27 76.91
CA LEU Y 107 22.19 -41.94 77.55
C LEU Y 107 22.68 -43.06 78.47
N ILE Y 108 21.76 -43.69 79.21
CA ILE Y 108 22.12 -44.78 80.10
C ILE Y 108 22.53 -46.01 79.30
N LYS Y 109 21.83 -46.29 78.19
CA LYS Y 109 22.21 -47.41 77.34
C LYS Y 109 23.56 -47.17 76.66
N ALA Y 110 23.83 -45.93 76.22
CA ALA Y 110 25.11 -45.61 75.61
C ALA Y 110 26.23 -45.65 76.62
N MET Y 111 25.95 -45.28 77.88
CA MET Y 111 26.94 -45.41 78.94
C MET Y 111 27.26 -46.87 79.22
N GLY Y 112 26.25 -47.73 79.17
CA GLY Y 112 26.50 -49.15 79.34
C GLY Y 112 27.34 -49.74 78.20
N ILE Y 113 27.05 -49.33 76.97
CA ILE Y 113 27.81 -49.80 75.81
C ILE Y 113 29.25 -49.30 75.88
N ALA Y 114 29.44 -48.04 76.25
CA ALA Y 114 30.78 -47.47 76.33
C ALA Y 114 31.59 -48.06 77.48
N SER Y 115 30.94 -48.35 78.61
CA SER Y 115 31.64 -48.97 79.73
C SER Y 115 31.94 -50.44 79.46
N LYS Y 116 31.15 -51.10 78.62
CA LYS Y 116 31.50 -52.45 78.20
C LYS Y 116 32.65 -52.45 77.20
N ARG Y 117 32.71 -51.45 76.33
CA ARG Y 117 33.81 -51.37 75.37
C ARG Y 117 35.13 -50.93 76.02
N VAL Y 118 35.08 -50.00 76.96
CA VAL Y 118 36.27 -49.59 77.71
C VAL Y 118 36.07 -49.99 79.17
N PRO Y 119 36.53 -51.18 79.58
CA PRO Y 119 36.24 -51.65 80.94
C PRO Y 119 37.10 -51.03 82.02
N THR Y 120 38.07 -50.18 81.67
CA THR Y 120 38.91 -49.56 82.69
C THR Y 120 38.15 -48.50 83.47
N VAL Y 121 37.20 -47.82 82.82
CA VAL Y 121 36.39 -46.81 83.50
C VAL Y 121 35.41 -47.46 84.47
N ASN Y 122 34.97 -48.68 84.18
CA ASN Y 122 34.04 -49.41 85.06
C ASN Y 122 34.85 -50.12 86.12
N SER Y 123 35.35 -49.35 87.08
CA SER Y 123 36.21 -49.88 88.14
C SER Y 123 36.05 -49.03 89.39
N SER Y 124 36.90 -49.28 90.38
CA SER Y 124 36.88 -48.58 91.66
C SER Y 124 38.30 -48.52 92.20
N TRP Y 125 38.43 -48.26 93.50
CA TRP Y 125 39.72 -48.19 94.16
C TRP Y 125 39.57 -48.76 95.56
N ARG Y 126 40.27 -49.88 95.81
CA ARG Y 126 40.07 -50.69 97.02
C ARG Y 126 41.40 -50.90 97.74
N ASP Y 127 41.43 -51.85 98.69
CA ASP Y 127 42.62 -52.07 99.53
C ASP Y 127 43.74 -52.65 98.69
N GLY Y 128 44.57 -51.78 98.13
CA GLY Y 128 45.69 -52.18 97.31
C GLY Y 128 45.33 -52.87 96.02
N VAL Y 129 44.10 -52.68 95.53
CA VAL Y 129 43.55 -53.51 94.47
C VAL Y 129 42.48 -52.72 93.72
N ILE Y 130 42.36 -53.00 92.43
CA ILE Y 130 41.37 -52.39 91.55
C ILE Y 130 40.25 -53.40 91.35
N ARG Y 131 39.02 -53.03 91.73
CA ARG Y 131 37.89 -53.92 91.58
C ARG Y 131 37.16 -53.60 90.27
N GLN Y 132 37.18 -54.56 89.34
CA GLN Y 132 36.63 -54.38 88.01
C GLN Y 132 35.41 -55.27 87.85
N PHE Y 133 34.27 -54.66 87.53
CA PHE Y 133 33.00 -55.35 87.36
C PHE Y 133 32.76 -55.72 85.91
N GLU Y 134 31.83 -56.65 85.70
CA GLU Y 134 31.37 -56.99 84.35
C GLU Y 134 30.17 -56.15 83.93
N THR Y 135 29.11 -56.16 84.71
CA THR Y 135 27.89 -55.44 84.37
C THR Y 135 28.02 -53.97 84.71
N VAL Y 136 27.25 -53.14 84.00
CA VAL Y 136 27.23 -51.70 84.22
C VAL Y 136 26.00 -51.40 85.06
N ASP Y 137 26.22 -50.98 86.30
CA ASP Y 137 25.16 -50.56 87.20
C ASP Y 137 25.20 -49.03 87.27
N VAL Y 138 24.16 -48.39 86.78
CA VAL Y 138 24.15 -46.94 86.58
C VAL Y 138 23.33 -46.28 87.68
N SER Y 139 23.96 -45.41 88.45
CA SER Y 139 23.27 -44.64 89.48
C SER Y 139 22.75 -43.35 88.88
N VAL Y 140 21.44 -43.14 88.98
CA VAL Y 140 20.79 -41.96 88.40
C VAL Y 140 20.40 -41.03 89.53
N ALA Y 141 20.78 -39.76 89.40
CA ALA Y 141 20.49 -38.78 90.45
C ALA Y 141 19.05 -38.28 90.33
N VAL Y 142 18.32 -38.33 91.43
CA VAL Y 142 16.94 -37.86 91.49
C VAL Y 142 16.89 -36.69 92.47
N ALA Y 143 16.32 -35.58 92.01
CA ALA Y 143 16.25 -34.35 92.81
C ALA Y 143 14.97 -34.37 93.63
N THR Y 144 15.10 -34.64 94.93
CA THR Y 144 14.05 -34.61 95.92
C THR Y 144 14.17 -33.36 96.79
N PRO Y 145 13.08 -32.89 97.41
CA PRO Y 145 13.19 -31.71 98.30
C PRO Y 145 14.03 -31.95 99.54
N ASN Y 146 14.33 -33.20 99.89
CA ASN Y 146 15.30 -33.54 100.92
C ASN Y 146 16.70 -33.77 100.34
N GLY Y 147 17.02 -33.14 99.22
CA GLY Y 147 18.38 -33.16 98.71
C GLY Y 147 18.61 -34.00 97.47
N LEU Y 148 19.45 -35.03 97.58
CA LEU Y 148 19.87 -35.82 96.44
C LEU Y 148 19.94 -37.28 96.82
N ILE Y 149 19.46 -38.14 95.93
CA ILE Y 149 19.56 -39.59 96.10
C ILE Y 149 19.92 -40.18 94.75
N THR Y 150 20.60 -41.33 94.76
CA THR Y 150 21.05 -42.00 93.54
C THR Y 150 20.59 -43.46 93.55
N PRO Y 151 19.36 -43.74 93.10
CA PRO Y 151 18.97 -45.13 92.87
C PRO Y 151 19.68 -45.72 91.67
N ILE Y 152 19.86 -47.04 91.70
CA ILE Y 152 20.71 -47.75 90.76
C ILE Y 152 19.86 -48.59 89.83
N VAL Y 153 20.13 -48.49 88.53
CA VAL Y 153 19.61 -49.40 87.52
C VAL Y 153 20.67 -50.47 87.32
N LYS Y 154 20.31 -51.72 87.62
CA LYS Y 154 21.25 -52.83 87.58
C LYS Y 154 21.18 -53.55 86.24
N GLY Y 155 22.35 -53.93 85.74
CA GLY Y 155 22.46 -54.68 84.49
C GLY Y 155 21.98 -53.90 83.29
N VAL Y 156 22.67 -52.79 82.99
CA VAL Y 156 22.20 -51.86 81.96
C VAL Y 156 22.40 -52.45 80.57
N GLU Y 157 23.58 -53.01 80.30
CA GLU Y 157 23.83 -53.60 79.00
C GLU Y 157 23.02 -54.88 78.86
N GLY Y 158 22.38 -55.05 77.70
CA GLY Y 158 21.45 -56.14 77.49
C GLY Y 158 20.21 -56.10 78.36
N LYS Y 159 19.55 -54.95 78.44
CA LYS Y 159 18.35 -54.83 79.27
C LYS Y 159 17.12 -54.38 78.49
N GLY Y 160 17.26 -53.42 77.60
CA GLY Y 160 16.11 -52.93 76.86
C GLY Y 160 15.71 -51.54 77.32
N LEU Y 161 15.31 -50.71 76.35
CA LEU Y 161 15.01 -49.32 76.62
C LEU Y 161 13.71 -49.17 77.40
N GLU Y 162 12.73 -50.05 77.16
CA GLU Y 162 11.49 -49.99 77.90
C GLU Y 162 11.68 -50.44 79.35
N SER Y 163 12.55 -51.43 79.56
CA SER Y 163 12.89 -51.85 80.91
C SER Y 163 13.66 -50.77 81.65
N ILE Y 164 14.55 -50.06 80.95
CA ILE Y 164 15.30 -48.97 81.56
C ILE Y 164 14.36 -47.82 81.93
N SER Y 165 13.43 -47.48 81.04
CA SER Y 165 12.45 -46.42 81.31
C SER Y 165 11.54 -46.77 82.47
N ALA Y 166 11.11 -48.04 82.54
CA ALA Y 166 10.26 -48.49 83.63
C ALA Y 166 10.99 -48.45 84.96
N ALA Y 167 12.26 -48.90 84.98
CA ALA Y 167 13.02 -48.91 86.22
C ALA Y 167 13.34 -47.48 86.69
N VAL Y 168 13.64 -46.59 85.74
CA VAL Y 168 13.92 -45.20 86.09
C VAL Y 168 12.66 -44.51 86.62
N LYS Y 169 11.49 -44.79 86.04
CA LYS Y 169 10.25 -44.19 86.53
C LYS Y 169 9.88 -44.74 87.91
N GLU Y 170 10.02 -46.05 88.10
CA GLU Y 170 9.80 -46.68 89.41
C GLU Y 170 10.69 -46.07 90.48
N LEU Y 171 11.99 -45.99 90.22
CA LEU Y 171 12.93 -45.49 91.22
C LEU Y 171 12.76 -44.00 91.47
N ALA Y 172 12.37 -43.23 90.44
CA ALA Y 172 12.16 -41.80 90.63
C ALA Y 172 10.91 -41.52 91.44
N LYS Y 173 9.81 -42.24 91.18
CA LYS Y 173 8.59 -42.00 91.96
C LYS Y 173 8.75 -42.52 93.38
N LYS Y 174 9.54 -43.59 93.56
CA LYS Y 174 9.80 -44.06 94.92
C LYS Y 174 10.78 -43.16 95.64
N ALA Y 175 11.63 -42.43 94.91
CA ALA Y 175 12.50 -41.44 95.54
C ALA Y 175 11.70 -40.21 95.96
N ARG Y 176 10.69 -39.85 95.17
CA ARG Y 176 9.81 -38.76 95.56
C ARG Y 176 8.92 -39.13 96.74
N ASP Y 177 8.50 -40.39 96.84
CA ASP Y 177 7.76 -40.85 98.00
C ASP Y 177 8.63 -41.23 99.19
N GLY Y 178 9.94 -41.39 98.99
CA GLY Y 178 10.85 -41.69 100.09
C GLY Y 178 10.72 -43.09 100.64
N LYS Y 179 10.72 -44.11 99.76
CA LYS Y 179 10.43 -45.48 100.15
C LYS Y 179 11.49 -46.44 99.62
N LEU Y 180 12.76 -46.15 99.89
CA LEU Y 180 13.87 -46.93 99.34
C LEU Y 180 14.51 -47.80 100.40
N LYS Y 181 15.09 -48.92 99.96
CA LYS Y 181 15.98 -49.82 100.65
C LYS Y 181 17.43 -49.39 100.42
N PRO Y 182 18.33 -49.62 101.39
CA PRO Y 182 19.72 -49.20 101.21
C PRO Y 182 20.46 -49.93 100.09
N GLU Y 183 20.01 -51.13 99.73
CA GLU Y 183 20.58 -51.85 98.59
C GLU Y 183 20.15 -51.26 97.25
N GLU Y 184 19.19 -50.34 97.24
CA GLU Y 184 18.76 -49.70 96.00
C GLU Y 184 19.52 -48.41 95.71
N TYR Y 185 20.22 -47.84 96.69
CA TYR Y 185 21.00 -46.62 96.44
C TYR Y 185 22.41 -46.72 97.02
N GLN Y 186 22.84 -47.91 97.42
CA GLN Y 186 24.21 -48.12 97.91
C GLN Y 186 24.89 -49.13 96.99
N GLY Y 187 25.80 -48.64 96.16
CA GLY Y 187 26.51 -49.49 95.22
C GLY Y 187 26.76 -48.77 93.90
N GLY Y 188 26.58 -49.49 92.79
CA GLY Y 188 26.77 -48.90 91.47
C GLY Y 188 28.22 -48.82 91.03
N SER Y 189 28.43 -48.77 89.72
CA SER Y 189 29.77 -48.66 89.16
C SER Y 189 30.03 -47.35 88.44
N ILE Y 190 28.97 -46.64 88.02
CA ILE Y 190 29.10 -45.36 87.34
C ILE Y 190 27.83 -44.56 87.60
N SER Y 191 27.94 -43.24 87.52
CA SER Y 191 26.85 -42.33 87.84
C SER Y 191 26.56 -41.41 86.67
N ILE Y 192 25.42 -40.73 86.74
CA ILE Y 192 25.05 -39.73 85.74
C ILE Y 192 24.16 -38.67 86.42
N SER Y 193 24.48 -37.41 86.16
CA SER Y 193 23.71 -36.28 86.66
C SER Y 193 23.05 -35.59 85.48
N ASN Y 194 21.75 -35.37 85.56
CA ASN Y 194 20.94 -34.88 84.46
C ASN Y 194 20.37 -33.51 84.82
N MET Y 195 20.58 -32.54 83.94
CA MET Y 195 20.04 -31.19 84.13
C MET Y 195 19.47 -30.65 82.83
N GLY Y 196 18.74 -31.49 82.09
CA GLY Y 196 18.15 -31.05 80.84
C GLY Y 196 16.85 -30.30 81.01
N MET Y 197 16.22 -30.40 82.18
CA MET Y 197 14.96 -29.69 82.41
C MET Y 197 15.21 -28.19 82.62
N ASN Y 198 16.42 -27.83 83.04
CA ASN Y 198 16.80 -26.43 83.19
C ASN Y 198 17.48 -25.98 81.90
N PRO Y 199 16.87 -25.06 81.15
CA PRO Y 199 17.48 -24.63 79.88
C PRO Y 199 18.63 -23.65 80.05
N ALA Y 200 18.91 -23.19 81.26
CA ALA Y 200 20.00 -22.24 81.47
C ALA Y 200 21.34 -22.94 81.57
N VAL Y 201 21.37 -24.17 82.07
CA VAL Y 201 22.62 -24.87 82.33
C VAL Y 201 23.19 -25.36 81.00
N GLN Y 202 24.15 -24.63 80.46
CA GLN Y 202 24.84 -25.07 79.26
C GLN Y 202 25.83 -26.19 79.57
N SER Y 203 26.53 -26.08 80.70
CA SER Y 203 27.53 -27.06 81.08
C SER Y 203 27.71 -26.99 82.58
N PHE Y 204 27.98 -28.15 83.19
CA PHE Y 204 28.31 -28.19 84.62
C PHE Y 204 29.15 -29.42 84.89
N THR Y 205 29.86 -29.40 86.02
CA THR Y 205 30.64 -30.53 86.49
C THR Y 205 29.97 -31.13 87.72
N ALA Y 206 30.34 -32.37 88.02
CA ALA Y 206 29.79 -33.07 89.16
C ALA Y 206 30.93 -33.68 89.97
N ILE Y 207 30.60 -34.05 91.20
CA ILE Y 207 31.56 -34.68 92.12
C ILE Y 207 31.33 -36.18 92.10
N ILE Y 208 32.42 -36.94 91.99
CA ILE Y 208 32.32 -38.39 91.87
C ILE Y 208 31.89 -39.00 93.20
N ASN Y 209 30.83 -39.80 93.17
CA ASN Y 209 30.38 -40.50 94.36
C ASN Y 209 31.35 -41.63 94.65
N PRO Y 210 31.95 -41.67 95.85
CA PRO Y 210 32.86 -42.76 96.17
C PRO Y 210 32.09 -44.05 96.43
N PRO Y 211 32.69 -45.20 96.12
CA PRO Y 211 34.03 -45.40 95.56
C PRO Y 211 34.07 -45.56 94.04
N GLN Y 212 33.16 -44.91 93.31
CA GLN Y 212 33.16 -45.05 91.86
C GLN Y 212 34.30 -44.25 91.24
N ALA Y 213 34.49 -44.44 89.93
CA ALA Y 213 35.62 -43.86 89.23
C ALA Y 213 35.26 -42.74 88.27
N ALA Y 214 34.00 -42.62 87.87
CA ALA Y 214 33.62 -41.60 86.91
C ALA Y 214 32.19 -41.13 87.19
N ILE Y 215 31.88 -39.94 86.70
CA ILE Y 215 30.51 -39.42 86.77
C ILE Y 215 30.24 -38.61 85.51
N LEU Y 216 29.02 -38.69 84.99
CA LEU Y 216 28.64 -37.96 83.80
C LEU Y 216 27.79 -36.74 84.20
N ALA Y 217 27.83 -35.70 83.37
CA ALA Y 217 27.04 -34.49 83.59
C ALA Y 217 26.55 -34.00 82.25
N VAL Y 218 25.23 -33.83 82.12
CA VAL Y 218 24.60 -33.57 80.83
C VAL Y 218 23.90 -32.21 80.89
N GLY Y 219 24.28 -31.31 79.98
CA GLY Y 219 23.70 -29.97 79.97
C GLY Y 219 22.52 -29.86 79.03
N ALA Y 220 21.88 -28.69 79.07
CA ALA Y 220 20.71 -28.41 78.26
C ALA Y 220 21.09 -28.35 76.79
N PRO Y 221 20.22 -28.83 75.91
CA PRO Y 221 20.48 -28.74 74.47
C PRO Y 221 20.32 -27.32 73.95
N GLN Y 222 21.15 -26.99 72.97
CA GLN Y 222 21.16 -25.68 72.34
C GLN Y 222 21.36 -25.82 70.84
N LYS Y 223 20.97 -24.81 70.07
CA LYS Y 223 21.15 -24.81 68.62
C LYS Y 223 22.52 -24.26 68.28
N VAL Y 224 23.34 -25.07 67.60
CA VAL Y 224 24.68 -24.69 67.18
C VAL Y 224 24.75 -24.73 65.66
N ALA Y 225 25.34 -23.69 65.07
CA ALA Y 225 25.49 -23.63 63.63
C ALA Y 225 26.55 -24.62 63.15
N VAL Y 226 26.15 -25.48 62.21
CA VAL Y 226 27.00 -26.56 61.71
C VAL Y 226 27.03 -26.47 60.18
N PRO Y 227 28.21 -26.53 59.55
CA PRO Y 227 28.27 -26.38 58.09
C PRO Y 227 27.69 -27.58 57.36
N VAL Y 228 27.16 -27.32 56.17
CA VAL Y 228 26.53 -28.34 55.34
C VAL Y 228 26.83 -28.01 53.88
N GLU Y 229 27.09 -29.05 53.09
CA GLU Y 229 27.20 -28.90 51.65
C GLU Y 229 25.82 -29.05 51.04
N ASN Y 230 25.51 -28.19 50.07
CA ASN Y 230 24.35 -28.42 49.23
C ASN Y 230 24.78 -29.34 48.09
N GLU Y 231 23.90 -29.53 47.10
CA GLU Y 231 24.26 -30.35 45.94
C GLU Y 231 25.09 -29.59 44.92
N ASP Y 232 25.47 -28.34 45.20
CA ASP Y 232 26.51 -27.62 44.46
C ASP Y 232 27.71 -27.41 45.37
N GLY Y 233 28.70 -26.68 44.87
CA GLY Y 233 29.99 -26.60 45.52
C GLY Y 233 30.05 -25.77 46.79
N THR Y 234 29.08 -24.88 47.02
CA THR Y 234 29.18 -23.95 48.13
C THR Y 234 28.79 -24.61 49.44
N THR Y 235 29.20 -23.99 50.55
CA THR Y 235 28.82 -24.44 51.88
C THR Y 235 27.63 -23.65 52.40
N GLY Y 236 26.97 -24.20 53.42
CA GLY Y 236 25.77 -23.59 53.97
C GLY Y 236 25.80 -23.56 55.48
N VAL Y 237 24.67 -23.13 56.05
CA VAL Y 237 24.47 -23.10 57.49
C VAL Y 237 23.30 -24.02 57.82
N SER Y 238 23.58 -25.06 58.60
CA SER Y 238 22.56 -25.93 59.16
C SER Y 238 22.56 -25.78 60.67
N TRP Y 239 21.39 -25.98 61.27
CA TRP Y 239 21.22 -25.81 62.71
C TRP Y 239 21.09 -27.18 63.35
N ASP Y 240 22.07 -27.52 64.19
CA ASP Y 240 22.16 -28.83 64.83
C ASP Y 240 21.88 -28.70 66.32
N GLU Y 241 21.17 -29.68 66.86
CA GLU Y 241 20.88 -29.73 68.29
C GLU Y 241 22.05 -30.41 69.00
N GLN Y 242 22.80 -29.66 69.79
CA GLN Y 242 23.96 -30.18 70.48
C GLN Y 242 23.77 -30.12 71.98
N ILE Y 243 24.41 -31.07 72.67
CA ILE Y 243 24.34 -31.21 74.13
C ILE Y 243 25.76 -31.29 74.65
N ILE Y 244 26.11 -30.43 75.61
CA ILE Y 244 27.44 -30.44 76.20
C ILE Y 244 27.45 -31.48 77.31
N VAL Y 245 28.36 -32.44 77.20
CA VAL Y 245 28.49 -33.55 78.14
C VAL Y 245 29.87 -33.49 78.76
N THR Y 246 29.93 -33.39 80.09
CA THR Y 246 31.19 -33.32 80.83
C THR Y 246 31.31 -34.57 81.69
N ALA Y 247 32.39 -35.32 81.50
CA ALA Y 247 32.65 -36.52 82.28
C ALA Y 247 33.82 -36.26 83.21
N SER Y 248 33.60 -36.44 84.51
CA SER Y 248 34.63 -36.25 85.52
C SER Y 248 35.19 -37.63 85.89
N PHE Y 249 36.50 -37.78 85.73
CA PHE Y 249 37.20 -39.03 86.01
C PHE Y 249 38.14 -38.87 87.19
N ASP Y 250 38.43 -40.00 87.83
CA ASP Y 250 39.43 -40.10 88.88
C ASP Y 250 40.74 -40.54 88.24
N HIS Y 251 41.82 -39.80 88.51
CA HIS Y 251 43.08 -40.05 87.82
C HIS Y 251 43.86 -41.22 88.39
N LYS Y 252 43.44 -41.76 89.53
CA LYS Y 252 44.13 -42.94 90.06
C LYS Y 252 43.79 -44.19 89.26
N VAL Y 253 42.60 -44.23 88.66
CA VAL Y 253 42.13 -45.38 87.90
C VAL Y 253 42.15 -45.11 86.40
N VAL Y 254 41.61 -43.97 85.97
CA VAL Y 254 41.43 -43.64 84.57
C VAL Y 254 42.42 -42.56 84.18
N ASP Y 255 43.18 -42.80 83.12
CA ASP Y 255 44.03 -41.76 82.57
C ASP Y 255 43.28 -40.97 81.49
N GLY Y 256 43.96 -39.96 80.96
CA GLY Y 256 43.32 -39.07 80.00
C GLY Y 256 43.02 -39.73 78.67
N ALA Y 257 43.90 -40.63 78.23
CA ALA Y 257 43.65 -41.36 76.99
C ALA Y 257 42.50 -42.35 77.13
N VAL Y 258 42.38 -42.98 78.31
CA VAL Y 258 41.28 -43.91 78.56
C VAL Y 258 39.96 -43.15 78.64
N GLY Y 259 39.97 -41.97 79.29
CA GLY Y 259 38.77 -41.15 79.33
C GLY Y 259 38.38 -40.60 77.97
N ALA Y 260 39.38 -40.30 77.14
CA ALA Y 260 39.11 -39.83 75.79
C ALA Y 260 38.56 -40.94 74.91
N GLU Y 261 39.04 -42.17 75.09
CA GLU Y 261 38.47 -43.31 74.37
C GLU Y 261 37.04 -43.60 74.81
N TRP Y 262 36.76 -43.50 76.11
CA TRP Y 262 35.41 -43.68 76.61
C TRP Y 262 34.47 -42.60 76.06
N ILE Y 263 34.93 -41.35 76.04
CA ILE Y 263 34.13 -40.24 75.49
C ILE Y 263 33.92 -40.43 73.99
N ARG Y 264 34.92 -40.94 73.28
CA ARG Y 264 34.80 -41.16 71.84
C ARG Y 264 33.80 -42.27 71.52
N GLU Y 265 33.82 -43.36 72.30
CA GLU Y 265 32.86 -44.44 72.08
C GLU Y 265 31.45 -44.01 72.45
N LEU Y 266 31.31 -43.21 73.52
CA LEU Y 266 29.99 -42.67 73.89
C LEU Y 266 29.45 -41.74 72.81
N LYS Y 267 30.33 -40.88 72.25
CA LYS Y 267 29.93 -39.98 71.18
C LYS Y 267 29.57 -40.75 69.90
N LYS Y 268 30.28 -41.85 69.63
CA LYS Y 268 29.98 -42.68 68.46
C LYS Y 268 28.61 -43.33 68.59
N VAL Y 269 28.34 -43.93 69.76
CA VAL Y 269 27.06 -44.61 69.98
C VAL Y 269 25.90 -43.59 70.03
N ILE Y 270 26.15 -42.38 70.51
CA ILE Y 270 25.09 -41.37 70.54
C ILE Y 270 24.81 -40.81 69.15
N GLU Y 271 25.86 -40.43 68.41
CA GLU Y 271 25.67 -39.83 67.10
C GLU Y 271 25.34 -40.83 66.01
N ASN Y 272 25.50 -42.13 66.26
CA ASN Y 272 24.98 -43.17 65.38
C ASN Y 272 24.01 -44.01 66.20
N PRO Y 273 22.73 -43.66 66.21
CA PRO Y 273 21.79 -44.32 67.13
C PRO Y 273 21.44 -45.75 66.76
N LEU Y 274 21.79 -46.20 65.55
CA LEU Y 274 21.57 -47.59 65.18
C LEU Y 274 22.59 -48.53 65.81
N GLU Y 275 23.66 -47.99 66.41
CA GLU Y 275 24.65 -48.81 67.10
C GLU Y 275 24.21 -49.24 68.49
N LEU Y 276 23.04 -48.78 68.95
CA LEU Y 276 22.50 -49.24 70.23
C LEU Y 276 21.97 -50.66 70.14
N LEU Y 277 21.73 -51.16 68.92
CA LEU Y 277 21.36 -52.56 68.73
C LEU Y 277 22.53 -53.48 69.07
N LEU Y 278 23.72 -53.12 68.61
CA LEU Y 278 24.92 -53.93 68.83
C LEU Y 278 25.45 -53.70 70.24
N TYR Z 47 67.21 -20.51 89.39
CA TYR Z 47 68.24 -19.51 89.12
C TYR Z 47 68.02 -18.30 90.00
N THR Z 48 67.08 -17.44 89.60
CA THR Z 48 66.71 -16.30 90.42
C THR Z 48 65.68 -16.73 91.46
N ASP Z 49 66.00 -16.47 92.73
CA ASP Z 49 65.31 -17.03 93.89
C ASP Z 49 64.87 -15.93 94.83
N VAL Z 50 64.11 -14.95 94.30
CA VAL Z 50 63.46 -13.92 95.11
C VAL Z 50 62.53 -14.62 96.11
N PRO Z 51 62.48 -14.16 97.36
CA PRO Z 51 61.67 -14.85 98.37
C PRO Z 51 60.21 -14.42 98.32
N ILE Z 52 59.38 -15.19 99.00
CA ILE Z 52 57.96 -14.89 99.11
C ILE Z 52 57.78 -13.68 100.01
N SER Z 53 56.81 -12.82 99.65
CA SER Z 53 56.62 -11.56 100.37
C SER Z 53 56.12 -11.76 101.80
N GLY Z 54 55.51 -12.90 102.09
CA GLY Z 54 54.95 -13.14 103.41
C GLY Z 54 53.46 -12.82 103.43
N MET Z 55 53.07 -11.77 102.71
CA MET Z 55 51.66 -11.49 102.47
C MET Z 55 51.04 -12.54 101.55
N ARG Z 56 51.80 -13.07 100.59
CA ARG Z 56 51.34 -14.14 99.72
C ARG Z 56 51.11 -15.45 100.47
N LYS Z 57 51.81 -15.66 101.60
CA LYS Z 57 51.68 -16.91 102.34
C LYS Z 57 50.30 -17.04 102.97
N THR Z 58 49.74 -15.93 103.46
CA THR Z 58 48.39 -15.94 104.03
C THR Z 58 47.34 -16.20 102.97
N ILE Z 59 47.49 -15.63 101.77
CA ILE Z 59 46.54 -15.88 100.69
C ILE Z 59 46.66 -17.31 100.18
N ALA Z 60 47.89 -17.86 100.18
CA ALA Z 60 48.08 -19.25 99.78
C ALA Z 60 47.44 -20.21 100.78
N ALA Z 61 47.60 -19.93 102.07
CA ALA Z 61 46.95 -20.73 103.10
C ALA Z 61 45.43 -20.60 103.04
N ARG Z 62 44.94 -19.41 102.71
CA ARG Z 62 43.49 -19.19 102.62
C ARG Z 62 42.89 -19.94 101.43
N LEU Z 63 43.57 -19.90 100.28
CA LEU Z 63 43.10 -20.66 99.12
C LEU Z 63 43.23 -22.16 99.36
N LYS Z 64 44.23 -22.57 100.13
CA LYS Z 64 44.33 -23.97 100.54
C LYS Z 64 43.15 -24.38 101.41
N GLU Z 65 42.77 -23.54 102.38
CA GLU Z 65 41.59 -23.78 103.21
C GLU Z 65 40.33 -23.87 102.36
N SER Z 66 40.22 -22.99 101.36
CA SER Z 66 39.05 -22.97 100.49
C SER Z 66 38.93 -24.26 99.68
N VAL Z 67 40.03 -24.70 99.06
CA VAL Z 67 39.96 -25.89 98.21
C VAL Z 67 39.91 -27.16 99.05
N THR Z 68 40.33 -27.10 100.32
CA THR Z 68 40.33 -28.34 101.09
C THR Z 68 39.08 -28.49 101.95
N GLU Z 69 38.33 -27.40 102.17
CA GLU Z 69 37.14 -27.53 102.99
C GLU Z 69 35.87 -27.31 102.17
N ASN Z 70 36.01 -26.72 100.98
CA ASN Z 70 34.88 -26.48 100.10
C ASN Z 70 34.97 -27.39 98.89
N PRO Z 71 34.15 -28.45 98.78
CA PRO Z 71 34.10 -29.20 97.52
C PRO Z 71 33.38 -28.41 96.43
N HIS Z 72 34.16 -27.83 95.51
CA HIS Z 72 33.61 -26.94 94.51
C HIS Z 72 32.94 -27.73 93.39
N PHE Z 73 31.90 -27.14 92.81
CA PHE Z 73 31.38 -27.60 91.53
C PHE Z 73 30.94 -26.39 90.73
N PHE Z 74 31.18 -26.45 89.42
CA PHE Z 74 30.98 -25.32 88.53
C PHE Z 74 29.71 -25.51 87.71
N VAL Z 75 28.99 -24.42 87.49
CA VAL Z 75 27.83 -24.38 86.60
C VAL Z 75 28.06 -23.27 85.59
N SER Z 76 28.07 -23.61 84.31
CA SER Z 76 28.36 -22.65 83.26
C SER Z 76 27.09 -22.32 82.48
N THR Z 77 27.02 -21.09 81.98
CA THR Z 77 25.90 -20.64 81.17
C THR Z 77 26.39 -19.58 80.21
N ASN Z 78 25.55 -19.25 79.23
CA ASN Z 78 25.83 -18.19 78.27
C ASN Z 78 24.71 -17.16 78.35
N LEU Z 79 25.05 -15.95 78.80
CA LEU Z 79 24.09 -14.87 78.92
C LEU Z 79 24.14 -14.02 77.66
N SER Z 80 22.97 -13.74 77.10
CA SER Z 80 22.86 -12.81 75.97
C SER Z 80 22.72 -11.40 76.50
N VAL Z 81 23.63 -10.53 76.08
CA VAL Z 81 23.72 -9.17 76.60
C VAL Z 81 23.44 -8.13 75.50
N SER Z 82 22.79 -8.54 74.42
CA SER Z 82 22.52 -7.62 73.32
C SER Z 82 21.47 -6.58 73.69
N LYS Z 83 20.56 -6.91 74.60
CA LYS Z 83 19.61 -5.94 75.11
C LYS Z 83 20.17 -5.16 76.29
N LEU Z 84 21.06 -5.80 77.07
CA LEU Z 84 21.70 -5.12 78.19
C LEU Z 84 22.63 -4.01 77.71
N LEU Z 85 23.32 -4.25 76.60
CA LEU Z 85 24.18 -3.22 76.03
C LEU Z 85 23.38 -2.06 75.45
N LYS Z 86 22.20 -2.35 74.89
CA LYS Z 86 21.33 -1.28 74.40
C LYS Z 86 20.78 -0.45 75.54
N LEU Z 87 20.39 -1.11 76.64
CA LEU Z 87 19.90 -0.38 77.81
C LEU Z 87 21.02 0.46 78.44
N ARG Z 88 22.24 -0.06 78.47
CA ARG Z 88 23.38 0.70 79.00
C ARG Z 88 23.70 1.88 78.10
N GLN Z 89 23.60 1.71 76.78
CA GLN Z 89 23.86 2.79 75.85
C GLN Z 89 22.82 3.90 75.99
N ALA Z 90 21.55 3.51 76.16
CA ALA Z 90 20.49 4.51 76.34
C ALA Z 90 20.64 5.25 77.65
N LEU Z 91 20.97 4.53 78.73
CA LEU Z 91 21.11 5.17 80.04
C LEU Z 91 22.36 6.04 80.11
N ASN Z 92 23.39 5.70 79.32
CA ASN Z 92 24.59 6.54 79.27
C ASN Z 92 24.38 7.75 78.38
N SER Z 93 23.59 7.60 77.30
CA SER Z 93 23.36 8.73 76.41
C SER Z 93 22.39 9.73 77.03
N SER Z 94 21.47 9.27 77.88
CA SER Z 94 20.55 10.18 78.57
C SER Z 94 21.15 10.66 79.89
N ALA Z 95 22.28 11.36 79.79
CA ALA Z 95 22.97 11.88 80.95
C ALA Z 95 23.76 13.11 80.55
N ASP Z 96 24.21 13.86 81.57
CA ASP Z 96 25.02 15.04 81.39
C ASP Z 96 26.40 14.86 82.02
N GLY Z 97 26.93 13.65 81.98
CA GLY Z 97 28.16 13.36 82.69
C GLY Z 97 28.01 13.11 84.17
N ARG Z 98 26.79 12.86 84.64
CA ARG Z 98 26.58 12.59 86.06
C ARG Z 98 27.04 11.19 86.44
N TYR Z 99 26.95 10.23 85.51
CA TYR Z 99 27.30 8.85 85.81
C TYR Z 99 27.83 8.20 84.55
N LYS Z 100 28.40 7.01 84.72
CA LYS Z 100 28.87 6.19 83.61
C LYS Z 100 28.64 4.73 83.99
N LEU Z 101 27.80 4.04 83.22
CA LEU Z 101 27.38 2.69 83.55
C LEU Z 101 28.23 1.66 82.82
N SER Z 102 28.45 0.53 83.48
CA SER Z 102 29.18 -0.59 82.92
C SER Z 102 28.34 -1.86 83.05
N VAL Z 103 28.86 -2.95 82.50
CA VAL Z 103 28.16 -4.24 82.54
C VAL Z 103 28.20 -4.82 83.95
N ASN Z 104 29.23 -4.47 84.72
CA ASN Z 104 29.38 -4.98 86.07
C ASN Z 104 28.30 -4.47 87.01
N ASP Z 105 27.74 -3.28 86.73
CA ASP Z 105 26.63 -2.76 87.53
C ASP Z 105 25.37 -3.61 87.35
N PHE Z 106 25.03 -3.92 86.10
CA PHE Z 106 23.90 -4.79 85.81
C PHE Z 106 24.13 -6.19 86.36
N LEU Z 107 25.38 -6.66 86.32
CA LEU Z 107 25.68 -7.99 86.84
C LEU Z 107 25.55 -8.05 88.36
N ILE Z 108 25.99 -6.99 89.05
CA ILE Z 108 25.88 -6.95 90.51
C ILE Z 108 24.42 -6.82 90.94
N LYS Z 109 23.63 -6.01 90.21
CA LYS Z 109 22.20 -5.90 90.51
C LYS Z 109 21.46 -7.21 90.25
N ALA Z 110 21.82 -7.91 89.16
CA ALA Z 110 21.18 -9.18 88.85
C ALA Z 110 21.59 -10.26 89.85
N MET Z 111 22.82 -10.20 90.35
CA MET Z 111 23.25 -11.11 91.40
C MET Z 111 22.49 -10.87 92.69
N GLY Z 112 22.21 -9.60 93.01
CA GLY Z 112 21.40 -9.29 94.17
C GLY Z 112 19.97 -9.79 94.04
N ILE Z 113 19.38 -9.62 92.84
CA ILE Z 113 18.02 -10.09 92.59
C ILE Z 113 17.95 -11.61 92.66
N ALA Z 114 18.94 -12.30 92.07
CA ALA Z 114 18.97 -13.75 92.08
C ALA Z 114 19.24 -14.32 93.47
N SER Z 115 20.08 -13.65 94.26
CA SER Z 115 20.32 -14.12 95.63
C SER Z 115 19.15 -13.82 96.54
N LYS Z 116 18.36 -12.80 96.24
CA LYS Z 116 17.13 -12.59 96.99
C LYS Z 116 16.06 -13.61 96.62
N ARG Z 117 16.00 -14.01 95.34
CA ARG Z 117 15.01 -15.02 94.93
C ARG Z 117 15.39 -16.42 95.39
N VAL Z 118 16.66 -16.78 95.36
CA VAL Z 118 17.12 -18.06 95.88
C VAL Z 118 18.02 -17.79 97.09
N PRO Z 119 17.47 -17.78 98.31
CA PRO Z 119 18.28 -17.39 99.47
C PRO Z 119 19.21 -18.48 99.99
N THR Z 120 19.18 -19.68 99.41
CA THR Z 120 20.07 -20.75 99.88
C THR Z 120 21.51 -20.49 99.46
N VAL Z 121 21.71 -19.83 98.31
CA VAL Z 121 23.07 -19.50 97.85
C VAL Z 121 23.68 -18.39 98.71
N ASN Z 122 22.85 -17.51 99.25
CA ASN Z 122 23.32 -16.41 100.10
C ASN Z 122 23.45 -16.93 101.53
N SER Z 123 24.48 -17.74 101.75
CA SER Z 123 24.69 -18.37 103.05
C SER Z 123 26.19 -18.60 103.25
N SER Z 124 26.52 -19.35 104.31
CA SER Z 124 27.90 -19.65 104.68
C SER Z 124 27.93 -21.01 105.36
N TRP Z 125 29.01 -21.28 106.08
CA TRP Z 125 29.18 -22.54 106.80
C TRP Z 125 29.91 -22.25 108.10
N ARG Z 126 29.22 -22.47 109.23
CA ARG Z 126 29.68 -22.03 110.54
C ARG Z 126 29.70 -23.21 111.52
N ASP Z 127 29.83 -22.93 112.82
CA ASP Z 127 29.97 -23.96 113.84
C ASP Z 127 28.68 -24.74 113.98
N GLY Z 128 28.55 -25.82 113.20
CA GLY Z 128 27.37 -26.67 113.22
C GLY Z 128 26.10 -26.00 112.75
N VAL Z 129 26.21 -24.92 111.97
CA VAL Z 129 25.08 -24.05 111.70
C VAL Z 129 25.31 -23.33 110.38
N ILE Z 130 24.22 -23.06 109.67
CA ILE Z 130 24.23 -22.33 108.40
C ILE Z 130 23.79 -20.90 108.68
N ARG Z 131 24.65 -19.94 108.37
CA ARG Z 131 24.31 -18.54 108.60
C ARG Z 131 23.75 -17.93 107.33
N GLN Z 132 22.47 -17.54 107.37
CA GLN Z 132 21.75 -17.04 106.21
C GLN Z 132 21.44 -15.55 106.41
N PHE Z 133 21.91 -14.73 105.48
CA PHE Z 133 21.74 -13.28 105.52
C PHE Z 133 20.49 -12.86 104.75
N GLU Z 134 20.03 -11.63 105.02
CA GLU Z 134 18.96 -11.01 104.24
C GLU Z 134 19.51 -10.21 103.06
N THR Z 135 20.40 -9.26 103.32
CA THR Z 135 20.93 -8.40 102.28
C THR Z 135 22.04 -9.10 101.52
N VAL Z 136 22.22 -8.68 100.26
CA VAL Z 136 23.27 -9.21 99.40
C VAL Z 136 24.43 -8.23 99.45
N ASP Z 137 25.54 -8.66 100.04
CA ASP Z 137 26.77 -7.87 100.07
C ASP Z 137 27.74 -8.50 99.08
N VAL Z 138 28.06 -7.75 98.02
CA VAL Z 138 28.79 -8.30 96.87
C VAL Z 138 30.24 -7.84 96.94
N SER Z 139 31.16 -8.79 97.01
CA SER Z 139 32.58 -8.50 97.00
C SER Z 139 33.07 -8.48 95.55
N VAL Z 140 33.66 -7.36 95.13
CA VAL Z 140 34.12 -7.18 93.77
C VAL Z 140 35.64 -7.22 93.77
N ALA Z 141 36.21 -8.05 92.90
CA ALA Z 141 37.65 -8.21 92.84
C ALA Z 141 38.28 -7.07 92.04
N VAL Z 142 39.28 -6.43 92.62
CA VAL Z 142 40.01 -5.33 91.99
C VAL Z 142 41.46 -5.78 91.81
N ALA Z 143 41.96 -5.66 90.58
CA ALA Z 143 43.32 -6.09 90.25
C ALA Z 143 44.29 -4.94 90.48
N THR Z 144 45.04 -5.03 91.57
CA THR Z 144 46.09 -4.10 91.94
C THR Z 144 47.46 -4.74 91.68
N PRO Z 145 48.52 -3.93 91.50
CA PRO Z 145 49.86 -4.52 91.29
C PRO Z 145 50.40 -5.28 92.51
N ASN Z 146 49.82 -5.08 93.69
CA ASN Z 146 50.08 -5.90 94.87
C ASN Z 146 49.13 -7.07 94.99
N GLY Z 147 48.58 -7.56 93.89
CA GLY Z 147 47.80 -8.78 93.91
C GLY Z 147 46.30 -8.62 93.72
N LEU Z 148 45.52 -9.01 94.73
CA LEU Z 148 44.08 -9.03 94.62
C LEU Z 148 43.45 -8.57 95.92
N ILE Z 149 42.40 -7.75 95.80
CA ILE Z 149 41.63 -7.30 96.94
C ILE Z 149 40.16 -7.34 96.54
N THR Z 150 39.27 -7.53 97.53
CA THR Z 150 37.83 -7.64 97.29
C THR Z 150 37.09 -6.66 98.19
N PRO Z 151 36.95 -5.40 97.79
CA PRO Z 151 36.05 -4.49 98.51
C PRO Z 151 34.58 -4.87 98.28
N ILE Z 152 33.76 -4.53 99.27
CA ILE Z 152 32.39 -5.00 99.36
C ILE Z 152 31.43 -3.85 99.11
N VAL Z 153 30.45 -4.09 98.24
CA VAL Z 153 29.30 -3.21 98.06
C VAL Z 153 28.19 -3.76 98.94
N LYS Z 154 27.77 -2.97 99.92
CA LYS Z 154 26.80 -3.41 100.91
C LYS Z 154 25.39 -3.01 100.51
N GLY Z 155 24.44 -3.92 100.73
CA GLY Z 155 23.04 -3.68 100.44
C GLY Z 155 22.75 -3.50 98.97
N VAL Z 156 23.01 -4.53 98.17
CA VAL Z 156 22.94 -4.40 96.72
C VAL Z 156 21.49 -4.31 96.25
N GLU Z 157 20.62 -5.16 96.75
CA GLU Z 157 19.22 -5.11 96.36
C GLU Z 157 18.58 -3.86 96.96
N GLY Z 158 17.81 -3.16 96.14
CA GLY Z 158 17.25 -1.87 96.51
C GLY Z 158 18.28 -0.79 96.76
N LYS Z 159 19.22 -0.62 95.84
CA LYS Z 159 20.26 0.41 96.00
C LYS Z 159 20.30 1.40 94.86
N GLY Z 160 20.18 0.95 93.62
CA GLY Z 160 20.27 1.85 92.49
C GLY Z 160 21.56 1.67 91.72
N LEU Z 161 21.45 1.77 90.40
CA LEU Z 161 22.59 1.51 89.53
C LEU Z 161 23.64 2.61 89.61
N GLU Z 162 23.20 3.86 89.81
CA GLU Z 162 24.15 4.96 89.95
C GLU Z 162 24.89 4.87 91.29
N SER Z 163 24.20 4.44 92.34
CA SER Z 163 24.85 4.24 93.62
C SER Z 163 25.84 3.08 93.57
N ILE Z 164 25.48 2.02 92.83
CA ILE Z 164 26.38 0.87 92.66
C ILE Z 164 27.62 1.28 91.87
N SER Z 165 27.43 2.06 90.80
CA SER Z 165 28.55 2.54 89.99
C SER Z 165 29.47 3.46 90.79
N ALA Z 166 28.88 4.34 91.60
CA ALA Z 166 29.66 5.26 92.43
C ALA Z 166 30.46 4.50 93.48
N ALA Z 167 29.84 3.51 94.13
CA ALA Z 167 30.54 2.74 95.16
C ALA Z 167 31.65 1.89 94.57
N VAL Z 168 31.40 1.31 93.38
CA VAL Z 168 32.42 0.51 92.71
C VAL Z 168 33.59 1.37 92.27
N LYS Z 169 33.33 2.59 91.77
CA LYS Z 169 34.41 3.48 91.36
C LYS Z 169 35.21 3.98 92.57
N GLU Z 170 34.52 4.34 93.66
CA GLU Z 170 35.17 4.73 94.91
C GLU Z 170 36.08 3.62 95.44
N LEU Z 171 35.56 2.39 95.54
CA LEU Z 171 36.33 1.30 96.10
C LEU Z 171 37.48 0.88 95.18
N ALA Z 172 37.29 0.99 93.86
CA ALA Z 172 38.36 0.62 92.93
C ALA Z 172 39.49 1.64 92.96
N LYS Z 173 39.17 2.93 93.01
CA LYS Z 173 40.25 3.93 93.05
C LYS Z 173 40.94 3.93 94.41
N LYS Z 174 40.20 3.60 95.48
CA LYS Z 174 40.85 3.47 96.78
C LYS Z 174 41.64 2.19 96.88
N ALA Z 175 41.30 1.17 96.10
CA ALA Z 175 42.12 -0.04 96.05
C ALA Z 175 43.39 0.19 95.27
N ARG Z 176 43.32 1.04 94.24
CA ARG Z 176 44.53 1.41 93.51
C ARG Z 176 45.44 2.32 94.33
N ASP Z 177 44.87 3.17 95.18
CA ASP Z 177 45.67 3.99 96.08
C ASP Z 177 46.06 3.28 97.37
N GLY Z 178 45.45 2.13 97.69
CA GLY Z 178 45.81 1.35 98.85
C GLY Z 178 45.41 2.00 100.17
N LYS Z 179 44.14 2.41 100.29
CA LYS Z 179 43.68 3.20 101.43
C LYS Z 179 42.41 2.61 102.02
N LEU Z 180 42.40 1.31 102.32
CA LEU Z 180 41.21 0.62 102.78
C LEU Z 180 41.28 0.30 104.26
N LYS Z 181 40.12 0.22 104.88
CA LYS Z 181 39.83 -0.29 106.22
C LYS Z 181 39.51 -1.79 106.13
N PRO Z 182 39.81 -2.56 107.17
CA PRO Z 182 39.54 -4.02 107.11
C PRO Z 182 38.06 -4.36 107.06
N GLU Z 183 37.19 -3.47 107.54
CA GLU Z 183 35.75 -3.66 107.42
C GLU Z 183 35.23 -3.43 106.01
N GLU Z 184 36.06 -2.90 105.11
CA GLU Z 184 35.65 -2.70 103.73
C GLU Z 184 35.99 -3.87 102.83
N TYR Z 185 36.88 -4.78 103.26
CA TYR Z 185 37.20 -5.95 102.46
C TYR Z 185 37.17 -7.24 103.26
N GLN Z 186 36.61 -7.20 104.47
CA GLN Z 186 36.46 -8.41 105.29
C GLN Z 186 34.97 -8.61 105.55
N GLY Z 187 34.39 -9.60 104.90
CA GLY Z 187 32.97 -9.89 105.03
C GLY Z 187 32.35 -10.34 103.72
N GLY Z 188 31.15 -9.85 103.43
CA GLY Z 188 30.48 -10.18 102.19
C GLY Z 188 29.78 -11.53 102.21
N SER Z 189 28.77 -11.69 101.35
CA SER Z 189 28.04 -12.94 101.24
C SER Z 189 28.23 -13.64 99.90
N ILE Z 190 28.66 -12.92 98.86
CA ILE Z 190 28.89 -13.51 97.54
C ILE Z 190 29.93 -12.65 96.84
N SER Z 191 30.64 -13.25 95.89
CA SER Z 191 31.74 -12.60 95.20
C SER Z 191 31.51 -12.64 93.69
N ILE Z 192 32.31 -11.85 92.96
CA ILE Z 192 32.28 -11.83 91.51
C ILE Z 192 33.67 -11.46 91.01
N SER Z 193 34.16 -12.22 90.03
CA SER Z 193 35.44 -11.96 89.38
C SER Z 193 35.18 -11.58 87.93
N ASN Z 194 35.74 -10.46 87.51
CA ASN Z 194 35.46 -9.85 86.22
C ASN Z 194 36.70 -9.85 85.37
N MET Z 195 36.60 -10.39 84.15
CA MET Z 195 37.71 -10.42 83.20
C MET Z 195 37.23 -10.02 81.80
N GLY Z 196 36.38 -9.01 81.71
CA GLY Z 196 35.89 -8.56 80.42
C GLY Z 196 36.85 -7.66 79.67
N MET Z 197 37.84 -7.09 80.36
CA MET Z 197 38.80 -6.22 79.70
C MET Z 197 39.79 -7.02 78.87
N ASN Z 198 39.98 -8.30 79.20
CA ASN Z 198 40.82 -9.19 78.42
C ASN Z 198 39.95 -9.94 77.42
N PRO Z 199 40.12 -9.68 76.12
CA PRO Z 199 39.27 -10.35 75.12
C PRO Z 199 39.65 -11.80 74.85
N ALA Z 200 40.76 -12.29 75.41
CA ALA Z 200 41.17 -13.67 75.16
C ALA Z 200 40.43 -14.64 76.06
N VAL Z 201 40.05 -14.23 77.26
CA VAL Z 201 39.46 -15.12 78.25
C VAL Z 201 38.01 -15.39 77.85
N GLN Z 202 37.79 -16.54 77.22
CA GLN Z 202 36.42 -16.95 76.89
C GLN Z 202 35.69 -17.45 78.14
N SER Z 203 36.39 -18.19 78.99
CA SER Z 203 35.79 -18.76 80.20
C SER Z 203 36.90 -19.03 81.21
N PHE Z 204 36.57 -18.86 82.48
CA PHE Z 204 37.50 -19.20 83.55
C PHE Z 204 36.72 -19.52 84.80
N THR Z 205 37.36 -20.24 85.72
CA THR Z 205 36.82 -20.55 87.02
C THR Z 205 37.56 -19.76 88.10
N ALA Z 206 36.92 -19.64 89.26
CA ALA Z 206 37.49 -18.91 90.37
C ALA Z 206 37.40 -19.78 91.63
N ILE Z 207 38.18 -19.39 92.63
CA ILE Z 207 38.19 -20.08 93.92
C ILE Z 207 37.34 -19.28 94.90
N ILE Z 208 36.48 -19.99 95.64
CA ILE Z 208 35.55 -19.35 96.55
C ILE Z 208 36.30 -18.77 97.74
N ASN Z 209 36.09 -17.48 98.01
CA ASN Z 209 36.67 -16.86 99.19
C ASN Z 209 35.93 -17.33 100.43
N PRO Z 210 36.62 -17.92 101.40
CA PRO Z 210 35.93 -18.37 102.61
C PRO Z 210 35.57 -17.18 103.48
N PRO Z 211 34.46 -17.27 104.23
CA PRO Z 211 33.55 -18.41 104.34
C PRO Z 211 32.30 -18.32 103.45
N GLN Z 212 32.42 -17.70 102.27
CA GLN Z 212 31.26 -17.58 101.40
C GLN Z 212 30.96 -18.91 100.71
N ALA Z 213 29.81 -18.94 100.02
CA ALA Z 213 29.32 -20.19 99.43
C ALA Z 213 29.40 -20.23 97.92
N ALA Z 214 29.54 -19.10 97.24
CA ALA Z 214 29.56 -19.09 95.79
C ALA Z 214 30.44 -17.97 95.29
N ILE Z 215 30.91 -18.11 94.04
CA ILE Z 215 31.66 -17.05 93.38
C ILE Z 215 31.30 -17.06 91.90
N LEU Z 216 31.22 -15.88 91.30
CA LEU Z 216 30.89 -15.75 89.89
C LEU Z 216 32.16 -15.45 89.10
N ALA Z 217 32.17 -15.85 87.83
CA ALA Z 217 33.30 -15.59 86.93
C ALA Z 217 32.73 -15.25 85.56
N VAL Z 218 33.12 -14.11 85.02
CA VAL Z 218 32.51 -13.56 83.81
C VAL Z 218 33.57 -13.43 82.73
N GLY Z 219 33.34 -14.08 81.58
CA GLY Z 219 34.31 -14.07 80.49
C GLY Z 219 34.01 -12.98 79.48
N ALA Z 220 34.94 -12.83 78.54
CA ALA Z 220 34.84 -11.82 77.51
C ALA Z 220 33.68 -12.12 76.57
N PRO Z 221 33.00 -11.09 76.09
CA PRO Z 221 31.91 -11.31 75.13
C PRO Z 221 32.42 -11.68 73.75
N GLN Z 222 31.66 -12.54 73.08
CA GLN Z 222 31.98 -13.01 71.74
C GLN Z 222 30.73 -13.07 70.89
N LYS Z 223 30.89 -13.07 69.57
CA LYS Z 223 29.76 -13.17 68.65
C LYS Z 223 29.43 -14.63 68.38
N VAL Z 224 28.21 -15.03 68.70
CA VAL Z 224 27.74 -16.40 68.50
C VAL Z 224 26.58 -16.37 67.53
N ALA Z 225 26.60 -17.29 66.56
CA ALA Z 225 25.51 -17.40 65.59
C ALA Z 225 24.26 -17.97 66.24
N VAL Z 226 23.16 -17.24 66.10
CA VAL Z 226 21.89 -17.58 66.74
C VAL Z 226 20.81 -17.58 65.66
N PRO Z 227 19.95 -18.61 65.58
CA PRO Z 227 18.95 -18.66 64.52
C PRO Z 227 17.84 -17.63 64.72
N VAL Z 228 17.27 -17.18 63.60
CA VAL Z 228 16.22 -16.19 63.60
C VAL Z 228 15.25 -16.51 62.47
N GLU Z 229 13.96 -16.32 62.73
CA GLU Z 229 12.95 -16.42 61.69
C GLU Z 229 12.81 -15.06 61.02
N ASN Z 230 12.70 -15.04 59.71
CA ASN Z 230 12.26 -13.85 59.01
C ASN Z 230 10.74 -13.85 58.99
N GLU Z 231 10.14 -12.92 58.24
CA GLU Z 231 8.69 -12.89 58.13
C GLU Z 231 8.15 -13.90 57.12
N ASP Z 232 9.01 -14.74 56.53
CA ASP Z 232 8.60 -15.93 55.81
C ASP Z 232 9.05 -17.17 56.58
N GLY Z 233 8.85 -18.34 55.98
CA GLY Z 233 9.00 -19.59 56.70
C GLY Z 233 10.43 -20.02 56.98
N THR Z 234 11.41 -19.48 56.27
CA THR Z 234 12.78 -19.98 56.39
C THR Z 234 13.47 -19.42 57.62
N THR Z 235 14.53 -20.09 58.04
CA THR Z 235 15.36 -19.63 59.15
C THR Z 235 16.57 -18.84 58.63
N GLY Z 236 17.19 -18.08 59.53
CA GLY Z 236 18.30 -17.23 59.17
C GLY Z 236 19.44 -17.33 60.17
N VAL Z 237 20.44 -16.48 59.96
CA VAL Z 237 21.59 -16.38 60.86
C VAL Z 237 21.60 -14.97 61.42
N SER Z 238 21.48 -14.86 62.74
CA SER Z 238 21.66 -13.61 63.45
C SER Z 238 22.86 -13.73 64.36
N TRP Z 239 23.53 -12.61 64.61
CA TRP Z 239 24.75 -12.58 65.41
C TRP Z 239 24.43 -11.97 66.77
N ASP Z 240 24.56 -12.77 67.81
CA ASP Z 240 24.21 -12.39 69.17
C ASP Z 240 25.48 -12.24 70.00
N GLU Z 241 25.49 -11.23 70.88
CA GLU Z 241 26.61 -11.02 71.80
C GLU Z 241 26.38 -11.87 73.04
N GLN Z 242 27.21 -12.88 73.23
CA GLN Z 242 27.07 -13.80 74.36
C GLN Z 242 28.28 -13.71 75.28
N ILE Z 243 28.02 -13.96 76.57
CA ILE Z 243 29.04 -13.92 77.61
C ILE Z 243 28.97 -15.22 78.39
N ILE Z 244 30.10 -15.92 78.51
CA ILE Z 244 30.15 -17.16 79.26
C ILE Z 244 30.35 -16.84 80.74
N VAL Z 245 29.42 -17.29 81.56
CA VAL Z 245 29.40 -17.03 83.00
C VAL Z 245 29.51 -18.36 83.72
N THR Z 246 30.53 -18.51 84.55
CA THR Z 246 30.76 -19.73 85.32
C THR Z 246 30.61 -19.41 86.81
N ALA Z 247 29.70 -20.10 87.47
CA ALA Z 247 29.48 -19.93 88.90
C ALA Z 247 30.00 -21.15 89.64
N SER Z 248 30.91 -20.93 90.58
CA SER Z 248 31.47 -22.00 91.40
C SER Z 248 30.76 -22.01 92.74
N PHE Z 249 30.17 -23.16 93.08
CA PHE Z 249 29.41 -23.33 94.31
C PHE Z 249 30.11 -24.33 95.23
N ASP Z 250 29.82 -24.18 96.52
CA ASP Z 250 30.24 -25.12 97.55
C ASP Z 250 29.13 -26.13 97.77
N HIS Z 251 29.47 -27.42 97.71
CA HIS Z 251 28.44 -28.46 97.73
C HIS Z 251 27.93 -28.76 99.14
N LYS Z 252 28.57 -28.22 100.18
CA LYS Z 252 28.05 -28.42 101.52
C LYS Z 252 26.80 -27.59 101.77
N VAL Z 253 26.67 -26.45 101.09
CA VAL Z 253 25.54 -25.55 101.26
C VAL Z 253 24.59 -25.60 100.07
N VAL Z 254 25.13 -25.52 98.86
CA VAL Z 254 24.33 -25.42 97.64
C VAL Z 254 24.42 -26.72 96.88
N ASP Z 255 23.26 -27.28 96.54
CA ASP Z 255 23.24 -28.44 95.65
C ASP Z 255 23.14 -28.00 94.20
N GLY Z 256 23.16 -29.00 93.30
CA GLY Z 256 23.17 -28.70 91.88
C GLY Z 256 21.88 -28.10 91.38
N ALA Z 257 20.74 -28.55 91.92
CA ALA Z 257 19.46 -27.99 91.54
C ALA Z 257 19.30 -26.56 92.04
N VAL Z 258 19.82 -26.26 93.23
CA VAL Z 258 19.76 -24.90 93.77
C VAL Z 258 20.66 -23.98 92.96
N GLY Z 259 21.85 -24.46 92.58
CA GLY Z 259 22.72 -23.68 91.73
C GLY Z 259 22.16 -23.46 90.33
N ALA Z 260 21.44 -24.46 89.82
CA ALA Z 260 20.80 -24.33 88.52
C ALA Z 260 19.63 -23.35 88.56
N GLU Z 261 18.87 -23.34 89.66
CA GLU Z 261 17.81 -22.34 89.83
C GLU Z 261 18.38 -20.94 89.96
N TRP Z 262 19.49 -20.78 90.69
CA TRP Z 262 20.15 -19.47 90.81
C TRP Z 262 20.66 -18.99 89.45
N ILE Z 263 21.27 -19.89 88.67
CA ILE Z 263 21.76 -19.57 87.33
C ILE Z 263 20.60 -19.23 86.40
N ARG Z 264 19.46 -19.93 86.54
CA ARG Z 264 18.30 -19.66 85.69
C ARG Z 264 17.69 -18.30 86.01
N GLU Z 265 17.60 -17.94 87.29
CA GLU Z 265 17.06 -16.63 87.65
C GLU Z 265 18.00 -15.51 87.24
N LEU Z 266 19.31 -15.73 87.35
CA LEU Z 266 20.28 -14.75 86.89
C LEU Z 266 20.21 -14.56 85.38
N LYS Z 267 20.06 -15.65 84.64
CA LYS Z 267 19.92 -15.58 83.19
C LYS Z 267 18.62 -14.91 82.78
N LYS Z 268 17.55 -15.12 83.54
CA LYS Z 268 16.27 -14.47 83.25
C LYS Z 268 16.36 -12.97 83.46
N VAL Z 269 16.94 -12.54 84.58
CA VAL Z 269 17.06 -11.12 84.88
C VAL Z 269 18.04 -10.44 83.91
N ILE Z 270 19.06 -11.15 83.44
CA ILE Z 270 20.01 -10.56 82.49
C ILE Z 270 19.39 -10.46 81.10
N GLU Z 271 18.77 -11.54 80.61
CA GLU Z 271 18.23 -11.53 79.26
C GLU Z 271 16.91 -10.79 79.14
N ASN Z 272 16.26 -10.45 80.26
CA ASN Z 272 15.12 -9.53 80.26
C ASN Z 272 15.50 -8.36 81.16
N PRO Z 273 16.08 -7.31 80.58
CA PRO Z 273 16.64 -6.23 81.42
C PRO Z 273 15.59 -5.35 82.08
N LEU Z 274 14.32 -5.45 81.67
CA LEU Z 274 13.26 -4.70 82.34
C LEU Z 274 12.88 -5.30 83.69
N GLU Z 275 13.34 -6.52 83.98
CA GLU Z 275 13.07 -7.16 85.26
C GLU Z 275 13.97 -6.65 86.38
N LEU Z 276 14.93 -5.77 86.07
CA LEU Z 276 15.75 -5.15 87.10
C LEU Z 276 14.97 -4.11 87.91
N LEU Z 277 13.83 -3.65 87.38
CA LEU Z 277 12.95 -2.77 88.13
C LEU Z 277 12.30 -3.50 89.29
N LEU Z 278 11.84 -4.72 89.04
CA LEU Z 278 11.18 -5.53 90.06
C LEU Z 278 12.21 -6.18 90.98
N TYR AA 47 100.81 19.47 48.83
CA TYR AA 47 100.58 20.83 49.30
C TYR AA 47 100.25 20.81 50.78
N THR AA 48 99.01 20.46 51.11
CA THR AA 48 98.60 20.30 52.51
C THR AA 48 98.96 18.90 52.98
N ASP AA 49 99.74 18.85 54.06
CA ASP AA 49 100.43 17.65 54.53
C ASP AA 49 100.09 17.38 55.99
N VAL AA 50 98.80 17.28 56.29
CA VAL AA 50 98.33 16.84 57.61
C VAL AA 50 98.87 15.43 57.88
N PRO AA 51 99.32 15.15 59.09
CA PRO AA 51 99.92 13.84 59.37
C PRO AA 51 98.89 12.77 59.65
N ILE AA 52 99.35 11.52 59.63
CA ILE AA 52 98.49 10.39 59.95
C ILE AA 52 98.19 10.39 61.44
N SER AA 53 96.97 10.00 61.81
CA SER AA 53 96.53 10.07 63.20
C SER AA 53 97.26 9.09 64.10
N GLY AA 54 97.83 8.02 63.54
CA GLY AA 54 98.47 7.01 64.34
C GLY AA 54 97.54 5.85 64.59
N MET AA 55 96.25 6.16 64.82
CA MET AA 55 95.21 5.14 64.87
C MET AA 55 94.99 4.50 63.49
N ARG AA 56 95.13 5.29 62.42
CA ARG AA 56 95.02 4.78 61.07
C ARG AA 56 96.15 3.83 60.70
N LYS AA 57 97.32 3.95 61.36
CA LYS AA 57 98.47 3.12 61.04
C LYS AA 57 98.22 1.67 61.43
N THR AA 58 97.54 1.44 62.57
CA THR AA 58 97.21 0.10 63.00
C THR AA 58 96.19 -0.56 62.07
N ILE AA 59 95.19 0.20 61.60
CA ILE AA 59 94.21 -0.34 60.67
C ILE AA 59 94.85 -0.61 59.32
N ALA AA 60 95.80 0.23 58.91
CA ALA AA 60 96.51 0.00 57.65
C ALA AA 60 97.38 -1.26 57.73
N ALA AA 61 98.07 -1.45 58.86
CA ALA AA 61 98.85 -2.67 59.04
C ALA AA 61 97.96 -3.90 59.14
N ARG AA 62 96.77 -3.76 59.73
CA ARG AA 62 95.85 -4.89 59.85
C ARG AA 62 95.27 -5.28 58.50
N LEU AA 63 94.90 -4.30 57.67
CA LEU AA 63 94.44 -4.59 56.32
C LEU AA 63 95.56 -5.14 55.45
N LYS AA 64 96.79 -4.70 55.70
CA LYS AA 64 97.95 -5.29 55.03
C LYS AA 64 98.11 -6.76 55.40
N GLU AA 65 97.99 -7.09 56.69
CA GLU AA 65 98.03 -8.48 57.15
C GLU AA 65 96.93 -9.31 56.50
N SER AA 66 95.73 -8.72 56.38
CA SER AA 66 94.60 -9.42 55.79
C SER AA 66 94.84 -9.75 54.33
N VAL AA 67 95.30 -8.77 53.55
CA VAL AA 67 95.47 -8.99 52.12
C VAL AA 67 96.74 -9.79 51.84
N THR AA 68 97.68 -9.85 52.79
CA THR AA 68 98.91 -10.58 52.49
C THR AA 68 98.87 -12.01 53.04
N GLU AA 69 97.95 -12.32 53.96
CA GLU AA 69 97.92 -13.67 54.50
C GLU AA 69 96.64 -14.39 54.08
N ASN AA 70 95.63 -13.64 53.63
CA ASN AA 70 94.38 -14.22 53.19
C ASN AA 70 94.25 -14.08 51.68
N PRO AA 71 94.41 -15.14 50.90
CA PRO AA 71 94.08 -15.06 49.47
C PRO AA 71 92.58 -14.99 49.25
N HIS AA 72 92.07 -13.80 48.96
CA HIS AA 72 90.63 -13.59 48.86
C HIS AA 72 90.11 -14.09 47.53
N PHE AA 73 88.86 -14.56 47.54
CA PHE AA 73 88.11 -14.74 46.31
C PHE AA 73 86.65 -14.38 46.57
N PHE AA 74 86.03 -13.75 45.58
CA PHE AA 74 84.69 -13.20 45.73
C PHE AA 74 83.68 -14.08 45.03
N VAL AA 75 82.50 -14.20 45.64
CA VAL AA 75 81.35 -14.89 45.05
C VAL AA 75 80.18 -13.91 45.09
N SER AA 76 79.62 -13.59 43.93
CA SER AA 76 78.54 -12.63 43.82
C SER AA 76 77.23 -13.32 43.52
N THR AA 77 76.14 -12.74 44.01
CA THR AA 77 74.81 -13.26 43.75
C THR AA 77 73.82 -12.10 43.79
N ASN AA 78 72.60 -12.37 43.33
CA ASN AA 78 71.52 -11.39 43.37
C ASN AA 78 70.36 -11.99 44.15
N LEU AA 79 70.07 -11.39 45.31
CA LEU AA 79 68.98 -11.83 46.17
C LEU AA 79 67.72 -11.04 45.84
N SER AA 80 66.61 -11.74 45.66
CA SER AA 80 65.33 -11.10 45.49
C SER AA 80 64.70 -10.85 46.85
N VAL AA 81 64.38 -9.59 47.12
CA VAL AA 81 63.90 -9.18 48.44
C VAL AA 81 62.47 -8.64 48.38
N SER AA 82 61.73 -9.00 47.31
CA SER AA 82 60.37 -8.50 47.17
C SER AA 82 59.41 -9.12 48.18
N LYS AA 83 59.70 -10.35 48.63
CA LYS AA 83 58.92 -10.96 49.69
C LYS AA 83 59.44 -10.57 51.08
N LEU AA 84 60.76 -10.33 51.17
CA LEU AA 84 61.35 -9.90 52.43
C LEU AA 84 60.86 -8.51 52.83
N LEU AA 85 60.69 -7.62 51.84
CA LEU AA 85 60.15 -6.30 52.13
C LEU AA 85 58.68 -6.35 52.53
N LYS AA 86 57.92 -7.28 51.95
CA LYS AA 86 56.52 -7.46 52.35
C LYS AA 86 56.41 -8.00 53.77
N LEU AA 87 57.29 -8.96 54.12
CA LEU AA 87 57.31 -9.50 55.48
C LEU AA 87 57.73 -8.43 56.49
N ARG AA 88 58.70 -7.59 56.12
CA ARG AA 88 59.13 -6.51 57.00
C ARG AA 88 58.03 -5.46 57.16
N GLN AA 89 57.30 -5.17 56.09
CA GLN AA 89 56.20 -4.20 56.16
C GLN AA 89 55.07 -4.72 57.04
N ALA AA 90 54.77 -6.02 56.94
CA ALA AA 90 53.72 -6.61 57.78
C ALA AA 90 54.13 -6.65 59.24
N LEU AA 91 55.40 -7.01 59.51
CA LEU AA 91 55.86 -7.08 60.90
C LEU AA 91 56.01 -5.70 61.52
N ASN AA 92 56.27 -4.67 60.69
CA ASN AA 92 56.34 -3.31 61.22
C ASN AA 92 54.96 -2.72 61.41
N SER AA 93 54.00 -3.08 60.55
CA SER AA 93 52.64 -2.56 60.68
C SER AA 93 51.91 -3.21 61.85
N SER AA 94 52.23 -4.47 62.16
CA SER AA 94 51.62 -5.14 63.31
C SER AA 94 52.43 -4.89 64.59
N ALA AA 95 52.51 -3.62 64.97
CA ALA AA 95 53.26 -3.23 66.15
C ALA AA 95 52.66 -1.93 66.69
N ASP AA 96 53.05 -1.61 67.94
CA ASP AA 96 52.63 -0.39 68.60
C ASP AA 96 53.82 0.51 68.92
N GLY AA 97 54.82 0.51 68.03
CA GLY AA 97 56.05 1.22 68.30
C GLY AA 97 57.02 0.49 69.21
N ARG AA 98 56.83 -0.82 69.40
CA ARG AA 98 57.75 -1.59 70.25
C ARG AA 98 59.07 -1.85 69.54
N TYR AA 99 59.05 -2.00 68.22
CA TYR AA 99 60.25 -2.32 67.46
C TYR AA 99 60.16 -1.69 66.09
N LYS AA 100 61.29 -1.70 65.38
CA LYS AA 100 61.36 -1.24 64.00
C LYS AA 100 62.36 -2.13 63.28
N LEU AA 101 61.89 -2.85 62.26
CA LEU AA 101 62.70 -3.84 61.57
C LEU AA 101 63.34 -3.26 60.32
N SER AA 102 64.53 -3.73 60.01
CA SER AA 102 65.26 -3.35 58.80
C SER AA 102 65.68 -4.60 58.04
N VAL AA 103 66.28 -4.37 56.87
CA VAL AA 103 66.73 -5.49 56.03
C VAL AA 103 67.96 -6.16 56.65
N ASN AA 104 68.74 -5.39 57.43
CA ASN AA 104 69.95 -5.93 58.05
C ASN AA 104 69.64 -6.98 59.10
N ASP AA 105 68.47 -6.91 59.73
CA ASP AA 105 68.06 -7.93 60.70
C ASP AA 105 67.82 -9.27 60.01
N PHE AA 106 67.08 -9.25 58.90
CA PHE AA 106 66.86 -10.47 58.12
C PHE AA 106 68.17 -10.99 57.54
N LEU AA 107 69.08 -10.09 57.15
CA LEU AA 107 70.36 -10.52 56.60
C LEU AA 107 71.24 -11.16 57.67
N ILE AA 108 71.24 -10.62 58.89
CA ILE AA 108 72.03 -11.19 59.97
C ILE AA 108 71.47 -12.55 60.40
N LYS AA 109 70.14 -12.67 60.45
CA LYS AA 109 69.51 -13.95 60.78
C LYS AA 109 69.77 -15.00 59.70
N ALA AA 110 69.72 -14.59 58.42
CA ALA AA 110 70.00 -15.52 57.34
C ALA AA 110 71.46 -15.92 57.30
N MET AA 111 72.36 -15.00 57.69
CA MET AA 111 73.77 -15.34 57.80
C MET AA 111 74.01 -16.35 58.92
N GLY AA 112 73.27 -16.21 60.03
CA GLY AA 112 73.38 -17.18 61.11
C GLY AA 112 72.87 -18.56 60.70
N ILE AA 113 71.75 -18.59 59.96
CA ILE AA 113 71.19 -19.85 59.48
C ILE AA 113 72.13 -20.52 58.48
N ALA AA 114 72.70 -19.73 57.57
CA ALA AA 114 73.60 -20.28 56.56
C ALA AA 114 74.92 -20.73 57.17
N SER AA 115 75.43 -20.02 58.18
CA SER AA 115 76.66 -20.45 58.84
C SER AA 115 76.43 -21.66 59.72
N LYS AA 116 75.21 -21.84 60.23
CA LYS AA 116 74.91 -23.07 60.96
C LYS AA 116 74.75 -24.26 60.00
N ARG AA 117 74.21 -24.03 58.81
CA ARG AA 117 74.07 -25.13 57.84
C ARG AA 117 75.40 -25.50 57.19
N VAL AA 118 76.26 -24.52 56.89
CA VAL AA 118 77.59 -24.80 56.37
C VAL AA 118 78.61 -24.34 57.41
N PRO AA 119 79.07 -25.22 58.31
CA PRO AA 119 79.94 -24.78 59.41
C PRO AA 119 81.38 -24.56 59.01
N THR AA 120 81.76 -24.86 57.76
CA THR AA 120 83.15 -24.65 57.33
C THR AA 120 83.47 -23.17 57.18
N VAL AA 121 82.49 -22.36 56.80
CA VAL AA 121 82.70 -20.92 56.66
C VAL AA 121 82.85 -20.27 58.03
N ASN AA 122 82.21 -20.82 59.06
CA ASN AA 122 82.29 -20.28 60.41
C ASN AA 122 83.54 -20.86 61.09
N SER AA 123 84.70 -20.36 60.67
CA SER AA 123 85.98 -20.85 61.15
C SER AA 123 87.01 -19.73 61.11
N SER AA 124 88.27 -20.09 61.35
CA SER AA 124 89.37 -19.14 61.38
C SER AA 124 90.64 -19.87 60.94
N TRP AA 125 91.79 -19.30 61.23
CA TRP AA 125 93.09 -19.88 60.89
C TRP AA 125 94.07 -19.58 62.01
N ARG AA 126 94.51 -20.64 62.69
CA ARG AA 126 95.29 -20.52 63.93
C ARG AA 126 96.60 -21.28 63.82
N ASP AA 127 97.28 -21.52 64.95
CA ASP AA 127 98.60 -22.13 64.96
C ASP AA 127 98.50 -23.59 64.56
N GLY AA 128 98.63 -23.85 63.26
CA GLY AA 128 98.55 -25.19 62.71
C GLY AA 128 97.21 -25.87 62.86
N VAL AA 129 96.13 -25.10 63.04
CA VAL AA 129 94.86 -25.64 63.47
C VAL AA 129 93.74 -24.71 63.00
N ILE AA 130 92.59 -25.31 62.72
CA ILE AA 130 91.38 -24.60 62.29
C ILE AA 130 90.46 -24.52 63.50
N ARG AA 131 90.11 -23.31 63.92
CA ARG AA 131 89.22 -23.13 65.06
C ARG AA 131 87.79 -22.95 64.57
N GLN AA 132 86.93 -23.91 64.90
CA GLN AA 132 85.56 -23.95 64.44
C GLN AA 132 84.62 -23.70 65.61
N PHE AA 133 83.78 -22.68 65.50
CA PHE AA 133 82.83 -22.29 66.53
C PHE AA 133 81.47 -22.93 66.30
N GLU AA 134 80.64 -22.94 67.35
CA GLU AA 134 79.26 -23.35 67.24
C GLU AA 134 78.33 -22.18 66.93
N THR AA 135 78.36 -21.15 67.76
CA THR AA 135 77.47 -20.01 67.59
C THR AA 135 78.01 -19.05 66.53
N VAL AA 136 77.10 -18.31 65.90
CA VAL AA 136 77.43 -17.33 64.89
C VAL AA 136 77.46 -15.97 65.57
N ASP AA 137 78.64 -15.38 65.68
CA ASP AA 137 78.81 -14.03 66.22
C ASP AA 137 79.08 -13.10 65.05
N VAL AA 138 78.16 -12.18 64.79
CA VAL AA 138 78.18 -11.37 63.56
C VAL AA 138 78.68 -9.98 63.90
N SER AA 139 79.77 -9.57 63.27
CA SER AA 139 80.33 -8.24 63.43
C SER AA 139 79.68 -7.32 62.39
N VAL AA 140 79.04 -6.24 62.86
CA VAL AA 140 78.35 -5.31 61.98
C VAL AA 140 79.15 -4.02 61.91
N ALA AA 141 79.44 -3.56 60.69
CA ALA AA 141 80.23 -2.36 60.50
C ALA AA 141 79.38 -1.12 60.70
N VAL AA 142 79.84 -0.20 61.55
CA VAL AA 142 79.17 1.06 61.83
C VAL AA 142 80.07 2.19 61.36
N ALA AA 143 79.52 3.09 60.55
CA ALA AA 143 80.28 4.19 59.97
C ALA AA 143 80.21 5.39 60.91
N THR AA 144 81.30 5.64 61.63
CA THR AA 144 81.50 6.77 62.51
C THR AA 144 82.43 7.80 61.85
N PRO AA 145 82.37 9.07 62.25
CA PRO AA 145 83.30 10.07 61.66
C PRO AA 145 84.76 9.83 62.00
N ASN AA 146 85.06 9.00 63.00
CA ASN AA 146 86.40 8.52 63.28
C ASN AA 146 86.71 7.20 62.59
N GLY AA 147 86.06 6.92 61.47
CA GLY AA 147 86.43 5.77 60.65
C GLY AA 147 85.45 4.61 60.67
N LEU AA 148 85.90 3.45 61.14
CA LEU AA 148 85.10 2.24 61.08
C LEU AA 148 85.28 1.44 62.35
N ILE AA 149 84.17 0.89 62.85
CA ILE AA 149 84.18 0.01 64.01
C ILE AA 149 83.21 -1.14 63.73
N THR AA 150 83.48 -2.30 64.33
CA THR AA 150 82.66 -3.49 64.12
C THR AA 150 82.22 -4.07 65.47
N PRO AA 151 81.12 -3.56 66.04
CA PRO AA 151 80.55 -4.24 67.20
C PRO AA 151 79.89 -5.56 66.82
N ILE AA 152 79.87 -6.47 67.80
CA ILE AA 152 79.51 -7.87 67.56
C ILE AA 152 78.16 -8.17 68.20
N VAL AA 153 77.28 -8.79 67.43
CA VAL AA 153 76.04 -9.38 67.93
C VAL AA 153 76.35 -10.85 68.21
N LYS AA 154 76.24 -11.24 69.48
CA LYS AA 154 76.61 -12.58 69.91
C LYS AA 154 75.39 -13.50 69.92
N GLY AA 155 75.60 -14.74 69.48
CA GLY AA 155 74.55 -15.75 69.47
C GLY AA 155 73.41 -15.43 68.54
N VAL AA 156 73.69 -15.33 67.25
CA VAL AA 156 72.71 -14.86 66.29
C VAL AA 156 71.62 -15.89 66.04
N GLU AA 157 72.01 -17.15 65.84
CA GLU AA 157 71.02 -18.20 65.62
C GLU AA 157 70.28 -18.47 66.93
N GLY AA 158 68.96 -18.58 66.85
CA GLY AA 158 68.12 -18.70 68.02
C GLY AA 158 68.13 -17.47 68.92
N LYS AA 159 67.96 -16.29 68.35
CA LYS AA 159 67.95 -15.07 69.15
C LYS AA 159 66.67 -14.26 69.01
N GLY AA 160 66.16 -14.12 67.81
CA GLY AA 160 64.97 -13.31 67.62
C GLY AA 160 65.27 -12.01 66.91
N LEU AA 161 64.35 -11.60 66.03
CA LEU AA 161 64.58 -10.43 65.18
C LEU AA 161 64.48 -9.14 65.98
N GLU AA 162 63.62 -9.10 66.99
CA GLU AA 162 63.52 -7.92 67.85
C GLU AA 162 64.75 -7.77 68.72
N SER AA 163 65.30 -8.89 69.21
CA SER AA 163 66.53 -8.85 69.98
C SER AA 163 67.71 -8.42 69.11
N ILE AA 164 67.74 -8.88 67.85
CA ILE AA 164 68.79 -8.49 66.92
C ILE AA 164 68.70 -7.00 66.61
N SER AA 165 67.48 -6.50 66.38
CA SER AA 165 67.27 -5.08 66.09
C SER AA 165 67.66 -4.21 67.29
N ALA AA 166 67.31 -4.66 68.49
CA ALA AA 166 67.65 -3.92 69.71
C ALA AA 166 69.15 -3.88 69.92
N ALA AA 167 69.83 -5.02 69.72
CA ALA AA 167 71.27 -5.06 69.92
C ALA AA 167 72.01 -4.23 68.88
N VAL AA 168 71.53 -4.25 67.63
CA VAL AA 168 72.14 -3.46 66.57
C VAL AA 168 71.95 -1.97 66.82
N LYS AA 169 70.77 -1.57 67.31
CA LYS AA 169 70.53 -0.16 67.61
C LYS AA 169 71.36 0.32 68.79
N GLU AA 170 71.44 -0.52 69.85
CA GLU AA 170 72.30 -0.23 71.01
C GLU AA 170 73.75 -0.05 70.60
N LEU AA 171 74.29 -1.01 69.84
CA LEU AA 171 75.70 -0.95 69.47
C LEU AA 171 75.99 0.18 68.48
N ALA AA 172 75.03 0.50 67.61
CA ALA AA 172 75.24 1.59 66.67
C ALA AA 172 75.23 2.96 67.37
N LYS AA 173 74.29 3.17 68.31
CA LYS AA 173 74.25 4.45 69.00
C LYS AA 173 75.43 4.58 69.96
N LYS AA 174 75.90 3.46 70.51
CA LYS AA 174 77.09 3.53 71.36
C LYS AA 174 78.35 3.69 70.53
N ALA AA 175 78.33 3.25 69.26
CA ALA AA 175 79.46 3.51 68.38
C ALA AA 175 79.50 4.97 67.95
N ARG AA 176 78.32 5.58 67.78
CA ARG AA 176 78.27 7.01 67.48
C ARG AA 176 78.67 7.86 68.69
N ASP AA 177 78.37 7.41 69.90
CA ASP AA 177 78.82 8.11 71.10
C ASP AA 177 80.24 7.73 71.53
N GLY AA 178 80.81 6.66 70.98
CA GLY AA 178 82.18 6.27 71.28
C GLY AA 178 82.37 5.72 72.68
N LYS AA 179 81.54 4.77 73.08
CA LYS AA 179 81.52 4.27 74.46
C LYS AA 179 81.57 2.75 74.51
N LEU AA 180 82.55 2.16 73.82
CA LEU AA 180 82.64 0.71 73.70
C LEU AA 180 83.77 0.14 74.56
N LYS AA 181 83.59 -1.10 74.97
CA LYS AA 181 84.56 -2.00 75.60
C LYS AA 181 85.25 -2.81 74.51
N PRO AA 182 86.52 -3.20 74.72
CA PRO AA 182 87.23 -3.97 73.67
C PRO AA 182 86.65 -5.36 73.43
N GLU AA 183 85.95 -5.93 74.42
CA GLU AA 183 85.27 -7.20 74.23
C GLU AA 183 84.01 -7.08 73.38
N GLU AA 184 83.56 -5.86 73.09
CA GLU AA 184 82.40 -5.66 72.23
C GLU AA 184 82.75 -5.52 70.77
N TYR AA 185 84.02 -5.26 70.42
CA TYR AA 185 84.41 -5.16 69.03
C TYR AA 185 85.68 -5.94 68.72
N GLN AA 186 86.09 -6.82 69.63
CA GLN AA 186 87.25 -7.69 69.40
C GLN AA 186 86.77 -9.14 69.48
N GLY AA 187 86.67 -9.80 68.33
CA GLY AA 187 86.21 -11.17 68.27
C GLY AA 187 85.38 -11.42 67.03
N GLY AA 188 84.29 -12.18 67.17
CA GLY AA 188 83.41 -12.45 66.06
C GLY AA 188 83.88 -13.58 65.17
N SER AA 189 82.94 -14.21 64.46
CA SER AA 189 83.28 -15.29 63.53
C SER AA 189 83.00 -14.94 62.07
N ILE AA 190 82.15 -13.95 61.82
CA ILE AA 190 81.83 -13.52 60.45
C ILE AA 190 81.40 -12.05 60.51
N SER AA 191 81.56 -11.35 59.39
CA SER AA 191 81.32 -9.92 59.31
C SER AA 191 80.32 -9.62 58.21
N ILE AA 192 79.81 -8.39 58.21
CA ILE AA 192 78.90 -7.91 57.17
C ILE AA 192 79.08 -6.40 57.03
N SER AA 193 79.21 -5.94 55.79
CA SER AA 193 79.31 -4.52 55.48
C SER AA 193 78.07 -4.11 54.70
N ASN AA 194 77.42 -3.06 55.16
CA ASN AA 194 76.13 -2.64 54.65
C ASN AA 194 76.25 -1.27 54.00
N MET AA 195 75.79 -1.15 52.76
CA MET AA 195 75.80 0.12 52.02
C MET AA 195 74.48 0.33 51.30
N GLY AA 196 73.37 0.02 51.96
CA GLY AA 196 72.06 0.21 51.34
C GLY AA 196 71.55 1.64 51.40
N MET AA 197 72.13 2.47 52.27
CA MET AA 197 71.69 3.86 52.37
C MET AA 197 72.19 4.68 51.18
N ASN AA 198 73.26 4.23 50.55
CA ASN AA 198 73.78 4.88 49.35
C ASN AA 198 73.19 4.20 48.12
N PRO AA 199 72.33 4.88 47.36
CA PRO AA 199 71.70 4.22 46.19
C PRO AA 199 72.61 4.09 44.99
N ALA AA 200 73.83 4.66 45.03
CA ALA AA 200 74.72 4.57 43.90
C ALA AA 200 75.49 3.26 43.88
N VAL AA 201 75.77 2.68 45.05
CA VAL AA 201 76.60 1.49 45.16
C VAL AA 201 75.79 0.28 44.71
N GLN AA 202 76.00 -0.14 43.46
CA GLN AA 202 75.36 -1.36 42.98
C GLN AA 202 76.03 -2.59 43.55
N SER AA 203 77.37 -2.57 43.65
CA SER AA 203 78.12 -3.71 44.13
C SER AA 203 79.46 -3.20 44.65
N PHE AA 204 79.96 -3.85 45.69
CA PHE AA 204 81.30 -3.55 46.20
C PHE AA 204 81.84 -4.77 46.91
N THR AA 205 83.16 -4.80 47.06
CA THR AA 205 83.86 -5.84 47.80
C THR AA 205 84.40 -5.26 49.10
N ALA AA 206 84.70 -6.16 50.04
CA ALA AA 206 85.22 -5.78 51.34
C ALA AA 206 86.46 -6.61 51.65
N ILE AA 207 87.23 -6.13 52.62
CA ILE AA 207 88.43 -6.81 53.07
C ILE AA 207 88.10 -7.57 54.35
N ILE AA 208 88.53 -8.83 54.41
CA ILE AA 208 88.21 -9.70 55.54
C ILE AA 208 88.96 -9.24 56.78
N ASN AA 209 88.23 -9.02 57.87
CA ASN AA 209 88.85 -8.68 59.14
C ASN AA 209 89.51 -9.92 59.72
N PRO AA 210 90.81 -9.88 60.01
CA PRO AA 210 91.46 -11.05 60.59
C PRO AA 210 91.07 -11.21 62.04
N PRO AA 211 91.01 -12.45 62.55
CA PRO AA 211 91.31 -13.72 61.86
C PRO AA 211 90.08 -14.43 61.31
N GLN AA 212 89.05 -13.70 60.89
CA GLN AA 212 87.85 -14.34 60.36
C GLN AA 212 88.10 -14.89 58.96
N ALA AA 213 87.12 -15.65 58.46
CA ALA AA 213 87.27 -16.36 57.19
C ALA AA 213 86.43 -15.79 56.05
N ALA AA 214 85.40 -15.00 56.35
CA ALA AA 214 84.52 -14.50 55.30
C ALA AA 214 83.99 -13.12 55.70
N ILE AA 215 83.57 -12.36 54.70
CA ILE AA 215 82.91 -11.09 54.94
C ILE AA 215 81.84 -10.89 53.86
N LEU AA 216 80.71 -10.31 54.25
CA LEU AA 216 79.61 -10.06 53.33
C LEU AA 216 79.61 -8.58 52.94
N ALA AA 217 79.08 -8.30 51.75
CA ALA AA 217 78.97 -6.93 51.25
C ALA AA 217 77.65 -6.81 50.50
N VAL AA 218 76.81 -5.86 50.90
CA VAL AA 218 75.44 -5.76 50.41
C VAL AA 218 75.25 -4.43 49.69
N GLY AA 219 74.84 -4.49 48.42
CA GLY AA 219 74.67 -3.29 47.63
C GLY AA 219 73.25 -2.78 47.66
N ALA AA 220 73.06 -1.60 47.06
CA ALA AA 220 71.77 -0.95 47.01
C ALA AA 220 70.79 -1.74 46.15
N PRO AA 221 69.52 -1.78 46.53
CA PRO AA 221 68.52 -2.47 45.72
C PRO AA 221 68.19 -1.70 44.45
N GLN AA 222 67.92 -2.45 43.39
CA GLN AA 222 67.57 -1.90 42.09
C GLN AA 222 66.44 -2.72 41.45
N LYS AA 223 65.73 -2.13 40.50
CA LYS AA 223 64.65 -2.82 39.80
C LYS AA 223 65.23 -3.57 38.60
N VAL AA 224 65.04 -4.88 38.58
CA VAL AA 224 65.52 -5.74 37.50
C VAL AA 224 64.31 -6.40 36.84
N ALA AA 225 64.30 -6.41 35.51
CA ALA AA 225 63.23 -7.05 34.75
C ALA AA 225 63.33 -8.56 34.86
N VAL AA 226 62.24 -9.19 35.29
CA VAL AA 226 62.18 -10.63 35.54
C VAL AA 226 60.96 -11.19 34.79
N PRO AA 227 61.12 -12.29 34.05
CA PRO AA 227 60.00 -12.80 33.26
C PRO AA 227 58.92 -13.43 34.15
N VAL AA 228 57.68 -13.36 33.65
CA VAL AA 228 56.53 -13.89 34.37
C VAL AA 228 55.55 -14.47 33.35
N GLU AA 229 54.93 -15.59 33.71
CA GLU AA 229 53.85 -16.13 32.90
C GLU AA 229 52.54 -15.52 33.37
N ASN AA 230 51.68 -15.16 32.43
CA ASN AA 230 50.32 -14.83 32.76
C ASN AA 230 49.51 -16.13 32.79
N GLU AA 231 48.19 -16.03 32.90
CA GLU AA 231 47.35 -17.24 32.88
C GLU AA 231 47.10 -17.75 31.46
N ASP AA 232 47.70 -17.12 30.44
CA ASP AA 232 47.77 -17.69 29.10
C ASP AA 232 49.23 -18.03 28.79
N GLY AA 233 49.48 -18.46 27.55
CA GLY AA 233 50.77 -19.05 27.20
C GLY AA 233 51.93 -18.09 27.08
N THR AA 234 51.67 -16.79 26.92
CA THR AA 234 52.74 -15.86 26.62
C THR AA 234 53.50 -15.47 27.89
N THR AA 235 54.71 -14.94 27.70
CA THR AA 235 55.52 -14.43 28.80
C THR AA 235 55.35 -12.92 28.94
N GLY AA 236 55.73 -12.40 30.10
CA GLY AA 236 55.56 -11.00 30.40
C GLY AA 236 56.82 -10.40 31.03
N VAL AA 237 56.69 -9.15 31.45
CA VAL AA 237 57.75 -8.43 32.14
C VAL AA 237 57.23 -8.05 33.52
N SER AA 238 57.90 -8.58 34.55
CA SER AA 238 57.64 -8.19 35.93
C SER AA 238 58.89 -7.50 36.47
N TRP AA 239 58.69 -6.58 37.41
CA TRP AA 239 59.78 -5.79 37.97
C TRP AA 239 60.06 -6.30 39.38
N ASP AA 240 61.25 -6.85 39.58
CA ASP AA 240 61.65 -7.46 40.83
C ASP AA 240 62.71 -6.60 41.51
N GLU AA 241 62.63 -6.51 42.84
CA GLU AA 241 63.62 -5.78 43.63
C GLU AA 241 64.78 -6.72 43.94
N GLN AA 242 65.95 -6.46 43.36
CA GLN AA 242 67.10 -7.31 43.54
C GLN AA 242 68.22 -6.56 44.25
N ILE AA 243 69.03 -7.31 45.01
CA ILE AA 243 70.14 -6.77 45.77
C ILE AA 243 71.38 -7.60 45.42
N ILE AA 244 72.45 -6.94 45.01
CA ILE AA 244 73.69 -7.62 44.68
C ILE AA 244 74.48 -7.83 45.98
N VAL AA 245 74.79 -9.08 46.28
CA VAL AA 245 75.48 -9.48 47.50
C VAL AA 245 76.79 -10.16 47.09
N THR AA 246 77.90 -9.62 47.58
CA THR AA 246 79.23 -10.15 47.28
C THR AA 246 79.85 -10.66 48.57
N ALA AA 247 80.22 -11.93 48.60
CA ALA AA 247 80.85 -12.53 49.76
C ALA AA 247 82.31 -12.81 49.43
N SER AA 248 83.21 -12.27 50.24
CA SER AA 248 84.65 -12.47 50.08
C SER AA 248 85.10 -13.55 51.05
N PHE AA 249 85.70 -14.60 50.53
CA PHE AA 249 86.16 -15.73 51.31
C PHE AA 249 87.68 -15.82 51.27
N ASP AA 250 88.23 -16.47 52.31
CA ASP AA 250 89.63 -16.81 52.39
C ASP AA 250 89.81 -18.23 51.88
N HIS AA 251 90.75 -18.41 50.94
CA HIS AA 251 90.87 -19.70 50.26
C HIS AA 251 91.64 -20.73 51.07
N LYS AA 252 92.26 -20.33 52.19
CA LYS AA 252 92.93 -21.31 53.04
C LYS AA 252 91.92 -22.15 53.82
N VAL AA 253 90.75 -21.60 54.12
CA VAL AA 253 89.73 -22.27 54.89
C VAL AA 253 88.56 -22.71 54.01
N VAL AA 254 88.05 -21.81 53.18
CA VAL AA 254 86.85 -22.04 52.40
C VAL AA 254 87.23 -22.21 50.94
N ASP AA 255 86.77 -23.29 50.32
CA ASP AA 255 86.94 -23.46 48.90
C ASP AA 255 85.74 -22.88 48.15
N GLY AA 256 85.82 -22.94 46.82
CA GLY AA 256 84.80 -22.33 45.99
C GLY AA 256 83.46 -23.05 46.06
N ALA AA 257 83.49 -24.38 46.17
CA ALA AA 257 82.25 -25.14 46.33
C ALA AA 257 81.60 -24.89 47.67
N VAL AA 258 82.40 -24.73 48.73
CA VAL AA 258 81.86 -24.44 50.06
C VAL AA 258 81.26 -23.04 50.09
N GLY AA 259 81.94 -22.08 49.45
CA GLY AA 259 81.39 -20.74 49.36
C GLY AA 259 80.13 -20.67 48.52
N ALA AA 260 80.07 -21.49 47.47
CA ALA AA 260 78.87 -21.55 46.63
C ALA AA 260 77.70 -22.19 47.37
N GLU AA 261 77.97 -23.21 48.20
CA GLU AA 261 76.92 -23.80 49.03
C GLU AA 261 76.42 -22.81 50.08
N TRP AA 262 77.34 -22.05 50.69
CA TRP AA 262 76.94 -21.02 51.65
C TRP AA 262 76.10 -19.93 51.00
N ILE AA 263 76.50 -19.50 49.80
CA ILE AA 263 75.73 -18.50 49.05
C ILE AA 263 74.37 -19.04 48.63
N ARG AA 264 74.30 -20.33 48.28
CA ARG AA 264 73.04 -20.94 47.89
C ARG AA 264 72.07 -21.06 49.06
N GLU AA 265 72.58 -21.43 50.24
CA GLU AA 265 71.73 -21.52 51.42
C GLU AA 265 71.27 -20.13 51.88
N LEU AA 266 72.14 -19.13 51.77
CA LEU AA 266 71.76 -17.77 52.11
C LEU AA 266 70.69 -17.24 51.14
N LYS AA 267 70.85 -17.54 49.85
CA LYS AA 267 69.86 -17.14 48.85
C LYS AA 267 68.53 -17.86 49.06
N LYS AA 268 68.57 -19.12 49.48
CA LYS AA 268 67.35 -19.87 49.75
C LYS AA 268 66.60 -19.28 50.94
N VAL AA 269 67.31 -19.00 52.04
CA VAL AA 269 66.68 -18.45 53.23
C VAL AA 269 66.18 -17.02 52.97
N ILE AA 270 66.85 -16.26 52.11
CA ILE AA 270 66.40 -14.90 51.82
C ILE AA 270 65.19 -14.91 50.90
N GLU AA 271 65.24 -15.69 49.82
CA GLU AA 271 64.14 -15.70 48.86
C GLU AA 271 62.94 -16.51 49.32
N ASN AA 272 63.07 -17.31 50.37
CA ASN AA 272 61.94 -17.95 51.03
C ASN AA 272 61.95 -17.48 52.48
N PRO AA 273 61.26 -16.37 52.78
CA PRO AA 273 61.38 -15.76 54.11
C PRO AA 273 60.71 -16.55 55.23
N LEU AA 274 59.87 -17.54 54.90
CA LEU AA 274 59.27 -18.39 55.93
C LEU AA 274 60.26 -19.41 56.48
N GLU AA 275 61.42 -19.58 55.83
CA GLU AA 275 62.44 -20.49 56.34
C GLU AA 275 63.26 -19.90 57.47
N LEU AA 276 63.03 -18.63 57.83
CA LEU AA 276 63.69 -18.05 58.99
C LEU AA 276 63.14 -18.59 60.31
N LEU AA 277 61.95 -19.21 60.27
CA LEU AA 277 61.41 -19.88 61.44
C LEU AA 277 62.23 -21.11 61.79
N LEU AA 278 62.59 -21.90 60.78
CA LEU AA 278 63.36 -23.13 60.97
C LEU AA 278 64.84 -22.80 61.16
N TYR BA 47 69.12 77.45 46.40
CA TYR BA 47 68.44 77.60 47.68
C TYR BA 47 69.18 76.81 48.74
N THR BA 48 68.95 75.49 48.77
CA THR BA 48 69.69 74.62 49.67
C THR BA 48 71.02 74.24 49.04
N ASP BA 49 72.09 74.51 49.77
CA ASP BA 49 73.47 74.48 49.26
C ASP BA 49 74.33 73.59 50.13
N VAL BA 50 73.92 72.34 50.31
CA VAL BA 50 74.73 71.31 50.98
C VAL BA 50 76.03 71.15 50.18
N PRO BA 51 77.17 71.01 50.85
CA PRO BA 51 78.45 70.95 50.13
C PRO BA 51 78.74 69.54 49.63
N ILE BA 52 79.74 69.47 48.74
CA ILE BA 52 80.19 68.19 48.20
C ILE BA 52 80.93 67.43 49.29
N SER BA 53 80.76 66.11 49.32
CA SER BA 53 81.33 65.29 50.38
C SER BA 53 82.85 65.23 50.33
N GLY BA 54 83.46 65.49 49.18
CA GLY BA 54 84.89 65.39 49.04
C GLY BA 54 85.27 64.05 48.44
N MET BA 55 84.56 62.99 48.85
CA MET BA 55 84.68 61.69 48.20
C MET BA 55 84.12 61.72 46.78
N ARG BA 56 83.07 62.50 46.54
CA ARG BA 56 82.51 62.68 45.21
C ARG BA 56 83.46 63.42 44.27
N LYS BA 57 84.37 64.23 44.80
CA LYS BA 57 85.27 65.01 43.96
C LYS BA 57 86.28 64.09 43.25
N THR BA 58 86.75 63.05 43.93
CA THR BA 58 87.66 62.10 43.32
C THR BA 58 86.98 61.29 42.22
N ILE BA 59 85.73 60.88 42.44
CA ILE BA 59 84.99 60.15 41.41
C ILE BA 59 84.67 61.05 40.23
N ALA BA 60 84.40 62.33 40.49
CA ALA BA 60 84.14 63.28 39.41
C ALA BA 60 85.40 63.52 38.57
N ALA BA 61 86.55 63.65 39.23
CA ALA BA 61 87.82 63.79 38.51
C ALA BA 61 88.17 62.52 37.74
N ARG BA 62 87.83 61.36 38.31
CA ARG BA 62 88.11 60.09 37.64
C ARG BA 62 87.25 59.90 36.39
N LEU BA 63 85.96 60.25 36.49
CA LEU BA 63 85.09 60.19 35.31
C LEU BA 63 85.48 61.24 34.28
N LYS BA 64 85.99 62.38 34.74
CA LYS BA 64 86.53 63.38 33.82
C LYS BA 64 87.74 62.83 33.07
N GLU BA 65 88.67 62.15 33.78
CA GLU BA 65 89.81 61.50 33.15
C GLU BA 65 89.37 60.46 32.13
N SER BA 66 88.33 59.70 32.48
CA SER BA 66 87.82 58.65 31.60
C SER BA 66 87.25 59.23 30.31
N VAL BA 67 86.42 60.27 30.42
CA VAL BA 67 85.79 60.82 29.22
C VAL BA 67 86.76 61.69 28.43
N THR BA 68 87.85 62.16 29.06
CA THR BA 68 88.75 63.02 28.31
C THR BA 68 89.94 62.27 27.72
N GLU BA 69 90.20 61.04 28.20
CA GLU BA 69 91.33 60.31 27.65
C GLU BA 69 90.87 59.08 26.88
N ASN BA 70 89.62 58.67 27.10
CA ASN BA 70 89.07 57.52 26.40
C ASN BA 70 88.00 57.97 25.42
N PRO BA 71 88.27 57.96 24.11
CA PRO BA 71 87.19 58.20 23.14
C PRO BA 71 86.26 57.01 23.06
N HIS BA 72 85.08 57.12 23.69
CA HIS BA 72 84.17 56.01 23.80
C HIS BA 72 83.38 55.82 22.51
N PHE BA 73 83.05 54.56 22.22
CA PHE BA 73 82.04 54.26 21.22
C PHE BA 73 81.23 53.07 21.69
N PHE BA 74 79.93 53.11 21.43
CA PHE BA 74 78.99 52.13 21.95
C PHE BA 74 78.59 51.14 20.86
N VAL BA 75 78.43 49.88 21.24
CA VAL BA 75 77.91 48.84 20.37
C VAL BA 75 76.73 48.19 21.09
N SER BA 76 75.55 48.23 20.49
CA SER BA 76 74.35 47.70 21.11
C SER BA 76 73.91 46.41 20.43
N THR BA 77 73.30 45.54 21.22
CA THR BA 77 72.78 44.27 20.70
C THR BA 77 71.59 43.86 21.56
N ASN BA 78 70.85 42.87 21.07
CA ASN BA 78 69.72 42.31 21.79
C ASN BA 78 69.97 40.81 21.98
N LEU BA 79 70.15 40.40 23.23
CA LEU BA 79 70.37 39.01 23.58
C LEU BA 79 69.05 38.35 23.91
N SER BA 80 68.81 37.18 23.32
CA SER BA 80 67.64 36.38 23.67
C SER BA 80 67.99 35.47 24.84
N VAL BA 81 67.22 35.58 25.92
CA VAL BA 81 67.51 34.89 27.17
C VAL BA 81 66.43 33.89 27.52
N SER BA 82 65.62 33.48 26.54
CA SER BA 82 64.52 32.55 26.80
C SER BA 82 65.03 31.14 27.12
N LYS BA 83 66.20 30.77 26.59
CA LYS BA 83 66.82 29.50 26.96
C LYS BA 83 67.68 29.63 28.20
N LEU BA 84 68.26 30.81 28.41
CA LEU BA 84 69.06 31.07 29.61
C LEU BA 84 68.20 31.04 30.86
N LEU BA 85 66.97 31.58 30.77
CA LEU BA 85 66.06 31.52 31.91
C LEU BA 85 65.58 30.10 32.19
N LYS BA 86 65.41 29.28 31.14
CA LYS BA 86 65.04 27.89 31.35
C LYS BA 86 66.18 27.10 32.00
N LEU BA 87 67.41 27.36 31.57
CA LEU BA 87 68.57 26.71 32.19
C LEU BA 87 68.74 27.14 33.64
N ARG BA 88 68.51 28.43 33.93
CA ARG BA 88 68.60 28.91 35.30
C ARG BA 88 67.49 28.31 36.18
N GLN BA 89 66.29 28.16 35.62
CA GLN BA 89 65.19 27.57 36.36
C GLN BA 89 65.45 26.10 36.66
N ALA BA 90 66.02 25.36 35.70
CA ALA BA 90 66.36 23.96 35.92
C ALA BA 90 67.47 23.80 36.95
N LEU BA 91 68.50 24.65 36.86
CA LEU BA 91 69.62 24.55 37.80
C LEU BA 91 69.22 25.01 39.20
N ASN BA 92 68.23 25.90 39.31
CA ASN BA 92 67.75 26.30 40.62
C ASN BA 92 66.79 25.28 41.20
N SER BA 93 66.01 24.61 40.35
CA SER BA 93 65.08 23.60 40.85
C SER BA 93 65.79 22.33 41.25
N SER BA 94 66.93 22.01 40.61
CA SER BA 94 67.72 20.84 40.98
C SER BA 94 68.75 21.20 42.06
N ALA BA 95 68.24 21.63 43.21
CA ALA BA 95 69.09 22.01 44.32
C ALA BA 95 68.33 21.82 45.62
N ASP BA 96 69.07 21.85 46.72
CA ASP BA 96 68.51 21.73 48.07
C ASP BA 96 68.76 23.00 48.88
N GLY BA 97 68.74 24.16 48.23
CA GLY BA 97 69.10 25.39 48.88
C GLY BA 97 70.59 25.62 49.00
N ARG BA 98 71.42 24.90 48.24
CA ARG BA 98 72.85 25.10 48.30
C ARG BA 98 73.27 26.38 47.58
N TYR BA 99 72.55 26.76 46.53
CA TYR BA 99 72.91 27.92 45.73
C TYR BA 99 71.64 28.56 45.19
N LYS BA 100 71.81 29.76 44.63
CA LYS BA 100 70.73 30.47 43.95
C LYS BA 100 71.35 31.24 42.78
N LEU BA 101 70.94 30.89 41.57
CA LEU BA 101 71.56 31.44 40.37
C LEU BA 101 70.76 32.63 39.85
N SER BA 102 71.47 33.59 39.27
CA SER BA 102 70.89 34.77 38.65
C SER BA 102 71.41 34.91 37.22
N VAL BA 103 70.88 35.91 36.52
CA VAL BA 103 71.29 36.16 35.14
C VAL BA 103 72.69 36.74 35.09
N ASN BA 104 73.10 37.44 36.16
CA ASN BA 104 74.41 38.06 36.21
C ASN BA 104 75.54 37.04 36.25
N ASP BA 105 75.27 35.84 36.79
CA ASP BA 105 76.26 34.77 36.79
C ASP BA 105 76.56 34.29 35.37
N PHE BA 106 75.50 34.04 34.59
CA PHE BA 106 75.66 33.65 33.19
C PHE BA 106 76.30 34.76 32.38
N LEU BA 107 75.98 36.01 32.70
CA LEU BA 107 76.56 37.14 31.98
C LEU BA 107 78.05 37.29 32.28
N ILE BA 108 78.45 37.08 33.54
CA ILE BA 108 79.86 37.18 33.92
C ILE BA 108 80.66 36.03 33.30
N LYS BA 109 80.08 34.82 33.29
CA LYS BA 109 80.75 33.68 32.66
C LYS BA 109 80.86 33.86 31.14
N ALA BA 110 79.83 34.42 30.50
CA ALA BA 110 79.88 34.66 29.07
C ALA BA 110 80.86 35.78 28.73
N MET BA 111 80.99 36.77 29.62
CA MET BA 111 81.99 37.82 29.44
C MET BA 111 83.40 37.25 29.54
N GLY BA 112 83.60 36.30 30.46
CA GLY BA 112 84.90 35.65 30.55
C GLY BA 112 85.24 34.83 29.33
N ILE BA 113 84.24 34.10 28.80
CA ILE BA 113 84.44 33.30 27.60
C ILE BA 113 84.73 34.19 26.39
N ALA BA 114 83.98 35.30 26.26
CA ALA BA 114 84.18 36.20 25.14
C ALA BA 114 85.49 36.95 25.23
N SER BA 115 85.93 37.32 26.43
CA SER BA 115 87.22 37.98 26.59
C SER BA 115 88.38 37.02 26.40
N LYS BA 116 88.17 35.73 26.66
CA LYS BA 116 89.20 34.75 26.34
C LYS BA 116 89.28 34.49 24.84
N ARG BA 117 88.13 34.52 24.15
CA ARG BA 117 88.15 34.30 22.70
C ARG BA 117 88.67 35.51 21.94
N VAL BA 118 88.34 36.73 22.38
CA VAL BA 118 88.88 37.95 21.78
C VAL BA 118 89.74 38.65 22.82
N PRO BA 119 91.05 38.40 22.86
CA PRO BA 119 91.88 38.94 23.94
C PRO BA 119 92.26 40.41 23.76
N THR BA 120 91.88 41.04 22.65
CA THR BA 120 92.21 42.45 22.45
C THR BA 120 91.38 43.35 23.35
N VAL BA 121 90.14 42.94 23.66
CA VAL BA 121 89.29 43.72 24.54
C VAL BA 121 89.79 43.65 25.99
N ASN BA 122 90.41 42.54 26.37
CA ASN BA 122 90.95 42.34 27.72
C ASN BA 122 92.34 42.98 27.77
N SER BA 123 92.38 44.30 27.79
CA SER BA 123 93.63 45.04 27.77
C SER BA 123 93.44 46.37 28.48
N SER BA 124 94.46 47.23 28.39
CA SER BA 124 94.46 48.54 29.03
C SER BA 124 95.28 49.50 28.18
N TRP BA 125 95.70 50.61 28.77
CA TRP BA 125 96.52 51.61 28.08
C TRP BA 125 97.51 52.19 29.08
N ARG BA 126 98.80 51.94 28.83
CA ARG BA 126 99.86 52.23 29.78
C ARG BA 126 100.94 53.09 29.15
N ASP BA 127 102.11 53.21 29.79
CA ASP BA 127 103.18 54.10 29.35
C ASP BA 127 103.77 53.59 28.04
N GLY BA 128 103.20 54.04 26.92
CA GLY BA 128 103.66 53.65 25.60
C GLY BA 128 103.48 52.19 25.27
N VAL BA 129 102.57 51.49 25.96
CA VAL BA 129 102.51 50.04 25.93
C VAL BA 129 101.09 49.60 26.26
N ILE BA 130 100.69 48.48 25.66
CA ILE BA 130 99.38 47.86 25.88
C ILE BA 130 99.59 46.68 26.83
N ARG BA 131 98.92 46.71 27.98
CA ARG BA 131 99.04 45.63 28.94
C ARG BA 131 97.91 44.64 28.74
N GLN BA 132 98.25 43.42 28.35
CA GLN BA 132 97.29 42.38 28.01
C GLN BA 132 97.36 41.26 29.04
N PHE BA 133 96.24 40.98 29.69
CA PHE BA 133 96.14 39.97 30.73
C PHE BA 133 95.69 38.63 30.15
N GLU BA 134 95.92 37.56 30.93
CA GLU BA 134 95.38 36.24 30.59
C GLU BA 134 94.01 36.00 31.20
N THR BA 135 93.89 36.15 32.51
CA THR BA 135 92.63 35.88 33.20
C THR BA 135 91.68 37.06 33.08
N VAL BA 136 90.39 36.78 33.16
CA VAL BA 136 89.34 37.79 33.10
C VAL BA 136 88.94 38.10 34.53
N ASP BA 137 89.25 39.31 34.99
CA ASP BA 137 88.83 39.78 36.30
C ASP BA 137 87.70 40.78 36.10
N VAL BA 138 86.51 40.43 36.57
CA VAL BA 138 85.30 41.17 36.24
C VAL BA 138 84.89 42.02 37.44
N SER BA 139 84.83 43.34 37.23
CA SER BA 139 84.37 44.26 38.26
C SER BA 139 82.87 44.42 38.16
N VAL BA 140 82.16 44.12 39.25
CA VAL BA 140 80.70 44.19 39.28
C VAL BA 140 80.29 45.39 40.11
N ALA BA 141 79.41 46.22 39.54
CA ALA BA 141 78.97 47.43 40.21
C ALA BA 141 77.89 47.10 41.24
N VAL BA 142 78.08 47.57 42.47
CA VAL BA 142 77.14 47.38 43.56
C VAL BA 142 76.62 48.75 43.98
N ALA BA 143 75.29 48.89 44.03
CA ALA BA 143 74.66 50.17 44.35
C ALA BA 143 74.46 50.24 45.87
N THR BA 144 75.30 51.03 46.52
CA THR BA 144 75.24 51.34 47.94
C THR BA 144 74.69 52.76 48.15
N PRO BA 145 74.12 53.06 49.32
CA PRO BA 145 73.64 54.44 49.56
C PRO BA 145 74.74 55.48 49.62
N ASN BA 146 76.00 55.08 49.76
CA ASN BA 146 77.15 55.95 49.60
C ASN BA 146 77.69 55.95 48.17
N GLY BA 147 76.85 55.66 47.19
CA GLY BA 147 77.26 55.82 45.80
C GLY BA 147 77.48 54.53 45.03
N LEU BA 148 78.70 54.30 44.56
CA LEU BA 148 79.00 53.17 43.69
C LEU BA 148 80.35 52.59 44.06
N ILE BA 149 80.42 51.26 44.07
CA ILE BA 149 81.67 50.54 44.29
C ILE BA 149 81.69 49.37 43.32
N THR BA 150 82.90 48.94 42.94
CA THR BA 150 83.09 47.85 41.98
C THR BA 150 84.03 46.79 42.57
N PRO BA 151 83.51 45.85 43.35
CA PRO BA 151 84.32 44.71 43.75
C PRO BA 151 84.57 43.77 42.58
N ILE BA 152 85.69 43.06 42.64
CA ILE BA 152 86.22 42.30 41.51
C ILE BA 152 86.09 40.80 41.80
N VAL BA 153 85.57 40.07 40.83
CA VAL BA 153 85.61 38.61 40.82
C VAL BA 153 86.82 38.22 40.00
N LYS BA 154 87.76 37.54 40.65
CA LYS BA 154 89.04 37.20 40.03
C LYS BA 154 88.99 35.80 39.43
N GLY BA 155 89.59 35.65 38.25
CA GLY BA 155 89.67 34.38 37.57
C GLY BA 155 88.32 33.82 37.14
N VAL BA 156 87.63 34.54 36.27
CA VAL BA 156 86.26 34.21 35.93
C VAL BA 156 86.19 32.97 35.06
N GLU BA 157 87.04 32.88 34.04
CA GLU BA 157 87.03 31.70 33.18
C GLU BA 157 87.62 30.52 33.95
N GLY BA 158 86.96 29.37 33.84
CA GLY BA 158 87.30 28.20 34.63
C GLY BA 158 87.10 28.38 36.12
N LYS BA 159 85.94 28.87 36.53
CA LYS BA 159 85.68 29.07 37.96
C LYS BA 159 84.44 28.33 38.45
N GLY BA 160 83.37 28.34 37.69
CA GLY BA 160 82.15 27.70 38.13
C GLY BA 160 81.08 28.71 38.52
N LEU BA 161 79.83 28.38 38.18
CA LEU BA 161 78.72 29.30 38.37
C LEU BA 161 78.37 29.44 39.85
N GLU BA 162 78.51 28.37 40.62
CA GLU BA 162 78.24 28.45 42.06
C GLU BA 162 79.31 29.27 42.77
N SER BA 163 80.57 29.14 42.33
CA SER BA 163 81.63 29.96 42.88
C SER BA 163 81.46 31.43 42.53
N ILE BA 164 81.00 31.69 41.31
CA ILE BA 164 80.74 33.08 40.88
C ILE BA 164 79.59 33.68 41.68
N SER BA 165 78.52 32.89 41.89
CA SER BA 165 77.37 33.36 42.67
C SER BA 165 77.75 33.61 44.13
N ALA BA 166 78.57 32.73 44.70
CA ALA BA 166 79.03 32.89 46.07
C ALA BA 166 79.90 34.13 46.22
N ALA BA 167 80.83 34.35 45.28
CA ALA BA 167 81.71 35.50 45.36
C ALA BA 167 80.95 36.81 45.15
N VAL BA 168 79.97 36.81 44.25
CA VAL BA 168 79.16 38.00 44.01
C VAL BA 168 78.30 38.32 45.23
N LYS BA 169 77.74 37.29 45.89
CA LYS BA 169 76.93 37.53 47.09
C LYS BA 169 77.79 38.02 48.26
N GLU BA 170 78.97 37.41 48.44
CA GLU BA 170 79.93 37.86 49.46
C GLU BA 170 80.33 39.32 49.26
N LEU BA 171 80.72 39.68 48.03
CA LEU BA 171 81.19 41.04 47.76
C LEU BA 171 80.05 42.05 47.84
N ALA BA 172 78.84 41.65 47.45
CA ALA BA 172 77.71 42.57 47.52
C ALA BA 172 77.29 42.84 48.96
N LYS BA 173 77.24 41.80 49.81
CA LYS BA 173 76.85 42.02 51.19
C LYS BA 173 77.95 42.75 51.95
N LYS BA 174 79.22 42.54 51.57
CA LYS BA 174 80.29 43.30 52.19
C LYS BA 174 80.34 44.73 51.67
N ALA BA 175 79.83 44.98 50.46
CA ALA BA 175 79.73 46.34 49.98
C ALA BA 175 78.59 47.07 50.68
N ARG BA 176 77.51 46.35 51.01
CA ARG BA 176 76.44 46.97 51.78
C ARG BA 176 76.85 47.23 53.22
N ASP BA 177 77.70 46.38 53.79
CA ASP BA 177 78.23 46.64 55.13
C ASP BA 177 79.44 47.56 55.15
N GLY BA 178 80.06 47.83 54.01
CA GLY BA 178 81.18 48.75 53.91
C GLY BA 178 82.45 48.23 54.55
N LYS BA 179 82.86 47.02 54.19
CA LYS BA 179 83.98 46.34 54.85
C LYS BA 179 84.96 45.79 53.83
N LEU BA 180 85.43 46.62 52.90
CA LEU BA 180 86.29 46.19 51.81
C LEU BA 180 87.72 46.65 52.01
N LYS BA 181 88.65 45.88 51.46
CA LYS BA 181 90.06 46.15 51.26
C LYS BA 181 90.26 46.81 49.90
N PRO BA 182 91.27 47.68 49.75
CA PRO BA 182 91.48 48.34 48.44
C PRO BA 182 91.88 47.39 47.32
N GLU BA 183 92.47 46.24 47.66
CA GLU BA 183 92.78 45.23 46.66
C GLU BA 183 91.55 44.49 46.16
N GLU BA 184 90.39 44.67 46.81
CA GLU BA 184 89.17 44.04 46.35
C GLU BA 184 88.37 44.90 45.38
N TYR BA 185 88.67 46.20 45.29
CA TYR BA 185 87.95 47.05 44.34
C TYR BA 185 88.91 47.94 43.54
N GLN BA 186 90.21 47.65 43.59
CA GLN BA 186 91.19 48.38 42.79
C GLN BA 186 91.88 47.39 41.86
N GLY BA 187 91.54 47.45 40.58
CA GLY BA 187 92.09 46.55 39.59
C GLY BA 187 91.08 46.15 38.54
N GLY BA 188 91.08 44.88 38.15
CA GLY BA 188 90.13 44.40 37.18
C GLY BA 188 90.51 44.67 35.74
N SER BA 189 90.00 43.86 34.82
CA SER BA 189 90.27 44.05 33.39
C SER BA 189 89.04 44.44 32.59
N ILE BA 190 87.83 44.19 33.11
CA ILE BA 190 86.60 44.54 32.43
C ILE BA 190 85.51 44.71 33.49
N SER BA 191 84.49 45.50 33.17
CA SER BA 191 83.44 45.87 34.11
C SER BA 191 82.07 45.49 33.53
N ILE BA 192 81.07 45.53 34.40
CA ILE BA 192 79.68 45.30 34.00
C ILE BA 192 78.77 46.07 34.94
N SER BA 193 77.80 46.78 34.35
CA SER BA 193 76.80 47.52 35.10
C SER BA 193 75.44 46.87 34.86
N ASN BA 194 74.74 46.56 35.94
CA ASN BA 194 73.51 45.79 35.90
C ASN BA 194 72.34 46.64 36.36
N MET BA 195 71.29 46.71 35.55
CA MET BA 195 70.08 47.45 35.90
C MET BA 195 68.83 46.65 35.56
N GLY BA 196 68.85 45.35 35.84
CA GLY BA 196 67.69 44.52 35.56
C GLY BA 196 66.60 44.60 36.60
N MET BA 197 66.92 45.12 37.79
CA MET BA 197 65.89 45.24 38.83
C MET BA 197 64.93 46.39 38.54
N ASN BA 198 65.37 47.36 37.74
CA ASN BA 198 64.51 48.45 37.31
C ASN BA 198 63.89 48.09 35.96
N PRO BA 199 62.58 47.88 35.90
CA PRO BA 199 61.96 47.50 34.62
C PRO BA 199 61.78 48.64 33.64
N ALA BA 200 62.07 49.87 34.05
CA ALA BA 200 61.90 51.00 33.14
C ALA BA 200 63.09 51.16 32.20
N VAL BA 201 64.29 50.77 32.65
CA VAL BA 201 65.51 51.01 31.87
C VAL BA 201 65.56 50.00 30.74
N GLN BA 202 65.18 50.44 29.53
CA GLN BA 202 65.31 49.58 28.36
C GLN BA 202 66.76 49.49 27.91
N SER BA 203 67.48 50.61 27.95
CA SER BA 203 68.86 50.67 27.50
C SER BA 203 69.54 51.83 28.19
N PHE BA 204 70.83 51.66 28.48
CA PHE BA 204 71.63 52.74 29.03
C PHE BA 204 73.08 52.50 28.69
N THR BA 205 73.87 53.57 28.76
CA THR BA 205 75.31 53.53 28.54
C THR BA 205 76.02 53.77 29.88
N ALA BA 206 77.28 53.36 29.92
CA ALA BA 206 78.09 53.52 31.12
C ALA BA 206 79.42 54.15 30.74
N ILE BA 207 80.11 54.67 31.75
CA ILE BA 207 81.42 55.28 31.58
C ILE BA 207 82.48 54.27 31.98
N ILE BA 208 83.52 54.14 31.15
CA ILE BA 208 84.56 53.16 31.37
C ILE BA 208 85.42 53.55 32.56
N ASN BA 209 85.55 52.63 33.52
CA ASN BA 209 86.44 52.87 34.66
C ASN BA 209 87.88 52.76 34.21
N PRO BA 210 88.70 53.79 34.41
CA PRO BA 210 90.10 53.71 34.01
C PRO BA 210 90.87 52.82 34.95
N PRO BA 211 91.90 52.12 34.46
CA PRO BA 211 92.41 52.12 33.09
C PRO BA 211 91.89 50.97 32.22
N GLN BA 212 90.66 50.52 32.44
CA GLN BA 212 90.13 49.42 31.66
C GLN BA 212 89.74 49.90 30.25
N ALA BA 213 89.40 48.94 29.39
CA ALA BA 213 89.15 49.24 27.99
C ALA BA 213 87.68 49.11 27.58
N ALA BA 214 86.86 48.42 28.36
CA ALA BA 214 85.47 48.23 27.97
C ALA BA 214 84.60 48.16 29.22
N ILE BA 215 83.31 48.43 29.03
CA ILE BA 215 82.33 48.27 30.10
C ILE BA 215 81.01 47.79 29.48
N LEU BA 216 80.31 46.91 30.19
CA LEU BA 216 79.05 46.38 29.72
C LEU BA 216 77.91 47.07 30.45
N ALA BA 217 76.74 47.14 29.81
CA ALA BA 217 75.54 47.73 30.40
C ALA BA 217 74.35 46.90 29.96
N VAL BA 218 73.57 46.41 30.93
CA VAL BA 218 72.52 45.43 30.68
C VAL BA 218 71.18 46.03 31.09
N GLY BA 219 70.24 46.09 30.13
CA GLY BA 219 68.93 46.68 30.40
C GLY BA 219 67.91 45.64 30.81
N ALA BA 220 66.73 46.14 31.18
CA ALA BA 220 65.65 45.29 31.63
C ALA BA 220 65.12 44.44 30.49
N PRO BA 221 64.72 43.20 30.78
CA PRO BA 221 64.14 42.35 29.72
C PRO BA 221 62.74 42.80 29.35
N GLN BA 222 62.41 42.64 28.08
CA GLN BA 222 61.11 42.98 27.52
C GLN BA 222 60.66 41.92 26.53
N LYS BA 223 59.36 41.86 26.26
CA LYS BA 223 58.81 40.91 25.29
C LYS BA 223 58.84 41.52 23.90
N VAL BA 224 59.53 40.86 22.98
CA VAL BA 224 59.65 41.31 21.60
C VAL BA 224 59.05 40.25 20.69
N ALA BA 225 58.24 40.69 19.73
CA ALA BA 225 57.63 39.78 18.76
C ALA BA 225 58.67 39.25 17.80
N VAL BA 226 58.76 37.92 17.71
CA VAL BA 226 59.75 37.23 16.89
C VAL BA 226 59.03 36.23 15.99
N PRO BA 227 59.32 36.20 14.68
CA PRO BA 227 58.59 35.30 13.79
C PRO BA 227 58.96 33.84 14.01
N VAL BA 228 57.99 32.96 13.74
CA VAL BA 228 58.16 31.53 13.91
C VAL BA 228 57.39 30.81 12.80
N GLU BA 229 57.97 29.73 12.30
CA GLU BA 229 57.27 28.86 11.37
C GLU BA 229 56.50 27.83 12.17
N ASN BA 230 55.28 27.55 11.75
CA ASN BA 230 54.58 26.38 12.25
C ASN BA 230 54.98 25.18 11.39
N GLU BA 231 54.31 24.05 11.56
CA GLU BA 231 54.60 22.87 10.74
C GLU BA 231 53.93 22.94 9.36
N ASP BA 232 53.25 24.04 9.04
CA ASP BA 232 52.83 24.35 7.69
C ASP BA 232 53.59 25.57 7.19
N GLY BA 233 53.24 26.04 5.99
CA GLY BA 233 54.05 27.04 5.29
C GLY BA 233 53.98 28.45 5.86
N THR BA 234 52.96 28.77 6.64
CA THR BA 234 52.76 30.16 7.04
C THR BA 234 53.66 30.53 8.21
N THR BA 235 53.85 31.83 8.41
CA THR BA 235 54.61 32.35 9.54
C THR BA 235 53.68 32.73 10.69
N GLY BA 236 54.27 32.87 11.88
CA GLY BA 236 53.50 33.16 13.07
C GLY BA 236 54.16 34.24 13.92
N VAL BA 237 53.56 34.48 15.08
CA VAL BA 237 54.09 35.43 16.05
C VAL BA 237 54.43 34.66 17.32
N SER BA 238 55.71 34.68 17.68
CA SER BA 238 56.17 34.15 18.95
C SER BA 238 56.72 35.30 19.79
N TRP BA 239 56.62 35.16 21.10
CA TRP BA 239 57.03 36.20 22.03
C TRP BA 239 58.33 35.77 22.70
N ASP BA 240 59.40 36.52 22.44
CA ASP BA 240 60.74 36.20 22.91
C ASP BA 240 61.16 37.21 23.97
N GLU BA 241 61.87 36.73 25.00
CA GLU BA 241 62.39 37.58 26.05
C GLU BA 241 63.75 38.12 25.59
N GLN BA 242 63.83 39.41 25.33
CA GLN BA 242 65.07 40.02 24.84
C GLN BA 242 65.61 41.03 25.85
N ILE BA 243 66.93 41.17 25.86
CA ILE BA 243 67.63 42.08 26.76
C ILE BA 243 68.56 42.93 25.90
N ILE BA 244 68.46 44.25 26.04
CA ILE BA 244 69.32 45.17 25.30
C ILE BA 244 70.62 45.33 26.08
N VAL BA 245 71.73 45.00 25.41
CA VAL BA 245 73.07 45.04 26.00
C VAL BA 245 73.90 46.04 25.22
N THR BA 246 74.43 47.04 25.91
CA THR BA 246 75.26 48.08 25.30
C THR BA 246 76.67 47.97 25.87
N ALA BA 247 77.65 47.79 25.00
CA ALA BA 247 79.05 47.70 25.40
C ALA BA 247 79.78 48.96 24.94
N SER BA 248 80.39 49.67 25.88
CA SER BA 248 81.14 50.88 25.59
C SER BA 248 82.62 50.52 25.55
N PHE BA 249 83.26 50.81 24.42
CA PHE BA 249 84.66 50.51 24.19
C PHE BA 249 85.47 51.79 24.06
N ASP BA 250 86.77 51.66 24.36
CA ASP BA 250 87.75 52.71 24.15
C ASP BA 250 88.40 52.49 22.79
N HIS BA 251 88.43 53.55 21.96
CA HIS BA 251 88.86 53.39 20.58
C HIS BA 251 90.38 53.38 20.44
N LYS BA 252 91.12 53.68 21.50
CA LYS BA 252 92.58 53.60 21.43
C LYS BA 252 93.05 52.15 21.43
N VAL BA 253 92.29 51.26 22.06
CA VAL BA 253 92.65 49.85 22.17
C VAL BA 253 91.79 48.97 21.27
N VAL BA 254 90.47 49.16 21.31
CA VAL BA 254 89.53 48.30 20.61
C VAL BA 254 88.95 49.07 19.43
N ASP BA 255 89.01 48.48 18.24
CA ASP BA 255 88.33 49.03 17.09
C ASP BA 255 86.91 48.49 16.98
N GLY BA 256 86.19 48.98 15.97
CA GLY BA 256 84.80 48.61 15.82
C GLY BA 256 84.60 47.16 15.42
N ALA BA 257 85.49 46.64 14.58
CA ALA BA 257 85.41 45.24 14.18
C ALA BA 257 85.74 44.31 15.34
N VAL BA 258 86.69 44.70 16.19
CA VAL BA 258 87.03 43.89 17.37
C VAL BA 258 85.88 43.92 18.37
N GLY BA 259 85.26 45.08 18.56
CA GLY BA 259 84.10 45.16 19.43
C GLY BA 259 82.91 44.39 18.90
N ALA BA 260 82.75 44.37 17.58
CA ALA BA 260 81.67 43.61 16.96
C ALA BA 260 81.91 42.11 17.08
N GLU BA 261 83.17 41.67 16.96
CA GLU BA 261 83.49 40.25 17.18
C GLU BA 261 83.27 39.85 18.64
N TRP BA 262 83.64 40.72 19.58
CA TRP BA 262 83.38 40.45 21.00
C TRP BA 262 81.89 40.36 21.29
N ILE BA 263 81.10 41.27 20.72
CA ILE BA 263 79.66 41.26 20.89
C ILE BA 263 79.04 40.03 20.25
N ARG BA 264 79.58 39.59 19.10
CA ARG BA 264 79.06 38.40 18.42
C ARG BA 264 79.35 37.13 19.22
N GLU BA 265 80.55 37.03 19.79
CA GLU BA 265 80.87 35.86 20.60
C GLU BA 265 80.07 35.85 21.90
N LEU BA 266 79.84 37.02 22.50
CA LEU BA 266 79.00 37.09 23.70
C LEU BA 266 77.56 36.71 23.39
N LYS BA 267 77.04 37.17 22.24
CA LYS BA 267 75.69 36.80 21.83
C LYS BA 267 75.57 35.32 21.50
N LYS BA 268 76.62 34.73 20.93
CA LYS BA 268 76.62 33.30 20.64
C LYS BA 268 76.59 32.48 21.92
N VAL BA 269 77.45 32.83 22.89
CA VAL BA 269 77.50 32.09 24.15
C VAL BA 269 76.22 32.30 24.97
N ILE BA 270 75.58 33.46 24.86
CA ILE BA 270 74.34 33.70 25.60
C ILE BA 270 73.18 32.95 24.95
N GLU BA 271 73.02 33.06 23.62
CA GLU BA 271 71.88 32.46 22.95
C GLU BA 271 72.04 30.95 22.75
N ASN BA 272 73.24 30.40 22.96
CA ASN BA 272 73.44 28.95 23.02
C ASN BA 272 74.04 28.66 24.39
N PRO BA 273 73.19 28.38 25.39
CA PRO BA 273 73.69 28.27 26.77
C PRO BA 273 74.49 27.00 27.04
N LEU BA 274 74.46 26.02 26.14
CA LEU BA 274 75.30 24.84 26.31
C LEU BA 274 76.76 25.10 25.99
N GLU BA 275 77.08 26.26 25.38
CA GLU BA 275 78.45 26.60 25.08
C GLU BA 275 79.20 27.16 26.29
N LEU BA 276 78.52 27.32 27.43
CA LEU BA 276 79.20 27.72 28.66
C LEU BA 276 80.04 26.59 29.25
N LEU BA 277 79.79 25.35 28.83
CA LEU BA 277 80.63 24.22 29.22
C LEU BA 277 82.02 24.34 28.59
N LEU BA 278 82.07 24.69 27.32
CA LEU BA 278 83.33 24.82 26.59
C LEU BA 278 84.00 26.14 26.92
N TYR CA 47 15.90 73.30 85.45
CA TYR CA 47 16.24 72.34 86.50
C TYR CA 47 17.75 72.31 86.70
N THR CA 48 18.45 71.61 85.82
CA THR CA 48 19.91 71.59 85.85
C THR CA 48 20.45 72.80 85.10
N ASP CA 49 21.27 73.59 85.77
CA ASP CA 49 21.68 74.93 85.37
C ASP CA 49 23.19 75.04 85.36
N VAL CA 50 23.86 74.14 84.63
CA VAL CA 50 25.30 74.23 84.38
C VAL CA 50 25.59 75.54 83.66
N PRO CA 51 26.66 76.25 84.03
CA PRO CA 51 26.92 77.55 83.44
C PRO CA 51 27.63 77.44 82.09
N ILE CA 52 27.64 78.57 81.37
CA ILE CA 52 28.33 78.65 80.09
C ILE CA 52 29.84 78.62 80.34
N SER CA 53 30.58 77.96 79.44
CA SER CA 53 32.01 77.77 79.64
C SER CA 53 32.79 79.07 79.52
N GLY CA 54 32.24 80.08 78.86
CA GLY CA 54 32.96 81.32 78.65
C GLY CA 54 33.62 81.34 77.28
N MET CA 55 34.15 80.18 76.87
CA MET CA 55 34.61 80.01 75.50
C MET CA 55 33.46 80.03 74.51
N ARG CA 56 32.30 79.50 74.90
CA ARG CA 56 31.09 79.55 74.07
C ARG CA 56 30.57 80.96 73.87
N LYS CA 57 30.86 81.88 74.81
CA LYS CA 57 30.34 83.24 74.72
C LYS CA 57 30.98 83.99 73.55
N THR CA 58 32.27 83.75 73.31
CA THR CA 58 32.95 84.39 72.19
C THR CA 58 32.43 83.86 70.85
N ILE CA 59 32.17 82.55 70.76
CA ILE CA 59 31.63 82.00 69.52
C ILE CA 59 30.20 82.46 69.29
N ALA CA 60 29.43 82.63 70.38
CA ALA CA 60 28.08 83.15 70.26
C ALA CA 60 28.07 84.60 69.79
N ALA CA 61 28.97 85.41 70.33
CA ALA CA 61 29.10 86.80 69.88
C ALA CA 61 29.60 86.88 68.44
N ARG CA 62 30.48 85.94 68.05
CA ARG CA 62 30.99 85.94 66.68
C ARG CA 62 29.91 85.55 65.68
N LEU CA 63 29.10 84.54 66.01
CA LEU CA 63 27.99 84.16 65.15
C LEU CA 63 26.92 85.24 65.11
N LYS CA 64 26.75 85.98 66.23
CA LYS CA 64 25.87 87.14 66.24
C LYS CA 64 26.38 88.22 65.29
N GLU CA 65 27.69 88.51 65.31
CA GLU CA 65 28.29 89.46 64.37
C GLU CA 65 28.09 89.02 62.93
N SER CA 66 28.24 87.72 62.68
CA SER CA 66 28.08 87.18 61.34
C SER CA 66 26.66 87.35 60.81
N VAL CA 67 25.66 87.00 61.63
CA VAL CA 67 24.28 87.08 61.16
C VAL CA 67 23.77 88.51 61.18
N THR CA 68 24.42 89.41 61.93
CA THR CA 68 23.90 90.78 61.96
C THR CA 68 24.61 91.70 60.98
N GLU CA 69 25.79 91.30 60.48
CA GLU CA 69 26.49 92.18 59.55
C GLU CA 69 26.54 91.56 58.16
N ASN CA 70 26.29 90.26 58.05
CA ASN CA 70 26.29 89.58 56.77
C ASN CA 70 24.88 89.18 56.40
N PRO CA 71 24.23 89.85 55.43
CA PRO CA 71 22.95 89.34 54.93
C PRO CA 71 23.15 88.10 54.07
N HIS CA 72 22.86 86.93 54.63
CA HIS CA 72 23.13 85.67 53.95
C HIS CA 72 22.07 85.38 52.91
N PHE CA 73 22.50 84.70 51.85
CA PHE CA 73 21.55 84.06 50.94
C PHE CA 73 22.15 82.75 50.46
N PHE CA 74 21.31 81.73 50.34
CA PHE CA 74 21.75 80.37 50.06
C PHE CA 74 21.48 80.03 48.60
N VAL CA 75 22.40 79.27 48.01
CA VAL CA 75 22.25 78.72 46.67
C VAL CA 75 22.49 77.22 46.77
N SER CA 76 21.49 76.43 46.39
CA SER CA 76 21.57 74.97 46.50
C SER CA 76 21.73 74.34 45.13
N THR CA 77 22.42 73.21 45.10
CA THR CA 77 22.63 72.45 43.88
C THR CA 77 22.78 70.97 44.23
N ASN CA 78 22.71 70.13 43.22
CA ASN CA 78 22.92 68.70 43.37
C ASN CA 78 24.07 68.28 42.48
N LEU CA 79 25.17 67.84 43.08
CA LEU CA 79 26.35 67.39 42.36
C LEU CA 79 26.28 65.89 42.18
N SER CA 80 26.51 65.43 40.95
CA SER CA 80 26.61 64.00 40.67
C SER CA 80 28.05 63.55 40.89
N VAL CA 81 28.25 62.57 41.76
CA VAL CA 81 29.57 62.13 42.18
C VAL CA 81 29.83 60.69 41.76
N SER CA 82 29.08 60.17 40.79
CA SER CA 82 29.25 58.79 40.36
C SER CA 82 30.56 58.58 39.61
N LYS CA 83 31.07 59.62 38.95
CA LYS CA 83 32.38 59.54 38.32
C LYS CA 83 33.49 59.91 39.29
N LEU CA 84 33.19 60.79 40.25
CA LEU CA 84 34.17 61.16 41.26
C LEU CA 84 34.50 59.98 42.18
N LEU CA 85 33.50 59.17 42.50
CA LEU CA 85 33.74 57.98 43.31
C LEU CA 85 34.54 56.93 42.54
N LYS CA 86 34.32 56.82 41.23
CA LYS CA 86 35.11 55.90 40.41
C LYS CA 86 36.56 56.35 40.31
N LEU CA 87 36.78 57.67 40.16
CA LEU CA 87 38.14 58.20 40.13
C LEU CA 87 38.84 58.02 41.47
N ARG CA 88 38.11 58.21 42.57
CA ARG CA 88 38.69 58.00 43.90
C ARG CA 88 39.01 56.53 44.14
N GLN CA 89 38.15 55.63 43.65
CA GLN CA 89 38.39 54.20 43.80
C GLN CA 89 39.62 53.76 43.01
N ALA CA 90 39.78 54.30 41.79
CA ALA CA 90 40.94 53.97 40.97
C ALA CA 90 42.22 54.52 41.58
N LEU CA 91 42.18 55.76 42.08
CA LEU CA 91 43.39 56.36 42.66
C LEU CA 91 43.74 55.71 44.00
N ASN CA 92 42.75 55.18 44.71
CA ASN CA 92 43.05 54.47 45.95
C ASN CA 92 43.54 53.06 45.68
N SER CA 93 43.03 52.42 44.63
CA SER CA 93 43.47 51.06 44.32
C SER CA 93 44.86 51.05 43.71
N SER CA 94 45.25 52.12 43.00
CA SER CA 94 46.59 52.22 42.44
C SER CA 94 47.55 52.88 43.44
N ALA CA 95 47.72 52.21 44.59
CA ALA CA 95 48.60 52.72 45.63
C ALA CA 95 49.11 51.54 46.46
N ASP CA 96 50.13 51.83 47.26
CA ASP CA 96 50.72 50.84 48.15
C ASP CA 96 50.56 51.26 49.61
N GLY CA 97 49.45 51.91 49.93
CA GLY CA 97 49.28 52.47 51.26
C GLY CA 97 49.97 53.80 51.48
N ARG CA 98 50.38 54.49 50.41
CA ARG CA 98 51.02 55.78 50.56
C ARG CA 98 50.02 56.88 50.91
N TYR CA 99 48.79 56.75 50.43
CA TYR CA 99 47.78 57.78 50.64
C TYR CA 99 46.41 57.12 50.72
N LYS CA 100 45.43 57.92 51.14
CA LYS CA 100 44.03 57.50 51.17
C LYS CA 100 43.18 58.71 50.85
N LEU CA 101 42.44 58.65 49.73
CA LEU CA 101 41.70 59.79 49.23
C LEU CA 101 40.25 59.74 49.70
N SER CA 102 39.68 60.92 49.92
CA SER CA 102 38.28 61.08 50.31
C SER CA 102 37.61 62.07 49.37
N VAL CA 103 36.30 62.24 49.56
CA VAL CA 103 35.52 63.15 48.72
C VAL CA 103 35.86 64.60 49.07
N ASN CA 104 36.29 64.85 50.30
CA ASN CA 104 36.60 66.20 50.74
C ASN CA 104 37.83 66.76 50.03
N ASP CA 105 38.75 65.89 49.60
CA ASP CA 105 39.91 66.33 48.84
C ASP CA 105 39.51 66.88 47.47
N PHE CA 106 38.64 66.14 46.76
CA PHE CA 106 38.13 66.60 45.48
C PHE CA 106 37.29 67.86 45.66
N LEU CA 107 36.54 67.95 46.77
CA LEU CA 107 35.73 69.13 47.01
C LEU CA 107 36.58 70.36 47.29
N ILE CA 108 37.67 70.20 48.04
CA ILE CA 108 38.55 71.32 48.35
C ILE CA 108 39.30 71.77 47.09
N LYS CA 109 39.73 70.82 46.26
CA LYS CA 109 40.39 71.17 45.00
C LYS CA 109 39.42 71.86 44.03
N ALA CA 110 38.17 71.39 43.98
CA ALA CA 110 37.18 72.02 43.11
C ALA CA 110 36.79 73.40 43.62
N MET CA 111 36.79 73.59 44.94
CA MET CA 111 36.56 74.91 45.51
C MET CA 111 37.68 75.87 45.16
N GLY CA 112 38.93 75.37 45.16
CA GLY CA 112 40.05 76.20 44.75
C GLY CA 112 39.98 76.60 43.28
N ILE CA 113 39.60 75.64 42.43
CA ILE CA 113 39.47 75.91 40.99
C ILE CA 113 38.34 76.91 40.73
N ALA CA 114 37.20 76.74 41.42
CA ALA CA 114 36.07 77.64 41.23
C ALA CA 114 36.34 79.03 41.78
N SER CA 115 37.06 79.13 42.91
CA SER CA 115 37.41 80.44 43.44
C SER CA 115 38.49 81.13 42.62
N LYS CA 116 39.33 80.37 41.92
CA LYS CA 116 40.26 80.99 40.98
C LYS CA 116 39.55 81.45 39.72
N ARG CA 117 38.54 80.72 39.26
CA ARG CA 117 37.80 81.15 38.07
C ARG CA 117 36.87 82.32 38.35
N VAL CA 118 36.21 82.34 39.51
CA VAL CA 118 35.38 83.47 39.90
C VAL CA 118 36.03 84.14 41.13
N PRO CA 119 36.87 85.15 40.94
CA PRO CA 119 37.62 85.71 42.08
C PRO CA 119 36.80 86.66 42.95
N THR CA 120 35.55 86.95 42.60
CA THR CA 120 34.74 87.84 43.43
C THR CA 120 34.30 87.17 44.72
N VAL CA 121 34.11 85.84 44.69
CA VAL CA 121 33.73 85.11 45.89
C VAL CA 121 34.90 85.02 46.86
N ASN CA 122 36.13 85.00 46.35
CA ASN CA 122 37.33 84.93 47.19
C ASN CA 122 37.70 86.34 47.63
N SER CA 123 36.90 86.88 48.56
CA SER CA 123 37.09 88.26 49.03
C SER CA 123 36.61 88.36 50.47
N SER CA 124 36.54 89.58 50.97
CA SER CA 124 36.13 89.88 52.34
C SER CA 124 35.45 91.24 52.36
N TRP CA 125 35.34 91.83 53.55
CA TRP CA 125 34.73 93.14 53.72
C TRP CA 125 35.48 93.88 54.82
N ARG CA 126 36.14 94.98 54.44
CA ARG CA 126 37.09 95.67 55.31
C ARG CA 126 36.73 97.15 55.42
N ASP CA 127 37.64 97.97 55.93
CA ASP CA 127 37.37 99.39 56.20
C ASP CA 127 37.21 100.14 54.89
N GLY CA 128 35.96 100.21 54.41
CA GLY CA 128 35.64 100.90 53.18
C GLY CA 128 36.25 100.29 51.93
N VAL CA 129 36.62 99.01 51.97
CA VAL CA 129 37.45 98.42 50.95
C VAL CA 129 37.21 96.91 50.91
N ILE CA 130 37.32 96.34 49.71
CA ILE CA 130 37.16 94.91 49.48
C ILE CA 130 38.56 94.32 49.35
N ARG CA 131 38.89 93.36 50.21
CA ARG CA 131 40.20 92.73 50.15
C ARG CA 131 40.11 91.43 49.35
N GLN CA 132 40.79 91.40 48.21
CA GLN CA 132 40.73 90.29 47.27
C GLN CA 132 42.08 89.58 47.26
N PHE CA 133 42.07 88.27 47.55
CA PHE CA 133 43.26 87.46 47.61
C PHE CA 133 43.50 86.76 46.27
N GLU CA 134 44.73 86.27 46.09
CA GLU CA 134 45.07 85.42 44.94
C GLU CA 134 44.88 83.95 45.24
N THR CA 135 45.51 83.45 46.30
CA THR CA 135 45.45 82.03 46.64
C THR CA 135 44.17 81.72 47.39
N VAL CA 136 43.74 80.46 47.28
CA VAL CA 136 42.54 79.97 47.96
C VAL CA 136 43.01 79.26 49.22
N ASP CA 137 42.71 79.84 50.38
CA ASP CA 137 42.99 79.21 51.67
C ASP CA 137 41.67 78.69 52.23
N VAL CA 138 41.56 77.37 52.36
CA VAL CA 138 40.29 76.73 52.66
C VAL CA 138 40.28 76.30 54.12
N SER CA 139 39.32 76.82 54.88
CA SER CA 139 39.14 76.44 56.28
C SER CA 139 38.22 75.23 56.35
N VAL CA 140 38.69 74.15 56.95
CA VAL CA 140 37.93 72.90 57.05
C VAL CA 140 37.47 72.73 58.49
N ALA CA 141 36.17 72.49 58.67
CA ALA CA 141 35.62 72.35 60.01
C ALA CA 141 35.88 70.95 60.55
N VAL CA 142 36.44 70.88 61.75
CA VAL CA 142 36.72 69.62 62.43
C VAL CA 142 35.88 69.55 63.69
N ALA CA 143 35.14 68.46 63.85
CA ALA CA 143 34.23 68.29 64.99
C ALA CA 143 34.98 67.64 66.14
N THR CA 144 35.32 68.43 67.14
CA THR CA 144 35.97 68.02 68.38
C THR CA 144 34.95 68.02 69.52
N PRO CA 145 35.17 67.25 70.59
CA PRO CA 145 34.22 67.27 71.73
C PRO CA 145 34.17 68.62 72.46
N ASN CA 146 35.16 69.49 72.25
CA ASN CA 146 35.11 70.87 72.72
C ASN CA 146 34.53 71.82 71.68
N GLY CA 147 33.69 71.32 70.78
CA GLY CA 147 32.97 72.20 69.87
C GLY CA 147 33.41 72.15 68.42
N LEU CA 148 33.89 73.28 67.91
CA LEU CA 148 34.20 73.39 66.49
C LEU CA 148 35.48 74.20 66.32
N ILE CA 149 36.33 73.75 65.40
CA ILE CA 149 37.55 74.47 65.04
C ILE CA 149 37.70 74.37 63.52
N THR CA 150 38.35 75.37 62.92
CA THR CA 150 38.54 75.45 61.47
C THR CA 150 40.01 75.65 61.15
N PRO CA 151 40.79 74.57 61.08
CA PRO CA 151 42.16 74.70 60.55
C PRO CA 151 42.15 74.95 59.05
N ILE CA 152 43.19 75.62 58.58
CA ILE CA 152 43.26 76.16 57.23
C ILE CA 152 44.27 75.39 56.41
N VAL CA 153 43.87 74.97 55.22
CA VAL CA 153 44.77 74.46 54.19
C VAL CA 153 45.15 75.63 53.30
N LYS CA 154 46.43 75.96 53.28
CA LYS CA 154 46.93 77.13 52.56
C LYS CA 154 47.39 76.75 51.17
N GLY CA 155 47.08 77.62 50.19
CA GLY CA 155 47.49 77.42 48.82
C GLY CA 155 46.89 76.20 48.17
N VAL CA 156 45.56 76.19 48.05
CA VAL CA 156 44.85 74.99 47.60
C VAL CA 156 45.06 74.74 46.11
N GLU CA 157 44.93 75.78 45.30
CA GLU CA 157 45.14 75.63 43.86
C GLU CA 157 46.62 75.42 43.60
N GLY CA 158 46.92 74.45 42.73
CA GLY CA 158 48.28 74.03 42.49
C GLY CA 158 48.98 73.40 43.69
N LYS CA 159 48.33 72.46 44.36
CA LYS CA 159 48.93 71.83 45.53
C LYS CA 159 49.05 70.32 45.41
N GLY CA 160 48.03 69.66 44.89
CA GLY CA 160 48.07 68.21 44.79
C GLY CA 160 47.13 67.55 45.79
N LEU CA 161 46.49 66.46 45.34
CA LEU CA 161 45.48 65.80 46.15
C LEU CA 161 46.10 65.05 47.33
N GLU CA 162 47.29 64.50 47.13
CA GLU CA 162 47.97 63.81 48.24
C GLU CA 162 48.44 64.81 49.29
N SER CA 163 48.90 65.98 48.86
CA SER CA 163 49.29 67.03 49.79
C SER CA 163 48.09 67.56 50.55
N ILE CA 164 46.94 67.69 49.87
CA ILE CA 164 45.71 68.13 50.52
C ILE CA 164 45.24 67.10 51.55
N SER CA 165 45.29 65.81 51.18
CA SER CA 165 44.89 64.75 52.09
C SER CA 165 45.80 64.68 53.31
N ALA CA 166 47.12 64.85 53.09
CA ALA CA 166 48.07 64.83 54.18
C ALA CA 166 47.85 66.01 55.13
N ALA CA 167 47.62 67.21 54.57
CA ALA CA 167 47.41 68.38 55.42
C ALA CA 167 46.10 68.30 56.18
N VAL CA 168 45.06 67.76 55.55
CA VAL CA 168 43.77 67.60 56.22
C VAL CA 168 43.88 66.57 57.35
N LYS CA 169 44.61 65.47 57.13
CA LYS CA 169 44.77 64.47 58.17
C LYS CA 169 45.61 64.99 59.34
N GLU CA 170 46.71 65.71 59.03
CA GLU CA 170 47.53 66.36 60.05
C GLU CA 170 46.72 67.33 60.90
N LEU CA 171 45.97 68.22 60.25
CA LEU CA 171 45.22 69.24 60.99
C LEU CA 171 44.06 68.63 61.76
N ALA CA 172 43.45 67.56 61.24
CA ALA CA 172 42.34 66.92 61.94
C ALA CA 172 42.83 66.17 63.19
N LYS CA 173 43.95 65.45 63.08
CA LYS CA 173 44.45 64.73 64.25
C LYS CA 173 45.03 65.70 65.28
N LYS CA 174 45.57 66.83 64.82
CA LYS CA 174 46.04 67.83 65.77
C LYS CA 174 44.88 68.60 66.38
N ALA CA 175 43.73 68.66 65.69
CA ALA CA 175 42.54 69.27 66.28
C ALA CA 175 41.94 68.34 67.33
N ARG CA 176 42.03 67.02 67.10
CA ARG CA 176 41.56 66.07 68.09
C ARG CA 176 42.48 66.03 69.31
N ASP CA 177 43.78 66.24 69.11
CA ASP CA 177 44.70 66.33 70.25
C ASP CA 177 44.77 67.72 70.87
N GLY CA 178 44.23 68.75 70.21
CA GLY CA 178 44.19 70.09 70.77
C GLY CA 178 45.54 70.78 70.84
N LYS CA 179 46.29 70.78 69.72
CA LYS CA 179 47.67 71.26 69.70
C LYS CA 179 47.88 72.24 68.56
N LEU CA 180 47.06 73.27 68.46
CA LEU CA 180 47.10 74.21 67.36
C LEU CA 180 47.68 75.56 67.78
N LYS CA 181 48.29 76.24 66.83
CA LYS CA 181 48.73 77.63 66.85
C LYS CA 181 47.61 78.52 66.31
N PRO CA 182 47.50 79.76 66.78
CA PRO CA 182 46.42 80.65 66.28
C PRO CA 182 46.54 81.01 64.81
N GLU CA 183 47.73 80.96 64.25
CA GLU CA 183 47.92 81.18 62.82
C GLU CA 183 47.45 80.00 61.97
N GLU CA 184 47.13 78.86 62.59
CA GLU CA 184 46.61 77.72 61.86
C GLU CA 184 45.10 77.70 61.78
N TYR CA 185 44.39 78.48 62.60
CA TYR CA 185 42.93 78.52 62.52
C TYR CA 185 42.39 79.94 62.53
N GLN CA 186 43.26 80.94 62.34
CA GLN CA 186 42.83 82.33 62.25
C GLN CA 186 43.24 82.86 60.86
N GLY CA 187 42.25 83.03 59.99
CA GLY CA 187 42.51 83.50 58.64
C GLY CA 187 41.59 82.83 57.63
N GLY CA 188 42.13 82.47 56.47
CA GLY CA 188 41.35 81.80 55.45
C GLY CA 188 40.52 82.73 54.60
N SER CA 189 40.19 82.29 53.39
CA SER CA 189 39.36 83.07 52.49
C SER CA 189 38.01 82.43 52.20
N ILE CA 190 37.85 81.13 52.43
CA ILE CA 190 36.60 80.43 52.20
C ILE CA 190 36.57 79.20 53.12
N SER CA 191 35.37 78.74 53.46
CA SER CA 191 35.18 77.67 54.41
C SER CA 191 34.37 76.55 53.77
N ILE CA 192 34.35 75.39 54.45
CA ILE CA 192 33.55 74.25 54.02
C ILE CA 192 33.16 73.45 55.26
N SER CA 193 31.88 73.09 55.34
CA SER CA 193 31.36 72.26 56.43
C SER CA 193 30.92 70.93 55.83
N ASN CA 194 31.41 69.83 56.41
CA ASN CA 194 31.22 68.49 55.87
C ASN CA 194 30.38 67.66 56.83
N MET CA 195 29.32 67.06 56.33
CA MET CA 195 28.45 66.19 57.10
C MET CA 195 28.09 64.93 56.34
N GLY CA 196 29.07 64.35 55.64
CA GLY CA 196 28.82 63.13 54.89
C GLY CA 196 28.83 61.87 55.72
N MET CA 197 29.39 61.92 56.94
CA MET CA 197 29.43 60.75 57.79
C MET CA 197 28.05 60.46 58.39
N ASN CA 198 27.20 61.48 58.49
CA ASN CA 198 25.83 61.31 58.95
C ASN CA 198 24.92 61.11 57.74
N PRO CA 199 24.34 59.91 57.58
CA PRO CA 199 23.49 59.67 56.40
C PRO CA 199 22.11 60.28 56.50
N ALA CA 200 21.74 60.87 57.63
CA ALA CA 200 20.42 61.47 57.76
C ALA CA 200 20.37 62.87 57.16
N VAL CA 201 21.48 63.59 57.19
CA VAL CA 201 21.51 64.99 56.77
C VAL CA 201 21.47 65.04 55.24
N GLN CA 202 20.29 65.29 54.69
CA GLN CA 202 20.16 65.47 53.24
C GLN CA 202 20.68 66.83 52.82
N SER CA 203 20.40 67.87 53.61
CA SER CA 203 20.80 69.23 53.30
C SER CA 203 20.85 70.02 54.58
N PHE CA 204 21.79 70.96 54.65
CA PHE CA 204 21.86 71.88 55.78
C PHE CA 204 22.55 73.16 55.32
N THR CA 205 22.33 74.22 56.09
CA THR CA 205 22.98 75.50 55.88
C THR CA 205 23.99 75.76 56.98
N ALA CA 206 24.91 76.68 56.71
CA ALA CA 206 25.96 77.02 57.66
C ALA CA 206 26.02 78.54 57.80
N ILE CA 207 26.66 78.99 58.87
CA ILE CA 207 26.86 80.40 59.14
C ILE CA 207 28.26 80.79 58.70
N ILE CA 208 28.36 81.91 57.99
CA ILE CA 208 29.65 82.35 57.44
C ILE CA 208 30.56 82.84 58.56
N ASN CA 209 31.76 82.28 58.62
CA ASN CA 209 32.76 82.73 59.58
C ASN CA 209 33.30 84.08 59.14
N PRO CA 210 33.20 85.11 59.98
CA PRO CA 210 33.73 86.42 59.61
C PRO CA 210 35.24 86.42 59.66
N PRO CA 211 35.90 87.21 58.79
CA PRO CA 211 35.33 88.10 57.79
C PRO CA 211 35.24 87.51 56.38
N GLN CA 212 35.03 86.21 56.26
CA GLN CA 212 34.95 85.60 54.94
C GLN CA 212 33.61 85.93 54.27
N ALA CA 213 33.51 85.56 52.99
CA ALA CA 213 32.36 85.93 52.18
C ALA CA 213 31.43 84.77 51.84
N ALA CA 214 31.90 83.53 51.95
CA ALA CA 214 31.08 82.39 51.56
C ALA CA 214 31.43 81.20 52.44
N ILE CA 215 30.49 80.26 52.52
CA ILE CA 215 30.72 78.99 53.20
C ILE CA 215 29.98 77.89 52.45
N LEU CA 216 30.58 76.71 52.38
CA LEU CA 216 29.98 75.57 51.70
C LEU CA 216 29.41 74.61 52.73
N ALA CA 217 28.38 73.85 52.33
CA ALA CA 217 27.76 72.86 53.20
C ALA CA 217 27.40 71.65 52.35
N VAL CA 218 27.89 70.48 52.73
CA VAL CA 218 27.79 69.29 51.90
C VAL CA 218 26.98 68.23 52.63
N GLY CA 219 25.89 67.76 52.00
CA GLY CA 219 25.03 66.79 52.62
C GLY CA 219 25.39 65.36 52.23
N ALA CA 220 24.70 64.41 52.87
CA ALA CA 220 24.93 63.00 52.64
C ALA CA 220 24.49 62.61 51.23
N PRO CA 221 25.22 61.70 50.59
CA PRO CA 221 24.80 61.22 49.27
C PRO CA 221 23.59 60.32 49.33
N GLN CA 222 22.76 60.41 48.31
CA GLN CA 222 21.55 59.62 48.18
C GLN CA 222 21.37 59.16 46.74
N LYS CA 223 20.58 58.11 46.53
CA LYS CA 223 20.29 57.60 45.20
C LYS CA 223 19.09 58.33 44.60
N VAL CA 224 19.30 59.00 43.46
CA VAL CA 224 18.26 59.74 42.78
C VAL CA 224 18.05 59.12 41.40
N ALA CA 225 16.78 58.92 41.03
CA ALA CA 225 16.45 58.37 39.72
C ALA CA 225 16.72 59.40 38.62
N VAL CA 226 17.52 58.99 37.65
CA VAL CA 226 17.97 59.86 36.55
C VAL CA 226 17.66 59.17 35.23
N PRO CA 227 17.05 59.85 34.25
CA PRO CA 227 16.70 59.18 33.00
C PRO CA 227 17.91 58.85 32.15
N VAL CA 228 17.78 57.78 31.37
CA VAL CA 228 18.85 57.31 30.50
C VAL CA 228 18.23 56.75 29.23
N GLU CA 229 18.89 57.01 28.09
CA GLU CA 229 18.49 56.39 26.84
C GLU CA 229 19.22 55.06 26.71
N ASN CA 230 18.51 54.05 26.25
CA ASN CA 230 19.16 52.82 25.82
C ASN CA 230 19.58 53.00 24.36
N GLU CA 231 20.05 51.93 23.72
CA GLU CA 231 20.42 52.01 22.31
C GLU CA 231 19.20 51.93 21.38
N ASP CA 232 17.99 51.88 21.92
CA ASP CA 232 16.77 52.09 21.16
C ASP CA 232 16.11 53.39 21.63
N GLY CA 233 14.93 53.67 21.10
CA GLY CA 233 14.31 54.99 21.27
C GLY CA 233 13.75 55.27 22.65
N THR CA 234 13.49 54.26 23.46
CA THR CA 234 12.79 54.47 24.72
C THR CA 234 13.73 55.00 25.79
N THR CA 235 13.14 55.60 26.84
CA THR CA 235 13.90 56.06 27.99
C THR CA 235 13.88 55.03 29.10
N GLY CA 236 14.82 55.17 30.05
CA GLY CA 236 14.96 54.22 31.13
C GLY CA 236 15.14 54.92 32.47
N VAL CA 237 15.40 54.10 33.49
CA VAL CA 237 15.66 54.59 34.84
C VAL CA 237 17.08 54.16 35.21
N SER CA 238 17.94 55.14 35.46
CA SER CA 238 19.26 54.90 36.00
C SER CA 238 19.35 55.53 37.38
N TRP CA 239 20.18 54.94 38.24
CA TRP CA 239 20.31 55.38 39.62
C TRP CA 239 21.65 56.10 39.77
N ASP CA 240 21.57 57.39 40.08
CA ASP CA 240 22.73 58.26 40.17
C ASP CA 240 22.97 58.66 41.62
N GLU CA 241 24.24 58.72 42.01
CA GLU CA 241 24.61 59.15 43.36
C GLU CA 241 24.72 60.67 43.36
N GLN CA 242 23.81 61.34 44.06
CA GLN CA 242 23.78 62.79 44.10
C GLN CA 242 24.03 63.29 45.51
N ILE CA 243 24.63 64.49 45.59
CA ILE CA 243 24.98 65.13 46.84
C ILE CA 243 24.42 66.55 46.81
N ILE CA 244 23.64 66.92 47.81
CA ILE CA 244 23.07 68.26 47.89
C ILE CA 244 24.10 69.18 48.54
N VAL CA 245 24.48 70.23 47.81
CA VAL CA 245 25.50 71.18 48.22
C VAL CA 245 24.84 72.57 48.33
N THR CA 246 24.92 73.16 49.50
CA THR CA 246 24.34 74.48 49.77
C THR CA 246 25.46 75.46 50.07
N ALA CA 247 25.55 76.53 49.29
CA ALA CA 247 26.55 77.55 49.49
C ALA CA 247 25.88 78.81 50.02
N SER CA 248 26.33 79.29 51.17
CA SER CA 248 25.80 80.51 51.78
C SER CA 248 26.76 81.65 51.46
N PHE CA 249 26.22 82.69 50.83
CA PHE CA 249 26.99 83.86 50.43
C PHE CA 249 26.55 85.09 51.21
N ASP CA 250 27.46 86.06 51.29
CA ASP CA 250 27.20 87.38 51.85
C ASP CA 250 26.85 88.31 50.71
N HIS CA 251 25.71 89.01 50.83
CA HIS CA 251 25.20 89.80 49.71
C HIS CA 251 25.90 91.14 49.57
N LYS CA 252 26.74 91.54 50.53
CA LYS CA 252 27.49 92.78 50.38
C LYS CA 252 28.62 92.63 49.38
N VAL CA 253 29.16 91.43 49.22
CA VAL CA 253 30.27 91.15 48.33
C VAL CA 253 29.81 90.39 47.09
N VAL CA 254 29.04 89.32 47.28
CA VAL CA 254 28.67 88.40 46.21
C VAL CA 254 27.19 88.61 45.90
N ASP CA 255 26.88 88.83 44.62
CA ASP CA 255 25.49 88.86 44.20
C ASP CA 255 25.04 87.47 43.77
N GLY CA 256 23.76 87.38 43.40
CA GLY CA 256 23.18 86.09 43.07
C GLY CA 256 23.71 85.50 41.78
N ALA CA 257 23.99 86.36 40.79
CA ALA CA 257 24.57 85.89 39.54
C ALA CA 257 26.00 85.41 39.73
N VAL CA 258 26.77 86.09 40.59
CA VAL CA 258 28.14 85.68 40.87
C VAL CA 258 28.15 84.36 41.64
N GLY CA 259 27.23 84.21 42.60
CA GLY CA 259 27.11 82.94 43.31
C GLY CA 259 26.65 81.81 42.42
N ALA CA 260 25.78 82.12 41.45
CA ALA CA 260 25.33 81.10 40.51
C ALA CA 260 26.44 80.69 39.55
N GLU CA 261 27.29 81.64 39.13
CA GLU CA 261 28.44 81.30 38.31
C GLU CA 261 29.46 80.46 39.08
N TRP CA 262 29.68 80.79 40.36
CA TRP CA 262 30.57 79.99 41.20
C TRP CA 262 30.04 78.57 41.38
N ILE CA 263 28.74 78.44 41.63
CA ILE CA 263 28.10 77.13 41.77
C ILE CA 263 28.15 76.35 40.46
N ARG CA 264 28.00 77.04 39.32
CA ARG CA 264 28.06 76.37 38.02
C ARG CA 264 29.46 75.86 37.72
N GLU CA 265 30.49 76.66 38.03
CA GLU CA 265 31.86 76.20 37.80
C GLU CA 265 32.24 75.06 38.74
N LEU CA 266 31.77 75.12 39.99
CA LEU CA 266 32.01 74.03 40.93
C LEU CA 266 31.32 72.74 40.47
N LYS CA 267 30.09 72.86 39.97
CA LYS CA 267 29.36 71.71 39.46
C LYS CA 267 30.02 71.14 38.20
N LYS CA 268 30.57 72.01 37.36
CA LYS CA 268 31.27 71.56 36.16
C LYS CA 268 32.54 70.78 36.51
N VAL CA 269 33.34 71.33 37.43
CA VAL CA 269 34.57 70.65 37.83
C VAL CA 269 34.29 69.36 38.59
N ILE CA 270 33.18 69.30 39.34
CA ILE CA 270 32.85 68.07 40.05
C ILE CA 270 32.31 67.00 39.11
N GLU CA 271 31.37 67.37 38.23
CA GLU CA 271 30.76 66.38 37.34
C GLU CA 271 31.64 66.01 36.16
N ASN CA 272 32.71 66.76 35.90
CA ASN CA 272 33.74 66.35 34.94
C ASN CA 272 35.05 66.28 35.71
N PRO CA 273 35.39 65.11 36.26
CA PRO CA 273 36.55 65.02 37.17
C PRO CA 273 37.89 65.14 36.48
N LEU CA 274 37.93 65.05 35.15
CA LEU CA 274 39.19 65.25 34.43
C LEU CA 274 39.58 66.72 34.35
N GLU CA 275 38.68 67.64 34.69
CA GLU CA 275 38.98 69.06 34.69
C GLU CA 275 39.76 69.50 35.93
N LEU CA 276 40.00 68.59 36.88
CA LEU CA 276 40.84 68.90 38.02
C LEU CA 276 42.32 68.99 37.66
N LEU CA 277 42.69 68.45 36.49
CA LEU CA 277 44.05 68.61 35.98
C LEU CA 277 44.30 70.06 35.58
N LEU CA 278 43.35 70.66 34.89
CA LEU CA 278 43.48 72.04 34.43
C LEU CA 278 43.21 73.02 35.57
N TYR DA 47 14.73 12.76 112.02
CA TYR DA 47 16.12 12.32 112.10
C TYR DA 47 17.04 13.54 112.20
N THR DA 48 17.30 14.17 111.05
CA THR DA 48 18.07 15.40 111.03
C THR DA 48 17.15 16.58 111.31
N ASP DA 49 17.50 17.36 112.33
CA ASP DA 49 16.64 18.37 112.94
C ASP DA 49 17.35 19.72 112.98
N VAL DA 50 17.80 20.18 111.82
CA VAL DA 50 18.34 21.54 111.66
C VAL DA 50 17.25 22.54 112.05
N PRO DA 51 17.59 23.60 112.78
CA PRO DA 51 16.56 24.54 113.25
C PRO DA 51 16.18 25.55 112.18
N ILE DA 52 15.07 26.24 112.44
CA ILE DA 52 14.60 27.30 111.56
C ILE DA 52 15.53 28.50 111.68
N SER DA 53 15.77 29.18 110.56
CA SER DA 53 16.75 30.27 110.53
C SER DA 53 16.28 31.49 111.33
N GLY DA 54 14.98 31.63 111.57
CA GLY DA 54 14.46 32.79 112.25
C GLY DA 54 13.96 33.83 111.27
N MET DA 55 14.69 33.98 110.16
CA MET DA 55 14.21 34.78 109.03
C MET DA 55 13.02 34.13 108.36
N ARG DA 56 12.98 32.79 108.30
CA ARG DA 56 11.83 32.06 107.77
C ARG DA 56 10.58 32.21 108.61
N LYS DA 57 10.72 32.50 109.91
CA LYS DA 57 9.57 32.61 110.79
C LYS DA 57 8.74 33.85 110.46
N THR DA 58 9.40 34.94 110.10
CA THR DA 58 8.69 36.15 109.71
C THR DA 58 7.94 35.97 108.39
N ILE DA 59 8.55 35.27 107.43
CA ILE DA 59 7.87 35.01 106.16
C ILE DA 59 6.71 34.03 106.36
N ALA DA 60 6.87 33.08 107.27
CA ALA DA 60 5.78 32.14 107.57
C ALA DA 60 4.61 32.85 108.24
N ALA DA 61 4.91 33.77 109.16
CA ALA DA 61 3.85 34.55 109.80
C ALA DA 61 3.18 35.50 108.79
N ARG DA 62 3.97 36.03 107.85
CA ARG DA 62 3.42 36.94 106.84
C ARG DA 62 2.49 36.21 105.87
N LEU DA 63 2.90 35.01 105.44
CA LEU DA 63 2.03 34.20 104.58
C LEU DA 63 0.81 33.71 105.34
N LYS DA 64 0.94 33.47 106.64
CA LYS DA 64 -0.20 33.15 107.47
C LYS DA 64 -1.18 34.32 107.53
N GLU DA 65 -0.67 35.54 107.71
CA GLU DA 65 -1.51 36.75 107.67
C GLU DA 65 -2.21 36.90 106.34
N SER DA 66 -1.49 36.61 105.25
CA SER DA 66 -2.06 36.73 103.91
C SER DA 66 -3.20 35.75 103.68
N VAL DA 67 -3.00 34.49 104.05
CA VAL DA 67 -4.04 33.49 103.80
C VAL DA 67 -5.18 33.60 104.82
N THR DA 68 -4.94 34.25 105.97
CA THR DA 68 -6.03 34.30 106.94
C THR DA 68 -6.81 35.61 106.86
N GLU DA 69 -6.27 36.63 106.19
CA GLU DA 69 -7.01 37.88 106.11
C GLU DA 69 -7.44 38.17 104.68
N ASN DA 70 -6.83 37.50 103.71
CA ASN DA 70 -7.19 37.67 102.31
C ASN DA 70 -7.90 36.43 101.80
N PRO DA 71 -9.22 36.45 101.58
CA PRO DA 71 -9.87 35.33 100.89
C PRO DA 71 -9.52 35.32 99.42
N HIS DA 72 -8.62 34.43 99.02
CA HIS DA 72 -8.12 34.41 97.66
C HIS DA 72 -9.11 33.74 96.71
N PHE DA 73 -9.12 34.21 95.47
CA PHE DA 73 -9.75 33.46 94.40
C PHE DA 73 -8.92 33.63 93.13
N PHE DA 74 -8.80 32.57 92.36
CA PHE DA 74 -7.93 32.51 91.21
C PHE DA 74 -8.72 32.65 89.92
N VAL DA 75 -8.14 33.35 88.95
CA VAL DA 75 -8.69 33.46 87.60
C VAL DA 75 -7.60 33.06 86.63
N SER DA 76 -7.84 32.03 85.83
CA SER DA 76 -6.85 31.49 84.91
C SER DA 76 -7.21 31.86 83.48
N THR DA 77 -6.17 32.02 82.66
CA THR DA 77 -6.35 32.32 81.25
C THR DA 77 -5.15 31.77 80.48
N ASN DA 78 -5.28 31.74 79.16
CA ASN DA 78 -4.20 31.31 78.27
C ASN DA 78 -3.90 32.44 77.31
N LEU DA 79 -2.70 33.01 77.43
CA LEU DA 79 -2.26 34.09 76.57
C LEU DA 79 -1.48 33.52 75.39
N SER DA 80 -1.82 33.96 74.19
CA SER DA 80 -1.06 33.60 73.00
C SER DA 80 0.08 34.58 72.82
N VAL DA 81 1.30 34.08 72.76
CA VAL DA 81 2.50 34.90 72.73
C VAL DA 81 3.28 34.72 71.42
N SER DA 82 2.62 34.20 70.38
CA SER DA 82 3.29 33.96 69.11
C SER DA 82 3.64 35.26 68.39
N LYS DA 83 2.86 36.32 68.62
CA LYS DA 83 3.20 37.64 68.08
C LYS DA 83 4.14 38.40 69.01
N LEU DA 84 4.02 38.15 70.32
CA LEU DA 84 4.90 38.80 71.29
C LEU DA 84 6.33 38.32 71.13
N LEU DA 85 6.52 37.03 70.82
CA LEU DA 85 7.86 36.51 70.58
C LEU DA 85 8.45 37.05 69.28
N LYS DA 86 7.62 37.27 68.25
CA LYS DA 86 8.09 37.88 67.02
C LYS DA 86 8.50 39.32 67.22
N LEU DA 87 7.71 40.07 68.02
CA LEU DA 87 8.07 41.46 68.33
C LEU DA 87 9.34 41.53 69.15
N ARG DA 88 9.51 40.59 70.10
CA ARG DA 88 10.73 40.56 70.90
C ARG DA 88 11.95 40.19 70.06
N GLN DA 89 11.77 39.27 69.10
CA GLN DA 89 12.86 38.89 68.22
C GLN DA 89 13.27 40.04 67.31
N ALA DA 90 12.29 40.79 66.80
CA ALA DA 90 12.60 41.95 65.95
C ALA DA 90 13.29 43.05 66.74
N LEU DA 91 12.81 43.32 67.96
CA LEU DA 91 13.40 44.39 68.77
C LEU DA 91 14.78 43.99 69.28
N ASN DA 92 15.04 42.69 69.44
CA ASN DA 92 16.36 42.26 69.85
C ASN DA 92 17.32 42.23 68.66
N SER DA 93 16.82 41.90 67.47
CA SER DA 93 17.69 41.87 66.30
C SER DA 93 18.04 43.28 65.82
N SER DA 94 17.16 44.24 66.04
CA SER DA 94 17.44 45.63 65.67
C SER DA 94 18.14 46.36 66.82
N ALA DA 95 19.31 45.87 67.19
CA ALA DA 95 20.09 46.46 68.28
C ALA DA 95 21.56 46.16 68.04
N ASP DA 96 22.40 46.88 68.80
CA ASP DA 96 23.86 46.71 68.75
C ASP DA 96 24.39 46.23 70.09
N GLY DA 97 23.61 45.42 70.81
CA GLY DA 97 23.98 45.03 72.15
C GLY DA 97 23.66 46.06 73.21
N ARG DA 98 22.80 47.04 72.90
CA ARG DA 98 22.43 48.05 73.90
C ARG DA 98 21.45 47.48 74.92
N TYR DA 99 20.61 46.55 74.52
CA TYR DA 99 19.60 46.00 75.42
C TYR DA 99 19.34 44.55 75.05
N LYS DA 100 18.60 43.86 75.92
CA LYS DA 100 18.16 42.49 75.68
C LYS DA 100 16.78 42.34 76.31
N LEU DA 101 15.78 42.05 75.48
CA LEU DA 101 14.40 42.02 75.92
C LEU DA 101 13.97 40.60 76.26
N SER DA 102 13.09 40.49 77.25
CA SER DA 102 12.51 39.23 77.67
C SER DA 102 10.99 39.35 77.69
N VAL DA 103 10.33 38.22 77.98
CA VAL DA 103 8.87 38.19 78.01
C VAL DA 103 8.36 38.91 79.26
N ASN DA 104 9.17 38.95 80.32
CA ASN DA 104 8.77 39.59 81.56
C ASN DA 104 8.64 41.10 81.41
N ASP DA 105 9.38 41.70 80.47
CA ASP DA 105 9.24 43.14 80.20
C ASP DA 105 7.88 43.46 79.60
N PHE DA 106 7.46 42.68 78.60
CA PHE DA 106 6.14 42.85 78.00
C PHE DA 106 5.05 42.55 79.02
N LEU DA 107 5.28 41.57 79.90
CA LEU DA 107 4.28 41.24 80.91
C LEU DA 107 4.13 42.34 81.95
N ILE DA 108 5.24 42.96 82.35
CA ILE DA 108 5.19 44.05 83.33
C ILE DA 108 4.54 45.28 82.71
N LYS DA 109 4.85 45.58 81.44
CA LYS DA 109 4.21 46.71 80.77
C LYS DA 109 2.71 46.47 80.56
N ALA DA 110 2.32 45.23 80.23
CA ALA DA 110 0.90 44.92 80.06
C ALA DA 110 0.17 44.94 81.38
N MET DA 111 0.85 44.56 82.48
CA MET DA 111 0.26 44.68 83.80
C MET DA 111 0.05 46.13 84.19
N GLY DA 112 0.98 47.00 83.81
CA GLY DA 112 0.80 48.42 84.07
C GLY DA 112 -0.36 49.02 83.28
N ILE DA 113 -0.48 48.62 82.01
CA ILE DA 113 -1.58 49.10 81.17
C ILE DA 113 -2.92 48.60 81.69
N ALA DA 114 -2.99 47.33 82.09
CA ALA DA 114 -4.23 46.76 82.60
C ALA DA 114 -4.61 47.34 83.96
N SER DA 115 -3.63 47.62 84.82
CA SER DA 115 -3.93 48.23 86.11
C SER DA 115 -4.30 49.70 85.96
N LYS DA 116 -3.82 50.37 84.91
CA LYS DA 116 -4.29 51.73 84.64
C LYS DA 116 -5.70 51.73 84.08
N ARG DA 117 -6.05 50.73 83.26
CA ARG DA 117 -7.40 50.66 82.71
C ARG DA 117 -8.43 50.22 83.75
N VAL DA 118 -8.09 49.28 84.62
CA VAL DA 118 -8.96 48.86 85.71
C VAL DA 118 -8.30 49.25 87.03
N PRO DA 119 -8.60 50.43 87.58
CA PRO DA 119 -7.87 50.90 88.77
C PRO DA 119 -8.34 50.27 90.07
N THR DA 120 -9.38 49.42 90.05
CA THR DA 120 -9.84 48.78 91.28
C THR DA 120 -8.87 47.72 91.76
N VAL DA 121 -8.18 47.05 90.83
CA VAL DA 121 -7.20 46.03 91.20
C VAL DA 121 -5.96 46.67 91.80
N ASN DA 122 -5.63 47.90 91.40
CA ASN DA 122 -4.47 48.61 91.93
C ASN DA 122 -4.88 49.32 93.21
N SER DA 123 -5.05 48.54 94.27
CA SER DA 123 -5.52 49.06 95.55
C SER DA 123 -4.96 48.20 96.67
N SER DA 124 -5.44 48.44 97.89
CA SER DA 124 -5.00 47.73 99.09
C SER DA 124 -6.17 47.66 100.06
N TRP DA 125 -5.87 47.39 101.33
CA TRP DA 125 -6.88 47.31 102.37
C TRP DA 125 -6.29 47.88 103.66
N ARG DA 126 -6.86 48.99 104.13
CA ARG DA 126 -6.28 49.78 105.21
C ARG DA 126 -7.30 49.99 106.33
N ASP DA 127 -7.03 50.92 107.25
CA ASP DA 127 -7.87 51.14 108.43
C ASP DA 127 -9.20 51.73 108.00
N GLY DA 128 -10.17 50.86 107.73
CA GLY DA 128 -11.50 51.26 107.33
C GLY DA 128 -11.57 51.97 106.00
N VAL DA 129 -10.57 51.78 105.13
CA VAL DA 129 -10.39 52.62 103.96
C VAL DA 129 -9.63 51.84 102.89
N ILE DA 130 -9.93 52.13 101.64
CA ILE DA 130 -9.28 51.53 100.48
C ILE DA 130 -8.28 52.54 99.93
N ARG DA 131 -7.00 52.17 99.89
CA ARG DA 131 -5.97 53.07 99.39
C ARG DA 131 -5.72 52.76 97.92
N GLN DA 132 -6.03 53.72 97.05
CA GLN DA 132 -5.95 53.56 95.61
C GLN DA 132 -4.84 54.45 95.07
N PHE DA 133 -3.87 53.84 94.39
CA PHE DA 133 -2.72 54.54 93.82
C PHE DA 133 -2.97 54.92 92.38
N GLU DA 134 -2.15 55.86 91.88
CA GLU DA 134 -2.15 56.21 90.46
C GLU DA 134 -1.16 55.38 89.66
N THR DA 135 0.11 55.38 90.06
CA THR DA 135 1.14 54.67 89.34
C THR DA 135 1.13 53.19 89.69
N VAL DA 136 1.61 52.37 88.76
CA VAL DA 136 1.70 50.92 88.94
C VAL DA 136 3.14 50.62 89.34
N ASP DA 137 3.33 50.19 90.58
CA ASP DA 137 4.63 49.76 91.08
C ASP DA 137 4.61 48.24 91.15
N VAL DA 138 5.44 47.60 90.34
CA VAL DA 138 5.37 46.15 90.13
C VAL DA 138 6.51 45.48 90.90
N SER DA 139 6.16 44.60 91.83
CA SER DA 139 7.15 43.83 92.57
C SER DA 139 7.44 42.55 91.82
N VAL DA 140 8.72 42.33 91.49
CA VAL DA 140 9.14 41.16 90.72
C VAL DA 140 9.88 40.22 91.65
N ALA DA 141 9.48 38.95 91.64
CA ALA DA 141 10.09 37.96 92.53
C ALA DA 141 11.41 37.47 91.94
N VAL DA 142 12.46 37.51 92.75
CA VAL DA 142 13.78 37.04 92.36
C VAL DA 142 14.14 35.86 93.25
N ALA DA 143 14.54 34.75 92.63
CA ALA DA 143 14.86 33.51 93.35
C ALA DA 143 16.34 33.53 93.71
N THR DA 144 16.63 33.79 94.98
CA THR DA 144 17.95 33.76 95.58
C THR DA 144 18.12 32.50 96.43
N PRO DA 145 19.35 32.02 96.65
CA PRO DA 145 19.53 30.84 97.52
C PRO DA 145 19.14 31.06 98.97
N ASN DA 146 18.98 32.31 99.41
CA ASN DA 146 18.39 32.64 100.70
C ASN DA 146 16.88 32.87 100.61
N GLY DA 147 16.21 32.25 99.64
CA GLY DA 147 14.76 32.27 99.60
C GLY DA 147 14.14 33.12 98.51
N LEU DA 148 13.38 34.15 98.91
CA LEU DA 148 12.62 34.95 97.96
C LEU DA 148 12.68 36.41 98.37
N ILE DA 149 12.84 37.28 97.37
CA ILE DA 149 12.80 38.73 97.58
C ILE DA 149 12.02 39.33 96.42
N THR DA 150 11.39 40.48 96.66
CA THR DA 150 10.57 41.16 95.66
C THR DA 150 11.01 42.61 95.53
N PRO DA 151 12.02 42.90 94.71
CA PRO DA 151 12.32 44.29 94.39
C PRO DA 151 11.26 44.89 93.48
N ILE DA 152 11.10 46.21 93.59
CA ILE DA 152 9.99 46.92 92.97
C ILE DA 152 10.49 47.78 91.83
N VAL DA 153 9.82 47.69 90.68
CA VAL DA 153 9.98 48.60 89.57
C VAL DA 153 8.92 49.68 89.73
N LYS DA 154 9.36 50.92 89.91
CA LYS DA 154 8.46 52.03 90.19
C LYS DA 154 8.09 52.76 88.91
N GLY DA 155 6.82 53.15 88.82
CA GLY DA 155 6.31 53.91 87.68
C GLY DA 155 6.37 53.14 86.38
N VAL DA 156 5.62 52.03 86.30
CA VAL DA 156 5.73 51.11 85.18
C VAL DA 156 5.08 51.71 83.93
N GLU DA 157 3.88 52.27 84.06
CA GLU DA 157 3.22 52.87 82.92
C GLU DA 157 3.95 54.16 82.54
N GLY DA 158 4.18 54.34 81.23
CA GLY DA 158 4.99 55.43 80.74
C GLY DA 158 6.44 55.39 81.16
N LYS DA 159 7.09 54.24 81.01
CA LYS DA 159 8.50 54.12 81.40
C LYS DA 159 9.41 53.68 80.26
N GLY DA 160 8.98 52.73 79.46
CA GLY DA 160 9.83 52.23 78.38
C GLY DA 160 10.36 50.84 78.67
N LEU DA 161 10.42 50.03 77.62
CA LEU DA 161 10.79 48.63 77.76
C LEU DA 161 12.28 48.47 78.08
N GLU DA 162 13.12 49.35 77.54
CA GLU DA 162 14.54 49.30 77.84
C GLU DA 162 14.82 49.73 79.27
N SER DA 163 14.07 50.72 79.77
CA SER DA 163 14.19 51.13 81.16
C SER DA 163 13.71 50.04 82.10
N ILE DA 164 12.63 49.34 81.71
CA ILE DA 164 12.12 48.23 82.53
C ILE DA 164 13.12 47.09 82.56
N SER DA 165 13.72 46.76 81.41
CA SER DA 165 14.73 45.70 81.34
C SER DA 165 15.97 46.04 82.15
N ALA DA 166 16.39 47.31 82.08
CA ALA DA 166 17.55 47.75 82.84
C ALA DA 166 17.29 47.69 84.33
N ALA DA 167 16.11 48.14 84.77
CA ALA DA 167 15.79 48.14 86.19
C ALA DA 167 15.63 46.71 86.73
N VAL DA 168 15.05 45.82 85.92
CA VAL DA 168 14.89 44.43 86.32
C VAL DA 168 16.25 43.74 86.42
N LYS DA 169 17.17 44.02 85.48
CA LYS DA 169 18.50 43.42 85.54
C LYS DA 169 19.30 43.95 86.73
N GLU DA 170 19.24 45.26 86.97
CA GLU DA 170 19.87 45.88 88.14
C GLU DA 170 19.38 45.27 89.44
N LEU DA 171 18.06 45.19 89.61
CA LEU DA 171 17.49 44.68 90.86
C LEU DA 171 17.74 43.18 91.02
N ALA DA 172 17.76 42.43 89.92
CA ALA DA 172 18.02 41.00 90.02
C ALA DA 172 19.47 40.71 90.38
N LYS DA 173 20.43 41.43 89.78
CA LYS DA 173 21.83 41.18 90.12
C LYS DA 173 22.15 41.70 91.52
N LYS DA 174 21.46 42.76 91.95
CA LYS DA 174 21.66 43.22 93.33
C LYS DA 174 20.96 42.31 94.32
N ALA DA 175 19.92 41.58 93.89
CA ALA DA 175 19.30 40.59 94.76
C ALA DA 175 20.19 39.36 94.90
N ARG DA 176 20.89 39.01 93.81
CA ARG DA 176 21.84 37.90 93.89
C ARG DA 176 23.07 38.27 94.72
N ASP DA 177 23.50 39.54 94.69
CA ASP DA 177 24.58 39.98 95.55
C ASP DA 177 24.15 40.35 96.96
N GLY DA 178 22.85 40.51 97.20
CA GLY DA 178 22.34 40.80 98.54
C GLY DA 178 22.65 42.20 99.03
N LYS DA 179 22.36 43.22 98.21
CA LYS DA 179 22.76 44.59 98.49
C LYS DA 179 21.59 45.55 98.34
N LEU DA 180 20.48 45.26 99.01
CA LEU DA 180 19.26 46.04 98.85
C LEU DA 180 18.99 46.91 100.08
N LYS DA 181 18.30 48.02 99.85
CA LYS DA 181 17.69 48.92 100.81
C LYS DA 181 16.24 48.49 101.06
N PRO DA 182 15.70 48.71 102.27
CA PRO DA 182 14.32 48.28 102.55
C PRO DA 182 13.26 49.03 101.73
N GLU DA 183 13.57 50.23 101.26
CA GLU DA 183 12.67 50.96 100.37
C GLU DA 183 12.64 50.39 98.96
N GLU DA 184 13.54 49.47 98.63
CA GLU DA 184 13.54 48.83 97.32
C GLU DA 184 12.72 47.55 97.27
N TYR DA 185 12.38 46.97 98.42
CA TYR DA 185 11.57 45.76 98.43
C TYR DA 185 10.43 45.84 99.43
N GLN DA 186 10.14 47.03 99.96
CA GLN DA 186 9.01 47.23 100.87
C GLN DA 186 8.07 48.24 100.23
N GLY DA 187 6.93 47.76 99.74
CA GLY DA 187 5.96 48.62 99.09
C GLY DA 187 5.29 47.92 97.92
N GLY DA 188 5.10 48.64 96.82
CA GLY DA 188 4.50 48.06 95.63
C GLY DA 188 2.98 47.99 95.68
N SER DA 189 2.34 47.96 94.51
CA SER DA 189 0.90 47.84 94.41
C SER DA 189 0.42 46.53 93.81
N ILE DA 190 1.29 45.83 93.06
CA ILE DA 190 0.94 44.55 92.45
C ILE DA 190 2.22 43.76 92.27
N SER DA 191 2.10 42.43 92.22
CA SER DA 191 3.23 41.53 92.16
C SER DA 191 3.12 40.62 90.95
N ILE DA 192 4.22 39.93 90.64
CA ILE DA 192 4.25 38.94 89.57
C ILE DA 192 5.29 37.89 89.91
N SER DA 193 4.92 36.63 89.76
CA SER DA 193 5.81 35.49 89.97
C SER DA 193 6.04 34.81 88.64
N ASN DA 194 7.30 34.59 88.29
CA ASN DA 194 7.70 34.12 86.98
C ASN DA 194 8.36 32.75 87.12
N MET DA 195 7.88 31.77 86.35
CA MET DA 195 8.44 30.43 86.35
C MET DA 195 8.56 29.90 84.92
N GLY DA 196 9.01 30.75 83.99
CA GLY DA 196 9.17 30.33 82.61
C GLY DA 196 10.45 29.57 82.35
N MET DA 197 11.42 29.66 83.25
CA MET DA 197 12.69 28.95 83.05
C MET DA 197 12.52 27.45 83.32
N ASN DA 198 11.51 27.08 84.10
CA ASN DA 198 11.20 25.68 84.36
C ASN DA 198 10.13 25.24 83.36
N PRO DA 199 10.47 24.33 82.44
CA PRO DA 199 9.47 23.91 81.44
C PRO DA 199 8.44 22.93 81.96
N ALA DA 200 8.57 22.46 83.19
CA ALA DA 200 7.61 21.50 83.74
C ALA DA 200 6.37 22.20 84.27
N VAL DA 201 6.51 23.43 84.77
CA VAL DA 201 5.41 24.13 85.42
C VAL DA 201 4.44 24.62 84.36
N GLN DA 202 3.35 23.89 84.15
CA GLN DA 202 2.31 24.34 83.25
C GLN DA 202 1.48 25.46 83.87
N SER DA 203 1.18 25.34 85.16
CA SER DA 203 0.37 26.32 85.86
C SER DA 203 0.68 26.23 87.34
N PHE DA 204 0.62 27.38 88.01
CA PHE DA 204 0.78 27.41 89.47
C PHE DA 204 0.08 28.64 90.01
N THR DA 205 -0.23 28.60 91.30
CA THR DA 205 -0.81 29.73 92.01
C THR DA 205 0.22 30.32 92.97
N ALA DA 206 -0.03 31.56 93.38
CA ALA DA 206 0.86 32.25 94.29
C ALA DA 206 0.05 32.85 95.43
N ILE DA 207 0.76 33.21 96.49
CA ILE DA 207 0.15 33.83 97.67
C ILE DA 207 0.37 35.33 97.59
N ILE DA 208 -0.70 36.09 97.85
CA ILE DA 208 -0.64 37.54 97.72
C ILE DA 208 0.21 38.13 98.84
N ASN DA 209 1.19 38.94 98.47
CA ASN DA 209 2.01 39.64 99.46
C ASN DA 209 1.19 40.76 100.06
N PRO DA 210 1.01 40.79 101.39
CA PRO DA 210 0.25 41.88 102.00
C PRO DA 210 1.06 43.16 102.00
N PRO DA 211 0.40 44.32 101.91
CA PRO DA 211 -1.05 44.52 101.82
C PRO DA 211 -1.58 44.69 100.40
N GLN DA 212 -0.96 44.05 99.41
CA GLN DA 212 -1.43 44.20 98.04
C GLN DA 212 -2.71 43.40 97.82
N ALA DA 213 -3.31 43.61 96.64
CA ALA DA 213 -4.61 43.03 96.34
C ALA DA 213 -4.58 41.91 95.30
N ALA DA 214 -3.52 41.80 94.52
CA ALA DA 214 -3.48 40.79 93.47
C ALA DA 214 -2.04 40.33 93.27
N ILE DA 215 -1.90 39.13 92.69
CA ILE DA 215 -0.58 38.62 92.31
C ILE DA 215 -0.75 37.81 91.03
N LEU DA 216 0.24 37.91 90.14
CA LEU DA 216 0.21 37.18 88.88
C LEU DA 216 1.14 35.97 88.98
N ALA DA 217 0.84 34.94 88.19
CA ALA DA 217 1.65 33.72 88.14
C ALA DA 217 1.68 33.24 86.71
N VAL DA 218 2.88 33.08 86.15
CA VAL DA 218 3.07 32.83 84.73
C VAL DA 218 3.74 31.47 84.54
N GLY DA 219 3.10 30.57 83.79
CA GLY DA 219 3.62 29.24 83.59
C GLY DA 219 4.43 29.13 82.31
N ALA DA 220 5.05 27.97 82.13
CA ALA DA 220 5.89 27.71 80.99
C ALA DA 220 5.06 27.65 79.72
N PRO DA 221 5.60 28.14 78.61
CA PRO DA 221 4.88 28.06 77.33
C PRO DA 221 4.87 26.64 76.78
N GLN DA 222 3.76 26.32 76.12
CA GLN DA 222 3.55 25.02 75.51
C GLN DA 222 2.87 25.18 74.15
N LYS DA 223 2.99 24.17 73.30
CA LYS DA 223 2.35 24.18 71.99
C LYS DA 223 0.93 23.63 72.10
N VAL DA 224 -0.05 24.45 71.73
CA VAL DA 224 -1.46 24.07 71.77
C VAL DA 224 -2.02 24.12 70.35
N ALA DA 225 -2.77 23.09 69.98
CA ALA DA 225 -3.39 23.03 68.66
C ALA DA 225 -4.54 24.03 68.56
N VAL DA 226 -4.47 24.90 67.55
CA VAL DA 226 -5.44 25.98 67.36
C VAL DA 226 -5.96 25.90 65.93
N PRO DA 227 -7.28 25.97 65.71
CA PRO DA 227 -7.81 25.83 64.35
C PRO DA 227 -7.50 27.04 63.48
N VAL DA 228 -7.38 26.79 62.19
CA VAL DA 228 -7.06 27.82 61.20
C VAL DA 228 -7.81 27.51 59.92
N GLU DA 229 -8.31 28.55 59.27
CA GLU DA 229 -8.89 28.41 57.93
C GLU DA 229 -7.79 28.56 56.91
N ASN DA 230 -7.80 27.73 55.88
CA ASN DA 230 -6.98 27.96 54.71
C ASN DA 230 -7.75 28.88 53.78
N GLU DA 231 -7.25 29.09 52.56
CA GLU DA 231 -7.96 29.91 51.59
C GLU DA 231 -9.08 29.16 50.89
N ASP DA 232 -9.35 27.91 51.27
CA ASP DA 232 -10.57 27.20 50.90
C ASP DA 232 -11.41 26.98 52.15
N GLY DA 233 -12.51 26.24 51.99
CA GLY DA 233 -13.53 26.17 53.03
C GLY DA 233 -13.17 25.32 54.24
N THR DA 234 -12.18 24.44 54.14
CA THR DA 234 -11.91 23.49 55.21
C THR DA 234 -11.11 24.13 56.33
N THR DA 235 -11.15 23.50 57.51
CA THR DA 235 -10.36 23.94 58.64
C THR DA 235 -9.06 23.15 58.74
N GLY DA 236 -8.09 23.68 59.49
CA GLY DA 236 -6.79 23.08 59.62
C GLY DA 236 -6.32 23.05 61.06
N VAL DA 237 -5.07 22.61 61.22
CA VAL DA 237 -4.42 22.56 62.52
C VAL DA 237 -3.20 23.49 62.47
N SER DA 238 -3.21 24.51 63.30
CA SER DA 238 -2.07 25.38 63.50
C SER DA 238 -1.57 25.22 64.93
N TRP DA 239 -0.27 25.41 65.12
CA TRP DA 239 0.35 25.23 66.42
C TRP DA 239 0.69 26.60 67.00
N ASP DA 240 0.04 26.93 68.11
CA ASP DA 240 0.17 28.23 68.76
C ASP DA 240 0.91 28.09 70.07
N GLU DA 241 1.75 29.08 70.37
CA GLU DA 241 2.50 29.10 71.63
C GLU DA 241 1.62 29.77 72.68
N GLN DA 242 1.17 29.01 73.66
CA GLN DA 242 0.29 29.53 74.70
C GLN DA 242 0.96 29.47 76.06
N ILE DA 243 0.59 30.41 76.93
CA ILE DA 243 1.13 30.52 78.28
C ILE DA 243 -0.05 30.60 79.24
N ILE DA 244 -0.07 29.74 80.25
CA ILE DA 244 -1.14 29.74 81.24
C ILE DA 244 -0.78 30.76 82.31
N VAL DA 245 -1.67 31.72 82.50
CA VAL DA 245 -1.49 32.83 83.44
C VAL DA 245 -2.60 32.76 84.48
N THR DA 246 -2.22 32.65 85.75
CA THR DA 246 -3.17 32.57 86.86
C THR DA 246 -3.00 33.81 87.73
N ALA DA 247 -4.08 34.56 87.91
CA ALA DA 247 -4.07 35.76 88.74
C ALA DA 247 -4.88 35.48 90.00
N SER DA 248 -4.24 35.65 91.15
CA SER DA 248 -4.88 35.46 92.45
C SER DA 248 -5.30 36.83 92.99
N PHE DA 249 -6.59 36.98 93.27
CA PHE DA 249 -7.15 38.23 93.77
C PHE DA 249 -7.67 38.06 95.18
N ASP DA 250 -7.73 39.17 95.90
CA ASP DA 250 -8.34 39.27 97.22
C ASP DA 250 -9.78 39.71 97.05
N HIS DA 251 -10.72 38.97 97.64
CA HIS DA 251 -12.13 39.22 97.40
C HIS DA 251 -12.68 40.38 98.20
N LYS DA 252 -11.92 40.92 99.15
CA LYS DA 252 -12.39 42.09 99.88
C LYS DA 252 -12.32 43.35 99.03
N VAL DA 253 -11.40 43.40 98.07
CA VAL DA 253 -11.20 44.56 97.21
C VAL DA 253 -11.71 44.29 95.80
N VAL DA 254 -11.34 43.16 95.21
CA VAL DA 254 -11.62 42.84 93.82
C VAL DA 254 -12.68 41.76 93.77
N ASP DA 255 -13.75 42.01 93.02
CA ASP DA 255 -14.73 40.97 92.76
C ASP DA 255 -14.38 40.20 91.49
N GLY DA 256 -15.20 39.19 91.20
CA GLY DA 256 -14.90 38.31 90.08
C GLY DA 256 -15.05 38.98 88.73
N ALA DA 257 -16.02 39.88 88.60
CA ALA DA 257 -16.19 40.63 87.35
C ALA DA 257 -15.06 41.61 87.13
N VAL DA 258 -14.56 42.24 88.20
CA VAL DA 258 -13.43 43.16 88.09
C VAL DA 258 -12.16 42.40 87.73
N GLY DA 259 -11.96 41.22 88.34
CA GLY DA 259 -10.81 40.40 87.98
C GLY DA 259 -10.89 39.87 86.57
N ALA DA 260 -12.11 39.57 86.10
CA ALA DA 260 -12.29 39.11 84.73
C ALA DA 260 -12.05 40.23 83.73
N GLU DA 261 -12.45 41.46 84.07
CA GLU DA 261 -12.14 42.61 83.21
C GLU DA 261 -10.64 42.89 83.16
N TRP DA 262 -9.95 42.78 84.30
CA TRP DA 262 -8.51 42.96 84.34
C TRP DA 262 -7.80 41.89 83.50
N ILE DA 263 -8.25 40.63 83.62
CA ILE DA 263 -7.68 39.54 82.83
C ILE DA 263 -7.96 39.73 81.35
N ARG DA 264 -9.14 40.25 81.00
CA ARG DA 264 -9.49 40.49 79.60
C ARG DA 264 -8.65 41.60 78.99
N GLU DA 265 -8.42 42.68 79.75
CA GLU DA 265 -7.58 43.76 79.24
C GLU DA 265 -6.13 43.33 79.12
N LEU DA 266 -5.64 42.52 80.07
CA LEU DA 266 -4.28 41.98 80.00
C LEU DA 266 -4.12 41.06 78.79
N LYS DA 267 -5.13 40.21 78.54
CA LYS DA 267 -5.11 39.33 77.38
C LYS DA 267 -5.18 40.10 76.07
N LYS DA 268 -5.94 41.20 76.05
CA LYS DA 268 -6.03 42.04 74.85
C LYS DA 268 -4.69 42.69 74.54
N VAL DA 269 -4.05 43.28 75.56
CA VAL DA 269 -2.77 43.96 75.36
C VAL DA 269 -1.66 42.95 75.02
N ILE DA 270 -1.74 41.72 75.55
CA ILE DA 270 -0.73 40.72 75.22
C ILE DA 270 -0.93 40.17 73.81
N GLU DA 271 -2.16 39.80 73.45
CA GLU DA 271 -2.40 39.20 72.15
C GLU DA 271 -2.44 40.22 71.01
N ASN DA 272 -2.50 41.51 71.31
CA ASN DA 272 -2.30 42.57 70.32
C ASN DA 272 -1.12 43.40 70.80
N PRO DA 273 0.09 43.05 70.38
CA PRO DA 273 1.28 43.70 70.95
C PRO DA 273 1.49 45.13 70.50
N LEU DA 274 0.77 45.60 69.48
CA LEU DA 274 0.86 46.99 69.06
C LEU DA 274 0.11 47.92 70.00
N GLU DA 275 -0.72 47.38 70.91
CA GLU DA 275 -1.43 48.19 71.89
C GLU DA 275 -0.56 48.60 73.07
N LEU DA 276 0.70 48.14 73.12
CA LEU DA 276 1.63 48.60 74.15
C LEU DA 276 2.10 50.02 73.91
N LEU DA 277 1.93 50.53 72.68
CA LEU DA 277 2.22 51.93 72.39
C LEU DA 277 1.22 52.85 73.10
N LEU DA 278 -0.05 52.49 73.05
CA LEU DA 278 -1.11 53.29 73.66
C LEU DA 278 -1.16 53.04 75.16
N TYR EA 47 -7.16 -54.09 -99.75
CA TYR EA 47 -8.31 -54.93 -99.46
C TYR EA 47 -9.55 -54.33 -100.10
N THR EA 48 -10.12 -53.31 -99.44
CA THR EA 48 -11.25 -52.59 -100.00
C THR EA 48 -10.74 -51.51 -100.95
N ASP EA 49 -11.23 -51.55 -102.18
CA ASP EA 49 -10.70 -50.81 -103.31
C ASP EA 49 -11.79 -50.01 -103.99
N VAL EA 50 -12.49 -49.17 -103.21
CA VAL EA 50 -13.45 -48.20 -103.75
C VAL EA 50 -12.70 -47.27 -104.71
N PRO EA 51 -13.31 -46.93 -105.85
CA PRO EA 51 -12.60 -46.12 -106.84
C PRO EA 51 -12.68 -44.63 -106.53
N ILE EA 52 -11.84 -43.86 -107.21
CA ILE EA 52 -11.82 -42.41 -107.07
C ILE EA 52 -13.08 -41.85 -107.72
N SER EA 53 -13.64 -40.80 -107.11
CA SER EA 53 -14.91 -40.24 -107.57
C SER EA 53 -14.80 -39.57 -108.94
N GLY EA 54 -13.60 -39.15 -109.33
CA GLY EA 54 -13.43 -38.44 -110.58
C GLY EA 54 -13.40 -36.94 -110.33
N MET EA 55 -14.23 -36.47 -109.41
CA MET EA 55 -14.16 -35.10 -108.93
C MET EA 55 -12.88 -34.85 -108.14
N ARG EA 56 -12.41 -35.86 -107.39
CA ARG EA 56 -11.16 -35.77 -106.66
C ARG EA 56 -9.94 -35.69 -107.58
N LYS EA 57 -10.05 -36.21 -108.81
CA LYS EA 57 -8.91 -36.21 -109.73
C LYS EA 57 -8.56 -34.80 -110.18
N THR EA 58 -9.58 -33.96 -110.39
CA THR EA 58 -9.34 -32.57 -110.77
C THR EA 58 -8.71 -31.78 -109.64
N ILE EA 59 -9.14 -32.01 -108.39
CA ILE EA 59 -8.54 -31.32 -107.25
C ILE EA 59 -7.12 -31.81 -107.01
N ALA EA 60 -6.86 -33.10 -107.26
CA ALA EA 60 -5.51 -33.63 -107.13
C ALA EA 60 -4.57 -33.04 -108.18
N ALA EA 61 -5.05 -32.92 -109.42
CA ALA EA 61 -4.27 -32.28 -110.47
C ALA EA 61 -4.05 -30.80 -110.19
N ARG EA 62 -5.05 -30.14 -109.60
CA ARG EA 62 -4.92 -28.71 -109.28
C ARG EA 62 -3.91 -28.48 -108.16
N LEU EA 63 -3.94 -29.32 -107.13
CA LEU EA 63 -2.95 -29.21 -106.05
C LEU EA 63 -1.56 -29.60 -106.55
N LYS EA 64 -1.49 -30.52 -107.51
CA LYS EA 64 -0.22 -30.83 -108.16
C LYS EA 64 0.33 -29.62 -108.92
N GLU EA 65 -0.54 -28.93 -109.67
CA GLU EA 65 -0.15 -27.69 -110.37
C GLU EA 65 0.33 -26.64 -109.38
N SER EA 66 -0.35 -26.52 -108.24
CA SER EA 66 0.01 -25.53 -107.23
C SER EA 66 1.38 -25.81 -106.64
N VAL EA 67 1.65 -27.06 -106.26
CA VAL EA 67 2.93 -27.37 -105.62
C VAL EA 67 4.05 -27.45 -106.64
N THR EA 68 3.73 -27.62 -107.92
CA THR EA 68 4.82 -27.74 -108.89
C THR EA 68 5.13 -26.42 -109.58
N GLU EA 69 4.21 -25.44 -109.52
CA GLU EA 69 4.50 -24.18 -110.18
C GLU EA 69 4.68 -23.06 -109.17
N ASN EA 70 4.23 -23.27 -107.93
CA ASN EA 70 4.37 -22.27 -106.88
C ASN EA 70 5.39 -22.75 -105.86
N PRO EA 71 6.61 -22.18 -105.82
CA PRO EA 71 7.51 -22.49 -104.70
C PRO EA 71 7.05 -21.82 -103.41
N HIS EA 72 6.45 -22.61 -102.53
CA HIS EA 72 5.85 -22.07 -101.32
C HIS EA 72 6.91 -21.77 -100.27
N PHE EA 73 6.65 -20.74 -99.47
CA PHE EA 73 7.38 -20.55 -98.22
C PHE EA 73 6.42 -20.01 -97.18
N PHE EA 74 6.60 -20.48 -95.94
CA PHE EA 74 5.67 -20.20 -94.86
C PHE EA 74 6.25 -19.15 -93.92
N VAL EA 75 5.39 -18.28 -93.43
CA VAL EA 75 5.72 -17.30 -92.39
C VAL EA 75 4.73 -17.47 -91.26
N SER EA 76 5.23 -17.76 -90.06
CA SER EA 76 4.38 -18.02 -88.91
C SER EA 76 4.46 -16.86 -87.92
N THR EA 77 3.35 -16.63 -87.22
CA THR EA 77 3.27 -15.60 -86.21
C THR EA 77 2.26 -16.02 -85.16
N ASN EA 78 2.27 -15.30 -84.03
CA ASN EA 78 1.31 -15.52 -82.96
C ASN EA 78 0.56 -14.22 -82.72
N LEU EA 79 -0.75 -14.23 -83.00
CA LEU EA 79 -1.60 -13.07 -82.81
C LEU EA 79 -2.25 -13.15 -81.43
N SER EA 80 -2.19 -12.06 -80.69
CA SER EA 80 -2.91 -11.96 -79.42
C SER EA 80 -4.32 -11.46 -79.68
N VAL EA 81 -5.30 -12.24 -79.24
CA VAL EA 81 -6.71 -11.96 -79.54
C VAL EA 81 -7.50 -11.66 -78.26
N SER EA 82 -6.81 -11.30 -77.17
CA SER EA 82 -7.49 -11.04 -75.91
C SER EA 82 -8.31 -9.76 -75.96
N LYS EA 83 -7.91 -8.79 -76.79
CA LYS EA 83 -8.71 -7.60 -76.99
C LYS EA 83 -9.75 -7.79 -78.09
N LEU EA 84 -9.43 -8.64 -79.08
CA LEU EA 84 -10.38 -8.94 -80.15
C LEU EA 84 -11.59 -9.69 -79.61
N LEU EA 85 -11.37 -10.60 -78.66
CA LEU EA 85 -12.48 -11.32 -78.05
C LEU EA 85 -13.34 -10.41 -77.18
N LYS EA 86 -12.72 -9.42 -76.52
CA LYS EA 86 -13.50 -8.45 -75.74
C LYS EA 86 -14.33 -7.56 -76.65
N LEU EA 87 -13.75 -7.13 -77.78
CA LEU EA 87 -14.50 -6.32 -78.75
C LEU EA 87 -15.65 -7.12 -79.36
N ARG EA 88 -15.42 -8.41 -79.65
CA ARG EA 88 -16.48 -9.26 -80.18
C ARG EA 88 -17.58 -9.49 -79.16
N GLN EA 89 -17.21 -9.65 -77.88
CA GLN EA 89 -18.19 -9.84 -76.83
C GLN EA 89 -19.04 -8.59 -76.64
N ALA EA 90 -18.41 -7.41 -76.70
CA ALA EA 90 -19.16 -6.16 -76.57
C ALA EA 90 -20.09 -5.94 -77.75
N LEU EA 91 -19.61 -6.22 -78.97
CA LEU EA 91 -20.44 -6.01 -80.16
C LEU EA 91 -21.56 -7.03 -80.25
N ASN EA 92 -21.36 -8.23 -79.67
CA ASN EA 92 -22.43 -9.22 -79.65
C ASN EA 92 -23.43 -8.93 -78.54
N SER EA 93 -22.97 -8.38 -77.41
CA SER EA 93 -23.88 -8.08 -76.32
C SER EA 93 -24.72 -6.84 -76.62
N SER EA 94 -24.19 -5.90 -77.41
CA SER EA 94 -24.95 -4.71 -77.81
C SER EA 94 -25.72 -4.98 -79.10
N ALA EA 95 -26.64 -5.94 -79.04
CA ALA EA 95 -27.45 -6.32 -80.18
C ALA EA 95 -28.76 -6.90 -79.69
N ASP EA 96 -29.72 -7.01 -80.62
CA ASP EA 96 -31.02 -7.60 -80.35
C ASP EA 96 -31.24 -8.86 -81.18
N GLY EA 97 -30.18 -9.61 -81.42
CA GLY EA 97 -30.27 -10.74 -82.33
C GLY EA 97 -30.19 -10.40 -83.79
N ARG EA 98 -29.74 -9.19 -84.13
CA ARG EA 98 -29.62 -8.81 -85.54
C ARG EA 98 -28.42 -9.47 -86.20
N TYR EA 99 -27.36 -9.72 -85.44
CA TYR EA 99 -26.14 -10.29 -86.01
C TYR EA 99 -25.46 -11.14 -84.96
N LYS EA 100 -24.46 -11.90 -85.40
CA LYS EA 100 -23.62 -12.71 -84.52
C LYS EA 100 -22.21 -12.71 -85.10
N LEU EA 101 -21.26 -12.16 -84.34
CA LEU EA 101 -19.91 -11.97 -84.84
C LEU EA 101 -19.00 -13.12 -84.41
N SER EA 102 -18.05 -13.45 -85.27
CA SER EA 102 -17.06 -14.47 -85.02
C SER EA 102 -15.66 -13.89 -85.24
N VAL EA 103 -14.65 -14.71 -84.95
CA VAL EA 103 -13.25 -14.27 -85.11
C VAL EA 103 -12.89 -14.20 -86.59
N ASN EA 104 -13.56 -14.99 -87.43
CA ASN EA 104 -13.28 -15.01 -88.85
C ASN EA 104 -13.66 -13.71 -89.53
N ASP EA 105 -14.64 -12.98 -88.99
CA ASP EA 105 -15.01 -11.68 -89.53
C ASP EA 105 -13.89 -10.66 -89.33
N PHE EA 106 -13.35 -10.60 -88.11
CA PHE EA 106 -12.22 -9.73 -87.83
C PHE EA 106 -10.99 -10.14 -88.63
N LEU EA 107 -10.80 -11.44 -88.84
CA LEU EA 107 -9.66 -11.91 -89.61
C LEU EA 107 -9.78 -11.54 -91.09
N ILE EA 108 -10.99 -11.64 -91.64
CA ILE EA 108 -11.20 -11.28 -93.05
C ILE EA 108 -11.05 -9.78 -93.25
N LYS EA 109 -11.56 -8.98 -92.30
CA LYS EA 109 -11.39 -7.53 -92.38
C LYS EA 109 -9.93 -7.12 -92.23
N ALA EA 110 -9.19 -7.78 -91.34
CA ALA EA 110 -7.77 -7.47 -91.16
C ALA EA 110 -6.95 -7.92 -92.37
N MET EA 111 -7.36 -9.01 -93.02
CA MET EA 111 -6.72 -9.43 -94.26
C MET EA 111 -6.96 -8.43 -95.38
N GLY EA 112 -8.16 -7.86 -95.43
CA GLY EA 112 -8.43 -6.82 -96.41
C GLY EA 112 -7.62 -5.56 -96.18
N ILE EA 113 -7.48 -5.15 -94.90
CA ILE EA 113 -6.70 -3.98 -94.55
C ILE EA 113 -5.22 -4.20 -94.86
N ALA EA 114 -4.70 -5.39 -94.53
CA ALA EA 114 -3.31 -5.71 -94.79
C ALA EA 114 -3.00 -5.85 -96.27
N SER EA 115 -3.94 -6.40 -97.05
CA SER EA 115 -3.73 -6.50 -98.49
C SER EA 115 -3.87 -5.15 -99.18
N LYS EA 116 -4.64 -4.23 -98.60
CA LYS EA 116 -4.67 -2.88 -99.14
C LYS EA 116 -3.40 -2.11 -98.79
N ARG EA 117 -2.83 -2.35 -97.61
CA ARG EA 117 -1.59 -1.67 -97.26
C ARG EA 117 -0.37 -2.23 -97.98
N VAL EA 118 -0.30 -3.54 -98.19
CA VAL EA 118 0.76 -4.15 -98.97
C VAL EA 118 0.14 -4.76 -100.23
N PRO EA 119 0.08 -4.03 -101.34
CA PRO EA 119 -0.63 -4.54 -102.52
C PRO EA 119 0.15 -5.56 -103.33
N THR EA 120 1.39 -5.87 -102.96
CA THR EA 120 2.16 -6.87 -103.72
C THR EA 120 1.64 -8.28 -103.45
N VAL EA 121 1.12 -8.53 -102.25
CA VAL EA 121 0.56 -9.85 -101.93
C VAL EA 121 -0.76 -10.07 -102.66
N ASN EA 122 -1.50 -9.01 -102.93
CA ASN EA 122 -2.78 -9.10 -103.65
C ASN EA 122 -2.50 -9.09 -105.15
N SER EA 123 -1.97 -10.21 -105.64
CA SER EA 123 -1.59 -10.33 -107.04
C SER EA 123 -1.72 -11.78 -107.48
N SER EA 124 -1.22 -12.08 -108.68
CA SER EA 124 -1.29 -13.41 -109.27
C SER EA 124 -0.08 -13.59 -110.18
N TRP EA 125 -0.14 -14.57 -111.06
CA TRP EA 125 0.94 -14.86 -112.00
C TRP EA 125 0.32 -15.29 -113.32
N ARG EA 126 0.53 -14.49 -114.37
CA ARG EA 126 -0.17 -14.63 -115.64
C ARG EA 126 0.83 -14.72 -116.79
N ASP EA 127 0.36 -14.57 -118.03
CA ASP EA 127 1.19 -14.74 -119.22
C ASP EA 127 2.21 -13.62 -119.32
N GLY EA 128 3.38 -13.85 -118.71
CA GLY EA 128 4.46 -12.87 -118.72
C GLY EA 128 4.16 -11.59 -117.97
N VAL EA 129 3.20 -11.61 -117.05
CA VAL EA 129 2.65 -10.39 -116.49
C VAL EA 129 2.08 -10.69 -115.11
N ILE EA 130 2.15 -9.70 -114.22
CA ILE EA 130 1.62 -9.77 -112.86
C ILE EA 130 0.30 -9.02 -112.84
N ARG EA 131 -0.78 -9.71 -112.49
CA ARG EA 131 -2.09 -9.06 -112.43
C ARG EA 131 -2.37 -8.61 -111.02
N GLN EA 132 -2.47 -7.30 -110.82
CA GLN EA 132 -2.65 -6.69 -109.51
C GLN EA 132 -4.04 -6.07 -109.42
N PHE EA 133 -4.81 -6.50 -108.43
CA PHE EA 133 -6.17 -6.05 -108.21
C PHE EA 133 -6.20 -4.89 -107.22
N GLU EA 134 -7.33 -4.15 -107.22
CA GLU EA 134 -7.58 -3.13 -106.21
C GLU EA 134 -8.31 -3.70 -104.99
N THR EA 135 -9.47 -4.32 -105.21
CA THR EA 135 -10.28 -4.83 -104.12
C THR EA 135 -9.75 -6.17 -103.64
N VAL EA 136 -10.02 -6.47 -102.37
CA VAL EA 136 -9.62 -7.73 -101.75
C VAL EA 136 -10.83 -8.65 -101.80
N ASP EA 137 -10.75 -9.71 -102.59
CA ASP EA 137 -11.79 -10.73 -102.66
C ASP EA 137 -11.26 -11.96 -101.91
N VAL EA 138 -11.91 -12.30 -100.81
CA VAL EA 138 -11.39 -13.30 -99.88
C VAL EA 138 -12.17 -14.60 -100.06
N SER EA 139 -11.47 -15.67 -100.41
CA SER EA 139 -12.06 -16.99 -100.54
C SER EA 139 -12.00 -17.70 -99.19
N VAL EA 140 -13.16 -18.11 -98.67
CA VAL EA 140 -13.25 -18.75 -97.37
C VAL EA 140 -13.54 -20.22 -97.58
N ALA EA 141 -12.76 -21.08 -96.95
CA ALA EA 141 -12.91 -22.52 -97.11
C ALA EA 141 -14.05 -23.03 -96.22
N VAL EA 142 -14.97 -23.77 -96.82
CA VAL EA 142 -16.11 -24.36 -96.12
C VAL EA 142 -15.97 -25.88 -96.21
N ALA EA 143 -16.04 -26.54 -95.05
CA ALA EA 143 -15.87 -28.00 -94.99
C ALA EA 143 -17.23 -28.67 -95.15
N THR EA 144 -17.46 -29.23 -96.33
CA THR EA 144 -18.64 -30.00 -96.68
C THR EA 144 -18.30 -31.49 -96.72
N PRO EA 145 -19.28 -32.39 -96.55
CA PRO EA 145 -18.98 -33.82 -96.63
C PRO EA 145 -18.54 -34.30 -98.01
N ASN EA 146 -18.76 -33.50 -99.05
CA ASN EA 146 -18.19 -33.72 -100.37
C ASN EA 146 -16.86 -33.01 -100.56
N GLY EA 147 -16.12 -32.76 -99.49
CA GLY EA 147 -14.77 -32.25 -99.61
C GLY EA 147 -14.57 -30.80 -99.20
N LEU EA 148 -14.16 -29.97 -100.15
CA LEU EA 148 -13.78 -28.58 -99.85
C LEU EA 148 -14.27 -27.67 -100.96
N ILE EA 149 -14.81 -26.52 -100.56
CA ILE EA 149 -15.23 -25.49 -101.50
C ILE EA 149 -14.81 -24.15 -100.92
N THR EA 150 -14.56 -23.16 -101.80
CA THR EA 150 -14.10 -21.83 -101.39
C THR EA 150 -15.00 -20.77 -102.00
N PRO EA 151 -16.14 -20.45 -101.38
CA PRO EA 151 -16.90 -19.28 -101.81
C PRO EA 151 -16.19 -17.98 -101.46
N ILE EA 152 -16.47 -16.95 -102.26
CA ILE EA 152 -15.72 -15.71 -102.24
C ILE EA 152 -16.58 -14.60 -101.67
N VAL EA 153 -16.01 -13.85 -100.73
CA VAL EA 153 -16.59 -12.59 -100.25
C VAL EA 153 -15.92 -11.48 -101.06
N LYS EA 154 -16.73 -10.75 -101.82
CA LYS EA 154 -16.21 -9.74 -102.74
C LYS EA 154 -16.24 -8.36 -102.09
N GLY EA 155 -15.18 -7.59 -102.33
CA GLY EA 155 -15.06 -6.24 -101.82
C GLY EA 155 -14.97 -6.17 -100.31
N VAL EA 156 -13.93 -6.75 -99.74
CA VAL EA 156 -13.84 -6.90 -98.29
C VAL EA 156 -13.54 -5.57 -97.62
N GLU EA 157 -12.59 -4.81 -98.14
CA GLU EA 157 -12.27 -3.51 -97.56
C GLU EA 157 -13.43 -2.54 -97.85
N GLY EA 158 -13.82 -1.80 -96.83
CA GLY EA 158 -14.99 -0.95 -96.90
C GLY EA 158 -16.30 -1.68 -97.10
N LYS EA 159 -16.54 -2.71 -96.30
CA LYS EA 159 -17.79 -3.47 -96.42
C LYS EA 159 -18.61 -3.51 -95.15
N GLY EA 160 -17.97 -3.69 -94.00
CA GLY EA 160 -18.71 -3.78 -92.76
C GLY EA 160 -18.73 -5.19 -92.21
N LEU EA 161 -18.62 -5.29 -90.89
CA LEU EA 161 -18.50 -6.59 -90.23
C LEU EA 161 -19.81 -7.37 -90.27
N GLU EA 162 -20.94 -6.66 -90.19
CA GLU EA 162 -22.24 -7.33 -90.28
C GLU EA 162 -22.50 -7.85 -91.70
N SER EA 163 -22.06 -7.09 -92.70
CA SER EA 163 -22.19 -7.54 -94.09
C SER EA 163 -21.28 -8.73 -94.35
N ILE EA 164 -20.08 -8.73 -93.76
CA ILE EA 164 -19.15 -9.85 -93.91
C ILE EA 164 -19.72 -11.10 -93.24
N SER EA 165 -20.29 -10.94 -92.03
CA SER EA 165 -20.88 -12.06 -91.31
C SER EA 165 -22.09 -12.63 -92.06
N ALA EA 166 -22.92 -11.75 -92.63
CA ALA EA 166 -24.08 -12.18 -93.39
C ALA EA 166 -23.67 -12.93 -94.65
N ALA EA 167 -22.67 -12.42 -95.36
CA ALA EA 167 -22.22 -13.07 -96.60
C ALA EA 167 -21.56 -14.42 -96.31
N VAL EA 168 -20.79 -14.49 -95.21
CA VAL EA 168 -20.15 -15.75 -94.83
C VAL EA 168 -21.19 -16.78 -94.41
N LYS EA 169 -22.24 -16.36 -93.69
CA LYS EA 169 -23.28 -17.30 -93.29
C LYS EA 169 -24.10 -17.78 -94.49
N GLU EA 170 -24.44 -16.85 -95.40
CA GLU EA 170 -25.13 -17.20 -96.65
C GLU EA 170 -24.34 -18.21 -97.46
N LEU EA 171 -23.05 -17.93 -97.70
CA LEU EA 171 -22.24 -18.80 -98.54
C LEU EA 171 -21.96 -20.14 -97.86
N ALA EA 172 -21.85 -20.16 -96.53
CA ALA EA 172 -21.61 -21.42 -95.82
C ALA EA 172 -22.85 -22.31 -95.83
N LYS EA 173 -24.04 -21.74 -95.62
CA LYS EA 173 -25.25 -22.57 -95.64
C LYS EA 173 -25.57 -23.01 -97.06
N LYS EA 174 -25.24 -22.19 -98.06
CA LYS EA 174 -25.44 -22.62 -99.44
C LYS EA 174 -24.38 -23.62 -99.86
N ALA EA 175 -23.22 -23.62 -99.23
CA ALA EA 175 -22.23 -24.66 -99.49
C ALA EA 175 -22.63 -25.98 -98.86
N ARG EA 176 -23.30 -25.91 -97.70
CA ARG EA 176 -23.82 -27.13 -97.08
C ARG EA 176 -25.01 -27.69 -97.86
N ASP EA 177 -25.82 -26.82 -98.47
CA ASP EA 177 -26.91 -27.28 -99.31
C ASP EA 177 -26.49 -27.59 -100.75
N GLY EA 178 -25.29 -27.18 -101.17
CA GLY EA 178 -24.77 -27.48 -102.48
C GLY EA 178 -25.48 -26.75 -103.61
N LYS EA 179 -25.61 -25.43 -103.49
CA LYS EA 179 -26.42 -24.63 -104.41
C LYS EA 179 -25.65 -23.42 -104.91
N LEU EA 180 -24.44 -23.63 -105.42
CA LEU EA 180 -23.56 -22.53 -105.82
C LEU EA 180 -23.47 -22.42 -107.34
N LYS EA 181 -23.22 -21.21 -107.80
CA LYS EA 181 -22.84 -20.81 -109.15
C LYS EA 181 -21.31 -20.81 -109.27
N PRO EA 182 -20.77 -21.09 -110.46
CA PRO EA 182 -19.30 -21.12 -110.61
C PRO EA 182 -18.63 -19.77 -110.42
N GLU EA 183 -19.36 -18.68 -110.62
CA GLU EA 183 -18.84 -17.34 -110.34
C GLU EA 183 -18.76 -17.03 -108.85
N GLU EA 184 -19.34 -17.87 -108.00
CA GLU EA 184 -19.26 -17.67 -106.56
C GLU EA 184 -18.08 -18.39 -105.92
N TYR EA 185 -17.45 -19.35 -106.62
CA TYR EA 185 -16.29 -20.02 -106.07
C TYR EA 185 -15.14 -20.12 -107.07
N GLN EA 186 -15.22 -19.37 -108.17
CA GLN EA 186 -14.13 -19.33 -109.15
C GLN EA 186 -13.64 -17.89 -109.25
N GLY EA 187 -12.47 -17.63 -108.68
CA GLY EA 187 -11.89 -16.30 -108.67
C GLY EA 187 -11.14 -16.01 -107.38
N GLY EA 188 -11.29 -14.80 -106.86
CA GLY EA 188 -10.67 -14.43 -105.61
C GLY EA 188 -9.21 -14.01 -105.76
N SER EA 189 -8.72 -13.22 -104.81
CA SER EA 189 -7.33 -12.78 -104.82
C SER EA 189 -6.52 -13.32 -103.65
N ILE EA 190 -7.17 -13.76 -102.57
CA ILE EA 190 -6.48 -14.32 -101.41
C ILE EA 190 -7.45 -15.28 -100.72
N SER EA 191 -6.90 -16.24 -99.99
CA SER EA 191 -7.68 -17.29 -99.35
C SER EA 191 -7.39 -17.33 -97.86
N ILE EA 192 -8.23 -18.06 -97.12
CA ILE EA 192 -8.04 -18.28 -95.69
C ILE EA 192 -8.65 -19.63 -95.33
N SER EA 193 -7.89 -20.42 -94.56
CA SER EA 193 -8.34 -21.71 -94.06
C SER EA 193 -8.46 -21.62 -92.55
N ASN EA 194 -9.60 -22.01 -92.02
CA ASN EA 194 -9.96 -21.83 -90.63
C ASN EA 194 -10.12 -23.17 -89.96
N MET EA 195 -9.41 -23.38 -88.85
CA MET EA 195 -9.50 -24.62 -88.07
C MET EA 195 -9.59 -24.31 -86.57
N GLY EA 196 -10.37 -23.30 -86.20
CA GLY EA 196 -10.51 -22.96 -84.80
C GLY EA 196 -11.50 -23.83 -84.05
N MET EA 197 -12.36 -24.55 -84.76
CA MET EA 197 -13.33 -25.42 -84.10
C MET EA 197 -12.66 -26.68 -83.55
N ASN EA 198 -11.51 -27.06 -84.11
CA ASN EA 198 -10.74 -28.18 -83.62
C ASN EA 198 -9.69 -27.65 -82.65
N PRO EA 199 -9.79 -27.98 -81.35
CA PRO EA 199 -8.83 -27.46 -80.38
C PRO EA 199 -7.48 -28.16 -80.40
N ALA EA 200 -7.33 -29.24 -81.18
CA ALA EA 200 -6.05 -29.95 -81.23
C ALA EA 200 -5.07 -29.28 -82.17
N VAL EA 201 -5.55 -28.63 -83.22
CA VAL EA 201 -4.68 -28.07 -84.25
C VAL EA 201 -4.05 -26.80 -83.72
N GLN EA 202 -2.80 -26.91 -83.26
CA GLN EA 202 -2.06 -25.73 -82.83
C GLN EA 202 -1.59 -24.91 -84.03
N SER EA 203 -1.14 -25.60 -85.08
CA SER EA 203 -0.61 -24.93 -86.27
C SER EA 203 -0.74 -25.89 -87.45
N PHE EA 204 -1.00 -25.33 -88.62
CA PHE EA 204 -1.02 -26.11 -89.85
C PHE EA 204 -0.70 -25.21 -91.02
N THR EA 205 -0.28 -25.83 -92.12
CA THR EA 205 -0.03 -25.14 -93.37
C THR EA 205 -1.10 -25.52 -94.39
N ALA EA 206 -1.23 -24.68 -95.42
CA ALA EA 206 -2.21 -24.90 -96.47
C ALA EA 206 -1.53 -24.78 -97.82
N ILE EA 207 -2.20 -25.29 -98.84
CA ILE EA 207 -1.72 -25.23 -100.22
C ILE EA 207 -2.43 -24.08 -100.93
N ILE EA 208 -1.65 -23.27 -101.65
CA ILE EA 208 -2.19 -22.08 -102.31
C ILE EA 208 -3.06 -22.50 -103.48
N ASN EA 209 -4.30 -21.99 -103.49
CA ASN EA 209 -5.19 -22.23 -104.62
C ASN EA 209 -4.74 -21.40 -105.81
N PRO EA 210 -4.46 -22.03 -106.96
CA PRO EA 210 -4.04 -21.25 -108.12
C PRO EA 210 -5.22 -20.52 -108.72
N PRO EA 211 -4.98 -19.34 -109.32
CA PRO EA 211 -3.69 -18.67 -109.49
C PRO EA 211 -3.39 -17.60 -108.43
N GLN EA 212 -3.85 -17.79 -107.20
CA GLN EA 212 -3.59 -16.79 -106.17
C GLN EA 212 -2.15 -16.87 -105.69
N ALA EA 213 -1.77 -15.89 -104.86
CA ALA EA 213 -0.38 -15.76 -104.43
C ALA EA 213 -0.15 -16.10 -102.97
N ALA EA 214 -1.18 -16.12 -102.13
CA ALA EA 214 -1.00 -16.38 -100.72
C ALA EA 214 -2.21 -17.10 -100.16
N ILE EA 215 -2.02 -17.78 -99.03
CA ILE EA 215 -3.12 -18.40 -98.31
C ILE EA 215 -2.83 -18.30 -96.82
N LEU EA 216 -3.87 -18.09 -96.03
CA LEU EA 216 -3.73 -17.98 -94.58
C LEU EA 216 -4.20 -19.28 -93.93
N ALA EA 217 -3.65 -19.58 -92.75
CA ALA EA 217 -4.03 -20.77 -91.99
C ALA EA 217 -4.04 -20.38 -90.51
N VAL EA 218 -5.16 -20.62 -89.85
CA VAL EA 218 -5.39 -20.12 -88.49
C VAL EA 218 -5.61 -21.31 -87.56
N GLY EA 219 -4.77 -21.40 -86.51
CA GLY EA 219 -4.86 -22.52 -85.58
C GLY EA 219 -5.71 -22.18 -84.37
N ALA EA 220 -5.93 -23.21 -83.55
CA ALA EA 220 -6.75 -23.08 -82.36
C ALA EA 220 -6.07 -22.17 -81.34
N PRO EA 221 -6.85 -21.39 -80.61
CA PRO EA 221 -6.27 -20.54 -79.57
C PRO EA 221 -5.84 -21.34 -78.34
N GLN EA 222 -4.75 -20.89 -77.72
CA GLN EA 222 -4.18 -21.51 -76.54
C GLN EA 222 -3.73 -20.46 -75.55
N LYS EA 223 -3.59 -20.83 -74.29
CA LYS EA 223 -3.12 -19.92 -73.25
C LYS EA 223 -1.60 -19.94 -73.19
N VAL EA 224 -0.99 -18.78 -73.40
CA VAL EA 224 0.47 -18.63 -73.37
C VAL EA 224 0.83 -17.67 -72.26
N ALA EA 225 1.84 -18.04 -71.47
CA ALA EA 225 2.32 -17.17 -70.39
C ALA EA 225 3.06 -15.97 -70.96
N VAL EA 226 2.62 -14.78 -70.55
CA VAL EA 226 3.15 -13.52 -71.06
C VAL EA 226 3.53 -12.65 -69.85
N PRO EA 227 4.72 -12.05 -69.84
CA PRO EA 227 5.14 -11.26 -68.68
C PRO EA 227 4.37 -9.95 -68.55
N VAL EA 228 4.21 -9.50 -67.31
CA VAL EA 228 3.49 -8.28 -67.00
C VAL EA 228 4.17 -7.60 -65.82
N GLU EA 229 4.23 -6.28 -65.87
CA GLU EA 229 4.69 -5.50 -64.73
C GLU EA 229 3.50 -5.20 -63.83
N ASN EA 230 3.69 -5.31 -62.54
CA ASN EA 230 2.73 -4.77 -61.59
C ASN EA 230 3.06 -3.30 -61.37
N GLU EA 231 2.41 -2.66 -60.40
CA GLU EA 231 2.71 -1.27 -60.09
C GLU EA 231 3.94 -1.12 -59.21
N ASP EA 232 4.64 -2.21 -58.89
CA ASP EA 232 5.97 -2.18 -58.32
C ASP EA 232 6.97 -2.73 -59.34
N GLY EA 233 8.22 -2.87 -58.92
CA GLY EA 233 9.31 -3.14 -59.86
C GLY EA 233 9.36 -4.56 -60.40
N THR EA 234 8.72 -5.52 -59.75
CA THR EA 234 8.88 -6.92 -60.13
C THR EA 234 8.02 -7.27 -61.33
N THR EA 235 8.37 -8.36 -62.00
CA THR EA 235 7.59 -8.89 -63.11
C THR EA 235 6.64 -9.98 -62.64
N GLY EA 236 5.64 -10.28 -63.47
CA GLY EA 236 4.62 -11.24 -63.12
C GLY EA 236 4.33 -12.19 -64.28
N VAL EA 237 3.31 -13.03 -64.06
CA VAL EA 237 2.84 -13.97 -65.08
C VAL EA 237 1.40 -13.61 -65.40
N SER EA 238 1.14 -13.24 -66.65
CA SER EA 238 -0.20 -13.05 -67.15
C SER EA 238 -0.47 -14.09 -68.23
N TRP EA 239 -1.74 -14.47 -68.37
CA TRP EA 239 -2.14 -15.50 -69.31
C TRP EA 239 -2.84 -14.84 -70.49
N ASP EA 240 -2.24 -14.95 -71.67
CA ASP EA 240 -2.71 -14.32 -72.88
C ASP EA 240 -3.25 -15.38 -73.84
N GLU EA 241 -4.34 -15.03 -74.53
CA GLU EA 241 -4.92 -15.92 -75.54
C GLU EA 241 -4.21 -15.67 -76.87
N GLN EA 242 -3.44 -16.64 -77.33
CA GLN EA 242 -2.68 -16.49 -78.57
C GLN EA 242 -3.17 -17.49 -79.62
N ILE EA 243 -3.03 -17.08 -80.88
CA ILE EA 243 -3.44 -17.88 -82.03
C ILE EA 243 -2.27 -17.94 -83.00
N ILE EA 244 -1.87 -19.15 -83.39
CA ILE EA 244 -0.78 -19.33 -84.33
C ILE EA 244 -1.33 -19.20 -85.75
N VAL EA 245 -0.80 -18.26 -86.50
CA VAL EA 245 -1.24 -17.94 -87.86
C VAL EA 245 -0.08 -18.19 -88.80
N THR EA 246 -0.27 -19.08 -89.78
CA THR EA 246 0.75 -19.41 -90.76
C THR EA 246 0.28 -18.95 -92.14
N ALA EA 247 1.06 -18.11 -92.78
CA ALA EA 247 0.75 -17.62 -94.12
C ALA EA 247 1.71 -18.24 -95.11
N SER EA 248 1.17 -18.92 -96.12
CA SER EA 248 1.97 -19.54 -97.17
C SER EA 248 1.96 -18.63 -98.38
N PHE EA 249 3.15 -18.23 -98.83
CA PHE EA 249 3.32 -17.33 -99.96
C PHE EA 249 4.00 -18.06 -101.12
N ASP EA 250 3.76 -17.53 -102.32
CA ASP EA 250 4.43 -17.95 -103.54
C ASP EA 250 5.62 -17.04 -103.77
N HIS EA 251 6.81 -17.63 -103.97
CA HIS EA 251 8.03 -16.85 -104.03
C HIS EA 251 8.25 -16.18 -105.38
N LYS EA 252 7.44 -16.51 -106.40
CA LYS EA 252 7.57 -15.83 -107.67
C LYS EA 252 7.01 -14.41 -107.61
N VAL EA 253 6.04 -14.17 -106.74
CA VAL EA 253 5.39 -12.88 -106.60
C VAL EA 253 5.83 -12.16 -105.33
N VAL EA 254 5.78 -12.87 -104.20
CA VAL EA 254 6.02 -12.28 -102.88
C VAL EA 254 7.36 -12.76 -102.37
N ASP EA 255 8.21 -11.81 -101.97
CA ASP EA 255 9.46 -12.17 -101.30
C ASP EA 255 9.24 -12.22 -99.79
N GLY EA 256 10.32 -12.59 -99.08
CA GLY EA 256 10.22 -12.78 -97.65
C GLY EA 256 10.00 -11.50 -96.89
N ALA EA 257 10.62 -10.40 -97.34
CA ALA EA 257 10.41 -9.11 -96.70
C ALA EA 257 9.00 -8.58 -96.93
N VAL EA 258 8.43 -8.83 -98.11
CA VAL EA 258 7.06 -8.41 -98.40
C VAL EA 258 6.08 -9.23 -97.58
N GLY EA 259 6.33 -10.54 -97.44
CA GLY EA 259 5.50 -11.37 -96.60
C GLY EA 259 5.60 -11.01 -95.12
N ALA EA 260 6.79 -10.60 -94.69
CA ALA EA 260 6.98 -10.18 -93.31
C ALA EA 260 6.29 -8.85 -93.04
N GLU EA 261 6.30 -7.93 -94.01
CA GLU EA 261 5.55 -6.68 -93.87
C GLU EA 261 4.05 -6.93 -93.83
N TRP EA 262 3.56 -7.84 -94.67
CA TRP EA 262 2.13 -8.20 -94.65
C TRP EA 262 1.74 -8.82 -93.31
N ILE EA 263 2.58 -9.72 -92.79
CA ILE EA 263 2.33 -10.35 -91.49
C ILE EA 263 2.38 -9.32 -90.37
N ARG EA 264 3.29 -8.34 -90.47
CA ARG EA 264 3.41 -7.31 -89.44
C ARG EA 264 2.19 -6.39 -89.43
N GLU EA 265 1.69 -6.02 -90.63
CA GLU EA 265 0.50 -5.18 -90.69
C GLU EA 265 -0.74 -5.93 -90.22
N LEU EA 266 -0.83 -7.22 -90.54
CA LEU EA 266 -1.94 -8.04 -90.06
C LEU EA 266 -1.90 -8.18 -88.54
N LYS EA 267 -0.71 -8.38 -87.98
CA LYS EA 267 -0.56 -8.47 -86.53
C LYS EA 267 -0.86 -7.15 -85.84
N LYS EA 268 -0.52 -6.03 -86.49
CA LYS EA 268 -0.82 -4.72 -85.92
C LYS EA 268 -2.32 -4.47 -85.88
N VAL EA 269 -3.01 -4.76 -86.98
CA VAL EA 269 -4.46 -4.54 -87.06
C VAL EA 269 -5.20 -5.52 -86.13
N ILE EA 270 -4.67 -6.72 -85.93
CA ILE EA 270 -5.33 -7.67 -85.03
C ILE EA 270 -5.11 -7.29 -83.56
N GLU EA 271 -3.86 -6.99 -83.18
CA GLU EA 271 -3.56 -6.69 -81.79
C GLU EA 271 -3.96 -5.28 -81.37
N ASN EA 272 -4.30 -4.40 -82.32
CA ASN EA 272 -4.93 -3.12 -82.02
C ASN EA 272 -6.27 -3.10 -82.75
N PRO EA 273 -7.34 -3.55 -82.09
CA PRO EA 273 -8.62 -3.73 -82.81
C PRO EA 273 -9.32 -2.44 -83.16
N LEU EA 274 -8.89 -1.30 -82.61
CA LEU EA 274 -9.47 -0.01 -83.00
C LEU EA 274 -8.98 0.45 -84.36
N GLU EA 275 -7.94 -0.18 -84.91
CA GLU EA 275 -7.44 0.17 -86.23
C GLU EA 275 -8.28 -0.41 -87.36
N LEU EA 276 -9.30 -1.22 -87.04
CA LEU EA 276 -10.22 -1.71 -88.06
C LEU EA 276 -11.16 -0.61 -88.56
N LEU EA 277 -11.29 0.49 -87.82
CA LEU EA 277 -12.04 1.64 -88.29
C LEU EA 277 -11.35 2.31 -89.46
N LEU EA 278 -10.03 2.47 -89.35
CA LEU EA 278 -9.24 3.11 -90.39
C LEU EA 278 -8.96 2.15 -91.54
N TYR FA 47 -47.79 -85.33 -57.98
CA TYR FA 47 -49.12 -84.75 -58.19
C TYR FA 47 -49.22 -84.19 -59.59
N THR FA 48 -48.65 -83.00 -59.81
CA THR FA 48 -48.60 -82.41 -61.14
C THR FA 48 -47.39 -82.96 -61.88
N ASP FA 49 -47.65 -83.54 -63.06
CA ASP FA 49 -46.71 -84.37 -63.81
C ASP FA 49 -46.57 -83.85 -65.23
N VAL FA 50 -46.23 -82.57 -65.37
CA VAL FA 50 -45.87 -81.98 -66.66
C VAL FA 50 -44.67 -82.74 -67.22
N PRO FA 51 -44.66 -83.03 -68.52
CA PRO FA 51 -43.57 -83.83 -69.09
C PRO FA 51 -42.35 -83.00 -69.42
N ILE FA 52 -41.24 -83.69 -69.67
CA ILE FA 52 -40.00 -83.04 -70.05
C ILE FA 52 -40.15 -82.51 -71.47
N SER FA 53 -39.54 -81.34 -71.72
CA SER FA 53 -39.70 -80.67 -73.01
C SER FA 53 -39.03 -81.42 -74.15
N GLY FA 54 -38.05 -82.27 -73.86
CA GLY FA 54 -37.32 -82.96 -74.90
C GLY FA 54 -36.03 -82.25 -75.21
N MET FA 55 -36.08 -80.91 -75.21
CA MET FA 55 -34.87 -80.11 -75.29
C MET FA 55 -34.02 -80.24 -74.02
N ARG FA 56 -34.66 -80.40 -72.86
CA ARG FA 56 -33.96 -80.62 -71.61
C ARG FA 56 -33.25 -81.97 -71.56
N LYS FA 57 -33.72 -82.96 -72.34
CA LYS FA 57 -33.11 -84.28 -72.32
C LYS FA 57 -31.72 -84.27 -72.91
N THR FA 58 -31.50 -83.47 -73.97
CA THR FA 58 -30.19 -83.35 -74.57
C THR FA 58 -29.20 -82.64 -73.64
N ILE FA 59 -29.65 -81.61 -72.92
CA ILE FA 59 -28.78 -80.92 -71.97
C ILE FA 59 -28.49 -81.82 -70.77
N ALA FA 60 -29.45 -82.64 -70.36
CA ALA FA 60 -29.22 -83.58 -69.27
C ALA FA 60 -28.21 -84.66 -69.67
N ALA FA 61 -28.32 -85.17 -70.90
CA ALA FA 61 -27.35 -86.14 -71.39
C ALA FA 61 -25.97 -85.51 -71.57
N ARG FA 62 -25.93 -84.23 -71.96
CA ARG FA 62 -24.65 -83.55 -72.14
C ARG FA 62 -23.96 -83.30 -70.81
N LEU FA 63 -24.71 -82.88 -69.79
CA LEU FA 63 -24.14 -82.71 -68.45
C LEU FA 63 -23.74 -84.05 -67.85
N LYS FA 64 -24.48 -85.12 -68.18
CA LYS FA 64 -24.08 -86.46 -67.78
C LYS FA 64 -22.75 -86.85 -68.41
N GLU FA 65 -22.58 -86.59 -69.71
CA GLU FA 65 -21.30 -86.82 -70.40
C GLU FA 65 -20.17 -86.04 -69.75
N SER FA 66 -20.46 -84.78 -69.38
CA SER FA 66 -19.44 -83.92 -68.77
C SER FA 66 -18.99 -84.46 -67.43
N VAL FA 67 -19.93 -84.84 -66.56
CA VAL FA 67 -19.56 -85.30 -65.22
C VAL FA 67 -19.04 -86.73 -65.26
N THR FA 68 -19.31 -87.49 -66.32
CA THR FA 68 -18.84 -88.87 -66.31
C THR FA 68 -17.53 -89.02 -67.08
N GLU FA 69 -17.15 -88.04 -67.91
CA GLU FA 69 -15.91 -88.19 -68.66
C GLU FA 69 -14.87 -87.17 -68.20
N ASN FA 70 -15.32 -86.13 -67.50
CA ASN FA 70 -14.41 -85.10 -67.00
C ASN FA 70 -14.33 -85.21 -65.48
N PRO FA 71 -13.22 -85.70 -64.92
CA PRO FA 71 -13.04 -85.60 -63.46
C PRO FA 71 -12.74 -84.18 -63.03
N HIS FA 72 -13.74 -83.49 -62.49
CA HIS FA 72 -13.61 -82.08 -62.16
C HIS FA 72 -12.83 -81.89 -60.87
N PHE FA 73 -12.10 -80.79 -60.79
CA PHE FA 73 -11.59 -80.30 -59.52
C PHE FA 73 -11.65 -78.78 -59.52
N PHE FA 74 -11.99 -78.22 -58.37
CA PHE FA 74 -12.25 -76.79 -58.24
C PHE FA 74 -11.07 -76.10 -57.57
N VAL FA 75 -10.78 -74.89 -58.03
CA VAL FA 75 -9.78 -74.01 -57.41
C VAL FA 75 -10.47 -72.68 -57.13
N SER FA 76 -10.49 -72.27 -55.86
CA SER FA 76 -11.17 -71.06 -55.45
C SER FA 76 -10.17 -69.97 -55.10
N THR FA 77 -10.55 -68.73 -55.33
CA THR FA 77 -9.72 -67.59 -54.99
C THR FA 77 -10.62 -66.39 -54.70
N ASN FA 78 -10.03 -65.35 -54.14
CA ASN FA 78 -10.74 -64.10 -53.86
C ASN FA 78 -10.01 -62.97 -54.57
N LEU FA 79 -10.68 -62.38 -55.57
CA LEU FA 79 -10.13 -61.27 -56.33
C LEU FA 79 -10.56 -59.96 -55.71
N SER FA 80 -9.62 -59.05 -55.50
CA SER FA 80 -9.93 -57.72 -55.05
C SER FA 80 -10.21 -56.83 -56.26
N VAL FA 81 -11.39 -56.22 -56.27
CA VAL FA 81 -11.86 -55.45 -57.43
C VAL FA 81 -12.06 -53.98 -57.08
N SER FA 82 -11.41 -53.51 -56.00
CA SER FA 82 -11.56 -52.12 -55.60
C SER FA 82 -10.88 -51.16 -56.56
N LYS FA 83 -9.82 -51.61 -57.24
CA LYS FA 83 -9.20 -50.79 -58.27
C LYS FA 83 -9.87 -50.99 -59.63
N LEU FA 84 -10.42 -52.20 -59.86
CA LEU FA 84 -11.14 -52.47 -61.10
C LEU FA 84 -12.42 -51.66 -61.19
N LEU FA 85 -13.11 -51.48 -60.06
CA LEU FA 85 -14.30 -50.65 -60.05
C LEU FA 85 -13.98 -49.17 -60.25
N LYS FA 86 -12.83 -48.72 -59.74
CA LYS FA 86 -12.40 -47.34 -59.97
C LYS FA 86 -12.05 -47.11 -61.43
N LEU FA 87 -11.37 -48.08 -62.05
CA LEU FA 87 -11.03 -47.98 -63.47
C LEU FA 87 -12.29 -48.01 -64.34
N ARG FA 88 -13.27 -48.83 -63.96
CA ARG FA 88 -14.53 -48.90 -64.70
C ARG FA 88 -15.32 -47.61 -64.54
N GLN FA 89 -15.29 -47.01 -63.34
CA GLN FA 89 -15.99 -45.74 -63.10
C GLN FA 89 -15.36 -44.61 -63.90
N ALA FA 90 -14.02 -44.59 -63.97
CA ALA FA 90 -13.33 -43.56 -64.75
C ALA FA 90 -13.58 -43.72 -66.24
N LEU FA 91 -13.55 -44.97 -66.74
CA LEU FA 91 -13.77 -45.20 -68.16
C LEU FA 91 -15.22 -44.96 -68.56
N ASN FA 92 -16.16 -45.15 -67.61
CA ASN FA 92 -17.56 -44.86 -67.91
C ASN FA 92 -17.84 -43.37 -67.81
N SER FA 93 -17.17 -42.66 -66.90
CA SER FA 93 -17.39 -41.23 -66.77
C SER FA 93 -16.76 -40.45 -67.92
N SER FA 94 -15.66 -40.96 -68.48
CA SER FA 94 -15.03 -40.32 -69.62
C SER FA 94 -15.62 -40.83 -70.95
N ALA FA 95 -16.91 -40.60 -71.11
CA ALA FA 95 -17.62 -41.04 -72.31
C ALA FA 95 -18.81 -40.12 -72.54
N ASP FA 96 -19.37 -40.22 -73.75
CA ASP FA 96 -20.55 -39.46 -74.15
C ASP FA 96 -21.72 -40.38 -74.46
N GLY FA 97 -21.83 -41.50 -73.72
CA GLY FA 97 -22.82 -42.49 -74.04
C GLY FA 97 -22.45 -43.42 -75.18
N ARG FA 98 -21.17 -43.47 -75.56
CA ARG FA 98 -20.75 -44.37 -76.63
C ARG FA 98 -20.70 -45.81 -76.16
N TYR FA 99 -20.37 -46.05 -74.90
CA TYR FA 99 -20.23 -47.40 -74.37
C TYR FA 99 -20.63 -47.41 -72.92
N LYS FA 100 -20.77 -48.62 -72.37
CA LYS FA 100 -21.05 -48.83 -70.96
C LYS FA 100 -20.31 -50.09 -70.54
N LEU FA 101 -19.38 -49.95 -69.60
CA LEU FA 101 -18.51 -51.05 -69.20
C LEU FA 101 -19.04 -51.75 -67.97
N SER FA 102 -18.81 -53.05 -67.90
CA SER FA 102 -19.18 -53.88 -66.76
C SER FA 102 -17.97 -54.66 -66.29
N VAL FA 103 -18.16 -55.40 -65.18
CA VAL FA 103 -17.08 -56.19 -64.61
C VAL FA 103 -16.78 -57.41 -65.48
N ASN FA 104 -17.80 -57.88 -66.23
CA ASN FA 104 -17.64 -59.05 -67.08
C ASN FA 104 -16.70 -58.79 -68.24
N ASP FA 105 -16.59 -57.54 -68.69
CA ASP FA 105 -15.64 -57.18 -69.75
C ASP FA 105 -14.20 -57.33 -69.28
N PHE FA 106 -13.90 -56.80 -68.08
CA PHE FA 106 -12.57 -56.96 -67.49
C PHE FA 106 -12.28 -58.43 -67.19
N LEU FA 107 -13.30 -59.19 -66.78
CA LEU FA 107 -13.10 -60.60 -66.49
C LEU FA 107 -12.82 -61.40 -67.76
N ILE FA 108 -13.50 -61.09 -68.86
CA ILE FA 108 -13.27 -61.79 -70.11
C ILE FA 108 -11.90 -61.44 -70.69
N LYS FA 109 -11.49 -60.17 -70.58
CA LYS FA 109 -10.16 -59.77 -71.03
C LYS FA 109 -9.06 -60.41 -70.18
N ALA FA 110 -9.27 -60.50 -68.86
CA ALA FA 110 -8.29 -61.13 -67.99
C ALA FA 110 -8.23 -62.62 -68.21
N MET FA 111 -9.37 -63.25 -68.56
CA MET FA 111 -9.37 -64.66 -68.92
C MET FA 111 -8.59 -64.90 -70.21
N GLY FA 112 -8.72 -63.98 -71.18
CA GLY FA 112 -7.94 -64.10 -72.40
C GLY FA 112 -6.44 -63.95 -72.17
N ILE FA 113 -6.07 -63.00 -71.30
CA ILE FA 113 -4.66 -62.78 -70.97
C ILE FA 113 -4.09 -63.99 -70.23
N ALA FA 114 -4.85 -64.54 -69.28
CA ALA FA 114 -4.40 -65.68 -68.51
C ALA FA 114 -4.33 -66.94 -69.36
N SER FA 115 -5.27 -67.13 -70.29
CA SER FA 115 -5.21 -68.29 -71.18
C SER FA 115 -4.11 -68.17 -72.21
N LYS FA 116 -3.73 -66.94 -72.57
CA LYS FA 116 -2.57 -66.77 -73.45
C LYS FA 116 -1.27 -67.01 -72.69
N ARG FA 117 -1.21 -66.64 -71.41
CA ARG FA 117 0.01 -66.89 -70.63
C ARG FA 117 0.17 -68.36 -70.24
N VAL FA 118 -0.92 -69.03 -69.90
CA VAL FA 118 -0.89 -70.47 -69.62
C VAL FA 118 -1.70 -71.19 -70.69
N PRO FA 119 -1.07 -71.66 -71.77
CA PRO FA 119 -1.84 -72.23 -72.89
C PRO FA 119 -2.32 -73.65 -72.66
N THR FA 120 -1.95 -74.28 -71.54
CA THR FA 120 -2.40 -75.65 -71.27
C THR FA 120 -3.88 -75.69 -70.93
N VAL FA 121 -4.39 -74.64 -70.29
CA VAL FA 121 -5.81 -74.58 -69.94
C VAL FA 121 -6.66 -74.37 -71.18
N ASN FA 122 -6.12 -73.69 -72.19
CA ASN FA 122 -6.84 -73.44 -73.44
C ASN FA 122 -6.65 -74.64 -74.36
N SER FA 123 -7.34 -75.73 -74.03
CA SER FA 123 -7.21 -76.98 -74.75
C SER FA 123 -8.51 -77.76 -74.66
N SER FA 124 -8.49 -79.01 -75.13
CA SER FA 124 -9.64 -79.89 -75.14
C SER FA 124 -9.16 -81.33 -75.00
N TRP FA 125 -10.02 -82.28 -75.35
CA TRP FA 125 -9.69 -83.70 -75.29
C TRP FA 125 -10.35 -84.40 -76.46
N ARG FA 126 -9.52 -84.93 -77.36
CA ARG FA 126 -9.97 -85.45 -78.66
C ARG FA 126 -9.52 -86.89 -78.85
N ASP FA 127 -9.59 -87.39 -80.09
CA ASP FA 127 -9.29 -88.79 -80.38
C ASP FA 127 -7.81 -89.05 -80.21
N GLY FA 128 -7.41 -89.45 -79.00
CA GLY FA 128 -6.03 -89.73 -78.69
C GLY FA 128 -5.10 -88.55 -78.76
N VAL FA 129 -5.62 -87.33 -78.67
CA VAL FA 129 -4.87 -86.13 -79.01
C VAL FA 129 -5.46 -84.94 -78.25
N ILE FA 130 -4.59 -83.99 -77.91
CA ILE FA 130 -4.95 -82.76 -77.22
C ILE FA 130 -4.98 -81.65 -78.26
N ARG FA 131 -6.13 -81.00 -78.42
CA ARG FA 131 -6.25 -79.92 -79.39
C ARG FA 131 -6.04 -78.59 -78.69
N GLN FA 132 -4.97 -77.89 -79.06
CA GLN FA 132 -4.57 -76.65 -78.42
C GLN FA 132 -4.75 -75.50 -79.40
N PHE FA 133 -5.53 -74.50 -79.01
CA PHE FA 133 -5.85 -73.34 -79.82
C PHE FA 133 -4.89 -72.19 -79.52
N GLU FA 134 -4.84 -71.21 -80.44
CA GLU FA 134 -4.12 -69.98 -80.22
C GLU FA 134 -5.00 -68.91 -79.59
N THR FA 135 -6.12 -68.59 -80.23
CA THR FA 135 -6.99 -67.53 -79.76
C THR FA 135 -7.90 -68.04 -78.63
N VAL FA 136 -8.33 -67.11 -77.78
CA VAL FA 136 -9.21 -67.41 -76.67
C VAL FA 136 -10.62 -67.04 -77.11
N ASP FA 137 -11.47 -68.05 -77.28
CA ASP FA 137 -12.89 -67.86 -77.60
C ASP FA 137 -13.68 -68.13 -76.34
N VAL FA 138 -14.33 -67.10 -75.81
CA VAL FA 138 -14.95 -67.17 -74.48
C VAL FA 138 -16.45 -67.32 -74.65
N SER FA 139 -17.00 -68.39 -74.10
CA SER FA 139 -18.44 -68.63 -74.11
C SER FA 139 -19.04 -68.00 -72.86
N VAL FA 140 -20.01 -67.10 -73.05
CA VAL FA 140 -20.63 -66.38 -71.95
C VAL FA 140 -22.05 -66.91 -71.77
N ALA FA 141 -22.39 -67.30 -70.54
CA ALA FA 141 -23.70 -67.86 -70.27
C ALA FA 141 -24.74 -66.75 -70.14
N VAL FA 142 -25.84 -66.88 -70.88
CA VAL FA 142 -26.95 -65.93 -70.85
C VAL FA 142 -28.17 -66.65 -70.32
N ALA FA 143 -28.81 -66.08 -69.30
CA ALA FA 143 -29.97 -66.69 -68.65
C ALA FA 143 -31.23 -66.23 -69.36
N THR FA 144 -31.81 -67.11 -70.17
CA THR FA 144 -33.07 -66.93 -70.87
C THR FA 144 -34.18 -67.73 -70.19
N PRO FA 145 -35.45 -67.35 -70.35
CA PRO FA 145 -36.54 -68.15 -69.73
C PRO FA 145 -36.68 -69.55 -70.30
N ASN FA 146 -36.08 -69.83 -71.46
CA ASN FA 146 -35.95 -71.18 -71.99
C ASN FA 146 -34.65 -71.86 -71.58
N GLY FA 147 -34.08 -71.47 -70.44
CA GLY FA 147 -32.95 -72.20 -69.88
C GLY FA 147 -31.62 -71.48 -69.96
N LEU FA 148 -30.66 -72.06 -70.68
CA LEU FA 148 -29.30 -71.55 -70.71
C LEU FA 148 -28.74 -71.66 -72.12
N ILE FA 149 -28.03 -70.62 -72.54
CA ILE FA 149 -27.34 -70.62 -73.83
C ILE FA 149 -25.98 -69.95 -73.61
N THR FA 150 -24.99 -70.34 -74.43
CA THR FA 150 -23.63 -69.83 -74.31
C THR FA 150 -23.16 -69.30 -75.66
N PRO FA 151 -23.48 -68.04 -75.99
CA PRO FA 151 -22.86 -67.42 -77.17
C PRO FA 151 -21.39 -67.11 -76.92
N ILE FA 152 -20.62 -67.11 -78.01
CA ILE FA 152 -19.17 -67.08 -77.97
C ILE FA 152 -18.66 -65.73 -78.47
N VAL FA 153 -17.76 -65.13 -77.70
CA VAL FA 153 -16.99 -63.97 -78.12
C VAL FA 153 -15.67 -64.52 -78.69
N LYS FA 154 -15.43 -64.27 -79.97
CA LYS FA 154 -14.29 -64.83 -80.67
C LYS FA 154 -13.13 -63.84 -80.67
N GLY FA 155 -11.92 -64.36 -80.47
CA GLY FA 155 -10.71 -63.55 -80.50
C GLY FA 155 -10.64 -62.54 -79.38
N VAL FA 156 -10.62 -63.00 -78.14
CA VAL FA 156 -10.73 -62.12 -76.99
C VAL FA 156 -9.46 -61.32 -76.77
N GLU FA 157 -8.30 -61.98 -76.84
CA GLU FA 157 -7.04 -61.27 -76.67
C GLU FA 157 -6.79 -60.39 -77.89
N GLY FA 158 -6.38 -59.15 -77.65
CA GLY FA 158 -6.24 -58.17 -78.70
C GLY FA 158 -7.53 -57.78 -79.38
N LYS FA 159 -8.56 -57.47 -78.61
CA LYS FA 159 -9.86 -57.09 -79.18
C LYS FA 159 -10.34 -55.72 -78.74
N GLY FA 160 -10.19 -55.39 -77.47
CA GLY FA 160 -10.69 -54.11 -76.99
C GLY FA 160 -11.91 -54.26 -76.12
N LEU FA 161 -11.98 -53.45 -75.07
CA LEU FA 161 -13.05 -53.58 -74.08
C LEU FA 161 -14.38 -53.09 -74.64
N GLU FA 162 -14.37 -52.08 -75.50
CA GLU FA 162 -15.60 -51.60 -76.12
C GLU FA 162 -16.13 -52.62 -77.12
N SER FA 163 -15.24 -53.29 -77.85
CA SER FA 163 -15.66 -54.34 -78.77
C SER FA 163 -16.21 -55.54 -78.00
N ILE FA 164 -15.61 -55.87 -76.86
CA ILE FA 164 -16.10 -56.96 -76.02
C ILE FA 164 -17.47 -56.64 -75.45
N SER FA 165 -17.65 -55.39 -74.98
CA SER FA 165 -18.94 -54.95 -74.44
C SER FA 165 -20.02 -54.95 -75.52
N ALA FA 166 -19.67 -54.50 -76.72
CA ALA FA 166 -20.63 -54.49 -77.83
C ALA FA 166 -21.03 -55.89 -78.23
N ALA FA 167 -20.06 -56.81 -78.32
CA ALA FA 167 -20.36 -58.18 -78.71
C ALA FA 167 -21.19 -58.90 -77.65
N VAL FA 168 -20.89 -58.64 -76.37
CA VAL FA 168 -21.65 -59.25 -75.28
C VAL FA 168 -23.08 -58.73 -75.25
N LYS FA 169 -23.27 -57.43 -75.50
CA LYS FA 169 -24.62 -56.87 -75.53
C LYS FA 169 -25.42 -57.38 -76.72
N GLU FA 170 -24.79 -57.45 -77.90
CA GLU FA 170 -25.40 -58.02 -79.10
C GLU FA 170 -25.85 -59.46 -78.87
N LEU FA 171 -24.94 -60.29 -78.36
CA LEU FA 171 -25.25 -61.71 -78.18
C LEU FA 171 -26.28 -61.93 -77.07
N ALA FA 172 -26.26 -61.08 -76.03
CA ALA FA 172 -27.24 -61.22 -74.96
C ALA FA 172 -28.64 -60.82 -75.40
N LYS FA 173 -28.76 -59.71 -76.17
CA LYS FA 173 -30.09 -59.31 -76.62
C LYS FA 173 -30.60 -60.26 -77.70
N LYS FA 174 -29.70 -60.84 -78.49
CA LYS FA 174 -30.14 -61.84 -79.46
C LYS FA 174 -30.47 -63.16 -78.80
N ALA FA 175 -29.87 -63.44 -77.63
CA ALA FA 175 -30.25 -64.63 -76.87
C ALA FA 175 -31.61 -64.44 -76.22
N ARG FA 176 -31.92 -63.21 -75.80
CA ARG FA 176 -33.25 -62.94 -75.26
C ARG FA 176 -34.32 -62.95 -76.35
N ASP FA 177 -33.98 -62.54 -77.57
CA ASP FA 177 -34.91 -62.64 -78.68
C ASP FA 177 -34.92 -64.01 -79.35
N GLY FA 178 -33.95 -64.87 -79.07
CA GLY FA 178 -33.91 -66.22 -79.61
C GLY FA 178 -33.62 -66.28 -81.10
N LYS FA 179 -32.56 -65.60 -81.54
CA LYS FA 179 -32.27 -65.45 -82.97
C LYS FA 179 -30.81 -65.80 -83.27
N LEU FA 180 -30.37 -66.98 -82.84
CA LEU FA 180 -28.97 -67.37 -82.97
C LEU FA 180 -28.79 -68.43 -84.06
N LYS FA 181 -27.61 -68.44 -84.64
CA LYS FA 181 -27.04 -69.45 -85.53
C LYS FA 181 -26.26 -70.46 -84.69
N PRO FA 182 -26.20 -71.73 -85.13
CA PRO FA 182 -25.47 -72.74 -84.34
C PRO FA 182 -23.96 -72.50 -84.25
N GLU FA 183 -23.39 -71.77 -85.22
CA GLU FA 183 -21.99 -71.40 -85.16
C GLU FA 183 -21.71 -70.30 -84.13
N GLU FA 184 -22.75 -69.67 -83.58
CA GLU FA 184 -22.57 -68.65 -82.56
C GLU FA 184 -22.59 -69.21 -81.15
N TYR FA 185 -23.07 -70.44 -80.95
CA TYR FA 185 -23.07 -71.03 -79.61
C TYR FA 185 -22.56 -72.46 -79.62
N GLN FA 186 -21.93 -72.88 -80.71
CA GLN FA 186 -21.31 -74.21 -80.78
C GLN FA 186 -19.81 -74.03 -81.04
N GLY FA 187 -19.00 -74.26 -80.01
CA GLY FA 187 -17.57 -74.09 -80.12
C GLY FA 187 -16.97 -73.55 -78.84
N GLY FA 188 -16.02 -72.62 -78.96
CA GLY FA 188 -15.41 -72.01 -77.80
C GLY FA 188 -14.30 -72.84 -77.18
N SER FA 189 -13.39 -72.18 -76.47
CA SER FA 189 -12.30 -72.87 -75.78
C SER FA 189 -12.38 -72.77 -74.27
N ILE FA 190 -13.12 -71.80 -73.73
CA ILE FA 190 -13.27 -71.64 -72.29
C ILE FA 190 -14.60 -70.92 -72.04
N SER FA 191 -15.17 -71.12 -70.85
CA SER FA 191 -16.48 -70.62 -70.51
C SER FA 191 -16.40 -69.77 -69.24
N ILE FA 192 -17.48 -69.04 -68.97
CA ILE FA 192 -17.60 -68.23 -67.76
C ILE FA 192 -19.08 -68.13 -67.39
N SER FA 193 -19.38 -68.37 -66.12
CA SER FA 193 -20.73 -68.24 -65.58
C SER FA 193 -20.75 -67.08 -64.60
N ASN FA 194 -21.68 -66.17 -64.78
CA ASN FA 194 -21.74 -64.92 -64.04
C ASN FA 194 -22.99 -64.88 -63.19
N MET FA 195 -22.84 -64.62 -61.90
CA MET FA 195 -23.97 -64.50 -60.97
C MET FA 195 -23.78 -63.31 -60.05
N GLY FA 196 -23.33 -62.18 -60.59
CA GLY FA 196 -23.13 -60.99 -59.78
C GLY FA 196 -24.40 -60.20 -59.54
N MET FA 197 -25.45 -60.44 -60.33
CA MET FA 197 -26.71 -59.72 -60.13
C MET FA 197 -27.46 -60.24 -58.91
N ASN FA 198 -27.18 -61.48 -58.50
CA ASN FA 198 -27.75 -62.04 -57.29
C ASN FA 198 -26.80 -61.81 -56.13
N PRO FA 199 -27.16 -60.97 -55.16
CA PRO FA 199 -26.24 -60.69 -54.04
C PRO FA 199 -26.15 -61.80 -53.01
N ALA FA 200 -26.98 -62.85 -53.12
CA ALA FA 200 -26.94 -63.92 -52.15
C ALA FA 200 -25.84 -64.93 -52.46
N VAL FA 201 -25.50 -65.11 -53.73
CA VAL FA 201 -24.55 -66.14 -54.15
C VAL FA 201 -23.14 -65.67 -53.80
N GLN FA 202 -22.62 -66.17 -52.68
CA GLN FA 202 -21.23 -65.88 -52.33
C GLN FA 202 -20.27 -66.67 -53.18
N SER FA 203 -20.59 -67.94 -53.45
CA SER FA 203 -19.73 -68.82 -54.21
C SER FA 203 -20.59 -69.92 -54.80
N PHE FA 204 -20.21 -70.37 -56.01
CA PHE FA 204 -20.87 -71.51 -56.63
C PHE FA 204 -19.90 -72.16 -57.61
N THR FA 205 -20.19 -73.42 -57.93
CA THR FA 205 -19.44 -74.17 -58.92
C THR FA 205 -20.29 -74.36 -60.17
N ALA FA 206 -19.62 -74.67 -61.27
CA ALA FA 206 -20.28 -74.89 -62.54
C ALA FA 206 -19.80 -76.19 -63.16
N ILE FA 207 -20.56 -76.68 -64.13
CA ILE FA 207 -20.23 -77.91 -64.85
C ILE FA 207 -19.59 -77.52 -66.18
N ILE FA 208 -18.48 -78.18 -66.51
CA ILE FA 208 -17.72 -77.85 -67.71
C ILE FA 208 -18.50 -78.28 -68.95
N ASN FA 209 -18.70 -77.35 -69.88
CA ASN FA 209 -19.33 -77.67 -71.14
C ASN FA 209 -18.36 -78.45 -72.01
N PRO FA 210 -18.73 -79.66 -72.46
CA PRO FA 210 -17.81 -80.42 -73.30
C PRO FA 210 -17.78 -79.83 -74.69
N PRO FA 211 -16.63 -79.94 -75.39
CA PRO FA 211 -15.38 -80.59 -74.97
C PRO FA 211 -14.34 -79.64 -74.39
N GLN FA 212 -14.76 -78.58 -73.71
CA GLN FA 212 -13.81 -77.63 -73.15
C GLN FA 212 -13.15 -78.21 -71.90
N ALA FA 213 -12.13 -77.50 -71.41
CA ALA FA 213 -11.31 -78.00 -70.30
C ALA FA 213 -11.52 -77.26 -68.99
N ALA FA 214 -12.09 -76.06 -69.01
CA ALA FA 214 -12.24 -75.29 -67.78
C ALA FA 214 -13.50 -74.43 -67.87
N ILE FA 215 -14.01 -74.05 -66.71
CA ILE FA 215 -15.12 -73.11 -66.64
C ILE FA 215 -14.93 -72.22 -65.41
N LEU FA 216 -15.30 -70.95 -65.55
CA LEU FA 216 -15.16 -69.99 -64.45
C LEU FA 216 -16.53 -69.75 -63.83
N ALA FA 217 -16.54 -69.39 -62.55
CA ALA FA 217 -17.77 -69.09 -61.81
C ALA FA 217 -17.48 -67.92 -60.88
N VAL FA 218 -18.27 -66.85 -61.00
CA VAL FA 218 -18.00 -65.59 -60.33
C VAL FA 218 -19.14 -65.26 -59.38
N GLY FA 219 -18.82 -65.09 -58.09
CA GLY FA 219 -19.83 -64.82 -57.10
C GLY FA 219 -20.01 -63.34 -56.85
N ALA FA 220 -21.03 -63.03 -56.04
CA ALA FA 220 -21.37 -61.65 -55.71
C ALA FA 220 -20.27 -61.01 -54.87
N PRO FA 221 -20.01 -59.73 -55.08
CA PRO FA 221 -19.01 -59.04 -54.26
C PRO FA 221 -19.50 -58.78 -52.86
N GLN FA 222 -18.58 -58.84 -51.91
CA GLN FA 222 -18.85 -58.61 -50.50
C GLN FA 222 -17.72 -57.79 -49.87
N LYS FA 223 -18.01 -57.14 -48.74
CA LYS FA 223 -17.01 -56.36 -48.02
C LYS FA 223 -16.25 -57.26 -47.06
N VAL FA 224 -14.94 -57.35 -47.23
CA VAL FA 224 -14.07 -58.16 -46.38
C VAL FA 224 -13.07 -57.24 -45.68
N ALA FA 225 -12.89 -57.45 -44.39
CA ALA FA 225 -11.93 -56.67 -43.61
C ALA FA 225 -10.51 -57.05 -43.98
N VAL FA 226 -9.72 -56.05 -44.36
CA VAL FA 226 -8.35 -56.24 -44.84
C VAL FA 226 -7.43 -55.30 -44.03
N PRO FA 227 -6.31 -55.80 -43.51
CA PRO FA 227 -5.45 -54.94 -42.68
C PRO FA 227 -4.73 -53.88 -43.50
N VAL FA 228 -4.45 -52.76 -42.85
CA VAL FA 228 -3.78 -51.62 -43.48
C VAL FA 228 -2.87 -50.97 -42.44
N GLU FA 229 -1.70 -50.53 -42.90
CA GLU FA 229 -0.83 -49.73 -42.06
C GLU FA 229 -1.19 -48.26 -42.23
N ASN FA 230 -1.22 -47.52 -41.14
CA ASN FA 230 -1.28 -46.07 -41.23
C ASN FA 230 0.15 -45.56 -41.36
N GLU FA 231 0.34 -44.25 -41.28
CA GLU FA 231 1.69 -43.68 -41.35
C GLU FA 231 2.43 -43.77 -40.01
N ASP FA 232 1.83 -44.40 -38.99
CA ASP FA 232 2.54 -44.81 -37.78
C ASP FA 232 2.59 -46.33 -37.74
N GLY FA 233 3.11 -46.87 -36.63
CA GLY FA 233 3.46 -48.28 -36.56
C GLY FA 233 2.28 -49.24 -36.44
N THR FA 234 1.10 -48.75 -36.03
CA THR FA 234 0.00 -49.66 -35.73
C THR FA 234 -0.72 -50.09 -37.00
N THR FA 235 -1.46 -51.19 -36.89
CA THR FA 235 -2.29 -51.69 -37.99
C THR FA 235 -3.72 -51.20 -37.85
N GLY FA 236 -4.47 -51.27 -38.96
CA GLY FA 236 -5.82 -50.78 -38.99
C GLY FA 236 -6.77 -51.77 -39.68
N VAL FA 237 -8.01 -51.32 -39.85
CA VAL FA 237 -9.03 -52.08 -40.55
C VAL FA 237 -9.46 -51.28 -41.77
N SER FA 238 -9.24 -51.86 -42.95
CA SER FA 238 -9.75 -51.30 -44.19
C SER FA 238 -10.76 -52.28 -44.78
N TRP FA 239 -11.73 -51.75 -45.52
CA TRP FA 239 -12.81 -52.55 -46.08
C TRP FA 239 -12.57 -52.68 -47.58
N ASP FA 240 -12.33 -53.91 -48.02
CA ASP FA 240 -12.00 -54.21 -49.41
C ASP FA 240 -13.16 -54.95 -50.07
N GLU FA 241 -13.40 -54.64 -51.34
CA GLU FA 241 -14.44 -55.31 -52.12
C GLU FA 241 -13.83 -56.57 -52.73
N GLN FA 242 -14.26 -57.74 -52.28
CA GLN FA 242 -13.72 -58.99 -52.76
C GLN FA 242 -14.79 -59.80 -53.48
N ILE FA 243 -14.35 -60.61 -54.45
CA ILE FA 243 -15.22 -61.45 -55.25
C ILE FA 243 -14.64 -62.87 -55.22
N ILE FA 244 -15.47 -63.84 -54.85
CA ILE FA 244 -15.04 -65.23 -54.81
C ILE FA 244 -15.19 -65.82 -56.22
N VAL FA 245 -14.08 -66.31 -56.76
CA VAL FA 245 -14.02 -66.86 -58.10
C VAL FA 245 -13.61 -68.32 -58.00
N THR FA 246 -14.44 -69.22 -58.53
CA THR FA 246 -14.18 -70.65 -58.52
C THR FA 246 -14.00 -71.13 -59.94
N ALA FA 247 -12.86 -71.74 -60.22
CA ALA FA 247 -12.57 -72.28 -61.55
C ALA FA 247 -12.58 -73.80 -61.47
N SER FA 248 -13.42 -74.42 -62.29
CA SER FA 248 -13.52 -75.87 -62.36
C SER FA 248 -12.72 -76.35 -63.55
N PHE FA 249 -11.76 -77.24 -63.30
CA PHE FA 249 -10.87 -77.78 -64.31
C PHE FA 249 -11.12 -79.27 -64.49
N ASP FA 250 -10.76 -79.76 -65.68
CA ASP FA 250 -10.76 -81.17 -66.02
C ASP FA 250 -9.35 -81.71 -65.77
N HIS FA 251 -9.25 -82.80 -65.01
CA HIS FA 251 -7.95 -83.30 -64.58
C HIS FA 251 -7.23 -84.11 -65.65
N LYS FA 252 -7.91 -84.43 -66.75
CA LYS FA 252 -7.23 -85.14 -67.83
C LYS FA 252 -6.30 -84.21 -68.60
N VAL FA 253 -6.61 -82.92 -68.65
CA VAL FA 253 -5.83 -81.93 -69.38
C VAL FA 253 -5.03 -81.04 -68.44
N VAL FA 254 -5.68 -80.51 -67.40
CA VAL FA 254 -5.08 -79.52 -66.51
C VAL FA 254 -4.81 -80.17 -65.17
N ASP FA 255 -3.58 -80.05 -64.69
CA ASP FA 255 -3.26 -80.48 -63.34
C ASP FA 255 -3.45 -79.33 -62.35
N GLY FA 256 -3.23 -79.64 -61.07
CA GLY FA 256 -3.49 -78.67 -60.03
C GLY FA 256 -2.50 -77.50 -60.04
N ALA FA 257 -1.24 -77.78 -60.38
CA ALA FA 257 -0.25 -76.71 -60.48
C ALA FA 257 -0.52 -75.81 -61.67
N VAL FA 258 -1.00 -76.37 -62.78
CA VAL FA 258 -1.34 -75.58 -63.96
C VAL FA 258 -2.56 -74.71 -63.68
N GLY FA 259 -3.56 -75.28 -62.99
CA GLY FA 259 -4.72 -74.50 -62.60
C GLY FA 259 -4.39 -73.41 -61.59
N ALA FA 260 -3.44 -73.69 -60.70
CA ALA FA 260 -3.01 -72.68 -59.73
C ALA FA 260 -2.23 -71.56 -60.41
N GLU FA 261 -1.41 -71.89 -61.41
CA GLU FA 261 -0.72 -70.85 -62.18
C GLU FA 261 -1.70 -69.99 -62.98
N TRP FA 262 -2.73 -70.63 -63.57
CA TRP FA 262 -3.76 -69.87 -64.29
C TRP FA 262 -4.54 -68.95 -63.35
N ILE FA 263 -4.88 -69.45 -62.16
CA ILE FA 263 -5.58 -68.64 -61.16
C ILE FA 263 -4.69 -67.50 -60.66
N ARG FA 264 -3.38 -67.75 -60.52
CA ARG FA 264 -2.46 -66.72 -60.07
C ARG FA 264 -2.29 -65.61 -61.11
N GLU FA 265 -2.20 -65.98 -62.39
CA GLU FA 265 -2.09 -64.99 -63.44
C GLU FA 265 -3.38 -64.18 -63.60
N LEU FA 266 -4.54 -64.85 -63.45
CA LEU FA 266 -5.81 -64.15 -63.49
C LEU FA 266 -5.95 -63.17 -62.32
N LYS FA 267 -5.53 -63.60 -61.13
CA LYS FA 267 -5.56 -62.73 -59.95
C LYS FA 267 -4.60 -61.55 -60.10
N LYS FA 268 -3.44 -61.77 -60.73
CA LYS FA 268 -2.48 -60.70 -60.95
C LYS FA 268 -3.04 -59.66 -61.91
N VAL FA 269 -3.61 -60.11 -63.03
CA VAL FA 269 -4.17 -59.19 -64.02
C VAL FA 269 -5.41 -58.47 -63.47
N ILE FA 270 -6.18 -59.11 -62.59
CA ILE FA 270 -7.35 -58.45 -62.02
C ILE FA 270 -6.94 -57.43 -60.95
N GLU FA 271 -6.06 -57.82 -60.04
CA GLU FA 271 -5.68 -56.92 -58.95
C GLU FA 271 -4.69 -55.85 -59.38
N ASN FA 272 -4.08 -55.96 -60.55
CA ASN FA 272 -3.31 -54.88 -61.15
C ASN FA 272 -3.96 -54.56 -62.49
N PRO FA 273 -4.91 -53.62 -62.51
CA PRO FA 273 -5.70 -53.39 -63.73
C PRO FA 273 -4.94 -52.71 -64.86
N LEU FA 274 -3.75 -52.15 -64.59
CA LEU FA 274 -2.94 -51.57 -65.65
C LEU FA 274 -2.25 -52.64 -66.50
N GLU FA 275 -2.25 -53.91 -66.05
CA GLU FA 275 -1.67 -54.98 -66.83
C GLU FA 275 -2.57 -55.48 -67.95
N LEU FA 276 -3.80 -54.94 -68.06
CA LEU FA 276 -4.66 -55.27 -69.18
C LEU FA 276 -4.19 -54.62 -70.48
N LEU FA 277 -3.33 -53.60 -70.39
CA LEU FA 277 -2.71 -53.02 -71.58
C LEU FA 277 -1.76 -54.00 -72.23
N LEU FA 278 -0.94 -54.67 -71.42
CA LEU FA 278 0.05 -55.63 -71.92
C LEU FA 278 -0.62 -56.96 -72.25
N TYR GA 47 -96.40 -43.56 -41.68
CA TYR GA 47 -96.57 -42.66 -42.82
C TYR GA 47 -96.11 -43.36 -44.09
N THR GA 48 -94.79 -43.40 -44.31
CA THR GA 48 -94.24 -44.13 -45.43
C THR GA 48 -94.07 -45.60 -45.06
N ASP GA 49 -94.67 -46.46 -45.87
CA ASP GA 49 -94.89 -47.87 -45.57
C ASP GA 49 -94.33 -48.75 -46.68
N VAL GA 50 -93.05 -48.56 -47.01
CA VAL GA 50 -92.34 -49.45 -47.94
C VAL GA 50 -92.37 -50.86 -47.36
N PRO GA 51 -92.57 -51.88 -48.19
CA PRO GA 51 -92.70 -53.24 -47.67
C PRO GA 51 -91.34 -53.90 -47.45
N ILE GA 52 -91.37 -55.02 -46.73
CA ILE GA 52 -90.17 -55.80 -46.48
C ILE GA 52 -89.75 -56.48 -47.77
N SER GA 53 -88.43 -56.58 -47.99
CA SER GA 53 -87.91 -57.11 -49.25
C SER GA 53 -88.18 -58.60 -49.41
N GLY GA 54 -88.42 -59.33 -48.32
CA GLY GA 54 -88.61 -60.75 -48.40
C GLY GA 54 -87.33 -61.49 -48.09
N MET GA 55 -86.21 -60.95 -48.57
CA MET GA 55 -84.89 -61.43 -48.17
C MET GA 55 -84.60 -61.13 -46.70
N ARG GA 56 -85.09 -59.99 -46.19
CA ARG GA 56 -84.96 -59.64 -44.78
C ARG GA 56 -85.75 -60.57 -43.86
N LYS GA 57 -86.82 -61.20 -44.38
CA LYS GA 57 -87.66 -62.06 -43.55
C LYS GA 57 -86.90 -63.32 -43.15
N THR GA 58 -86.09 -63.87 -44.05
CA THR GA 58 -85.29 -65.04 -43.73
C THR GA 58 -84.21 -64.73 -42.70
N ILE GA 59 -83.57 -63.56 -42.81
CA ILE GA 59 -82.56 -63.17 -41.83
C ILE GA 59 -83.20 -62.88 -40.48
N ALA GA 60 -84.41 -62.31 -40.49
CA ALA GA 60 -85.12 -62.06 -39.24
C ALA GA 60 -85.52 -63.37 -38.55
N ALA GA 61 -85.99 -64.35 -39.33
CA ALA GA 61 -86.31 -65.66 -38.77
C ALA GA 61 -85.06 -66.37 -38.28
N ARG GA 62 -83.94 -66.19 -38.98
CA ARG GA 62 -82.69 -66.83 -38.57
C ARG GA 62 -82.15 -66.24 -37.27
N LEU GA 63 -82.21 -64.91 -37.14
CA LEU GA 63 -81.80 -64.28 -35.88
C LEU GA 63 -82.76 -64.61 -34.75
N LYS GA 64 -84.04 -64.80 -35.07
CA LYS GA 64 -85.00 -65.28 -34.10
C LYS GA 64 -84.64 -66.68 -33.60
N GLU GA 65 -84.29 -67.59 -34.54
CA GLU GA 65 -83.83 -68.93 -34.19
C GLU GA 65 -82.59 -68.88 -33.31
N SER GA 66 -81.67 -67.97 -33.63
CA SER GA 66 -80.42 -67.84 -32.87
C SER GA 66 -80.68 -67.39 -31.44
N VAL GA 67 -81.52 -66.36 -31.27
CA VAL GA 67 -81.75 -65.84 -29.92
C VAL GA 67 -82.70 -66.74 -29.13
N THR GA 68 -83.48 -67.59 -29.82
CA THR GA 68 -84.41 -68.41 -29.06
C THR GA 68 -83.86 -69.80 -28.77
N GLU GA 69 -82.81 -70.23 -29.48
CA GLU GA 69 -82.28 -71.56 -29.21
C GLU GA 69 -80.88 -71.48 -28.61
N ASN GA 70 -80.23 -70.33 -28.72
CA ASN GA 70 -78.90 -70.13 -28.16
C ASN GA 70 -78.98 -69.18 -26.98
N PRO GA 71 -78.86 -69.66 -25.73
CA PRO GA 71 -78.71 -68.73 -24.61
C PRO GA 71 -77.34 -68.08 -24.61
N HIS GA 72 -77.28 -66.82 -25.04
CA HIS GA 72 -76.01 -66.14 -25.21
C HIS GA 72 -75.48 -65.63 -23.88
N PHE GA 73 -74.15 -65.62 -23.75
CA PHE GA 73 -73.51 -64.86 -22.69
C PHE GA 73 -72.24 -64.24 -23.25
N PHE GA 74 -71.95 -63.02 -22.81
CA PHE GA 74 -70.86 -62.22 -23.35
C PHE GA 74 -69.68 -62.22 -22.40
N VAL GA 75 -68.48 -62.24 -22.96
CA VAL GA 75 -67.24 -62.10 -22.22
C VAL GA 75 -66.45 -60.97 -22.87
N SER GA 76 -66.14 -59.92 -22.12
CA SER GA 76 -65.45 -58.76 -22.64
C SER GA 76 -64.02 -58.72 -22.14
N THR GA 77 -63.13 -58.16 -22.98
CA THR GA 77 -61.73 -58.00 -22.61
C THR GA 77 -61.18 -56.79 -23.36
N ASN GA 78 -60.00 -56.35 -22.94
CA ASN GA 78 -59.29 -55.25 -23.58
C ASN GA 78 -57.93 -55.76 -24.06
N LEU GA 79 -57.74 -55.81 -25.38
CA LEU GA 79 -56.49 -56.25 -25.96
C LEU GA 79 -55.61 -55.04 -26.23
N SER GA 80 -54.35 -55.14 -25.82
CA SER GA 80 -53.36 -54.12 -26.13
C SER GA 80 -52.72 -54.45 -27.48
N VAL GA 81 -52.80 -53.50 -28.41
CA VAL GA 81 -52.36 -53.71 -29.77
C VAL GA 81 -51.20 -52.80 -30.15
N SER GA 82 -50.50 -52.27 -29.15
CA SER GA 82 -49.39 -51.35 -29.41
C SER GA 82 -48.19 -52.07 -30.03
N LYS GA 83 -48.02 -53.35 -29.73
CA LYS GA 83 -46.98 -54.15 -30.38
C LYS GA 83 -47.46 -54.74 -31.69
N LEU GA 84 -48.76 -55.04 -31.78
CA LEU GA 84 -49.35 -55.56 -33.01
C LEU GA 84 -49.30 -54.52 -34.12
N LEU GA 85 -49.53 -53.24 -33.78
CA LEU GA 85 -49.43 -52.19 -34.78
C LEU GA 85 -47.99 -51.96 -35.23
N LYS GA 86 -47.02 -52.13 -34.32
CA LYS GA 86 -45.62 -52.02 -34.71
C LYS GA 86 -45.19 -53.17 -35.62
N LEU GA 87 -45.66 -54.37 -35.33
CA LEU GA 87 -45.38 -55.52 -36.19
C LEU GA 87 -46.02 -55.36 -37.56
N ARG GA 88 -47.24 -54.83 -37.60
CA ARG GA 88 -47.92 -54.59 -38.87
C ARG GA 88 -47.22 -53.50 -39.68
N GLN GA 89 -46.72 -52.46 -38.99
CA GLN GA 89 -46.01 -51.39 -39.67
C GLN GA 89 -44.69 -51.89 -40.24
N ALA GA 90 -43.98 -52.75 -39.50
CA ALA GA 90 -42.73 -53.31 -40.00
C ALA GA 90 -42.97 -54.25 -41.18
N LEU GA 91 -44.00 -55.09 -41.09
CA LEU GA 91 -44.28 -56.03 -42.18
C LEU GA 91 -44.82 -55.32 -43.41
N ASN GA 92 -45.47 -54.16 -43.24
CA ASN GA 92 -45.93 -53.41 -44.38
C ASN GA 92 -44.80 -52.58 -44.99
N SER GA 93 -43.87 -52.10 -44.17
CA SER GA 93 -42.76 -51.33 -44.70
C SER GA 93 -41.74 -52.20 -45.40
N SER GA 94 -41.61 -53.47 -44.98
CA SER GA 94 -40.70 -54.40 -45.65
C SER GA 94 -41.41 -55.15 -46.78
N ALA GA 95 -41.88 -54.37 -47.76
CA ALA GA 95 -42.58 -54.94 -48.89
C ALA GA 95 -42.40 -54.02 -50.10
N ASP GA 96 -42.75 -54.55 -51.27
CA ASP GA 96 -42.69 -53.81 -52.53
C ASP GA 96 -44.07 -53.66 -53.14
N GLY GA 97 -45.09 -53.52 -52.31
CA GLY GA 97 -46.46 -53.51 -52.79
C GLY GA 97 -47.03 -54.88 -53.07
N ARG GA 98 -46.41 -55.95 -52.56
CA ARG GA 98 -46.94 -57.29 -52.78
C ARG GA 98 -48.17 -57.56 -51.92
N TYR GA 99 -48.24 -56.96 -50.73
CA TYR GA 99 -49.33 -57.21 -49.80
C TYR GA 99 -49.59 -55.95 -48.99
N LYS GA 100 -50.71 -55.97 -48.27
CA LYS GA 100 -51.07 -54.90 -47.34
C LYS GA 100 -51.79 -55.54 -46.16
N LEU GA 101 -51.20 -55.41 -44.97
CA LEU GA 101 -51.70 -56.09 -43.80
C LEU GA 101 -52.61 -55.17 -42.98
N SER GA 102 -53.61 -55.77 -42.35
CA SER GA 102 -54.54 -55.07 -41.47
C SER GA 102 -54.60 -55.78 -40.13
N VAL GA 103 -55.35 -55.19 -39.20
CA VAL GA 103 -55.50 -55.77 -37.87
C VAL GA 103 -56.37 -57.02 -37.91
N ASN GA 104 -57.28 -57.09 -38.89
CA ASN GA 104 -58.18 -58.23 -39.01
C ASN GA 104 -57.45 -59.51 -39.37
N ASP GA 105 -56.30 -59.40 -40.06
CA ASP GA 105 -55.49 -60.57 -40.37
C ASP GA 105 -54.89 -61.19 -39.11
N PHE GA 106 -54.32 -60.35 -38.25
CA PHE GA 106 -53.79 -60.82 -36.97
C PHE GA 106 -54.90 -61.36 -36.08
N LEU GA 107 -56.08 -60.73 -36.14
CA LEU GA 107 -57.20 -61.19 -35.33
C LEU GA 107 -57.71 -62.55 -35.79
N ILE GA 108 -57.77 -62.77 -37.11
CA ILE GA 108 -58.23 -64.05 -37.65
C ILE GA 108 -57.21 -65.15 -37.35
N LYS GA 109 -55.92 -64.84 -37.46
CA LYS GA 109 -54.88 -65.82 -37.12
C LYS GA 109 -54.88 -66.14 -35.62
N ALA GA 110 -55.10 -65.14 -34.77
CA ALA GA 110 -55.15 -65.38 -33.33
C ALA GA 110 -56.41 -66.15 -32.96
N MET GA 111 -57.51 -65.93 -33.67
CA MET GA 111 -58.72 -66.72 -33.45
C MET GA 111 -58.50 -68.18 -33.84
N GLY GA 112 -57.75 -68.41 -34.92
CA GLY GA 112 -57.42 -69.78 -35.31
C GLY GA 112 -56.54 -70.48 -34.28
N ILE GA 113 -55.55 -69.74 -33.75
CA ILE GA 113 -54.65 -70.30 -32.74
C ILE GA 113 -55.41 -70.60 -31.45
N ALA GA 114 -56.30 -69.68 -31.04
CA ALA GA 114 -57.07 -69.87 -29.82
C ALA GA 114 -58.10 -70.98 -29.96
N SER GA 115 -58.71 -71.13 -31.13
CA SER GA 115 -59.66 -72.21 -31.34
C SER GA 115 -58.96 -73.56 -31.48
N LYS GA 116 -57.70 -73.57 -31.92
CA LYS GA 116 -56.94 -74.82 -31.91
C LYS GA 116 -56.51 -75.19 -30.50
N ARG GA 117 -56.19 -74.20 -29.66
CA ARG GA 117 -55.79 -74.50 -28.29
C ARG GA 117 -56.98 -74.89 -27.42
N VAL GA 118 -58.14 -74.25 -27.59
CA VAL GA 118 -59.35 -74.63 -26.87
C VAL GA 118 -60.36 -75.14 -27.89
N PRO GA 119 -60.41 -76.45 -28.15
CA PRO GA 119 -61.27 -76.97 -29.22
C PRO GA 119 -62.74 -77.07 -28.85
N THR GA 120 -63.12 -76.76 -27.61
CA THR GA 120 -64.53 -76.83 -27.23
C THR GA 120 -65.33 -75.70 -27.85
N VAL GA 121 -64.71 -74.54 -28.05
CA VAL GA 121 -65.39 -73.41 -28.67
C VAL GA 121 -65.62 -73.66 -30.16
N ASN GA 122 -64.74 -74.43 -30.80
CA ASN GA 122 -64.85 -74.76 -32.22
C ASN GA 122 -65.78 -75.96 -32.36
N SER GA 123 -67.07 -75.74 -32.16
CA SER GA 123 -68.06 -76.81 -32.18
C SER GA 123 -69.40 -76.24 -32.63
N SER GA 124 -70.44 -77.06 -32.54
CA SER GA 124 -71.79 -76.70 -32.95
C SER GA 124 -72.79 -77.44 -32.06
N TRP GA 125 -74.03 -77.53 -32.52
CA TRP GA 125 -75.08 -78.23 -31.79
C TRP GA 125 -76.00 -78.90 -32.79
N ARG GA 126 -76.02 -80.24 -32.76
CA ARG GA 126 -76.66 -81.05 -33.79
C ARG GA 126 -77.65 -82.03 -33.17
N ASP GA 127 -78.10 -83.02 -33.94
CA ASP GA 127 -79.15 -83.95 -33.49
C ASP GA 127 -78.61 -84.84 -32.38
N GLY GA 128 -78.76 -84.39 -31.14
CA GLY GA 128 -78.31 -85.13 -29.98
C GLY GA 128 -76.82 -85.30 -29.87
N VAL GA 129 -76.04 -84.45 -30.54
CA VAL GA 129 -74.62 -84.69 -30.75
C VAL GA 129 -73.92 -83.35 -30.95
N ILE GA 130 -72.67 -83.28 -30.50
CA ILE GA 130 -71.81 -82.10 -30.64
C ILE GA 130 -70.85 -82.38 -31.79
N ARG GA 131 -70.88 -81.54 -32.82
CA ARG GA 131 -69.99 -81.72 -33.96
C ARG GA 131 -68.75 -80.85 -33.78
N GLN GA 132 -67.60 -81.49 -33.64
CA GLN GA 132 -66.34 -80.82 -33.35
C GLN GA 132 -65.41 -80.94 -34.56
N PHE GA 133 -64.98 -79.81 -35.09
CA PHE GA 133 -64.12 -79.74 -36.26
C PHE GA 133 -62.65 -79.67 -35.86
N GLU GA 134 -61.77 -79.97 -36.82
CA GLU GA 134 -60.33 -79.78 -36.64
C GLU GA 134 -59.88 -78.39 -37.09
N THR GA 135 -60.17 -78.03 -38.33
CA THR GA 135 -59.72 -76.76 -38.88
C THR GA 135 -60.64 -75.63 -38.44
N VAL GA 136 -60.09 -74.42 -38.39
CA VAL GA 136 -60.82 -73.22 -38.02
C VAL GA 136 -61.22 -72.53 -39.32
N ASP GA 137 -62.52 -72.51 -39.61
CA ASP GA 137 -63.06 -71.80 -40.75
C ASP GA 137 -63.75 -70.53 -40.24
N VAL GA 138 -63.20 -69.38 -40.59
CA VAL GA 138 -63.60 -68.12 -39.99
C VAL GA 138 -64.49 -67.36 -40.96
N SER GA 139 -65.72 -67.06 -40.53
CA SER GA 139 -66.66 -66.27 -41.32
C SER GA 139 -66.46 -64.80 -40.99
N VAL GA 140 -66.16 -64.00 -42.01
CA VAL GA 140 -65.90 -62.57 -41.84
C VAL GA 140 -67.08 -61.79 -42.39
N ALA GA 141 -67.62 -60.87 -41.57
CA ALA GA 141 -68.77 -60.10 -41.97
C ALA GA 141 -68.35 -58.95 -42.89
N VAL GA 142 -69.02 -58.83 -44.04
CA VAL GA 142 -68.77 -57.77 -45.01
C VAL GA 142 -70.03 -56.94 -45.12
N ALA GA 143 -69.88 -55.62 -44.96
CA ALA GA 143 -71.02 -54.69 -44.98
C ALA GA 143 -71.25 -54.24 -46.42
N THR GA 144 -72.29 -54.77 -47.04
CA THR GA 144 -72.76 -54.42 -48.37
C THR GA 144 -74.03 -53.58 -48.27
N PRO GA 145 -74.36 -52.77 -49.28
CA PRO GA 145 -75.61 -51.99 -49.22
C PRO GA 145 -76.88 -52.83 -49.25
N ASN GA 146 -76.78 -54.11 -49.62
CA ASN GA 146 -77.87 -55.08 -49.48
C ASN GA 146 -77.78 -55.84 -48.16
N GLY GA 147 -77.19 -55.24 -47.13
CA GLY GA 147 -77.24 -55.83 -45.80
C GLY GA 147 -75.94 -56.43 -45.29
N LEU GA 148 -75.93 -57.74 -45.04
CA LEU GA 148 -74.79 -58.39 -44.42
C LEU GA 148 -74.58 -59.76 -45.06
N ILE GA 149 -73.31 -60.09 -45.29
CA ILE GA 149 -72.92 -61.40 -45.80
C ILE GA 149 -71.67 -61.82 -45.05
N THR GA 150 -71.47 -63.14 -44.91
CA THR GA 150 -70.34 -63.70 -44.18
C THR GA 150 -69.60 -64.71 -45.06
N PRO GA 151 -68.68 -64.27 -45.91
CA PRO GA 151 -67.81 -65.22 -46.60
C PRO GA 151 -66.80 -65.84 -45.65
N ILE GA 152 -66.38 -67.05 -45.98
CA ILE GA 152 -65.61 -67.90 -45.07
C ILE GA 152 -64.17 -68.03 -45.59
N VAL GA 153 -63.22 -67.83 -44.69
CA VAL GA 153 -61.82 -68.16 -44.93
C VAL GA 153 -61.60 -69.55 -44.35
N LYS GA 154 -61.24 -70.48 -45.23
CA LYS GA 154 -61.10 -71.89 -44.85
C LYS GA 154 -59.67 -72.22 -44.49
N GLY GA 155 -59.50 -73.02 -43.44
CA GLY GA 155 -58.20 -73.47 -43.00
C GLY GA 155 -57.31 -72.35 -42.49
N VAL GA 156 -57.73 -71.68 -41.43
CA VAL GA 156 -57.05 -70.48 -40.97
C VAL GA 156 -55.72 -70.81 -40.32
N GLU GA 157 -55.69 -71.81 -39.45
CA GLU GA 157 -54.44 -72.19 -38.81
C GLU GA 157 -53.52 -72.86 -39.83
N GLY GA 158 -52.26 -72.47 -39.83
CA GLY GA 158 -51.32 -72.91 -40.84
C GLY GA 158 -51.64 -72.42 -42.25
N LYS GA 159 -51.91 -71.14 -42.41
CA LYS GA 159 -52.24 -70.61 -43.73
C LYS GA 159 -51.31 -69.48 -44.17
N GLY GA 160 -50.98 -68.57 -43.28
CA GLY GA 160 -50.15 -67.44 -43.66
C GLY GA 160 -50.94 -66.14 -43.72
N LEU GA 161 -50.29 -65.07 -43.28
CA LEU GA 161 -50.96 -63.78 -43.16
C LEU GA 161 -51.23 -63.16 -44.54
N GLU GA 162 -50.32 -63.39 -45.49
CA GLU GA 162 -50.54 -62.87 -46.84
C GLU GA 162 -51.65 -63.62 -47.55
N SER GA 163 -51.75 -64.93 -47.30
CA SER GA 163 -52.86 -65.71 -47.85
C SER GA 163 -54.19 -65.30 -47.23
N ILE GA 164 -54.18 -65.01 -45.94
CA ILE GA 164 -55.40 -64.55 -45.25
C ILE GA 164 -55.83 -63.19 -45.78
N SER GA 165 -54.86 -62.28 -45.97
CA SER GA 165 -55.16 -60.94 -46.50
C SER GA 165 -55.69 -61.03 -47.94
N ALA GA 166 -55.10 -61.90 -48.75
CA ALA GA 166 -55.54 -62.07 -50.13
C ALA GA 166 -56.95 -62.64 -50.19
N ALA GA 167 -57.23 -63.65 -49.35
CA ALA GA 167 -58.56 -64.26 -49.36
C ALA GA 167 -59.63 -63.30 -48.83
N VAL GA 168 -59.28 -62.50 -47.82
CA VAL GA 168 -60.22 -61.52 -47.28
C VAL GA 168 -60.51 -60.42 -48.31
N LYS GA 169 -59.47 -59.98 -49.04
CA LYS GA 169 -59.68 -58.95 -50.07
C LYS GA 169 -60.51 -59.49 -51.24
N GLU GA 170 -60.21 -60.72 -51.68
CA GLU GA 170 -60.99 -61.39 -52.73
C GLU GA 170 -62.46 -61.52 -52.34
N LEU GA 171 -62.73 -62.03 -51.13
CA LEU GA 171 -64.11 -62.25 -50.71
C LEU GA 171 -64.84 -60.94 -50.46
N ALA GA 172 -64.14 -59.91 -49.99
CA ALA GA 172 -64.78 -58.63 -49.75
C ALA GA 172 -65.14 -57.93 -51.06
N LYS GA 173 -64.24 -57.95 -52.05
CA LYS GA 173 -64.56 -57.29 -53.31
C LYS GA 173 -65.61 -58.09 -54.08
N LYS GA 174 -65.63 -59.42 -53.91
CA LYS GA 174 -66.69 -60.20 -54.54
C LYS GA 174 -68.01 -60.05 -53.80
N ALA GA 175 -67.97 -59.70 -52.51
CA ALA GA 175 -69.20 -59.41 -51.80
C ALA GA 175 -69.75 -58.05 -52.20
N ARG GA 176 -68.86 -57.10 -52.50
CA ARG GA 176 -69.32 -55.81 -53.01
C ARG GA 176 -69.86 -55.92 -54.43
N ASP GA 177 -69.30 -56.82 -55.25
CA ASP GA 177 -69.84 -57.04 -56.58
C ASP GA 177 -71.01 -58.03 -56.61
N GLY GA 178 -71.25 -58.76 -55.53
CA GLY GA 178 -72.37 -59.68 -55.43
C GLY GA 178 -72.25 -60.90 -56.31
N LYS GA 179 -71.12 -61.61 -56.22
CA LYS GA 179 -70.80 -62.71 -57.13
C LYS GA 179 -70.35 -63.94 -56.35
N LEU GA 180 -71.14 -64.37 -55.37
CA LEU GA 180 -70.76 -65.47 -54.49
C LEU GA 180 -71.55 -66.73 -54.80
N LYS GA 181 -70.94 -67.87 -54.51
CA LYS GA 181 -71.49 -69.22 -54.47
C LYS GA 181 -71.99 -69.50 -53.05
N PRO GA 182 -73.03 -70.34 -52.90
CA PRO GA 182 -73.54 -70.62 -51.54
C PRO GA 182 -72.57 -71.39 -50.66
N GLU GA 183 -71.63 -72.13 -51.25
CA GLU GA 183 -70.59 -72.80 -50.49
C GLU GA 183 -69.53 -71.84 -49.96
N GLU GA 184 -69.53 -70.58 -50.41
CA GLU GA 184 -68.59 -69.59 -49.91
C GLU GA 184 -69.12 -68.81 -48.71
N TYR GA 185 -70.43 -68.86 -48.44
CA TYR GA 185 -70.96 -68.16 -47.27
C TYR GA 185 -71.92 -69.03 -46.48
N GLN GA 186 -71.94 -70.34 -46.74
CA GLN GA 186 -72.76 -71.27 -45.97
C GLN GA 186 -71.83 -72.30 -45.32
N GLY GA 187 -71.64 -72.16 -44.01
CA GLY GA 187 -70.76 -73.05 -43.28
C GLY GA 187 -70.02 -72.33 -42.18
N GLY GA 188 -68.73 -72.64 -42.01
CA GLY GA 188 -67.92 -71.98 -41.01
C GLY GA 188 -68.08 -72.54 -39.61
N SER GA 189 -67.06 -72.36 -38.78
CA SER GA 189 -67.11 -72.81 -37.39
C SER GA 189 -67.11 -71.69 -36.37
N ILE GA 190 -66.66 -70.48 -36.77
CA ILE GA 190 -66.63 -69.33 -35.87
C ILE GA 190 -66.71 -68.07 -36.74
N SER GA 191 -67.20 -66.98 -36.16
CA SER GA 191 -67.44 -65.74 -36.87
C SER GA 191 -66.70 -64.59 -36.19
N ILE GA 192 -66.63 -63.47 -36.89
CA ILE GA 192 -66.04 -62.24 -36.36
C ILE GA 192 -66.71 -61.05 -37.02
N SER GA 193 -67.10 -60.07 -36.20
CA SER GA 193 -67.70 -58.83 -36.67
C SER GA 193 -66.73 -57.69 -36.36
N ASN GA 194 -66.42 -56.89 -37.38
CA ASN GA 194 -65.39 -55.87 -37.30
C ASN GA 194 -66.02 -54.49 -37.45
N MET GA 195 -65.74 -53.60 -36.51
CA MET GA 195 -66.24 -52.22 -36.56
C MET GA 195 -65.15 -51.24 -36.18
N GLY GA 196 -63.93 -51.47 -36.69
CA GLY GA 196 -62.83 -50.56 -36.40
C GLY GA 196 -62.81 -49.31 -37.26
N MET GA 197 -63.54 -49.32 -38.37
CA MET GA 197 -63.56 -48.13 -39.23
C MET GA 197 -64.42 -47.02 -38.63
N ASN GA 198 -65.35 -47.39 -37.75
CA ASN GA 198 -66.16 -46.42 -37.03
C ASN GA 198 -65.49 -46.11 -35.69
N PRO GA 199 -64.99 -44.89 -35.48
CA PRO GA 199 -64.30 -44.59 -34.22
C PRO GA 199 -65.24 -44.35 -33.05
N ALA GA 200 -66.55 -44.32 -33.27
CA ALA GA 200 -67.48 -44.08 -32.17
C ALA GA 200 -67.77 -45.36 -31.39
N VAL GA 201 -67.72 -46.51 -32.05
CA VAL GA 201 -68.11 -47.77 -31.43
C VAL GA 201 -67.00 -48.21 -30.49
N GLN GA 202 -67.17 -47.95 -29.19
CA GLN GA 202 -66.22 -48.45 -28.21
C GLN GA 202 -66.40 -49.94 -27.97
N SER GA 203 -67.64 -50.41 -27.93
CA SER GA 203 -67.95 -51.80 -27.66
C SER GA 203 -69.31 -52.11 -28.23
N PHE GA 204 -69.47 -53.35 -28.72
CA PHE GA 204 -70.77 -53.81 -29.18
C PHE GA 204 -70.81 -55.32 -29.08
N THR GA 205 -72.03 -55.85 -29.06
CA THR GA 205 -72.27 -57.28 -29.07
C THR GA 205 -72.85 -57.70 -30.42
N ALA GA 206 -72.74 -59.00 -30.70
CA ALA GA 206 -73.24 -59.55 -31.96
C ALA GA 206 -74.09 -60.77 -31.66
N ILE GA 207 -74.88 -61.16 -32.65
CA ILE GA 207 -75.74 -62.33 -32.56
C ILE GA 207 -75.05 -63.50 -33.27
N ILE GA 208 -75.06 -64.66 -32.61
CA ILE GA 208 -74.36 -65.82 -33.13
C ILE GA 208 -75.10 -66.38 -34.35
N ASN GA 209 -74.37 -66.53 -35.45
CA ASN GA 209 -74.94 -67.15 -36.65
C ASN GA 209 -75.10 -68.63 -36.41
N PRO GA 210 -76.31 -69.19 -36.55
CA PRO GA 210 -76.48 -70.62 -36.36
C PRO GA 210 -75.92 -71.39 -37.54
N PRO GA 211 -75.41 -72.61 -37.31
CA PRO GA 211 -75.34 -73.32 -36.04
C PRO GA 211 -74.00 -73.20 -35.31
N GLN GA 212 -73.32 -72.06 -35.44
CA GLN GA 212 -72.03 -71.91 -34.78
C GLN GA 212 -72.22 -71.66 -33.28
N ALA GA 213 -71.10 -71.67 -32.55
CA ALA GA 213 -71.14 -71.60 -31.10
C ALA GA 213 -70.64 -70.28 -30.53
N ALA GA 214 -69.90 -69.49 -31.28
CA ALA GA 214 -69.35 -68.25 -30.76
C ALA GA 214 -69.25 -67.21 -31.87
N ILE GA 215 -69.21 -65.95 -31.47
CA ILE GA 215 -68.97 -64.86 -32.40
C ILE GA 215 -68.13 -63.79 -31.71
N LEU GA 216 -67.23 -63.16 -32.45
CA LEU GA 216 -66.37 -62.13 -31.91
C LEU GA 216 -66.88 -60.76 -32.36
N ALA GA 217 -66.60 -59.73 -31.56
CA ALA GA 217 -66.99 -58.36 -31.88
C ALA GA 217 -65.85 -57.44 -31.43
N VAL GA 218 -65.34 -56.63 -32.35
CA VAL GA 218 -64.13 -55.86 -32.13
C VAL GA 218 -64.46 -54.37 -32.25
N GLY GA 219 -64.18 -53.61 -31.18
CA GLY GA 219 -64.50 -52.19 -31.17
C GLY GA 219 -63.32 -51.34 -31.60
N ALA GA 220 -63.59 -50.04 -31.72
CA ALA GA 220 -62.59 -49.09 -32.16
C ALA GA 220 -61.50 -48.94 -31.12
N PRO GA 221 -60.25 -48.75 -31.54
CA PRO GA 221 -59.16 -48.53 -30.58
C PRO GA 221 -59.22 -47.15 -29.96
N GLN GA 222 -58.83 -47.08 -28.70
CA GLN GA 222 -58.80 -45.85 -27.92
C GLN GA 222 -57.54 -45.79 -27.07
N LYS GA 223 -57.15 -44.60 -26.64
CA LYS GA 223 -55.99 -44.41 -25.78
C LYS GA 223 -56.39 -44.55 -24.32
N VAL GA 224 -55.79 -45.51 -23.63
CA VAL GA 224 -56.06 -45.77 -22.22
C VAL GA 224 -54.78 -45.54 -21.42
N ALA GA 225 -54.90 -44.84 -20.31
CA ALA GA 225 -53.76 -44.58 -19.43
C ALA GA 225 -53.35 -45.86 -18.72
N VAL GA 226 -52.07 -46.22 -18.86
CA VAL GA 226 -51.52 -47.45 -18.31
C VAL GA 226 -50.27 -47.11 -17.49
N PRO GA 227 -50.13 -47.62 -16.27
CA PRO GA 227 -48.98 -47.24 -15.45
C PRO GA 227 -47.68 -47.85 -15.96
N VAL GA 228 -46.58 -47.13 -15.71
CA VAL GA 228 -45.26 -47.55 -16.14
C VAL GA 228 -44.25 -47.14 -15.07
N GLU GA 229 -43.26 -48.00 -14.84
CA GLU GA 229 -42.14 -47.65 -13.99
C GLU GA 229 -41.08 -46.98 -14.83
N ASN GA 230 -40.48 -45.93 -14.31
CA ASN GA 230 -39.26 -45.40 -14.89
C ASN GA 230 -38.08 -46.17 -14.30
N GLU GA 231 -36.86 -45.72 -14.58
CA GLU GA 231 -35.68 -46.37 -14.01
C GLU GA 231 -35.41 -45.94 -12.57
N ASP GA 232 -36.28 -45.12 -11.97
CA ASP GA 232 -36.30 -44.87 -10.54
C ASP GA 232 -37.58 -45.46 -9.95
N GLY GA 233 -37.80 -45.22 -8.66
CA GLY GA 233 -38.85 -45.92 -7.92
C GLY GA 233 -40.27 -45.47 -8.23
N THR GA 234 -40.46 -44.29 -8.80
CA THR GA 234 -41.81 -43.76 -8.93
C THR GA 234 -42.52 -44.36 -10.14
N THR GA 235 -43.85 -44.25 -10.14
CA THR GA 235 -44.67 -44.69 -11.26
C THR GA 235 -44.99 -43.53 -12.19
N GLY GA 236 -45.41 -43.86 -13.41
CA GLY GA 236 -45.69 -42.87 -14.43
C GLY GA 236 -46.99 -43.15 -15.15
N VAL GA 237 -47.24 -42.33 -16.17
CA VAL GA 237 -48.40 -42.49 -17.03
C VAL GA 237 -47.91 -42.76 -18.44
N SER GA 238 -48.26 -43.93 -18.98
CA SER GA 238 -48.03 -44.27 -20.36
C SER GA 238 -49.36 -44.43 -21.06
N TRP GA 239 -49.39 -44.14 -22.36
CA TRP GA 239 -50.61 -44.18 -23.15
C TRP GA 239 -50.58 -45.41 -24.04
N ASP GA 240 -51.50 -46.34 -23.80
CA ASP GA 240 -51.55 -47.61 -24.50
C ASP GA 240 -52.76 -47.64 -25.42
N GLU GA 241 -52.59 -48.25 -26.60
CA GLU GA 241 -53.68 -48.41 -27.55
C GLU GA 241 -54.43 -49.69 -27.20
N GLN GA 242 -55.67 -49.56 -26.74
CA GLN GA 242 -56.46 -50.71 -26.33
C GLN GA 242 -57.69 -50.86 -27.22
N ILE GA 243 -58.12 -52.11 -27.37
CA ILE GA 243 -59.28 -52.46 -28.20
C ILE GA 243 -60.20 -53.33 -27.35
N ILE GA 244 -61.47 -52.94 -27.25
CA ILE GA 244 -62.44 -53.72 -26.49
C ILE GA 244 -62.99 -54.81 -27.39
N VAL GA 245 -62.83 -56.06 -26.95
CA VAL GA 245 -63.24 -57.24 -27.70
C VAL GA 245 -64.29 -57.98 -26.88
N THR GA 246 -65.47 -58.17 -27.46
CA THR GA 246 -66.57 -58.87 -26.80
C THR GA 246 -66.86 -60.16 -27.56
N ALA GA 247 -66.79 -61.28 -26.87
CA ALA GA 247 -67.07 -62.59 -27.47
C ALA GA 247 -68.38 -63.11 -26.91
N SER GA 248 -69.33 -63.41 -27.79
CA SER GA 248 -70.63 -63.94 -27.41
C SER GA 248 -70.60 -65.45 -27.62
N PHE GA 249 -70.87 -66.19 -26.55
CA PHE GA 249 -70.86 -67.65 -26.57
C PHE GA 249 -72.27 -68.20 -26.34
N ASP GA 250 -72.47 -69.43 -26.83
CA ASP GA 250 -73.67 -70.20 -26.58
C ASP GA 250 -73.43 -71.10 -25.38
N HIS GA 251 -74.34 -71.05 -24.40
CA HIS GA 251 -74.09 -71.73 -23.13
C HIS GA 251 -74.40 -73.22 -23.20
N LYS GA 252 -75.00 -73.70 -24.29
CA LYS GA 252 -75.24 -75.14 -24.43
C LYS GA 252 -73.94 -75.88 -24.74
N VAL GA 253 -73.00 -75.22 -25.39
CA VAL GA 253 -71.74 -75.83 -25.78
C VAL GA 253 -70.58 -75.32 -24.93
N VAL GA 254 -70.47 -74.01 -24.75
CA VAL GA 254 -69.34 -73.38 -24.10
C VAL GA 254 -69.79 -72.86 -22.74
N ASP GA 255 -69.07 -73.24 -21.69
CA ASP GA 255 -69.30 -72.67 -20.38
C ASP GA 255 -68.44 -71.42 -20.17
N GLY GA 256 -68.62 -70.80 -19.00
CA GLY GA 256 -67.94 -69.55 -18.74
C GLY GA 256 -66.44 -69.71 -18.55
N ALA GA 257 -66.03 -70.82 -17.94
CA ALA GA 257 -64.60 -71.09 -17.77
C ALA GA 257 -63.93 -71.40 -19.11
N VAL GA 258 -64.64 -72.10 -20.00
CA VAL GA 258 -64.09 -72.39 -21.33
C VAL GA 258 -63.99 -71.11 -22.15
N GLY GA 259 -65.00 -70.25 -22.06
CA GLY GA 259 -64.93 -68.96 -22.74
C GLY GA 259 -63.86 -68.06 -22.19
N ALA GA 260 -63.62 -68.13 -20.88
CA ALA GA 260 -62.57 -67.34 -20.26
C ALA GA 260 -61.19 -67.85 -20.66
N GLU GA 261 -61.03 -69.18 -20.79
CA GLU GA 261 -59.76 -69.73 -21.28
C GLU GA 261 -59.51 -69.35 -22.74
N TRP GA 262 -60.57 -69.38 -23.57
CA TRP GA 262 -60.44 -68.95 -24.96
C TRP GA 262 -60.06 -67.48 -25.06
N ILE GA 263 -60.69 -66.63 -24.25
CA ILE GA 263 -60.38 -65.21 -24.22
C ILE GA 263 -58.96 -64.96 -23.71
N ARG GA 264 -58.50 -65.76 -22.74
CA ARG GA 264 -57.15 -65.61 -22.20
C ARG GA 264 -56.10 -66.02 -23.22
N GLU GA 265 -56.34 -67.10 -23.97
CA GLU GA 265 -55.39 -67.50 -25.00
C GLU GA 265 -55.38 -66.52 -26.16
N LEU GA 266 -56.54 -65.96 -26.53
CA LEU GA 266 -56.58 -64.94 -27.57
C LEU GA 266 -55.85 -63.67 -27.14
N LYS GA 267 -56.02 -63.28 -25.87
CA LYS GA 267 -55.32 -62.11 -25.34
C LYS GA 267 -53.81 -62.35 -25.26
N LYS GA 268 -53.40 -63.57 -24.94
CA LYS GA 268 -51.98 -63.91 -24.90
C LYS GA 268 -51.35 -63.83 -26.28
N VAL GA 269 -52.01 -64.42 -27.29
CA VAL GA 269 -51.48 -64.41 -28.64
C VAL GA 269 -51.50 -63.00 -29.23
N ILE GA 270 -52.47 -62.16 -28.84
CA ILE GA 270 -52.52 -60.80 -29.36
C ILE GA 270 -51.46 -59.93 -28.70
N GLU GA 271 -51.35 -59.98 -27.37
CA GLU GA 271 -50.42 -59.11 -26.65
C GLU GA 271 -48.98 -59.61 -26.73
N ASN GA 272 -48.73 -60.83 -27.18
CA ASN GA 272 -47.39 -61.30 -27.52
C ASN GA 272 -47.43 -61.71 -28.98
N PRO GA 273 -47.10 -60.78 -29.89
CA PRO GA 273 -47.29 -61.06 -31.32
C PRO GA 273 -46.29 -62.04 -31.91
N LEU GA 274 -45.22 -62.36 -31.19
CA LEU GA 274 -44.28 -63.37 -31.67
C LEU GA 274 -44.81 -64.78 -31.50
N GLU GA 275 -45.91 -64.95 -30.75
CA GLU GA 275 -46.52 -66.27 -30.59
C GLU GA 275 -47.38 -66.68 -31.78
N LEU GA 276 -47.54 -65.80 -32.78
CA LEU GA 276 -48.24 -66.17 -34.01
C LEU GA 276 -47.42 -67.11 -34.88
N LEU GA 277 -46.11 -67.18 -34.64
CA LEU GA 277 -45.26 -68.17 -35.32
C LEU GA 277 -45.60 -69.58 -34.88
N LEU GA 278 -45.77 -69.77 -33.57
CA LEU GA 278 -46.08 -71.08 -33.02
C LEU GA 278 -47.55 -71.41 -33.21
N TYR HA 47 -85.79 13.51 -73.37
CA TYR HA 47 -85.08 13.17 -74.61
C TYR HA 47 -85.41 11.73 -75.02
N THR HA 48 -84.77 10.77 -74.37
CA THR HA 48 -85.09 9.36 -74.60
C THR HA 48 -86.27 8.96 -73.73
N ASP HA 49 -87.31 8.44 -74.38
CA ASP HA 49 -88.64 8.24 -73.81
C ASP HA 49 -89.08 6.80 -73.98
N VAL HA 50 -88.26 5.86 -73.51
CA VAL HA 50 -88.63 4.44 -73.45
C VAL HA 50 -89.87 4.30 -72.56
N PRO HA 51 -90.84 3.47 -72.95
CA PRO HA 51 -92.08 3.38 -72.19
C PRO HA 51 -91.95 2.45 -70.99
N ILE HA 52 -92.94 2.54 -70.10
CA ILE HA 52 -93.00 1.68 -68.93
C ILE HA 52 -93.34 0.26 -69.37
N SER HA 53 -92.75 -0.73 -68.71
CA SER HA 53 -92.91 -2.12 -69.12
C SER HA 53 -94.33 -2.64 -68.90
N GLY HA 54 -95.09 -2.02 -68.01
CA GLY HA 54 -96.42 -2.50 -67.70
C GLY HA 54 -96.41 -3.36 -66.45
N MET HA 55 -95.35 -4.17 -66.30
CA MET HA 55 -95.10 -4.88 -65.06
C MET HA 55 -94.72 -3.93 -63.93
N ARG HA 56 -94.01 -2.85 -64.25
CA ARG HA 56 -93.68 -1.81 -63.26
C ARG HA 56 -94.89 -1.05 -62.76
N LYS HA 57 -95.97 -1.00 -63.57
CA LYS HA 57 -97.16 -0.24 -63.17
C LYS HA 57 -97.87 -0.90 -62.00
N THR HA 58 -97.90 -2.24 -61.98
CA THR HA 58 -98.51 -2.95 -60.87
C THR HA 58 -97.71 -2.78 -59.58
N ILE HA 59 -96.37 -2.81 -59.68
CA ILE HA 59 -95.55 -2.60 -58.48
C ILE HA 59 -95.65 -1.17 -58.00
N ALA HA 60 -95.79 -0.20 -58.93
CA ALA HA 60 -95.96 1.19 -58.54
C ALA HA 60 -97.31 1.40 -57.84
N ALA HA 61 -98.37 0.78 -58.35
CA ALA HA 61 -99.68 0.86 -57.70
C ALA HA 61 -99.66 0.16 -56.35
N ARG HA 62 -98.91 -0.95 -56.23
CA ARG HA 62 -98.84 -1.67 -54.97
C ARG HA 62 -98.08 -0.87 -53.91
N LEU HA 63 -96.97 -0.24 -54.29
CA LEU HA 63 -96.24 0.62 -53.37
C LEU HA 63 -97.04 1.86 -53.00
N LYS HA 64 -97.86 2.35 -53.95
CA LYS HA 64 -98.79 3.44 -53.65
C LYS HA 64 -99.82 3.01 -52.60
N GLU HA 65 -100.39 1.80 -52.76
CA GLU HA 65 -101.32 1.25 -51.76
C GLU HA 65 -100.66 1.12 -50.40
N SER HA 66 -99.40 0.67 -50.39
CA SER HA 66 -98.67 0.50 -49.15
C SER HA 66 -98.44 1.82 -48.42
N VAL HA 67 -98.00 2.84 -49.14
CA VAL HA 67 -97.70 4.12 -48.48
C VAL HA 67 -98.98 4.89 -48.20
N THR HA 68 -100.08 4.57 -48.85
CA THR HA 68 -101.29 5.36 -48.60
C THR HA 68 -102.21 4.69 -47.59
N GLU HA 69 -102.02 3.39 -47.32
CA GLU HA 69 -102.90 2.73 -46.35
C GLU HA 69 -102.13 2.33 -45.10
N ASN HA 70 -100.80 2.28 -45.19
CA ASN HA 70 -99.97 1.94 -44.05
C ASN HA 70 -99.22 3.16 -43.56
N PRO HA 71 -99.60 3.76 -42.43
CA PRO HA 71 -98.75 4.81 -41.85
C PRO HA 71 -97.48 4.23 -41.24
N HIS HA 72 -96.37 4.37 -41.94
CA HIS HA 72 -95.12 3.74 -41.54
C HIS HA 72 -94.46 4.53 -40.41
N PHE HA 73 -93.76 3.81 -39.54
CA PHE HA 73 -92.80 4.44 -38.63
C PHE HA 73 -91.61 3.52 -38.47
N PHE HA 74 -90.42 4.11 -38.41
CA PHE HA 74 -89.17 3.37 -38.41
C PHE HA 74 -88.58 3.32 -37.01
N VAL HA 75 -87.98 2.18 -36.69
CA VAL HA 75 -87.23 1.99 -35.45
C VAL HA 75 -85.85 1.48 -35.84
N SER HA 76 -84.81 2.22 -35.46
CA SER HA 76 -83.44 1.88 -35.82
C SER HA 76 -82.68 1.36 -34.61
N THR HA 77 -81.74 0.47 -34.86
CA THR HA 77 -80.88 -0.09 -33.82
C THR HA 77 -79.54 -0.47 -34.43
N ASN HA 78 -78.57 -0.74 -33.57
CA ASN HA 78 -77.26 -1.20 -33.99
C ASN HA 78 -76.99 -2.55 -33.34
N LEU HA 79 -76.90 -3.60 -34.16
CA LEU HA 79 -76.62 -4.94 -33.67
C LEU HA 79 -75.13 -5.20 -33.74
N SER HA 80 -74.58 -5.72 -32.65
CA SER HA 80 -73.18 -6.15 -32.64
C SER HA 80 -73.10 -7.60 -33.11
N VAL HA 81 -72.31 -7.84 -34.15
CA VAL HA 81 -72.24 -9.13 -34.81
C VAL HA 81 -70.85 -9.74 -34.68
N SER HA 82 -70.05 -9.28 -33.72
CA SER HA 82 -68.70 -9.79 -33.55
C SER HA 82 -68.69 -11.22 -33.03
N LYS HA 83 -69.71 -11.62 -32.27
CA LYS HA 83 -69.84 -13.01 -31.85
C LYS HA 83 -70.57 -13.84 -32.89
N LEU HA 84 -71.49 -13.22 -33.64
CA LEU HA 84 -72.20 -13.92 -34.70
C LEU HA 84 -71.26 -14.32 -35.83
N LEU HA 85 -70.30 -13.46 -36.15
CA LEU HA 85 -69.31 -13.79 -37.17
C LEU HA 85 -68.37 -14.91 -36.70
N LYS HA 86 -68.04 -14.94 -35.41
CA LYS HA 86 -67.22 -16.02 -34.87
C LYS HA 86 -67.96 -17.35 -34.89
N LEU HA 87 -69.26 -17.32 -34.55
CA LEU HA 87 -70.07 -18.53 -34.62
C LEU HA 87 -70.24 -19.02 -36.05
N ARG HA 88 -70.41 -18.10 -36.99
CA ARG HA 88 -70.51 -18.47 -38.41
C ARG HA 88 -69.20 -19.04 -38.93
N GLN HA 89 -68.07 -18.47 -38.49
CA GLN HA 89 -66.76 -18.96 -38.90
C GLN HA 89 -66.50 -20.37 -38.36
N ALA HA 90 -66.89 -20.61 -37.11
CA ALA HA 90 -66.73 -21.94 -36.52
C ALA HA 90 -67.62 -22.97 -37.20
N LEU HA 91 -68.89 -22.60 -37.47
CA LEU HA 91 -69.81 -23.54 -38.10
C LEU HA 91 -69.44 -23.80 -39.56
N ASN HA 92 -68.80 -22.82 -40.21
CA ASN HA 92 -68.35 -23.05 -41.59
C ASN HA 92 -67.06 -23.85 -41.62
N SER HA 93 -66.19 -23.66 -40.63
CA SER HA 93 -64.93 -24.41 -40.61
C SER HA 93 -65.15 -25.85 -40.21
N SER HA 94 -66.17 -26.13 -39.39
CA SER HA 94 -66.49 -27.50 -39.01
C SER HA 94 -67.47 -28.13 -40.00
N ALA HA 95 -67.03 -28.24 -41.25
CA ALA HA 95 -67.84 -28.80 -42.30
C ALA HA 95 -66.94 -29.40 -43.38
N ASP HA 96 -67.55 -30.19 -44.25
CA ASP HA 96 -66.85 -30.81 -45.37
C ASP HA 96 -67.41 -30.33 -46.70
N GLY HA 97 -67.83 -29.08 -46.76
CA GLY HA 97 -68.52 -28.58 -47.94
C GLY HA 97 -69.98 -28.94 -48.02
N ARG HA 98 -70.59 -29.38 -46.92
CA ARG HA 98 -72.01 -29.71 -46.94
C ARG HA 98 -72.88 -28.47 -46.97
N TYR HA 99 -72.43 -27.39 -46.35
CA TYR HA 99 -73.23 -26.17 -46.25
C TYR HA 99 -72.30 -24.97 -46.25
N LYS HA 100 -72.91 -23.79 -46.39
CA LYS HA 100 -72.19 -22.52 -46.31
C LYS HA 100 -73.13 -21.51 -45.68
N LEU HA 101 -72.75 -21.00 -44.50
CA LEU HA 101 -73.62 -20.14 -43.72
C LEU HA 101 -73.32 -18.67 -43.99
N SER HA 102 -74.36 -17.85 -43.93
CA SER HA 102 -74.26 -16.40 -44.10
C SER HA 102 -74.93 -15.71 -42.93
N VAL HA 103 -74.83 -14.38 -42.91
CA VAL HA 103 -75.43 -13.59 -41.83
C VAL HA 103 -76.94 -13.57 -41.96
N ASN HA 104 -77.44 -13.72 -43.20
CA ASN HA 104 -78.88 -13.68 -43.44
C ASN HA 104 -79.60 -14.87 -42.82
N ASP HA 105 -78.91 -16.01 -42.67
CA ASP HA 105 -79.49 -17.17 -42.01
C ASP HA 105 -79.75 -16.90 -40.53
N PHE HA 106 -78.74 -16.33 -39.84
CA PHE HA 106 -78.90 -15.96 -38.44
C PHE HA 106 -79.96 -14.86 -38.29
N LEU HA 107 -80.03 -13.94 -39.26
CA LEU HA 107 -81.01 -12.88 -39.19
C LEU HA 107 -82.43 -13.41 -39.37
N ILE HA 108 -82.62 -14.36 -40.29
CA ILE HA 108 -83.94 -14.94 -40.52
C ILE HA 108 -84.37 -15.78 -39.31
N LYS HA 109 -83.43 -16.53 -38.71
CA LYS HA 109 -83.76 -17.31 -37.52
C LYS HA 109 -84.07 -16.39 -36.32
N ALA HA 110 -83.34 -15.29 -36.18
CA ALA HA 110 -83.61 -14.36 -35.09
C ALA HA 110 -84.92 -13.62 -35.31
N MET HA 111 -85.28 -13.36 -36.56
CA MET HA 111 -86.58 -12.77 -36.87
C MET HA 111 -87.71 -13.73 -36.52
N GLY HA 112 -87.50 -15.03 -36.78
CA GLY HA 112 -88.50 -16.02 -36.38
C GLY HA 112 -88.67 -16.11 -34.87
N ILE HA 113 -87.54 -16.08 -34.15
CA ILE HA 113 -87.59 -16.14 -32.68
C ILE HA 113 -88.27 -14.90 -32.11
N ALA HA 114 -87.94 -13.72 -32.66
CA ALA HA 114 -88.52 -12.47 -32.18
C ALA HA 114 -90.01 -12.37 -32.52
N SER HA 115 -90.42 -12.86 -33.70
CA SER HA 115 -91.83 -12.85 -34.05
C SER HA 115 -92.63 -13.88 -33.27
N LYS HA 116 -91.98 -14.96 -32.83
CA LYS HA 116 -92.67 -15.89 -31.93
C LYS HA 116 -92.78 -15.33 -30.52
N ARG HA 117 -91.79 -14.57 -30.07
CA ARG HA 117 -91.88 -13.98 -28.73
C ARG HA 117 -92.84 -12.79 -28.69
N VAL HA 118 -92.87 -11.96 -29.72
CA VAL HA 118 -93.84 -10.87 -29.81
C VAL HA 118 -94.78 -11.16 -30.98
N PRO HA 119 -95.93 -11.80 -30.74
CA PRO HA 119 -96.78 -12.22 -31.87
C PRO HA 119 -97.64 -11.09 -32.45
N THR HA 120 -97.59 -9.88 -31.89
CA THR HA 120 -98.38 -8.79 -32.44
C THR HA 120 -97.81 -8.29 -33.76
N VAL HA 121 -96.48 -8.37 -33.92
CA VAL HA 121 -95.85 -7.95 -35.17
C VAL HA 121 -96.16 -8.93 -36.29
N ASN HA 122 -96.34 -10.21 -35.96
CA ASN HA 122 -96.66 -11.24 -36.94
C ASN HA 122 -98.16 -11.24 -37.19
N SER HA 123 -98.63 -10.22 -37.90
CA SER HA 123 -100.06 -10.04 -38.15
C SER HA 123 -100.24 -9.32 -39.48
N SER HA 124 -101.48 -8.92 -39.76
CA SER HA 124 -101.86 -8.24 -40.99
C SER HA 124 -103.02 -7.31 -40.69
N TRP HA 125 -103.72 -6.89 -41.75
CA TRP HA 125 -104.88 -6.00 -41.61
C TRP HA 125 -105.91 -6.40 -42.66
N ARG HA 126 -107.06 -6.88 -42.19
CA ARG HA 126 -108.06 -7.52 -43.05
C ARG HA 126 -109.42 -6.85 -42.87
N ASP HA 127 -110.49 -7.49 -43.36
CA ASP HA 127 -111.83 -6.89 -43.34
C ASP HA 127 -112.35 -6.81 -41.92
N GLY HA 128 -112.07 -5.67 -41.27
CA GLY HA 128 -112.51 -5.43 -39.91
C GLY HA 128 -111.88 -6.34 -38.87
N VAL HA 129 -110.74 -6.95 -39.18
CA VAL HA 129 -110.21 -8.05 -38.39
C VAL HA 129 -108.69 -8.12 -38.57
N ILE HA 130 -108.01 -8.54 -37.51
CA ILE HA 130 -106.56 -8.71 -37.50
C ILE HA 130 -106.28 -10.20 -37.65
N ARG HA 131 -105.54 -10.57 -38.70
CA ARG HA 131 -105.22 -11.97 -38.92
C ARG HA 131 -103.84 -12.27 -38.34
N GLN HA 132 -103.80 -13.13 -37.33
CA GLN HA 132 -102.59 -13.45 -36.59
C GLN HA 132 -102.20 -14.89 -36.87
N PHE HA 133 -100.98 -15.09 -37.37
CA PHE HA 133 -100.47 -16.40 -37.73
C PHE HA 133 -99.67 -17.00 -36.57
N GLU HA 134 -99.45 -18.31 -36.64
CA GLU HA 134 -98.55 -19.00 -35.71
C GLU HA 134 -97.13 -19.05 -36.23
N THR HA 135 -96.93 -19.59 -37.42
CA THR HA 135 -95.59 -19.75 -37.98
C THR HA 135 -95.10 -18.45 -38.60
N VAL HA 136 -93.78 -18.31 -38.64
CA VAL HA 136 -93.13 -17.14 -39.22
C VAL HA 136 -92.71 -17.52 -40.64
N ASP HA 137 -93.35 -16.92 -41.64
CA ASP HA 137 -92.99 -17.10 -43.04
C ASP HA 137 -92.27 -15.84 -43.50
N VAL HA 138 -90.99 -15.98 -43.82
CA VAL HA 138 -90.13 -14.82 -44.05
C VAL HA 138 -89.92 -14.66 -45.55
N SER HA 139 -90.30 -13.50 -46.09
CA SER HA 139 -90.08 -13.17 -47.48
C SER HA 139 -88.72 -12.51 -47.64
N VAL HA 140 -87.86 -13.08 -48.46
CA VAL HA 140 -86.50 -12.58 -48.67
C VAL HA 140 -86.42 -11.93 -50.03
N ALA HA 141 -85.92 -10.69 -50.08
CA ALA HA 141 -85.84 -9.96 -51.34
C ALA HA 141 -84.62 -10.41 -52.13
N VAL HA 142 -84.84 -10.76 -53.39
CA VAL HA 142 -83.78 -11.16 -54.31
C VAL HA 142 -83.70 -10.16 -55.43
N ALA HA 143 -82.49 -9.63 -55.68
CA ALA HA 143 -82.29 -8.60 -56.69
C ALA HA 143 -81.98 -9.26 -58.02
N THR HA 144 -82.96 -9.27 -58.91
CA THR HA 144 -82.87 -9.77 -60.28
C THR HA 144 -82.80 -8.60 -61.26
N PRO HA 145 -82.24 -8.78 -62.46
CA PRO HA 145 -82.21 -7.68 -63.44
C PRO HA 145 -83.59 -7.24 -63.93
N ASN HA 146 -84.62 -8.05 -63.71
CA ASN HA 146 -86.01 -7.65 -63.93
C ASN HA 146 -86.66 -7.08 -62.68
N GLY HA 147 -85.87 -6.51 -61.77
CA GLY HA 147 -86.44 -5.79 -60.64
C GLY HA 147 -86.29 -6.46 -59.29
N LEU HA 148 -87.42 -6.79 -58.67
CA LEU HA 148 -87.41 -7.31 -57.30
C LEU HA 148 -88.45 -8.41 -57.17
N ILE HA 149 -88.08 -9.47 -56.47
CA ILE HA 149 -89.00 -10.57 -56.16
C ILE HA 149 -88.73 -10.98 -54.71
N THR HA 150 -89.76 -11.51 -54.05
CA THR HA 150 -89.68 -11.92 -52.64
C THR HA 150 -90.16 -13.35 -52.49
N PRO HA 151 -89.29 -14.34 -52.71
CA PRO HA 151 -89.64 -15.72 -52.35
C PRO HA 151 -89.68 -15.91 -50.84
N ILE HA 152 -90.50 -16.86 -50.41
CA ILE HA 152 -90.85 -17.04 -49.01
C ILE HA 152 -90.22 -18.32 -48.47
N VAL HA 153 -89.57 -18.21 -47.33
CA VAL HA 153 -89.14 -19.35 -46.53
C VAL HA 153 -90.24 -19.63 -45.52
N LYS HA 154 -90.83 -20.81 -45.62
CA LYS HA 154 -91.98 -21.17 -44.78
C LYS HA 154 -91.53 -21.93 -43.55
N GLY HA 155 -92.17 -21.61 -42.41
CA GLY HA 155 -91.89 -22.29 -41.16
C GLY HA 155 -90.48 -22.05 -40.64
N VAL HA 156 -90.16 -20.79 -40.34
CA VAL HA 156 -88.78 -20.42 -40.01
C VAL HA 156 -88.39 -20.92 -38.63
N GLU HA 157 -89.26 -20.72 -37.65
CA GLU HA 157 -88.97 -21.19 -36.30
C GLU HA 157 -89.05 -22.71 -36.27
N GLY HA 158 -88.06 -23.33 -35.63
CA GLY HA 158 -87.93 -24.78 -35.64
C GLY HA 158 -87.65 -25.38 -37.01
N LYS HA 159 -86.69 -24.83 -37.74
CA LYS HA 159 -86.37 -25.34 -39.07
C LYS HA 159 -84.92 -25.78 -39.22
N GLY HA 160 -83.98 -25.00 -38.68
CA GLY HA 160 -82.58 -25.34 -38.83
C GLY HA 160 -81.86 -24.41 -39.79
N LEU HA 161 -80.62 -24.09 -39.45
CA LEU HA 161 -79.86 -23.10 -40.21
C LEU HA 161 -79.43 -23.65 -41.57
N GLU HA 162 -79.14 -24.95 -41.64
CA GLU HA 162 -78.78 -25.56 -42.92
C GLU HA 162 -79.98 -25.64 -43.84
N SER HA 163 -81.16 -25.92 -43.29
CA SER HA 163 -82.38 -25.93 -44.08
C SER HA 163 -82.73 -24.53 -44.57
N ILE HA 164 -82.50 -23.51 -43.73
CA ILE HA 164 -82.74 -22.13 -44.12
C ILE HA 164 -81.78 -21.71 -45.24
N SER HA 165 -80.50 -22.08 -45.10
CA SER HA 165 -79.51 -21.75 -46.11
C SER HA 165 -79.81 -22.44 -47.44
N ALA HA 166 -80.23 -23.71 -47.37
CA ALA HA 166 -80.58 -24.46 -48.57
C ALA HA 166 -81.79 -23.85 -49.27
N ALA HA 167 -82.82 -23.48 -48.50
CA ALA HA 167 -84.02 -22.91 -49.09
C ALA HA 167 -83.76 -21.53 -49.68
N VAL HA 168 -82.92 -20.74 -49.02
CA VAL HA 168 -82.56 -19.41 -49.53
C VAL HA 168 -81.75 -19.53 -50.81
N LYS HA 169 -80.82 -20.49 -50.88
CA LYS HA 169 -80.02 -20.68 -52.09
C LYS HA 169 -80.88 -21.19 -53.25
N GLU HA 170 -81.77 -22.16 -52.98
CA GLU HA 170 -82.72 -22.65 -53.97
C GLU HA 170 -83.59 -21.53 -54.53
N LEU HA 171 -84.20 -20.74 -53.65
CA LEU HA 171 -85.11 -19.69 -54.10
C LEU HA 171 -84.37 -18.56 -54.80
N ALA HA 172 -83.12 -18.27 -54.38
CA ALA HA 172 -82.35 -17.21 -55.04
C ALA HA 172 -81.91 -17.63 -56.44
N LYS HA 173 -81.45 -18.87 -56.60
CA LYS HA 173 -81.02 -19.30 -57.93
C LYS HA 173 -82.23 -19.50 -58.86
N LYS HA 174 -83.38 -19.87 -58.29
CA LYS HA 174 -84.57 -19.97 -59.12
C LYS HA 174 -85.14 -18.59 -59.43
N ALA HA 175 -84.85 -17.58 -58.59
CA ALA HA 175 -85.25 -16.22 -58.91
C ALA HA 175 -84.36 -15.65 -60.00
N ARG HA 176 -83.07 -16.03 -60.00
CA ARG HA 176 -82.19 -15.61 -61.08
C ARG HA 176 -82.52 -16.30 -62.40
N ASP HA 177 -82.99 -17.55 -62.34
CA ASP HA 177 -83.43 -18.23 -63.56
C ASP HA 177 -84.87 -17.91 -63.95
N GLY HA 178 -85.65 -17.30 -63.06
CA GLY HA 178 -87.02 -16.89 -63.36
C GLY HA 178 -87.99 -18.05 -63.50
N LYS HA 179 -88.01 -18.96 -62.51
CA LYS HA 179 -88.78 -20.20 -62.60
C LYS HA 179 -89.62 -20.40 -61.36
N LEU HA 180 -90.41 -19.42 -60.98
CA LEU HA 180 -91.18 -19.46 -59.75
C LEU HA 180 -92.67 -19.68 -60.01
N LYS HA 181 -93.34 -20.29 -59.05
CA LYS HA 181 -94.78 -20.43 -58.90
C LYS HA 181 -95.31 -19.26 -58.07
N PRO HA 182 -96.56 -18.83 -58.31
CA PRO HA 182 -97.10 -17.69 -57.53
C PRO HA 182 -97.28 -17.97 -56.05
N GLU HA 183 -97.43 -19.24 -55.67
CA GLU HA 183 -97.49 -19.61 -54.26
C GLU HA 183 -96.13 -19.53 -53.57
N GLU HA 184 -95.04 -19.35 -54.31
CA GLU HA 184 -93.72 -19.20 -53.72
C GLU HA 184 -93.35 -17.75 -53.43
N TYR HA 185 -94.07 -16.78 -54.02
CA TYR HA 185 -93.77 -15.37 -53.74
C TYR HA 185 -95.03 -14.57 -53.44
N GLN HA 186 -96.16 -15.24 -53.21
CA GLN HA 186 -97.39 -14.57 -52.83
C GLN HA 186 -97.81 -15.08 -51.44
N GLY HA 187 -97.63 -14.24 -50.43
CA GLY HA 187 -97.96 -14.62 -49.07
C GLY HA 187 -96.98 -14.04 -48.07
N GLY HA 188 -96.59 -14.82 -47.07
CA GLY HA 188 -95.63 -14.38 -46.08
C GLY HA 188 -96.23 -13.53 -44.98
N SER HA 189 -95.58 -13.50 -43.83
CA SER HA 189 -96.02 -12.69 -42.70
C SER HA 189 -95.07 -11.56 -42.35
N ILE HA 190 -93.80 -11.63 -42.77
CA ILE HA 190 -92.81 -10.61 -42.49
C ILE HA 190 -91.75 -10.67 -43.59
N SER HA 191 -91.09 -9.54 -43.84
CA SER HA 191 -90.13 -9.41 -44.92
C SER HA 191 -88.78 -8.96 -44.37
N ILE HA 192 -87.75 -9.06 -45.23
CA ILE HA 192 -86.42 -8.58 -44.89
C ILE HA 192 -85.72 -8.16 -46.19
N SER HA 193 -85.11 -6.99 -46.17
CA SER HA 193 -84.33 -6.47 -47.29
C SER HA 193 -82.87 -6.41 -46.86
N ASN HA 194 -82.00 -7.00 -47.68
CA ASN HA 194 -80.59 -7.18 -47.35
C ASN HA 194 -79.72 -6.37 -48.31
N MET HA 195 -78.84 -5.54 -47.77
CA MET HA 195 -77.91 -4.75 -48.56
C MET HA 195 -76.51 -4.79 -47.98
N GLY HA 196 -76.08 -5.96 -47.53
CA GLY HA 196 -74.74 -6.09 -46.96
C GLY HA 196 -73.64 -6.21 -47.99
N MET HA 197 -73.98 -6.54 -49.24
CA MET HA 197 -72.97 -6.67 -50.27
C MET HA 197 -72.47 -5.29 -50.72
N ASN HA 198 -73.27 -4.25 -50.52
CA ASN HA 198 -72.87 -2.90 -50.83
C ASN HA 198 -72.31 -2.25 -49.56
N PRO HA 199 -71.00 -1.96 -49.52
CA PRO HA 199 -70.41 -1.38 -48.30
C PRO HA 199 -70.71 0.09 -48.10
N ALA HA 200 -71.36 0.75 -49.07
CA ALA HA 200 -71.65 2.17 -48.91
C ALA HA 200 -72.92 2.39 -48.09
N VAL HA 201 -73.87 1.47 -48.15
CA VAL HA 201 -75.17 1.65 -47.50
C VAL HA 201 -75.00 1.45 -46.00
N GLN HA 202 -74.89 2.56 -45.26
CA GLN HA 202 -74.85 2.46 -43.80
C GLN HA 202 -76.24 2.16 -43.23
N SER HA 203 -77.27 2.78 -43.79
CA SER HA 203 -78.62 2.61 -43.31
C SER HA 203 -79.58 2.93 -44.44
N PHE HA 204 -80.71 2.22 -44.48
CA PHE HA 204 -81.76 2.52 -45.43
C PHE HA 204 -83.09 2.04 -44.87
N THR HA 205 -84.17 2.59 -45.42
CA THR HA 205 -85.52 2.19 -45.08
C THR HA 205 -86.15 1.45 -46.25
N ALA HA 206 -87.20 0.69 -45.95
CA ALA HA 206 -87.89 -0.09 -46.97
C ALA HA 206 -89.39 0.17 -46.86
N ILE HA 207 -90.11 -0.18 -47.92
CA ILE HA 207 -91.55 -0.05 -47.97
C ILE HA 207 -92.18 -1.39 -47.67
N ILE HA 208 -93.20 -1.39 -46.80
CA ILE HA 208 -93.82 -2.63 -46.36
C ILE HA 208 -94.65 -3.23 -47.49
N ASN HA 209 -94.39 -4.49 -47.81
CA ASN HA 209 -95.17 -5.21 -48.81
C ASN HA 209 -96.54 -5.53 -48.22
N PRO HA 210 -97.63 -5.08 -48.86
CA PRO HA 210 -98.96 -5.40 -48.35
C PRO HA 210 -99.31 -6.85 -48.60
N PRO HA 211 -100.09 -7.47 -47.71
CA PRO HA 211 -100.70 -6.92 -46.50
C PRO HA 211 -99.93 -7.18 -45.21
N GLN HA 212 -98.60 -7.25 -45.28
CA GLN HA 212 -97.81 -7.52 -44.09
C GLN HA 212 -97.74 -6.28 -43.20
N ALA HA 213 -97.19 -6.47 -41.99
CA ALA HA 213 -97.18 -5.41 -40.99
C ALA HA 213 -95.81 -4.80 -40.73
N ALA HA 214 -94.73 -5.49 -41.10
CA ALA HA 214 -93.40 -4.98 -40.80
C ALA HA 214 -92.44 -5.41 -41.90
N ILE HA 215 -91.34 -4.68 -42.01
CA ILE HA 215 -90.25 -5.05 -42.93
C ILE HA 215 -88.92 -4.67 -42.27
N LEU HA 216 -87.92 -5.50 -42.48
CA LEU HA 216 -86.59 -5.26 -41.93
C LEU HA 216 -85.67 -4.73 -43.02
N ALA HA 217 -84.66 -3.95 -42.62
CA ALA HA 217 -83.68 -3.41 -43.55
C ALA HA 217 -82.32 -3.45 -42.86
N VAL HA 218 -81.34 -4.08 -43.50
CA VAL HA 218 -80.06 -4.37 -42.87
C VAL HA 218 -78.95 -3.67 -43.65
N GLY HA 219 -78.17 -2.82 -42.98
CA GLY HA 219 -77.12 -2.08 -43.63
C GLY HA 219 -75.77 -2.77 -43.53
N ALA HA 220 -74.79 -2.20 -44.22
CA ALA HA 220 -73.45 -2.74 -44.26
C ALA HA 220 -72.78 -2.62 -42.89
N PRO HA 221 -71.98 -3.62 -42.51
CA PRO HA 221 -71.25 -3.53 -41.25
C PRO HA 221 -70.11 -2.53 -41.30
N GLN HA 222 -69.88 -1.88 -40.17
CA GLN HA 222 -68.83 -0.89 -40.01
C GLN HA 222 -68.15 -1.04 -38.66
N LYS HA 223 -66.94 -0.52 -38.53
CA LYS HA 223 -66.21 -0.58 -37.27
C LYS HA 223 -66.57 0.63 -36.40
N VAL HA 224 -67.10 0.37 -35.21
CA VAL HA 224 -67.49 1.41 -34.28
C VAL HA 224 -66.66 1.27 -33.01
N ALA HA 225 -66.14 2.38 -32.50
CA ALA HA 225 -65.35 2.38 -31.28
C ALA HA 225 -66.27 2.13 -30.07
N VAL HA 226 -65.91 1.12 -29.29
CA VAL HA 226 -66.71 0.68 -28.14
C VAL HA 226 -65.79 0.62 -26.92
N PRO HA 227 -66.18 1.18 -25.77
CA PRO HA 227 -65.29 1.18 -24.61
C PRO HA 227 -65.13 -0.20 -23.99
N VAL HA 228 -63.97 -0.42 -23.40
CA VAL HA 228 -63.62 -1.69 -22.77
C VAL HA 228 -62.78 -1.41 -21.53
N GLU HA 229 -63.03 -2.19 -20.47
CA GLU HA 229 -62.17 -2.14 -19.30
C GLU HA 229 -61.03 -3.13 -19.49
N ASN HA 230 -59.83 -2.72 -19.11
CA ASN HA 230 -58.74 -3.66 -18.99
C ASN HA 230 -58.81 -4.28 -17.59
N GLU HA 231 -57.80 -5.05 -17.20
CA GLU HA 231 -57.77 -5.63 -15.85
C GLU HA 231 -57.29 -4.63 -14.80
N ASP HA 232 -57.04 -3.37 -15.17
CA ASP HA 232 -56.87 -2.28 -14.23
C ASP HA 232 -58.04 -1.30 -14.39
N GLY HA 233 -57.98 -0.19 -13.66
CA GLY HA 233 -59.14 0.69 -13.53
C GLY HA 233 -59.47 1.52 -14.75
N THR HA 234 -58.54 1.70 -15.68
CA THR HA 234 -58.76 2.63 -16.78
C THR HA 234 -59.63 2.01 -17.87
N THR HA 235 -60.22 2.87 -18.71
CA THR HA 235 -60.99 2.42 -19.86
C THR HA 235 -60.13 2.42 -21.12
N GLY HA 236 -60.61 1.70 -22.15
CA GLY HA 236 -59.86 1.55 -23.38
C GLY HA 236 -60.76 1.75 -24.59
N VAL HA 237 -60.17 1.50 -25.76
CA VAL HA 237 -60.88 1.57 -27.03
C VAL HA 237 -60.82 0.18 -27.65
N SER HA 238 -62.00 -0.42 -27.86
CA SER HA 238 -62.13 -1.66 -28.60
C SER HA 238 -62.94 -1.38 -29.85
N TRP HA 239 -62.67 -2.15 -30.90
CA TRP HA 239 -63.31 -1.96 -32.19
C TRP HA 239 -64.33 -3.08 -32.40
N ASP HA 240 -65.60 -2.70 -32.46
CA ASP HA 240 -66.71 -3.64 -32.58
C ASP HA 240 -67.34 -3.55 -33.96
N GLU HA 241 -67.73 -4.70 -34.50
CA GLU HA 241 -68.42 -4.74 -35.79
C GLU HA 241 -69.91 -4.54 -35.56
N GLN HA 242 -70.44 -3.41 -36.01
CA GLN HA 242 -71.84 -3.08 -35.80
C GLN HA 242 -72.58 -3.00 -37.13
N ILE HA 243 -73.87 -3.32 -37.09
CA ILE HA 243 -74.74 -3.32 -38.25
C ILE HA 243 -75.98 -2.50 -37.91
N ILE HA 244 -76.30 -1.52 -38.72
CA ILE HA 244 -77.48 -0.68 -38.50
C ILE HA 244 -78.68 -1.39 -39.11
N VAL HA 245 -79.68 -1.66 -38.28
CA VAL HA 245 -80.88 -2.39 -38.66
C VAL HA 245 -82.08 -1.45 -38.44
N THR HA 246 -82.84 -1.22 -39.50
CA THR HA 246 -84.02 -0.35 -39.45
C THR HA 246 -85.25 -1.19 -39.75
N ALA HA 247 -86.20 -1.19 -38.82
CA ALA HA 247 -87.45 -1.93 -38.98
C ALA HA 247 -88.58 -0.94 -39.19
N SER HA 248 -89.29 -1.09 -40.30
CA SER HA 248 -90.43 -0.23 -40.62
C SER HA 248 -91.71 -0.97 -40.25
N PHE HA 249 -92.51 -0.36 -39.39
CA PHE HA 249 -93.76 -0.94 -38.90
C PHE HA 249 -94.95 -0.13 -39.40
N ASP HA 250 -96.10 -0.81 -39.45
CA ASP HA 250 -97.39 -0.19 -39.73
C ASP HA 250 -98.06 0.14 -38.41
N HIS HA 251 -98.50 1.39 -38.26
CA HIS HA 251 -99.00 1.86 -36.97
C HIS HA 251 -100.43 1.43 -36.70
N LYS HA 252 -101.13 0.86 -37.68
CA LYS HA 252 -102.47 0.35 -37.43
C LYS HA 252 -102.44 -0.94 -36.63
N VAL HA 253 -101.37 -1.71 -36.75
CA VAL HA 253 -101.25 -3.00 -36.08
C VAL HA 253 -100.24 -2.91 -34.93
N VAL HA 254 -99.07 -2.36 -35.19
CA VAL HA 254 -97.95 -2.35 -34.25
C VAL HA 254 -97.78 -0.93 -33.71
N ASP HA 255 -97.75 -0.80 -32.39
CA ASP HA 255 -97.41 0.48 -31.78
C ASP HA 255 -95.91 0.56 -31.53
N GLY HA 256 -95.49 1.72 -31.01
CA GLY HA 256 -94.07 1.96 -30.83
C GLY HA 256 -93.45 1.12 -29.74
N ALA HA 257 -94.21 0.85 -28.67
CA ALA HA 257 -93.71 -0.01 -27.60
C ALA HA 257 -93.60 -1.45 -28.05
N VAL HA 258 -94.54 -1.92 -28.89
CA VAL HA 258 -94.49 -3.27 -29.41
C VAL HA 258 -93.32 -3.42 -30.39
N GLY HA 259 -93.09 -2.40 -31.22
CA GLY HA 259 -91.94 -2.42 -32.12
C GLY HA 259 -90.62 -2.35 -31.37
N ALA HA 260 -90.60 -1.61 -30.26
CA ALA HA 260 -89.39 -1.54 -29.45
C ALA HA 260 -89.11 -2.85 -28.73
N GLU HA 261 -90.16 -3.55 -28.27
CA GLU HA 261 -89.98 -4.87 -27.68
C GLU HA 261 -89.50 -5.89 -28.72
N TRP HA 262 -90.04 -5.83 -29.94
CA TRP HA 262 -89.58 -6.70 -31.01
C TRP HA 262 -88.11 -6.44 -31.36
N ILE HA 263 -87.73 -5.17 -31.44
CA ILE HA 263 -86.34 -4.79 -31.71
C ILE HA 263 -85.42 -5.21 -30.57
N ARG HA 264 -85.90 -5.12 -29.33
CA ARG HA 264 -85.09 -5.52 -28.18
C ARG HA 264 -84.87 -7.03 -28.15
N GLU HA 265 -85.91 -7.81 -28.46
CA GLU HA 265 -85.75 -9.26 -28.50
C GLU HA 265 -84.86 -9.70 -29.65
N LEU HA 266 -84.97 -9.03 -30.81
CA LEU HA 266 -84.11 -9.32 -31.94
C LEU HA 266 -82.65 -9.00 -31.61
N LYS HA 267 -82.42 -7.86 -30.93
CA LYS HA 267 -81.07 -7.48 -30.53
C LYS HA 267 -80.50 -8.43 -29.48
N LYS HA 268 -81.36 -8.93 -28.59
CA LYS HA 268 -80.91 -9.90 -27.59
C LYS HA 268 -80.49 -11.22 -28.23
N VAL HA 269 -81.32 -11.73 -29.15
CA VAL HA 269 -81.00 -12.99 -29.82
C VAL HA 269 -79.79 -12.85 -30.74
N ILE HA 270 -79.58 -11.67 -31.32
CA ILE HA 270 -78.42 -11.46 -32.19
C ILE HA 270 -77.14 -11.32 -31.37
N GLU HA 271 -77.17 -10.48 -30.32
CA GLU HA 271 -75.96 -10.24 -29.54
C GLU HA 271 -75.64 -11.36 -28.56
N ASN HA 272 -76.56 -12.29 -28.32
CA ASN HA 272 -76.27 -13.52 -27.60
C ASN HA 272 -76.60 -14.67 -28.54
N PRO HA 273 -75.61 -15.14 -29.32
CA PRO HA 273 -75.91 -16.13 -30.38
C PRO HA 273 -76.23 -17.51 -29.86
N LEU HA 274 -75.98 -17.80 -28.58
CA LEU HA 274 -76.35 -19.09 -28.01
C LEU HA 274 -77.85 -19.19 -27.74
N GLU HA 275 -78.58 -18.08 -27.80
CA GLU HA 275 -80.02 -18.09 -27.61
C GLU HA 275 -80.78 -18.54 -28.84
N LEU HA 276 -80.09 -18.80 -29.95
CA LEU HA 276 -80.73 -19.36 -31.14
C LEU HA 276 -81.09 -20.83 -30.95
N LEU HA 277 -80.50 -21.49 -29.97
CA LEU HA 277 -80.89 -22.86 -29.63
C LEU HA 277 -82.29 -22.88 -29.03
N LEU HA 278 -82.57 -21.95 -28.12
CA LEU HA 278 -83.87 -21.88 -27.46
C LEU HA 278 -84.90 -21.23 -28.37
N TYR IA 47 -30.64 7.00 -109.28
CA TYR IA 47 -30.54 5.58 -109.61
C TYR IA 47 -31.93 4.95 -109.63
N THR IA 48 -32.44 4.63 -108.44
CA THR IA 48 -33.80 4.13 -108.31
C THR IA 48 -34.77 5.30 -108.27
N ASP IA 49 -35.73 5.29 -109.18
CA ASP IA 49 -36.61 6.42 -109.50
C ASP IA 49 -38.07 6.02 -109.41
N VAL IA 50 -38.46 5.48 -108.25
CA VAL IA 50 -39.87 5.20 -107.94
C VAL IA 50 -40.64 6.52 -108.01
N PRO IA 51 -41.84 6.52 -108.59
CA PRO IA 51 -42.58 7.78 -108.76
C PRO IA 51 -43.33 8.18 -107.49
N ILE IA 52 -43.79 9.43 -107.48
CA ILE IA 52 -44.59 9.95 -106.38
C ILE IA 52 -45.97 9.30 -106.43
N SER IA 53 -46.53 9.02 -105.25
CA SER IA 53 -47.80 8.29 -105.17
C SER IA 53 -48.97 9.12 -105.68
N GLY IA 54 -48.85 10.44 -105.72
CA GLY IA 54 -49.95 11.29 -106.12
C GLY IA 54 -50.71 11.81 -104.93
N MET IA 55 -50.87 10.95 -103.91
CA MET IA 55 -51.38 11.39 -102.62
C MET IA 55 -50.40 12.30 -101.90
N ARG IA 56 -49.09 12.06 -102.06
CA ARG IA 56 -48.06 12.93 -101.51
C ARG IA 56 -48.04 14.32 -102.15
N LYS IA 57 -48.52 14.45 -103.38
CA LYS IA 57 -48.49 15.73 -104.07
C LYS IA 57 -49.45 16.72 -103.43
N THR IA 58 -50.62 16.24 -102.99
CA THR IA 58 -51.57 17.11 -102.31
C THR IA 58 -51.05 17.57 -100.95
N ILE IA 59 -50.38 16.69 -100.20
CA ILE IA 59 -49.80 17.08 -98.92
C ILE IA 59 -48.63 18.04 -99.12
N ALA IA 60 -47.87 17.85 -100.19
CA ALA IA 60 -46.76 18.76 -100.50
C ALA IA 60 -47.28 20.15 -100.87
N ALA IA 61 -48.35 20.19 -101.66
CA ALA IA 61 -48.96 21.48 -102.01
C ALA IA 61 -49.60 22.14 -100.79
N ARG IA 62 -50.15 21.34 -99.88
CA ARG IA 62 -50.77 21.88 -98.67
C ARG IA 62 -49.73 22.46 -97.71
N LEU IA 63 -48.60 21.76 -97.55
CA LEU IA 63 -47.51 22.29 -96.73
C LEU IA 63 -46.87 23.50 -97.37
N LYS IA 64 -46.84 23.54 -98.72
CA LYS IA 64 -46.40 24.72 -99.43
C LYS IA 64 -47.31 25.91 -99.16
N GLU IA 65 -48.63 25.70 -99.20
CA GLU IA 65 -49.60 26.74 -98.85
C GLU IA 65 -49.41 27.23 -97.43
N SER IA 66 -49.15 26.29 -96.50
CA SER IA 66 -48.96 26.63 -95.11
C SER IA 66 -47.72 27.51 -94.89
N VAL IA 67 -46.60 27.12 -95.49
CA VAL IA 67 -45.38 27.89 -95.27
C VAL IA 67 -45.36 29.17 -96.09
N THR IA 68 -46.20 29.27 -97.14
CA THR IA 68 -46.13 30.49 -97.93
C THR IA 68 -47.21 31.49 -97.53
N GLU IA 69 -48.23 31.07 -96.78
CA GLU IA 69 -49.27 32.01 -96.40
C GLU IA 69 -49.25 32.25 -94.89
N ASN IA 70 -48.61 31.36 -94.14
CA ASN IA 70 -48.51 31.51 -92.69
C ASN IA 70 -47.08 31.86 -92.30
N PRO IA 71 -46.78 33.11 -91.91
CA PRO IA 71 -45.46 33.39 -91.34
C PRO IA 71 -45.33 32.81 -89.95
N HIS IA 72 -44.62 31.70 -89.83
CA HIS IA 72 -44.53 30.98 -88.57
C HIS IA 72 -43.54 31.65 -87.62
N PHE IA 73 -43.81 31.54 -86.33
CA PHE IA 73 -42.81 31.82 -85.32
C PHE IA 73 -42.99 30.85 -84.17
N PHE IA 74 -41.88 30.39 -83.61
CA PHE IA 74 -41.87 29.35 -82.61
C PHE IA 74 -41.65 29.92 -81.22
N VAL IA 75 -42.33 29.34 -80.23
CA VAL IA 75 -42.14 29.67 -78.82
C VAL IA 75 -41.86 28.37 -78.09
N SER IA 76 -40.70 28.27 -77.45
CA SER IA 76 -40.28 27.05 -76.77
C SER IA 76 -40.36 27.23 -75.27
N THR IA 77 -40.64 26.12 -74.58
CA THR IA 77 -40.70 26.12 -73.13
C THR IA 77 -40.33 24.73 -72.63
N ASN IA 78 -40.09 24.63 -71.33
CA ASN IA 78 -39.80 23.35 -70.67
C ASN IA 78 -40.83 23.12 -69.59
N LEU IA 79 -41.67 22.10 -69.77
CA LEU IA 79 -42.69 21.74 -68.81
C LEU IA 79 -42.16 20.69 -67.86
N SER IA 80 -42.35 20.90 -66.56
CA SER IA 80 -42.01 19.90 -65.57
C SER IA 80 -43.19 18.96 -65.37
N VAL IA 81 -42.96 17.67 -65.57
CA VAL IA 81 -44.02 16.67 -65.56
C VAL IA 81 -43.84 15.67 -64.42
N SER IA 82 -43.06 16.03 -63.40
CA SER IA 82 -42.80 15.12 -62.28
C SER IA 82 -44.04 14.92 -61.42
N LYS IA 83 -44.92 15.92 -61.36
CA LYS IA 83 -46.20 15.76 -60.66
C LYS IA 83 -47.27 15.17 -61.57
N LEU IA 84 -47.18 15.45 -62.87
CA LEU IA 84 -48.12 14.89 -63.83
C LEU IA 84 -47.96 13.38 -63.94
N LEU IA 85 -46.71 12.89 -63.88
CA LEU IA 85 -46.48 11.46 -63.91
C LEU IA 85 -46.96 10.78 -62.63
N LYS IA 86 -46.85 11.45 -61.49
CA LYS IA 86 -47.37 10.91 -60.24
C LYS IA 86 -48.89 10.84 -60.25
N LEU IA 87 -49.54 11.88 -60.80
CA LEU IA 87 -51.00 11.87 -60.92
C LEU IA 87 -51.46 10.79 -61.88
N ARG IA 88 -50.73 10.59 -62.98
CA ARG IA 88 -51.08 9.54 -63.93
C ARG IA 88 -50.87 8.16 -63.34
N GLN IA 89 -49.81 7.99 -62.53
CA GLN IA 89 -49.57 6.71 -61.88
C GLN IA 89 -50.65 6.39 -60.86
N ALA IA 90 -51.09 7.40 -60.10
CA ALA IA 90 -52.16 7.20 -59.12
C ALA IA 90 -53.49 6.88 -59.80
N LEU IA 91 -53.81 7.60 -60.88
CA LEU IA 91 -55.08 7.37 -61.57
C LEU IA 91 -55.07 6.05 -62.32
N ASN IA 92 -53.89 5.57 -62.73
CA ASN IA 92 -53.82 4.27 -63.38
C ASN IA 92 -53.85 3.14 -62.35
N SER IA 93 -53.26 3.36 -61.17
CA SER IA 93 -53.27 2.32 -60.15
C SER IA 93 -54.64 2.18 -59.50
N SER IA 94 -55.40 3.26 -59.43
CA SER IA 94 -56.76 3.20 -58.89
C SER IA 94 -57.78 2.87 -59.98
N ALA IA 95 -57.61 1.70 -60.58
CA ALA IA 95 -58.50 1.25 -61.65
C ALA IA 95 -58.51 -0.27 -61.67
N ASP IA 96 -59.49 -0.82 -62.39
CA ASP IA 96 -59.64 -2.26 -62.57
C ASP IA 96 -59.48 -2.65 -64.03
N GLY IA 97 -58.62 -1.94 -64.76
CA GLY IA 97 -58.51 -2.15 -66.19
C GLY IA 97 -59.57 -1.45 -67.01
N ARG IA 98 -60.28 -0.48 -66.43
CA ARG IA 98 -61.31 0.24 -67.18
C ARG IA 98 -60.68 1.24 -68.16
N TYR IA 99 -59.53 1.81 -67.80
CA TYR IA 99 -58.90 2.82 -68.63
C TYR IA 99 -57.39 2.72 -68.48
N LYS IA 100 -56.69 3.44 -69.34
CA LYS IA 100 -55.23 3.56 -69.28
C LYS IA 100 -54.86 4.96 -69.73
N LEU IA 101 -54.25 5.73 -68.84
CA LEU IA 101 -53.97 7.13 -69.09
C LEU IA 101 -52.55 7.32 -69.60
N SER IA 102 -52.38 8.32 -70.47
CA SER IA 102 -51.09 8.69 -71.01
C SER IA 102 -50.87 10.19 -70.80
N VAL IA 103 -49.67 10.64 -71.19
CA VAL IA 103 -49.32 12.05 -71.03
C VAL IA 103 -50.07 12.90 -72.06
N ASN IA 104 -50.43 12.30 -73.20
CA ASN IA 104 -51.13 13.02 -74.25
C ASN IA 104 -52.54 13.43 -73.83
N ASP IA 105 -53.16 12.68 -72.91
CA ASP IA 105 -54.48 13.05 -72.39
C ASP IA 105 -54.41 14.33 -71.57
N PHE IA 106 -53.42 14.41 -70.67
CA PHE IA 106 -53.21 15.62 -69.88
C PHE IA 106 -52.82 16.78 -70.77
N LEU IA 107 -52.04 16.51 -71.82
CA LEU IA 107 -51.64 17.58 -72.74
C LEU IA 107 -52.81 18.12 -73.54
N ILE IA 108 -53.70 17.23 -73.99
CA ILE IA 108 -54.87 17.66 -74.75
C ILE IA 108 -55.84 18.44 -73.86
N LYS IA 109 -56.02 17.99 -72.60
CA LYS IA 109 -56.88 18.72 -71.66
C LYS IA 109 -56.29 20.08 -71.31
N ALA IA 110 -54.96 20.16 -71.14
CA ALA IA 110 -54.32 21.43 -70.83
C ALA IA 110 -54.36 22.37 -72.03
N MET IA 111 -54.29 21.82 -73.25
CA MET IA 111 -54.45 22.63 -74.44
C MET IA 111 -55.86 23.19 -74.55
N GLY IA 112 -56.86 22.40 -74.17
CA GLY IA 112 -58.22 22.90 -74.15
C GLY IA 112 -58.43 24.01 -73.12
N ILE IA 113 -57.85 23.83 -71.94
CA ILE IA 113 -57.95 24.84 -70.89
C ILE IA 113 -57.24 26.13 -71.31
N ALA IA 114 -56.06 26.01 -71.90
CA ALA IA 114 -55.30 27.18 -72.33
C ALA IA 114 -55.95 27.89 -73.51
N SER IA 115 -56.56 27.14 -74.43
CA SER IA 115 -57.26 27.77 -75.54
C SER IA 115 -58.57 28.39 -75.11
N LYS IA 116 -59.18 27.89 -74.04
CA LYS IA 116 -60.36 28.56 -73.48
C LYS IA 116 -59.96 29.83 -72.74
N ARG IA 117 -58.82 29.84 -72.06
CA ARG IA 117 -58.38 31.04 -71.36
C ARG IA 117 -57.86 32.12 -72.30
N VAL IA 118 -57.14 31.74 -73.36
CA VAL IA 118 -56.69 32.69 -74.37
C VAL IA 118 -57.39 32.34 -75.68
N PRO IA 119 -58.54 32.96 -75.99
CA PRO IA 119 -59.30 32.56 -77.17
C PRO IA 119 -58.77 33.09 -78.48
N THR IA 120 -57.72 33.92 -78.46
CA THR IA 120 -57.17 34.45 -79.71
C THR IA 120 -56.42 33.38 -80.49
N VAL IA 121 -55.80 32.42 -79.78
CA VAL IA 121 -55.09 31.33 -80.44
C VAL IA 121 -56.06 30.37 -81.10
N ASN IA 122 -57.27 30.22 -80.54
CA ASN IA 122 -58.29 29.34 -81.09
C ASN IA 122 -59.05 30.09 -82.18
N SER IA 123 -58.40 30.27 -83.31
CA SER IA 123 -58.97 31.04 -84.42
C SER IA 123 -58.41 30.52 -85.73
N SER IA 124 -58.70 31.23 -86.82
CA SER IA 124 -58.28 30.87 -88.17
C SER IA 124 -58.08 32.15 -88.96
N TRP IA 125 -58.06 32.02 -90.30
CA TRP IA 125 -57.90 33.15 -91.19
C TRP IA 125 -58.75 32.90 -92.43
N ARG IA 126 -59.76 33.75 -92.63
CA ARG IA 126 -60.80 33.53 -93.63
C ARG IA 126 -60.92 34.74 -94.55
N ASP IA 127 -62.01 34.82 -95.33
CA ASP IA 127 -62.18 35.87 -96.33
C ASP IA 127 -62.40 37.20 -95.64
N GLY IA 128 -61.31 37.92 -95.39
CA GLY IA 128 -61.35 39.22 -94.75
C GLY IA 128 -61.84 39.21 -93.32
N VAL IA 129 -61.76 38.06 -92.64
CA VAL IA 129 -62.46 37.86 -91.38
C VAL IA 129 -61.73 36.79 -90.58
N ILE IA 130 -61.77 36.93 -89.26
CA ILE IA 130 -61.18 35.99 -88.32
C ILE IA 130 -62.30 35.14 -87.75
N ARG IA 131 -62.23 33.82 -87.94
CA ARG IA 131 -63.25 32.93 -87.44
C ARG IA 131 -62.82 32.37 -86.08
N GLN IA 132 -63.56 32.72 -85.03
CA GLN IA 132 -63.23 32.37 -83.66
C GLN IA 132 -64.27 31.38 -83.14
N PHE IA 133 -63.80 30.21 -82.70
CA PHE IA 133 -64.65 29.14 -82.19
C PHE IA 133 -64.77 29.22 -80.68
N GLU IA 134 -65.79 28.54 -80.15
CA GLU IA 134 -65.94 28.37 -78.70
C GLU IA 134 -65.25 27.11 -78.20
N THR IA 135 -65.58 25.95 -78.75
CA THR IA 135 -65.03 24.69 -78.30
C THR IA 135 -63.65 24.47 -78.89
N VAL IA 136 -62.84 23.68 -78.19
CA VAL IA 136 -61.49 23.34 -78.62
C VAL IA 136 -61.57 21.96 -79.25
N ASP IA 137 -61.37 21.89 -80.56
CA ASP IA 137 -61.31 20.63 -81.30
C ASP IA 137 -59.84 20.36 -81.61
N VAL IA 138 -59.30 19.30 -81.04
CA VAL IA 138 -57.86 19.04 -81.07
C VAL IA 138 -57.57 17.94 -82.09
N SER IA 139 -56.76 18.25 -83.09
CA SER IA 139 -56.34 17.27 -84.08
C SER IA 139 -55.06 16.60 -83.60
N VAL IA 140 -55.09 15.27 -83.48
CA VAL IA 140 -53.96 14.50 -82.98
C VAL IA 140 -53.34 13.76 -84.15
N ALA IA 141 -52.02 13.90 -84.30
CA ALA IA 141 -51.32 13.26 -85.41
C ALA IA 141 -51.06 11.79 -85.10
N VAL IA 142 -51.44 10.91 -86.02
CA VAL IA 142 -51.23 9.48 -85.89
C VAL IA 142 -50.29 9.04 -87.01
N ALA IA 143 -49.23 8.34 -86.64
CA ALA IA 143 -48.20 7.90 -87.59
C ALA IA 143 -48.60 6.53 -88.14
N THR IA 144 -49.08 6.51 -89.38
CA THR IA 144 -49.42 5.33 -90.13
C THR IA 144 -48.36 5.06 -91.21
N PRO IA 145 -48.20 3.81 -91.67
CA PRO IA 145 -47.21 3.55 -92.73
C PRO IA 145 -47.53 4.21 -94.06
N ASN IA 146 -48.76 4.69 -94.26
CA ASN IA 146 -49.13 5.54 -95.39
C ASN IA 146 -49.00 7.03 -95.06
N GLY IA 147 -48.12 7.39 -94.13
CA GLY IA 147 -47.82 8.79 -93.90
C GLY IA 147 -48.36 9.38 -92.61
N LEU IA 148 -49.23 10.38 -92.73
CA LEU IA 148 -49.70 11.12 -91.56
C LEU IA 148 -51.18 11.42 -91.72
N ILE IA 149 -51.93 11.27 -90.62
CA ILE IA 149 -53.34 11.63 -90.58
C ILE IA 149 -53.60 12.31 -89.24
N THR IA 150 -54.59 13.19 -89.20
CA THR IA 150 -54.93 13.95 -88.00
C THR IA 150 -56.42 13.80 -87.69
N PRO IA 151 -56.81 12.74 -86.98
CA PRO IA 151 -58.18 12.67 -86.47
C PRO IA 151 -58.40 13.67 -85.34
N ILE IA 152 -59.65 14.10 -85.20
CA ILE IA 152 -60.01 15.21 -84.34
C ILE IA 152 -60.80 14.70 -83.14
N VAL IA 153 -60.41 15.15 -81.95
CA VAL IA 153 -61.18 14.99 -80.73
C VAL IA 153 -62.00 16.25 -80.56
N LYS IA 154 -63.32 16.11 -80.60
CA LYS IA 154 -64.23 17.25 -80.56
C LYS IA 154 -64.68 17.54 -79.13
N GLY IA 155 -64.77 18.82 -78.81
CA GLY IA 155 -65.23 19.27 -77.51
C GLY IA 155 -64.32 18.85 -76.37
N VAL IA 156 -63.08 19.34 -76.38
CA VAL IA 156 -62.07 18.86 -75.45
C VAL IA 156 -62.33 19.40 -74.04
N GLU IA 157 -62.62 20.69 -73.92
CA GLU IA 157 -62.90 21.25 -72.61
C GLU IA 157 -64.26 20.74 -72.13
N GLY IA 158 -64.31 20.34 -70.85
CA GLY IA 158 -65.48 19.70 -70.29
C GLY IA 158 -65.81 18.35 -70.91
N LYS IA 159 -64.83 17.47 -71.04
CA LYS IA 159 -65.07 16.15 -71.63
C LYS IA 159 -64.69 15.00 -70.72
N GLY IA 160 -63.58 15.09 -70.03
CA GLY IA 160 -63.15 13.99 -69.18
C GLY IA 160 -61.96 13.25 -69.76
N LEU IA 161 -61.04 12.86 -68.88
CA LEU IA 161 -59.79 12.24 -69.30
C LEU IA 161 -60.02 10.83 -69.84
N GLU IA 162 -60.98 10.09 -69.27
CA GLU IA 162 -61.29 8.77 -69.77
C GLU IA 162 -61.96 8.82 -71.13
N SER IA 163 -62.81 9.83 -71.35
CA SER IA 163 -63.42 10.02 -72.66
C SER IA 163 -62.39 10.43 -73.69
N ILE IA 164 -61.42 11.27 -73.29
CA ILE IA 164 -60.35 11.68 -74.20
C ILE IA 164 -59.47 10.48 -74.56
N SER IA 165 -59.13 9.65 -73.57
CA SER IA 165 -58.32 8.45 -73.81
C SER IA 165 -59.03 7.46 -74.71
N ALA IA 166 -60.35 7.29 -74.49
CA ALA IA 166 -61.13 6.38 -75.32
C ALA IA 166 -61.22 6.87 -76.75
N ALA IA 167 -61.45 8.18 -76.94
CA ALA IA 167 -61.57 8.72 -78.29
C ALA IA 167 -60.22 8.68 -79.03
N VAL IA 168 -59.13 8.93 -78.31
CA VAL IA 168 -57.80 8.87 -78.91
C VAL IA 168 -57.45 7.44 -79.30
N LYS IA 169 -57.81 6.45 -78.47
CA LYS IA 169 -57.53 5.05 -78.80
C LYS IA 169 -58.38 4.59 -79.98
N GLU IA 170 -59.66 4.95 -79.99
CA GLU IA 170 -60.56 4.65 -81.12
C GLU IA 170 -60.03 5.23 -82.42
N LEU IA 171 -59.68 6.51 -82.42
CA LEU IA 171 -59.23 7.16 -83.65
C LEU IA 171 -57.86 6.66 -84.09
N ALA IA 172 -56.99 6.30 -83.15
CA ALA IA 172 -55.68 5.78 -83.51
C ALA IA 172 -55.77 4.38 -84.12
N LYS IA 173 -56.60 3.50 -83.54
CA LYS IA 173 -56.72 2.15 -84.09
C LYS IA 173 -57.48 2.18 -85.42
N LYS IA 174 -58.41 3.13 -85.57
CA LYS IA 174 -59.08 3.26 -86.87
C LYS IA 174 -58.18 3.92 -87.90
N ALA IA 175 -57.19 4.71 -87.46
CA ALA IA 175 -56.21 5.25 -88.39
C ALA IA 175 -55.24 4.18 -88.83
N ARG IA 176 -54.91 3.24 -87.94
CA ARG IA 176 -54.07 2.11 -88.33
C ARG IA 176 -54.81 1.14 -89.24
N ASP IA 177 -56.12 0.98 -89.06
CA ASP IA 177 -56.90 0.16 -89.97
C ASP IA 177 -57.36 0.89 -91.23
N GLY IA 178 -57.25 2.22 -91.26
CA GLY IA 178 -57.60 3.00 -92.45
C GLY IA 178 -59.08 3.06 -92.74
N LYS IA 179 -59.89 3.40 -91.73
CA LYS IA 179 -61.34 3.33 -91.83
C LYS IA 179 -61.99 4.63 -91.36
N LEU IA 180 -61.55 5.76 -91.92
CA LEU IA 180 -62.01 7.07 -91.47
C LEU IA 180 -62.95 7.70 -92.49
N LYS IA 181 -63.85 8.55 -91.99
CA LYS IA 181 -64.71 9.48 -92.69
C LYS IA 181 -64.00 10.83 -92.81
N PRO IA 182 -64.26 11.60 -93.88
CA PRO IA 182 -63.58 12.89 -94.04
C PRO IA 182 -63.95 13.93 -92.98
N GLU IA 183 -65.12 13.79 -92.36
CA GLU IA 183 -65.50 14.66 -91.25
C GLU IA 183 -64.75 14.34 -89.97
N GLU IA 184 -64.02 13.23 -89.91
CA GLU IA 184 -63.23 12.89 -88.74
C GLU IA 184 -61.80 13.41 -88.80
N TYR IA 185 -61.33 13.82 -89.98
CA TYR IA 185 -59.97 14.36 -90.07
C TYR IA 185 -59.93 15.65 -90.90
N GLN IA 186 -61.09 16.25 -91.17
CA GLN IA 186 -61.15 17.54 -91.87
C GLN IA 186 -61.83 18.54 -90.95
N GLY IA 187 -61.05 19.46 -90.40
CA GLY IA 187 -61.57 20.46 -89.49
C GLY IA 187 -60.59 20.77 -88.37
N GLY IA 188 -61.10 20.92 -87.15
CA GLY IA 188 -60.25 21.19 -86.00
C GLY IA 188 -59.84 22.64 -85.86
N SER IA 189 -59.52 23.06 -84.64
CA SER IA 189 -59.07 24.41 -84.37
C SER IA 189 -57.62 24.51 -83.92
N ILE IA 190 -57.04 23.41 -83.44
CA ILE IA 190 -55.64 23.39 -83.00
C ILE IA 190 -55.13 21.96 -83.13
N SER IA 191 -53.82 21.81 -83.29
CA SER IA 191 -53.19 20.53 -83.54
C SER IA 191 -52.12 20.25 -82.49
N ILE IA 192 -51.67 19.00 -82.45
CA ILE IA 192 -50.57 18.60 -81.57
C ILE IA 192 -49.84 17.43 -82.22
N SER IA 193 -48.51 17.52 -82.23
CA SER IA 193 -47.64 16.47 -82.75
C SER IA 193 -46.85 15.88 -81.59
N ASN IA 194 -46.88 14.57 -81.45
CA ASN IA 194 -46.33 13.87 -80.31
C ASN IA 194 -45.18 12.98 -80.76
N MET IA 195 -44.03 13.13 -80.11
CA MET IA 195 -42.85 12.32 -80.40
C MET IA 195 -42.18 11.85 -79.12
N GLY IA 196 -42.97 11.44 -78.13
CA GLY IA 196 -42.41 10.97 -76.87
C GLY IA 196 -41.93 9.54 -76.91
N MET IA 197 -42.36 8.76 -77.91
CA MET IA 197 -41.93 7.37 -78.00
C MET IA 197 -40.48 7.28 -78.49
N ASN IA 198 -40.00 8.31 -79.18
CA ASN IA 198 -38.62 8.38 -79.63
C ASN IA 198 -37.82 9.15 -78.59
N PRO IA 199 -36.89 8.49 -77.88
CA PRO IA 199 -36.13 9.20 -76.84
C PRO IA 199 -35.02 10.09 -77.37
N ALA IA 200 -34.76 10.07 -78.67
CA ALA IA 200 -33.69 10.90 -79.23
C ALA IA 200 -34.17 12.32 -79.47
N VAL IA 201 -35.45 12.52 -79.76
CA VAL IA 201 -35.97 13.83 -80.15
C VAL IA 201 -36.09 14.68 -78.90
N GLN IA 202 -35.11 15.56 -78.67
CA GLN IA 202 -35.19 16.50 -77.57
C GLN IA 202 -36.17 17.63 -77.88
N SER IA 203 -36.16 18.11 -79.12
CA SER IA 203 -37.02 19.20 -79.53
C SER IA 203 -37.20 19.13 -81.03
N PHE IA 204 -38.39 19.53 -81.49
CA PHE IA 204 -38.65 19.62 -82.92
C PHE IA 204 -39.76 20.64 -83.15
N THR IA 205 -39.82 21.15 -84.39
CA THR IA 205 -40.88 22.05 -84.82
C THR IA 205 -41.81 21.33 -85.79
N ALA IA 206 -43.00 21.89 -85.95
CA ALA IA 206 -43.99 21.32 -86.84
C ALA IA 206 -44.54 22.41 -87.75
N ILE IA 207 -45.19 21.98 -88.82
CA ILE IA 207 -45.81 22.89 -89.79
C ILE IA 207 -47.30 22.95 -89.49
N ILE IA 208 -47.83 24.19 -89.47
CA ILE IA 208 -49.23 24.39 -89.11
C ILE IA 208 -50.13 23.88 -90.22
N ASN IA 209 -51.08 23.03 -89.86
CA ASN IA 209 -52.07 22.55 -90.81
C ASN IA 209 -53.06 23.67 -91.11
N PRO IA 210 -53.22 24.06 -92.38
CA PRO IA 210 -54.18 25.11 -92.69
C PRO IA 210 -55.61 24.59 -92.59
N PRO IA 211 -56.56 25.44 -92.22
CA PRO IA 211 -56.42 26.86 -91.90
C PRO IA 211 -56.28 27.17 -90.41
N GLN IA 212 -55.66 26.28 -89.64
CA GLN IA 212 -55.52 26.54 -88.21
C GLN IA 212 -54.43 27.58 -87.95
N ALA IA 213 -54.35 28.01 -86.69
CA ALA IA 213 -53.46 29.10 -86.31
C ALA IA 213 -52.24 28.67 -85.49
N ALA IA 214 -52.27 27.49 -84.89
CA ALA IA 214 -51.16 27.07 -84.04
C ALA IA 214 -51.01 25.56 -84.11
N ILE IA 215 -49.81 25.09 -83.77
CA ILE IA 215 -49.55 23.66 -83.65
C ILE IA 215 -48.57 23.44 -82.51
N LEU IA 216 -48.76 22.36 -81.77
CA LEU IA 216 -47.89 22.03 -80.65
C LEU IA 216 -46.93 20.90 -81.07
N ALA IA 217 -45.76 20.86 -80.44
CA ALA IA 217 -44.76 19.82 -80.70
C ALA IA 217 -44.11 19.46 -79.38
N VAL IA 218 -44.14 18.18 -79.03
CA VAL IA 218 -43.75 17.71 -77.70
C VAL IA 218 -42.57 16.76 -77.84
N GLY IA 219 -41.45 17.08 -77.17
CA GLY IA 219 -40.26 16.27 -77.26
C GLY IA 219 -40.18 15.25 -76.14
N ALA IA 220 -39.16 14.39 -76.26
CA ALA IA 220 -38.94 13.34 -75.28
C ALA IA 220 -38.53 13.92 -73.93
N PRO IA 221 -38.97 13.31 -72.85
CA PRO IA 221 -38.56 13.77 -71.51
C PRO IA 221 -37.12 13.41 -71.21
N GLN IA 222 -36.47 14.31 -70.47
CA GLN IA 222 -35.08 14.15 -70.06
C GLN IA 222 -34.90 14.61 -68.62
N LYS IA 223 -33.84 14.15 -67.97
CA LYS IA 223 -33.53 14.56 -66.60
C LYS IA 223 -32.70 15.83 -66.61
N VAL IA 224 -33.23 16.89 -65.98
CA VAL IA 224 -32.55 18.18 -65.90
C VAL IA 224 -32.28 18.49 -64.43
N ALA IA 225 -31.07 18.95 -64.13
CA ALA IA 225 -30.70 19.31 -62.77
C ALA IA 225 -31.40 20.61 -62.36
N VAL IA 226 -32.11 20.54 -61.23
CA VAL IA 226 -32.92 21.66 -60.74
C VAL IA 226 -32.53 21.91 -59.28
N PRO IA 227 -32.27 23.16 -58.88
CA PRO IA 227 -31.84 23.42 -57.51
C PRO IA 227 -32.96 23.22 -56.50
N VAL IA 228 -32.57 22.84 -55.29
CA VAL IA 228 -33.50 22.57 -54.20
C VAL IA 228 -32.86 23.02 -52.90
N GLU IA 229 -33.67 23.60 -52.01
CA GLU IA 229 -33.23 23.91 -50.66
C GLU IA 229 -33.49 22.70 -49.78
N ASN IA 230 -32.54 22.38 -48.92
CA ASN IA 230 -32.79 21.44 -47.85
C ASN IA 230 -33.38 22.21 -46.68
N GLU IA 231 -33.53 21.56 -45.52
CA GLU IA 231 -34.04 22.25 -44.34
C GLU IA 231 -32.96 23.07 -43.63
N ASP IA 232 -31.75 23.14 -44.18
CA ASP IA 232 -30.74 24.12 -43.77
C ASP IA 232 -30.51 25.10 -44.92
N GLY IA 233 -29.54 25.98 -44.73
CA GLY IA 233 -29.37 27.13 -45.62
C GLY IA 233 -28.80 26.81 -47.00
N THR IA 234 -28.15 25.66 -47.17
CA THR IA 234 -27.44 25.39 -48.42
C THR IA 234 -28.39 24.93 -49.51
N THR IA 235 -27.93 25.04 -50.76
CA THR IA 235 -28.69 24.55 -51.90
C THR IA 235 -28.22 23.16 -52.29
N GLY IA 236 -29.05 22.46 -53.08
CA GLY IA 236 -28.78 21.09 -53.48
C GLY IA 236 -29.04 20.88 -54.95
N VAL IA 237 -28.92 19.61 -55.35
CA VAL IA 237 -29.20 19.19 -56.73
C VAL IA 237 -30.35 18.19 -56.67
N SER IA 238 -31.45 18.54 -57.32
CA SER IA 238 -32.57 17.64 -57.52
C SER IA 238 -32.72 17.37 -59.01
N TRP IA 239 -33.22 16.19 -59.34
CA TRP IA 239 -33.36 15.76 -60.72
C TRP IA 239 -34.83 15.81 -61.11
N ASP IA 240 -35.15 16.69 -62.05
CA ASP IA 240 -36.53 16.93 -62.48
C ASP IA 240 -36.74 16.40 -63.89
N GLU IA 241 -37.92 15.84 -64.13
CA GLU IA 241 -38.27 15.33 -65.45
C GLU IA 241 -38.87 16.49 -66.25
N GLN IA 242 -38.16 16.93 -67.28
CA GLN IA 242 -38.61 18.06 -68.09
C GLN IA 242 -38.88 17.63 -69.52
N ILE IA 243 -39.82 18.32 -70.16
CA ILE IA 243 -40.23 18.05 -71.53
C ILE IA 243 -40.18 19.36 -72.29
N ILE IA 244 -39.47 19.38 -73.42
CA ILE IA 244 -39.37 20.57 -74.25
C ILE IA 244 -40.58 20.61 -75.17
N VAL IA 245 -41.34 21.69 -75.08
CA VAL IA 245 -42.57 21.89 -75.84
C VAL IA 245 -42.39 23.12 -76.71
N THR IA 246 -42.54 22.95 -78.02
CA THR IA 246 -42.41 24.04 -79.00
C THR IA 246 -43.76 24.27 -79.66
N ALA IA 247 -44.26 25.49 -79.56
CA ALA IA 247 -45.53 25.85 -80.18
C ALA IA 247 -45.26 26.79 -81.35
N SER IA 248 -45.72 26.41 -82.53
CA SER IA 248 -45.56 27.21 -83.74
C SER IA 248 -46.86 27.96 -83.98
N PHE IA 249 -46.76 29.29 -84.05
CA PHE IA 249 -47.91 30.16 -84.26
C PHE IA 249 -47.82 30.86 -85.60
N ASP IA 250 -48.98 31.27 -86.11
CA ASP IA 250 -49.11 32.09 -87.30
C ASP IA 250 -49.20 33.54 -86.86
N HIS IA 251 -48.35 34.40 -87.45
CA HIS IA 251 -48.25 35.77 -86.97
C HIS IA 251 -49.35 36.67 -87.49
N LYS IA 252 -50.17 36.20 -88.43
CA LYS IA 252 -51.29 37.01 -88.89
C LYS IA 252 -52.41 37.05 -87.85
N VAL IA 253 -52.53 36.01 -87.03
CA VAL IA 253 -53.58 35.91 -86.03
C VAL IA 253 -53.02 36.11 -84.62
N VAL IA 254 -51.93 35.43 -84.29
CA VAL IA 254 -51.38 35.40 -82.94
C VAL IA 254 -50.09 36.21 -82.93
N ASP IA 255 -50.00 37.16 -82.01
CA ASP IA 255 -48.74 37.86 -81.79
C ASP IA 255 -47.90 37.15 -80.74
N GLY IA 256 -46.70 37.69 -80.51
CA GLY IA 256 -45.76 37.04 -79.60
C GLY IA 256 -46.20 37.10 -78.15
N ALA IA 257 -46.83 38.20 -77.75
CA ALA IA 257 -47.35 38.30 -76.38
C ALA IA 257 -48.53 37.36 -76.15
N VAL IA 258 -49.38 37.19 -77.16
CA VAL IA 258 -50.51 36.26 -77.05
C VAL IA 258 -50.02 34.82 -77.00
N GLY IA 259 -49.00 34.50 -77.82
CA GLY IA 259 -48.42 33.17 -77.76
C GLY IA 259 -47.69 32.90 -76.45
N ALA IA 260 -47.07 33.94 -75.88
CA ALA IA 260 -46.40 33.79 -74.59
C ALA IA 260 -47.41 33.62 -73.46
N GLU IA 261 -48.55 34.30 -73.53
CA GLU IA 261 -49.61 34.09 -72.55
C GLU IA 261 -50.21 32.69 -72.65
N TRP IA 262 -50.41 32.20 -73.88
CA TRP IA 262 -50.91 30.84 -74.08
C TRP IA 262 -49.92 29.81 -73.54
N ILE IA 263 -48.62 30.01 -73.80
CA ILE IA 263 -47.59 29.11 -73.29
C ILE IA 263 -47.51 29.18 -71.77
N ARG IA 264 -47.70 30.36 -71.19
CA ARG IA 264 -47.67 30.51 -69.73
C ARG IA 264 -48.84 29.82 -69.06
N GLU IA 265 -50.04 29.93 -69.65
CA GLU IA 265 -51.20 29.25 -69.09
C GLU IA 265 -51.10 27.75 -69.24
N LEU IA 266 -50.55 27.28 -70.37
CA LEU IA 266 -50.32 25.84 -70.57
C LEU IA 266 -49.31 25.30 -69.56
N LYS IA 267 -48.23 26.07 -69.33
CA LYS IA 267 -47.22 25.68 -68.35
C LYS IA 267 -47.78 25.68 -66.93
N LYS IA 268 -48.67 26.63 -66.62
CA LYS IA 268 -49.30 26.68 -65.30
C LYS IA 268 -50.19 25.47 -65.07
N VAL IA 269 -51.04 25.14 -66.05
CA VAL IA 269 -51.94 24.01 -65.92
C VAL IA 269 -51.17 22.68 -65.90
N ILE IA 270 -50.04 22.60 -66.60
CA ILE IA 270 -49.26 21.37 -66.59
C ILE IA 270 -48.49 21.21 -65.28
N GLU IA 271 -47.81 22.26 -64.83
CA GLU IA 271 -47.01 22.16 -63.62
C GLU IA 271 -47.82 22.22 -62.33
N ASN IA 272 -49.09 22.58 -62.40
CA ASN IA 272 -50.03 22.44 -61.28
C ASN IA 272 -51.16 21.54 -61.77
N PRO IA 273 -51.04 20.23 -61.58
CA PRO IA 273 -52.01 19.30 -62.19
C PRO IA 273 -53.37 19.31 -61.53
N LEU IA 274 -53.53 19.93 -60.37
CA LEU IA 274 -54.84 20.06 -59.74
C LEU IA 274 -55.70 21.12 -60.40
N GLU IA 275 -55.11 21.96 -61.27
CA GLU IA 275 -55.87 22.98 -61.99
C GLU IA 275 -56.62 22.41 -63.19
N LEU IA 276 -56.46 21.12 -63.49
CA LEU IA 276 -57.24 20.48 -64.55
C LEU IA 276 -58.69 20.27 -64.14
N LEU IA 277 -58.98 20.33 -62.83
CA LEU IA 277 -60.35 20.28 -62.36
C LEU IA 277 -61.11 21.54 -62.76
N LEU IA 278 -60.48 22.69 -62.60
CA LEU IA 278 -61.10 23.98 -62.92
C LEU IA 278 -61.05 24.23 -64.42
N TYR JA 47 -25.59 54.96 -96.19
CA TYR JA 47 -24.40 55.80 -96.28
C TYR JA 47 -23.43 55.20 -97.29
N THR JA 48 -22.69 54.19 -96.86
CA THR JA 48 -21.80 53.48 -97.76
C THR JA 48 -22.59 52.40 -98.50
N ASP JA 49 -22.52 52.46 -99.83
CA ASP JA 49 -23.40 51.72 -100.73
C ASP JA 49 -22.59 50.93 -101.73
N VAL JA 50 -21.68 50.09 -101.23
CA VAL JA 50 -20.94 49.12 -102.06
C VAL JA 50 -21.96 48.19 -102.73
N PRO JA 51 -21.76 47.87 -104.02
CA PRO JA 51 -22.76 47.06 -104.72
C PRO JA 51 -22.58 45.57 -104.47
N ILE JA 52 -23.60 44.81 -104.85
CA ILE JA 52 -23.57 43.36 -104.73
C ILE JA 52 -22.59 42.80 -105.75
N SER JA 53 -21.86 41.75 -105.36
CA SER JA 53 -20.82 41.20 -106.22
C SER JA 53 -21.36 40.53 -107.48
N GLY JA 54 -22.63 40.12 -107.46
CA GLY JA 54 -23.19 39.41 -108.60
C GLY JA 54 -23.15 37.92 -108.37
N MET JA 55 -22.06 37.45 -107.77
CA MET JA 55 -21.98 36.06 -107.31
C MET JA 55 -22.93 35.81 -106.15
N ARG JA 56 -23.13 36.81 -105.28
CA ARG JA 56 -24.07 36.72 -104.18
C ARG JA 56 -25.53 36.64 -104.65
N LYS JA 57 -25.82 37.17 -105.85
CA LYS JA 57 -27.19 37.18 -106.35
C LYS JA 57 -27.67 35.77 -106.67
N THR JA 58 -26.78 34.93 -107.21
CA THR JA 58 -27.13 33.54 -107.50
C THR JA 58 -27.36 32.74 -106.23
N ILE JA 59 -26.55 32.97 -105.19
CA ILE JA 59 -26.74 32.26 -103.92
C ILE JA 59 -28.01 32.75 -103.23
N ALA JA 60 -28.34 34.04 -103.37
CA ALA JA 60 -29.57 34.57 -102.80
C ALA JA 60 -30.80 33.99 -103.50
N ALA JA 61 -30.74 33.87 -104.83
CA ALA JA 61 -31.83 33.25 -105.57
C ALA JA 61 -31.95 31.76 -105.24
N ARG JA 62 -30.81 31.10 -105.02
CA ARG JA 62 -30.83 29.67 -104.69
C ARG JA 62 -31.43 29.43 -103.30
N LEU JA 63 -31.06 30.25 -102.33
CA LEU JA 63 -31.65 30.14 -100.99
C LEU JA 63 -33.13 30.53 -101.01
N LYS JA 64 -33.50 31.46 -101.88
CA LYS JA 64 -34.92 31.77 -102.08
C LYS JA 64 -35.68 30.57 -102.63
N GLU JA 65 -35.11 29.88 -103.63
CA GLU JA 65 -35.70 28.65 -104.18
C GLU JA 65 -35.84 27.59 -103.09
N SER JA 66 -34.82 27.46 -102.24
CA SER JA 66 -34.83 26.47 -101.18
C SER JA 66 -35.94 26.74 -100.17
N VAL JA 67 -36.06 27.99 -99.71
CA VAL JA 67 -37.07 28.28 -98.69
C VAL JA 67 -38.46 28.37 -99.28
N THR JA 68 -38.57 28.55 -100.60
CA THR JA 68 -39.92 28.68 -101.16
C THR JA 68 -40.44 27.36 -101.73
N GLU JA 69 -39.55 26.39 -101.97
CA GLU JA 69 -40.03 25.12 -102.51
C GLU JA 69 -39.88 24.00 -101.51
N ASN JA 70 -39.05 24.20 -100.48
CA ASN JA 70 -38.85 23.19 -99.46
C ASN JA 70 -39.48 23.66 -98.15
N PRO JA 71 -40.62 23.09 -97.72
CA PRO JA 71 -41.11 23.39 -96.37
C PRO JA 71 -40.26 22.70 -95.31
N HIS JA 72 -39.40 23.49 -94.66
CA HIS JA 72 -38.44 22.94 -93.72
C HIS JA 72 -39.10 22.63 -92.38
N PHE JA 73 -38.59 21.59 -91.72
CA PHE JA 73 -38.89 21.39 -90.30
C PHE JA 73 -37.63 20.85 -89.63
N PHE JA 74 -37.40 21.30 -88.40
CA PHE JA 74 -36.17 21.02 -87.69
C PHE JA 74 -36.42 19.96 -86.61
N VAL JA 75 -35.44 19.08 -86.44
CA VAL JA 75 -35.43 18.09 -85.36
C VAL JA 75 -34.12 18.25 -84.60
N SER JA 76 -34.20 18.53 -83.31
CA SER JA 76 -33.02 18.79 -82.49
C SER JA 76 -32.78 17.62 -81.55
N THR JA 77 -31.50 17.39 -81.24
CA THR JA 77 -31.10 16.34 -80.32
C THR JA 77 -29.80 16.75 -79.65
N ASN JA 78 -29.45 16.03 -78.59
CA ASN JA 78 -28.19 16.24 -77.89
C ASN JA 78 -27.40 14.94 -77.91
N LEU JA 79 -26.26 14.95 -78.60
CA LEU JA 79 -25.39 13.79 -78.71
C LEU JA 79 -24.32 13.87 -77.62
N SER JA 80 -24.14 12.77 -76.91
CA SER JA 80 -23.05 12.67 -75.94
C SER JA 80 -21.81 12.16 -76.65
N VAL JA 81 -20.73 12.93 -76.55
CA VAL JA 81 -19.50 12.66 -77.29
C VAL JA 81 -18.34 12.36 -76.34
N SER JA 82 -18.64 11.99 -75.09
CA SER JA 82 -17.58 11.71 -74.13
C SER JA 82 -16.82 10.43 -74.45
N LYS JA 83 -17.47 9.47 -75.11
CA LYS JA 83 -16.78 8.27 -75.57
C LYS JA 83 -16.15 8.48 -76.94
N LEU JA 84 -16.78 9.34 -77.77
CA LEU JA 84 -16.23 9.65 -79.08
C LEU JA 84 -14.91 10.40 -78.97
N LEU JA 85 -14.81 11.30 -77.99
CA LEU JA 85 -13.56 12.02 -77.77
C LEU JA 85 -12.46 11.10 -77.23
N LYS JA 86 -12.83 10.11 -76.42
CA LYS JA 86 -11.85 9.12 -75.94
C LYS JA 86 -11.35 8.24 -77.08
N LEU JA 87 -12.27 7.83 -77.96
CA LEU JA 87 -11.88 7.03 -79.12
C LEU JA 87 -10.99 7.84 -80.07
N ARG JA 88 -11.30 9.12 -80.26
CA ARG JA 88 -10.47 9.98 -81.10
C ARG JA 88 -9.10 10.20 -80.49
N GLN JA 89 -9.04 10.35 -79.16
CA GLN JA 89 -7.76 10.53 -78.48
C GLN JA 89 -6.90 9.29 -78.59
N ALA JA 90 -7.52 8.11 -78.45
CA ALA JA 90 -6.77 6.86 -78.58
C ALA JA 90 -6.27 6.64 -80.00
N LEU JA 91 -7.12 6.93 -80.99
CA LEU JA 91 -6.73 6.74 -82.39
C LEU JA 91 -5.69 7.76 -82.83
N ASN JA 92 -5.69 8.95 -82.21
CA ASN JA 92 -4.67 9.95 -82.54
C ASN JA 92 -3.36 9.65 -81.81
N SER JA 93 -3.43 9.09 -80.60
CA SER JA 93 -2.21 8.77 -79.87
C SER JA 93 -1.52 7.54 -80.44
N SER JA 94 -2.29 6.61 -81.01
CA SER JA 94 -1.70 5.42 -81.65
C SER JA 94 -1.38 5.70 -83.12
N ALA JA 95 -0.49 6.67 -83.35
CA ALA JA 95 -0.10 7.05 -84.69
C ALA JA 95 1.30 7.64 -84.65
N ASP JA 96 1.90 7.76 -85.83
CA ASP JA 96 3.22 8.34 -86.00
C ASP JA 96 3.17 9.60 -86.85
N GLY JA 97 2.08 10.36 -86.72
CA GLY JA 97 1.87 11.50 -87.60
C GLY JA 97 1.32 11.17 -88.96
N ARG JA 98 0.79 9.97 -89.15
CA ARG JA 98 0.22 9.59 -90.44
C ARG JA 98 -1.13 10.26 -90.67
N TYR JA 99 -1.89 10.51 -89.61
CA TYR JA 99 -3.22 11.07 -89.75
C TYR JA 99 -3.53 11.92 -88.52
N LYS JA 100 -4.62 12.68 -88.61
CA LYS JA 100 -5.12 13.48 -87.49
C LYS JA 100 -6.64 13.48 -87.58
N LEU JA 101 -7.30 12.92 -86.56
CA LEU JA 101 -8.74 12.73 -86.60
C LEU JA 101 -9.45 13.87 -85.89
N SER JA 102 -10.64 14.21 -86.39
CA SER JA 102 -11.50 15.24 -85.81
C SER JA 102 -12.88 14.65 -85.57
N VAL JA 103 -13.75 15.47 -84.97
CA VAL JA 103 -15.12 15.03 -84.67
C VAL JA 103 -15.94 14.97 -85.95
N ASN JA 104 -15.58 15.77 -86.95
CA ASN JA 104 -16.31 15.80 -88.21
C ASN JA 104 -16.17 14.50 -88.99
N ASP JA 105 -15.07 13.77 -88.80
CA ASP JA 105 -14.89 12.48 -89.44
C ASP JA 105 -15.89 11.45 -88.90
N PHE JA 106 -16.01 11.38 -87.57
CA PHE JA 106 -16.99 10.51 -86.94
C PHE JA 106 -18.41 10.92 -87.29
N LEU JA 107 -18.65 12.23 -87.42
CA LEU JA 107 -19.98 12.71 -87.77
C LEU JA 107 -20.35 12.35 -89.21
N ILE JA 108 -19.39 12.46 -90.13
CA ILE JA 108 -19.64 12.11 -91.53
C ILE JA 108 -19.85 10.61 -91.69
N LYS JA 109 -19.07 9.81 -90.96
CA LYS JA 109 -19.25 8.35 -91.00
C LYS JA 109 -20.59 7.93 -90.38
N ALA JA 110 -20.99 8.59 -89.29
CA ALA JA 110 -22.28 8.27 -88.67
C ALA JA 110 -23.44 8.73 -89.54
N MET JA 111 -23.27 9.83 -90.28
CA MET JA 111 -24.28 10.26 -91.24
C MET JA 111 -24.42 9.27 -92.38
N GLY JA 112 -23.30 8.70 -92.82
CA GLY JA 112 -23.36 7.67 -93.85
C GLY JA 112 -24.06 6.41 -93.37
N ILE JA 113 -23.77 5.99 -92.13
CA ILE JA 113 -24.40 4.81 -91.55
C ILE JA 113 -25.90 5.04 -91.36
N ALA JA 114 -26.28 6.22 -90.87
CA ALA JA 114 -27.68 6.53 -90.66
C ALA JA 114 -28.45 6.69 -91.96
N SER JA 115 -27.82 7.25 -93.00
CA SER JA 115 -28.49 7.36 -94.29
C SER JA 115 -28.58 6.02 -95.00
N LYS JA 116 -27.66 5.10 -94.71
CA LYS JA 116 -27.81 3.75 -95.24
C LYS JA 116 -28.90 2.98 -94.51
N ARG JA 117 -29.05 3.20 -93.20
CA ARG JA 117 -30.11 2.51 -92.47
C ARG JA 117 -31.50 3.08 -92.75
N VAL JA 118 -31.62 4.39 -92.92
CA VAL JA 118 -32.89 5.01 -93.30
C VAL JA 118 -32.71 5.63 -94.69
N PRO JA 119 -33.02 4.91 -95.77
CA PRO JA 119 -32.73 5.43 -97.11
C PRO JA 119 -33.73 6.46 -97.62
N THR JA 120 -34.79 6.76 -96.86
CA THR JA 120 -35.75 7.76 -97.32
C THR JA 120 -35.18 9.17 -97.22
N VAL JA 121 -34.29 9.42 -96.25
CA VAL JA 121 -33.66 10.73 -96.12
C VAL JA 121 -32.65 10.97 -97.24
N ASN JA 122 -32.03 9.90 -97.74
CA ASN JA 122 -31.05 10.01 -98.84
C ASN JA 122 -31.81 10.01 -100.16
N SER JA 123 -32.46 11.14 -100.45
CA SER JA 123 -33.29 11.27 -101.64
C SER JA 123 -33.30 12.72 -102.09
N SER JA 124 -34.16 13.02 -103.06
CA SER JA 124 -34.29 14.36 -103.63
C SER JA 124 -35.73 14.55 -104.09
N TRP JA 125 -35.95 15.54 -104.94
CA TRP JA 125 -37.28 15.83 -105.48
C TRP JA 125 -37.12 16.28 -106.92
N ARG JA 126 -37.66 15.48 -107.85
CA ARG JA 126 -37.42 15.63 -109.28
C ARG JA 126 -38.74 15.73 -110.04
N ASP JA 127 -38.69 15.59 -111.37
CA ASP JA 127 -39.87 15.78 -112.23
C ASP JA 127 -40.86 14.66 -111.99
N GLY JA 128 -41.77 14.87 -111.04
CA GLY JA 128 -42.80 13.90 -110.70
C GLY JA 128 -42.28 12.62 -110.10
N VAL JA 129 -41.07 12.63 -109.54
CA VAL JA 129 -40.36 11.40 -109.20
C VAL JA 129 -39.38 11.69 -108.08
N ILE JA 130 -39.16 10.69 -107.23
CA ILE JA 130 -38.21 10.75 -106.12
C ILE JA 130 -36.95 10.00 -106.53
N ARG JA 131 -35.82 10.69 -106.55
CA ARG JA 131 -34.57 10.05 -106.92
C ARG JA 131 -33.84 9.58 -105.68
N GLN JA 132 -33.68 8.27 -105.54
CA GLN JA 132 -33.09 7.65 -104.36
C GLN JA 132 -31.75 7.03 -104.73
N PHE JA 133 -30.69 7.45 -104.04
CA PHE JA 133 -29.33 7.00 -104.28
C PHE JA 133 -28.98 5.82 -103.36
N GLU JA 134 -27.92 5.10 -103.74
CA GLU JA 134 -27.36 4.06 -102.87
C GLU JA 134 -26.27 4.62 -101.96
N THR JA 135 -25.25 5.25 -102.53
CA THR JA 135 -24.12 5.75 -101.76
C THR JA 135 -24.47 7.09 -101.12
N VAL JA 136 -23.79 7.37 -100.00
CA VAL JA 136 -23.97 8.63 -99.28
C VAL JA 136 -22.84 9.55 -99.71
N ASP JA 137 -23.17 10.62 -100.43
CA ASP JA 137 -22.21 11.64 -100.82
C ASP JA 137 -22.46 12.86 -99.93
N VAL JA 138 -21.49 13.20 -99.10
CA VAL JA 138 -21.68 14.19 -98.04
C VAL JA 138 -21.00 15.49 -98.45
N SER JA 139 -21.77 16.56 -98.55
CA SER JA 139 -21.26 17.88 -98.85
C SER JA 139 -20.87 18.58 -97.54
N VAL JA 140 -19.61 18.98 -97.43
CA VAL JA 140 -19.10 19.62 -96.22
C VAL JA 140 -18.89 21.09 -96.50
N ALA JA 141 -19.43 21.94 -95.64
CA ALA JA 141 -19.33 23.38 -95.83
C ALA JA 141 -17.96 23.88 -95.36
N VAL JA 142 -17.29 24.64 -96.22
CA VAL JA 142 -15.98 25.22 -95.92
C VAL JA 142 -16.13 26.74 -95.95
N ALA JA 143 -15.70 27.39 -94.87
CA ALA JA 143 -15.83 28.84 -94.74
C ALA JA 143 -14.60 29.52 -95.33
N THR JA 144 -14.76 30.09 -96.51
CA THR JA 144 -13.77 30.87 -97.23
C THR JA 144 -14.09 32.36 -97.13
N PRO JA 145 -13.11 33.25 -97.28
CA PRO JA 145 -13.41 34.70 -97.26
C PRO JA 145 -14.28 35.18 -98.41
N ASN JA 146 -14.42 34.39 -99.47
CA ASN JA 146 -15.39 34.62 -100.54
C ASN JA 146 -16.71 33.91 -100.29
N GLY JA 147 -17.06 33.65 -99.04
CA GLY JA 147 -18.37 33.14 -98.72
C GLY JA 147 -18.43 31.68 -98.28
N LEU JA 148 -19.14 30.85 -99.05
CA LEU JA 148 -19.38 29.48 -98.66
C LEU JA 148 -19.28 28.56 -99.87
N ILE JA 149 -18.65 27.42 -99.68
CA ILE JA 149 -18.56 26.39 -100.71
C ILE JA 149 -18.77 25.04 -100.03
N THR JA 150 -19.29 24.07 -100.79
CA THR JA 150 -19.60 22.74 -100.27
C THR JA 150 -18.94 21.68 -101.16
N PRO JA 151 -17.67 21.36 -100.93
CA PRO JA 151 -17.08 20.19 -101.61
C PRO JA 151 -17.65 18.89 -101.05
N ILE JA 152 -17.65 17.87 -101.91
CA ILE JA 152 -18.35 16.62 -101.65
C ILE JA 152 -17.35 15.50 -101.41
N VAL JA 153 -17.58 14.74 -100.34
CA VAL JA 153 -16.89 13.48 -100.09
C VAL JA 153 -17.79 12.39 -100.64
N LYS JA 154 -17.27 11.66 -101.63
CA LYS JA 154 -18.06 10.65 -102.34
C LYS JA 154 -17.83 9.28 -101.74
N GLY JA 155 -18.91 8.50 -101.64
CA GLY JA 155 -18.85 7.14 -101.13
C GLY JA 155 -18.44 7.06 -99.67
N VAL JA 156 -19.25 7.64 -98.79
CA VAL JA 156 -18.86 7.78 -97.39
C VAL JA 156 -18.93 6.44 -96.67
N GLU JA 157 -19.99 5.68 -96.86
CA GLU JA 157 -20.11 4.38 -96.21
C GLU JA 157 -19.11 3.41 -96.87
N GLY JA 158 -18.41 2.66 -96.04
CA GLY JA 158 -17.33 1.81 -96.50
C GLY JA 158 -16.15 2.54 -97.11
N LYS JA 159 -15.66 3.57 -96.42
CA LYS JA 159 -14.52 4.34 -96.93
C LYS JA 159 -13.33 4.37 -96.00
N GLY JA 160 -13.56 4.53 -94.70
CA GLY JA 160 -12.46 4.62 -93.77
C GLY JA 160 -12.26 6.02 -93.24
N LEU JA 161 -11.93 6.11 -91.96
CA LEU JA 161 -11.83 7.40 -91.29
C LEU JA 161 -10.60 8.18 -91.74
N GLU JA 162 -9.51 7.48 -92.04
CA GLU JA 162 -8.31 8.15 -92.54
C GLU JA 162 -8.52 8.68 -93.96
N SER JA 163 -9.26 7.92 -94.78
CA SER JA 163 -9.59 8.39 -96.13
C SER JA 163 -10.53 9.59 -96.07
N ILE JA 164 -11.48 9.57 -95.12
CA ILE JA 164 -12.41 10.70 -94.95
C ILE JA 164 -11.65 11.94 -94.48
N SER JA 165 -10.72 11.77 -93.53
CA SER JA 165 -9.92 12.89 -93.03
C SER JA 165 -9.02 13.47 -94.13
N ALA JA 166 -8.43 12.59 -94.95
CA ALA JA 166 -7.57 13.03 -96.04
C ALA JA 166 -8.37 13.78 -97.09
N ALA JA 167 -9.55 13.28 -97.44
CA ALA JA 167 -10.37 13.95 -98.46
C ALA JA 167 -10.90 15.28 -97.96
N VAL JA 168 -11.27 15.35 -96.67
CA VAL JA 168 -11.75 16.60 -96.08
C VAL JA 168 -10.64 17.63 -96.02
N LYS JA 169 -9.40 17.21 -95.68
CA LYS JA 169 -8.28 18.14 -95.63
C LYS JA 169 -7.90 18.63 -97.03
N GLU JA 170 -7.88 17.72 -98.02
CA GLU JA 170 -7.63 18.07 -99.41
C GLU JA 170 -8.65 19.09 -99.92
N LEU JA 171 -9.94 18.81 -99.72
CA LEU JA 171 -10.97 19.69 -100.25
C LEU JA 171 -11.02 21.03 -99.50
N ALA JA 172 -10.69 21.03 -98.21
CA ALA JA 172 -10.69 22.28 -97.45
C ALA JA 172 -9.52 23.18 -97.86
N LYS JA 173 -8.33 22.60 -98.05
CA LYS JA 173 -7.18 23.43 -98.45
C LYS JA 173 -7.34 23.89 -99.90
N LYS JA 174 -7.98 23.07 -100.74
CA LYS JA 174 -8.24 23.52 -102.11
C LYS JA 174 -9.37 24.53 -102.15
N ALA JA 175 -10.27 24.52 -101.17
CA ALA JA 175 -11.29 25.56 -101.09
C ALA JA 175 -10.70 26.87 -100.62
N ARG JA 176 -9.69 26.80 -99.74
CA ARG JA 176 -9.00 28.01 -99.31
C ARG JA 176 -8.12 28.57 -100.43
N ASP JA 177 -7.55 27.71 -101.28
CA ASP JA 177 -6.80 28.19 -102.43
C ASP JA 177 -7.67 28.51 -103.65
N GLY JA 178 -8.94 28.09 -103.65
CA GLY JA 178 -9.85 28.41 -104.72
C GLY JA 178 -9.55 27.69 -106.03
N LYS JA 179 -9.38 26.36 -105.97
CA LYS JA 179 -8.92 25.58 -107.11
C LYS JA 179 -9.82 24.37 -107.34
N LEU JA 180 -11.13 24.58 -107.43
CA LEU JA 180 -12.09 23.50 -107.53
C LEU JA 180 -12.67 23.39 -108.94
N LYS JA 181 -13.06 22.18 -109.31
CA LYS JA 181 -13.86 21.79 -110.46
C LYS JA 181 -15.34 21.79 -110.08
N PRO JA 182 -16.24 22.08 -111.03
CA PRO JA 182 -17.68 22.11 -110.68
C PRO JA 182 -18.25 20.76 -110.30
N GLU JA 183 -17.63 19.67 -110.73
CA GLU JA 183 -18.04 18.33 -110.32
C GLU JA 183 -17.63 18.01 -108.89
N GLU JA 184 -16.80 18.84 -108.26
CA GLU JA 184 -16.41 18.63 -106.88
C GLU JA 184 -17.32 19.34 -105.88
N TYR JA 185 -18.14 20.30 -106.33
CA TYR JA 185 -19.05 20.97 -105.42
C TYR JA 185 -20.46 21.08 -105.99
N GLN JA 186 -20.75 20.34 -107.07
CA GLN JA 186 -22.10 20.30 -107.64
C GLN JA 186 -22.59 18.86 -107.59
N GLY JA 187 -23.52 18.59 -106.67
CA GLY JA 187 -24.06 17.26 -106.49
C GLY JA 187 -24.36 16.96 -105.03
N GLY JA 188 -24.03 15.75 -104.59
CA GLY JA 188 -24.23 15.36 -103.21
C GLY JA 188 -25.65 14.94 -102.88
N SER JA 189 -25.81 14.14 -101.84
CA SER JA 189 -27.13 13.70 -101.40
C SER JA 189 -27.51 14.24 -100.02
N ILE JA 190 -26.55 14.67 -99.21
CA ILE JA 190 -26.82 15.22 -97.88
C ILE JA 190 -25.68 16.16 -97.53
N SER JA 191 -25.96 17.12 -96.66
CA SER JA 191 -25.02 18.17 -96.29
C SER JA 191 -24.80 18.19 -94.79
N ILE JA 192 -23.77 18.93 -94.36
CA ILE JA 192 -23.48 19.12 -92.95
C ILE JA 192 -22.79 20.47 -92.78
N SER JA 193 -23.25 21.25 -91.81
CA SER JA 193 -22.67 22.54 -91.47
C SER JA 193 -22.06 22.42 -90.08
N ASN JA 194 -20.80 22.81 -89.95
CA ASN JA 194 -20.02 22.63 -88.75
C ASN JA 194 -19.64 23.97 -88.15
N MET JA 195 -19.95 24.16 -86.87
CA MET JA 195 -19.60 25.39 -86.16
C MET JA 195 -19.04 25.08 -84.77
N GLY JA 196 -18.19 24.06 -84.69
CA GLY JA 196 -17.59 23.71 -83.41
C GLY JA 196 -16.41 24.58 -83.01
N MET JA 197 -15.83 25.31 -83.96
CA MET JA 197 -14.70 26.17 -83.64
C MET JA 197 -15.15 27.42 -82.90
N ASN JA 198 -16.42 27.80 -83.05
CA ASN JA 198 -16.99 28.92 -82.32
C ASN JA 198 -17.67 28.39 -81.06
N PRO JA 199 -17.15 28.70 -79.87
CA PRO JA 199 -17.74 28.17 -78.64
C PRO JA 199 -19.03 28.87 -78.22
N ALA JA 200 -19.42 29.95 -78.90
CA ALA JA 200 -20.64 30.66 -78.52
C ALA JA 200 -21.88 30.00 -79.09
N VAL JA 201 -21.76 29.35 -80.25
CA VAL JA 201 -22.92 28.81 -80.95
C VAL JA 201 -23.36 27.54 -80.25
N GLN JA 202 -24.38 27.64 -79.41
CA GLN JA 202 -24.94 26.46 -78.77
C GLN JA 202 -25.78 25.65 -79.76
N SER JA 203 -26.55 26.34 -80.60
CA SER JA 203 -27.43 25.68 -81.56
C SER JA 203 -27.70 26.65 -82.71
N PHE JA 204 -27.83 26.10 -83.91
CA PHE JA 204 -28.21 26.90 -85.07
C PHE JA 204 -28.89 26.00 -86.08
N THR JA 205 -29.65 26.63 -86.98
CA THR JA 205 -30.29 25.95 -88.09
C THR JA 205 -29.61 26.34 -89.40
N ALA JA 206 -29.82 25.51 -90.42
CA ALA JA 206 -29.23 25.75 -91.72
C ALA JA 206 -30.32 25.64 -92.78
N ILE JA 207 -30.01 26.15 -93.96
CA ILE JA 207 -30.92 26.10 -95.11
C ILE JA 207 -30.48 24.96 -96.02
N ILE JA 208 -31.45 24.15 -96.46
CA ILE JA 208 -31.16 22.98 -97.26
C ILE JA 208 -30.71 23.41 -98.66
N ASN JA 209 -29.55 22.90 -99.08
CA ASN JA 209 -29.07 23.15 -100.43
C ASN JA 209 -29.89 22.33 -101.41
N PRO JA 210 -30.52 22.96 -102.40
CA PRO JA 210 -31.30 22.20 -103.37
C PRO JA 210 -30.38 21.47 -104.33
N PRO JA 211 -30.80 20.30 -104.83
CA PRO JA 211 -32.08 19.63 -104.58
C PRO JA 211 -32.03 18.55 -103.49
N GLN JA 212 -31.18 18.72 -102.47
CA GLN JA 212 -31.10 17.72 -101.42
C GLN JA 212 -32.30 17.79 -100.49
N ALA JA 213 -32.40 16.80 -99.60
CA ALA JA 213 -33.56 16.66 -98.74
C ALA JA 213 -33.31 17.00 -97.28
N ALA JA 214 -32.06 17.01 -96.83
CA ALA JA 214 -31.77 17.25 -95.42
C ALA JA 214 -30.44 17.96 -95.29
N ILE JA 215 -30.26 18.64 -94.15
CA ILE JA 215 -28.99 19.26 -93.82
C ILE JA 215 -28.77 19.15 -92.32
N LEU JA 216 -27.53 18.93 -91.91
CA LEU JA 216 -27.19 18.81 -90.49
C LEU JA 216 -26.53 20.10 -90.02
N ALA JA 217 -26.68 20.39 -88.73
CA ALA JA 217 -26.07 21.57 -88.11
C ALA JA 217 -25.58 21.18 -86.73
N VAL JA 218 -24.30 21.41 -86.46
CA VAL JA 218 -23.64 20.90 -85.26
C VAL JA 218 -23.13 22.08 -84.44
N GLY JA 219 -23.58 22.16 -83.17
CA GLY JA 219 -23.19 23.26 -82.31
C GLY JA 219 -22.00 22.92 -81.45
N ALA JA 220 -21.52 23.94 -80.73
CA ALA JA 220 -20.37 23.81 -79.87
C ALA JA 220 -20.67 22.89 -78.70
N PRO JA 221 -19.70 22.10 -78.27
CA PRO JA 221 -19.91 21.24 -77.10
C PRO JA 221 -19.92 22.03 -75.80
N GLN JA 222 -20.75 21.57 -74.86
CA GLN JA 222 -20.90 22.18 -73.55
C GLN JA 222 -21.00 21.12 -72.48
N LYS JA 223 -20.72 21.48 -71.23
CA LYS JA 223 -20.83 20.56 -70.11
C LYS JA 223 -22.25 20.58 -69.55
N VAL JA 224 -22.90 19.42 -69.57
CA VAL JA 224 -24.28 19.28 -69.07
C VAL JA 224 -24.25 18.30 -67.91
N ALA JA 225 -24.95 18.66 -66.83
CA ALA JA 225 -25.05 17.78 -65.66
C ALA JA 225 -25.94 16.58 -65.96
N VAL JA 226 -25.39 15.39 -65.74
CA VAL JA 226 -26.06 14.13 -66.06
C VAL JA 226 -26.03 13.25 -64.80
N PRO JA 227 -27.15 12.65 -64.40
CA PRO JA 227 -27.17 11.85 -63.17
C PRO JA 227 -26.40 10.54 -63.32
N VAL JA 228 -25.85 10.08 -62.20
CA VAL JA 228 -25.07 8.86 -62.15
C VAL JA 228 -25.32 8.17 -60.82
N GLU JA 229 -25.41 6.84 -60.85
CA GLU JA 229 -25.47 6.05 -59.64
C GLU JA 229 -24.05 5.74 -59.18
N ASN JA 230 -23.81 5.85 -57.89
CA ASN JA 230 -22.60 5.31 -57.32
C ASN JA 230 -22.85 3.83 -57.01
N GLU JA 231 -21.91 3.18 -56.32
CA GLU JA 231 -22.10 1.79 -55.94
C GLU JA 231 -22.98 1.63 -54.69
N ASP JA 232 -23.53 2.71 -54.16
CA ASP JA 232 -24.61 2.68 -53.19
C ASP JA 232 -25.88 3.24 -53.83
N GLY JA 233 -26.93 3.37 -53.02
CA GLY JA 233 -28.26 3.65 -53.55
C GLY JA 233 -28.48 5.07 -54.03
N THR JA 234 -27.66 6.03 -53.62
CA THR JA 234 -27.93 7.42 -53.91
C THR JA 234 -27.51 7.79 -55.33
N THR JA 235 -28.07 8.90 -55.83
CA THR JA 235 -27.69 9.43 -57.14
C THR JA 235 -26.63 10.52 -56.99
N GLY JA 236 -25.95 10.83 -58.10
CA GLY JA 236 -24.87 11.78 -58.09
C GLY JA 236 -24.97 12.75 -59.27
N VAL JA 237 -23.94 13.58 -59.39
CA VAL JA 237 -23.82 14.53 -60.50
C VAL JA 237 -22.57 14.17 -61.27
N SER JA 238 -22.73 13.82 -62.54
CA SER JA 238 -21.63 13.63 -63.45
C SER JA 238 -21.72 14.68 -64.55
N TRP JA 239 -20.57 15.06 -65.09
CA TRP JA 239 -20.49 16.11 -66.11
C TRP JA 239 -20.21 15.46 -67.45
N ASP JA 240 -21.17 15.59 -68.37
CA ASP JA 240 -21.11 14.95 -69.68
C ASP JA 240 -20.91 16.02 -70.75
N GLU JA 241 -20.11 15.69 -71.76
CA GLU JA 241 -19.88 16.58 -72.90
C GLU JA 241 -20.99 16.34 -73.92
N GLN JA 242 -21.86 17.31 -74.10
CA GLN JA 242 -22.99 17.18 -75.02
C GLN JA 242 -22.87 18.18 -76.17
N ILE JA 243 -23.40 17.78 -77.32
CA ILE JA 243 -23.39 18.60 -78.54
C ILE JA 243 -24.81 18.66 -79.07
N ILE JA 244 -25.31 19.87 -79.30
CA ILE JA 244 -26.65 20.06 -79.83
C ILE JA 244 -26.59 19.95 -81.35
N VAL JA 245 -27.34 19.01 -81.90
CA VAL JA 245 -27.36 18.71 -83.33
C VAL JA 245 -28.77 18.97 -83.84
N THR JA 246 -28.90 19.85 -84.82
CA THR JA 246 -30.19 20.20 -85.41
C THR JA 246 -30.19 19.75 -86.88
N ALA JA 247 -31.14 18.91 -87.24
CA ALA JA 247 -31.28 18.43 -88.61
C ALA JA 247 -32.52 19.06 -89.23
N SER JA 248 -32.33 19.75 -90.35
CA SER JA 248 -33.43 20.38 -91.08
C SER JA 248 -33.81 19.48 -92.23
N PHE JA 249 -35.09 19.08 -92.28
CA PHE JA 249 -35.62 18.19 -93.30
C PHE JA 249 -36.64 18.92 -94.17
N ASP JA 250 -36.79 18.41 -95.38
CA ASP JA 250 -37.83 18.84 -96.31
C ASP JA 250 -39.03 17.93 -96.15
N HIS JA 251 -40.21 18.53 -95.95
CA HIS JA 251 -41.39 17.74 -95.62
C HIS JA 251 -42.04 17.09 -96.83
N LYS JA 252 -41.61 17.43 -98.05
CA LYS JA 252 -42.14 16.75 -99.22
C LYS JA 252 -41.60 15.34 -99.36
N VAL JA 253 -40.39 15.09 -98.85
CA VAL JA 253 -39.74 13.79 -98.94
C VAL JA 253 -39.73 13.08 -97.60
N VAL JA 254 -39.33 13.77 -96.54
CA VAL JA 254 -39.13 13.17 -95.23
C VAL JA 254 -40.23 13.64 -94.30
N ASP JA 255 -40.90 12.68 -93.65
CA ASP JA 255 -41.86 13.03 -92.61
C ASP JA 255 -41.16 13.08 -91.26
N GLY JA 256 -41.96 13.43 -90.23
CA GLY JA 256 -41.39 13.61 -88.90
C GLY JA 256 -40.94 12.33 -88.27
N ALA JA 257 -41.67 11.23 -88.50
CA ALA JA 257 -41.27 9.93 -87.98
C ALA JA 257 -40.01 9.41 -88.66
N VAL JA 258 -39.86 9.67 -89.96
CA VAL JA 258 -38.65 9.26 -90.68
C VAL JA 258 -37.46 10.07 -90.22
N GLY JA 259 -37.65 11.38 -90.00
CA GLY JA 259 -36.59 12.20 -89.46
C GLY JA 259 -36.21 11.83 -88.04
N ALA JA 260 -37.20 11.42 -87.24
CA ALA JA 260 -36.93 10.98 -85.88
C ALA JA 260 -36.19 9.65 -85.86
N GLU JA 261 -36.51 8.74 -86.78
CA GLU JA 261 -35.76 7.49 -86.90
C GLU JA 261 -34.32 7.73 -87.36
N TRP JA 262 -34.13 8.66 -88.30
CA TRP JA 262 -32.78 9.02 -88.74
C TRP JA 262 -31.97 9.63 -87.60
N ILE JA 263 -32.59 10.53 -86.82
CA ILE JA 263 -31.94 11.14 -85.67
C ILE JA 263 -31.62 10.10 -84.60
N ARG JA 264 -32.52 9.12 -84.41
CA ARG JA 264 -32.29 8.08 -83.40
C ARG JA 264 -31.14 7.16 -83.80
N GLU JA 265 -31.05 6.81 -85.10
CA GLU JA 265 -29.95 5.96 -85.55
C GLU JA 265 -28.62 6.71 -85.50
N LEU JA 266 -28.64 8.01 -85.83
CA LEU JA 266 -27.43 8.82 -85.72
C LEU JA 266 -26.98 8.95 -84.28
N LYS JA 267 -27.92 9.15 -83.36
CA LYS JA 267 -27.59 9.23 -81.93
C LYS JA 267 -27.09 7.90 -81.40
N LYS JA 268 -27.62 6.79 -81.90
CA LYS JA 268 -27.15 5.46 -81.48
C LYS JA 268 -25.73 5.22 -81.93
N VAL JA 269 -25.42 5.52 -83.19
CA VAL JA 269 -24.08 5.31 -83.73
C VAL JA 269 -23.07 6.27 -83.09
N ILE JA 270 -23.51 7.47 -82.71
CA ILE JA 270 -22.59 8.42 -82.07
C ILE JA 270 -22.33 8.03 -80.62
N GLU JA 271 -23.39 7.72 -79.85
CA GLU JA 271 -23.21 7.40 -78.45
C GLU JA 271 -22.70 6.00 -78.19
N ASN JA 272 -22.69 5.12 -79.20
CA ASN JA 272 -22.00 3.84 -79.14
C ASN JA 272 -20.97 3.83 -80.27
N PRO JA 273 -19.75 4.27 -79.98
CA PRO JA 273 -18.76 4.47 -81.08
C PRO JA 273 -18.22 3.18 -81.65
N LEU JA 274 -18.45 2.03 -81.00
CA LEU JA 274 -18.03 0.75 -81.56
C LEU JA 274 -18.94 0.29 -82.70
N GLU JA 275 -20.10 0.93 -82.88
CA GLU JA 275 -21.00 0.59 -83.97
C GLU JA 275 -20.57 1.18 -85.30
N LEU JA 276 -19.50 1.99 -85.33
CA LEU JA 276 -18.96 2.49 -86.58
C LEU JA 276 -18.24 1.40 -87.37
N LEU JA 277 -17.88 0.29 -86.72
CA LEU JA 277 -17.32 -0.85 -87.42
C LEU JA 277 -18.36 -1.51 -88.31
N LEU JA 278 -19.57 -1.68 -87.77
CA LEU JA 278 -20.66 -2.31 -88.51
C LEU JA 278 -21.29 -1.34 -89.49
N TYR KA 47 26.47 85.90 -69.63
CA TYR KA 47 27.65 85.32 -70.25
C TYR KA 47 27.30 84.77 -71.63
N THR KA 48 26.69 83.59 -71.65
CA THR KA 48 26.20 83.01 -72.90
C THR KA 48 24.82 83.57 -73.20
N ASP KA 49 24.69 84.15 -74.40
CA ASP KA 49 23.55 84.99 -74.79
C ASP KA 49 22.96 84.48 -76.09
N VAL KA 50 22.58 83.21 -76.13
CA VAL KA 50 21.83 82.63 -77.24
C VAL KA 50 20.51 83.39 -77.37
N PRO KA 51 20.08 83.69 -78.60
CA PRO KA 51 18.86 84.49 -78.77
C PRO KA 51 17.60 83.66 -78.69
N ILE KA 52 16.47 84.36 -78.56
CA ILE KA 52 15.17 83.71 -78.53
C ILE KA 52 14.84 83.18 -79.91
N SER KA 53 14.19 82.02 -79.97
CA SER KA 53 13.92 81.36 -81.25
C SER KA 53 12.92 82.12 -82.10
N GLY KA 54 12.09 82.97 -81.50
CA GLY KA 54 11.06 83.67 -82.24
C GLY KA 54 9.74 82.95 -82.12
N MET KA 55 9.78 81.61 -82.15
CA MET KA 55 8.61 80.80 -81.83
C MET KA 55 8.22 80.93 -80.36
N ARG KA 56 9.21 81.08 -79.47
CA ARG KA 56 8.95 81.29 -78.05
C ARG KA 56 8.29 82.63 -77.77
N LYS KA 57 8.49 83.63 -78.65
CA LYS KA 57 7.93 84.96 -78.43
C LYS KA 57 6.41 84.94 -78.53
N THR KA 58 5.87 84.16 -79.46
CA THR KA 58 4.42 84.04 -79.61
C THR KA 58 3.80 83.32 -78.41
N ILE KA 59 4.45 82.28 -77.89
CA ILE KA 59 3.94 81.59 -76.71
C ILE KA 59 4.05 82.47 -75.48
N ALA KA 60 5.10 83.29 -75.39
CA ALA KA 60 5.23 84.22 -74.28
C ALA KA 60 4.15 85.30 -74.31
N ALA KA 61 3.86 85.83 -75.51
CA ALA KA 61 2.78 86.80 -75.65
C ALA KA 61 1.42 86.17 -75.37
N ARG KA 62 1.25 84.89 -75.75
CA ARG KA 62 -0.02 84.21 -75.51
C ARG KA 62 -0.24 83.95 -74.02
N LEU KA 63 0.80 83.52 -73.31
CA LEU KA 63 0.70 83.34 -71.86
C LEU KA 63 0.52 84.68 -71.15
N LYS KA 64 1.11 85.74 -71.70
CA LYS KA 64 0.86 87.08 -71.17
C LYS KA 64 -0.60 87.48 -71.33
N GLU KA 65 -1.19 87.22 -72.51
CA GLU KA 65 -2.61 87.46 -72.74
C GLU KA 65 -3.48 86.67 -71.77
N SER KA 66 -3.09 85.41 -71.52
CA SER KA 66 -3.85 84.55 -70.62
C SER KA 66 -3.84 85.07 -69.20
N VAL KA 67 -2.67 85.45 -68.68
CA VAL KA 67 -2.58 85.89 -67.30
C VAL KA 67 -3.09 87.32 -67.14
N THR KA 68 -3.17 88.09 -68.23
CA THR KA 68 -3.61 89.47 -68.06
C THR KA 68 -5.10 89.63 -68.36
N GLU KA 69 -5.73 88.66 -69.03
CA GLU KA 69 -7.15 88.81 -69.33
C GLU KA 69 -7.98 87.78 -68.57
N ASN KA 70 -7.34 86.73 -68.06
CA ASN KA 70 -8.03 85.70 -67.30
C ASN KA 70 -7.62 85.79 -65.84
N PRO KA 71 -8.48 86.28 -64.94
CA PRO KA 71 -8.17 86.17 -63.50
C PRO KA 71 -8.32 84.74 -63.02
N HIS KA 72 -7.20 84.05 -62.83
CA HIS KA 72 -7.22 82.64 -62.49
C HIS KA 72 -7.53 82.44 -61.02
N PHE KA 73 -8.20 81.33 -60.72
CA PHE KA 73 -8.27 80.83 -59.35
C PHE KA 73 -8.22 79.31 -59.39
N PHE KA 74 -7.52 78.74 -58.41
CA PHE KA 74 -7.24 77.31 -58.38
C PHE KA 74 -8.14 76.62 -57.38
N VAL KA 75 -8.56 75.41 -57.73
CA VAL KA 75 -9.31 74.52 -56.82
C VAL KA 75 -8.57 73.19 -56.79
N SER KA 76 -8.13 72.77 -55.61
CA SER KA 76 -7.36 71.55 -55.45
C SER KA 76 -8.20 70.47 -54.80
N THR KA 77 -7.91 69.22 -55.16
CA THR KA 77 -8.59 68.08 -54.57
C THR KA 77 -7.64 66.88 -54.60
N ASN KA 78 -8.02 65.83 -53.89
CA ASN KA 78 -7.26 64.58 -53.87
C ASN KA 78 -8.18 63.46 -54.31
N LEU KA 79 -7.87 62.88 -55.47
CA LEU KA 79 -8.65 61.77 -56.03
C LEU KA 79 -8.03 60.45 -55.59
N SER KA 80 -8.87 59.56 -55.10
CA SER KA 80 -8.42 58.21 -54.78
C SER KA 80 -8.55 57.33 -56.02
N VAL KA 81 -7.44 56.72 -56.43
CA VAL KA 81 -7.37 55.97 -57.68
C VAL KA 81 -7.08 54.49 -57.43
N SER KA 82 -7.34 54.01 -56.20
CA SER KA 82 -7.07 52.62 -55.88
C SER KA 82 -8.02 51.66 -56.57
N LYS KA 83 -9.24 52.12 -56.87
CA LYS KA 83 -10.17 51.31 -57.66
C LYS KA 83 -9.98 51.53 -59.16
N LEU KA 84 -9.53 52.73 -59.54
CA LEU KA 84 -9.26 53.02 -60.94
C LEU KA 84 -8.08 52.21 -61.45
N LEU KA 85 -7.05 52.02 -60.61
CA LEU KA 85 -5.92 51.19 -60.99
C LEU KA 85 -6.30 49.72 -61.09
N LYS KA 86 -7.22 49.26 -60.24
CA LYS KA 86 -7.70 47.87 -60.33
C LYS KA 86 -8.51 47.66 -61.60
N LEU KA 87 -9.35 48.63 -61.95
CA LEU KA 87 -10.13 48.55 -63.19
C LEU KA 87 -9.23 48.58 -64.42
N ARG KA 88 -8.18 49.41 -64.38
CA ARG KA 88 -7.22 49.48 -65.48
C ARG KA 88 -6.43 48.18 -65.60
N GLN KA 89 -6.06 47.58 -64.46
CA GLN KA 89 -5.33 46.32 -64.47
C GLN KA 89 -6.19 45.19 -65.03
N ALA KA 90 -7.48 45.17 -64.66
CA ALA KA 90 -8.38 44.14 -65.19
C ALA KA 90 -8.63 44.32 -66.68
N LEU KA 91 -8.82 45.57 -67.12
CA LEU KA 91 -9.07 45.81 -68.54
C LEU KA 91 -7.83 45.58 -69.39
N ASN KA 92 -6.64 45.76 -68.80
CA ASN KA 92 -5.41 45.47 -69.54
C ASN KA 92 -5.11 43.98 -69.55
N SER KA 93 -5.45 43.27 -68.48
CA SER KA 93 -5.20 41.83 -68.44
C SER KA 93 -6.17 41.07 -69.32
N SER KA 94 -7.40 41.58 -69.49
CA SER KA 94 -8.37 40.95 -70.37
C SER KA 94 -8.24 41.47 -71.81
N ALA KA 95 -7.07 41.24 -72.39
CA ALA KA 95 -6.79 41.69 -73.75
C ALA KA 95 -5.74 40.78 -74.36
N ASP KA 96 -5.60 40.89 -75.69
CA ASP KA 96 -4.62 40.13 -76.46
C ASP KA 96 -3.61 41.06 -77.12
N GLY KA 97 -3.26 42.17 -76.45
CA GLY KA 97 -2.43 43.17 -77.06
C GLY KA 97 -3.15 44.10 -78.01
N ARG KA 98 -4.48 44.16 -77.95
CA ARG KA 98 -5.23 45.06 -78.83
C ARG KA 98 -5.12 46.50 -78.35
N TYR KA 99 -5.01 46.72 -77.05
CA TYR KA 99 -4.98 48.07 -76.49
C TYR KA 99 -4.12 48.07 -75.25
N LYS KA 100 -3.81 49.28 -74.77
CA LYS KA 100 -3.09 49.48 -73.52
C LYS KA 100 -3.65 50.73 -72.87
N LEU KA 101 -4.23 50.58 -71.68
CA LEU KA 101 -4.92 51.67 -71.01
C LEU KA 101 -4.01 52.36 -70.02
N SER KA 102 -4.21 53.66 -69.87
CA SER KA 102 -3.49 54.48 -68.90
C SER KA 102 -4.48 55.26 -68.05
N VAL KA 103 -3.94 55.99 -67.06
CA VAL KA 103 -4.78 56.77 -66.16
C VAL KA 103 -5.33 58.00 -66.88
N ASN KA 104 -4.61 58.48 -67.91
CA ASN KA 104 -5.04 59.65 -68.66
C ASN KA 104 -6.32 59.41 -69.45
N ASP KA 105 -6.56 58.16 -69.85
CA ASP KA 105 -7.80 57.81 -70.54
C ASP KA 105 -9.01 57.95 -69.63
N PHE KA 106 -8.91 57.42 -68.40
CA PHE KA 106 -9.97 57.57 -67.42
C PHE KA 106 -10.15 59.03 -67.02
N LEU KA 107 -9.05 59.78 -66.96
CA LEU KA 107 -9.14 61.20 -66.61
C LEU KA 107 -9.82 62.00 -67.70
N ILE KA 108 -9.53 61.70 -68.97
CA ILE KA 108 -10.15 62.41 -70.08
C ILE KA 108 -11.64 62.07 -70.18
N LYS KA 109 -11.99 60.80 -69.95
CA LYS KA 109 -13.40 60.40 -69.95
C LYS KA 109 -14.16 61.03 -68.79
N ALA KA 110 -13.53 61.11 -67.61
CA ALA KA 110 -14.18 61.73 -66.46
C ALA KA 110 -14.31 63.23 -66.63
N MET KA 111 -13.34 63.85 -67.33
CA MET KA 111 -13.46 65.28 -67.66
C MET KA 111 -14.61 65.52 -68.62
N GLY KA 112 -14.80 64.61 -69.59
CA GLY KA 112 -15.94 64.74 -70.49
C GLY KA 112 -17.28 64.58 -69.78
N ILE KA 113 -17.35 63.63 -68.85
CA ILE KA 113 -18.57 63.40 -68.08
C ILE KA 113 -18.88 64.61 -67.18
N ALA KA 114 -17.84 65.15 -66.53
CA ALA KA 114 -18.02 66.28 -65.65
C ALA KA 114 -18.36 67.55 -66.41
N SER KA 115 -17.77 67.75 -67.60
CA SER KA 115 -18.11 68.92 -68.41
C SER KA 115 -19.49 68.80 -69.03
N LYS KA 116 -19.97 67.57 -69.26
CA LYS KA 116 -21.35 67.41 -69.71
C LYS KA 116 -22.34 67.65 -68.57
N ARG KA 117 -21.98 67.26 -67.34
CA ARG KA 117 -22.88 67.50 -66.21
C ARG KA 117 -22.89 68.97 -65.77
N VAL KA 118 -21.75 69.65 -65.80
CA VAL KA 118 -21.69 71.07 -65.51
C VAL KA 118 -21.27 71.80 -66.78
N PRO KA 119 -22.22 72.28 -67.59
CA PRO KA 119 -21.85 72.86 -68.90
C PRO KA 119 -21.33 74.28 -68.82
N THR KA 120 -21.31 74.90 -67.63
CA THR KA 120 -20.80 76.27 -67.52
C THR KA 120 -19.28 76.31 -67.67
N VAL KA 121 -18.59 75.25 -67.24
CA VAL KA 121 -17.14 75.19 -67.38
C VAL KA 121 -16.74 74.99 -68.83
N ASN KA 122 -17.58 74.32 -69.62
CA ASN KA 122 -17.30 74.08 -71.03
C ASN KA 122 -17.78 75.29 -71.83
N SER KA 123 -17.02 76.38 -71.73
CA SER KA 123 -17.38 77.64 -72.36
C SER KA 123 -16.11 78.42 -72.69
N SER KA 124 -16.29 79.67 -73.12
CA SER KA 124 -15.19 80.55 -73.50
C SER KA 124 -15.60 81.99 -73.20
N TRP KA 125 -14.91 82.94 -73.80
CA TRP KA 125 -15.19 84.37 -73.62
C TRP KA 125 -14.95 85.08 -74.94
N ARG KA 126 -16.02 85.61 -75.52
CA ARG KA 126 -16.02 86.14 -76.88
C ARG KA 126 -16.51 87.59 -76.90
N ASP KA 127 -16.84 88.10 -78.09
CA ASP KA 127 -17.22 89.50 -78.26
C ASP KA 127 -18.57 89.76 -77.62
N GLY KA 128 -18.54 90.14 -76.34
CA GLY KA 128 -19.75 90.42 -75.59
C GLY KA 128 -20.66 89.23 -75.36
N VAL KA 129 -20.13 88.02 -75.46
CA VAL KA 129 -20.96 86.82 -75.55
C VAL KA 129 -20.15 85.63 -75.03
N ILE KA 130 -20.87 84.68 -74.44
CA ILE KA 130 -20.31 83.44 -73.91
C ILE KA 130 -20.62 82.33 -74.91
N ARG KA 131 -19.58 81.69 -75.44
CA ARG KA 131 -19.78 80.62 -76.41
C ARG KA 131 -19.75 79.28 -75.69
N GLN KA 132 -20.89 78.59 -75.70
CA GLN KA 132 -21.06 77.33 -74.97
C GLN KA 132 -21.21 76.19 -75.97
N PHE KA 133 -20.34 75.20 -75.86
CA PHE KA 133 -20.31 74.04 -76.75
C PHE KA 133 -21.13 72.89 -76.16
N GLU KA 134 -21.47 71.92 -77.02
CA GLU KA 134 -22.09 70.68 -76.59
C GLU KA 134 -21.04 69.60 -76.29
N THR KA 135 -20.20 69.29 -77.26
CA THR KA 135 -19.22 68.23 -77.11
C THR KA 135 -18.00 68.73 -76.33
N VAL KA 136 -17.31 67.80 -75.67
CA VAL KA 136 -16.12 68.08 -74.91
C VAL KA 136 -14.93 67.73 -75.79
N ASP KA 137 -14.18 68.74 -76.21
CA ASP KA 137 -12.94 68.55 -76.98
C ASP KA 137 -11.78 68.81 -76.05
N VAL KA 138 -11.00 67.78 -75.77
CA VAL KA 138 -9.98 67.84 -74.71
C VAL KA 138 -8.61 67.99 -75.35
N SER KA 139 -7.92 69.07 -75.01
CA SER KA 139 -6.56 69.30 -75.48
C SER KA 139 -5.58 68.66 -74.50
N VAL KA 140 -4.74 67.75 -75.00
CA VAL KA 140 -3.79 67.04 -74.17
C VAL KA 140 -2.39 67.57 -74.46
N ALA KA 141 -1.66 67.94 -73.40
CA ALA KA 141 -0.33 68.50 -73.56
C ALA KA 141 0.69 67.40 -73.79
N VAL KA 142 1.49 67.53 -74.84
CA VAL KA 142 2.55 66.58 -75.18
C VAL KA 142 3.88 67.30 -75.08
N ALA KA 143 4.81 66.72 -74.33
CA ALA KA 143 6.11 67.33 -74.08
C ALA KA 143 7.08 66.87 -75.17
N THR KA 144 7.37 67.76 -76.12
CA THR KA 144 8.33 67.59 -77.19
C THR KA 144 9.60 68.39 -76.89
N PRO KA 145 10.75 68.01 -77.46
CA PRO KA 145 11.97 68.81 -77.23
C PRO KA 145 11.93 70.22 -77.80
N ASN KA 146 10.98 70.51 -78.70
CA ASN KA 146 10.69 71.86 -79.15
C ASN KA 146 9.60 72.53 -78.32
N GLY KA 147 9.43 72.13 -77.07
CA GLY KA 147 8.55 72.84 -76.17
C GLY KA 147 7.26 72.13 -75.82
N LEU KA 148 6.12 72.72 -76.18
CA LEU KA 148 4.82 72.20 -75.77
C LEU KA 148 3.84 72.33 -76.92
N ILE KA 149 3.02 71.29 -77.10
CA ILE KA 149 1.95 71.30 -78.09
C ILE KA 149 0.74 70.63 -77.45
N THR KA 150 -0.46 71.02 -77.90
CA THR KA 150 -1.72 70.51 -77.34
C THR KA 150 -2.60 69.98 -78.48
N PRO KA 151 -2.40 68.73 -78.90
CA PRO KA 151 -3.38 68.13 -79.82
C PRO KA 151 -4.69 67.81 -79.11
N ILE KA 152 -5.76 67.82 -79.89
CA ILE KA 152 -7.13 67.78 -79.38
C ILE KA 152 -7.76 66.43 -79.70
N VAL KA 153 -8.37 65.83 -78.69
CA VAL KA 153 -9.24 64.67 -78.84
C VAL KA 153 -10.67 65.22 -78.94
N LYS KA 154 -11.31 64.99 -80.09
CA LYS KA 154 -12.62 65.55 -80.36
C LYS KA 154 -13.71 64.55 -80.00
N GLY KA 155 -14.80 65.07 -79.41
CA GLY KA 155 -15.95 64.26 -79.05
C GLY KA 155 -15.65 63.24 -77.98
N VAL KA 156 -15.27 63.70 -76.79
CA VAL KA 156 -14.79 62.80 -75.75
C VAL KA 156 -15.92 62.00 -75.14
N GLU KA 157 -17.04 62.65 -74.82
CA GLU KA 157 -18.17 61.94 -74.26
C GLU KA 157 -18.82 61.08 -75.34
N GLY KA 158 -19.13 59.83 -74.99
CA GLY KA 158 -19.60 58.86 -75.94
C GLY KA 158 -18.59 58.48 -77.01
N LYS KA 159 -17.37 58.17 -76.62
CA LYS KA 159 -16.34 57.79 -77.58
C LYS KA 159 -15.74 56.42 -77.33
N GLY KA 160 -15.47 56.08 -76.09
CA GLY KA 160 -14.85 54.80 -75.81
C GLY KA 160 -13.40 54.94 -75.38
N LEU KA 161 -13.00 54.12 -74.42
CA LEU KA 161 -11.67 54.24 -73.83
C LEU KA 161 -10.59 53.77 -74.79
N GLU KA 162 -10.89 52.76 -75.61
CA GLU KA 162 -9.92 52.28 -76.60
C GLU KA 162 -9.74 53.31 -77.71
N SER KA 163 -10.82 53.99 -78.11
CA SER KA 163 -10.72 55.05 -79.10
C SER KA 163 -9.95 56.24 -78.55
N ILE KA 164 -10.15 56.56 -77.27
CA ILE KA 164 -9.41 57.65 -76.62
C ILE KA 164 -7.93 57.32 -76.54
N SER KA 165 -7.60 56.06 -76.16
CA SER KA 165 -6.21 55.63 -76.07
C SER KA 165 -5.54 55.64 -77.44
N ALA KA 166 -6.26 55.20 -78.47
CA ALA KA 166 -5.71 55.19 -79.83
C ALA KA 166 -5.47 56.60 -80.33
N ALA KA 167 -6.41 57.52 -80.09
CA ALA KA 167 -6.25 58.89 -80.54
C ALA KA 167 -5.12 59.60 -79.80
N VAL KA 168 -4.99 59.34 -78.50
CA VAL KA 168 -3.92 59.94 -77.71
C VAL KA 168 -2.55 59.42 -78.16
N LYS KA 169 -2.46 58.12 -78.46
CA LYS KA 169 -1.19 57.56 -78.93
C LYS KA 169 -0.82 58.08 -80.32
N GLU KA 170 -1.81 58.15 -81.23
CA GLU KA 170 -1.61 58.74 -82.55
C GLU KA 170 -1.11 60.18 -82.47
N LEU KA 171 -1.81 61.01 -81.68
CA LEU KA 171 -1.45 62.42 -81.60
C LEU KA 171 -0.12 62.63 -80.88
N ALA KA 172 0.21 61.78 -79.91
CA ALA KA 172 1.48 61.91 -79.20
C ALA KA 172 2.66 61.51 -80.08
N LYS KA 173 2.52 60.42 -80.86
CA LYS KA 173 3.63 60.02 -81.72
C LYS KA 173 3.77 60.98 -82.90
N LYS KA 174 2.66 61.57 -83.35
CA LYS KA 174 2.77 62.57 -84.41
C LYS KA 174 3.29 63.89 -83.87
N ALA KA 175 3.11 64.15 -82.57
CA ALA KA 175 3.71 65.34 -81.97
C ALA KA 175 5.21 65.15 -81.79
N ARG KA 176 5.63 63.91 -81.50
CA ARG KA 176 7.07 63.64 -81.43
C ARG KA 176 7.72 63.66 -82.81
N ASP KA 177 7.00 63.26 -83.85
CA ASP KA 177 7.53 63.37 -85.21
C ASP KA 177 7.32 64.75 -85.84
N GLY KA 178 6.49 65.60 -85.25
CA GLY KA 178 6.28 66.96 -85.73
C GLY KA 178 5.52 67.03 -87.05
N LYS KA 179 4.37 66.37 -87.12
CA LYS KA 179 3.64 66.22 -88.38
C LYS KA 179 2.16 66.57 -88.19
N LEU KA 180 1.88 67.74 -87.63
CA LEU KA 180 0.52 68.13 -87.29
C LEU KA 180 0.00 69.20 -88.25
N LYS KA 181 -1.31 69.21 -88.42
CA LYS KA 181 -2.14 70.23 -89.07
C LYS KA 181 -2.60 71.23 -88.01
N PRO KA 182 -2.80 72.51 -88.40
CA PRO KA 182 -3.23 73.51 -87.40
C PRO KA 182 -4.63 73.27 -86.83
N GLU KA 183 -5.48 72.54 -87.56
CA GLU KA 183 -6.79 72.17 -87.05
C GLU KA 183 -6.72 71.06 -86.01
N GLU KA 184 -5.55 70.42 -85.83
CA GLU KA 184 -5.40 69.40 -84.81
C GLU KA 184 -4.92 69.95 -83.48
N TYR KA 185 -4.39 71.18 -83.43
CA TYR KA 185 -3.96 71.75 -82.17
C TYR KA 185 -4.45 73.18 -82.00
N GLN KA 186 -5.41 73.62 -82.82
CA GLN KA 186 -6.00 74.94 -82.67
C GLN KA 186 -7.50 74.76 -82.43
N GLY KA 187 -7.94 74.98 -81.19
CA GLY KA 187 -9.33 74.81 -80.83
C GLY KA 187 -9.47 74.26 -79.43
N GLY KA 188 -10.42 73.33 -79.24
CA GLY KA 188 -10.62 72.70 -77.96
C GLY KA 188 -11.46 73.53 -77.00
N SER KA 189 -12.09 72.86 -76.04
CA SER KA 189 -12.90 73.54 -75.03
C SER KA 189 -12.33 73.43 -73.62
N ILE KA 190 -11.46 72.45 -73.36
CA ILE KA 190 -10.84 72.28 -72.05
C ILE KA 190 -9.51 71.56 -72.26
N SER KA 191 -8.59 71.76 -71.31
CA SER KA 191 -7.23 71.25 -71.42
C SER KA 191 -6.90 70.40 -70.20
N ILE KA 192 -5.80 69.66 -70.30
CA ILE KA 192 -5.28 68.85 -69.20
C ILE KA 192 -3.77 68.74 -69.33
N SER KA 193 -3.07 68.97 -68.23
CA SER KA 193 -1.62 68.84 -68.16
C SER KA 193 -1.29 67.67 -67.25
N ASN KA 194 -0.46 66.77 -67.74
CA ASN KA 194 -0.17 65.51 -67.06
C ASN KA 194 1.30 65.45 -66.67
N MET KA 195 1.57 65.19 -65.40
CA MET KA 195 2.94 65.06 -64.88
C MET KA 195 3.06 63.86 -63.97
N GLY KA 196 2.45 62.74 -64.34
CA GLY KA 196 2.53 61.54 -63.52
C GLY KA 196 3.81 60.75 -63.71
N MET KA 197 4.55 61.00 -64.80
CA MET KA 197 5.80 60.28 -65.03
C MET KA 197 6.90 60.79 -64.11
N ASN KA 198 6.77 62.02 -63.62
CA ASN KA 198 7.71 62.58 -62.66
C ASN KA 198 7.18 62.34 -61.26
N PRO KA 199 7.84 61.49 -60.46
CA PRO KA 199 7.33 61.20 -59.11
C PRO KA 199 7.59 62.30 -58.09
N ALA KA 200 8.33 63.35 -58.45
CA ALA KA 200 8.62 64.41 -57.51
C ALA KA 200 7.48 65.42 -57.44
N VAL KA 201 6.74 65.62 -58.53
CA VAL KA 201 5.71 66.65 -58.61
C VAL KA 201 4.49 66.17 -57.83
N GLN KA 202 4.36 66.66 -56.59
CA GLN KA 202 3.16 66.36 -55.81
C GLN KA 202 1.97 67.17 -56.30
N SER KA 203 2.20 68.44 -56.65
CA SER KA 203 1.13 69.32 -57.08
C SER KA 203 1.75 70.43 -57.91
N PHE KA 204 1.01 70.88 -58.92
CA PHE KA 204 1.43 72.03 -59.72
C PHE KA 204 0.20 72.68 -60.32
N THR KA 205 0.37 73.95 -60.71
CA THR KA 205 -0.66 74.71 -61.39
C THR KA 205 -0.27 74.92 -62.85
N ALA KA 206 -1.26 75.23 -63.67
CA ALA KA 206 -1.04 75.46 -65.09
C ALA KA 206 -1.70 76.77 -65.50
N ILE KA 207 -1.30 77.27 -66.66
CA ILE KA 207 -1.84 78.50 -67.22
C ILE KA 207 -2.88 78.12 -68.28
N ILE KA 208 -4.03 78.78 -68.22
CA ILE KA 208 -5.14 78.47 -69.11
C ILE KA 208 -4.81 78.90 -70.53
N ASN KA 209 -4.92 77.98 -71.48
CA ASN KA 209 -4.73 78.31 -72.88
C ASN KA 209 -5.94 79.10 -73.38
N PRO KA 210 -5.73 80.31 -73.91
CA PRO KA 210 -6.87 81.08 -74.41
C PRO KA 210 -7.35 80.51 -75.72
N PRO KA 211 -8.67 80.61 -76.01
CA PRO KA 211 -9.70 81.25 -75.19
C PRO KA 211 -10.50 80.31 -74.31
N GLN KA 212 -9.88 79.23 -73.82
CA GLN KA 212 -10.61 78.28 -72.98
C GLN KA 212 -10.83 78.85 -71.59
N ALA KA 213 -11.64 78.13 -70.80
CA ALA KA 213 -12.05 78.62 -69.48
C ALA KA 213 -11.42 77.87 -68.31
N ALA KA 214 -10.89 76.67 -68.52
CA ALA KA 214 -10.36 75.89 -67.42
C ALA KA 214 -9.19 75.04 -67.92
N ILE KA 215 -8.34 74.64 -66.99
CA ILE KA 215 -7.26 73.71 -67.30
C ILE KA 215 -7.05 72.81 -66.08
N LEU KA 216 -6.74 71.54 -66.34
CA LEU KA 216 -6.52 70.57 -65.27
C LEU KA 216 -5.01 70.33 -65.13
N ALA KA 217 -4.60 69.96 -63.92
CA ALA KA 217 -3.19 69.65 -63.63
C ALA KA 217 -3.16 68.47 -62.66
N VAL KA 218 -2.46 67.41 -63.04
CA VAL KA 218 -2.50 66.14 -62.33
C VAL KA 218 -1.11 65.80 -61.80
N GLY KA 219 -1.00 65.62 -60.48
CA GLY KA 219 0.29 65.35 -59.88
C GLY KA 219 0.54 63.86 -59.71
N ALA KA 220 1.76 63.54 -59.28
CA ALA KA 220 2.18 62.17 -59.09
C ALA KA 220 1.42 61.52 -57.95
N PRO KA 221 1.09 60.24 -58.07
CA PRO KA 221 0.42 59.53 -56.98
C PRO KA 221 1.35 59.26 -55.81
N GLN KA 222 0.78 59.31 -54.61
CA GLN KA 222 1.49 59.07 -53.38
C GLN KA 222 0.63 58.25 -52.41
N LYS KA 223 1.27 57.59 -51.45
CA LYS KA 223 0.55 56.80 -50.45
C LYS KA 223 0.15 57.69 -49.28
N VAL KA 224 -1.15 57.78 -49.02
CA VAL KA 224 -1.69 58.58 -47.93
C VAL KA 224 -2.41 57.66 -46.95
N ALA KA 225 -2.15 57.85 -45.66
CA ALA KA 225 -2.81 57.07 -44.63
C ALA KA 225 -4.28 57.44 -44.51
N VAL KA 226 -5.15 56.45 -44.62
CA VAL KA 226 -6.60 56.64 -44.62
C VAL KA 226 -7.20 55.69 -43.57
N PRO KA 227 -8.09 56.18 -42.71
CA PRO KA 227 -8.64 55.32 -41.65
C PRO KA 227 -9.59 54.26 -42.21
N VAL KA 228 -9.64 53.13 -41.50
CA VAL KA 228 -10.49 52.00 -41.90
C VAL KA 228 -11.01 51.34 -40.62
N GLU KA 229 -12.27 50.90 -40.68
CA GLU KA 229 -12.82 50.09 -39.61
C GLU KA 229 -12.54 48.63 -39.91
N ASN KA 230 -12.15 47.88 -38.89
CA ASN KA 230 -12.13 46.43 -39.00
C ASN KA 230 -13.53 45.92 -38.67
N GLU KA 231 -13.68 44.60 -38.54
CA GLU KA 231 -14.98 44.04 -38.17
C GLU KA 231 -15.24 44.12 -36.66
N ASP KA 232 -14.34 44.73 -35.89
CA ASP KA 232 -14.62 45.13 -34.51
C ASP KA 232 -14.65 46.66 -34.44
N GLY KA 233 -14.78 47.18 -33.22
CA GLY KA 233 -15.08 48.60 -33.03
C GLY KA 233 -13.93 49.55 -33.29
N THR KA 234 -12.69 49.06 -33.29
CA THR KA 234 -11.55 49.96 -33.35
C THR KA 234 -11.28 50.42 -34.78
N THR KA 235 -10.53 51.51 -34.91
CA THR KA 235 -10.11 52.02 -36.22
C THR KA 235 -8.71 51.53 -36.56
N GLY KA 236 -8.36 51.61 -37.85
CA GLY KA 236 -7.09 51.13 -38.32
C GLY KA 236 -6.42 52.12 -39.27
N VAL KA 237 -5.31 51.68 -39.84
CA VAL KA 237 -4.57 52.45 -40.82
C VAL KA 237 -4.56 51.66 -42.13
N SER KA 238 -5.15 52.24 -43.17
CA SER KA 238 -5.08 51.70 -44.51
C SER KA 238 -4.31 52.69 -45.39
N TRP KA 239 -3.63 52.16 -46.41
CA TRP KA 239 -2.79 52.97 -47.28
C TRP KA 239 -3.50 53.11 -48.62
N ASP KA 240 -3.87 54.35 -48.95
CA ASP KA 240 -4.64 54.66 -50.15
C ASP KA 240 -3.76 55.41 -51.15
N GLU KA 241 -3.94 55.10 -52.44
CA GLU KA 241 -3.21 55.78 -53.50
C GLU KA 241 -3.99 57.04 -53.87
N GLN KA 242 -3.43 58.21 -53.57
CA GLN KA 242 -4.09 59.47 -53.84
C GLN KA 242 -3.32 60.29 -54.86
N ILE KA 243 -4.05 61.10 -55.62
CA ILE KA 243 -3.48 61.95 -56.66
C ILE KA 243 -4.01 63.37 -56.43
N ILE KA 244 -3.12 64.34 -56.34
CA ILE KA 244 -3.50 65.73 -56.15
C ILE KA 244 -3.82 66.33 -57.53
N VAL KA 245 -5.04 66.82 -57.67
CA VAL KA 245 -5.53 67.38 -58.92
C VAL KA 245 -5.89 68.84 -58.68
N THR KA 246 -5.28 69.74 -59.44
CA THR KA 246 -5.51 71.18 -59.33
C THR KA 246 -6.14 71.67 -60.61
N ALA KA 247 -7.32 72.28 -60.50
CA ALA KA 247 -8.02 72.83 -61.66
C ALA KA 247 -7.98 74.35 -61.58
N SER KA 248 -7.45 74.98 -62.62
CA SER KA 248 -7.38 76.43 -62.71
C SER KA 248 -8.53 76.93 -63.56
N PHE KA 249 -9.35 77.81 -63.01
CA PHE KA 249 -10.51 78.36 -63.67
C PHE KA 249 -10.34 79.86 -63.91
N ASP KA 250 -11.07 80.34 -64.91
CA ASP KA 250 -11.17 81.76 -65.22
C ASP KA 250 -12.42 82.30 -64.52
N HIS KA 251 -12.26 83.38 -63.76
CA HIS KA 251 -13.36 83.87 -62.93
C HIS KA 251 -14.38 84.68 -63.70
N LYS KA 252 -14.10 85.02 -64.96
CA LYS KA 252 -15.09 85.74 -65.75
C LYS KA 252 -16.23 84.81 -66.19
N VAL KA 253 -15.95 83.52 -66.34
CA VAL KA 253 -16.92 82.54 -66.79
C VAL KA 253 -17.38 81.64 -65.64
N VAL KA 254 -16.42 81.10 -64.88
CA VAL KA 254 -16.70 80.10 -63.86
C VAL KA 254 -16.52 80.74 -62.50
N ASP KA 255 -17.53 80.61 -61.64
CA ASP KA 255 -17.39 81.03 -60.26
C ASP KA 255 -16.89 79.87 -59.40
N GLY KA 256 -16.68 80.17 -58.11
CA GLY KA 256 -16.10 79.19 -57.22
C GLY KA 256 -17.04 78.03 -56.92
N ALA KA 257 -18.34 78.31 -56.83
CA ALA KA 257 -19.32 77.23 -56.61
C ALA KA 257 -19.44 76.34 -57.83
N VAL KA 258 -19.36 76.92 -59.03
CA VAL KA 258 -19.42 76.13 -60.26
C VAL KA 258 -18.17 75.26 -60.40
N GLY KA 259 -17.01 75.83 -60.06
CA GLY KA 259 -15.78 75.05 -60.08
C GLY KA 259 -15.76 73.95 -59.03
N ALA KA 260 -16.37 74.22 -57.88
CA ALA KA 260 -16.47 73.20 -56.83
C ALA KA 260 -17.43 72.08 -57.22
N GLU KA 261 -18.53 72.42 -57.91
CA GLU KA 261 -19.43 71.39 -58.42
C GLU KA 261 -18.76 70.54 -59.50
N TRP KA 262 -17.98 71.18 -60.39
CA TRP KA 262 -17.25 70.44 -61.41
C TRP KA 262 -16.21 69.51 -60.78
N ILE KA 263 -15.49 70.00 -59.77
CA ILE KA 263 -14.51 69.18 -59.05
C ILE KA 263 -15.19 68.04 -58.30
N ARG KA 264 -16.38 68.28 -57.74
CA ARG KA 264 -17.11 67.24 -57.02
C ARG KA 264 -17.61 66.14 -57.96
N GLU KA 265 -18.10 66.53 -59.14
CA GLU KA 265 -18.55 65.54 -60.11
C GLU KA 265 -17.38 64.74 -60.68
N LEU KA 266 -16.24 65.40 -60.91
CA LEU KA 266 -15.05 64.71 -61.37
C LEU KA 266 -14.54 63.72 -60.32
N LYS KA 267 -14.56 64.14 -59.05
CA LYS KA 267 -14.14 63.26 -57.95
C LYS KA 267 -15.10 62.08 -57.79
N LYS KA 268 -16.40 62.31 -58.01
CA LYS KA 268 -17.39 61.24 -57.92
C LYS KA 268 -17.16 60.20 -59.01
N VAL KA 269 -16.99 60.66 -60.26
CA VAL KA 269 -16.79 59.75 -61.38
C VAL KA 269 -15.43 59.03 -61.26
N ILE KA 270 -14.42 59.66 -60.68
CA ILE KA 270 -13.13 59.00 -60.52
C ILE KA 270 -13.17 57.97 -59.40
N GLU KA 271 -13.71 58.35 -58.24
CA GLU KA 271 -13.72 57.44 -57.10
C GLU KA 271 -14.79 56.37 -57.19
N ASN KA 272 -15.75 56.49 -58.10
CA ASN KA 272 -16.68 55.41 -58.43
C ASN KA 272 -16.49 55.11 -59.91
N PRO KA 273 -15.60 54.17 -60.24
CA PRO KA 273 -15.25 53.96 -61.65
C PRO KA 273 -16.33 53.28 -62.48
N LEU KA 274 -17.37 52.72 -61.84
CA LEU KA 274 -18.49 52.15 -62.59
C LEU KA 274 -19.42 53.22 -63.16
N GLU KA 275 -19.26 54.48 -62.72
CA GLU KA 275 -20.07 55.57 -63.26
C GLU KA 275 -19.58 56.07 -64.61
N LEU KA 276 -18.45 55.53 -65.11
CA LEU KA 276 -18.00 55.87 -66.46
C LEU KA 276 -18.87 55.24 -67.54
N LEU KA 277 -19.66 54.22 -67.18
CA LEU KA 277 -20.63 53.64 -68.11
C LEU KA 277 -21.74 54.63 -68.40
N LEU KA 278 -22.25 55.29 -67.37
CA LEU KA 278 -23.34 56.25 -67.51
C LEU KA 278 -22.82 57.59 -68.03
N TYR LA 47 77.67 44.06 -70.38
CA TYR LA 47 77.46 43.17 -71.52
C TYR LA 47 76.62 43.88 -72.57
N THR LA 48 75.30 43.92 -72.34
CA THR LA 48 74.41 44.66 -73.22
C THR LA 48 74.38 46.12 -72.80
N ASP LA 49 74.68 46.99 -73.75
CA ASP LA 49 74.99 48.41 -73.52
C ASP LA 49 74.11 49.29 -74.38
N VAL LA 50 72.79 49.11 -74.29
CA VAL LA 50 71.81 49.99 -74.92
C VAL LA 50 72.03 51.41 -74.37
N PRO LA 51 71.95 52.44 -75.22
CA PRO LA 51 72.24 53.79 -74.75
C PRO LA 51 71.03 54.44 -74.10
N ILE LA 52 71.30 55.56 -73.42
CA ILE LA 52 70.24 56.33 -72.78
C ILE LA 52 69.42 57.03 -73.86
N SER LA 53 68.11 57.13 -73.64
CA SER LA 53 67.21 57.67 -74.65
C SER LA 53 67.41 59.16 -74.88
N GLY LA 54 67.99 59.88 -73.92
CA GLY LA 54 68.15 61.30 -74.05
C GLY LA 54 67.04 62.03 -73.33
N MET LA 55 65.82 61.49 -73.42
CA MET LA 55 64.71 61.97 -72.62
C MET LA 55 64.91 61.65 -71.13
N ARG LA 56 65.54 60.52 -70.82
CA ARG LA 56 65.87 60.15 -69.45
C ARG LA 56 66.92 61.07 -68.83
N LYS LA 57 67.76 61.71 -69.66
CA LYS LA 57 68.82 62.56 -69.14
C LYS LA 57 68.24 63.82 -68.50
N THR LA 58 67.19 64.38 -69.09
CA THR LA 58 66.54 65.55 -68.51
C THR LA 58 65.85 65.22 -67.19
N ILE LA 59 65.20 64.06 -67.10
CA ILE LA 59 64.56 63.65 -65.85
C ILE LA 59 65.61 63.35 -64.78
N ALA LA 60 66.75 62.79 -65.19
CA ALA LA 60 67.83 62.53 -64.24
C ALA LA 60 68.44 63.82 -63.71
N ALA LA 61 68.63 64.81 -64.59
CA ALA LA 61 69.12 66.12 -64.16
C ALA LA 61 68.10 66.83 -63.27
N ARG LA 62 66.80 66.65 -63.58
CA ARG LA 62 65.75 67.28 -62.78
C ARG LA 62 65.67 66.68 -61.38
N LEU LA 63 65.76 65.35 -61.28
CA LEU LA 63 65.78 64.70 -59.97
C LEU LA 63 67.06 65.03 -59.21
N LYS LA 64 68.17 65.23 -59.93
CA LYS LA 64 69.39 65.70 -59.31
C LYS LA 64 69.21 67.10 -58.71
N GLU LA 65 68.58 68.01 -59.48
CA GLU LA 65 68.26 69.35 -58.98
C GLU LA 65 67.37 69.29 -57.75
N SER LA 66 66.40 68.38 -57.76
CA SER LA 66 65.47 68.24 -56.64
C SER LA 66 66.18 67.77 -55.38
N VAL LA 67 67.02 66.75 -55.49
CA VAL LA 67 67.68 66.22 -54.30
C VAL LA 67 68.83 67.11 -53.86
N THR LA 68 69.34 67.97 -54.75
CA THR LA 68 70.48 68.79 -54.33
C THR LA 68 70.06 70.18 -53.86
N GLU LA 69 68.83 70.60 -54.18
CA GLU LA 69 68.42 71.93 -53.75
C GLU LA 69 67.29 71.85 -52.73
N ASN LA 70 66.63 70.70 -52.63
CA ASN LA 70 65.56 70.51 -51.67
C ASN LA 70 66.01 69.53 -50.59
N PRO LA 71 66.30 69.99 -49.36
CA PRO LA 71 66.54 69.06 -48.26
C PRO LA 71 65.24 68.40 -47.82
N HIS LA 72 65.04 67.15 -48.22
CA HIS LA 72 63.78 66.46 -47.98
C HIS LA 72 63.71 65.95 -46.55
N PHE LA 73 62.50 65.93 -46.00
CA PHE LA 73 62.23 65.16 -44.79
C PHE LA 73 60.84 64.55 -44.91
N PHE LA 74 60.71 63.32 -44.42
CA PHE LA 74 59.51 62.53 -44.58
C PHE LA 74 58.71 62.50 -43.29
N VAL LA 75 57.38 62.54 -43.44
CA VAL LA 75 56.45 62.39 -42.33
C VAL LA 75 55.49 61.26 -42.70
N SER LA 76 55.44 60.21 -41.90
CA SER LA 76 54.62 59.05 -42.18
C SER LA 76 53.42 58.99 -41.24
N THR LA 77 52.32 58.45 -41.75
CA THR LA 77 51.11 58.28 -40.95
C THR LA 77 50.34 57.08 -41.48
N ASN LA 78 49.36 56.63 -40.71
CA ASN LA 78 48.49 55.54 -41.10
C ASN LA 78 47.05 56.05 -41.10
N LEU LA 79 46.44 56.11 -42.28
CA LEU LA 79 45.07 56.55 -42.43
C LEU LA 79 44.14 55.35 -42.40
N SER LA 80 43.08 55.45 -41.60
CA SER LA 80 42.05 54.42 -41.59
C SER LA 80 41.00 54.75 -42.65
N VAL LA 81 40.77 53.82 -43.57
CA VAL LA 81 39.91 54.05 -44.71
C VAL LA 81 38.69 53.13 -44.69
N SER LA 82 38.35 52.59 -43.52
CA SER LA 82 37.22 51.67 -43.42
C SER LA 82 35.88 52.40 -43.61
N LYS LA 83 35.82 53.68 -43.26
CA LYS LA 83 34.63 54.48 -43.53
C LYS LA 83 34.66 55.08 -44.92
N LEU LA 84 35.87 55.37 -45.43
CA LEU LA 84 36.01 55.91 -46.78
C LEU LA 84 35.60 54.89 -47.82
N LEU LA 85 35.92 53.62 -47.59
CA LEU LA 85 35.51 52.56 -48.50
C LEU LA 85 34.00 52.33 -48.47
N LYS LA 86 33.38 52.49 -47.29
CA LYS LA 86 31.93 52.39 -47.20
C LYS LA 86 31.23 53.54 -47.92
N LEU LA 87 31.78 54.75 -47.78
CA LEU LA 87 31.23 55.90 -48.49
C LEU LA 87 31.39 55.75 -50.00
N ARG LA 88 32.54 55.23 -50.44
CA ARG LA 88 32.76 55.00 -51.87
C ARG LA 88 31.83 53.91 -52.41
N GLN LA 89 31.58 52.86 -51.61
CA GLN LA 89 30.69 51.80 -52.02
C GLN LA 89 29.26 52.30 -52.13
N ALA LA 90 28.82 53.15 -51.20
CA ALA LA 90 27.48 53.72 -51.25
C ALA LA 90 27.31 54.67 -52.44
N LEU LA 91 28.33 55.51 -52.69
CA LEU LA 91 28.24 56.45 -53.79
C LEU LA 91 28.35 55.76 -55.14
N ASN LA 92 29.03 54.61 -55.20
CA ASN LA 92 29.08 53.86 -56.44
C ASN LA 92 27.82 53.04 -56.66
N SER LA 93 27.20 52.55 -55.58
CA SER LA 93 25.98 51.77 -55.73
C SER LA 93 24.79 52.66 -56.05
N SER LA 94 24.80 53.92 -55.60
CA SER LA 94 23.72 54.86 -55.92
C SER LA 94 24.04 55.61 -57.22
N ALA LA 95 24.15 54.85 -58.31
CA ALA LA 95 24.45 55.43 -59.60
C ALA LA 95 23.89 54.52 -60.69
N ASP LA 96 23.84 55.05 -61.90
CA ASP LA 96 23.36 54.33 -63.08
C ASP LA 96 24.48 54.19 -64.11
N GLY LA 97 25.72 54.04 -63.66
CA GLY LA 97 26.85 54.04 -64.56
C GLY LA 97 27.30 55.41 -65.00
N ARG LA 98 26.89 56.47 -64.30
CA ARG LA 98 27.31 57.81 -64.67
C ARG LA 98 28.76 58.08 -64.25
N TYR LA 99 29.21 57.47 -63.15
CA TYR LA 99 30.54 57.71 -62.64
C TYR LA 99 31.04 56.45 -61.97
N LYS LA 100 32.35 56.46 -61.65
CA LYS LA 100 32.98 55.38 -60.89
C LYS LA 100 34.04 56.01 -60.01
N LEU LA 101 33.88 55.87 -58.69
CA LEU LA 101 34.74 56.55 -57.74
C LEU LA 101 35.86 55.63 -57.27
N SER LA 102 37.01 56.21 -56.99
CA SER LA 102 38.17 55.51 -56.47
C SER LA 102 38.67 56.21 -55.21
N VAL LA 103 39.68 55.61 -54.58
CA VAL LA 103 40.25 56.17 -53.37
C VAL LA 103 41.06 57.43 -53.68
N ASN LA 104 41.60 57.51 -54.90
CA ASN LA 104 42.42 58.65 -55.30
C ASN LA 104 41.61 59.94 -55.39
N ASP LA 105 40.31 59.83 -55.67
CA ASP LA 105 39.44 61.00 -55.69
C ASP LA 105 39.29 61.61 -54.30
N PHE LA 106 39.02 60.76 -53.30
CA PHE LA 106 38.94 61.21 -51.92
C PHE LA 106 40.27 61.74 -51.43
N LEU LA 107 41.37 61.13 -51.88
CA LEU LA 107 42.70 61.58 -51.47
C LEU LA 107 43.03 62.94 -52.07
N ILE LA 108 42.65 63.18 -53.33
CA ILE LA 108 42.91 64.46 -53.98
C ILE LA 108 42.06 65.55 -53.35
N LYS LA 109 40.80 65.24 -53.04
CA LYS LA 109 39.93 66.22 -52.37
C LYS LA 109 40.41 66.53 -50.95
N ALA LA 110 40.90 65.52 -50.23
CA ALA LA 110 41.41 65.74 -48.88
C ALA LA 110 42.72 66.52 -48.93
N MET LA 111 43.53 66.31 -49.97
CA MET LA 111 44.75 67.09 -50.15
C MET LA 111 44.42 68.56 -50.43
N GLY LA 112 43.36 68.80 -51.20
CA GLY LA 112 42.93 70.17 -51.45
C GLY LA 112 42.42 70.86 -50.19
N ILE LA 113 41.66 70.11 -49.37
CA ILE LA 113 41.14 70.66 -48.12
C ILE LA 113 42.28 70.95 -47.14
N ALA LA 114 43.25 70.03 -47.05
CA ALA LA 114 44.37 70.21 -46.15
C ALA LA 114 45.30 71.33 -46.60
N SER LA 115 45.50 71.48 -47.91
CA SER LA 115 46.33 72.57 -48.41
C SER LA 115 45.63 73.91 -48.30
N LYS LA 116 44.30 73.93 -48.31
CA LYS LA 116 43.58 75.17 -48.04
C LYS LA 116 43.63 75.53 -46.56
N ARG LA 117 43.60 74.53 -45.67
CA ARG LA 117 43.67 74.82 -44.24
C ARG LA 117 45.08 75.20 -43.80
N VAL LA 118 46.12 74.57 -44.35
CA VAL LA 118 47.50 74.94 -44.06
C VAL LA 118 48.12 75.47 -45.35
N PRO LA 119 48.09 76.78 -45.59
CA PRO LA 119 48.55 77.31 -46.88
C PRO LA 119 50.07 77.41 -47.01
N THR LA 120 50.83 77.09 -45.97
CA THR LA 120 52.28 77.16 -46.06
C THR LA 120 52.84 76.04 -46.92
N VAL LA 121 52.18 74.87 -46.91
CA VAL LA 121 52.63 73.75 -47.73
C VAL LA 121 52.36 74.02 -49.22
N ASN LA 122 51.31 74.79 -49.52
CA ASN LA 122 50.97 75.12 -50.91
C ASN LA 122 51.80 76.34 -51.32
N SER LA 123 53.08 76.11 -51.56
CA SER LA 123 54.01 77.18 -51.89
C SER LA 123 55.13 76.62 -52.76
N SER LA 124 56.15 77.44 -53.00
CA SER LA 124 57.29 77.08 -53.83
C SER LA 124 58.52 77.82 -53.31
N TRP LA 125 59.55 77.91 -54.14
CA TRP LA 125 60.79 78.61 -53.79
C TRP LA 125 61.32 79.30 -55.03
N ARG LA 126 61.35 80.63 -55.00
CA ARG LA 126 61.63 81.45 -56.17
C ARG LA 126 62.77 82.42 -55.90
N ASP LA 127 62.95 83.43 -56.76
CA ASP LA 127 64.08 84.35 -56.67
C ASP LA 127 63.93 85.23 -55.44
N GLY LA 128 64.48 84.77 -54.32
CA GLY LA 128 64.43 85.50 -53.07
C GLY LA 128 63.06 85.67 -52.48
N VAL LA 129 62.10 84.82 -52.86
CA VAL LA 129 60.69 85.06 -52.60
C VAL LA 129 59.96 83.72 -52.57
N ILE LA 130 58.93 83.65 -51.74
CA ILE LA 130 58.07 82.47 -51.60
C ILE LA 130 56.79 82.75 -52.38
N ARG LA 131 56.48 81.92 -53.37
CA ARG LA 131 55.27 82.11 -54.16
C ARG LA 131 54.15 81.24 -53.59
N GLN LA 132 53.11 81.88 -53.08
CA GLN LA 132 52.01 81.21 -52.40
C GLN LA 132 50.74 81.34 -53.24
N PHE LA 133 50.15 80.20 -53.62
CA PHE LA 133 48.96 80.15 -54.44
C PHE LA 133 47.70 80.07 -53.58
N GLU LA 134 46.56 80.38 -54.20
CA GLU LA 134 45.26 80.18 -53.57
C GLU LA 134 44.68 78.80 -53.86
N THR LA 135 44.55 78.45 -55.13
CA THR LA 135 43.95 77.18 -55.51
C THR LA 135 44.96 76.04 -55.40
N VAL LA 136 44.45 74.84 -55.19
CA VAL LA 136 45.26 73.64 -55.09
C VAL LA 136 45.22 72.96 -56.45
N ASP LA 137 46.35 72.94 -57.15
CA ASP LA 137 46.49 72.24 -58.41
C ASP LA 137 47.30 70.97 -58.16
N VAL LA 138 46.67 69.82 -58.33
CA VAL LA 138 47.24 68.55 -57.90
C VAL LA 138 47.77 67.80 -59.11
N SER LA 139 49.07 67.51 -59.11
CA SER LA 139 49.70 66.72 -60.17
C SER LA 139 49.61 65.25 -59.81
N VAL LA 140 49.00 64.46 -60.68
CA VAL LA 140 48.81 63.03 -60.44
C VAL LA 140 49.75 62.25 -61.35
N ALA LA 141 50.52 61.33 -60.77
CA ALA LA 141 51.48 60.56 -61.53
C ALA LA 141 50.78 59.42 -62.27
N VAL LA 142 51.04 59.31 -63.57
CA VAL LA 142 50.48 58.26 -64.42
C VAL LA 142 51.64 57.43 -64.94
N ALA LA 143 51.55 56.11 -64.75
CA ALA LA 143 52.61 55.18 -65.15
C ALA LA 143 52.36 54.74 -66.59
N THR LA 144 53.14 55.29 -67.51
CA THR LA 144 53.16 54.95 -68.92
C THR LA 144 54.39 54.11 -69.24
N PRO LA 145 54.37 53.30 -70.32
CA PRO LA 145 55.57 52.52 -70.67
C PRO LA 145 56.76 53.37 -71.10
N ASN LA 146 56.56 54.65 -71.42
CA ASN LA 146 57.63 55.60 -71.62
C ASN LA 146 57.99 56.36 -70.34
N GLY LA 147 57.75 55.76 -69.18
CA GLY LA 147 58.24 56.34 -67.94
C GLY LA 147 57.17 56.94 -67.03
N LEU LA 148 57.25 58.24 -66.77
CA LEU LA 148 56.37 58.89 -65.81
C LEU LA 148 55.97 60.26 -66.34
N ILE LA 149 54.69 60.59 -66.14
CA ILE LA 149 54.16 61.90 -66.48
C ILE LA 149 53.22 62.31 -65.36
N THR LA 150 53.08 63.63 -65.16
CA THR LA 150 52.24 64.18 -64.09
C THR LA 150 51.26 65.20 -64.68
N PRO LA 151 50.12 64.76 -65.19
CA PRO LA 151 49.07 65.73 -65.54
C PRO LA 151 48.43 66.33 -64.31
N ILE LA 152 47.92 67.54 -64.47
CA ILE LA 152 47.49 68.38 -63.36
C ILE LA 152 45.97 68.51 -63.38
N VAL LA 153 45.36 68.30 -62.23
CA VAL LA 153 43.96 68.63 -61.99
C VAL LA 153 43.93 70.02 -61.36
N LYS LA 154 43.31 70.97 -62.06
CA LYS LA 154 43.32 72.37 -61.65
C LYS LA 154 42.07 72.69 -60.85
N GLY LA 155 42.25 73.49 -59.79
CA GLY LA 155 41.16 73.92 -58.94
C GLY LA 155 40.48 72.79 -58.19
N VAL LA 156 41.23 72.13 -57.32
CA VAL LA 156 40.74 70.92 -56.68
C VAL LA 156 39.69 71.23 -55.63
N GLU LA 157 39.94 72.24 -54.78
CA GLU LA 157 38.97 72.60 -53.77
C GLU LA 157 37.77 73.28 -54.44
N GLY LA 158 36.58 72.89 -54.03
CA GLY LA 158 35.35 73.33 -54.67
C GLY LA 158 35.20 72.86 -56.11
N LYS LA 159 35.41 71.58 -56.36
CA LYS LA 159 35.29 71.07 -57.72
C LYS LA 159 34.26 69.94 -57.85
N GLY LA 160 34.24 69.01 -56.91
CA GLY LA 160 33.33 67.89 -57.00
C GLY LA 160 34.05 66.60 -57.33
N LEU LA 161 33.59 65.51 -56.71
CA LEU LA 161 34.26 64.22 -56.83
C LEU LA 161 34.05 63.62 -58.22
N GLU LA 162 32.90 63.84 -58.83
CA GLU LA 162 32.65 63.35 -60.18
C GLU LA 162 33.48 64.10 -61.20
N SER LA 163 33.66 65.42 -60.99
CA SER LA 163 34.52 66.20 -61.86
C SER LA 163 35.98 65.79 -61.71
N ILE LA 164 36.39 65.48 -60.49
CA ILE LA 164 37.77 65.02 -60.24
C ILE LA 164 38.01 63.66 -60.90
N SER LA 165 37.03 62.75 -60.77
CA SER LA 165 37.13 61.43 -61.38
C SER LA 165 37.16 61.52 -62.90
N ALA LA 166 36.34 62.40 -63.47
CA ALA LA 166 36.31 62.59 -64.92
C ALA LA 166 37.63 63.16 -65.43
N ALA LA 167 38.17 64.16 -64.72
CA ALA LA 167 39.42 64.78 -65.15
C ALA LA 167 40.60 63.81 -65.01
N VAL LA 168 40.60 63.00 -63.95
CA VAL LA 168 41.66 62.02 -63.76
C VAL LA 168 41.60 60.93 -64.82
N LYS LA 169 40.39 60.49 -65.19
CA LYS LA 169 40.25 59.47 -66.24
C LYS LA 169 40.65 60.02 -67.61
N GLU LA 170 40.22 61.26 -67.92
CA GLU LA 170 40.62 61.93 -69.16
C GLU LA 170 42.14 62.06 -69.27
N LEU LA 171 42.79 62.56 -68.21
CA LEU LA 171 44.23 62.79 -68.26
C LEU LA 171 45.00 61.47 -68.27
N ALA LA 172 44.49 60.44 -67.60
CA ALA LA 172 45.17 59.15 -67.60
C ALA LA 172 45.09 58.46 -68.96
N LYS LA 173 43.91 58.49 -69.60
CA LYS LA 173 43.80 57.85 -70.90
C LYS LA 173 44.55 58.65 -71.97
N LYS LA 174 44.62 59.98 -71.80
CA LYS LA 174 45.42 60.76 -72.73
C LYS LA 174 46.91 60.61 -72.47
N ALA LA 175 47.30 60.26 -71.23
CA ALA LA 175 48.69 59.96 -70.96
C ALA LA 175 49.07 58.61 -71.54
N ARG LA 176 48.13 57.66 -71.54
CA ARG LA 176 48.40 56.37 -72.18
C ARG LA 176 48.45 56.49 -73.69
N ASP LA 177 47.65 57.39 -74.28
CA ASP LA 177 47.74 57.64 -75.71
C ASP LA 177 48.84 58.63 -76.11
N GLY LA 178 49.41 59.35 -75.16
CA GLY LA 178 50.51 60.26 -75.43
C GLY LA 178 50.11 61.50 -76.21
N LYS LA 179 49.07 62.20 -75.75
CA LYS LA 179 48.47 63.31 -76.50
C LYS LA 179 48.30 64.53 -75.60
N LEU LA 180 49.36 64.96 -74.92
CA LEU LA 180 49.30 66.05 -73.97
C LEU LA 180 49.94 67.31 -74.50
N LYS LA 181 49.46 68.45 -74.02
CA LYS LA 181 50.00 69.79 -74.15
C LYS LA 181 50.93 70.07 -72.96
N PRO LA 182 51.97 70.90 -73.15
CA PRO LA 182 52.90 71.17 -72.03
C PRO LA 182 52.26 71.93 -70.88
N GLU LA 183 51.18 72.68 -71.13
CA GLU LA 183 50.44 73.34 -70.06
C GLU LA 183 49.61 72.37 -69.23
N GLU LA 184 49.47 71.11 -69.66
CA GLU LA 184 48.74 70.12 -68.89
C GLU LA 184 49.63 69.34 -67.93
N TYR LA 185 50.95 69.38 -68.10
CA TYR LA 185 51.83 68.67 -67.18
C TYR LA 185 53.01 69.54 -66.73
N GLN LA 186 52.94 70.85 -66.98
CA GLN LA 186 53.96 71.78 -66.51
C GLN LA 186 53.30 72.79 -65.58
N GLY LA 187 53.54 72.65 -64.28
CA GLY LA 187 52.95 73.52 -63.30
C GLY LA 187 52.60 72.79 -62.02
N GLY LA 188 51.45 73.10 -61.44
CA GLY LA 188 51.00 72.43 -60.24
C GLY LA 188 51.61 72.98 -58.96
N SER LA 189 50.91 72.79 -57.84
CA SER LA 189 51.42 73.23 -56.54
C SER LA 189 51.74 72.10 -55.59
N ILE LA 190 51.19 70.90 -55.83
CA ILE LA 190 51.45 69.74 -54.98
C ILE LA 190 51.24 68.48 -55.84
N SER LA 191 51.89 67.39 -55.45
CA SER LA 191 51.89 66.15 -56.22
C SER LA 191 51.40 65.00 -55.34
N ILE LA 192 51.11 63.88 -56.00
CA ILE LA 192 50.72 62.65 -55.31
C ILE LA 192 51.14 61.47 -56.17
N SER LA 193 51.78 60.48 -55.53
CA SER LA 193 52.18 59.25 -56.18
C SER LA 193 51.36 58.11 -55.58
N ASN LA 194 50.74 57.31 -56.44
CA ASN LA 194 49.80 56.29 -56.05
C ASN LA 194 50.34 54.91 -56.41
N MET LA 195 50.38 54.01 -55.43
CA MET LA 195 50.83 52.64 -55.66
C MET LA 195 49.91 51.64 -54.95
N GLY LA 196 48.60 51.88 -55.03
CA GLY LA 196 47.65 50.96 -54.40
C GLY LA 196 47.36 49.73 -55.22
N MET LA 197 47.69 49.73 -56.51
CA MET LA 197 47.42 48.56 -57.35
C MET LA 197 48.43 47.45 -57.06
N ASN LA 198 49.59 47.81 -56.53
CA ASN LA 198 50.59 46.83 -56.12
C ASN LA 198 50.40 46.52 -54.64
N PRO LA 199 49.98 45.30 -54.29
CA PRO LA 199 49.75 44.97 -52.87
C PRO LA 199 51.01 44.73 -52.07
N ALA LA 200 52.18 44.70 -52.71
CA ALA LA 200 53.41 44.46 -51.98
C ALA LA 200 53.95 45.72 -51.32
N VAL LA 201 53.69 46.89 -51.92
CA VAL LA 201 54.27 48.14 -51.45
C VAL LA 201 53.51 48.58 -50.19
N GLN LA 202 54.11 48.31 -49.03
CA GLN LA 202 53.52 48.79 -47.78
C GLN LA 202 53.77 50.28 -47.60
N SER LA 203 54.96 50.75 -47.96
CA SER LA 203 55.34 52.14 -47.79
C SER LA 203 56.45 52.46 -48.78
N PHE LA 204 56.44 53.69 -49.28
CA PHE LA 204 57.52 54.17 -50.14
C PHE LA 204 57.59 55.67 -50.04
N THR LA 205 58.75 56.21 -50.42
CA THR LA 205 58.99 57.65 -50.49
C THR LA 205 59.09 58.07 -51.95
N ALA LA 206 58.90 59.37 -52.17
CA ALA LA 206 58.96 59.93 -53.52
C ALA LA 206 59.86 61.15 -53.50
N ILE LA 207 60.29 61.55 -54.69
CA ILE LA 207 61.14 62.72 -54.87
C ILE LA 207 60.25 63.89 -55.31
N ILE LA 208 60.47 65.05 -54.68
CA ILE LA 208 59.64 66.23 -54.93
C ILE LA 208 59.95 66.78 -56.32
N ASN LA 209 58.90 66.94 -57.12
CA ASN LA 209 59.05 67.57 -58.43
C ASN LA 209 59.27 69.06 -58.25
N PRO LA 210 60.38 69.62 -58.77
CA PRO LA 210 60.60 71.04 -58.64
C PRO LA 210 59.69 71.82 -59.56
N PRO LA 211 59.29 73.04 -59.17
CA PRO LA 211 59.64 73.74 -57.94
C PRO LA 211 58.61 73.61 -56.81
N GLN LA 212 57.92 72.47 -56.72
CA GLN LA 212 56.92 72.30 -55.68
C GLN LA 212 57.58 72.05 -54.33
N ALA LA 213 56.76 72.06 -53.28
CA ALA LA 213 57.27 71.97 -51.91
C ALA LA 213 56.98 70.65 -51.22
N ALA LA 214 56.03 69.86 -51.70
CA ALA LA 214 55.68 68.62 -51.04
C ALA LA 214 55.24 67.59 -52.07
N ILE LA 215 55.31 66.32 -51.68
CA ILE LA 215 54.79 65.23 -52.50
C ILE LA 215 54.22 64.16 -51.58
N LEU LA 216 53.11 63.55 -51.99
CA LEU LA 216 52.48 62.50 -51.21
C LEU LA 216 52.82 61.14 -51.81
N ALA LA 217 52.81 60.10 -50.98
CA ALA LA 217 53.07 58.73 -51.42
C ALA LA 217 52.14 57.81 -50.63
N VAL LA 218 51.36 57.01 -51.35
CA VAL LA 218 50.28 56.23 -50.74
C VAL LA 218 50.56 54.74 -50.98
N GLY LA 219 50.64 53.97 -49.89
CA GLY LA 219 50.93 52.56 -49.99
C GLY LA 219 49.68 51.70 -50.02
N ALA LA 220 49.89 50.42 -50.24
CA ALA LA 220 48.81 49.46 -50.34
C ALA LA 220 48.12 49.29 -48.99
N PRO LA 221 46.79 49.11 -48.99
CA PRO LA 221 46.07 48.88 -47.73
C PRO LA 221 46.34 47.50 -47.17
N GLN LA 222 46.38 47.42 -45.85
CA GLN LA 222 46.59 46.17 -45.12
C GLN LA 222 45.68 46.11 -43.91
N LYS LA 223 45.45 44.91 -43.39
CA LYS LA 223 44.63 44.72 -42.20
C LYS LA 223 45.49 44.84 -40.95
N VAL LA 224 45.14 45.79 -40.09
CA VAL LA 224 45.86 46.04 -38.84
C VAL LA 224 44.91 45.81 -37.68
N ALA LA 225 45.38 45.09 -36.66
CA ALA LA 225 44.59 44.83 -35.47
C ALA LA 225 44.43 46.10 -34.64
N VAL LA 226 43.18 46.46 -34.36
CA VAL LA 226 42.83 47.69 -33.65
C VAL LA 226 41.92 47.33 -32.47
N PRO LA 227 42.18 47.84 -31.27
CA PRO LA 227 41.36 47.45 -30.12
C PRO LA 227 39.97 48.06 -30.18
N VAL LA 228 39.01 47.34 -29.59
CA VAL LA 228 37.62 47.75 -29.57
C VAL LA 228 37.01 47.33 -28.23
N GLU LA 229 36.15 48.19 -27.69
CA GLU LA 229 35.38 47.83 -26.51
C GLU LA 229 34.09 47.18 -26.97
N ASN LA 230 33.70 46.11 -26.29
CA ASN LA 230 32.35 45.58 -26.45
C ASN LA 230 31.43 46.35 -25.50
N GLU LA 231 30.18 45.91 -25.37
CA GLU LA 231 29.26 46.54 -24.44
C GLU LA 231 29.47 46.10 -23.00
N ASP LA 232 30.48 45.28 -22.73
CA ASP LA 232 30.97 45.02 -21.38
C ASP LA 232 32.37 45.59 -21.23
N GLY LA 233 33.00 45.35 -20.08
CA GLY LA 233 34.23 46.04 -19.72
C GLY LA 233 35.47 45.61 -20.47
N THR LA 234 35.47 44.43 -21.09
CA THR LA 234 36.70 43.89 -21.66
C THR LA 234 36.98 44.51 -23.02
N THR LA 235 38.23 44.40 -23.46
CA THR LA 235 38.65 44.85 -24.78
C THR LA 235 38.64 43.70 -25.78
N GLY LA 236 38.65 44.05 -27.07
CA GLY LA 236 38.58 43.06 -28.12
C GLY LA 236 39.57 43.35 -29.23
N VAL LA 237 39.48 42.54 -30.28
CA VAL LA 237 40.30 42.71 -31.47
C VAL LA 237 39.37 42.99 -32.65
N SER LA 238 39.54 44.16 -33.26
CA SER LA 238 38.86 44.51 -34.48
C SER LA 238 39.90 44.69 -35.58
N TRP LA 239 39.50 44.41 -36.82
CA TRP LA 239 40.40 44.45 -37.96
C TRP LA 239 40.07 45.70 -38.78
N ASP LA 240 41.03 46.62 -38.85
CA ASP LA 240 40.85 47.90 -39.51
C ASP LA 240 41.70 47.94 -40.78
N GLU LA 241 41.16 48.56 -41.83
CA GLU LA 241 41.88 48.72 -43.09
C GLU LA 241 42.70 50.00 -42.99
N GLN LA 242 44.02 49.87 -42.95
CA GLN LA 242 44.91 51.02 -42.81
C GLN LA 242 45.78 51.18 -44.05
N ILE LA 243 46.14 52.43 -44.33
CA ILE LA 243 46.97 52.78 -45.48
C ILE LA 243 48.11 53.65 -44.97
N ILE LA 244 49.35 53.27 -45.29
CA ILE LA 244 50.52 54.03 -44.88
C ILE LA 244 50.74 55.14 -45.91
N VAL LA 245 50.74 56.38 -45.42
CA VAL LA 245 50.88 57.57 -46.26
C VAL LA 245 52.14 58.30 -45.81
N THR LA 246 53.07 58.51 -46.75
CA THR LA 246 54.33 59.20 -46.48
C THR LA 246 54.35 60.49 -47.28
N ALA LA 247 54.51 61.61 -46.59
CA ALA LA 247 54.59 62.91 -47.24
C ALA LA 247 56.01 63.44 -47.13
N SER LA 248 56.62 63.75 -48.27
CA SER LA 248 57.97 64.28 -48.32
C SER LA 248 57.88 65.79 -48.50
N PHE LA 249 58.49 66.52 -47.58
CA PHE LA 249 58.47 67.98 -47.58
C PHE LA 249 59.88 68.53 -47.81
N ASP LA 250 59.91 69.76 -48.33
CA ASP LA 250 61.13 70.53 -48.48
C ASP LA 250 61.29 71.42 -47.25
N HIS LA 251 62.47 71.37 -46.62
CA HIS LA 251 62.65 72.04 -45.34
C HIS LA 251 62.92 73.52 -45.49
N LYS LA 252 63.14 74.02 -46.71
CA LYS LA 252 63.32 75.46 -46.90
C LYS LA 252 62.00 76.20 -46.77
N VAL LA 253 60.88 75.55 -47.09
CA VAL LA 253 59.57 76.15 -47.05
C VAL LA 253 58.75 75.64 -45.87
N VAL LA 254 58.70 74.32 -45.67
CA VAL LA 254 57.84 73.69 -44.69
C VAL LA 254 58.71 73.16 -43.56
N ASP LA 255 58.37 73.53 -42.33
CA ASP LA 255 59.02 72.94 -41.17
C ASP LA 255 58.27 71.70 -40.70
N GLY LA 256 58.82 71.06 -39.66
CA GLY LA 256 58.26 69.81 -39.20
C GLY LA 256 56.90 69.97 -38.54
N ALA LA 257 56.71 71.07 -37.81
CA ALA LA 257 55.42 71.34 -37.19
C ALA LA 257 54.35 71.66 -38.23
N VAL LA 258 54.72 72.36 -39.30
CA VAL LA 258 53.78 72.67 -40.38
C VAL LA 258 53.41 71.40 -41.13
N GLY LA 259 54.40 70.53 -41.38
CA GLY LA 259 54.11 69.25 -42.02
C GLY LA 259 53.27 68.34 -41.15
N ALA LA 260 53.48 68.40 -39.84
CA ALA LA 260 52.68 67.60 -38.92
C ALA LA 260 51.24 68.12 -38.84
N GLU LA 261 51.05 69.44 -38.90
CA GLU LA 261 49.70 70.00 -38.94
C GLU LA 261 48.99 69.63 -40.25
N TRP LA 262 49.72 69.67 -41.37
CA TRP LA 262 49.14 69.26 -42.66
C TRP LA 262 48.74 67.78 -42.64
N ILE LA 263 49.60 66.93 -42.09
CA ILE LA 263 49.33 65.50 -41.97
C ILE LA 263 48.14 65.25 -41.03
N ARG LA 264 48.03 66.04 -39.95
CA ARG LA 264 46.92 65.89 -39.01
C ARG LA 264 45.59 66.30 -39.62
N GLU LA 265 45.59 67.38 -40.40
CA GLU LA 265 44.35 67.80 -41.06
C GLU LA 265 43.96 66.82 -42.17
N LEU LA 266 44.94 66.27 -42.89
CA LEU LA 266 44.64 65.26 -43.90
C LEU LA 266 44.08 63.99 -43.27
N LYS LA 267 44.66 63.58 -42.13
CA LYS LA 267 44.16 62.41 -41.41
C LYS LA 267 42.77 62.64 -40.84
N LYS LA 268 42.49 63.86 -40.39
CA LYS LA 268 41.16 64.19 -39.89
C LYS LA 268 40.11 64.13 -40.99
N VAL LA 269 40.41 64.73 -42.15
CA VAL LA 269 39.46 64.73 -43.26
C VAL LA 269 39.30 63.32 -43.84
N ILE LA 270 40.33 62.49 -43.79
CA ILE LA 270 40.21 61.13 -44.31
C ILE LA 270 39.42 60.25 -43.34
N GLU LA 271 39.75 60.29 -42.05
CA GLU LA 271 39.10 59.43 -41.08
C GLU LA 271 37.71 59.90 -40.68
N ASN LA 272 37.34 61.14 -41.02
CA ASN LA 272 35.96 61.61 -40.89
C ASN LA 272 35.52 62.03 -42.29
N PRO LA 273 34.91 61.11 -43.05
CA PRO LA 273 34.63 61.39 -44.46
C PRO LA 273 33.49 62.37 -44.69
N LEU LA 274 32.70 62.69 -43.65
CA LEU LA 274 31.67 63.71 -43.79
C LEU LA 274 32.23 65.12 -43.79
N GLU LA 275 33.51 65.30 -43.44
CA GLU LA 275 34.14 66.60 -43.48
C GLU LA 275 34.57 67.02 -44.88
N LEU LA 276 34.39 66.16 -45.88
CA LEU LA 276 34.66 66.54 -47.27
C LEU LA 276 33.60 67.48 -47.81
N LEU LA 277 32.44 67.55 -47.16
CA LEU LA 277 31.41 68.53 -47.53
C LEU LA 277 31.89 69.94 -47.20
N LEU LA 278 32.47 70.13 -46.02
CA LEU LA 278 32.95 71.43 -45.59
C LEU LA 278 34.28 71.77 -46.25
N TYR MA 47 57.26 -12.74 -97.40
CA TYR MA 47 56.18 -12.39 -98.33
C TYR MA 47 56.37 -10.96 -98.81
N THR MA 48 55.98 -10.00 -97.98
CA THR MA 48 56.20 -8.59 -98.29
C THR MA 48 57.60 -8.19 -97.85
N ASP MA 49 58.37 -7.66 -98.80
CA ASP MA 49 59.81 -7.47 -98.68
C ASP MA 49 60.18 -6.03 -98.98
N VAL MA 50 59.56 -5.09 -98.26
CA VAL MA 50 59.93 -3.67 -98.31
C VAL MA 50 61.39 -3.54 -97.87
N PRO MA 51 62.18 -2.70 -98.55
CA PRO MA 51 63.60 -2.61 -98.23
C PRO MA 51 63.87 -1.70 -97.04
N ILE MA 52 65.10 -1.80 -96.53
CA ILE MA 52 65.54 -0.94 -95.43
C ILE MA 52 65.72 0.48 -95.95
N SER MA 53 65.37 1.47 -95.12
CA SER MA 53 65.39 2.86 -95.55
C SER MA 53 66.81 3.38 -95.80
N GLY MA 54 67.82 2.75 -95.21
CA GLY MA 54 69.18 3.23 -95.34
C GLY MA 54 69.57 4.08 -94.15
N MET MA 55 68.62 4.88 -93.66
CA MET MA 55 68.79 5.59 -92.40
C MET MA 55 68.80 4.63 -91.22
N ARG MA 56 68.02 3.54 -91.29
CA ARG MA 56 68.02 2.50 -90.26
C ARG MA 56 69.34 1.74 -90.19
N LYS MA 57 70.09 1.69 -91.30
CA LYS MA 57 71.34 0.93 -91.32
C LYS MA 57 72.40 1.58 -90.44
N THR MA 58 72.44 2.91 -90.42
CA THR MA 58 73.38 3.63 -89.56
C THR MA 58 73.03 3.45 -88.09
N ILE MA 59 71.74 3.46 -87.74
CA ILE MA 59 71.35 3.25 -86.35
C ILE MA 59 71.60 1.81 -85.94
N ALA MA 60 71.43 0.86 -86.87
CA ALA MA 60 71.72 -0.53 -86.57
C ALA MA 60 73.22 -0.76 -86.34
N ALA MA 61 74.05 -0.13 -87.17
CA ALA MA 61 75.50 -0.21 -86.97
C ALA MA 61 75.93 0.48 -85.69
N ARG MA 62 75.25 1.58 -85.32
CA ARG MA 62 75.60 2.29 -84.10
C ARG MA 62 75.23 1.48 -82.86
N LEU MA 63 74.05 0.85 -82.86
CA LEU MA 63 73.66 -0.02 -81.76
C LEU MA 63 74.54 -1.26 -81.69
N LYS MA 64 75.00 -1.74 -82.85
CA LYS MA 64 75.98 -2.83 -82.88
C LYS MA 64 77.29 -2.40 -82.22
N GLU MA 65 77.79 -1.20 -82.54
CA GLU MA 65 78.99 -0.66 -81.90
C GLU MA 65 78.80 -0.53 -80.40
N SER MA 66 77.62 -0.09 -79.98
CA SER MA 66 77.33 0.08 -78.56
C SER MA 66 77.35 -1.25 -77.81
N VAL MA 67 76.69 -2.27 -78.35
CA VAL MA 67 76.62 -3.55 -77.65
C VAL MA 67 77.92 -4.33 -77.80
N THR MA 68 78.76 -4.00 -78.78
CA THR MA 68 79.98 -4.79 -78.93
C THR MA 68 81.18 -4.12 -78.27
N GLU MA 69 81.09 -2.83 -77.94
CA GLU MA 69 82.24 -2.18 -77.31
C GLU MA 69 81.91 -1.79 -75.88
N ASN MA 70 80.63 -1.75 -75.52
CA ASN MA 70 80.22 -1.41 -74.17
C ASN MA 70 79.66 -2.64 -73.48
N PRO MA 71 80.38 -3.25 -72.54
CA PRO MA 71 79.77 -4.31 -71.72
C PRO MA 71 78.77 -3.73 -70.73
N HIS MA 72 77.49 -3.86 -71.03
CA HIS MA 72 76.44 -3.24 -70.23
C HIS MA 72 76.18 -4.04 -68.97
N PHE MA 73 75.80 -3.33 -67.91
CA PHE MA 73 75.19 -3.97 -66.74
C PHE MA 73 74.12 -3.05 -66.19
N PHE MA 74 73.01 -3.64 -65.75
CA PHE MA 74 71.83 -2.91 -65.35
C PHE MA 74 71.73 -2.86 -63.83
N VAL MA 75 71.27 -1.73 -63.32
CA VAL MA 75 70.96 -1.56 -61.90
C VAL MA 75 69.53 -1.04 -61.81
N SER MA 76 68.68 -1.79 -61.12
CA SER MA 76 67.26 -1.44 -61.02
C SER MA 76 66.94 -0.94 -59.62
N THR MA 77 65.96 -0.05 -59.55
CA THR MA 77 65.49 0.50 -58.28
C THR MA 77 64.03 0.89 -58.42
N ASN MA 78 63.39 1.15 -57.29
CA ASN MA 78 62.01 1.61 -57.25
C ASN MA 78 61.97 2.95 -56.53
N LEU MA 79 61.62 4.01 -57.27
CA LEU MA 79 61.52 5.34 -56.71
C LEU MA 79 60.09 5.61 -56.29
N SER MA 80 59.92 6.11 -55.07
CA SER MA 80 58.61 6.54 -54.61
C SER MA 80 58.38 7.99 -55.01
N VAL MA 81 57.29 8.24 -55.74
CA VAL MA 81 57.01 9.54 -56.32
C VAL MA 81 55.74 10.15 -55.74
N SER MA 82 55.30 9.67 -54.58
CA SER MA 82 54.07 10.18 -53.98
C SER MA 82 54.23 11.61 -53.47
N LYS MA 83 55.45 12.00 -53.08
CA LYS MA 83 55.71 13.39 -52.71
C LYS MA 83 56.07 14.23 -53.93
N LEU MA 84 56.69 13.62 -54.93
CA LEU MA 84 57.02 14.33 -56.16
C LEU MA 84 55.76 14.74 -56.92
N LEU MA 85 54.74 13.88 -56.92
CA LEU MA 85 53.48 14.22 -57.56
C LEU MA 85 52.75 15.32 -56.80
N LYS MA 86 52.85 15.34 -55.47
CA LYS MA 86 52.26 16.42 -54.69
C LYS MA 86 52.95 17.75 -54.94
N LEU MA 87 54.29 17.72 -55.04
CA LEU MA 87 55.04 18.94 -55.36
C LEU MA 87 54.73 19.43 -56.76
N ARG MA 88 54.58 18.52 -57.71
CA ARG MA 88 54.22 18.91 -59.08
C ARG MA 88 52.81 19.48 -59.15
N GLN MA 89 51.88 18.90 -58.37
CA GLN MA 89 50.51 19.40 -58.33
C GLN MA 89 50.45 20.80 -57.72
N ALA MA 90 51.23 21.04 -56.67
CA ALA MA 90 51.26 22.36 -56.04
C ALA MA 90 51.89 23.39 -56.96
N LEU MA 91 52.99 23.02 -57.63
CA LEU MA 91 53.66 23.97 -58.52
C LEU MA 91 52.84 24.23 -59.78
N ASN MA 92 52.02 23.27 -60.19
CA ASN MA 92 51.15 23.51 -61.35
C ASN MA 92 49.92 24.31 -60.95
N SER MA 93 49.42 24.11 -59.74
CA SER MA 93 48.24 24.86 -59.30
C SER MA 93 48.58 26.30 -58.98
N SER MA 94 49.81 26.57 -58.53
CA SER MA 94 50.24 27.94 -58.26
C SER MA 94 50.84 28.57 -59.52
N ALA MA 95 50.01 28.69 -60.56
CA ALA MA 95 50.45 29.27 -61.81
C ALA MA 95 49.24 29.87 -62.53
N ASP MA 96 49.53 30.68 -63.54
CA ASP MA 96 48.51 31.31 -64.37
C ASP MA 96 48.61 30.84 -65.82
N GLY MA 97 48.99 29.58 -66.02
CA GLY MA 97 49.25 29.09 -67.36
C GLY MA 97 50.61 29.46 -67.91
N ARG MA 98 51.55 29.89 -67.06
CA ARG MA 98 52.88 30.23 -67.54
C ARG MA 98 53.70 28.99 -67.86
N TYR MA 99 53.47 27.90 -67.14
CA TYR MA 99 54.25 26.68 -67.32
C TYR MA 99 53.38 25.47 -67.02
N LYS MA 100 53.90 24.30 -67.37
CA LYS MA 100 53.24 23.03 -67.06
C LYS MA 100 54.34 22.01 -66.78
N LEU MA 101 54.36 21.49 -65.55
CA LEU MA 101 55.44 20.63 -65.11
C LEU MA 101 55.06 19.15 -65.27
N SER MA 102 56.06 18.34 -65.57
CA SER MA 102 55.91 16.89 -65.70
C SER MA 102 56.93 16.19 -64.82
N VAL MA 103 56.84 14.86 -64.78
CA VAL MA 103 57.75 14.06 -63.96
C VAL MA 103 59.14 14.04 -64.58
N ASN MA 104 59.22 14.21 -65.91
CA ASN MA 104 60.49 14.17 -66.61
C ASN MA 104 61.38 15.36 -66.24
N ASP MA 105 60.78 16.49 -65.87
CA ASP MA 105 61.54 17.65 -65.42
C ASP MA 105 62.26 17.37 -64.10
N PHE MA 106 61.54 16.79 -63.13
CA PHE MA 106 62.14 16.40 -61.87
C PHE MA 106 63.19 15.31 -62.08
N LEU MA 107 62.93 14.40 -63.02
CA LEU MA 107 63.89 13.33 -63.29
C LEU MA 107 65.17 13.87 -63.91
N ILE MA 108 65.05 14.83 -64.83
CA ILE MA 108 66.23 15.42 -65.47
C ILE MA 108 67.03 16.25 -64.47
N LYS MA 109 66.34 16.99 -63.59
CA LYS MA 109 67.04 17.75 -62.56
C LYS MA 109 67.72 16.83 -61.54
N ALA MA 110 67.07 15.73 -61.17
CA ALA MA 110 67.68 14.78 -60.24
C ALA MA 110 68.85 14.05 -60.88
N MET MA 111 68.78 13.80 -62.19
CA MET MA 111 69.91 13.22 -62.90
C MET MA 111 71.09 14.17 -62.94
N GLY MA 112 70.82 15.48 -63.10
CA GLY MA 112 71.89 16.46 -63.04
C GLY MA 112 72.54 16.55 -61.67
N ILE MA 113 71.72 16.50 -60.62
CA ILE MA 113 72.23 16.55 -59.24
C ILE MA 113 73.06 15.31 -58.93
N ALA MA 114 72.56 14.13 -59.36
CA ALA MA 114 73.28 12.89 -59.10
C ALA MA 114 74.57 12.78 -59.90
N SER MA 115 74.56 13.29 -61.15
CA SER MA 115 75.79 13.28 -61.94
C SER MA 115 76.80 14.30 -61.46
N LYS MA 116 76.33 15.39 -60.81
CA LYS MA 116 77.27 16.30 -60.19
C LYS MA 116 77.84 15.73 -58.90
N ARG MA 117 77.05 14.97 -58.15
CA ARG MA 117 77.57 14.36 -56.92
C ARG MA 117 78.49 13.18 -57.20
N VAL MA 118 78.18 12.36 -58.20
CA VAL MA 118 79.06 11.26 -58.60
C VAL MA 118 79.58 11.56 -60.02
N PRO MA 119 80.74 12.21 -60.16
CA PRO MA 119 81.19 12.63 -61.50
C PRO MA 119 81.80 11.52 -62.33
N THR MA 120 81.94 10.30 -61.79
CA THR MA 120 82.50 9.21 -62.58
C THR MA 120 81.53 8.72 -63.65
N VAL MA 121 80.23 8.81 -63.37
CA VAL MA 121 79.22 8.39 -64.35
C VAL MA 121 79.15 9.38 -65.50
N ASN MA 122 79.43 10.66 -65.24
CA ASN MA 122 79.41 11.70 -66.26
C ASN MA 122 80.75 11.71 -66.98
N SER MA 123 80.96 10.69 -67.81
CA SER MA 123 82.23 10.52 -68.51
C SER MA 123 81.97 9.81 -69.84
N SER MA 124 83.05 9.42 -70.51
CA SER MA 124 83.01 8.74 -71.80
C SER MA 124 84.21 7.81 -71.91
N TRP MA 125 84.53 7.40 -73.14
CA TRP MA 125 85.66 6.52 -73.39
C TRP MA 125 86.29 6.94 -74.71
N ARG MA 126 87.54 7.40 -74.65
CA ARG MA 126 88.21 8.05 -75.78
C ARG MA 126 89.55 7.38 -76.06
N ASP MA 127 90.40 8.03 -76.86
CA ASP MA 127 91.67 7.44 -77.28
C ASP MA 127 92.63 7.34 -76.11
N GLY MA 128 92.58 6.19 -75.41
CA GLY MA 128 93.43 5.94 -74.27
C GLY MA 128 93.18 6.84 -73.08
N VAL MA 129 91.99 7.45 -72.99
CA VAL MA 129 91.75 8.55 -72.06
C VAL MA 129 90.27 8.60 -71.74
N ILE MA 130 89.96 9.02 -70.51
CA ILE MA 130 88.59 9.19 -70.03
C ILE MA 130 88.28 10.68 -70.07
N ARG MA 131 87.24 11.06 -70.82
CA ARG MA 131 86.87 12.46 -70.91
C ARG MA 131 85.75 12.76 -69.91
N GLN MA 132 86.05 13.61 -68.93
CA GLN MA 132 85.14 13.92 -67.84
C GLN MA 132 84.69 15.36 -67.96
N PHE MA 133 83.37 15.56 -68.04
CA PHE MA 133 82.77 16.87 -68.20
C PHE MA 133 82.39 17.46 -66.84
N GLU MA 134 82.16 18.77 -66.82
CA GLU MA 134 81.62 19.45 -65.64
C GLU MA 134 80.10 19.51 -65.67
N THR MA 135 79.52 20.06 -66.73
CA THR MA 135 78.07 20.22 -66.82
C THR MA 135 77.41 18.93 -67.25
N VAL MA 136 76.15 18.78 -66.87
CA VAL MA 136 75.35 17.60 -67.22
C VAL MA 136 74.49 18.01 -68.42
N ASP MA 137 74.78 17.42 -69.58
CA ASP MA 137 73.97 17.61 -70.78
C ASP MA 137 73.14 16.35 -70.99
N VAL MA 138 71.82 16.49 -70.88
CA VAL MA 138 70.92 15.35 -70.83
C VAL MA 138 70.24 15.18 -72.18
N SER MA 139 70.43 14.03 -72.82
CA SER MA 139 69.77 13.72 -74.07
C SER MA 139 68.43 13.05 -73.78
N VAL MA 140 67.35 13.63 -74.28
CA VAL MA 140 66.00 13.13 -74.03
C VAL MA 140 65.48 12.49 -75.31
N ALA MA 141 64.99 11.25 -75.20
CA ALA MA 141 64.50 10.53 -76.37
C ALA MA 141 63.09 10.98 -76.72
N VAL MA 142 62.89 11.34 -77.98
CA VAL MA 142 61.59 11.76 -78.49
C VAL MA 142 61.14 10.76 -79.54
N ALA MA 143 59.93 10.23 -79.39
CA ALA MA 143 59.40 9.21 -80.29
C ALA MA 143 58.67 9.89 -81.44
N THR MA 144 59.31 9.90 -82.60
CA THR MA 144 58.78 10.42 -83.86
C THR MA 144 58.40 9.25 -84.77
N PRO MA 145 57.48 9.44 -85.72
CA PRO MA 145 57.12 8.35 -86.65
C PRO MA 145 58.27 7.92 -87.57
N ASN MA 146 59.32 8.72 -87.69
CA ASN MA 146 60.56 8.33 -88.35
C ASN MA 146 61.58 7.75 -87.38
N GLY MA 147 61.13 7.17 -86.27
CA GLY MA 147 62.03 6.44 -85.39
C GLY MA 147 62.34 7.11 -84.06
N LEU MA 148 63.61 7.43 -83.84
CA LEU MA 148 64.04 7.93 -82.54
C LEU MA 148 65.07 9.03 -82.75
N ILE MA 149 64.95 10.09 -81.95
CA ILE MA 149 65.92 11.18 -81.95
C ILE MA 149 66.14 11.58 -80.49
N THR MA 150 67.33 12.11 -80.19
CA THR MA 150 67.72 12.51 -78.83
C THR MA 150 68.22 13.94 -78.83
N PRO MA 151 67.32 14.93 -78.75
CA PRO MA 151 67.78 16.31 -78.51
C PRO MA 151 68.30 16.48 -77.10
N ILE MA 152 69.22 17.43 -76.94
CA ILE MA 152 70.01 17.60 -75.74
C ILE MA 152 69.58 18.87 -75.01
N VAL MA 153 69.35 18.75 -73.72
CA VAL MA 153 69.20 19.89 -72.81
C VAL MA 153 70.56 20.15 -72.21
N LYS MA 154 71.10 21.33 -72.49
CA LYS MA 154 72.46 21.69 -72.06
C LYS MA 154 72.43 22.44 -70.75
N GLY MA 155 73.40 22.12 -69.88
CA GLY MA 155 73.55 22.76 -68.60
C GLY MA 155 72.39 22.54 -67.66
N VAL MA 156 72.17 21.27 -67.28
CA VAL MA 156 70.98 20.90 -66.53
C VAL MA 156 71.06 21.39 -65.09
N GLU MA 157 72.20 21.18 -64.44
CA GLU MA 157 72.36 21.64 -63.06
C GLU MA 157 72.45 23.16 -63.05
N GLY MA 158 71.73 23.77 -62.12
CA GLY MA 158 71.60 25.21 -62.08
C GLY MA 158 70.90 25.82 -63.28
N LYS MA 159 69.74 25.27 -63.65
CA LYS MA 159 69.01 25.80 -64.81
C LYS MA 159 67.60 26.23 -64.47
N GLY MA 160 66.88 25.46 -63.66
CA GLY MA 160 65.51 25.80 -63.35
C GLY MA 160 64.51 24.88 -64.03
N LEU MA 161 63.44 24.54 -63.30
CA LEU MA 161 62.48 23.57 -63.79
C LEU MA 161 61.63 24.13 -64.93
N GLU MA 162 61.34 25.42 -64.89
CA GLU MA 162 60.57 26.04 -65.97
C GLU MA 162 61.41 26.14 -67.24
N SER MA 163 62.71 26.41 -67.10
CA SER MA 163 63.61 26.43 -68.24
C SER MA 163 63.77 25.04 -68.83
N ILE MA 164 63.84 24.01 -67.98
CA ILE MA 164 63.93 22.63 -68.43
C ILE MA 164 62.67 22.22 -69.18
N SER MA 165 61.50 22.58 -68.63
CA SER MA 165 60.22 22.26 -69.26
C SER MA 165 60.08 22.97 -70.61
N ALA MA 166 60.51 24.24 -70.67
CA ALA MA 166 60.44 24.99 -71.92
C ALA MA 166 61.36 24.41 -72.97
N ALA MA 167 62.59 24.03 -72.58
CA ALA MA 167 63.53 23.46 -73.54
C ALA MA 167 63.09 22.08 -74.02
N VAL MA 168 62.51 21.28 -73.13
CA VAL MA 168 62.00 19.96 -73.51
C VAL MA 168 60.81 20.09 -74.45
N LYS MA 169 59.92 21.05 -74.21
CA LYS MA 169 58.77 21.25 -75.09
C LYS MA 169 59.20 21.77 -76.47
N GLU MA 170 60.14 22.74 -76.49
CA GLU MA 170 60.71 23.24 -77.73
C GLU MA 170 61.35 22.13 -78.56
N LEU MA 171 62.21 21.33 -77.93
CA LEU MA 171 62.93 20.29 -78.66
C LEU MA 171 62.00 19.16 -79.09
N ALA MA 172 60.96 18.86 -78.30
CA ALA MA 172 60.01 17.81 -78.67
C ALA MA 172 59.14 18.24 -79.85
N LYS MA 173 58.65 19.48 -79.84
CA LYS MA 173 57.81 19.92 -80.96
C LYS MA 173 58.65 20.13 -82.22
N LYS MA 174 59.92 20.51 -82.06
CA LYS MA 174 60.79 20.61 -83.23
C LYS MA 174 61.22 19.23 -83.72
N ALA MA 175 61.22 18.22 -82.84
CA ALA MA 175 61.48 16.86 -83.28
C ALA MA 175 60.29 16.29 -84.03
N ARG MA 176 59.08 16.67 -83.61
CA ARG MA 176 57.89 16.26 -84.34
C ARG MA 176 57.78 16.96 -85.69
N ASP MA 177 58.23 18.21 -85.78
CA ASP MA 177 58.26 18.90 -87.07
C ASP MA 177 59.50 18.59 -87.91
N GLY MA 178 60.52 17.97 -87.33
CA GLY MA 178 61.71 17.57 -88.06
C GLY MA 178 62.59 18.73 -88.49
N LYS MA 179 62.93 19.63 -87.56
CA LYS MA 179 63.62 20.88 -87.89
C LYS MA 179 64.83 21.07 -86.98
N LEU MA 180 65.70 20.08 -86.89
CA LEU MA 180 66.83 20.11 -85.97
C LEU MA 180 68.15 20.33 -86.71
N LYS MA 181 69.10 20.93 -86.01
CA LYS MA 181 70.51 21.08 -86.33
C LYS MA 181 71.28 19.90 -85.73
N PRO MA 182 72.38 19.48 -86.37
CA PRO MA 182 73.15 18.33 -85.82
C PRO MA 182 73.81 18.61 -84.48
N GLU MA 183 74.06 19.86 -84.15
CA GLU MA 183 74.58 20.23 -82.84
C GLU MA 183 73.53 20.13 -81.74
N GLU MA 184 72.25 19.96 -82.09
CA GLU MA 184 71.19 19.80 -81.11
C GLU MA 184 70.94 18.36 -80.72
N TYR MA 185 71.42 17.38 -81.52
CA TYR MA 185 71.22 15.98 -81.17
C TYR MA 185 72.51 15.17 -81.31
N GLN MA 186 73.65 15.85 -81.44
CA GLN MA 186 74.94 15.17 -81.49
C GLN MA 186 75.79 15.67 -80.31
N GLY MA 187 75.95 14.82 -79.31
CA GLY MA 187 76.70 15.19 -78.12
C GLY MA 187 76.10 14.59 -76.86
N GLY MA 188 76.06 15.37 -75.79
CA GLY MA 188 75.48 14.92 -74.54
C GLY MA 188 76.40 14.06 -73.71
N SER MA 189 76.15 14.02 -72.40
CA SER MA 189 76.94 13.20 -71.48
C SER MA 189 76.15 12.06 -70.86
N ILE MA 190 74.82 12.14 -70.84
CA ILE MA 190 73.97 11.11 -70.26
C ILE MA 190 72.61 11.18 -70.96
N SER MA 191 71.90 10.06 -70.99
CA SER MA 191 70.64 9.93 -71.70
C SER MA 191 69.55 9.47 -70.75
N ILE MA 192 68.30 9.58 -71.22
CA ILE MA 192 67.14 9.10 -70.47
C ILE MA 192 66.06 8.69 -71.48
N SER MA 193 65.48 7.51 -71.26
CA SER MA 193 64.38 7.01 -72.08
C SER MA 193 63.14 6.94 -71.20
N ASN MA 194 62.06 7.52 -71.69
CA ASN MA 194 60.83 7.71 -70.91
C ASN MA 194 59.70 6.91 -71.55
N MET MA 195 59.04 6.07 -70.76
CA MET MA 195 57.90 5.29 -71.21
C MET MA 195 56.76 5.31 -70.20
N GLY MA 196 56.50 6.48 -69.63
CA GLY MA 196 55.42 6.60 -68.65
C GLY MA 196 54.04 6.74 -69.27
N MET MA 197 53.96 7.07 -70.56
CA MET MA 197 52.67 7.21 -71.20
C MET MA 197 52.05 5.84 -71.48
N ASN MA 198 52.87 4.80 -71.56
CA ASN MA 198 52.39 3.44 -71.73
C ASN MA 198 52.27 2.79 -70.36
N PRO MA 199 51.05 2.49 -69.90
CA PRO MA 199 50.89 1.91 -68.56
C PRO MA 199 51.23 0.43 -68.48
N ALA MA 200 51.52 -0.22 -69.61
CA ALA MA 200 51.86 -1.64 -69.57
C ALA MA 200 53.32 -1.87 -69.20
N VAL MA 201 54.20 -0.95 -69.56
CA VAL MA 201 55.64 -1.13 -69.37
C VAL MA 201 55.97 -0.94 -67.90
N GLN MA 202 56.11 -2.05 -67.18
CA GLN MA 202 56.54 -1.97 -65.78
C GLN MA 202 58.03 -1.68 -65.68
N SER MA 203 58.83 -2.28 -66.56
CA SER MA 203 60.28 -2.11 -66.54
C SER MA 203 60.81 -2.43 -67.92
N PHE MA 204 61.86 -1.71 -68.32
CA PHE MA 204 62.55 -2.01 -69.57
C PHE MA 204 63.98 -1.53 -69.46
N THR MA 205 64.83 -2.07 -70.34
CA THR MA 205 66.22 -1.67 -70.45
C THR MA 205 66.43 -0.92 -71.75
N ALA MA 206 67.52 -0.16 -71.81
CA ALA MA 206 67.85 0.63 -72.99
C ALA MA 206 69.30 0.37 -73.37
N ILE MA 207 69.64 0.73 -74.60
CA ILE MA 207 70.98 0.60 -75.12
C ILE MA 207 71.68 1.94 -75.03
N ILE MA 208 72.92 1.93 -74.54
CA ILE MA 208 73.66 3.17 -74.32
C ILE MA 208 74.07 3.78 -75.66
N ASN MA 209 73.72 5.05 -75.86
CA ASN MA 209 74.14 5.77 -77.05
C ASN MA 209 75.63 6.09 -76.94
N PRO MA 210 76.45 5.65 -77.90
CA PRO MA 210 77.87 5.96 -77.84
C PRO MA 210 78.12 7.41 -78.18
N PRO MA 211 79.15 8.04 -77.59
CA PRO MA 211 80.12 7.47 -76.65
C PRO MA 211 79.80 7.72 -75.18
N GLN MA 212 78.53 7.79 -74.81
CA GLN MA 212 78.18 8.05 -73.42
C GLN MA 212 78.40 6.79 -72.57
N ALA MA 213 78.27 6.97 -71.25
CA ALA MA 213 78.59 5.91 -70.31
C ALA MA 213 77.37 5.30 -69.62
N ALA MA 214 76.23 5.98 -69.62
CA ALA MA 214 75.07 5.47 -68.90
C ALA MA 214 73.80 5.91 -69.63
N ILE MA 215 72.72 5.18 -69.38
CA ILE MA 215 71.40 5.55 -69.89
C ILE MA 215 70.35 5.17 -68.84
N LEU MA 216 69.33 6.00 -68.70
CA LEU MA 216 68.26 5.75 -67.75
C LEU MA 216 67.04 5.23 -68.49
N ALA MA 217 66.21 4.45 -67.79
CA ALA MA 217 64.98 3.91 -68.36
C ALA MA 217 63.91 3.94 -67.27
N VAL MA 218 62.79 4.58 -67.54
CA VAL MA 218 61.78 4.86 -66.53
C VAL MA 218 60.47 4.17 -66.91
N GLY MA 219 59.96 3.30 -66.03
CA GLY MA 219 58.75 2.58 -66.31
C GLY MA 219 57.51 3.26 -65.77
N ALA MA 220 56.36 2.69 -66.11
CA ALA MA 220 55.07 3.23 -65.71
C ALA MA 220 54.89 3.10 -64.20
N PRO MA 221 54.25 4.09 -63.57
CA PRO MA 221 53.98 3.99 -62.14
C PRO MA 221 52.88 2.99 -61.83
N GLN MA 222 53.03 2.33 -60.69
CA GLN MA 222 52.08 1.33 -60.20
C GLN MA 222 51.88 1.48 -58.71
N LYS MA 223 50.78 0.96 -58.19
CA LYS MA 223 50.49 1.00 -56.76
C LYS MA 223 51.11 -0.22 -56.07
N VAL MA 224 52.00 0.03 -55.12
CA VAL MA 224 52.68 -1.02 -54.37
C VAL MA 224 52.30 -0.89 -52.90
N ALA MA 225 51.97 -2.00 -52.26
CA ALA MA 225 51.63 -2.01 -50.84
C ALA MA 225 52.88 -1.77 -50.00
N VAL MA 226 52.81 -0.77 -49.14
CA VAL MA 226 53.94 -0.34 -48.30
C VAL MA 226 53.46 -0.29 -46.85
N PRO MA 227 54.21 -0.86 -45.90
CA PRO MA 227 53.74 -0.87 -44.51
C PRO MA 227 53.79 0.50 -43.86
N VAL MA 228 52.88 0.72 -42.92
CA VAL MA 228 52.77 1.98 -42.21
C VAL MA 228 52.38 1.69 -40.76
N GLU MA 229 52.95 2.46 -39.83
CA GLU MA 229 52.52 2.40 -38.44
C GLU MA 229 51.38 3.39 -38.25
N ASN MA 230 50.37 2.97 -37.50
CA ASN MA 230 49.38 3.91 -37.02
C ASN MA 230 49.91 4.52 -35.71
N GLU MA 231 49.07 5.29 -35.01
CA GLU MA 231 49.49 5.84 -33.72
C GLU MA 231 49.37 4.84 -32.58
N ASP MA 232 49.01 3.58 -32.86
CA ASP MA 232 49.16 2.48 -31.93
C ASP MA 232 50.22 1.51 -32.46
N GLY MA 233 50.39 0.40 -31.77
CA GLY MA 233 51.53 -0.49 -32.02
C GLY MA 233 51.44 -1.31 -33.30
N THR MA 234 50.26 -1.48 -33.87
CA THR MA 234 50.11 -2.40 -35.00
C THR MA 234 50.58 -1.77 -36.30
N THR MA 235 50.86 -2.62 -37.29
CA THR MA 235 51.21 -2.16 -38.63
C THR MA 235 50.00 -2.15 -39.54
N GLY MA 236 50.11 -1.42 -40.66
CA GLY MA 236 49.01 -1.26 -41.58
C GLY MA 236 49.46 -1.45 -43.03
N VAL MA 237 48.52 -1.19 -43.93
CA VAL MA 237 48.77 -1.24 -45.36
C VAL MA 237 48.53 0.15 -45.93
N SER MA 238 49.57 0.75 -46.49
CA SER MA 238 49.46 2.00 -47.23
C SER MA 238 49.82 1.73 -48.68
N TRP MA 239 49.22 2.51 -49.58
CA TRP MA 239 49.41 2.33 -51.01
C TRP MA 239 50.31 3.45 -51.53
N ASP MA 240 51.48 3.08 -52.00
CA ASP MA 240 52.50 4.02 -52.46
C ASP MA 240 52.64 3.94 -53.98
N GLU MA 241 52.85 5.09 -54.61
CA GLU MA 241 53.07 5.15 -56.05
C GLU MA 241 54.55 4.95 -56.31
N GLN MA 242 54.91 3.83 -56.92
CA GLN MA 242 56.31 3.50 -57.19
C GLN MA 242 56.57 3.43 -58.68
N ILE MA 243 57.81 3.75 -59.06
CA ILE MA 243 58.25 3.76 -60.44
C ILE MA 243 59.53 2.94 -60.53
N ILE MA 244 59.56 1.96 -61.41
CA ILE MA 244 60.75 1.13 -61.59
C ILE MA 244 61.69 1.84 -62.56
N VAL MA 245 62.91 2.11 -62.09
CA VAL MA 245 63.93 2.84 -62.83
C VAL MA 245 65.12 1.92 -63.03
N THR MA 246 65.50 1.68 -64.28
CA THR MA 246 66.63 0.82 -64.62
C THR MA 246 67.70 1.66 -65.29
N ALA MA 247 68.90 1.66 -64.72
CA ALA MA 247 70.02 2.39 -65.27
C ALA MA 247 71.03 1.41 -65.85
N SER MA 248 71.34 1.57 -67.13
CA SER MA 248 72.31 0.72 -67.81
C SER MA 248 73.64 1.46 -67.87
N PHE MA 249 74.68 0.83 -67.33
CA PHE MA 249 76.02 1.41 -67.26
C PHE MA 249 76.98 0.61 -68.13
N ASP MA 250 78.05 1.29 -68.54
CA ASP MA 250 79.18 0.68 -69.23
C ASP MA 250 80.24 0.34 -68.21
N HIS MA 251 80.70 -0.92 -68.22
CA HIS MA 251 81.60 -1.39 -67.16
C HIS MA 251 83.04 -0.96 -67.37
N LYS MA 252 83.38 -0.39 -68.52
CA LYS MA 252 84.73 0.12 -68.72
C LYS MA 252 84.97 1.40 -67.94
N VAL MA 253 83.93 2.19 -67.70
CA VAL MA 253 84.02 3.46 -67.01
C VAL MA 253 83.44 3.36 -65.59
N VAL MA 254 82.24 2.80 -65.47
CA VAL MA 254 81.50 2.79 -64.21
C VAL MA 254 81.51 1.37 -63.66
N ASP MA 255 81.91 1.22 -62.40
CA ASP MA 255 81.79 -0.06 -61.72
C ASP MA 255 80.45 -0.15 -61.00
N GLY MA 256 80.22 -1.31 -60.38
CA GLY MA 256 78.93 -1.56 -59.75
C GLY MA 256 78.70 -0.73 -58.52
N ALA MA 257 79.77 -0.47 -57.75
CA ALA MA 257 79.65 0.38 -56.57
C ALA MA 257 79.39 1.83 -56.95
N VAL MA 258 80.01 2.30 -58.04
CA VAL MA 258 79.79 3.66 -58.51
C VAL MA 258 78.37 3.82 -59.05
N GLY MA 259 77.89 2.81 -59.77
CA GLY MA 259 76.51 2.83 -60.24
C GLY MA 259 75.50 2.76 -59.11
N ALA MA 260 75.83 2.01 -58.05
CA ALA MA 260 74.96 1.92 -56.89
C ALA MA 260 74.93 3.23 -56.11
N GLU MA 261 76.07 3.92 -56.02
CA GLU MA 261 76.10 5.24 -55.39
C GLU MA 261 75.31 6.27 -56.20
N TRP MA 262 75.42 6.22 -57.53
CA TRP MA 262 74.64 7.10 -58.39
C TRP MA 262 73.14 6.84 -58.24
N ILE MA 263 72.75 5.57 -58.21
CA ILE MA 263 71.35 5.19 -58.02
C ILE MA 263 70.85 5.60 -56.64
N ARG MA 264 71.70 5.50 -55.61
CA ARG MA 264 71.32 5.89 -54.26
C ARG MA 264 71.12 7.40 -54.15
N GLU MA 265 72.00 8.18 -54.78
CA GLU MA 265 71.84 9.64 -54.75
C GLU MA 265 70.62 10.08 -55.54
N LEU MA 266 70.36 9.42 -56.68
CA LEU MA 266 69.17 9.72 -57.46
C LEU MA 266 67.89 9.39 -56.68
N LYS MA 267 67.90 8.25 -55.98
CA LYS MA 267 66.75 7.86 -55.16
C LYS MA 267 66.56 8.80 -53.98
N LYS MA 268 67.66 9.30 -53.41
CA LYS MA 268 67.56 10.26 -52.31
C LYS MA 268 66.96 11.58 -52.77
N VAL MA 269 67.44 12.11 -53.90
CA VAL MA 269 66.92 13.37 -54.42
C VAL MA 269 65.48 13.23 -54.89
N ILE MA 270 65.09 12.05 -55.39
CA ILE MA 270 63.71 11.86 -55.83
C ILE MA 270 62.77 11.70 -54.64
N GLU MA 271 63.13 10.86 -53.67
CA GLU MA 271 62.24 10.60 -52.54
C GLU MA 271 62.26 11.72 -51.50
N ASN MA 272 63.21 12.64 -51.57
CA ASN MA 272 63.17 13.87 -50.78
C ASN MA 272 63.18 15.03 -51.76
N PRO MA 273 62.00 15.51 -52.17
CA PRO MA 273 61.94 16.49 -53.27
C PRO MA 273 62.40 17.88 -52.87
N LEU MA 274 62.58 18.16 -51.57
CA LEU MA 274 63.12 19.44 -51.15
C LEU MA 274 64.62 19.55 -51.38
N GLU MA 275 65.30 18.43 -51.68
CA GLU MA 275 66.72 18.44 -51.97
C GLU MA 275 67.04 18.91 -53.38
N LEU MA 276 66.02 19.17 -54.20
CA LEU MA 276 66.25 19.75 -55.52
C LEU MA 276 66.66 21.21 -55.45
N LEU MA 277 66.42 21.87 -54.32
CA LEU MA 277 66.89 23.23 -54.11
C LEU MA 277 68.41 23.25 -54.00
N LEU MA 278 68.97 22.32 -53.25
CA LEU MA 278 70.41 22.24 -53.04
C LEU MA 278 71.09 21.61 -54.24
N TYR NA 47 -6.56 -6.01 -113.36
CA TYR NA 47 -6.77 -4.58 -113.63
C TYR NA 47 -5.45 -3.95 -114.09
N THR NA 48 -4.58 -3.65 -113.13
CA THR NA 48 -3.26 -3.14 -113.45
C THR NA 48 -2.32 -4.31 -113.73
N ASP NA 49 -1.71 -4.29 -114.91
CA ASP NA 49 -1.00 -5.41 -115.50
C ASP NA 49 0.43 -5.01 -115.89
N VAL NA 50 1.17 -4.48 -114.92
CA VAL NA 50 2.60 -4.21 -115.08
C VAL NA 50 3.31 -5.52 -115.41
N PRO NA 51 4.25 -5.52 -116.35
CA PRO NA 51 4.90 -6.77 -116.76
C PRO NA 51 6.02 -7.18 -115.81
N ILE NA 52 6.45 -8.43 -115.96
CA ILE NA 52 7.56 -8.96 -115.18
C ILE NA 52 8.85 -8.32 -115.67
N SER NA 53 9.77 -8.04 -114.74
CA SER NA 53 11.00 -7.31 -115.06
C SER NA 53 11.94 -8.13 -115.94
N GLY NA 54 11.82 -9.45 -115.95
CA GLY NA 54 12.72 -10.29 -116.69
C GLY NA 54 13.83 -10.83 -115.81
N MET NA 55 14.30 -9.97 -114.89
CA MET NA 55 15.21 -10.42 -113.84
C MET NA 55 14.51 -11.34 -112.86
N ARG NA 56 13.22 -11.10 -112.58
CA ARG NA 56 12.42 -11.98 -111.73
C ARG NA 56 12.20 -13.36 -112.34
N LYS NA 57 12.25 -13.48 -113.66
CA LYS NA 57 12.00 -14.75 -114.32
C LYS NA 57 13.12 -15.75 -114.03
N THR NA 58 14.35 -15.28 -113.98
CA THR NA 58 15.48 -16.15 -113.66
C THR NA 58 15.43 -16.62 -112.21
N ILE NA 59 15.04 -15.75 -111.28
CA ILE NA 59 14.92 -16.14 -109.88
C ILE NA 59 13.74 -17.10 -109.70
N ALA NA 60 12.67 -16.91 -110.46
CA ALA NA 60 11.52 -17.82 -110.40
C ALA NA 60 11.89 -19.20 -110.93
N ALA NA 61 12.64 -19.24 -112.03
CA ALA NA 61 13.10 -20.52 -112.57
C ALA NA 61 14.10 -21.19 -111.63
N ARG NA 62 14.93 -20.39 -110.94
CA ARG NA 62 15.91 -20.95 -110.00
C ARG NA 62 15.22 -21.53 -108.76
N LEU NA 63 14.22 -20.84 -108.24
CA LEU NA 63 13.45 -21.38 -107.11
C LEU NA 63 12.63 -22.59 -107.52
N LYS NA 64 12.17 -22.61 -108.78
CA LYS NA 64 11.51 -23.79 -109.32
C LYS NA 64 12.46 -24.98 -109.37
N GLU NA 65 13.70 -24.76 -109.84
CA GLU NA 65 14.73 -25.80 -109.83
C GLU NA 65 15.01 -26.30 -108.43
N SER NA 66 15.06 -25.37 -107.47
CA SER NA 66 15.34 -25.73 -106.08
C SER NA 66 14.24 -26.61 -105.49
N VAL NA 67 12.98 -26.22 -105.68
CA VAL NA 67 11.90 -26.99 -105.09
C VAL NA 67 11.61 -28.27 -105.87
N THR NA 68 12.06 -28.35 -107.13
CA THR NA 68 11.74 -29.57 -107.87
C THR NA 68 12.89 -30.57 -107.86
N GLU NA 69 14.10 -30.15 -107.47
CA GLU NA 69 15.20 -31.10 -107.45
C GLU NA 69 15.68 -31.35 -106.02
N ASN NA 70 15.31 -30.47 -105.10
CA ASN NA 70 15.69 -30.64 -103.70
C ASN NA 70 14.47 -30.99 -102.87
N PRO NA 71 14.31 -32.24 -102.41
CA PRO NA 71 13.25 -32.53 -101.44
C PRO NA 71 13.58 -31.96 -100.08
N HIS NA 72 12.95 -30.85 -99.72
CA HIS NA 72 13.27 -30.15 -98.50
C HIS NA 72 12.64 -30.82 -97.29
N PHE NA 73 13.32 -30.73 -96.16
CA PHE NA 73 12.70 -31.02 -94.88
C PHE NA 73 13.25 -30.05 -93.84
N PHE NA 74 12.38 -29.60 -92.94
CA PHE NA 74 12.70 -28.57 -91.99
C PHE NA 74 12.94 -29.16 -90.61
N VAL NA 75 13.91 -28.58 -89.89
CA VAL NA 75 14.18 -28.93 -88.50
C VAL NA 75 14.15 -27.62 -87.70
N SER NA 76 13.27 -27.53 -86.72
CA SER NA 76 13.09 -26.33 -85.93
C SER NA 76 13.66 -26.52 -84.53
N THR NA 77 14.15 -25.41 -83.96
CA THR NA 77 14.68 -25.42 -82.61
C THR NA 77 14.49 -24.04 -82.01
N ASN NA 78 14.69 -23.94 -80.70
CA ASN NA 78 14.63 -22.68 -79.98
C ASN NA 78 15.96 -22.45 -79.28
N LEU NA 79 16.69 -21.43 -79.72
CA LEU NA 79 17.97 -21.08 -79.14
C LEU NA 79 17.78 -20.03 -78.06
N SER NA 80 18.38 -20.26 -76.89
CA SER NA 80 18.37 -19.26 -75.83
C SER NA 80 19.56 -18.33 -76.03
N VAL NA 81 19.29 -17.03 -76.13
CA VAL NA 81 20.29 -16.04 -76.45
C VAL NA 81 20.49 -15.04 -75.30
N SER NA 82 20.08 -15.41 -74.09
CA SER NA 82 20.21 -14.51 -72.94
C SER NA 82 21.66 -14.32 -72.53
N LYS NA 83 22.51 -15.32 -72.76
CA LYS NA 83 23.94 -15.16 -72.51
C LYS NA 83 24.66 -14.56 -73.72
N LEU NA 84 24.15 -14.83 -74.92
CA LEU NA 84 24.74 -14.26 -76.13
C LEU NA 84 24.54 -12.76 -76.17
N LEU NA 85 23.39 -12.27 -75.70
CA LEU NA 85 23.16 -10.83 -75.65
C LEU NA 85 24.03 -10.16 -74.59
N LYS NA 86 24.30 -10.85 -73.48
CA LYS NA 86 25.19 -10.31 -72.46
C LYS NA 86 26.63 -10.25 -72.96
N LEU NA 87 27.06 -11.28 -73.70
CA LEU NA 87 28.41 -11.26 -74.29
C LEU NA 87 28.54 -10.17 -75.34
N ARG NA 88 27.48 -9.97 -76.14
CA ARG NA 88 27.50 -8.91 -77.15
C ARG NA 88 27.51 -7.53 -76.50
N GLN NA 89 26.77 -7.37 -75.40
CA GLN NA 89 26.75 -6.10 -74.69
C GLN NA 89 28.11 -5.79 -74.07
N ALA NA 90 28.77 -6.81 -73.51
CA ALA NA 90 30.10 -6.61 -72.93
C ALA NA 90 31.13 -6.28 -74.00
N LEU NA 91 31.08 -6.99 -75.13
CA LEU NA 91 32.06 -6.76 -76.20
C LEU NA 91 31.81 -5.43 -76.89
N ASN NA 92 30.56 -4.95 -76.89
CA ASN NA 92 30.28 -3.63 -77.47
C ASN NA 92 30.64 -2.52 -76.50
N SER NA 93 30.47 -2.75 -75.19
CA SER NA 93 30.81 -1.72 -74.22
C SER NA 93 32.32 -1.58 -74.05
N SER NA 94 33.07 -2.67 -74.24
CA SER NA 94 34.53 -2.61 -74.17
C SER NA 94 35.13 -2.27 -75.52
N ALA NA 95 34.78 -1.09 -76.03
CA ALA NA 95 35.27 -0.63 -77.32
C ALA NA 95 35.28 0.89 -77.34
N ASP NA 96 35.97 1.45 -78.33
CA ASP NA 96 36.06 2.89 -78.54
C ASP NA 96 35.44 3.29 -79.87
N GLY NA 97 34.38 2.59 -80.28
CA GLY NA 97 33.81 2.81 -81.60
C GLY NA 97 34.55 2.12 -82.72
N ARG NA 98 35.41 1.15 -82.41
CA ARG NA 98 36.13 0.43 -83.47
C ARG NA 98 35.23 -0.56 -84.19
N TYR NA 99 34.26 -1.13 -83.48
CA TYR NA 99 33.38 -2.14 -84.07
C TYR NA 99 32.01 -2.04 -83.44
N LYS NA 100 31.05 -2.76 -84.03
CA LYS NA 100 29.70 -2.87 -83.50
C LYS NA 100 29.19 -4.27 -83.82
N LEU NA 101 28.91 -5.05 -82.78
CA LEU NA 101 28.57 -6.46 -82.94
C LEU NA 101 27.06 -6.64 -82.96
N SER NA 102 26.61 -7.63 -83.74
CA SER NA 102 25.21 -8.00 -83.84
C SER NA 102 25.07 -9.50 -83.58
N VAL NA 103 23.81 -9.95 -83.56
CA VAL NA 103 23.53 -11.36 -83.31
C VAL NA 103 23.91 -12.20 -84.53
N ASN NA 104 23.88 -11.59 -85.72
CA ASN NA 104 24.20 -12.30 -86.95
C ASN NA 104 25.66 -12.71 -87.02
N ASP NA 105 26.55 -11.97 -86.34
CA ASP NA 105 27.96 -12.34 -86.28
C ASP NA 105 28.16 -13.62 -85.49
N PHE NA 106 27.53 -13.72 -84.32
CA PHE NA 106 27.58 -14.93 -83.51
C PHE NA 106 26.92 -16.09 -84.24
N LEU NA 107 25.84 -15.81 -84.98
CA LEU NA 107 25.15 -16.86 -85.72
C LEU NA 107 26.00 -17.40 -86.87
N ILE NA 108 26.71 -16.52 -87.57
CA ILE NA 108 27.56 -16.93 -88.68
C ILE NA 108 28.77 -17.71 -88.16
N LYS NA 109 29.35 -17.27 -87.03
CA LYS NA 109 30.46 -18.01 -86.42
C LYS NA 109 30.02 -19.38 -85.91
N ALA NA 110 28.82 -19.46 -85.31
CA ALA NA 110 28.31 -20.74 -84.83
C ALA NA 110 27.96 -21.66 -85.98
N MET NA 111 27.49 -21.10 -87.11
CA MET NA 111 27.26 -21.90 -88.30
C MET NA 111 28.55 -22.46 -88.86
N GLY NA 112 29.62 -21.67 -88.81
CA GLY NA 112 30.92 -22.17 -89.24
C GLY NA 112 31.45 -23.28 -88.36
N ILE NA 113 31.28 -23.12 -87.04
CA ILE NA 113 31.72 -24.14 -86.09
C ILE NA 113 30.91 -25.43 -86.27
N ALA NA 114 29.60 -25.30 -86.44
CA ALA NA 114 28.74 -26.47 -86.61
C ALA NA 114 28.97 -27.17 -87.95
N SER NA 115 29.25 -26.41 -89.01
CA SER NA 115 29.55 -27.03 -90.29
C SER NA 115 30.93 -27.65 -90.32
N LYS NA 116 31.86 -27.16 -89.50
CA LYS NA 116 33.14 -27.84 -89.36
C LYS NA 116 33.01 -29.11 -88.54
N ARG NA 117 32.15 -29.12 -87.53
CA ARG NA 117 31.96 -30.33 -86.73
C ARG NA 117 31.16 -31.40 -87.46
N VAL NA 118 30.14 -31.02 -88.22
CA VAL NA 118 29.38 -31.95 -89.04
C VAL NA 118 29.62 -31.60 -90.51
N PRO NA 119 30.61 -32.21 -91.17
CA PRO NA 119 30.95 -31.79 -92.54
C PRO NA 119 30.01 -32.32 -93.61
N THR NA 120 29.02 -33.16 -93.26
CA THR NA 120 28.10 -33.67 -94.26
C THR NA 120 27.14 -32.60 -94.74
N VAL NA 121 26.78 -31.65 -93.87
CA VAL NA 121 25.89 -30.55 -94.25
C VAL NA 121 26.61 -29.58 -95.18
N ASN NA 122 27.93 -29.44 -95.04
CA ASN NA 122 28.71 -28.55 -95.89
C ASN NA 122 29.08 -29.29 -97.17
N SER NA 123 28.10 -29.46 -98.03
CA SER NA 123 28.28 -30.22 -99.27
C SER NA 123 27.32 -29.68 -100.33
N SER NA 124 27.24 -30.39 -101.45
CA SER NA 124 26.40 -30.02 -102.59
C SER NA 124 25.95 -31.29 -103.29
N TRP NA 125 25.50 -31.14 -104.54
CA TRP NA 125 25.06 -32.27 -105.34
C TRP NA 125 25.45 -32.01 -106.79
N ARG NA 126 26.34 -32.86 -107.32
CA ARG NA 126 27.00 -32.62 -108.60
C ARG NA 126 26.82 -33.83 -109.52
N ASP NA 127 27.59 -33.90 -110.61
CA ASP NA 127 27.43 -34.94 -111.62
C ASP NA 127 27.86 -36.28 -111.05
N GLY NA 128 26.91 -37.00 -110.47
CA GLY NA 128 27.15 -38.30 -109.89
C GLY NA 128 28.08 -38.30 -108.69
N VAL NA 129 28.23 -37.17 -108.01
CA VAL NA 129 29.30 -36.97 -107.05
C VAL NA 129 28.87 -35.91 -106.05
N ILE NA 130 29.34 -36.06 -104.81
CA ILE NA 130 29.09 -35.13 -103.72
C ILE NA 130 30.34 -34.28 -103.54
N ARG NA 131 30.21 -32.96 -103.68
CA ARG NA 131 31.35 -32.07 -103.53
C ARG NA 131 31.37 -31.52 -102.11
N GLN NA 132 32.41 -31.88 -101.36
CA GLN NA 132 32.55 -31.54 -99.95
C GLN NA 132 33.70 -30.56 -99.78
N PHE NA 133 33.40 -29.40 -99.21
CA PHE NA 133 34.38 -28.33 -99.00
C PHE NA 133 34.99 -28.43 -97.61
N GLU NA 134 36.12 -27.74 -97.43
CA GLU NA 134 36.73 -27.59 -96.11
C GLU NA 134 36.24 -26.34 -95.39
N THR NA 135 36.39 -25.18 -96.02
CA THR NA 135 36.00 -23.92 -95.41
C THR NA 135 34.50 -23.69 -95.51
N VAL NA 136 33.97 -22.91 -94.57
CA VAL NA 136 32.56 -22.57 -94.54
C VAL NA 136 32.43 -21.18 -95.15
N ASP NA 137 31.81 -21.10 -96.32
CA ASP NA 137 31.52 -19.84 -96.99
C ASP NA 137 30.02 -19.56 -96.81
N VAL NA 138 29.70 -18.51 -96.08
CA VAL NA 138 28.33 -18.25 -95.64
C VAL NA 138 27.73 -17.14 -96.50
N SER NA 139 26.64 -17.45 -97.19
CA SER NA 139 25.92 -16.47 -97.98
C SER NA 139 24.87 -15.80 -97.10
N VAL NA 140 24.94 -14.47 -96.99
CA VAL NA 140 24.03 -13.70 -96.14
C VAL NA 140 23.06 -12.95 -97.04
N ALA NA 141 21.77 -13.09 -96.75
CA ALA NA 141 20.75 -12.44 -97.57
C ALA NA 141 20.60 -10.97 -97.17
N VAL NA 142 20.66 -10.09 -98.16
CA VAL NA 142 20.50 -8.65 -97.96
C VAL NA 142 19.26 -8.21 -98.71
N ALA NA 143 18.37 -7.51 -98.00
CA ALA NA 143 17.09 -7.07 -98.57
C ALA NA 143 17.29 -5.70 -99.20
N THR NA 144 17.35 -5.66 -100.53
CA THR NA 144 17.42 -4.48 -101.35
C THR NA 144 16.07 -4.19 -102.01
N PRO NA 145 15.78 -2.95 -102.39
CA PRO NA 145 14.49 -2.67 -103.07
C PRO NA 145 14.36 -3.32 -104.44
N ASN NA 146 15.46 -3.80 -105.03
CA ASN NA 146 15.44 -4.64 -106.23
C ASN NA 146 15.42 -6.13 -105.89
N GLY NA 147 14.89 -6.50 -104.73
CA GLY NA 147 14.68 -7.90 -104.41
C GLY NA 147 15.61 -8.50 -103.37
N LEU NA 148 16.39 -9.50 -103.78
CA LEU NA 148 17.22 -10.25 -102.84
C LEU NA 148 18.57 -10.55 -103.47
N ILE NA 149 19.62 -10.40 -102.68
CA ILE NA 149 20.98 -10.76 -103.10
C ILE NA 149 21.65 -11.45 -101.92
N THR NA 150 22.61 -12.33 -102.22
CA THR NA 150 23.32 -13.10 -101.20
C THR NA 150 24.82 -12.95 -101.39
N PRO NA 151 25.43 -11.90 -100.83
CA PRO NA 151 26.89 -11.84 -100.79
C PRO NA 151 27.46 -12.84 -99.81
N ILE NA 152 28.69 -13.27 -100.09
CA ILE NA 152 29.31 -14.39 -99.39
C ILE NA 152 30.44 -13.89 -98.52
N VAL NA 153 30.46 -14.35 -97.26
CA VAL NA 153 31.59 -14.20 -96.36
C VAL NA 153 32.42 -15.46 -96.48
N LYS NA 154 33.66 -15.32 -96.94
CA LYS NA 154 34.53 -16.45 -97.21
C LYS NA 154 35.42 -16.75 -96.01
N GLY NA 155 35.60 -18.04 -95.75
CA GLY NA 155 36.46 -18.50 -94.67
C GLY NA 155 35.97 -18.09 -93.30
N VAL NA 156 34.79 -18.58 -92.91
CA VAL NA 156 34.14 -18.11 -91.69
C VAL NA 156 34.84 -18.66 -90.45
N GLU NA 157 35.16 -19.96 -90.44
CA GLU NA 157 35.85 -20.53 -89.30
C GLU NA 157 37.29 -20.02 -89.28
N GLY NA 158 37.75 -19.63 -88.08
CA GLY NA 158 39.04 -18.99 -87.93
C GLY NA 158 39.15 -17.64 -88.61
N LYS NA 159 38.18 -16.76 -88.41
CA LYS NA 159 38.23 -15.43 -89.04
C LYS NA 159 38.17 -14.29 -88.04
N GLY NA 160 37.33 -14.38 -87.03
CA GLY NA 160 37.21 -13.30 -86.07
C GLY NA 160 35.89 -12.55 -86.23
N LEU NA 161 35.32 -12.17 -85.09
CA LEU NA 161 34.00 -11.55 -85.08
C LEU NA 161 34.04 -10.13 -85.65
N GLU NA 162 35.14 -9.41 -85.42
CA GLU NA 162 35.26 -8.07 -85.97
C GLU NA 162 35.45 -8.11 -87.49
N SER NA 163 36.19 -9.11 -87.98
CA SER NA 163 36.34 -9.29 -89.41
C SER NA 163 35.02 -9.70 -90.06
N ILE NA 164 34.24 -10.54 -89.37
CA ILE NA 164 32.93 -10.94 -89.89
C ILE NA 164 31.98 -9.75 -89.94
N SER NA 165 31.99 -8.92 -88.88
CA SER NA 165 31.14 -7.72 -88.83
C SER NA 165 31.53 -6.72 -89.91
N ALA NA 166 32.84 -6.55 -90.12
CA ALA NA 166 33.32 -5.64 -91.15
C ALA NA 166 32.93 -6.11 -92.54
N ALA NA 167 33.08 -7.42 -92.81
CA ALA NA 167 32.76 -7.95 -94.12
C ALA NA 167 31.25 -7.90 -94.39
N VAL NA 168 30.44 -8.16 -93.35
CA VAL NA 168 28.99 -8.10 -93.49
C VAL NA 168 28.54 -6.66 -93.74
N LYS NA 169 29.15 -5.68 -93.05
CA LYS NA 169 28.78 -4.29 -93.27
C LYS NA 169 29.20 -3.80 -94.65
N GLU NA 170 30.42 -4.17 -95.08
CA GLU NA 170 30.89 -3.86 -96.44
C GLU NA 170 29.96 -4.42 -97.50
N LEU NA 171 29.63 -5.71 -97.40
CA LEU NA 171 28.81 -6.35 -98.42
C LEU NA 171 27.37 -5.84 -98.39
N ALA NA 172 26.85 -5.49 -97.21
CA ALA NA 172 25.50 -4.97 -97.12
C ALA NA 172 25.39 -3.57 -97.72
N LYS NA 173 26.36 -2.69 -97.43
CA LYS NA 173 26.29 -1.34 -97.98
C LYS NA 173 26.58 -1.36 -99.48
N LYS NA 174 27.41 -2.30 -99.94
CA LYS NA 174 27.62 -2.42 -101.38
C LYS NA 174 26.44 -3.07 -102.07
N ALA NA 175 25.64 -3.86 -101.34
CA ALA NA 175 24.41 -4.40 -101.91
C ALA NA 175 23.35 -3.32 -102.00
N ARG NA 176 23.33 -2.40 -101.04
CA ARG NA 176 22.41 -1.27 -101.12
C ARG NA 176 22.81 -0.29 -102.22
N ASP NA 177 24.12 -0.12 -102.47
CA ASP NA 177 24.56 0.70 -103.58
C ASP NA 177 24.58 -0.01 -104.93
N GLY NA 178 24.46 -1.35 -104.93
CA GLY NA 178 24.41 -2.11 -106.18
C GLY NA 178 25.72 -2.16 -106.93
N LYS NA 179 26.81 -2.51 -106.24
CA LYS NA 179 28.15 -2.44 -106.81
C LYS NA 179 28.91 -3.74 -106.59
N LEU NA 180 28.31 -4.87 -106.98
CA LEU NA 180 28.90 -6.19 -106.72
C LEU NA 180 29.45 -6.81 -107.99
N LYS NA 181 30.46 -7.66 -107.82
CA LYS NA 181 31.04 -8.58 -108.77
C LYS NA 181 30.33 -9.93 -108.67
N PRO NA 182 30.23 -10.69 -109.77
CA PRO NA 182 29.53 -11.98 -109.71
C PRO NA 182 30.23 -13.03 -108.84
N GLU NA 183 31.54 -12.89 -108.63
CA GLU NA 183 32.26 -13.77 -107.71
C GLU NA 183 31.96 -13.46 -106.25
N GLU NA 184 31.29 -12.35 -105.95
CA GLU NA 184 30.93 -12.02 -104.58
C GLU NA 184 29.56 -12.55 -104.18
N TYR NA 185 28.72 -12.95 -105.15
CA TYR NA 185 27.41 -13.49 -104.80
C TYR NA 185 27.11 -14.78 -105.58
N GLN NA 186 28.11 -15.37 -106.21
CA GLN NA 186 27.94 -16.65 -106.91
C GLN NA 186 28.88 -17.66 -106.27
N GLY NA 187 28.32 -18.58 -105.50
CA GLY NA 187 29.11 -19.59 -104.82
C GLY NA 187 28.54 -19.91 -103.45
N GLY NA 188 29.42 -20.07 -102.46
CA GLY NA 188 28.98 -20.35 -101.10
C GLY NA 188 28.64 -21.81 -100.85
N SER NA 189 28.73 -22.22 -99.59
CA SER NA 189 28.40 -23.59 -99.20
C SER NA 189 27.17 -23.69 -98.31
N ILE NA 190 26.78 -22.60 -97.65
CA ILE NA 190 25.60 -22.59 -96.78
C ILE NA 190 25.08 -21.16 -96.73
N SER NA 191 23.78 -21.01 -96.45
CA SER NA 191 23.11 -19.72 -96.47
C SER NA 191 22.44 -19.46 -95.13
N ILE NA 192 22.03 -18.21 -94.93
CA ILE NA 192 21.28 -17.81 -93.74
C ILE NA 192 20.36 -16.64 -94.11
N SER NA 193 19.11 -16.73 -93.69
CA SER NA 193 18.13 -15.68 -93.88
C SER NA 193 17.76 -15.11 -92.53
N ASN NA 194 17.83 -13.79 -92.39
CA ASN NA 194 17.69 -13.10 -91.13
C ASN NA 194 16.45 -12.22 -91.17
N MET NA 195 15.57 -12.36 -90.18
CA MET NA 195 14.37 -11.55 -90.07
C MET NA 195 14.15 -11.10 -88.63
N GLY NA 196 15.22 -10.70 -87.95
CA GLY NA 196 15.10 -10.23 -86.58
C GLY NA 196 14.64 -8.81 -86.44
N MET NA 197 14.72 -8.02 -87.52
CA MET NA 197 14.28 -6.63 -87.46
C MET NA 197 12.75 -6.53 -87.45
N ASN NA 198 12.07 -7.56 -87.96
CA ASN NA 198 10.62 -7.63 -87.93
C ASN NA 198 10.20 -8.41 -86.69
N PRO NA 199 9.56 -7.76 -85.71
CA PRO NA 199 9.17 -8.47 -84.48
C PRO NA 199 7.94 -9.36 -84.64
N ALA NA 200 7.28 -9.33 -85.78
CA ALA NA 200 6.09 -10.16 -85.97
C ALA NA 200 6.45 -11.58 -86.37
N VAL NA 201 7.57 -11.77 -87.06
CA VAL NA 201 7.93 -13.07 -87.60
C VAL NA 201 8.46 -13.94 -86.47
N GLN NA 202 7.61 -14.82 -85.95
CA GLN NA 202 8.04 -15.77 -84.94
C GLN NA 202 8.86 -16.90 -85.56
N SER NA 203 8.45 -17.37 -86.74
CA SER NA 203 9.12 -18.46 -87.41
C SER NA 203 8.81 -18.37 -88.89
N PHE NA 204 9.79 -18.77 -89.71
CA PHE NA 204 9.57 -18.85 -91.15
C PHE NA 204 10.53 -19.86 -91.74
N THR NA 205 10.19 -20.35 -92.93
CA THR NA 205 11.05 -21.25 -93.69
C THR NA 205 11.61 -20.53 -94.90
N ALA NA 206 12.69 -21.08 -95.45
CA ALA NA 206 13.34 -20.50 -96.61
C ALA NA 206 13.56 -21.59 -97.66
N ILE NA 207 13.82 -21.14 -98.87
CA ILE NA 207 14.10 -22.04 -100.00
C ILE NA 207 15.61 -22.11 -100.20
N ILE NA 208 16.11 -23.34 -100.37
CA ILE NA 208 17.55 -23.55 -100.48
C ILE NA 208 18.05 -23.03 -101.82
N ASN NA 209 19.06 -22.17 -101.78
CA ASN NA 209 19.68 -21.68 -103.00
C ASN NA 209 20.52 -22.80 -103.61
N PRO NA 210 20.26 -23.18 -104.87
CA PRO NA 210 21.07 -24.22 -105.48
C PRO NA 210 22.44 -23.70 -105.85
N PRO NA 211 23.47 -24.55 -105.82
CA PRO NA 211 23.44 -25.98 -105.48
C PRO NA 211 23.79 -26.30 -104.03
N GLN NA 212 23.46 -25.42 -103.09
CA GLN NA 212 23.79 -25.69 -101.70
C GLN NA 212 22.84 -26.74 -101.11
N ALA NA 213 23.17 -27.17 -99.89
CA ALA NA 213 22.45 -28.27 -99.25
C ALA NA 213 21.57 -27.86 -98.08
N ALA NA 214 21.79 -26.68 -97.50
CA ALA NA 214 21.02 -26.27 -96.34
C ALA NA 214 20.85 -24.75 -96.34
N ILE NA 215 19.83 -24.29 -95.62
CA ILE NA 215 19.63 -22.86 -95.42
C ILE NA 215 19.07 -22.65 -94.02
N LEU NA 216 19.49 -21.57 -93.38
CA LEU NA 216 19.03 -21.25 -92.03
C LEU NA 216 17.99 -20.13 -92.10
N ALA NA 217 17.09 -20.09 -91.12
CA ALA NA 217 16.06 -19.05 -91.04
C ALA NA 217 15.88 -18.71 -89.58
N VAL NA 218 16.03 -17.42 -89.24
CA VAL NA 218 16.09 -16.97 -87.86
C VAL NA 218 14.93 -16.02 -87.59
N GLY NA 219 14.09 -16.35 -86.60
CA GLY NA 219 12.93 -15.53 -86.29
C GLY NA 219 13.21 -14.53 -85.20
N ALA NA 220 12.22 -13.67 -84.97
CA ALA NA 220 12.32 -12.62 -83.97
C ALA NA 220 12.38 -13.22 -82.56
N PRO NA 221 13.15 -12.61 -81.67
CA PRO NA 221 13.20 -13.09 -80.28
C PRO NA 221 11.94 -12.74 -79.52
N GLN NA 222 11.56 -13.64 -78.62
CA GLN NA 222 10.38 -13.49 -77.78
C GLN NA 222 10.67 -13.96 -76.37
N LYS NA 223 9.88 -13.51 -75.40
CA LYS NA 223 10.04 -13.93 -74.01
C LYS NA 223 9.25 -15.20 -73.76
N VAL NA 224 9.94 -16.26 -73.34
CA VAL NA 224 9.33 -17.56 -73.06
C VAL NA 224 9.56 -17.88 -71.58
N ALA NA 225 8.50 -18.34 -70.91
CA ALA NA 225 8.60 -18.72 -69.51
C ALA NA 225 9.39 -20.02 -69.35
N VAL NA 226 10.43 -19.96 -68.53
CA VAL NA 226 11.35 -21.08 -68.33
C VAL NA 226 11.46 -21.35 -66.83
N PRO NA 227 11.34 -22.60 -66.38
CA PRO NA 227 11.38 -22.87 -64.94
C PRO NA 227 12.77 -22.68 -64.35
N VAL NA 228 12.79 -22.31 -63.07
CA VAL NA 228 14.03 -22.05 -62.34
C VAL NA 228 13.85 -22.51 -60.91
N GLU NA 229 14.90 -23.10 -60.33
CA GLU NA 229 14.92 -23.42 -58.92
C GLU NA 229 15.45 -22.22 -58.16
N ASN NA 230 14.83 -21.90 -57.03
CA ASN NA 230 15.42 -20.97 -56.09
C ASN NA 230 16.36 -21.76 -55.19
N GLU NA 231 16.88 -21.11 -54.14
CA GLU NA 231 17.74 -21.81 -53.19
C GLU NA 231 16.95 -22.64 -52.18
N ASP NA 232 15.63 -22.71 -52.30
CA ASP NA 232 14.81 -23.69 -51.59
C ASP NA 232 14.21 -24.66 -52.61
N GLY NA 233 13.35 -25.55 -52.13
CA GLY NA 233 12.90 -26.68 -52.93
C GLY NA 233 11.92 -26.36 -54.04
N THR NA 234 11.25 -25.20 -53.98
CA THR NA 234 10.17 -24.93 -54.93
C THR NA 234 10.72 -24.46 -56.26
N THR NA 235 9.88 -24.55 -57.30
CA THR NA 235 10.22 -24.06 -58.62
C THR NA 235 9.66 -22.66 -58.83
N GLY NA 236 10.19 -21.96 -59.84
CA GLY NA 236 9.80 -20.59 -60.11
C GLY NA 236 9.57 -20.35 -61.59
N VAL NA 237 9.32 -19.09 -61.92
CA VAL NA 237 9.14 -18.65 -63.31
C VAL NA 237 10.25 -17.65 -63.62
N SER NA 238 11.08 -18.00 -64.59
CA SER NA 238 12.08 -17.09 -65.14
C SER NA 238 11.73 -16.81 -66.59
N TRP NA 239 12.10 -15.62 -67.05
CA TRP NA 239 11.78 -15.19 -68.41
C TRP NA 239 13.05 -15.22 -69.25
N ASP NA 240 13.05 -16.10 -70.25
CA ASP NA 240 14.20 -16.34 -71.11
C ASP NA 240 13.95 -15.79 -72.50
N GLU NA 241 14.98 -15.22 -73.11
CA GLU NA 241 14.89 -14.71 -74.47
C GLU NA 241 15.19 -15.86 -75.43
N GLN NA 242 14.19 -16.30 -76.17
CA GLN NA 242 14.34 -17.40 -77.10
C GLN NA 242 14.14 -16.96 -78.53
N ILE NA 243 14.82 -17.65 -79.45
CA ILE NA 243 14.77 -17.36 -80.88
C ILE NA 243 14.46 -18.67 -81.59
N ILE NA 244 13.43 -18.68 -82.43
CA ILE NA 244 13.06 -19.87 -83.19
C ILE NA 244 13.91 -19.90 -84.46
N VAL NA 245 14.65 -20.98 -84.62
CA VAL NA 245 15.57 -21.17 -85.74
C VAL NA 245 15.12 -22.39 -86.52
N THR NA 246 14.83 -22.21 -87.81
CA THR NA 246 14.39 -23.29 -88.70
C THR NA 246 15.45 -23.51 -89.77
N ALA NA 247 15.96 -24.73 -89.85
CA ALA NA 247 16.96 -25.09 -90.85
C ALA NA 247 16.31 -26.02 -91.87
N SER NA 248 16.37 -25.62 -93.13
CA SER NA 248 15.83 -26.40 -94.23
C SER NA 248 16.97 -27.16 -94.90
N PHE NA 249 16.85 -28.49 -94.94
CA PHE NA 249 17.87 -29.36 -95.52
C PHE NA 249 17.35 -30.05 -96.77
N ASP NA 250 18.28 -30.44 -97.62
CA ASP NA 250 18.01 -31.26 -98.80
C ASP NA 250 18.24 -32.72 -98.43
N HIS NA 251 17.24 -33.57 -98.71
CA HIS NA 251 17.30 -34.94 -98.24
C HIS NA 251 18.17 -35.84 -99.10
N LYS NA 252 18.64 -35.35 -100.25
CA LYS NA 252 19.56 -36.16 -101.06
C LYS NA 252 20.94 -36.21 -100.44
N VAL NA 253 21.33 -35.17 -99.70
CA VAL NA 253 22.65 -35.08 -99.08
C VAL NA 253 22.58 -35.29 -97.57
N VAL NA 254 21.66 -34.62 -96.90
CA VAL NA 254 21.57 -34.61 -95.44
C VAL NA 254 20.35 -35.41 -95.02
N ASP NA 255 20.56 -36.38 -94.13
CA ASP NA 255 19.44 -37.08 -93.52
C ASP NA 255 18.99 -36.38 -92.24
N GLY NA 256 17.93 -36.92 -91.64
CA GLY NA 256 17.34 -36.28 -90.48
C GLY NA 256 18.23 -36.35 -89.25
N ALA NA 257 18.96 -37.45 -89.08
CA ALA NA 257 19.89 -37.57 -87.96
C ALA NA 257 21.08 -36.63 -88.11
N VAL NA 258 21.56 -36.44 -89.35
CA VAL NA 258 22.66 -35.52 -89.60
C VAL NA 258 22.21 -34.08 -89.37
N GLY NA 259 20.99 -33.75 -89.82
CA GLY NA 259 20.46 -32.42 -89.56
C GLY NA 259 20.20 -32.16 -88.09
N ALA NA 260 19.80 -33.21 -87.35
CA ALA NA 260 19.58 -33.07 -85.92
C ALA NA 260 20.90 -32.91 -85.17
N GLU NA 261 21.96 -33.59 -85.62
CA GLU NA 261 23.28 -33.38 -85.03
C GLU NA 261 23.82 -31.98 -85.31
N TRP NA 262 23.60 -31.48 -86.53
CA TRP NA 262 24.01 -30.13 -86.87
C TRP NA 262 23.26 -29.09 -86.03
N ILE NA 263 21.94 -29.29 -85.86
CA ILE NA 263 21.13 -28.40 -85.03
C ILE NA 263 21.55 -28.48 -83.57
N ARG NA 264 21.92 -29.67 -83.09
CA ARG NA 264 22.36 -29.83 -81.71
C ARG NA 264 23.69 -29.15 -81.45
N GLU NA 265 24.63 -29.25 -82.40
CA GLU NA 265 25.92 -28.58 -82.23
C GLU NA 265 25.77 -27.07 -82.33
N LEU NA 266 24.89 -26.59 -83.22
CA LEU NA 266 24.61 -25.15 -83.32
C LEU NA 266 23.98 -24.63 -82.03
N LYS NA 267 23.03 -25.39 -81.46
CA LYS NA 267 22.39 -25.01 -80.21
C LYS NA 267 23.39 -25.03 -79.05
N LYS NA 268 24.32 -25.97 -79.06
CA LYS NA 268 25.35 -26.04 -78.01
C LYS NA 268 26.27 -24.83 -78.07
N VAL NA 269 26.75 -24.49 -79.27
CA VAL NA 269 27.66 -23.36 -79.43
C VAL NA 269 26.93 -22.03 -79.15
N ILE NA 270 25.64 -21.95 -79.45
CA ILE NA 270 24.90 -20.72 -79.17
C ILE NA 270 24.60 -20.57 -77.68
N GLU NA 271 24.10 -21.63 -77.04
CA GLU NA 271 23.74 -21.54 -75.63
C GLU NA 271 24.93 -21.60 -74.69
N ASN NA 272 26.11 -21.98 -75.17
CA ASN NA 272 27.36 -21.83 -74.41
C ASN NA 272 28.27 -20.93 -75.23
N PRO NA 273 28.22 -19.62 -75.00
CA PRO NA 273 28.94 -18.69 -75.89
C PRO NA 273 30.44 -18.70 -75.71
N LEU NA 274 30.96 -19.33 -74.66
CA LEU NA 274 32.41 -19.46 -74.50
C LEU NA 274 33.00 -20.52 -75.41
N GLU NA 275 32.16 -21.35 -76.05
CA GLU NA 275 32.64 -22.35 -76.98
C GLU NA 275 32.96 -21.78 -78.36
N LEU NA 276 32.72 -20.48 -78.58
CA LEU NA 276 33.12 -19.84 -79.83
C LEU NA 276 34.62 -19.62 -79.91
N LEU NA 277 35.32 -19.69 -78.77
CA LEU NA 277 36.77 -19.65 -78.77
C LEU NA 277 37.36 -20.91 -79.41
N LEU NA 278 36.81 -22.06 -79.06
CA LEU NA 278 37.29 -23.34 -79.57
C LEU NA 278 36.76 -23.58 -80.98
N TYR OA 47 -94.25 46.33 43.55
CA TYR OA 47 -93.87 46.31 44.97
C TYR OA 47 -93.41 47.69 45.40
N THR OA 48 -92.17 48.03 45.06
CA THR OA 48 -91.66 49.36 45.32
C THR OA 48 -92.07 50.30 44.19
N ASP OA 49 -92.73 51.39 44.56
CA ASP OA 49 -93.45 52.27 43.65
C ASP OA 49 -93.00 53.71 43.82
N VAL OA 50 -91.68 53.94 43.71
CA VAL OA 50 -91.12 55.29 43.68
C VAL OA 50 -91.73 56.04 42.49
N PRO OA 51 -92.08 57.32 42.65
CA PRO OA 51 -92.75 58.04 41.57
C PRO OA 51 -91.76 58.60 40.56
N ILE OA 52 -92.31 59.02 39.42
CA ILE OA 52 -91.51 59.64 38.37
C ILE OA 52 -91.08 61.02 38.83
N SER OA 53 -89.85 61.41 38.46
CA SER OA 53 -89.27 62.66 38.95
C SER OA 53 -89.98 63.89 38.38
N GLY OA 54 -90.66 63.75 37.24
CA GLY OA 54 -91.30 64.88 36.60
C GLY OA 54 -90.41 65.44 35.51
N MET OA 55 -89.11 65.46 35.75
CA MET OA 55 -88.13 65.77 34.71
C MET OA 55 -88.08 64.68 33.65
N ARG OA 56 -88.27 63.42 34.05
CA ARG OA 56 -88.33 62.30 33.13
C ARG OA 56 -89.56 62.35 32.22
N LYS OA 57 -90.64 63.01 32.66
CA LYS OA 57 -91.87 63.06 31.88
C LYS OA 57 -91.68 63.89 30.61
N THR OA 58 -90.91 64.99 30.71
CA THR OA 58 -90.63 65.81 29.54
C THR OA 58 -89.75 65.09 28.54
N ILE OA 59 -88.75 64.32 29.01
CA ILE OA 59 -87.90 63.57 28.10
C ILE OA 59 -88.67 62.42 27.47
N ALA OA 60 -89.61 61.82 28.22
CA ALA OA 60 -90.45 60.76 27.66
C ALA OA 60 -91.39 61.30 26.59
N ALA OA 61 -91.97 62.48 26.82
CA ALA OA 61 -92.81 63.11 25.82
C ALA OA 61 -92.00 63.54 24.60
N ARG OA 62 -90.76 63.98 24.82
CA ARG OA 62 -89.90 64.39 23.71
C ARG OA 62 -89.49 63.21 22.84
N LEU OA 63 -89.14 62.08 23.47
CA LEU OA 63 -88.81 60.88 22.71
C LEU OA 63 -90.05 60.31 22.02
N LYS OA 64 -91.22 60.48 22.63
CA LYS OA 64 -92.47 60.12 21.97
C LYS OA 64 -92.71 60.96 20.72
N GLU OA 65 -92.47 62.29 20.82
CA GLU OA 65 -92.57 63.18 19.65
C GLU OA 65 -91.59 62.77 18.57
N SER OA 66 -90.38 62.39 18.96
CA SER OA 66 -89.35 61.99 18.01
C SER OA 66 -89.75 60.73 17.26
N VAL OA 67 -90.21 59.70 17.97
CA VAL OA 67 -90.54 58.44 17.31
C VAL OA 67 -91.88 58.53 16.58
N THR OA 68 -92.72 59.50 16.93
CA THR OA 68 -94.02 59.55 16.25
C THR OA 68 -94.03 60.53 15.08
N GLU OA 69 -93.05 61.44 15.01
CA GLU OA 69 -93.05 62.38 13.90
C GLU OA 69 -91.87 62.14 12.97
N ASN OA 70 -90.86 61.41 13.44
CA ASN OA 70 -89.70 61.10 12.63
C ASN OA 70 -89.70 59.62 12.27
N PRO OA 71 -90.01 59.24 11.02
CA PRO OA 71 -89.81 57.84 10.61
C PRO OA 71 -88.33 57.52 10.45
N HIS OA 72 -87.78 56.82 11.44
CA HIS OA 72 -86.34 56.56 11.48
C HIS OA 72 -85.98 55.43 10.53
N PHE OA 73 -84.77 55.52 9.97
CA PHE OA 73 -84.16 54.36 9.33
C PHE OA 73 -82.66 54.40 9.62
N PHE OA 74 -82.09 53.22 9.83
CA PHE OA 74 -80.72 53.08 10.28
C PHE OA 74 -79.83 52.65 9.12
N VAL OA 75 -78.61 53.19 9.10
CA VAL OA 75 -77.57 52.78 8.16
C VAL OA 75 -76.34 52.42 8.98
N SER OA 76 -75.87 51.18 8.84
CA SER OA 76 -74.75 50.69 9.62
C SER OA 76 -73.51 50.54 8.74
N THR OA 77 -72.34 50.74 9.35
CA THR OA 77 -71.08 50.59 8.66
C THR OA 77 -70.02 50.17 9.66
N ASN OA 78 -68.87 49.74 9.15
CA ASN OA 78 -67.73 49.38 9.98
C ASN OA 78 -66.54 50.25 9.56
N LEU OA 79 -66.10 51.11 10.47
CA LEU OA 79 -64.98 52.00 10.23
C LEU OA 79 -63.70 51.34 10.74
N SER OA 80 -62.67 51.33 9.92
CA SER OA 80 -61.36 50.86 10.35
C SER OA 80 -60.59 52.03 10.97
N VAL OA 81 -60.16 51.85 12.21
CA VAL OA 81 -59.54 52.92 12.98
C VAL OA 81 -58.09 52.58 13.33
N SER OA 82 -57.48 51.65 12.59
CA SER OA 82 -56.10 51.26 12.88
C SER OA 82 -55.10 52.36 12.52
N LYS OA 83 -55.42 53.20 11.55
CA LYS OA 83 -54.59 54.35 11.24
C LYS OA 83 -54.95 55.56 12.10
N LEU OA 84 -56.23 55.66 12.48
CA LEU OA 84 -56.68 56.75 13.35
C LEU OA 84 -56.05 56.63 14.74
N LEU OA 85 -55.92 55.40 15.24
CA LEU OA 85 -55.28 55.20 16.53
C LEU OA 85 -53.78 55.50 16.47
N LYS OA 86 -53.14 55.20 15.34
CA LYS OA 86 -51.72 55.54 15.18
C LYS OA 86 -51.52 57.05 15.11
N LEU OA 87 -52.41 57.75 14.40
CA LEU OA 87 -52.34 59.21 14.33
C LEU OA 87 -52.59 59.84 15.71
N ARG OA 88 -53.54 59.28 16.47
CA ARG OA 88 -53.81 59.78 17.82
C ARG OA 88 -52.64 59.52 18.74
N GLN OA 89 -51.98 58.36 18.61
CA GLN OA 89 -50.83 58.04 19.43
C GLN OA 89 -49.67 58.97 19.13
N ALA OA 90 -49.45 59.27 17.84
CA ALA OA 90 -48.37 60.19 17.46
C ALA OA 90 -48.65 61.61 17.93
N LEU OA 91 -49.90 62.07 17.80
CA LEU OA 91 -50.24 63.43 18.22
C LEU OA 91 -50.23 63.57 19.74
N ASN OA 92 -50.50 62.47 20.46
CA ASN OA 92 -50.44 62.52 21.92
C ASN OA 92 -49.00 62.41 22.41
N SER OA 93 -48.15 61.66 21.69
CA SER OA 93 -46.77 61.52 22.11
C SER OA 93 -45.96 62.78 21.80
N SER OA 94 -46.34 63.52 20.75
CA SER OA 94 -45.67 64.78 20.42
C SER OA 94 -46.34 65.95 21.15
N ALA OA 95 -46.30 65.90 22.48
CA ALA OA 95 -46.90 66.93 23.30
C ALA OA 95 -46.17 66.98 24.64
N ASP OA 96 -46.41 68.07 25.38
CA ASP OA 96 -45.85 68.27 26.70
C ASP OA 96 -46.95 68.34 27.76
N GLY OA 97 -48.02 67.58 27.57
CA GLY OA 97 -49.18 67.69 28.44
C GLY OA 97 -50.10 68.84 28.14
N ARG OA 98 -49.98 69.44 26.94
CA ARG OA 98 -50.87 70.55 26.59
C ARG OA 98 -52.26 70.06 26.23
N TYR OA 99 -52.37 68.86 25.68
CA TYR OA 99 -53.66 68.35 25.24
C TYR OA 99 -53.66 66.83 25.39
N LYS OA 100 -54.85 66.24 25.24
CA LYS OA 100 -55.02 64.80 25.24
C LYS OA 100 -56.14 64.47 24.26
N LEU OA 101 -55.81 63.72 23.21
CA LEU OA 101 -56.75 63.46 22.13
C LEU OA 101 -57.45 62.12 22.33
N SER OA 102 -58.71 62.06 21.90
CA SER OA 102 -59.52 60.86 21.95
C SER OA 102 -60.09 60.58 20.56
N VAL OA 103 -60.79 59.45 20.45
CA VAL OA 103 -61.39 59.05 19.17
C VAL OA 103 -62.60 59.93 18.86
N ASN OA 104 -63.24 60.47 19.89
CA ASN OA 104 -64.42 61.31 19.71
C ASN OA 104 -64.09 62.62 19.03
N ASP OA 105 -62.85 63.12 19.19
CA ASP OA 105 -62.42 64.33 18.51
C ASP OA 105 -62.34 64.12 17.00
N PHE OA 106 -61.71 63.01 16.58
CA PHE OA 106 -61.66 62.66 15.17
C PHE OA 106 -63.04 62.38 14.60
N LEU OA 107 -63.92 61.78 15.42
CA LEU OA 107 -65.27 61.49 14.96
C LEU OA 107 -66.09 62.76 14.77
N ILE OA 108 -65.93 63.73 15.68
CA ILE OA 108 -66.66 65.00 15.57
C ILE OA 108 -66.15 65.80 14.38
N LYS OA 109 -64.83 65.80 14.16
CA LYS OA 109 -64.27 66.49 12.99
C LYS OA 109 -64.69 65.83 11.68
N ALA OA 110 -64.74 64.50 11.65
CA ALA OA 110 -65.17 63.80 10.45
C ALA OA 110 -66.67 63.99 10.20
N MET OA 111 -67.46 64.11 11.26
CA MET OA 111 -68.87 64.44 11.13
C MET OA 111 -69.07 65.83 10.56
N GLY OA 112 -68.23 66.77 10.98
CA GLY OA 112 -68.29 68.12 10.42
C GLY OA 112 -67.92 68.15 8.95
N ILE OA 113 -66.88 67.40 8.57
CA ILE OA 113 -66.44 67.33 7.18
C ILE OA 113 -67.52 66.67 6.31
N ALA OA 114 -68.12 65.58 6.82
CA ALA OA 114 -69.15 64.88 6.07
C ALA OA 114 -70.44 65.68 5.95
N SER OA 115 -70.80 66.44 7.00
CA SER OA 115 -71.98 67.29 6.92
C SER OA 115 -71.76 68.50 6.04
N LYS OA 116 -70.51 68.96 5.92
CA LYS OA 116 -70.22 70.02 4.96
C LYS OA 116 -70.24 69.50 3.53
N ARG OA 117 -69.79 68.26 3.31
CA ARG OA 117 -69.82 67.71 1.95
C ARG OA 117 -71.22 67.31 1.52
N VAL OA 118 -72.03 66.77 2.41
CA VAL OA 118 -73.43 66.45 2.10
C VAL OA 118 -74.32 67.35 2.98
N PRO OA 119 -74.73 68.52 2.48
CA PRO OA 119 -75.47 69.45 3.34
C PRO OA 119 -76.94 69.11 3.53
N THR OA 120 -77.45 68.05 2.89
CA THR OA 120 -78.86 67.68 3.08
C THR OA 120 -79.09 67.07 4.45
N VAL OA 121 -78.09 66.38 5.00
CA VAL OA 121 -78.22 65.79 6.34
C VAL OA 121 -78.20 66.88 7.41
N ASN OA 122 -77.50 67.98 7.16
CA ASN OA 122 -77.42 69.09 8.12
C ASN OA 122 -78.63 70.00 7.91
N SER OA 123 -79.79 69.51 8.35
CA SER OA 123 -81.05 70.22 8.16
C SER OA 123 -82.00 69.88 9.30
N SER OA 124 -83.25 70.31 9.16
CA SER OA 124 -84.29 70.10 10.16
C SER OA 124 -85.64 70.00 9.45
N TRP OA 125 -86.71 70.17 10.20
CA TRP OA 125 -88.07 70.12 9.66
C TRP OA 125 -88.91 71.15 10.39
N ARG OA 126 -89.38 72.17 9.66
CA ARG OA 126 -90.01 73.34 10.24
C ARG OA 126 -91.38 73.58 9.61
N ASP OA 127 -91.96 74.76 9.82
CA ASP OA 127 -93.32 75.08 9.37
C ASP OA 127 -93.35 75.17 7.85
N GLY OA 128 -93.61 74.03 7.20
CA GLY OA 128 -93.68 73.96 5.76
C GLY OA 128 -92.38 74.23 5.04
N VAL OA 129 -91.25 74.07 5.72
CA VAL OA 129 -89.98 74.57 5.23
C VAL OA 129 -88.85 73.76 5.85
N ILE OA 130 -87.77 73.60 5.09
CA ILE OA 130 -86.56 72.89 5.51
C ILE OA 130 -85.52 73.94 5.89
N ARG OA 131 -85.06 73.91 7.13
CA ARG OA 131 -84.05 74.87 7.58
C ARG OA 131 -82.68 74.25 7.46
N GLN OA 132 -81.85 74.82 6.58
CA GLN OA 132 -80.53 74.30 6.27
C GLN OA 132 -79.46 75.27 6.78
N PHE OA 133 -78.58 74.76 7.64
CA PHE OA 133 -77.52 75.55 8.25
C PHE OA 133 -76.23 75.44 7.44
N GLU OA 134 -75.31 76.39 7.69
CA GLU OA 134 -73.96 76.33 7.13
C GLU OA 134 -73.00 75.58 8.05
N THR OA 135 -72.88 76.02 9.30
CA THR OA 135 -71.94 75.43 10.24
C THR OA 135 -72.51 74.15 10.84
N VAL OA 136 -71.61 73.26 11.25
CA VAL OA 136 -71.97 72.00 11.88
C VAL OA 136 -71.85 72.20 13.38
N ASP OA 137 -72.98 72.19 14.09
CA ASP OA 137 -73.00 72.27 15.54
C ASP OA 137 -73.32 70.86 16.07
N VAL OA 138 -72.37 70.27 16.77
CA VAL OA 138 -72.45 68.85 17.13
C VAL OA 138 -72.82 68.73 18.60
N SER OA 139 -73.94 68.09 18.88
CA SER OA 139 -74.38 67.83 20.24
C SER OA 139 -73.78 66.50 20.72
N VAL OA 140 -73.03 66.54 21.82
CA VAL OA 140 -72.36 65.37 22.35
C VAL OA 140 -73.08 64.93 23.61
N ALA OA 141 -73.44 63.66 23.69
CA ALA OA 141 -74.17 63.14 24.83
C ALA OA 141 -73.21 62.86 25.99
N VAL OA 142 -73.54 63.38 27.16
CA VAL OA 142 -72.75 63.19 28.38
C VAL OA 142 -73.62 62.43 29.38
N ALA OA 143 -73.09 61.33 29.91
CA ALA OA 143 -73.82 60.48 30.84
C ALA OA 143 -73.59 60.96 32.26
N THR OA 144 -74.59 61.62 32.82
CA THR OA 144 -74.63 62.10 34.19
C THR OA 144 -75.55 61.21 35.03
N PRO OA 145 -75.37 61.15 36.36
CA PRO OA 145 -76.27 60.35 37.19
C PRO OA 145 -77.71 60.84 37.22
N ASN OA 146 -77.97 62.07 36.79
CA ASN OA 146 -79.31 62.59 36.55
C ASN OA 146 -79.77 62.38 35.11
N GLY OA 147 -79.24 61.38 34.42
CA GLY OA 147 -79.76 61.01 33.12
C GLY OA 147 -78.86 61.34 31.94
N LEU OA 148 -79.34 62.21 31.05
CA LEU OA 148 -78.64 62.49 29.79
C LEU OA 148 -78.75 63.97 29.47
N ILE OA 149 -77.64 64.54 29.02
CA ILE OA 149 -77.60 65.92 28.56
C ILE OA 149 -76.74 65.96 27.30
N THR OA 150 -77.02 66.93 26.42
CA THR OA 150 -76.31 67.07 25.15
C THR OA 150 -75.79 68.50 25.01
N PRO OA 151 -74.62 68.81 25.56
CA PRO OA 151 -73.98 70.09 25.25
C PRO OA 151 -73.45 70.12 23.82
N ILE OA 152 -73.39 71.33 23.27
CA ILE OA 152 -73.15 71.54 21.85
C ILE OA 152 -71.77 72.15 21.65
N VAL OA 153 -71.01 71.57 20.72
CA VAL OA 153 -69.78 72.16 20.22
C VAL OA 153 -70.15 72.93 18.95
N LYS OA 154 -69.94 74.24 18.98
CA LYS OA 154 -70.36 75.11 17.89
C LYS OA 154 -69.22 75.35 16.92
N GLY OA 155 -69.55 75.36 15.63
CA GLY OA 155 -68.58 75.61 14.58
C GLY OA 155 -67.51 74.55 14.47
N VAL OA 156 -67.90 73.32 14.17
CA VAL OA 156 -66.99 72.19 14.22
C VAL OA 156 -66.00 72.23 13.06
N GLU OA 157 -66.48 72.47 11.85
CA GLU OA 157 -65.60 72.55 10.70
C GLU OA 157 -64.76 73.83 10.80
N GLY OA 158 -63.47 73.69 10.54
CA GLY OA 158 -62.52 74.77 10.73
C GLY OA 158 -62.37 75.23 12.17
N LYS OA 159 -62.17 74.29 13.08
CA LYS OA 159 -62.01 74.64 14.50
C LYS OA 159 -60.70 74.16 15.10
N GLY OA 160 -60.28 72.94 14.79
CA GLY OA 160 -59.07 72.41 15.37
C GLY OA 160 -59.34 71.34 16.40
N LEU OA 161 -58.50 70.32 16.41
CA LEU OA 161 -58.72 69.15 17.26
C LEU OA 161 -58.47 69.47 18.73
N GLU OA 162 -57.50 70.35 19.01
CA GLU OA 162 -57.24 70.76 20.39
C GLU OA 162 -58.38 71.62 20.93
N SER OA 163 -58.94 72.48 20.08
CA SER OA 163 -60.11 73.28 20.48
C SER OA 163 -61.32 72.40 20.72
N ILE OA 164 -61.50 71.37 19.88
CA ILE OA 164 -62.62 70.43 20.05
C ILE OA 164 -62.45 69.64 21.34
N SER OA 165 -61.23 69.17 21.62
CA SER OA 165 -60.95 68.42 22.85
C SER OA 165 -61.17 69.29 24.10
N ALA OA 166 -60.73 70.55 24.03
CA ALA OA 166 -60.91 71.47 25.15
C ALA OA 166 -62.38 71.77 25.39
N ALA OA 167 -63.15 71.99 24.33
CA ALA OA 167 -64.57 72.30 24.49
C ALA OA 167 -65.35 71.09 25.00
N VAL OA 168 -64.98 69.88 24.52
CA VAL OA 168 -65.63 68.66 24.98
C VAL OA 168 -65.32 68.40 26.45
N LYS OA 169 -64.07 68.65 26.88
CA LYS OA 169 -63.71 68.45 28.28
C LYS OA 169 -64.40 69.47 29.19
N GLU OA 170 -64.43 70.74 28.76
CA GLU OA 170 -65.15 71.80 29.48
C GLU OA 170 -66.63 71.45 29.65
N LEU OA 171 -67.30 71.08 28.56
CA LEU OA 171 -68.73 70.81 28.62
C LEU OA 171 -69.03 69.53 29.40
N ALA OA 172 -68.14 68.54 29.33
CA ALA OA 172 -68.37 67.30 30.08
C ALA OA 172 -68.19 67.51 31.58
N LYS OA 173 -67.16 68.26 31.99
CA LYS OA 173 -66.97 68.49 33.43
C LYS OA 173 -68.05 69.43 33.97
N LYS OA 174 -68.53 70.36 33.14
CA LYS OA 174 -69.63 71.21 33.58
C LYS OA 174 -70.95 70.46 33.58
N ALA OA 175 -71.07 69.41 32.77
CA ALA OA 175 -72.26 68.56 32.83
C ALA OA 175 -72.24 67.68 34.07
N ARG OA 176 -71.05 67.25 34.48
CA ARG OA 176 -70.94 66.49 35.72
C ARG OA 176 -71.17 67.37 36.94
N ASP OA 177 -70.78 68.65 36.88
CA ASP OA 177 -71.07 69.57 37.97
C ASP OA 177 -72.46 70.20 37.89
N GLY OA 178 -73.16 70.07 36.76
CA GLY OA 178 -74.51 70.57 36.61
C GLY OA 178 -74.60 72.08 36.57
N LYS OA 179 -73.81 72.72 35.71
CA LYS OA 179 -73.68 74.18 35.70
C LYS OA 179 -73.84 74.73 34.29
N LEU OA 180 -74.91 74.35 33.59
CA LEU OA 180 -75.11 74.72 32.20
C LEU OA 180 -76.19 75.79 32.05
N LYS OA 181 -76.06 76.58 31.00
CA LYS OA 181 -77.02 77.52 30.44
C LYS OA 181 -77.87 76.81 29.39
N PRO OA 182 -79.13 77.22 29.20
CA PRO OA 182 -79.99 76.54 28.21
C PRO OA 182 -79.53 76.73 26.77
N GLU OA 183 -78.78 77.79 26.49
CA GLU OA 183 -78.20 77.99 25.17
C GLU OA 183 -77.02 77.07 24.89
N GLU OA 184 -76.52 76.36 25.90
CA GLU OA 184 -75.43 75.42 25.71
C GLU OA 184 -75.91 74.00 25.41
N TYR OA 185 -77.19 73.69 25.66
CA TYR OA 185 -77.70 72.36 25.34
C TYR OA 185 -79.04 72.42 24.61
N GLN OA 186 -79.43 73.59 24.13
CA GLN OA 186 -80.66 73.73 23.34
C GLN OA 186 -80.27 74.26 21.96
N GLY OA 187 -80.33 73.39 20.96
CA GLY OA 187 -79.96 73.74 19.60
C GLY OA 187 -79.27 72.60 18.87
N GLY OA 188 -78.23 72.92 18.11
CA GLY OA 188 -77.47 71.91 17.41
C GLY OA 188 -78.10 71.46 16.11
N SER OA 189 -77.28 70.94 15.20
CA SER OA 189 -77.77 70.44 13.92
C SER OA 189 -77.60 68.94 13.75
N ILE OA 190 -76.72 68.31 14.52
CA ILE OA 190 -76.50 66.86 14.45
C ILE OA 190 -75.98 66.41 15.81
N SER OA 191 -76.20 65.14 16.13
CA SER OA 191 -75.86 64.58 17.43
C SER OA 191 -74.95 63.37 17.26
N ILE OA 192 -74.36 62.92 18.38
CA ILE OA 192 -73.53 61.73 18.40
C ILE OA 192 -73.62 61.12 19.79
N SER OA 193 -73.83 59.80 19.84
CA SER OA 193 -73.87 59.04 21.08
C SER OA 193 -72.68 58.10 21.10
N ASN OA 194 -71.92 58.13 22.18
CA ASN OA 194 -70.66 57.43 22.30
C ASN OA 194 -70.75 56.38 23.39
N MET OA 195 -70.40 55.14 23.05
CA MET OA 195 -70.39 54.04 24.01
C MET OA 195 -69.14 53.19 23.86
N GLY OA 196 -67.99 53.84 23.67
CA GLY OA 196 -66.74 53.11 23.53
C GLY OA 196 -66.14 52.66 24.84
N MET OA 197 -66.57 53.25 25.96
CA MET OA 197 -66.03 52.85 27.26
C MET OA 197 -66.58 51.51 27.70
N ASN OA 198 -67.74 51.11 27.17
CA ASN OA 198 -68.32 49.81 27.45
C ASN OA 198 -67.89 48.85 26.34
N PRO OA 199 -67.07 47.84 26.66
CA PRO OA 199 -66.59 46.92 25.61
C PRO OA 199 -67.63 45.89 25.18
N ALA OA 200 -68.78 45.82 25.85
CA ALA OA 200 -69.80 44.84 25.48
C ALA OA 200 -70.64 45.31 24.32
N VAL OA 201 -70.84 46.62 24.17
CA VAL OA 201 -71.75 47.16 23.17
C VAL OA 201 -71.06 47.09 21.81
N GLN OA 202 -71.41 46.07 21.03
CA GLN OA 202 -70.90 45.97 19.67
C GLN OA 202 -71.60 46.97 18.74
N SER OA 203 -72.91 47.13 18.92
CA SER OA 203 -73.70 48.01 18.08
C SER OA 203 -74.95 48.43 18.84
N PHE OA 204 -75.39 49.65 18.62
CA PHE OA 204 -76.64 50.13 19.20
C PHE OA 204 -77.20 51.23 18.32
N THR OA 205 -78.50 51.47 18.47
CA THR OA 205 -79.20 52.55 17.80
C THR OA 205 -79.58 53.63 18.81
N ALA OA 206 -79.85 54.83 18.29
CA ALA OA 206 -80.21 55.96 19.13
C ALA OA 206 -81.46 56.60 18.56
N ILE OA 207 -82.11 57.41 19.39
CA ILE OA 207 -83.31 58.15 19.01
C ILE OA 207 -82.91 59.58 18.67
N ILE OA 208 -83.42 60.09 17.54
CA ILE OA 208 -83.05 61.41 17.06
C ILE OA 208 -83.65 62.48 17.96
N ASN OA 209 -82.80 63.38 18.46
CA ASN OA 209 -83.28 64.51 19.24
C ASN OA 209 -83.96 65.51 18.33
N PRO OA 210 -85.22 65.85 18.58
CA PRO OA 210 -85.89 66.83 17.72
C PRO OA 210 -85.38 68.22 18.01
N PRO OA 211 -85.36 69.10 17.00
CA PRO OA 211 -85.80 68.89 15.62
C PRO OA 211 -84.67 68.52 14.64
N GLN OA 212 -83.64 67.81 15.10
CA GLN OA 212 -82.55 67.46 14.22
C GLN OA 212 -82.96 66.33 13.27
N ALA OA 213 -82.09 66.05 12.30
CA ALA OA 213 -82.40 65.09 11.24
C ALA OA 213 -81.64 63.78 11.33
N ALA OA 214 -80.53 63.73 12.07
CA ALA OA 214 -79.72 62.52 12.13
C ALA OA 214 -79.08 62.40 13.49
N ILE OA 215 -78.70 61.18 13.85
CA ILE OA 215 -77.93 60.94 15.07
C ILE OA 215 -76.95 59.80 14.80
N LEU OA 216 -75.76 59.89 15.37
CA LEU OA 216 -74.74 58.86 15.21
C LEU OA 216 -74.67 58.01 16.47
N ALA OA 217 -74.25 56.76 16.30
CA ALA OA 217 -74.08 55.83 17.42
C ALA OA 217 -72.83 55.00 17.16
N VAL OA 218 -71.91 55.01 18.11
CA VAL OA 218 -70.58 54.42 17.92
C VAL OA 218 -70.38 53.30 18.92
N GLY OA 219 -70.09 52.09 18.41
CA GLY OA 219 -69.91 50.94 19.28
C GLY OA 219 -68.46 50.70 19.64
N ALA OA 220 -68.26 49.73 20.53
CA ALA OA 220 -66.94 49.38 21.01
C ALA OA 220 -66.10 48.78 19.89
N PRO OA 221 -64.81 49.06 19.87
CA PRO OA 221 -63.94 48.46 18.86
C PRO OA 221 -63.66 46.99 19.14
N GLN OA 222 -63.54 46.22 18.06
CA GLN OA 222 -63.28 44.79 18.13
C GLN OA 222 -62.28 44.39 17.05
N LYS OA 223 -61.63 43.25 17.23
CA LYS OA 223 -60.67 42.74 16.25
C LYS OA 223 -61.40 41.89 15.21
N VAL OA 224 -61.30 42.30 13.95
CA VAL OA 224 -61.93 41.60 12.84
C VAL OA 224 -60.85 41.12 11.89
N ALA OA 225 -60.97 39.86 11.46
CA ALA OA 225 -60.01 39.29 10.51
C ALA OA 225 -60.20 39.89 9.12
N VAL OA 226 -59.11 40.43 8.58
CA VAL OA 226 -59.13 41.14 7.30
C VAL OA 226 -58.04 40.53 6.41
N PRO OA 227 -58.33 40.20 5.15
CA PRO OA 227 -57.33 39.56 4.30
C PRO OA 227 -56.21 40.53 3.90
N VAL OA 228 -55.02 39.96 3.69
CA VAL OA 228 -53.85 40.73 3.31
C VAL OA 228 -53.01 39.90 2.35
N GLU OA 229 -52.44 40.55 1.35
CA GLU OA 229 -51.47 39.91 0.48
C GLU OA 229 -50.09 40.05 1.09
N ASN OA 230 -49.30 39.00 1.04
CA ASN OA 230 -47.88 39.11 1.32
C ASN OA 230 -47.18 39.50 0.03
N GLU OA 231 -45.85 39.49 0.03
CA GLU OA 231 -45.10 39.81 -1.18
C GLU OA 231 -45.01 38.62 -2.14
N ASP OA 232 -45.66 37.50 -1.83
CA ASP OA 232 -45.90 36.43 -2.78
C ASP OA 232 -47.40 36.35 -3.08
N GLY OA 233 -47.79 35.34 -3.85
CA GLY OA 233 -49.14 35.29 -4.41
C GLY OA 233 -50.24 34.93 -3.42
N THR OA 234 -49.92 34.34 -2.28
CA THR OA 234 -50.95 33.83 -1.39
C THR OA 234 -51.55 34.94 -0.55
N THR OA 235 -52.74 34.67 -0.01
CA THR OA 235 -53.41 35.60 0.91
C THR OA 235 -53.11 35.21 2.36
N GLY OA 236 -53.36 36.17 3.27
CA GLY OA 236 -53.07 35.98 4.67
C GLY OA 236 -54.21 36.46 5.55
N VAL OA 237 -53.95 36.42 6.86
CA VAL OA 237 -54.90 36.91 7.85
C VAL OA 237 -54.24 38.05 8.59
N SER OA 238 -54.83 39.24 8.51
CA SER OA 238 -54.43 40.38 9.30
C SER OA 238 -55.57 40.76 10.23
N TRP OA 239 -55.22 41.33 11.38
CA TRP OA 239 -56.20 41.68 12.41
C TRP OA 239 -56.37 43.19 12.41
N ASP OA 240 -57.57 43.64 12.07
CA ASP OA 240 -57.90 45.05 11.93
C ASP OA 240 -58.83 45.47 13.07
N GLU OA 241 -58.62 46.68 13.57
CA GLU OA 241 -59.48 47.25 14.61
C GLU OA 241 -60.66 47.93 13.93
N GLN OA 242 -61.85 47.38 14.10
CA GLN OA 242 -63.05 47.91 13.46
C GLN OA 242 -64.05 48.40 14.51
N ILE OA 243 -64.82 49.42 14.11
CA ILE OA 243 -65.83 50.03 14.98
C ILE OA 243 -67.14 50.07 14.20
N ILE OA 244 -68.20 49.53 14.79
CA ILE OA 244 -69.51 49.53 14.16
C ILE OA 244 -70.19 50.87 14.45
N VAL OA 245 -70.54 51.59 13.40
CA VAL OA 245 -71.14 52.91 13.47
C VAL OA 245 -72.53 52.84 12.83
N THR OA 246 -73.56 53.18 13.60
CA THR OA 246 -74.93 53.17 13.13
C THR OA 246 -75.47 54.60 13.13
N ALA OA 247 -75.91 55.07 11.98
CA ALA OA 247 -76.47 56.40 11.83
C ALA OA 247 -77.97 56.29 11.61
N SER OA 248 -78.75 56.93 12.47
CA SER OA 248 -80.21 56.94 12.36
C SER OA 248 -80.63 58.24 11.71
N PHE OA 249 -81.35 58.13 10.59
CA PHE OA 249 -81.81 59.28 9.82
C PHE OA 249 -83.34 59.37 9.87
N ASP OA 250 -83.82 60.59 9.65
CA ASP OA 250 -85.24 60.88 9.49
C ASP OA 250 -85.56 60.88 8.00
N HIS OA 251 -86.58 60.11 7.61
CA HIS OA 251 -86.85 59.91 6.19
C HIS OA 251 -87.61 61.06 5.55
N LYS OA 252 -88.09 62.03 6.35
CA LYS OA 252 -88.74 63.18 5.76
C LYS OA 252 -87.74 64.14 5.13
N VAL OA 253 -86.50 64.15 5.64
CA VAL OA 253 -85.46 65.04 5.15
C VAL OA 253 -84.41 64.28 4.34
N VAL OA 254 -83.92 63.16 4.89
CA VAL OA 254 -82.81 62.42 4.30
C VAL OA 254 -83.35 61.13 3.72
N ASP OA 255 -83.02 60.88 2.45
CA ASP OA 255 -83.33 59.59 1.84
C ASP OA 255 -82.17 58.62 2.04
N GLY OA 256 -82.38 57.39 1.55
CA GLY OA 256 -81.39 56.34 1.77
C GLY OA 256 -80.12 56.56 1.00
N ALA OA 257 -80.21 57.11 -0.22
CA ALA OA 257 -79.03 57.41 -1.01
C ALA OA 257 -78.23 58.56 -0.40
N VAL OA 258 -78.92 59.55 0.16
CA VAL OA 258 -78.24 60.67 0.81
C VAL OA 258 -77.55 60.21 2.09
N GLY OA 259 -78.22 59.33 2.85
CA GLY OA 259 -77.60 58.76 4.03
C GLY OA 259 -76.42 57.86 3.71
N ALA OA 260 -76.50 57.15 2.59
CA ALA OA 260 -75.40 56.30 2.16
C ALA OA 260 -74.22 57.13 1.68
N GLU OA 261 -74.47 58.25 1.00
CA GLU OA 261 -73.39 59.16 0.63
C GLU OA 261 -72.73 59.79 1.85
N TRP OA 262 -73.53 60.18 2.84
CA TRP OA 262 -72.98 60.73 4.09
C TRP OA 262 -72.12 59.69 4.82
N ILE OA 263 -72.60 58.45 4.88
CA ILE OA 263 -71.86 57.36 5.51
C ILE OA 263 -70.58 57.06 4.74
N ARG OA 264 -70.63 57.14 3.40
CA ARG OA 264 -69.44 56.88 2.58
C ARG OA 264 -68.39 57.96 2.76
N GLU OA 265 -68.81 59.24 2.84
CA GLU OA 265 -67.85 60.31 3.05
C GLU OA 265 -67.26 60.26 4.46
N LEU OA 266 -68.08 59.89 5.46
CA LEU OA 266 -67.57 59.72 6.81
C LEU OA 266 -66.57 58.58 6.89
N LYS OA 267 -66.86 57.47 6.22
CA LYS OA 267 -65.94 56.33 6.18
C LYS OA 267 -64.65 56.67 5.44
N LYS OA 268 -64.75 57.49 4.39
CA LYS OA 268 -63.55 57.91 3.66
C LYS OA 268 -62.65 58.78 4.52
N VAL OA 269 -63.24 59.77 5.21
CA VAL OA 269 -62.46 60.67 6.06
C VAL OA 269 -61.90 59.93 7.28
N ILE OA 270 -62.60 58.92 7.77
CA ILE OA 270 -62.09 58.16 8.92
C ILE OA 270 -60.97 57.21 8.50
N GLU OA 271 -61.17 56.45 7.41
CA GLU OA 271 -60.17 55.48 7.00
C GLU OA 271 -58.99 56.09 6.27
N ASN OA 272 -59.07 57.36 5.86
CA ASN OA 272 -57.92 58.12 5.38
C ASN OA 272 -57.77 59.33 6.29
N PRO OA 273 -56.98 59.20 7.35
CA PRO OA 273 -56.94 60.28 8.38
C PRO OA 273 -56.22 61.53 7.93
N LEU OA 274 -55.49 61.48 6.81
CA LEU OA 274 -54.85 62.69 6.28
C LEU OA 274 -55.85 63.62 5.60
N GLU OA 275 -57.07 63.15 5.34
CA GLU OA 275 -58.09 63.99 4.73
C GLU OA 275 -58.77 64.92 5.73
N LEU OA 276 -58.42 64.83 7.02
CA LEU OA 276 -58.93 65.76 8.01
C LEU OA 276 -58.29 67.15 7.87
N LEU OA 277 -57.16 67.24 7.17
CA LEU OA 277 -56.56 68.53 6.86
C LEU OA 277 -57.43 69.32 5.89
N LEU OA 278 -57.92 68.64 4.86
CA LEU OA 278 -58.76 69.27 3.84
C LEU OA 278 -60.18 69.45 4.34
N TYR PA 47 -59.11 22.83 94.40
CA TYR PA 47 -58.31 23.94 94.90
C TYR PA 47 -59.00 25.26 94.57
N THR PA 48 -58.86 25.70 93.32
CA THR PA 48 -59.56 26.89 92.85
C THR PA 48 -60.96 26.51 92.41
N ASP PA 49 -61.95 27.17 93.00
CA ASP PA 49 -63.36 26.80 92.94
C ASP PA 49 -64.20 27.97 92.47
N VAL PA 50 -63.86 28.52 91.31
CA VAL PA 50 -64.67 29.54 90.63
C VAL PA 50 -66.05 28.92 90.34
N PRO PA 51 -67.12 29.68 90.54
CA PRO PA 51 -68.47 29.12 90.36
C PRO PA 51 -68.90 29.12 88.91
N ILE PA 52 -69.97 28.37 88.64
CA ILE PA 52 -70.56 28.32 87.31
C ILE PA 52 -71.24 29.64 87.02
N SER PA 53 -71.16 30.09 85.75
CA SER PA 53 -71.68 31.40 85.38
C SER PA 53 -73.20 31.48 85.45
N GLY PA 54 -73.89 30.34 85.39
CA GLY PA 54 -75.34 30.35 85.38
C GLY PA 54 -75.86 30.25 83.97
N MET PA 55 -75.19 30.94 83.03
CA MET PA 55 -75.46 30.76 81.61
C MET PA 55 -75.04 29.37 81.13
N ARG PA 56 -73.95 28.82 81.69
CA ARG PA 56 -73.52 27.47 81.37
C ARG PA 56 -74.49 26.40 81.85
N LYS PA 57 -75.30 26.69 82.88
CA LYS PA 57 -76.23 25.71 83.42
C LYS PA 57 -77.34 25.41 82.44
N THR PA 58 -77.82 26.43 81.71
CA THR PA 58 -78.85 26.23 80.71
C THR PA 58 -78.33 25.42 79.52
N ILE PA 59 -77.09 25.66 79.09
CA ILE PA 59 -76.51 24.89 78.00
C ILE PA 59 -76.24 23.46 78.44
N ALA PA 60 -75.86 23.27 79.71
CA ALA PA 60 -75.64 21.92 80.22
C ALA PA 60 -76.95 21.14 80.30
N ALA PA 61 -78.03 21.80 80.74
CA ALA PA 61 -79.34 21.15 80.76
C ALA PA 61 -79.85 20.87 79.35
N ARG PA 62 -79.54 21.76 78.40
CA ARG PA 62 -79.97 21.56 77.02
C ARG PA 62 -79.24 20.40 76.36
N LEU PA 63 -77.93 20.29 76.59
CA LEU PA 63 -77.17 19.15 76.07
C LEU PA 63 -77.59 17.85 76.77
N LYS PA 64 -77.97 17.94 78.05
CA LYS PA 64 -78.54 16.78 78.74
C LYS PA 64 -79.85 16.34 78.09
N GLU PA 65 -80.74 17.29 77.78
CA GLU PA 65 -81.98 16.99 77.06
C GLU PA 65 -81.70 16.34 75.71
N SER PA 66 -80.68 16.85 75.01
CA SER PA 66 -80.33 16.33 73.69
C SER PA 66 -79.86 14.89 73.77
N VAL PA 67 -78.95 14.59 74.70
CA VAL PA 67 -78.40 13.24 74.77
C VAL PA 67 -79.38 12.28 75.44
N THR PA 68 -80.37 12.79 76.18
CA THR PA 68 -81.27 11.85 76.84
C THR PA 68 -82.55 11.63 76.04
N GLU PA 69 -82.86 12.50 75.07
CA GLU PA 69 -84.09 12.30 74.31
C GLU PA 69 -83.78 11.95 72.86
N ASN PA 70 -82.55 12.21 72.42
CA ASN PA 70 -82.15 11.90 71.05
C ASN PA 70 -81.15 10.75 71.07
N PRO PA 71 -81.54 9.54 70.67
CA PRO PA 71 -80.53 8.48 70.47
C PRO PA 71 -79.69 8.73 69.24
N HIS PA 72 -78.47 9.21 69.44
CA HIS PA 72 -77.61 9.61 68.34
C HIS PA 72 -76.98 8.41 67.67
N PHE PA 73 -76.76 8.52 66.37
CA PHE PA 73 -75.86 7.61 65.66
C PHE PA 73 -75.10 8.40 64.61
N PHE PA 74 -73.83 8.05 64.45
CA PHE PA 74 -72.91 8.80 63.60
C PHE PA 74 -72.69 8.07 62.29
N VAL PA 75 -72.57 8.84 61.21
CA VAL PA 75 -72.21 8.32 59.89
C VAL PA 75 -71.01 9.14 59.41
N SER PA 76 -69.90 8.48 59.14
CA SER PA 76 -68.67 9.15 58.73
C SER PA 76 -68.39 8.92 57.26
N THR PA 77 -67.76 9.90 56.63
CA THR PA 77 -67.38 9.79 55.22
C THR PA 77 -66.15 10.65 54.99
N ASN PA 78 -65.53 10.47 53.83
CA ASN PA 78 -64.37 11.27 53.43
C ASN PA 78 -64.70 11.95 52.11
N LEU PA 79 -64.79 13.28 52.14
CA LEU PA 79 -65.08 14.07 50.96
C LEU PA 79 -63.77 14.52 50.31
N SER PA 80 -63.67 14.33 49.01
CA SER PA 80 -62.54 14.84 48.25
C SER PA 80 -62.83 16.27 47.81
N VAL PA 81 -61.95 17.20 48.20
CA VAL PA 81 -62.18 18.62 47.97
C VAL PA 81 -61.12 19.22 47.04
N SER PA 82 -60.44 18.36 46.25
CA SER PA 82 -59.40 18.84 45.36
C SER PA 82 -59.96 19.64 44.19
N LYS PA 83 -61.20 19.35 43.78
CA LYS PA 83 -61.86 20.15 42.76
C LYS PA 83 -62.60 21.34 43.37
N LEU PA 84 -63.07 21.19 44.61
CA LEU PA 84 -63.73 22.28 45.30
C LEU PA 84 -62.76 23.41 45.60
N LEU PA 85 -61.52 23.07 45.96
CA LEU PA 85 -60.51 24.10 46.19
C LEU PA 85 -60.10 24.80 44.90
N LYS PA 86 -60.09 24.08 43.78
CA LYS PA 86 -59.80 24.70 42.49
C LYS PA 86 -60.91 25.65 42.07
N LEU PA 87 -62.17 25.24 42.30
CA LEU PA 87 -63.31 26.11 41.98
C LEU PA 87 -63.31 27.35 42.87
N ARG PA 88 -62.96 27.19 44.15
CA ARG PA 88 -62.88 28.32 45.07
C ARG PA 88 -61.75 29.26 44.69
N GLN PA 89 -60.62 28.71 44.24
CA GLN PA 89 -59.48 29.53 43.81
C GLN PA 89 -59.82 30.32 42.56
N ALA PA 90 -60.53 29.69 41.62
CA ALA PA 90 -60.93 30.39 40.39
C ALA PA 90 -61.96 31.47 40.68
N LEU PA 91 -62.94 31.18 41.55
CA LEU PA 91 -63.96 32.18 41.87
C LEU PA 91 -63.40 33.32 42.70
N ASN PA 92 -62.35 33.05 43.49
CA ASN PA 92 -61.72 34.14 44.25
C ASN PA 92 -60.78 34.95 43.38
N SER PA 93 -60.13 34.32 42.40
CA SER PA 93 -59.22 35.06 41.52
C SER PA 93 -59.99 35.91 40.52
N SER PA 94 -61.19 35.48 40.12
CA SER PA 94 -62.01 36.27 39.22
C SER PA 94 -62.92 37.24 39.99
N ALA PA 95 -62.28 38.14 40.72
CA ALA PA 95 -62.99 39.12 41.52
C ALA PA 95 -62.12 40.36 41.69
N ASP PA 96 -62.76 41.44 42.14
CA ASP PA 96 -62.09 42.71 42.41
C ASP PA 96 -62.17 43.08 43.89
N GLY PA 97 -62.13 42.07 44.77
CA GLY PA 97 -62.34 42.30 46.17
C GLY PA 97 -63.80 42.45 46.58
N ARG PA 98 -64.73 42.02 45.73
CA ARG PA 98 -66.15 42.11 46.08
C ARG PA 98 -66.54 41.04 47.08
N TYR PA 99 -65.91 39.87 47.03
CA TYR PA 99 -66.26 38.76 47.91
C TYR PA 99 -65.01 37.95 48.20
N LYS PA 100 -65.14 37.04 49.17
CA LYS PA 100 -64.09 36.09 49.52
C LYS PA 100 -64.77 34.80 49.92
N LEU PA 101 -64.49 33.73 49.17
CA LEU PA 101 -65.17 32.46 49.36
C LEU PA 101 -64.36 31.53 50.23
N SER PA 102 -65.06 30.72 51.02
CA SER PA 102 -64.46 29.70 51.87
C SER PA 102 -65.10 28.35 51.60
N VAL PA 103 -64.57 27.32 52.27
CA VAL PA 103 -65.08 25.96 52.08
C VAL PA 103 -66.45 25.82 52.76
N ASN PA 104 -66.70 26.63 53.80
CA ASN PA 104 -67.96 26.56 54.52
C ASN PA 104 -69.14 27.01 53.68
N ASP PA 105 -68.91 27.88 52.70
CA ASP PA 105 -69.97 28.30 51.79
C ASP PA 105 -70.43 27.16 50.89
N PHE PA 106 -69.46 26.43 50.31
CA PHE PA 106 -69.78 25.25 49.51
C PHE PA 106 -70.42 24.17 50.36
N LEU PA 107 -69.99 24.03 51.62
CA LEU PA 107 -70.56 23.02 52.50
C LEU PA 107 -72.00 23.36 52.87
N ILE PA 108 -72.29 24.64 53.12
CA ILE PA 108 -73.65 25.05 53.46
C ILE PA 108 -74.58 24.90 52.26
N LYS PA 109 -74.09 25.25 51.06
CA LYS PA 109 -74.89 25.07 49.85
C LYS PA 109 -75.14 23.59 49.55
N ALA PA 110 -74.13 22.74 49.76
CA ALA PA 110 -74.30 21.31 49.54
C ALA PA 110 -75.21 20.69 50.57
N MET PA 111 -75.20 21.22 51.81
CA MET PA 111 -76.14 20.77 52.82
C MET PA 111 -77.57 21.14 52.46
N GLY PA 112 -77.75 22.34 51.87
CA GLY PA 112 -79.08 22.73 51.42
C GLY PA 112 -79.58 21.86 50.27
N ILE PA 113 -78.69 21.54 49.33
CA ILE PA 113 -79.05 20.68 48.20
C ILE PA 113 -79.40 19.27 48.68
N ALA PA 114 -78.60 18.74 49.61
CA ALA PA 114 -78.83 17.39 50.11
C ALA PA 114 -80.09 17.32 50.97
N SER PA 115 -80.37 18.36 51.76
CA SER PA 115 -81.60 18.38 52.55
C SER PA 115 -82.83 18.59 51.69
N LYS PA 116 -82.68 19.26 50.54
CA LYS PA 116 -83.81 19.34 49.61
C LYS PA 116 -84.03 18.02 48.89
N ARG PA 117 -82.96 17.28 48.58
CA ARG PA 117 -83.14 15.99 47.92
C ARG PA 117 -83.64 14.90 48.87
N VAL PA 118 -83.18 14.89 50.11
CA VAL PA 118 -83.69 13.97 51.12
C VAL PA 118 -84.41 14.78 52.20
N PRO PA 119 -85.72 14.97 52.10
CA PRO PA 119 -86.42 15.87 53.04
C PRO PA 119 -86.70 15.25 54.39
N THR PA 120 -86.39 13.96 54.60
CA THR PA 120 -86.64 13.34 55.89
C THR PA 120 -85.67 13.84 56.95
N VAL PA 121 -84.45 14.18 56.55
CA VAL PA 121 -83.46 14.71 57.50
C VAL PA 121 -83.82 16.12 57.93
N ASN PA 122 -84.49 16.88 57.06
CA ASN PA 122 -84.90 18.25 57.38
C ASN PA 122 -86.24 18.19 58.11
N SER PA 123 -86.19 17.77 59.38
CA SER PA 123 -87.38 17.59 60.18
C SER PA 123 -87.04 17.82 61.65
N SER PA 124 -87.99 17.51 62.53
CA SER PA 124 -87.85 17.68 63.96
C SER PA 124 -88.69 16.63 64.67
N TRP PA 125 -88.97 16.84 65.94
CA TRP PA 125 -89.78 15.92 66.74
C TRP PA 125 -90.63 16.73 67.70
N ARG PA 126 -91.95 16.67 67.50
CA ARG PA 126 -92.91 17.55 68.18
C ARG PA 126 -93.97 16.73 68.90
N ASP PA 127 -95.07 17.38 69.31
CA ASP PA 127 -96.10 16.73 70.11
C ASP PA 127 -96.85 15.72 69.27
N GLY PA 128 -96.37 14.47 69.29
CA GLY PA 128 -96.97 13.39 68.53
C GLY PA 128 -96.92 13.55 67.03
N VAL PA 129 -96.00 14.36 66.52
CA VAL PA 129 -96.04 14.80 65.14
C VAL PA 129 -94.62 15.17 64.69
N ILE PA 130 -94.35 14.95 63.40
CA ILE PA 130 -93.08 15.27 62.77
C ILE PA 130 -93.27 16.56 61.98
N ARG PA 131 -92.50 17.59 62.32
CA ARG PA 131 -92.61 18.86 61.62
C ARG PA 131 -91.56 18.93 60.51
N GLN PA 132 -92.03 18.98 59.27
CA GLN PA 132 -91.17 18.94 58.09
C GLN PA 132 -91.22 20.29 57.39
N PHE PA 133 -90.07 20.92 57.22
CA PHE PA 133 -89.93 22.22 56.59
C PHE PA 133 -89.63 22.09 55.10
N GLU PA 134 -89.85 23.18 54.36
CA GLU PA 134 -89.45 23.27 52.97
C GLU PA 134 -88.04 23.82 52.81
N THR PA 135 -87.79 25.00 53.36
CA THR PA 135 -86.49 25.65 53.21
C THR PA 135 -85.48 25.09 54.20
N VAL PA 136 -84.20 25.18 53.84
CA VAL PA 136 -83.11 24.71 54.66
C VAL PA 136 -82.55 25.93 55.38
N ASP PA 137 -82.73 25.99 56.70
CA ASP PA 137 -82.16 27.04 57.54
C ASP PA 137 -80.99 26.44 58.29
N VAL PA 138 -79.79 26.92 58.00
CA VAL PA 138 -78.56 26.29 58.48
C VAL PA 138 -78.00 27.11 59.63
N SER PA 139 -77.86 26.49 60.79
CA SER PA 139 -77.25 27.11 61.96
C SER PA 139 -75.75 26.87 61.93
N VAL PA 140 -74.97 27.95 61.94
CA VAL PA 140 -73.52 27.86 61.87
C VAL PA 140 -72.94 28.21 63.23
N ALA PA 141 -72.07 27.34 63.75
CA ALA PA 141 -71.49 27.55 65.06
C ALA PA 141 -70.35 28.55 64.99
N VAL PA 142 -70.39 29.57 65.84
CA VAL PA 142 -69.35 30.60 65.93
C VAL PA 142 -68.71 30.51 67.30
N ALA PA 143 -67.39 30.41 67.33
CA ALA PA 143 -66.64 30.26 68.57
C ALA PA 143 -66.29 31.64 69.12
N THR PA 144 -67.01 32.06 70.16
CA THR PA 144 -66.80 33.29 70.90
C THR PA 144 -66.14 32.99 72.24
N PRO PA 145 -65.44 33.95 72.85
CA PRO PA 145 -64.84 33.69 74.18
C PRO PA 145 -65.85 33.47 75.29
N ASN PA 146 -67.12 33.82 75.07
CA ASN PA 146 -68.22 33.46 75.95
C ASN PA 146 -68.90 32.15 75.54
N GLY PA 147 -68.18 31.26 74.87
CA GLY PA 147 -68.70 29.93 74.61
C GLY PA 147 -69.07 29.65 73.17
N LEU PA 148 -70.35 29.36 72.92
CA LEU PA 148 -70.80 28.94 71.61
C LEU PA 148 -72.15 29.56 71.30
N ILE PA 149 -72.30 30.01 70.05
CA ILE PA 149 -73.57 30.54 69.56
C ILE PA 149 -73.77 30.02 68.14
N THR PA 150 -75.04 29.89 67.74
CA THR PA 150 -75.38 29.35 66.42
C THR PA 150 -76.34 30.31 65.70
N PRO PA 151 -75.80 31.33 65.02
CA PRO PA 151 -76.66 32.13 64.14
C PRO PA 151 -77.07 31.36 62.90
N ILE PA 152 -78.23 31.72 62.37
CA ILE PA 152 -78.91 30.95 61.33
C ILE PA 152 -78.86 31.71 60.01
N VAL PA 153 -78.48 31.00 58.96
CA VAL PA 153 -78.61 31.46 57.58
C VAL PA 153 -79.93 30.91 57.06
N LYS PA 154 -80.85 31.80 56.71
CA LYS PA 154 -82.19 31.41 56.32
C LYS PA 154 -82.29 31.31 54.80
N GLY PA 155 -83.01 30.28 54.34
CA GLY PA 155 -83.24 30.07 52.92
C GLY PA 155 -81.97 29.77 52.14
N VAL PA 156 -81.33 28.65 52.47
CA VAL PA 156 -80.01 28.35 51.92
C VAL PA 156 -80.11 27.94 50.46
N GLU PA 157 -81.05 27.05 50.12
CA GLU PA 157 -81.22 26.63 48.74
C GLU PA 157 -81.80 27.79 47.93
N GLY PA 158 -81.23 28.03 46.75
CA GLY PA 158 -81.57 29.17 45.94
C GLY PA 158 -81.22 30.51 46.56
N LYS PA 159 -80.01 30.66 47.06
CA LYS PA 159 -79.59 31.92 47.68
C LYS PA 159 -78.37 32.54 47.02
N GLY PA 160 -77.37 31.75 46.69
CA GLY PA 160 -76.16 32.30 46.11
C GLY PA 160 -74.99 32.25 47.08
N LEU PA 161 -73.81 31.96 46.54
CA LEU PA 161 -72.63 31.76 47.38
C LEU PA 161 -72.13 33.08 47.95
N GLU PA 162 -72.26 34.18 47.21
CA GLU PA 162 -71.86 35.49 47.71
C GLU PA 162 -72.80 35.96 48.82
N SER PA 163 -74.10 35.67 48.68
CA SER PA 163 -75.06 36.00 49.72
C SER PA 163 -74.81 35.16 50.97
N ILE PA 164 -74.46 33.89 50.80
CA ILE PA 164 -74.14 33.02 51.93
C ILE PA 164 -72.89 33.50 52.64
N SER PA 165 -71.85 33.88 51.87
CA SER PA 165 -70.61 34.39 52.46
C SER PA 165 -70.84 35.70 53.20
N ALA PA 166 -71.66 36.58 52.63
CA ALA PA 166 -71.97 37.85 53.28
C ALA PA 166 -72.74 37.65 54.56
N ALA PA 167 -73.74 36.75 54.55
CA ALA PA 167 -74.53 36.50 55.75
C ALA PA 167 -73.70 35.83 56.84
N VAL PA 168 -72.81 34.91 56.46
CA VAL PA 168 -71.95 34.25 57.42
C VAL PA 168 -70.96 35.23 58.04
N LYS PA 169 -70.41 36.15 57.24
CA LYS PA 169 -69.48 37.14 57.77
C LYS PA 169 -70.18 38.14 58.69
N GLU PA 170 -71.39 38.60 58.29
CA GLU PA 170 -72.22 39.46 59.13
C GLU PA 170 -72.53 38.82 60.47
N LEU PA 171 -73.02 37.58 60.45
CA LEU PA 171 -73.42 36.91 61.69
C LEU PA 171 -72.21 36.56 62.56
N ALA PA 172 -71.06 36.26 61.94
CA ALA PA 172 -69.88 35.94 62.72
C ALA PA 172 -69.30 37.18 63.40
N LYS PA 173 -69.25 38.32 62.69
CA LYS PA 173 -68.72 39.53 63.32
C LYS PA 173 -69.69 40.07 64.35
N LYS PA 174 -71.00 39.86 64.14
CA LYS PA 174 -71.95 40.29 65.17
C LYS PA 174 -71.96 39.33 66.35
N ALA PA 175 -71.55 38.07 66.14
CA ALA PA 175 -71.39 37.15 67.26
C ALA PA 175 -70.16 37.49 68.07
N ARG PA 176 -69.10 37.97 67.40
CA ARG PA 176 -67.92 38.42 68.13
C ARG PA 176 -68.17 39.73 68.87
N ASP PA 177 -69.02 40.60 68.34
CA ASP PA 177 -69.40 41.81 69.06
C ASP PA 177 -70.54 41.60 70.05
N GLY PA 178 -71.24 40.48 69.99
CA GLY PA 178 -72.31 40.16 70.93
C GLY PA 178 -73.55 41.02 70.77
N LYS PA 179 -74.07 41.11 69.55
CA LYS PA 179 -75.16 42.03 69.23
C LYS PA 179 -76.28 41.31 68.47
N LEU PA 180 -76.76 40.20 69.01
CA LEU PA 180 -77.74 39.37 68.32
C LEU PA 180 -79.13 39.51 68.96
N LYS PA 181 -80.14 39.29 68.14
CA LYS PA 181 -81.55 39.12 68.47
C LYS PA 181 -81.83 37.63 68.66
N PRO PA 182 -82.80 37.27 69.53
CA PRO PA 182 -83.08 35.84 69.75
C PRO PA 182 -83.65 35.12 68.54
N GLU PA 183 -84.29 35.85 67.61
CA GLU PA 183 -84.75 35.27 66.37
C GLU PA 183 -83.62 34.96 65.39
N GLU PA 184 -82.41 35.43 65.67
CA GLU PA 184 -81.27 35.13 64.81
C GLU PA 184 -80.52 33.88 65.23
N TYR PA 185 -80.73 33.38 66.45
CA TYR PA 185 -80.05 32.16 66.88
C TYR PA 185 -81.01 31.19 67.55
N GLN PA 186 -82.31 31.41 67.42
CA GLN PA 186 -83.32 30.48 67.95
C GLN PA 186 -84.16 29.97 66.78
N GLY PA 187 -83.94 28.72 66.38
CA GLY PA 187 -84.65 28.13 65.27
C GLY PA 187 -83.76 27.20 64.47
N GLY PA 188 -83.88 27.26 63.14
CA GLY PA 188 -83.06 26.44 62.28
C GLY PA 188 -83.57 25.02 62.11
N SER PA 189 -83.19 24.37 61.00
CA SER PA 189 -83.58 22.99 60.75
C SER PA 189 -82.40 22.02 60.74
N ILE PA 190 -81.18 22.52 60.55
CA ILE PA 190 -79.99 21.67 60.55
C ILE PA 190 -78.80 22.55 60.95
N SER PA 191 -77.76 21.91 61.49
CA SER PA 191 -76.61 22.61 62.05
C SER PA 191 -75.33 22.10 61.38
N ILE PA 192 -74.24 22.83 61.60
CA ILE PA 192 -72.92 22.45 61.11
C ILE PA 192 -71.87 23.01 62.07
N SER PA 193 -70.93 22.17 62.45
CA SER PA 193 -69.80 22.56 63.30
C SER PA 193 -68.53 22.46 62.48
N ASN PA 194 -67.75 23.52 62.47
CA ASN PA 194 -66.58 23.65 61.61
C ASN PA 194 -65.32 23.74 62.45
N MET PA 195 -64.34 22.89 62.17
CA MET PA 195 -63.06 22.88 62.86
C MET PA 195 -61.91 22.74 61.88
N GLY PA 196 -61.98 23.44 60.75
CA GLY PA 196 -60.92 23.37 59.76
C GLY PA 196 -59.73 24.25 60.07
N MET PA 197 -59.89 25.22 60.98
CA MET PA 197 -58.77 26.09 61.33
C MET PA 197 -57.77 25.37 62.22
N ASN PA 198 -58.22 24.33 62.92
CA ASN PA 198 -57.34 23.50 63.74
C ASN PA 198 -56.87 22.32 62.91
N PRO PA 199 -55.58 22.24 62.56
CA PRO PA 199 -55.11 21.12 61.72
C PRO PA 199 -54.94 19.81 62.47
N ALA PA 200 -55.12 19.79 63.79
CA ALA PA 200 -54.96 18.56 64.54
C ALA PA 200 -56.22 17.71 64.51
N VAL PA 201 -57.39 18.33 64.39
CA VAL PA 201 -58.66 17.62 64.48
C VAL PA 201 -58.89 16.88 63.17
N GLN PA 202 -58.59 15.58 63.16
CA GLN PA 202 -58.89 14.76 61.99
C GLN PA 202 -60.37 14.46 61.89
N SER PA 203 -61.01 14.18 63.03
CA SER PA 203 -62.42 13.84 63.06
C SER PA 203 -62.95 14.15 64.45
N PHE PA 204 -64.22 14.57 64.50
CA PHE PA 204 -64.89 14.78 65.78
C PHE PA 204 -66.39 14.63 65.57
N THR PA 205 -67.08 14.38 66.68
CA THR PA 205 -68.54 14.31 66.70
C THR PA 205 -69.10 15.52 67.42
N ALA PA 206 -70.38 15.79 67.18
CA ALA PA 206 -71.07 16.91 67.78
C ALA PA 206 -72.38 16.44 68.39
N ILE PA 207 -72.94 17.27 69.26
CA ILE PA 207 -74.21 16.99 69.91
C ILE PA 207 -75.30 17.78 69.19
N ILE PA 208 -76.41 17.10 68.89
CA ILE PA 208 -77.49 17.71 68.12
C ILE PA 208 -78.20 18.76 68.97
N ASN PA 209 -78.31 19.98 68.43
CA ASN PA 209 -79.06 21.02 69.10
C ASN PA 209 -80.55 20.73 68.98
N PRO PA 210 -81.27 20.64 70.10
CA PRO PA 210 -82.70 20.38 70.02
C PRO PA 210 -83.44 21.62 69.57
N PRO PA 211 -84.56 21.46 68.84
CA PRO PA 211 -85.20 20.19 68.45
C PRO PA 211 -84.84 19.72 67.05
N GLN PA 212 -83.63 19.99 66.57
CA GLN PA 212 -83.24 19.58 65.23
C GLN PA 212 -82.96 18.08 65.19
N ALA PA 213 -82.77 17.56 63.97
CA ALA PA 213 -82.63 16.11 63.77
C ALA PA 213 -81.22 15.67 63.39
N ALA PA 214 -80.37 16.58 62.92
CA ALA PA 214 -79.04 16.19 62.47
C ALA PA 214 -78.06 17.33 62.73
N ILE PA 215 -76.79 16.98 62.81
CA ILE PA 215 -75.72 17.97 62.91
C ILE PA 215 -74.51 17.46 62.14
N LEU PA 216 -73.80 18.37 61.48
CA LEU PA 216 -72.62 18.01 60.70
C LEU PA 216 -71.37 18.41 61.48
N ALA PA 217 -70.28 17.70 61.23
CA ALA PA 217 -68.99 17.97 61.87
C ALA PA 217 -67.89 17.76 60.83
N VAL PA 218 -67.07 18.78 60.61
CA VAL PA 218 -66.11 18.79 59.51
C VAL PA 218 -64.70 18.89 60.07
N GLY PA 219 -63.85 17.91 59.73
CA GLY PA 219 -62.50 17.88 60.24
C GLY PA 219 -61.51 18.54 59.30
N ALA PA 220 -60.27 18.65 59.78
CA ALA PA 220 -59.20 19.28 59.03
C ALA PA 220 -58.84 18.44 57.81
N PRO PA 221 -58.50 19.09 56.70
CA PRO PA 221 -58.07 18.35 55.51
C PRO PA 221 -56.69 17.76 55.67
N GLN PA 222 -56.50 16.58 55.08
CA GLN PA 222 -55.25 15.86 55.11
C GLN PA 222 -54.96 15.24 53.74
N LYS PA 223 -53.69 14.93 53.48
CA LYS PA 223 -53.30 14.30 52.22
C LYS PA 223 -53.42 12.78 52.35
N VAL PA 224 -54.24 12.18 51.50
CA VAL PA 224 -54.46 10.74 51.49
C VAL PA 224 -54.01 10.19 50.13
N ALA PA 225 -53.27 9.09 50.17
CA ALA PA 225 -52.82 8.44 48.94
C ALA PA 225 -53.98 7.77 48.22
N VAL PA 226 -54.16 8.12 46.95
CA VAL PA 226 -55.28 7.65 46.14
C VAL PA 226 -54.70 7.08 44.84
N PRO PA 227 -55.13 5.88 44.41
CA PRO PA 227 -54.55 5.28 43.19
C PRO PA 227 -54.99 6.01 41.93
N VAL PA 228 -54.11 5.97 40.93
CA VAL PA 228 -54.35 6.62 39.65
C VAL PA 228 -53.74 5.75 38.55
N GLU PA 229 -54.44 5.68 37.42
CA GLU PA 229 -53.89 5.04 36.24
C GLU PA 229 -53.12 6.08 35.44
N ASN PA 230 -51.96 5.70 34.93
CA ASN PA 230 -51.29 6.51 33.93
C ASN PA 230 -51.86 6.11 32.56
N GLU PA 231 -51.25 6.61 31.49
CA GLU PA 231 -51.70 6.24 30.14
C GLU PA 231 -51.16 4.88 29.70
N ASP PA 232 -50.43 4.17 30.57
CA ASP PA 232 -50.11 2.76 30.38
C ASP PA 232 -50.85 1.94 31.44
N GLY PA 233 -50.57 0.64 31.47
CA GLY PA 233 -51.38 -0.29 32.25
C GLY PA 233 -51.17 -0.24 33.75
N THR PA 234 -50.05 0.33 34.22
CA THR PA 234 -49.72 0.24 35.64
C THR PA 234 -50.49 1.28 36.45
N THR PA 235 -50.57 1.05 37.76
CA THR PA 235 -51.19 1.99 38.68
C THR PA 235 -50.13 2.88 39.32
N GLY PA 236 -50.59 4.01 39.89
CA GLY PA 236 -49.69 4.97 40.48
C GLY PA 236 -50.20 5.45 41.84
N VAL PA 237 -49.49 6.44 42.37
CA VAL PA 237 -49.84 7.07 43.63
C VAL PA 237 -50.12 8.54 43.35
N SER PA 238 -51.36 8.97 43.61
CA SER PA 238 -51.73 10.37 43.56
C SER PA 238 -52.11 10.82 44.96
N TRP PA 239 -51.90 12.10 45.25
CA TRP PA 239 -52.15 12.66 46.57
C TRP PA 239 -53.41 13.51 46.50
N ASP PA 240 -54.45 13.08 47.21
CA ASP PA 240 -55.75 13.73 47.20
C ASP PA 240 -56.01 14.42 48.53
N GLU PA 241 -56.65 15.59 48.47
CA GLU PA 241 -57.01 16.33 49.67
C GLU PA 241 -58.37 15.82 50.15
N GLN PA 242 -58.39 15.15 51.29
CA GLN PA 242 -59.62 14.58 51.82
C GLN PA 242 -59.99 15.23 53.14
N ILE PA 243 -61.30 15.28 53.41
CA ILE PA 243 -61.85 15.87 54.62
C ILE PA 243 -62.80 14.85 55.24
N ILE PA 244 -62.60 14.54 56.51
CA ILE PA 244 -63.46 13.60 57.22
C ILE PA 244 -64.67 14.36 57.74
N VAL PA 245 -65.85 13.92 57.33
CA VAL PA 245 -67.11 14.55 57.67
C VAL PA 245 -67.96 13.54 58.44
N THR PA 246 -68.35 13.90 59.66
CA THR PA 246 -69.17 13.04 60.52
C THR PA 246 -70.51 13.70 60.73
N ALA PA 247 -71.58 13.01 60.37
CA ALA PA 247 -72.94 13.51 60.56
C ALA PA 247 -73.62 12.71 61.66
N SER PA 248 -74.09 13.41 62.69
CA SER PA 248 -74.79 12.79 63.81
C SER PA 248 -76.28 12.96 63.59
N PHE PA 249 -77.01 11.85 63.56
CA PHE PA 249 -78.44 11.82 63.34
C PHE PA 249 -79.17 11.34 64.58
N ASP PA 250 -80.44 11.73 64.67
CA ASP PA 250 -81.37 11.27 65.69
C ASP PA 250 -82.15 10.10 65.11
N HIS PA 251 -82.18 8.98 65.83
CA HIS PA 251 -82.77 7.76 65.28
C HIS PA 251 -84.29 7.73 65.36
N LYS PA 252 -84.90 8.69 66.06
CA LYS PA 252 -86.36 8.73 66.10
C LYS PA 252 -86.92 9.25 64.77
N VAL PA 253 -86.17 10.08 64.06
CA VAL PA 253 -86.61 10.68 62.81
C VAL PA 253 -85.90 10.05 61.62
N VAL PA 254 -84.57 9.93 61.69
CA VAL PA 254 -83.76 9.49 60.56
C VAL PA 254 -83.25 8.10 60.85
N ASP PA 255 -83.45 7.18 59.91
CA ASP PA 255 -82.86 5.86 60.00
C ASP PA 255 -81.49 5.85 59.31
N GLY PA 256 -80.83 4.69 59.39
CA GLY PA 256 -79.48 4.58 58.87
C GLY PA 256 -79.42 4.65 57.34
N ALA PA 257 -80.43 4.10 56.67
CA ALA PA 257 -80.48 4.18 55.21
C ALA PA 257 -80.76 5.60 54.74
N VAL PA 258 -81.59 6.34 55.47
CA VAL PA 258 -81.88 7.73 55.13
C VAL PA 258 -80.65 8.60 55.36
N GLY PA 259 -79.93 8.35 56.46
CA GLY PA 259 -78.70 9.07 56.71
C GLY PA 259 -77.61 8.74 55.70
N ALA PA 260 -77.58 7.49 55.23
CA ALA PA 260 -76.61 7.09 54.22
C ALA PA 260 -76.94 7.71 52.87
N GLU PA 261 -78.23 7.83 52.54
CA GLU PA 261 -78.63 8.52 51.31
C GLU PA 261 -78.29 10.01 51.37
N TRP PA 262 -78.51 10.64 52.53
CA TRP PA 262 -78.15 12.04 52.70
C TRP PA 262 -76.64 12.25 52.58
N ILE PA 263 -75.85 11.36 53.19
CA ILE PA 263 -74.39 11.42 53.09
C ILE PA 263 -73.93 11.18 51.66
N ARG PA 264 -74.60 10.28 50.93
CA ARG PA 264 -74.24 10.00 49.55
C ARG PA 264 -74.53 11.18 48.63
N GLU PA 265 -75.67 11.85 48.83
CA GLU PA 265 -76.00 13.01 48.02
C GLU PA 265 -75.08 14.19 48.35
N LEU PA 266 -74.72 14.35 49.63
CA LEU PA 266 -73.77 15.39 50.01
C LEU PA 266 -72.39 15.13 49.40
N LYS PA 267 -71.95 13.87 49.43
CA LYS PA 267 -70.67 13.50 48.83
C LYS PA 267 -70.68 13.69 47.31
N LYS PA 268 -71.82 13.42 46.66
CA LYS PA 268 -71.94 13.61 45.23
C LYS PA 268 -71.84 15.08 44.86
N VAL PA 269 -72.58 15.94 45.58
CA VAL PA 269 -72.57 17.37 45.30
C VAL PA 269 -71.20 17.98 45.64
N ILE PA 270 -70.50 17.46 46.63
CA ILE PA 270 -69.18 17.99 46.97
C ILE PA 270 -68.13 17.54 45.96
N GLU PA 271 -68.10 16.26 45.63
CA GLU PA 271 -67.08 15.75 44.73
C GLU PA 271 -67.36 16.06 43.26
N ASN PA 272 -68.56 16.51 42.92
CA ASN PA 272 -68.85 17.07 41.60
C ASN PA 272 -69.33 18.49 41.82
N PRO PA 273 -68.41 19.47 41.80
CA PRO PA 273 -68.78 20.84 42.18
C PRO PA 273 -69.64 21.57 41.17
N LEU PA 274 -69.77 21.04 39.94
CA LEU PA 274 -70.66 21.64 38.96
C LEU PA 274 -72.13 21.35 39.24
N GLU PA 275 -72.42 20.41 40.16
CA GLU PA 275 -73.79 20.12 40.53
C GLU PA 275 -74.38 21.12 41.50
N LEU PA 276 -73.59 22.10 41.96
CA LEU PA 276 -74.12 23.17 42.79
C LEU PA 276 -74.98 24.15 42.00
N LEU PA 277 -74.85 24.14 40.67
CA LEU PA 277 -75.73 24.94 39.82
C LEU PA 277 -77.15 24.41 39.86
N LEU PA 278 -77.30 23.09 39.78
CA LEU PA 278 -78.62 22.45 39.78
C LEU PA 278 -79.16 22.36 41.20
N TYR QA 47 -2.87 57.41 98.10
CA TYR QA 47 -3.16 58.74 97.57
C TYR QA 47 -4.64 59.04 97.74
N THR QA 48 -5.48 58.48 96.86
CA THR QA 48 -6.92 58.62 97.00
C THR QA 48 -7.44 57.55 97.94
N ASP QA 49 -8.14 57.99 98.97
CA ASP QA 49 -8.50 57.19 100.14
C ASP QA 49 -10.00 57.25 100.38
N VAL QA 50 -10.79 56.91 99.36
CA VAL QA 50 -12.24 56.74 99.50
C VAL QA 50 -12.50 55.65 100.54
N PRO QA 51 -13.49 55.83 101.42
CA PRO QA 51 -13.71 54.86 102.48
C PRO QA 51 -14.55 53.68 102.01
N ILE QA 52 -14.56 52.64 102.85
CA ILE QA 52 -15.36 51.45 102.57
C ILE QA 52 -16.83 51.79 102.77
N SER QA 53 -17.69 51.21 101.93
CA SER QA 53 -19.11 51.55 101.94
C SER QA 53 -19.81 51.07 103.20
N GLY QA 54 -19.26 50.07 103.90
CA GLY QA 54 -19.91 49.52 105.06
C GLY QA 54 -20.69 48.27 104.70
N MET QA 55 -21.33 48.29 103.53
CA MET QA 55 -21.94 47.09 102.96
C MET QA 55 -20.88 46.07 102.55
N ARG QA 56 -19.72 46.53 102.07
CA ARG QA 56 -18.61 45.66 101.73
C ARG QA 56 -18.00 44.97 102.95
N LYS QA 57 -18.14 45.57 104.15
CA LYS QA 57 -17.54 45.01 105.35
C LYS QA 57 -18.25 43.70 105.74
N THR QA 58 -19.56 43.63 105.57
CA THR QA 58 -20.30 42.42 105.86
C THR QA 58 -19.95 41.30 104.89
N ILE QA 59 -19.79 41.62 103.60
CA ILE QA 59 -19.40 40.61 102.62
C ILE QA 59 -17.97 40.14 102.87
N ALA QA 60 -17.09 41.06 103.29
CA ALA QA 60 -15.72 40.69 103.61
C ALA QA 60 -15.66 39.76 104.83
N ALA QA 61 -16.46 40.06 105.86
CA ALA QA 61 -16.53 39.20 107.03
C ALA QA 61 -17.15 37.84 106.67
N ARG QA 62 -18.13 37.84 105.76
CA ARG QA 62 -18.77 36.59 105.36
C ARG QA 62 -17.82 35.70 104.57
N LEU QA 63 -17.05 36.29 103.65
CA LEU QA 63 -16.04 35.52 102.91
C LEU QA 63 -14.92 35.07 103.82
N LYS QA 64 -14.60 35.86 104.85
CA LYS QA 64 -13.65 35.44 105.86
C LYS QA 64 -14.16 34.21 106.62
N GLU QA 65 -15.44 34.23 107.03
CA GLU QA 65 -16.07 33.08 107.68
C GLU QA 65 -16.04 31.85 106.78
N SER QA 66 -16.28 32.05 105.49
CA SER QA 66 -16.30 30.95 104.53
C SER QA 66 -14.92 30.30 104.39
N VAL QA 67 -13.88 31.13 104.23
CA VAL QA 67 -12.54 30.57 104.03
C VAL QA 67 -11.94 30.07 105.33
N THR QA 68 -12.46 30.52 106.49
CA THR QA 68 -11.85 30.07 107.73
C THR QA 68 -12.59 28.90 108.35
N GLU QA 69 -13.83 28.63 107.92
CA GLU QA 69 -14.55 27.52 108.51
C GLU QA 69 -14.77 26.40 107.49
N ASN QA 70 -14.63 26.72 106.21
CA ASN QA 70 -14.79 25.74 105.15
C ASN QA 70 -13.44 25.42 104.52
N PRO QA 71 -12.84 24.26 104.79
CA PRO QA 71 -11.65 23.86 104.02
C PRO QA 71 -12.02 23.48 102.60
N HIS QA 72 -11.75 24.37 101.65
CA HIS QA 72 -12.18 24.17 100.28
C HIS QA 72 -11.24 23.21 99.55
N PHE QA 73 -11.81 22.45 98.61
CA PHE QA 73 -11.00 21.75 97.63
C PHE QA 73 -11.73 21.78 96.30
N PHE QA 74 -10.97 21.94 95.22
CA PHE QA 74 -11.52 22.15 93.89
C PHE QA 74 -11.41 20.87 93.07
N VAL QA 75 -12.44 20.63 92.25
CA VAL QA 75 -12.45 19.54 91.29
C VAL QA 75 -12.77 20.14 89.92
N SER QA 76 -11.88 19.97 88.96
CA SER QA 76 -12.04 20.56 87.64
C SER QA 76 -12.37 19.49 86.62
N THR QA 77 -13.14 19.89 85.60
CA THR QA 77 -13.50 18.99 84.52
C THR QA 77 -13.73 19.82 83.26
N ASN QA 78 -13.81 19.14 82.12
CA ASN QA 78 -14.09 19.76 80.85
C ASN QA 78 -15.35 19.14 80.26
N LEU QA 79 -16.42 19.93 80.16
CA LEU QA 79 -17.68 19.47 79.61
C LEU QA 79 -17.72 19.79 78.13
N SER QA 80 -18.11 18.81 77.33
CA SER QA 80 -18.33 19.02 75.90
C SER QA 80 -19.77 19.47 75.69
N VAL QA 81 -19.95 20.63 75.06
CA VAL QA 81 -21.25 21.24 74.90
C VAL QA 81 -21.65 21.35 73.44
N SER QA 82 -21.03 20.55 72.57
CA SER QA 82 -21.33 20.62 71.14
C SER QA 82 -22.72 20.07 70.82
N LYS QA 83 -23.21 19.13 71.63
CA LYS QA 83 -24.58 18.66 71.48
C LYS QA 83 -25.57 19.53 72.24
N LEU QA 84 -25.13 20.11 73.35
CA LEU QA 84 -25.97 21.02 74.13
C LEU QA 84 -26.29 22.28 73.35
N LEU QA 85 -25.32 22.80 72.59
CA LEU QA 85 -25.57 23.96 71.75
C LEU QA 85 -26.50 23.64 70.59
N LYS QA 86 -26.41 22.42 70.04
CA LYS QA 86 -27.34 22.02 68.99
C LYS QA 86 -28.76 21.87 69.52
N LEU QA 87 -28.90 21.31 70.71
CA LEU QA 87 -30.22 21.19 71.34
C LEU QA 87 -30.80 22.56 71.67
N ARG QA 88 -29.96 23.48 72.13
CA ARG QA 88 -30.42 24.84 72.42
C ARG QA 88 -30.82 25.58 71.15
N GLN QA 89 -30.07 25.36 70.06
CA GLN QA 89 -30.40 25.99 68.79
C GLN QA 89 -31.71 25.46 68.23
N ALA QA 90 -31.95 24.15 68.36
CA ALA QA 90 -33.21 23.56 67.90
C ALA QA 90 -34.39 24.04 68.74
N LEU QA 91 -34.22 24.10 70.05
CA LEU QA 91 -35.31 24.54 70.92
C LEU QA 91 -35.59 26.03 70.78
N ASN QA 92 -34.57 26.82 70.40
CA ASN QA 92 -34.80 28.23 70.17
C ASN QA 92 -35.40 28.48 68.80
N SER QA 93 -35.04 27.66 67.81
CA SER QA 93 -35.60 27.84 66.47
C SER QA 93 -37.04 27.36 66.39
N SER QA 94 -37.42 26.37 67.21
CA SER QA 94 -38.81 25.90 67.25
C SER QA 94 -39.62 26.69 68.28
N ALA QA 95 -39.72 28.00 68.04
CA ALA QA 95 -40.45 28.87 68.94
C ALA QA 95 -40.96 30.07 68.15
N ASP QA 96 -41.88 30.80 68.76
CA ASP QA 96 -42.46 32.02 68.18
C ASP QA 96 -42.14 33.23 69.04
N GLY QA 97 -40.96 33.26 69.64
CA GLY QA 97 -40.62 34.30 70.58
C GLY QA 97 -41.20 34.11 71.97
N ARG QA 98 -41.66 32.91 72.31
CA ARG QA 98 -42.20 32.67 73.64
C ARG QA 98 -41.10 32.57 74.69
N TYR QA 99 -39.92 32.08 74.31
CA TYR QA 99 -38.84 31.88 75.25
C TYR QA 99 -37.52 32.07 74.52
N LYS QA 100 -36.44 32.14 75.32
CA LYS QA 100 -35.08 32.22 74.80
C LYS QA 100 -34.18 31.45 75.76
N LEU QA 101 -33.56 30.38 75.27
CA LEU QA 101 -32.80 29.48 76.11
C LEU QA 101 -31.31 29.84 76.08
N SER QA 102 -30.65 29.63 77.21
CA SER QA 102 -29.22 29.84 77.36
C SER QA 102 -28.57 28.58 77.91
N VAL QA 103 -27.23 28.62 78.01
CA VAL QA 103 -26.48 27.48 78.53
C VAL QA 103 -26.69 27.35 80.03
N ASN QA 104 -26.98 28.46 80.72
CA ASN QA 104 -27.16 28.45 82.16
C ASN QA 104 -28.41 27.68 82.57
N ASP QA 105 -29.42 27.63 81.70
CA ASP QA 105 -30.62 26.84 81.98
C ASP QA 105 -30.31 25.34 82.01
N PHE QA 106 -29.57 24.86 81.01
CA PHE QA 106 -29.14 23.47 80.98
C PHE QA 106 -28.21 23.15 82.15
N LEU QA 107 -27.36 24.12 82.52
CA LEU QA 107 -26.44 23.90 83.63
C LEU QA 107 -27.18 23.82 84.96
N ILE QA 108 -28.21 24.66 85.15
CA ILE QA 108 -28.98 24.64 86.39
C ILE QA 108 -29.80 23.36 86.48
N LYS QA 109 -30.38 22.92 85.36
CA LYS QA 109 -31.13 21.66 85.34
C LYS QA 109 -30.22 20.45 85.58
N ALA QA 110 -29.00 20.47 85.01
CA ALA QA 110 -28.06 19.38 85.23
C ALA QA 110 -27.54 19.38 86.66
N MET QA 111 -27.40 20.56 87.26
CA MET QA 111 -27.02 20.65 88.67
C MET QA 111 -28.12 20.08 89.57
N GLY QA 112 -29.37 20.33 89.21
CA GLY QA 112 -30.48 19.75 89.97
C GLY QA 112 -30.53 18.23 89.86
N ILE QA 113 -30.28 17.71 88.64
CA ILE QA 113 -30.27 16.27 88.43
C ILE QA 113 -29.11 15.61 89.18
N ALA QA 114 -27.93 16.25 89.13
CA ALA QA 114 -26.76 15.70 89.81
C ALA QA 114 -26.89 15.77 91.32
N SER QA 115 -27.50 16.84 91.84
CA SER QA 115 -27.70 16.94 93.29
C SER QA 115 -28.79 16.01 93.77
N LYS QA 116 -29.75 15.66 92.90
CA LYS QA 116 -30.72 14.64 93.27
C LYS QA 116 -30.11 13.24 93.25
N ARG QA 117 -29.19 12.99 92.31
CA ARG QA 117 -28.54 11.68 92.26
C ARG QA 117 -27.51 11.49 93.36
N VAL QA 118 -26.75 12.53 93.71
CA VAL QA 118 -25.81 12.47 94.83
C VAL QA 118 -26.29 13.45 95.89
N PRO QA 119 -27.08 13.00 96.87
CA PRO QA 119 -27.67 13.94 97.84
C PRO QA 119 -26.72 14.40 98.93
N THR QA 120 -25.49 13.88 98.98
CA THR QA 120 -24.55 14.31 100.01
C THR QA 120 -24.05 15.72 99.75
N VAL QA 121 -23.94 16.11 98.47
CA VAL QA 121 -23.50 17.45 98.13
C VAL QA 121 -24.57 18.49 98.47
N ASN QA 122 -25.84 18.10 98.41
CA ASN QA 122 -26.96 18.99 98.72
C ASN QA 122 -27.19 18.96 100.23
N SER QA 123 -26.29 19.60 100.96
CA SER QA 123 -26.33 19.60 102.42
C SER QA 123 -25.71 20.90 102.94
N SER QA 124 -25.51 20.96 104.25
CA SER QA 124 -24.96 22.13 104.93
C SER QA 124 -24.19 21.66 106.15
N TRP QA 125 -23.93 22.58 107.08
CA TRP QA 125 -23.22 22.26 108.32
C TRP QA 125 -23.81 23.10 109.43
N ARG QA 126 -24.43 22.43 110.41
CA ARG QA 126 -25.24 23.07 111.44
C ARG QA 126 -24.77 22.67 112.83
N ASP QA 127 -25.58 22.95 113.86
CA ASP QA 127 -25.19 22.72 115.25
C ASP QA 127 -25.10 21.23 115.52
N GLY QA 128 -23.91 20.66 115.31
CA GLY QA 128 -23.66 19.26 115.54
C GLY QA 128 -24.41 18.32 114.62
N VAL QA 129 -24.87 18.80 113.46
CA VAL QA 129 -25.84 18.09 112.65
C VAL QA 129 -25.69 18.54 111.20
N ILE QA 130 -25.96 17.61 110.28
CA ILE QA 130 -25.91 17.84 108.84
C ILE QA 130 -27.36 18.01 108.37
N ARG QA 131 -27.67 19.16 107.78
CA ARG QA 131 -29.02 19.41 107.29
C ARG QA 131 -29.09 19.07 105.81
N GLN QA 132 -29.87 18.05 105.47
CA GLN QA 132 -29.97 17.53 104.11
C GLN QA 132 -31.36 17.83 103.55
N PHE QA 133 -31.41 18.54 102.43
CA PHE QA 133 -32.65 18.94 101.79
C PHE QA 133 -33.06 17.93 100.72
N GLU QA 134 -34.33 18.00 100.32
CA GLU QA 134 -34.83 17.22 99.18
C GLU QA 134 -34.71 17.99 97.87
N THR QA 135 -35.28 19.18 97.81
CA THR QA 135 -35.28 19.96 96.57
C THR QA 135 -33.95 20.70 96.40
N VAL QA 136 -33.61 20.97 95.14
CA VAL QA 136 -32.39 21.69 94.79
C VAL QA 136 -32.79 23.15 94.57
N ASP QA 137 -32.35 24.03 95.45
CA ASP QA 137 -32.55 25.46 95.31
C ASP QA 137 -31.22 26.08 94.88
N VAL QA 138 -31.19 26.63 93.67
CA VAL QA 138 -29.94 27.03 93.04
C VAL QA 138 -29.83 28.55 93.11
N SER QA 139 -28.76 29.04 93.75
CA SER QA 139 -28.48 30.47 93.82
C SER QA 139 -27.63 30.86 92.63
N VAL QA 140 -28.12 31.82 91.84
CA VAL QA 140 -27.43 32.27 90.63
C VAL QA 140 -26.86 33.65 90.89
N ALA QA 141 -25.57 33.82 90.60
CA ALA QA 141 -24.90 35.08 90.84
C ALA QA 141 -25.21 36.07 89.72
N VAL QA 142 -25.64 37.27 90.09
CA VAL QA 142 -25.95 38.34 89.16
C VAL QA 142 -25.00 39.49 89.43
N ALA QA 143 -24.32 39.96 88.37
CA ALA QA 143 -23.32 41.02 88.50
C ALA QA 143 -24.02 42.37 88.32
N THR QA 144 -24.20 43.07 89.43
CA THR QA 144 -24.75 44.42 89.50
C THR QA 144 -23.63 45.42 89.77
N PRO QA 145 -23.80 46.70 89.41
CA PRO QA 145 -22.76 47.70 89.72
C PRO QA 145 -22.55 47.95 91.21
N ASN QA 146 -23.48 47.53 92.06
CA ASN QA 146 -23.30 47.52 93.50
C ASN QA 146 -22.76 46.18 94.00
N GLY QA 147 -22.04 45.44 93.17
CA GLY QA 147 -21.35 44.25 93.63
C GLY QA 147 -21.92 42.93 93.17
N LEU QA 148 -22.38 42.10 94.10
CA LEU QA 148 -22.82 40.75 93.78
C LEU QA 148 -24.05 40.41 94.62
N ILE QA 149 -25.01 39.75 93.97
CA ILE QA 149 -26.20 39.25 94.65
C ILE QA 149 -26.49 37.87 94.08
N THR QA 150 -27.14 37.02 94.89
CA THR QA 150 -27.45 35.64 94.51
C THR QA 150 -28.94 35.37 94.73
N PRO QA 151 -29.79 35.71 93.77
CA PRO QA 151 -31.18 35.26 93.85
C PRO QA 151 -31.30 33.77 93.60
N ILE QA 152 -32.34 33.17 94.18
CA ILE QA 152 -32.49 31.73 94.25
C ILE QA 152 -33.64 31.27 93.36
N VAL QA 153 -33.37 30.26 92.55
CA VAL QA 153 -34.40 29.53 91.82
C VAL QA 153 -34.77 28.32 92.66
N LYS QA 154 -36.03 28.28 93.09
CA LYS QA 154 -36.51 27.26 94.00
C LYS QA 154 -37.14 26.09 93.25
N GLY QA 155 -36.85 24.88 93.72
CA GLY QA 155 -37.40 23.68 93.13
C GLY QA 155 -36.94 23.42 91.72
N VAL QA 156 -35.64 23.22 91.53
CA VAL QA 156 -35.07 23.15 90.20
C VAL QA 156 -35.42 21.85 89.51
N GLU QA 157 -35.31 20.72 90.21
CA GLU QA 157 -35.65 19.44 89.62
C GLU QA 157 -37.17 19.35 89.47
N GLY QA 158 -37.61 18.88 88.31
CA GLY QA 158 -39.02 18.88 87.97
C GLY QA 158 -39.64 20.27 87.83
N LYS QA 159 -38.99 21.16 87.10
CA LYS QA 159 -39.52 22.51 86.94
C LYS QA 159 -39.75 22.90 85.48
N GLY QA 160 -38.83 22.56 84.60
CA GLY QA 160 -38.98 22.95 83.21
C GLY QA 160 -38.00 24.05 82.82
N LEU QA 161 -37.48 23.94 81.60
CA LEU QA 161 -36.44 24.85 81.13
C LEU QA 161 -36.99 26.24 80.87
N GLU QA 162 -38.24 26.32 80.40
CA GLU QA 162 -38.85 27.63 80.17
C GLU QA 162 -39.16 28.33 81.48
N SER QA 163 -39.57 27.56 82.50
CA SER QA 163 -39.79 28.14 83.83
C SER QA 163 -38.49 28.59 84.45
N ILE QA 164 -37.42 27.83 84.24
CA ILE QA 164 -36.10 28.22 84.76
C ILE QA 164 -35.60 29.49 84.08
N SER QA 165 -35.78 29.57 82.75
CA SER QA 165 -35.36 30.75 82.00
C SER QA 165 -36.17 31.98 82.42
N ALA QA 166 -37.47 31.81 82.63
CA ALA QA 166 -38.32 32.91 83.06
C ALA QA 166 -37.94 33.40 84.45
N ALA QA 167 -37.68 32.47 85.37
CA ALA QA 167 -37.32 32.86 86.73
C ALA QA 167 -35.94 33.52 86.78
N VAL QA 168 -35.00 33.03 85.97
CA VAL QA 168 -33.68 33.63 85.91
C VAL QA 168 -33.73 35.04 85.32
N LYS QA 169 -34.56 35.24 84.29
CA LYS QA 169 -34.69 36.57 83.68
C LYS QA 169 -35.39 37.55 84.64
N GLU QA 170 -36.45 37.09 85.32
CA GLU QA 170 -37.13 37.89 86.34
C GLU QA 170 -36.18 38.32 87.45
N LEU QA 171 -35.43 37.37 88.01
CA LEU QA 171 -34.55 37.67 89.13
C LEU QA 171 -33.37 38.53 88.69
N ALA QA 172 -32.88 38.35 87.46
CA ALA QA 172 -31.77 39.15 86.99
C ALA QA 172 -32.18 40.60 86.73
N LYS QA 173 -33.36 40.81 86.12
CA LYS QA 173 -33.79 42.18 85.86
C LYS QA 173 -34.20 42.87 87.16
N LYS QA 174 -34.71 42.10 88.13
CA LYS QA 174 -35.01 42.70 89.42
C LYS QA 174 -33.75 42.95 90.24
N ALA QA 175 -32.67 42.19 89.96
CA ALA QA 175 -31.40 42.48 90.61
C ALA QA 175 -30.76 43.72 90.01
N ARG QA 176 -30.96 43.94 88.72
CA ARG QA 176 -30.47 45.17 88.10
C ARG QA 176 -31.27 46.39 88.54
N ASP QA 177 -32.57 46.22 88.80
CA ASP QA 177 -33.36 47.32 89.33
C ASP QA 177 -33.28 47.45 90.86
N GLY QA 178 -32.74 46.46 91.55
CA GLY QA 178 -32.56 46.53 92.99
C GLY QA 178 -33.84 46.47 93.79
N LYS QA 179 -34.68 45.47 93.51
CA LYS QA 179 -36.03 45.39 94.08
C LYS QA 179 -36.29 44.00 94.65
N LEU QA 180 -35.41 43.51 95.51
CA LEU QA 180 -35.50 42.16 96.05
C LEU QA 180 -35.94 42.16 97.50
N LYS QA 181 -36.59 41.08 97.90
CA LYS QA 181 -36.93 40.67 99.25
C LYS QA 181 -35.80 39.79 99.81
N PRO QA 182 -35.58 39.82 101.13
CA PRO QA 182 -34.49 38.99 101.70
C PRO QA 182 -34.71 37.50 101.58
N GLU QA 183 -35.96 37.06 101.46
CA GLU QA 183 -36.26 35.65 101.22
C GLU QA 183 -35.95 35.21 99.80
N GLU QA 184 -35.66 36.15 98.89
CA GLU QA 184 -35.29 35.80 97.53
C GLU QA 184 -33.79 35.62 97.34
N TYR QA 185 -32.96 36.09 98.28
CA TYR QA 185 -31.52 35.90 98.15
C TYR QA 185 -30.89 35.42 99.45
N GLN QA 186 -31.70 34.96 100.40
CA GLN QA 186 -31.20 34.39 101.64
C GLN QA 186 -31.69 32.94 101.74
N GLY QA 187 -30.78 32.00 101.51
CA GLY QA 187 -31.12 30.60 101.55
C GLY QA 187 -30.35 29.80 100.52
N GLY QA 188 -31.02 28.86 99.85
CA GLY QA 188 -30.40 28.08 98.82
C GLY QA 188 -29.58 26.91 99.33
N SER QA 189 -29.41 25.88 98.50
CA SER QA 189 -28.61 24.72 98.87
C SER QA 189 -27.33 24.57 98.05
N ILE QA 190 -27.25 25.21 96.88
CA ILE QA 190 -26.07 25.14 96.03
C ILE QA 190 -26.04 26.41 95.17
N SER QA 191 -24.85 26.79 94.73
CA SER QA 191 -24.64 28.04 94.00
C SER QA 191 -23.96 27.75 92.66
N ILE QA 192 -23.96 28.76 91.80
CA ILE QA 192 -23.27 28.69 90.51
C ILE QA 192 -22.84 30.09 90.12
N SER QA 193 -21.58 30.21 89.69
CA SER QA 193 -21.02 31.46 89.20
C SER QA 193 -20.73 31.31 87.71
N ASN QA 194 -21.22 32.25 86.92
CA ASN QA 194 -21.18 32.17 85.47
C ASN QA 194 -20.31 33.28 84.92
N MET QA 195 -19.34 32.93 84.08
CA MET QA 195 -18.46 33.91 83.43
C MET QA 195 -18.26 33.56 81.97
N GLY QA 196 -19.35 33.17 81.29
CA GLY QA 196 -19.24 32.85 79.87
C GLY QA 196 -19.26 34.05 78.96
N MET QA 197 -19.70 35.21 79.46
CA MET QA 197 -19.74 36.40 78.62
C MET QA 197 -18.34 36.98 78.42
N ASN QA 198 -17.42 36.66 79.33
CA ASN QA 198 -16.02 37.07 79.20
C ASN QA 198 -15.25 35.94 78.52
N PRO QA 199 -14.76 36.14 77.29
CA PRO QA 199 -14.04 35.06 76.60
C PRO QA 199 -12.62 34.84 77.08
N ALA QA 200 -12.11 35.70 77.97
CA ALA QA 200 -10.75 35.53 78.44
C ALA QA 200 -10.66 34.51 79.57
N VAL QA 201 -11.72 34.37 80.36
CA VAL QA 201 -11.68 33.51 81.54
C VAL QA 201 -11.78 32.06 81.09
N GLN QA 202 -10.64 31.37 81.03
CA GLN QA 202 -10.65 29.95 80.73
C GLN QA 202 -11.11 29.14 81.93
N SER QA 203 -10.68 29.52 83.13
CA SER QA 203 -11.01 28.80 84.35
C SER QA 203 -10.89 29.76 85.52
N PHE QA 204 -11.76 29.56 86.51
CA PHE QA 204 -11.67 30.33 87.75
C PHE QA 204 -12.31 29.53 88.86
N THR QA 205 -11.94 29.89 90.09
CA THR QA 205 -12.52 29.31 91.29
C THR QA 205 -13.41 30.34 91.99
N ALA QA 206 -14.29 29.84 92.85
CA ALA QA 206 -15.21 30.70 93.58
C ALA QA 206 -15.16 30.33 95.05
N ILE QA 207 -15.67 31.23 95.88
CA ILE QA 207 -15.74 31.03 97.32
C ILE QA 207 -17.16 30.59 97.68
N ILE QA 208 -17.25 29.56 98.52
CA ILE QA 208 -18.53 28.98 98.88
C ILE QA 208 -19.31 29.93 99.78
N ASN QA 209 -20.54 30.25 99.38
CA ASN QA 209 -21.41 31.07 100.22
C ASN QA 209 -21.90 30.25 101.40
N PRO QA 210 -21.65 30.70 102.64
CA PRO QA 210 -22.12 29.95 103.79
C PRO QA 210 -23.62 30.10 103.95
N PRO QA 211 -24.30 29.07 104.47
CA PRO QA 211 -23.77 27.79 104.95
C PRO QA 211 -23.86 26.65 103.93
N GLN QA 212 -23.74 26.95 102.64
CA GLN QA 212 -23.83 25.90 101.63
C GLN QA 212 -22.54 25.08 101.60
N ALA QA 213 -22.59 23.98 100.83
CA ALA QA 213 -21.48 23.03 100.81
C ALA QA 213 -20.68 23.03 99.52
N ALA QA 214 -21.22 23.56 98.43
CA ALA QA 214 -20.52 23.53 97.16
C ALA QA 214 -20.85 24.77 96.33
N ILE QA 215 -19.98 25.09 95.40
CA ILE QA 215 -20.24 26.16 94.44
C ILE QA 215 -19.64 25.77 93.09
N LEU QA 216 -20.32 26.13 92.01
CA LEU QA 216 -19.86 25.82 90.68
C LEU QA 216 -19.26 27.07 90.05
N ALA QA 217 -18.33 26.88 89.11
CA ALA QA 217 -17.70 27.99 88.39
C ALA QA 217 -17.50 27.54 86.95
N VAL QA 218 -18.03 28.32 86.00
CA VAL QA 218 -18.09 27.92 84.60
C VAL QA 218 -17.30 28.91 83.76
N GLY QA 219 -16.31 28.40 83.03
CA GLY QA 219 -15.45 29.25 82.22
C GLY QA 219 -15.93 29.38 80.79
N ALA QA 220 -15.26 30.25 80.04
CA ALA QA 220 -15.60 30.51 78.66
C ALA QA 220 -15.33 29.29 77.80
N PRO QA 221 -16.16 29.02 76.79
CA PRO QA 221 -15.92 27.90 75.89
C PRO QA 221 -14.77 28.19 74.93
N GLN QA 222 -14.03 27.14 74.61
CA GLN QA 222 -12.89 27.19 73.71
C GLN QA 222 -12.88 25.97 72.80
N LYS QA 223 -12.18 26.07 71.67
CA LYS QA 223 -12.06 24.96 70.74
C LYS QA 223 -10.88 24.08 71.12
N VAL QA 224 -11.14 22.81 71.39
CA VAL QA 224 -10.12 21.84 71.78
C VAL QA 224 -10.08 20.74 70.73
N ALA QA 225 -8.88 20.37 70.31
CA ALA QA 225 -8.70 19.30 69.34
C ALA QA 225 -9.01 17.95 69.97
N VAL QA 226 -9.93 17.21 69.35
CA VAL QA 226 -10.41 15.93 69.85
C VAL QA 226 -10.27 14.88 68.74
N PRO QA 227 -9.71 13.71 69.02
CA PRO QA 227 -9.52 12.72 67.94
C PRO QA 227 -10.83 12.10 67.48
N VAL QA 228 -10.85 11.71 66.21
CA VAL QA 228 -12.02 11.12 65.59
C VAL QA 228 -11.56 10.06 64.59
N GLU QA 229 -12.31 8.96 64.53
CA GLU QA 229 -12.08 7.96 63.51
C GLU QA 229 -12.90 8.32 62.28
N ASN QA 230 -12.31 8.17 61.11
CA ASN QA 230 -13.08 8.21 59.88
C ASN QA 230 -13.62 6.81 59.62
N GLU QA 231 -14.21 6.59 58.45
CA GLU QA 231 -14.70 5.25 58.10
C GLU QA 231 -13.60 4.33 57.61
N ASP QA 232 -12.34 4.77 57.62
CA ASP QA 232 -11.18 3.91 57.47
C ASP QA 232 -10.40 3.87 58.78
N GLY QA 233 -9.25 3.20 58.76
CA GLY QA 233 -8.53 2.88 59.99
C GLY QA 233 -7.83 4.06 60.66
N THR QA 234 -7.57 5.14 59.94
CA THR QA 234 -6.74 6.20 60.49
C THR QA 234 -7.53 7.11 61.41
N THR QA 235 -6.82 7.85 62.26
CA THR QA 235 -7.43 8.84 63.14
C THR QA 235 -7.38 10.22 62.52
N GLY QA 236 -8.20 11.13 63.04
CA GLY QA 236 -8.31 12.47 62.52
C GLY QA 236 -8.32 13.52 63.62
N VAL QA 237 -8.53 14.76 63.21
CA VAL QA 237 -8.64 15.89 64.12
C VAL QA 237 -10.03 16.48 63.97
N SER QA 238 -10.80 16.45 65.05
CA SER QA 238 -12.08 17.12 65.13
C SER QA 238 -11.99 18.22 66.17
N TRP QA 239 -12.77 19.29 65.97
CA TRP QA 239 -12.75 20.45 66.85
C TRP QA 239 -14.01 20.44 67.71
N ASP QA 240 -13.82 20.29 69.01
CA ASP QA 240 -14.91 20.17 69.96
C ASP QA 240 -14.98 21.43 70.82
N GLU QA 241 -16.21 21.86 71.14
CA GLU QA 241 -16.43 23.01 72.00
C GLU QA 241 -16.41 22.52 73.45
N GLN QA 242 -15.40 22.90 74.22
CA GLN QA 242 -15.27 22.46 75.60
C GLN QA 242 -15.37 23.64 76.55
N ILE QA 243 -15.87 23.36 77.75
CA ILE QA 243 -16.05 24.35 78.80
C ILE QA 243 -15.40 23.81 80.07
N ILE QA 244 -14.51 24.59 80.67
CA ILE QA 244 -13.85 24.18 81.91
C ILE QA 244 -14.76 24.55 83.08
N VAL QA 245 -15.13 23.54 83.86
CA VAL QA 245 -16.03 23.69 85.00
C VAL QA 245 -15.28 23.30 86.26
N THR QA 246 -15.20 24.22 87.22
CA THR QA 246 -14.52 23.99 88.49
C THR QA 246 -15.54 24.02 89.61
N ALA QA 247 -15.63 22.95 90.37
CA ALA QA 247 -16.55 22.86 91.50
C ALA QA 247 -15.74 22.89 92.80
N SER QA 248 -16.05 23.85 93.66
CA SER QA 248 -15.38 23.99 94.95
C SER QA 248 -16.28 23.38 96.02
N PHE QA 249 -15.74 22.41 96.75
CA PHE QA 249 -16.46 21.69 97.79
C PHE QA 249 -15.86 21.99 99.16
N ASP QA 250 -16.70 21.82 100.18
CA ASP QA 250 -16.30 21.89 101.57
C ASP QA 250 -15.99 20.48 102.05
N HIS QA 251 -14.81 20.29 102.66
CA HIS QA 251 -14.35 18.95 102.98
C HIS QA 251 -14.97 18.42 104.27
N LYS QA 252 -15.69 19.25 105.03
CA LYS QA 252 -16.37 18.75 106.22
C LYS QA 252 -17.59 17.93 105.86
N VAL QA 253 -18.22 18.22 104.73
CA VAL QA 253 -19.42 17.54 104.29
C VAL QA 253 -19.15 16.60 103.12
N VAL QA 254 -18.43 17.07 102.10
CA VAL QA 254 -18.22 16.34 100.87
C VAL QA 254 -16.77 15.88 100.81
N ASP QA 255 -16.56 14.59 100.59
CA ASP QA 255 -15.23 14.08 100.34
C ASP QA 255 -14.91 14.11 98.85
N GLY QA 256 -13.67 13.70 98.53
CA GLY QA 256 -13.22 13.78 97.16
C GLY QA 256 -13.91 12.79 96.24
N ALA QA 257 -14.22 11.60 96.75
CA ALA QA 257 -14.94 10.61 95.95
C ALA QA 257 -16.39 11.04 95.71
N VAL QA 258 -17.01 11.68 96.70
CA VAL QA 258 -18.38 12.18 96.52
C VAL QA 258 -18.40 13.33 95.53
N GLY QA 259 -17.41 14.22 95.61
CA GLY QA 259 -17.31 15.30 94.64
C GLY QA 259 -17.01 14.81 93.24
N ALA QA 260 -16.23 13.74 93.13
CA ALA QA 260 -15.93 13.15 91.83
C ALA QA 260 -17.15 12.46 91.24
N GLU QA 261 -17.97 11.81 92.08
CA GLU QA 261 -19.22 11.22 91.60
C GLU QA 261 -20.21 12.29 91.15
N TRP QA 262 -20.29 13.40 91.90
CA TRP QA 262 -21.15 14.52 91.50
C TRP QA 262 -20.69 15.12 90.17
N ILE QA 263 -19.39 15.31 90.00
CA ILE QA 263 -18.83 15.83 88.77
C ILE QA 263 -19.05 14.86 87.60
N ARG QA 264 -18.97 13.55 87.87
CA ARG QA 264 -19.19 12.55 86.83
C ARG QA 264 -20.65 12.51 86.38
N GLU QA 265 -21.58 12.62 87.33
CA GLU QA 265 -22.99 12.65 86.96
C GLU QA 265 -23.36 13.94 86.23
N LEU QA 266 -22.77 15.07 86.63
CA LEU QA 266 -23.00 16.32 85.94
C LEU QA 266 -22.44 16.27 84.51
N LYS QA 267 -21.25 15.68 84.35
CA LYS QA 267 -20.66 15.52 83.02
C LYS QA 267 -21.47 14.57 82.15
N LYS QA 268 -22.04 13.52 82.74
CA LYS QA 268 -22.88 12.59 82.00
C LYS QA 268 -24.15 13.27 81.50
N VAL QA 269 -24.83 14.01 82.38
CA VAL QA 269 -26.06 14.69 82.00
C VAL QA 269 -25.79 15.81 81.00
N ILE QA 270 -24.62 16.46 81.07
CA ILE QA 270 -24.31 17.52 80.12
C ILE QA 270 -23.94 16.94 78.76
N GLU QA 271 -23.06 15.93 78.73
CA GLU QA 271 -22.60 15.38 77.46
C GLU QA 271 -23.61 14.44 76.82
N ASN QA 272 -24.65 14.02 77.53
CA ASN QA 272 -25.79 13.32 76.93
C ASN QA 272 -27.02 14.16 77.24
N PRO QA 273 -27.39 15.09 76.35
CA PRO QA 273 -28.45 16.05 76.67
C PRO QA 273 -29.85 15.45 76.68
N LEU QA 274 -30.03 14.23 76.16
CA LEU QA 274 -31.33 13.57 76.25
C LEU QA 274 -31.63 13.04 77.63
N GLU QA 275 -30.63 13.00 78.52
CA GLU QA 275 -30.84 12.55 79.89
C GLU QA 275 -31.47 13.62 80.78
N LEU QA 276 -31.68 14.84 80.26
CA LEU QA 276 -32.39 15.87 81.01
C LEU QA 276 -33.88 15.58 81.10
N LEU QA 277 -34.40 14.70 80.25
CA LEU QA 277 -35.79 14.25 80.37
C LEU QA 277 -35.98 13.42 81.63
N LEU QA 278 -35.06 12.50 81.88
CA LEU QA 278 -35.14 11.63 83.05
C LEU QA 278 -34.70 12.36 84.31
N TYR RA 47 -3.25 102.29 49.52
CA TYR RA 47 -4.65 102.61 49.27
C TYR RA 47 -5.48 102.36 50.54
N THR RA 48 -5.80 101.10 50.79
CA THR RA 48 -6.49 100.72 52.01
C THR RA 48 -5.47 100.53 53.13
N ASP RA 49 -5.67 101.26 54.22
CA ASP RA 49 -4.69 101.45 55.29
C ASP RA 49 -5.29 101.09 56.63
N VAL RA 50 -5.82 99.87 56.75
CA VAL RA 50 -6.28 99.32 58.03
C VAL RA 50 -5.09 99.27 58.98
N PRO RA 51 -5.29 99.63 60.26
CA PRO RA 51 -4.17 99.70 61.18
C PRO RA 51 -3.82 98.33 61.77
N ILE RA 52 -2.64 98.28 62.39
CA ILE RA 52 -2.19 97.06 63.06
C ILE RA 52 -3.03 96.85 64.32
N SER RA 53 -3.33 95.58 64.62
CA SER RA 53 -4.22 95.27 65.73
C SER RA 53 -3.60 95.59 67.09
N GLY RA 54 -2.28 95.67 67.18
CA GLY RA 54 -1.62 95.91 68.45
C GLY RA 54 -1.15 94.60 69.06
N MET RA 55 -1.97 93.55 68.91
CA MET RA 55 -1.54 92.21 69.26
C MET RA 55 -0.46 91.70 68.32
N ARG RA 56 -0.52 92.08 67.04
CA ARG RA 56 0.52 91.74 66.06
C ARG RA 56 1.86 92.40 66.36
N LYS RA 57 1.85 93.55 67.07
CA LYS RA 57 3.09 94.26 67.35
C LYS RA 57 3.97 93.49 68.32
N THR RA 58 3.35 92.83 69.31
CA THR RA 58 4.10 92.02 70.25
C THR RA 58 4.71 90.79 69.58
N ILE RA 59 3.97 90.15 68.66
CA ILE RA 59 4.51 88.99 67.95
C ILE RA 59 5.60 89.42 66.99
N ALA RA 60 5.47 90.62 66.39
CA ALA RA 60 6.51 91.13 65.51
C ALA RA 60 7.79 91.44 66.29
N ALA RA 61 7.65 92.04 67.47
CA ALA RA 61 8.81 92.30 68.32
C ALA RA 61 9.43 91.00 68.82
N ARG RA 62 8.60 89.99 69.09
CA ARG RA 62 9.12 88.71 69.57
C ARG RA 62 9.89 87.97 68.47
N LEU RA 63 9.37 87.98 67.24
CA LEU RA 63 10.09 87.39 66.13
C LEU RA 63 11.35 88.17 65.79
N LYS RA 64 11.32 89.49 66.00
CA LYS RA 64 12.53 90.30 65.87
C LYS RA 64 13.58 89.90 66.89
N GLU RA 65 13.17 89.70 68.16
CA GLU RA 65 14.08 89.22 69.20
C GLU RA 65 14.66 87.86 68.84
N SER RA 66 13.83 86.98 68.29
CA SER RA 66 14.27 85.65 67.92
C SER RA 66 15.32 85.68 66.81
N VAL RA 67 15.08 86.46 65.76
CA VAL RA 67 16.02 86.48 64.64
C VAL RA 67 17.24 87.32 64.96
N THR RA 68 17.16 88.20 65.96
CA THR RA 68 18.33 89.04 66.24
C THR RA 68 19.19 88.47 67.36
N GLU RA 69 18.66 87.55 68.16
CA GLU RA 69 19.47 87.00 69.25
C GLU RA 69 19.79 85.53 69.01
N ASN RA 70 19.04 84.88 68.12
CA ASN RA 70 19.28 83.49 67.80
C ASN RA 70 19.85 83.36 66.40
N PRO RA 71 21.14 83.07 66.23
CA PRO RA 71 21.64 82.75 64.89
C PRO RA 71 21.16 81.37 64.43
N HIS RA 72 20.17 81.36 63.55
CA HIS RA 72 19.53 80.11 63.14
C HIS RA 72 20.39 79.38 62.12
N PHE RA 73 20.32 78.06 62.16
CA PHE RA 73 20.80 77.24 61.04
C PHE RA 73 19.87 76.05 60.87
N PHE RA 74 19.61 75.68 59.63
CA PHE RA 74 18.62 74.67 59.29
C PHE RA 74 19.30 73.36 58.93
N VAL RA 75 18.68 72.26 59.33
CA VAL RA 75 19.11 70.92 58.95
C VAL RA 75 17.89 70.21 58.36
N SER RA 76 18.01 69.78 57.11
CA SER RA 76 16.90 69.15 56.40
C SER RA 76 17.14 67.66 56.25
N THR RA 77 16.05 66.90 56.24
CA THR RA 77 16.10 65.46 56.05
C THR RA 77 14.80 65.00 55.39
N ASN RA 78 14.81 63.76 54.92
CA ASN RA 78 13.63 63.14 54.34
C ASN RA 78 13.30 61.88 55.13
N LEU RA 79 12.16 61.89 55.81
CA LEU RA 79 11.73 60.75 56.59
C LEU RA 79 10.80 59.88 55.75
N SER RA 80 11.06 58.58 55.74
CA SER RA 80 10.16 57.64 55.08
C SER RA 80 9.08 57.20 56.06
N VAL RA 81 7.82 57.40 55.69
CA VAL RA 81 6.68 57.18 56.56
C VAL RA 81 5.78 56.06 56.04
N SER RA 82 6.31 55.21 55.16
CA SER RA 82 5.50 54.14 54.59
C SER RA 82 5.17 53.06 55.61
N LYS RA 83 6.04 52.87 56.61
CA LYS RA 83 5.73 51.95 57.70
C LYS RA 83 4.95 52.64 58.81
N LEU RA 84 5.17 53.94 58.99
CA LEU RA 84 4.43 54.70 59.99
C LEU RA 84 2.95 54.80 59.62
N LEU RA 85 2.65 54.95 58.33
CA LEU RA 85 1.27 54.99 57.89
C LEU RA 85 0.60 53.63 58.03
N LYS RA 86 1.34 52.53 57.83
CA LYS RA 86 0.79 51.20 58.04
C LYS RA 86 0.50 50.94 59.52
N LEU RA 87 1.41 51.39 60.40
CA LEU RA 87 1.18 51.25 61.84
C LEU RA 87 0.00 52.10 62.29
N ARG RA 88 -0.14 53.30 61.74
CA ARG RA 88 -1.29 54.15 62.08
C ARG RA 88 -2.60 53.56 61.58
N GLN RA 89 -2.57 52.94 60.38
CA GLN RA 89 -3.76 52.31 59.83
C GLN RA 89 -4.18 51.10 60.66
N ALA RA 90 -3.21 50.31 61.12
CA ALA RA 90 -3.51 49.15 61.96
C ALA RA 90 -4.04 49.58 63.32
N LEU RA 91 -3.43 50.60 63.93
CA LEU RA 91 -3.88 51.06 65.25
C LEU RA 91 -5.23 51.76 65.17
N ASN RA 92 -5.55 52.36 64.02
CA ASN RA 92 -6.87 52.97 63.87
C ASN RA 92 -7.93 51.93 63.55
N SER RA 93 -7.56 50.88 62.81
CA SER RA 93 -8.54 49.85 62.48
C SER RA 93 -8.84 48.96 63.67
N SER RA 94 -7.87 48.78 64.59
CA SER RA 94 -8.10 48.00 65.80
C SER RA 94 -8.63 48.89 66.92
N ALA RA 95 -9.81 49.48 66.69
CA ALA RA 95 -10.43 50.36 67.66
C ALA RA 95 -11.94 50.34 67.45
N ASP RA 96 -12.65 50.86 68.45
CA ASP RA 96 -14.10 50.97 68.41
C ASP RA 96 -14.54 52.43 68.44
N GLY RA 97 -13.76 53.31 67.83
CA GLY RA 97 -14.02 54.74 67.94
C GLY RA 97 -13.53 55.38 69.22
N ARG RA 98 -12.65 54.71 69.96
CA ARG RA 98 -12.11 55.29 71.18
C ARG RA 98 -11.09 56.38 70.90
N TYR RA 99 -10.35 56.25 69.81
CA TYR RA 99 -9.29 57.20 69.48
C TYR RA 99 -9.17 57.31 67.98
N LYS RA 100 -8.40 58.32 67.55
CA LYS RA 100 -8.08 58.51 66.14
C LYS RA 100 -6.67 59.06 66.06
N LEU RA 101 -5.77 58.31 65.43
CA LEU RA 101 -4.36 58.64 65.42
C LEU RA 101 -3.99 59.40 64.15
N SER RA 102 -3.03 60.31 64.29
CA SER RA 102 -2.50 61.08 63.17
C SER RA 102 -0.99 60.96 63.15
N VAL RA 103 -0.38 61.56 62.11
CA VAL RA 103 1.08 61.51 61.96
C VAL RA 103 1.75 62.40 63.00
N ASN RA 104 1.04 63.44 63.45
CA ASN RA 104 1.60 64.38 64.42
C ASN RA 104 1.83 63.73 65.78
N ASP RA 105 1.05 62.70 66.12
CA ASP RA 105 1.24 61.96 67.36
C ASP RA 105 2.57 61.20 67.35
N PHE RA 106 2.84 60.48 66.25
CA PHE RA 106 4.10 59.78 66.09
C PHE RA 106 5.26 60.76 66.03
N LEU RA 107 5.05 61.93 65.42
CA LEU RA 107 6.11 62.92 65.33
C LEU RA 107 6.43 63.52 66.70
N ILE RA 108 5.40 63.78 67.51
CA ILE RA 108 5.62 64.34 68.85
C ILE RA 108 6.29 63.31 69.76
N LYS RA 109 5.89 62.03 69.65
CA LYS RA 109 6.54 60.98 70.44
C LYS RA 109 7.99 60.77 70.00
N ALA RA 110 8.26 60.83 68.70
CA ALA RA 110 9.63 60.68 68.21
C ALA RA 110 10.49 61.88 68.59
N MET RA 111 9.89 63.07 68.65
CA MET RA 111 10.61 64.25 69.13
C MET RA 111 10.96 64.11 70.60
N GLY RA 112 10.04 63.54 71.39
CA GLY RA 112 10.35 63.29 72.80
C GLY RA 112 11.46 62.28 72.99
N ILE RA 113 11.44 61.21 72.19
CA ILE RA 113 12.48 60.18 72.27
C ILE RA 113 13.84 60.75 71.85
N ALA RA 114 13.85 61.55 70.77
CA ALA RA 114 15.09 62.13 70.28
C ALA RA 114 15.64 63.20 71.24
N SER RA 115 14.76 63.98 71.86
CA SER RA 115 15.22 64.97 72.83
C SER RA 115 15.68 64.33 74.13
N LYS RA 116 15.15 63.15 74.46
CA LYS RA 116 15.68 62.42 75.62
C LYS RA 116 17.02 61.77 75.30
N ARG RA 117 17.22 61.32 74.07
CA ARG RA 117 18.52 60.73 73.70
C ARG RA 117 19.60 61.79 73.52
N VAL RA 118 19.28 62.93 72.94
CA VAL RA 118 20.23 64.04 72.82
C VAL RA 118 19.72 65.20 73.68
N PRO RA 119 20.15 65.31 74.93
CA PRO RA 119 19.57 66.33 75.83
C PRO RA 119 20.12 67.74 75.61
N THR RA 120 21.09 67.92 74.71
CA THR RA 120 21.62 69.26 74.46
C THR RA 120 20.63 70.13 73.70
N VAL RA 121 19.81 69.51 72.84
CA VAL RA 121 18.80 70.26 72.09
C VAL RA 121 17.68 70.71 73.01
N ASN RA 122 17.38 69.95 74.06
CA ASN RA 122 16.33 70.28 75.01
C ASN RA 122 16.91 71.23 76.06
N SER RA 123 17.13 72.48 75.64
CA SER RA 123 17.75 73.48 76.51
C SER RA 123 17.24 74.86 76.11
N SER RA 124 17.85 75.89 76.68
CA SER RA 124 17.48 77.29 76.45
C SER RA 124 18.73 78.14 76.59
N TRP RA 125 18.53 79.45 76.77
CA TRP RA 125 19.63 80.39 76.93
C TRP RA 125 19.20 81.46 77.93
N ARG RA 126 19.88 81.50 79.08
CA ARG RA 126 19.46 82.30 80.22
C ARG RA 126 20.58 83.21 80.69
N ASP RA 127 20.46 83.78 81.89
CA ASP RA 127 21.42 84.76 82.39
C ASP RA 127 22.75 84.08 82.69
N GLY RA 128 23.63 84.05 81.68
CA GLY RA 128 24.94 83.45 81.82
C GLY RA 128 24.93 81.95 82.04
N VAL RA 129 23.85 81.27 81.69
CA VAL RA 129 23.62 79.90 82.11
C VAL RA 129 22.70 79.21 81.11
N ILE RA 130 22.91 77.91 80.95
CA ILE RA 130 22.11 77.06 80.06
C ILE RA 130 21.14 76.28 80.94
N ARG RA 131 19.84 76.45 80.69
CA ARG RA 131 18.84 75.74 81.47
C ARG RA 131 18.42 74.47 80.74
N GLN RA 132 18.72 73.33 81.33
CA GLN RA 132 18.48 72.02 80.73
C GLN RA 132 17.39 71.29 81.49
N PHE RA 133 16.32 70.92 80.79
CA PHE RA 133 15.17 70.25 81.37
C PHE RA 133 15.32 68.73 81.25
N GLU RA 134 14.52 68.01 82.04
CA GLU RA 134 14.41 66.56 81.92
C GLU RA 134 13.29 66.15 80.97
N THR RA 135 12.07 66.61 81.22
CA THR RA 135 10.93 66.23 80.40
C THR RA 135 10.87 67.05 79.13
N VAL RA 136 10.25 66.47 78.10
CA VAL RA 136 10.08 67.12 76.81
C VAL RA 136 8.66 67.70 76.79
N ASP RA 137 8.56 69.02 76.79
CA ASP RA 137 7.29 69.72 76.68
C ASP RA 137 7.21 70.29 75.26
N VAL RA 138 6.27 69.78 74.47
CA VAL RA 138 6.22 70.06 73.04
C VAL RA 138 5.13 71.08 72.77
N SER RA 139 5.49 72.23 72.20
CA SER RA 139 4.55 73.25 71.81
C SER RA 139 4.08 72.98 70.38
N VAL RA 140 2.78 72.82 70.19
CA VAL RA 140 2.19 72.51 68.89
C VAL RA 140 1.49 73.75 68.37
N ALA RA 141 1.81 74.13 67.13
CA ALA RA 141 1.22 75.33 66.54
C ALA RA 141 -0.18 75.03 66.01
N VAL RA 142 -1.14 75.85 66.41
CA VAL RA 142 -2.53 75.73 65.96
C VAL RA 142 -2.89 76.97 65.18
N ALA RA 143 -3.41 76.78 63.97
CA ALA RA 143 -3.74 77.89 63.07
C ALA RA 143 -5.18 78.33 63.34
N THR RA 144 -5.33 79.45 64.01
CA THR RA 144 -6.60 80.11 64.31
C THR RA 144 -6.76 81.34 63.41
N PRO RA 145 -7.99 81.79 63.15
CA PRO RA 145 -8.18 83.01 62.34
C PRO RA 145 -7.63 84.28 62.97
N ASN RA 146 -7.34 84.26 64.27
CA ASN RA 146 -6.62 85.33 64.95
C ASN RA 146 -5.12 85.08 64.99
N GLY RA 147 -4.58 84.32 64.03
CA GLY RA 147 -3.14 84.18 63.91
C GLY RA 147 -2.57 82.83 64.31
N LEU RA 148 -1.72 82.82 65.32
CA LEU RA 148 -0.99 81.61 65.69
C LEU RA 148 -0.91 81.51 67.21
N ILE RA 149 -1.11 80.30 67.72
CA ILE RA 149 -0.96 80.02 69.15
C ILE RA 149 -0.25 78.67 69.27
N THR RA 150 0.48 78.48 70.37
CA THR RA 150 1.25 77.26 70.61
C THR RA 150 0.90 76.69 71.97
N PRO RA 151 -0.17 75.90 72.08
CA PRO RA 151 -0.40 75.15 73.32
C PRO RA 151 0.61 74.03 73.49
N ILE RA 152 0.87 73.67 74.75
CA ILE RA 152 1.96 72.80 75.13
C ILE RA 152 1.41 71.46 75.61
N VAL RA 153 1.96 70.38 75.08
CA VAL RA 153 1.76 69.03 75.61
C VAL RA 153 2.90 68.76 76.57
N LYS RA 154 2.56 68.55 77.85
CA LYS RA 154 3.57 68.39 78.89
C LYS RA 154 3.85 66.92 79.13
N GLY RA 155 5.14 66.61 79.35
CA GLY RA 155 5.58 65.27 79.65
C GLY RA 155 5.35 64.29 78.51
N VAL RA 156 6.02 64.54 77.37
CA VAL RA 156 5.74 63.78 76.16
C VAL RA 156 6.30 62.37 76.25
N GLU RA 157 7.54 62.23 76.71
CA GLU RA 157 8.13 60.91 76.85
C GLU RA 157 7.45 60.17 78.01
N GLY RA 158 7.12 58.91 77.77
CA GLY RA 158 6.34 58.14 78.72
C GLY RA 158 4.93 58.64 78.95
N LYS RA 159 4.19 58.92 77.88
CA LYS RA 159 2.83 59.43 78.02
C LYS RA 159 1.79 58.56 77.33
N GLY RA 160 2.08 58.08 76.13
CA GLY RA 160 1.11 57.30 75.40
C GLY RA 160 0.51 58.05 74.23
N LEU RA 161 0.29 57.33 73.13
CA LEU RA 161 -0.16 57.96 71.90
C LEU RA 161 -1.62 58.41 71.99
N GLU RA 162 -2.43 57.66 72.72
CA GLU RA 162 -3.83 58.06 72.91
C GLU RA 162 -3.93 59.29 73.79
N SER RA 163 -3.08 59.38 74.81
CA SER RA 163 -3.04 60.56 75.66
C SER RA 163 -2.55 61.77 74.90
N ILE RA 164 -1.57 61.58 74.01
CA ILE RA 164 -1.05 62.66 73.18
C ILE RA 164 -2.13 63.15 72.21
N SER RA 165 -2.85 62.20 71.58
CA SER RA 165 -3.92 62.55 70.66
C SER RA 165 -5.05 63.29 71.36
N ALA RA 166 -5.40 62.83 72.57
CA ALA RA 166 -6.46 63.48 73.34
C ALA RA 166 -6.06 64.89 73.74
N ALA RA 167 -4.81 65.08 74.20
CA ALA RA 167 -4.36 66.40 74.61
C ALA RA 167 -4.24 67.35 73.43
N VAL RA 168 -3.80 66.85 72.28
CA VAL RA 168 -3.70 67.68 71.08
C VAL RA 168 -5.09 68.09 70.60
N LYS RA 169 -6.07 67.18 70.64
CA LYS RA 169 -7.42 67.51 70.22
C LYS RA 169 -8.08 68.51 71.18
N GLU RA 170 -7.91 68.31 72.50
CA GLU RA 170 -8.38 69.24 73.50
C GLU RA 170 -7.81 70.65 73.30
N LEU RA 171 -6.49 70.74 73.15
CA LEU RA 171 -5.85 72.04 73.03
C LEU RA 171 -6.17 72.71 71.70
N ALA RA 172 -6.35 71.92 70.63
CA ALA RA 172 -6.70 72.50 69.33
C ALA RA 172 -8.13 73.04 69.32
N LYS RA 173 -9.08 72.29 69.89
CA LYS RA 173 -10.46 72.79 69.90
C LYS RA 173 -10.61 73.96 70.88
N LYS RA 174 -9.81 73.98 71.95
CA LYS RA 174 -9.85 75.12 72.84
C LYS RA 174 -9.13 76.32 72.24
N ALA RA 175 -8.18 76.09 71.32
CA ALA RA 175 -7.55 77.18 70.61
C ALA RA 175 -8.50 77.77 69.58
N ARG RA 176 -9.33 76.91 68.96
CA ARG RA 176 -10.34 77.41 68.04
C ARG RA 176 -11.45 78.16 68.76
N ASP RA 177 -11.79 77.75 69.98
CA ASP RA 177 -12.77 78.49 70.78
C ASP RA 177 -12.17 79.66 71.55
N GLY RA 178 -10.85 79.76 71.65
CA GLY RA 178 -10.19 80.87 72.30
C GLY RA 178 -10.36 80.89 73.81
N LYS RA 179 -10.08 79.77 74.48
CA LYS RA 179 -10.37 79.61 75.91
C LYS RA 179 -9.16 79.08 76.65
N LEU RA 180 -8.00 79.72 76.49
CA LEU RA 180 -6.75 79.24 77.06
C LEU RA 180 -6.31 80.09 78.24
N LYS RA 181 -5.58 79.47 79.15
CA LYS RA 181 -4.82 80.03 80.26
C LYS RA 181 -3.39 80.32 79.78
N PRO RA 182 -2.73 81.34 80.34
CA PRO RA 182 -1.35 81.65 79.90
C PRO RA 182 -0.34 80.57 80.23
N GLU RA 183 -0.60 79.75 81.24
CA GLU RA 183 0.26 78.62 81.56
C GLU RA 183 0.12 77.47 80.56
N GLU RA 184 -0.88 77.51 79.68
CA GLU RA 184 -1.04 76.49 78.65
C GLU RA 184 -0.31 76.82 77.35
N TYR RA 185 0.10 78.08 77.14
CA TYR RA 185 0.83 78.43 75.93
C TYR RA 185 2.06 79.27 76.22
N GLN RA 186 2.47 79.36 77.49
CA GLN RA 186 3.68 80.07 77.86
C GLN RA 186 4.64 79.06 78.53
N GLY RA 187 5.68 78.69 77.81
CA GLY RA 187 6.64 77.72 78.31
C GLY RA 187 7.16 76.81 77.22
N GLY RA 188 7.30 75.52 77.51
CA GLY RA 188 7.74 74.56 76.53
C GLY RA 188 9.24 74.53 76.34
N SER RA 189 9.76 73.40 75.86
CA SER RA 189 11.18 73.24 75.59
C SER RA 189 11.50 73.06 74.12
N ILE RA 190 10.54 72.66 73.30
CA ILE RA 190 10.74 72.47 71.87
C ILE RA 190 9.39 72.65 71.18
N SER RA 191 9.42 73.04 69.91
CA SER RA 191 8.23 73.36 69.14
C SER RA 191 8.17 72.50 67.88
N ILE RA 192 7.00 72.51 67.24
CA ILE RA 192 6.80 71.82 65.97
C ILE RA 192 5.72 72.57 65.18
N SER RA 193 6.00 72.82 63.91
CA SER RA 193 5.06 73.46 62.99
C SER RA 193 4.67 72.43 61.94
N ASN RA 194 3.37 72.26 61.75
CA ASN RA 194 2.81 71.21 60.91
C ASN RA 194 2.07 71.83 59.72
N MET RA 195 2.42 71.41 58.52
CA MET RA 195 1.77 71.87 57.30
C MET RA 195 1.47 70.72 56.35
N GLY RA 196 1.01 69.60 56.90
CA GLY RA 196 0.69 68.45 56.07
C GLY RA 196 -0.66 68.52 55.39
N MET RA 197 -1.55 69.41 55.86
CA MET RA 197 -2.85 69.54 55.24
C MET RA 197 -2.76 70.28 53.90
N ASN RA 198 -1.71 71.07 53.71
CA ASN RA 198 -1.47 71.75 52.45
C ASN RA 198 -0.53 70.89 51.61
N PRO RA 199 -1.02 70.34 50.49
CA PRO RA 199 -0.15 69.47 49.67
C PRO RA 199 0.85 70.22 48.82
N ALA RA 200 0.80 71.55 48.79
CA ALA RA 200 1.75 72.30 47.97
C ALA RA 200 3.08 72.49 48.69
N VAL RA 201 3.07 72.57 50.02
CA VAL RA 201 4.26 72.88 50.78
C VAL RA 201 5.16 71.65 50.82
N GLN RA 202 6.17 71.63 49.95
CA GLN RA 202 7.16 70.55 50.00
C GLN RA 202 8.12 70.71 51.17
N SER RA 203 8.52 71.95 51.45
CA SER RA 203 9.47 72.24 52.51
C SER RA 203 9.29 73.67 52.94
N PHE RA 204 9.48 73.93 54.24
CA PHE RA 204 9.47 75.30 54.74
C PHE RA 204 10.30 75.35 56.01
N THR RA 205 10.71 76.56 56.36
CA THR RA 205 11.44 76.83 57.59
C THR RA 205 10.55 77.60 58.55
N ALA RA 206 10.92 77.57 59.83
CA ALA RA 206 10.16 78.25 60.87
C ALA RA 206 11.12 79.08 61.72
N ILE RA 207 10.55 80.01 62.47
CA ILE RA 207 11.30 80.86 63.37
C ILE RA 207 11.17 80.31 64.78
N ILE RA 208 12.31 80.23 65.49
CA ILE RA 208 12.33 79.64 66.82
C ILE RA 208 11.64 80.56 67.81
N ASN RA 209 10.67 80.02 68.54
CA ASN RA 209 10.00 80.76 69.60
C ASN RA 209 10.95 80.91 70.78
N PRO RA 210 11.25 82.14 71.21
CA PRO RA 210 12.13 82.31 72.36
C PRO RA 210 11.42 81.95 73.65
N PRO RA 211 12.15 81.43 74.65
CA PRO RA 211 13.59 81.18 74.67
C PRO RA 211 14.00 79.75 74.33
N GLN RA 212 13.25 79.07 73.46
CA GLN RA 212 13.59 77.70 73.11
C GLN RA 212 14.79 77.67 72.17
N ALA RA 213 15.29 76.45 71.93
CA ALA RA 213 16.52 76.26 71.17
C ALA RA 213 16.31 75.67 69.78
N ALA RA 214 15.18 75.04 69.52
CA ALA RA 214 14.97 74.38 68.23
C ALA RA 214 13.49 74.44 67.87
N ILE RA 215 13.22 74.31 66.58
CA ILE RA 215 11.84 74.20 66.09
C ILE RA 215 11.83 73.24 64.90
N LEU RA 216 10.78 72.45 64.79
CA LEU RA 216 10.63 71.50 63.71
C LEU RA 216 9.64 72.05 62.69
N ALA RA 217 9.80 71.62 61.42
CA ALA RA 217 8.90 72.03 60.35
C ALA RA 217 8.70 70.83 59.43
N VAL RA 218 7.45 70.45 59.21
CA VAL RA 218 7.12 69.21 58.53
C VAL RA 218 6.34 69.52 57.26
N GLY RA 219 6.85 69.07 56.10
CA GLY RA 219 6.21 69.34 54.84
C GLY RA 219 5.28 68.24 54.41
N ALA RA 220 4.57 68.49 53.31
CA ALA RA 220 3.61 67.56 52.77
C ALA RA 220 4.31 66.32 52.23
N PRO RA 221 3.70 65.14 52.38
CA PRO RA 221 4.29 63.93 51.82
C PRO RA 221 4.17 63.87 50.31
N GLN RA 222 5.18 63.29 49.69
CA GLN RA 222 5.25 63.12 48.24
C GLN RA 222 5.80 61.75 47.89
N LYS RA 223 5.54 61.29 46.68
CA LYS RA 223 6.05 60.01 46.21
C LYS RA 223 7.44 60.19 45.59
N VAL RA 224 8.43 59.50 46.15
CA VAL RA 224 9.80 59.58 45.68
C VAL RA 224 10.23 58.19 45.21
N ALA RA 225 10.87 58.12 44.05
CA ALA RA 225 11.36 56.86 43.51
C ALA RA 225 12.56 56.37 44.32
N VAL RA 226 12.46 55.14 44.81
CA VAL RA 226 13.47 54.53 45.69
C VAL RA 226 13.85 53.18 45.10
N PRO RA 227 15.15 52.86 44.97
CA PRO RA 227 15.53 51.59 44.35
C PRO RA 227 15.23 50.39 45.24
N VAL RA 228 14.97 49.27 44.59
CA VAL RA 228 14.63 48.02 45.27
C VAL RA 228 15.23 46.86 44.50
N GLU RA 229 15.74 45.86 45.23
CA GLU RA 229 16.18 44.62 44.60
C GLU RA 229 14.99 43.68 44.52
N ASN RA 230 14.86 42.99 43.39
CA ASN RA 230 13.95 41.87 43.32
C ASN RA 230 14.69 40.63 43.82
N GLU RA 231 14.08 39.45 43.67
CA GLU RA 231 14.76 38.21 44.07
C GLU RA 231 15.76 37.73 43.02
N ASP RA 232 15.98 38.48 41.94
CA ASP RA 232 17.10 38.29 41.04
C ASP RA 232 18.05 39.48 41.16
N GLY RA 233 19.07 39.49 40.31
CA GLY RA 233 20.18 40.44 40.48
C GLY RA 233 19.87 41.88 40.11
N THR RA 234 18.83 42.13 39.33
CA THR RA 234 18.60 43.47 38.81
C THR RA 234 17.95 44.37 39.85
N THR RA 235 18.05 45.68 39.64
CA THR RA 235 17.39 46.66 40.49
C THR RA 235 16.06 47.09 39.90
N GLY RA 236 15.21 47.70 40.74
CA GLY RA 236 13.89 48.10 40.32
C GLY RA 236 13.56 49.51 40.80
N VAL RA 237 12.30 49.89 40.57
CA VAL RA 237 11.78 51.18 41.01
C VAL RA 237 10.63 50.89 41.97
N SER RA 238 10.78 51.34 43.21
CA SER RA 238 9.72 51.32 44.19
C SER RA 238 9.36 52.75 44.55
N TRP RA 239 8.09 52.96 44.91
CA TRP RA 239 7.58 54.28 45.22
C TRP RA 239 7.39 54.40 46.73
N ASP RA 240 8.17 55.29 47.34
CA ASP RA 240 8.19 55.48 48.78
C ASP RA 240 7.55 56.82 49.15
N GLU RA 241 6.82 56.83 50.25
CA GLU RA 241 6.20 58.06 50.75
C GLU RA 241 7.21 58.76 51.64
N GLN RA 242 7.70 59.92 51.20
CA GLN RA 242 8.71 60.66 51.93
C GLN RA 242 8.16 62.01 52.37
N ILE RA 243 8.68 62.49 53.51
CA ILE RA 243 8.28 63.75 54.11
C ILE RA 243 9.54 64.56 54.38
N ILE RA 244 9.60 65.79 53.89
CA ILE RA 244 10.75 66.66 54.10
C ILE RA 244 10.57 67.36 55.44
N VAL RA 245 11.54 67.16 56.34
CA VAL RA 245 11.51 67.69 57.69
C VAL RA 245 12.72 68.62 57.85
N THR RA 246 12.45 69.87 58.20
CA THR RA 246 13.49 70.87 58.40
C THR RA 246 13.49 71.30 59.86
N ALA RA 247 14.63 71.15 60.52
CA ALA RA 247 14.78 71.54 61.92
C ALA RA 247 15.68 72.77 61.99
N SER RA 248 15.17 73.84 62.58
CA SER RA 248 15.92 75.08 62.76
C SER RA 248 16.46 75.11 64.18
N PHE RA 249 17.78 75.24 64.29
CA PHE RA 249 18.47 75.25 65.57
C PHE RA 249 19.11 76.62 65.82
N ASP RA 250 19.31 76.91 67.10
CA ASP RA 250 20.05 78.08 67.55
C ASP RA 250 21.50 77.68 67.79
N HIS RA 251 22.43 78.42 67.19
CA HIS RA 251 23.83 78.01 67.21
C HIS RA 251 24.53 78.36 68.51
N LYS RA 252 23.90 79.12 69.40
CA LYS RA 252 24.51 79.39 70.70
C LYS RA 252 24.44 78.18 71.61
N VAL RA 253 23.45 77.32 71.42
CA VAL RA 253 23.24 76.15 72.26
C VAL RA 253 23.61 74.87 71.51
N VAL RA 254 23.10 74.72 70.29
CA VAL RA 254 23.22 73.48 69.52
C VAL RA 254 24.21 73.73 68.38
N ASP RA 255 25.21 72.86 68.27
CA ASP RA 255 26.10 72.89 67.12
C ASP RA 255 25.57 71.98 66.02
N GLY RA 256 26.29 71.98 64.89
CA GLY RA 256 25.83 71.23 63.73
C GLY RA 256 25.89 69.74 63.91
N ALA RA 257 26.91 69.25 64.63
CA ALA RA 257 27.01 67.82 64.92
C ALA RA 257 25.93 67.36 65.87
N VAL RA 258 25.58 68.21 66.86
CA VAL RA 258 24.52 67.87 67.80
C VAL RA 258 23.16 67.87 67.09
N GLY RA 259 22.94 68.84 66.20
CA GLY RA 259 21.72 68.85 65.41
C GLY RA 259 21.62 67.68 64.45
N ALA RA 260 22.77 67.26 63.90
CA ALA RA 260 22.79 66.11 63.01
C ALA RA 260 22.53 64.81 63.77
N GLU RA 261 23.04 64.69 65.00
CA GLU RA 261 22.73 63.53 65.82
C GLU RA 261 21.26 63.50 66.22
N TRP RA 262 20.68 64.66 66.55
CA TRP RA 262 19.25 64.73 66.86
C TRP RA 262 18.40 64.34 65.65
N ILE RA 263 18.76 64.84 64.47
CA ILE RA 263 18.06 64.49 63.23
C ILE RA 263 18.21 63.01 62.91
N ARG RA 264 19.39 62.43 63.17
CA ARG RA 264 19.62 61.01 62.91
C ARG RA 264 18.80 60.13 63.84
N GLU RA 265 18.71 60.51 65.12
CA GLU RA 265 17.90 59.72 66.06
C GLU RA 265 16.42 59.85 65.75
N LEU RA 266 15.97 61.05 65.34
CA LEU RA 266 14.59 61.24 64.95
C LEU RA 266 14.25 60.42 63.70
N LYS RA 267 15.17 60.39 62.72
CA LYS RA 267 14.97 59.60 61.52
C LYS RA 267 14.98 58.10 61.81
N LYS RA 268 15.80 57.68 62.77
CA LYS RA 268 15.83 56.26 63.16
C LYS RA 268 14.52 55.84 63.82
N VAL RA 269 14.03 56.66 64.75
CA VAL RA 269 12.78 56.33 65.44
C VAL RA 269 11.58 56.42 64.49
N ILE RA 270 11.63 57.30 63.50
CA ILE RA 270 10.53 57.40 62.54
C ILE RA 270 10.54 56.23 61.55
N GLU RA 271 11.71 55.94 60.97
CA GLU RA 271 11.79 54.89 59.96
C GLU RA 271 11.79 53.49 60.55
N ASN RA 272 11.97 53.34 61.86
CA ASN RA 272 11.75 52.07 62.55
C ASN RA 272 10.68 52.32 63.60
N PRO RA 273 9.40 52.12 63.26
CA PRO RA 273 8.32 52.53 64.17
C PRO RA 273 8.17 51.64 65.39
N LEU RA 274 8.82 50.48 65.42
CA LEU RA 274 8.79 49.64 66.61
C LEU RA 274 9.68 50.17 67.72
N GLU RA 275 10.55 51.15 67.43
CA GLU RA 275 11.40 51.76 68.44
C GLU RA 275 10.67 52.78 69.29
N LEU RA 276 9.41 53.07 68.99
CA LEU RA 276 8.61 53.95 69.84
C LEU RA 276 8.21 53.28 71.15
N LEU RA 277 8.30 51.96 71.22
CA LEU RA 277 8.07 51.24 72.47
C LEU RA 277 9.19 51.54 73.46
N LEU RA 278 10.43 51.52 72.99
CA LEU RA 278 11.59 51.77 73.84
C LEU RA 278 11.76 53.25 74.09
N TYR SA 47 -59.73 95.45 15.82
CA TYR SA 47 -60.71 94.93 16.77
C TYR SA 47 -60.33 95.35 18.19
N THR SA 48 -59.38 94.63 18.78
CA THR SA 48 -58.86 94.99 20.08
C THR SA 48 -57.77 96.05 19.92
N ASP SA 49 -57.95 97.18 20.59
CA ASP SA 49 -57.19 98.41 20.38
C ASP SA 49 -56.59 98.91 21.68
N VAL SA 50 -55.82 98.04 22.35
CA VAL SA 50 -55.03 98.42 23.53
C VAL SA 50 -54.06 99.52 23.11
N PRO SA 51 -53.87 100.55 23.94
CA PRO SA 51 -53.01 101.67 23.54
C PRO SA 51 -51.54 101.38 23.79
N ILE SA 52 -50.70 102.23 23.20
CA ILE SA 52 -49.26 102.13 23.39
C ILE SA 52 -48.91 102.56 24.81
N SER SA 53 -47.92 101.90 25.40
CA SER SA 53 -47.58 102.13 26.81
C SER SA 53 -46.96 103.51 27.03
N GLY SA 54 -46.40 104.13 25.99
CA GLY SA 54 -45.74 105.40 26.14
C GLY SA 54 -44.25 105.22 26.30
N MET SA 55 -43.86 104.17 27.03
CA MET SA 55 -42.46 103.75 27.08
C MET SA 55 -42.00 103.20 25.74
N ARG SA 56 -42.88 102.51 25.00
CA ARG SA 56 -42.58 102.02 23.66
C ARG SA 56 -42.37 103.14 22.65
N LYS SA 57 -42.96 104.32 22.88
CA LYS SA 57 -42.85 105.42 21.94
C LYS SA 57 -41.42 105.96 21.89
N THR SA 58 -40.75 106.02 23.05
CA THR SA 58 -39.37 106.47 23.08
C THR SA 58 -38.43 105.49 22.40
N ILE SA 59 -38.66 104.18 22.57
CA ILE SA 59 -37.84 103.18 21.89
C ILE SA 59 -38.10 103.19 20.39
N ALA SA 60 -39.34 103.44 19.99
CA ALA SA 60 -39.67 103.53 18.57
C ALA SA 60 -39.01 104.75 17.93
N ALA SA 61 -39.02 105.88 18.63
CA ALA SA 61 -38.34 107.08 18.13
C ALA SA 61 -36.82 106.89 18.10
N ARG SA 62 -36.28 106.14 19.07
CA ARG SA 62 -34.84 105.89 19.11
C ARG SA 62 -34.40 104.97 17.97
N LEU SA 63 -35.18 103.92 17.70
CA LEU SA 63 -34.88 103.05 16.56
C LEU SA 63 -35.08 103.77 15.24
N LYS SA 64 -36.04 104.71 15.19
CA LYS SA 64 -36.19 105.56 14.02
C LYS SA 64 -34.97 106.43 13.80
N GLU SA 65 -34.44 107.04 14.87
CA GLU SA 65 -33.20 107.82 14.80
C GLU SA 65 -32.04 106.97 14.32
N SER SA 66 -31.97 105.73 14.82
CA SER SA 66 -30.89 104.83 14.44
C SER SA 66 -30.93 104.47 12.96
N VAL SA 67 -32.10 104.11 12.45
CA VAL SA 67 -32.19 103.71 11.05
C VAL SA 67 -32.16 104.91 10.11
N THR SA 68 -32.45 106.12 10.62
CA THR SA 68 -32.46 107.24 9.70
C THR SA 68 -31.15 108.02 9.72
N GLU SA 69 -30.30 107.81 10.74
CA GLU SA 69 -29.05 108.56 10.77
C GLU SA 69 -27.86 107.62 10.60
N ASN SA 70 -28.08 106.32 10.79
CA ASN SA 70 -27.02 105.34 10.62
C ASN SA 70 -27.28 104.50 9.39
N PRO SA 71 -26.54 104.69 8.28
CA PRO SA 71 -26.66 103.74 7.16
C PRO SA 71 -26.00 102.42 7.49
N HIS SA 72 -26.81 101.42 7.80
CA HIS SA 72 -26.30 100.13 8.26
C HIS SA 72 -25.79 99.29 7.10
N PHE SA 73 -24.78 98.49 7.37
CA PHE SA 73 -24.42 97.40 6.47
C PHE SA 73 -23.98 96.21 7.31
N PHE SA 74 -24.35 95.02 6.87
CA PHE SA 74 -24.14 93.80 7.62
C PHE SA 74 -22.98 93.01 7.04
N VAL SA 75 -22.21 92.38 7.95
CA VAL SA 75 -21.14 91.46 7.58
C VAL SA 75 -21.38 90.16 8.33
N SER SA 76 -21.55 89.06 7.60
CA SER SA 76 -21.86 87.77 8.18
C SER SA 76 -20.65 86.85 8.12
N THR SA 77 -20.56 85.97 9.11
CA THR SA 77 -19.49 84.99 9.16
C THR SA 77 -19.99 83.76 9.91
N ASN SA 78 -19.22 82.68 9.82
CA ASN SA 78 -19.52 81.44 10.54
C ASN SA 78 -18.34 81.10 11.43
N LEU SA 79 -18.55 81.15 12.74
CA LEU SA 79 -17.51 80.84 13.71
C LEU SA 79 -17.61 79.38 14.11
N SER SA 80 -16.48 78.68 14.09
CA SER SA 80 -16.42 77.31 14.58
C SER SA 80 -16.15 77.32 16.07
N VAL SA 81 -17.03 76.70 16.85
CA VAL SA 81 -16.98 76.75 18.30
C VAL SA 81 -16.74 75.36 18.90
N SER SA 82 -16.22 74.43 18.10
CA SER SA 82 -15.99 73.07 18.58
C SER SA 82 -14.84 73.01 19.59
N LYS SA 83 -13.87 73.92 19.48
CA LYS SA 83 -12.81 74.02 20.48
C LYS SA 83 -13.22 74.91 21.64
N LEU SA 84 -14.06 75.91 21.37
CA LEU SA 84 -14.55 76.79 22.43
C LEU SA 84 -15.44 76.04 23.41
N LEU SA 85 -16.26 75.10 22.89
CA LEU SA 85 -17.10 74.29 23.76
C LEU SA 85 -16.26 73.31 24.59
N LYS SA 86 -15.17 72.80 24.03
CA LYS SA 86 -14.28 71.92 24.79
C LYS SA 86 -13.56 72.69 25.89
N LEU SA 87 -13.12 73.92 25.59
CA LEU SA 87 -12.49 74.76 26.61
C LEU SA 87 -13.47 75.13 27.71
N ARG SA 88 -14.72 75.42 27.34
CA ARG SA 88 -15.74 75.74 28.34
C ARG SA 88 -16.08 74.54 29.19
N GLN SA 89 -16.12 73.34 28.58
CA GLN SA 89 -16.39 72.12 29.33
C GLN SA 89 -15.27 71.82 30.32
N ALA SA 90 -14.02 72.02 29.90
CA ALA SA 90 -12.88 71.79 30.79
C ALA SA 90 -12.86 72.80 31.94
N LEU SA 91 -13.13 74.07 31.63
CA LEU SA 91 -13.10 75.10 32.68
C LEU SA 91 -14.28 74.96 33.62
N ASN SA 92 -15.40 74.39 33.15
CA ASN SA 92 -16.53 74.16 34.04
C ASN SA 92 -16.33 72.90 34.87
N SER SA 93 -15.67 71.88 34.31
CA SER SA 93 -15.44 70.66 35.07
C SER SA 93 -14.35 70.85 36.12
N SER SA 94 -13.39 71.73 35.87
CA SER SA 94 -12.35 72.03 36.86
C SER SA 94 -12.79 73.15 37.80
N ALA SA 95 -13.87 72.90 38.52
CA ALA SA 95 -14.41 73.88 39.46
C ALA SA 95 -15.16 73.15 40.57
N ASP SA 96 -15.45 73.89 41.63
CA ASP SA 96 -16.20 73.38 42.78
C ASP SA 96 -17.52 74.12 42.94
N GLY SA 97 -18.14 74.53 41.83
CA GLY SA 97 -19.32 75.37 41.90
C GLY SA 97 -19.03 76.83 42.13
N ARG SA 98 -17.79 77.28 41.93
CA ARG SA 98 -17.47 78.70 42.11
C ARG SA 98 -17.99 79.55 40.96
N TYR SA 99 -18.04 78.98 39.76
CA TYR SA 99 -18.46 79.74 38.58
C TYR SA 99 -19.15 78.80 37.61
N LYS SA 100 -19.78 79.39 36.60
CA LYS SA 100 -20.41 78.65 35.51
C LYS SA 100 -20.23 79.47 34.23
N LEU SA 101 -19.52 78.91 33.26
CA LEU SA 101 -19.16 79.64 32.06
C LEU SA 101 -20.15 79.35 30.93
N SER SA 102 -20.37 80.36 30.09
CA SER SA 102 -21.23 80.26 28.93
C SER SA 102 -20.46 80.73 27.70
N VAL SA 103 -21.12 80.61 26.54
CA VAL SA 103 -20.49 81.02 25.28
C VAL SA 103 -20.45 82.54 25.19
N ASN SA 104 -21.37 83.23 25.86
CA ASN SA 104 -21.43 84.68 25.83
C ASN SA 104 -20.23 85.32 26.51
N ASP SA 105 -19.63 84.63 27.48
CA ASP SA 105 -18.41 85.14 28.14
C ASP SA 105 -17.24 85.16 27.17
N PHE SA 106 -17.04 84.06 26.43
CA PHE SA 106 -15.99 84.00 25.41
C PHE SA 106 -16.27 85.00 24.30
N LEU SA 107 -17.54 85.19 23.95
CA LEU SA 107 -17.88 86.15 22.89
C LEU SA 107 -17.61 87.59 23.32
N ILE SA 108 -17.92 87.92 24.58
CA ILE SA 108 -17.67 89.27 25.08
C ILE SA 108 -16.17 89.53 25.19
N LYS SA 109 -15.40 88.53 25.65
CA LYS SA 109 -13.94 88.68 25.72
C LYS SA 109 -13.32 88.81 24.33
N ALA SA 110 -13.82 88.04 23.36
CA ALA SA 110 -13.30 88.13 22.00
C ALA SA 110 -13.69 89.44 21.34
N MET SA 111 -14.87 89.99 21.68
CA MET SA 111 -15.25 91.31 21.21
C MET SA 111 -14.36 92.39 21.78
N GLY SA 112 -13.96 92.24 23.04
CA GLY SA 112 -13.03 93.19 23.63
C GLY SA 112 -11.65 93.13 22.99
N ILE SA 113 -11.17 91.92 22.71
CA ILE SA 113 -9.88 91.74 22.05
C ILE SA 113 -9.91 92.31 20.63
N ALA SA 114 -10.99 92.04 19.90
CA ALA SA 114 -11.10 92.53 18.52
C ALA SA 114 -11.28 94.04 18.47
N SER SA 115 -12.00 94.62 19.42
CA SER SA 115 -12.15 96.08 19.45
C SER SA 115 -10.88 96.76 19.91
N LYS SA 116 -10.04 96.09 20.70
CA LYS SA 116 -8.74 96.64 21.03
C LYS SA 116 -7.78 96.55 19.85
N ARG SA 117 -7.87 95.49 19.06
CA ARG SA 117 -7.00 95.36 17.89
C ARG SA 117 -7.41 96.29 16.75
N VAL SA 118 -8.71 96.46 16.52
CA VAL SA 118 -9.21 97.40 15.52
C VAL SA 118 -9.97 98.51 16.25
N PRO SA 119 -9.31 99.62 16.60
CA PRO SA 119 -9.97 100.64 17.42
C PRO SA 119 -10.92 101.55 16.66
N THR SA 120 -11.03 101.40 15.32
CA THR SA 120 -11.94 102.24 14.56
C THR SA 120 -13.40 101.86 14.81
N VAL SA 121 -13.66 100.58 15.07
CA VAL SA 121 -15.02 100.13 15.36
C VAL SA 121 -15.47 100.61 16.73
N ASN SA 122 -14.54 100.78 17.67
CA ASN SA 122 -14.86 101.25 19.02
C ASN SA 122 -14.89 102.78 19.01
N SER SA 123 -15.94 103.32 18.42
CA SER SA 123 -16.07 104.77 18.25
C SER SA 123 -17.55 105.13 18.24
N SER SA 124 -17.84 106.39 17.91
CA SER SA 124 -19.19 106.93 17.88
C SER SA 124 -19.25 108.02 16.82
N TRP SA 125 -20.28 108.87 16.89
CA TRP SA 125 -20.45 109.97 15.96
C TRP SA 125 -21.03 111.15 16.72
N ARG SA 126 -20.27 112.23 16.82
CA ARG SA 126 -20.57 113.36 17.69
C ARG SA 126 -20.58 114.67 16.90
N ASP SA 127 -20.56 115.81 17.60
CA ASP SA 127 -20.68 117.12 16.96
C ASP SA 127 -19.43 117.42 16.15
N GLY SA 128 -19.45 117.03 14.88
CA GLY SA 128 -18.34 117.25 13.97
C GLY SA 128 -17.08 116.50 14.32
N VAL SA 129 -17.18 115.42 15.10
CA VAL SA 129 -16.03 114.80 15.73
C VAL SA 129 -16.34 113.34 16.00
N ILE SA 130 -15.30 112.51 15.94
CA ILE SA 130 -15.37 111.08 16.20
C ILE SA 130 -14.81 110.85 17.60
N ARG SA 131 -15.63 110.28 18.50
CA ARG SA 131 -15.19 110.02 19.85
C ARG SA 131 -14.71 108.58 19.96
N GLN SA 132 -13.41 108.41 20.23
CA GLN SA 132 -12.76 107.11 20.25
C GLN SA 132 -12.35 106.79 21.68
N PHE SA 133 -12.83 105.67 22.21
CA PHE SA 133 -12.56 105.22 23.57
C PHE SA 133 -11.37 104.27 23.60
N GLU SA 134 -10.82 104.09 24.80
CA GLU SA 134 -9.79 103.08 25.03
C GLU SA 134 -10.38 101.74 25.46
N THR SA 135 -11.17 101.73 26.52
CA THR SA 135 -11.74 100.51 27.05
C THR SA 135 -12.96 100.08 26.25
N VAL SA 136 -13.24 98.78 26.26
CA VAL SA 136 -14.39 98.22 25.56
C VAL SA 136 -15.47 98.01 26.62
N ASP SA 137 -16.55 98.78 26.52
CA ASP SA 137 -17.71 98.64 27.38
C ASP SA 137 -18.81 97.97 26.56
N VAL SA 138 -19.18 96.76 26.95
CA VAL SA 138 -20.05 95.90 26.13
C VAL SA 138 -21.45 95.92 26.72
N SER SA 139 -22.43 96.35 25.94
CA SER SA 139 -23.82 96.33 26.34
C SER SA 139 -24.44 95.00 25.94
N VAL SA 140 -24.99 94.28 26.92
CA VAL SA 140 -25.57 92.96 26.69
C VAL SA 140 -27.08 93.08 26.79
N ALA SA 141 -27.78 92.57 25.78
CA ALA SA 141 -29.23 92.67 25.75
C ALA SA 141 -29.85 91.58 26.63
N VAL SA 142 -30.75 91.99 27.52
CA VAL SA 142 -31.46 91.07 28.41
C VAL SA 142 -32.94 91.16 28.07
N ALA SA 143 -33.55 89.99 27.84
CA ALA SA 143 -34.95 89.91 27.43
C ALA SA 143 -35.81 89.82 28.69
N THR SA 144 -36.47 90.92 29.03
CA THR SA 144 -37.41 91.04 30.13
C THR SA 144 -38.85 91.10 29.58
N PRO SA 145 -39.86 90.72 30.37
CA PRO SA 145 -41.25 90.81 29.87
C PRO SA 145 -41.72 92.24 29.61
N ASN SA 146 -41.02 93.25 30.11
CA ASN SA 146 -41.24 94.65 29.75
C ASN SA 146 -40.34 95.09 28.59
N GLY SA 147 -39.94 94.17 27.73
CA GLY SA 147 -39.24 94.54 26.51
C GLY SA 147 -37.76 94.21 26.46
N LEU SA 148 -36.93 95.25 26.35
CA LEU SA 148 -35.50 95.05 26.15
C LEU SA 148 -34.72 96.07 26.96
N ILE SA 149 -33.63 95.62 27.58
CA ILE SA 149 -32.72 96.50 28.31
C ILE SA 149 -31.31 96.04 28.00
N THR SA 150 -30.35 96.97 28.05
CA THR SA 150 -28.95 96.69 27.75
C THR SA 150 -28.06 97.17 28.89
N PRO SA 151 -27.87 96.35 29.93
CA PRO SA 151 -26.85 96.67 30.92
C PRO SA 151 -25.45 96.50 30.37
N ILE SA 152 -24.51 97.26 30.92
CA ILE SA 152 -23.17 97.40 30.37
C ILE SA 152 -22.17 96.72 31.29
N VAL SA 153 -21.29 95.91 30.70
CA VAL SA 153 -20.11 95.38 31.35
C VAL SA 153 -18.96 96.32 31.01
N LYS SA 154 -18.40 96.95 32.04
CA LYS SA 154 -17.37 97.96 31.85
C LYS SA 154 -15.98 97.35 31.96
N GLY SA 155 -15.08 97.81 31.09
CA GLY SA 155 -13.69 97.36 31.09
C GLY SA 155 -13.54 95.89 30.77
N VAL SA 156 -13.93 95.50 29.56
CA VAL SA 156 -14.00 94.08 29.20
C VAL SA 156 -12.60 93.51 29.01
N GLU SA 157 -11.73 94.22 28.28
CA GLU SA 157 -10.38 93.73 28.07
C GLU SA 157 -9.60 93.84 29.38
N GLY SA 158 -8.86 92.78 29.71
CA GLY SA 158 -8.19 92.68 30.98
C GLY SA 158 -9.12 92.62 32.18
N LYS SA 159 -10.13 91.76 32.13
CA LYS SA 159 -11.07 91.64 33.25
C LYS SA 159 -11.16 90.24 33.82
N GLY SA 160 -11.18 89.23 32.99
CA GLY SA 160 -11.31 87.86 33.48
C GLY SA 160 -12.69 87.29 33.19
N LEU SA 161 -12.70 86.00 32.84
CA LEU SA 161 -13.93 85.34 32.42
C LEU SA 161 -14.88 85.13 33.59
N GLU SA 162 -14.35 84.88 34.78
CA GLU SA 162 -15.20 84.71 35.95
C GLU SA 162 -15.82 86.04 36.37
N SER SA 163 -15.06 87.13 36.24
CA SER SA 163 -15.60 88.46 36.52
C SER SA 163 -16.66 88.84 35.50
N ILE SA 164 -16.45 88.48 34.23
CA ILE SA 164 -17.44 88.76 33.19
C ILE SA 164 -18.72 87.96 33.43
N SER SA 165 -18.58 86.68 33.81
CA SER SA 165 -19.74 85.84 34.10
C SER SA 165 -20.51 86.34 35.31
N ALA SA 166 -19.78 86.78 36.35
CA ALA SA 166 -20.42 87.32 37.54
C ALA SA 166 -21.16 88.60 37.25
N ALA SA 167 -20.56 89.50 36.46
CA ALA SA 167 -21.20 90.77 36.15
C ALA SA 167 -22.42 90.57 35.25
N VAL SA 168 -22.33 89.62 34.31
CA VAL SA 168 -23.46 89.33 33.43
C VAL SA 168 -24.61 88.71 34.22
N LYS SA 169 -24.31 87.82 35.18
CA LYS SA 169 -25.37 87.22 35.99
C LYS SA 169 -26.01 88.25 36.91
N GLU SA 170 -25.20 89.10 37.54
CA GLU SA 170 -25.71 90.20 38.37
C GLU SA 170 -26.63 91.12 37.59
N LEU SA 171 -26.18 91.58 36.42
CA LEU SA 171 -26.97 92.52 35.63
C LEU SA 171 -28.22 91.87 35.05
N ALA SA 172 -28.15 90.58 34.70
CA ALA SA 172 -29.32 89.89 34.17
C ALA SA 172 -30.39 89.67 35.24
N LYS SA 173 -29.98 89.26 36.44
CA LYS SA 173 -30.97 89.04 37.50
C LYS SA 173 -31.53 90.37 38.00
N LYS SA 174 -30.72 91.43 37.96
CA LYS SA 174 -31.25 92.75 38.32
C LYS SA 174 -32.12 93.32 37.22
N ALA SA 175 -31.91 92.90 35.97
CA ALA SA 175 -32.81 93.31 34.90
C ALA SA 175 -34.14 92.57 34.99
N ARG SA 176 -34.11 91.32 35.44
CA ARG SA 176 -35.36 90.59 35.67
C ARG SA 176 -36.11 91.13 36.88
N ASP SA 177 -35.40 91.60 37.91
CA ASP SA 177 -36.07 92.24 39.04
C ASP SA 177 -36.39 93.71 38.82
N GLY SA 178 -35.82 94.34 37.79
CA GLY SA 178 -36.12 95.73 37.47
C GLY SA 178 -35.56 96.73 38.45
N LYS SA 179 -34.26 96.62 38.77
CA LYS SA 179 -33.65 97.41 39.83
C LYS SA 179 -32.36 98.06 39.34
N LEU SA 180 -32.43 98.78 38.22
CA LEU SA 180 -31.23 99.37 37.60
C LEU SA 180 -31.19 100.87 37.79
N LYS SA 181 -29.97 101.41 37.80
CA LYS SA 181 -29.60 102.81 37.73
C LYS SA 181 -29.39 103.19 36.26
N PRO SA 182 -29.65 104.45 35.89
CA PRO SA 182 -29.48 104.85 34.48
C PRO SA 182 -28.03 104.82 34.00
N GLU SA 183 -27.07 104.93 34.91
CA GLU SA 183 -25.66 104.78 34.55
C GLU SA 183 -25.27 103.34 34.27
N GLU SA 184 -26.13 102.37 34.56
CA GLU SA 184 -25.85 100.98 34.26
C GLU SA 184 -26.35 100.54 32.90
N TYR SA 185 -27.24 101.32 32.27
CA TYR SA 185 -27.72 100.95 30.94
C TYR SA 185 -27.71 102.14 29.98
N GLN SA 186 -27.03 103.23 30.35
CA GLN SA 186 -26.88 104.39 29.46
C GLN SA 186 -25.39 104.60 29.23
N GLY SA 187 -24.95 104.26 28.01
CA GLY SA 187 -23.54 104.39 27.66
C GLY SA 187 -23.08 103.26 26.76
N GLY SA 188 -21.88 102.75 27.01
CA GLY SA 188 -21.36 101.64 26.23
C GLY SA 188 -20.75 102.06 24.90
N SER SA 189 -19.83 101.24 24.38
CA SER SA 189 -19.21 101.50 23.10
C SER SA 189 -19.56 100.48 22.02
N ILE SA 190 -20.04 99.30 22.41
CA ILE SA 190 -20.43 98.26 21.45
C ILE SA 190 -21.48 97.38 22.13
N SER SA 191 -22.32 96.73 21.33
CA SER SA 191 -23.43 95.94 21.81
C SER SA 191 -23.34 94.52 21.28
N ILE SA 192 -24.15 93.63 21.86
CA ILE SA 192 -24.26 92.25 21.41
C ILE SA 192 -25.67 91.74 21.72
N SER SA 193 -26.29 91.11 20.74
CA SER SA 193 -27.60 90.50 20.89
C SER SA 193 -27.45 89.00 20.77
N ASN SA 194 -27.98 88.26 21.74
CA ASN SA 194 -27.77 86.83 21.87
C ASN SA 194 -29.10 86.11 21.70
N MET SA 195 -29.14 85.13 20.80
CA MET SA 195 -30.33 84.32 20.57
C MET SA 195 -29.97 82.85 20.44
N GLY SA 196 -29.06 82.36 21.29
CA GLY SA 196 -28.67 80.96 21.24
C GLY SA 196 -29.63 80.03 21.95
N MET SA 197 -30.50 80.56 22.79
CA MET SA 197 -31.47 79.72 23.50
C MET SA 197 -32.59 79.25 22.56
N ASN SA 198 -32.82 80.00 21.49
CA ASN SA 198 -33.80 79.63 20.47
C ASN SA 198 -33.08 78.87 19.37
N PRO SA 199 -33.35 77.57 19.20
CA PRO SA 199 -32.64 76.80 18.17
C PRO SA 199 -33.14 77.04 16.75
N ALA SA 200 -34.22 77.80 16.58
CA ALA SA 200 -34.75 78.05 15.24
C ALA SA 200 -34.00 79.17 14.54
N VAL SA 201 -33.47 80.14 15.29
CA VAL SA 201 -32.85 81.32 14.70
C VAL SA 201 -31.48 80.94 14.18
N GLN SA 202 -31.38 80.71 12.87
CA GLN SA 202 -30.09 80.45 12.25
C GLN SA 202 -29.28 81.73 12.12
N SER SA 203 -29.94 82.83 11.76
CA SER SA 203 -29.28 84.10 11.56
C SER SA 203 -30.30 85.21 11.74
N PHE SA 204 -29.84 86.34 12.28
CA PHE SA 204 -30.69 87.52 12.38
C PHE SA 204 -29.81 88.76 12.41
N THR SA 205 -30.42 89.90 12.10
CA THR SA 205 -29.76 91.20 12.17
C THR SA 205 -30.35 92.00 13.33
N ALA SA 206 -29.59 93.01 13.76
CA ALA SA 206 -30.01 93.86 14.85
C ALA SA 206 -29.86 95.32 14.44
N ILE SA 207 -30.52 96.18 15.20
CA ILE SA 207 -30.46 97.63 14.98
C ILE SA 207 -29.46 98.23 15.96
N ILE SA 208 -28.60 99.11 15.44
CA ILE SA 208 -27.53 99.68 16.26
C ILE SA 208 -28.12 100.67 17.26
N ASN SA 209 -27.81 100.49 18.53
CA ASN SA 209 -28.23 101.42 19.56
C ASN SA 209 -27.41 102.70 19.45
N PRO SA 210 -28.04 103.86 19.27
CA PRO SA 210 -27.28 105.10 19.17
C PRO SA 210 -26.76 105.51 20.54
N PRO SA 211 -25.59 106.17 20.59
CA PRO SA 211 -24.74 106.58 19.46
C PRO SA 211 -23.60 105.63 19.15
N GLN SA 212 -23.78 104.32 19.36
CA GLN SA 212 -22.71 103.38 19.09
C GLN SA 212 -22.56 103.16 17.58
N ALA SA 213 -21.49 102.44 17.22
CA ALA SA 213 -21.13 102.26 15.82
C ALA SA 213 -21.35 100.85 15.28
N ALA SA 214 -21.48 99.85 16.15
CA ALA SA 214 -21.63 98.48 15.69
C ALA SA 214 -22.49 97.70 16.68
N ILE SA 215 -23.07 96.61 16.18
CA ILE SA 215 -23.81 95.69 17.04
C ILE SA 215 -23.59 94.27 16.52
N LEU SA 216 -23.49 93.32 17.43
CA LEU SA 216 -23.28 91.92 17.07
C LEU SA 216 -24.61 91.16 17.21
N ALA SA 217 -24.76 90.09 16.43
CA ALA SA 217 -25.95 89.24 16.49
C ALA SA 217 -25.50 87.81 16.30
N VAL SA 218 -25.85 86.94 17.25
CA VAL SA 218 -25.32 85.58 17.32
C VAL SA 218 -26.47 84.59 17.18
N GLY SA 219 -26.40 83.70 16.18
CA GLY SA 219 -27.45 82.75 15.94
C GLY SA 219 -27.19 81.42 16.62
N ALA SA 220 -28.19 80.55 16.53
CA ALA SA 220 -28.12 79.22 17.14
C ALA SA 220 -27.07 78.36 16.44
N PRO SA 221 -26.36 77.54 17.19
CA PRO SA 221 -25.38 76.63 16.59
C PRO SA 221 -26.06 75.48 15.84
N GLN SA 222 -25.42 75.08 14.74
CA GLN SA 222 -25.90 74.00 13.89
C GLN SA 222 -24.73 73.13 13.44
N LYS SA 223 -25.02 71.90 13.04
CA LYS SA 223 -23.99 70.99 12.54
C LYS SA 223 -23.79 71.20 11.05
N VAL SA 224 -22.57 71.55 10.65
CA VAL SA 224 -22.22 71.79 9.26
C VAL SA 224 -21.15 70.78 8.85
N ALA SA 225 -21.32 70.17 7.68
CA ALA SA 225 -20.35 69.21 7.17
C ALA SA 225 -19.08 69.93 6.72
N VAL SA 226 -17.94 69.49 7.26
CA VAL SA 226 -16.65 70.11 7.02
C VAL SA 226 -15.67 69.02 6.58
N PRO SA 227 -14.91 69.23 5.50
CA PRO SA 227 -14.01 68.18 5.02
C PRO SA 227 -12.82 67.96 5.94
N VAL SA 228 -12.34 66.72 5.95
CA VAL SA 228 -11.22 66.31 6.79
C VAL SA 228 -10.39 65.30 6.03
N GLU SA 229 -9.06 65.39 6.18
CA GLU SA 229 -8.17 64.37 5.65
C GLU SA 229 -7.99 63.29 6.71
N ASN SA 230 -8.00 62.04 6.28
CA ASN SA 230 -7.57 60.96 7.13
C ASN SA 230 -6.05 60.84 6.99
N GLU SA 231 -5.47 59.78 7.57
CA GLU SA 231 -4.03 59.57 7.43
C GLU SA 231 -3.66 58.92 6.10
N ASP SA 232 -4.63 58.71 5.20
CA ASP SA 232 -4.36 58.38 3.80
C ASP SA 232 -4.83 59.55 2.93
N GLY SA 233 -4.75 59.35 1.62
CA GLY SA 233 -4.92 60.46 0.68
C GLY SA 233 -6.34 60.96 0.50
N THR SA 234 -7.35 60.18 0.88
CA THR SA 234 -8.73 60.54 0.57
C THR SA 234 -9.26 61.57 1.56
N THR SA 235 -10.34 62.25 1.16
CA THR SA 235 -11.02 63.20 2.03
C THR SA 235 -12.20 62.54 2.71
N GLY SA 236 -12.69 63.17 3.79
CA GLY SA 236 -13.78 62.63 4.58
C GLY SA 236 -14.81 63.69 4.91
N VAL SA 237 -15.77 63.27 5.74
CA VAL SA 237 -16.82 64.17 6.23
C VAL SA 237 -16.69 64.23 7.75
N SER SA 238 -16.43 65.42 8.26
CA SER SA 238 -16.46 65.70 9.68
C SER SA 238 -17.58 66.68 9.98
N TRP SA 239 -18.14 66.58 11.18
CA TRP SA 239 -19.27 67.40 11.57
C TRP SA 239 -18.79 68.46 12.56
N ASP SA 240 -18.88 69.72 12.15
CA ASP SA 240 -18.39 70.85 12.92
C ASP SA 240 -19.55 71.68 13.44
N GLU SA 241 -19.41 72.17 14.67
CA GLU SA 241 -20.42 73.03 15.28
C GLU SA 241 -20.14 74.47 14.85
N GLN SA 242 -21.01 75.04 14.04
CA GLN SA 242 -20.82 76.40 13.53
C GLN SA 242 -21.92 77.32 14.03
N ILE SA 243 -21.58 78.59 14.18
CA ILE SA 243 -22.49 79.63 14.66
C ILE SA 243 -22.43 80.78 13.67
N ILE SA 244 -23.58 81.21 13.17
CA ILE SA 244 -23.65 82.32 12.23
C ILE SA 244 -23.68 83.61 13.04
N VAL SA 245 -22.72 84.48 12.78
CA VAL SA 245 -22.55 85.74 13.49
C VAL SA 245 -22.67 86.87 12.48
N THR SA 246 -23.62 87.78 12.70
CA THR SA 246 -23.86 88.92 11.83
C THR SA 246 -23.55 90.20 12.59
N ALA SA 247 -22.63 91.00 12.07
CA ALA SA 247 -22.26 92.27 12.68
C ALA SA 247 -22.78 93.41 11.81
N SER SA 248 -23.59 94.28 12.40
CA SER SA 248 -24.15 95.43 11.71
C SER SA 248 -23.31 96.65 12.07
N PHE SA 249 -22.76 97.31 11.04
CA PHE SA 249 -21.92 98.49 11.21
C PHE SA 249 -22.59 99.71 10.64
N ASP SA 250 -22.17 100.87 11.15
CA ASP SA 250 -22.56 102.18 10.65
C ASP SA 250 -21.50 102.64 9.66
N HIS SA 251 -21.93 103.03 8.45
CA HIS SA 251 -20.97 103.33 7.39
C HIS SA 251 -20.36 104.71 7.51
N LYS SA 252 -20.85 105.56 8.42
CA LYS SA 252 -20.23 106.86 8.61
C LYS SA 252 -18.91 106.73 9.35
N VAL SA 253 -18.76 105.71 10.20
CA VAL SA 253 -17.57 105.50 11.00
C VAL SA 253 -16.74 104.33 10.47
N VAL SA 254 -17.37 103.20 10.21
CA VAL SA 254 -16.70 101.96 9.85
C VAL SA 254 -16.94 101.69 8.38
N ASP SA 255 -15.86 101.47 7.63
CA ASP SA 255 -16.00 101.01 6.25
C ASP SA 255 -16.01 99.49 6.18
N GLY SA 256 -16.18 98.98 4.96
CA GLY SA 256 -16.31 97.54 4.78
C GLY SA 256 -15.02 96.78 5.05
N ALA SA 257 -13.88 97.38 4.70
CA ALA SA 257 -12.59 96.75 4.99
C ALA SA 257 -12.30 96.73 6.48
N VAL SA 258 -12.68 97.79 7.20
CA VAL SA 258 -12.48 97.84 8.64
C VAL SA 258 -13.39 96.83 9.34
N GLY SA 259 -14.64 96.71 8.87
CA GLY SA 259 -15.54 95.71 9.42
C GLY SA 259 -15.09 94.29 9.12
N ALA SA 260 -14.49 94.09 7.94
CA ALA SA 260 -13.97 92.77 7.59
C ALA SA 260 -12.74 92.42 8.41
N GLU SA 261 -11.89 93.40 8.71
CA GLU SA 261 -10.75 93.16 9.60
C GLU SA 261 -11.21 92.85 11.03
N TRP SA 262 -12.23 93.56 11.52
CA TRP SA 262 -12.78 93.29 12.83
C TRP SA 262 -13.39 91.88 12.90
N ILE SA 263 -14.13 91.50 11.85
CA ILE SA 263 -14.72 90.16 11.78
C ILE SA 263 -13.63 89.09 11.69
N ARG SA 264 -12.54 89.37 10.97
CA ARG SA 264 -11.44 88.42 10.84
C ARG SA 264 -10.71 88.22 12.16
N GLU SA 265 -10.48 89.30 12.91
CA GLU SA 265 -9.82 89.18 14.21
C GLU SA 265 -10.72 88.48 15.21
N LEU SA 266 -12.02 88.75 15.17
CA LEU SA 266 -12.97 88.06 16.05
C LEU SA 266 -13.02 86.57 15.73
N LYS SA 267 -13.02 86.22 14.43
CA LYS SA 267 -13.02 84.82 14.02
C LYS SA 267 -11.71 84.12 14.41
N LYS SA 268 -10.59 84.84 14.35
CA LYS SA 268 -9.30 84.28 14.75
C LYS SA 268 -9.28 83.97 16.24
N VAL SA 269 -9.72 84.94 17.06
CA VAL SA 269 -9.72 84.75 18.51
C VAL SA 269 -10.74 83.68 18.93
N ILE SA 270 -11.84 83.54 18.20
CA ILE SA 270 -12.82 82.51 18.54
C ILE SA 270 -12.34 81.13 18.13
N GLU SA 271 -11.85 80.98 16.90
CA GLU SA 271 -11.43 79.67 16.42
C GLU SA 271 -10.07 79.23 16.95
N ASN SA 272 -9.30 80.13 17.57
CA ASN SA 272 -8.11 79.75 18.33
C ASN SA 272 -8.33 80.23 19.76
N PRO SA 273 -8.89 79.39 20.62
CA PRO SA 273 -9.29 79.86 21.95
C PRO SA 273 -8.13 80.11 22.90
N LEU SA 274 -6.92 79.68 22.56
CA LEU SA 274 -5.75 79.99 23.38
C LEU SA 274 -5.28 81.43 23.21
N GLU SA 275 -5.79 82.14 22.19
CA GLU SA 275 -5.44 83.54 21.99
C GLU SA 275 -6.20 84.49 22.91
N LEU SA 276 -7.12 83.97 23.73
CA LEU SA 276 -7.80 84.80 24.73
C LEU SA 276 -6.88 85.15 25.88
N LEU SA 277 -5.77 84.42 26.05
CA LEU SA 277 -4.77 84.78 27.04
C LEU SA 277 -4.06 86.09 26.65
N LEU SA 278 -3.71 86.21 25.39
CA LEU SA 278 -3.00 87.40 24.89
C LEU SA 278 -3.99 88.54 24.68
N TYR TA 47 -29.60 107.52 -22.18
CA TYR TA 47 -29.86 107.38 -23.61
C TYR TA 47 -31.35 107.28 -23.86
N THR TA 48 -31.91 106.09 -23.64
CA THR TA 48 -33.35 105.91 -23.74
C THR TA 48 -34.01 106.30 -22.42
N ASP TA 49 -34.97 107.22 -22.51
CA ASP TA 49 -35.53 107.94 -21.38
C ASP TA 49 -37.04 107.82 -21.37
N VAL TA 50 -37.54 106.58 -21.40
CA VAL TA 50 -38.98 106.29 -21.22
C VAL TA 50 -39.40 106.83 -19.85
N PRO TA 51 -40.58 107.46 -19.75
CA PRO TA 51 -40.98 108.07 -18.48
C PRO TA 51 -41.61 107.06 -17.53
N ILE TA 52 -41.74 107.48 -16.28
CA ILE TA 52 -42.37 106.66 -15.26
C ILE TA 52 -43.87 106.59 -15.53
N SER TA 53 -44.46 105.42 -15.28
CA SER TA 53 -45.87 105.20 -15.61
C SER TA 53 -46.82 106.03 -14.76
N GLY TA 54 -46.38 106.47 -13.58
CA GLY TA 54 -47.25 107.20 -12.68
C GLY TA 54 -47.84 106.27 -11.64
N MET TA 55 -48.18 105.06 -12.05
CA MET TA 55 -48.56 104.01 -11.11
C MET TA 55 -47.37 103.56 -10.27
N ARG TA 56 -46.16 103.56 -10.84
CA ARG TA 56 -44.94 103.24 -10.12
C ARG TA 56 -44.60 104.28 -9.05
N LYS TA 57 -45.05 105.53 -9.24
CA LYS TA 57 -44.72 106.60 -8.29
C LYS TA 57 -45.40 106.37 -6.94
N THR TA 58 -46.64 105.86 -6.96
CA THR TA 58 -47.34 105.56 -5.72
C THR TA 58 -46.70 104.40 -4.98
N ILE TA 59 -46.25 103.37 -5.70
CA ILE TA 59 -45.59 102.23 -5.05
C ILE TA 59 -44.22 102.65 -4.52
N ALA TA 60 -43.54 103.56 -5.23
CA ALA TA 60 -42.25 104.07 -4.75
C ALA TA 60 -42.42 104.90 -3.48
N ALA TA 61 -43.46 105.74 -3.45
CA ALA TA 61 -43.75 106.51 -2.24
C ALA TA 61 -44.18 105.61 -1.09
N ARG TA 62 -44.91 104.54 -1.40
CA ARG TA 62 -45.35 103.60 -0.35
C ARG TA 62 -44.18 102.83 0.24
N LEU TA 63 -43.26 102.37 -0.61
CA LEU TA 63 -42.06 101.69 -0.11
C LEU TA 63 -41.15 102.66 0.63
N LYS TA 64 -41.14 103.92 0.22
CA LYS TA 64 -40.42 104.95 0.98
C LYS TA 64 -41.02 105.13 2.37
N GLU TA 65 -42.35 105.19 2.47
CA GLU TA 65 -43.05 105.27 3.76
C GLU TA 65 -42.71 104.06 4.62
N SER TA 66 -42.67 102.87 4.01
CA SER TA 66 -42.39 101.64 4.74
C SER TA 66 -40.98 101.65 5.31
N VAL TA 67 -39.98 102.01 4.50
CA VAL TA 67 -38.60 101.97 4.99
C VAL TA 67 -38.29 103.15 5.90
N THR TA 68 -39.09 104.22 5.83
CA THR TA 68 -38.76 105.37 6.67
C THR TA 68 -39.55 105.38 7.98
N GLU TA 69 -40.63 104.61 8.07
CA GLU TA 69 -41.39 104.61 9.31
C GLU TA 69 -41.30 103.27 10.02
N ASN TA 70 -40.88 102.22 9.31
CA ASN TA 70 -40.73 100.91 9.89
C ASN TA 70 -39.25 100.56 10.00
N PRO TA 71 -38.65 100.57 11.19
CA PRO TA 71 -37.29 100.03 11.33
C PRO TA 71 -37.29 98.51 11.23
N HIS TA 72 -36.86 98.00 10.08
CA HIS TA 72 -36.94 96.57 9.81
C HIS TA 72 -35.80 95.83 10.50
N PHE TA 73 -36.08 94.59 10.89
CA PHE TA 73 -35.01 93.66 11.25
C PHE TA 73 -35.42 92.27 10.77
N PHE TA 74 -34.44 91.52 10.28
CA PHE TA 74 -34.67 90.24 9.64
C PHE TA 74 -34.29 89.10 10.58
N VAL TA 75 -35.08 88.03 10.53
CA VAL TA 75 -34.79 86.78 11.24
C VAL TA 75 -34.83 85.66 10.22
N SER TA 76 -33.72 84.94 10.08
CA SER TA 76 -33.60 83.89 9.08
C SER TA 76 -33.61 82.52 9.76
N THR TA 77 -34.14 81.53 9.04
CA THR TA 77 -34.19 80.16 9.52
C THR TA 77 -34.16 79.23 8.32
N ASN TA 78 -33.93 77.95 8.60
CA ASN TA 78 -33.95 76.91 7.58
C ASN TA 78 -35.00 75.87 7.96
N LEU TA 79 -36.05 75.77 7.16
CA LEU TA 79 -37.12 74.82 7.40
C LEU TA 79 -36.84 73.54 6.61
N SER TA 80 -36.95 72.40 7.28
CA SER TA 80 -36.85 71.12 6.60
C SER TA 80 -38.23 70.71 6.10
N VAL TA 81 -38.32 70.47 4.79
CA VAL TA 81 -39.60 70.21 4.13
C VAL TA 81 -39.64 68.80 3.54
N SER TA 82 -38.78 67.90 4.03
CA SER TA 82 -38.74 66.54 3.50
C SER TA 82 -39.98 65.74 3.89
N LYS TA 83 -40.59 66.05 5.03
CA LYS TA 83 -41.85 65.42 5.41
C LYS TA 83 -43.04 66.16 4.82
N LEU TA 84 -42.91 67.48 4.63
CA LEU TA 84 -43.98 68.27 4.02
C LEU TA 84 -44.19 67.88 2.57
N LEU TA 85 -43.10 67.59 1.86
CA LEU TA 85 -43.22 67.14 0.48
C LEU TA 85 -43.83 65.74 0.38
N LYS TA 86 -43.54 64.87 1.35
CA LYS TA 86 -44.16 63.54 1.38
C LYS TA 86 -45.65 63.65 1.67
N LEU TA 87 -46.03 64.53 2.60
CA LEU TA 87 -47.45 64.74 2.90
C LEU TA 87 -48.18 65.34 1.69
N ARG TA 88 -47.54 66.27 0.98
CA ARG TA 88 -48.14 66.85 -0.21
C ARG TA 88 -48.28 65.82 -1.32
N GLN TA 89 -47.28 64.94 -1.47
CA GLN TA 89 -47.34 63.89 -2.48
C GLN TA 89 -48.45 62.91 -2.19
N ALA TA 90 -48.62 62.54 -0.90
CA ALA TA 90 -49.70 61.62 -0.52
C ALA TA 90 -51.07 62.25 -0.72
N LEU TA 91 -51.22 63.53 -0.34
CA LEU TA 91 -52.51 64.19 -0.48
C LEU TA 91 -52.85 64.47 -1.94
N ASN TA 92 -51.82 64.63 -2.79
CA ASN TA 92 -52.09 64.82 -4.22
C ASN TA 92 -52.37 63.49 -4.91
N SER TA 93 -51.73 62.40 -4.45
CA SER TA 93 -51.97 61.11 -5.07
C SER TA 93 -53.32 60.54 -4.66
N SER TA 94 -53.81 60.87 -3.46
CA SER TA 94 -55.13 60.42 -3.02
C SER TA 94 -56.21 61.42 -3.44
N ALA TA 95 -56.35 61.60 -4.76
CA ALA TA 95 -57.32 62.52 -5.31
C ALA TA 95 -57.71 62.05 -6.71
N ASP TA 96 -58.80 62.62 -7.21
CA ASP TA 96 -59.30 62.34 -8.55
C ASP TA 96 -59.27 63.59 -9.42
N GLY TA 97 -58.27 64.44 -9.22
CA GLY TA 97 -58.24 65.72 -9.90
C GLY TA 97 -59.10 66.79 -9.28
N ARG TA 98 -59.55 66.60 -8.04
CA ARG TA 98 -60.37 67.62 -7.38
C ARG TA 98 -59.54 68.81 -6.93
N TYR TA 99 -58.28 68.58 -6.56
CA TYR TA 99 -57.44 69.65 -6.06
C TYR TA 99 -56.00 69.37 -6.45
N LYS TA 100 -55.15 70.38 -6.25
CA LYS TA 100 -53.71 70.26 -6.47
C LYS TA 100 -53.01 71.11 -5.41
N LEU TA 101 -52.22 70.47 -4.55
CA LEU TA 101 -51.62 71.15 -3.42
C LEU TA 101 -50.20 71.58 -3.74
N SER TA 102 -49.80 72.72 -3.16
CA SER TA 102 -48.46 73.27 -3.30
C SER TA 102 -47.88 73.53 -1.92
N VAL TA 103 -46.62 73.96 -1.91
CA VAL TA 103 -45.93 74.25 -0.64
C VAL TA 103 -46.47 75.54 -0.03
N ASN TA 104 -46.99 76.44 -0.86
CA ASN TA 104 -47.50 77.72 -0.38
C ASN TA 104 -48.77 77.54 0.46
N ASP TA 105 -49.53 76.48 0.21
CA ASP TA 105 -50.71 76.19 1.03
C ASP TA 105 -50.32 75.82 2.46
N PHE TA 106 -49.34 74.92 2.60
CA PHE TA 106 -48.82 74.56 3.91
C PHE TA 106 -48.16 75.75 4.59
N LEU TA 107 -47.50 76.61 3.82
CA LEU TA 107 -46.86 77.78 4.40
C LEU TA 107 -47.88 78.80 4.91
N ILE TA 108 -48.97 78.99 4.16
CA ILE TA 108 -50.01 79.93 4.58
C ILE TA 108 -50.75 79.40 5.80
N LYS TA 109 -51.01 78.08 5.84
CA LYS TA 109 -51.65 77.48 7.02
C LYS TA 109 -50.74 77.54 8.25
N ALA TA 110 -49.44 77.32 8.06
CA ALA TA 110 -48.50 77.39 9.18
C ALA TA 110 -48.32 78.84 9.65
N MET TA 111 -48.41 79.80 8.73
CA MET TA 111 -48.39 81.21 9.13
C MET TA 111 -49.61 81.59 9.93
N GLY TA 112 -50.77 81.03 9.57
CA GLY TA 112 -51.97 81.27 10.35
C GLY TA 112 -51.89 80.67 11.74
N ILE TA 113 -51.35 79.44 11.85
CA ILE TA 113 -51.19 78.78 13.13
C ILE TA 113 -50.19 79.54 14.02
N ALA TA 114 -49.08 79.99 13.43
CA ALA TA 114 -48.07 80.72 14.18
C ALA TA 114 -48.55 82.10 14.59
N SER TA 115 -49.33 82.78 13.74
CA SER TA 115 -49.88 84.08 14.12
C SER TA 115 -50.99 83.96 15.15
N LYS TA 116 -51.69 82.82 15.18
CA LYS TA 116 -52.65 82.60 16.25
C LYS TA 116 -51.95 82.27 17.57
N ARG TA 117 -50.83 81.55 17.52
CA ARG TA 117 -50.11 81.25 18.75
C ARG TA 117 -49.34 82.45 19.30
N VAL TA 118 -48.77 83.28 18.45
CA VAL TA 118 -48.11 84.51 18.87
C VAL TA 118 -48.89 85.69 18.30
N PRO TA 119 -49.86 86.24 19.04
CA PRO TA 119 -50.72 87.29 18.45
C PRO TA 119 -50.09 88.67 18.40
N THR TA 120 -48.86 88.84 18.91
CA THR TA 120 -48.22 90.15 18.86
C THR TA 120 -47.76 90.49 17.45
N VAL TA 121 -47.39 89.48 16.66
CA VAL TA 121 -46.97 89.71 15.28
C VAL TA 121 -48.17 90.08 14.40
N ASN TA 122 -49.35 89.59 14.74
CA ASN TA 122 -50.58 89.89 13.98
C ASN TA 122 -51.15 91.20 14.50
N SER TA 123 -50.48 92.30 14.14
CA SER TA 123 -50.86 93.63 14.62
C SER TA 123 -50.48 94.67 13.57
N SER TA 124 -50.59 95.94 13.95
CA SER TA 124 -50.29 97.06 13.08
C SER TA 124 -49.81 98.23 13.93
N TRP TA 125 -49.83 99.42 13.37
CA TRP TA 125 -49.41 100.63 14.08
C TRP TA 125 -50.31 101.78 13.65
N ARG TA 126 -51.09 102.31 14.59
CA ARG TA 126 -52.16 103.25 14.31
C ARG TA 126 -52.00 104.52 15.15
N ASP TA 127 -53.04 105.35 15.22
CA ASP TA 127 -52.99 106.64 15.89
C ASP TA 127 -52.86 106.44 17.39
N GLY TA 128 -51.62 106.36 17.87
CA GLY TA 128 -51.33 106.17 19.28
C GLY TA 128 -51.79 104.85 19.85
N VAL TA 129 -51.99 103.84 19.01
CA VAL TA 129 -52.68 102.63 19.40
C VAL TA 129 -52.23 101.48 18.51
N ILE TA 130 -52.22 100.27 19.08
CA ILE TA 130 -51.86 99.04 18.39
C ILE TA 130 -53.15 98.31 18.06
N ARG TA 131 -53.40 98.07 16.77
CA ARG TA 131 -54.60 97.36 16.36
C ARG TA 131 -54.30 95.88 16.19
N GLN TA 132 -54.91 95.05 17.03
CA GLN TA 132 -54.66 93.62 17.08
C GLN TA 132 -55.90 92.87 16.59
N PHE TA 133 -55.73 92.06 15.55
CA PHE TA 133 -56.80 91.29 14.94
C PHE TA 133 -56.89 89.89 15.55
N GLU TA 134 -58.03 89.24 15.33
CA GLU TA 134 -58.20 87.83 15.68
C GLU TA 134 -57.82 86.90 14.53
N THR TA 135 -58.43 87.09 13.37
CA THR TA 135 -58.20 86.22 12.23
C THR TA 135 -56.92 86.61 11.51
N VAL TA 136 -56.32 85.63 10.84
CA VAL TA 136 -55.10 85.84 10.06
C VAL TA 136 -55.53 86.01 8.61
N ASP TA 137 -55.36 87.21 8.07
CA ASP TA 137 -55.62 87.49 6.66
C ASP TA 137 -54.27 87.61 5.96
N VAL TA 138 -53.99 86.69 5.05
CA VAL TA 138 -52.66 86.54 4.47
C VAL TA 138 -52.66 87.12 3.07
N SER TA 139 -51.83 88.12 2.83
CA SER TA 139 -51.66 88.72 1.52
C SER TA 139 -50.58 87.96 0.75
N VAL TA 140 -50.93 87.43 -0.42
CA VAL TA 140 -50.01 86.63 -1.22
C VAL TA 140 -49.61 87.45 -2.43
N ALA TA 141 -48.30 87.55 -2.67
CA ALA TA 141 -47.79 88.35 -3.77
C ALA TA 141 -47.89 87.56 -5.08
N VAL TA 142 -48.48 88.18 -6.09
CA VAL TA 142 -48.63 87.59 -7.42
C VAL TA 142 -47.84 88.44 -8.41
N ALA TA 143 -46.97 87.79 -9.18
CA ALA TA 143 -46.11 88.49 -10.13
C ALA TA 143 -46.82 88.59 -11.47
N THR TA 144 -47.31 89.79 -11.78
CA THR TA 144 -47.94 90.15 -13.03
C THR TA 144 -46.99 91.00 -13.87
N PRO TA 145 -47.16 91.03 -15.20
CA PRO TA 145 -46.29 91.89 -16.04
C PRO TA 145 -46.45 93.38 -15.78
N ASN TA 146 -47.52 93.80 -15.12
CA ASN TA 146 -47.69 95.16 -14.62
C ASN TA 146 -47.20 95.32 -13.19
N GLY TA 147 -46.25 94.50 -12.76
CA GLY TA 147 -45.61 94.70 -11.47
C GLY TA 147 -45.97 93.71 -10.38
N LEU TA 148 -46.57 94.19 -9.30
CA LEU TA 148 -46.84 93.37 -8.14
C LEU TA 148 -48.20 93.71 -7.56
N ILE TA 149 -48.94 92.68 -7.16
CA ILE TA 149 -50.22 92.84 -6.49
C ILE TA 149 -50.28 91.81 -5.37
N THR TA 150 -51.04 92.13 -4.31
CA THR TA 150 -51.16 91.26 -3.14
C THR TA 150 -52.63 91.01 -2.83
N PRO TA 151 -53.27 90.04 -3.48
CA PRO TA 151 -54.61 89.62 -3.06
C PRO TA 151 -54.56 88.88 -1.72
N ILE TA 152 -55.67 88.97 -0.99
CA ILE TA 152 -55.74 88.54 0.40
C ILE TA 152 -56.60 87.30 0.51
N VAL TA 153 -56.09 86.30 1.22
CA VAL TA 153 -56.86 85.14 1.65
C VAL TA 153 -57.34 85.44 3.06
N LYS TA 154 -58.67 85.51 3.22
CA LYS TA 154 -59.27 85.90 4.49
C LYS TA 154 -59.62 84.69 5.32
N GLY TA 155 -59.38 84.79 6.63
CA GLY TA 155 -59.70 83.73 7.57
C GLY TA 155 -58.90 82.47 7.35
N VAL TA 156 -57.59 82.55 7.50
CA VAL TA 156 -56.71 81.45 7.13
C VAL TA 156 -56.81 80.32 8.14
N GLU TA 157 -56.78 80.63 9.43
CA GLU TA 157 -56.89 79.59 10.45
C GLU TA 157 -58.33 79.05 10.45
N GLY TA 158 -58.45 77.74 10.51
CA GLY TA 158 -59.73 77.07 10.38
C GLY TA 158 -60.39 77.25 9.03
N LYS TA 159 -59.65 77.03 7.95
CA LYS TA 159 -60.22 77.18 6.61
C LYS TA 159 -60.13 75.92 5.76
N GLY TA 160 -59.00 75.22 5.81
CA GLY TA 160 -58.84 74.04 4.98
C GLY TA 160 -57.88 74.26 3.84
N LEU TA 161 -57.08 73.24 3.55
CA LEU TA 161 -56.02 73.37 2.55
C LEU TA 161 -56.59 73.43 1.14
N GLU TA 162 -57.69 72.72 0.88
CA GLU TA 162 -58.32 72.79 -0.43
C GLU TA 162 -58.98 74.15 -0.67
N SER TA 163 -59.57 74.72 0.38
CA SER TA 163 -60.14 76.07 0.27
C SER TA 163 -59.04 77.11 0.06
N ILE TA 164 -57.90 76.93 0.73
CA ILE TA 164 -56.76 77.85 0.57
C ILE TA 164 -56.21 77.75 -0.86
N SER TA 165 -56.07 76.52 -1.38
CA SER TA 165 -55.57 76.31 -2.73
C SER TA 165 -56.53 76.90 -3.78
N ALA TA 166 -57.84 76.72 -3.56
CA ALA TA 166 -58.84 77.26 -4.47
C ALA TA 166 -58.82 78.78 -4.47
N ALA TA 167 -58.73 79.39 -3.29
CA ALA TA 167 -58.72 80.85 -3.20
C ALA TA 167 -57.45 81.44 -3.79
N VAL TA 168 -56.31 80.77 -3.58
CA VAL TA 168 -55.05 81.23 -4.15
C VAL TA 168 -55.06 81.12 -5.67
N LYS TA 169 -55.64 80.04 -6.21
CA LYS TA 169 -55.71 79.88 -7.66
C LYS TA 169 -56.67 80.90 -8.29
N GLU TA 170 -57.83 81.12 -7.65
CA GLU TA 170 -58.78 82.14 -8.08
C GLU TA 170 -58.14 83.53 -8.11
N LEU TA 171 -57.49 83.92 -7.01
CA LEU TA 171 -56.92 85.26 -6.93
C LEU TA 171 -55.72 85.43 -7.86
N ALA TA 172 -54.95 84.36 -8.08
CA ALA TA 172 -53.81 84.45 -8.98
C ALA TA 172 -54.25 84.57 -10.44
N LYS TA 173 -55.26 83.80 -10.85
CA LYS TA 173 -55.71 83.90 -12.25
C LYS TA 173 -56.46 85.22 -12.47
N LYS TA 174 -57.14 85.73 -11.44
CA LYS TA 174 -57.77 87.03 -11.58
C LYS TA 174 -56.75 88.16 -11.53
N ALA TA 175 -55.60 87.94 -10.90
CA ALA TA 175 -54.53 88.92 -10.93
C ALA TA 175 -53.84 88.94 -12.29
N ARG TA 176 -53.75 87.77 -12.93
CA ARG TA 176 -53.21 87.71 -14.29
C ARG TA 176 -54.17 88.31 -15.30
N ASP TA 177 -55.49 88.18 -15.08
CA ASP TA 177 -56.46 88.83 -15.95
C ASP TA 177 -56.74 90.29 -15.58
N GLY TA 178 -56.31 90.74 -14.41
CA GLY TA 178 -56.47 92.12 -14.00
C GLY TA 178 -57.91 92.51 -13.70
N LYS TA 179 -58.59 91.73 -12.85
CA LYS TA 179 -60.02 91.90 -12.61
C LYS TA 179 -60.33 91.92 -11.12
N LEU TA 180 -59.63 92.77 -10.36
CA LEU TA 180 -59.75 92.80 -8.91
C LEU TA 180 -60.53 94.02 -8.45
N LYS TA 181 -61.18 93.88 -7.30
CA LYS TA 181 -61.80 94.91 -6.47
C LYS TA 181 -60.78 95.41 -5.45
N PRO TA 182 -60.87 96.68 -5.03
CA PRO TA 182 -59.89 97.20 -4.06
C PRO TA 182 -59.99 96.56 -2.68
N GLU TA 183 -61.14 96.00 -2.32
CA GLU TA 183 -61.28 95.26 -1.08
C GLU TA 183 -60.62 93.89 -1.13
N GLU TA 184 -60.18 93.44 -2.30
CA GLU TA 184 -59.48 92.17 -2.41
C GLU TA 184 -57.97 92.30 -2.29
N TYR TA 185 -57.42 93.51 -2.42
CA TYR TA 185 -55.98 93.69 -2.26
C TYR TA 185 -55.64 94.87 -1.36
N GLN TA 186 -56.62 95.40 -0.64
CA GLN TA 186 -56.38 96.48 0.32
C GLN TA 186 -56.79 95.98 1.71
N GLY TA 187 -55.80 95.70 2.54
CA GLY TA 187 -56.04 95.19 3.88
C GLY TA 187 -55.00 94.17 4.31
N GLY TA 188 -55.43 93.10 4.95
CA GLY TA 188 -54.53 92.05 5.38
C GLY TA 188 -53.79 92.35 6.66
N SER TA 189 -53.34 91.31 7.36
CA SER TA 189 -52.58 91.47 8.59
C SER TA 189 -51.14 90.97 8.48
N ILE TA 190 -50.83 90.12 7.50
CA ILE TA 190 -49.48 89.61 7.30
C ILE TA 190 -49.34 89.25 5.82
N SER TA 191 -48.11 89.26 5.34
CA SER TA 191 -47.81 89.04 3.93
C SER TA 191 -46.82 87.89 3.77
N ILE TA 192 -46.68 87.42 2.52
CA ILE TA 192 -45.71 86.38 2.19
C ILE TA 192 -45.29 86.58 0.74
N SER TA 193 -43.98 86.53 0.51
CA SER TA 193 -43.40 86.62 -0.84
C SER TA 193 -42.76 85.28 -1.17
N ASN TA 194 -43.11 84.74 -2.33
CA ASN TA 194 -42.73 83.40 -2.73
C ASN TA 194 -41.84 83.46 -3.95
N MET TA 195 -40.67 82.82 -3.87
CA MET TA 195 -39.74 82.75 -4.99
C MET TA 195 -39.17 81.34 -5.16
N GLY TA 196 -40.03 80.34 -5.02
CA GLY TA 196 -39.58 78.96 -5.17
C GLY TA 196 -39.47 78.51 -6.61
N MET TA 197 -40.08 79.22 -7.55
CA MET TA 197 -40.00 78.84 -8.95
C MET TA 197 -38.63 79.18 -9.53
N ASN TA 198 -37.92 80.13 -8.93
CA ASN TA 198 -36.57 80.48 -9.34
C ASN TA 198 -35.60 79.69 -8.48
N PRO TA 199 -34.85 78.75 -9.06
CA PRO TA 199 -33.92 77.93 -8.26
C PRO TA 199 -32.64 78.65 -7.88
N ALA TA 200 -32.40 79.87 -8.38
CA ALA TA 200 -31.18 80.59 -8.06
C ALA TA 200 -31.29 81.30 -6.72
N VAL TA 201 -32.49 81.73 -6.34
CA VAL TA 201 -32.68 82.55 -5.14
C VAL TA 201 -32.58 81.64 -3.91
N GLN TA 202 -31.41 81.65 -3.28
CA GLN TA 202 -31.25 80.91 -2.03
C GLN TA 202 -31.93 81.63 -0.87
N SER TA 203 -31.82 82.96 -0.84
CA SER TA 203 -32.39 83.76 0.24
C SER TA 203 -32.61 85.17 -0.28
N PHE TA 204 -33.67 85.80 0.21
CA PHE TA 204 -33.92 87.21 -0.11
C PHE TA 204 -34.75 87.82 1.01
N THR TA 205 -34.71 89.15 1.08
CA THR TA 205 -35.51 89.92 2.01
C THR TA 205 -36.61 90.67 1.25
N ALA TA 206 -37.63 91.08 1.99
CA ALA TA 206 -38.75 91.80 1.41
C ALA TA 206 -39.01 93.05 2.24
N ILE TA 207 -39.77 93.97 1.65
CA ILE TA 207 -40.16 95.21 2.31
C ILE TA 207 -41.59 95.05 2.82
N ILE TA 208 -41.81 95.46 4.08
CA ILE TA 208 -43.10 95.28 4.72
C ILE TA 208 -44.12 96.23 4.09
N ASN TA 209 -45.25 95.67 3.65
CA ASN TA 209 -46.34 96.49 3.14
C ASN TA 209 -47.03 97.19 4.29
N PRO TA 210 -47.12 98.52 4.27
CA PRO TA 210 -47.79 99.22 5.36
C PRO TA 210 -49.29 99.05 5.24
N PRO TA 211 -50.01 99.04 6.38
CA PRO TA 211 -49.52 99.19 7.74
C PRO TA 211 -49.28 97.87 8.49
N GLN TA 212 -48.89 96.81 7.78
CA GLN TA 212 -48.67 95.54 8.45
C GLN TA 212 -47.36 95.55 9.23
N ALA TA 213 -47.16 94.49 10.02
CA ALA TA 213 -46.02 94.42 10.93
C ALA TA 213 -44.94 93.44 10.52
N ALA TA 214 -45.23 92.49 9.64
CA ALA TA 214 -44.26 91.47 9.27
C ALA TA 214 -44.47 91.05 7.84
N ILE TA 215 -43.42 90.50 7.23
CA ILE TA 215 -43.52 89.92 5.90
C ILE TA 215 -42.60 88.70 5.84
N LEU TA 216 -43.03 87.66 5.14
CA LEU TA 216 -42.25 86.44 4.99
C LEU TA 216 -41.61 86.41 3.61
N ALA TA 217 -40.47 85.73 3.51
CA ALA TA 217 -39.76 85.57 2.23
C ALA TA 217 -39.20 84.16 2.18
N VAL TA 218 -39.54 83.43 1.13
CA VAL TA 218 -39.25 82.00 1.04
C VAL TA 218 -38.34 81.74 -0.15
N GLY TA 219 -37.17 81.14 0.11
CA GLY TA 219 -36.22 80.88 -0.96
C GLY TA 219 -36.35 79.49 -1.54
N ALA TA 220 -35.58 79.25 -2.60
CA ALA TA 220 -35.61 77.99 -3.30
C ALA TA 220 -35.06 76.87 -2.43
N PRO TA 221 -35.62 75.68 -2.53
CA PRO TA 221 -35.10 74.55 -1.76
C PRO TA 221 -33.77 74.04 -2.32
N GLN TA 222 -32.91 73.58 -1.41
CA GLN TA 222 -31.60 73.06 -1.74
C GLN TA 222 -31.29 71.84 -0.90
N LYS TA 223 -30.36 71.01 -1.35
CA LYS TA 223 -29.94 69.82 -0.61
C LYS TA 223 -28.83 70.18 0.37
N VAL TA 224 -29.08 69.96 1.65
CA VAL TA 224 -28.10 70.25 2.71
C VAL TA 224 -27.76 68.94 3.41
N ALA TA 225 -26.45 68.73 3.64
CA ALA TA 225 -25.99 67.53 4.34
C ALA TA 225 -26.35 67.61 5.82
N VAL TA 226 -27.04 66.57 6.30
CA VAL TA 226 -27.54 66.52 7.67
C VAL TA 226 -27.08 65.20 8.28
N PRO TA 227 -26.53 65.20 9.50
CA PRO TA 227 -26.02 63.96 10.09
C PRO TA 227 -27.14 63.01 10.50
N VAL TA 228 -26.84 61.72 10.45
CA VAL TA 228 -27.79 60.67 10.79
C VAL TA 228 -27.04 59.54 11.47
N GLU TA 229 -27.67 58.95 12.48
CA GLU TA 229 -27.15 57.74 13.10
C GLU TA 229 -27.67 56.53 12.34
N ASN TA 230 -26.82 55.56 12.10
CA ASN TA 230 -27.28 54.26 11.66
C ASN TA 230 -27.65 53.44 12.89
N GLU TA 231 -27.93 52.15 12.71
CA GLU TA 231 -28.24 51.29 13.84
C GLU TA 231 -26.99 50.81 14.57
N ASP TA 232 -25.80 51.26 14.17
CA ASP TA 232 -24.58 51.13 14.95
C ASP TA 232 -24.13 52.51 15.43
N GLY TA 233 -22.97 52.56 16.08
CA GLY TA 233 -22.55 53.75 16.78
C GLY TA 233 -22.09 54.91 15.91
N THR TA 234 -21.74 54.67 14.66
CA THR TA 234 -21.14 55.71 13.84
C THR TA 234 -22.19 56.66 13.28
N THR TA 235 -21.73 57.84 12.86
CA THR TA 235 -22.61 58.82 12.21
C THR TA 235 -22.50 58.70 10.69
N GLY TA 236 -23.49 59.29 10.00
CA GLY TA 236 -23.56 59.20 8.56
C GLY TA 236 -23.88 60.54 7.93
N VAL TA 237 -24.08 60.50 6.62
CA VAL TA 237 -24.48 61.69 5.85
C VAL TA 237 -25.83 61.39 5.23
N SER TA 238 -26.83 62.19 5.59
CA SER TA 238 -28.13 62.16 4.96
C SER TA 238 -28.36 63.49 4.26
N TRP TA 239 -29.14 63.46 3.19
CA TRP TA 239 -29.40 64.65 2.37
C TRP TA 239 -30.82 65.12 2.64
N ASP TA 240 -30.94 66.32 3.22
CA ASP TA 240 -32.22 66.88 3.62
C ASP TA 240 -32.57 68.06 2.71
N GLU TA 241 -33.85 68.18 2.39
CA GLU TA 241 -34.35 69.30 1.59
C GLU TA 241 -34.65 70.46 2.53
N GLN TA 242 -33.87 71.53 2.43
CA GLN TA 242 -34.03 72.68 3.31
C GLN TA 242 -34.43 73.92 2.50
N ILE TA 243 -35.18 74.80 3.15
CA ILE TA 243 -35.67 76.04 2.55
C ILE TA 243 -35.31 77.18 3.49
N ILE TA 244 -34.63 78.20 2.96
CA ILE TA 244 -34.26 79.36 3.76
C ILE TA 244 -35.44 80.33 3.78
N VAL TA 245 -35.91 80.64 4.98
CA VAL TA 245 -37.07 81.49 5.21
C VAL TA 245 -36.61 82.71 6.00
N THR TA 246 -36.82 83.90 5.45
CA THR TA 246 -36.43 85.15 6.09
C THR TA 246 -37.69 85.95 6.41
N ALA TA 247 -37.89 86.28 7.67
CA ALA TA 247 -39.03 87.06 8.11
C ALA TA 247 -38.56 88.45 8.51
N SER TA 248 -39.12 89.48 7.88
CA SER TA 248 -38.79 90.86 8.19
C SER TA 248 -39.86 91.42 9.10
N PHE TA 249 -39.45 91.92 10.27
CA PHE TA 249 -40.35 92.46 11.27
C PHE TA 249 -40.11 93.96 11.45
N ASP TA 250 -41.15 94.63 11.92
CA ASP TA 250 -41.09 96.03 12.32
C ASP TA 250 -40.82 96.09 13.82
N HIS TA 251 -39.80 96.86 14.21
CA HIS TA 251 -39.35 96.85 15.60
C HIS TA 251 -40.21 97.70 16.51
N LYS TA 252 -41.14 98.49 15.96
CA LYS TA 252 -42.03 99.25 16.82
C LYS TA 252 -43.09 98.37 17.45
N VAL TA 253 -43.45 97.26 16.80
CA VAL TA 253 -44.47 96.35 17.28
C VAL TA 253 -43.86 95.05 17.79
N VAL TA 254 -42.97 94.45 17.02
CA VAL TA 254 -42.42 93.13 17.32
C VAL TA 254 -40.97 93.29 17.75
N ASP TA 255 -40.64 92.72 18.91
CA ASP TA 255 -39.24 92.66 19.32
C ASP TA 255 -38.59 91.38 18.81
N GLY TA 256 -37.29 91.25 19.11
CA GLY TA 256 -36.53 90.13 18.59
C GLY TA 256 -36.92 88.81 19.21
N ALA TA 257 -37.26 88.81 20.50
CA ALA TA 257 -37.71 87.59 21.16
C ALA TA 257 -39.08 87.15 20.66
N VAL TA 258 -39.96 88.11 20.36
CA VAL TA 258 -41.28 87.78 19.82
C VAL TA 258 -41.16 87.24 18.41
N GLY TA 259 -40.26 87.84 17.60
CA GLY TA 259 -40.02 87.32 16.26
C GLY TA 259 -39.36 85.95 16.28
N ALA TA 260 -38.50 85.70 17.27
CA ALA TA 260 -37.87 84.40 17.40
C ALA TA 260 -38.87 83.34 17.85
N GLU TA 261 -39.81 83.70 18.73
CA GLU TA 261 -40.88 82.77 19.10
C GLU TA 261 -41.80 82.46 17.93
N TRP TA 262 -42.12 83.48 17.13
CA TRP TA 262 -42.94 83.27 15.92
C TRP TA 262 -42.23 82.35 14.93
N ILE TA 263 -40.93 82.58 14.71
CA ILE TA 263 -40.13 81.74 13.82
C ILE TA 263 -40.03 80.32 14.36
N ARG TA 264 -39.91 80.16 15.69
CA ARG TA 264 -39.81 78.83 16.28
C ARG TA 264 -41.12 78.05 16.14
N GLU TA 265 -42.26 78.73 16.34
CA GLU TA 265 -43.55 78.06 16.17
C GLU TA 265 -43.82 77.71 14.72
N LEU TA 266 -43.41 78.59 13.79
CA LEU TA 266 -43.54 78.29 12.37
C LEU TA 266 -42.67 77.11 11.97
N LYS TA 267 -41.45 77.06 12.48
CA LYS TA 267 -40.55 75.94 12.20
C LYS TA 267 -41.06 74.64 12.81
N LYS TA 268 -41.69 74.72 13.98
CA LYS TA 268 -42.26 73.52 14.61
C LYS TA 268 -43.42 72.98 13.80
N VAL TA 269 -44.33 73.85 13.37
CA VAL TA 269 -45.50 73.42 12.58
C VAL TA 269 -45.07 72.93 11.19
N ILE TA 270 -44.00 73.49 10.63
CA ILE TA 270 -43.54 73.04 9.32
C ILE TA 270 -42.82 71.70 9.42
N GLU TA 271 -41.89 71.56 10.38
CA GLU TA 271 -41.12 70.33 10.49
C GLU TA 271 -41.87 69.19 11.15
N ASN TA 272 -43.03 69.46 11.77
CA ASN TA 272 -43.95 68.42 12.21
C ASN TA 272 -45.28 68.66 11.50
N PRO TA 273 -45.47 68.05 10.34
CA PRO TA 273 -46.65 68.40 9.52
C PRO TA 273 -47.96 67.88 10.06
N LEU TA 274 -47.93 66.98 11.05
CA LEU TA 274 -49.17 66.51 11.68
C LEU TA 274 -49.76 67.55 12.63
N GLU TA 275 -48.99 68.59 12.97
CA GLU TA 275 -49.49 69.65 13.84
C GLU TA 275 -50.37 70.65 13.11
N LEU TA 276 -50.54 70.51 11.79
CA LEU TA 276 -51.46 71.35 11.05
C LEU TA 276 -52.92 70.99 11.33
N LEU TA 277 -53.17 69.80 11.88
CA LEU TA 277 -54.50 69.43 12.32
C LEU TA 277 -54.95 70.26 13.51
N LEU TA 278 -54.04 70.43 14.48
CA LEU TA 278 -54.33 71.19 15.69
C LEU TA 278 -54.25 72.69 15.41
N TYR UA 47 -21.56 77.36 -80.49
CA TYR UA 47 -22.88 76.90 -80.89
C TYR UA 47 -23.95 77.77 -80.25
N THR UA 48 -24.24 77.52 -78.97
CA THR UA 48 -25.17 78.35 -78.23
C THR UA 48 -24.43 79.56 -77.67
N ASP UA 49 -24.93 80.75 -78.00
CA ASP UA 49 -24.25 82.02 -77.82
C ASP UA 49 -25.13 82.99 -77.05
N VAL UA 50 -25.59 82.57 -75.87
CA VAL UA 50 -26.29 83.45 -74.92
C VAL UA 50 -25.36 84.60 -74.57
N PRO UA 51 -25.87 85.83 -74.49
CA PRO UA 51 -25.01 86.98 -74.23
C PRO UA 51 -24.72 87.16 -72.75
N ILE UA 52 -23.72 88.01 -72.46
CA ILE UA 52 -23.36 88.33 -71.09
C ILE UA 52 -24.45 89.21 -70.49
N SER UA 53 -24.73 89.01 -69.20
CA SER UA 53 -25.83 89.71 -68.55
C SER UA 53 -25.57 91.20 -68.40
N GLY UA 54 -24.32 91.64 -68.43
CA GLY UA 54 -24.00 93.03 -68.23
C GLY UA 54 -23.59 93.29 -66.79
N MET UA 55 -24.28 92.61 -65.86
CA MET UA 55 -23.86 92.60 -64.46
C MET UA 55 -22.55 91.84 -64.28
N ARG UA 56 -22.33 90.78 -65.07
CA ARG UA 56 -21.09 90.04 -65.04
C ARG UA 56 -19.90 90.84 -65.55
N LYS UA 57 -20.14 91.85 -66.40
CA LYS UA 57 -19.06 92.65 -66.97
C LYS UA 57 -18.39 93.49 -65.91
N THR UA 58 -19.17 94.04 -64.97
CA THR UA 58 -18.61 94.83 -63.88
C THR UA 58 -17.78 93.97 -62.93
N ILE UA 59 -18.24 92.74 -62.63
CA ILE UA 59 -17.47 91.85 -61.77
C ILE UA 59 -16.21 91.37 -62.48
N ALA UA 60 -16.28 91.18 -63.80
CA ALA UA 60 -15.10 90.79 -64.55
C ALA UA 60 -14.06 91.91 -64.58
N ALA UA 61 -14.52 93.16 -64.76
CA ALA UA 61 -13.61 94.29 -64.72
C ALA UA 61 -13.03 94.50 -63.31
N ARG UA 62 -13.83 94.21 -62.28
CA ARG UA 62 -13.36 94.37 -60.91
C ARG UA 62 -12.31 93.31 -60.56
N LEU UA 63 -12.52 92.06 -60.97
CA LEU UA 63 -11.52 91.02 -60.77
C LEU UA 63 -10.27 91.28 -61.60
N LYS UA 64 -10.45 91.88 -62.78
CA LYS UA 64 -9.29 92.31 -63.57
C LYS UA 64 -8.49 93.38 -62.84
N GLU UA 65 -9.17 94.38 -62.26
CA GLU UA 65 -8.50 95.39 -61.44
C GLU UA 65 -7.75 94.77 -60.27
N SER UA 66 -8.38 93.78 -59.63
CA SER UA 66 -7.78 93.11 -58.48
C SER UA 66 -6.50 92.38 -58.86
N VAL UA 67 -6.55 91.59 -59.94
CA VAL UA 67 -5.37 90.81 -60.31
C VAL UA 67 -4.32 91.68 -60.99
N THR UA 68 -4.68 92.86 -61.49
CA THR UA 68 -3.67 93.65 -62.17
C THR UA 68 -3.06 94.71 -61.26
N GLU UA 69 -3.70 95.02 -60.12
CA GLU UA 69 -3.13 96.04 -59.25
C GLU UA 69 -2.67 95.43 -57.93
N ASN UA 70 -3.14 94.22 -57.62
CA ASN UA 70 -2.74 93.54 -56.40
C ASN UA 70 -1.85 92.36 -56.73
N PRO UA 71 -0.55 92.42 -56.50
CA PRO UA 71 0.28 91.21 -56.62
C PRO UA 71 0.01 90.24 -55.48
N HIS UA 72 -0.75 89.19 -55.77
CA HIS UA 72 -1.18 88.26 -54.74
C HIS UA 72 -0.06 87.30 -54.37
N PHE UA 73 -0.05 86.88 -53.10
CA PHE UA 73 0.72 85.72 -52.69
C PHE UA 73 -0.07 84.96 -51.63
N PHE UA 74 0.01 83.64 -51.70
CA PHE UA 74 -0.81 82.76 -50.87
C PHE UA 74 0.03 82.18 -49.74
N VAL UA 75 -0.60 82.05 -48.57
CA VAL UA 75 0.00 81.37 -47.42
C VAL UA 75 -1.00 80.30 -46.97
N SER UA 76 -0.57 79.04 -46.97
CA SER UA 76 -1.43 77.93 -46.63
C SER UA 76 -1.07 77.37 -45.26
N THR UA 77 -2.08 76.85 -44.57
CA THR UA 77 -1.87 76.23 -43.27
C THR UA 77 -2.95 75.16 -43.06
N ASN UA 78 -2.75 74.34 -42.04
CA ASN UA 78 -3.73 73.31 -41.67
C ASN UA 78 -4.13 73.55 -40.23
N LEU UA 79 -5.40 73.90 -40.02
CA LEU UA 79 -5.94 74.15 -38.69
C LEU UA 79 -6.58 72.87 -38.17
N SER UA 80 -6.25 72.51 -36.94
CA SER UA 80 -6.89 71.39 -36.28
C SER UA 80 -8.14 71.89 -35.56
N VAL UA 81 -9.28 71.29 -35.90
CA VAL UA 81 -10.58 71.75 -35.40
C VAL UA 81 -11.27 70.69 -34.54
N SER UA 82 -10.48 69.74 -34.01
CA SER UA 82 -11.07 68.68 -33.20
C SER UA 82 -11.55 69.18 -31.85
N LYS UA 83 -10.94 70.25 -31.33
CA LYS UA 83 -11.42 70.88 -30.11
C LYS UA 83 -12.49 71.93 -30.40
N LEU UA 84 -12.41 72.56 -31.58
CA LEU UA 84 -13.41 73.54 -31.98
C LEU UA 84 -14.76 72.88 -32.22
N LEU UA 85 -14.76 71.67 -32.79
CA LEU UA 85 -16.00 70.94 -32.98
C LEU UA 85 -16.60 70.47 -31.66
N LYS UA 86 -15.75 70.12 -30.68
CA LYS UA 86 -16.24 69.75 -29.36
C LYS UA 86 -16.86 70.95 -28.64
N LEU UA 87 -16.21 72.12 -28.76
CA LEU UA 87 -16.76 73.34 -28.16
C LEU UA 87 -18.07 73.74 -28.82
N ARG UA 88 -18.17 73.58 -30.14
CA ARG UA 88 -19.40 73.88 -30.86
C ARG UA 88 -20.51 72.91 -30.48
N GLN UA 89 -20.17 71.64 -30.29
CA GLN UA 89 -21.16 70.63 -29.89
C GLN UA 89 -21.67 70.91 -28.49
N ALA UA 90 -20.78 71.31 -27.58
CA ALA UA 90 -21.20 71.63 -26.21
C ALA UA 90 -22.06 72.89 -26.17
N LEU UA 91 -21.68 73.92 -26.94
CA LEU UA 91 -22.46 75.15 -26.95
C LEU UA 91 -23.79 74.99 -27.65
N ASN UA 92 -23.88 74.05 -28.60
CA ASN UA 92 -25.17 73.78 -29.25
C ASN UA 92 -26.04 72.89 -28.38
N SER UA 93 -25.45 71.98 -27.63
CA SER UA 93 -26.24 71.10 -26.77
C SER UA 93 -26.76 71.84 -25.54
N SER UA 94 -26.02 72.85 -25.06
CA SER UA 94 -26.48 73.65 -23.93
C SER UA 94 -27.32 74.85 -24.41
N ALA UA 95 -28.44 74.53 -25.06
CA ALA UA 95 -29.33 75.55 -25.58
C ALA UA 95 -30.74 74.98 -25.65
N ASP UA 96 -31.71 75.89 -25.83
CA ASP UA 96 -33.11 75.54 -25.97
C ASP UA 96 -33.65 75.94 -27.34
N GLY UA 97 -32.80 75.84 -28.38
CA GLY UA 97 -33.17 76.33 -29.68
C GLY UA 97 -33.04 77.83 -29.86
N ARG UA 98 -32.30 78.51 -28.98
CA ARG UA 98 -32.12 79.95 -29.11
C ARG UA 98 -31.14 80.28 -30.22
N TYR UA 99 -30.15 79.43 -30.45
CA TYR UA 99 -29.11 79.69 -31.44
C TYR UA 99 -28.64 78.38 -32.03
N LYS UA 100 -27.87 78.48 -33.11
CA LYS UA 100 -27.24 77.34 -33.75
C LYS UA 100 -25.88 77.80 -34.27
N LEU UA 101 -24.82 77.20 -33.75
CA LEU UA 101 -23.46 77.63 -34.06
C LEU UA 101 -22.87 76.81 -35.18
N SER UA 102 -22.03 77.45 -35.98
CA SER UA 102 -21.30 76.81 -37.07
C SER UA 102 -19.82 77.12 -36.94
N VAL UA 103 -19.02 76.52 -37.84
CA VAL UA 103 -17.58 76.71 -37.81
C VAL UA 103 -17.22 78.11 -38.31
N ASN UA 104 -18.09 78.69 -39.16
CA ASN UA 104 -17.84 80.01 -39.71
C ASN UA 104 -17.89 81.10 -38.65
N ASP UA 105 -18.66 80.89 -37.58
CA ASP UA 105 -18.71 81.85 -36.47
C ASP UA 105 -17.38 81.91 -35.73
N PHE UA 106 -16.81 80.74 -35.42
CA PHE UA 106 -15.50 80.67 -34.79
C PHE UA 106 -14.42 81.21 -35.71
N LEU UA 107 -14.56 80.98 -37.02
CA LEU UA 107 -13.57 81.48 -37.97
C LEU UA 107 -13.63 83.00 -38.09
N ILE UA 108 -14.83 83.58 -38.08
CA ILE UA 108 -14.97 85.03 -38.16
C ILE UA 108 -14.46 85.70 -36.88
N LYS UA 109 -14.74 85.09 -35.72
CA LYS UA 109 -14.23 85.62 -34.46
C LYS UA 109 -12.71 85.52 -34.38
N ALA UA 110 -12.14 84.41 -34.86
CA ALA UA 110 -10.69 84.26 -34.86
C ALA UA 110 -10.03 85.19 -35.85
N MET UA 111 -10.70 85.48 -36.98
CA MET UA 111 -10.19 86.48 -37.92
C MET UA 111 -10.19 87.86 -37.30
N GLY UA 112 -11.23 88.18 -36.51
CA GLY UA 112 -11.25 89.47 -35.82
C GLY UA 112 -10.15 89.59 -34.78
N ILE UA 113 -9.90 88.51 -34.03
CA ILE UA 113 -8.84 88.50 -33.02
C ILE UA 113 -7.47 88.62 -33.68
N ALA UA 114 -7.26 87.90 -34.78
CA ALA UA 114 -5.98 87.94 -35.47
C ALA UA 114 -5.75 89.28 -36.15
N SER UA 115 -6.79 89.90 -36.71
CA SER UA 115 -6.64 91.22 -37.31
C SER UA 115 -6.45 92.31 -36.28
N LYS UA 116 -6.97 92.10 -35.06
CA LYS UA 116 -6.68 93.05 -33.99
C LYS UA 116 -5.26 92.89 -33.47
N ARG UA 117 -4.75 91.66 -33.44
CA ARG UA 117 -3.36 91.46 -32.98
C ARG UA 117 -2.33 91.89 -34.03
N VAL UA 118 -2.60 91.65 -35.31
CA VAL UA 118 -1.72 92.12 -36.38
C VAL UA 118 -2.49 93.16 -37.20
N PRO UA 119 -2.37 94.45 -36.89
CA PRO UA 119 -3.21 95.46 -37.56
C PRO UA 119 -2.73 95.83 -38.95
N THR UA 120 -1.58 95.31 -39.41
CA THR UA 120 -1.09 95.64 -40.75
C THR UA 120 -1.94 94.98 -41.82
N VAL UA 121 -2.49 93.80 -41.54
CA VAL UA 121 -3.34 93.11 -42.51
C VAL UA 121 -4.68 93.81 -42.65
N ASN UA 122 -5.15 94.46 -41.58
CA ASN UA 122 -6.42 95.19 -41.61
C ASN UA 122 -6.17 96.59 -42.15
N SER UA 123 -5.95 96.67 -43.47
CA SER UA 123 -5.62 97.92 -44.13
C SER UA 123 -6.11 97.88 -45.57
N SER UA 124 -5.72 98.88 -46.35
CA SER UA 124 -6.11 99.02 -47.74
C SER UA 124 -4.99 99.74 -48.49
N TRP UA 125 -5.31 100.27 -49.66
CA TRP UA 125 -4.35 101.00 -50.49
C TRP UA 125 -5.07 102.14 -51.17
N ARG UA 126 -4.68 103.37 -50.82
CA ARG UA 126 -5.42 104.58 -51.21
C ARG UA 126 -4.48 105.57 -51.91
N ASP UA 127 -4.92 106.82 -52.05
CA ASP UA 127 -4.18 107.82 -52.80
C ASP UA 127 -2.92 108.21 -52.04
N GLY UA 128 -1.83 107.50 -52.33
CA GLY UA 128 -0.55 107.74 -51.69
C GLY UA 128 -0.51 107.46 -50.21
N VAL UA 129 -1.43 106.65 -49.69
CA VAL UA 129 -1.66 106.55 -48.27
C VAL UA 129 -2.27 105.18 -47.96
N ILE UA 130 -1.94 104.67 -46.78
CA ILE UA 130 -2.45 103.39 -46.27
C ILE UA 130 -3.55 103.70 -45.27
N ARG UA 131 -4.76 103.22 -45.52
CA ARG UA 131 -5.87 103.46 -44.62
C ARG UA 131 -6.02 102.28 -43.66
N GLN UA 132 -5.80 102.53 -42.38
CA GLN UA 132 -5.79 101.50 -41.35
C GLN UA 132 -6.99 101.70 -40.43
N PHE UA 133 -7.83 100.68 -40.32
CA PHE UA 133 -9.04 100.71 -39.51
C PHE UA 133 -8.77 100.15 -38.11
N GLU UA 134 -9.68 100.45 -37.19
CA GLU UA 134 -9.67 99.85 -35.86
C GLU UA 134 -10.50 98.57 -35.81
N THR UA 135 -11.77 98.65 -36.17
CA THR UA 135 -12.66 97.51 -36.09
C THR UA 135 -12.47 96.59 -37.29
N VAL UA 136 -12.80 95.31 -37.09
CA VAL UA 136 -12.70 94.30 -38.12
C VAL UA 136 -14.10 94.12 -38.70
N ASP UA 137 -14.29 94.52 -39.94
CA ASP UA 137 -15.54 94.33 -40.67
C ASP UA 137 -15.33 93.20 -41.66
N VAL UA 138 -16.03 92.09 -41.46
CA VAL UA 138 -15.75 90.85 -42.20
C VAL UA 138 -16.82 90.66 -43.26
N SER UA 139 -16.39 90.60 -44.52
CA SER UA 139 -17.30 90.34 -45.63
C SER UA 139 -17.40 88.83 -45.85
N VAL UA 140 -18.61 88.30 -45.78
CA VAL UA 140 -18.84 86.86 -45.92
C VAL UA 140 -19.49 86.60 -47.27
N ALA UA 141 -18.91 85.68 -48.04
CA ALA UA 141 -19.43 85.37 -49.38
C ALA UA 141 -20.63 84.46 -49.28
N VAL UA 142 -21.72 84.84 -49.94
CA VAL UA 142 -22.96 84.06 -49.99
C VAL UA 142 -23.20 83.66 -51.43
N ALA UA 143 -23.40 82.36 -51.66
CA ALA UA 143 -23.59 81.81 -53.00
C ALA UA 143 -25.07 81.84 -53.35
N THR UA 144 -25.46 82.80 -54.19
CA THR UA 144 -26.80 82.96 -54.74
C THR UA 144 -26.83 82.49 -56.19
N PRO UA 145 -28.00 82.10 -56.72
CA PRO UA 145 -28.05 81.70 -58.14
C PRO UA 145 -27.77 82.82 -59.13
N ASN UA 146 -27.79 84.08 -58.68
CA ASN UA 146 -27.32 85.21 -59.47
C ASN UA 146 -25.85 85.54 -59.18
N GLY UA 147 -25.06 84.56 -58.77
CA GLY UA 147 -23.62 84.75 -58.67
C GLY UA 147 -23.08 84.81 -57.26
N LEU UA 148 -22.48 85.95 -56.89
CA LEU UA 148 -21.79 86.08 -55.62
C LEU UA 148 -22.06 87.45 -55.03
N ILE UA 149 -22.29 87.48 -53.72
CA ILE UA 149 -22.46 88.73 -52.98
C ILE UA 149 -21.72 88.59 -51.66
N THR UA 150 -21.25 89.71 -51.11
CA THR UA 150 -20.47 89.73 -49.87
C THR UA 150 -21.10 90.71 -48.88
N PRO UA 151 -22.11 90.28 -48.12
CA PRO UA 151 -22.57 91.12 -47.01
C PRO UA 151 -21.56 91.16 -45.87
N ILE UA 152 -21.59 92.26 -45.13
CA ILE UA 152 -20.55 92.60 -44.16
C ILE UA 152 -21.12 92.47 -42.75
N VAL UA 153 -20.38 91.79 -41.88
CA VAL UA 153 -20.62 91.78 -40.45
C VAL UA 153 -19.71 92.86 -39.86
N LYS UA 154 -20.32 93.87 -39.25
CA LYS UA 154 -19.59 95.02 -38.74
C LYS UA 154 -19.27 94.84 -37.27
N GLY UA 155 -18.06 95.25 -36.89
CA GLY UA 155 -17.61 95.20 -35.50
C GLY UA 155 -17.49 93.79 -34.97
N VAL UA 156 -16.61 92.99 -35.56
CA VAL UA 156 -16.53 91.57 -35.24
C VAL UA 156 -15.92 91.34 -33.88
N GLU UA 157 -14.81 92.02 -33.57
CA GLU UA 157 -14.19 91.86 -32.27
C GLU UA 157 -15.06 92.52 -31.21
N GLY UA 158 -15.26 91.82 -30.09
CA GLY UA 158 -16.17 92.25 -29.07
C GLY UA 158 -17.63 92.28 -29.50
N LYS UA 159 -18.11 91.22 -30.12
CA LYS UA 159 -19.50 91.17 -30.56
C LYS UA 159 -20.29 90.00 -29.99
N GLY UA 160 -19.70 88.83 -29.93
CA GLY UA 160 -20.42 87.68 -29.44
C GLY UA 160 -20.77 86.70 -30.54
N LEU UA 161 -20.68 85.40 -30.23
CA LEU UA 161 -20.87 84.37 -31.24
C LEU UA 161 -22.33 84.24 -31.64
N GLU UA 162 -23.25 84.47 -30.72
CA GLU UA 162 -24.68 84.42 -31.05
C GLU UA 162 -25.07 85.61 -31.92
N SER UA 163 -24.48 86.78 -31.66
CA SER UA 163 -24.73 87.95 -32.49
C SER UA 163 -24.14 87.75 -33.89
N ILE UA 164 -22.97 87.12 -33.98
CA ILE UA 164 -22.35 86.83 -35.27
C ILE UA 164 -23.19 85.84 -36.05
N SER UA 165 -23.68 84.79 -35.38
CA SER UA 165 -24.53 83.79 -36.03
C SER UA 165 -25.85 84.39 -36.51
N ALA UA 166 -26.44 85.27 -35.70
CA ALA UA 166 -27.68 85.93 -36.07
C ALA UA 166 -27.49 86.85 -37.26
N ALA UA 167 -26.39 87.62 -37.26
CA ALA UA 167 -26.14 88.54 -38.37
C ALA UA 167 -25.83 87.79 -39.66
N VAL UA 168 -25.09 86.68 -39.55
CA VAL UA 168 -24.77 85.88 -40.73
C VAL UA 168 -26.02 85.22 -41.30
N LYS UA 169 -26.92 84.74 -40.43
CA LYS UA 169 -28.15 84.13 -40.91
C LYS UA 169 -29.08 85.16 -41.55
N GLU UA 170 -29.20 86.35 -40.92
CA GLU UA 170 -29.97 87.46 -41.48
C GLU UA 170 -29.46 87.86 -42.86
N LEU UA 171 -28.15 88.08 -42.98
CA LEU UA 171 -27.58 88.54 -44.25
C LEU UA 171 -27.63 87.45 -45.32
N ALA UA 172 -27.51 86.18 -44.92
CA ALA UA 172 -27.57 85.10 -45.90
C ALA UA 172 -28.99 84.90 -46.43
N LYS UA 173 -30.01 84.96 -45.55
CA LYS UA 173 -31.37 84.80 -46.04
C LYS UA 173 -31.82 86.02 -46.83
N LYS UA 174 -31.30 87.20 -46.48
CA LYS UA 174 -31.63 88.37 -47.28
C LYS UA 174 -30.87 88.39 -48.60
N ALA UA 175 -29.71 87.71 -48.65
CA ALA UA 175 -29.01 87.56 -49.93
C ALA UA 175 -29.73 86.57 -50.83
N ARG UA 176 -30.33 85.54 -50.23
CA ARG UA 176 -31.13 84.60 -51.03
C ARG UA 176 -32.43 85.23 -51.50
N ASP UA 177 -33.01 86.14 -50.72
CA ASP UA 177 -34.20 86.86 -51.17
C ASP UA 177 -33.88 88.09 -52.02
N GLY UA 178 -32.63 88.54 -52.05
CA GLY UA 178 -32.21 89.66 -52.89
C GLY UA 178 -32.74 91.00 -52.42
N LYS UA 179 -32.54 91.32 -51.14
CA LYS UA 179 -33.15 92.50 -50.53
C LYS UA 179 -32.11 93.31 -49.76
N LEU UA 180 -31.00 93.65 -50.41
CA LEU UA 180 -29.88 94.31 -49.74
C LEU UA 180 -29.79 95.78 -50.15
N LYS UA 181 -29.25 96.58 -49.25
CA LYS UA 181 -28.81 97.97 -49.42
C LYS UA 181 -27.34 97.97 -49.81
N PRO UA 182 -26.90 98.97 -50.59
CA PRO UA 182 -25.48 99.00 -51.01
C PRO UA 182 -24.50 99.21 -49.87
N GLU UA 183 -24.94 99.80 -48.76
CA GLU UA 183 -24.10 99.94 -47.58
C GLU UA 183 -23.92 98.62 -46.82
N GLU UA 184 -24.69 97.58 -47.18
CA GLU UA 184 -24.53 96.29 -46.54
C GLU UA 184 -23.55 95.38 -47.26
N TYR UA 185 -23.18 95.69 -48.51
CA TYR UA 185 -22.21 94.86 -49.22
C TYR UA 185 -21.15 95.71 -49.92
N GLN UA 186 -21.06 96.99 -49.57
CA GLN UA 186 -20.00 97.86 -50.11
C GLN UA 186 -19.17 98.38 -48.94
N GLY UA 187 -17.96 97.85 -48.79
CA GLY UA 187 -17.08 98.23 -47.70
C GLY UA 187 -16.28 97.06 -47.20
N GLY UA 188 -16.12 96.96 -45.87
CA GLY UA 188 -15.40 95.86 -45.28
C GLY UA 188 -13.89 96.04 -45.29
N SER UA 189 -13.21 95.36 -44.36
CA SER UA 189 -11.75 95.42 -44.29
C SER UA 189 -11.08 94.09 -44.60
N ILE UA 190 -11.80 92.98 -44.49
CA ILE UA 190 -11.25 91.65 -44.79
C ILE UA 190 -12.42 90.75 -45.20
N SER UA 191 -12.10 89.71 -45.98
CA SER UA 191 -13.11 88.82 -46.55
C SER UA 191 -12.81 87.39 -46.16
N ILE UA 192 -13.79 86.51 -46.40
CA ILE UA 192 -13.65 85.08 -46.17
C ILE UA 192 -14.56 84.34 -47.14
N SER UA 193 -14.00 83.32 -47.79
CA SER UA 193 -14.74 82.45 -48.70
C SER UA 193 -14.82 81.07 -48.09
N ASN UA 194 -16.02 80.53 -48.01
CA ASN UA 194 -16.29 79.28 -47.30
C ASN UA 194 -16.77 78.22 -48.28
N MET UA 195 -16.12 77.06 -48.27
CA MET UA 195 -16.50 75.93 -49.13
C MET UA 195 -16.48 74.64 -48.35
N GLY UA 196 -16.99 74.65 -47.12
CA GLY UA 196 -17.03 73.45 -46.30
C GLY UA 196 -18.18 72.52 -46.62
N MET UA 197 -19.21 73.02 -47.32
CA MET UA 197 -20.35 72.18 -47.67
C MET UA 197 -19.99 71.21 -48.80
N ASN UA 198 -18.98 71.56 -49.59
CA ASN UA 198 -18.49 70.68 -50.64
C ASN UA 198 -17.34 69.85 -50.10
N PRO UA 199 -17.50 68.53 -49.95
CA PRO UA 199 -16.42 67.72 -49.37
C PRO UA 199 -15.28 67.42 -50.34
N ALA UA 200 -15.41 67.81 -51.62
CA ALA UA 200 -14.36 67.53 -52.58
C ALA UA 200 -13.25 68.57 -52.51
N VAL UA 201 -13.57 69.81 -52.15
CA VAL UA 201 -12.61 70.91 -52.17
C VAL UA 201 -11.67 70.77 -50.98
N GLN UA 202 -10.48 70.21 -51.23
CA GLN UA 202 -9.47 70.14 -50.19
C GLN UA 202 -8.83 71.50 -49.94
N SER UA 203 -8.58 72.25 -51.02
CA SER UA 203 -7.93 73.55 -50.92
C SER UA 203 -8.30 74.35 -52.15
N PHE UA 204 -8.43 75.67 -51.96
CA PHE UA 204 -8.65 76.57 -53.08
C PHE UA 204 -8.15 77.96 -52.70
N THR UA 205 -7.91 78.76 -53.73
CA THR UA 205 -7.51 80.15 -53.57
C THR UA 205 -8.65 81.07 -54.00
N ALA UA 206 -8.60 82.31 -53.54
CA ALA UA 206 -9.61 83.30 -53.86
C ALA UA 206 -8.94 84.57 -54.35
N ILE UA 207 -9.74 85.42 -54.99
CA ILE UA 207 -9.27 86.70 -55.50
C ILE UA 207 -9.69 87.79 -54.51
N ILE UA 208 -8.76 88.68 -54.19
CA ILE UA 208 -9.00 89.72 -53.20
C ILE UA 208 -9.97 90.75 -53.74
N ASN UA 209 -11.04 91.01 -53.00
CA ASN UA 209 -11.98 92.05 -53.38
C ASN UA 209 -11.35 93.42 -53.11
N PRO UA 210 -11.25 94.28 -54.13
CA PRO UA 210 -10.67 95.60 -53.90
C PRO UA 210 -11.64 96.48 -53.14
N PRO UA 211 -11.14 97.41 -52.32
CA PRO UA 211 -9.72 97.71 -52.06
C PRO UA 211 -9.15 97.03 -50.82
N GLN UA 212 -9.63 95.84 -50.47
CA GLN UA 212 -9.13 95.16 -49.28
C GLN UA 212 -7.74 94.58 -49.53
N ALA UA 213 -7.12 94.09 -48.45
CA ALA UA 213 -5.73 93.63 -48.52
C ALA UA 213 -5.56 92.13 -48.41
N ALA UA 214 -6.57 91.40 -47.91
CA ALA UA 214 -6.42 89.97 -47.72
C ALA UA 214 -7.78 89.29 -47.91
N ILE UA 215 -7.73 88.00 -48.22
CA ILE UA 215 -8.94 87.19 -48.29
C ILE UA 215 -8.61 85.79 -47.79
N LEU UA 216 -9.57 85.18 -47.08
CA LEU UA 216 -9.37 83.84 -46.54
C LEU UA 216 -10.14 82.84 -47.40
N ALA UA 217 -9.67 81.60 -47.43
CA ALA UA 217 -10.31 80.51 -48.18
C ALA UA 217 -10.20 79.24 -47.35
N VAL UA 218 -11.34 78.61 -47.07
CA VAL UA 218 -11.42 77.51 -46.13
C VAL UA 218 -11.90 76.26 -46.84
N GLY UA 219 -11.10 75.19 -46.79
CA GLY UA 219 -11.44 73.96 -47.48
C GLY UA 219 -12.17 72.98 -46.58
N ALA UA 220 -12.62 71.89 -47.20
CA ALA UA 220 -13.37 70.86 -46.50
C ALA UA 220 -12.47 70.13 -45.50
N PRO UA 221 -13.03 69.75 -44.35
CA PRO UA 221 -12.24 68.99 -43.37
C PRO UA 221 -12.01 67.56 -43.81
N GLN UA 222 -10.83 67.05 -43.45
CA GLN UA 222 -10.42 65.70 -43.77
C GLN UA 222 -9.70 65.06 -42.58
N LYS UA 223 -9.64 63.74 -42.54
CA LYS UA 223 -8.95 63.02 -41.47
C LYS UA 223 -7.48 62.86 -41.83
N VAL UA 224 -6.60 63.39 -40.99
CA VAL UA 224 -5.16 63.31 -41.19
C VAL UA 224 -4.54 62.55 -40.02
N ALA UA 225 -3.65 61.62 -40.34
CA ALA UA 225 -2.96 60.84 -39.31
C ALA UA 225 -1.96 61.71 -38.56
N VAL UA 226 -2.09 61.75 -37.24
CA VAL UA 226 -1.27 62.59 -36.37
C VAL UA 226 -0.67 61.71 -35.27
N PRO UA 227 0.62 61.81 -35.00
CA PRO UA 227 1.24 60.93 -34.00
C PRO UA 227 0.81 61.29 -32.58
N VAL UA 228 0.79 60.26 -31.73
CA VAL UA 228 0.38 60.41 -30.33
C VAL UA 228 1.23 59.47 -29.48
N GLU UA 229 1.61 59.94 -28.30
CA GLU UA 229 2.26 59.08 -27.33
C GLU UA 229 1.20 58.42 -26.47
N ASN UA 230 1.37 57.14 -26.19
CA ASN UA 230 0.59 56.49 -25.17
C ASN UA 230 1.27 56.72 -23.82
N GLU UA 231 0.80 56.06 -22.78
CA GLU UA 231 1.44 56.19 -21.46
C GLU UA 231 2.69 55.32 -21.33
N ASP UA 232 3.09 54.62 -22.40
CA ASP UA 232 4.41 54.01 -22.49
C ASP UA 232 5.22 54.73 -23.56
N GLY UA 233 6.42 54.21 -23.85
CA GLY UA 233 7.39 54.93 -24.66
C GLY UA 233 7.09 54.99 -26.14
N THR UA 234 6.23 54.10 -26.65
CA THR UA 234 6.05 54.00 -28.09
C THR UA 234 5.11 55.08 -28.61
N THR UA 235 5.18 55.33 -29.92
CA THR UA 235 4.28 56.27 -30.59
C THR UA 235 3.10 55.54 -31.20
N GLY UA 236 2.03 56.30 -31.51
CA GLY UA 236 0.83 55.73 -32.04
C GLY UA 236 0.29 56.53 -33.22
N VAL UA 237 -0.89 56.13 -33.68
CA VAL UA 237 -1.59 56.82 -34.75
C VAL UA 237 -2.91 57.33 -34.20
N SER UA 238 -3.09 58.65 -34.21
CA SER UA 238 -4.35 59.28 -33.88
C SER UA 238 -4.88 59.98 -35.12
N TRP UA 239 -6.21 60.07 -35.21
CA TRP UA 239 -6.86 60.65 -36.38
C TRP UA 239 -7.40 62.02 -36.00
N ASP UA 240 -6.85 63.06 -36.63
CA ASP UA 240 -7.18 64.44 -36.33
C ASP UA 240 -7.97 65.05 -37.48
N GLU UA 241 -8.96 65.89 -37.14
CA GLU UA 241 -9.75 66.59 -38.14
C GLU UA 241 -9.02 67.88 -38.51
N GLN UA 242 -8.52 67.96 -39.74
CA GLN UA 242 -7.77 69.12 -40.19
C GLN UA 242 -8.49 69.83 -41.33
N ILE UA 243 -8.28 71.14 -41.40
CA ILE UA 243 -8.89 71.99 -42.41
C ILE UA 243 -7.78 72.81 -43.06
N ILE UA 244 -7.69 72.77 -44.38
CA ILE UA 244 -6.69 73.52 -45.11
C ILE UA 244 -7.23 74.94 -45.33
N VAL UA 245 -6.48 75.92 -44.84
CA VAL UA 245 -6.85 77.32 -44.90
C VAL UA 245 -5.80 78.07 -45.71
N THR UA 246 -6.21 78.72 -46.78
CA THR UA 246 -5.32 79.48 -47.65
C THR UA 246 -5.69 80.95 -47.58
N ALA UA 247 -4.73 81.78 -47.20
CA ALA UA 247 -4.94 83.22 -47.11
C ALA UA 247 -4.17 83.90 -48.23
N SER UA 248 -4.87 84.66 -49.06
CA SER UA 248 -4.26 85.41 -50.16
C SER UA 248 -4.07 86.85 -49.72
N PHE UA 249 -2.83 87.32 -49.78
CA PHE UA 249 -2.46 88.66 -49.37
C PHE UA 249 -1.99 89.48 -50.57
N ASP UA 250 -2.11 90.80 -50.42
CA ASP UA 250 -1.59 91.77 -51.37
C ASP UA 250 -0.21 92.20 -50.89
N HIS UA 251 0.78 92.12 -51.78
CA HIS UA 251 2.17 92.35 -51.36
C HIS UA 251 2.52 93.83 -51.24
N LYS UA 252 1.64 94.73 -51.69
CA LYS UA 252 1.92 96.15 -51.52
C LYS UA 252 1.72 96.58 -50.06
N VAL UA 253 0.84 95.90 -49.33
CA VAL UA 253 0.53 96.23 -47.95
C VAL UA 253 1.15 95.22 -46.98
N VAL UA 254 0.96 93.93 -47.25
CA VAL UA 254 1.35 92.87 -46.34
C VAL UA 254 2.54 92.14 -46.91
N ASP UA 255 3.60 92.00 -46.12
CA ASP UA 255 4.73 91.18 -46.51
C ASP UA 255 4.53 89.75 -46.02
N GLY UA 256 5.49 88.89 -46.38
CA GLY UA 256 5.37 87.48 -46.07
C GLY UA 256 5.49 87.18 -44.58
N ALA UA 257 6.34 87.93 -43.88
CA ALA UA 257 6.46 87.75 -42.43
C ALA UA 257 5.22 88.22 -41.70
N VAL UA 258 4.60 89.30 -42.18
CA VAL UA 258 3.37 89.80 -41.58
C VAL UA 258 2.22 88.82 -41.82
N GLY UA 259 2.15 88.26 -43.03
CA GLY UA 259 1.15 87.25 -43.32
C GLY UA 259 1.36 85.97 -42.54
N ALA UA 260 2.62 85.61 -42.29
CA ALA UA 260 2.93 84.43 -41.50
C ALA UA 260 2.59 84.65 -40.03
N GLU UA 261 2.80 85.86 -39.51
CA GLU UA 261 2.39 86.18 -38.15
C GLU UA 261 0.87 86.16 -38.00
N TRP UA 262 0.15 86.69 -39.00
CA TRP UA 262 -1.31 86.65 -38.99
C TRP UA 262 -1.83 85.22 -39.04
N ILE UA 263 -1.22 84.38 -39.88
CA ILE UA 263 -1.60 82.96 -39.97
C ILE UA 263 -1.27 82.23 -38.68
N ARG UA 264 -0.16 82.57 -38.02
CA ARG UA 264 0.22 81.94 -36.77
C ARG UA 264 -0.74 82.30 -35.63
N GLU UA 265 -1.15 83.58 -35.57
CA GLU UA 265 -2.10 83.99 -34.55
C GLU UA 265 -3.48 83.39 -34.78
N LEU UA 266 -3.89 83.28 -36.05
CA LEU UA 266 -5.16 82.65 -36.38
C LEU UA 266 -5.13 81.16 -36.02
N LYS UA 267 -4.01 80.48 -36.31
CA LYS UA 267 -3.86 79.07 -35.96
C LYS UA 267 -3.83 78.87 -34.44
N LYS UA 268 -3.23 79.81 -33.71
CA LYS UA 268 -3.20 79.72 -32.25
C LYS UA 268 -4.59 79.86 -31.66
N VAL UA 269 -5.35 80.86 -32.12
CA VAL UA 269 -6.70 81.09 -31.61
C VAL UA 269 -7.64 79.95 -32.03
N ILE UA 270 -7.42 79.34 -33.18
CA ILE UA 270 -8.28 78.22 -33.60
C ILE UA 270 -7.95 76.95 -32.83
N GLU UA 271 -6.67 76.61 -32.72
CA GLU UA 271 -6.28 75.37 -32.06
C GLU UA 271 -6.32 75.46 -30.54
N ASN UA 272 -6.45 76.65 -29.97
CA ASN UA 272 -6.74 76.82 -28.55
C ASN UA 272 -8.04 77.61 -28.46
N PRO UA 273 -9.18 76.91 -28.41
CA PRO UA 273 -10.47 77.61 -28.50
C PRO UA 273 -10.85 78.41 -27.27
N LEU UA 274 -10.15 78.22 -26.14
CA LEU UA 274 -10.41 79.04 -24.97
C LEU UA 274 -9.83 80.45 -25.09
N GLU UA 275 -8.98 80.70 -26.10
CA GLU UA 275 -8.44 82.02 -26.33
C GLU UA 275 -9.41 82.96 -27.03
N LEU UA 276 -10.59 82.46 -27.43
CA LEU UA 276 -11.61 83.33 -27.99
C LEU UA 276 -12.27 84.22 -26.94
N LEU UA 277 -12.11 83.87 -25.65
CA LEU UA 277 -12.57 84.73 -24.57
C LEU UA 277 -11.74 86.02 -24.51
N LEU UA 278 -10.43 85.88 -24.63
CA LEU UA 278 -9.52 87.02 -24.56
C LEU UA 278 -9.50 87.77 -25.89
N TYR VA 47 -67.97 30.57 -85.87
CA TYR VA 47 -69.11 31.03 -85.09
C TYR VA 47 -69.10 32.55 -85.01
N THR VA 48 -68.25 33.10 -84.13
CA THR VA 48 -68.09 34.54 -84.05
C THR VA 48 -67.06 34.99 -85.08
N ASP VA 49 -67.47 35.93 -85.92
CA ASP VA 49 -66.78 36.31 -87.15
C ASP VA 49 -66.53 37.81 -87.17
N VAL VA 50 -65.89 38.33 -86.13
CA VAL VA 50 -65.42 39.72 -86.09
C VAL VA 50 -64.45 39.93 -87.26
N PRO VA 51 -64.52 41.06 -87.95
CA PRO VA 51 -63.68 41.26 -89.12
C PRO VA 51 -62.29 41.76 -88.74
N ILE VA 52 -61.39 41.70 -89.74
CA ILE VA 52 -60.03 42.19 -89.56
C ILE VA 52 -60.06 43.71 -89.49
N SER VA 53 -59.19 44.29 -88.65
CA SER VA 53 -59.21 45.73 -88.42
C SER VA 53 -58.76 46.52 -89.64
N GLY VA 54 -58.01 45.91 -90.55
CA GLY VA 54 -57.48 46.62 -91.69
C GLY VA 54 -56.06 47.06 -91.44
N MET VA 55 -55.78 47.49 -90.21
CA MET VA 55 -54.41 47.74 -89.78
C MET VA 55 -53.60 46.44 -89.69
N ARG VA 56 -54.25 45.34 -89.30
CA ARG VA 56 -53.60 44.03 -89.26
C ARG VA 56 -53.24 43.51 -90.65
N LYS VA 57 -53.94 43.97 -91.70
CA LYS VA 57 -53.69 43.48 -93.05
C LYS VA 57 -52.33 43.96 -93.56
N THR VA 58 -51.95 45.19 -93.22
CA THR VA 58 -50.65 45.71 -93.61
C THR VA 58 -49.51 44.99 -92.89
N ILE VA 59 -49.69 44.68 -91.61
CA ILE VA 59 -48.67 43.94 -90.87
C ILE VA 59 -48.57 42.50 -91.38
N ALA VA 60 -49.70 41.91 -91.76
CA ALA VA 60 -49.70 40.56 -92.31
C ALA VA 60 -48.98 40.53 -93.67
N ALA VA 61 -49.23 41.53 -94.52
CA ALA VA 61 -48.54 41.62 -95.80
C ALA VA 61 -47.04 41.89 -95.60
N ARG VA 62 -46.70 42.68 -94.57
CA ARG VA 62 -45.30 42.98 -94.29
C ARG VA 62 -44.54 41.76 -93.80
N LEU VA 63 -45.16 40.98 -92.91
CA LEU VA 63 -44.54 39.73 -92.45
C LEU VA 63 -44.48 38.70 -93.57
N LYS VA 64 -45.46 38.73 -94.48
CA LYS VA 64 -45.39 37.90 -95.67
C LYS VA 64 -44.20 38.27 -96.55
N GLU VA 65 -43.99 39.58 -96.77
CA GLU VA 65 -42.82 40.07 -97.51
C GLU VA 65 -41.52 39.64 -96.85
N SER VA 66 -41.49 39.70 -95.51
CA SER VA 66 -40.29 39.34 -94.76
C SER VA 66 -39.96 37.85 -94.92
N VAL VA 67 -40.96 36.99 -94.76
CA VAL VA 67 -40.69 35.55 -94.84
C VAL VA 67 -40.51 35.09 -96.28
N THR VA 68 -40.99 35.87 -97.26
CA THR VA 68 -40.86 35.40 -98.63
C THR VA 68 -39.64 35.98 -99.33
N GLU VA 69 -39.06 37.05 -98.79
CA GLU VA 69 -37.90 37.63 -99.46
C GLU VA 69 -36.64 37.45 -98.62
N ASN VA 70 -36.80 37.16 -97.33
CA ASN VA 70 -35.67 36.95 -96.44
C ASN VA 70 -35.59 35.47 -96.05
N PRO VA 71 -34.63 34.70 -96.58
CA PRO VA 71 -34.41 33.35 -96.07
C PRO VA 71 -33.76 33.40 -94.69
N HIS VA 72 -34.56 33.16 -93.65
CA HIS VA 72 -34.08 33.29 -92.29
C HIS VA 72 -33.27 32.08 -91.86
N PHE VA 73 -32.28 32.32 -91.00
CA PHE VA 73 -31.66 31.24 -90.26
C PHE VA 73 -31.35 31.73 -88.86
N PHE VA 74 -31.52 30.85 -87.88
CA PHE VA 74 -31.42 31.20 -86.48
C PHE VA 74 -30.11 30.70 -85.90
N VAL VA 75 -29.53 31.51 -85.01
CA VAL VA 75 -28.34 31.14 -84.24
C VAL VA 75 -28.68 31.34 -82.77
N SER VA 76 -28.59 30.28 -81.98
CA SER VA 76 -28.94 30.34 -80.57
C SER VA 76 -27.69 30.27 -79.69
N THR VA 77 -27.77 30.93 -78.54
CA THR VA 77 -26.67 30.91 -77.58
C THR VA 77 -27.26 31.09 -76.18
N ASN VA 78 -26.43 30.84 -75.18
CA ASN VA 78 -26.80 31.02 -73.79
C ASN VA 78 -25.83 32.02 -73.15
N LEU VA 79 -26.35 33.19 -72.78
CA LEU VA 79 -25.56 34.22 -72.15
C LEU VA 79 -25.66 34.09 -70.64
N SER VA 80 -24.51 34.13 -69.97
CA SER VA 80 -24.48 34.15 -68.51
C SER VA 80 -24.55 35.59 -68.03
N VAL VA 81 -25.55 35.89 -67.20
CA VAL VA 81 -25.83 37.24 -66.77
C VAL VA 81 -25.66 37.41 -65.27
N SER VA 82 -24.91 36.50 -64.64
CA SER VA 82 -24.71 36.57 -63.19
C SER VA 82 -23.83 37.75 -62.79
N LYS VA 83 -22.92 38.17 -63.66
CA LYS VA 83 -22.14 39.38 -63.42
C LYS VA 83 -22.86 40.63 -63.88
N LEU VA 84 -23.68 40.51 -64.93
CA LEU VA 84 -24.47 41.63 -65.42
C LEU VA 84 -25.50 42.06 -64.40
N LEU VA 85 -26.12 41.09 -63.71
CA LEU VA 85 -27.08 41.43 -62.66
C LEU VA 85 -26.41 42.07 -61.45
N LYS VA 86 -25.17 41.65 -61.13
CA LYS VA 86 -24.43 42.29 -60.05
C LYS VA 86 -24.04 43.73 -60.40
N LEU VA 87 -23.63 43.95 -61.64
CA LEU VA 87 -23.31 45.30 -62.10
C LEU VA 87 -24.55 46.19 -62.11
N ARG VA 88 -25.69 45.64 -62.52
CA ARG VA 88 -26.94 46.40 -62.52
C ARG VA 88 -27.39 46.72 -61.10
N GLN VA 89 -27.20 45.78 -60.17
CA GLN VA 89 -27.56 46.00 -58.78
C GLN VA 89 -26.68 47.07 -58.15
N ALA VA 90 -25.38 47.07 -58.46
CA ALA VA 90 -24.48 48.08 -57.94
C ALA VA 90 -24.78 49.47 -58.51
N LEU VA 91 -25.06 49.53 -59.82
CA LEU VA 91 -25.35 50.81 -60.44
C LEU VA 91 -26.71 51.35 -60.02
N ASN VA 92 -27.65 50.47 -59.67
CA ASN VA 92 -28.93 50.93 -59.17
C ASN VA 92 -28.85 51.33 -57.70
N SER VA 93 -28.01 50.66 -56.92
CA SER VA 93 -27.88 51.01 -55.51
C SER VA 93 -27.09 52.29 -55.32
N SER VA 94 -26.16 52.60 -56.24
CA SER VA 94 -25.40 53.85 -56.16
C SER VA 94 -26.12 54.96 -56.93
N ALA VA 95 -27.33 55.28 -56.46
CA ALA VA 95 -28.13 56.31 -57.10
C ALA VA 95 -29.07 56.91 -56.06
N ASP VA 96 -29.65 58.05 -56.41
CA ASP VA 96 -30.62 58.76 -55.56
C ASP VA 96 -31.98 58.83 -56.24
N GLY VA 97 -32.35 57.80 -56.98
CA GLY VA 97 -33.56 57.84 -57.78
C GLY VA 97 -33.43 58.58 -59.08
N ARG VA 98 -32.22 58.84 -59.56
CA ARG VA 98 -32.04 59.54 -60.82
C ARG VA 98 -32.33 58.63 -62.01
N TYR VA 99 -32.06 57.34 -61.88
CA TYR VA 99 -32.24 56.40 -62.98
C TYR VA 99 -32.62 55.05 -62.41
N LYS VA 100 -33.04 54.16 -63.32
CA LYS VA 100 -33.34 52.77 -62.98
C LYS VA 100 -32.93 51.91 -64.17
N LEU VA 101 -31.97 51.01 -63.95
CA LEU VA 101 -31.38 50.24 -65.04
C LEU VA 101 -32.05 48.87 -65.14
N SER VA 102 -32.15 48.37 -66.37
CA SER VA 102 -32.69 47.06 -66.67
C SER VA 102 -31.70 46.27 -67.51
N VAL VA 103 -32.05 45.01 -67.78
CA VAL VA 103 -31.19 44.15 -68.57
C VAL VA 103 -31.21 44.57 -70.04
N ASN VA 104 -32.31 45.18 -70.48
CA ASN VA 104 -32.45 45.60 -71.86
C ASN VA 104 -31.49 46.72 -72.23
N ASP VA 105 -31.09 47.54 -71.25
CA ASP VA 105 -30.10 48.59 -71.49
C ASP VA 105 -28.74 47.99 -71.83
N PHE VA 106 -28.30 47.02 -71.02
CA PHE VA 106 -27.04 46.32 -71.28
C PHE VA 106 -27.10 45.55 -72.59
N LEU VA 107 -28.27 44.99 -72.91
CA LEU VA 107 -28.42 44.24 -74.16
C LEU VA 107 -28.36 45.16 -75.37
N ILE VA 108 -28.96 46.35 -75.28
CA ILE VA 108 -28.94 47.30 -76.39
C ILE VA 108 -27.53 47.86 -76.58
N LYS VA 109 -26.83 48.14 -75.48
CA LYS VA 109 -25.44 48.61 -75.58
C LYS VA 109 -24.51 47.52 -76.13
N ALA VA 110 -24.73 46.26 -75.74
CA ALA VA 110 -23.91 45.17 -76.25
C ALA VA 110 -24.22 44.91 -77.72
N MET VA 111 -25.47 45.11 -78.13
CA MET VA 111 -25.83 44.99 -79.54
C MET VA 111 -25.15 46.09 -80.37
N GLY VA 112 -25.07 47.29 -79.81
CA GLY VA 112 -24.36 48.37 -80.50
C GLY VA 112 -22.87 48.09 -80.64
N ILE VA 113 -22.26 47.55 -79.57
CA ILE VA 113 -20.84 47.22 -79.61
C ILE VA 113 -20.56 46.09 -80.60
N ALA VA 114 -21.44 45.07 -80.61
CA ALA VA 114 -21.25 43.95 -81.52
C ALA VA 114 -21.50 44.34 -82.97
N SER VA 115 -22.47 45.22 -83.22
CA SER VA 115 -22.72 45.68 -84.58
C SER VA 115 -21.63 46.63 -85.06
N LYS VA 116 -20.97 47.33 -84.15
CA LYS VA 116 -19.81 48.14 -84.55
C LYS VA 116 -18.60 47.26 -84.84
N ARG VA 117 -18.43 46.16 -84.09
CA ARG VA 117 -17.31 45.27 -84.34
C ARG VA 117 -17.50 44.42 -85.59
N VAL VA 118 -18.72 43.95 -85.86
CA VAL VA 118 -19.03 43.22 -87.09
C VAL VA 118 -20.01 44.06 -87.89
N PRO VA 119 -19.53 44.89 -88.82
CA PRO VA 119 -20.43 45.81 -89.53
C PRO VA 119 -21.23 45.17 -90.65
N THR VA 120 -21.02 43.89 -90.95
CA THR VA 120 -21.77 43.23 -92.01
C THR VA 120 -23.21 42.98 -91.59
N VAL VA 121 -23.45 42.74 -90.29
CA VAL VA 121 -24.80 42.53 -89.79
C VAL VA 121 -25.60 43.83 -89.81
N ASN VA 122 -24.92 44.98 -89.64
CA ASN VA 122 -25.59 46.28 -89.65
C ASN VA 122 -25.71 46.74 -91.09
N SER VA 123 -26.63 46.13 -91.82
CA SER VA 123 -26.82 46.41 -93.24
C SER VA 123 -28.27 46.15 -93.62
N SER VA 124 -28.55 46.20 -94.92
CA SER VA 124 -29.89 46.01 -95.46
C SER VA 124 -29.78 45.37 -96.84
N TRP VA 125 -30.85 45.46 -97.62
CA TRP VA 125 -30.87 44.92 -98.98
C TRP VA 125 -31.70 45.85 -99.85
N ARG VA 126 -31.04 46.47 -100.83
CA ARG VA 126 -31.62 47.55 -101.62
C ARG VA 126 -31.52 47.26 -103.11
N ASP VA 127 -31.75 48.26 -103.96
CA ASP VA 127 -31.80 48.07 -105.41
C ASP VA 127 -30.42 47.73 -105.94
N GLY VA 128 -30.11 46.43 -105.98
CA GLY VA 128 -28.83 45.95 -106.47
C GLY VA 128 -27.65 46.34 -105.63
N VAL VA 129 -27.85 46.68 -104.36
CA VAL VA 129 -26.84 47.34 -103.55
C VAL VA 129 -27.11 47.04 -102.08
N ILE VA 130 -26.03 46.96 -101.31
CA ILE VA 130 -26.07 46.73 -99.86
C ILE VA 130 -25.85 48.07 -99.18
N ARG VA 131 -26.81 48.50 -98.37
CA ARG VA 131 -26.68 49.78 -97.67
C ARG VA 131 -26.14 49.53 -96.27
N GLN VA 132 -24.94 50.03 -96.00
CA GLN VA 132 -24.23 49.80 -94.75
C GLN VA 132 -24.14 51.11 -93.97
N PHE VA 133 -24.66 51.11 -92.75
CA PHE VA 133 -24.69 52.27 -91.89
C PHE VA 133 -23.48 52.29 -90.96
N GLU VA 134 -23.20 53.46 -90.39
CA GLU VA 134 -22.19 53.60 -89.34
C GLU VA 134 -22.78 53.42 -87.94
N THR VA 135 -23.80 54.20 -87.61
CA THR VA 135 -24.39 54.15 -86.27
C THR VA 135 -25.37 52.98 -86.15
N VAL VA 136 -25.54 52.50 -84.93
CA VAL VA 136 -26.45 51.42 -84.63
C VAL VA 136 -27.74 52.05 -84.12
N ASP VA 137 -28.82 51.94 -84.89
CA ASP VA 137 -30.13 52.40 -84.49
C ASP VA 137 -30.97 51.17 -84.14
N VAL VA 138 -31.34 51.05 -82.87
CA VAL VA 138 -31.93 49.82 -82.36
C VAL VA 138 -33.43 50.02 -82.18
N SER VA 139 -34.22 49.19 -82.88
CA SER VA 139 -35.67 49.22 -82.75
C SER VA 139 -36.09 48.28 -81.63
N VAL VA 140 -36.79 48.81 -80.63
CA VAL VA 140 -37.22 48.04 -79.47
C VAL VA 140 -38.71 47.80 -79.57
N ALA VA 141 -39.12 46.54 -79.43
CA ALA VA 141 -40.53 46.18 -79.55
C ALA VA 141 -41.26 46.49 -78.24
N VAL VA 142 -42.38 47.22 -78.35
CA VAL VA 142 -43.22 47.57 -77.21
C VAL VA 142 -44.57 46.92 -77.42
N ALA VA 143 -45.04 46.18 -76.40
CA ALA VA 143 -46.30 45.45 -76.48
C ALA VA 143 -47.42 46.36 -75.99
N THR VA 144 -48.20 46.87 -76.93
CA THR VA 144 -49.39 47.68 -76.70
C THR VA 144 -50.65 46.85 -76.95
N PRO VA 145 -51.80 47.20 -76.36
CA PRO VA 145 -53.03 46.44 -76.63
C PRO VA 145 -53.52 46.54 -78.07
N ASN VA 146 -53.03 47.50 -78.85
CA ASN VA 146 -53.25 47.56 -80.29
C ASN VA 146 -52.14 46.86 -81.07
N GLY VA 147 -51.48 45.88 -80.47
CA GLY VA 147 -50.55 45.05 -81.22
C GLY VA 147 -49.08 45.26 -80.91
N LEU VA 148 -48.30 45.69 -81.90
CA LEU VA 148 -46.86 45.80 -81.75
C LEU VA 148 -46.37 47.05 -82.46
N ILE VA 149 -45.43 47.74 -81.81
CA ILE VA 149 -44.78 48.91 -82.39
C ILE VA 149 -43.30 48.82 -82.03
N THR VA 150 -42.44 49.41 -82.88
CA THR VA 150 -41.00 49.37 -82.70
C THR VA 150 -40.43 50.79 -82.76
N PRO VA 151 -40.43 51.52 -81.65
CA PRO VA 151 -39.71 52.79 -81.61
C PRO VA 151 -38.20 52.56 -81.60
N ILE VA 152 -37.48 53.54 -82.12
CA ILE VA 152 -36.05 53.41 -82.42
C ILE VA 152 -35.24 54.28 -81.46
N VAL VA 153 -34.21 53.69 -80.88
CA VAL VA 153 -33.18 54.42 -80.15
C VAL VA 153 -32.05 54.68 -81.13
N LYS VA 154 -31.79 55.96 -81.38
CA LYS VA 154 -30.81 56.36 -82.38
C LYS VA 154 -29.46 56.61 -81.75
N GLY VA 155 -28.40 56.17 -82.45
CA GLY VA 155 -27.04 56.37 -82.01
C GLY VA 155 -26.70 55.63 -80.72
N VAL VA 156 -26.78 54.31 -80.75
CA VAL VA 156 -26.65 53.52 -79.54
C VAL VA 156 -25.23 53.49 -79.04
N GLU VA 157 -24.26 53.27 -79.93
CA GLU VA 157 -22.87 53.24 -79.51
C GLU VA 157 -22.42 54.67 -79.18
N GLY VA 158 -21.71 54.81 -78.07
CA GLY VA 158 -21.36 56.11 -77.54
C GLY VA 158 -22.54 56.96 -77.10
N LYS VA 159 -23.44 56.39 -76.32
CA LYS VA 159 -24.61 57.14 -75.86
C LYS VA 159 -24.74 57.20 -74.35
N GLY VA 160 -24.50 56.10 -73.66
CA GLY VA 160 -24.66 56.09 -72.23
C GLY VA 160 -25.88 55.30 -71.79
N LEU VA 161 -25.73 54.57 -70.69
CA LEU VA 161 -26.77 53.66 -70.22
C LEU VA 161 -27.96 54.44 -69.65
N GLU VA 162 -27.70 55.58 -69.01
CA GLU VA 162 -28.80 56.39 -68.49
C GLU VA 162 -29.58 57.05 -69.62
N SER VA 163 -28.88 57.47 -70.68
CA SER VA 163 -29.56 58.01 -71.86
C SER VA 163 -30.38 56.95 -72.56
N ILE VA 164 -29.85 55.73 -72.63
CA ILE VA 164 -30.59 54.61 -73.25
C ILE VA 164 -31.84 54.27 -72.43
N SER VA 165 -31.70 54.24 -71.10
CA SER VA 165 -32.83 53.95 -70.22
C SER VA 165 -33.90 55.04 -70.32
N ALA VA 166 -33.47 56.30 -70.38
CA ALA VA 166 -34.40 57.42 -70.50
C ALA VA 166 -35.14 57.37 -71.83
N ALA VA 167 -34.43 57.10 -72.92
CA ALA VA 167 -35.06 57.05 -74.24
C ALA VA 167 -36.02 55.86 -74.36
N VAL VA 168 -35.65 54.72 -73.77
CA VAL VA 168 -36.51 53.55 -73.80
C VAL VA 168 -37.78 53.79 -72.98
N LYS VA 169 -37.64 54.46 -71.82
CA LYS VA 169 -38.82 54.75 -70.99
C LYS VA 169 -39.74 55.77 -71.66
N GLU VA 170 -39.15 56.82 -72.27
CA GLU VA 170 -39.91 57.81 -73.04
C GLU VA 170 -40.69 57.16 -74.18
N LEU VA 171 -40.01 56.34 -74.98
CA LEU VA 171 -40.65 55.73 -76.15
C LEU VA 171 -41.69 54.69 -75.73
N ALA VA 172 -41.45 53.98 -74.63
CA ALA VA 172 -42.41 52.98 -74.18
C ALA VA 172 -43.68 53.63 -73.63
N LYS VA 173 -43.54 54.71 -72.84
CA LYS VA 173 -44.73 55.35 -72.30
C LYS VA 173 -45.48 56.10 -73.40
N LYS VA 174 -44.76 56.61 -74.41
CA LYS VA 174 -45.44 57.23 -75.53
C LYS VA 174 -46.07 56.19 -76.46
N ALA VA 175 -45.55 54.96 -76.46
CA ALA VA 175 -46.19 53.90 -77.22
C ALA VA 175 -47.46 53.43 -76.51
N ARG VA 176 -47.45 53.45 -75.17
CA ARG VA 176 -48.66 53.12 -74.43
C ARG VA 176 -49.72 54.21 -74.56
N ASP VA 177 -49.30 55.47 -74.66
CA ASP VA 177 -50.26 56.55 -74.90
C ASP VA 177 -50.61 56.75 -76.37
N GLY VA 178 -49.87 56.14 -77.29
CA GLY VA 178 -50.16 56.22 -78.71
C GLY VA 178 -49.93 57.58 -79.32
N LYS VA 179 -48.74 58.15 -79.10
CA LYS VA 179 -48.44 59.53 -79.49
C LYS VA 179 -47.11 59.60 -80.25
N LEU VA 180 -46.95 58.79 -81.29
CA LEU VA 180 -45.70 58.70 -82.03
C LEU VA 180 -45.80 59.37 -83.39
N LYS VA 181 -44.66 59.84 -83.87
CA LYS VA 181 -44.37 60.32 -85.22
C LYS VA 181 -43.85 59.15 -86.06
N PRO VA 182 -44.10 59.15 -87.38
CA PRO VA 182 -43.62 58.03 -88.21
C PRO VA 182 -42.11 57.93 -88.31
N GLU VA 183 -41.40 59.03 -88.10
CA GLU VA 183 -39.94 59.00 -88.06
C GLU VA 183 -39.39 58.37 -86.79
N GLU VA 184 -40.24 58.13 -85.78
CA GLU VA 184 -39.80 57.47 -84.56
C GLU VA 184 -39.94 55.96 -84.61
N TYR VA 185 -40.71 55.41 -85.56
CA TYR VA 185 -40.83 53.96 -85.66
C TYR VA 185 -40.67 53.47 -87.09
N GLN VA 186 -40.18 54.33 -87.99
CA GLN VA 186 -39.90 53.93 -89.37
C GLN VA 186 -38.42 54.13 -89.64
N GLY VA 187 -37.67 53.03 -89.69
CA GLY VA 187 -36.25 53.08 -89.92
C GLY VA 187 -35.51 52.01 -89.15
N GLY VA 188 -34.37 52.36 -88.56
CA GLY VA 188 -33.61 51.43 -87.76
C GLY VA 188 -32.73 50.49 -88.58
N SER VA 189 -31.67 49.98 -87.95
CA SER VA 189 -30.77 49.03 -88.61
C SER VA 189 -30.80 47.64 -88.02
N ILE VA 190 -31.28 47.49 -86.77
CA ILE VA 190 -31.36 46.20 -86.12
C ILE VA 190 -32.48 46.28 -85.07
N SER VA 191 -33.06 45.13 -84.73
CA SER VA 191 -34.21 45.05 -83.84
C SER VA 191 -33.90 44.12 -82.67
N ILE VA 192 -34.76 44.17 -81.66
CA ILE VA 192 -34.67 43.28 -80.51
C ILE VA 192 -36.07 43.08 -79.95
N SER VA 193 -36.40 41.81 -79.68
CA SER VA 193 -37.67 41.44 -79.07
C SER VA 193 -37.39 40.88 -77.69
N ASN VA 194 -38.08 41.41 -76.68
CA ASN VA 194 -37.82 41.12 -75.29
C ASN VA 194 -39.02 40.41 -74.67
N MET VA 195 -38.78 39.26 -74.05
CA MET VA 195 -39.83 38.50 -73.37
C MET VA 195 -39.35 37.99 -72.02
N GLY VA 196 -38.64 38.85 -71.28
CA GLY VA 196 -38.15 38.45 -69.96
C GLY VA 196 -39.19 38.56 -68.86
N MET VA 197 -40.28 39.29 -69.10
CA MET VA 197 -41.31 39.42 -68.08
C MET VA 197 -42.15 38.15 -67.97
N ASN VA 198 -42.18 37.35 -69.04
CA ASN VA 198 -42.86 36.06 -69.02
C ASN VA 198 -41.85 34.98 -68.66
N PRO VA 199 -41.99 34.35 -67.49
CA PRO VA 199 -41.01 33.32 -67.09
C PRO VA 199 -41.18 31.99 -67.79
N ALA VA 200 -42.24 31.81 -68.59
CA ALA VA 200 -42.45 30.54 -69.26
C ALA VA 200 -41.63 30.44 -70.54
N VAL VA 201 -41.36 31.57 -71.20
CA VAL VA 201 -40.70 31.56 -72.49
C VAL VA 201 -39.22 31.29 -72.29
N GLN VA 202 -38.81 30.04 -72.50
CA GLN VA 202 -37.39 29.71 -72.44
C GLN VA 202 -36.66 30.20 -73.68
N SER VA 203 -37.29 30.06 -74.85
CA SER VA 203 -36.68 30.44 -76.11
C SER VA 203 -37.79 30.71 -77.11
N PHE VA 204 -37.54 31.68 -78.00
CA PHE VA 204 -38.47 31.95 -79.09
C PHE VA 204 -37.71 32.59 -80.23
N THR VA 205 -38.30 32.51 -81.42
CA THR VA 205 -37.77 33.16 -82.61
C THR VA 205 -38.66 34.34 -83.00
N ALA VA 206 -38.09 35.23 -83.80
CA ALA VA 206 -38.82 36.41 -84.25
C ALA VA 206 -38.67 36.53 -85.76
N ILE VA 207 -39.54 37.35 -86.35
CA ILE VA 207 -39.53 37.61 -87.78
C ILE VA 207 -38.83 38.95 -88.01
N ILE VA 208 -37.92 38.98 -89.00
CA ILE VA 208 -37.13 40.16 -89.27
C ILE VA 208 -38.00 41.25 -89.89
N ASN VA 209 -37.98 42.43 -89.28
CA ASN VA 209 -38.69 43.58 -89.84
C ASN VA 209 -37.95 44.08 -91.07
N PRO VA 210 -38.60 44.14 -92.24
CA PRO VA 210 -37.93 44.64 -93.42
C PRO VA 210 -37.76 46.14 -93.35
N PRO VA 211 -36.68 46.68 -93.94
CA PRO VA 211 -35.63 45.99 -94.69
C PRO VA 211 -34.38 45.68 -93.88
N GLN VA 212 -34.52 45.41 -92.58
CA GLN VA 212 -33.36 45.12 -91.76
C GLN VA 212 -32.83 43.71 -92.04
N ALA VA 213 -31.67 43.40 -91.46
CA ALA VA 213 -30.99 42.15 -91.75
C ALA VA 213 -30.99 41.16 -90.60
N ALA VA 214 -31.24 41.60 -89.37
CA ALA VA 214 -31.19 40.70 -88.23
C ALA VA 214 -32.20 41.14 -87.18
N ILE VA 215 -32.58 40.20 -86.31
CA ILE VA 215 -33.43 40.50 -85.18
C ILE VA 215 -33.01 39.62 -84.00
N LEU VA 216 -33.06 40.17 -82.80
CA LEU VA 216 -32.68 39.45 -81.61
C LEU VA 216 -33.94 39.01 -80.86
N ALA VA 217 -33.84 37.92 -80.10
CA ALA VA 217 -34.95 37.41 -79.30
C ALA VA 217 -34.37 36.89 -77.99
N VAL VA 218 -34.88 37.39 -76.87
CA VAL VA 218 -34.29 37.14 -75.56
C VAL VA 218 -35.31 36.43 -74.68
N GLY VA 219 -34.94 35.25 -74.17
CA GLY VA 219 -35.85 34.46 -73.36
C GLY VA 219 -35.67 34.71 -71.88
N ALA VA 220 -36.55 34.11 -71.10
CA ALA VA 220 -36.54 34.27 -69.66
C ALA VA 220 -35.31 33.61 -69.05
N PRO VA 221 -34.74 34.20 -68.00
CA PRO VA 221 -33.59 33.59 -67.34
C PRO VA 221 -33.99 32.37 -66.52
N GLN VA 222 -33.10 31.39 -66.48
CA GLN VA 222 -33.29 30.16 -65.75
C GLN VA 222 -31.99 29.75 -65.06
N LYS VA 223 -32.08 28.91 -64.03
CA LYS VA 223 -30.91 28.41 -63.32
C LYS VA 223 -30.39 27.16 -64.00
N VAL VA 224 -29.13 27.21 -64.44
CA VAL VA 224 -28.47 26.09 -65.11
C VAL VA 224 -27.27 25.66 -64.28
N ALA VA 225 -27.13 24.36 -64.09
CA ALA VA 225 -26.00 23.81 -63.35
C ALA VA 225 -24.72 23.95 -64.15
N VAL VA 226 -23.72 24.58 -63.54
CA VAL VA 226 -22.44 24.87 -64.18
C VAL VA 226 -21.31 24.35 -63.29
N PRO VA 227 -20.33 23.63 -63.83
CA PRO VA 227 -19.29 23.06 -62.97
C PRO VA 227 -18.33 24.12 -62.45
N VAL VA 228 -17.78 23.85 -61.26
CA VAL VA 228 -16.87 24.76 -60.60
C VAL VA 228 -15.81 23.94 -59.87
N GLU VA 229 -14.57 24.43 -59.89
CA GLU VA 229 -13.52 23.84 -59.09
C GLU VA 229 -13.52 24.50 -57.72
N ASN VA 230 -13.35 23.70 -56.68
CA ASN VA 230 -13.06 24.25 -55.37
C ASN VA 230 -11.54 24.45 -55.28
N GLU VA 231 -11.04 24.78 -54.09
CA GLU VA 231 -9.60 24.93 -53.91
C GLU VA 231 -8.88 23.60 -53.73
N ASP VA 232 -9.59 22.47 -53.84
CA ASP VA 232 -9.00 21.15 -53.98
C ASP VA 232 -9.31 20.61 -55.37
N GLY VA 233 -8.92 19.36 -55.63
CA GLY VA 233 -8.94 18.82 -56.97
C GLY VA 233 -10.32 18.48 -57.53
N THR VA 234 -11.32 18.33 -56.68
CA THR VA 234 -12.60 17.82 -57.15
C THR VA 234 -13.43 18.93 -57.79
N THR VA 235 -14.42 18.53 -58.59
CA THR VA 235 -15.35 19.46 -59.20
C THR VA 235 -16.62 19.59 -58.37
N GLY VA 236 -17.39 20.65 -58.64
CA GLY VA 236 -18.58 20.94 -57.88
C GLY VA 236 -19.74 21.33 -58.78
N VAL VA 237 -20.84 21.71 -58.14
CA VAL VA 237 -22.02 22.20 -58.83
C VAL VA 237 -22.27 23.64 -58.40
N SER VA 238 -22.22 24.56 -59.35
CA SER VA 238 -22.59 25.93 -59.14
C SER VA 238 -23.81 26.24 -59.99
N TRP VA 239 -24.63 27.18 -59.51
CA TRP VA 239 -25.88 27.53 -60.18
C TRP VA 239 -25.71 28.89 -60.85
N ASP VA 240 -25.78 28.90 -62.17
CA ASP VA 240 -25.55 30.09 -62.98
C ASP VA 240 -26.86 30.55 -63.60
N GLU VA 241 -27.05 31.87 -63.67
CA GLU VA 241 -28.24 32.45 -64.30
C GLU VA 241 -27.95 32.59 -65.79
N GLN VA 242 -28.65 31.81 -66.61
CA GLN VA 242 -28.44 31.83 -68.05
C GLN VA 242 -29.68 32.32 -68.78
N ILE VA 243 -29.46 32.94 -69.93
CA ILE VA 243 -30.52 33.49 -70.76
C ILE VA 243 -30.31 32.97 -72.18
N ILE VA 244 -31.34 32.36 -72.76
CA ILE VA 244 -31.27 31.85 -74.12
C ILE VA 244 -31.58 33.00 -75.08
N VAL VA 245 -30.62 33.28 -75.97
CA VAL VA 245 -30.72 34.38 -76.93
C VAL VA 245 -30.67 33.78 -78.33
N THR VA 246 -31.71 34.05 -79.12
CA THR VA 246 -31.81 33.55 -80.49
C THR VA 246 -31.77 34.74 -81.45
N ALA VA 247 -30.81 34.73 -82.36
CA ALA VA 247 -30.68 35.79 -83.36
C ALA VA 247 -31.05 35.24 -84.72
N SER VA 248 -32.03 35.87 -85.36
CA SER VA 248 -32.49 35.46 -86.68
C SER VA 248 -31.84 36.39 -87.71
N PHE VA 249 -31.12 35.79 -88.66
CA PHE VA 249 -30.41 36.53 -89.69
C PHE VA 249 -31.01 36.23 -91.06
N ASP VA 250 -30.80 37.18 -91.98
CA ASP VA 250 -31.15 37.04 -93.38
C ASP VA 250 -29.92 36.54 -94.13
N HIS VA 251 -30.08 35.46 -94.90
CA HIS VA 251 -28.92 34.81 -95.51
C HIS VA 251 -28.45 35.51 -96.77
N LYS VA 252 -29.19 36.50 -97.28
CA LYS VA 252 -28.72 37.25 -98.44
C LYS VA 252 -27.61 38.21 -98.05
N VAL VA 253 -27.59 38.69 -96.82
CA VAL VA 253 -26.61 39.64 -96.34
C VAL VA 253 -25.61 38.99 -95.39
N VAL VA 254 -26.08 38.22 -94.42
CA VAL VA 254 -25.26 37.67 -93.36
C VAL VA 254 -25.14 36.17 -93.58
N ASP VA 255 -23.90 35.67 -93.60
CA ASP VA 255 -23.68 34.24 -93.63
C ASP VA 255 -23.58 33.69 -92.21
N GLY VA 256 -23.41 32.36 -92.13
CA GLY VA 256 -23.40 31.71 -90.84
C GLY VA 256 -22.17 32.03 -90.01
N ALA VA 257 -21.02 32.17 -90.66
CA ALA VA 257 -19.80 32.54 -89.95
C ALA VA 257 -19.86 33.98 -89.45
N VAL VA 258 -20.47 34.88 -90.22
CA VAL VA 258 -20.62 36.27 -89.79
C VAL VA 258 -21.60 36.35 -88.62
N GLY VA 259 -22.69 35.59 -88.69
CA GLY VA 259 -23.62 35.55 -87.57
C GLY VA 259 -23.02 34.93 -86.32
N ALA VA 260 -22.15 33.93 -86.50
CA ALA VA 260 -21.48 33.31 -85.37
C ALA VA 260 -20.46 34.26 -84.75
N GLU VA 261 -19.76 35.06 -85.57
CA GLU VA 261 -18.85 36.07 -85.03
C GLU VA 261 -19.61 37.16 -84.28
N TRP VA 262 -20.76 37.58 -84.81
CA TRP VA 262 -21.59 38.58 -84.12
C TRP VA 262 -22.10 38.03 -82.79
N ILE VA 263 -22.55 36.78 -82.76
CA ILE VA 263 -23.02 36.13 -81.54
C ILE VA 263 -21.87 35.97 -80.54
N ARG VA 264 -20.66 35.67 -81.03
CA ARG VA 264 -19.50 35.51 -80.15
C ARG VA 264 -19.08 36.83 -79.52
N GLU VA 265 -19.11 37.91 -80.30
CA GLU VA 265 -18.77 39.22 -79.75
C GLU VA 265 -19.84 39.71 -78.76
N LEU VA 266 -21.11 39.44 -79.06
CA LEU VA 266 -22.18 39.79 -78.13
C LEU VA 266 -22.06 39.00 -76.82
N LYS VA 267 -21.73 37.71 -76.93
CA LYS VA 267 -21.53 36.89 -75.73
C LYS VA 267 -20.32 37.33 -74.93
N LYS VA 268 -19.26 37.77 -75.61
CA LYS VA 268 -18.07 38.27 -74.93
C LYS VA 268 -18.37 39.55 -74.16
N VAL VA 269 -19.06 40.51 -74.80
CA VAL VA 269 -19.39 41.77 -74.16
C VAL VA 269 -20.40 41.56 -73.02
N ILE VA 270 -21.29 40.57 -73.14
CA ILE VA 270 -22.26 40.33 -72.08
C ILE VA 270 -21.60 39.63 -70.90
N GLU VA 271 -20.82 38.57 -71.15
CA GLU VA 271 -20.22 37.80 -70.07
C GLU VA 271 -19.00 38.48 -69.45
N ASN VA 272 -18.46 39.52 -70.08
CA ASN VA 272 -17.45 40.39 -69.47
C ASN VA 272 -18.03 41.80 -69.46
N PRO VA 273 -18.72 42.18 -68.38
CA PRO VA 273 -19.45 43.46 -68.40
C PRO VA 273 -18.57 44.69 -68.32
N LEU VA 274 -17.28 44.53 -68.00
CA LEU VA 274 -16.37 45.67 -68.01
C LEU VA 274 -15.97 46.08 -69.41
N GLU VA 275 -16.27 45.25 -70.43
CA GLU VA 275 -15.98 45.61 -71.81
C GLU VA 275 -16.99 46.57 -72.42
N LEU VA 276 -18.05 46.93 -71.67
CA LEU VA 276 -18.99 47.94 -72.14
C LEU VA 276 -18.39 49.34 -72.08
N LEU VA 277 -17.31 49.53 -71.32
CA LEU VA 277 -16.58 50.80 -71.32
C LEU VA 277 -15.91 51.03 -72.67
N LEU VA 278 -15.26 49.99 -73.20
CA LEU VA 278 -14.55 50.09 -74.47
C LEU VA 278 -15.53 50.03 -75.64
N TYR WA 47 -104.70 31.79 -30.89
CA TYR WA 47 -104.66 33.17 -30.40
C TYR WA 47 -104.41 34.12 -31.56
N THR WA 48 -103.15 34.22 -31.98
CA THR WA 48 -102.80 35.02 -33.15
C THR WA 48 -102.99 34.18 -34.41
N ASP WA 49 -103.80 34.71 -35.32
CA ASP WA 49 -104.34 33.97 -36.46
C ASP WA 49 -104.04 34.71 -37.76
N VAL WA 50 -102.76 35.00 -38.00
CA VAL WA 50 -102.29 35.54 -39.28
C VAL WA 50 -102.64 34.55 -40.38
N PRO WA 51 -103.12 35.02 -41.54
CA PRO WA 51 -103.56 34.10 -42.59
C PRO WA 51 -102.39 33.59 -43.43
N ILE WA 52 -102.69 32.55 -44.21
CA ILE WA 52 -101.70 31.98 -45.12
C ILE WA 52 -101.48 32.96 -46.27
N SER WA 53 -100.23 33.05 -46.74
CA SER WA 53 -99.88 34.03 -47.76
C SER WA 53 -100.51 33.72 -49.12
N GLY WA 54 -100.89 32.48 -49.36
CA GLY WA 54 -101.44 32.10 -50.65
C GLY WA 54 -100.36 31.49 -51.53
N MET WA 55 -99.15 32.04 -51.45
CA MET WA 55 -97.99 31.42 -52.07
C MET WA 55 -97.61 30.12 -51.38
N ARG WA 56 -97.80 30.04 -50.06
CA ARG WA 56 -97.57 28.80 -49.31
C ARG WA 56 -98.54 27.70 -49.67
N LYS WA 57 -99.74 28.05 -50.16
CA LYS WA 57 -100.75 27.04 -50.49
C LYS WA 57 -100.33 26.20 -51.69
N THR WA 58 -99.69 26.83 -52.67
CA THR WA 58 -99.20 26.10 -53.83
C THR WA 58 -98.05 25.16 -53.46
N ILE WA 59 -97.15 25.59 -52.58
CA ILE WA 59 -96.06 24.72 -52.14
C ILE WA 59 -96.59 23.59 -51.28
N ALA WA 60 -97.63 23.86 -50.47
CA ALA WA 60 -98.24 22.80 -49.68
C ALA WA 60 -98.93 21.76 -50.55
N ALA WA 61 -99.63 22.22 -51.59
CA ALA WA 61 -100.26 21.29 -52.53
C ALA WA 61 -99.21 20.51 -53.33
N ARG WA 62 -98.08 21.16 -53.65
CA ARG WA 62 -97.03 20.48 -54.39
C ARG WA 62 -96.34 19.40 -53.55
N LEU WA 63 -96.07 19.71 -52.27
CA LEU WA 63 -95.50 18.71 -51.38
C LEU WA 63 -96.49 17.59 -51.09
N LYS WA 64 -97.80 17.92 -51.07
CA LYS WA 64 -98.83 16.89 -50.96
C LYS WA 64 -98.81 15.97 -52.18
N GLU WA 65 -98.70 16.53 -53.39
CA GLU WA 65 -98.58 15.73 -54.61
C GLU WA 65 -97.35 14.84 -54.57
N SER WA 66 -96.24 15.38 -54.06
CA SER WA 66 -94.99 14.62 -53.98
C SER WA 66 -95.11 13.43 -53.03
N VAL WA 67 -95.67 13.64 -51.84
CA VAL WA 67 -95.74 12.55 -50.87
C VAL WA 67 -96.88 11.60 -51.21
N THR WA 68 -97.84 12.01 -52.03
CA THR WA 68 -98.95 11.09 -52.32
C THR WA 68 -98.75 10.34 -53.62
N GLU WA 69 -97.84 10.80 -54.49
CA GLU WA 69 -97.64 10.09 -55.76
C GLU WA 69 -96.26 9.45 -55.81
N ASN WA 70 -95.34 9.89 -54.94
CA ASN WA 70 -94.01 9.33 -54.90
C ASN WA 70 -93.83 8.53 -53.62
N PRO WA 71 -93.81 7.20 -53.68
CA PRO WA 71 -93.43 6.42 -52.49
C PRO WA 71 -91.94 6.54 -52.21
N HIS WA 72 -91.58 7.34 -51.22
CA HIS WA 72 -90.18 7.64 -50.94
C HIS WA 72 -89.53 6.50 -50.18
N PHE WA 73 -88.24 6.31 -50.43
CA PHE WA 73 -87.41 5.50 -49.54
C PHE WA 73 -86.03 6.13 -49.45
N PHE WA 74 -85.45 6.09 -48.26
CA PHE WA 74 -84.21 6.79 -47.97
C PHE WA 74 -83.05 5.81 -47.92
N VAL WA 75 -81.90 6.26 -48.42
CA VAL WA 75 -80.65 5.52 -48.33
C VAL WA 75 -79.62 6.45 -47.70
N SER WA 76 -79.06 6.05 -46.57
CA SER WA 76 -78.11 6.88 -45.83
C SER WA 76 -76.70 6.32 -45.97
N THR WA 77 -75.72 7.23 -45.94
CA THR WA 77 -74.32 6.85 -46.00
C THR WA 77 -73.50 7.90 -45.26
N ASN WA 78 -72.24 7.57 -45.01
CA ASN WA 78 -71.30 8.49 -44.38
C ASN WA 78 -70.12 8.68 -45.32
N LEU WA 79 -69.97 9.89 -45.83
CA LEU WA 79 -68.86 10.22 -46.72
C LEU WA 79 -67.71 10.80 -45.92
N SER WA 80 -66.51 10.30 -46.17
CA SER WA 80 -65.31 10.87 -45.56
C SER WA 80 -64.78 11.98 -46.45
N VAL WA 81 -64.64 13.18 -45.88
CA VAL WA 81 -64.29 14.38 -46.62
C VAL WA 81 -62.94 14.94 -46.17
N SER WA 82 -62.12 14.12 -45.52
CA SER WA 82 -60.83 14.58 -45.04
C SER WA 82 -59.85 14.86 -46.17
N LYS WA 83 -59.99 14.15 -47.30
CA LYS WA 83 -59.19 14.45 -48.48
C LYS WA 83 -59.82 15.52 -49.34
N LEU WA 84 -61.16 15.60 -49.33
CA LEU WA 84 -61.86 16.64 -50.08
C LEU WA 84 -61.58 18.02 -49.50
N LEU WA 85 -61.48 18.12 -48.18
CA LEU WA 85 -61.15 19.39 -47.55
C LEU WA 85 -59.71 19.79 -47.83
N LYS WA 86 -58.79 18.82 -47.91
CA LYS WA 86 -57.41 19.12 -48.27
C LYS WA 86 -57.29 19.59 -49.71
N LEU WA 87 -58.05 18.96 -50.62
CA LEU WA 87 -58.06 19.39 -52.02
C LEU WA 87 -58.67 20.77 -52.17
N ARG WA 88 -59.72 21.06 -51.41
CA ARG WA 88 -60.33 22.39 -51.44
C ARG WA 88 -59.40 23.45 -50.87
N GLN WA 89 -58.65 23.11 -49.81
CA GLN WA 89 -57.70 24.03 -49.22
C GLN WA 89 -56.56 24.34 -50.18
N ALA WA 90 -56.08 23.32 -50.89
CA ALA WA 90 -55.00 23.52 -51.86
C ALA WA 90 -55.47 24.35 -53.05
N LEU WA 91 -56.68 24.06 -53.54
CA LEU WA 91 -57.20 24.80 -54.70
C LEU WA 91 -57.56 26.24 -54.33
N ASN WA 92 -57.92 26.47 -53.06
CA ASN WA 92 -58.20 27.84 -52.64
C ASN WA 92 -56.91 28.61 -52.35
N SER WA 93 -55.88 27.92 -51.86
CA SER WA 93 -54.62 28.60 -51.58
C SER WA 93 -53.86 28.91 -52.85
N SER WA 94 -54.02 28.10 -53.90
CA SER WA 94 -53.38 28.37 -55.18
C SER WA 94 -54.28 29.24 -56.06
N ALA WA 95 -54.55 30.46 -55.58
CA ALA WA 95 -55.39 31.39 -56.29
C ALA WA 95 -55.01 32.81 -55.89
N ASP WA 96 -55.48 33.77 -56.68
CA ASP WA 96 -55.27 35.19 -56.43
C ASP WA 96 -56.58 35.91 -56.16
N GLY WA 97 -57.52 35.23 -55.52
CA GLY WA 97 -58.86 35.79 -55.36
C GLY WA 97 -59.75 35.65 -56.57
N ARG WA 98 -59.40 34.78 -57.52
CA ARG WA 98 -60.24 34.59 -58.69
C ARG WA 98 -61.49 33.77 -58.37
N TYR WA 99 -61.38 32.85 -57.42
CA TYR WA 99 -62.49 31.96 -57.09
C TYR WA 99 -62.43 31.61 -55.61
N LYS WA 100 -63.51 31.00 -55.13
CA LYS WA 100 -63.58 30.50 -53.76
C LYS WA 100 -64.42 29.23 -53.79
N LEU WA 101 -63.80 28.10 -53.42
CA LEU WA 101 -64.44 26.81 -53.54
C LEU WA 101 -65.08 26.39 -52.22
N SER WA 102 -66.19 25.67 -52.32
CA SER WA 102 -66.91 25.12 -51.18
C SER WA 102 -67.12 23.63 -51.39
N VAL WA 103 -67.69 22.99 -50.36
CA VAL WA 103 -67.95 21.55 -50.42
C VAL WA 103 -69.10 21.25 -51.37
N ASN WA 104 -70.01 22.22 -51.55
CA ASN WA 104 -71.17 22.03 -52.41
C ASN WA 104 -70.77 21.91 -53.88
N ASP WA 105 -69.65 22.52 -54.27
CA ASP WA 105 -69.15 22.39 -55.64
C ASP WA 105 -68.71 20.95 -55.93
N PHE WA 106 -67.93 20.37 -55.01
CA PHE WA 106 -67.51 18.98 -55.14
C PHE WA 106 -68.71 18.04 -55.08
N LEU WA 107 -69.70 18.38 -54.25
CA LEU WA 107 -70.89 17.54 -54.15
C LEU WA 107 -71.72 17.58 -55.43
N ILE WA 108 -71.85 18.76 -56.04
CA ILE WA 108 -72.62 18.88 -57.28
C ILE WA 108 -71.89 18.18 -58.43
N LYS WA 109 -70.56 18.29 -58.48
CA LYS WA 109 -69.79 17.59 -59.51
C LYS WA 109 -69.85 16.07 -59.32
N ALA WA 110 -69.80 15.61 -58.07
CA ALA WA 110 -69.89 14.18 -57.81
C ALA WA 110 -71.29 13.64 -58.10
N MET WA 111 -72.32 14.47 -57.87
CA MET WA 111 -73.68 14.09 -58.24
C MET WA 111 -73.83 13.98 -59.75
N GLY WA 112 -73.17 14.88 -60.49
CA GLY WA 112 -73.19 14.77 -61.95
C GLY WA 112 -72.49 13.52 -62.46
N ILE WA 113 -71.35 13.19 -61.85
CA ILE WA 113 -70.59 11.99 -62.23
C ILE WA 113 -71.39 10.73 -61.91
N ALA WA 114 -72.01 10.71 -60.73
CA ALA WA 114 -72.79 9.53 -60.33
C ALA WA 114 -74.06 9.37 -61.15
N SER WA 115 -74.71 10.49 -61.51
CA SER WA 115 -75.90 10.40 -62.36
C SER WA 115 -75.55 10.05 -63.80
N LYS WA 116 -74.33 10.38 -64.24
CA LYS WA 116 -73.91 9.91 -65.56
C LYS WA 116 -73.55 8.43 -65.54
N ARG WA 117 -72.99 7.94 -64.44
CA ARG WA 117 -72.66 6.52 -64.36
C ARG WA 117 -73.89 5.65 -64.14
N VAL WA 118 -74.85 6.10 -63.34
CA VAL WA 118 -76.11 5.38 -63.17
C VAL WA 118 -77.24 6.25 -63.74
N PRO WA 119 -77.61 6.06 -65.01
CA PRO WA 119 -78.59 6.97 -65.63
C PRO WA 119 -80.03 6.68 -65.26
N THR WA 120 -80.31 5.63 -64.48
CA THR WA 120 -81.68 5.35 -64.09
C THR WA 120 -82.20 6.35 -63.07
N VAL WA 121 -81.31 6.88 -62.22
CA VAL WA 121 -81.71 7.87 -61.23
C VAL WA 121 -82.02 9.20 -61.90
N ASN WA 122 -81.35 9.51 -63.01
CA ASN WA 122 -81.57 10.75 -63.75
C ASN WA 122 -82.76 10.56 -64.69
N SER WA 123 -83.95 10.52 -64.10
CA SER WA 123 -85.17 10.27 -64.86
C SER WA 123 -86.34 10.97 -64.17
N SER WA 124 -87.55 10.68 -64.65
CA SER WA 124 -88.78 11.28 -64.14
C SER WA 124 -89.91 10.26 -64.30
N TRP WA 125 -91.15 10.75 -64.23
CA TRP WA 125 -92.33 9.90 -64.38
C TRP WA 125 -93.39 10.70 -65.12
N ARG WA 126 -93.74 10.24 -66.32
CA ARG WA 126 -94.57 11.00 -67.26
C ARG WA 126 -95.76 10.17 -67.71
N ASP WA 127 -96.45 10.60 -68.77
CA ASP WA 127 -97.67 9.95 -69.23
C ASP WA 127 -97.36 8.58 -69.81
N GLY WA 128 -97.39 7.56 -68.95
CA GLY WA 128 -97.11 6.20 -69.36
C GLY WA 128 -95.70 5.94 -69.83
N VAL WA 129 -94.75 6.80 -69.44
CA VAL WA 129 -93.43 6.82 -70.06
C VAL WA 129 -92.42 7.40 -69.07
N ILE WA 130 -91.19 6.91 -69.16
CA ILE WA 130 -90.08 7.37 -68.33
C ILE WA 130 -89.23 8.30 -69.18
N ARG WA 131 -89.07 9.54 -68.74
CA ARG WA 131 -88.27 10.50 -69.49
C ARG WA 131 -86.85 10.53 -68.92
N GLN WA 132 -85.88 10.11 -69.74
CA GLN WA 132 -84.49 9.97 -69.33
C GLN WA 132 -83.65 11.01 -70.05
N PHE WA 133 -82.95 11.85 -69.28
CA PHE WA 133 -82.13 12.92 -69.81
C PHE WA 133 -80.68 12.46 -69.97
N GLU WA 134 -79.92 13.22 -70.75
CA GLU WA 134 -78.47 13.02 -70.86
C GLU WA 134 -77.71 13.86 -69.85
N THR WA 135 -77.91 15.16 -69.85
CA THR WA 135 -77.18 16.06 -68.96
C THR WA 135 -77.78 16.07 -67.58
N VAL WA 136 -76.95 16.38 -66.59
CA VAL WA 136 -77.37 16.45 -65.19
C VAL WA 136 -77.60 17.94 -64.89
N ASP WA 137 -78.86 18.30 -64.66
CA ASP WA 137 -79.23 19.65 -64.25
C ASP WA 137 -79.58 19.60 -62.77
N VAL WA 138 -78.78 20.28 -61.95
CA VAL WA 138 -78.84 20.14 -60.50
C VAL WA 138 -79.54 21.35 -59.92
N SER WA 139 -80.66 21.13 -59.22
CA SER WA 139 -81.38 22.19 -58.54
C SER WA 139 -80.83 22.35 -57.13
N VAL WA 140 -80.36 23.54 -56.80
CA VAL WA 140 -79.75 23.83 -55.50
C VAL WA 140 -80.72 24.66 -54.69
N ALA WA 141 -81.00 24.23 -53.46
CA ALA WA 141 -81.94 24.94 -52.60
C ALA WA 141 -81.27 26.14 -51.95
N VAL WA 142 -81.90 27.30 -52.07
CA VAL WA 142 -81.41 28.54 -51.47
C VAL WA 142 -82.43 29.00 -50.45
N ALA WA 143 -81.97 29.26 -49.22
CA ALA WA 143 -82.84 29.66 -48.12
C ALA WA 143 -82.98 31.18 -48.11
N THR WA 144 -84.13 31.66 -48.57
CA THR WA 144 -84.52 33.06 -48.58
C THR WA 144 -85.55 33.32 -47.47
N PRO WA 145 -85.68 34.56 -46.98
CA PRO WA 145 -86.70 34.84 -45.95
C PRO WA 145 -88.13 34.67 -46.44
N ASN WA 146 -88.36 34.61 -47.75
CA ASN WA 146 -89.65 34.23 -48.33
C ASN WA 146 -89.74 32.74 -48.61
N GLY WA 147 -89.00 31.92 -47.88
CA GLY WA 147 -89.17 30.47 -47.98
C GLY WA 147 -88.04 29.72 -48.65
N LEU WA 148 -88.36 29.06 -49.77
CA LEU WA 148 -87.40 28.18 -50.43
C LEU WA 148 -87.53 28.34 -51.94
N ILE WA 149 -86.39 28.38 -52.62
CA ILE WA 149 -86.34 28.41 -54.07
C ILE WA 149 -85.21 27.48 -54.51
N THR WA 150 -85.33 26.92 -55.72
CA THR WA 150 -84.36 25.97 -56.26
C THR WA 150 -83.91 26.42 -57.64
N PRO WA 151 -82.93 27.31 -57.73
CA PRO WA 151 -82.32 27.60 -59.04
C PRO WA 151 -81.48 26.43 -59.53
N ILE WA 152 -81.37 26.32 -60.85
CA ILE WA 152 -80.81 25.15 -61.51
C ILE WA 152 -79.46 25.50 -62.13
N VAL WA 153 -78.47 24.66 -61.87
CA VAL WA 153 -77.20 24.67 -62.58
C VAL WA 153 -77.32 23.67 -63.72
N LYS WA 154 -77.22 24.17 -64.95
CA LYS WA 154 -77.42 23.35 -66.14
C LYS WA 154 -76.10 22.82 -66.66
N GLY WA 155 -76.11 21.55 -67.10
CA GLY WA 155 -74.96 20.91 -67.67
C GLY WA 155 -73.81 20.74 -66.69
N VAL WA 156 -74.05 19.96 -65.63
CA VAL WA 156 -73.09 19.87 -64.53
C VAL WA 156 -71.86 19.07 -64.93
N GLU WA 157 -72.06 17.92 -65.57
CA GLU WA 157 -70.94 17.11 -66.01
C GLU WA 157 -70.23 17.81 -67.17
N GLY WA 158 -68.91 17.84 -67.10
CA GLY WA 158 -68.12 18.59 -68.05
C GLY WA 158 -68.33 20.09 -68.00
N LYS WA 159 -68.29 20.68 -66.82
CA LYS WA 159 -68.49 22.13 -66.69
C LYS WA 159 -67.33 22.84 -66.02
N GLY WA 160 -66.77 22.27 -64.96
CA GLY WA 160 -65.70 22.93 -64.25
C GLY WA 160 -66.14 23.46 -62.90
N LEU WA 161 -65.24 23.35 -61.91
CA LEU WA 161 -65.58 23.70 -60.55
C LEU WA 161 -65.71 25.21 -60.37
N GLU WA 162 -64.90 25.97 -61.10
CA GLU WA 162 -65.00 27.43 -61.01
C GLU WA 162 -66.28 27.92 -61.67
N SER WA 163 -66.70 27.29 -62.77
CA SER WA 163 -67.96 27.63 -63.41
C SER WA 163 -69.14 27.27 -62.52
N ILE WA 164 -69.05 26.13 -61.82
CA ILE WA 164 -70.10 25.71 -60.90
C ILE WA 164 -70.20 26.68 -59.72
N SER WA 165 -69.04 27.09 -59.17
CA SER WA 165 -69.02 28.04 -58.06
C SER WA 165 -69.57 29.39 -58.48
N ALA WA 166 -69.21 29.85 -59.69
CA ALA WA 166 -69.71 31.12 -60.19
C ALA WA 166 -71.21 31.09 -60.40
N ALA WA 167 -71.73 29.99 -60.98
CA ALA WA 167 -73.16 29.89 -61.23
C ALA WA 167 -73.95 29.77 -59.93
N VAL WA 168 -73.41 29.05 -58.95
CA VAL WA 168 -74.07 28.92 -57.65
C VAL WA 168 -74.09 30.26 -56.92
N LYS WA 169 -73.00 31.03 -56.99
CA LYS WA 169 -72.97 32.34 -56.34
C LYS WA 169 -73.91 33.34 -57.02
N GLU WA 170 -73.93 33.34 -58.37
CA GLU WA 170 -74.86 34.16 -59.13
C GLU WA 170 -76.32 33.85 -58.78
N LEU WA 171 -76.68 32.57 -58.79
CA LEU WA 171 -78.07 32.19 -58.54
C LEU WA 171 -78.46 32.41 -57.09
N ALA WA 172 -77.52 32.25 -56.15
CA ALA WA 172 -77.82 32.48 -54.74
C ALA WA 172 -78.02 33.97 -54.45
N LYS WA 173 -77.17 34.84 -55.00
CA LYS WA 173 -77.34 36.26 -54.74
C LYS WA 173 -78.57 36.81 -55.47
N LYS WA 174 -78.91 36.22 -56.63
CA LYS WA 174 -80.12 36.64 -57.30
C LYS WA 174 -81.36 36.08 -56.62
N ALA WA 175 -81.22 34.96 -55.88
CA ALA WA 175 -82.33 34.46 -55.09
C ALA WA 175 -82.54 35.31 -53.86
N ARG WA 176 -81.45 35.84 -53.29
CA ARG WA 176 -81.58 36.76 -52.17
C ARG WA 176 -82.15 38.11 -52.60
N ASP WA 177 -81.84 38.55 -53.82
CA ASP WA 177 -82.45 39.78 -54.34
C ASP WA 177 -83.82 39.57 -54.97
N GLY WA 178 -84.22 38.33 -55.24
CA GLY WA 178 -85.53 38.02 -55.78
C GLY WA 178 -85.71 38.44 -57.23
N LYS WA 179 -84.78 38.06 -58.10
CA LYS WA 179 -84.76 38.55 -59.49
C LYS WA 179 -84.61 37.39 -60.46
N LEU WA 180 -85.47 36.38 -60.35
CA LEU WA 180 -85.36 35.17 -61.15
C LEU WA 180 -86.44 35.11 -62.23
N LYS WA 181 -86.12 34.43 -63.32
CA LYS WA 181 -86.98 33.99 -64.41
C LYS WA 181 -87.51 32.59 -64.09
N PRO WA 182 -88.72 32.25 -64.55
CA PRO WA 182 -89.27 30.90 -64.25
C PRO WA 182 -88.50 29.77 -64.90
N GLU WA 183 -87.78 30.03 -65.98
CA GLU WA 183 -86.92 29.03 -66.60
C GLU WA 183 -85.65 28.76 -65.79
N GLU WA 184 -85.35 29.59 -64.79
CA GLU WA 184 -84.19 29.37 -63.94
C GLU WA 184 -84.49 28.52 -62.72
N TYR WA 185 -85.77 28.34 -62.35
CA TYR WA 185 -86.11 27.50 -61.20
C TYR WA 185 -87.24 26.53 -61.52
N GLN WA 186 -87.58 26.37 -62.80
CA GLN WA 186 -88.59 25.39 -63.20
C GLN WA 186 -87.92 24.38 -64.15
N GLY WA 187 -87.69 23.18 -63.65
CA GLY WA 187 -87.04 22.14 -64.43
C GLY WA 187 -86.12 21.28 -63.58
N GLY WA 188 -84.96 20.94 -64.10
CA GLY WA 188 -83.99 20.15 -63.37
C GLY WA 188 -84.27 18.67 -63.39
N SER WA 189 -83.22 17.87 -63.18
CA SER WA 189 -83.35 16.41 -63.13
C SER WA 189 -83.06 15.82 -61.77
N ILE WA 190 -82.35 16.53 -60.91
CA ILE WA 190 -82.01 16.06 -59.57
C ILE WA 190 -81.80 17.29 -58.68
N SER WA 191 -82.01 17.12 -57.37
CA SER WA 191 -81.95 18.21 -56.42
C SER WA 191 -80.94 17.88 -55.32
N ILE WA 192 -80.60 18.91 -54.53
CA ILE WA 192 -79.72 18.75 -53.38
C ILE WA 192 -80.10 19.81 -52.34
N SER WA 193 -80.23 19.38 -51.09
CA SER WA 193 -80.51 20.27 -49.97
C SER WA 193 -79.30 20.26 -49.05
N ASN WA 194 -78.82 21.45 -48.72
CA ASN WA 194 -77.56 21.64 -48.00
C ASN WA 194 -77.84 22.28 -46.64
N MET WA 195 -77.35 21.66 -45.58
CA MET WA 195 -77.49 22.17 -44.23
C MET WA 195 -76.18 22.07 -43.45
N GLY WA 196 -75.07 22.39 -44.11
CA GLY WA 196 -73.77 22.33 -43.45
C GLY WA 196 -73.46 23.54 -42.59
N MET WA 197 -74.18 24.65 -42.78
CA MET WA 197 -73.93 25.83 -41.99
C MET WA 197 -74.48 25.67 -40.57
N ASN WA 198 -75.46 24.78 -40.39
CA ASN WA 198 -76.00 24.47 -39.07
C ASN WA 198 -75.27 23.26 -38.52
N PRO WA 199 -74.47 23.43 -37.46
CA PRO WA 199 -73.71 22.28 -36.92
C PRO WA 199 -74.55 21.32 -36.09
N ALA WA 200 -75.82 21.63 -35.84
CA ALA WA 200 -76.64 20.72 -35.05
C ALA WA 200 -77.22 19.60 -35.89
N VAL WA 201 -77.47 19.85 -37.16
CA VAL WA 201 -78.15 18.88 -38.03
C VAL WA 201 -77.16 17.78 -38.39
N GLN WA 202 -77.25 16.65 -37.69
CA GLN WA 202 -76.43 15.49 -38.04
C GLN WA 202 -76.96 14.80 -39.29
N SER WA 203 -78.28 14.69 -39.40
CA SER WA 203 -78.91 14.02 -40.53
C SER WA 203 -80.31 14.55 -40.68
N PHE WA 204 -80.78 14.63 -41.93
CA PHE WA 204 -82.17 15.00 -42.19
C PHE WA 204 -82.57 14.42 -43.53
N THR WA 205 -83.88 14.32 -43.73
CA THR WA 205 -84.47 13.88 -44.98
C THR WA 205 -85.14 15.05 -45.68
N ALA WA 206 -85.36 14.90 -46.98
CA ALA WA 206 -85.99 15.94 -47.78
C ALA WA 206 -87.12 15.32 -48.60
N ILE WA 207 -87.99 16.19 -49.10
CA ILE WA 207 -89.10 15.78 -49.94
C ILE WA 207 -88.73 16.03 -51.39
N ILE WA 208 -89.00 15.03 -52.24
CA ILE WA 208 -88.62 15.11 -53.65
C ILE WA 208 -89.49 16.13 -54.37
N ASN WA 209 -88.84 17.08 -55.05
CA ASN WA 209 -89.56 18.05 -55.86
C ASN WA 209 -90.07 17.36 -57.12
N PRO WA 210 -91.38 17.39 -57.38
CA PRO WA 210 -91.90 16.77 -58.59
C PRO WA 210 -91.56 17.59 -59.81
N PRO WA 211 -91.35 16.95 -60.97
CA PRO WA 211 -91.44 15.51 -61.23
C PRO WA 211 -90.10 14.78 -61.18
N GLN WA 212 -89.16 15.22 -60.35
CA GLN WA 212 -87.87 14.56 -60.29
C GLN WA 212 -87.98 13.23 -59.54
N ALA WA 213 -86.88 12.47 -59.57
CA ALA WA 213 -86.87 11.12 -59.02
C ALA WA 213 -86.07 10.97 -57.74
N ALA WA 214 -85.17 11.90 -57.44
CA ALA WA 214 -84.31 11.75 -56.26
C ALA WA 214 -83.99 13.13 -55.70
N ILE WA 215 -83.63 13.15 -54.42
CA ILE WA 215 -83.15 14.38 -53.78
C ILE WA 215 -82.07 14.01 -52.77
N LEU WA 216 -81.04 14.85 -52.66
CA LEU WA 216 -79.96 14.62 -51.74
C LEU WA 216 -80.13 15.51 -50.52
N ALA WA 217 -79.59 15.06 -49.37
CA ALA WA 217 -79.64 15.83 -48.13
C ALA WA 217 -78.31 15.64 -47.41
N VAL WA 218 -77.64 16.73 -47.10
CA VAL WA 218 -76.27 16.69 -46.59
C VAL WA 218 -76.23 17.29 -45.19
N GLY WA 219 -75.75 16.51 -44.21
CA GLY WA 219 -75.70 16.97 -42.84
C GLY WA 219 -74.37 17.58 -42.48
N ALA WA 220 -74.31 18.13 -41.27
CA ALA WA 220 -73.12 18.79 -40.76
C ALA WA 220 -72.01 17.77 -40.54
N PRO WA 221 -70.76 18.15 -40.81
CA PRO WA 221 -69.64 17.25 -40.54
C PRO WA 221 -69.36 17.10 -39.06
N GLN WA 222 -68.93 15.91 -38.68
CA GLN WA 222 -68.59 15.56 -37.31
C GLN WA 222 -67.35 14.70 -37.27
N LYS WA 223 -66.68 14.65 -36.12
CA LYS WA 223 -65.49 13.83 -35.95
C LYS WA 223 -65.89 12.42 -35.50
N VAL WA 224 -65.53 11.42 -36.30
CA VAL WA 224 -65.85 10.02 -36.01
C VAL WA 224 -64.54 9.26 -35.84
N ALA WA 225 -64.45 8.43 -34.80
CA ALA WA 225 -63.27 7.62 -34.55
C ALA WA 225 -63.18 6.50 -35.59
N VAL WA 226 -62.03 6.44 -36.25
CA VAL WA 226 -61.79 5.48 -37.34
C VAL WA 226 -60.49 4.75 -37.05
N PRO WA 227 -60.45 3.41 -37.15
CA PRO WA 227 -59.22 2.68 -36.80
C PRO WA 227 -58.12 2.89 -37.84
N VAL WA 228 -56.89 2.81 -37.35
CA VAL WA 228 -55.70 3.00 -38.18
C VAL WA 228 -54.61 2.05 -37.70
N GLU WA 229 -53.86 1.48 -38.65
CA GLU WA 229 -52.68 0.71 -38.30
C GLU WA 229 -51.49 1.66 -38.22
N ASN WA 230 -50.65 1.46 -37.22
CA ASN WA 230 -49.35 2.10 -37.21
C ASN WA 230 -48.38 1.22 -38.00
N GLU WA 231 -47.09 1.55 -37.97
CA GLU WA 231 -46.10 0.71 -38.66
C GLU WA 231 -45.71 -0.52 -37.85
N ASP WA 232 -46.34 -0.77 -36.70
CA ASP WA 232 -46.28 -2.04 -36.00
C ASP WA 232 -47.66 -2.69 -36.04
N GLY WA 233 -47.79 -3.82 -35.35
CA GLY WA 233 -48.97 -4.67 -35.51
C GLY WA 233 -50.24 -4.15 -34.86
N THR WA 234 -50.15 -3.22 -33.92
CA THR WA 234 -51.33 -2.82 -33.16
C THR WA 234 -52.19 -1.84 -33.94
N THR WA 235 -53.45 -1.71 -33.53
CA THR WA 235 -54.37 -0.74 -34.11
C THR WA 235 -54.41 0.53 -33.28
N GLY WA 236 -54.92 1.61 -33.89
CA GLY WA 236 -54.95 2.90 -33.24
C GLY WA 236 -56.30 3.58 -33.42
N VAL WA 237 -56.36 4.83 -32.96
CA VAL WA 237 -57.54 5.67 -33.10
C VAL WA 237 -57.14 6.88 -33.94
N SER WA 238 -57.78 7.03 -35.10
CA SER WA 238 -57.64 8.22 -35.91
C SER WA 238 -59.00 8.91 -35.98
N TRP WA 239 -58.97 10.23 -36.13
CA TRP WA 239 -60.18 11.04 -36.14
C TRP WA 239 -60.46 11.50 -37.57
N ASP WA 240 -61.56 11.03 -38.12
CA ASP WA 240 -61.95 11.29 -39.50
C ASP WA 240 -63.14 12.23 -39.55
N GLU WA 241 -63.14 13.13 -40.52
CA GLU WA 241 -64.25 14.05 -40.73
C GLU WA 241 -65.28 13.36 -41.61
N GLN WA 242 -66.44 13.05 -41.05
CA GLN WA 242 -67.49 12.35 -41.78
C GLN WA 242 -68.73 13.22 -41.92
N ILE WA 243 -69.46 13.00 -43.01
CA ILE WA 243 -70.67 13.73 -43.34
C ILE WA 243 -71.77 12.72 -43.63
N ILE WA 244 -72.90 12.83 -42.96
CA ILE WA 244 -74.02 11.93 -43.18
C ILE WA 244 -74.84 12.47 -44.35
N VAL WA 245 -74.98 11.65 -45.38
CA VAL WA 245 -75.67 12.00 -46.61
C VAL WA 245 -76.85 11.06 -46.78
N THR WA 246 -78.05 11.61 -46.88
CA THR WA 246 -79.28 10.84 -47.04
C THR WA 246 -79.89 11.17 -48.40
N ALA WA 247 -80.08 10.15 -49.22
CA ALA WA 247 -80.68 10.31 -50.54
C ALA WA 247 -82.08 9.71 -50.52
N SER WA 248 -83.07 10.51 -50.86
CA SER WA 248 -84.46 10.06 -50.92
C SER WA 248 -84.81 9.78 -52.38
N PHE WA 249 -85.24 8.55 -52.64
CA PHE WA 249 -85.58 8.10 -53.99
C PHE WA 249 -87.08 7.80 -54.08
N ASP WA 250 -87.57 7.87 -55.32
CA ASP WA 250 -88.93 7.47 -55.66
C ASP WA 250 -88.89 6.03 -56.15
N HIS WA 251 -89.74 5.18 -55.57
CA HIS WA 251 -89.66 3.75 -55.84
C HIS WA 251 -90.32 3.36 -57.15
N LYS WA 252 -91.04 4.27 -57.81
CA LYS WA 252 -91.61 3.95 -59.11
C LYS WA 252 -90.54 3.92 -60.19
N VAL WA 253 -89.47 4.69 -60.03
CA VAL WA 253 -88.41 4.79 -61.01
C VAL WA 253 -87.15 4.06 -60.54
N VAL WA 254 -86.73 4.31 -59.30
CA VAL WA 254 -85.46 3.82 -58.77
C VAL WA 254 -85.76 2.72 -57.75
N ASP WA 255 -85.13 1.56 -57.93
CA ASP WA 255 -85.20 0.52 -56.91
C ASP WA 255 -84.06 0.67 -55.92
N GLY WA 256 -84.06 -0.22 -54.92
CA GLY WA 256 -83.09 -0.11 -53.84
C GLY WA 256 -81.68 -0.44 -54.28
N ALA WA 257 -81.54 -1.40 -55.20
CA ALA WA 257 -80.22 -1.74 -55.73
C ALA WA 257 -79.66 -0.62 -56.60
N VAL WA 258 -80.53 0.05 -57.37
CA VAL WA 258 -80.09 1.16 -58.20
C VAL WA 258 -79.70 2.36 -57.33
N GLY WA 259 -80.46 2.61 -56.27
CA GLY WA 259 -80.10 3.66 -55.33
C GLY WA 259 -78.82 3.36 -54.57
N ALA WA 260 -78.59 2.08 -54.26
CA ALA WA 260 -77.36 1.68 -53.59
C ALA WA 260 -76.16 1.80 -54.51
N GLU WA 261 -76.32 1.49 -55.80
CA GLU WA 261 -75.24 1.69 -56.76
C GLU WA 261 -74.94 3.18 -56.95
N TRP WA 262 -75.97 4.02 -57.00
CA TRP WA 262 -75.77 5.46 -57.10
C TRP WA 262 -75.04 6.01 -55.87
N ILE WA 263 -75.44 5.56 -54.68
CA ILE WA 263 -74.78 5.96 -53.44
C ILE WA 263 -73.34 5.46 -53.39
N ARG WA 264 -73.08 4.26 -53.90
CA ARG WA 264 -71.73 3.71 -53.91
C ARG WA 264 -70.82 4.48 -54.86
N GLU WA 265 -71.33 4.85 -56.04
CA GLU WA 265 -70.52 5.63 -56.97
C GLU WA 265 -70.27 7.04 -56.45
N LEU WA 266 -71.27 7.64 -55.79
CA LEU WA 266 -71.10 8.95 -55.19
C LEU WA 266 -70.06 8.91 -54.06
N LYS WA 267 -70.11 7.85 -53.24
CA LYS WA 267 -69.14 7.68 -52.16
C LYS WA 267 -67.74 7.43 -52.70
N LYS WA 268 -67.64 6.71 -53.82
CA LYS WA 268 -66.33 6.46 -54.44
C LYS WA 268 -65.72 7.75 -54.98
N VAL WA 269 -66.52 8.55 -55.69
CA VAL WA 269 -66.02 9.81 -56.25
C VAL WA 269 -65.71 10.82 -55.15
N ILE WA 270 -66.44 10.78 -54.03
CA ILE WA 270 -66.16 11.71 -52.94
C ILE WA 270 -64.91 11.29 -52.17
N GLU WA 271 -64.81 10.01 -51.80
CA GLU WA 271 -63.67 9.56 -51.00
C GLU WA 271 -62.40 9.38 -51.81
N ASN WA 272 -62.47 9.39 -53.14
CA ASN WA 272 -61.29 9.47 -54.00
C ASN WA 272 -61.44 10.73 -54.84
N PRO WA 273 -60.91 11.86 -54.36
CA PRO WA 273 -61.19 13.14 -55.04
C PRO WA 273 -60.46 13.31 -56.36
N LEU WA 274 -59.49 12.45 -56.68
CA LEU WA 274 -58.83 12.52 -57.97
C LEU WA 274 -59.69 11.95 -59.09
N GLU WA 275 -60.79 11.26 -58.76
CA GLU WA 275 -61.70 10.72 -59.75
C GLU WA 275 -62.65 11.77 -60.32
N LEU WA 276 -62.60 13.00 -59.80
CA LEU WA 276 -63.39 14.09 -60.38
C LEU WA 276 -62.83 14.56 -61.72
N LEU WA 277 -61.58 14.22 -62.02
CA LEU WA 277 -61.01 14.50 -63.33
C LEU WA 277 -61.68 13.65 -64.40
N LEU WA 278 -61.87 12.37 -64.11
CA LEU WA 278 -62.48 11.44 -65.05
C LEU WA 278 -63.99 11.61 -65.07
N TYR XA 47 -81.00 79.35 8.48
CA TYR XA 47 -80.40 80.35 7.59
C TYR XA 47 -81.08 80.30 6.22
N THR XA 48 -80.68 79.34 5.40
CA THR XA 48 -81.32 79.12 4.12
C THR XA 48 -82.56 78.25 4.31
N ASP XA 49 -83.70 78.77 3.87
CA ASP XA 49 -85.04 78.24 4.18
C ASP XA 49 -85.83 77.98 2.90
N VAL XA 50 -85.24 77.18 2.01
CA VAL XA 50 -85.95 76.69 0.81
C VAL XA 50 -87.17 75.90 1.27
N PRO XA 51 -88.31 76.06 0.61
CA PRO XA 51 -89.54 75.39 1.06
C PRO XA 51 -89.62 73.95 0.58
N ILE XA 52 -90.54 73.21 1.18
CA ILE XA 52 -90.80 71.83 0.79
C ILE XA 52 -91.48 71.82 -0.56
N SER XA 53 -91.14 70.83 -1.40
CA SER XA 53 -91.63 70.78 -2.77
C SER XA 53 -93.13 70.50 -2.84
N GLY XA 54 -93.71 69.91 -1.80
CA GLY XA 54 -95.10 69.54 -1.82
C GLY XA 54 -95.29 68.09 -2.21
N MET XA 55 -94.45 67.63 -3.15
CA MET XA 55 -94.37 66.20 -3.45
C MET XA 55 -93.76 65.42 -2.30
N ARG XA 56 -92.80 66.02 -1.58
CA ARG XA 56 -92.21 65.40 -0.39
C ARG XA 56 -93.20 65.26 0.76
N LYS XA 57 -94.24 66.10 0.80
CA LYS XA 57 -95.20 66.05 1.90
C LYS XA 57 -96.04 64.78 1.84
N THR XA 58 -96.40 64.34 0.64
CA THR XA 58 -97.15 63.09 0.49
C THR XA 58 -96.31 61.88 0.87
N ILE XA 59 -95.03 61.87 0.51
CA ILE XA 59 -94.15 60.76 0.89
C ILE XA 59 -93.90 60.77 2.40
N ALA XA 60 -93.81 61.96 3.00
CA ALA XA 60 -93.63 62.05 4.45
C ALA XA 60 -94.87 61.55 5.19
N ALA XA 61 -96.06 61.90 4.69
CA ALA XA 61 -97.30 61.40 5.29
C ALA XA 61 -97.45 59.89 5.08
N ARG XA 62 -96.98 59.38 3.94
CA ARG XA 62 -97.06 57.94 3.66
C ARG XA 62 -96.11 57.15 4.57
N LEU XA 63 -94.90 57.65 4.76
CA LEU XA 63 -93.97 56.99 5.69
C LEU XA 63 -94.44 57.11 7.12
N LYS XA 64 -95.13 58.21 7.46
CA LYS XA 64 -95.76 58.34 8.76
C LYS XA 64 -96.85 57.29 8.96
N GLU XA 65 -97.69 57.09 7.94
CA GLU XA 65 -98.71 56.03 7.97
C GLU XA 65 -98.09 54.66 8.15
N SER XA 66 -96.97 54.42 7.44
CA SER XA 66 -96.29 53.14 7.52
C SER XA 66 -95.73 52.86 8.91
N VAL XA 67 -95.06 53.83 9.50
CA VAL XA 67 -94.46 53.61 10.82
C VAL XA 67 -95.50 53.66 11.93
N THR XA 68 -96.67 54.26 11.67
CA THR XA 68 -97.63 54.35 12.76
C THR XA 68 -98.68 53.24 12.69
N GLU XA 69 -98.80 52.55 11.55
CA GLU XA 69 -99.80 51.50 11.47
C GLU XA 69 -99.14 50.13 11.33
N ASN XA 70 -97.86 50.11 10.95
CA ASN XA 70 -97.13 48.86 10.81
C ASN XA 70 -96.09 48.74 11.92
N PRO XA 71 -96.29 47.89 12.93
CA PRO XA 71 -95.21 47.62 13.88
C PRO XA 71 -94.12 46.78 13.25
N HIS XA 72 -93.01 47.41 12.88
CA HIS XA 72 -91.95 46.74 12.16
C HIS XA 72 -91.09 45.89 13.08
N PHE XA 73 -90.57 44.80 12.55
CA PHE XA 73 -89.49 44.08 13.19
C PHE XA 73 -88.55 43.56 12.12
N PHE XA 74 -87.25 43.60 12.40
CA PHE XA 74 -86.22 43.29 11.44
C PHE XA 74 -85.64 41.91 11.70
N VAL XA 75 -85.33 41.19 10.62
CA VAL XA 75 -84.63 39.91 10.68
C VAL XA 75 -83.41 40.02 9.77
N SER XA 76 -82.22 39.83 10.32
CA SER XA 76 -80.99 39.98 9.57
C SER XA 76 -80.36 38.62 9.32
N THR XA 77 -79.66 38.51 8.19
CA THR XA 77 -78.96 37.29 7.83
C THR XA 77 -77.76 37.65 6.97
N ASN XA 78 -76.88 36.69 6.76
CA ASN XA 78 -75.71 36.84 5.90
C ASN XA 78 -75.77 35.79 4.82
N LEU XA 79 -75.95 36.21 3.58
CA LEU XA 79 -76.01 35.32 2.44
C LEU XA 79 -74.62 35.19 1.82
N SER XA 80 -74.19 33.95 1.57
CA SER XA 80 -72.96 33.71 0.85
C SER XA 80 -73.23 33.69 -0.64
N VAL XA 81 -72.54 34.55 -1.38
CA VAL XA 81 -72.79 34.75 -2.80
C VAL XA 81 -71.59 34.34 -3.65
N SER XA 82 -70.69 33.52 -3.09
CA SER XA 82 -69.49 33.10 -3.82
C SER XA 82 -69.82 32.16 -4.97
N LYS XA 83 -70.90 31.38 -4.84
CA LYS XA 83 -71.37 30.54 -5.94
C LYS XA 83 -72.30 31.31 -6.88
N LEU XA 84 -73.04 32.28 -6.34
CA LEU XA 84 -73.92 33.10 -7.16
C LEU XA 84 -73.13 33.98 -8.11
N LEU XA 85 -71.97 34.49 -7.66
CA LEU XA 85 -71.12 35.28 -8.53
C LEU XA 85 -70.47 34.42 -9.62
N LYS XA 86 -70.14 33.17 -9.30
CA LYS XA 86 -69.60 32.27 -10.31
C LYS XA 86 -70.65 31.90 -11.35
N LEU XA 87 -71.89 31.68 -10.91
CA LEU XA 87 -72.98 31.40 -11.86
C LEU XA 87 -73.27 32.61 -12.73
N ARG XA 88 -73.22 33.82 -12.15
CA ARG XA 88 -73.44 35.03 -12.93
C ARG XA 88 -72.31 35.26 -13.93
N GLN XA 89 -71.07 34.95 -13.54
CA GLN XA 89 -69.93 35.10 -14.43
C GLN XA 89 -70.02 34.12 -15.59
N ALA XA 90 -70.44 32.88 -15.32
CA ALA XA 90 -70.59 31.89 -16.38
C ALA XA 90 -71.72 32.26 -17.33
N LEU XA 91 -72.85 32.72 -16.79
CA LEU XA 91 -73.99 33.07 -17.64
C LEU XA 91 -73.72 34.34 -18.43
N ASN XA 92 -72.86 35.23 -17.91
CA ASN XA 92 -72.50 36.42 -18.67
C ASN XA 92 -71.44 36.12 -19.72
N SER XA 93 -70.53 35.18 -19.43
CA SER XA 93 -69.50 34.84 -20.40
C SER XA 93 -70.06 34.01 -21.55
N SER XA 94 -71.10 33.21 -21.29
CA SER XA 94 -71.75 32.44 -22.34
C SER XA 94 -72.87 33.23 -23.01
N ALA XA 95 -72.48 34.35 -23.62
CA ALA XA 95 -73.43 35.23 -24.29
C ALA XA 95 -72.71 35.99 -25.40
N ASP XA 96 -73.50 36.60 -26.27
CA ASP XA 96 -72.99 37.41 -27.38
C ASP XA 96 -73.44 38.86 -27.24
N GLY XA 97 -73.55 39.35 -26.00
CA GLY XA 97 -74.10 40.67 -25.77
C GLY XA 97 -75.61 40.72 -25.79
N ARG XA 98 -76.29 39.58 -25.68
CA ARG XA 98 -77.76 39.58 -25.67
C ARG XA 98 -78.31 40.07 -24.33
N TYR XA 99 -77.59 39.80 -23.24
CA TYR XA 99 -78.07 40.16 -21.92
C TYR XA 99 -76.88 40.48 -21.03
N LYS XA 100 -77.17 41.03 -19.85
CA LYS XA 100 -76.17 41.31 -18.83
C LYS XA 100 -76.83 41.09 -17.48
N LEU XA 101 -76.32 40.13 -16.72
CA LEU XA 101 -76.94 39.73 -15.47
C LEU XA 101 -76.29 40.44 -14.28
N SER XA 102 -77.10 40.71 -13.27
CA SER XA 102 -76.66 41.32 -12.03
C SER XA 102 -77.12 40.48 -10.85
N VAL XA 103 -76.71 40.89 -9.65
CA VAL XA 103 -77.07 40.16 -8.44
C VAL XA 103 -78.54 40.40 -8.10
N ASN XA 104 -79.08 41.55 -8.52
CA ASN XA 104 -80.47 41.89 -8.24
C ASN XA 104 -81.45 40.97 -8.96
N ASP XA 105 -81.04 40.41 -10.10
CA ASP XA 105 -81.89 39.45 -10.82
C ASP XA 105 -82.04 38.16 -10.03
N PHE XA 106 -80.93 37.63 -9.52
CA PHE XA 106 -80.97 36.43 -8.67
C PHE XA 106 -81.72 36.71 -7.38
N LEU XA 107 -81.58 37.92 -6.84
CA LEU XA 107 -82.28 38.26 -5.61
C LEU XA 107 -83.79 38.36 -5.82
N ILE XA 108 -84.21 38.93 -6.94
CA ILE XA 108 -85.64 39.05 -7.24
C ILE XA 108 -86.24 37.67 -7.51
N LYS XA 109 -85.51 36.81 -8.23
CA LYS XA 109 -85.99 35.44 -8.47
C LYS XA 109 -86.06 34.63 -7.17
N ALA XA 110 -85.07 34.80 -6.28
CA ALA XA 110 -85.09 34.09 -5.00
C ALA XA 110 -86.19 34.61 -4.10
N MET XA 111 -86.49 35.92 -4.18
CA MET XA 111 -87.62 36.47 -3.45
C MET XA 111 -88.94 35.92 -3.95
N GLY XA 112 -89.06 35.72 -5.26
CA GLY XA 112 -90.26 35.10 -5.80
C GLY XA 112 -90.43 33.65 -5.36
N ILE XA 113 -89.32 32.90 -5.36
CA ILE XA 113 -89.35 31.51 -4.92
C ILE XA 113 -89.70 31.41 -3.44
N ALA XA 114 -89.10 32.28 -2.62
CA ALA XA 114 -89.36 32.26 -1.19
C ALA XA 114 -90.78 32.73 -0.85
N SER XA 115 -91.31 33.69 -1.58
CA SER XA 115 -92.68 34.13 -1.35
C SER XA 115 -93.69 33.12 -1.86
N LYS XA 116 -93.33 32.31 -2.86
CA LYS XA 116 -94.20 31.21 -3.26
C LYS XA 116 -94.17 30.08 -2.25
N ARG XA 117 -93.01 29.81 -1.64
CA ARG XA 117 -92.93 28.76 -0.64
C ARG XA 117 -93.57 29.15 0.69
N VAL XA 118 -93.43 30.40 1.12
CA VAL XA 118 -94.09 30.90 2.32
C VAL XA 118 -95.09 31.98 1.89
N PRO XA 119 -96.35 31.62 1.64
CA PRO XA 119 -97.30 32.60 1.10
C PRO XA 119 -97.86 33.57 2.13
N THR XA 120 -97.52 33.42 3.42
CA THR XA 120 -98.02 34.35 4.43
C THR XA 120 -97.37 35.72 4.31
N VAL XA 121 -96.10 35.76 3.88
CA VAL XA 121 -95.41 37.03 3.71
C VAL XA 121 -95.95 37.79 2.51
N ASN XA 122 -96.45 37.08 1.49
CA ASN XA 122 -97.02 37.71 0.30
C ASN XA 122 -98.48 38.04 0.58
N SER XA 123 -98.69 39.07 1.38
CA SER XA 123 -100.04 39.46 1.80
C SER XA 123 -100.06 40.95 2.07
N SER XA 124 -101.17 41.43 2.63
CA SER XA 124 -101.38 42.84 2.94
C SER XA 124 -102.28 42.93 4.16
N TRP XA 125 -102.88 44.11 4.37
CA TRP XA 125 -103.78 44.34 5.48
C TRP XA 125 -104.89 45.27 5.02
N ARG XA 126 -106.12 44.75 5.01
CA ARG XA 126 -107.26 45.42 4.38
C ARG XA 126 -108.42 45.55 5.37
N ASP XA 127 -109.62 45.88 4.89
CA ASP XA 127 -110.77 46.15 5.74
C ASP XA 127 -111.23 44.88 6.41
N GLY XA 128 -110.68 44.60 7.59
CA GLY XA 128 -111.02 43.42 8.36
C GLY XA 128 -110.62 42.11 7.72
N VAL XA 129 -109.66 42.12 6.80
CA VAL XA 129 -109.40 40.99 5.92
C VAL XA 129 -107.95 41.05 5.46
N ILE XA 130 -107.38 39.86 5.24
CA ILE XA 130 -106.02 39.69 4.75
C ILE XA 130 -106.10 39.34 3.28
N ARG XA 131 -105.50 40.17 2.42
CA ARG XA 131 -105.53 39.92 0.98
C ARG XA 131 -104.25 39.18 0.58
N GLN XA 132 -104.41 37.94 0.12
CA GLN XA 132 -103.30 37.06 -0.21
C GLN XA 132 -103.28 36.83 -1.72
N PHE XA 133 -102.16 37.17 -2.35
CA PHE XA 133 -101.97 37.04 -3.79
C PHE XA 133 -101.32 35.71 -4.14
N GLU XA 134 -101.43 35.34 -5.42
CA GLU XA 134 -100.72 34.18 -5.95
C GLU XA 134 -99.35 34.55 -6.51
N THR XA 135 -99.31 35.49 -7.45
CA THR XA 135 -98.07 35.88 -8.09
C THR XA 135 -97.28 36.85 -7.21
N VAL XA 136 -95.97 36.86 -7.40
CA VAL XA 136 -95.07 37.74 -6.67
C VAL XA 136 -94.77 38.92 -7.58
N ASP XA 137 -95.26 40.10 -7.21
CA ASP XA 137 -94.98 41.34 -7.92
C ASP XA 137 -93.98 42.12 -7.08
N VAL XA 138 -92.78 42.31 -7.62
CA VAL XA 138 -91.65 42.84 -6.85
C VAL XA 138 -91.43 44.30 -7.23
N SER XA 139 -91.53 45.19 -6.26
CA SER XA 139 -91.26 46.61 -6.47
C SER XA 139 -89.78 46.87 -6.22
N VAL XA 140 -89.09 47.42 -7.23
CA VAL XA 140 -87.66 47.67 -7.14
C VAL XA 140 -87.45 49.18 -7.02
N ALA XA 141 -86.67 49.58 -6.02
CA ALA XA 141 -86.43 51.00 -5.78
C ALA XA 141 -85.36 51.53 -6.74
N VAL XA 142 -85.68 52.62 -7.42
CA VAL XA 142 -84.76 53.27 -8.34
C VAL XA 142 -84.46 54.67 -7.80
N ALA XA 143 -83.17 54.98 -7.69
CA ALA XA 143 -82.72 56.26 -7.12
C ALA XA 143 -82.61 57.27 -8.25
N THR XA 144 -83.57 58.19 -8.31
CA THR XA 144 -83.62 59.30 -9.22
C THR XA 144 -83.29 60.61 -8.49
N PRO XA 145 -82.81 61.65 -9.19
CA PRO XA 145 -82.52 62.92 -8.50
C PRO XA 145 -83.75 63.62 -7.94
N ASN XA 146 -84.96 63.22 -8.36
CA ASN XA 146 -86.21 63.65 -7.75
C ASN XA 146 -86.68 62.68 -6.66
N GLY XA 147 -85.76 61.97 -6.02
CA GLY XA 147 -86.11 61.16 -4.86
C GLY XA 147 -86.12 59.66 -5.07
N LEU XA 148 -87.29 59.04 -4.90
CA LEU XA 148 -87.39 57.59 -4.93
C LEU XA 148 -88.66 57.18 -5.65
N ILE XA 149 -88.55 56.15 -6.49
CA ILE XA 149 -89.70 55.56 -7.17
C ILE XA 149 -89.53 54.05 -7.13
N THR XA 150 -90.65 53.32 -7.16
CA THR XA 150 -90.64 51.86 -7.09
C THR XA 150 -91.46 51.29 -8.25
N PRO XA 151 -90.85 51.11 -9.43
CA PRO XA 151 -91.52 50.36 -10.49
C PRO XA 151 -91.59 48.88 -10.16
N ILE XA 152 -92.61 48.22 -10.70
CA ILE XA 152 -92.97 46.86 -10.32
C ILE XA 152 -92.66 45.91 -11.46
N VAL XA 153 -91.99 44.80 -11.14
CA VAL XA 153 -91.83 43.66 -12.03
C VAL XA 153 -92.95 42.69 -11.69
N LYS XA 154 -93.83 42.44 -12.66
CA LYS XA 154 -95.01 41.61 -12.45
C LYS XA 154 -94.74 40.17 -12.84
N GLY XA 155 -95.26 39.25 -12.04
CA GLY XA 155 -95.14 37.82 -12.30
C GLY XA 155 -93.71 37.32 -12.26
N VAL XA 156 -93.08 37.42 -11.09
CA VAL XA 156 -91.65 37.15 -10.96
C VAL XA 156 -91.38 35.65 -11.05
N GLU XA 157 -92.16 34.83 -10.34
CA GLU XA 157 -91.97 33.40 -10.40
C GLU XA 157 -92.42 32.88 -11.76
N GLY XA 158 -91.61 32.01 -12.36
CA GLY XA 158 -91.83 31.55 -13.71
C GLY XA 158 -91.72 32.64 -14.77
N LYS XA 159 -90.66 33.43 -14.73
CA LYS XA 159 -90.50 34.51 -15.72
C LYS XA 159 -89.20 34.41 -16.50
N GLY XA 160 -88.09 34.09 -15.85
CA GLY XA 160 -86.82 34.03 -16.54
C GLY XA 160 -85.92 35.19 -16.17
N LEU XA 161 -84.62 34.89 -16.04
CA LEU XA 161 -83.66 35.87 -15.57
C LEU XA 161 -83.40 36.95 -16.62
N GLU XA 162 -83.44 36.58 -17.90
CA GLU XA 162 -83.25 37.56 -18.95
C GLU XA 162 -84.44 38.50 -19.06
N SER XA 163 -85.65 37.96 -18.85
CA SER XA 163 -86.85 38.79 -18.83
C SER XA 163 -86.85 39.72 -17.63
N ILE XA 164 -86.37 39.24 -16.48
CA ILE XA 164 -86.28 40.07 -15.28
C ILE XA 164 -85.26 41.19 -15.49
N SER XA 165 -84.11 40.86 -16.08
CA SER XA 165 -83.07 41.86 -16.36
C SER XA 165 -83.55 42.91 -17.35
N ALA XA 166 -84.28 42.46 -18.38
CA ALA XA 166 -84.81 43.39 -19.38
C ALA XA 166 -85.85 44.32 -18.77
N ALA XA 167 -86.74 43.78 -17.95
CA ALA XA 167 -87.78 44.60 -17.33
C ALA XA 167 -87.19 45.59 -16.32
N VAL XA 168 -86.18 45.15 -15.57
CA VAL XA 168 -85.52 46.04 -14.61
C VAL XA 168 -84.77 47.16 -15.33
N LYS XA 169 -84.11 46.85 -16.45
CA LYS XA 169 -83.40 47.88 -17.21
C LYS XA 169 -84.38 48.87 -17.85
N GLU XA 170 -85.46 48.36 -18.43
CA GLU XA 170 -86.53 49.21 -18.99
C GLU XA 170 -87.10 50.15 -17.95
N LEU XA 171 -87.49 49.61 -16.79
CA LEU XA 171 -88.12 50.44 -15.76
C LEU XA 171 -87.14 51.41 -15.13
N ALA XA 172 -85.86 51.03 -15.02
CA ALA XA 172 -84.86 51.93 -14.45
C ALA XA 172 -84.56 53.10 -15.39
N LYS XA 173 -84.41 52.82 -16.69
CA LYS XA 173 -84.12 53.91 -17.62
C LYS XA 173 -85.34 54.80 -17.82
N LYS XA 174 -86.55 54.22 -17.71
CA LYS XA 174 -87.75 55.06 -17.78
C LYS XA 174 -87.96 55.83 -16.49
N ALA XA 175 -87.43 55.34 -15.37
CA ALA XA 175 -87.48 56.11 -14.13
C ALA XA 175 -86.49 57.26 -14.17
N ARG XA 176 -85.35 57.06 -14.82
CA ARG XA 176 -84.40 58.15 -14.99
C ARG XA 176 -84.91 59.19 -15.98
N ASP XA 177 -85.66 58.77 -17.01
CA ASP XA 177 -86.28 59.73 -17.91
C ASP XA 177 -87.60 60.30 -17.41
N GLY XA 178 -88.20 59.70 -16.37
CA GLY XA 178 -89.43 60.22 -15.79
C GLY XA 178 -90.65 60.04 -16.66
N LYS XA 179 -90.88 58.82 -17.16
CA LYS XA 179 -91.92 58.55 -18.15
C LYS XA 179 -92.77 57.36 -17.74
N LEU XA 180 -93.30 57.38 -16.52
CA LEU XA 180 -94.05 56.24 -15.97
C LEU XA 180 -95.53 56.53 -15.91
N LYS XA 181 -96.33 55.47 -16.00
CA LYS XA 181 -97.75 55.37 -15.74
C LYS XA 181 -97.97 55.00 -14.28
N PRO XA 182 -99.08 55.45 -13.66
CA PRO XA 182 -99.32 55.12 -12.25
C PRO XA 182 -99.54 53.64 -11.97
N GLU XA 183 -99.98 52.88 -12.98
CA GLU XA 183 -100.11 51.43 -12.84
C GLU XA 183 -98.76 50.72 -12.85
N GLU XA 184 -97.68 51.41 -13.19
CA GLU XA 184 -96.35 50.81 -13.17
C GLU XA 184 -95.63 50.98 -11.84
N TYR XA 185 -96.10 51.89 -10.96
CA TYR XA 185 -95.46 52.06 -9.67
C TYR XA 185 -96.49 52.12 -8.53
N GLN XA 186 -97.74 51.75 -8.81
CA GLN XA 186 -98.77 51.68 -7.77
C GLN XA 186 -99.27 50.25 -7.69
N GLY XA 187 -98.89 49.55 -6.63
CA GLY XA 187 -99.28 48.16 -6.45
C GLY XA 187 -98.17 47.34 -5.82
N GLY XA 188 -97.97 46.12 -6.32
CA GLY XA 188 -96.92 45.26 -5.81
C GLY XA 188 -97.27 44.54 -4.52
N SER XA 189 -96.61 43.41 -4.27
CA SER XA 189 -96.83 42.64 -3.06
C SER XA 189 -95.63 42.60 -2.13
N ILE XA 190 -94.43 42.88 -2.64
CA ILE XA 190 -93.21 42.90 -1.83
C ILE XA 190 -92.22 43.84 -2.50
N SER XA 191 -91.30 44.40 -1.71
CA SER XA 191 -90.35 45.40 -2.17
C SER XA 191 -88.93 44.94 -1.89
N ILE XA 192 -87.97 45.64 -2.50
CA ILE XA 192 -86.55 45.39 -2.27
C ILE XA 192 -85.79 46.71 -2.48
N SER XA 193 -84.91 47.01 -1.54
CA SER XA 193 -84.05 48.18 -1.62
C SER XA 193 -82.61 47.72 -1.77
N ASN XA 194 -81.91 48.24 -2.76
CA ASN XA 194 -80.60 47.78 -3.16
C ASN XA 194 -79.59 48.89 -2.94
N MET XA 195 -78.51 48.58 -2.22
CA MET XA 195 -77.43 49.53 -1.97
C MET XA 195 -76.07 48.86 -2.13
N GLY XA 196 -75.92 48.03 -3.17
CA GLY XA 196 -74.65 47.37 -3.41
C GLY XA 196 -73.63 48.23 -4.12
N MET XA 197 -74.06 49.32 -4.74
CA MET XA 197 -73.13 50.20 -5.44
C MET XA 197 -72.31 51.03 -4.45
N ASN XA 198 -72.83 51.23 -3.24
CA ASN XA 198 -72.12 51.93 -2.19
C ASN XA 198 -71.40 50.90 -1.33
N PRO XA 199 -70.06 50.87 -1.35
CA PRO XA 199 -69.33 49.86 -0.56
C PRO XA 199 -69.27 50.16 0.93
N ALA XA 200 -69.74 51.32 1.37
CA ALA XA 200 -69.68 51.66 2.79
C ALA XA 200 -70.83 51.04 3.56
N VAL XA 201 -71.98 50.85 2.92
CA VAL XA 201 -73.19 50.39 3.60
C VAL XA 201 -73.05 48.90 3.87
N GLN XA 202 -72.68 48.54 5.09
CA GLN XA 202 -72.63 47.14 5.47
C GLN XA 202 -74.03 46.59 5.72
N SER XA 203 -74.90 47.39 6.34
CA SER XA 203 -76.25 46.97 6.66
C SER XA 203 -77.11 48.20 6.81
N PHE XA 204 -78.38 48.08 6.41
CA PHE XA 204 -79.34 49.15 6.61
C PHE XA 204 -80.74 48.56 6.67
N THR XA 205 -81.67 49.32 7.26
CA THR XA 205 -83.07 48.96 7.31
C THR XA 205 -83.87 49.87 6.39
N ALA XA 206 -85.07 49.42 6.04
CA ALA XA 206 -85.95 50.18 5.17
C ALA XA 206 -87.34 50.25 5.80
N ILE XA 207 -88.13 51.18 5.28
CA ILE XA 207 -89.51 51.38 5.74
C ILE XA 207 -90.44 50.70 4.74
N ILE XA 208 -91.41 49.95 5.28
CA ILE XA 208 -92.31 49.18 4.43
C ILE XA 208 -93.27 50.10 3.70
N ASN XA 209 -93.33 49.98 2.39
CA ASN XA 209 -94.28 50.75 1.59
C ASN XA 209 -95.68 50.18 1.81
N PRO XA 210 -96.64 51.00 2.26
CA PRO XA 210 -97.99 50.50 2.46
C PRO XA 210 -98.69 50.30 1.12
N PRO XA 211 -99.59 49.32 1.02
CA PRO XA 211 -100.02 48.39 2.08
C PRO XA 211 -99.31 47.04 2.07
N GLN XA 212 -98.04 46.99 1.67
CA GLN XA 212 -97.34 45.72 1.64
C GLN XA 212 -96.95 45.28 3.05
N ALA XA 213 -96.45 44.05 3.14
CA ALA XA 213 -96.17 43.44 4.43
C ALA XA 213 -94.69 43.28 4.75
N ALA XA 214 -93.81 43.35 3.75
CA ALA XA 214 -92.39 43.14 3.99
C ALA XA 214 -91.58 43.98 3.02
N ILE XA 215 -90.33 44.24 3.40
CA ILE XA 215 -89.38 44.92 2.50
C ILE XA 215 -88.00 44.33 2.76
N LEU XA 216 -87.22 44.20 1.68
CA LEU XA 216 -85.87 43.66 1.78
C LEU XA 216 -84.86 44.81 1.69
N ALA XA 217 -83.69 44.61 2.29
CA ALA XA 217 -82.61 45.60 2.26
C ALA XA 217 -81.30 44.85 2.14
N VAL XA 218 -80.51 45.18 1.11
CA VAL XA 218 -79.33 44.41 0.75
C VAL XA 218 -78.10 45.29 0.87
N GLY XA 219 -77.13 44.87 1.69
CA GLY XA 219 -75.93 45.67 1.91
C GLY XA 219 -74.80 45.26 1.00
N ALA XA 220 -73.72 46.04 1.07
CA ALA XA 220 -72.54 45.81 0.24
C ALA XA 220 -71.85 44.50 0.64
N PRO XA 221 -71.31 43.78 -0.34
CA PRO XA 221 -70.57 42.55 -0.01
C PRO XA 221 -69.21 42.86 0.61
N GLN XA 222 -68.82 41.98 1.53
CA GLN XA 222 -67.56 42.08 2.24
C GLN XA 222 -66.92 40.70 2.38
N LYS XA 223 -65.61 40.67 2.61
CA LYS XA 223 -64.89 39.41 2.81
C LYS XA 223 -64.94 39.02 4.27
N VAL XA 224 -65.50 37.84 4.55
CA VAL XA 224 -65.62 37.31 5.91
C VAL XA 224 -64.83 36.01 6.00
N ALA XA 225 -64.04 35.86 7.06
CA ALA XA 225 -63.27 34.65 7.27
C ALA XA 225 -64.18 33.49 7.66
N VAL XA 226 -64.08 32.39 6.90
CA VAL XA 226 -64.94 31.23 7.07
C VAL XA 226 -64.04 29.99 7.19
N PRO XA 227 -64.27 29.12 8.17
CA PRO XA 227 -63.39 27.96 8.34
C PRO XA 227 -63.56 26.92 7.24
N VAL XA 228 -62.48 26.21 6.97
CA VAL XA 228 -62.45 25.19 5.92
C VAL XA 228 -61.55 24.05 6.39
N GLU XA 229 -61.95 22.82 6.08
CA GLU XA 229 -61.10 21.66 6.31
C GLU XA 229 -60.24 21.46 5.08
N ASN XA 230 -58.96 21.15 5.28
CA ASN XA 230 -58.13 20.65 4.21
C ASN XA 230 -58.34 19.14 4.13
N GLU XA 231 -57.53 18.46 3.31
CA GLU XA 231 -57.62 17.01 3.22
C GLU XA 231 -56.90 16.30 4.36
N ASP XA 232 -56.36 17.04 5.33
CA ASP XA 232 -55.92 16.49 6.60
C ASP XA 232 -56.82 17.02 7.72
N GLY XA 233 -56.47 16.69 8.95
CA GLY XA 233 -57.37 16.92 10.08
C GLY XA 233 -57.52 18.37 10.53
N THR XA 234 -56.59 19.25 10.16
CA THR XA 234 -56.60 20.60 10.71
C THR XA 234 -57.60 21.48 9.98
N THR XA 235 -57.97 22.59 10.63
CA THR XA 235 -58.85 23.58 10.03
C THR XA 235 -58.04 24.71 9.41
N GLY XA 236 -58.69 25.48 8.53
CA GLY XA 236 -58.02 26.56 7.82
C GLY XA 236 -58.86 27.82 7.80
N VAL XA 237 -58.36 28.80 7.06
CA VAL XA 237 -59.05 30.08 6.87
C VAL XA 237 -59.35 30.22 5.38
N SER XA 238 -60.63 30.29 5.04
CA SER XA 238 -61.08 30.61 3.70
C SER XA 238 -61.81 31.94 3.73
N TRP XA 239 -61.75 32.66 2.62
CA TRP XA 239 -62.35 33.98 2.52
C TRP XA 239 -63.61 33.89 1.67
N ASP XA 240 -64.75 34.16 2.29
CA ASP XA 240 -66.06 34.04 1.66
C ASP XA 240 -66.67 35.41 1.44
N GLU XA 241 -67.34 35.58 0.31
CA GLU XA 241 -68.03 36.83 -0.01
C GLU XA 241 -69.42 36.77 0.61
N GLN XA 242 -69.67 37.59 1.62
CA GLN XA 242 -70.95 37.60 2.31
C GLN XA 242 -71.65 38.93 2.13
N ILE XA 243 -72.99 38.87 2.15
CA ILE XA 243 -73.85 40.04 1.98
C ILE XA 243 -74.85 40.04 3.13
N ILE XA 244 -74.94 41.16 3.84
CA ILE XA 244 -75.87 41.29 4.95
C ILE XA 244 -77.22 41.72 4.38
N VAL XA 245 -78.24 40.91 4.65
CA VAL XA 245 -79.59 41.12 4.15
C VAL XA 245 -80.52 41.29 5.34
N THR XA 246 -81.21 42.43 5.40
CA THR XA 246 -82.15 42.74 6.48
C THR XA 246 -83.55 42.82 5.90
N ALA XA 247 -84.46 42.01 6.42
CA ALA XA 247 -85.85 42.01 5.99
C ALA XA 247 -86.71 42.59 7.10
N SER XA 248 -87.45 43.64 6.77
CA SER XA 248 -88.35 44.30 7.70
C SER XA 248 -89.76 43.79 7.45
N PHE XA 249 -90.38 43.23 8.48
CA PHE XA 249 -91.73 42.67 8.41
C PHE XA 249 -92.69 43.47 9.27
N ASP XA 250 -93.97 43.38 8.90
CA ASP XA 250 -95.07 43.94 9.67
C ASP XA 250 -95.62 42.84 10.56
N HIS XA 251 -95.74 43.13 11.86
CA HIS XA 251 -96.10 42.09 12.82
C HIS XA 251 -97.59 41.79 12.85
N LYS XA 252 -98.41 42.59 12.17
CA LYS XA 252 -99.84 42.28 12.12
C LYS XA 252 -100.11 41.10 11.19
N VAL XA 253 -99.27 40.90 10.18
CA VAL XA 253 -99.44 39.84 9.20
C VAL XA 253 -98.43 38.71 9.41
N VAL XA 254 -97.16 39.06 9.57
CA VAL XA 254 -96.06 38.10 9.62
C VAL XA 254 -95.54 38.03 11.05
N ASP XA 255 -95.47 36.82 11.61
CA ASP XA 255 -94.82 36.63 12.89
C ASP XA 255 -93.34 36.33 12.70
N GLY XA 256 -92.64 36.18 13.83
CA GLY XA 256 -91.20 36.00 13.78
C GLY XA 256 -90.79 34.65 13.22
N ALA XA 257 -91.57 33.61 13.51
CA ALA XA 257 -91.29 32.29 12.94
C ALA XA 257 -91.54 32.24 11.45
N VAL XA 258 -92.57 32.94 10.97
CA VAL XA 258 -92.86 33.00 9.54
C VAL XA 258 -91.77 33.80 8.82
N GLY XA 259 -91.32 34.90 9.42
CA GLY XA 259 -90.23 35.66 8.84
C GLY XA 259 -88.91 34.90 8.84
N ALA XA 260 -88.69 34.08 9.87
CA ALA XA 260 -87.49 33.25 9.93
C ALA XA 260 -87.53 32.14 8.90
N GLU XA 261 -88.72 31.56 8.66
CA GLU XA 261 -88.85 30.56 7.59
C GLU XA 261 -88.64 31.18 6.21
N TRP XA 262 -89.17 32.39 5.99
CA TRP XA 262 -88.96 33.08 4.73
C TRP XA 262 -87.48 33.40 4.52
N ILE XA 263 -86.80 33.86 5.57
CA ILE XA 263 -85.36 34.15 5.49
C ILE XA 263 -84.57 32.88 5.26
N ARG XA 264 -84.98 31.76 5.87
CA ARG XA 264 -84.28 30.49 5.68
C ARG XA 264 -84.43 29.96 4.27
N GLU XA 265 -85.63 30.08 3.69
CA GLU XA 265 -85.83 29.63 2.31
C GLU XA 265 -85.10 30.53 1.33
N LEU XA 266 -85.06 31.84 1.59
CA LEU XA 266 -84.30 32.77 0.75
C LEU XA 266 -82.80 32.46 0.81
N LYS XA 267 -82.29 32.17 2.02
CA LYS XA 267 -80.89 31.82 2.19
C LYS XA 267 -80.56 30.49 1.52
N LYS XA 268 -81.49 29.54 1.55
CA LYS XA 268 -81.29 28.24 0.89
C LYS XA 268 -81.20 28.41 -0.62
N VAL XA 269 -82.14 29.16 -1.20
CA VAL XA 269 -82.16 29.37 -2.65
C VAL XA 269 -80.95 30.21 -3.10
N ILE XA 270 -80.48 31.13 -2.26
CA ILE XA 270 -79.31 31.93 -2.63
C ILE XA 270 -78.02 31.12 -2.53
N GLU XA 271 -77.83 30.41 -1.42
CA GLU XA 271 -76.59 29.66 -1.22
C GLU XA 271 -76.54 28.35 -2.00
N ASN XA 272 -77.66 27.89 -2.55
CA ASN XA 272 -77.67 26.79 -3.52
C ASN XA 272 -78.27 27.33 -4.80
N PRO XA 273 -77.45 27.85 -5.71
CA PRO XA 273 -77.99 28.56 -6.88
C PRO XA 273 -78.62 27.64 -7.92
N LEU XA 274 -78.43 26.33 -7.82
CA LEU XA 274 -79.10 25.41 -8.73
C LEU XA 274 -80.57 25.21 -8.39
N GLU XA 275 -81.01 25.67 -7.20
CA GLU XA 275 -82.41 25.58 -6.82
C GLU XA 275 -83.28 26.66 -7.46
N LEU XA 276 -82.68 27.58 -8.22
CA LEU XA 276 -83.46 28.56 -8.97
C LEU XA 276 -84.17 27.94 -10.16
N LEU XA 277 -83.73 26.75 -10.60
CA LEU XA 277 -84.44 26.02 -11.64
C LEU XA 277 -85.80 25.54 -11.14
N LEU XA 278 -85.83 25.01 -9.93
CA LEU XA 278 -87.06 24.48 -9.34
C LEU XA 278 -87.92 25.62 -8.81
N TYR YA 47 103.23 -46.57 10.14
CA TYR YA 47 103.32 -46.56 11.60
C TYR YA 47 103.03 -47.95 12.14
N THR YA 48 101.74 -48.29 12.23
CA THR YA 48 101.34 -49.62 12.63
C THR YA 48 101.36 -50.55 11.42
N ASP YA 49 102.10 -51.65 11.54
CA ASP YA 49 102.49 -52.51 10.44
C ASP YA 49 102.12 -53.95 10.74
N VAL YA 50 100.84 -54.18 11.05
CA VAL YA 50 100.29 -55.54 11.20
C VAL YA 50 100.47 -56.28 9.87
N PRO YA 51 100.86 -57.55 9.90
CA PRO YA 51 101.15 -58.27 8.65
C PRO YA 51 99.88 -58.82 8.01
N ILE YA 52 100.02 -59.23 6.76
CA ILE YA 52 98.93 -59.84 6.01
C ILE YA 52 98.66 -61.23 6.58
N SER YA 53 97.38 -61.61 6.63
CA SER YA 53 97.00 -62.87 7.27
C SER YA 53 97.48 -64.09 6.48
N GLY YA 54 97.75 -63.94 5.19
CA GLY YA 54 98.15 -65.07 4.37
C GLY YA 54 96.95 -65.63 3.61
N MET YA 55 95.80 -65.64 4.27
CA MET YA 55 94.54 -65.95 3.60
C MET YA 55 94.15 -64.84 2.62
N ARG YA 56 94.45 -63.59 2.95
CA ARG YA 56 94.21 -62.46 2.07
C ARG YA 56 95.07 -62.50 0.81
N LYS YA 57 96.24 -63.16 0.87
CA LYS YA 57 97.14 -63.19 -0.27
C LYS YA 57 96.56 -64.02 -1.42
N THR YA 58 95.86 -65.12 -1.08
CA THR YA 58 95.22 -65.93 -2.10
C THR YA 58 94.06 -65.20 -2.76
N ILE YA 59 93.27 -64.44 -1.98
CA ILE YA 59 92.16 -63.68 -2.56
C ILE YA 59 92.70 -62.53 -3.40
N ALA YA 60 93.83 -61.93 -2.99
CA ALA YA 60 94.44 -60.87 -3.77
C ALA YA 60 94.97 -61.40 -5.10
N ALA YA 61 95.60 -62.58 -5.08
CA ALA YA 61 96.07 -63.20 -6.31
C ALA YA 61 94.91 -63.61 -7.20
N ARG YA 62 93.81 -64.06 -6.59
CA ARG YA 62 92.63 -64.47 -7.37
C ARG YA 62 91.96 -63.27 -8.05
N LEU YA 63 91.84 -62.16 -7.33
CA LEU YA 63 91.28 -60.94 -7.93
C LEU YA 63 92.23 -60.37 -8.98
N LYS YA 64 93.54 -60.55 -8.78
CA LYS YA 64 94.50 -60.18 -9.82
C LYS YA 64 94.32 -61.01 -11.08
N GLU YA 65 94.13 -62.33 -10.92
CA GLU YA 65 93.84 -63.22 -12.06
C GLU YA 65 92.56 -62.79 -12.77
N SER YA 66 91.54 -62.42 -12.00
CA SER YA 66 90.26 -62.01 -12.56
C SER YA 66 90.40 -60.74 -13.39
N VAL YA 67 91.07 -59.72 -12.86
CA VAL YA 67 91.17 -58.46 -13.58
C VAL YA 67 92.19 -58.54 -14.70
N THR YA 68 93.10 -59.52 -14.66
CA THR YA 68 94.11 -59.55 -15.72
C THR YA 68 93.73 -60.52 -16.84
N GLU YA 69 92.79 -61.43 -16.59
CA GLU YA 69 92.43 -62.36 -17.65
C GLU YA 69 91.01 -62.12 -18.14
N ASN YA 70 90.20 -61.39 -17.37
CA ASN YA 70 88.85 -61.07 -17.76
C ASN YA 70 88.73 -59.60 -18.08
N PRO YA 71 88.62 -59.20 -19.36
CA PRO YA 71 88.30 -57.80 -19.67
C PRO YA 71 86.84 -57.48 -19.33
N HIS YA 72 86.65 -56.79 -18.21
CA HIS YA 72 85.30 -56.53 -17.71
C HIS YA 72 84.65 -55.39 -18.48
N PHE YA 73 83.33 -55.48 -18.61
CA PHE YA 73 82.54 -54.32 -19.01
C PHE YA 73 81.22 -54.36 -18.26
N PHE YA 74 80.75 -53.18 -17.86
CA PHE YA 74 79.60 -53.05 -16.99
C PHE YA 74 78.38 -52.61 -17.78
N VAL YA 75 77.22 -53.15 -17.42
CA VAL YA 75 75.93 -52.73 -17.96
C VAL YA 75 75.03 -52.38 -16.79
N SER YA 76 74.55 -51.15 -16.75
CA SER YA 76 73.74 -50.66 -15.64
C SER YA 76 72.29 -50.51 -16.08
N THR YA 77 71.38 -50.71 -15.12
CA THR YA 77 69.96 -50.56 -15.36
C THR YA 77 69.29 -50.15 -14.06
N ASN YA 78 68.03 -49.72 -14.18
CA ASN YA 78 67.22 -49.36 -13.01
C ASN YA 78 65.96 -50.23 -13.03
N LEU YA 79 65.84 -51.10 -12.03
CA LEU YA 79 64.70 -51.99 -11.91
C LEU YA 79 63.67 -51.34 -11.00
N SER YA 80 62.41 -51.32 -11.44
CA SER YA 80 61.32 -50.86 -10.61
C SER YA 80 60.79 -52.04 -9.78
N VAL YA 81 60.79 -51.87 -8.46
CA VAL YA 81 60.45 -52.95 -7.54
C VAL YA 81 59.19 -52.61 -6.74
N SER YA 82 58.37 -51.68 -7.23
CA SER YA 82 57.16 -51.29 -6.51
C SER YA 82 56.10 -52.39 -6.53
N LYS YA 83 56.09 -53.22 -7.56
CA LYS YA 83 55.20 -54.38 -7.59
C LYS YA 83 55.82 -55.58 -6.91
N LEU YA 84 57.16 -55.69 -6.96
CA LEU YA 84 57.86 -56.78 -6.29
C LEU YA 84 57.72 -56.68 -4.78
N LEU YA 85 57.76 -55.45 -4.25
CA LEU YA 85 57.57 -55.26 -2.82
C LEU YA 85 56.13 -55.56 -2.39
N LYS YA 86 55.16 -55.26 -3.25
CA LYS YA 86 53.77 -55.61 -2.95
C LYS YA 86 53.55 -57.11 -2.96
N LEU YA 87 54.17 -57.80 -3.93
CA LEU YA 87 54.07 -59.26 -3.98
C LEU YA 87 54.76 -59.90 -2.77
N ARG YA 88 55.90 -59.34 -2.35
CA ARG YA 88 56.60 -59.86 -1.17
C ARG YA 88 55.78 -59.61 0.09
N GLN YA 89 55.13 -58.45 0.19
CA GLN YA 89 54.30 -58.14 1.34
C GLN YA 89 53.10 -59.06 1.43
N ALA YA 90 52.47 -59.35 0.27
CA ALA YA 90 51.33 -60.27 0.26
C ALA YA 90 51.74 -61.69 0.61
N LEU YA 91 52.88 -62.15 0.07
CA LEU YA 91 53.34 -63.51 0.34
C LEU YA 91 53.83 -63.66 1.78
N ASN YA 92 54.32 -62.57 2.38
CA ASN YA 92 54.72 -62.63 3.79
C ASN YA 92 53.53 -62.53 4.72
N SER YA 93 52.50 -61.77 4.32
CA SER YA 93 51.32 -61.64 5.17
C SER YA 93 50.46 -62.90 5.13
N SER YA 94 50.47 -63.63 4.01
CA SER YA 94 49.74 -64.89 3.90
C SER YA 94 50.60 -66.07 4.36
N ALA YA 95 51.00 -66.03 5.63
CA ALA YA 95 51.83 -67.06 6.21
C ALA YA 95 51.58 -67.13 7.71
N ASP YA 96 52.04 -68.22 8.32
CA ASP YA 96 51.95 -68.43 9.75
C ASP YA 96 53.32 -68.51 10.39
N GLY YA 97 54.28 -67.75 9.87
CA GLY YA 97 55.65 -67.86 10.32
C GLY YA 97 56.43 -69.01 9.72
N ARG YA 98 55.93 -69.60 8.62
CA ARG YA 98 56.64 -70.71 7.99
C ARG YA 98 57.85 -70.21 7.21
N TYR YA 99 57.78 -69.00 6.65
CA TYR YA 99 58.85 -68.49 5.83
C TYR YA 99 58.90 -66.97 5.98
N LYS YA 100 59.98 -66.38 5.46
CA LYS YA 100 60.15 -64.93 5.42
C LYS YA 100 60.89 -64.60 4.13
N LEU YA 101 60.23 -63.84 3.25
CA LEU YA 101 60.77 -63.57 1.92
C LEU YA 101 61.50 -62.23 1.90
N SER YA 102 62.55 -62.16 1.08
CA SER YA 102 63.34 -60.96 0.87
C SER YA 102 63.42 -60.67 -0.62
N VAL YA 103 64.05 -59.54 -0.94
CA VAL YA 103 64.20 -59.13 -2.34
C VAL YA 103 65.24 -60.00 -3.04
N ASN YA 104 66.19 -60.55 -2.28
CA ASN YA 104 67.24 -61.38 -2.84
C ASN YA 104 66.70 -62.70 -3.39
N ASP YA 105 65.58 -63.19 -2.84
CA ASP YA 105 64.96 -64.40 -3.36
C ASP YA 105 64.39 -64.17 -4.75
N PHE YA 106 63.66 -63.07 -4.94
CA PHE YA 106 63.15 -62.70 -6.25
C PHE YA 106 64.27 -62.41 -7.23
N LEU YA 107 65.37 -61.82 -6.74
CA LEU YA 107 66.50 -61.52 -7.61
C LEU YA 107 67.21 -62.79 -8.06
N ILE YA 108 67.36 -63.77 -7.16
CA ILE YA 108 68.01 -65.03 -7.52
C ILE YA 108 67.14 -65.83 -8.48
N LYS YA 109 65.81 -65.83 -8.26
CA LYS YA 109 64.90 -66.51 -9.19
C LYS YA 109 64.88 -65.84 -10.56
N ALA YA 110 64.92 -64.51 -10.59
CA ALA YA 110 64.93 -63.79 -11.87
C ALA YA 110 66.27 -63.98 -12.59
N MET YA 111 67.36 -64.11 -11.84
CA MET YA 111 68.65 -64.43 -12.43
C MET YA 111 68.66 -65.82 -13.04
N GLY YA 112 68.00 -66.78 -12.38
CA GLY YA 112 67.87 -68.11 -12.94
C GLY YA 112 67.04 -68.13 -14.21
N ILE YA 113 65.93 -67.37 -14.23
CA ILE YA 113 65.07 -67.29 -15.40
C ILE YA 113 65.80 -66.62 -16.57
N ALA YA 114 66.54 -65.54 -16.27
CA ALA YA 114 67.27 -64.83 -17.31
C ALA YA 114 68.45 -65.63 -17.84
N SER YA 115 69.13 -66.39 -16.98
CA SER YA 115 70.22 -67.24 -17.45
C SER YA 115 69.73 -68.45 -18.21
N LYS YA 116 68.50 -68.91 -17.93
CA LYS YA 116 67.92 -69.96 -18.75
C LYS YA 116 67.47 -69.43 -20.10
N ARG YA 117 66.97 -68.19 -20.15
CA ARG YA 117 66.55 -67.62 -21.44
C ARG YA 117 67.75 -67.21 -22.31
N VAL YA 118 68.81 -66.69 -21.72
CA VAL YA 118 70.03 -66.36 -22.46
C VAL YA 118 71.15 -67.26 -21.93
N PRO YA 119 71.38 -68.43 -22.54
CA PRO YA 119 72.36 -69.37 -21.98
C PRO YA 119 73.81 -69.03 -22.27
N THR YA 120 74.09 -67.96 -23.04
CA THR YA 120 75.47 -67.59 -23.32
C THR YA 120 76.14 -66.99 -22.09
N VAL YA 121 75.38 -66.31 -21.24
CA VAL YA 121 75.94 -65.73 -20.01
C VAL YA 121 76.26 -66.82 -18.99
N ASN YA 122 75.52 -67.92 -19.02
CA ASN YA 122 75.75 -69.05 -18.10
C ASN YA 122 76.83 -69.95 -18.70
N SER YA 123 78.07 -69.46 -18.65
CA SER YA 123 79.20 -70.17 -19.25
C SER YA 123 80.47 -69.84 -18.47
N SER YA 124 81.61 -70.27 -19.02
CA SER YA 124 82.91 -70.06 -18.41
C SER YA 124 83.95 -69.95 -19.51
N TRP YA 125 85.21 -70.13 -19.16
CA TRP YA 125 86.32 -70.08 -20.11
C TRP YA 125 87.36 -71.11 -19.70
N ARG YA 126 87.56 -72.12 -20.55
CA ARG YA 126 88.34 -73.30 -20.22
C ARG YA 126 89.44 -73.53 -21.27
N ASP YA 127 90.05 -74.71 -21.26
CA ASP YA 127 91.18 -75.02 -22.13
C ASP YA 127 90.73 -75.10 -23.58
N GLY YA 128 90.76 -73.95 -24.27
CA GLY YA 128 90.36 -73.87 -25.66
C GLY YA 128 88.89 -74.14 -25.91
N VAL YA 129 88.04 -73.99 -24.90
CA VAL YA 129 86.68 -74.48 -24.96
C VAL YA 129 85.81 -73.68 -24.00
N ILE YA 130 84.54 -73.51 -24.36
CA ILE YA 130 83.55 -72.81 -23.56
C ILE YA 130 82.68 -73.86 -22.88
N ARG YA 131 82.65 -73.85 -21.55
CA ARG YA 131 81.84 -74.81 -20.81
C ARG YA 131 80.50 -74.20 -20.47
N GLN YA 132 79.43 -74.76 -21.04
CA GLN YA 132 78.08 -74.24 -20.90
C GLN YA 132 77.24 -75.21 -20.08
N PHE YA 133 76.68 -74.71 -18.98
CA PHE YA 133 75.88 -75.50 -18.06
C PHE YA 133 74.39 -75.40 -18.40
N GLU YA 134 73.61 -76.35 -17.87
CA GLU YA 134 72.15 -76.28 -17.96
C GLU YA 134 71.54 -75.54 -16.77
N THR YA 135 71.84 -75.99 -15.56
CA THR YA 135 71.25 -75.41 -14.36
C THR YA 135 71.99 -74.14 -13.97
N VAL YA 136 71.27 -73.25 -13.28
CA VAL YA 136 71.82 -72.00 -12.79
C VAL YA 136 72.19 -72.21 -11.33
N ASP YA 137 73.49 -72.21 -11.03
CA ASP YA 137 73.98 -72.29 -9.66
C ASP YA 137 74.46 -70.90 -9.26
N VAL YA 138 73.79 -70.30 -8.28
CA VAL YA 138 73.98 -68.89 -7.96
C VAL YA 138 74.81 -68.79 -6.68
N SER YA 139 75.96 -68.14 -6.77
CA SER YA 139 76.82 -67.90 -5.63
C SER YA 139 76.41 -66.57 -4.98
N VAL YA 140 76.06 -66.62 -3.69
CA VAL YA 140 75.60 -65.45 -2.96
C VAL YA 140 76.69 -65.03 -1.99
N ALA YA 141 77.05 -63.75 -2.03
CA ALA YA 141 78.12 -63.25 -1.18
C ALA YA 141 77.59 -62.98 0.23
N VAL YA 142 78.29 -63.51 1.22
CA VAL YA 142 77.94 -63.33 2.63
C VAL YA 142 79.08 -62.58 3.31
N ALA YA 143 78.75 -61.48 3.98
CA ALA YA 143 79.75 -60.64 4.63
C ALA YA 143 79.99 -61.13 6.05
N THR YA 144 81.12 -61.80 6.25
CA THR YA 144 81.60 -62.29 7.53
C THR YA 144 82.74 -61.40 8.03
N PRO YA 145 83.00 -61.36 9.35
CA PRO YA 145 84.13 -60.55 9.84
C PRO YA 145 85.50 -61.05 9.40
N ASN YA 146 85.60 -62.28 8.90
CA ASN YA 146 86.79 -62.79 8.23
C ASN YA 146 86.76 -62.57 6.73
N GLY YA 147 86.04 -61.56 6.25
CA GLY YA 147 86.10 -61.18 4.86
C GLY YA 147 84.87 -61.50 4.03
N LEU YA 148 85.03 -62.36 3.02
CA LEU YA 148 83.97 -62.63 2.06
C LEU YA 148 83.96 -64.11 1.71
N ILE YA 149 82.76 -64.68 1.64
CA ILE YA 149 82.58 -66.06 1.21
C ILE YA 149 81.36 -66.09 0.29
N THR YA 150 81.33 -67.05 -0.64
CA THR YA 150 80.25 -67.18 -1.61
C THR YA 150 79.70 -68.60 -1.59
N PRO YA 151 78.78 -68.92 -0.69
CA PRO YA 151 78.07 -70.20 -0.79
C PRO YA 151 77.10 -70.22 -1.96
N ILE YA 152 76.87 -71.42 -2.48
CA ILE YA 152 76.17 -71.62 -3.74
C ILE YA 152 74.81 -72.23 -3.49
N VAL YA 153 73.79 -71.65 -4.11
CA VAL YA 153 72.45 -72.23 -4.20
C VAL YA 153 72.40 -72.98 -5.52
N LYS YA 154 72.21 -74.30 -5.43
CA LYS YA 154 72.25 -75.16 -6.61
C LYS YA 154 70.86 -75.39 -7.16
N GLY YA 155 70.74 -75.39 -8.49
CA GLY YA 155 69.49 -75.63 -9.17
C GLY YA 155 68.44 -74.57 -8.91
N VAL YA 156 68.72 -73.34 -9.32
CA VAL YA 156 67.87 -72.21 -8.96
C VAL YA 156 66.56 -72.24 -9.74
N GLU YA 157 66.62 -72.48 -11.04
CA GLU YA 157 65.40 -72.54 -11.84
C GLU YA 157 64.64 -73.83 -11.49
N GLY YA 158 63.34 -73.69 -11.31
CA GLY YA 158 62.51 -74.77 -10.83
C GLY YA 158 62.82 -75.24 -9.43
N LYS YA 159 62.94 -74.31 -8.49
CA LYS YA 159 63.24 -74.67 -7.10
C LYS YA 159 62.20 -74.20 -6.10
N GLY YA 160 61.71 -72.98 -6.25
CA GLY YA 160 60.75 -72.46 -5.29
C GLY YA 160 61.35 -71.39 -4.41
N LEU YA 161 60.55 -70.37 -4.12
CA LEU YA 161 61.04 -69.22 -3.37
C LEU YA 161 61.28 -69.55 -1.90
N GLU YA 162 60.46 -70.44 -1.33
CA GLU YA 162 60.66 -70.85 0.05
C GLU YA 162 61.91 -71.72 0.19
N SER YA 163 62.16 -72.57 -0.81
CA SER YA 163 63.39 -73.36 -0.81
C SER YA 163 64.62 -72.49 -0.97
N ILE YA 164 64.52 -71.45 -1.81
CA ILE YA 164 65.63 -70.51 -2.01
C ILE YA 164 65.90 -69.73 -0.73
N SER YA 165 64.83 -69.27 -0.06
CA SER YA 165 64.97 -68.53 1.20
C SER YA 165 65.58 -69.41 2.30
N ALA YA 166 65.14 -70.67 2.36
CA ALA YA 166 65.67 -71.60 3.36
C ALA YA 166 67.14 -71.89 3.11
N ALA YA 167 67.52 -72.11 1.85
CA ALA YA 167 68.92 -72.41 1.53
C ALA YA 167 69.82 -71.20 1.77
N VAL YA 168 69.32 -70.00 1.46
CA VAL YA 168 70.09 -68.78 1.69
C VAL YA 168 70.27 -68.53 3.18
N LYS YA 169 69.23 -68.79 3.99
CA LYS YA 169 69.34 -68.60 5.43
C LYS YA 169 70.29 -69.63 6.06
N GLU YA 170 70.18 -70.90 5.63
CA GLU YA 170 71.09 -71.95 6.07
C GLU YA 170 72.54 -71.61 5.76
N LEU YA 171 72.82 -71.23 4.51
CA LEU YA 171 74.20 -70.96 4.10
C LEU YA 171 74.74 -69.69 4.75
N ALA YA 172 73.88 -68.69 4.99
CA ALA YA 172 74.33 -67.46 5.63
C ALA YA 172 74.65 -67.68 7.10
N LYS YA 173 73.82 -68.44 7.82
CA LYS YA 173 74.10 -68.68 9.24
C LYS YA 173 75.29 -69.63 9.39
N LYS YA 174 75.48 -70.55 8.44
CA LYS YA 174 76.66 -71.40 8.50
C LYS YA 174 77.91 -70.64 8.08
N ALA YA 175 77.77 -69.59 7.28
CA ALA YA 175 78.91 -68.74 6.96
C ALA YA 175 79.30 -67.87 8.14
N ARG YA 176 78.30 -67.45 8.92
CA ARG YA 176 78.60 -66.69 10.14
C ARG YA 176 79.21 -67.59 11.21
N ASP YA 177 78.82 -68.87 11.27
CA ASP YA 177 79.45 -69.80 12.20
C ASP YA 177 80.74 -70.41 11.66
N GLY YA 178 81.03 -70.28 10.37
CA GLY YA 178 82.26 -70.77 9.78
C GLY YA 178 82.34 -72.29 9.70
N LYS YA 179 81.30 -72.93 9.14
CA LYS YA 179 81.18 -74.38 9.16
C LYS YA 179 80.87 -74.92 7.77
N LEU YA 180 81.66 -74.53 6.77
CA LEU YA 180 81.40 -74.88 5.38
C LEU YA 180 82.36 -75.95 4.88
N LYS YA 181 81.89 -76.74 3.92
CA LYS YA 181 82.62 -77.67 3.07
C LYS YA 181 83.09 -76.95 1.80
N PRO YA 182 84.21 -77.36 1.22
CA PRO YA 182 84.70 -76.67 0.00
C PRO YA 182 83.80 -76.85 -1.21
N GLU YA 183 83.00 -77.91 -1.24
CA GLU YA 183 82.02 -78.09 -2.30
C GLU YA 183 80.81 -77.17 -2.17
N GLU YA 184 80.68 -76.47 -1.05
CA GLU YA 184 79.58 -75.53 -0.87
C GLU YA 184 79.95 -74.10 -1.30
N TYR YA 185 81.23 -73.79 -1.47
CA TYR YA 185 81.62 -72.47 -1.93
C TYR YA 185 82.65 -72.51 -3.05
N GLN YA 186 82.85 -73.68 -3.65
CA GLN YA 186 83.76 -73.82 -4.80
C GLN YA 186 82.94 -74.33 -5.98
N GLY YA 187 82.67 -73.45 -6.93
CA GLY YA 187 81.89 -73.79 -8.10
C GLY YA 187 81.00 -72.65 -8.56
N GLY YA 188 79.76 -72.96 -8.94
CA GLY YA 188 78.82 -71.94 -9.35
C GLY YA 188 78.99 -71.49 -10.78
N SER YA 189 77.92 -70.96 -11.37
CA SER YA 189 77.96 -70.44 -12.73
C SER YA 189 77.76 -68.94 -12.82
N ILE YA 190 77.17 -68.32 -11.80
CA ILE YA 190 76.95 -66.87 -11.79
C ILE YA 190 76.90 -66.43 -10.33
N SER YA 191 77.21 -65.17 -10.09
CA SER YA 191 77.31 -64.61 -8.75
C SER YA 191 76.40 -63.41 -8.60
N ILE YA 192 76.21 -62.97 -7.35
CA ILE YA 192 75.43 -61.78 -7.04
C ILE YA 192 75.97 -61.18 -5.75
N SER YA 193 76.19 -59.87 -5.76
CA SER YA 193 76.63 -59.12 -4.59
C SER YA 193 75.51 -58.18 -4.18
N ASN YA 194 75.14 -58.23 -2.91
CA ASN YA 194 73.99 -57.52 -2.38
C ASN YA 194 74.43 -56.48 -1.37
N MET YA 195 73.99 -55.24 -1.57
CA MET YA 195 74.30 -54.14 -0.65
C MET YA 195 73.06 -53.29 -0.38
N GLY YA 196 71.92 -53.94 -0.19
CA GLY YA 196 70.69 -53.21 0.09
C GLY YA 196 70.54 -52.78 1.53
N MET YA 197 71.31 -53.37 2.44
CA MET YA 197 71.23 -52.99 3.85
C MET YA 197 71.90 -51.65 4.10
N ASN YA 198 72.82 -51.25 3.23
CA ASN YA 198 73.46 -49.95 3.31
C ASN YA 198 72.69 -48.98 2.42
N PRO YA 199 72.02 -47.97 2.99
CA PRO YA 199 71.23 -47.04 2.16
C PRO YA 199 72.07 -46.01 1.43
N ALA YA 200 73.39 -45.94 1.69
CA ALA YA 200 74.22 -44.95 1.01
C ALA YA 200 74.64 -45.42 -0.37
N VAL YA 201 74.79 -46.72 -0.58
CA VAL YA 201 75.31 -47.26 -1.83
C VAL YA 201 74.22 -47.18 -2.89
N GLN YA 202 74.30 -46.14 -3.73
CA GLN YA 202 73.38 -46.04 -4.85
C GLN YA 202 73.74 -47.02 -5.96
N SER YA 203 75.03 -47.18 -6.22
CA SER YA 203 75.51 -48.06 -7.29
C SER YA 203 76.94 -48.48 -6.97
N PHE YA 204 77.28 -49.70 -7.34
CA PHE YA 204 78.65 -50.18 -7.20
C PHE YA 204 78.89 -51.28 -8.22
N THR YA 205 80.17 -51.51 -8.51
CA THR YA 205 80.60 -52.59 -9.37
C THR YA 205 81.29 -53.68 -8.55
N ALA YA 206 81.38 -54.87 -9.14
CA ALA YA 206 81.99 -56.00 -8.48
C ALA YA 206 83.00 -56.65 -9.43
N ILE YA 207 83.87 -57.46 -8.86
CA ILE YA 207 84.88 -58.20 -9.62
C ILE YA 207 84.39 -59.62 -9.82
N ILE YA 208 84.50 -60.12 -11.05
CA ILE YA 208 83.99 -61.44 -11.40
C ILE YA 208 84.86 -62.51 -10.76
N ASN YA 209 84.21 -63.42 -10.02
CA ASN YA 209 84.92 -64.55 -9.44
C ASN YA 209 85.26 -65.55 -10.54
N PRO YA 210 86.54 -65.89 -10.71
CA PRO YA 210 86.89 -66.85 -11.75
C PRO YA 210 86.50 -68.25 -11.32
N PRO YA 211 86.14 -69.12 -12.28
CA PRO YA 211 86.11 -68.90 -13.72
C PRO YA 211 84.74 -68.53 -14.28
N GLN YA 212 83.91 -67.82 -13.50
CA GLN YA 212 82.59 -67.46 -13.98
C GLN YA 212 82.67 -66.32 -15.00
N ALA YA 213 81.53 -66.03 -15.63
CA ALA YA 213 81.48 -65.07 -16.73
C ALA YA 213 80.80 -63.76 -16.38
N ALA YA 214 79.99 -63.71 -15.32
CA ALA YA 214 79.25 -62.51 -14.99
C ALA YA 214 79.08 -62.40 -13.49
N ILE YA 215 78.83 -61.18 -13.02
CA ILE YA 215 78.51 -60.95 -11.62
C ILE YA 215 77.50 -59.81 -11.54
N LEU YA 216 76.56 -59.91 -10.62
CA LEU YA 216 75.54 -58.89 -10.43
C LEU YA 216 75.88 -58.04 -9.21
N ALA YA 217 75.43 -56.79 -9.22
CA ALA YA 217 75.64 -55.88 -8.09
C ALA YA 217 74.38 -55.04 -7.93
N VAL YA 218 73.81 -55.06 -6.73
CA VAL YA 218 72.49 -54.47 -6.48
C VAL YA 218 72.63 -53.36 -5.45
N GLY YA 219 72.19 -52.15 -5.83
CA GLY YA 219 72.31 -51.00 -4.94
C GLY YA 219 71.05 -50.77 -4.13
N ALA YA 220 71.15 -49.81 -3.21
CA ALA YA 220 70.06 -49.47 -2.33
C ALA YA 220 68.91 -48.86 -3.10
N PRO YA 221 67.67 -49.14 -2.71
CA PRO YA 221 66.52 -48.52 -3.37
C PRO YA 221 66.36 -47.06 -3.01
N GLN YA 222 65.90 -46.28 -3.98
CA GLN YA 222 65.67 -44.85 -3.82
C GLN YA 222 64.38 -44.44 -4.51
N LYS YA 223 63.82 -43.31 -4.12
CA LYS YA 223 62.59 -42.79 -4.73
C LYS YA 223 62.95 -41.94 -5.94
N VAL YA 224 62.44 -42.33 -7.11
CA VAL YA 224 62.69 -41.61 -8.36
C VAL YA 224 61.35 -41.13 -8.89
N ALA YA 225 61.32 -39.87 -9.33
CA ALA YA 225 60.11 -39.29 -9.92
C ALA YA 225 59.84 -39.88 -11.29
N VAL YA 226 58.63 -40.42 -11.46
CA VAL YA 226 58.23 -41.11 -12.68
C VAL YA 226 56.92 -40.50 -13.16
N PRO YA 227 56.78 -40.16 -14.44
CA PRO YA 227 55.55 -39.51 -14.91
C PRO YA 227 54.37 -40.48 -14.94
N VAL YA 228 53.17 -39.91 -14.75
CA VAL YA 228 51.94 -40.68 -14.73
C VAL YA 228 50.84 -39.84 -15.36
N GLU YA 229 49.97 -40.48 -16.12
CA GLU YA 229 48.77 -39.84 -16.63
C GLU YA 229 47.66 -39.98 -15.61
N ASN YA 230 46.91 -38.93 -15.38
CA ASN YA 230 45.66 -39.05 -14.66
C ASN YA 230 44.57 -39.43 -15.65
N GLU YA 231 43.31 -39.42 -15.22
CA GLU YA 231 42.21 -39.73 -16.12
C GLU YA 231 41.81 -38.53 -16.99
N ASP YA 232 42.53 -37.42 -16.91
CA ASP YA 232 42.45 -36.33 -17.87
C ASP YA 232 43.77 -36.25 -18.64
N GLY YA 233 43.89 -35.23 -19.49
CA GLY YA 233 44.99 -35.18 -20.45
C GLY YA 233 46.35 -34.83 -19.87
N THR YA 234 46.41 -34.25 -18.69
CA THR YA 234 47.68 -33.74 -18.18
C THR YA 234 48.53 -34.86 -17.58
N THR YA 235 49.83 -34.59 -17.45
CA THR YA 235 50.75 -35.52 -16.81
C THR YA 235 50.95 -35.16 -15.34
N GLY YA 236 51.47 -36.12 -14.57
CA GLY YA 236 51.65 -35.94 -13.15
C GLY YA 236 53.02 -36.43 -12.69
N VAL YA 237 53.20 -36.40 -11.37
CA VAL YA 237 54.42 -36.90 -10.75
C VAL YA 237 54.03 -38.05 -9.84
N SER YA 238 54.56 -39.24 -10.12
CA SER YA 238 54.44 -40.39 -9.26
C SER YA 238 55.82 -40.77 -8.75
N TRP YA 239 55.86 -41.35 -7.55
CA TRP YA 239 57.12 -41.70 -6.90
C TRP YA 239 57.28 -43.21 -6.97
N ASP YA 240 58.31 -43.65 -7.69
CA ASP YA 240 58.57 -45.07 -7.93
C ASP YA 240 59.82 -45.50 -7.17
N GLU YA 241 59.78 -46.72 -6.63
CA GLU YA 241 60.93 -47.29 -5.93
C GLU YA 241 61.83 -47.96 -6.97
N GLN YA 242 63.01 -47.41 -7.19
CA GLN YA 242 63.93 -47.93 -8.19
C GLN YA 242 65.21 -48.43 -7.52
N ILE YA 243 65.82 -49.44 -8.16
CA ILE YA 243 67.05 -50.06 -7.68
C ILE YA 243 68.04 -50.09 -8.83
N ILE YA 244 69.24 -49.56 -8.62
CA ILE YA 244 70.27 -49.55 -9.64
C ILE YA 244 71.00 -50.89 -9.60
N VAL YA 245 70.99 -51.60 -10.71
CA VAL YA 245 71.58 -52.92 -10.85
C VAL YA 245 72.68 -52.85 -11.90
N THR YA 246 73.90 -53.20 -11.51
CA THR YA 246 75.06 -53.18 -12.40
C THR YA 246 75.56 -54.61 -12.60
N ALA YA 247 75.60 -55.06 -13.83
CA ALA YA 247 76.08 -56.39 -14.16
C ALA YA 247 77.43 -56.27 -14.86
N SER YA 248 78.45 -56.92 -14.31
CA SER YA 248 79.78 -56.93 -14.88
C SER YA 248 79.98 -58.23 -15.65
N PHE YA 249 80.29 -58.11 -16.94
CA PHE YA 249 80.47 -59.24 -17.83
C PHE YA 249 81.93 -59.34 -18.28
N ASP YA 250 82.31 -60.55 -18.65
CA ASP YA 250 83.60 -60.84 -19.27
C ASP YA 250 83.42 -60.82 -20.78
N HIS YA 251 84.26 -60.05 -21.48
CA HIS YA 251 84.06 -59.83 -22.90
C HIS YA 251 84.57 -60.98 -23.76
N LYS YA 252 85.28 -61.95 -23.18
CA LYS YA 252 85.71 -63.10 -23.95
C LYS YA 252 84.55 -64.05 -24.23
N VAL YA 253 83.54 -64.07 -23.35
CA VAL YA 253 82.40 -64.96 -23.48
C VAL YA 253 81.14 -64.19 -23.89
N VAL YA 254 80.86 -63.08 -23.21
CA VAL YA 254 79.62 -62.33 -23.40
C VAL YA 254 79.94 -61.04 -24.11
N ASP YA 255 79.22 -60.78 -25.21
CA ASP YA 255 79.32 -59.48 -25.87
C ASP YA 255 78.29 -58.52 -25.30
N GLY YA 256 78.33 -57.28 -25.82
CA GLY YA 256 77.46 -56.24 -25.28
C GLY YA 256 76.01 -56.45 -25.60
N ALA YA 257 75.70 -56.98 -26.78
CA ALA YA 257 74.32 -57.28 -27.14
C ALA YA 257 73.76 -58.44 -26.33
N VAL YA 258 74.60 -59.44 -26.02
CA VAL YA 258 74.16 -60.56 -25.19
C VAL YA 258 73.93 -60.11 -23.76
N GLY YA 259 74.81 -59.24 -23.25
CA GLY YA 259 74.61 -58.68 -21.92
C GLY YA 259 73.39 -57.78 -21.84
N ALA YA 260 73.11 -57.05 -22.92
CA ALA YA 260 71.93 -56.20 -22.97
C ALA YA 260 70.65 -57.03 -23.04
N GLU YA 261 70.67 -58.15 -23.77
CA GLU YA 261 69.52 -59.06 -23.78
C GLU YA 261 69.29 -59.71 -22.42
N TRP YA 262 70.37 -60.09 -21.74
CA TRP YA 262 70.26 -60.65 -20.39
C TRP YA 262 69.68 -59.63 -19.41
N ILE YA 263 70.17 -58.37 -19.50
CA ILE YA 263 69.66 -57.30 -18.65
C ILE YA 263 68.20 -57.00 -18.96
N ARG YA 264 67.81 -57.07 -20.24
CA ARG YA 264 66.43 -56.80 -20.63
C ARG YA 264 65.49 -57.89 -20.12
N GLU YA 265 65.91 -59.16 -20.20
CA GLU YA 265 65.07 -60.24 -19.70
C GLU YA 265 64.97 -60.20 -18.17
N LEU YA 266 66.07 -59.84 -17.49
CA LEU YA 266 66.03 -59.68 -16.05
C LEU YA 266 65.11 -58.54 -15.63
N LYS YA 267 65.17 -57.42 -16.36
CA LYS YA 267 64.29 -56.29 -16.08
C LYS YA 267 62.83 -56.62 -16.37
N LYS YA 268 62.57 -57.43 -17.39
CA LYS YA 268 61.20 -57.85 -17.70
C LYS YA 268 60.63 -58.73 -16.61
N VAL YA 269 61.41 -59.72 -16.16
CA VAL YA 269 60.95 -60.63 -15.11
C VAL YA 269 60.81 -59.90 -13.76
N ILE YA 270 61.64 -58.89 -13.51
CA ILE YA 270 61.53 -58.15 -12.26
C ILE YA 270 60.33 -57.19 -12.28
N GLU YA 271 60.17 -56.42 -13.37
CA GLU YA 271 59.09 -55.45 -13.43
C GLU YA 271 57.74 -56.06 -13.74
N ASN YA 272 57.69 -57.33 -14.16
CA ASN YA 272 56.44 -58.08 -14.25
C ASN YA 272 56.59 -59.30 -13.35
N PRO YA 273 56.19 -59.18 -12.09
CA PRO YA 273 56.48 -60.26 -11.12
C PRO YA 273 55.65 -61.51 -11.32
N LEU YA 274 54.60 -61.46 -12.14
CA LEU YA 274 53.82 -62.66 -12.44
C LEU YA 274 54.54 -63.59 -13.41
N GLU YA 275 55.61 -63.11 -14.06
CA GLU YA 275 56.38 -63.94 -14.97
C GLU YA 275 57.35 -64.88 -14.25
N LEU YA 276 57.43 -64.80 -12.92
CA LEU YA 276 58.24 -65.75 -12.15
C LEU YA 276 57.59 -67.13 -12.09
N LEU YA 277 56.29 -67.22 -12.39
CA LEU YA 277 55.62 -68.50 -12.50
C LEU YA 277 56.12 -69.28 -13.70
N LEU YA 278 56.26 -68.59 -14.84
CA LEU YA 278 56.71 -69.22 -16.07
C LEU YA 278 58.22 -69.40 -16.06
N TYR ZA 47 86.55 -23.56 69.86
CA TYR ZA 47 85.96 -24.68 70.58
C TYR ZA 47 86.50 -25.99 70.03
N THR ZA 48 85.96 -26.42 68.89
CA THR ZA 48 86.47 -27.61 68.21
C THR ZA 48 87.65 -27.22 67.34
N ASP ZA 49 88.78 -27.89 67.57
CA ASP ZA 49 90.10 -27.51 67.06
C ASP ZA 49 90.74 -28.68 66.33
N VAL ZA 50 90.03 -29.22 65.34
CA VAL ZA 50 90.58 -30.23 64.42
C VAL ZA 50 91.79 -29.62 63.70
N PRO ZA 51 92.87 -30.37 63.54
CA PRO ZA 51 94.08 -29.80 62.93
C PRO ZA 51 94.02 -29.79 61.42
N ILE ZA 52 94.95 -29.04 60.83
CA ILE ZA 52 95.07 -28.98 59.38
C ILE ZA 52 95.62 -30.30 58.87
N SER ZA 53 95.13 -30.73 57.69
CA SER ZA 53 95.50 -32.04 57.16
C SER ZA 53 96.96 -32.11 56.74
N GLY ZA 54 97.60 -30.98 56.46
CA GLY ZA 54 98.96 -30.98 55.98
C GLY ZA 54 99.00 -30.87 54.47
N MET ZA 55 98.05 -31.55 53.81
CA MET ZA 55 97.84 -31.36 52.37
C MET ZA 55 97.29 -29.96 52.07
N ARG ZA 56 96.45 -29.42 52.96
CA ARG ZA 56 95.94 -28.07 52.81
C ARG ZA 56 97.02 -27.01 52.96
N LYS ZA 57 98.11 -27.31 53.66
CA LYS ZA 57 99.17 -26.33 53.88
C LYS ZA 57 99.90 -26.01 52.59
N THR ZA 58 100.12 -27.03 51.74
CA THR ZA 58 100.77 -26.81 50.45
C THR ZA 58 99.89 -25.99 49.51
N ILE ZA 59 98.58 -26.24 49.50
CA ILE ZA 59 97.68 -25.45 48.67
C ILE ZA 59 97.56 -24.03 49.19
N ALA ZA 60 97.61 -23.85 50.51
CA ALA ZA 60 97.58 -22.51 51.08
C ALA ZA 60 98.85 -21.72 50.73
N ALA ZA 61 100.01 -22.38 50.79
CA ALA ZA 61 101.26 -21.74 50.40
C ALA ZA 61 101.28 -21.45 48.89
N ARG ZA 62 100.67 -22.33 48.09
CA ARG ZA 62 100.64 -22.11 46.64
C ARG ZA 62 99.73 -20.95 46.27
N LEU ZA 63 98.57 -20.84 46.92
CA LEU ZA 63 97.69 -19.69 46.68
C LEU ZA 63 98.30 -18.41 47.21
N LYS ZA 64 99.09 -18.51 48.30
CA LYS ZA 64 99.85 -17.35 48.77
C LYS ZA 64 100.87 -16.90 47.74
N GLU ZA 65 101.61 -17.85 47.15
CA GLU ZA 65 102.55 -17.54 46.07
C GLU ZA 65 101.85 -16.88 44.89
N SER ZA 66 100.66 -17.39 44.55
CA SER ZA 66 99.90 -16.85 43.42
C SER ZA 66 99.48 -15.41 43.66
N VAL ZA 67 98.92 -15.13 44.84
CA VAL ZA 67 98.43 -13.78 45.10
C VAL ZA 67 99.58 -12.82 45.42
N THR ZA 68 100.75 -13.33 45.79
CA THR ZA 68 101.82 -12.40 46.14
C THR ZA 68 102.77 -12.17 44.96
N GLU ZA 69 102.75 -13.03 43.94
CA GLU ZA 69 103.66 -12.82 42.82
C GLU ZA 69 102.90 -12.46 41.55
N ASN ZA 70 101.59 -12.72 41.54
CA ASN ZA 70 100.77 -12.40 40.38
C ASN ZA 70 99.83 -11.25 40.72
N PRO ZA 71 100.07 -10.03 40.23
CA PRO ZA 71 99.06 -8.97 40.39
C PRO ZA 71 97.86 -9.22 39.49
N HIS ZA 72 96.77 -9.69 40.08
CA HIS ZA 72 95.60 -10.10 39.31
C HIS ZA 72 94.79 -8.88 38.89
N PHE ZA 73 94.15 -8.99 37.73
CA PHE ZA 73 93.07 -8.08 37.37
C PHE ZA 73 92.01 -8.85 36.61
N PHE ZA 74 90.76 -8.50 36.87
CA PHE ZA 74 89.62 -9.25 36.36
C PHE ZA 74 88.98 -8.50 35.20
N VAL ZA 75 88.52 -9.26 34.21
CA VAL ZA 75 87.74 -8.74 33.08
C VAL ZA 75 86.46 -9.56 33.01
N SER ZA 76 85.31 -8.89 33.12
CA SER ZA 76 84.02 -9.56 33.13
C SER ZA 76 83.29 -9.31 31.83
N THR ZA 77 82.48 -10.29 31.43
CA THR ZA 77 81.66 -10.18 30.23
C THR ZA 77 80.41 -11.04 30.40
N ASN ZA 78 79.46 -10.85 29.51
CA ASN ZA 78 78.23 -11.64 29.50
C ASN ZA 78 78.11 -12.31 28.14
N LEU ZA 79 78.20 -13.64 28.13
CA LEU ZA 79 78.09 -14.42 26.90
C LEU ZA 79 76.65 -14.86 26.72
N SER ZA 80 76.12 -14.67 25.52
CA SER ZA 80 74.81 -15.17 25.17
C SER ZA 80 74.94 -16.59 24.64
N VAL ZA 81 74.23 -17.52 25.28
CA VAL ZA 81 74.37 -18.95 24.98
C VAL ZA 81 73.06 -19.54 24.45
N SER ZA 82 72.17 -18.67 23.93
CA SER ZA 82 70.89 -19.15 23.42
C SER ZA 82 71.04 -19.94 22.13
N LYS ZA 83 72.08 -19.64 21.34
CA LYS ZA 83 72.37 -20.43 20.15
C LYS ZA 83 73.27 -21.62 20.48
N LEU ZA 84 74.12 -21.48 21.49
CA LEU ZA 84 74.97 -22.58 21.92
C LEU ZA 84 74.14 -23.72 22.51
N LEU ZA 85 73.09 -23.38 23.26
CA LEU ZA 85 72.21 -24.41 23.80
C LEU ZA 85 71.40 -25.10 22.70
N LYS ZA 86 71.02 -24.37 21.65
CA LYS ZA 86 70.32 -24.98 20.52
C LYS ZA 86 71.24 -25.93 19.75
N LEU ZA 87 72.51 -25.52 19.56
CA LEU ZA 87 73.48 -26.38 18.89
C LEU ZA 87 73.77 -27.63 19.72
N ARG ZA 88 73.85 -27.48 21.04
CA ARG ZA 88 74.08 -28.62 21.92
C ARG ZA 88 72.88 -29.56 21.93
N GLN ZA 89 71.67 -29.01 21.88
CA GLN ZA 89 70.45 -29.82 21.84
C GLN ZA 89 70.36 -30.61 20.53
N ALA ZA 90 70.73 -29.96 19.42
CA ALA ZA 90 70.71 -30.65 18.12
C ALA ZA 90 71.77 -31.74 18.05
N LEU ZA 91 72.98 -31.45 18.56
CA LEU ZA 91 74.05 -32.45 18.52
C LEU ZA 91 73.79 -33.60 19.48
N ASN ZA 92 73.05 -33.34 20.56
CA ASN ZA 92 72.70 -34.43 21.48
C ASN ZA 92 71.54 -35.24 20.95
N SER ZA 93 70.60 -34.60 20.25
CA SER ZA 93 69.45 -35.33 19.71
C SER ZA 93 69.85 -36.17 18.50
N SER ZA 94 70.86 -35.73 17.74
CA SER ZA 94 71.34 -36.52 16.61
C SER ZA 94 72.45 -37.49 17.04
N ALA ZA 95 72.08 -38.41 17.93
CA ALA ZA 95 73.01 -39.39 18.44
C ALA ZA 95 72.24 -40.63 18.87
N ASP ZA 96 72.99 -41.71 19.09
CA ASP ZA 96 72.44 -42.98 19.55
C ASP ZA 96 72.99 -43.37 20.91
N GLY ZA 97 73.25 -42.36 21.77
CA GLY ZA 97 73.91 -42.61 23.03
C GLY ZA 97 75.41 -42.76 22.94
N ARG ZA 98 76.02 -42.32 21.83
CA ARG ZA 98 77.47 -42.41 21.70
C ARG ZA 98 78.17 -41.35 22.53
N TYR ZA 99 77.55 -40.19 22.70
CA TYR ZA 99 78.18 -39.08 23.42
C TYR ZA 99 77.10 -38.27 24.11
N LYS ZA 100 77.53 -37.37 25.00
CA LYS ZA 100 76.65 -36.43 25.68
C LYS ZA 100 77.43 -35.13 25.85
N LEU ZA 101 76.92 -34.06 25.24
CA LEU ZA 101 77.63 -32.79 25.21
C LEU ZA 101 77.15 -31.87 26.30
N SER ZA 102 78.06 -31.06 26.82
CA SER ZA 102 77.78 -30.06 27.84
C SER ZA 102 78.29 -28.70 27.38
N VAL ZA 103 78.02 -27.67 28.19
CA VAL ZA 103 78.44 -26.32 27.87
C VAL ZA 103 79.95 -26.18 28.06
N ASN ZA 104 80.53 -27.00 28.95
CA ASN ZA 104 81.96 -26.93 29.23
C ASN ZA 104 82.80 -27.37 28.05
N ASP ZA 105 82.26 -28.24 27.19
CA ASP ZA 105 82.97 -28.65 25.97
C ASP ZA 105 83.10 -27.49 24.99
N PHE ZA 106 82.01 -26.76 24.76
CA PHE ZA 106 82.05 -25.58 23.91
C PHE ZA 106 82.93 -24.50 24.52
N LEU ZA 107 82.93 -24.38 25.85
CA LEU ZA 107 83.76 -23.37 26.50
C LEU ZA 107 85.24 -23.71 26.39
N ILE ZA 108 85.60 -24.99 26.51
CA ILE ZA 108 86.99 -25.40 26.39
C ILE ZA 108 87.48 -25.25 24.95
N LYS ZA 109 86.63 -25.58 23.98
CA LYS ZA 109 86.99 -25.39 22.57
C LYS ZA 109 87.12 -23.92 22.22
N ALA ZA 110 86.24 -23.06 22.76
CA ALA ZA 110 86.34 -21.63 22.50
C ALA ZA 110 87.54 -21.02 23.19
N MET ZA 111 87.93 -21.56 24.36
CA MET ZA 111 89.16 -21.11 25.02
C MET ZA 111 90.38 -21.48 24.20
N GLY ZA 112 90.36 -22.68 23.58
CA GLY ZA 112 91.47 -23.06 22.71
C GLY ZA 112 91.57 -22.18 21.47
N ILE ZA 113 90.43 -21.85 20.88
CA ILE ZA 113 90.40 -20.98 19.70
C ILE ZA 113 90.88 -19.57 20.05
N ALA ZA 114 90.43 -19.05 21.19
CA ALA ZA 114 90.81 -17.71 21.61
C ALA ZA 114 92.28 -17.65 22.01
N SER ZA 115 92.80 -18.70 22.65
CA SER ZA 115 94.22 -18.71 23.00
C SER ZA 115 95.11 -18.92 21.79
N LYS ZA 116 94.59 -19.57 20.75
CA LYS ZA 116 95.35 -19.65 19.49
C LYS ZA 116 95.34 -18.32 18.75
N ARG ZA 117 94.23 -17.59 18.82
CA ARG ZA 117 94.18 -16.28 18.15
C ARG ZA 117 94.96 -15.21 18.89
N VAL ZA 118 94.93 -15.21 20.21
CA VAL ZA 118 95.75 -14.29 21.01
C VAL ZA 118 96.77 -15.11 21.79
N PRO ZA 119 97.98 -15.30 21.26
CA PRO ZA 119 98.94 -16.21 21.92
C PRO ZA 119 99.65 -15.60 23.11
N THR ZA 120 99.43 -14.31 23.42
CA THR ZA 120 100.08 -13.70 24.57
C THR ZA 120 99.51 -14.21 25.88
N VAL ZA 121 98.22 -14.55 25.90
CA VAL ZA 121 97.59 -15.08 27.11
C VAL ZA 121 98.08 -16.50 27.39
N ASN ZA 122 98.43 -17.25 26.34
CA ASN ZA 122 98.92 -18.62 26.50
C ASN ZA 122 100.42 -18.57 26.75
N SER ZA 123 100.78 -18.16 27.97
CA SER ZA 123 102.17 -17.99 28.35
C SER ZA 123 102.33 -18.23 29.84
N SER ZA 124 103.51 -17.93 30.37
CA SER ZA 124 103.84 -18.11 31.77
C SER ZA 124 104.87 -17.06 32.17
N TRP ZA 125 105.55 -17.28 33.28
CA TRP ZA 125 106.58 -16.37 33.78
C TRP ZA 125 107.70 -17.19 34.41
N ARG ZA 126 108.88 -17.11 33.79
CA ARG ZA 126 110.00 -18.00 34.12
C ARG ZA 126 111.25 -17.19 34.46
N ASP ZA 127 112.41 -17.84 34.49
CA ASP ZA 127 113.65 -17.20 34.91
C ASP ZA 127 114.09 -16.18 33.88
N GLY ZA 128 113.64 -14.94 34.06
CA GLY ZA 128 113.97 -13.85 33.16
C GLY ZA 128 113.42 -13.99 31.76
N VAL ZA 129 112.39 -14.80 31.56
CA VAL ZA 129 111.98 -15.23 30.24
C VAL ZA 129 110.49 -15.59 30.28
N ILE ZA 130 109.82 -15.36 29.14
CA ILE ZA 130 108.41 -15.68 28.96
C ILE ZA 130 108.33 -16.96 28.15
N ARG ZA 131 107.71 -18.00 28.70
CA ARG ZA 131 107.58 -19.26 28.00
C ARG ZA 131 106.23 -19.32 27.29
N GLN ZA 132 106.27 -19.36 25.97
CA GLN ZA 132 105.07 -19.31 25.13
C GLN ZA 132 104.89 -20.65 24.44
N PHE ZA 133 103.75 -21.28 24.64
CA PHE ZA 133 103.41 -22.58 24.09
C PHE ZA 133 102.65 -22.43 22.77
N GLU ZA 134 102.61 -23.52 22.00
CA GLU ZA 134 101.78 -23.60 20.81
C GLU ZA 134 100.39 -24.15 21.11
N THR ZA 135 100.32 -25.35 21.70
CA THR ZA 135 99.06 -25.99 21.97
C THR ZA 135 98.43 -25.44 23.24
N VAL ZA 136 97.10 -25.52 23.31
CA VAL ZA 136 96.33 -25.07 24.46
C VAL ZA 136 96.03 -26.29 25.30
N ASP ZA 137 96.63 -26.36 26.49
CA ASP ZA 137 96.36 -27.42 27.46
C ASP ZA 137 95.51 -26.83 28.56
N VAL ZA 138 94.27 -27.31 28.67
CA VAL ZA 138 93.26 -26.68 29.54
C VAL ZA 138 93.11 -27.51 30.79
N SER ZA 139 93.36 -26.89 31.94
CA SER ZA 139 93.17 -27.54 33.24
C SER ZA 139 91.73 -27.29 33.70
N VAL ZA 140 91.00 -28.37 33.95
CA VAL ZA 140 89.60 -28.29 34.36
C VAL ZA 140 89.50 -28.65 35.83
N ALA ZA 141 88.85 -27.79 36.62
CA ALA ZA 141 88.72 -28.01 38.05
C ALA ZA 141 87.61 -29.01 38.34
N VAL ZA 142 87.93 -30.04 39.12
CA VAL ZA 142 86.97 -31.07 39.53
C VAL ZA 142 86.82 -30.99 41.04
N ALA ZA 143 85.57 -30.90 41.50
CA ALA ZA 143 85.27 -30.76 42.92
C ALA ZA 143 85.11 -32.14 43.54
N THR ZA 144 86.13 -32.57 44.28
CA THR ZA 144 86.17 -33.81 45.04
C THR ZA 144 85.99 -33.52 46.53
N PRO ZA 145 85.52 -34.49 47.32
CA PRO ZA 145 85.39 -34.24 48.77
C PRO ZA 145 86.71 -34.03 49.50
N ASN ZA 146 87.83 -34.37 48.87
CA ASN ZA 146 89.16 -34.02 49.35
C ASN ZA 146 89.67 -32.71 48.75
N GLY ZA 147 88.77 -31.82 48.36
CA GLY ZA 147 89.18 -30.48 47.95
C GLY ZA 147 89.06 -30.18 46.47
N LEU ZA 148 90.20 -29.89 45.83
CA LEU ZA 148 90.20 -29.45 44.44
C LEU ZA 148 91.36 -30.08 43.71
N ILE ZA 149 91.11 -30.51 42.47
CA ILE ZA 149 92.14 -31.04 41.60
C ILE ZA 149 91.88 -30.51 40.19
N THR ZA 150 92.94 -30.37 39.40
CA THR ZA 150 92.85 -29.81 38.05
C THR ZA 150 93.51 -30.77 37.05
N PRO ZA 151 92.78 -31.78 36.57
CA PRO ZA 151 93.30 -32.58 35.45
C PRO ZA 151 93.29 -31.79 34.15
N ILE ZA 152 94.22 -32.15 33.27
CA ILE ZA 152 94.52 -31.37 32.07
C ILE ZA 152 94.04 -32.12 30.83
N VAL ZA 153 93.34 -31.40 29.97
CA VAL ZA 153 93.01 -31.85 28.62
C VAL ZA 153 94.09 -31.29 27.70
N LYS ZA 154 94.85 -32.17 27.07
CA LYS ZA 154 95.99 -31.78 26.26
C LYS ZA 154 95.59 -31.66 24.79
N GLY ZA 155 96.12 -30.63 24.13
CA GLY ZA 155 95.88 -30.41 22.72
C GLY ZA 155 94.43 -30.09 22.39
N VAL ZA 156 93.92 -28.99 22.93
CA VAL ZA 156 92.51 -28.69 22.84
C VAL ZA 156 92.12 -28.26 21.43
N GLU ZA 157 92.91 -27.37 20.81
CA GLU ZA 157 92.61 -26.95 19.45
C GLU ZA 157 92.90 -28.09 18.49
N GLY ZA 158 91.98 -28.31 17.56
CA GLY ZA 158 92.04 -29.45 16.67
C GLY ZA 158 91.90 -30.80 17.35
N LYS ZA 159 90.92 -30.95 18.22
CA LYS ZA 159 90.72 -32.21 18.94
C LYS ZA 159 89.35 -32.83 18.71
N GLY ZA 160 88.30 -32.04 18.72
CA GLY ZA 160 86.97 -32.58 18.56
C GLY ZA 160 86.18 -32.55 19.85
N LEU ZA 161 84.88 -32.26 19.74
CA LEU ZA 161 84.04 -32.07 20.91
C LEU ZA 161 83.75 -33.40 21.61
N GLU ZA 162 83.64 -34.47 20.85
CA GLU ZA 162 83.42 -35.80 21.45
C GLU ZA 162 84.67 -36.27 22.18
N SER ZA 163 85.85 -35.98 21.63
CA SER ZA 163 87.10 -36.32 22.30
C SER ZA 163 87.27 -35.49 23.57
N ILE ZA 164 86.88 -34.22 23.53
CA ILE ZA 164 86.95 -33.36 24.71
C ILE ZA 164 86.00 -33.85 25.79
N SER ZA 165 84.77 -34.23 25.40
CA SER ZA 165 83.78 -34.74 26.35
C SER ZA 165 84.24 -36.06 26.97
N ALA ZA 166 84.83 -36.93 26.15
CA ALA ZA 166 85.33 -38.21 26.65
C ALA ZA 166 86.47 -38.02 27.62
N ALA ZA 167 87.41 -37.11 27.29
CA ALA ZA 167 88.55 -36.87 28.17
C ALA ZA 167 88.13 -36.22 29.48
N VAL ZA 168 87.16 -35.30 29.41
CA VAL ZA 168 86.66 -34.64 30.61
C VAL ZA 168 85.92 -35.63 31.51
N LYS ZA 169 85.14 -36.55 30.92
CA LYS ZA 169 84.44 -37.55 31.71
C LYS ZA 169 85.40 -38.55 32.35
N GLU ZA 170 86.40 -39.00 31.58
CA GLU ZA 170 87.46 -39.87 32.09
C GLU ZA 170 88.19 -39.24 33.27
N LEU ZA 171 88.65 -38.00 33.10
CA LEU ZA 171 89.43 -37.34 34.14
C LEU ZA 171 88.57 -37.00 35.36
N ALA ZA 172 87.29 -36.69 35.15
CA ALA ZA 172 86.42 -36.38 36.28
C ALA ZA 172 86.10 -37.63 37.10
N LYS ZA 173 85.81 -38.77 36.43
CA LYS ZA 173 85.51 -39.98 37.19
C LYS ZA 173 86.77 -40.53 37.85
N LYS ZA 174 87.94 -40.32 37.23
CA LYS ZA 174 89.17 -40.75 37.88
C LYS ZA 174 89.56 -39.80 39.01
N ALA ZA 175 89.11 -38.54 38.95
CA ALA ZA 175 89.33 -37.63 40.07
C ALA ZA 175 88.42 -37.98 41.23
N ARG ZA 176 87.21 -38.45 40.94
CA ARG ZA 176 86.32 -38.91 42.01
C ARG ZA 176 86.80 -40.22 42.62
N ASP ZA 177 87.43 -41.09 41.83
CA ASP ZA 177 88.02 -42.31 42.38
C ASP ZA 177 89.42 -42.11 42.94
N GLY ZA 178 90.07 -40.98 42.67
CA GLY ZA 178 91.38 -40.68 43.22
C GLY ZA 178 92.50 -41.53 42.65
N LYS ZA 179 92.60 -41.60 41.33
CA LYS ZA 179 93.53 -42.52 40.66
C LYS ZA 179 94.33 -41.80 39.59
N LEU ZA 180 94.96 -40.68 39.96
CA LEU ZA 180 95.67 -39.85 38.99
C LEU ZA 180 97.18 -39.98 39.14
N LYS ZA 181 97.88 -39.77 38.04
CA LYS ZA 181 99.33 -39.60 37.89
C LYS ZA 181 99.65 -38.11 38.00
N PRO ZA 182 100.85 -37.76 38.51
CA PRO ZA 182 101.19 -36.33 38.64
C PRO ZA 182 101.34 -35.60 37.31
N GLU ZA 183 101.63 -36.32 36.23
CA GLU ZA 183 101.68 -35.72 34.90
C GLU ZA 183 100.29 -35.41 34.34
N GLU ZA 184 99.23 -35.89 35.00
CA GLU ZA 184 97.87 -35.57 34.56
C GLU ZA 184 97.30 -34.33 35.21
N TYR ZA 185 97.90 -33.84 36.30
CA TYR ZA 185 97.41 -32.63 36.94
C TYR ZA 185 98.53 -31.66 37.27
N GLN ZA 186 99.72 -31.87 36.72
CA GLN ZA 186 100.84 -30.95 36.90
C GLN ZA 186 101.26 -30.43 35.52
N GLY ZA 187 100.92 -29.18 35.23
CA GLY ZA 187 101.23 -28.58 33.95
C GLY ZA 187 100.13 -27.64 33.49
N GLY ZA 188 99.81 -27.68 32.20
CA GLY ZA 188 98.75 -26.86 31.66
C GLY ZA 188 99.19 -25.43 31.35
N SER ZA 189 98.47 -24.78 30.43
CA SER ZA 189 98.75 -23.39 30.07
C SER ZA 189 97.64 -22.43 30.46
N ILE ZA 190 96.42 -22.93 30.67
CA ILE ZA 190 95.29 -22.08 31.06
C ILE ZA 190 94.30 -22.96 31.82
N SER ZA 191 93.50 -22.33 32.68
CA SER ZA 191 92.58 -23.04 33.57
C SER ZA 191 91.17 -22.52 33.36
N ILE ZA 192 90.20 -23.26 33.91
CA ILE ZA 192 88.80 -22.88 33.89
C ILE ZA 192 88.11 -23.45 35.13
N SER ZA 193 87.34 -22.61 35.80
CA SER ZA 193 86.56 -23.01 36.97
C SER ZA 193 85.09 -22.90 36.61
N ASN ZA 194 84.35 -23.97 36.85
CA ASN ZA 194 82.96 -24.09 36.41
C ASN ZA 194 82.04 -24.19 37.62
N MET ZA 195 81.02 -23.33 37.67
CA MET ZA 195 80.04 -23.33 38.75
C MET ZA 195 78.63 -23.19 38.19
N GLY ZA 196 78.34 -23.88 37.09
CA GLY ZA 196 77.01 -23.80 36.50
C GLY ZA 196 75.98 -24.68 37.18
N MET ZA 197 76.42 -25.66 37.97
CA MET ZA 197 75.48 -26.54 38.66
C MET ZA 197 74.82 -25.83 39.84
N ASN ZA 198 75.48 -24.79 40.36
CA ASN ZA 198 74.91 -23.97 41.43
C ASN ZA 198 74.20 -22.78 40.81
N PRO ZA 199 72.87 -22.70 40.90
CA PRO ZA 199 72.15 -21.58 40.26
C PRO ZA 199 72.24 -20.27 41.04
N ALA ZA 200 72.84 -20.27 42.23
CA ALA ZA 200 72.93 -19.05 43.00
C ALA ZA 200 74.11 -18.19 42.57
N VAL ZA 201 75.18 -18.81 42.07
CA VAL ZA 201 76.41 -18.09 41.75
C VAL ZA 201 76.21 -17.34 40.44
N GLN ZA 202 75.92 -16.04 40.54
CA GLN ZA 202 75.82 -15.22 39.34
C GLN ZA 202 77.20 -14.91 38.77
N SER ZA 203 78.17 -14.64 39.64
CA SER ZA 203 79.51 -14.29 39.22
C SER ZA 203 80.47 -14.62 40.36
N PHE ZA 204 81.68 -15.03 39.99
CA PHE ZA 204 82.73 -15.25 40.98
C PHE ZA 204 84.08 -15.11 40.30
N THR ZA 205 85.10 -14.86 41.12
CA THR ZA 205 86.48 -14.79 40.67
C THR ZA 205 87.25 -16.00 41.15
N ALA ZA 206 88.38 -16.27 40.51
CA ALA ZA 206 89.22 -17.40 40.85
C ALA ZA 206 90.66 -16.93 40.99
N ILE ZA 207 91.47 -17.76 41.64
CA ILE ZA 207 92.88 -17.49 41.84
C ILE ZA 207 93.67 -18.27 40.79
N ILE ZA 208 94.63 -17.59 40.16
CA ILE ZA 208 95.40 -18.19 39.07
C ILE ZA 208 96.35 -19.25 39.63
N ASN ZA 209 96.28 -20.46 39.08
CA ASN ZA 209 97.20 -21.51 39.46
C ASN ZA 209 98.57 -21.21 38.86
N PRO ZA 210 99.62 -21.13 39.69
CA PRO ZA 210 100.94 -20.87 39.15
C PRO ZA 210 101.49 -22.10 38.47
N PRO ZA 211 102.32 -21.93 37.42
CA PRO ZA 211 102.79 -20.66 36.85
C PRO ZA 211 102.00 -20.18 35.65
N GLN ZA 212 100.70 -20.45 35.59
CA GLN ZA 212 99.90 -20.02 34.45
C GLN ZA 212 99.62 -18.52 34.52
N ALA ZA 213 99.05 -18.00 33.43
CA ALA ZA 213 98.85 -16.55 33.30
C ALA ZA 213 97.40 -16.10 33.40
N ALA ZA 214 96.43 -17.01 33.23
CA ALA ZA 214 95.03 -16.62 33.24
C ALA ZA 214 94.19 -17.76 33.79
N ILE ZA 215 93.01 -17.41 34.28
CA ILE ZA 215 92.04 -18.41 34.72
C ILE ZA 215 90.64 -17.89 34.38
N LEU ZA 216 89.75 -18.80 33.98
CA LEU ZA 216 88.39 -18.44 33.63
C LEU ZA 216 87.45 -18.84 34.77
N ALA ZA 217 86.34 -18.13 34.90
CA ALA ZA 217 85.33 -18.41 35.92
C ALA ZA 217 83.96 -18.20 35.29
N VAL ZA 218 83.11 -19.21 35.34
CA VAL ZA 218 81.84 -19.22 34.62
C VAL ZA 218 80.69 -19.32 35.60
N GLY ZA 219 79.78 -18.34 35.57
CA GLY ZA 219 78.67 -18.31 36.49
C GLY ZA 219 77.42 -18.96 35.92
N ALA ZA 220 76.41 -19.09 36.78
CA ALA ZA 220 75.15 -19.71 36.41
C ALA ZA 220 74.41 -18.86 35.38
N PRO ZA 221 73.73 -19.50 34.43
CA PRO ZA 221 72.95 -18.75 33.45
C PRO ZA 221 71.68 -18.16 34.06
N GLN ZA 222 71.32 -16.98 33.57
CA GLN ZA 222 70.14 -16.26 34.01
C GLN ZA 222 69.42 -15.63 32.82
N LYS ZA 223 68.14 -15.31 32.98
CA LYS ZA 223 67.36 -14.67 31.93
C LYS ZA 223 67.52 -13.16 32.02
N VAL ZA 224 68.02 -12.55 30.96
CA VAL ZA 224 68.22 -11.10 30.89
C VAL ZA 224 67.36 -10.54 29.76
N ALA ZA 225 66.67 -9.45 30.04
CA ALA ZA 225 65.85 -8.79 29.04
C ALA ZA 225 66.71 -8.11 27.98
N VAL ZA 226 66.47 -8.45 26.72
CA VAL ZA 226 67.26 -7.97 25.59
C VAL ZA 226 66.30 -7.39 24.56
N PRO ZA 227 66.56 -6.20 24.02
CA PRO ZA 227 65.62 -5.58 23.07
C PRO ZA 227 65.62 -6.29 21.72
N VAL ZA 228 64.47 -6.24 21.07
CA VAL ZA 228 64.28 -6.89 19.77
C VAL ZA 228 63.35 -6.01 18.93
N GLU ZA 229 63.64 -5.93 17.64
CA GLU ZA 229 62.73 -5.28 16.71
C GLU ZA 229 61.75 -6.31 16.19
N ASN ZA 230 60.49 -5.93 16.09
CA ASN ZA 230 59.53 -6.72 15.35
C ASN ZA 230 59.62 -6.32 13.88
N GLU ZA 231 58.69 -6.81 13.06
CA GLU ZA 231 58.68 -6.43 11.64
C GLU ZA 231 58.03 -5.06 11.41
N ASP ZA 232 57.62 -4.36 12.47
CA ASP ZA 232 57.26 -2.95 12.41
C ASP ZA 232 58.30 -2.14 13.18
N GLY ZA 233 58.06 -0.84 13.31
CA GLY ZA 233 59.07 0.08 13.79
C GLY ZA 233 59.36 0.02 15.29
N THR ZA 234 58.46 -0.55 16.08
CA THR ZA 234 58.61 -0.48 17.54
C THR ZA 234 59.59 -1.52 18.04
N THR ZA 235 60.09 -1.30 19.25
CA THR ZA 235 60.98 -2.26 19.92
C THR ZA 235 60.19 -3.15 20.86
N GLY ZA 236 60.80 -4.28 21.24
CA GLY ZA 236 60.15 -5.25 22.08
C GLY ZA 236 61.06 -5.74 23.20
N VAL ZA 237 60.56 -6.73 23.93
CA VAL ZA 237 61.31 -7.38 24.99
C VAL ZA 237 61.48 -8.84 24.62
N SER ZA 238 62.73 -9.28 24.47
CA SER ZA 238 63.06 -10.68 24.28
C SER ZA 238 63.89 -11.13 25.48
N TRP ZA 239 63.77 -12.42 25.81
CA TRP ZA 239 64.44 -12.98 26.97
C TRP ZA 239 65.61 -13.84 26.49
N ASP ZA 240 66.82 -13.42 26.83
CA ASP ZA 240 68.05 -14.06 26.38
C ASP ZA 240 68.72 -14.76 27.56
N GLU ZA 241 69.30 -15.93 27.28
CA GLU ZA 241 70.04 -16.68 28.29
C GLU ZA 241 71.48 -16.17 28.31
N GLN ZA 242 71.88 -15.51 29.39
CA GLN ZA 242 73.20 -14.95 29.49
C GLN ZA 242 73.99 -15.61 30.62
N ILE ZA 243 75.31 -15.66 30.45
CA ILE ZA 243 76.22 -16.26 31.41
C ILE ZA 243 77.33 -15.24 31.69
N ILE ZA 244 77.55 -14.94 32.96
CA ILE ZA 244 78.59 -14.00 33.36
C ILE ZA 244 79.91 -14.77 33.45
N VAL ZA 245 80.89 -14.33 32.68
CA VAL ZA 245 82.20 -14.96 32.59
C VAL ZA 245 83.25 -13.95 33.05
N THR ZA 246 84.02 -14.32 34.07
CA THR ZA 246 85.07 -13.47 34.62
C THR ZA 246 86.41 -14.13 34.39
N ALA ZA 247 87.31 -13.43 33.70
CA ALA ZA 247 88.65 -13.93 33.44
C ALA ZA 247 89.65 -13.14 34.27
N SER ZA 248 90.42 -13.84 35.08
CA SER ZA 248 91.45 -13.23 35.91
C SER ZA 248 92.80 -13.40 35.22
N PHE ZA 249 93.47 -12.29 34.97
CA PHE ZA 249 94.75 -12.26 34.29
C PHE ZA 249 95.86 -11.78 35.23
N ASP ZA 250 97.08 -12.19 34.90
CA ASP ZA 250 98.28 -11.72 35.57
C ASP ZA 250 98.84 -10.55 34.77
N HIS ZA 251 99.11 -9.43 35.45
CA HIS ZA 251 99.48 -8.21 34.75
C HIS ZA 251 100.94 -8.17 34.34
N LYS ZA 252 101.75 -9.14 34.80
CA LYS ZA 252 103.14 -9.18 34.35
C LYS ZA 252 103.25 -9.69 32.91
N VAL ZA 253 102.30 -10.52 32.48
CA VAL ZA 253 102.31 -11.10 31.15
C VAL ZA 253 101.25 -10.46 30.25
N VAL ZA 254 100.02 -10.34 30.75
CA VAL ZA 254 98.88 -9.90 29.96
C VAL ZA 254 98.49 -8.50 30.41
N ASP ZA 255 98.39 -7.58 29.45
CA ASP ZA 255 97.86 -6.27 29.75
C ASP ZA 255 96.34 -6.24 29.54
N GLY ZA 256 95.74 -5.09 29.84
CA GLY ZA 256 94.30 -4.98 29.78
C GLY ZA 256 93.74 -5.03 28.37
N ALA ZA 257 94.48 -4.46 27.40
CA ALA ZA 257 94.05 -4.55 26.00
C ALA ZA 257 94.16 -5.96 25.46
N VAL ZA 258 95.19 -6.70 25.88
CA VAL ZA 258 95.35 -8.09 25.45
C VAL ZA 258 94.25 -8.96 26.05
N GLY ZA 259 93.94 -8.72 27.33
CA GLY ZA 259 92.84 -9.45 27.96
C GLY ZA 259 91.49 -9.11 27.37
N ALA ZA 260 91.31 -7.86 26.95
CA ALA ZA 260 90.07 -7.45 26.30
C ALA ZA 260 89.94 -8.06 24.91
N GLU ZA 261 91.05 -8.17 24.18
CA GLU ZA 261 91.02 -8.85 22.88
C GLU ZA 261 90.72 -10.34 23.04
N TRP ZA 262 91.31 -10.98 24.06
CA TRP ZA 262 91.02 -12.39 24.33
C TRP ZA 262 89.55 -12.60 24.70
N ILE ZA 263 89.01 -11.71 25.54
CA ILE ZA 263 87.59 -11.77 25.92
C ILE ZA 263 86.69 -11.52 24.72
N ARG ZA 264 87.09 -10.61 23.82
CA ARG ZA 264 86.30 -10.32 22.63
C ARG ZA 264 86.27 -11.50 21.66
N GLU ZA 265 87.42 -12.16 21.47
CA GLU ZA 265 87.47 -13.32 20.59
C GLU ZA 265 86.70 -14.50 21.19
N LEU ZA 266 86.77 -14.68 22.51
CA LEU ZA 266 86.00 -15.72 23.17
C LEU ZA 266 84.50 -15.46 23.05
N LYS ZA 267 84.09 -14.19 23.23
CA LYS ZA 267 82.69 -13.82 23.08
C LYS ZA 267 82.20 -14.00 21.64
N LYS ZA 268 83.07 -13.72 20.66
CA LYS ZA 268 82.72 -13.90 19.26
C LYS ZA 268 82.50 -15.37 18.93
N VAL ZA 269 83.43 -16.23 19.36
CA VAL ZA 269 83.33 -17.66 19.09
C VAL ZA 269 82.14 -18.28 19.85
N ILE ZA 270 81.81 -17.75 21.03
CA ILE ZA 270 80.67 -18.30 21.77
C ILE ZA 270 79.35 -17.84 21.16
N GLU ZA 271 79.21 -16.56 20.87
CA GLU ZA 271 77.95 -16.04 20.35
C GLU ZA 271 77.74 -16.34 18.87
N ASN ZA 272 78.76 -16.79 18.15
CA ASN ZA 272 78.61 -17.33 16.81
C ASN ZA 272 79.13 -18.76 16.85
N PRO ZA 273 78.26 -19.73 17.12
CA PRO ZA 273 78.73 -21.10 17.35
C PRO ZA 273 79.21 -21.82 16.10
N LEU ZA 274 78.93 -21.28 14.90
CA LEU ZA 274 79.45 -21.88 13.68
C LEU ZA 274 80.93 -21.58 13.47
N GLU ZA 275 81.51 -20.65 14.25
CA GLU ZA 275 82.93 -20.36 14.16
C GLU ZA 275 83.80 -21.37 14.88
N LEU ZA 276 83.20 -22.36 15.56
CA LEU ZA 276 83.98 -23.43 16.17
C LEU ZA 276 84.52 -24.41 15.13
N LEU ZA 277 83.97 -24.39 13.91
CA LEU ZA 277 84.52 -25.17 12.81
C LEU ZA 277 85.88 -24.64 12.40
N LEU ZA 278 86.00 -23.32 12.28
CA LEU ZA 278 87.25 -22.68 11.86
C LEU ZA 278 88.23 -22.61 13.03
N TYR AB 47 34.52 -58.26 91.33
CA TYR AB 47 34.63 -59.58 90.72
C TYR AB 47 36.08 -59.88 90.41
N THR AB 48 36.58 -59.32 89.30
CA THR AB 48 37.99 -59.45 88.96
C THR AB 48 38.80 -58.39 89.70
N ASP AB 49 39.79 -58.84 90.44
CA ASP AB 49 40.51 -58.05 91.44
C ASP AB 49 42.01 -58.10 91.18
N VAL AB 50 42.42 -57.75 89.95
CA VAL AB 50 43.84 -57.59 89.62
C VAL AB 50 44.43 -56.50 90.53
N PRO AB 51 45.64 -56.69 91.03
CA PRO AB 51 46.20 -55.73 91.98
C PRO AB 51 46.85 -54.54 91.27
N ILE AB 52 47.13 -53.51 92.07
CA ILE AB 52 47.80 -52.32 91.55
C ILE AB 52 49.25 -52.66 91.26
N SER AB 53 49.79 -52.07 90.19
CA SER AB 53 51.14 -52.41 89.74
C SER AB 53 52.21 -51.94 90.71
N GLY AB 54 51.92 -50.94 91.55
CA GLY AB 54 52.91 -50.40 92.44
C GLY AB 54 53.54 -49.15 91.86
N MET AB 55 53.76 -49.16 90.54
CA MET AB 55 54.15 -47.95 89.82
C MET AB 55 53.02 -46.93 89.78
N ARG AB 56 51.77 -47.39 89.71
CA ARG AB 56 50.61 -46.51 89.75
C ARG AB 56 50.43 -45.85 91.11
N LYS AB 57 50.95 -46.45 92.19
CA LYS AB 57 50.78 -45.89 93.53
C LYS AB 57 51.57 -44.59 93.68
N THR AB 58 52.76 -44.52 93.09
CA THR AB 58 53.55 -43.31 93.14
C THR AB 58 52.91 -42.18 92.34
N ILE AB 59 52.34 -42.49 91.17
CA ILE AB 59 51.65 -41.47 90.38
C ILE AB 59 50.37 -41.01 91.08
N ALA AB 60 49.69 -41.93 91.76
CA ALA AB 60 48.49 -41.56 92.51
C ALA AB 60 48.83 -40.65 93.69
N ALA AB 61 49.92 -40.96 94.40
CA ALA AB 61 50.37 -40.10 95.50
C ALA AB 61 50.85 -38.74 94.97
N ARG AB 62 51.47 -38.73 93.79
CA ARG AB 62 51.95 -37.48 93.21
C ARG AB 62 50.79 -36.58 92.78
N LEU AB 63 49.76 -37.17 92.16
CA LEU AB 63 48.58 -36.39 91.79
C LEU AB 63 47.81 -35.95 93.03
N LYS AB 64 47.84 -36.75 94.09
CA LYS AB 64 47.27 -36.33 95.36
C LYS AB 64 48.00 -35.12 95.93
N GLU AB 65 49.35 -35.14 95.89
CA GLU AB 65 50.16 -33.99 96.31
C GLU AB 65 49.83 -32.75 95.49
N SER AB 66 49.65 -32.95 94.18
CA SER AB 66 49.35 -31.83 93.28
C SER AB 66 48.00 -31.20 93.60
N VAL AB 67 46.97 -32.01 93.78
CA VAL AB 67 45.64 -31.45 94.03
C VAL AB 67 45.50 -30.97 95.46
N THR AB 68 46.36 -31.43 96.38
CA THR AB 68 46.18 -30.99 97.76
C THR AB 68 47.09 -29.82 98.11
N GLU AB 69 48.12 -29.55 97.31
CA GLU AB 69 49.00 -28.44 97.65
C GLU AB 69 48.88 -27.32 96.62
N ASN AB 70 48.32 -27.62 95.45
CA ASN AB 70 48.14 -26.62 94.40
C ASN AB 70 46.65 -26.31 94.24
N PRO AB 71 46.17 -25.15 94.71
CA PRO AB 71 44.80 -24.75 94.37
C PRO AB 71 44.69 -24.34 92.91
N HIS AB 72 44.13 -25.23 92.09
CA HIS AB 72 44.08 -25.02 90.66
C HIS AB 72 42.96 -24.06 90.28
N PHE AB 73 43.20 -23.29 89.22
CA PHE AB 73 42.11 -22.58 88.55
C PHE AB 73 42.37 -22.60 87.06
N PHE AB 74 41.30 -22.75 86.28
CA PHE AB 74 41.39 -22.95 84.85
C PHE AB 74 41.02 -21.67 84.11
N VAL AB 75 41.73 -21.41 83.01
CA VAL AB 75 41.43 -20.31 82.11
C VAL AB 75 41.29 -20.90 80.71
N SER AB 76 40.13 -20.73 80.09
CA SER AB 76 39.85 -21.30 78.79
C SER AB 76 39.83 -20.23 77.72
N THR AB 77 40.23 -20.61 76.51
CA THR AB 77 40.22 -19.70 75.37
C THR AB 77 40.02 -20.52 74.10
N ASN AB 78 39.73 -19.83 73.00
CA ASN AB 78 39.58 -20.45 71.70
C ASN AB 78 40.58 -19.81 70.74
N LEU AB 79 41.56 -20.60 70.29
CA LEU AB 79 42.57 -20.15 69.36
C LEU AB 79 42.13 -20.45 67.95
N SER AB 80 42.24 -19.45 67.07
CA SER AB 80 41.98 -19.66 65.65
C SER AB 80 43.28 -20.09 64.98
N VAL AB 81 43.24 -21.25 64.31
CA VAL AB 81 44.43 -21.87 63.73
C VAL AB 81 44.32 -21.96 62.22
N SER AB 82 43.45 -21.15 61.61
CA SER AB 82 43.27 -21.20 60.16
C SER AB 82 44.48 -20.65 59.41
N LYS AB 83 45.21 -19.72 60.02
CA LYS AB 83 46.46 -19.24 59.44
C LYS AB 83 47.64 -20.12 59.83
N LEU AB 84 47.58 -20.72 61.02
CA LEU AB 84 48.63 -21.63 61.47
C LEU AB 84 48.68 -22.88 60.62
N LEU AB 85 47.51 -23.39 60.21
CA LEU AB 85 47.47 -24.55 59.33
C LEU AB 85 47.98 -24.22 57.93
N LYS AB 86 47.72 -22.99 57.45
CA LYS AB 86 48.25 -22.58 56.16
C LYS AB 86 49.77 -22.43 56.20
N LEU AB 87 50.29 -21.88 57.29
CA LEU AB 87 51.74 -21.77 57.45
C LEU AB 87 52.40 -23.14 57.56
N ARG AB 88 51.75 -24.07 58.26
CA ARG AB 88 52.28 -25.43 58.38
C ARG AB 88 52.24 -26.15 57.04
N GLN AB 89 51.18 -25.92 56.25
CA GLN AB 89 51.07 -26.54 54.94
C GLN AB 89 52.13 -26.00 53.99
N ALA AB 90 52.41 -24.70 54.04
CA ALA AB 90 53.44 -24.11 53.20
C ALA AB 90 54.84 -24.59 53.61
N LEU AB 91 55.10 -24.66 54.91
CA LEU AB 91 56.41 -25.10 55.37
C LEU AB 91 56.63 -26.59 55.13
N ASN AB 92 55.55 -27.38 55.11
CA ASN AB 92 55.68 -28.79 54.80
C ASN AB 92 55.80 -29.02 53.30
N SER AB 93 55.14 -28.20 52.49
CA SER AB 93 55.24 -28.36 51.04
C SER AB 93 56.57 -27.88 50.50
N SER AB 94 57.20 -26.90 51.16
CA SER AB 94 58.52 -26.43 50.75
C SER AB 94 59.63 -27.23 51.46
N ALA AB 95 59.64 -28.53 51.18
CA ALA AB 95 60.63 -29.41 51.79
C ALA AB 95 60.85 -30.60 50.86
N ASP AB 96 61.92 -31.34 51.14
CA ASP AB 96 62.28 -32.55 50.39
C ASP AB 96 62.25 -33.77 51.29
N GLY AB 97 61.33 -33.80 52.25
CA GLY AB 97 61.31 -34.86 53.24
C GLY AB 97 62.31 -34.68 54.36
N ARG AB 98 62.85 -33.48 54.55
CA ARG AB 98 63.80 -33.25 55.63
C ARG AB 98 63.10 -33.16 56.98
N TYR AB 99 61.87 -32.66 57.01
CA TYR AB 99 61.14 -32.48 58.26
C TYR AB 99 59.66 -32.66 58.00
N LYS AB 100 58.90 -32.75 59.10
CA LYS AB 100 57.44 -32.81 59.05
C LYS AB 100 56.91 -32.06 60.25
N LEU AB 101 56.17 -30.99 60.00
CA LEU AB 101 55.72 -30.09 61.05
C LEU AB 101 54.31 -30.45 61.51
N SER AB 102 54.04 -30.25 62.79
CA SER AB 102 52.73 -30.47 63.39
C SER AB 102 52.30 -29.22 64.14
N VAL AB 103 51.08 -29.26 64.67
CA VAL AB 103 50.54 -28.13 65.41
C VAL AB 103 51.22 -28.00 66.77
N ASN AB 104 51.71 -29.13 67.31
CA ASN AB 104 52.36 -29.12 68.61
C ASN AB 104 53.67 -28.36 68.61
N ASP AB 105 54.34 -28.29 67.45
CA ASP AB 105 55.57 -27.51 67.33
C ASP AB 105 55.29 -26.01 67.48
N PHE AB 106 54.27 -25.52 66.78
CA PHE AB 106 53.85 -24.13 66.90
C PHE AB 106 53.35 -23.83 68.31
N LEU AB 107 52.67 -24.80 68.92
CA LEU AB 107 52.16 -24.59 70.28
C LEU AB 107 53.29 -24.52 71.29
N ILE AB 108 54.32 -25.36 71.14
CA ILE AB 108 55.46 -25.35 72.05
C ILE AB 108 56.27 -24.07 71.88
N LYS AB 109 56.45 -23.62 70.64
CA LYS AB 109 57.16 -22.35 70.39
C LYS AB 109 56.37 -21.15 70.93
N ALA AB 110 55.04 -21.17 70.78
CA ALA AB 110 54.22 -20.08 71.30
C ALA AB 110 54.19 -20.10 72.83
N MET AB 111 54.25 -21.28 73.43
CA MET AB 111 54.35 -21.38 74.88
C MET AB 111 55.68 -20.82 75.38
N GLY AB 112 56.75 -21.06 74.63
CA GLY AB 112 58.04 -20.48 75.00
C GLY AB 112 58.06 -18.96 74.89
N ILE AB 113 57.43 -18.44 73.82
CA ILE AB 113 57.36 -16.99 73.64
C ILE AB 113 56.50 -16.34 74.73
N ALA AB 114 55.37 -16.98 75.07
CA ALA AB 114 54.49 -16.44 76.09
C ALA AB 114 55.10 -16.53 77.48
N SER AB 115 55.84 -17.60 77.76
CA SER AB 115 56.50 -17.71 79.06
C SER AB 115 57.69 -16.78 79.17
N LYS AB 116 58.31 -16.42 78.05
CA LYS AB 116 59.36 -15.40 78.09
C LYS AB 116 58.77 -14.01 78.27
N ARG AB 117 57.59 -13.75 77.69
CA ARG AB 117 56.97 -12.44 77.86
C ARG AB 117 56.36 -12.26 79.24
N VAL AB 118 55.75 -13.31 79.81
CA VAL AB 118 55.22 -13.26 81.17
C VAL AB 118 56.02 -14.25 82.02
N PRO AB 119 57.08 -13.80 82.68
CA PRO AB 119 57.96 -14.75 83.40
C PRO AB 119 57.41 -15.22 84.74
N THR AB 120 56.27 -14.71 85.19
CA THR AB 120 55.71 -15.14 86.47
C THR AB 120 55.15 -16.55 86.37
N VAL AB 121 54.63 -16.93 85.20
CA VAL AB 121 54.10 -18.27 85.01
C VAL AB 121 55.23 -19.31 84.97
N ASN AB 122 56.41 -18.91 84.50
CA ASN AB 122 57.56 -19.81 84.42
C ASN AB 122 58.27 -19.79 85.77
N SER AB 123 57.66 -20.44 86.75
CA SER AB 123 58.17 -20.45 88.12
C SER AB 123 57.75 -21.75 88.80
N SER AB 124 57.99 -21.83 90.11
CA SER AB 124 57.68 -23.00 90.92
C SER AB 124 57.35 -22.55 92.33
N TRP AB 125 57.41 -23.47 93.28
CA TRP AB 125 57.14 -23.17 94.69
C TRP AB 125 58.07 -24.02 95.54
N ARG AB 126 58.97 -23.36 96.27
CA ARG AB 126 60.07 -24.00 96.97
C ARG AB 126 60.08 -23.62 98.44
N ASP AB 127 61.18 -23.90 99.15
CA ASP AB 127 61.26 -23.69 100.60
C ASP AB 127 61.26 -22.19 100.90
N GLY AB 128 60.07 -21.63 101.09
CA GLY AB 128 59.91 -20.23 101.39
C GLY AB 128 60.33 -19.29 100.29
N VAL AB 129 60.38 -19.75 99.05
CA VAL AB 129 61.04 -19.04 97.97
C VAL AB 129 60.42 -19.47 96.64
N ILE AB 130 60.38 -18.53 95.70
CA ILE AB 130 59.87 -18.75 94.34
C ILE AB 130 61.07 -18.92 93.43
N ARG AB 131 61.18 -20.06 92.76
CA ARG AB 131 62.30 -20.30 91.85
C ARG AB 131 61.88 -19.95 90.43
N GLN AB 132 62.51 -18.93 89.86
CA GLN AB 132 62.17 -18.39 88.55
C GLN AB 132 63.30 -18.69 87.57
N PHE AB 133 62.98 -19.39 86.49
CA PHE AB 133 63.94 -19.78 85.47
C PHE AB 133 63.98 -18.76 84.34
N GLU AB 134 65.06 -18.83 83.55
CA GLU AB 134 65.16 -18.03 82.32
C GLU AB 134 64.62 -18.79 81.11
N THR AB 135 65.13 -19.98 80.85
CA THR AB 135 64.73 -20.75 79.68
C THR AB 135 63.41 -21.49 79.94
N VAL AB 136 62.69 -21.75 78.86
CA VAL AB 136 61.43 -22.46 78.92
C VAL AB 136 61.72 -23.92 78.57
N ASP AB 137 61.59 -24.81 79.54
CA ASP AB 137 61.73 -26.24 79.33
C ASP AB 137 60.34 -26.86 79.34
N VAL AB 138 59.91 -27.40 78.21
CA VAL AB 138 58.53 -27.80 78.01
C VAL AB 138 58.44 -29.32 78.10
N SER AB 139 57.64 -29.81 79.05
CA SER AB 139 57.39 -31.24 79.20
C SER AB 139 56.20 -31.63 78.34
N VAL AB 140 56.41 -32.58 77.43
CA VAL AB 140 55.36 -33.02 76.51
C VAL AB 140 54.90 -34.40 76.92
N ALA AB 141 53.58 -34.57 77.07
CA ALA AB 141 53.03 -35.83 77.50
C ALA AB 141 52.96 -36.81 76.33
N VAL AB 142 53.49 -38.02 76.53
CA VAL AB 142 53.47 -39.08 75.54
C VAL AB 142 52.66 -40.23 76.10
N ALA AB 143 51.67 -40.69 75.32
CA ALA AB 143 50.76 -41.75 75.75
C ALA AB 143 51.36 -43.10 75.35
N THR AB 144 51.90 -43.81 76.33
CA THR AB 144 52.44 -45.16 76.20
C THR AB 144 51.47 -46.16 76.81
N PRO AB 145 51.51 -47.44 76.41
CA PRO AB 145 50.62 -48.44 77.03
C PRO AB 145 50.91 -48.71 78.50
N ASN AB 146 52.07 -48.30 79.01
CA ASN AB 146 52.36 -48.30 80.43
C ASN AB 146 52.02 -46.96 81.09
N GLY AB 147 51.07 -46.22 80.54
CA GLY AB 147 50.57 -45.04 81.22
C GLY AB 147 50.96 -43.70 80.60
N LEU AB 148 51.69 -42.88 81.34
CA LEU AB 148 52.01 -41.53 80.91
C LEU AB 148 53.44 -41.19 81.30
N ILE AB 149 54.14 -40.53 80.39
CA ILE AB 149 55.49 -40.04 80.64
C ILE AB 149 55.59 -38.65 80.02
N THR AB 150 56.46 -37.80 80.59
CA THR AB 150 56.63 -36.43 80.14
C THR AB 150 58.11 -36.15 79.87
N PRO AB 151 58.61 -36.48 78.68
CA PRO AB 151 59.95 -36.03 78.30
C PRO AB 151 59.98 -34.53 78.04
N ILE AB 152 61.15 -33.94 78.25
CA ILE AB 152 61.32 -32.50 78.29
C ILE AB 152 62.12 -32.04 77.08
N VAL AB 153 61.60 -31.01 76.41
CA VAL AB 153 62.34 -30.28 75.38
C VAL AB 153 62.97 -29.08 76.07
N LYS AB 154 64.30 -29.04 76.07
CA LYS AB 154 65.05 -28.02 76.79
C LYS AB 154 65.39 -26.86 75.88
N GLY AB 155 65.28 -25.64 76.42
CA GLY AB 155 65.62 -24.43 75.70
C GLY AB 155 64.72 -24.16 74.52
N VAL AB 156 63.43 -23.97 74.76
CA VAL AB 156 62.45 -23.88 73.69
C VAL AB 156 62.57 -22.57 72.94
N GLU AB 157 62.69 -21.45 73.65
CA GLU AB 157 62.82 -20.17 72.99
C GLU AB 157 64.21 -20.07 72.35
N GLY AB 158 64.25 -19.60 71.12
CA GLY AB 158 65.47 -19.59 70.34
C GLY AB 158 66.01 -20.97 70.00
N LYS AB 159 65.16 -21.86 69.51
CA LYS AB 159 65.61 -23.21 69.17
C LYS AB 159 65.35 -23.58 67.71
N GLY AB 160 64.19 -23.24 67.18
CA GLY AB 160 63.88 -23.62 65.82
C GLY AB 160 62.83 -24.71 65.76
N LEU AB 161 61.94 -24.59 64.77
CA LEU AB 161 60.80 -25.50 64.66
C LEU AB 161 61.24 -26.89 64.22
N GLU AB 162 62.26 -26.97 63.37
CA GLU AB 162 62.76 -28.27 62.94
C GLU AB 162 63.49 -28.99 64.08
N SER AB 163 64.21 -28.22 64.91
CA SER AB 163 64.84 -28.81 66.09
C SER AB 163 63.81 -29.27 67.10
N ILE AB 164 62.73 -28.51 67.26
CA ILE AB 164 61.65 -28.90 68.17
C ILE AB 164 60.96 -30.17 67.68
N SER AB 165 60.69 -30.23 66.36
CA SER AB 165 60.06 -31.41 65.77
C SER AB 165 60.95 -32.65 65.90
N ALA AB 166 62.25 -32.47 65.68
CA ALA AB 166 63.20 -33.58 65.80
C ALA AB 166 63.28 -34.08 67.23
N ALA AB 167 63.35 -33.16 68.20
CA ALA AB 167 63.45 -33.55 69.60
C ALA AB 167 62.16 -34.22 70.08
N VAL AB 168 61.01 -33.73 69.63
CA VAL AB 168 59.73 -34.33 70.00
C VAL AB 168 59.59 -35.73 69.41
N LYS AB 169 60.04 -35.92 68.16
CA LYS AB 169 59.96 -37.25 67.54
C LYS AB 169 60.93 -38.23 68.20
N GLU AB 170 62.16 -37.77 68.51
CA GLU AB 170 63.13 -38.59 69.24
C GLU AB 170 62.59 -39.03 70.60
N LEU AB 171 62.07 -38.08 71.38
CA LEU AB 171 61.59 -38.40 72.72
C LEU AB 171 60.33 -39.25 72.69
N ALA AB 172 59.47 -39.06 71.69
CA ALA AB 172 58.26 -39.86 71.59
C ALA AB 172 58.57 -41.31 71.20
N LYS AB 173 59.48 -41.51 70.23
CA LYS AB 173 59.80 -42.87 69.84
C LYS AB 173 60.61 -43.57 70.93
N LYS AB 174 61.42 -42.81 71.69
CA LYS AB 174 62.12 -43.42 72.81
C LYS AB 174 61.19 -43.68 73.99
N ALA AB 175 60.08 -42.93 74.08
CA ALA AB 175 59.09 -43.22 75.11
C ALA AB 175 58.29 -44.46 74.74
N ARG AB 176 58.06 -44.67 73.45
CA ARG AB 176 57.39 -45.89 73.01
C ARG AB 176 58.29 -47.11 73.16
N ASP AB 177 59.60 -46.94 72.98
CA ASP AB 177 60.53 -48.04 73.21
C ASP AB 177 60.94 -48.20 74.69
N GLY AB 178 60.66 -47.21 75.53
CA GLY AB 178 60.96 -47.29 76.95
C GLY AB 178 62.43 -47.23 77.28
N LYS AB 179 63.13 -46.23 76.75
CA LYS AB 179 64.59 -46.15 76.85
C LYS AB 179 65.03 -44.77 77.32
N LEU AB 180 64.47 -44.29 78.43
CA LEU AB 180 64.73 -42.94 78.92
C LEU AB 180 65.62 -42.95 80.15
N LYS AB 181 66.37 -41.87 80.33
CA LYS AB 181 67.13 -41.47 81.50
C LYS AB 181 66.26 -40.61 82.40
N PRO AB 182 66.47 -40.64 83.72
CA PRO AB 182 65.62 -39.82 84.62
C PRO AB 182 65.79 -38.33 84.44
N GLU AB 183 66.94 -37.89 83.93
CA GLU AB 183 67.15 -36.48 83.62
C GLU AB 183 66.39 -36.02 82.38
N GLU AB 184 65.82 -36.96 81.61
CA GLU AB 184 65.03 -36.59 80.44
C GLU AB 184 63.55 -36.42 80.75
N TYR AB 185 63.07 -36.90 81.90
CA TYR AB 185 61.66 -36.71 82.25
C TYR AB 185 61.49 -36.24 83.69
N GLN AB 186 62.57 -35.79 84.33
CA GLN AB 186 62.50 -35.22 85.68
C GLN AB 186 62.99 -33.78 85.62
N GLY AB 187 62.07 -32.84 85.71
CA GLY AB 187 62.40 -31.43 85.65
C GLY AB 187 61.34 -30.63 84.93
N GLY AB 188 61.76 -29.68 84.08
CA GLY AB 188 60.83 -28.89 83.32
C GLY AB 188 60.23 -27.73 84.08
N SER AB 189 59.79 -26.70 83.36
CA SER AB 189 59.16 -25.54 83.98
C SER AB 189 57.69 -25.38 83.62
N ILE AB 190 57.23 -26.01 82.53
CA ILE AB 190 55.84 -25.94 82.12
C ILE AB 190 55.53 -27.20 81.30
N SER AB 191 54.26 -27.58 81.27
CA SER AB 191 53.82 -28.82 80.64
C SER AB 191 52.74 -28.52 79.59
N ILE AB 192 52.46 -29.52 78.77
CA ILE AB 192 51.39 -29.44 77.77
C ILE AB 192 50.85 -30.84 77.53
N SER AB 193 49.52 -30.96 77.53
CA SER AB 193 48.83 -32.20 77.25
C SER AB 193 48.07 -32.04 75.93
N ASN AB 194 48.28 -32.97 75.01
CA ASN AB 194 47.77 -32.88 73.66
C ASN AB 194 46.77 -33.99 73.41
N MET AB 195 45.58 -33.63 72.94
CA MET AB 195 44.54 -34.60 72.60
C MET AB 195 43.88 -34.26 71.28
N GLY AB 196 44.67 -33.85 70.29
CA GLY AB 196 44.12 -33.51 68.99
C GLY AB 196 43.84 -34.71 68.10
N MET AB 197 44.41 -35.87 68.43
CA MET AB 197 44.17 -37.06 67.61
C MET AB 197 42.78 -37.63 67.87
N ASN AB 198 42.21 -37.33 69.03
CA ASN AB 198 40.84 -37.73 69.36
C ASN AB 198 39.89 -36.60 68.98
N PRO AB 199 39.04 -36.79 67.97
CA PRO AB 199 38.13 -35.70 67.56
C PRO AB 199 36.95 -35.49 68.48
N ALA AB 200 36.75 -36.36 69.48
CA ALA AB 200 35.61 -36.20 70.37
C ALA AB 200 35.90 -35.18 71.48
N VAL AB 201 37.16 -35.05 71.88
CA VAL AB 201 37.51 -34.20 73.02
C VAL AB 201 37.46 -32.74 72.57
N GLN AB 202 36.36 -32.06 72.89
CA GLN AB 202 36.27 -30.63 72.62
C GLN AB 202 37.10 -29.83 73.61
N SER AB 203 37.09 -30.23 74.88
CA SER AB 203 37.80 -29.52 75.93
C SER AB 203 38.06 -30.48 77.07
N PHE AB 204 39.21 -30.30 77.73
CA PHE AB 204 39.52 -31.07 78.92
C PHE AB 204 40.49 -30.29 79.78
N THR AB 205 40.55 -30.66 81.05
CA THR AB 205 41.48 -30.08 82.00
C THR AB 205 42.55 -31.12 82.37
N ALA AB 206 43.66 -30.62 82.89
CA ALA AB 206 44.76 -31.49 83.28
C ALA AB 206 45.20 -31.13 84.70
N ILE AB 207 45.95 -32.04 85.30
CA ILE AB 207 46.48 -31.85 86.64
C ILE AB 207 47.94 -31.41 86.52
N ILE AB 208 48.30 -30.39 87.30
CA ILE AB 208 49.63 -29.81 87.22
C ILE AB 208 50.66 -30.77 87.82
N ASN AB 209 51.69 -31.08 87.03
CA ASN AB 209 52.78 -31.91 87.54
C ASN AB 209 53.63 -31.10 88.51
N PRO AB 210 53.80 -31.56 89.75
CA PRO AB 210 54.62 -30.82 90.69
C PRO AB 210 56.08 -30.96 90.36
N PRO AB 211 56.91 -29.94 90.64
CA PRO AB 211 56.56 -28.67 91.27
C PRO AB 211 56.31 -27.52 90.29
N GLN AB 212 55.78 -27.81 89.10
CA GLN AB 212 55.54 -26.76 88.13
C GLN AB 212 54.31 -25.93 88.53
N ALA AB 213 54.11 -24.83 87.79
CA ALA AB 213 53.06 -23.87 88.15
C ALA AB 213 51.88 -23.86 87.19
N ALA AB 214 52.03 -24.39 85.97
CA ALA AB 214 50.95 -24.33 85.00
C ALA AB 214 51.01 -25.57 84.11
N ILE AB 215 49.87 -25.89 83.50
CA ILE AB 215 49.80 -26.95 82.50
C ILE AB 215 48.80 -26.55 81.42
N LEU AB 216 49.09 -26.90 80.18
CA LEU AB 216 48.23 -26.58 79.07
C LEU AB 216 47.45 -27.83 78.65
N ALA AB 217 46.27 -27.63 78.07
CA ALA AB 217 45.43 -28.73 77.59
C ALA AB 217 44.78 -28.27 76.29
N VAL AB 218 44.97 -29.04 75.22
CA VAL AB 218 44.58 -28.63 73.88
C VAL AB 218 43.55 -29.61 73.34
N GLY AB 219 42.37 -29.09 72.97
CA GLY AB 219 41.30 -29.95 72.47
C GLY AB 219 41.29 -30.06 70.96
N ALA AB 220 40.41 -30.92 70.47
CA ALA AB 220 40.29 -31.17 69.05
C ALA AB 220 39.74 -29.94 68.33
N PRO AB 221 40.22 -29.68 67.11
CA PRO AB 221 39.68 -28.54 66.34
C PRO AB 221 38.28 -28.82 65.81
N GLN AB 222 37.48 -27.76 65.76
CA GLN AB 222 36.11 -27.82 65.28
C GLN AB 222 35.81 -26.59 64.43
N LYS AB 223 34.79 -26.67 63.59
CA LYS AB 223 34.36 -25.55 62.75
C LYS AB 223 33.37 -24.69 63.51
N VAL AB 224 33.72 -23.42 63.69
CA VAL AB 224 32.87 -22.45 64.39
C VAL AB 224 32.50 -21.34 63.43
N ALA AB 225 31.23 -20.97 63.42
CA ALA AB 225 30.74 -19.89 62.57
C ALA AB 225 31.24 -18.54 63.08
N VAL AB 226 31.91 -17.80 62.20
CA VAL AB 226 32.53 -16.52 62.53
C VAL AB 226 32.05 -15.47 61.53
N PRO AB 227 31.61 -14.29 61.99
CA PRO AB 227 31.07 -13.30 61.05
C PRO AB 227 32.17 -12.67 60.19
N VAL AB 228 31.77 -12.27 58.98
CA VAL AB 228 32.68 -11.68 58.02
C VAL AB 228 31.92 -10.60 57.24
N GLU AB 229 32.61 -9.50 56.94
CA GLU AB 229 32.06 -8.49 56.06
C GLU AB 229 32.44 -8.84 54.63
N ASN AB 230 31.50 -8.68 53.72
CA ASN AB 230 31.83 -8.71 52.30
C ASN AB 230 32.25 -7.30 51.89
N GLU AB 231 32.43 -7.07 50.60
CA GLU AB 231 32.79 -5.74 50.12
C GLU AB 231 31.58 -4.80 50.02
N ASP AB 232 30.40 -5.25 50.44
CA ASP AB 232 29.25 -4.39 50.67
C ASP AB 232 28.94 -4.37 52.17
N GLY AB 233 27.84 -3.70 52.53
CA GLY AB 233 27.57 -3.39 53.93
C GLY AB 233 27.12 -4.57 54.78
N THR AB 234 26.64 -5.65 54.18
CA THR AB 234 26.03 -6.71 54.95
C THR AB 234 27.08 -7.63 55.56
N THR AB 235 26.68 -8.38 56.59
CA THR AB 235 27.54 -9.38 57.21
C THR AB 235 27.29 -10.76 56.63
N GLY AB 236 28.24 -11.67 56.85
CA GLY AB 236 28.16 -12.99 56.31
C GLY AB 236 28.53 -14.06 57.34
N VAL AB 237 28.59 -15.30 56.87
CA VAL AB 237 28.99 -16.43 57.69
C VAL AB 237 30.26 -17.02 57.09
N SER AB 238 31.34 -17.00 57.86
CA SER AB 238 32.57 -17.67 57.51
C SER AB 238 32.83 -18.78 58.52
N TRP AB 239 33.49 -19.83 58.07
CA TRP AB 239 33.75 -21.01 58.89
C TRP AB 239 35.23 -21.01 59.29
N ASP AB 240 35.48 -20.87 60.59
CA ASP AB 240 36.82 -20.76 61.14
C ASP AB 240 37.17 -22.02 61.91
N GLU AB 241 38.42 -22.45 61.81
CA GLU AB 241 38.90 -23.62 62.55
C GLU AB 241 39.37 -23.13 63.92
N GLN AB 242 38.66 -23.53 64.97
CA GLN AB 242 38.98 -23.09 66.33
C GLN AB 242 39.39 -24.28 67.19
N ILE AB 243 40.25 -24.01 68.16
CA ILE AB 243 40.76 -25.02 69.09
C ILE AB 243 40.56 -24.48 70.50
N ILE AB 244 39.91 -25.27 71.36
CA ILE AB 244 39.69 -24.88 72.74
C ILE AB 244 40.93 -25.26 73.55
N VAL AB 245 41.54 -24.25 74.18
CA VAL AB 245 42.76 -24.40 74.96
C VAL AB 245 42.46 -24.02 76.40
N THR AB 246 42.70 -24.95 77.32
CA THR AB 246 42.46 -24.73 78.75
C THR AB 246 43.80 -24.78 79.48
N ALA AB 247 44.12 -23.71 80.18
CA ALA AB 247 45.36 -23.63 80.95
C ALA AB 247 45.02 -23.67 82.43
N SER AB 248 45.59 -24.64 83.14
CA SER AB 248 45.38 -24.80 84.58
C SER AB 248 46.58 -24.19 85.30
N PHE AB 249 46.30 -23.23 86.18
CA PHE AB 249 47.33 -22.52 86.93
C PHE AB 249 47.20 -22.83 88.42
N ASP AB 250 48.34 -22.67 89.11
CA ASP AB 250 48.40 -22.75 90.56
C ASP AB 250 48.28 -21.35 91.13
N HIS AB 251 47.35 -21.16 92.08
CA HIS AB 251 47.03 -19.82 92.55
C HIS AB 251 48.03 -19.30 93.57
N LYS AB 252 48.95 -20.14 94.05
CA LYS AB 252 49.99 -19.65 94.96
C LYS AB 252 51.02 -18.82 94.23
N VAL AB 253 51.25 -19.10 92.95
CA VAL AB 253 52.25 -18.42 92.15
C VAL AB 253 51.61 -17.47 91.14
N VAL AB 254 50.61 -17.94 90.41
CA VAL AB 254 50.00 -17.19 89.32
C VAL AB 254 48.62 -16.74 89.74
N ASP AB 255 48.34 -15.44 89.61
CA ASP AB 255 47.00 -14.93 89.82
C ASP AB 255 46.21 -14.95 88.51
N GLY AB 256 44.95 -14.53 88.61
CA GLY AB 256 44.07 -14.60 87.46
C GLY AB 256 44.43 -13.61 86.37
N ALA AB 257 44.88 -12.42 86.77
CA ALA AB 257 45.31 -11.42 85.79
C ALA AB 257 46.60 -11.85 85.08
N VAL AB 258 47.51 -12.49 85.81
CA VAL AB 258 48.75 -12.99 85.19
C VAL AB 258 48.44 -14.14 84.24
N GLY AB 259 47.53 -15.03 84.63
CA GLY AB 259 47.12 -16.10 83.73
C GLY AB 259 46.38 -15.59 82.51
N ALA AB 260 45.60 -14.52 82.67
CA ALA AB 260 44.90 -13.93 81.54
C ALA AB 260 45.86 -13.23 80.60
N GLU AB 261 46.91 -12.58 81.13
CA GLU AB 261 47.94 -11.99 80.27
C GLU AB 261 48.73 -13.06 79.52
N TRP AB 262 49.04 -14.17 80.19
CA TRP AB 262 49.73 -15.28 79.52
C TRP AB 262 48.86 -15.88 78.41
N ILE AB 263 47.57 -16.06 78.68
CA ILE AB 263 46.63 -16.58 77.68
C ILE AB 263 46.48 -15.60 76.52
N ARG AB 264 46.49 -14.29 76.81
CA ARG AB 264 46.36 -13.28 75.76
C ARG AB 264 47.60 -13.24 74.86
N GLU AB 265 48.78 -13.35 75.45
CA GLU AB 265 50.00 -13.37 74.64
C GLU AB 265 50.10 -14.66 73.83
N LEU AB 266 49.68 -15.79 74.39
CA LEU AB 266 49.66 -17.04 73.65
C LEU AB 266 48.67 -16.97 72.47
N LYS AB 267 47.50 -16.38 72.71
CA LYS AB 267 46.51 -16.21 71.65
C LYS AB 267 46.99 -15.25 70.57
N LYS AB 268 47.72 -14.21 70.96
CA LYS AB 268 48.28 -13.27 69.99
C LYS AB 268 49.31 -13.94 69.11
N VAL AB 269 50.24 -14.69 69.71
CA VAL AB 269 51.29 -15.36 68.94
C VAL AB 269 50.70 -16.49 68.07
N ILE AB 270 49.62 -17.13 68.51
CA ILE AB 270 49.01 -18.18 67.71
C ILE AB 270 48.22 -17.58 66.55
N GLU AB 271 47.38 -16.58 66.81
CA GLU AB 271 46.53 -16.02 65.77
C GLU AB 271 47.28 -15.08 64.84
N ASN AB 272 48.50 -14.67 65.17
CA ASN AB 272 49.38 -13.96 64.25
C ASN AB 272 50.65 -14.79 64.14
N PRO AB 273 50.70 -15.71 63.16
CA PRO AB 273 51.81 -16.67 63.11
C PRO AB 273 53.13 -16.08 62.67
N LEU AB 274 53.14 -14.85 62.14
CA LEU AB 274 54.40 -14.19 61.80
C LEU AB 274 55.13 -13.66 63.02
N GLU AB 275 54.48 -13.64 64.18
CA GLU AB 275 55.12 -13.20 65.41
C GLU AB 275 56.00 -14.28 66.04
N LEU AB 276 56.03 -15.49 65.46
CA LEU AB 276 56.94 -16.52 65.93
C LEU AB 276 58.38 -16.24 65.54
N LEU AB 277 58.60 -15.35 64.58
CA LEU AB 277 59.95 -14.90 64.24
C LEU AB 277 60.54 -14.08 65.37
N LEU AB 278 59.76 -13.17 65.92
CA LEU AB 278 60.21 -12.30 67.01
C LEU AB 278 60.21 -13.04 68.33
N TYR BB 47 19.03 -102.72 44.88
CA TYR BB 47 20.27 -103.03 44.19
C TYR BB 47 21.45 -102.79 45.12
N THR BB 48 21.84 -101.53 45.26
CA THR BB 48 22.90 -101.16 46.20
C THR BB 48 22.30 -100.98 47.59
N ASP BB 49 22.84 -101.71 48.55
CA ASP BB 49 22.26 -101.92 49.87
C ASP BB 49 23.27 -101.57 50.95
N VAL BB 50 23.81 -100.35 50.90
CA VAL BB 50 24.66 -99.81 51.97
C VAL BB 50 23.85 -99.77 53.26
N PRO BB 51 24.45 -100.15 54.39
CA PRO BB 51 23.69 -100.22 55.64
C PRO BB 51 23.55 -98.86 56.31
N ILE BB 52 22.64 -98.81 57.29
CA ILE BB 52 22.43 -97.60 58.08
C ILE BB 52 23.63 -97.40 58.99
N SER BB 53 24.02 -96.14 59.20
CA SER BB 53 25.22 -95.83 59.96
C SER BB 53 25.08 -96.16 61.44
N GLY BB 54 23.85 -96.25 61.95
CA GLY BB 54 23.65 -96.50 63.36
C GLY BB 54 23.40 -95.20 64.11
N MET BB 55 24.13 -94.14 63.71
CA MET BB 55 23.84 -92.80 64.19
C MET BB 55 22.51 -92.29 63.65
N ARG BB 56 22.15 -92.66 62.42
CA ARG BB 56 20.85 -92.31 61.84
C ARG BB 56 19.68 -92.98 62.55
N LYS BB 57 19.92 -94.13 63.21
CA LYS BB 57 18.84 -94.86 63.87
C LYS BB 57 18.32 -94.09 65.09
N THR BB 58 19.23 -93.44 65.82
CA THR BB 58 18.82 -92.63 66.97
C THR BB 58 18.04 -91.39 66.53
N ILE BB 59 18.44 -90.75 65.44
CA ILE BB 59 17.70 -89.58 64.95
C ILE BB 59 16.35 -90.00 64.39
N ALA BB 60 16.27 -91.19 63.77
CA ALA BB 60 15.01 -91.70 63.27
C ALA BB 60 14.05 -92.03 64.42
N ALA BB 61 14.57 -92.63 65.49
CA ALA BB 61 13.74 -92.91 66.67
C ALA BB 61 13.32 -91.61 67.35
N ARG BB 62 14.20 -90.60 67.35
CA ARG BB 62 13.86 -89.33 67.98
C ARG BB 62 12.79 -88.57 67.20
N LEU BB 63 12.87 -88.58 65.87
CA LEU BB 63 11.83 -87.97 65.05
C LEU BB 63 10.53 -88.75 65.14
N LYS BB 64 10.62 -90.08 65.32
CA LYS BB 64 9.44 -90.89 65.57
C LYS BB 64 8.78 -90.49 66.89
N GLU BB 65 9.57 -90.31 67.95
CA GLU BB 65 9.05 -89.84 69.24
C GLU BB 65 8.39 -88.48 69.10
N SER BB 66 9.00 -87.59 68.32
CA SER BB 66 8.46 -86.25 68.12
C SER BB 66 7.11 -86.28 67.41
N VAL BB 67 6.99 -87.05 66.33
CA VAL BB 67 5.74 -87.06 65.58
C VAL BB 67 4.69 -87.91 66.28
N THR BB 68 5.09 -88.80 67.19
CA THR BB 68 4.07 -89.64 67.82
C THR BB 68 3.62 -89.08 69.17
N GLU BB 69 4.39 -88.16 69.76
CA GLU BB 69 3.97 -87.63 71.06
C GLU BB 69 3.60 -86.16 70.95
N ASN BB 70 4.01 -85.50 69.87
CA ASN BB 70 3.69 -84.10 69.65
C ASN BB 70 2.70 -83.97 68.51
N PRO BB 71 1.42 -83.67 68.78
CA PRO BB 71 0.51 -83.34 67.67
C PRO BB 71 0.82 -81.96 67.10
N HIS BB 72 1.47 -81.94 65.95
CA HIS BB 72 1.93 -80.68 65.36
C HIS BB 72 0.80 -79.95 64.68
N PHE BB 73 0.88 -78.62 64.70
CA PHE BB 73 0.07 -77.80 63.81
C PHE BB 73 0.89 -76.61 63.36
N PHE BB 74 0.73 -76.23 62.10
CA PHE BB 74 1.56 -75.21 61.47
C PHE BB 74 0.80 -73.90 61.36
N VAL BB 75 1.52 -72.80 61.55
CA VAL BB 75 0.99 -71.45 61.34
C VAL BB 75 1.95 -70.74 60.39
N SER BB 76 1.44 -70.30 59.25
CA SER BB 76 2.26 -69.67 58.23
C SER BB 76 1.99 -68.17 58.18
N THR BB 77 3.02 -67.41 57.82
CA THR BB 77 2.90 -65.97 57.67
C THR BB 77 3.92 -65.50 56.63
N ASN BB 78 3.76 -64.26 56.20
CA ASN BB 78 4.68 -63.63 55.26
C ASN BB 78 5.25 -62.38 55.92
N LEU BB 79 6.54 -62.39 56.20
CA LEU BB 79 7.22 -61.26 56.80
C LEU BB 79 7.82 -60.38 55.71
N SER BB 80 7.58 -59.08 55.79
CA SER BB 80 8.21 -58.12 54.89
C SER BB 80 9.56 -57.70 55.47
N VAL BB 81 10.62 -57.90 54.70
CA VAL BB 81 11.99 -57.68 55.17
C VAL BB 81 12.67 -56.55 54.39
N SER BB 82 11.89 -55.70 53.73
CA SER BB 82 12.47 -54.62 52.94
C SER BB 82 13.11 -53.55 53.81
N LYS BB 83 12.62 -53.36 55.04
CA LYS BB 83 13.27 -52.46 55.98
C LYS BB 83 14.37 -53.16 56.76
N LEU BB 84 14.21 -54.46 57.00
CA LEU BB 84 15.24 -55.23 57.69
C LEU BB 84 16.52 -55.32 56.86
N LEU BB 85 16.38 -55.46 55.55
CA LEU BB 85 17.54 -55.49 54.67
C LEU BB 85 18.22 -54.13 54.61
N LYS BB 86 17.46 -53.04 54.67
CA LYS BB 86 18.04 -51.70 54.70
C LYS BB 86 18.80 -51.46 56.00
N LEU BB 87 18.23 -51.92 57.13
CA LEU BB 87 18.91 -51.79 58.41
C LEU BB 87 20.18 -52.64 58.45
N ARG BB 88 20.13 -53.83 57.88
CA ARG BB 88 21.32 -54.69 57.82
C ARG BB 88 22.40 -54.09 56.92
N GLN BB 89 21.98 -53.46 55.80
CA GLN BB 89 22.93 -52.82 54.90
C GLN BB 89 23.60 -51.62 55.56
N ALA BB 90 22.82 -50.83 56.32
CA ALA BB 90 23.39 -49.68 57.03
C ALA BB 90 24.34 -50.12 58.13
N LEU BB 91 23.96 -51.15 58.90
CA LEU BB 91 24.81 -51.62 60.00
C LEU BB 91 26.06 -52.32 59.48
N ASN BB 92 25.99 -52.91 58.28
CA ASN BB 92 27.18 -53.52 57.70
C ASN BB 92 28.08 -52.47 57.06
N SER BB 93 27.50 -51.42 56.49
CA SER BB 93 28.31 -50.38 55.88
C SER BB 93 28.99 -49.50 56.91
N SER BB 94 28.37 -49.33 58.09
CA SER BB 94 28.99 -48.56 59.17
C SER BB 94 29.85 -49.46 60.05
N ALA BB 95 30.88 -50.04 59.44
CA ALA BB 95 31.78 -50.93 60.15
C ALA BB 95 33.15 -50.91 59.47
N ASP BB 96 34.15 -51.44 60.17
CA ASP BB 96 35.50 -51.55 59.66
C ASP BB 96 35.93 -53.01 59.54
N GLY BB 97 34.99 -53.88 59.21
CA GLY BB 97 35.27 -55.31 59.21
C GLY BB 97 35.22 -55.96 60.58
N ARG BB 98 34.62 -55.29 61.57
CA ARG BB 98 34.52 -55.89 62.90
C ARG BB 98 33.46 -56.98 62.95
N TYR BB 99 32.40 -56.84 62.16
CA TYR BB 99 31.30 -57.79 62.19
C TYR BB 99 30.68 -57.89 60.80
N LYS BB 100 29.82 -58.89 60.64
CA LYS BB 100 29.06 -59.07 59.40
C LYS BB 100 27.70 -59.63 59.79
N LEU BB 101 26.64 -58.86 59.49
CA LEU BB 101 25.30 -59.20 59.94
C LEU BB 101 24.54 -59.95 58.85
N SER BB 102 23.68 -60.86 59.28
CA SER BB 102 22.81 -61.63 58.39
C SER BB 102 21.37 -61.51 58.86
N VAL BB 103 20.46 -62.09 58.08
CA VAL BB 103 19.04 -62.05 58.41
C VAL BB 103 18.74 -62.95 59.60
N ASN BB 104 19.55 -63.99 59.78
CA ASN BB 104 19.34 -64.94 60.88
C ASN BB 104 19.56 -64.30 62.24
N ASP BB 105 20.42 -63.27 62.32
CA ASP BB 105 20.63 -62.55 63.56
C ASP BB 105 19.38 -61.78 63.99
N PHE BB 106 18.77 -61.06 63.04
CA PHE BB 106 17.52 -60.36 63.31
C PHE BB 106 16.40 -61.34 63.63
N LEU BB 107 16.40 -62.50 62.96
CA LEU BB 107 15.37 -63.50 63.22
C LEU BB 107 15.51 -64.10 64.61
N ILE BB 108 16.74 -64.36 65.05
CA ILE BB 108 16.98 -64.94 66.37
C ILE BB 108 16.64 -63.92 67.46
N LYS BB 109 16.98 -62.64 67.24
CA LYS BB 109 16.63 -61.60 68.20
C LYS BB 109 15.11 -61.38 68.26
N ALA BB 110 14.43 -61.44 67.12
CA ALA BB 110 12.98 -61.28 67.11
C ALA BB 110 12.29 -62.49 67.74
N MET BB 111 12.87 -63.68 67.58
CA MET BB 111 12.35 -64.86 68.26
C MET BB 111 12.50 -64.74 69.77
N GLY BB 112 13.62 -64.17 70.22
CA GLY BB 112 13.79 -63.94 71.66
C GLY BB 112 12.80 -62.93 72.21
N ILE BB 113 12.56 -61.86 71.46
CA ILE BB 113 11.60 -60.82 71.87
C ILE BB 113 10.18 -61.39 71.92
N ALA BB 114 9.83 -62.18 70.89
CA ALA BB 114 8.48 -62.76 70.82
C ALA BB 114 8.27 -63.83 71.90
N SER BB 115 9.32 -64.62 72.20
CA SER BB 115 9.19 -65.62 73.26
C SER BB 115 9.18 -64.99 74.64
N LYS BB 116 9.80 -63.81 74.79
CA LYS BB 116 9.67 -63.10 76.06
C LYS BB 116 8.30 -62.46 76.20
N ARG BB 117 7.70 -61.99 75.11
CA ARG BB 117 6.36 -61.40 75.19
C ARG BB 117 5.28 -62.45 75.36
N VAL BB 118 5.39 -63.59 74.69
CA VAL BB 118 4.45 -64.70 74.88
C VAL BB 118 5.21 -65.87 75.51
N PRO BB 119 5.21 -65.99 76.84
CA PRO BB 119 6.05 -67.02 77.49
C PRO BB 119 5.46 -68.42 77.45
N THR BB 120 4.25 -68.60 76.91
CA THR BB 120 3.66 -69.93 76.84
C THR BB 120 4.35 -70.80 75.79
N VAL BB 121 4.85 -70.17 74.71
CA VAL BB 121 5.56 -70.91 73.67
C VAL BB 121 6.92 -71.37 74.17
N ASN BB 122 7.54 -70.61 75.07
CA ASN BB 122 8.84 -70.96 75.63
C ASN BB 122 8.64 -71.92 76.80
N SER BB 123 8.29 -73.16 76.47
CA SER BB 123 7.99 -74.17 77.48
C SER BB 123 8.34 -75.55 76.93
N SER BB 124 7.94 -76.58 77.66
CA SER BB 124 8.21 -77.97 77.30
C SER BB 124 7.07 -78.83 77.83
N TRP BB 125 7.32 -80.14 77.93
CA TRP BB 125 6.33 -81.09 78.43
C TRP BB 125 7.07 -82.16 79.23
N ARG BB 126 6.79 -82.21 80.53
CA ARG BB 126 7.56 -83.02 81.47
C ARG BB 126 6.65 -83.94 82.27
N ASP BB 127 7.15 -84.52 83.36
CA ASP BB 127 6.40 -85.50 84.14
C ASP BB 127 5.25 -84.83 84.86
N GLY BB 128 4.09 -84.80 84.19
CA GLY BB 128 2.89 -84.19 84.75
C GLY BB 128 2.98 -82.70 84.98
N VAL BB 129 3.89 -82.01 84.29
CA VAL BB 129 4.25 -80.64 84.63
C VAL BB 129 4.79 -79.94 83.39
N ILE BB 130 4.54 -78.64 83.32
CA ILE BB 130 5.01 -77.78 82.23
C ILE BB 130 6.22 -77.02 82.75
N ARG BB 131 7.36 -77.18 82.09
CA ARG BB 131 8.57 -76.47 82.51
C ARG BB 131 8.72 -75.20 81.69
N GLN BB 132 8.64 -74.05 82.36
CA GLN BB 132 8.66 -72.75 81.72
C GLN BB 132 9.95 -72.03 82.10
N PHE BB 133 10.73 -71.64 81.09
CA PHE BB 133 12.00 -70.98 81.27
C PHE BB 133 11.83 -69.45 81.21
N GLU BB 134 12.85 -68.75 81.71
CA GLU BB 134 12.91 -67.29 81.57
C GLU BB 134 13.65 -66.87 80.31
N THR BB 135 14.89 -67.33 80.15
CA THR BB 135 15.71 -66.94 79.01
C THR BB 135 15.35 -67.74 77.78
N VAL BB 136 15.60 -67.16 76.61
CA VAL BB 136 15.34 -67.80 75.32
C VAL BB 136 16.68 -68.37 74.84
N ASP BB 137 16.77 -69.70 74.80
CA ASP BB 137 17.94 -70.39 74.27
C ASP BB 137 17.55 -70.95 72.90
N VAL BB 138 18.18 -70.44 71.86
CA VAL BB 138 17.76 -70.70 70.49
C VAL BB 138 18.71 -71.72 69.87
N SER BB 139 18.17 -72.85 69.43
CA SER BB 139 18.94 -73.88 68.74
C SER BB 139 18.92 -73.60 67.25
N VAL BB 140 20.09 -73.44 66.65
CA VAL BB 140 20.22 -73.11 65.23
C VAL BB 140 20.71 -74.34 64.49
N ALA BB 141 20.01 -74.72 63.42
CA ALA BB 141 20.37 -75.91 62.67
C ALA BB 141 21.52 -75.60 61.71
N VAL BB 142 22.56 -76.42 61.77
CA VAL BB 142 23.73 -76.29 60.90
C VAL BB 142 23.81 -77.53 60.03
N ALA BB 143 23.90 -77.33 58.71
CA ALA BB 143 23.93 -78.43 57.75
C ALA BB 143 25.37 -78.87 57.53
N THR BB 144 25.74 -80.00 58.11
CA THR BB 144 27.03 -80.65 57.97
C THR BB 144 26.89 -81.87 57.06
N PRO BB 145 27.97 -82.32 56.41
CA PRO BB 145 27.88 -83.53 55.57
C PRO BB 145 27.57 -84.81 56.33
N ASN BB 146 27.72 -84.81 57.66
CA ASN BB 146 27.25 -85.89 58.52
C ASN BB 146 25.84 -85.63 59.05
N GLY BB 147 25.03 -84.87 58.33
CA GLY BB 147 23.63 -84.73 58.69
C GLY BB 147 23.22 -83.38 59.26
N LEU BB 148 22.74 -83.39 60.49
CA LEU BB 148 22.18 -82.18 61.09
C LEU BB 148 22.60 -82.09 62.55
N ILE BB 149 22.95 -80.89 62.98
CA ILE BB 149 23.27 -80.62 64.38
C ILE BB 149 22.65 -79.27 64.73
N THR BB 150 22.31 -79.09 66.02
CA THR BB 150 21.66 -77.87 66.51
C THR BB 150 22.43 -77.31 67.69
N PRO BB 151 23.48 -76.52 67.45
CA PRO BB 151 24.11 -75.78 68.55
C PRO BB 151 23.21 -74.66 69.05
N ILE BB 152 23.37 -74.32 70.32
CA ILE BB 152 22.47 -73.45 71.05
C ILE BB 152 23.15 -72.11 71.33
N VAL BB 153 22.45 -71.03 71.03
CA VAL BB 153 22.82 -69.69 71.47
C VAL BB 153 22.05 -69.43 72.76
N LYS BB 154 22.78 -69.23 73.85
CA LYS BB 154 22.18 -69.08 75.17
C LYS BB 154 21.99 -67.61 75.50
N GLY BB 155 20.84 -67.30 76.13
CA GLY BB 155 20.53 -65.97 76.56
C GLY BB 155 20.37 -64.98 75.42
N VAL BB 156 19.37 -65.22 74.56
CA VAL BB 156 19.24 -64.45 73.33
C VAL BB 156 18.74 -63.04 73.61
N GLU BB 157 17.72 -62.91 74.45
CA GLU BB 157 17.21 -61.58 74.79
C GLU BB 157 18.23 -60.86 75.66
N GLY BB 158 18.46 -59.59 75.35
CA GLY BB 158 19.51 -58.83 76.00
C GLY BB 158 20.91 -59.34 75.75
N LYS BB 159 21.27 -59.61 74.50
CA LYS BB 159 22.60 -60.11 74.19
C LYS BB 159 23.36 -59.24 73.20
N GLY BB 160 22.70 -58.75 72.16
CA GLY BB 160 23.39 -57.95 71.16
C GLY BB 160 23.57 -58.70 69.85
N LEU BB 161 23.42 -57.97 68.75
CA LEU BB 161 23.44 -58.58 67.43
C LEU BB 161 24.85 -59.03 67.04
N GLU BB 162 25.86 -58.29 67.47
CA GLU BB 162 27.24 -58.69 67.19
C GLU BB 162 27.62 -59.92 67.98
N SER BB 163 27.15 -60.03 69.23
CA SER BB 163 27.39 -61.21 70.03
C SER BB 163 26.67 -62.42 69.46
N ILE BB 164 25.45 -62.22 68.94
CA ILE BB 164 24.70 -63.29 68.32
C ILE BB 164 25.39 -63.77 67.04
N SER BB 165 25.87 -62.82 66.22
CA SER BB 165 26.58 -63.16 65.00
C SER BB 165 27.88 -63.90 65.29
N ALA BB 166 28.61 -63.45 66.32
CA ALA BB 166 29.86 -64.11 66.70
C ALA BB 166 29.62 -65.52 67.20
N ALA BB 167 28.58 -65.71 68.03
CA ALA BB 167 28.28 -67.04 68.56
C ALA BB 167 27.79 -67.98 67.47
N VAL BB 168 27.00 -67.47 66.53
CA VAL BB 168 26.51 -68.29 65.42
C VAL BB 168 27.67 -68.69 64.51
N LYS BB 169 28.61 -67.78 64.25
CA LYS BB 169 29.75 -68.11 63.40
C LYS BB 169 30.69 -69.12 64.08
N GLU BB 170 30.95 -68.92 65.39
CA GLU BB 170 31.73 -69.87 66.18
C GLU BB 170 31.12 -71.27 66.16
N LEU BB 171 29.82 -71.36 66.45
CA LEU BB 171 29.17 -72.67 66.53
C LEU BB 171 29.04 -73.32 65.16
N ALA BB 172 28.86 -72.53 64.10
CA ALA BB 172 28.77 -73.09 62.76
C ALA BB 172 30.12 -73.63 62.27
N LYS BB 173 31.21 -72.89 62.51
CA LYS BB 173 32.51 -73.38 62.07
C LYS BB 173 32.97 -74.56 62.93
N LYS BB 174 32.56 -74.59 64.20
CA LYS BB 174 32.89 -75.74 65.02
C LYS BB 174 32.01 -76.93 64.68
N ALA BB 175 30.81 -76.69 64.12
CA ALA BB 175 29.99 -77.78 63.65
C ALA BB 175 30.55 -78.37 62.35
N ARG BB 176 31.14 -77.50 61.51
CA ARG BB 176 31.78 -77.99 60.30
C ARG BB 176 33.07 -78.74 60.62
N ASP BB 177 33.79 -78.34 61.67
CA ASP BB 177 34.97 -79.08 62.10
C ASP BB 177 34.66 -80.26 63.01
N GLY BB 178 33.44 -80.36 63.53
CA GLY BB 178 33.03 -81.49 64.36
C GLY BB 178 33.69 -81.52 65.73
N LYS BB 179 33.64 -80.40 66.46
CA LYS BB 179 34.37 -80.25 67.72
C LYS BB 179 33.47 -79.73 68.81
N LEU BB 180 32.32 -80.37 69.03
CA LEU BB 180 31.32 -79.90 69.98
C LEU BB 180 31.29 -80.76 71.24
N LYS BB 181 30.89 -80.15 72.34
CA LYS BB 181 30.53 -80.72 73.63
C LYS BB 181 29.03 -81.00 73.65
N PRO BB 182 28.58 -82.03 74.37
CA PRO BB 182 27.13 -82.34 74.40
C PRO BB 182 26.28 -81.27 75.06
N GLU BB 183 26.87 -80.45 75.94
CA GLU BB 183 26.16 -79.32 76.53
C GLU BB 183 25.96 -78.17 75.55
N GLU BB 184 26.62 -78.20 74.39
CA GLU BB 184 26.44 -77.17 73.38
C GLU BB 184 25.34 -77.49 72.37
N TYR BB 185 24.88 -78.75 72.30
CA TYR BB 185 23.79 -79.09 71.39
C TYR BB 185 22.72 -79.94 72.06
N GLN BB 186 22.75 -80.03 73.39
CA GLN BB 186 21.71 -80.75 74.13
C GLN BB 186 21.03 -79.75 75.08
N GLY BB 187 19.81 -79.37 74.74
CA GLY BB 187 19.07 -78.41 75.54
C GLY BB 187 18.23 -77.49 74.68
N GLY BB 188 18.19 -76.21 75.01
CA GLY BB 188 17.45 -75.23 74.24
C GLY BB 188 15.97 -75.20 74.55
N SER BB 189 15.34 -74.06 74.27
CA SER BB 189 13.90 -73.91 74.48
C SER BB 189 13.12 -73.72 73.19
N ILE BB 190 13.76 -73.31 72.11
CA ILE BB 190 13.11 -73.11 70.83
C ILE BB 190 14.16 -73.28 69.73
N SER BB 191 13.71 -73.66 68.53
CA SER BB 191 14.59 -73.97 67.42
C SER BB 191 14.24 -73.10 66.22
N ILE BB 192 15.14 -73.11 65.23
CA ILE BB 192 14.91 -72.40 63.97
C ILE BB 192 15.67 -73.15 62.86
N SER BB 193 14.99 -73.38 61.75
CA SER BB 193 15.59 -74.01 60.57
C SER BB 193 15.62 -72.98 59.46
N ASN BB 194 16.79 -72.80 58.86
CA ASN BB 194 17.04 -71.74 57.89
C ASN BB 194 17.35 -72.35 56.52
N MET BB 195 16.63 -71.92 55.50
CA MET BB 195 16.85 -72.37 54.13
C MET BB 195 16.82 -71.21 53.15
N GLY BB 196 17.44 -70.09 53.53
CA GLY BB 196 17.48 -68.93 52.65
C GLY BB 196 18.53 -69.00 51.57
N MET BB 197 19.52 -69.89 51.71
CA MET BB 197 20.56 -70.02 50.71
C MET BB 197 20.04 -70.74 49.46
N ASN BB 198 18.99 -71.54 49.61
CA ASN BB 198 18.34 -72.20 48.49
C ASN BB 198 17.18 -71.34 48.01
N PRO BB 199 17.27 -70.77 46.80
CA PRO BB 199 16.19 -69.90 46.32
C PRO BB 199 14.96 -70.64 45.83
N ALA BB 200 15.00 -71.97 45.78
CA ALA BB 200 13.83 -72.72 45.30
C ALA BB 200 12.81 -72.92 46.41
N VAL BB 201 13.26 -73.01 47.67
CA VAL BB 201 12.37 -73.33 48.78
C VAL BB 201 11.54 -72.10 49.11
N GLN BB 202 10.30 -72.07 48.62
CA GLN BB 202 9.38 -70.99 48.99
C GLN BB 202 8.86 -71.17 50.42
N SER BB 203 8.56 -72.41 50.80
CA SER BB 203 8.01 -72.70 52.10
C SER BB 203 8.32 -74.14 52.44
N PHE BB 204 8.56 -74.42 53.73
CA PHE BB 204 8.73 -75.79 54.19
C PHE BB 204 8.36 -75.85 55.66
N THR BB 205 8.08 -77.07 56.12
CA THR BB 205 7.80 -77.35 57.51
C THR BB 205 8.95 -78.12 58.13
N ALA BB 206 9.01 -78.10 59.45
CA ALA BB 206 10.07 -78.79 60.19
C ALA BB 206 9.44 -79.63 61.29
N ILE BB 207 10.22 -80.57 61.81
CA ILE BB 207 9.80 -81.43 62.90
C ILE BB 207 10.38 -80.89 64.19
N ILE BB 208 9.54 -80.82 65.23
CA ILE BB 208 9.95 -80.24 66.51
C ILE BB 208 10.92 -81.17 67.21
N ASN BB 209 12.08 -80.62 67.59
CA ASN BB 209 13.05 -81.38 68.37
C ASN BB 209 12.54 -81.54 69.79
N PRO BB 210 12.40 -82.77 70.28
CA PRO BB 210 11.93 -82.95 71.66
C PRO BB 210 13.02 -82.60 72.64
N PRO BB 211 12.66 -82.09 73.83
CA PRO BB 211 11.30 -81.85 74.32
C PRO BB 211 10.81 -80.41 74.15
N GLN BB 212 11.24 -79.73 73.09
CA GLN BB 212 10.81 -78.35 72.88
C GLN BB 212 9.36 -78.31 72.38
N ALA BB 213 8.81 -77.09 72.33
CA ALA BB 213 7.40 -76.90 72.01
C ALA BB 213 7.15 -76.30 70.63
N ALA BB 214 8.14 -75.66 70.02
CA ALA BB 214 7.92 -74.99 68.75
C ALA BB 214 9.20 -75.05 67.92
N ILE BB 215 9.04 -74.90 66.61
CA ILE BB 215 10.18 -74.79 65.70
C ILE BB 215 9.81 -73.82 64.58
N LEU BB 216 10.78 -73.02 64.14
CA LEU BB 216 10.56 -72.06 63.08
C LEU BB 216 11.16 -72.60 61.79
N ALA BB 217 10.60 -72.17 60.64
CA ALA BB 217 11.10 -72.57 59.33
C ALA BB 217 11.00 -71.36 58.41
N VAL BB 218 12.11 -70.98 57.80
CA VAL BB 218 12.20 -69.73 57.06
C VAL BB 218 12.52 -70.03 55.60
N GLY BB 219 11.66 -69.57 54.68
CA GLY BB 219 11.86 -69.83 53.28
C GLY BB 219 12.60 -68.72 52.57
N ALA BB 220 12.91 -68.96 51.30
CA ALA BB 220 13.65 -68.02 50.48
C ALA BB 220 12.81 -66.77 50.21
N PRO BB 221 13.44 -65.60 50.17
CA PRO BB 221 12.70 -64.38 49.84
C PRO BB 221 12.33 -64.31 48.38
N GLN BB 222 11.17 -63.72 48.12
CA GLN BB 222 10.64 -63.55 46.78
C GLN BB 222 10.00 -62.17 46.64
N LYS BB 223 9.85 -61.70 45.41
CA LYS BB 223 9.21 -60.42 45.14
C LYS BB 223 7.70 -60.59 45.01
N VAL BB 224 6.94 -59.92 45.87
CA VAL BB 224 5.49 -59.99 45.87
C VAL BB 224 4.94 -58.60 45.57
N ALA BB 225 3.95 -58.52 44.68
CA ALA BB 225 3.32 -57.25 44.35
C ALA BB 225 2.45 -56.77 45.51
N VAL BB 226 2.71 -55.55 45.95
CA VAL BB 226 2.04 -54.95 47.11
C VAL BB 226 1.49 -53.59 46.69
N PRO BB 227 0.22 -53.27 46.99
CA PRO BB 227 -0.34 -51.99 46.54
C PRO BB 227 0.24 -50.81 47.29
N VAL BB 228 0.27 -49.67 46.60
CA VAL BB 228 0.81 -48.43 47.15
C VAL BB 228 -0.01 -47.26 46.62
N GLU BB 229 -0.25 -46.28 47.49
CA GLU BB 229 -0.87 -45.03 47.05
C GLU BB 229 0.24 -44.08 46.59
N ASN BB 230 -0.01 -43.39 45.49
CA ASN BB 230 0.83 -42.26 45.13
C ASN BB 230 0.29 -41.03 45.86
N GLU BB 231 0.82 -39.85 45.53
CA GLU BB 231 0.31 -38.63 46.14
C GLU BB 231 -0.97 -38.12 45.47
N ASP BB 232 -1.53 -38.87 44.52
CA ASP BB 232 -2.89 -38.66 44.04
C ASP BB 232 -3.74 -39.86 44.45
N GLY BB 233 -4.99 -39.87 43.98
CA GLY BB 233 -5.98 -40.82 44.48
C GLY BB 233 -5.81 -42.25 44.02
N THR BB 234 -5.08 -42.50 42.95
CA THR BB 234 -5.03 -43.84 42.37
C THR BB 234 -4.08 -44.74 43.14
N THR BB 235 -4.25 -46.05 42.96
CA THR BB 235 -3.35 -47.04 43.54
C THR BB 235 -2.29 -47.46 42.54
N GLY BB 236 -1.21 -48.08 43.06
CA GLY BB 236 -0.09 -48.47 42.23
C GLY BB 236 0.37 -49.88 42.56
N VAL BB 237 1.48 -50.26 41.93
CA VAL BB 237 2.12 -51.55 42.16
C VAL BB 237 3.52 -51.27 42.70
N SER BB 238 3.78 -51.73 43.92
CA SER BB 238 5.11 -51.71 44.50
C SER BB 238 5.56 -53.15 44.71
N TRP BB 239 6.87 -53.36 44.64
CA TRP BB 239 7.45 -54.69 44.75
C TRP BB 239 8.12 -54.82 46.12
N ASP BB 240 7.59 -55.72 46.94
CA ASP BB 240 8.03 -55.92 48.31
C ASP BB 240 8.75 -57.25 48.44
N GLU BB 241 9.81 -57.28 49.23
CA GLU BB 241 10.56 -58.51 49.50
C GLU BB 241 9.88 -59.22 50.66
N GLN BB 242 9.28 -60.37 50.39
CA GLN BB 242 8.56 -61.13 51.41
C GLN BB 242 9.22 -62.48 51.64
N ILE BB 243 9.09 -62.97 52.88
CA ILE BB 243 9.66 -64.23 53.30
C ILE BB 243 8.56 -65.05 53.96
N ILE BB 244 8.34 -66.27 53.50
CA ILE BB 244 7.33 -67.14 54.08
C ILE BB 244 7.93 -67.85 55.28
N VAL BB 245 7.31 -67.66 56.44
CA VAL BB 245 7.77 -68.20 57.71
C VAL BB 245 6.69 -69.13 58.24
N THR BB 246 7.05 -70.39 58.48
CA THR BB 246 6.13 -71.41 58.99
C THR BB 246 6.60 -71.84 60.37
N ALA BB 247 5.73 -71.69 61.37
CA ALA BB 247 6.04 -72.10 62.73
C ALA BB 247 5.22 -73.33 63.08
N SER BB 248 5.90 -74.40 63.47
CA SER BB 248 5.24 -75.64 63.87
C SER BB 248 5.19 -75.69 65.39
N PHE BB 249 3.97 -75.81 65.92
CA PHE BB 249 3.74 -75.85 67.36
C PHE BB 249 3.22 -77.22 67.79
N ASP BB 250 3.44 -77.52 69.07
CA ASP BB 250 2.89 -78.70 69.72
C ASP BB 250 1.60 -78.30 70.42
N HIS BB 251 0.52 -79.04 70.15
CA HIS BB 251 -0.80 -78.63 70.62
C HIS BB 251 -1.04 -78.99 72.08
N LYS BB 252 -0.16 -79.76 72.71
CA LYS BB 252 -0.31 -80.04 74.13
C LYS BB 252 0.05 -78.83 74.98
N VAL BB 253 0.94 -77.98 74.49
CA VAL BB 253 1.40 -76.81 75.23
C VAL BB 253 0.82 -75.52 74.64
N VAL BB 254 0.90 -75.36 73.33
CA VAL BB 254 0.53 -74.12 72.65
C VAL BB 254 -0.77 -74.35 71.89
N ASP BB 255 -1.75 -73.49 72.12
CA ASP BB 255 -2.96 -73.51 71.32
C ASP BB 255 -2.82 -72.59 70.11
N GLY BB 256 -3.87 -72.58 69.29
CA GLY BB 256 -3.81 -71.82 68.04
C GLY BB 256 -3.81 -70.33 68.25
N ALA BB 257 -4.54 -69.85 69.27
CA ALA BB 257 -4.54 -68.43 69.58
C ALA BB 257 -3.20 -67.97 70.14
N VAL BB 258 -2.55 -68.82 70.95
CA VAL BB 258 -1.24 -68.49 71.49
C VAL BB 258 -0.19 -68.48 70.38
N GLY BB 259 -0.27 -69.44 69.46
CA GLY BB 259 0.63 -69.45 68.32
C GLY BB 259 0.41 -68.27 67.38
N ALA BB 260 -0.85 -67.84 67.24
CA ALA BB 260 -1.16 -66.69 66.42
C ALA BB 260 -0.67 -65.40 67.06
N GLU BB 261 -0.75 -65.29 68.39
CA GLU BB 261 -0.19 -64.13 69.08
C GLU BB 261 1.34 -64.10 68.98
N TRP BB 262 1.99 -65.26 69.09
CA TRP BB 262 3.43 -65.34 68.92
C TRP BB 262 3.85 -64.93 67.50
N ILE BB 263 3.12 -65.42 66.50
CA ILE BB 263 3.38 -65.07 65.11
C ILE BB 263 3.13 -63.58 64.86
N ARG BB 264 2.11 -63.01 65.50
CA ARG BB 264 1.81 -61.59 65.33
C ARG BB 264 2.89 -60.71 65.96
N GLU BB 265 3.39 -61.10 67.14
CA GLU BB 265 4.46 -60.32 67.77
C GLU BB 265 5.77 -60.44 66.99
N LEU BB 266 6.05 -61.64 66.45
CA LEU BB 266 7.23 -61.82 65.62
C LEU BB 266 7.15 -60.99 64.34
N LYS BB 267 5.96 -60.96 63.72
CA LYS BB 267 5.75 -60.15 62.52
C LYS BB 267 5.85 -58.66 62.82
N LYS BB 268 5.38 -58.24 63.99
CA LYS BB 268 5.48 -56.84 64.39
C LYS BB 268 6.93 -56.42 64.58
N VAL BB 269 7.70 -57.24 65.30
CA VAL BB 269 9.11 -56.91 65.54
C VAL BB 269 9.93 -56.99 64.26
N ILE BB 270 9.56 -57.87 63.33
CA ILE BB 270 10.30 -57.96 62.07
C ILE BB 270 9.96 -56.78 61.15
N GLU BB 271 8.66 -56.48 60.98
CA GLU BB 271 8.26 -55.43 60.06
C GLU BB 271 8.46 -54.03 60.63
N ASN BB 272 8.71 -53.89 61.92
CA ASN BB 272 9.15 -52.63 62.52
C ASN BB 272 10.51 -52.89 63.16
N PRO BB 273 11.60 -52.68 62.42
CA PRO BB 273 12.92 -53.10 62.93
C PRO BB 273 13.46 -52.22 64.04
N LEU BB 274 12.85 -51.06 64.30
CA LEU BB 274 13.28 -50.23 65.42
C LEU BB 274 12.79 -50.77 66.75
N GLU BB 275 11.87 -51.75 66.75
CA GLU BB 275 11.39 -52.37 67.97
C GLU BB 275 12.36 -53.40 68.54
N LEU BB 276 13.46 -53.68 67.83
CA LEU BB 276 14.49 -54.57 68.37
C LEU BB 276 15.29 -53.92 69.48
N LEU BB 277 15.23 -52.59 69.59
CA LEU BB 277 15.85 -51.88 70.71
C LEU BB 277 15.11 -52.19 72.00
N LEU BB 278 13.79 -52.17 71.96
CA LEU BB 278 12.97 -52.42 73.14
C LEU BB 278 12.89 -53.91 73.42
N TYR CB 47 61.49 -95.50 -5.29
CA TYR CB 47 62.73 -94.98 -4.70
C TYR CB 47 62.83 -95.41 -3.24
N THR CB 48 62.12 -94.70 -2.37
CA THR CB 48 62.05 -95.08 -0.97
C THR CB 48 60.96 -96.13 -0.78
N ASP CB 49 61.35 -97.27 -0.21
CA ASP CB 49 60.56 -98.50 -0.18
C ASP CB 49 60.42 -99.01 1.24
N VAL CB 50 59.91 -98.15 2.13
CA VAL CB 50 59.55 -98.54 3.50
C VAL CB 50 58.49 -99.64 3.42
N PRO CB 51 58.58 -100.67 4.25
CA PRO CB 51 57.64 -101.80 4.14
C PRO CB 51 56.32 -101.51 4.86
N ILE CB 52 55.34 -102.35 4.57
CA ILE CB 52 54.04 -102.26 5.21
C ILE CB 52 54.17 -102.70 6.67
N SER CB 53 53.43 -102.04 7.56
CA SER CB 53 53.56 -102.29 8.99
C SER CB 53 53.05 -103.67 9.39
N GLY CB 54 52.18 -104.29 8.59
CA GLY CB 54 51.60 -105.55 8.93
C GLY CB 54 50.24 -105.38 9.57
N MET CB 55 50.11 -104.33 10.39
CA MET CB 55 48.80 -103.92 10.90
C MET CB 55 47.93 -103.36 9.79
N ARG CB 56 48.53 -102.66 8.81
CA ARG CB 56 47.81 -102.16 7.64
C ARG CB 56 47.28 -103.26 6.74
N LYS CB 57 47.91 -104.45 6.77
CA LYS CB 57 47.50 -105.54 5.90
C LYS CB 57 46.13 -106.09 6.32
N THR CB 58 45.88 -106.16 7.62
CA THR CB 58 44.58 -106.61 8.10
C THR CB 58 43.47 -105.62 7.77
N ILE CB 59 43.74 -104.32 7.87
CA ILE CB 59 42.75 -103.31 7.50
C ILE CB 59 42.51 -103.31 6.00
N ALA CB 60 43.56 -103.55 5.21
CA ALA CB 60 43.41 -103.63 3.76
C ALA CB 60 42.57 -104.85 3.36
N ALA CB 61 42.80 -105.98 4.01
CA ALA CB 61 42.00 -107.18 3.75
C ALA CB 61 40.55 -106.98 4.21
N ARG CB 62 40.36 -106.25 5.31
CA ARG CB 62 39.01 -106.00 5.82
C ARG CB 62 38.23 -105.07 4.89
N LEU CB 63 38.87 -104.02 4.39
CA LEU CB 63 38.22 -103.14 3.42
C LEU CB 63 37.98 -103.85 2.10
N LYS CB 64 38.86 -104.79 1.74
CA LYS CB 64 38.63 -105.62 0.57
C LYS CB 64 37.40 -106.50 0.76
N GLU CB 65 37.25 -107.12 1.93
CA GLU CB 65 36.05 -107.90 2.26
C GLU CB 65 34.80 -107.05 2.19
N SER CB 66 34.89 -105.81 2.70
CA SER CB 66 33.75 -104.90 2.70
C SER CB 66 33.31 -104.53 1.29
N VAL CB 67 34.25 -104.17 0.43
CA VAL CB 67 33.88 -103.75 -0.91
C VAL CB 67 33.55 -104.94 -1.81
N THR CB 68 33.98 -106.16 -1.43
CA THR CB 68 33.69 -107.27 -2.32
C THR CB 68 32.46 -108.06 -1.87
N GLU CB 69 31.99 -107.86 -0.64
CA GLU CB 69 30.82 -108.60 -0.20
C GLU CB 69 29.64 -107.66 0.03
N ASN CB 70 29.90 -106.37 0.15
CA ASN CB 70 28.85 -105.39 0.35
C ASN CB 70 28.70 -104.53 -0.90
N PRO CB 71 27.64 -104.71 -1.71
CA PRO CB 71 27.38 -103.76 -2.80
C PRO CB 71 26.87 -102.44 -2.26
N HIS CB 72 27.74 -101.44 -2.22
CA HIS CB 72 27.41 -100.16 -1.61
C HIS CB 72 26.56 -99.31 -2.54
N PHE CB 73 25.69 -98.51 -1.94
CA PHE CB 73 25.06 -97.42 -2.67
C PHE CB 73 24.91 -96.23 -1.72
N PHE CB 74 25.12 -95.04 -2.25
CA PHE CB 74 25.17 -93.83 -1.46
C PHE CB 74 23.89 -93.03 -1.62
N VAL CB 75 23.45 -92.41 -0.51
CA VAL CB 75 22.31 -91.50 -0.50
C VAL CB 75 22.81 -90.19 0.14
N SER CB 76 22.72 -89.09 -0.60
CA SER CB 76 23.21 -87.81 -0.13
C SER CB 76 22.05 -86.89 0.21
N THR CB 77 22.28 -86.01 1.19
CA THR CB 77 21.28 -85.03 1.59
C THR CB 77 22.00 -83.81 2.14
N ASN CB 78 21.25 -82.73 2.31
CA ASN CB 78 21.77 -81.50 2.91
C ASN CB 78 20.94 -81.17 4.14
N LEU CB 79 21.56 -81.24 5.31
CA LEU CB 79 20.90 -80.93 6.57
C LEU CB 79 21.12 -79.47 6.92
N SER CB 80 20.05 -78.77 7.28
CA SER CB 80 20.16 -77.41 7.77
C SER CB 80 20.39 -77.44 9.28
N VAL CB 81 21.47 -76.82 9.73
CA VAL CB 81 21.89 -76.88 11.12
C VAL CB 81 21.86 -75.50 11.78
N SER CB 82 21.12 -74.56 11.19
CA SER CB 82 21.06 -73.21 11.74
C SER CB 82 20.30 -73.15 13.06
N LYS CB 83 19.35 -74.07 13.27
CA LYS CB 83 18.66 -74.17 14.56
C LYS CB 83 19.43 -75.08 15.52
N LEU CB 84 20.13 -76.07 14.98
CA LEU CB 84 20.94 -76.96 15.82
C LEU CB 84 22.10 -76.21 16.46
N LEU CB 85 22.71 -75.27 15.71
CA LEU CB 85 23.78 -74.47 16.26
C LEU CB 85 23.27 -73.50 17.33
N LYS CB 86 22.05 -72.97 17.16
CA LYS CB 86 21.46 -72.11 18.17
C LYS CB 86 21.13 -72.89 19.44
N LEU CB 87 20.62 -74.12 19.29
CA LEU CB 87 20.35 -74.97 20.46
C LEU CB 87 21.63 -75.35 21.17
N ARG CB 88 22.70 -75.64 20.41
CA ARG CB 88 23.99 -75.96 21.02
C ARG CB 88 24.59 -74.76 21.72
N GLN CB 89 24.43 -73.56 21.15
CA GLN CB 89 24.93 -72.35 21.78
C GLN CB 89 24.19 -72.06 23.08
N ALA CB 90 22.87 -72.26 23.09
CA ALA CB 90 22.09 -72.04 24.30
C ALA CB 90 22.44 -73.05 25.39
N LEU CB 91 22.59 -74.32 25.00
CA LEU CB 91 22.90 -75.36 25.99
C LEU CB 91 24.33 -75.23 26.50
N ASN CB 92 25.23 -74.66 25.69
CA ASN CB 92 26.59 -74.43 26.17
C ASN CB 92 26.67 -73.18 27.03
N SER CB 93 25.87 -72.16 26.72
CA SER CB 93 25.90 -70.94 27.53
C SER CB 93 25.22 -71.14 28.88
N SER CB 94 24.23 -72.03 28.95
CA SER CB 94 23.56 -72.33 30.21
C SER CB 94 24.27 -73.46 30.95
N ALA CB 95 25.54 -73.21 31.29
CA ALA CB 95 26.35 -74.20 31.99
C ALA CB 95 27.41 -73.47 32.80
N ASP CB 96 28.04 -74.23 33.70
CA ASP CB 96 29.12 -73.72 34.55
C ASP CB 96 30.43 -74.47 34.27
N GLY CB 97 30.64 -74.87 33.01
CA GLY CB 97 31.78 -75.70 32.69
C GLY CB 97 31.59 -77.17 32.99
N ARG CB 98 30.34 -77.62 33.19
CA ARG CB 98 30.10 -79.04 33.46
C ARG CB 98 30.21 -79.87 32.19
N TYR CB 99 29.87 -79.30 31.04
CA TYR CB 99 29.88 -80.04 29.79
C TYR CB 99 30.22 -79.09 28.65
N LYS CB 100 30.49 -79.68 27.49
CA LYS CB 100 30.73 -78.93 26.26
C LYS CB 100 30.15 -79.73 25.10
N LEU CB 101 29.16 -79.17 24.42
CA LEU CB 101 28.43 -79.89 23.39
C LEU CB 101 29.00 -79.59 22.01
N SER CB 102 28.93 -80.59 21.14
CA SER CB 102 29.36 -80.47 19.76
C SER CB 102 28.24 -80.94 18.84
N VAL CB 103 28.48 -80.81 17.53
CA VAL CB 103 27.48 -81.21 16.54
C VAL CB 103 27.40 -82.73 16.45
N ASN CB 104 28.50 -83.42 16.78
CA ASN CB 104 28.54 -84.87 16.72
C ASN CB 104 27.63 -85.52 17.75
N ASP CB 105 27.37 -84.83 18.87
CA ASP CB 105 26.44 -85.35 19.88
C ASP CB 105 25.01 -85.37 19.35
N PHE CB 106 24.59 -84.27 18.72
CA PHE CB 106 23.26 -84.20 18.10
C PHE CB 106 23.16 -85.18 16.95
N LEU CB 107 24.25 -85.37 16.21
CA LEU CB 107 24.23 -86.32 15.08
C LEU CB 107 24.11 -87.76 15.56
N ILE CB 108 24.81 -88.10 16.65
CA ILE CB 108 24.74 -89.46 17.19
C ILE CB 108 23.35 -89.73 17.79
N LYS CB 109 22.78 -88.74 18.48
CA LYS CB 109 21.43 -88.89 19.02
C LYS CB 109 20.38 -89.00 17.90
N ALA CB 110 20.54 -88.22 16.83
CA ALA CB 110 19.61 -88.30 15.71
C ALA CB 110 19.76 -89.61 14.95
N MET CB 111 20.98 -90.15 14.89
CA MET CB 111 21.19 -91.46 14.30
C MET CB 111 20.52 -92.55 15.13
N GLY CB 112 20.56 -92.42 16.45
CA GLY CB 112 19.87 -93.38 17.30
C GLY CB 112 18.35 -93.31 17.14
N ILE CB 113 17.81 -92.09 17.04
CA ILE CB 113 16.38 -91.92 16.85
C ILE CB 113 15.94 -92.47 15.49
N ALA CB 114 16.73 -92.20 14.44
CA ALA CB 114 16.39 -92.67 13.10
C ALA CB 114 16.53 -94.18 12.98
N SER CB 115 17.52 -94.77 13.64
CA SER CB 115 17.67 -96.22 13.61
C SER CB 115 16.62 -96.92 14.45
N LYS CB 116 16.09 -96.25 15.48
CA LYS CB 116 14.96 -96.81 16.21
C LYS CB 116 13.67 -96.71 15.40
N ARG CB 117 13.50 -95.64 14.63
CA ARG CB 117 12.30 -95.51 13.81
C ARG CB 117 12.32 -96.42 12.59
N VAL CB 118 13.47 -96.59 11.95
CA VAL CB 118 13.61 -97.52 10.84
C VAL CB 118 14.56 -98.63 11.27
N PRO CB 119 14.06 -99.75 11.80
CA PRO CB 119 14.94 -100.78 12.35
C PRO CB 119 15.59 -101.67 11.32
N THR CB 120 15.26 -101.51 10.02
CA THR CB 120 15.88 -102.35 8.99
C THR CB 120 17.33 -101.97 8.76
N VAL CB 121 17.67 -100.69 8.94
CA VAL CB 121 19.05 -100.24 8.77
C VAL CB 121 19.92 -100.73 9.92
N ASN CB 122 19.35 -100.91 11.11
CA ASN CB 122 20.09 -101.39 12.27
C ASN CB 122 20.11 -102.91 12.24
N SER CB 123 20.91 -103.45 11.33
CA SER CB 123 20.98 -104.90 11.12
C SER CB 123 22.38 -105.26 10.62
N SER CB 124 22.54 -106.52 10.22
CA SER CB 124 23.81 -107.05 9.74
C SER CB 124 23.51 -108.13 8.71
N TRP CB 125 24.51 -108.98 8.44
CA TRP CB 125 24.37 -110.07 7.49
C TRP CB 125 25.17 -111.26 8.00
N ARG CB 126 24.47 -112.35 8.34
CA ARG CB 126 25.04 -113.48 9.06
C ARG CB 126 24.79 -114.78 8.29
N ASP CB 127 25.00 -115.93 8.95
CA ASP CB 127 24.90 -117.24 8.29
C ASP CB 127 23.45 -117.52 7.93
N GLY CB 128 23.06 -117.13 6.72
CA GLY CB 128 21.72 -117.34 6.23
C GLY CB 128 20.64 -116.60 6.98
N VAL CB 129 20.99 -115.52 7.69
CA VAL CB 129 20.10 -114.91 8.67
C VAL CB 129 20.48 -113.44 8.83
N ILE CB 130 19.48 -112.62 9.12
CA ILE CB 130 19.64 -111.20 9.36
C ILE CB 130 19.57 -110.97 10.86
N ARG CB 131 20.63 -110.42 11.45
CA ARG CB 131 20.66 -110.17 12.88
C ARG CB 131 20.24 -108.72 13.14
N GLN CB 132 19.10 -108.56 13.82
CA GLN CB 132 18.50 -107.26 14.07
C GLN CB 132 18.57 -106.96 15.56
N PHE CB 133 19.20 -105.84 15.91
CA PHE CB 133 19.38 -105.40 17.29
C PHE CB 133 18.28 -104.46 17.71
N GLU CB 134 18.14 -104.28 19.03
CA GLU CB 134 17.24 -103.28 19.59
C GLU CB 134 17.94 -101.95 19.81
N THR CB 135 19.03 -101.95 20.56
CA THR CB 135 19.75 -100.72 20.89
C THR CB 135 20.64 -100.29 19.74
N VAL CB 136 20.91 -98.99 19.67
CA VAL CB 136 21.77 -98.41 18.64
C VAL CB 136 23.14 -98.21 19.29
N ASP CB 137 24.13 -98.99 18.84
CA ASP CB 137 25.51 -98.85 19.27
C ASP CB 137 26.28 -98.17 18.14
N VAL CB 138 26.76 -96.96 18.40
CA VAL CB 138 27.32 -96.10 17.36
C VAL CB 138 28.84 -96.11 17.46
N SER CB 139 29.50 -96.54 16.40
CA SER CB 139 30.95 -96.52 16.33
C SER CB 139 31.41 -95.19 15.76
N VAL CB 140 32.25 -94.48 16.51
CA VAL CB 140 32.72 -93.15 16.12
C VAL CB 140 34.18 -93.27 15.72
N ALA CB 141 34.51 -92.75 14.54
CA ALA CB 141 35.88 -92.85 14.04
C ALA CB 141 36.76 -91.77 14.68
N VAL CB 142 37.89 -92.18 15.23
CA VAL CB 142 38.85 -91.27 15.84
C VAL CB 142 40.14 -91.35 15.04
N ALA CB 143 40.64 -90.18 14.63
CA ALA CB 143 41.84 -90.09 13.80
C ALA CB 143 43.06 -90.01 14.71
N THR CB 144 43.80 -91.11 14.80
CA THR CB 144 45.05 -91.25 15.54
C THR CB 144 46.22 -91.29 14.55
N PRO CB 145 47.44 -90.93 14.97
CA PRO CB 145 48.59 -91.02 14.04
C PRO CB 145 48.95 -92.43 13.63
N ASN CB 146 48.44 -93.45 14.33
CA ASN CB 146 48.53 -94.84 13.90
C ASN CB 146 47.31 -95.28 13.09
N GLY CB 147 46.65 -94.35 12.42
CA GLY CB 147 45.59 -94.71 11.49
C GLY CB 147 44.18 -94.38 11.93
N LEU CB 148 43.34 -95.41 12.08
CA LEU CB 148 41.93 -95.22 12.36
C LEU CB 148 41.46 -96.25 13.37
N ILE CB 149 40.64 -95.81 14.32
CA ILE CB 149 40.01 -96.70 15.29
C ILE CB 149 38.57 -96.24 15.46
N THR CB 150 37.68 -97.17 15.82
CA THR CB 150 36.26 -96.88 15.99
C THR CB 150 35.79 -97.37 17.35
N PRO CB 151 35.95 -96.56 18.40
CA PRO CB 151 35.30 -96.90 19.67
C PRO CB 151 33.80 -96.72 19.60
N ILE CB 152 33.09 -97.49 20.43
CA ILE CB 152 31.64 -97.62 20.34
C ILE CB 152 31.00 -96.96 21.54
N VAL CB 153 29.98 -96.14 21.28
CA VAL CB 153 29.07 -95.62 22.28
C VAL CB 153 27.88 -96.56 22.33
N LYS CB 154 27.67 -97.20 23.47
CA LYS CB 154 26.63 -98.21 23.62
C LYS CB 154 25.36 -97.60 24.18
N GLY CB 155 24.23 -98.05 23.65
CA GLY CB 155 22.92 -97.61 24.10
C GLY CB 155 22.67 -96.14 23.87
N VAL CB 156 22.65 -95.73 22.59
CA VAL CB 156 22.59 -94.31 22.24
C VAL CB 156 21.21 -93.74 22.52
N GLU CB 157 20.15 -94.44 22.10
CA GLU CB 157 18.81 -93.96 22.35
C GLU CB 157 18.50 -94.08 23.84
N GLY CB 158 17.90 -93.02 24.40
CA GLY CB 158 17.68 -92.93 25.83
C GLY CB 158 18.95 -92.88 26.66
N LYS CB 159 19.89 -92.02 26.30
CA LYS CB 159 21.14 -91.91 27.05
C LYS CB 159 21.42 -90.51 27.57
N GLY CB 160 21.17 -89.49 26.78
CA GLY CB 160 21.46 -88.13 27.22
C GLY CB 160 22.66 -87.55 26.50
N LEU CB 161 22.56 -86.26 26.18
CA LEU CB 161 23.59 -85.60 25.38
C LEU CB 161 24.87 -85.40 26.18
N GLU CB 162 24.75 -85.16 27.48
CA GLU CB 162 25.94 -85.00 28.32
C GLU CB 162 26.66 -86.33 28.50
N SER CB 163 25.90 -87.42 28.62
CA SER CB 163 26.50 -88.75 28.69
C SER CB 163 27.17 -89.12 27.38
N ILE CB 164 26.56 -88.75 26.25
CA ILE CB 164 27.15 -89.02 24.94
C ILE CB 164 28.44 -88.22 24.76
N SER CB 165 28.44 -86.95 25.17
CA SER CB 165 29.63 -86.10 25.08
C SER CB 165 30.75 -86.61 25.98
N ALA CB 166 30.40 -87.07 27.19
CA ALA CB 166 31.39 -87.61 28.11
C ALA CB 166 32.00 -88.89 27.57
N ALA CB 167 31.16 -89.78 27.02
CA ALA CB 167 31.67 -91.05 26.50
C ALA CB 167 32.53 -90.84 25.25
N VAL CB 168 32.14 -89.89 24.40
CA VAL CB 168 32.92 -89.58 23.21
C VAL CB 168 34.27 -88.96 23.58
N LYS CB 169 34.30 -88.09 24.60
CA LYS CB 169 35.56 -87.49 25.03
C LYS CB 169 36.47 -88.53 25.68
N GLU CB 170 35.91 -89.38 26.53
CA GLU CB 170 36.65 -90.49 27.14
C GLU CB 170 37.27 -91.40 26.09
N LEU CB 171 36.47 -91.85 25.13
CA LEU CB 171 36.96 -92.79 24.12
C LEU CB 171 37.95 -92.13 23.17
N ALA CB 172 37.77 -90.84 22.88
CA ALA CB 172 38.71 -90.15 21.99
C ALA CB 172 40.05 -89.92 22.66
N LYS CB 173 40.07 -89.53 23.94
CA LYS CB 173 41.35 -89.32 24.62
C LYS CB 173 42.04 -90.65 24.89
N LYS CB 174 41.25 -91.71 25.11
CA LYS CB 174 41.87 -93.03 25.27
C LYS CB 174 42.34 -93.60 23.95
N ALA CB 175 41.74 -93.16 22.83
CA ALA CB 175 42.24 -93.56 21.52
C ALA CB 175 43.53 -92.83 21.19
N ARG CB 176 43.65 -91.57 21.63
CA ARG CB 176 44.90 -90.85 21.45
C ARG CB 176 46.01 -91.40 22.34
N ASP CB 177 45.67 -91.88 23.54
CA ASP CB 177 46.66 -92.53 24.38
C ASP CB 177 46.90 -94.00 24.07
N GLY CB 178 46.02 -94.61 23.27
CA GLY CB 178 46.20 -96.00 22.85
C GLY CB 178 45.99 -97.01 23.96
N LYS CB 179 44.87 -96.90 24.69
CA LYS CB 179 44.63 -97.70 25.88
C LYS CB 179 43.25 -98.36 25.83
N LEU CB 180 42.95 -99.06 24.74
CA LEU CB 180 41.62 -99.64 24.54
C LEU CB 180 41.64 -101.15 24.72
N LYS CB 181 40.49 -101.69 25.12
CA LYS CB 181 40.11 -103.09 25.16
C LYS CB 181 39.43 -103.46 23.84
N PRO CB 182 39.56 -104.72 23.39
CA PRO CB 182 38.94 -105.11 22.11
C PRO CB 182 37.41 -105.07 22.12
N GLU CB 183 36.79 -105.19 23.30
CA GLU CB 183 35.34 -105.04 23.42
C GLU CB 183 34.89 -103.60 23.29
N GLU CB 184 35.80 -102.63 23.30
CA GLU CB 184 35.44 -101.23 23.12
C GLU CB 184 35.47 -100.78 21.67
N TYR CB 185 36.10 -101.55 20.78
CA TYR CB 185 36.13 -101.18 19.36
C TYR CB 185 35.80 -102.35 18.45
N GLN CB 186 35.28 -103.45 19.01
CA GLN CB 186 34.85 -104.60 18.21
C GLN CB 186 33.36 -104.81 18.47
N GLY CB 187 32.55 -104.47 17.47
CA GLY CB 187 31.11 -104.60 17.59
C GLY CB 187 30.38 -103.46 16.90
N GLY CB 188 29.33 -102.95 17.53
CA GLY CB 188 28.57 -101.84 16.97
C GLY CB 188 27.57 -102.24 15.91
N SER CB 189 26.54 -101.41 15.72
CA SER CB 189 25.53 -101.66 14.72
C SER CB 189 25.52 -100.65 13.59
N ILE CB 190 26.09 -99.46 13.81
CA ILE CB 190 26.15 -98.41 12.79
C ILE CB 190 27.36 -97.53 13.10
N SER CB 191 27.90 -96.88 12.07
CA SER CB 191 29.11 -96.09 12.17
C SER CB 191 28.86 -94.67 11.71
N ILE CB 192 29.81 -93.78 12.01
CA ILE CB 192 29.77 -92.40 11.55
C ILE CB 192 31.21 -91.89 11.40
N SER CB 193 31.47 -91.25 10.27
CA SER CB 193 32.76 -90.64 10.00
C SER CB 193 32.58 -89.13 9.94
N ASN CB 194 33.40 -88.40 10.69
CA ASN CB 194 33.25 -86.98 10.90
C ASN CB 194 34.45 -86.25 10.31
N MET CB 195 34.20 -85.26 9.46
CA MET CB 195 35.25 -84.45 8.86
C MET CB 195 34.86 -82.98 8.87
N GLY CB 196 34.28 -82.50 9.97
CA GLY CB 196 33.90 -81.10 10.06
C GLY CB 196 35.04 -80.18 10.42
N MET CB 197 36.14 -80.71 10.94
CA MET CB 197 37.28 -79.87 11.30
C MET CB 197 38.04 -79.40 10.05
N ASN CB 198 37.91 -80.14 8.95
CA ASN CB 198 38.50 -79.75 7.68
C ASN CB 198 37.46 -78.98 6.87
N PRO CB 199 37.67 -77.69 6.64
CA PRO CB 199 36.67 -76.90 5.90
C PRO CB 199 36.68 -77.14 4.40
N ALA CB 200 37.64 -77.89 3.88
CA ALA CB 200 37.70 -78.13 2.43
C ALA CB 200 36.76 -79.24 2.01
N VAL CB 201 36.51 -80.22 2.88
CA VAL CB 201 35.73 -81.40 2.52
C VAL CB 201 34.26 -81.01 2.47
N GLN CB 202 33.74 -80.77 1.27
CA GLN CB 202 32.32 -80.51 1.10
C GLN CB 202 31.51 -81.79 1.23
N SER CB 203 32.02 -82.89 0.67
CA SER CB 203 31.33 -84.16 0.69
C SER CB 203 32.34 -85.27 0.51
N PHE CB 204 32.08 -86.40 1.16
CA PHE CB 204 32.93 -87.59 0.97
C PHE CB 204 32.10 -88.82 1.28
N THR CB 205 32.57 -89.96 0.77
CA THR CB 205 31.97 -91.26 1.04
C THR CB 205 32.90 -92.07 1.94
N ALA CB 206 32.32 -93.08 2.58
CA ALA CB 206 33.08 -93.94 3.47
C ALA CB 206 32.80 -95.40 3.12
N ILE CB 207 33.66 -96.27 3.62
CA ILE CB 207 33.53 -97.72 3.41
C ILE CB 207 32.91 -98.33 4.66
N ILE CB 208 31.92 -99.20 4.44
CA ILE CB 208 31.18 -99.78 5.56
C ILE CB 208 32.05 -100.78 6.30
N ASN CB 209 32.17 -100.61 7.61
CA ASN CB 209 32.91 -101.55 8.43
C ASN CB 209 32.09 -102.82 8.59
N PRO CB 210 32.64 -103.98 8.20
CA PRO CB 210 31.88 -105.22 8.35
C PRO CB 210 31.82 -105.64 9.80
N PRO CB 211 30.74 -106.31 10.22
CA PRO CB 211 29.57 -106.71 9.43
C PRO CB 211 28.39 -105.75 9.52
N GLN CB 212 28.63 -104.45 9.67
CA GLN CB 212 27.53 -103.51 9.77
C GLN CB 212 26.90 -103.27 8.40
N ALA CB 213 25.77 -102.56 8.41
CA ALA CB 213 24.98 -102.36 7.20
C ALA CB 213 25.01 -100.95 6.63
N ALA CB 214 25.42 -99.96 7.42
CA ALA CB 214 25.41 -98.59 6.95
C ALA CB 214 26.55 -97.81 7.61
N ILE CB 215 26.94 -96.71 6.96
CA ILE CB 215 27.92 -95.80 7.54
C ILE CB 215 27.54 -94.38 7.13
N LEU CB 216 27.74 -93.43 8.04
CA LEU CB 216 27.43 -92.03 7.77
C LEU CB 216 28.73 -91.27 7.48
N ALA CB 217 28.63 -90.19 6.71
CA ALA CB 217 29.77 -89.34 6.38
C ALA CB 217 29.29 -87.91 6.36
N VAL CB 218 29.93 -87.05 7.15
CA VAL CB 218 29.45 -85.70 7.40
C VAL CB 218 30.50 -84.70 6.90
N GLY CB 219 30.10 -83.81 5.99
CA GLY CB 219 31.02 -82.84 5.43
C GLY CB 219 30.99 -81.52 6.17
N ALA CB 220 31.91 -80.64 5.76
CA ALA CB 220 32.05 -79.33 6.37
C ALA CB 220 30.83 -78.47 6.07
N PRO CB 221 30.41 -77.64 7.01
CA PRO CB 221 29.28 -76.73 6.77
C PRO CB 221 29.69 -75.58 5.84
N GLN CB 222 28.73 -75.17 5.02
CA GLN CB 222 28.90 -74.08 4.08
C GLN CB 222 27.65 -73.21 4.04
N LYS CB 223 27.79 -71.97 3.57
CA LYS CB 223 26.66 -71.06 3.44
C LYS CB 223 25.99 -71.26 2.09
N VAL CB 224 24.70 -71.61 2.11
CA VAL CB 224 23.92 -71.83 0.90
C VAL CB 224 22.78 -70.82 0.88
N ALA CB 225 22.56 -70.20 -0.28
CA ALA CB 225 21.48 -69.24 -0.44
C ALA CB 225 20.13 -69.95 -0.45
N VAL CB 226 19.23 -69.52 0.43
CA VAL CB 226 17.92 -70.15 0.62
C VAL CB 226 16.86 -69.05 0.52
N PRO CB 227 15.79 -69.25 -0.25
CA PRO CB 227 14.78 -68.20 -0.40
C PRO CB 227 13.96 -67.99 0.86
N VAL CB 228 13.50 -66.75 1.03
CA VAL CB 228 12.72 -66.35 2.20
C VAL CB 228 11.69 -65.33 1.76
N GLU CB 229 10.49 -65.43 2.32
CA GLU CB 229 9.47 -64.41 2.13
C GLU CB 229 9.65 -63.34 3.19
N ASN CB 230 9.52 -62.08 2.80
CA ASN CB 230 9.39 -61.00 3.76
C ASN CB 230 7.91 -60.89 4.11
N GLU CB 231 7.54 -59.84 4.86
CA GLU CB 231 6.14 -59.62 5.20
C GLU CB 231 5.36 -58.97 4.06
N ASP CB 232 5.97 -58.74 2.91
CA ASP CB 232 5.27 -58.41 1.67
C ASP CB 232 5.43 -59.57 0.68
N GLY CB 233 4.93 -59.36 -0.53
CA GLY CB 233 4.79 -60.45 -1.49
C GLY CB 233 6.07 -60.96 -2.12
N THR CB 234 7.15 -60.17 -2.08
CA THR CB 234 8.35 -60.53 -2.82
C THR CB 234 9.17 -61.57 -2.07
N THR CB 235 10.06 -62.25 -2.80
CA THR CB 235 10.99 -63.20 -2.21
C THR CB 235 12.34 -62.55 -1.95
N GLY CB 236 13.14 -63.19 -1.09
CA GLY CB 236 14.43 -62.64 -0.69
C GLY CB 236 15.51 -63.70 -0.73
N VAL CB 237 16.69 -63.30 -0.25
CA VAL CB 237 17.84 -64.19 -0.13
C VAL CB 237 18.21 -64.27 1.34
N SER CB 238 18.13 -65.47 1.90
CA SER CB 238 18.61 -65.76 3.24
C SER CB 238 19.77 -66.73 3.14
N TRP CB 239 20.69 -66.64 4.09
CA TRP CB 239 21.89 -67.47 4.09
C TRP CB 239 21.75 -68.53 5.17
N ASP CB 240 21.70 -69.79 4.74
CA ASP CB 240 21.48 -70.93 5.62
C ASP CB 240 22.75 -71.76 5.73
N GLU CB 241 23.02 -72.26 6.93
CA GLU CB 241 24.17 -73.13 7.17
C GLU CB 241 23.76 -74.56 6.85
N GLN CB 242 24.32 -75.13 5.79
CA GLN CB 242 23.98 -76.48 5.36
C GLN CB 242 25.19 -77.40 5.46
N ILE CB 243 24.90 -78.68 5.71
CA ILE CB 243 25.92 -79.72 5.86
C ILE CB 243 25.54 -80.86 4.93
N ILE CB 244 26.47 -81.29 4.08
CA ILE CB 244 26.22 -82.39 3.16
C ILE CB 244 26.52 -83.69 3.90
N VAL CB 245 25.51 -84.55 3.97
CA VAL CB 245 25.58 -85.82 4.68
C VAL CB 245 25.37 -86.95 3.68
N THR CB 246 26.34 -87.85 3.57
CA THR CB 246 26.28 -88.99 2.65
C THR CB 246 26.23 -90.27 3.47
N ALA CB 247 25.19 -91.07 3.26
CA ALA CB 247 25.04 -92.35 3.95
C ALA CB 247 25.25 -93.47 2.95
N SER CB 248 26.20 -94.35 3.24
CA SER CB 248 26.50 -95.50 2.39
C SER CB 248 25.83 -96.72 3.00
N PHE CB 249 24.98 -97.37 2.19
CA PHE CB 249 24.23 -98.55 2.62
C PHE CB 249 24.67 -99.78 1.85
N ASP CB 250 24.45 -100.93 2.46
CA ASP CB 250 24.65 -102.23 1.84
C ASP CB 250 23.32 -102.69 1.25
N HIS CB 251 23.34 -103.07 -0.03
CA HIS CB 251 22.09 -103.36 -0.73
C HIS CB 251 21.54 -104.74 -0.43
N LYS CB 252 22.31 -105.59 0.26
CA LYS CB 252 21.77 -106.90 0.64
C LYS CB 252 20.77 -106.78 1.77
N VAL CB 253 20.90 -105.77 2.62
CA VAL CB 253 20.04 -105.57 3.77
C VAL CB 253 19.08 -104.40 3.55
N VAL CB 254 19.60 -103.26 3.11
CA VAL CB 254 18.84 -102.02 3.00
C VAL CB 254 18.60 -101.73 1.53
N ASP CB 255 17.33 -101.51 1.17
CA ASP CB 255 17.02 -101.05 -0.17
C ASP CB 255 17.00 -99.52 -0.22
N GLY CB 256 16.77 -99.00 -1.43
CA GLY CB 256 16.84 -97.56 -1.63
C GLY CB 256 15.71 -96.80 -0.95
N ALA CB 257 14.52 -97.39 -0.91
CA ALA CB 257 13.39 -96.77 -0.22
C ALA CB 257 13.59 -96.76 1.29
N VAL CB 258 14.19 -97.83 1.84
CA VAL CB 258 14.47 -97.89 3.26
C VAL CB 258 15.56 -96.89 3.64
N GLY CB 259 16.59 -96.77 2.79
CA GLY CB 259 17.62 -95.76 3.03
C GLY CB 259 17.10 -94.34 2.90
N ALA CB 260 16.15 -94.13 1.98
CA ALA CB 260 15.54 -92.81 1.82
C ALA CB 260 14.65 -92.47 3.01
N GLU CB 261 13.94 -93.46 3.56
CA GLU CB 261 13.16 -93.22 4.78
C GLU CB 261 14.05 -92.93 5.98
N TRP CB 262 15.17 -93.64 6.10
CA TRP CB 262 16.12 -93.38 7.17
C TRP CB 262 16.72 -91.97 7.05
N ILE CB 263 17.08 -91.58 5.82
CA ILE CB 263 17.62 -90.23 5.57
C ILE CB 263 16.56 -89.17 5.85
N ARG CB 264 15.30 -89.45 5.52
CA ARG CB 264 14.22 -88.48 5.76
C ARG CB 264 13.95 -88.30 7.25
N GLU CB 265 13.98 -89.40 8.02
CA GLU CB 265 13.78 -89.28 9.47
C GLU CB 265 14.95 -88.60 10.13
N LEU CB 266 16.17 -88.87 9.67
CA LEU CB 266 17.36 -88.17 10.19
C LEU CB 266 17.30 -86.68 9.89
N LYS CB 267 16.88 -86.32 8.67
CA LYS CB 267 16.75 -84.92 8.29
C LYS CB 267 15.64 -84.23 9.09
N LYS CB 268 14.56 -84.95 9.38
CA LYS CB 268 13.47 -84.39 10.19
C LYS CB 268 13.93 -84.10 11.61
N VAL CB 269 14.61 -85.07 12.23
CA VAL CB 269 15.08 -84.89 13.61
C VAL CB 269 16.19 -83.82 13.68
N ILE CB 270 17.00 -83.68 12.63
CA ILE CB 270 18.03 -82.65 12.65
C ILE CB 270 17.45 -81.26 12.43
N GLU CB 271 16.58 -81.10 11.43
CA GLU CB 271 16.03 -79.79 11.12
C GLU CB 271 14.92 -79.36 12.07
N ASN CB 272 14.39 -80.26 12.89
CA ASN CB 272 13.51 -79.90 14.00
C ASN CB 272 14.18 -80.39 15.28
N PRO CB 273 14.99 -79.55 15.92
CA PRO CB 273 15.81 -80.03 17.04
C PRO CB 273 15.02 -80.30 18.31
N LEU CB 274 13.76 -79.87 18.39
CA LEU CB 274 12.93 -80.18 19.54
C LEU CB 274 12.42 -81.62 19.52
N GLU CB 275 12.57 -82.32 18.39
CA GLU CB 275 12.18 -83.73 18.29
C GLU CB 275 13.19 -84.67 18.91
N LEU CB 276 14.33 -84.16 19.39
CA LEU CB 276 15.29 -85.00 20.11
C LEU CB 276 14.80 -85.36 21.50
N LEU CB 277 13.80 -84.64 22.02
CA LEU CB 277 13.18 -85.01 23.28
C LEU CB 277 12.38 -86.31 23.13
N LEU CB 278 11.64 -86.43 22.05
CA LEU CB 278 10.80 -87.60 21.80
C LEU CB 278 11.66 -88.75 21.27
N TYR DB 47 20.63 -107.27 -31.54
CA TYR DB 47 20.41 -107.12 -32.97
C TYR DB 47 21.74 -107.02 -33.69
N THR DB 48 22.34 -105.83 -33.65
CA THR DB 48 23.66 -105.65 -34.21
C THR DB 48 24.72 -106.05 -33.19
N ASP DB 49 25.59 -106.97 -33.59
CA ASP DB 49 26.50 -107.69 -32.71
C ASP DB 49 27.93 -107.57 -33.19
N VAL DB 50 28.40 -106.33 -33.37
CA VAL DB 50 29.81 -106.05 -33.66
C VAL DB 50 30.65 -106.60 -32.51
N PRO DB 51 31.80 -107.22 -32.80
CA PRO DB 51 32.59 -107.84 -31.74
C PRO DB 51 33.49 -106.84 -31.04
N ILE DB 52 34.02 -107.27 -29.90
CA ILE DB 52 34.95 -106.46 -29.13
C ILE DB 52 36.28 -106.39 -29.88
N SER DB 53 36.93 -105.21 -29.82
CA SER DB 53 38.15 -104.99 -30.59
C SER DB 53 39.32 -105.83 -30.10
N GLY DB 54 39.29 -106.28 -28.85
CA GLY DB 54 40.40 -107.02 -28.29
C GLY DB 54 41.31 -106.11 -27.48
N MET DB 55 41.49 -104.88 -27.97
CA MET DB 55 42.16 -103.84 -27.20
C MET DB 55 41.31 -103.40 -26.01
N ARG DB 56 39.98 -103.39 -26.16
CA ARG DB 56 39.06 -103.08 -25.08
C ARG DB 56 39.08 -104.14 -23.97
N LYS DB 57 39.45 -105.38 -24.30
CA LYS DB 57 39.43 -106.45 -23.31
C LYS DB 57 40.52 -106.24 -22.25
N THR DB 58 41.69 -105.73 -22.67
CA THR DB 58 42.76 -105.44 -21.72
C THR DB 58 42.39 -104.29 -20.80
N ILE DB 59 41.74 -103.25 -21.33
CA ILE DB 59 41.32 -102.12 -20.49
C ILE DB 59 40.20 -102.54 -19.55
N ALA DB 60 39.32 -103.45 -20.00
CA ALA DB 60 38.26 -103.96 -19.14
C ALA DB 60 38.83 -104.80 -18.00
N ALA DB 61 39.83 -105.64 -18.31
CA ALA DB 61 40.49 -106.43 -17.27
C ALA DB 61 41.27 -105.53 -16.31
N ARG DB 62 41.86 -104.45 -16.83
CA ARG DB 62 42.62 -103.53 -15.98
C ARG DB 62 41.71 -102.76 -15.03
N LEU DB 63 40.56 -102.30 -15.53
CA LEU DB 63 39.59 -101.62 -14.66
C LEU DB 63 38.97 -102.60 -13.67
N LYS DB 64 38.82 -103.86 -14.07
CA LYS DB 64 38.39 -104.89 -13.13
C LYS DB 64 39.40 -105.09 -12.01
N GLU DB 65 40.70 -105.14 -12.35
CA GLU DB 65 41.78 -105.23 -11.35
C GLU DB 65 41.75 -104.03 -10.42
N SER DB 66 41.51 -102.84 -10.97
CA SER DB 66 41.48 -101.62 -10.18
C SER DB 66 40.33 -101.63 -9.18
N VAL DB 67 39.13 -101.99 -9.63
CA VAL DB 67 37.98 -101.95 -8.72
C VAL DB 67 37.98 -103.14 -7.77
N THR DB 68 38.71 -104.21 -8.10
CA THR DB 68 38.67 -105.37 -7.21
C THR DB 68 39.84 -105.39 -6.23
N GLU DB 69 40.90 -104.61 -6.49
CA GLU DB 69 42.02 -104.63 -5.56
C GLU DB 69 42.16 -103.29 -4.85
N ASN DB 70 41.53 -102.24 -5.38
CA ASN DB 70 41.58 -100.93 -4.76
C ASN DB 70 40.23 -100.58 -4.18
N PRO DB 71 40.04 -100.60 -2.86
CA PRO DB 71 38.80 -100.07 -2.28
C PRO DB 71 38.77 -98.54 -2.36
N HIS DB 72 37.99 -98.03 -3.31
CA HIS DB 72 37.98 -96.60 -3.57
C HIS DB 72 37.13 -95.87 -2.55
N PHE DB 73 37.52 -94.63 -2.25
CA PHE DB 73 36.63 -93.70 -1.56
C PHE DB 73 36.87 -92.31 -2.13
N PHE DB 74 35.77 -91.56 -2.27
CA PHE DB 74 35.79 -90.27 -2.94
C PHE DB 74 35.74 -89.14 -1.92
N VAL DB 75 36.47 -88.07 -2.21
CA VAL DB 75 36.43 -86.83 -1.44
C VAL DB 75 36.13 -85.70 -2.41
N SER DB 76 35.04 -84.98 -2.17
CA SER DB 76 34.61 -83.92 -3.07
C SER DB 76 34.84 -82.55 -2.42
N THR DB 77 35.11 -81.56 -3.26
CA THR DB 77 35.31 -80.19 -2.81
C THR DB 77 34.89 -79.25 -3.92
N ASN DB 78 34.77 -77.97 -3.57
CA ASN DB 78 34.45 -76.93 -4.54
C ASN DB 78 35.57 -75.89 -4.51
N LEU DB 79 36.31 -75.77 -5.61
CA LEU DB 79 37.40 -74.83 -5.72
C LEU DB 79 36.88 -73.55 -6.37
N SER DB 80 37.20 -72.41 -5.76
CA SER DB 80 36.89 -71.12 -6.36
C SER DB 80 38.03 -70.71 -7.28
N VAL DB 81 37.69 -70.45 -8.54
CA VAL DB 81 38.69 -70.18 -9.58
C VAL DB 81 38.54 -68.77 -10.13
N SER DB 82 37.88 -67.88 -9.39
CA SER DB 82 37.68 -66.51 -9.87
C SER DB 82 38.98 -65.71 -9.89
N LYS DB 83 39.92 -66.04 -9.01
CA LYS DB 83 41.23 -65.41 -9.06
C LYS DB 83 42.18 -66.14 -10.01
N LEU DB 84 41.99 -67.46 -10.16
CA LEU DB 84 42.80 -68.24 -11.09
C LEU DB 84 42.52 -67.83 -12.53
N LEU DB 85 41.26 -67.54 -12.84
CA LEU DB 85 40.93 -67.08 -14.19
C LEU DB 85 41.48 -65.68 -14.46
N LYS DB 86 41.52 -64.82 -13.44
CA LYS DB 86 42.12 -63.50 -13.61
C LYS DB 86 43.62 -63.59 -13.82
N LEU DB 87 44.29 -64.49 -13.07
CA LEU DB 87 45.72 -64.69 -13.25
C LEU DB 87 46.03 -65.29 -14.63
N ARG DB 88 45.18 -66.20 -15.10
CA ARG DB 88 45.36 -66.78 -16.44
C ARG DB 88 45.13 -65.74 -17.52
N GLN DB 89 44.14 -64.85 -17.33
CA GLN DB 89 43.87 -63.80 -18.29
C GLN DB 89 45.02 -62.82 -18.37
N ALA DB 90 45.60 -62.46 -17.21
CA ALA DB 90 46.74 -61.54 -17.19
C ALA DB 90 47.97 -62.17 -17.82
N LEU DB 91 48.23 -63.45 -17.53
CA LEU DB 91 49.41 -64.11 -18.08
C LEU DB 91 49.25 -64.38 -19.58
N ASN DB 92 48.01 -64.53 -20.05
CA ASN DB 92 47.79 -64.70 -21.49
C ASN DB 92 47.83 -63.37 -22.22
N SER DB 93 47.38 -62.29 -21.57
CA SER DB 93 47.41 -60.99 -22.22
C SER DB 93 48.82 -60.41 -22.27
N SER DB 94 49.67 -60.76 -21.30
CA SER DB 94 51.07 -60.32 -21.30
C SER DB 94 51.95 -61.31 -22.06
N ALA DB 95 51.65 -61.47 -23.35
CA ALA DB 95 52.39 -62.39 -24.20
C ALA DB 95 52.30 -61.91 -25.64
N ASP DB 96 53.17 -62.47 -26.48
CA ASP DB 96 53.21 -62.18 -27.91
C ASP DB 96 52.89 -63.42 -28.73
N GLY DB 97 52.01 -64.28 -28.22
CA GLY DB 97 51.76 -65.55 -28.86
C GLY DB 97 52.78 -66.63 -28.57
N ARG DB 98 53.60 -66.44 -27.54
CA ARG DB 98 54.60 -67.46 -27.20
C ARG DB 98 53.95 -68.66 -26.51
N TYR DB 99 52.88 -68.44 -25.75
CA TYR DB 99 52.25 -69.51 -25.01
C TYR DB 99 50.75 -69.23 -24.91
N LYS DB 100 50.02 -70.24 -24.45
CA LYS DB 100 48.59 -70.12 -24.19
C LYS DB 100 48.27 -70.99 -22.97
N LEU DB 101 47.80 -70.35 -21.90
CA LEU DB 101 47.60 -71.04 -20.63
C LEU DB 101 46.15 -71.48 -20.48
N SER DB 102 45.96 -72.61 -19.82
CA SER DB 102 44.65 -73.17 -19.52
C SER DB 102 44.55 -73.45 -18.02
N VAL DB 103 43.36 -73.88 -17.60
CA VAL DB 103 43.12 -74.18 -16.19
C VAL DB 103 43.83 -75.47 -15.79
N ASN DB 104 44.04 -76.36 -16.75
CA ASN DB 104 44.69 -77.64 -16.48
C ASN DB 104 46.14 -77.48 -16.10
N ASP DB 105 46.80 -76.40 -16.57
CA ASP DB 105 48.18 -76.12 -16.18
C ASP DB 105 48.28 -75.76 -14.69
N PHE DB 106 47.39 -74.87 -14.24
CA PHE DB 106 47.33 -74.52 -12.83
C PHE DB 106 46.93 -75.71 -11.97
N LEU DB 107 46.05 -76.57 -12.50
CA LEU DB 107 45.63 -77.75 -11.75
C LEU DB 107 46.76 -78.77 -11.61
N ILE DB 108 47.55 -78.95 -12.68
CA ILE DB 108 48.67 -79.89 -12.63
C ILE DB 108 49.76 -79.37 -11.70
N LYS DB 109 50.03 -78.05 -11.74
CA LYS DB 109 51.01 -77.47 -10.83
C LYS DB 109 50.56 -77.54 -9.37
N ALA DB 110 49.26 -77.32 -9.12
CA ALA DB 110 48.74 -77.40 -7.76
C ALA DB 110 48.72 -78.85 -7.27
N MET DB 111 48.50 -79.80 -8.18
CA MET DB 111 48.60 -81.21 -7.80
C MET DB 111 50.03 -81.60 -7.45
N GLY DB 112 51.01 -81.04 -8.17
CA GLY DB 112 52.40 -81.28 -7.82
C GLY DB 112 52.77 -80.69 -6.47
N ILE DB 113 52.29 -79.47 -6.18
CA ILE DB 113 52.57 -78.82 -4.91
C ILE DB 113 51.91 -79.59 -3.76
N ALA DB 114 50.66 -80.03 -3.96
CA ALA DB 114 49.95 -80.77 -2.92
C ALA DB 114 50.53 -82.16 -2.70
N SER DB 115 51.00 -82.82 -3.76
CA SER DB 115 51.64 -84.13 -3.59
C SER DB 115 53.02 -84.02 -2.98
N LYS DB 116 53.70 -82.88 -3.17
CA LYS DB 116 54.95 -82.66 -2.47
C LYS DB 116 54.73 -82.35 -1.00
N ARG DB 117 53.64 -81.63 -0.67
CA ARG DB 117 53.36 -81.33 0.74
C ARG DB 117 52.82 -82.54 1.49
N VAL DB 118 52.00 -83.36 0.86
CA VAL DB 118 51.51 -84.60 1.47
C VAL DB 118 52.06 -85.77 0.66
N PRO DB 119 53.21 -86.33 1.04
CA PRO DB 119 53.83 -87.37 0.20
C PRO DB 119 53.22 -88.75 0.34
N THR DB 120 52.23 -88.93 1.23
CA THR DB 120 51.60 -90.25 1.38
C THR DB 120 50.71 -90.57 0.19
N VAL DB 121 50.10 -89.55 -0.43
CA VAL DB 121 49.26 -89.77 -1.61
C VAL DB 121 50.10 -90.13 -2.82
N ASN DB 122 51.33 -89.64 -2.88
CA ASN DB 122 52.25 -89.94 -4.00
C ASN DB 122 52.95 -91.25 -3.71
N SER DB 123 52.20 -92.34 -3.84
CA SER DB 123 52.71 -93.68 -3.53
C SER DB 123 52.01 -94.71 -4.40
N SER DB 124 52.24 -95.98 -4.09
CA SER DB 124 51.67 -97.10 -4.83
C SER DB 124 51.48 -98.26 -3.87
N TRP DB 125 51.32 -99.46 -4.42
CA TRP DB 125 51.15 -100.68 -3.62
C TRP DB 125 51.86 -101.82 -4.34
N ARG DB 126 52.91 -102.36 -3.70
CA ARG DB 126 53.83 -103.30 -4.33
C ARG DB 126 53.95 -104.57 -3.49
N ASP DB 127 54.96 -105.40 -3.77
CA ASP DB 127 55.12 -106.70 -3.13
C ASP DB 127 55.49 -106.51 -1.67
N GLY DB 128 54.47 -106.44 -0.81
CA GLY DB 128 54.66 -106.26 0.62
C GLY DB 128 55.28 -104.94 1.02
N VAL DB 129 55.19 -103.92 0.17
CA VAL DB 129 55.98 -102.71 0.33
C VAL DB 129 55.26 -101.56 -0.36
N ILE DB 130 55.44 -100.36 0.19
CA ILE DB 130 54.88 -99.12 -0.34
C ILE DB 130 55.99 -98.38 -1.06
N ARG DB 131 55.81 -98.13 -2.35
CA ARG DB 131 56.82 -97.42 -3.13
C ARG DB 131 56.48 -95.94 -3.17
N GLN DB 132 57.33 -95.12 -2.57
CA GLN DB 132 57.11 -93.69 -2.44
C GLN DB 132 58.12 -92.93 -3.29
N PHE DB 133 57.62 -92.11 -4.21
CA PHE DB 133 58.44 -91.34 -5.13
C PHE DB 133 58.71 -89.94 -4.58
N GLU DB 134 59.74 -89.28 -5.15
CA GLU DB 134 60.01 -87.88 -4.85
C GLU DB 134 59.27 -86.94 -5.81
N THR DB 135 59.48 -87.12 -7.11
CA THR DB 135 58.89 -86.24 -8.11
C THR DB 135 57.44 -86.63 -8.37
N VAL DB 136 56.66 -85.64 -8.81
CA VAL DB 136 55.25 -85.84 -9.15
C VAL DB 136 55.18 -86.00 -10.66
N ASP DB 137 54.85 -87.20 -11.13
CA ASP DB 137 54.64 -87.47 -12.54
C ASP DB 137 53.13 -87.59 -12.77
N VAL DB 138 52.58 -86.65 -13.53
CA VAL DB 138 51.12 -86.50 -13.64
C VAL DB 138 50.67 -87.07 -14.98
N SER DB 139 49.80 -88.07 -14.94
CA SER DB 139 49.22 -88.66 -16.13
C SER DB 139 47.95 -87.89 -16.50
N VAL DB 140 47.90 -87.34 -17.71
CA VAL DB 140 46.77 -86.55 -18.17
C VAL DB 140 45.99 -87.36 -19.19
N ALA DB 141 44.68 -87.46 -18.99
CA ALA DB 141 43.84 -88.24 -19.88
C ALA DB 141 43.51 -87.44 -21.14
N VAL DB 142 43.74 -88.06 -22.29
CA VAL DB 142 43.45 -87.45 -23.59
C VAL DB 142 42.38 -88.29 -24.28
N ALA DB 143 41.31 -87.64 -24.71
CA ALA DB 143 40.18 -88.33 -25.34
C ALA DB 143 40.42 -88.42 -26.84
N THR DB 144 40.78 -89.61 -27.30
CA THR DB 144 40.97 -89.96 -28.69
C THR DB 144 39.79 -90.80 -29.19
N PRO DB 145 39.52 -90.83 -30.50
CA PRO DB 145 38.42 -91.67 -31.01
C PRO DB 145 38.66 -93.17 -30.83
N ASN DB 146 39.89 -93.59 -30.57
CA ASN DB 146 40.21 -94.96 -30.16
C ASN DB 146 40.21 -95.13 -28.65
N GLY DB 147 39.45 -94.31 -27.92
CA GLY DB 147 39.26 -94.53 -26.50
C GLY DB 147 39.96 -93.55 -25.58
N LEU DB 148 40.88 -94.04 -24.75
CA LEU DB 148 41.51 -93.22 -23.74
C LEU DB 148 42.99 -93.57 -23.63
N ILE DB 149 43.81 -92.54 -23.49
CA ILE DB 149 45.24 -92.71 -23.27
C ILE DB 149 45.67 -91.69 -22.23
N THR DB 150 46.73 -92.01 -21.47
CA THR DB 150 47.23 -91.15 -20.39
C THR DB 150 48.72 -90.91 -20.58
N PRO DB 151 49.11 -89.93 -21.39
CA PRO DB 151 50.51 -89.51 -21.42
C PRO DB 151 50.91 -88.78 -20.14
N ILE DB 152 52.19 -88.88 -19.80
CA ILE DB 152 52.71 -88.46 -18.51
C ILE DB 152 53.57 -87.22 -18.68
N VAL DB 153 53.31 -86.22 -17.83
CA VAL DB 153 54.19 -85.07 -17.67
C VAL DB 153 55.11 -85.38 -16.49
N LYS DB 154 56.40 -85.45 -16.77
CA LYS DB 154 57.38 -85.85 -15.77
C LYS DB 154 58.00 -84.64 -15.09
N GLY DB 155 58.19 -84.76 -13.77
CA GLY DB 155 58.80 -83.71 -12.98
C GLY DB 155 57.97 -82.44 -12.92
N VAL DB 156 56.78 -82.53 -12.35
CA VAL DB 156 55.83 -81.43 -12.40
C VAL DB 156 56.25 -80.30 -11.47
N GLU DB 157 56.64 -80.62 -10.24
CA GLU DB 157 57.08 -79.60 -9.31
C GLU DB 157 58.44 -79.06 -9.76
N GLY DB 158 58.57 -77.74 -9.74
CA GLY DB 158 59.74 -77.07 -10.28
C GLY DB 158 59.94 -77.24 -11.77
N LYS DB 159 58.89 -77.01 -12.55
CA LYS DB 159 58.98 -77.14 -14.00
C LYS DB 159 58.62 -75.88 -14.76
N GLY DB 160 57.57 -75.18 -14.35
CA GLY DB 160 57.16 -74.00 -15.06
C GLY DB 160 55.88 -74.21 -15.83
N LEU DB 161 55.03 -73.19 -15.84
CA LEU DB 161 53.70 -73.30 -16.44
C LEU DB 161 53.78 -73.36 -17.96
N GLU DB 162 54.74 -72.65 -18.56
CA GLU DB 162 54.91 -72.69 -20.00
C GLU DB 162 55.45 -74.05 -20.46
N SER DB 163 56.34 -74.63 -19.65
CA SER DB 163 56.84 -75.97 -19.96
C SER DB 163 55.74 -77.02 -19.81
N ILE DB 164 54.88 -76.85 -18.80
CA ILE DB 164 53.75 -77.77 -18.60
C ILE DB 164 52.76 -77.66 -19.76
N SER DB 165 52.47 -76.43 -20.20
CA SER DB 165 51.55 -76.21 -21.31
C SER DB 165 52.12 -76.78 -22.62
N ALA DB 166 53.43 -76.60 -22.84
CA ALA DB 166 54.07 -77.13 -24.03
C ALA DB 166 54.06 -78.65 -24.04
N ALA DB 167 54.36 -79.27 -22.89
CA ALA DB 167 54.38 -80.73 -22.82
C ALA DB 167 52.98 -81.32 -22.97
N VAL DB 168 51.97 -80.65 -22.40
CA VAL DB 168 50.59 -81.11 -22.52
C VAL DB 168 50.11 -80.99 -23.97
N LYS DB 169 50.48 -79.90 -24.66
CA LYS DB 169 50.08 -79.73 -26.05
C LYS DB 169 50.78 -80.75 -26.96
N GLU DB 170 52.08 -80.97 -26.74
CA GLU DB 170 52.84 -81.98 -27.47
C GLU DB 170 52.23 -83.37 -27.30
N LEU DB 171 51.97 -83.77 -26.05
CA LEU DB 171 51.46 -85.11 -25.80
C LEU DB 171 50.02 -85.27 -26.29
N ALA DB 172 49.22 -84.21 -26.24
CA ALA DB 172 47.84 -84.29 -26.72
C ALA DB 172 47.78 -84.40 -28.24
N LYS DB 173 48.61 -83.62 -28.96
CA LYS DB 173 48.58 -83.71 -30.42
C LYS DB 173 49.21 -85.02 -30.89
N LYS DB 174 50.19 -85.54 -30.14
CA LYS DB 174 50.74 -86.85 -30.49
C LYS DB 174 49.79 -87.97 -30.12
N ALA DB 175 48.91 -87.76 -29.15
CA ALA DB 175 47.88 -88.74 -28.84
C ALA DB 175 46.79 -88.75 -29.90
N ARG DB 176 46.50 -87.57 -30.47
CA ARG DB 176 45.55 -87.51 -31.57
C ARG DB 176 46.13 -88.10 -32.85
N ASP DB 177 47.44 -87.97 -33.07
CA ASP DB 177 48.08 -88.60 -34.21
C ASP DB 177 48.46 -90.06 -33.97
N GLY DB 178 48.44 -90.53 -32.72
CA GLY DB 178 48.72 -91.91 -32.40
C GLY DB 178 50.18 -92.30 -32.58
N LYS DB 179 51.09 -91.53 -32.00
CA LYS DB 179 52.53 -91.70 -32.24
C LYS DB 179 53.30 -91.74 -30.93
N LEU DB 180 52.89 -92.58 -30.00
CA LEU DB 180 53.48 -92.63 -28.66
C LEU DB 180 54.36 -93.86 -28.48
N LYS DB 181 55.35 -93.73 -27.61
CA LYS DB 181 56.20 -94.76 -27.04
C LYS DB 181 55.57 -95.27 -25.74
N PRO DB 182 55.79 -96.54 -25.39
CA PRO DB 182 55.18 -97.08 -24.15
C PRO DB 182 55.72 -96.45 -22.88
N GLU DB 183 56.92 -95.89 -22.91
CA GLU DB 183 57.46 -95.16 -21.78
C GLU DB 183 56.82 -93.79 -21.59
N GLU DB 184 56.02 -93.33 -22.55
CA GLU DB 184 55.33 -92.05 -22.42
C GLU DB 184 53.94 -92.19 -21.82
N TYR DB 185 53.38 -93.40 -21.77
CA TYR DB 185 52.07 -93.58 -21.15
C TYR DB 185 52.03 -94.77 -20.20
N GLN DB 186 53.20 -95.31 -19.84
CA GLN DB 186 53.28 -96.40 -18.86
C GLN DB 186 54.11 -95.90 -17.68
N GLY DB 187 53.46 -95.63 -16.57
CA GLY DB 187 54.12 -95.14 -15.38
C GLY DB 187 53.27 -94.13 -14.63
N GLY DB 188 53.89 -93.06 -14.15
CA GLY DB 188 53.18 -92.01 -13.44
C GLY DB 188 52.90 -92.33 -11.99
N SER DB 189 52.70 -91.29 -11.18
CA SER DB 189 52.38 -91.45 -9.77
C SER DB 189 50.99 -90.97 -9.40
N ILE DB 190 50.38 -90.11 -10.22
CA ILE DB 190 49.03 -89.60 -9.96
C ILE DB 190 48.42 -89.22 -11.31
N SER DB 191 47.10 -89.23 -11.37
CA SER DB 191 46.36 -89.00 -12.61
C SER DB 191 45.38 -87.85 -12.43
N ILE DB 192 44.83 -87.37 -13.55
CA ILE DB 192 43.82 -86.33 -13.55
C ILE DB 192 42.94 -86.51 -14.78
N SER DB 193 41.63 -86.46 -14.57
CA SER DB 193 40.64 -86.55 -15.65
C SER DB 193 39.94 -85.21 -15.75
N ASN DB 194 39.88 -84.66 -16.96
CA ASN DB 194 39.40 -83.31 -17.20
C ASN DB 194 38.16 -83.36 -18.06
N MET DB 195 37.08 -82.73 -17.61
CA MET DB 195 35.83 -82.65 -18.36
C MET DB 195 35.25 -81.24 -18.32
N GLY DB 196 36.11 -80.23 -18.46
CA GLY DB 196 35.64 -78.86 -18.44
C GLY DB 196 35.06 -78.39 -19.76
N MET DB 197 35.34 -79.10 -20.86
CA MET DB 197 34.80 -78.70 -22.16
C MET DB 197 33.32 -79.04 -22.26
N ASN DB 198 32.84 -80.00 -21.47
CA ASN DB 198 31.43 -80.34 -21.42
C ASN DB 198 30.79 -79.56 -20.28
N PRO DB 199 29.89 -78.61 -20.58
CA PRO DB 199 29.28 -77.81 -19.52
C PRO DB 199 28.19 -78.53 -18.75
N ALA DB 200 27.80 -79.74 -19.16
CA ALA DB 200 26.75 -80.47 -18.46
C ALA DB 200 27.29 -81.20 -17.23
N VAL DB 201 28.55 -81.63 -17.27
CA VAL DB 201 29.12 -82.45 -16.20
C VAL DB 201 29.42 -81.56 -15.00
N GLN DB 202 28.52 -81.57 -14.02
CA GLN DB 202 28.77 -80.84 -12.78
C GLN DB 202 29.80 -81.57 -11.91
N SER DB 203 29.70 -82.90 -11.86
CA SER DB 203 30.58 -83.71 -11.03
C SER DB 203 30.62 -85.12 -11.61
N PHE DB 204 31.78 -85.75 -11.49
CA PHE DB 204 31.92 -87.15 -11.89
C PHE DB 204 33.06 -87.78 -11.11
N THR DB 205 33.04 -89.10 -11.04
CA THR DB 205 34.10 -89.88 -10.43
C THR DB 205 34.88 -90.63 -11.51
N ALA DB 206 36.10 -91.04 -11.14
CA ALA DB 206 36.97 -91.75 -12.06
C ALA DB 206 37.49 -93.01 -11.38
N ILE DB 207 38.01 -93.92 -12.19
CA ILE DB 207 38.60 -95.17 -11.70
C ILE DB 207 40.11 -95.01 -11.68
N ILE DB 208 40.73 -95.43 -10.57
CA ILE DB 208 42.16 -95.26 -10.38
C ILE DB 208 42.92 -96.20 -11.31
N ASN DB 209 43.84 -95.63 -12.09
CA ASN DB 209 44.70 -96.45 -12.94
C ASN DB 209 45.73 -97.16 -12.08
N PRO DB 210 45.80 -98.49 -12.14
CA PRO DB 210 46.79 -99.19 -11.33
C PRO DB 210 48.17 -99.02 -11.93
N PRO DB 211 49.22 -99.02 -11.09
CA PRO DB 211 49.20 -99.18 -9.64
C PRO DB 211 49.23 -97.87 -8.85
N GLN DB 212 48.63 -96.80 -9.38
CA GLN DB 212 48.64 -95.54 -8.67
C GLN DB 212 47.65 -95.56 -7.50
N ALA DB 213 47.71 -94.50 -6.68
CA ALA DB 213 46.94 -94.45 -5.45
C ALA DB 213 45.78 -93.46 -5.47
N ALA DB 214 45.77 -92.50 -6.39
CA ALA DB 214 44.74 -91.49 -6.41
C ALA DB 214 44.47 -91.05 -7.84
N ILE DB 215 43.28 -90.49 -8.06
CA ILE DB 215 42.94 -89.90 -9.35
C ILE DB 215 42.06 -88.69 -9.10
N LEU DB 216 42.24 -87.64 -9.89
CA LEU DB 216 41.45 -86.42 -9.77
C LEU DB 216 40.40 -86.38 -10.87
N ALA DB 217 39.29 -85.70 -10.59
CA ALA DB 217 38.21 -85.53 -11.56
C ALA DB 217 37.66 -84.12 -11.41
N VAL DB 218 37.64 -83.38 -12.51
CA VAL DB 218 37.34 -81.94 -12.49
C VAL DB 218 36.09 -81.68 -13.32
N GLY DB 219 35.07 -81.08 -12.69
CA GLY DB 219 33.82 -80.82 -13.38
C GLY DB 219 33.76 -79.42 -13.97
N ALA DB 220 32.69 -79.18 -14.72
CA ALA DB 220 32.49 -77.91 -15.38
C ALA DB 220 32.26 -76.80 -14.36
N PRO DB 221 32.75 -75.60 -14.63
CA PRO DB 221 32.50 -74.47 -13.72
C PRO DB 221 31.07 -73.96 -13.82
N GLN DB 222 30.56 -73.52 -12.67
CA GLN DB 222 29.21 -72.99 -12.56
C GLN DB 222 29.19 -71.78 -11.65
N LYS DB 223 28.17 -70.95 -11.77
CA LYS DB 223 28.02 -69.76 -10.92
C LYS DB 223 27.28 -70.14 -9.64
N VAL DB 224 27.93 -69.92 -8.50
CA VAL DB 224 27.36 -70.22 -7.19
C VAL DB 224 27.25 -68.93 -6.40
N ALA DB 225 26.10 -68.72 -5.75
CA ALA DB 225 25.89 -67.53 -4.93
C ALA DB 225 26.71 -67.62 -3.65
N VAL DB 226 27.52 -66.59 -3.42
CA VAL DB 226 28.44 -66.55 -2.28
C VAL DB 226 28.21 -65.23 -1.54
N PRO DB 227 28.08 -65.24 -0.21
CA PRO DB 227 27.79 -64.01 0.52
C PRO DB 227 28.99 -63.06 0.55
N VAL DB 228 28.69 -61.77 0.62
CA VAL DB 228 29.70 -60.72 0.64
C VAL DB 228 29.21 -59.60 1.53
N GLU DB 229 30.14 -59.01 2.29
CA GLU DB 229 29.84 -57.81 3.06
C GLU DB 229 30.10 -56.60 2.18
N ASN DB 230 29.22 -55.62 2.24
CA ASN DB 230 29.51 -54.32 1.68
C ASN DB 230 30.26 -53.51 2.73
N GLU DB 231 30.47 -52.22 2.48
CA GLU DB 231 31.13 -51.37 3.46
C GLU DB 231 30.18 -50.89 4.56
N ASP DB 232 28.94 -51.34 4.57
CA ASP DB 232 28.04 -51.22 5.70
C ASP DB 232 27.76 -52.61 6.29
N GLY DB 233 26.87 -52.66 7.28
CA GLY DB 233 26.70 -53.86 8.07
C GLY DB 233 25.98 -55.02 7.39
N THR DB 234 25.25 -54.76 6.31
CA THR DB 234 24.41 -55.80 5.73
C THR DB 234 25.22 -56.74 4.85
N THR DB 235 24.66 -57.92 4.59
CA THR DB 235 25.26 -58.89 3.69
C THR DB 235 24.67 -58.76 2.29
N GLY DB 236 25.37 -59.34 1.30
CA GLY DB 236 24.97 -59.23 -0.08
C GLY DB 236 25.08 -60.58 -0.79
N VAL DB 237 24.83 -60.52 -2.10
CA VAL DB 237 24.96 -61.70 -2.97
C VAL DB 237 26.04 -61.40 -3.99
N SER DB 238 27.10 -62.20 -3.98
CA SER DB 238 28.12 -62.16 -5.00
C SER DB 238 28.12 -63.48 -5.74
N TRP DB 239 28.50 -63.45 -7.01
CA TRP DB 239 28.48 -64.62 -7.88
C TRP DB 239 29.91 -65.09 -8.09
N ASP DB 240 30.21 -66.29 -7.60
CA ASP DB 240 31.55 -66.86 -7.63
C ASP DB 240 31.58 -68.03 -8.61
N GLU DB 241 32.69 -68.14 -9.34
CA GLU DB 241 32.90 -69.26 -10.27
C GLU DB 241 33.49 -70.43 -9.49
N GLN DB 242 32.72 -71.49 -9.34
CA GLN DB 242 33.15 -72.66 -8.57
C GLN DB 242 33.26 -73.88 -9.48
N ILE DB 243 34.19 -74.77 -9.11
CA ILE DB 243 34.45 -76.01 -9.85
C ILE DB 243 34.41 -77.16 -8.85
N ILE DB 244 33.60 -78.18 -9.14
CA ILE DB 244 33.50 -79.34 -8.27
C ILE DB 244 34.62 -80.31 -8.65
N VAL DB 245 35.46 -80.62 -7.66
CA VAL DB 245 36.63 -81.48 -7.83
C VAL DB 245 36.45 -82.70 -6.95
N THR DB 246 36.46 -83.89 -7.54
CA THR DB 246 36.31 -85.15 -6.82
C THR DB 246 37.60 -85.95 -6.94
N ALA DB 247 38.20 -86.28 -5.82
CA ALA DB 247 39.42 -87.07 -5.78
C ALA DB 247 39.10 -88.46 -5.26
N SER DB 248 39.42 -89.49 -6.05
CA SER DB 248 39.21 -90.88 -5.66
C SER DB 248 40.53 -91.45 -5.15
N PHE DB 249 40.51 -91.94 -3.92
CA PHE DB 249 41.69 -92.49 -3.26
C PHE DB 249 41.52 -93.99 -3.03
N ASP DB 250 42.65 -94.67 -2.93
CA ASP DB 250 42.73 -96.07 -2.54
C ASP DB 250 42.96 -96.15 -1.04
N HIS DB 251 42.11 -96.92 -0.34
CA HIS DB 251 42.14 -96.92 1.11
C HIS DB 251 43.25 -97.79 1.69
N LYS DB 252 43.95 -98.57 0.86
CA LYS DB 252 45.07 -99.34 1.37
C LYS DB 252 46.28 -98.45 1.64
N VAL DB 253 46.41 -97.34 0.91
CA VAL DB 253 47.53 -96.43 1.04
C VAL DB 253 47.13 -95.14 1.74
N VAL DB 254 46.03 -94.53 1.30
CA VAL DB 254 45.61 -93.22 1.78
C VAL DB 254 44.38 -93.38 2.65
N ASP DB 255 44.44 -92.82 3.86
CA ASP DB 255 43.25 -92.77 4.71
C ASP DB 255 42.48 -91.48 4.45
N GLY DB 256 41.34 -91.36 5.15
CA GLY DB 256 40.46 -90.23 4.92
C GLY DB 256 41.03 -88.92 5.39
N ALA DB 257 41.77 -88.93 6.50
CA ALA DB 257 42.42 -87.72 6.99
C ALA DB 257 43.55 -87.27 6.07
N VAL DB 258 44.28 -88.23 5.50
CA VAL DB 258 45.36 -87.89 4.56
C VAL DB 258 44.78 -87.34 3.27
N GLY DB 259 43.67 -87.93 2.79
CA GLY DB 259 43.00 -87.40 1.61
C GLY DB 259 42.39 -86.03 1.85
N ALA DB 260 41.90 -85.79 3.07
CA ALA DB 260 41.35 -84.49 3.41
C ALA DB 260 42.44 -83.43 3.52
N GLU DB 261 43.61 -83.80 4.04
CA GLU DB 261 44.75 -82.87 4.06
C GLU DB 261 45.23 -82.56 2.65
N TRP DB 262 45.28 -83.56 1.77
CA TRP DB 262 45.67 -83.34 0.37
C TRP DB 262 44.67 -82.42 -0.33
N ILE DB 263 43.37 -82.64 -0.11
CA ILE DB 263 42.33 -81.80 -0.69
C ILE DB 263 42.40 -80.38 -0.14
N ARG DB 264 42.73 -80.24 1.16
CA ARG DB 264 42.83 -78.91 1.77
C ARG DB 264 44.03 -78.14 1.22
N GLU DB 265 45.17 -78.81 1.02
CA GLU DB 265 46.33 -78.13 0.46
C GLU DB 265 46.11 -77.77 -1.01
N LEU DB 266 45.42 -78.64 -1.76
CA LEU DB 266 45.09 -78.33 -3.14
C LEU DB 266 44.13 -77.15 -3.23
N LYS DB 267 43.14 -77.11 -2.34
CA LYS DB 267 42.20 -75.98 -2.30
C LYS DB 267 42.89 -74.69 -1.88
N LYS DB 268 43.87 -74.77 -0.98
CA LYS DB 268 44.61 -73.59 -0.56
C LYS DB 268 45.44 -73.03 -1.70
N VAL DB 269 46.16 -73.90 -2.42
CA VAL DB 269 47.01 -73.46 -3.53
C VAL DB 269 46.15 -72.96 -4.70
N ILE DB 270 44.96 -73.52 -4.89
CA ILE DB 270 44.10 -73.05 -5.98
C ILE DB 270 43.45 -71.71 -5.63
N GLU DB 271 42.89 -71.58 -4.42
CA GLU DB 271 42.19 -70.36 -4.06
C GLU DB 271 43.12 -69.23 -3.67
N ASN DB 272 44.42 -69.50 -3.46
CA ASN DB 272 45.43 -68.46 -3.34
C ASN DB 272 46.46 -68.69 -4.44
N PRO DB 273 46.26 -68.07 -5.60
CA PRO DB 273 47.11 -68.41 -6.76
C PRO DB 273 48.53 -67.89 -6.67
N LEU DB 274 48.82 -67.00 -5.72
CA LEU DB 274 50.20 -66.54 -5.52
C LEU DB 274 51.06 -67.58 -4.82
N GLU DB 275 50.45 -68.63 -4.26
CA GLU DB 275 51.20 -69.69 -3.61
C GLU DB 275 51.80 -70.69 -4.59
N LEU DB 276 51.52 -70.53 -5.89
CA LEU DB 276 52.16 -71.37 -6.91
C LEU DB 276 53.63 -71.01 -7.11
N LEU DB 277 54.04 -69.82 -6.66
CA LEU DB 277 55.45 -69.45 -6.68
C LEU DB 277 56.24 -70.29 -5.70
N LEU DB 278 55.71 -70.47 -4.49
CA LEU DB 278 56.37 -71.25 -3.44
C LEU DB 278 56.21 -72.74 -3.70
N TYR EB 47 -5.89 -76.63 -83.79
CA TYR EB 47 -4.77 -76.16 -84.60
C TYR EB 47 -3.55 -77.03 -84.35
N THR EB 48 -2.87 -76.79 -83.24
CA THR EB 48 -1.74 -77.63 -82.84
C THR EB 48 -2.26 -78.84 -82.08
N ASP EB 49 -1.90 -80.03 -82.57
CA ASP EB 49 -2.49 -81.31 -82.18
C ASP EB 49 -1.41 -82.28 -81.75
N VAL EB 50 -0.59 -81.87 -80.78
CA VAL EB 50 0.38 -82.76 -80.12
C VAL EB 50 -0.38 -83.92 -79.50
N PRO EB 51 0.13 -85.14 -79.60
CA PRO EB 51 -0.61 -86.30 -79.08
C PRO EB 51 -0.40 -86.49 -77.59
N ILE EB 52 -1.26 -87.34 -77.00
CA ILE EB 52 -1.15 -87.68 -75.59
C ILE EB 52 0.07 -88.56 -75.38
N SER EB 53 0.76 -88.37 -74.25
CA SER EB 53 2.01 -89.08 -74.00
C SER EB 53 1.81 -90.57 -73.79
N GLY EB 54 0.61 -91.01 -73.42
CA GLY EB 54 0.37 -92.40 -73.13
C GLY EB 54 0.46 -92.67 -71.64
N MET EB 55 1.42 -92.00 -70.98
CA MET EB 55 1.47 -92.00 -69.52
C MET EB 55 0.29 -91.24 -68.91
N ARG EB 56 -0.17 -90.18 -69.58
CA ARG EB 56 -1.34 -89.44 -69.14
C ARG EB 56 -2.62 -90.24 -69.24
N LYS EB 57 -2.67 -91.24 -70.14
CA LYS EB 57 -3.88 -92.03 -70.33
C LYS EB 57 -4.18 -92.89 -69.12
N THR EB 58 -3.13 -93.44 -68.48
CA THR EB 58 -3.31 -94.24 -67.28
C THR EB 58 -3.78 -93.39 -66.10
N ILE EB 59 -3.25 -92.17 -65.96
CA ILE EB 59 -3.69 -91.28 -64.89
C ILE EB 59 -5.11 -90.80 -65.15
N ALA EB 60 -5.48 -90.59 -66.42
CA ALA EB 60 -6.84 -90.20 -66.74
C ALA EB 60 -7.83 -91.33 -66.44
N ALA EB 61 -7.46 -92.57 -66.77
CA ALA EB 61 -8.31 -93.71 -66.44
C ALA EB 61 -8.39 -93.92 -64.93
N ARG EB 62 -7.30 -93.65 -64.21
CA ARG EB 62 -7.31 -93.81 -62.76
C ARG EB 62 -8.18 -92.77 -62.08
N LEU EB 63 -8.11 -91.51 -62.53
CA LEU EB 63 -8.99 -90.47 -62.00
C LEU EB 63 -10.44 -90.72 -62.38
N LYS EB 64 -10.67 -91.32 -63.56
CA LYS EB 64 -12.01 -91.74 -63.94
C LYS EB 64 -12.54 -92.82 -62.99
N GLU EB 65 -11.71 -93.82 -62.67
CA GLU EB 65 -12.08 -94.84 -61.69
C GLU EB 65 -12.40 -94.23 -60.34
N SER EB 66 -11.59 -93.24 -59.93
CA SER EB 66 -11.79 -92.59 -58.64
C SER EB 66 -13.12 -91.86 -58.57
N VAL EB 67 -13.44 -91.06 -59.60
CA VAL EB 67 -14.66 -90.27 -59.57
C VAL EB 67 -15.88 -91.14 -59.87
N THR EB 68 -15.70 -92.31 -60.48
CA THR EB 68 -16.88 -93.10 -60.80
C THR EB 68 -17.16 -94.17 -59.75
N GLU EB 69 -16.19 -94.49 -58.88
CA GLU EB 69 -16.44 -95.52 -57.88
C GLU EB 69 -16.45 -94.92 -56.48
N ASN EB 70 -15.90 -93.71 -56.32
CA ASN EB 70 -15.88 -93.05 -55.04
C ASN EB 70 -16.83 -91.86 -55.06
N PRO EB 71 -17.99 -91.92 -54.41
CA PRO EB 71 -18.81 -90.71 -54.24
C PRO EB 71 -18.18 -89.75 -53.25
N HIS EB 72 -17.56 -88.69 -53.75
CA HIS EB 72 -16.81 -87.77 -52.91
C HIS EB 72 -17.74 -86.82 -52.19
N PHE EB 73 -17.34 -86.42 -50.99
CA PHE EB 73 -17.93 -85.26 -50.34
C PHE EB 73 -16.85 -84.51 -49.58
N PHE EB 74 -16.94 -83.19 -49.61
CA PHE EB 74 -15.90 -82.32 -49.08
C PHE EB 74 -16.32 -81.75 -47.74
N VAL EB 75 -15.35 -81.62 -46.84
CA VAL EB 75 -15.53 -80.95 -45.55
C VAL EB 75 -14.45 -79.89 -45.44
N SER EB 76 -14.85 -78.63 -45.29
CA SER EB 76 -13.92 -77.52 -45.24
C SER EB 76 -13.81 -76.97 -43.82
N THR EB 77 -12.64 -76.46 -43.49
CA THR EB 77 -12.41 -75.85 -42.19
C THR EB 77 -11.32 -74.78 -42.33
N ASN EB 78 -11.17 -73.97 -41.30
CA ASN EB 78 -10.13 -72.94 -41.26
C ASN EB 78 -9.27 -73.20 -40.02
N LEU EB 79 -8.01 -73.55 -40.24
CA LEU EB 79 -7.07 -73.80 -39.17
C LEU EB 79 -6.29 -72.52 -38.86
N SER EB 80 -6.20 -72.17 -37.59
CA SER EB 80 -5.38 -71.06 -37.17
C SER EB 80 -3.97 -71.57 -36.90
N VAL EB 81 -3.00 -70.96 -37.58
CA VAL EB 81 -1.61 -71.42 -37.54
C VAL EB 81 -0.68 -70.37 -36.94
N SER EB 82 -1.24 -69.42 -36.18
CA SER EB 82 -0.43 -68.37 -35.59
C SER EB 82 0.47 -68.89 -34.47
N LYS EB 83 0.06 -69.96 -33.79
CA LYS EB 83 0.91 -70.60 -32.80
C LYS EB 83 1.82 -71.65 -33.43
N LEU EB 84 1.36 -72.27 -34.53
CA LEU EB 84 2.18 -73.24 -35.24
C LEU EB 84 3.38 -72.57 -35.90
N LEU EB 85 3.19 -71.36 -36.43
CA LEU EB 85 4.31 -70.62 -37.01
C LEU EB 85 5.30 -70.16 -35.95
N LYS EB 86 4.82 -69.83 -34.75
CA LYS EB 86 5.71 -69.47 -33.65
C LYS EB 86 6.53 -70.67 -33.18
N LEU EB 87 5.87 -71.84 -33.10
CA LEU EB 87 6.58 -73.07 -32.72
C LEU EB 87 7.61 -73.46 -33.77
N ARG EB 88 7.27 -73.29 -35.05
CA ARG EB 88 8.21 -73.58 -36.13
C ARG EB 88 9.38 -72.61 -36.12
N GLN EB 89 9.12 -71.34 -35.83
CA GLN EB 89 10.19 -70.34 -35.76
C GLN EB 89 11.14 -70.62 -34.60
N ALA EB 90 10.58 -71.04 -33.45
CA ALA EB 90 11.42 -71.37 -32.30
C ALA EB 90 12.25 -72.62 -32.55
N LEU EB 91 11.64 -73.65 -33.17
CA LEU EB 91 12.37 -74.88 -33.44
C LEU EB 91 13.40 -74.71 -34.53
N ASN EB 92 13.17 -73.76 -35.45
CA ASN EB 92 14.18 -73.49 -36.48
C ASN EB 92 15.30 -72.61 -35.94
N SER EB 93 14.98 -71.70 -35.02
CA SER EB 93 16.01 -70.83 -34.46
C SER EB 93 16.90 -71.58 -33.48
N SER EB 94 16.35 -72.59 -32.79
CA SER EB 94 17.15 -73.40 -31.88
C SER EB 94 17.79 -74.59 -32.62
N ALA EB 95 18.64 -74.27 -33.59
CA ALA EB 95 19.31 -75.28 -34.38
C ALA EB 95 20.62 -74.71 -34.91
N ASP EB 96 21.47 -75.62 -35.40
CA ASP EB 96 22.75 -75.26 -35.98
C ASP EB 96 22.82 -75.65 -37.46
N GLY EB 97 21.68 -75.55 -38.16
CA GLY EB 97 21.61 -76.03 -39.52
C GLY EB 97 21.42 -77.52 -39.66
N ARG EB 98 21.01 -78.21 -38.59
CA ARG EB 98 20.80 -79.65 -38.67
C ARG EB 98 19.50 -79.97 -39.40
N TYR EB 99 18.49 -79.12 -39.28
CA TYR EB 99 17.19 -79.38 -39.89
C TYR EB 99 16.56 -78.06 -40.28
N LYS EB 100 15.48 -78.15 -41.06
CA LYS EB 100 14.67 -77.00 -41.44
C LYS EB 100 13.22 -77.46 -41.50
N LEU EB 101 12.38 -76.86 -40.66
CA LEU EB 101 11.00 -77.30 -40.51
C LEU EB 101 10.07 -76.47 -41.36
N SER EB 102 9.02 -77.10 -41.86
CA SER EB 102 7.98 -76.45 -42.65
C SER EB 102 6.61 -76.76 -42.04
N VAL EB 103 5.58 -76.15 -42.63
CA VAL EB 103 4.22 -76.35 -42.14
C VAL EB 103 3.72 -77.75 -42.51
N ASN EB 104 4.26 -78.32 -43.59
CA ASN EB 104 3.84 -79.64 -44.05
C ASN EB 104 4.24 -80.73 -43.07
N ASP EB 105 5.31 -80.53 -42.31
CA ASP EB 105 5.71 -81.50 -41.29
C ASP EB 105 4.69 -81.56 -40.15
N PHE EB 106 4.27 -80.40 -39.66
CA PHE EB 106 3.23 -80.34 -38.63
C PHE EB 106 1.91 -80.88 -39.17
N LEU EB 107 1.61 -80.63 -40.44
CA LEU EB 107 0.37 -81.12 -41.03
C LEU EB 107 0.38 -82.64 -41.17
N ILE EB 108 1.52 -83.22 -41.56
CA ILE EB 108 1.63 -84.67 -41.69
C ILE EB 108 1.56 -85.35 -40.33
N LYS EB 109 2.20 -84.76 -39.31
CA LYS EB 109 2.13 -85.30 -37.96
C LYS EB 109 0.71 -85.20 -37.39
N ALA EB 110 0.02 -84.08 -37.65
CA ALA EB 110 -1.35 -83.93 -37.18
C ALA EB 110 -2.30 -84.86 -37.90
N MET EB 111 -2.02 -85.14 -39.19
CA MET EB 111 -2.81 -86.12 -39.92
C MET EB 111 -2.62 -87.52 -39.35
N GLY EB 112 -1.38 -87.85 -38.94
CA GLY EB 112 -1.14 -89.13 -38.31
C GLY EB 112 -1.84 -89.27 -36.97
N ILE EB 113 -1.83 -88.19 -36.17
CA ILE EB 113 -2.50 -88.19 -34.87
C ILE EB 113 -4.02 -88.32 -35.05
N ALA EB 114 -4.57 -87.58 -36.02
CA ALA EB 114 -6.01 -87.62 -36.25
C ALA EB 114 -6.46 -88.96 -36.83
N SER EB 115 -5.64 -89.57 -37.70
CA SER EB 115 -5.99 -90.88 -38.24
C SER EB 115 -5.83 -91.98 -37.20
N LYS EB 116 -4.94 -91.79 -36.22
CA LYS EB 116 -4.87 -92.75 -35.13
C LYS EB 116 -6.04 -92.59 -34.17
N ARG EB 117 -6.52 -91.36 -33.96
CA ARG EB 117 -7.68 -91.16 -33.08
C ARG EB 117 -8.99 -91.58 -33.73
N VAL EB 118 -9.16 -91.33 -35.03
CA VAL EB 118 -10.33 -91.80 -35.76
C VAL EB 118 -9.87 -92.83 -36.80
N PRO EB 119 -9.89 -94.12 -36.47
CA PRO EB 119 -9.32 -95.12 -37.40
C PRO EB 119 -10.22 -95.48 -38.55
N THR EB 120 -11.45 -94.96 -38.61
CA THR EB 120 -12.35 -95.28 -39.72
C THR EB 120 -11.90 -94.61 -41.01
N VAL EB 121 -11.29 -93.43 -40.91
CA VAL EB 121 -10.79 -92.73 -42.10
C VAL EB 121 -9.57 -93.43 -42.67
N ASN EB 122 -8.78 -94.09 -41.82
CA ASN EB 122 -7.59 -94.81 -42.27
C ASN EB 122 -8.01 -96.21 -42.71
N SER EB 123 -8.65 -96.28 -43.88
CA SER EB 123 -9.18 -97.52 -44.41
C SER EB 123 -9.18 -97.47 -45.92
N SER EB 124 -9.81 -98.47 -46.54
CA SER EB 124 -9.89 -98.59 -47.99
C SER EB 124 -11.19 -99.30 -48.35
N TRP EB 125 -11.27 -99.82 -49.56
CA TRP EB 125 -12.45 -100.55 -50.04
C TRP EB 125 -11.99 -101.69 -50.93
N ARG EB 126 -12.24 -102.91 -50.48
CA ARG EB 126 -11.68 -104.12 -51.09
C ARG EB 126 -12.78 -105.10 -51.46
N ASP EB 127 -12.42 -106.36 -51.75
CA ASP EB 127 -13.37 -107.36 -52.22
C ASP EB 127 -14.32 -107.74 -51.10
N GLY EB 128 -15.44 -107.03 -51.01
CA GLY EB 128 -16.44 -107.28 -50.00
C GLY EB 128 -16.00 -107.02 -48.58
N VAL EB 129 -14.96 -106.21 -48.38
CA VAL EB 129 -14.28 -106.12 -47.11
C VAL EB 129 -13.60 -104.75 -47.00
N ILE EB 130 -13.52 -104.25 -45.78
CA ILE EB 130 -12.88 -102.98 -45.45
C ILE EB 130 -11.51 -103.30 -44.86
N ARG EB 131 -10.45 -102.81 -45.49
CA ARG EB 131 -9.10 -103.06 -45.00
C ARG EB 131 -8.65 -101.89 -44.14
N GLN EB 132 -8.45 -102.15 -42.85
CA GLN EB 132 -8.11 -101.12 -41.87
C GLN EB 132 -6.68 -101.34 -41.39
N PHE EB 133 -5.85 -100.32 -41.55
CA PHE EB 133 -4.44 -100.35 -41.17
C PHE EB 133 -4.24 -99.79 -39.77
N GLU EB 134 -3.08 -100.10 -39.19
CA GLU EB 134 -2.66 -99.52 -37.92
C GLU EB 134 -1.86 -98.24 -38.13
N THR EB 135 -0.78 -98.32 -38.89
CA THR EB 135 0.10 -97.17 -39.09
C THR EB 135 -0.47 -96.24 -40.16
N VAL EB 136 -0.10 -94.96 -40.06
CA VAL EB 136 -0.52 -93.94 -41.00
C VAL EB 136 0.62 -93.76 -42.00
N ASP EB 137 0.39 -94.15 -43.24
CA ASP EB 137 1.35 -93.94 -44.33
C ASP EB 137 0.82 -92.81 -45.19
N VAL EB 138 1.54 -91.70 -45.22
CA VAL EB 138 1.04 -90.45 -45.82
C VAL EB 138 1.71 -90.26 -47.17
N SER EB 139 0.91 -90.18 -48.22
CA SER EB 139 1.40 -89.92 -49.57
C SER EB 139 1.42 -88.40 -49.78
N VAL EB 140 2.59 -87.86 -50.11
CA VAL EB 140 2.76 -86.43 -50.30
C VAL EB 140 2.94 -86.16 -51.79
N ALA EB 141 2.14 -85.23 -52.33
CA ALA EB 141 2.20 -84.91 -53.75
C ALA EB 141 3.36 -83.99 -54.04
N VAL EB 142 4.18 -84.37 -55.02
CA VAL EB 142 5.34 -83.59 -55.47
C VAL EB 142 5.09 -83.17 -56.91
N ALA EB 143 5.22 -81.87 -57.17
CA ALA EB 143 4.96 -81.32 -58.50
C ALA EB 143 6.25 -81.34 -59.31
N THR EB 144 6.34 -82.28 -60.24
CA THR EB 144 7.43 -82.44 -61.20
C THR EB 144 6.98 -81.96 -62.58
N PRO EB 145 7.92 -81.57 -63.45
CA PRO EB 145 7.51 -81.15 -64.81
C PRO EB 145 6.91 -82.26 -65.66
N ASN EB 146 7.08 -83.52 -65.26
CA ASN EB 146 6.38 -84.65 -65.86
C ASN EB 146 5.08 -84.98 -65.11
N GLY EB 147 4.47 -84.00 -64.46
CA GLY EB 147 3.14 -84.20 -63.89
C GLY EB 147 3.08 -84.27 -62.38
N LEU EB 148 2.64 -85.42 -61.86
CA LEU EB 148 2.40 -85.56 -60.43
C LEU EB 148 2.84 -86.93 -59.97
N ILE EB 149 3.49 -86.98 -58.80
CA ILE EB 149 3.88 -88.23 -58.18
C ILE EB 149 3.61 -88.10 -56.68
N THR EB 150 3.35 -89.23 -56.02
CA THR EB 150 3.02 -89.25 -54.60
C THR EB 150 3.93 -90.25 -53.87
N PRO EB 151 5.13 -89.83 -53.47
CA PRO EB 151 5.93 -90.68 -52.59
C PRO EB 151 5.35 -90.72 -51.18
N ILE EB 152 5.61 -91.84 -50.50
CA ILE EB 152 4.95 -92.18 -49.25
C ILE EB 152 5.94 -92.07 -48.09
N VAL EB 153 5.52 -91.39 -47.03
CA VAL EB 153 6.20 -91.40 -45.75
C VAL EB 153 5.55 -92.48 -44.91
N LYS EB 154 6.32 -93.50 -44.54
CA LYS EB 154 5.80 -94.65 -43.83
C LYS EB 154 5.97 -94.49 -42.33
N GLY EB 155 4.94 -94.90 -41.58
CA GLY EB 155 4.98 -94.86 -40.13
C GLY EB 155 5.03 -93.46 -39.57
N VAL EB 156 4.01 -92.65 -39.83
CA VAL EB 156 4.05 -91.24 -39.50
C VAL EB 156 3.91 -91.02 -38.01
N GLU EB 157 2.96 -91.70 -37.36
CA GLU EB 157 2.79 -91.56 -35.92
C GLU EB 157 3.96 -92.22 -35.21
N GLY EB 158 4.51 -91.53 -34.22
CA GLY EB 158 5.72 -91.97 -33.55
C GLY EB 158 6.95 -91.99 -34.43
N LYS EB 159 7.20 -90.93 -35.17
CA LYS EB 159 8.37 -90.87 -36.03
C LYS EB 159 9.31 -89.71 -35.74
N GLY EB 160 8.77 -88.54 -35.48
CA GLY EB 160 9.62 -87.38 -35.24
C GLY EB 160 9.59 -86.40 -36.39
N LEU EB 161 9.61 -85.11 -36.05
CA LEU EB 161 9.45 -84.06 -37.06
C LEU EB 161 10.71 -83.93 -37.91
N GLU EB 162 11.87 -84.16 -37.34
CA GLU EB 162 13.12 -84.11 -38.11
C GLU EB 162 13.20 -85.29 -39.08
N SER EB 163 12.73 -86.47 -38.65
CA SER EB 163 12.70 -87.63 -39.53
C SER EB 163 11.69 -87.42 -40.66
N ILE EB 164 10.55 -86.79 -40.35
CA ILE EB 164 9.54 -86.49 -41.37
C ILE EB 164 10.08 -85.49 -42.38
N SER EB 165 10.77 -84.44 -41.89
CA SER EB 165 11.36 -83.43 -42.78
C SER EB 165 12.45 -84.04 -43.66
N ALA EB 166 13.27 -84.91 -43.09
CA ALA EB 166 14.33 -85.57 -43.86
C ALA EB 166 13.75 -86.48 -44.92
N ALA EB 167 12.72 -87.26 -44.58
CA ALA EB 167 12.12 -88.16 -45.55
C ALA EB 167 11.40 -87.41 -46.66
N VAL EB 168 10.74 -86.30 -46.31
CA VAL EB 168 10.05 -85.48 -47.31
C VAL EB 168 11.05 -84.82 -48.26
N LYS EB 169 12.19 -84.35 -47.72
CA LYS EB 169 13.21 -83.74 -48.57
C LYS EB 169 13.87 -84.75 -49.49
N GLU EB 170 14.19 -85.95 -48.94
CA GLU EB 170 14.73 -87.05 -49.73
C GLU EB 170 13.80 -87.44 -50.88
N LEU EB 171 12.52 -87.66 -50.56
CA LEU EB 171 11.57 -88.11 -51.58
C LEU EB 171 11.27 -87.01 -52.60
N ALA EB 172 11.28 -85.74 -52.17
CA ALA EB 172 11.03 -84.66 -53.11
C ALA EB 172 12.20 -84.46 -54.07
N LYS EB 173 13.44 -84.52 -53.57
CA LYS EB 173 14.58 -84.35 -54.47
C LYS EB 173 14.74 -85.56 -55.37
N LYS EB 174 14.36 -86.75 -54.89
CA LYS EB 174 14.41 -87.91 -55.77
C LYS EB 174 13.26 -87.92 -56.76
N ALA EB 175 12.15 -87.24 -56.43
CA ALA EB 175 11.08 -87.08 -57.40
C ALA EB 175 11.46 -86.08 -58.49
N ARG EB 176 12.22 -85.05 -58.11
CA ARG EB 176 12.72 -84.11 -59.11
C ARG EB 176 13.80 -84.73 -59.99
N ASP EB 177 14.60 -85.65 -59.45
CA ASP EB 177 15.58 -86.36 -60.26
C ASP EB 177 14.99 -87.59 -60.97
N GLY EB 178 13.80 -88.03 -60.60
CA GLY EB 178 13.14 -89.15 -61.27
C GLY EB 178 13.78 -90.49 -61.01
N LYS EB 179 14.01 -90.82 -59.74
CA LYS EB 179 14.78 -92.01 -59.36
C LYS EB 179 14.05 -92.83 -58.30
N LEU EB 180 12.78 -93.15 -58.56
CA LEU EB 180 11.95 -93.83 -57.57
C LEU EB 180 11.72 -95.29 -57.95
N LYS EB 181 11.51 -96.11 -56.92
CA LYS EB 181 11.04 -97.49 -56.95
C LYS EB 181 9.51 -97.49 -56.85
N PRO EB 182 8.84 -98.49 -57.45
CA PRO EB 182 7.37 -98.51 -57.38
C PRO EB 182 6.81 -98.73 -55.98
N GLU EB 183 7.58 -99.35 -55.08
CA GLU EB 183 7.18 -99.49 -53.70
C GLU EB 183 7.26 -98.18 -52.91
N GLU EB 184 7.87 -97.14 -53.49
CA GLU EB 184 7.93 -95.84 -52.82
C GLU EB 184 6.77 -94.93 -53.18
N TYR EB 185 6.01 -95.23 -54.24
CA TYR EB 185 4.87 -94.41 -54.60
C TYR EB 185 3.63 -95.24 -54.91
N GLN EB 186 3.65 -96.52 -54.56
CA GLN EB 186 2.49 -97.39 -54.74
C GLN EB 186 2.08 -97.92 -53.36
N GLY EB 187 0.98 -97.39 -52.82
CA GLY EB 187 0.50 -97.79 -51.52
C GLY EB 187 -0.09 -96.62 -50.77
N GLY EB 188 0.19 -96.53 -49.46
CA GLY EB 188 -0.30 -95.44 -48.66
C GLY EB 188 -1.73 -95.62 -48.18
N SER EB 189 -2.07 -94.96 -47.07
CA SER EB 189 -3.43 -95.01 -46.53
C SER EB 189 -4.16 -93.68 -46.60
N ILE EB 190 -3.44 -92.57 -46.72
CA ILE EB 190 -4.06 -91.24 -46.81
C ILE EB 190 -3.09 -90.33 -47.57
N SER EB 191 -3.63 -89.30 -48.20
CA SER EB 191 -2.87 -88.40 -49.06
C SER EB 191 -3.02 -86.96 -48.58
N ILE EB 192 -2.17 -86.09 -49.11
CA ILE EB 192 -2.22 -84.66 -48.84
C ILE EB 192 -1.69 -83.90 -50.05
N SER EB 193 -2.42 -82.88 -50.47
CA SER EB 193 -2.01 -82.01 -51.57
C SER EB 193 -1.74 -80.62 -51.00
N ASN EB 194 -0.58 -80.08 -51.31
CA ASN EB 194 -0.09 -78.85 -50.72
C ASN EB 194 0.05 -77.77 -51.79
N MET EB 195 -0.56 -76.61 -51.56
CA MET EB 195 -0.48 -75.48 -52.48
C MET EB 195 -0.24 -74.19 -51.73
N GLY EB 196 0.64 -74.22 -50.73
CA GLY EB 196 0.94 -73.02 -49.96
C GLY EB 196 1.93 -72.09 -50.63
N MET EB 197 2.67 -72.58 -51.63
CA MET EB 197 3.64 -71.73 -52.32
C MET EB 197 2.94 -70.76 -53.27
N ASN EB 198 1.72 -71.10 -53.69
CA ASN EB 198 0.92 -70.21 -54.52
C ASN EB 198 0.01 -69.39 -53.62
N PRO EB 199 0.21 -68.07 -53.52
CA PRO EB 199 -0.62 -67.26 -52.61
C PRO EB 199 -2.01 -66.96 -53.16
N ALA EB 200 -2.31 -67.33 -54.41
CA ALA EB 200 -3.61 -67.05 -54.97
C ALA EB 200 -4.65 -68.10 -54.56
N VAL EB 201 -4.22 -69.34 -54.33
CA VAL EB 201 -5.14 -70.44 -54.05
C VAL EB 201 -5.64 -70.30 -52.62
N GLN EB 202 -6.85 -69.75 -52.47
CA GLN EB 202 -7.47 -69.69 -51.15
C GLN EB 202 -7.99 -71.05 -50.72
N SER EB 203 -8.58 -71.80 -51.66
CA SER EB 203 -9.16 -73.09 -51.37
C SER EB 203 -9.21 -73.89 -52.66
N PHE EB 204 -9.03 -75.20 -52.53
CA PHE EB 204 -9.18 -76.10 -53.68
C PHE EB 204 -9.54 -77.48 -53.17
N THR EB 205 -10.11 -78.28 -54.07
CA THR EB 205 -10.43 -79.67 -53.80
C THR EB 205 -9.48 -80.57 -54.58
N ALA EB 206 -9.39 -81.83 -54.14
CA ALA EB 206 -8.54 -82.82 -54.78
C ALA EB 206 -9.33 -84.08 -55.04
N ILE EB 207 -8.80 -84.92 -55.91
CA ILE EB 207 -9.40 -86.20 -56.25
C ILE EB 207 -8.68 -87.30 -55.46
N ILE EB 208 -9.47 -88.19 -54.86
CA ILE EB 208 -8.92 -89.24 -54.01
C ILE EB 208 -8.18 -90.27 -54.85
N ASN EB 209 -6.92 -90.53 -54.50
CA ASN EB 209 -6.16 -91.57 -55.17
C ASN EB 209 -6.67 -92.93 -54.73
N PRO EB 210 -7.10 -93.79 -55.67
CA PRO EB 210 -7.57 -95.11 -55.27
C PRO EB 210 -6.41 -96.00 -54.88
N PRO EB 211 -6.62 -96.94 -53.95
CA PRO EB 211 -7.88 -97.24 -53.24
C PRO EB 211 -8.01 -96.57 -51.88
N GLN EB 212 -7.44 -95.38 -51.69
CA GLN EB 212 -7.52 -94.71 -50.40
C GLN EB 212 -8.92 -94.14 -50.18
N ALA EB 213 -9.16 -93.66 -48.95
CA ALA EB 213 -10.49 -93.20 -48.56
C ALA EB 213 -10.61 -91.69 -48.39
N ALA EB 214 -9.50 -90.97 -48.24
CA ALA EB 214 -9.57 -89.54 -47.99
C ALA EB 214 -8.35 -88.86 -48.61
N ILE EB 215 -8.49 -87.57 -48.88
CA ILE EB 215 -7.37 -86.76 -49.33
C ILE EB 215 -7.52 -85.36 -48.73
N LEU EB 216 -6.38 -84.75 -48.37
CA LEU EB 216 -6.38 -83.42 -47.79
C LEU EB 216 -5.94 -82.41 -48.84
N ALA EB 217 -6.40 -81.17 -48.70
CA ALA EB 217 -6.03 -80.08 -49.61
C ALA EB 217 -5.85 -78.82 -48.78
N VAL EB 218 -4.69 -78.19 -48.88
CA VAL EB 218 -4.31 -77.09 -48.01
C VAL EB 218 -4.09 -75.83 -48.83
N GLY EB 219 -4.82 -74.76 -48.51
CA GLY EB 219 -4.72 -73.53 -49.26
C GLY EB 219 -3.74 -72.56 -48.64
N ALA EB 220 -3.51 -71.46 -49.36
CA ALA EB 220 -2.58 -70.43 -48.94
C ALA EB 220 -3.10 -69.72 -47.69
N PRO EB 221 -2.20 -69.34 -46.78
CA PRO EB 221 -2.62 -68.60 -45.59
C PRO EB 221 -3.00 -67.17 -45.92
N GLN EB 222 -3.98 -66.65 -45.20
CA GLN EB 222 -4.48 -65.30 -45.35
C GLN EB 222 -4.77 -64.68 -43.98
N LYS EB 223 -4.81 -63.35 -43.92
CA LYS EB 223 -5.11 -62.64 -42.68
C LYS EB 223 -6.62 -62.48 -42.54
N VAL EB 224 -7.18 -63.02 -41.46
CA VAL EB 224 -8.61 -62.94 -41.18
C VAL EB 224 -8.80 -62.18 -39.87
N ALA EB 225 -9.75 -61.26 -39.87
CA ALA EB 225 -10.07 -60.49 -38.67
C ALA EB 225 -10.77 -61.37 -37.64
N VAL EB 226 -10.22 -61.42 -36.43
CA VAL EB 226 -10.71 -62.27 -35.35
C VAL EB 226 -10.92 -61.40 -34.11
N PRO EB 227 -12.06 -61.51 -33.43
CA PRO EB 227 -12.31 -60.63 -32.28
C PRO EB 227 -11.44 -61.00 -31.08
N VAL EB 228 -11.15 -59.98 -30.27
CA VAL EB 228 -10.31 -60.15 -29.08
C VAL EB 228 -10.84 -59.21 -28.00
N GLU EB 229 -10.81 -59.70 -26.76
CA GLU EB 229 -11.11 -58.84 -25.62
C GLU EB 229 -9.83 -58.18 -25.15
N ASN EB 230 -9.90 -56.91 -24.82
CA ASN EB 230 -8.82 -56.27 -24.10
C ASN EB 230 -9.03 -56.51 -22.61
N GLU EB 231 -8.24 -55.86 -21.77
CA GLU EB 231 -8.42 -56.01 -20.32
C GLU EB 231 -9.56 -55.14 -19.78
N ASP EB 232 -10.29 -54.43 -20.65
CA ASP EB 232 -11.56 -53.81 -20.30
C ASP EB 232 -12.68 -54.53 -21.06
N GLY EB 233 -13.90 -54.01 -20.93
CA GLY EB 233 -15.08 -54.73 -21.40
C GLY EB 233 -15.28 -54.77 -22.90
N THR EB 234 -14.64 -53.87 -23.65
CA THR EB 234 -14.94 -53.76 -25.07
C THR EB 234 -14.22 -54.84 -25.87
N THR EB 235 -14.70 -55.08 -27.09
CA THR EB 235 -14.07 -56.01 -28.02
C THR EB 235 -13.15 -55.27 -28.98
N GLY EB 236 -12.26 -56.02 -29.62
CA GLY EB 236 -11.28 -55.45 -30.51
C GLY EB 236 -11.16 -56.24 -31.81
N VAL EB 237 -10.19 -55.84 -32.62
CA VAL EB 237 -9.88 -56.51 -33.88
C VAL EB 237 -8.45 -57.03 -33.78
N SER EB 238 -8.29 -58.35 -33.86
CA SER EB 238 -6.99 -58.97 -33.96
C SER EB 238 -6.89 -59.66 -35.32
N TRP EB 239 -5.67 -59.75 -35.84
CA TRP EB 239 -5.43 -60.32 -37.16
C TRP EB 239 -4.80 -61.70 -36.99
N ASP EB 240 -5.52 -62.72 -37.42
CA ASP EB 240 -5.11 -64.11 -37.25
C ASP EB 240 -4.74 -64.71 -38.60
N GLU EB 241 -3.70 -65.55 -38.61
CA GLU EB 241 -3.28 -66.24 -39.82
C GLU EB 241 -4.09 -67.52 -39.94
N GLN EB 242 -4.97 -67.60 -40.94
CA GLN EB 242 -5.82 -68.75 -41.13
C GLN EB 242 -5.51 -69.45 -42.45
N ILE EB 243 -5.73 -70.77 -42.46
CA ILE EB 243 -5.48 -71.61 -43.62
C ILE EB 243 -6.75 -72.42 -43.88
N ILE EB 244 -7.26 -72.37 -45.10
CA ILE EB 244 -8.45 -73.12 -45.47
C ILE EB 244 -8.01 -74.53 -45.87
N VAL EB 245 -8.56 -75.52 -45.17
CA VAL EB 245 -8.22 -76.93 -45.36
C VAL EB 245 -9.49 -77.66 -45.78
N THR EB 246 -9.44 -78.31 -46.94
CA THR EB 246 -10.58 -79.06 -47.49
C THR EB 246 -10.21 -80.52 -47.54
N ALA EB 247 -10.98 -81.37 -46.88
CA ALA EB 247 -10.76 -82.80 -46.88
C ALA EB 247 -11.86 -83.47 -47.70
N SER EB 248 -11.47 -84.23 -48.71
CA SER EB 248 -12.40 -84.96 -49.56
C SER EB 248 -12.44 -86.40 -49.09
N PHE EB 249 -13.63 -86.88 -48.75
CA PHE EB 249 -13.85 -88.23 -48.26
C PHE EB 249 -14.69 -89.03 -49.25
N ASP EB 250 -14.52 -90.36 -49.16
CA ASP EB 250 -15.34 -91.31 -49.89
C ASP EB 250 -16.48 -91.75 -48.99
N HIS EB 251 -17.71 -91.67 -49.51
CA HIS EB 251 -18.88 -91.91 -48.67
C HIS EB 251 -19.18 -93.38 -48.45
N LYS EB 252 -18.49 -94.28 -49.17
CA LYS EB 252 -18.70 -95.70 -48.93
C LYS EB 252 -18.04 -96.14 -47.62
N VAL EB 253 -16.98 -95.47 -47.21
CA VAL EB 253 -16.23 -95.81 -46.01
C VAL EB 253 -16.50 -94.81 -44.88
N VAL EB 254 -16.40 -93.52 -45.19
CA VAL EB 254 -16.47 -92.46 -44.19
C VAL EB 254 -17.79 -91.74 -44.34
N ASP EB 255 -18.53 -91.61 -43.24
CA ASP EB 255 -19.72 -90.78 -43.24
C ASP EB 255 -19.38 -89.35 -42.83
N GLY EB 256 -20.40 -88.49 -42.84
CA GLY EB 256 -20.18 -87.08 -42.58
C GLY EB 256 -19.81 -86.80 -41.13
N ALA EB 257 -20.40 -87.55 -40.19
CA ALA EB 257 -20.04 -87.39 -38.78
C ALA EB 257 -18.63 -87.87 -38.50
N VAL EB 258 -18.19 -88.94 -39.17
CA VAL EB 258 -16.83 -89.44 -39.00
C VAL EB 258 -15.82 -88.46 -39.59
N GLY EB 259 -16.15 -87.89 -40.76
CA GLY EB 259 -15.30 -86.87 -41.35
C GLY EB 259 -15.24 -85.60 -40.53
N ALA EB 260 -16.35 -85.24 -39.89
CA ALA EB 260 -16.39 -84.07 -39.02
C ALA EB 260 -15.58 -84.30 -37.75
N GLU EB 261 -15.62 -85.52 -37.20
CA GLU EB 261 -14.79 -85.84 -36.05
C GLU EB 261 -13.30 -85.83 -36.40
N TRP EB 262 -12.95 -86.35 -37.58
CA TRP EB 262 -11.56 -86.30 -38.05
C TRP EB 262 -11.08 -84.87 -38.25
N ILE EB 263 -11.93 -84.02 -38.85
CA ILE EB 263 -11.61 -82.61 -39.04
C ILE EB 263 -11.49 -81.89 -37.70
N ARG EB 264 -12.33 -82.24 -36.72
CA ARG EB 264 -12.28 -81.62 -35.41
C ARG EB 264 -11.01 -81.99 -34.65
N GLU EB 265 -10.60 -83.26 -34.74
CA GLU EB 265 -9.37 -83.68 -34.08
C GLU EB 265 -8.14 -83.07 -34.75
N LEU EB 266 -8.16 -82.96 -36.08
CA LEU EB 266 -7.07 -82.32 -36.80
C LEU EB 266 -6.97 -80.83 -36.44
N LYS EB 267 -8.13 -80.16 -36.34
CA LYS EB 267 -8.16 -78.75 -35.94
C LYS EB 267 -7.69 -78.56 -34.50
N LYS EB 268 -8.02 -79.51 -33.62
CA LYS EB 268 -7.58 -79.43 -32.23
C LYS EB 268 -6.07 -79.58 -32.13
N VAL EB 269 -5.50 -80.57 -32.82
CA VAL EB 269 -4.06 -80.80 -32.78
C VAL EB 269 -3.30 -79.66 -33.47
N ILE EB 270 -3.88 -79.03 -34.48
CA ILE EB 270 -3.21 -77.92 -35.15
C ILE EB 270 -3.27 -76.65 -34.30
N GLU EB 271 -4.45 -76.31 -33.78
CA GLU EB 271 -4.60 -75.08 -33.02
C GLU EB 271 -4.06 -75.18 -31.60
N ASN EB 272 -3.76 -76.38 -31.10
CA ASN EB 272 -3.02 -76.56 -29.86
C ASN EB 272 -1.76 -77.35 -30.20
N PRO EB 273 -0.66 -76.65 -30.52
CA PRO EB 273 0.53 -77.34 -31.03
C PRO EB 273 1.28 -78.15 -30.00
N LEU EB 274 0.98 -77.98 -28.70
CA LEU EB 274 1.60 -78.81 -27.68
C LEU EB 274 1.02 -80.21 -27.62
N GLU EB 275 -0.11 -80.45 -28.30
CA GLU EB 275 -0.69 -81.78 -28.35
C GLU EB 275 -0.01 -82.71 -29.34
N LEU EB 276 0.98 -82.20 -30.10
CA LEU EB 276 1.76 -83.07 -30.97
C LEU EB 276 2.72 -83.96 -30.19
N LEU EB 277 2.99 -83.63 -28.93
CA LEU EB 277 3.78 -84.50 -28.06
C LEU EB 277 3.01 -85.78 -27.74
N LEU EB 278 1.73 -85.65 -27.43
CA LEU EB 278 0.89 -86.79 -27.08
C LEU EB 278 0.44 -87.53 -28.34
N TYR FB 47 36.31 -29.73 -103.56
CA TYR FB 47 37.65 -30.19 -103.20
C TYR FB 47 37.66 -31.71 -103.14
N THR FB 48 37.15 -32.27 -102.03
CA THR FB 48 37.01 -33.71 -101.91
C THR FB 48 35.71 -34.15 -102.56
N ASP FB 49 35.82 -35.08 -103.50
CA ASP FB 49 34.76 -35.45 -104.43
C ASP FB 49 34.52 -36.95 -104.39
N VAL FB 50 34.25 -37.48 -103.20
CA VAL FB 50 33.82 -38.87 -103.03
C VAL FB 50 32.52 -39.07 -103.81
N PRO FB 51 32.36 -40.20 -104.50
CA PRO FB 51 31.18 -40.39 -105.34
C PRO FB 51 29.99 -40.90 -104.53
N ILE FB 52 28.82 -40.83 -105.18
CA ILE FB 52 27.59 -41.33 -104.57
C ILE FB 52 27.64 -42.84 -104.53
N SER FB 53 27.09 -43.43 -103.46
CA SER FB 53 27.18 -44.87 -103.26
C SER FB 53 26.35 -45.65 -104.27
N GLY FB 54 25.35 -45.03 -104.88
CA GLY FB 54 24.48 -45.73 -105.80
C GLY FB 54 23.21 -46.18 -105.11
N MET FB 55 23.35 -46.62 -103.86
CA MET FB 55 22.19 -46.87 -103.00
C MET FB 55 21.46 -45.58 -102.64
N ARG FB 56 22.20 -44.48 -102.48
CA ARG FB 56 21.60 -43.18 -102.22
C ARG FB 56 20.82 -42.65 -103.41
N LYS FB 57 21.14 -43.09 -104.64
CA LYS FB 57 20.46 -42.59 -105.83
C LYS FB 57 19.01 -43.07 -105.87
N THR FB 58 18.75 -44.30 -105.44
CA THR FB 58 17.40 -44.82 -105.39
C THR FB 58 16.56 -44.11 -104.33
N ILE FB 59 17.14 -43.81 -103.17
CA ILE FB 59 16.42 -43.08 -102.13
C ILE FB 59 16.16 -41.64 -102.57
N ALA FB 60 17.11 -41.04 -103.29
CA ALA FB 60 16.93 -39.69 -103.81
C ALA FB 60 15.81 -39.64 -104.86
N ALA FB 61 15.77 -40.63 -105.75
CA ALA FB 61 14.69 -40.71 -106.73
C ALA FB 61 13.34 -40.99 -106.06
N ARG FB 62 13.36 -41.79 -104.98
CA ARG FB 62 12.12 -42.10 -104.27
C ARG FB 62 11.57 -40.87 -103.54
N LEU FB 63 12.44 -40.10 -102.90
CA LEU FB 63 12.01 -38.86 -102.25
C LEU FB 63 11.58 -37.82 -103.28
N LYS FB 64 12.21 -37.84 -104.46
CA LYS FB 64 11.76 -36.99 -105.56
C LYS FB 64 10.35 -37.36 -106.00
N GLU FB 65 10.08 -38.68 -106.15
CA GLU FB 65 8.73 -39.16 -106.48
C GLU FB 65 7.72 -38.73 -105.43
N SER FB 66 8.12 -38.81 -104.16
CA SER FB 66 7.23 -38.45 -103.05
C SER FB 66 6.87 -36.97 -103.08
N VAL FB 67 7.87 -36.10 -103.25
CA VAL FB 67 7.59 -34.67 -103.22
C VAL FB 67 6.96 -34.19 -104.52
N THR FB 68 7.10 -34.97 -105.61
CA THR FB 68 6.53 -34.48 -106.86
C THR FB 68 5.15 -35.06 -107.13
N GLU FB 69 4.76 -36.14 -106.44
CA GLU FB 69 3.45 -36.70 -106.70
C GLU FB 69 2.53 -36.54 -105.49
N ASN FB 70 3.10 -36.26 -104.33
CA ASN FB 70 2.33 -36.05 -103.11
C ASN FB 70 2.37 -34.59 -102.71
N PRO FB 71 1.30 -33.81 -102.89
CA PRO FB 71 1.26 -32.47 -102.32
C PRO FB 71 1.09 -32.51 -100.81
N HIS FB 72 2.18 -32.29 -100.08
CA HIS FB 72 2.18 -32.44 -98.64
C HIS FB 72 1.55 -31.23 -97.96
N PHE FB 73 0.90 -31.48 -96.83
CA PHE FB 73 0.55 -30.40 -95.92
C PHE FB 73 0.71 -30.91 -94.50
N PHE FB 74 1.19 -30.04 -93.62
CA PHE FB 74 1.56 -30.40 -92.26
C PHE FB 74 0.50 -29.91 -91.28
N VAL FB 75 0.24 -30.72 -90.26
CA VAL FB 75 -0.63 -30.37 -89.15
C VAL FB 75 0.16 -30.58 -87.86
N SER FB 76 0.34 -29.53 -87.08
CA SER FB 76 1.12 -29.59 -85.86
C SER FB 76 0.23 -29.54 -84.63
N THR FB 77 0.68 -30.20 -83.57
CA THR FB 77 -0.04 -30.20 -82.30
C THR FB 77 0.96 -30.39 -81.17
N ASN FB 78 0.51 -30.15 -79.95
CA ASN FB 78 1.32 -30.35 -78.76
C ASN FB 78 0.60 -31.35 -77.85
N LEU FB 79 1.21 -32.52 -77.68
CA LEU FB 79 0.67 -33.56 -76.84
C LEU FB 79 1.25 -33.44 -75.44
N SER FB 80 0.38 -33.49 -74.43
CA SER FB 80 0.83 -33.51 -73.04
C SER FB 80 1.05 -34.97 -72.62
N VAL FB 81 2.26 -35.27 -72.17
CA VAL FB 81 2.68 -36.63 -71.87
C VAL FB 81 2.99 -36.80 -70.39
N SER FB 82 2.49 -35.90 -69.54
CA SER FB 82 2.77 -35.98 -68.11
C SER FB 82 2.07 -37.16 -67.45
N LYS FB 83 0.93 -37.58 -67.99
CA LYS FB 83 0.26 -38.79 -67.51
C LYS FB 83 0.79 -40.04 -68.19
N LEU FB 84 1.22 -39.90 -69.45
CA LEU FB 84 1.81 -41.02 -70.18
C LEU FB 84 3.12 -41.46 -69.56
N LEU FB 85 3.93 -40.50 -69.09
CA LEU FB 85 5.18 -40.84 -68.42
C LEU FB 85 4.93 -41.50 -67.06
N LYS FB 86 3.87 -41.08 -66.36
CA LYS FB 86 3.52 -41.73 -65.10
C LYS FB 86 3.04 -43.16 -65.31
N LEU FB 87 2.24 -43.37 -66.36
CA LEU FB 87 1.79 -44.73 -66.69
C LEU FB 87 2.95 -45.61 -67.12
N ARG FB 88 3.90 -45.06 -67.87
CA ARG FB 88 5.08 -45.82 -68.28
C ARG FB 88 5.97 -46.15 -67.08
N GLN FB 89 6.09 -45.21 -66.14
CA GLN FB 89 6.89 -45.45 -64.94
C GLN FB 89 6.26 -46.53 -64.07
N ALA FB 90 4.93 -46.52 -63.94
CA ALA FB 90 4.24 -47.54 -63.16
C ALA FB 90 4.34 -48.92 -63.81
N LEU FB 91 4.18 -48.97 -65.15
CA LEU FB 91 4.25 -50.25 -65.84
C LEU FB 91 5.67 -50.79 -65.89
N ASN FB 92 6.68 -49.91 -65.85
CA ASN FB 92 8.05 -50.37 -65.80
C ASN FB 92 8.45 -50.79 -64.39
N SER FB 93 7.91 -50.12 -63.37
CA SER FB 93 8.24 -50.49 -62.00
C SER FB 93 7.56 -51.77 -61.58
N SER FB 94 6.38 -52.07 -62.14
CA SER FB 94 5.68 -53.32 -61.84
C SER FB 94 6.11 -54.43 -62.81
N ALA FB 95 7.41 -54.75 -62.76
CA ALA FB 95 7.96 -55.77 -63.63
C ALA FB 95 9.18 -56.38 -62.95
N ASP FB 96 9.62 -57.52 -63.49
CA ASP FB 96 10.81 -58.23 -63.01
C ASP FB 96 11.87 -58.29 -64.09
N GLY FB 97 11.98 -57.25 -64.90
CA GLY FB 97 12.87 -57.28 -66.05
C GLY FB 97 12.32 -58.02 -67.25
N ARG FB 98 11.01 -58.28 -67.30
CA ARG FB 98 10.44 -58.97 -68.45
C ARG FB 98 10.33 -58.05 -69.66
N TYR FB 99 10.12 -56.75 -69.44
CA TYR FB 99 9.93 -55.81 -70.53
C TYR FB 99 10.48 -54.46 -70.11
N LYS FB 100 10.58 -53.55 -71.09
CA LYS FB 100 10.97 -52.17 -70.86
C LYS FB 100 10.20 -51.30 -71.84
N LEU FB 101 9.37 -50.42 -71.31
CA LEU FB 101 8.46 -49.62 -72.14
C LEU FB 101 9.07 -48.25 -72.45
N SER FB 102 8.76 -47.75 -73.63
CA SER FB 102 9.18 -46.43 -74.08
C SER FB 102 7.96 -45.64 -74.54
N VAL FB 103 8.20 -44.37 -74.90
CA VAL FB 103 7.13 -43.50 -75.37
C VAL FB 103 6.68 -43.91 -76.76
N ASN FB 104 7.58 -44.52 -77.55
CA ASN FB 104 7.26 -44.92 -78.90
C ASN FB 104 6.23 -46.04 -78.95
N ASP FB 105 6.17 -46.87 -77.90
CA ASP FB 105 5.16 -47.92 -77.82
C ASP FB 105 3.75 -47.32 -77.68
N PHE FB 106 3.60 -46.36 -76.77
CA PHE FB 106 2.33 -45.66 -76.60
C PHE FB 106 1.97 -44.88 -77.85
N LEU FB 107 2.97 -44.31 -78.53
CA LEU FB 107 2.70 -43.56 -79.75
C LEU FB 107 2.25 -44.46 -80.88
N ILE FB 108 2.85 -45.65 -81.01
CA ILE FB 108 2.46 -46.59 -82.05
C ILE FB 108 1.07 -47.15 -81.78
N LYS FB 109 0.76 -47.44 -80.52
CA LYS FB 109 -0.58 -47.91 -80.16
C LYS FB 109 -1.64 -46.82 -80.38
N ALA FB 110 -1.31 -45.57 -80.06
CA ALA FB 110 -2.25 -44.47 -80.27
C ALA FB 110 -2.43 -44.20 -81.76
N MET FB 111 -1.38 -44.39 -82.56
CA MET FB 111 -1.50 -44.26 -84.01
C MET FB 111 -2.41 -45.35 -84.58
N GLY FB 112 -2.31 -46.56 -84.03
CA GLY FB 112 -3.21 -47.63 -84.47
C GLY FB 112 -4.66 -47.36 -84.11
N ILE FB 113 -4.89 -46.83 -82.90
CA ILE FB 113 -6.24 -46.50 -82.46
C ILE FB 113 -6.82 -45.36 -83.31
N ALA FB 114 -6.00 -44.34 -83.59
CA ALA FB 114 -6.47 -43.21 -84.38
C ALA FB 114 -6.71 -43.58 -85.83
N SER FB 115 -5.87 -44.46 -86.39
CA SER FB 115 -6.08 -44.91 -87.77
C SER FB 115 -7.27 -45.86 -87.88
N LYS FB 116 -7.60 -46.57 -86.80
CA LYS FB 116 -8.82 -47.37 -86.81
C LYS FB 116 -10.06 -46.49 -86.68
N ARG FB 117 -9.97 -45.40 -85.91
CA ARG FB 117 -11.12 -44.51 -85.78
C ARG FB 117 -11.34 -43.65 -87.01
N VAL FB 118 -10.27 -43.18 -87.66
CA VAL FB 118 -10.38 -42.44 -88.91
C VAL FB 118 -9.72 -43.26 -90.00
N PRO FB 119 -10.47 -44.09 -90.73
CA PRO FB 119 -9.85 -45.00 -91.70
C PRO FB 119 -9.46 -44.35 -93.02
N THR FB 120 -9.76 -43.06 -93.22
CA THR FB 120 -9.39 -42.40 -94.46
C THR FB 120 -7.89 -42.15 -94.53
N VAL FB 121 -7.25 -41.92 -93.38
CA VAL FB 121 -5.81 -41.71 -93.34
C VAL FB 121 -5.05 -43.01 -93.63
N ASN FB 122 -5.63 -44.15 -93.26
CA ASN FB 122 -5.02 -45.46 -93.49
C ASN FB 122 -5.37 -45.91 -94.91
N SER FB 123 -4.74 -45.29 -95.89
CA SER FB 123 -5.02 -45.56 -97.29
C SER FB 123 -3.77 -45.29 -98.12
N SER FB 124 -3.93 -45.33 -99.44
CA SER FB 124 -2.83 -45.13 -100.39
C SER FB 124 -3.39 -44.49 -101.65
N TRP FB 125 -2.63 -44.57 -102.74
CA TRP FB 125 -3.05 -44.02 -104.02
C TRP FB 125 -2.55 -44.93 -105.13
N ARG FB 126 -3.49 -45.55 -105.84
CA ARG FB 126 -3.21 -46.62 -106.79
C ARG FB 126 -3.78 -46.31 -108.16
N ASP FB 127 -3.84 -47.31 -109.05
CA ASP FB 127 -4.26 -47.11 -110.44
C ASP FB 127 -5.75 -46.76 -110.48
N GLY FB 128 -6.05 -45.46 -110.41
CA GLY FB 128 -7.41 -44.98 -110.46
C GLY FB 128 -8.27 -45.38 -109.28
N VAL FB 129 -7.66 -45.73 -108.15
CA VAL FB 129 -8.35 -46.40 -107.06
C VAL FB 129 -7.62 -46.11 -105.75
N ILE FB 130 -8.39 -46.04 -104.67
CA ILE FB 130 -7.88 -45.82 -103.32
C ILE FB 130 -7.87 -47.18 -102.61
N ARG FB 131 -6.70 -47.61 -102.16
CA ARG FB 131 -6.60 -48.89 -101.47
C ARG FB 131 -6.65 -48.65 -99.97
N GLN FB 132 -7.70 -49.16 -99.33
CA GLN FB 132 -7.96 -48.94 -97.91
C GLN FB 132 -7.80 -50.25 -97.16
N PHE FB 133 -6.91 -50.26 -96.17
CA PHE FB 133 -6.61 -51.44 -95.37
C PHE FB 133 -7.45 -51.46 -94.10
N GLU FB 134 -7.52 -52.65 -93.48
CA GLU FB 134 -8.14 -52.79 -92.16
C GLU FB 134 -7.12 -52.62 -91.03
N THR FB 135 -6.05 -53.40 -91.05
CA THR FB 135 -5.06 -53.36 -89.98
C THR FB 135 -4.10 -52.19 -90.18
N VAL FB 136 -3.53 -51.72 -89.07
CA VAL FB 136 -2.56 -50.63 -89.08
C VAL FB 136 -1.19 -51.27 -89.02
N ASP FB 137 -0.43 -51.16 -90.10
CA ASP FB 137 0.95 -51.62 -90.15
C ASP FB 137 1.86 -50.39 -90.08
N VAL FB 138 2.62 -50.28 -89.00
CA VAL FB 138 3.35 -49.05 -88.69
C VAL FB 138 4.82 -49.25 -89.02
N SER FB 139 5.34 -48.42 -89.93
CA SER FB 139 6.76 -48.45 -90.27
C SER FB 139 7.52 -47.52 -89.34
N VAL FB 140 8.51 -48.05 -88.64
CA VAL FB 140 9.29 -47.29 -87.67
C VAL FB 140 10.67 -47.05 -88.24
N ALA FB 141 11.11 -45.79 -88.24
CA ALA FB 141 12.40 -45.43 -88.80
C ALA FB 141 13.52 -45.75 -87.81
N VAL FB 142 14.53 -46.47 -88.28
CA VAL FB 142 15.70 -46.83 -87.48
C VAL FB 142 16.91 -46.18 -88.11
N ALA FB 143 17.68 -45.45 -87.29
CA ALA FB 143 18.85 -44.72 -87.77
C ALA FB 143 20.07 -45.63 -87.68
N THR FB 144 20.51 -46.12 -88.83
CA THR FB 144 21.71 -46.93 -89.00
C THR FB 144 22.81 -46.10 -89.64
N PRO FB 145 24.09 -46.46 -89.46
CA PRO FB 145 25.17 -45.70 -90.11
C PRO FB 145 25.17 -45.79 -91.63
N ASN FB 146 24.44 -46.74 -92.22
CA ASN FB 146 24.18 -46.78 -93.65
C ASN FB 146 22.88 -46.08 -94.02
N GLY FB 147 22.45 -45.10 -93.24
CA GLY FB 147 21.33 -44.27 -93.63
C GLY FB 147 20.04 -44.48 -92.86
N LEU FB 148 18.98 -44.91 -93.55
CA LEU FB 148 17.67 -45.02 -92.94
C LEU FB 148 16.97 -46.27 -93.46
N ILE FB 149 16.30 -46.96 -92.55
CA ILE FB 149 15.48 -48.12 -92.90
C ILE FB 149 14.20 -48.04 -92.07
N THR FB 150 13.12 -48.62 -92.60
CA THR FB 150 11.81 -48.59 -91.96
C THR FB 150 11.25 -50.01 -91.84
N PRO FB 151 11.62 -50.75 -90.80
CA PRO FB 151 10.94 -52.02 -90.54
C PRO FB 151 9.52 -51.80 -90.04
N ILE FB 152 8.66 -52.77 -90.31
CA ILE FB 152 7.22 -52.64 -90.13
C ILE FB 152 6.77 -53.52 -88.96
N VAL FB 153 5.98 -52.93 -88.07
CA VAL FB 153 5.24 -53.67 -87.05
C VAL FB 153 3.85 -53.92 -87.61
N LYS FB 154 3.52 -55.20 -87.77
CA LYS FB 154 2.27 -55.60 -88.41
C LYS FB 154 1.19 -55.86 -87.38
N GLY FB 155 -0.03 -55.41 -87.69
CA GLY FB 155 -1.18 -55.61 -86.83
C GLY FB 155 -1.07 -54.89 -85.50
N VAL FB 156 -1.01 -53.57 -85.54
CA VAL FB 156 -0.73 -52.78 -84.35
C VAL FB 156 -1.92 -52.76 -83.41
N GLU FB 157 -3.12 -52.53 -83.94
CA GLU FB 157 -4.30 -52.52 -83.09
C GLU FB 157 -4.62 -53.94 -82.64
N GLY FB 158 -4.93 -54.10 -81.36
CA GLY FB 158 -5.10 -55.40 -80.76
C GLY FB 158 -3.84 -56.25 -80.73
N LYS FB 159 -2.72 -55.69 -80.29
CA LYS FB 159 -1.47 -56.45 -80.23
C LYS FB 159 -0.86 -56.52 -78.85
N GLY FB 160 -0.86 -55.42 -78.11
CA GLY FB 160 -0.25 -55.42 -76.80
C GLY FB 160 1.05 -54.63 -76.79
N LEU FB 161 1.27 -53.92 -75.68
CA LEU FB 161 2.41 -53.01 -75.58
C LEU FB 161 3.72 -53.79 -75.43
N GLU FB 162 3.68 -54.93 -74.75
CA GLU FB 162 4.88 -55.75 -74.62
C GLU FB 162 5.26 -56.40 -75.94
N SER FB 163 4.25 -56.81 -76.73
CA SER FB 163 4.51 -57.34 -78.06
C SER FB 163 5.06 -56.27 -78.99
N ILE FB 164 4.54 -55.05 -78.87
CA ILE FB 164 5.03 -53.93 -79.69
C ILE FB 164 6.48 -53.59 -79.32
N SER FB 165 6.78 -53.57 -78.01
CA SER FB 165 8.14 -53.29 -77.55
C SER FB 165 9.11 -54.38 -78.00
N ALA FB 166 8.69 -55.64 -77.92
CA ALA FB 166 9.52 -56.75 -78.35
C ALA FB 166 9.80 -56.70 -79.85
N ALA FB 167 8.76 -56.41 -80.65
CA ALA FB 167 8.94 -56.35 -82.10
C ALA FB 167 9.81 -55.16 -82.51
N VAL FB 168 9.65 -54.03 -81.83
CA VAL FB 168 10.46 -52.85 -82.12
C VAL FB 168 11.92 -53.09 -81.76
N LYS FB 169 12.17 -53.77 -80.63
CA LYS FB 169 13.55 -54.07 -80.23
C LYS FB 169 14.20 -55.09 -81.17
N GLU FB 170 13.45 -56.13 -81.56
CA GLU FB 170 13.92 -57.11 -82.54
C GLU FB 170 14.28 -56.45 -83.87
N LEU FB 171 13.37 -55.62 -84.40
CA LEU FB 171 13.61 -55.01 -85.71
C LEU FB 171 14.72 -53.97 -85.65
N ALA FB 172 14.86 -53.27 -84.52
CA ALA FB 172 15.92 -52.28 -84.40
C ALA FB 172 17.29 -52.92 -84.30
N LYS FB 173 17.41 -54.01 -83.51
CA LYS FB 173 18.72 -54.65 -83.40
C LYS FB 173 19.06 -55.39 -84.69
N LYS FB 174 18.05 -55.89 -85.41
CA LYS FB 174 18.33 -56.50 -86.70
C LYS FB 174 18.63 -55.46 -87.77
N ALA FB 175 18.14 -54.23 -87.59
CA ALA FB 175 18.50 -53.16 -88.50
C ALA FB 175 19.93 -52.70 -88.24
N ARG FB 176 20.35 -52.72 -86.98
CA ARG FB 176 21.74 -52.40 -86.67
C ARG FB 176 22.70 -53.49 -87.14
N ASP FB 177 22.27 -54.75 -87.11
CA ASP FB 177 23.09 -55.82 -87.66
C ASP FB 177 22.95 -56.01 -89.17
N GLY FB 178 21.95 -55.40 -89.79
CA GLY FB 178 21.77 -55.46 -91.23
C GLY FB 178 21.34 -56.82 -91.74
N LYS FB 179 20.29 -57.39 -91.15
CA LYS FB 179 19.87 -58.76 -91.44
C LYS FB 179 18.38 -58.83 -91.72
N LEU FB 180 17.89 -58.01 -92.65
CA LEU FB 180 16.47 -57.91 -92.94
C LEU FB 180 16.11 -58.57 -94.26
N LYS FB 181 14.88 -59.05 -94.35
CA LYS FB 181 14.17 -59.51 -95.53
C LYS FB 181 13.41 -58.34 -96.15
N PRO FB 182 13.21 -58.33 -97.48
CA PRO FB 182 12.49 -57.20 -98.10
C PRO FB 182 11.03 -57.10 -97.71
N GLU FB 183 10.42 -58.20 -97.29
CA GLU FB 183 9.05 -58.17 -96.77
C GLU FB 183 8.95 -57.56 -95.38
N GLU FB 184 10.08 -57.32 -94.71
CA GLU FB 184 10.07 -56.68 -93.41
C GLU FB 184 10.19 -55.16 -93.48
N TYR FB 185 10.60 -54.61 -94.62
CA TYR FB 185 10.68 -53.15 -94.74
C TYR FB 185 10.07 -52.65 -96.05
N GLN FB 186 9.31 -53.50 -96.74
CA GLN FB 186 8.60 -53.09 -97.95
C GLN FB 186 7.11 -53.29 -97.72
N GLY FB 187 6.39 -52.19 -97.53
CA GLY FB 187 4.96 -52.24 -97.28
C GLY FB 187 4.52 -51.18 -96.30
N GLY FB 188 3.63 -51.54 -95.37
CA GLY FB 188 3.18 -50.61 -94.36
C GLY FB 188 2.08 -49.67 -94.84
N SER FB 189 1.28 -49.17 -93.90
CA SER FB 189 0.22 -48.22 -94.23
C SER FB 189 0.44 -46.83 -93.66
N ILE FB 190 1.30 -46.69 -92.64
CA ILE FB 190 1.60 -45.40 -92.03
C ILE FB 190 2.99 -45.49 -91.40
N SER FB 191 3.65 -44.35 -91.27
CA SER FB 191 5.02 -44.27 -90.80
C SER FB 191 5.11 -43.35 -89.58
N ILE FB 192 6.26 -43.41 -88.91
CA ILE FB 192 6.55 -42.53 -87.78
C ILE FB 192 8.05 -42.33 -87.70
N SER FB 193 8.46 -41.06 -87.54
CA SER FB 193 9.86 -40.70 -87.38
C SER FB 193 10.04 -40.15 -85.98
N ASN FB 194 11.02 -40.69 -85.25
CA ASN FB 194 11.23 -40.41 -83.85
C ASN FB 194 12.56 -39.70 -83.65
N MET FB 195 12.54 -38.56 -82.97
CA MET FB 195 13.76 -37.80 -82.67
C MET FB 195 13.74 -37.32 -81.23
N GLY FB 196 13.31 -38.17 -80.30
CA GLY FB 196 13.28 -37.78 -78.90
C GLY FB 196 14.62 -37.90 -78.20
N MET FB 197 15.57 -38.63 -78.78
CA MET FB 197 16.88 -38.77 -78.15
C MET FB 197 17.71 -37.50 -78.32
N ASN FB 198 17.38 -36.69 -79.32
CA ASN FB 198 18.04 -35.40 -79.52
C ASN FB 198 17.20 -34.32 -78.84
N PRO FB 199 17.71 -33.70 -77.77
CA PRO FB 199 16.92 -32.68 -77.07
C PRO FB 199 16.86 -31.34 -77.77
N ALA FB 200 17.60 -31.16 -78.87
CA ALA FB 200 17.58 -29.88 -79.56
C ALA FB 200 16.39 -29.76 -80.50
N VAL FB 201 15.92 -30.89 -81.05
CA VAL FB 201 14.88 -30.86 -82.06
C VAL FB 201 13.54 -30.60 -81.38
N GLN FB 202 13.08 -29.35 -81.44
CA GLN FB 202 11.76 -29.03 -80.91
C GLN FB 202 10.67 -29.50 -81.86
N SER FB 203 10.88 -29.36 -83.16
CA SER FB 203 9.90 -29.72 -84.16
C SER FB 203 10.62 -29.98 -85.47
N PHE FB 204 10.10 -30.94 -86.24
CA PHE FB 204 10.62 -31.20 -87.58
C PHE FB 204 9.53 -31.84 -88.41
N THR FB 205 9.70 -31.76 -89.73
CA THR FB 205 8.81 -32.38 -90.69
C THR FB 205 9.53 -33.56 -91.36
N ALA FB 206 8.73 -34.44 -91.94
CA ALA FB 206 9.26 -35.62 -92.61
C ALA FB 206 8.63 -35.73 -93.99
N ILE FB 207 9.27 -36.54 -94.84
CA ILE FB 207 8.78 -36.79 -96.19
C ILE FB 207 8.05 -38.13 -96.19
N ILE FB 208 6.87 -38.15 -96.83
CA ILE FB 208 6.03 -39.33 -96.83
C ILE FB 208 6.65 -40.41 -97.71
N ASN FB 209 6.83 -41.60 -97.14
CA ASN FB 209 7.32 -42.74 -97.91
C ASN FB 209 6.21 -43.23 -98.84
N PRO FB 210 6.45 -43.28 -100.16
CA PRO FB 210 5.43 -43.77 -101.06
C PRO FB 210 5.29 -45.27 -100.95
N PRO FB 211 4.08 -45.81 -101.17
CA PRO FB 211 2.84 -45.12 -101.53
C PRO FB 211 1.92 -44.81 -100.35
N GLN FB 212 2.48 -44.55 -99.16
CA GLN FB 212 1.64 -44.28 -98.01
C GLN FB 212 1.07 -42.86 -98.09
N ALA FB 213 0.15 -42.56 -97.16
CA ALA FB 213 -0.59 -41.30 -97.21
C ALA FB 213 -0.21 -40.32 -96.11
N ALA FB 214 0.43 -40.77 -95.03
CA ALA FB 214 0.75 -39.88 -93.92
C ALA FB 214 2.05 -40.33 -93.27
N ILE FB 215 2.69 -39.40 -92.56
CA ILE FB 215 3.86 -39.71 -91.77
C ILE FB 215 3.85 -38.84 -90.51
N LEU FB 216 4.29 -39.40 -89.39
CA LEU FB 216 4.32 -38.69 -88.14
C LEU FB 216 5.75 -38.26 -87.84
N ALA FB 217 5.90 -37.17 -87.08
CA ALA FB 217 7.21 -36.66 -86.68
C ALA FB 217 7.09 -36.16 -85.25
N VAL FB 218 7.94 -36.67 -84.35
CA VAL FB 218 7.81 -36.44 -82.92
C VAL FB 218 9.06 -35.73 -82.42
N GLY FB 219 8.87 -34.55 -81.80
CA GLY FB 219 10.00 -33.77 -81.33
C GLY FB 219 10.31 -34.03 -79.87
N ALA FB 220 11.40 -33.43 -79.41
CA ALA FB 220 11.86 -33.61 -78.05
C ALA FB 220 10.89 -32.96 -77.07
N PRO FB 221 10.70 -33.56 -75.90
CA PRO FB 221 9.82 -32.95 -74.89
C PRO FB 221 10.47 -31.74 -74.23
N GLN FB 222 9.64 -30.77 -73.90
CA GLN FB 222 10.06 -29.54 -73.26
C GLN FB 222 9.06 -29.14 -72.18
N LYS FB 223 9.48 -28.31 -71.23
CA LYS FB 223 8.60 -27.82 -70.17
C LYS FB 223 7.88 -26.56 -70.63
N VAL FB 224 6.56 -26.61 -70.65
CA VAL FB 224 5.72 -25.49 -71.06
C VAL FB 224 4.86 -25.07 -69.88
N ALA FB 225 4.78 -23.76 -69.64
CA ALA FB 225 3.96 -23.22 -68.56
C ALA FB 225 2.48 -23.35 -68.91
N VAL FB 226 1.73 -23.99 -68.01
CA VAL FB 226 0.32 -24.28 -68.20
C VAL FB 226 -0.45 -23.77 -66.99
N PRO FB 227 -1.55 -23.03 -67.17
CA PRO FB 227 -2.27 -22.48 -66.02
C PRO FB 227 -3.00 -23.55 -65.22
N VAL FB 228 -3.14 -23.29 -63.92
CA VAL FB 228 -3.78 -24.21 -63.01
C VAL FB 228 -4.55 -23.39 -61.96
N GLU FB 229 -5.73 -23.89 -61.58
CA GLU FB 229 -6.46 -23.31 -60.48
C GLU FB 229 -6.01 -23.97 -59.20
N ASN FB 230 -5.83 -23.19 -58.15
CA ASN FB 230 -5.69 -23.75 -56.81
C ASN FB 230 -7.09 -23.95 -56.24
N GLU FB 231 -7.18 -24.29 -54.96
CA GLU FB 231 -8.48 -24.45 -54.31
C GLU FB 231 -9.11 -23.11 -53.90
N ASP FB 232 -8.46 -21.99 -54.22
CA ASP FB 232 -9.07 -20.67 -54.16
C ASP FB 232 -9.23 -20.12 -55.57
N GLY FB 233 -9.68 -18.87 -55.67
CA GLY FB 233 -10.10 -18.31 -56.95
C GLY FB 233 -8.97 -17.96 -57.91
N THR FB 234 -7.75 -17.82 -57.44
CA THR FB 234 -6.69 -17.31 -58.29
C THR FB 234 -6.12 -18.41 -59.18
N THR FB 235 -5.44 -18.00 -60.26
CA THR FB 235 -4.76 -18.92 -61.15
C THR FB 235 -3.29 -19.06 -60.77
N GLY FB 236 -2.65 -20.11 -61.28
CA GLY FB 236 -1.28 -20.40 -60.95
C GLY FB 236 -0.47 -20.79 -62.18
N VAL FB 237 0.78 -21.18 -61.94
CA VAL FB 237 1.67 -21.66 -62.98
C VAL FB 237 2.04 -23.10 -62.66
N SER FB 238 1.67 -24.00 -63.56
CA SER FB 238 2.10 -25.39 -63.50
C SER FB 238 2.97 -25.69 -64.70
N TRP FB 239 3.90 -26.62 -64.52
CA TRP FB 239 4.87 -26.96 -65.56
C TRP FB 239 4.49 -28.32 -66.15
N ASP FB 240 4.13 -28.32 -67.43
CA ASP FB 240 3.65 -29.50 -68.12
C ASP FB 240 4.68 -29.96 -69.14
N GLU FB 241 4.83 -31.27 -69.28
CA GLU FB 241 5.74 -31.85 -70.27
C GLU FB 241 5.00 -31.97 -71.58
N GLN FB 242 5.39 -31.19 -72.58
CA GLN FB 242 4.72 -31.19 -73.88
C GLN FB 242 5.66 -31.68 -74.97
N ILE FB 243 5.08 -32.29 -75.99
CA ILE FB 243 5.81 -32.83 -77.13
C ILE FB 243 5.15 -32.30 -78.39
N ILE FB 244 5.94 -31.68 -79.27
CA ILE FB 244 5.42 -31.16 -80.53
C ILE FB 244 5.40 -32.30 -81.55
N VAL FB 245 4.21 -32.58 -82.08
CA VAL FB 245 3.99 -33.66 -83.03
C VAL FB 245 3.49 -33.05 -84.34
N THR FB 246 4.21 -33.31 -85.42
CA THR FB 246 3.86 -32.81 -86.75
C THR FB 246 3.51 -33.98 -87.65
N ALA FB 247 2.31 -33.97 -88.20
CA ALA FB 247 1.86 -35.02 -89.11
C ALA FB 247 1.77 -34.45 -90.51
N SER FB 248 2.49 -35.08 -91.45
CA SER FB 248 2.49 -34.66 -92.84
C SER FB 248 1.54 -35.58 -93.61
N PHE FB 249 0.56 -34.98 -94.27
CA PHE FB 249 -0.46 -35.70 -95.02
C PHE FB 249 -0.33 -35.39 -96.51
N ASP FB 250 -0.83 -36.34 -97.32
CA ASP FB 250 -0.96 -36.18 -98.75
C ASP FB 250 -2.36 -35.68 -99.05
N HIS FB 251 -2.46 -34.59 -99.83
CA HIS FB 251 -3.74 -33.93 -100.02
C HIS FB 251 -4.61 -34.63 -101.07
N LYS FB 252 -4.08 -35.61 -101.80
CA LYS FB 252 -4.90 -36.35 -102.75
C LYS FB 252 -5.83 -37.31 -102.03
N VAL FB 253 -5.44 -37.80 -100.86
CA VAL FB 253 -6.21 -38.76 -100.10
C VAL FB 253 -6.86 -38.12 -98.87
N VAL FB 254 -6.08 -37.37 -98.11
CA VAL FB 254 -6.52 -36.82 -96.82
C VAL FB 254 -6.71 -35.32 -96.98
N ASP FB 255 -7.88 -34.82 -96.60
CA ASP FB 255 -8.10 -33.39 -96.53
C ASP FB 255 -7.73 -32.85 -95.15
N GLY FB 256 -7.86 -31.53 -95.01
CA GLY FB 256 -7.45 -30.89 -93.78
C GLY FB 256 -8.34 -31.21 -92.60
N ALA FB 257 -9.64 -31.35 -92.85
CA ALA FB 257 -10.57 -31.73 -91.78
C ALA FB 257 -10.35 -33.17 -91.34
N VAL FB 258 -10.03 -34.06 -92.27
CA VAL FB 258 -9.74 -35.46 -91.93
C VAL FB 258 -8.44 -35.55 -91.14
N GLY FB 259 -7.43 -34.78 -91.55
CA GLY FB 259 -6.18 -34.75 -90.80
C GLY FB 259 -6.34 -34.14 -89.42
N ALA FB 260 -7.22 -33.15 -89.30
CA ALA FB 260 -7.49 -32.54 -88.00
C ALA FB 260 -8.26 -33.49 -87.09
N GLU FB 261 -9.19 -34.27 -87.65
CA GLU FB 261 -9.87 -35.30 -86.85
C GLU FB 261 -8.91 -36.40 -86.39
N TRP FB 262 -7.99 -36.81 -87.28
CA TRP FB 262 -6.98 -37.81 -86.91
C TRP FB 262 -6.07 -37.28 -85.81
N ILE FB 263 -5.64 -36.02 -85.91
CA ILE FB 263 -4.81 -35.39 -84.91
C ILE FB 263 -5.56 -35.24 -83.58
N ARG FB 264 -6.86 -34.93 -83.65
CA ARG FB 264 -7.67 -34.78 -82.44
C ARG FB 264 -7.86 -36.12 -81.72
N GLU FB 265 -8.09 -37.19 -82.48
CA GLU FB 265 -8.24 -38.50 -81.85
C GLU FB 265 -6.91 -38.99 -81.28
N LEU FB 266 -5.80 -38.72 -81.97
CA LEU FB 266 -4.49 -39.08 -81.44
C LEU FB 266 -4.17 -38.30 -80.16
N LYS FB 267 -4.52 -37.01 -80.14
CA LYS FB 267 -4.31 -36.20 -78.94
C LYS FB 267 -5.20 -36.65 -77.79
N LYS FB 268 -6.42 -37.09 -78.09
CA LYS FB 268 -7.33 -37.59 -77.06
C LYS FB 268 -6.79 -38.88 -76.45
N VAL FB 269 -6.35 -39.83 -77.29
CA VAL FB 269 -5.84 -41.09 -76.79
C VAL FB 269 -4.50 -40.90 -76.05
N ILE FB 270 -3.70 -39.91 -76.44
CA ILE FB 270 -2.44 -39.67 -75.75
C ILE FB 270 -2.68 -38.98 -74.41
N GLU FB 271 -3.50 -37.92 -74.39
CA GLU FB 271 -3.71 -37.16 -73.16
C GLU FB 271 -4.66 -37.86 -72.19
N ASN FB 272 -5.38 -38.89 -72.62
CA ASN FB 272 -6.14 -39.76 -71.71
C ASN FB 272 -5.60 -41.16 -71.91
N PRO FB 273 -4.59 -41.56 -71.12
CA PRO FB 273 -3.90 -42.83 -71.38
C PRO FB 273 -4.71 -44.06 -71.03
N LEU FB 274 -5.83 -43.91 -70.30
CA LEU FB 274 -6.70 -45.05 -70.03
C LEU FB 274 -7.53 -45.45 -71.23
N GLU FB 275 -7.57 -44.62 -72.29
CA GLU FB 275 -8.30 -44.96 -73.50
C GLU FB 275 -7.54 -45.91 -74.41
N LEU FB 276 -6.30 -46.28 -74.05
CA LEU FB 276 -5.57 -47.29 -74.80
C LEU FB 276 -6.11 -48.69 -74.57
N LEU FB 277 -6.89 -48.88 -73.51
CA LEU FB 277 -7.58 -50.15 -73.27
C LEU FB 277 -8.66 -50.37 -74.33
N LEU FB 278 -9.43 -49.34 -74.61
CA LEU FB 278 -10.52 -49.42 -75.59
C LEU FB 278 -9.98 -49.34 -77.01
N TYR GB 47 88.93 -31.38 -63.52
CA TYR GB 47 89.05 -32.75 -63.06
C TYR GB 47 88.42 -33.70 -64.09
N THR GB 48 87.10 -33.79 -64.07
CA THR GB 48 86.38 -34.58 -65.07
C THR GB 48 86.16 -33.73 -66.32
N ASP GB 49 86.62 -34.24 -67.45
CA ASP GB 49 86.77 -33.50 -68.70
C ASP GB 49 86.06 -34.23 -69.83
N VAL GB 50 84.77 -34.52 -69.65
CA VAL GB 50 83.91 -35.05 -70.71
C VAL GB 50 83.89 -34.04 -71.86
N PRO GB 51 83.96 -34.51 -73.11
CA PRO GB 51 84.03 -33.58 -74.23
C PRO GB 51 82.66 -33.07 -74.65
N ILE GB 52 82.69 -32.01 -75.47
CA ILE GB 52 81.46 -31.44 -76.01
C ILE GB 52 80.88 -32.41 -77.04
N SER GB 53 79.54 -32.49 -77.08
CA SER GB 53 78.87 -33.47 -77.93
C SER GB 53 79.03 -33.15 -79.42
N GLY GB 54 79.32 -31.90 -79.76
CA GLY GB 54 79.41 -31.51 -81.16
C GLY GB 54 78.11 -30.89 -81.64
N MET GB 55 76.99 -31.45 -81.17
CA MET GB 55 75.69 -30.82 -81.37
C MET GB 55 75.56 -29.53 -80.59
N ARG GB 56 76.17 -29.46 -79.40
CA ARG GB 56 76.20 -28.23 -78.60
C ARG GB 56 77.00 -27.12 -79.25
N LYS GB 57 77.97 -27.47 -80.11
CA LYS GB 57 78.83 -26.46 -80.73
C LYS GB 57 78.04 -25.60 -81.72
N THR GB 58 77.11 -26.22 -82.45
CA THR GB 58 76.27 -25.48 -83.38
C THR GB 58 75.31 -24.55 -82.65
N ILE GB 59 74.74 -25.00 -81.52
CA ILE GB 59 73.85 -24.13 -80.75
C ILE GB 59 74.63 -23.00 -80.10
N ALA GB 60 75.87 -23.27 -79.68
CA ALA GB 60 76.72 -22.23 -79.11
C ALA GB 60 77.09 -21.18 -80.16
N ALA GB 61 77.42 -21.62 -81.37
CA ALA GB 61 77.71 -20.68 -82.46
C ALA GB 61 76.46 -19.90 -82.86
N ARG GB 62 75.28 -20.55 -82.80
CA ARG GB 62 74.05 -19.86 -83.16
C ARG GB 62 73.67 -18.80 -82.13
N LEU GB 63 73.83 -19.11 -80.84
CA LEU GB 63 73.58 -18.12 -79.80
C LEU GB 63 74.61 -17.00 -79.84
N LYS GB 64 75.85 -17.33 -80.25
CA LYS GB 64 76.86 -16.30 -80.47
C LYS GB 64 76.45 -15.37 -81.60
N GLU GB 65 75.96 -15.92 -82.72
CA GLU GB 65 75.44 -15.11 -83.83
C GLU GB 65 74.30 -14.22 -83.38
N SER GB 66 73.41 -14.77 -82.54
CA SER GB 66 72.26 -14.02 -82.05
C SER GB 66 72.68 -12.83 -81.19
N VAL GB 67 73.59 -13.05 -80.25
CA VAL GB 67 73.99 -11.97 -79.34
C VAL GB 67 74.95 -11.01 -80.03
N THR GB 68 75.60 -11.42 -81.12
CA THR GB 68 76.55 -10.50 -81.74
C THR GB 68 75.93 -9.73 -82.90
N GLU GB 69 74.79 -10.18 -83.43
CA GLU GB 69 74.20 -9.46 -84.56
C GLU GB 69 72.87 -8.83 -84.15
N ASN GB 70 72.29 -9.28 -83.04
CA ASN GB 70 71.04 -8.72 -82.56
C ASN GB 70 71.29 -7.92 -81.29
N PRO GB 71 71.24 -6.58 -81.32
CA PRO GB 71 71.28 -5.83 -80.07
C PRO GB 71 69.96 -5.95 -79.32
N HIS GB 72 69.94 -6.76 -78.28
CA HIS GB 72 68.71 -7.06 -77.56
C HIS GB 72 68.34 -5.93 -76.62
N PHE GB 73 67.04 -5.74 -76.43
CA PHE GB 73 66.55 -4.94 -75.31
C PHE GB 73 65.27 -5.57 -74.79
N PHE GB 74 65.10 -5.55 -73.47
CA PHE GB 74 64.03 -6.25 -72.80
C PHE GB 74 62.95 -5.27 -72.37
N VAL GB 75 61.70 -5.72 -72.47
CA VAL GB 75 60.54 -4.98 -71.97
C VAL GB 75 59.77 -5.92 -71.05
N SER GB 76 59.61 -5.53 -69.79
CA SER GB 76 58.95 -6.37 -68.80
C SER GB 76 57.58 -5.81 -68.46
N THR GB 77 56.67 -6.71 -68.12
CA THR GB 77 55.32 -6.34 -67.72
C THR GB 77 54.78 -7.40 -66.76
N ASN GB 78 53.67 -7.08 -66.11
CA ASN GB 78 52.99 -8.00 -65.22
C ASN GB 78 51.56 -8.19 -65.72
N LEU GB 79 51.24 -9.39 -66.17
CA LEU GB 79 49.92 -9.72 -66.66
C LEU GB 79 49.09 -10.31 -65.53
N SER GB 80 47.87 -9.80 -65.37
CA SER GB 80 46.93 -10.37 -64.41
C SER GB 80 46.15 -11.48 -65.09
N VAL GB 81 46.20 -12.68 -64.51
CA VAL GB 81 45.62 -13.88 -65.11
C VAL GB 81 44.49 -14.44 -64.26
N SER GB 82 43.92 -13.63 -63.37
CA SER GB 82 42.86 -14.10 -62.49
C SER GB 82 41.57 -14.37 -63.25
N LYS GB 83 41.33 -13.65 -64.35
CA LYS GB 83 40.19 -13.94 -65.21
C LYS GB 83 40.51 -15.01 -66.24
N LEU GB 84 41.77 -15.08 -66.66
CA LEU GB 84 42.19 -16.11 -67.61
C LEU GB 84 42.11 -17.50 -66.98
N LEU GB 85 42.45 -17.61 -65.70
CA LEU GB 85 42.34 -18.89 -65.01
C LEU GB 85 40.88 -19.28 -64.81
N LYS GB 86 39.99 -18.32 -64.59
CA LYS GB 86 38.56 -18.61 -64.48
C LYS GB 86 37.99 -19.08 -65.81
N LEU GB 87 38.41 -18.43 -66.91
CA LEU GB 87 37.96 -18.85 -68.23
C LEU GB 87 38.49 -20.24 -68.59
N ARG GB 88 39.73 -20.53 -68.21
CA ARG GB 88 40.30 -21.86 -68.45
C ARG GB 88 39.60 -22.92 -67.62
N GLN GB 89 39.24 -22.59 -66.38
CA GLN GB 89 38.53 -23.52 -65.51
C GLN GB 89 37.14 -23.82 -66.05
N ALA GB 90 36.44 -22.78 -66.56
CA ALA GB 90 35.12 -22.99 -67.13
C ALA GB 90 35.18 -23.80 -68.41
N LEU GB 91 36.16 -23.51 -69.27
CA LEU GB 91 36.27 -24.24 -70.54
C LEU GB 91 36.74 -25.68 -70.32
N ASN GB 92 37.48 -25.93 -69.24
CA ASN GB 92 37.88 -27.30 -68.94
C ASN GB 92 36.76 -28.07 -68.26
N SER GB 93 35.95 -27.39 -67.45
CA SER GB 93 34.84 -28.07 -66.78
C SER GB 93 33.71 -28.37 -67.74
N SER GB 94 33.52 -27.55 -68.78
CA SER GB 94 32.50 -27.81 -69.78
C SER GB 94 33.06 -28.67 -70.92
N ALA GB 95 33.47 -29.89 -70.55
CA ALA GB 95 34.03 -30.82 -71.51
C ALA GB 95 33.80 -32.25 -71.02
N ASP GB 96 34.00 -33.20 -71.93
CA ASP GB 96 33.87 -34.61 -71.63
C ASP GB 96 35.19 -35.34 -71.82
N GLY GB 97 36.30 -34.66 -71.51
CA GLY GB 97 37.61 -35.22 -71.80
C GLY GB 97 38.06 -35.07 -73.23
N ARG GB 98 37.42 -34.20 -74.01
CA ARG GB 98 37.84 -33.99 -75.39
C ARG GB 98 39.13 -33.18 -75.48
N TYR GB 99 39.33 -32.26 -74.54
CA TYR GB 99 40.49 -31.38 -74.58
C TYR GB 99 40.91 -31.04 -73.16
N LYS GB 100 42.09 -30.43 -73.05
CA LYS GB 100 42.60 -29.94 -71.78
C LYS GB 100 43.39 -28.67 -72.06
N LEU GB 101 42.93 -27.54 -71.50
CA LEU GB 101 43.49 -26.25 -71.82
C LEU GB 101 44.53 -25.84 -70.77
N SER GB 102 45.54 -25.12 -71.22
CA SER GB 102 46.60 -24.58 -70.37
C SER GB 102 46.73 -23.09 -70.62
N VAL GB 103 47.61 -22.46 -69.83
CA VAL GB 103 47.84 -21.02 -69.95
C VAL GB 103 48.62 -20.71 -71.23
N ASN GB 104 49.42 -21.67 -71.70
CA ASN GB 104 50.23 -21.47 -72.89
C ASN GB 104 49.38 -21.34 -74.15
N ASP GB 105 48.19 -21.94 -74.16
CA ASP GB 105 47.27 -21.80 -75.29
C ASP GB 105 46.76 -20.36 -75.41
N PHE GB 106 46.32 -19.79 -74.28
CA PHE GB 106 45.88 -18.40 -74.26
C PHE GB 106 47.04 -17.46 -74.58
N LEU GB 107 48.25 -17.80 -74.13
CA LEU GB 107 49.41 -16.96 -74.41
C LEU GB 107 49.78 -16.99 -75.89
N ILE GB 108 49.70 -18.16 -76.52
CA ILE GB 108 50.02 -18.28 -77.94
C ILE GB 108 48.96 -17.56 -78.79
N LYS GB 109 47.68 -17.68 -78.40
CA LYS GB 109 46.63 -16.97 -79.12
C LYS GB 109 46.75 -15.45 -78.94
N ALA GB 110 47.10 -15.00 -77.74
CA ALA GB 110 47.28 -13.57 -77.51
C ALA GB 110 48.51 -13.03 -78.23
N MET GB 111 49.55 -13.86 -78.36
CA MET GB 111 50.72 -13.48 -79.15
C MET GB 111 50.37 -13.35 -80.62
N GLY GB 112 49.51 -14.24 -81.12
CA GLY GB 112 49.05 -14.12 -82.51
C GLY GB 112 48.23 -12.87 -82.75
N ILE GB 113 47.34 -12.55 -81.80
CA ILE GB 113 46.50 -11.35 -81.91
C ILE GB 113 47.36 -10.09 -81.85
N ALA GB 114 48.35 -10.07 -80.93
CA ALA GB 114 49.21 -8.90 -80.80
C ALA GB 114 50.15 -8.73 -81.99
N SER GB 115 50.64 -9.84 -82.55
CA SER GB 115 51.49 -9.75 -83.73
C SER GB 115 50.69 -9.38 -84.98
N LYS GB 116 49.40 -9.71 -85.01
CA LYS GB 116 48.57 -9.23 -86.11
C LYS GB 116 48.24 -7.76 -85.96
N ARG GB 117 48.06 -7.28 -84.73
CA ARG GB 117 47.78 -5.85 -84.54
C ARG GB 117 49.02 -4.98 -84.73
N VAL GB 118 50.18 -5.44 -84.29
CA VAL GB 118 51.43 -4.72 -84.52
C VAL GB 118 52.31 -5.58 -85.45
N PRO GB 119 52.24 -5.38 -86.76
CA PRO GB 119 52.96 -6.29 -87.68
C PRO GB 119 54.46 -6.00 -87.79
N THR GB 120 54.97 -4.96 -87.13
CA THR GB 120 56.40 -4.67 -87.21
C THR GB 120 57.22 -5.68 -86.42
N VAL GB 121 56.65 -6.22 -85.33
CA VAL GB 121 57.35 -7.22 -84.53
C VAL GB 121 57.42 -8.55 -85.28
N ASN GB 122 56.43 -8.84 -86.12
CA ASN GB 122 56.40 -10.08 -86.90
C ASN GB 122 57.21 -9.88 -88.17
N SER GB 123 58.53 -9.84 -88.01
CA SER GB 123 59.45 -9.59 -89.12
C SER GB 123 60.77 -10.29 -88.85
N SER GB 124 61.76 -9.99 -89.69
CA SER GB 124 63.09 -10.59 -89.61
C SER GB 124 64.10 -9.57 -90.12
N TRP GB 125 65.30 -10.06 -90.46
CA TRP GB 125 66.37 -9.21 -90.98
C TRP GB 125 67.13 -9.99 -92.04
N ARG GB 126 67.07 -9.52 -93.28
CA ARG GB 126 67.55 -10.28 -94.44
C ARG GB 126 68.53 -9.44 -95.25
N ASP GB 127 68.84 -9.86 -96.48
CA ASP GB 127 69.85 -9.21 -97.30
C ASP GB 127 69.36 -7.83 -97.74
N GLY GB 128 69.67 -6.82 -96.93
CA GLY GB 128 69.28 -5.45 -97.21
C GLY GB 128 67.79 -5.20 -97.20
N VAL GB 129 67.01 -6.06 -96.53
CA VAL GB 129 65.57 -6.07 -96.69
C VAL GB 129 64.94 -6.67 -95.43
N ILE GB 130 63.74 -6.17 -95.10
CA ILE GB 130 62.97 -6.64 -93.96
C ILE GB 130 61.88 -7.56 -94.51
N ARG GB 131 61.87 -8.81 -94.04
CA ARG GB 131 60.86 -9.76 -94.50
C ARG GB 131 59.71 -9.80 -93.50
N GLN GB 132 58.54 -9.38 -93.95
CA GLN GB 132 57.35 -9.25 -93.12
C GLN GB 132 56.32 -10.29 -93.54
N PHE GB 133 55.91 -11.13 -92.59
CA PHE GB 133 54.96 -12.19 -92.83
C PHE GB 133 53.53 -11.74 -92.50
N GLU GB 134 52.56 -12.49 -93.00
CA GLU GB 134 51.15 -12.29 -92.63
C GLU GB 134 50.75 -13.13 -91.43
N THR GB 135 50.95 -14.44 -91.51
CA THR GB 135 50.54 -15.35 -90.44
C THR GB 135 51.57 -15.36 -89.33
N VAL GB 136 51.09 -15.69 -88.13
CA VAL GB 136 51.95 -15.77 -86.94
C VAL GB 136 52.27 -17.26 -86.75
N ASP GB 137 53.53 -17.62 -86.94
CA ASP GB 137 54.01 -18.98 -86.69
C ASP GB 137 54.82 -18.94 -85.40
N VAL GB 138 54.32 -19.63 -84.37
CA VAL GB 138 54.86 -19.50 -83.02
C VAL GB 138 55.71 -20.72 -82.71
N SER GB 139 56.99 -20.49 -82.41
CA SER GB 139 57.90 -21.56 -82.01
C SER GB 139 57.83 -21.73 -80.50
N VAL GB 140 57.49 -22.93 -80.04
CA VAL GB 140 57.34 -23.23 -78.62
C VAL GB 140 58.52 -24.07 -78.17
N ALA GB 141 59.18 -23.65 -77.09
CA ALA GB 141 60.35 -24.36 -76.60
C ALA GB 141 59.93 -25.57 -75.78
N VAL GB 142 60.48 -26.73 -76.11
CA VAL GB 142 60.22 -27.97 -75.39
C VAL GB 142 61.51 -28.44 -74.76
N ALA GB 143 61.47 -28.72 -73.45
CA ALA GB 143 62.65 -29.12 -72.70
C ALA GB 143 62.79 -30.63 -72.75
N THR GB 144 63.72 -31.11 -73.56
CA THR GB 144 64.08 -32.52 -73.70
C THR GB 144 65.42 -32.78 -72.99
N PRO GB 145 65.70 -34.02 -72.58
CA PRO GB 145 67.00 -34.32 -71.94
C PRO GB 145 68.20 -34.13 -72.87
N ASN GB 146 67.98 -34.06 -74.18
CA ASN GB 146 69.01 -33.68 -75.14
C ASN GB 146 69.01 -32.19 -75.43
N GLY GB 147 68.55 -31.37 -74.49
CA GLY GB 147 68.68 -29.93 -74.62
C GLY GB 147 67.40 -29.17 -74.89
N LEU GB 148 67.34 -28.50 -76.04
CA LEU GB 148 66.22 -27.62 -76.35
C LEU GB 148 65.85 -27.76 -77.82
N ILE GB 149 64.55 -27.79 -78.09
CA ILE GB 149 64.03 -27.81 -79.45
C ILE GB 149 62.82 -26.88 -79.49
N THR GB 150 62.54 -26.31 -80.67
CA THR GB 150 61.45 -25.36 -80.86
C THR GB 150 60.57 -25.79 -82.02
N PRO GB 151 59.61 -26.69 -81.79
CA PRO GB 151 58.61 -26.96 -82.83
C PRO GB 151 57.66 -25.79 -83.01
N ILE GB 152 57.13 -25.67 -84.22
CA ILE GB 152 56.39 -24.50 -84.66
C ILE GB 152 54.92 -24.84 -84.81
N VAL GB 153 54.06 -24.00 -84.24
CA VAL GB 153 52.62 -24.01 -84.50
C VAL GB 153 52.37 -23.01 -85.60
N LYS GB 154 51.87 -23.49 -86.73
CA LYS GB 154 51.68 -22.66 -87.92
C LYS GB 154 50.26 -22.13 -87.97
N GLY GB 155 50.13 -20.85 -88.38
CA GLY GB 155 48.85 -20.21 -88.54
C GLY GB 155 48.09 -20.05 -87.24
N VAL GB 156 48.66 -19.28 -86.31
CA VAL GB 156 48.11 -19.20 -84.96
C VAL GB 156 46.82 -18.40 -84.93
N GLU GB 157 46.80 -17.25 -85.59
CA GLU GB 157 45.60 -16.43 -85.63
C GLU GB 157 44.55 -17.12 -86.50
N GLY GB 158 43.32 -17.15 -86.01
CA GLY GB 158 42.26 -17.90 -86.66
C GLY GB 158 42.47 -19.41 -86.69
N LYS GB 159 42.82 -20.00 -85.57
CA LYS GB 159 43.05 -21.44 -85.52
C LYS GB 159 42.17 -22.17 -84.52
N GLY GB 160 41.99 -21.60 -83.33
CA GLY GB 160 41.21 -22.27 -82.32
C GLY GB 160 42.06 -22.81 -81.18
N LEU GB 161 41.53 -22.71 -79.96
CA LEU GB 161 42.30 -23.07 -78.78
C LEU GB 161 42.47 -24.59 -78.67
N GLU GB 162 41.47 -25.35 -79.10
CA GLU GB 162 41.59 -26.81 -79.06
C GLU GB 162 42.59 -27.29 -80.11
N SER GB 163 42.63 -26.65 -81.28
CA SER GB 163 43.61 -26.98 -82.29
C SER GB 163 45.01 -26.62 -81.84
N ILE GB 164 45.16 -25.49 -81.14
CA ILE GB 164 46.45 -25.08 -80.60
C ILE GB 164 46.93 -26.06 -79.53
N SER GB 165 46.01 -26.47 -78.64
CA SER GB 165 46.35 -27.43 -77.59
C SER GB 165 46.73 -28.78 -78.17
N ALA GB 166 46.00 -29.23 -79.20
CA ALA GB 166 46.31 -30.49 -79.85
C ALA GB 166 47.66 -30.46 -80.54
N ALA GB 167 47.96 -29.35 -81.25
CA ALA GB 167 49.24 -29.25 -81.95
C ALA GB 167 50.41 -29.14 -80.97
N VAL GB 168 50.21 -28.43 -79.86
CA VAL GB 168 51.26 -28.31 -78.85
C VAL GB 168 51.51 -29.66 -78.18
N LYS GB 169 50.46 -30.43 -77.90
CA LYS GB 169 50.64 -31.74 -77.28
C LYS GB 169 51.31 -32.73 -78.24
N GLU GB 170 50.89 -32.73 -79.52
CA GLU GB 170 51.53 -33.54 -80.55
C GLU GB 170 53.01 -33.23 -80.69
N LEU GB 171 53.35 -31.94 -80.81
CA LEU GB 171 54.75 -31.57 -81.02
C LEU GB 171 55.59 -31.80 -79.77
N ALA GB 172 55.00 -31.65 -78.58
CA ALA GB 172 55.75 -31.89 -77.35
C ALA GB 172 56.03 -33.38 -77.15
N LYS GB 173 55.04 -34.25 -77.40
CA LYS GB 173 55.29 -35.67 -77.23
C LYS GB 173 56.21 -36.21 -78.32
N LYS GB 174 56.16 -35.61 -79.52
CA LYS GB 174 57.09 -36.02 -80.55
C LYS GB 174 58.48 -35.46 -80.30
N ALA GB 175 58.59 -34.36 -79.56
CA ALA GB 175 59.89 -33.86 -79.16
C ALA GB 175 60.50 -34.73 -78.07
N ARG GB 176 59.65 -35.27 -77.18
CA ARG GB 176 60.14 -36.19 -76.17
C ARG GB 176 60.53 -37.53 -76.78
N ASP GB 177 59.85 -37.96 -77.84
CA ASP GB 177 60.24 -39.19 -78.54
C ASP GB 177 61.33 -38.97 -79.58
N GLY GB 178 61.63 -37.72 -79.95
CA GLY GB 178 62.70 -37.41 -80.89
C GLY GB 178 62.40 -37.83 -82.32
N LYS GB 179 61.23 -37.43 -82.84
CA LYS GB 179 60.75 -37.91 -84.14
C LYS GB 179 60.30 -36.74 -85.00
N LEU GB 180 61.15 -35.73 -85.17
CA LEU GB 180 60.79 -34.51 -85.89
C LEU GB 180 61.46 -34.44 -87.26
N LYS GB 181 60.81 -33.75 -88.18
CA LYS GB 181 61.27 -33.30 -89.48
C LYS GB 181 61.87 -31.90 -89.34
N PRO GB 182 62.87 -31.56 -90.16
CA PRO GB 182 63.48 -30.21 -90.05
C PRO GB 182 62.55 -29.07 -90.40
N GLU GB 183 61.52 -29.33 -91.20
CA GLU GB 183 60.50 -28.32 -91.49
C GLU GB 183 59.56 -28.07 -90.31
N GLU GB 184 59.60 -28.90 -89.27
CA GLU GB 184 58.79 -28.69 -88.09
C GLU GB 184 59.47 -27.86 -87.03
N TYR GB 185 60.80 -27.67 -87.09
CA TYR GB 185 61.49 -26.84 -86.11
C TYR GB 185 62.46 -25.86 -86.77
N GLN GB 186 62.37 -25.69 -88.09
CA GLN GB 186 63.19 -24.71 -88.79
C GLN GB 186 62.25 -23.69 -89.46
N GLY GB 187 62.20 -22.49 -88.90
CA GLY GB 187 61.33 -21.45 -89.42
C GLY GB 187 60.74 -20.60 -88.31
N GLY GB 188 59.47 -20.25 -88.42
CA GLY GB 188 58.80 -19.48 -87.40
C GLY GB 188 59.06 -17.99 -87.50
N SER GB 189 58.14 -17.19 -86.96
CA SER GB 189 58.28 -15.75 -86.94
C SER GB 189 58.45 -15.16 -85.55
N ILE GB 190 58.05 -15.88 -84.51
CA ILE GB 190 58.17 -15.42 -83.13
C ILE GB 190 58.25 -16.66 -82.23
N SER GB 191 58.87 -16.50 -81.07
CA SER GB 191 59.13 -17.60 -80.15
C SER GB 191 58.53 -17.28 -78.78
N ILE GB 192 58.47 -18.32 -77.93
CA ILE GB 192 58.01 -18.17 -76.56
C ILE GB 192 58.71 -19.24 -75.71
N SER GB 193 59.23 -18.81 -74.57
CA SER GB 193 59.87 -19.71 -73.60
C SER GB 193 59.01 -19.72 -72.34
N ASN GB 194 58.66 -20.92 -71.88
CA ASN GB 194 57.71 -21.11 -70.79
C ASN GB 194 58.41 -21.76 -69.61
N MET GB 195 58.30 -21.15 -68.44
CA MET GB 195 58.87 -21.67 -67.21
C MET GB 195 57.88 -21.58 -66.05
N GLY GB 196 56.61 -21.89 -66.31
CA GLY GB 196 55.61 -21.84 -65.26
C GLY GB 196 55.58 -23.06 -64.36
N MET GB 197 56.21 -24.16 -64.79
CA MET GB 197 56.23 -25.36 -63.96
C MET GB 197 57.21 -25.21 -62.80
N ASN GB 198 58.20 -24.33 -62.94
CA ASN GB 198 59.13 -24.02 -61.87
C ASN GB 198 58.62 -22.81 -61.10
N PRO GB 199 58.22 -22.99 -59.83
CA PRO GB 199 57.67 -21.85 -59.07
C PRO GB 199 58.73 -20.89 -58.55
N ALA GB 200 60.02 -21.20 -58.73
CA ALA GB 200 61.06 -20.31 -58.24
C ALA GB 200 61.33 -19.17 -59.21
N VAL GB 201 61.15 -19.41 -60.50
CA VAL GB 201 61.51 -18.44 -61.53
C VAL GB 201 60.46 -17.33 -61.54
N GLN GB 202 60.78 -16.21 -60.90
CA GLN GB 202 59.88 -15.05 -60.95
C GLN GB 202 59.98 -14.34 -62.30
N SER GB 203 61.19 -14.24 -62.84
CA SER GB 203 61.43 -13.55 -64.10
C SER GB 203 62.71 -14.08 -64.70
N PHE GB 204 62.74 -14.15 -66.04
CA PHE GB 204 63.96 -14.51 -66.74
C PHE GB 204 63.91 -13.92 -68.14
N THR GB 205 65.09 -13.82 -68.75
CA THR GB 205 65.24 -13.36 -70.12
C THR GB 205 65.65 -14.53 -71.01
N ALA GB 206 65.43 -14.36 -72.31
CA ALA GB 206 65.76 -15.40 -73.28
C ALA GB 206 66.56 -14.77 -74.41
N ILE GB 207 67.23 -15.63 -75.18
CA ILE GB 207 68.01 -15.22 -76.33
C ILE GB 207 67.18 -15.45 -77.58
N ILE GB 208 67.16 -14.45 -78.47
CA ILE GB 208 66.34 -14.52 -79.68
C ILE GB 208 66.93 -15.52 -80.65
N ASN GB 209 66.09 -16.47 -81.09
CA ASN GB 209 66.50 -17.43 -82.10
C ASN GB 209 66.58 -16.73 -83.45
N PRO GB 210 67.73 -16.76 -84.12
CA PRO GB 210 67.83 -16.12 -85.43
C PRO GB 210 67.12 -16.94 -86.48
N PRO GB 211 66.54 -16.29 -87.51
CA PRO GB 211 66.54 -14.85 -87.76
C PRO GB 211 65.29 -14.11 -87.28
N GLN GB 212 64.68 -14.56 -86.19
CA GLN GB 212 63.47 -13.91 -85.70
C GLN GB 212 63.82 -12.59 -85.02
N ALA GB 213 62.77 -11.83 -84.69
CA ALA GB 213 62.95 -10.48 -84.15
C ALA GB 213 62.61 -10.34 -82.68
N ALA GB 214 61.85 -11.27 -82.11
CA ALA GB 214 61.43 -11.14 -80.72
C ALA GB 214 61.30 -12.52 -80.09
N ILE GB 215 61.38 -12.56 -78.77
CA ILE GB 215 61.13 -13.79 -78.01
C ILE GB 215 60.43 -13.43 -76.71
N LEU GB 216 59.51 -14.27 -76.27
CA LEU GB 216 58.77 -14.05 -75.05
C LEU GB 216 59.33 -14.95 -73.96
N ALA GB 217 59.19 -14.52 -72.69
CA ALA GB 217 59.64 -15.30 -71.55
C ALA GB 217 58.62 -15.11 -70.43
N VAL GB 218 58.08 -16.21 -69.92
CA VAL GB 218 56.96 -16.17 -69.00
C VAL GB 218 57.37 -16.78 -67.67
N GLY GB 219 57.24 -16.02 -66.58
CA GLY GB 219 57.64 -16.49 -65.28
C GLY GB 219 56.49 -17.10 -64.50
N ALA GB 220 56.83 -17.66 -63.34
CA ALA GB 220 55.87 -18.32 -62.48
C ALA GB 220 54.89 -17.31 -61.90
N PRO GB 221 53.62 -17.69 -61.75
CA PRO GB 221 52.65 -16.79 -61.13
C PRO GB 221 52.86 -16.66 -59.63
N GLN GB 222 52.59 -15.47 -59.12
CA GLN GB 222 52.72 -15.14 -57.72
C GLN GB 222 51.55 -14.28 -57.26
N LYS GB 223 51.29 -14.24 -55.96
CA LYS GB 223 50.23 -13.42 -55.41
C LYS GB 223 50.75 -12.02 -55.10
N VAL GB 224 50.15 -11.00 -55.73
CA VAL GB 224 50.54 -9.62 -55.54
C VAL GB 224 49.36 -8.85 -54.96
N ALA GB 225 49.63 -8.04 -53.93
CA ALA GB 225 48.59 -7.23 -53.31
C ALA GB 225 48.17 -6.10 -54.25
N VAL GB 226 46.87 -6.03 -54.51
CA VAL GB 226 46.28 -5.07 -55.45
C VAL GB 226 45.15 -4.34 -54.74
N PRO GB 227 45.08 -3.00 -54.81
CA PRO GB 227 44.04 -2.28 -54.08
C PRO GB 227 42.66 -2.47 -54.70
N VAL GB 228 41.65 -2.40 -53.84
CA VAL GB 228 40.26 -2.58 -54.24
C VAL GB 228 39.38 -1.65 -53.42
N GLU GB 229 38.37 -1.07 -54.07
CA GLU GB 229 37.36 -0.30 -53.35
C GLU GB 229 36.26 -1.25 -52.90
N ASN GB 230 35.80 -1.06 -51.67
CA ASN GB 230 34.57 -1.71 -51.25
C ASN GB 230 33.40 -0.82 -51.68
N GLU GB 231 32.19 -1.15 -51.23
CA GLU GB 231 31.03 -0.32 -51.55
C GLU GB 231 30.92 0.92 -50.65
N ASP GB 232 31.90 1.14 -49.76
CA ASP GB 232 32.07 2.42 -49.08
C ASP GB 232 33.36 3.08 -49.55
N GLY GB 233 33.71 4.20 -48.94
CA GLY GB 233 34.77 5.05 -49.46
C GLY GB 233 36.18 4.52 -49.27
N THR GB 234 36.40 3.59 -48.36
CA THR GB 234 37.76 3.18 -48.02
C THR GB 234 38.32 2.21 -49.05
N THR GB 235 39.65 2.08 -49.07
CA THR GB 235 40.32 1.12 -49.92
C THR GB 235 40.63 -0.16 -49.16
N GLY GB 236 40.91 -1.24 -49.91
CA GLY GB 236 41.16 -2.53 -49.32
C GLY GB 236 42.37 -3.21 -49.94
N VAL GB 237 42.57 -4.46 -49.53
CA VAL GB 237 43.65 -5.29 -50.06
C VAL GB 237 42.99 -6.50 -50.73
N SER GB 238 43.22 -6.64 -52.03
CA SER GB 238 42.83 -7.82 -52.78
C SER GB 238 44.08 -8.51 -53.28
N TRP GB 239 44.00 -9.83 -53.43
CA TRP GB 239 45.14 -10.64 -53.83
C TRP GB 239 44.93 -11.09 -55.28
N ASP GB 240 45.81 -10.62 -56.16
CA ASP GB 240 45.72 -10.85 -57.59
C ASP GB 240 46.83 -11.79 -58.04
N GLU GB 241 46.52 -12.68 -58.96
CA GLU GB 241 47.50 -13.61 -59.52
C GLU GB 241 48.19 -12.91 -60.69
N GLN GB 242 49.47 -12.59 -60.54
CA GLN GB 242 50.22 -11.88 -61.56
C GLN GB 242 51.34 -12.75 -62.10
N ILE GB 243 51.68 -12.52 -63.37
CA ILE GB 243 52.72 -13.25 -64.07
C ILE GB 243 53.66 -12.24 -64.70
N ILE GB 244 54.95 -12.35 -64.43
CA ILE GB 244 55.94 -11.45 -65.00
C ILE GB 244 56.34 -11.97 -66.38
N VAL GB 245 56.13 -11.14 -67.39
CA VAL GB 245 56.39 -11.48 -68.78
C VAL GB 245 57.46 -10.53 -69.32
N THR GB 246 58.55 -11.09 -69.80
CA THR GB 246 59.67 -10.32 -70.35
C THR GB 246 59.80 -10.63 -71.84
N ALA GB 247 59.72 -9.60 -72.67
CA ALA GB 247 59.86 -9.76 -74.11
C ALA GB 247 61.18 -9.15 -74.54
N SER GB 248 62.01 -9.95 -75.19
CA SER GB 248 63.31 -9.49 -75.70
C SER GB 248 63.16 -9.20 -77.19
N PHE GB 249 63.47 -7.96 -77.57
CA PHE GB 249 63.37 -7.51 -78.95
C PHE GB 249 64.75 -7.21 -79.52
N ASP GB 250 64.82 -7.26 -80.85
CA ASP GB 250 65.99 -6.86 -81.61
C ASP GB 250 65.80 -5.42 -82.05
N HIS GB 251 66.79 -4.57 -81.77
CA HIS GB 251 66.63 -3.13 -81.99
C HIS GB 251 66.83 -2.73 -83.44
N LYS GB 252 67.29 -3.63 -84.30
CA LYS GB 252 67.40 -3.30 -85.72
C LYS GB 252 66.05 -3.27 -86.39
N VAL GB 253 65.09 -4.03 -85.90
CA VAL GB 253 63.76 -4.13 -86.48
C VAL GB 253 62.73 -3.40 -85.61
N VAL GB 254 62.73 -3.67 -84.31
CA VAL GB 254 61.70 -3.18 -83.39
C VAL GB 254 62.32 -2.10 -82.52
N ASP GB 255 61.67 -0.94 -82.47
CA ASP GB 255 62.07 0.10 -81.53
C ASP GB 255 61.31 -0.06 -80.21
N GLY GB 256 61.65 0.81 -79.26
CA GLY GB 256 61.07 0.70 -77.93
C GLY GB 256 59.60 1.03 -77.88
N ALA GB 257 59.16 2.00 -78.70
CA ALA GB 257 57.75 2.34 -78.76
C ALA GB 257 56.93 1.23 -79.41
N VAL GB 258 57.50 0.57 -80.44
CA VAL GB 258 56.82 -0.54 -81.09
C VAL GB 258 56.72 -1.74 -80.14
N GLY GB 259 57.80 -2.00 -79.39
CA GLY GB 259 57.75 -3.07 -78.39
C GLY GB 259 56.79 -2.77 -77.26
N ALA GB 260 56.68 -1.49 -76.88
CA ALA GB 260 55.74 -1.11 -75.84
C ALA GB 260 54.30 -1.22 -76.32
N GLU GB 261 54.03 -0.89 -77.59
CA GLU GB 261 52.70 -1.09 -78.15
C GLU GB 261 52.34 -2.57 -78.25
N TRP GB 262 53.30 -3.41 -78.64
CA TRP GB 262 53.08 -4.85 -78.68
C TRP GB 262 52.79 -5.41 -77.28
N ILE GB 263 53.55 -4.97 -76.28
CA ILE GB 263 53.34 -5.39 -74.90
C ILE GB 263 51.99 -4.89 -74.38
N ARG GB 264 51.58 -3.68 -74.77
CA ARG GB 264 50.30 -3.14 -74.33
C ARG GB 264 49.13 -3.90 -74.94
N GLU GB 265 49.23 -4.26 -76.23
CA GLU GB 265 48.16 -5.04 -76.85
C GLU GB 265 48.09 -6.45 -76.29
N LEU GB 266 49.25 -7.05 -76.00
CA LEU GB 266 49.28 -8.37 -75.38
C LEU GB 266 48.67 -8.34 -73.98
N LYS GB 267 48.98 -7.28 -73.21
CA LYS GB 267 48.41 -7.13 -71.87
C LYS GB 267 46.91 -6.87 -71.93
N LYS GB 268 46.46 -6.14 -72.94
CA LYS GB 268 45.02 -5.89 -73.11
C LYS GB 268 44.27 -7.18 -73.42
N VAL GB 269 44.79 -7.97 -74.37
CA VAL GB 269 44.13 -9.22 -74.74
C VAL GB 269 44.20 -10.24 -73.61
N ILE GB 270 45.25 -10.22 -72.79
CA ILE GB 270 45.34 -11.15 -71.67
C ILE GB 270 44.41 -10.75 -70.53
N GLU GB 271 44.43 -9.46 -70.14
CA GLU GB 271 43.62 -9.02 -69.01
C GLU GB 271 42.15 -8.84 -69.37
N ASN GB 272 41.79 -8.84 -70.64
CA ASN GB 272 40.39 -8.91 -71.07
C ASN GB 272 40.26 -10.16 -71.92
N PRO GB 273 39.91 -11.30 -71.31
CA PRO GB 273 39.95 -12.57 -72.06
C PRO GB 273 38.84 -12.73 -73.07
N LEU GB 274 37.81 -11.87 -73.04
CA LEU GB 274 36.76 -11.93 -74.06
C LEU GB 274 37.22 -11.35 -75.39
N GLU GB 275 38.37 -10.66 -75.42
CA GLU GB 275 38.91 -10.11 -76.66
C GLU GB 275 39.62 -11.15 -77.51
N LEU GB 276 39.74 -12.39 -77.02
CA LEU GB 276 40.29 -13.47 -77.82
C LEU GB 276 39.33 -13.94 -78.91
N LEU GB 277 38.05 -13.59 -78.79
CA LEU GB 277 37.08 -13.86 -79.85
C LEU GB 277 37.37 -13.00 -81.07
N LEU GB 278 37.64 -11.72 -80.84
CA LEU GB 278 37.92 -10.78 -81.93
C LEU GB 278 39.34 -10.95 -82.44
N TYR HB 47 79.24 -79.30 -19.01
CA TYR HB 47 78.38 -80.30 -19.66
C TYR HB 47 78.58 -80.24 -21.18
N THR HB 48 77.93 -79.26 -21.81
CA THR HB 48 78.13 -79.04 -23.23
C THR HB 48 79.37 -78.17 -23.45
N ASP HB 49 80.30 -78.68 -24.24
CA ASP HB 49 81.66 -78.15 -24.38
C ASP HB 49 81.99 -77.88 -25.84
N VAL HB 50 81.15 -77.07 -26.49
CA VAL HB 50 81.43 -76.57 -27.84
C VAL HB 50 82.73 -75.78 -27.80
N PRO HB 51 83.60 -75.94 -28.80
CA PRO HB 51 84.91 -75.26 -28.76
C PRO HB 51 84.83 -73.82 -29.23
N ILE HB 52 85.90 -73.08 -28.96
CA ILE HB 52 86.02 -71.70 -29.40
C ILE HB 52 86.22 -71.68 -30.90
N SER HB 53 85.63 -70.68 -31.57
CA SER HB 53 85.64 -70.62 -33.03
C SER HB 53 87.04 -70.33 -33.58
N GLY HB 54 87.94 -69.75 -32.78
CA GLY HB 54 89.24 -69.38 -33.25
C GLY HB 54 89.29 -67.93 -33.66
N MET HB 55 88.20 -67.46 -34.27
CA MET HB 55 88.02 -66.03 -34.52
C MET HB 55 87.82 -65.26 -33.23
N ARG HB 56 87.15 -65.87 -32.23
CA ARG HB 56 86.98 -65.26 -30.92
C ARG HB 56 88.29 -65.12 -30.15
N LYS HB 57 89.29 -65.97 -30.45
CA LYS HB 57 90.55 -65.93 -29.73
C LYS HB 57 91.33 -64.65 -30.05
N THR HB 58 91.27 -64.20 -31.29
CA THR HB 58 91.94 -62.95 -31.67
C THR HB 58 91.27 -61.74 -31.03
N ILE HB 59 89.94 -61.73 -30.95
CA ILE HB 59 89.24 -60.63 -30.30
C ILE HB 59 89.49 -60.65 -28.79
N ALA HB 60 89.60 -61.84 -28.21
CA ALA HB 60 89.90 -61.95 -26.78
C ALA HB 60 91.32 -61.45 -26.47
N ALA HB 61 92.28 -61.80 -27.33
CA ALA HB 61 93.64 -61.30 -27.17
C ALA HB 61 93.71 -59.78 -27.39
N ARG HB 62 92.90 -59.27 -28.32
CA ARG HB 62 92.89 -57.83 -28.60
C ARG HB 62 92.30 -57.04 -27.43
N LEU HB 63 91.20 -57.55 -26.85
CA LEU HB 63 90.63 -56.90 -25.67
C LEU HB 63 91.54 -57.03 -24.46
N LYS HB 64 92.30 -58.13 -24.38
CA LYS HB 64 93.32 -58.27 -23.36
C LYS HB 64 94.41 -57.23 -23.51
N GLU HB 65 94.88 -57.01 -24.75
CA GLU HB 65 95.86 -55.95 -25.04
C GLU HB 65 95.33 -54.59 -24.66
N SER HB 66 94.04 -54.34 -24.96
CA SER HB 66 93.42 -53.06 -24.66
C SER HB 66 93.35 -52.79 -23.16
N VAL HB 67 92.91 -53.78 -22.39
CA VAL HB 67 92.77 -53.56 -20.94
C VAL HB 67 94.11 -53.62 -20.23
N THR HB 68 95.14 -54.22 -20.86
CA THR HB 68 96.40 -54.31 -20.15
C THR HB 68 97.37 -53.21 -20.54
N GLU HB 69 97.12 -52.51 -21.65
CA GLU HB 69 98.04 -51.45 -22.05
C GLU HB 69 97.36 -50.08 -21.96
N ASN HB 70 96.04 -50.06 -21.90
CA ASN HB 70 95.30 -48.81 -21.78
C ASN HB 70 94.67 -48.71 -20.40
N PRO HB 71 95.19 -47.86 -19.50
CA PRO HB 71 94.48 -47.60 -18.24
C PRO HB 71 93.24 -46.76 -18.48
N HIS HB 72 92.08 -47.38 -18.47
CA HIS HB 72 90.84 -46.71 -18.80
C HIS HB 72 90.33 -45.87 -17.64
N PHE HB 73 89.67 -44.77 -17.97
CA PHE HB 73 88.85 -44.07 -17.00
C PHE HB 73 87.61 -43.53 -17.70
N PHE HB 74 86.48 -43.58 -17.02
CA PHE HB 74 85.19 -43.26 -17.59
C PHE HB 74 84.73 -41.89 -17.14
N VAL HB 75 84.08 -41.16 -18.06
CA VAL HB 75 83.44 -39.88 -17.76
C VAL HB 75 82.01 -39.98 -18.23
N SER HB 76 81.05 -39.80 -17.32
CA SER HB 76 79.64 -39.94 -17.62
C SER HB 76 78.97 -38.58 -17.65
N THR HB 77 77.94 -38.47 -18.49
CA THR HB 77 77.16 -37.24 -18.59
C THR HB 77 75.75 -37.60 -19.02
N ASN HB 78 74.85 -36.63 -18.92
CA ASN HB 78 73.46 -36.78 -19.35
C ASN HB 78 73.17 -35.72 -20.39
N LEU HB 79 72.93 -36.13 -21.63
CA LEU HB 79 72.62 -35.23 -22.71
C LEU HB 79 71.11 -35.09 -22.85
N SER HB 80 70.62 -33.86 -22.93
CA SER HB 80 69.22 -33.61 -23.20
C SER HB 80 68.99 -33.58 -24.71
N VAL HB 81 68.10 -34.43 -25.19
CA VAL HB 81 67.88 -34.62 -26.61
C VAL HB 81 66.46 -34.20 -27.02
N SER HB 82 65.79 -33.39 -26.20
CA SER HB 82 64.43 -32.98 -26.50
C SER HB 82 64.37 -32.01 -27.68
N LYS HB 83 65.43 -31.24 -27.90
CA LYS HB 83 65.52 -30.39 -29.09
C LYS HB 83 66.09 -31.14 -30.28
N LEU HB 84 66.96 -32.11 -30.02
CA LEU HB 84 67.53 -32.93 -31.09
C LEU HB 84 66.47 -33.80 -31.74
N LEU HB 85 65.52 -34.32 -30.94
CA LEU HB 85 64.44 -35.11 -31.50
C LEU HB 85 63.47 -34.24 -32.30
N LYS HB 86 63.25 -32.98 -31.89
CA LYS HB 86 62.42 -32.08 -32.66
C LYS HB 86 63.07 -31.70 -33.98
N LEU HB 87 64.39 -31.48 -33.97
CA LEU HB 87 65.11 -31.19 -35.21
C LEU HB 87 65.10 -32.39 -36.15
N ARG HB 88 65.24 -33.60 -35.59
CA ARG HB 88 65.19 -34.81 -36.41
C ARG HB 88 63.80 -35.03 -36.99
N GLN HB 89 62.75 -34.73 -36.21
CA GLN HB 89 61.39 -34.87 -36.68
C GLN HB 89 61.10 -33.88 -37.81
N ALA HB 90 61.58 -32.64 -37.67
CA ALA HB 90 61.38 -31.64 -38.72
C ALA HB 90 62.14 -32.00 -39.99
N LEU HB 91 63.39 -32.47 -39.85
CA LEU HB 91 64.18 -32.81 -41.02
C LEU HB 91 63.67 -34.07 -41.69
N ASN HB 92 63.03 -34.97 -40.93
CA ASN HB 92 62.44 -36.15 -41.54
C ASN HB 92 61.10 -35.84 -42.19
N SER HB 93 60.33 -34.91 -41.61
CA SER HB 93 59.05 -34.56 -42.19
C SER HB 93 59.21 -33.71 -43.45
N SER HB 94 60.28 -32.93 -43.54
CA SER HB 94 60.55 -32.14 -44.73
C SER HB 94 61.38 -32.93 -45.74
N ALA HB 95 60.81 -34.04 -46.20
CA ALA HB 95 61.49 -34.91 -47.15
C ALA HB 95 60.45 -35.65 -47.97
N ASP HB 96 60.91 -36.26 -49.06
CA ASP HB 96 60.07 -37.06 -49.95
C ASP HB 96 60.54 -38.52 -49.97
N GLY HB 97 61.04 -39.02 -48.84
CA GLY HB 97 61.64 -40.33 -48.82
C GLY HB 97 63.06 -40.39 -49.33
N ARG HB 98 63.74 -39.24 -49.43
CA ARG HB 98 65.13 -39.25 -49.90
C ARG HB 98 66.08 -39.73 -48.81
N TYR HB 99 65.76 -39.48 -47.55
CA TYR HB 99 66.64 -39.85 -46.45
C TYR HB 99 65.80 -40.18 -45.23
N LYS HB 100 66.46 -40.74 -44.22
CA LYS HB 100 65.85 -41.03 -42.93
C LYS HB 100 66.91 -40.83 -41.86
N LEU HB 101 66.68 -39.87 -40.98
CA LEU HB 101 67.68 -39.48 -39.99
C LEU HB 101 67.44 -40.20 -38.66
N SER HB 102 68.54 -40.49 -37.96
CA SER HB 102 68.52 -41.11 -36.66
C SER HB 102 69.35 -40.27 -35.69
N VAL HB 103 69.34 -40.69 -34.42
CA VAL HB 103 70.08 -39.97 -33.38
C VAL HB 103 71.58 -40.22 -33.54
N ASN HB 104 71.95 -41.36 -34.13
CA ASN HB 104 73.36 -41.70 -34.31
C ASN HB 104 74.05 -40.77 -35.31
N ASP HB 105 73.29 -40.20 -36.25
CA ASP HB 105 73.87 -39.23 -37.20
C ASP HB 105 74.27 -37.95 -36.49
N PHE HB 106 73.38 -37.42 -35.64
CA PHE HB 106 73.70 -36.24 -34.84
C PHE HB 106 74.83 -36.52 -33.87
N LEU HB 107 74.86 -37.74 -33.32
CA LEU HB 107 75.94 -38.09 -32.39
C LEU HB 107 77.29 -38.19 -33.08
N ILE HB 108 77.32 -38.75 -34.28
CA ILE HB 108 78.57 -38.86 -35.03
C ILE HB 108 79.06 -37.48 -35.47
N LYS HB 109 78.13 -36.60 -35.90
CA LYS HB 109 78.52 -35.24 -36.27
C LYS HB 109 79.00 -34.44 -35.06
N ALA HB 110 78.36 -34.62 -33.90
CA ALA HB 110 78.79 -33.92 -32.69
C ALA HB 110 80.12 -34.45 -32.20
N MET HB 111 80.38 -35.75 -32.39
CA MET HB 111 81.68 -36.31 -32.06
C MET HB 111 82.77 -35.75 -32.96
N GLY HB 112 82.46 -35.54 -34.24
CA GLY HB 112 83.42 -34.93 -35.13
C GLY HB 112 83.72 -33.47 -34.76
N ILE HB 113 82.68 -32.72 -34.39
CA ILE HB 113 82.85 -31.34 -33.98
C ILE HB 113 83.66 -31.25 -32.68
N ALA HB 114 83.36 -32.13 -31.73
CA ALA HB 114 84.08 -32.12 -30.46
C ALA HB 114 85.52 -32.58 -30.60
N SER HB 115 85.78 -33.55 -31.48
CA SER HB 115 87.16 -33.98 -31.71
C SER HB 115 87.95 -32.97 -32.51
N LYS HB 116 87.28 -32.15 -33.32
CA LYS HB 116 87.98 -31.05 -33.98
C LYS HB 116 88.28 -29.92 -33.00
N ARG HB 117 87.38 -29.66 -32.05
CA ARG HB 117 87.63 -28.62 -31.06
C ARG HB 117 88.67 -29.02 -30.02
N VAL HB 118 88.67 -30.27 -29.58
CA VAL HB 118 89.69 -30.78 -28.67
C VAL HB 118 90.49 -31.85 -29.41
N PRO HB 119 91.61 -31.50 -30.05
CA PRO HB 119 92.33 -32.47 -30.88
C PRO HB 119 93.19 -33.45 -30.10
N THR HB 120 93.28 -33.31 -28.76
CA THR HB 120 94.09 -34.24 -27.98
C THR HB 120 93.43 -35.61 -27.89
N VAL HB 121 92.09 -35.65 -27.89
CA VAL HB 121 91.37 -36.93 -27.83
C VAL HB 121 91.50 -37.67 -29.16
N ASN HB 122 91.64 -36.95 -30.27
CA ASN HB 122 91.79 -37.57 -31.59
C ASN HB 122 93.26 -37.89 -31.80
N SER HB 123 93.72 -38.93 -31.12
CA SER HB 123 95.13 -39.32 -31.17
C SER HB 123 95.23 -40.82 -30.93
N SER HB 124 96.47 -41.30 -30.76
CA SER HB 124 96.77 -42.71 -30.56
C SER HB 124 98.01 -42.81 -29.69
N TRP HB 125 98.65 -43.99 -29.70
CA TRP HB 125 99.86 -44.23 -28.94
C TRP HB 125 100.76 -45.15 -29.75
N ARG HB 126 101.92 -44.64 -30.16
CA ARG HB 126 102.79 -45.30 -31.13
C ARG HB 126 104.21 -45.44 -30.56
N ASP HB 127 105.18 -45.76 -31.42
CA ASP HB 127 106.55 -46.04 -30.99
C ASP HB 127 107.20 -44.76 -30.49
N GLY HB 128 107.07 -44.50 -29.19
CA GLY HB 128 107.64 -43.33 -28.56
C GLY HB 128 107.06 -42.01 -29.03
N VAL HB 129 105.85 -42.02 -29.59
CA VAL HB 129 105.33 -40.88 -30.32
C VAL HB 129 103.80 -40.93 -30.29
N ILE HB 130 103.19 -39.75 -30.30
CA ILE HB 130 101.75 -39.58 -30.32
C ILE HB 130 101.35 -39.21 -31.74
N ARG HB 131 100.49 -40.03 -32.36
CA ARG HB 131 100.05 -39.77 -33.73
C ARG HB 131 98.73 -39.03 -33.68
N GLN HB 132 98.72 -37.79 -34.16
CA GLN HB 132 97.57 -36.90 -34.11
C GLN HB 132 97.06 -36.66 -35.52
N PHE HB 133 95.79 -37.00 -35.76
CA PHE HB 133 95.15 -36.85 -37.06
C PHE HB 133 94.42 -35.53 -37.17
N GLU HB 134 94.11 -35.14 -38.41
CA GLU HB 134 93.26 -33.98 -38.67
C GLU HB 134 91.79 -34.35 -38.76
N THR HB 135 91.44 -35.29 -39.64
CA THR HB 135 90.06 -35.67 -39.85
C THR HB 135 89.60 -36.64 -38.77
N VAL HB 136 88.29 -36.66 -38.52
CA VAL HB 136 87.68 -37.54 -37.54
C VAL HB 136 87.10 -38.72 -38.32
N ASP HB 137 87.69 -39.89 -38.14
CA ASP HB 137 87.19 -41.13 -38.73
C ASP HB 137 86.51 -41.92 -37.62
N VAL HB 138 85.20 -42.11 -37.73
CA VAL HB 138 84.38 -42.64 -36.65
C VAL HB 138 84.05 -44.10 -36.95
N SER HB 139 84.46 -45.00 -36.07
CA SER HB 139 84.13 -46.42 -36.20
C SER HB 139 82.81 -46.68 -35.48
N VAL HB 140 81.84 -47.22 -36.21
CA VAL HB 140 80.50 -47.48 -35.67
C VAL HB 140 80.35 -48.99 -35.49
N ALA HB 141 79.93 -49.40 -34.30
CA ALA HB 141 79.78 -50.82 -34.01
C ALA HB 141 78.46 -51.34 -34.57
N VAL HB 142 78.53 -52.43 -35.33
CA VAL HB 142 77.36 -53.08 -35.91
C VAL HB 142 77.25 -54.47 -35.31
N ALA HB 143 76.07 -54.79 -34.79
CA ALA HB 143 75.83 -56.07 -34.11
C ALA HB 143 75.36 -57.08 -35.15
N THR HB 144 76.24 -57.99 -35.54
CA THR HB 144 76.00 -59.11 -36.43
C THR HB 144 75.92 -60.41 -35.64
N PRO HB 145 75.23 -61.44 -36.15
CA PRO HB 145 75.19 -62.73 -35.41
C PRO HB 145 76.53 -63.43 -35.30
N ASN HB 146 77.53 -63.02 -36.08
CA ASN HB 146 78.92 -63.46 -35.91
C ASN HB 146 79.72 -62.50 -35.02
N GLY HB 147 79.06 -61.79 -34.12
CA GLY HB 147 79.76 -60.99 -33.13
C GLY HB 147 79.71 -59.49 -33.31
N LEU HB 148 80.87 -58.86 -33.53
CA LEU HB 148 80.96 -57.42 -33.58
C LEU HB 148 81.92 -57.00 -34.67
N ILE HB 149 81.55 -55.96 -35.41
CA ILE HB 149 82.42 -55.37 -36.43
C ILE HB 149 82.27 -53.86 -36.32
N THR HB 150 83.32 -53.13 -36.71
CA THR HB 150 83.34 -51.66 -36.62
C THR HB 150 83.73 -51.08 -37.99
N PRO HB 151 82.78 -50.90 -38.90
CA PRO HB 151 83.07 -50.13 -40.11
C PRO HB 151 83.24 -48.65 -39.81
N ILE HB 152 84.03 -47.99 -40.65
CA ILE HB 152 84.50 -46.63 -40.39
C ILE HB 152 83.83 -45.67 -41.36
N VAL HB 153 83.31 -44.57 -40.84
CA VAL HB 153 82.87 -43.42 -41.61
C VAL HB 153 84.04 -42.45 -41.65
N LYS HB 154 84.55 -42.19 -42.85
CA LYS HB 154 85.74 -41.37 -43.02
C LYS HB 154 85.36 -39.92 -43.30
N GLY HB 155 86.11 -39.00 -42.70
CA GLY HB 155 85.92 -37.57 -42.89
C GLY HB 155 84.58 -37.08 -42.38
N VAL HB 156 84.37 -37.19 -41.07
CA VAL HB 156 83.06 -36.92 -40.49
C VAL HB 156 82.77 -35.42 -40.47
N GLU HB 157 83.74 -34.61 -40.04
CA GLU HB 157 83.54 -33.17 -40.02
C GLU HB 157 83.53 -32.65 -41.46
N GLY HB 158 82.57 -31.77 -41.75
CA GLY HB 158 82.34 -31.30 -43.10
C GLY HB 158 81.89 -32.37 -44.07
N LYS HB 159 80.90 -33.17 -43.70
CA LYS HB 159 80.42 -34.24 -44.59
C LYS HB 159 78.93 -34.13 -44.90
N GLY HB 160 78.11 -33.82 -43.92
CA GLY HB 160 76.68 -33.76 -44.16
C GLY HB 160 75.94 -34.93 -43.53
N LEU HB 161 74.76 -34.62 -42.98
CA LEU HB 161 74.00 -35.61 -42.23
C LEU HB 161 73.41 -36.68 -43.15
N GLU HB 162 73.03 -36.30 -44.37
CA GLU HB 162 72.51 -37.28 -45.31
C GLU HB 162 73.60 -38.21 -45.82
N SER HB 163 74.81 -37.67 -46.01
CA SER HB 163 75.95 -38.50 -46.38
C SER HB 163 76.34 -39.44 -45.25
N ILE HB 164 76.26 -38.97 -44.00
CA ILE HB 164 76.57 -39.81 -42.85
C ILE HB 164 75.54 -40.93 -42.72
N SER HB 165 74.25 -40.60 -42.90
CA SER HB 165 73.18 -41.60 -42.84
C SER HB 165 73.31 -42.63 -43.94
N ALA HB 166 73.66 -42.18 -45.15
CA ALA HB 166 73.84 -43.09 -46.27
C ALA HB 166 75.02 -44.03 -46.05
N ALA HB 167 76.13 -43.49 -45.55
CA ALA HB 167 77.31 -44.32 -45.32
C ALA HB 167 77.08 -45.32 -44.18
N VAL HB 168 76.37 -44.89 -43.13
CA VAL HB 168 76.06 -45.79 -42.02
C VAL HB 168 75.11 -46.90 -42.47
N LYS HB 169 74.13 -46.58 -43.31
CA LYS HB 169 73.21 -47.61 -43.81
C LYS HB 169 73.92 -48.59 -44.74
N GLU HB 170 74.76 -48.07 -45.64
CA GLU HB 170 75.58 -48.91 -46.52
C GLU HB 170 76.46 -49.87 -45.73
N LEU HB 171 77.20 -49.34 -44.75
CA LEU HB 171 78.13 -50.17 -43.99
C LEU HB 171 77.41 -51.15 -43.08
N ALA HB 172 76.24 -50.77 -42.56
CA ALA HB 172 75.49 -51.69 -41.71
C ALA HB 172 74.88 -52.83 -42.51
N LYS HB 173 74.32 -52.56 -43.69
CA LYS HB 173 73.74 -53.64 -44.48
C LYS HB 173 74.84 -54.52 -45.07
N LYS HB 174 76.01 -53.94 -45.36
CA LYS HB 174 77.12 -54.77 -45.82
C LYS HB 174 77.74 -55.55 -44.68
N ALA HB 175 77.60 -55.08 -43.44
CA ALA HB 175 78.05 -55.85 -42.29
C ALA HB 175 77.11 -57.01 -42.02
N ARG HB 176 75.81 -56.80 -42.26
CA ARG HB 176 74.86 -57.90 -42.12
C ARG HB 176 75.02 -58.93 -43.24
N ASP HB 177 75.39 -58.50 -44.44
CA ASP HB 177 75.69 -59.44 -45.51
C ASP HB 177 77.10 -60.02 -45.47
N GLY HB 178 78.00 -59.43 -44.68
CA GLY HB 178 79.35 -59.95 -44.53
C GLY HB 178 80.22 -59.76 -45.75
N LYS HB 179 80.28 -58.53 -46.28
CA LYS HB 179 80.94 -58.26 -47.56
C LYS HB 179 81.88 -57.07 -47.44
N LEU HB 180 82.78 -57.10 -46.45
CA LEU HB 180 83.66 -55.96 -46.17
C LEU HB 180 85.09 -56.25 -46.60
N LYS HB 181 85.81 -55.19 -46.93
CA LYS HB 181 87.24 -55.09 -47.15
C LYS HB 181 87.93 -54.73 -45.83
N PRO HB 182 89.18 -55.18 -45.61
CA PRO HB 182 89.86 -54.87 -44.35
C PRO HB 182 90.17 -53.39 -44.15
N GLU HB 183 90.26 -52.62 -45.24
CA GLU HB 183 90.42 -51.17 -45.14
C GLU HB 183 89.15 -50.46 -44.71
N GLU HB 184 88.01 -51.15 -44.67
CA GLU HB 184 86.76 -50.55 -44.22
C GLU HB 184 86.52 -50.74 -42.73
N TYR HB 185 87.23 -51.65 -42.06
CA TYR HB 185 87.06 -51.83 -40.63
C TYR HB 185 88.39 -51.90 -39.89
N GLN HB 186 89.49 -51.53 -40.56
CA GLN HB 186 90.81 -51.47 -39.91
C GLN HB 186 91.31 -50.04 -39.99
N GLY HB 187 91.29 -49.35 -38.85
CA GLY HB 187 91.72 -47.96 -38.80
C GLY HB 187 90.87 -47.15 -37.83
N GLY HB 188 90.53 -45.92 -38.23
CA GLY HB 188 89.70 -45.07 -37.39
C GLY HB 188 90.45 -44.36 -36.29
N SER HB 189 89.92 -43.22 -35.83
CA SER HB 189 90.51 -42.47 -34.75
C SER HB 189 89.68 -42.45 -33.48
N ILE HB 190 88.38 -42.72 -33.57
CA ILE HB 190 87.49 -42.75 -32.41
C ILE HB 190 86.33 -43.69 -32.73
N SER HB 191 85.72 -44.25 -31.69
CA SER HB 191 84.68 -45.24 -31.82
C SER HB 191 83.42 -44.79 -31.09
N ILE HB 192 82.31 -45.49 -31.37
CA ILE HB 192 81.05 -45.24 -30.68
C ILE HB 192 80.26 -46.56 -30.64
N SER HB 193 79.73 -46.87 -29.47
CA SER HB 193 78.89 -48.04 -29.27
C SER HB 193 77.48 -47.58 -28.95
N ASN HB 194 76.49 -48.09 -29.67
CA ASN HB 194 75.13 -47.63 -29.61
C ASN HB 194 74.24 -48.74 -29.08
N MET HB 195 73.45 -48.45 -28.04
CA MET HB 195 72.52 -49.40 -27.47
C MET HB 195 71.18 -48.73 -27.18
N GLY HB 196 70.70 -47.89 -28.10
CA GLY HB 196 69.42 -47.23 -27.91
C GLY HB 196 68.22 -48.08 -28.25
N MET HB 197 68.43 -49.17 -28.99
CA MET HB 197 67.31 -50.04 -29.36
C MET HB 197 66.86 -50.89 -28.16
N ASN HB 198 67.75 -51.09 -27.19
CA ASN HB 198 67.41 -51.80 -25.96
C ASN HB 198 67.01 -50.78 -24.91
N PRO HB 199 65.74 -50.76 -24.49
CA PRO HB 199 65.32 -49.75 -23.51
C PRO HB 199 65.73 -50.07 -22.08
N ALA HB 200 66.32 -51.23 -21.82
CA ALA HB 200 66.73 -51.58 -20.47
C ALA HB 200 68.07 -50.96 -20.11
N VAL HB 201 68.95 -50.77 -21.09
CA VAL HB 201 70.31 -50.31 -20.83
C VAL HB 201 70.27 -48.82 -20.52
N GLN HB 202 70.31 -48.48 -19.24
CA GLN HB 202 70.40 -47.08 -18.85
C GLN HB 202 71.80 -46.53 -19.07
N SER HB 203 72.82 -47.34 -18.77
CA SER HB 203 74.20 -46.92 -18.91
C SER HB 203 75.07 -48.15 -19.06
N PHE HB 204 76.14 -48.02 -19.84
CA PHE HB 204 77.12 -49.10 -19.97
C PHE HB 204 78.45 -48.50 -20.36
N THR HB 205 79.52 -49.26 -20.12
CA THR HB 205 80.86 -48.90 -20.52
C THR HB 205 81.32 -49.80 -21.66
N ALA HB 206 82.34 -49.34 -22.38
CA ALA HB 206 82.89 -50.09 -23.49
C ALA HB 206 84.40 -50.17 -23.35
N ILE HB 207 84.98 -51.10 -24.10
CA ILE HB 207 86.44 -51.30 -24.12
C ILE HB 207 87.00 -50.61 -25.36
N ILE HB 208 88.09 -49.86 -25.16
CA ILE HB 208 88.66 -49.08 -26.25
C ILE HB 208 89.33 -50.00 -27.26
N ASN HB 209 88.96 -49.86 -28.52
CA ASN HB 209 89.60 -50.62 -29.59
C ASN HB 209 91.00 -50.06 -29.83
N PRO HB 210 92.05 -50.88 -29.72
CA PRO HB 210 93.39 -50.37 -29.97
C PRO HB 210 93.61 -50.16 -31.46
N PRO HB 211 94.44 -49.18 -31.84
CA PRO HB 211 95.20 -48.26 -30.98
C PRO HB 211 94.52 -46.91 -30.74
N GLN HB 212 93.19 -46.86 -30.71
CA GLN HB 212 92.51 -45.59 -30.50
C GLN HB 212 92.61 -45.17 -29.03
N ALA HB 213 92.17 -43.93 -28.77
CA ALA HB 213 92.32 -43.33 -27.45
C ALA HB 213 91.02 -43.18 -26.67
N ALA HB 214 89.87 -43.24 -27.33
CA ALA HB 214 88.61 -43.04 -26.64
C ALA HB 214 87.52 -43.87 -27.30
N ILE HB 215 86.46 -44.14 -26.54
CA ILE HB 215 85.28 -44.81 -27.08
C ILE HB 215 84.05 -44.23 -26.39
N LEU HB 216 82.96 -44.08 -27.15
CA LEU HB 216 81.72 -43.55 -26.62
C LEU HB 216 80.74 -44.70 -26.38
N ALA HB 217 79.82 -44.51 -25.43
CA ALA HB 217 78.79 -45.50 -25.12
C ALA HB 217 77.51 -44.75 -24.80
N VAL HB 218 76.43 -45.07 -25.52
CA VAL HB 218 75.20 -44.30 -25.47
C VAL HB 218 74.07 -45.19 -24.96
N GLY HB 219 73.42 -44.78 -23.86
CA GLY HB 219 72.36 -45.57 -23.28
C GLY HB 219 71.00 -45.16 -23.77
N ALA HB 220 69.99 -45.93 -23.36
CA ALA HB 220 68.61 -45.71 -23.76
C ALA HB 220 68.10 -44.41 -23.15
N PRO HB 221 67.26 -43.67 -23.89
CA PRO HB 221 66.67 -42.45 -23.32
C PRO HB 221 65.59 -42.76 -22.29
N GLN HB 222 65.52 -41.89 -21.29
CA GLN HB 222 64.56 -42.00 -20.21
C GLN HB 222 64.00 -40.63 -19.86
N LYS HB 223 62.83 -40.59 -19.22
CA LYS HB 223 62.22 -39.34 -18.79
C LYS HB 223 62.74 -38.96 -17.41
N VAL HB 224 63.37 -37.78 -17.32
CA VAL HB 224 63.92 -37.27 -16.07
C VAL HB 224 63.20 -35.97 -15.72
N ALA HB 225 62.81 -35.83 -14.46
CA ALA HB 225 62.14 -34.62 -14.00
C ALA HB 225 63.13 -33.46 -13.91
N VAL HB 226 62.79 -32.36 -14.59
CA VAL HB 226 63.66 -31.19 -14.70
C VAL HB 226 62.86 -29.96 -14.29
N PRO HB 227 63.39 -29.09 -13.42
CA PRO HB 227 62.62 -27.94 -12.96
C PRO HB 227 62.43 -26.89 -14.05
N VAL HB 228 61.31 -26.18 -13.95
CA VAL HB 228 60.94 -25.15 -14.92
C VAL HB 228 60.25 -24.02 -14.18
N GLU HB 229 60.54 -22.79 -14.59
CA GLU HB 229 59.80 -21.63 -14.08
C GLU HB 229 58.59 -21.41 -14.97
N ASN HB 230 57.45 -21.11 -14.36
CA ASN HB 230 56.31 -20.60 -15.10
C ASN HB 230 56.48 -19.09 -15.23
N GLU HB 231 55.45 -18.41 -15.74
CA GLU HB 231 55.51 -16.95 -15.84
C GLU HB 231 55.20 -16.26 -14.52
N ASP HB 232 55.00 -17.00 -13.43
CA ASP HB 232 55.00 -16.46 -12.08
C ASP HB 232 56.22 -17.01 -11.33
N GLY HB 233 56.29 -16.69 -10.04
CA GLY HB 233 57.51 -16.92 -9.27
C GLY HB 233 57.79 -18.37 -8.91
N THR HB 234 56.80 -19.25 -8.96
CA THR HB 234 56.97 -20.61 -8.46
C THR HB 234 57.69 -21.48 -9.47
N THR HB 235 58.24 -22.60 -8.99
CA THR HB 235 58.88 -23.58 -9.85
C THR HB 235 57.91 -24.71 -10.18
N GLY HB 236 58.24 -25.47 -11.23
CA GLY HB 236 57.37 -26.54 -11.70
C GLY HB 236 58.16 -27.80 -12.00
N VAL HB 237 57.44 -28.78 -12.55
CA VAL HB 237 58.03 -30.04 -12.96
C VAL HB 237 57.83 -30.18 -14.47
N SER HB 238 58.93 -30.25 -15.20
CA SER HB 238 58.92 -30.55 -16.62
C SER HB 238 59.62 -31.88 -16.85
N TRP HB 239 59.20 -32.59 -17.89
CA TRP HB 239 59.73 -33.91 -18.18
C TRP HB 239 60.64 -33.81 -19.40
N ASP HB 240 61.93 -34.09 -19.18
CA ASP HB 240 62.96 -33.95 -20.20
C ASP HB 240 63.46 -35.32 -20.62
N GLU HB 241 63.73 -35.49 -21.91
CA GLU HB 241 64.27 -36.73 -22.44
C GLU HB 241 65.79 -36.67 -22.31
N GLN HB 242 66.36 -37.50 -21.45
CA GLN HB 242 67.79 -37.51 -21.21
C GLN HB 242 68.40 -38.84 -21.62
N ILE HB 243 69.67 -38.78 -22.03
CA ILE HB 243 70.42 -39.94 -22.49
C ILE HB 243 71.74 -39.96 -21.73
N ILE HB 244 72.05 -41.09 -21.09
CA ILE HB 244 73.30 -41.22 -20.34
C ILE HB 244 74.39 -41.64 -21.33
N VAL HB 245 75.44 -40.84 -21.40
CA VAL HB 245 76.55 -41.04 -22.31
C VAL HB 245 77.82 -41.22 -21.49
N THR HB 246 78.49 -42.35 -21.67
CA THR HB 246 79.73 -42.68 -20.95
C THR HB 246 80.87 -42.75 -21.96
N ALA HB 247 81.89 -41.94 -21.75
CA ALA HB 247 83.07 -41.94 -22.62
C ALA HB 247 84.25 -42.53 -21.85
N SER HB 248 84.84 -43.57 -22.41
CA SER HB 248 85.99 -44.24 -21.83
C SER HB 248 87.25 -43.72 -22.52
N PHE HB 249 88.17 -43.17 -21.74
CA PHE HB 249 89.42 -42.61 -22.24
C PHE HB 249 90.60 -43.42 -21.75
N ASP HB 250 91.69 -43.32 -22.51
CA ASP HB 250 92.98 -43.88 -22.15
C ASP HB 250 93.80 -42.79 -21.47
N HIS HB 251 94.34 -43.09 -20.29
CA HIS HB 251 94.99 -42.06 -19.49
C HIS HB 251 96.40 -41.76 -19.94
N LYS HB 252 96.97 -42.55 -20.86
CA LYS HB 252 98.29 -42.24 -21.37
C LYS HB 252 98.25 -41.05 -22.32
N VAL HB 253 97.13 -40.84 -23.00
CA VAL HB 253 96.98 -39.77 -23.98
C VAL HB 253 96.09 -38.65 -23.44
N VAL HB 254 94.93 -39.00 -22.88
CA VAL HB 254 93.92 -38.04 -22.46
C VAL HB 254 93.89 -37.99 -20.95
N ASP HB 255 94.01 -36.78 -20.38
CA ASP HB 255 93.81 -36.61 -18.96
C ASP HB 255 92.34 -36.30 -18.65
N GLY HB 256 92.05 -36.17 -17.36
CA GLY HB 256 90.67 -35.98 -16.93
C GLY HB 256 90.11 -34.63 -17.32
N ALA HB 257 90.94 -33.59 -17.29
CA ALA HB 257 90.49 -32.26 -17.72
C ALA HB 257 90.24 -32.21 -19.22
N VAL HB 258 91.06 -32.90 -20.01
CA VAL HB 258 90.87 -32.95 -21.46
C VAL HB 258 89.61 -33.74 -21.80
N GLY HB 259 89.37 -34.85 -21.08
CA GLY HB 259 88.15 -35.61 -21.29
C GLY HB 259 86.91 -34.84 -20.85
N ALA HB 260 87.04 -34.03 -19.80
CA ALA HB 260 85.92 -33.21 -19.34
C ALA HB 260 85.63 -32.09 -20.32
N GLU HB 261 86.66 -31.50 -20.93
CA GLU HB 261 86.45 -30.50 -21.97
C GLU HB 261 85.80 -31.10 -23.22
N TRP HB 262 86.23 -32.31 -23.61
CA TRP HB 262 85.62 -32.99 -24.73
C TRP HB 262 84.14 -33.31 -24.46
N ILE HB 263 83.85 -33.78 -23.25
CA ILE HB 263 82.46 -34.07 -22.85
C ILE HB 263 81.64 -32.80 -22.80
N ARG HB 264 82.23 -31.69 -22.36
CA ARG HB 264 81.51 -30.41 -22.29
C ARG HB 264 81.19 -29.87 -23.68
N GLU HB 265 82.14 -29.98 -24.62
CA GLU HB 265 81.88 -29.53 -25.98
C GLU HB 265 80.86 -30.42 -26.68
N LEU HB 266 80.91 -31.73 -26.43
CA LEU HB 266 79.92 -32.64 -26.99
C LEU HB 266 78.52 -32.35 -26.44
N LYS HB 267 78.43 -32.07 -25.12
CA LYS HB 267 77.16 -31.72 -24.50
C LYS HB 267 76.63 -30.38 -25.02
N LYS HB 268 77.53 -29.43 -25.28
CA LYS HB 268 77.12 -28.13 -25.83
C LYS HB 268 76.55 -28.28 -27.23
N VAL HB 269 77.25 -29.03 -28.09
CA VAL HB 269 76.79 -29.22 -29.47
C VAL HB 269 75.50 -30.06 -29.51
N ILE HB 270 75.33 -30.99 -28.57
CA ILE HB 270 74.10 -31.79 -28.55
C ILE HB 270 72.92 -30.98 -28.03
N GLU HB 271 73.09 -30.27 -26.91
CA GLU HB 271 71.99 -29.54 -26.32
C GLU HB 271 71.69 -28.22 -27.02
N ASN HB 272 72.57 -27.75 -27.90
CA ASN HB 272 72.26 -26.65 -28.81
C ASN HB 272 72.42 -27.18 -30.23
N PRO HB 273 71.35 -27.69 -30.82
CA PRO HB 273 71.48 -28.38 -32.11
C PRO HB 273 71.74 -27.47 -33.29
N LEU HB 274 71.59 -26.15 -33.13
CA LEU HB 274 71.93 -25.21 -34.19
C LEU HB 274 73.43 -25.02 -34.34
N GLU HB 275 74.23 -25.49 -33.37
CA GLU HB 275 75.68 -25.40 -33.46
C GLU HB 275 76.29 -26.47 -34.36
N LEU HB 276 75.48 -27.38 -34.90
CA LEU HB 276 75.97 -28.36 -35.87
C LEU HB 276 76.25 -27.73 -37.22
N LEU HB 277 75.70 -26.53 -37.48
CA LEU HB 277 76.03 -25.79 -38.68
C LEU HB 277 77.48 -25.31 -38.65
N LEU HB 278 77.91 -24.79 -37.51
CA LEU HB 278 79.26 -24.27 -37.35
C LEU HB 278 80.25 -25.41 -37.14
#